data_6J3Z
#
_entry.id   6J3Z
#
_cell.length_a   1
_cell.length_b   1
_cell.length_c   1
_cell.angle_alpha   90
_cell.angle_beta   90
_cell.angle_gamma   90
#
_symmetry.space_group_name_H-M   'P 1'
#
loop_
_entity.id
_entity.type
_entity.pdbx_description
1 polymer 'Photosystem II reaction center protein D1'
2 polymer 'Photosystem II chlorophyll protein CP47'
3 polymer 'Photosystem II chlorophyll protein CP43'
4 polymer 'Photosystem II reaction center protein D2'
5 polymer 'Cytochrome b559 subunit alpha'
6 polymer 'Cytochrome b559 subunit beta'
7 polymer 'Photosystem II reaction center protein H'
8 polymer 'Photosystem II reaction center protein I'
9 polymer 'Photosystem II reaction center protein J'
10 polymer 'Photosystem II reaction center protein K'
11 polymer 'Photosystem II reaction center protein L'
12 polymer 'Photosystem II reaction center protein M'
13 polymer 'Extrinsic protein in photosystem II'
14 polymer 'Photosystem II reaction center protein T'
15 polymer 'Extrinsic protein in photosystem II'
16 polymer 'Cytochrome c-550'
17 polymer 'Photosystem II reaction center protein Ycf12'
18 polymer 'Photosystem II reaction center X protein'
19 polymer 'Photosystem II reaction center protein Z'
20 polymer 'Extrinsic protein in photosystem II'
21 polymer 'Photosystem II reaction center protein W'
22 polymer 'Unknown protein 0'
23 polymer 'Unknown protein 1'
24 polymer 'Unknown protein 2'
25 polymer 'Fucoxanthin chlorophyll a/c-binding protein Lhcf1, FCP1'
26 polymer 'Fucoxanthin chlorophyll a/c-binding protein monomer 1'
27 polymer 'Fucoxanthin chlorophyll a/c-binding protein monomer 2'
28 polymer 'Fucoxanthin chlorophyll a/c-binding protein monomer 3'
29 non-polymer 'FE (II) ION'
30 non-polymer 'CHLOROPHYLL A'
31 non-polymer 'PHEOPHYTIN A'
32 non-polymer BETA-CAROTENE
33 non-polymer 1,2-DI-O-ACYL-3-O-[6-DEOXY-6-SULFO-ALPHA-D-GLUCOPYRANOSYL]-SN-GLYCEROL
34 non-polymer 'BICARBONATE ION'
35 non-polymer 1,2-DIPALMITOYL-PHOSPHATIDYL-GLYCEROLE
36 non-polymer 1,2-DISTEAROYL-MONOGALACTOSYL-DIGLYCERIDE
37 non-polymer DODECYL-ALPHA-D-MALTOSIDE
38 non-polymer 'CA-MN4-O5 CLUSTER'
39 non-polymer 'DIGALACTOSYL DIACYL GLYCEROL (DGDG)'
40 non-polymer 2,3-DIMETHYL-5-(3,7,11,15,19,23,27,31,35-NONAMETHYL-2,6,10,14,18,22,26,30,34-HEXATRIACONTANONAENYL-2,5-CYCLOHEXADIENE-1,4-DIONE-2,3-DIMETHYL-5-SOLANESYL-1,4-BENZOQUINONE
41 non-polymer 'PROTOPORPHYRIN IX CONTAINING FE'
42 non-polymer "(3S,3'S,5R,5'R,6S,6'R,8'R)-3,5'-dihydroxy-8-oxo-6',7'-didehydro-5,5',6,6',7,8-hexahydro-5,6-epoxy-beta,beta-caroten-3'- yl acetate"
#
loop_
_entity_poly.entity_id
_entity_poly.type
_entity_poly.pdbx_seq_one_letter_code
_entity_poly.pdbx_strand_id
1 'polypeptide(L)'
;MTATLERREGVSLWERFCAWITSTENRLYIGWFGCLMFPTLLTATSCFIIAFIAAPPVDIDGIREPVAGSLLYGNNIISG
AVVPSSNAIGMHFYPIWEAASIDEWLYNGGPYQLIVLHFLLGVSAYMGREWELSYRLGMRPWIFVAFSAPVAAASAVFLV
YPIGQGSFSDGMPLGISGTFNFMLVFQAEHNILMHPFHMAGVAGVFGGSLFSAMHGSLVTSSLIRETTENESTNYGYKFG
QEEETYNIVAAHGYFGRLIFQYASFNNSRALHFFLALWPVVGIWITSMGISTMAFNLNGFNFNQSVVDSQGRVINTWADI
LNRANLGIEVMHERNAHNFPLDLA
;
A,a
2 'polypeptide(L)'
;MALPWYRVHTVVLNDPGRLIAVHLMHTALVAGWAGSMALYELAVFDPSDPVLNPMWRQGMFVMPFMTRLGITDSWGGWSI
TGESVSNPGIWSFEGVALSHIILSGMCFLAAIWHWVYWDLELFRDPRTGEPALDLPKIFGIHLFLSGLLCFGFGAFHVTG
LFGPGIWVSDAYGITGKVQPVAPAWGADGFNPFNPGGIAAHHIAAGIFGIFAGIFHLTVRPPQRLYRALRMGNIETVLSS
SISAVFFAAFVTSGTMWYGAAATPIELFGPTRYQWDSGYFQQEIERQVETSVSEGLSESQAWSRIPDKLAFYDYIGNNPA
KGGLFRAGPMNKGDGIAEAWLGHPIFRDKEGRELTVRRMPAFFETFPVILVDKDGIIRADIPFRRAESKYSIEQVGVTVD
FYGGKLNGQTFKDAPTVKKFARKAQLGEVFEFDRTSLESDGVFRSSPRGWYTYGHANFALLFFFGHLWHGGRTIFRDVFT
GIGAEVTEQVEFGAFQKLGDKSTKKQGAV
;
B,b
3 'polypeptide(L)'
;MKTLYSLRRYYHVETPFNSSIAGRDIESTGFAWWSGNARLINVSGKLLGAHVAHAGLMVFWAGAMVLFEVSHFVPEKPTY
EQGFILIQHLATLGYGIGPGGEITSTVPYFAVGVIHLISSAILGFGGIYHSLLGPDTLEESFPFFGYDWRDKNKMTTILG
IHLCLLGLGSFLLVIKAMYLGGVYDTWAPGGGDVRYITTPTLNPIVIFGYVFRSPFGGDGWVVSVNNMEDVIGGHIWVGI
LCITGGIWHIFTKPFAWARRAFVWSGEAYLSYSLAAISLMGFTAALYSWYNNTAYPSELYGPTGPEASQAQAFTFLVRDQ
RLGANVSSAQGPTGLGKYLMRSPSGEIIFGGETMRFWDLRAPWVEPLRGPNGLDINKIKNDIQPWQERRAAEYMTHAPLG
SLNSVGGVATEINSVNYVSPRSWLCCSHFFLAFFFLVGHWWHSGRARAAAAGFEKGINRANEPVLSMRPID
;
C,c
4 'polypeptide(L)'
;MTIAIGQNQERGLFDLVDDWLKKDRFVFVGWSGLLLFPTAYLAAGGWMTGTTFVTSWYTHGLASSYLEGCNFLTAAVSTP
ANSVGHSLLLLWGPEAQGDFTRWCQIGGLWTFVALHGAFGLIGFCLRQFEIARLVGIRPYNAIAFSGPIAVFVSVFLLYP
LGQASWFFAPSFGVAAIFRFLLFLQGFHNWTLNPFHMMGVAGILGGALLCAIHGATVENTLFEDGDAANTFRAFTPTQSE
ETYSMVTANRFWSQIFGVAFSNKRWLHFFMLFVPVTGLWTSSIGIVGLALNLRAYDFVSQELRAAEDPEFETFYTKNHLL
DEGIRAWMAAQDQPHENFVFPEEVLPRGNAL
;
D,d
5 'polypeptide(L)'
;MSGGSTGERPFSDIITSVRYWIIHSITIPSLFVSGWLFISTGLAYDVFGTPRPNEYFTQDRQQVPLVNDRFSAKQELEDL
TKGL
;
E,e
6 'polypeptide(L)' MTNNINQPVAYPIFTFRWLAIHGLAIPTVFFLGGITAMQFIQR F,f
7 'polypeptide(L)' MALRTRLGEILRPLNAEYGKVAPGWGTTPIMGIVMLAFLIFLVIILQIYNSSLIIENVDVDWANGIV H,h
8 'polypeptide(L)' MLTLKILVYTTVIFFVSLFIFGFLSSDPSRNPNRKDLE I,i
9 'polypeptide(L)' MTNTGRIPLWLVGLVGGLAVITMLSLFFYGSYSGLGSSL J,j
10 'polypeptide(L)' MESLLLARLPEAYVVFSPIVDVLPIIPVFFLLLAFVWQAAIGFR K,k
11 'polypeptide(L)' MTGPNPNKQAVELNRTSLYWGLLLIFVLAVLFSSYFFN L,l
12 'polypeptide(L)'
;LHLTVVSEVGKVAVGSIPAAAIASPAFAMDSVVESLPTNMLAGEVQFGAYLAVLLGTFLPALFLVNLFIQTEARKAGKAG
GQDSDLDGYLCIRVWIAIEAGRLSSHLWCPLVLPHFWRNNRTVSHLYGRYQ
;
M,m
13 'polypeptide(L)'
;LTKSQINELSYLQVKGTGLANRCAEVVGEDSIKPKPGAKLVDMCIEPKAWAVEEEVGKAGKTEKKFVNSKVMTRQTYTLD
AIEGPITVDGGKITFNEKEGIDYAATTVQLPGGERVPFLFTVKDLVAKGNGDTFKPGFQMGGDFNTPSYRTGLFLDPKGR
GGTTGYDMAVALPALQLGEEGDAELFGENNKVFDITQGRIEMEVNKVNAEDSEIGGVFVATQLSDTDMGSKTPKKVLTKG
IFYAKVDQ
;
O,o
14 'polypeptide(L)' MEALVYTFLLIGTLMVIFFAVFFRETPRILR T,t
15 'polypeptide(L)'
;VIDYENIGYLGGSSIVDINNANVRAYLKMPGMYPTVAGKIVSHGPYSGVADLYKIPGLSSAEADVIKKYESRLTAKTPSP
DYVIDRINNGLYR
;
U,u
16 'polypeptide(L)'
;IDLDEATRTVVVDNAGNTTVLTPEQVKRGKRLFNATCGACHVGGITKTNPNVGLDPEALSLATPRRDNISALVDYIKNPT
TYDGLESIAEVHPSIKSADIYPRMRSLTDEDLYSIAGHIMLSPKIASEKWGGGKIYY
;
V,v
17 'polypeptide(L)' MINWQVIGQLMSTAVIMLAGPAVIVLLALKKGNL Y,y
18 'polypeptide(L)' MTASLSNFIASLIAGGVVVGVIAIALIVISKSDRILRS X,x
19 'polypeptide(L)' MITLLVALLVLISLGLVVTVPVALATPGEWEIAKGKFNRFFQIWVFLVIVIAAADGISSSI Z,z
20 'polypeptide(L)'
;AVGESPRFSVFGLVGDGTSYSEGAAYGTDQADKLYSPYSVYSPEGEKSLYKPDNAEYLARKKAVLAETKNRLQKIPAYVD
KKEWFNVKDELTRYMYETRGAVRSLSSSVTQKEKAEVFFRALEDTYGAATLKKGDAVKASNDKAIAALDAFTATL
;
Q,q
21 'polypeptide(L)' MAALAGFMPAILSSTAAVATEGTNEWFGVDDLRLLAVLFLGHWAILSLWLGSYGDSNEDEDFFGEIDYSARK W,w
22 'polypeptide(L)'
;(UNK)(UNK)(UNK)(UNK)(UNK)(UNK)(UNK)(UNK)(UNK)(UNK)(UNK)(UNK)(UNK)(UNK)(UNK)(UNK)
(UNK)(UNK)(UNK)(UNK)(UNK)(UNK)(UNK)(UNK)(UNK)(UNK)(UNK)(UNK)(UNK)(UNK)(UNK)
;
0,5
23 'polypeptide(L)'
;(UNK)(UNK)(UNK)(UNK)(UNK)(UNK)(UNK)(UNK)(UNK)(UNK)(UNK)(UNK)(UNK)(UNK)(UNK)(UNK)
(UNK)(UNK)(UNK)(UNK)(UNK)(UNK)(UNK)(UNK)(UNK)(UNK)(UNK)(UNK)(UNK)(UNK)
;
1,6
24 'polypeptide(L)' (UNK)(UNK)(UNK)(UNK)(UNK)(UNK)(UNK)(UNK)(UNK)(UNK) 2,7
25 'polypeptide(L)'
;MKLAVAALLVASAAAFAPAPASKASTSLKVSEIELGVTEPLGVYDPLGWLESEPEAFERRRAVERKHGRVAMAAVVGTIV
HNNHIVFDGYLSPSNNLKFSDIPTGVDGIRAIPTAGLAQILAFFALVELAWMPASKYDGDYGVGYFGTDIKDPEEKARKL
NVELNNGRAAMMGIMGNMVAEVLTGQTMYEQYASGHISPFGDGQGVF
;
11,12,13,14,15,16,17,18
26 'polypeptide(L)'
;(UNK)(UNK)(UNK)(UNK)(UNK)(UNK)(UNK)(UNK)(UNK)(UNK)(UNK)(UNK)(UNK)(UNK)(UNK)(UNK)
(UNK)(UNK)(UNK)(UNK)(UNK)(UNK)(UNK)(UNK)(UNK)(UNK)(UNK)(UNK)(UNK)(UNK)(UNK)(UNK)
(UNK)(UNK)(UNK)(UNK)(UNK)(UNK)(UNK)(UNK)(UNK)(UNK)(UNK)(UNK)(UNK)(UNK)(UNK)(UNK)
(UNK)(UNK)(UNK)(UNK)(UNK)(UNK)(UNK)(UNK)(UNK)(UNK)(UNK)(UNK)(UNK)(UNK)(UNK)(UNK)
(UNK)(UNK)(UNK)(UNK)(UNK)(UNK)(UNK)(UNK)(UNK)(UNK)(UNK)(UNK)(UNK)(UNK)(UNK)(UNK)
(UNK)(UNK)(UNK)(UNK)(UNK)(UNK)(UNK)(UNK)(UNK)(UNK)(UNK)(UNK)(UNK)(UNK)(UNK)(UNK)
(UNK)(UNK)(UNK)(UNK)(UNK)(UNK)(UNK)(UNK)(UNK)(UNK)(UNK)(UNK)(UNK)(UNK)(UNK)(UNK)
(UNK)(UNK)(UNK)(UNK)(UNK)(UNK)(UNK)(UNK)(UNK)(UNK)(UNK)(UNK)(UNK)(UNK)(UNK)(UNK)
(UNK)(UNK)(UNK)(UNK)(UNK)(UNK)(UNK)(UNK)(UNK)(UNK)(UNK)(UNK)(UNK)(UNK)(UNK)(UNK)
(UNK)(UNK)(UNK)(UNK)(UNK)(UNK)(UNK)(UNK)(UNK)(UNK)(UNK)(UNK)(UNK)(UNK)(UNK)(UNK)
(UNK)(UNK)(UNK)(UNK)(UNK)(UNK)(UNK)(UNK)(UNK)(UNK)(UNK)(UNK)(UNK)(UNK)(UNK)(UNK)
(UNK)(UNK)(UNK)(UNK)(UNK)(UNK)(UNK)(UNK)(UNK)(UNK)(UNK)(UNK)(UNK)(UNK)(UNK)(UNK)
(UNK)(UNK)(UNK)(UNK)(UNK)(UNK)(UNK)(UNK)(UNK)(UNK)(UNK)(UNK)(UNK)(UNK)(UNK)(UNK)
(UNK)(UNK)(UNK)(UNK)(UNK)(UNK)(UNK)
;
19
27 'polypeptide(L)'
;(UNK)(UNK)(UNK)(UNK)(UNK)(UNK)(UNK)(UNK)(UNK)(UNK)(UNK)(UNK)(UNK)(UNK)(UNK)(UNK)
(UNK)(UNK)(UNK)(UNK)(UNK)(UNK)(UNK)(UNK)(UNK)(UNK)(UNK)(UNK)(UNK)(UNK)(UNK)(UNK)
(UNK)(UNK)(UNK)(UNK)(UNK)(UNK)(UNK)(UNK)(UNK)(UNK)(UNK)(UNK)(UNK)(UNK)(UNK)(UNK)
(UNK)(UNK)(UNK)(UNK)(UNK)(UNK)(UNK)(UNK)(UNK)(UNK)(UNK)(UNK)(UNK)(UNK)(UNK)(UNK)
(UNK)(UNK)(UNK)(UNK)(UNK)(UNK)(UNK)(UNK)(UNK)(UNK)(UNK)(UNK)(UNK)(UNK)(UNK)(UNK)
(UNK)(UNK)(UNK)(UNK)(UNK)(UNK)(UNK)(UNK)(UNK)(UNK)(UNK)(UNK)(UNK)(UNK)(UNK)(UNK)
(UNK)(UNK)(UNK)(UNK)(UNK)(UNK)(UNK)(UNK)(UNK)(UNK)(UNK)(UNK)(UNK)(UNK)(UNK)(UNK)
(UNK)(UNK)(UNK)(UNK)(UNK)(UNK)(UNK)(UNK)(UNK)(UNK)(UNK)(UNK)(UNK)(UNK)(UNK)(UNK)
(UNK)(UNK)(UNK)(UNK)(UNK)(UNK)(UNK)(UNK)(UNK)(UNK)(UNK)(UNK)(UNK)(UNK)(UNK)
;
20
28 'polypeptide(L)'
;(UNK)(UNK)(UNK)(UNK)(UNK)(UNK)(UNK)(UNK)(UNK)(UNK)(UNK)(UNK)(UNK)(UNK)(UNK)(UNK)
(UNK)(UNK)(UNK)(UNK)(UNK)(UNK)(UNK)(UNK)(UNK)(UNK)(UNK)(UNK)(UNK)(UNK)(UNK)(UNK)
(UNK)(UNK)(UNK)(UNK)(UNK)(UNK)(UNK)(UNK)(UNK)(UNK)(UNK)(UNK)(UNK)(UNK)(UNK)(UNK)
(UNK)(UNK)(UNK)(UNK)(UNK)(UNK)(UNK)(UNK)(UNK)(UNK)(UNK)(UNK)(UNK)(UNK)(UNK)(UNK)
(UNK)(UNK)(UNK)(UNK)(UNK)(UNK)(UNK)(UNK)(UNK)(UNK)(UNK)(UNK)(UNK)(UNK)(UNK)(UNK)
(UNK)(UNK)(UNK)(UNK)(UNK)(UNK)(UNK)(UNK)(UNK)(UNK)(UNK)(UNK)(UNK)(UNK)(UNK)(UNK)
(UNK)(UNK)(UNK)(UNK)(UNK)(UNK)(UNK)(UNK)(UNK)(UNK)(UNK)(UNK)(UNK)(UNK)(UNK)(UNK)
(UNK)(UNK)(UNK)(UNK)(UNK)(UNK)(UNK)(UNK)(UNK)(UNK)(UNK)(UNK)(UNK)(UNK)(UNK)(UNK)
(UNK)(UNK)(UNK)(UNK)(UNK)(UNK)(UNK)(UNK)(UNK)(UNK)(UNK)(UNK)(UNK)(UNK)(UNK)(UNK)
(UNK)(UNK)(UNK)(UNK)(UNK)(UNK)(UNK)(UNK)(UNK)(UNK)(UNK)
;
21
#
loop_
_chem_comp.id
_chem_comp.type
_chem_comp.name
_chem_comp.formula
A86 non-polymer '(3S,3'S,5R,5'R,6S,6'R,8'R)-3,5'-dihydroxy-8-oxo-6',7'-didehydro-5,5',6,6',7,8-hexahydro-5,6-epoxy-beta,beta-caroten-3'- yl acetate' 'C42 H58 O6'
BCR non-polymer BETA-CAROTENE 'C40 H56'
BCT non-polymer 'BICARBONATE ION' 'C H O3 -1'
CLA non-polymer 'CHLOROPHYLL A' 'C55 H72 Mg N4 O5'
DGD saccharide 'DIGALACTOSYL DIACYL GLYCEROL (DGDG)' 'C51 H96 O15'
FE2 non-polymer 'FE (II) ION' 'Fe 2'
HEM non-polymer 'PROTOPORPHYRIN IX CONTAINING FE' 'C34 H32 Fe N4 O4'
LHG non-polymer 1,2-DIPALMITOYL-PHOSPHATIDYL-GLYCEROLE 'C38 H75 O10 P'
LMG non-polymer 1,2-DISTEAROYL-MONOGALACTOSYL-DIGLYCERIDE 'C45 H86 O10'
LMU D-saccharide DODECYL-ALPHA-D-MALTOSIDE 'C24 H46 O11'
OEX non-polymer 'CA-MN4-O5 CLUSTER' 'Ca Mn4 O5'
PHO non-polymer 'PHEOPHYTIN A' 'C55 H74 N4 O5'
PL9 non-polymer 2,3-DIMETHYL-5-(3,7,11,15,19,23,27,31,35-NONAMETHYL-2,6,10,14,18,22,26,30,34-HEXATRIACONTANONAENYL-2,5-CYCLOHEXADIENE-1,4-DIONE-2,3-DIMETHYL-5-SOLANESYL-1,4-BENZOQUINONE 'C53 H80 O2'
SQD non-polymer 1,2-DI-O-ACYL-3-O-[6-DEOXY-6-SULFO-ALPHA-D-GLUCOPYRANOSYL]-SN-GLYCEROL 'C41 H78 O12 S'
#
# COMPACT_ATOMS: atom_id res chain seq x y z
N VAL A 11 -16.65 19.73 -33.27
CA VAL A 11 -17.70 18.81 -33.69
C VAL A 11 -17.21 17.39 -33.50
N SER A 12 -15.95 17.16 -33.87
CA SER A 12 -15.36 15.84 -33.78
C SER A 12 -15.08 15.46 -32.34
N LEU A 13 -14.80 14.18 -32.14
CA LEU A 13 -14.57 13.69 -30.79
C LEU A 13 -13.21 14.13 -30.27
N TRP A 14 -12.24 14.29 -31.16
CA TRP A 14 -10.93 14.73 -30.72
C TRP A 14 -10.92 16.21 -30.40
N GLU A 15 -11.66 17.00 -31.17
CA GLU A 15 -11.70 18.43 -30.90
C GLU A 15 -12.47 18.72 -29.62
N ARG A 16 -13.48 17.91 -29.32
CA ARG A 16 -14.15 18.06 -28.04
C ARG A 16 -13.35 17.49 -26.90
N PHE A 17 -12.27 16.75 -27.18
CA PHE A 17 -11.39 16.30 -26.12
C PHE A 17 -10.21 17.23 -25.94
N CYS A 18 -9.71 17.81 -27.03
CA CYS A 18 -8.67 18.82 -26.91
C CYS A 18 -9.21 20.10 -26.29
N ALA A 19 -10.50 20.36 -26.44
CA ALA A 19 -11.07 21.56 -25.84
C ALA A 19 -11.19 21.40 -24.34
N TRP A 20 -11.37 20.18 -23.86
CA TRP A 20 -11.48 19.95 -22.43
C TRP A 20 -10.13 19.85 -21.75
N ILE A 21 -9.18 19.20 -22.40
CA ILE A 21 -7.90 18.93 -21.77
C ILE A 21 -7.03 20.17 -21.76
N THR A 22 -7.34 21.19 -22.57
CA THR A 22 -6.61 22.45 -22.55
C THR A 22 -7.49 23.56 -22.01
N SER A 23 -8.56 23.23 -21.33
CA SER A 23 -9.44 24.24 -20.79
C SER A 23 -8.86 24.77 -19.49
N THR A 24 -8.77 26.09 -19.39
CA THR A 24 -8.43 26.73 -18.14
C THR A 24 -9.61 26.82 -17.20
N GLU A 25 -10.78 26.39 -17.65
CA GLU A 25 -11.98 26.45 -16.82
C GLU A 25 -12.11 25.22 -15.94
N ASN A 26 -11.16 24.28 -16.05
CA ASN A 26 -11.12 23.18 -15.11
C ASN A 26 -10.68 23.68 -13.75
N ARG A 27 -10.90 22.85 -12.73
CA ARG A 27 -10.41 23.19 -11.40
C ARG A 27 -8.90 23.21 -11.36
N LEU A 28 -8.27 22.12 -11.76
CA LEU A 28 -6.83 22.08 -11.97
C LEU A 28 -6.58 21.93 -13.44
N TYR A 29 -5.71 22.76 -13.99
CA TYR A 29 -5.40 22.67 -15.40
C TYR A 29 -4.64 21.40 -15.66
N ILE A 30 -5.12 20.61 -16.62
CA ILE A 30 -4.51 19.35 -16.94
C ILE A 30 -3.45 19.51 -18.02
N GLY A 31 -3.86 19.95 -19.19
CA GLY A 31 -2.90 20.28 -20.22
C GLY A 31 -2.35 19.06 -20.90
N TRP A 32 -1.46 19.26 -21.85
CA TRP A 32 -0.94 18.09 -22.53
C TRP A 32 0.22 17.49 -21.77
N PHE A 33 0.86 18.27 -20.91
CA PHE A 33 1.87 17.67 -20.05
C PHE A 33 1.26 16.90 -18.90
N GLY A 34 0.03 17.24 -18.51
CA GLY A 34 -0.65 16.47 -17.50
C GLY A 34 -1.07 15.10 -17.96
N CYS A 35 -1.08 14.88 -19.28
CA CYS A 35 -1.30 13.55 -19.82
C CYS A 35 -0.18 12.61 -19.43
N LEU A 36 1.02 13.13 -19.20
CA LEU A 36 2.07 12.31 -18.62
C LEU A 36 2.68 12.91 -17.36
N MET A 37 1.99 13.84 -16.71
CA MET A 37 2.36 14.22 -15.35
C MET A 37 1.58 13.41 -14.34
N PHE A 38 0.26 13.48 -14.42
CA PHE A 38 -0.66 12.79 -13.53
C PHE A 38 -0.57 11.26 -13.51
N PRO A 39 -0.39 10.53 -14.62
CA PRO A 39 -0.19 9.09 -14.44
C PRO A 39 1.16 8.76 -13.88
N THR A 40 2.16 9.60 -14.12
CA THR A 40 3.47 9.32 -13.57
C THR A 40 3.54 9.61 -12.09
N LEU A 41 3.05 10.77 -11.66
CA LEU A 41 3.24 11.14 -10.27
C LEU A 41 2.27 10.43 -9.34
N LEU A 42 1.14 9.96 -9.85
CA LEU A 42 0.26 9.17 -8.99
C LEU A 42 0.78 7.77 -8.81
N THR A 43 1.59 7.28 -9.75
CA THR A 43 2.22 5.97 -9.57
C THR A 43 3.48 6.07 -8.74
N ALA A 44 4.16 7.21 -8.81
CA ALA A 44 5.28 7.42 -7.89
C ALA A 44 4.77 7.64 -6.48
N THR A 45 3.57 8.21 -6.34
CA THR A 45 3.01 8.44 -5.01
C THR A 45 2.49 7.14 -4.41
N SER A 46 1.61 6.46 -5.14
CA SER A 46 0.93 5.28 -4.61
C SER A 46 1.87 4.12 -4.38
N CYS A 47 3.03 4.10 -5.04
CA CYS A 47 4.04 3.13 -4.68
C CYS A 47 4.90 3.62 -3.52
N PHE A 48 5.05 4.93 -3.35
CA PHE A 48 5.88 5.44 -2.26
C PHE A 48 5.22 5.21 -0.91
N ILE A 49 3.91 5.45 -0.83
CA ILE A 49 3.18 5.28 0.42
C ILE A 49 3.19 3.83 0.86
N ILE A 50 3.11 2.90 -0.10
CA ILE A 50 3.15 1.50 0.27
C ILE A 50 4.58 1.07 0.61
N ALA A 51 5.56 1.55 -0.15
CA ALA A 51 6.94 1.14 0.14
C ALA A 51 7.50 1.80 1.37
N PHE A 52 6.93 2.93 1.80
CA PHE A 52 7.41 3.55 3.02
C PHE A 52 6.78 2.90 4.25
N ILE A 53 5.54 2.45 4.13
CA ILE A 53 4.82 1.87 5.25
C ILE A 53 5.11 0.38 5.37
N ALA A 54 4.89 -0.37 4.29
CA ALA A 54 4.98 -1.82 4.33
C ALA A 54 5.88 -2.29 3.21
N ALA A 55 7.16 -2.49 3.50
CA ALA A 55 8.04 -3.03 2.48
C ALA A 55 9.14 -3.80 3.18
N PRO A 56 9.46 -5.00 2.71
CA PRO A 56 10.43 -5.83 3.40
C PRO A 56 11.85 -5.28 3.23
N PRO A 57 12.82 -5.75 4.02
CA PRO A 57 14.18 -5.22 3.91
C PRO A 57 14.84 -5.53 2.56
N VAL A 58 15.84 -4.73 2.24
CA VAL A 58 16.42 -4.63 0.91
C VAL A 58 17.93 -4.83 1.01
N ASP A 59 18.47 -5.73 0.20
CA ASP A 59 19.92 -5.83 0.05
C ASP A 59 20.39 -4.63 -0.75
N ILE A 60 21.02 -3.68 -0.05
CA ILE A 60 21.54 -2.51 -0.74
C ILE A 60 23.00 -2.69 -1.11
N ASP A 61 23.78 -3.34 -0.23
CA ASP A 61 25.21 -3.43 -0.48
C ASP A 61 25.54 -4.60 -1.39
N GLY A 62 24.52 -5.37 -1.77
CA GLY A 62 24.73 -6.55 -2.59
C GLY A 62 25.42 -7.69 -1.87
N ILE A 63 25.48 -7.65 -0.55
CA ILE A 63 26.24 -8.62 0.23
C ILE A 63 25.26 -9.48 1.02
N ARG A 64 23.98 -9.38 0.66
CA ARG A 64 22.89 -10.16 1.22
C ARG A 64 22.72 -9.86 2.70
N GLU A 65 22.87 -8.57 3.05
CA GLU A 65 22.60 -8.04 4.38
C GLU A 65 21.47 -7.04 4.22
N PRO A 66 20.23 -7.47 4.43
CA PRO A 66 19.09 -6.64 4.06
C PRO A 66 18.85 -5.52 5.06
N VAL A 67 18.71 -4.31 4.55
CA VAL A 67 18.56 -3.09 5.35
C VAL A 67 17.09 -2.76 5.43
N ALA A 68 16.55 -2.74 6.64
CA ALA A 68 15.14 -2.44 6.84
C ALA A 68 14.89 -0.96 6.58
N GLY A 69 13.75 -0.65 5.98
CA GLY A 69 13.49 0.74 5.69
C GLY A 69 12.05 1.19 5.83
N SER A 70 11.17 0.30 6.23
CA SER A 70 9.75 0.62 6.27
C SER A 70 9.23 0.64 7.69
N LEU A 71 7.99 1.12 7.84
CA LEU A 71 7.46 1.34 9.18
C LEU A 71 7.05 0.05 9.86
N LEU A 72 6.56 -0.94 9.12
CA LEU A 72 6.11 -2.17 9.76
C LEU A 72 7.27 -3.02 10.26
N TYR A 73 8.49 -2.75 9.80
CA TYR A 73 9.66 -3.49 10.26
C TYR A 73 10.44 -2.70 11.28
N GLY A 74 9.72 -1.97 12.13
CA GLY A 74 10.32 -1.30 13.26
C GLY A 74 11.13 -0.08 12.89
N ASN A 75 10.46 0.95 12.36
CA ASN A 75 11.10 2.21 12.08
C ASN A 75 10.19 3.33 12.54
N ASN A 76 10.55 4.55 12.15
CA ASN A 76 9.76 5.72 12.45
C ASN A 76 9.81 6.61 11.22
N ILE A 77 9.39 7.86 11.38
CA ILE A 77 9.45 8.80 10.28
C ILE A 77 10.88 9.11 9.92
N ILE A 78 11.77 9.13 10.91
CA ILE A 78 13.13 9.57 10.66
C ILE A 78 13.97 8.44 10.08
N SER A 79 13.94 7.27 10.70
CA SER A 79 14.78 6.19 10.20
C SER A 79 14.20 5.47 8.99
N GLY A 80 12.88 5.48 8.82
CA GLY A 80 12.28 4.76 7.72
C GLY A 80 12.54 5.44 6.39
N ALA A 81 12.75 4.65 5.34
CA ALA A 81 13.21 5.16 4.06
C ALA A 81 13.02 4.10 3.00
N VAL A 82 12.66 4.53 1.79
CA VAL A 82 12.70 3.61 0.66
C VAL A 82 14.15 3.42 0.25
N VAL A 83 14.66 2.21 0.43
CA VAL A 83 16.07 1.88 0.28
C VAL A 83 16.40 1.87 -1.21
N PRO A 84 17.56 2.35 -1.63
CA PRO A 84 17.96 2.23 -3.04
C PRO A 84 18.18 0.77 -3.43
N SER A 85 18.33 0.56 -4.73
CA SER A 85 18.42 -0.80 -5.25
C SER A 85 19.79 -1.38 -4.94
N SER A 86 19.97 -2.63 -5.35
CA SER A 86 21.12 -3.39 -4.91
C SER A 86 22.39 -2.93 -5.61
N ASN A 87 23.52 -3.29 -5.01
CA ASN A 87 24.79 -3.20 -5.71
C ASN A 87 24.91 -4.32 -6.74
N ALA A 88 24.18 -5.41 -6.54
CA ALA A 88 24.21 -6.52 -7.49
C ALA A 88 23.56 -6.12 -8.81
N ILE A 89 22.44 -5.41 -8.76
CA ILE A 89 21.86 -4.84 -9.96
C ILE A 89 22.76 -3.76 -10.51
N GLY A 90 23.00 -2.73 -9.73
CA GLY A 90 23.77 -1.61 -10.23
C GLY A 90 22.92 -0.82 -11.17
N MET A 91 23.44 -0.56 -12.35
CA MET A 91 22.83 0.38 -13.27
C MET A 91 21.76 -0.27 -14.13
N HIS A 92 21.58 -1.58 -14.05
CA HIS A 92 20.64 -2.28 -14.91
C HIS A 92 19.20 -1.91 -14.62
N PHE A 93 18.42 -1.85 -15.68
CA PHE A 93 17.00 -1.57 -15.56
C PHE A 93 16.30 -2.80 -15.00
N TYR A 94 15.57 -2.62 -13.91
CA TYR A 94 14.99 -3.74 -13.17
C TYR A 94 13.51 -3.48 -12.92
N PRO A 95 12.66 -3.76 -13.90
CA PRO A 95 11.22 -3.58 -13.71
C PRO A 95 10.60 -4.77 -13.03
N ILE A 96 9.28 -4.80 -12.90
CA ILE A 96 8.65 -5.92 -12.19
C ILE A 96 8.65 -7.16 -13.08
N TRP A 97 8.42 -6.99 -14.37
CA TRP A 97 8.32 -8.14 -15.25
C TRP A 97 9.66 -8.78 -15.54
N GLU A 98 10.77 -8.11 -15.26
CA GLU A 98 12.09 -8.72 -15.36
C GLU A 98 12.62 -9.14 -14.01
N ALA A 99 11.75 -9.68 -13.15
CA ALA A 99 12.13 -10.04 -11.81
C ALA A 99 11.67 -11.41 -11.34
N ALA A 100 10.85 -12.12 -12.11
CA ALA A 100 10.45 -13.52 -11.94
C ALA A 100 9.59 -13.81 -10.70
N SER A 101 9.39 -12.81 -9.84
CA SER A 101 8.41 -12.78 -8.74
C SER A 101 8.50 -11.40 -8.13
N ILE A 102 7.48 -11.03 -7.36
CA ILE A 102 7.55 -9.75 -6.69
C ILE A 102 8.43 -9.86 -5.45
N ASP A 103 8.52 -11.05 -4.87
CA ASP A 103 9.41 -11.28 -3.73
C ASP A 103 10.87 -11.13 -4.12
N GLU A 104 11.23 -11.54 -5.32
CA GLU A 104 12.57 -11.28 -5.84
C GLU A 104 12.74 -9.82 -6.22
N TRP A 105 11.64 -9.15 -6.53
CA TRP A 105 11.72 -7.74 -6.87
C TRP A 105 11.93 -6.89 -5.62
N LEU A 106 11.15 -7.15 -4.58
CA LEU A 106 11.26 -6.37 -3.34
C LEU A 106 12.54 -6.65 -2.59
N TYR A 107 13.17 -7.79 -2.80
CA TYR A 107 14.42 -8.09 -2.10
C TYR A 107 15.55 -7.25 -2.65
N ASN A 108 15.63 -7.13 -3.96
CA ASN A 108 16.78 -6.54 -4.62
C ASN A 108 16.64 -5.06 -4.83
N GLY A 109 15.78 -4.40 -4.08
CA GLY A 109 15.61 -2.98 -4.29
C GLY A 109 14.75 -2.66 -5.47
N GLY A 110 13.60 -3.29 -5.57
CA GLY A 110 12.65 -3.02 -6.61
C GLY A 110 12.11 -1.61 -6.65
N PRO A 111 11.34 -1.19 -5.63
CA PRO A 111 10.55 0.03 -5.77
C PRO A 111 11.35 1.31 -5.80
N TYR A 112 12.65 1.27 -5.58
CA TYR A 112 13.42 2.49 -5.74
C TYR A 112 13.47 2.91 -7.19
N GLN A 113 13.56 1.97 -8.12
CA GLN A 113 13.59 2.36 -9.51
C GLN A 113 12.20 2.71 -10.04
N LEU A 114 11.15 2.12 -9.48
CA LEU A 114 9.82 2.43 -9.95
C LEU A 114 9.39 3.81 -9.50
N ILE A 115 9.80 4.21 -8.30
CA ILE A 115 9.42 5.52 -7.78
C ILE A 115 10.22 6.61 -8.48
N VAL A 116 11.54 6.43 -8.58
CA VAL A 116 12.42 7.47 -9.09
C VAL A 116 12.17 7.75 -10.57
N LEU A 117 12.00 6.69 -11.37
CA LEU A 117 11.82 6.92 -12.79
C LEU A 117 10.43 7.47 -13.11
N HIS A 118 9.42 7.13 -12.33
CA HIS A 118 8.15 7.82 -12.48
C HIS A 118 8.14 9.17 -11.81
N PHE A 119 9.12 9.47 -10.97
CA PHE A 119 9.21 10.79 -10.36
C PHE A 119 9.82 11.79 -11.32
N LEU A 120 10.95 11.42 -11.93
CA LEU A 120 11.67 12.34 -12.80
C LEU A 120 10.93 12.60 -14.09
N LEU A 121 10.09 11.67 -14.53
CA LEU A 121 9.20 11.97 -15.64
C LEU A 121 8.07 12.87 -15.22
N GLY A 122 7.57 12.72 -14.00
CA GLY A 122 6.44 13.52 -13.58
C GLY A 122 6.82 14.91 -13.15
N VAL A 123 8.07 15.11 -12.74
CA VAL A 123 8.52 16.43 -12.33
C VAL A 123 8.97 17.22 -13.56
N SER A 124 9.58 16.56 -14.52
CA SER A 124 9.86 17.18 -15.81
C SER A 124 8.60 17.41 -16.63
N ALA A 125 7.48 16.82 -16.26
CA ALA A 125 6.19 17.13 -16.87
C ALA A 125 5.42 18.14 -16.04
N TYR A 126 5.65 18.18 -14.73
CA TYR A 126 5.09 19.26 -13.94
C TYR A 126 5.73 20.58 -14.30
N MET A 127 6.98 20.54 -14.74
CA MET A 127 7.67 21.75 -15.16
C MET A 127 7.14 22.26 -16.49
N GLY A 128 6.90 21.37 -17.44
CA GLY A 128 6.33 21.80 -18.70
C GLY A 128 4.88 22.20 -18.60
N ARG A 129 4.19 21.70 -17.58
CA ARG A 129 2.82 22.10 -17.33
C ARG A 129 2.73 23.52 -16.81
N GLU A 130 3.75 23.98 -16.07
CA GLU A 130 3.81 25.37 -15.66
C GLU A 130 4.06 26.29 -16.83
N TRP A 131 4.68 25.77 -17.89
CA TRP A 131 4.79 26.58 -19.09
C TRP A 131 3.45 26.72 -19.77
N GLU A 132 2.73 25.60 -19.89
CA GLU A 132 1.58 25.50 -20.77
C GLU A 132 0.47 26.44 -20.33
N LEU A 133 0.18 26.44 -19.03
CA LEU A 133 -0.86 27.32 -18.50
C LEU A 133 -0.46 28.78 -18.60
N SER A 134 0.84 29.07 -18.55
CA SER A 134 1.27 30.44 -18.79
C SER A 134 1.04 30.84 -20.23
N TYR A 135 1.03 29.88 -21.15
CA TYR A 135 0.70 30.22 -22.53
C TYR A 135 -0.78 30.48 -22.70
N ARG A 136 -1.62 29.65 -22.08
CA ARG A 136 -3.05 29.80 -22.25
C ARG A 136 -3.65 30.92 -21.42
N LEU A 137 -2.90 31.50 -20.49
CA LEU A 137 -3.42 32.59 -19.67
C LEU A 137 -2.91 33.96 -20.11
N GLY A 138 -2.06 34.03 -21.12
CA GLY A 138 -1.49 35.30 -21.51
C GLY A 138 -0.29 35.73 -20.72
N MET A 139 0.26 34.87 -19.89
CA MET A 139 1.41 35.24 -19.09
C MET A 139 2.68 35.13 -19.90
N ARG A 140 3.64 35.96 -19.55
CA ARG A 140 5.02 35.75 -19.97
C ARG A 140 5.51 34.44 -19.34
N PRO A 141 6.34 33.68 -20.02
CA PRO A 141 6.29 32.23 -19.84
C PRO A 141 7.14 31.61 -18.74
N TRP A 142 8.06 32.33 -18.10
CA TRP A 142 9.26 31.71 -17.57
C TRP A 142 9.21 31.39 -16.08
N ILE A 143 8.05 31.03 -15.55
CA ILE A 143 8.08 30.46 -14.21
C ILE A 143 8.74 29.09 -14.25
N PHE A 144 8.58 28.36 -15.35
CA PHE A 144 9.12 27.02 -15.44
C PHE A 144 10.63 27.00 -15.58
N VAL A 145 11.26 28.12 -15.92
CA VAL A 145 12.71 28.22 -15.89
C VAL A 145 13.21 28.36 -14.45
N ALA A 146 12.44 28.99 -13.58
CA ALA A 146 12.80 29.04 -12.18
C ALA A 146 12.63 27.69 -11.52
N PHE A 147 11.68 26.89 -12.00
CA PHE A 147 11.52 25.56 -11.45
C PHE A 147 12.52 24.59 -12.02
N SER A 148 13.32 24.99 -13.01
CA SER A 148 14.40 24.14 -13.50
C SER A 148 15.48 23.92 -12.44
N ALA A 149 15.58 24.80 -11.47
CA ALA A 149 16.65 24.69 -10.49
C ALA A 149 16.43 23.54 -9.49
N PRO A 150 15.24 23.27 -8.94
CA PRO A 150 15.10 22.00 -8.20
C PRO A 150 14.96 20.78 -9.10
N VAL A 151 14.57 20.93 -10.37
CA VAL A 151 14.58 19.78 -11.26
C VAL A 151 16.01 19.40 -11.61
N ALA A 152 16.90 20.38 -11.71
CA ALA A 152 18.31 20.09 -11.88
C ALA A 152 18.88 19.37 -10.69
N ALA A 153 18.42 19.73 -9.50
CA ALA A 153 18.97 19.13 -8.29
C ALA A 153 18.33 17.79 -7.97
N ALA A 154 17.08 17.59 -8.37
CA ALA A 154 16.46 16.27 -8.18
C ALA A 154 17.05 15.27 -9.15
N SER A 155 17.31 15.68 -10.38
CA SER A 155 17.93 14.76 -11.32
C SER A 155 19.42 14.58 -11.05
N ALA A 156 20.01 15.38 -10.19
CA ALA A 156 21.42 15.22 -9.90
C ALA A 156 21.67 14.11 -8.89
N VAL A 157 20.81 13.96 -7.90
CA VAL A 157 21.05 12.98 -6.84
C VAL A 157 20.34 11.66 -7.09
N PHE A 158 19.33 11.64 -7.95
CA PHE A 158 18.61 10.42 -8.23
C PHE A 158 18.99 9.82 -9.57
N LEU A 159 19.43 10.63 -10.52
CA LEU A 159 19.72 10.13 -11.85
C LEU A 159 21.20 10.25 -12.19
N VAL A 160 21.77 11.45 -12.13
CA VAL A 160 23.12 11.69 -12.64
C VAL A 160 24.18 11.07 -11.75
N TYR A 161 24.02 11.19 -10.45
CA TYR A 161 24.97 10.56 -9.54
C TYR A 161 24.93 9.03 -9.55
N PRO A 162 23.78 8.36 -9.73
CA PRO A 162 23.88 6.92 -9.98
C PRO A 162 24.48 6.56 -11.32
N ILE A 163 24.44 7.44 -12.31
CA ILE A 163 25.02 7.12 -13.61
C ILE A 163 26.54 7.14 -13.53
N GLY A 164 27.11 8.24 -13.07
CA GLY A 164 28.56 8.38 -13.04
C GLY A 164 29.22 7.46 -12.04
N GLN A 165 28.51 7.09 -10.99
CA GLN A 165 29.02 6.08 -10.07
C GLN A 165 28.62 4.68 -10.47
N GLY A 166 27.79 4.54 -11.48
CA GLY A 166 27.55 3.25 -12.08
C GLY A 166 26.58 2.35 -11.36
N SER A 167 25.81 2.87 -10.40
CA SER A 167 24.85 2.04 -9.69
C SER A 167 23.79 2.92 -9.05
N PHE A 168 22.57 2.43 -9.02
CA PHE A 168 21.54 3.12 -8.24
C PHE A 168 21.72 2.95 -6.75
N SER A 169 22.61 2.05 -6.31
CA SER A 169 22.83 1.87 -4.88
C SER A 169 23.54 3.08 -4.28
N ASP A 170 24.33 3.78 -5.07
CA ASP A 170 24.86 5.06 -4.63
C ASP A 170 23.85 6.18 -4.76
N GLY A 171 22.66 5.91 -5.29
CA GLY A 171 21.63 6.93 -5.33
C GLY A 171 21.08 7.27 -3.96
N MET A 172 20.36 8.36 -3.91
CA MET A 172 19.91 8.91 -2.64
C MET A 172 18.75 8.11 -2.07
N PRO A 173 18.82 7.69 -0.81
CA PRO A 173 17.70 6.97 -0.21
C PRO A 173 16.53 7.89 0.06
N LEU A 174 15.34 7.43 -0.32
CA LEU A 174 14.12 8.21 -0.17
C LEU A 174 13.69 8.19 1.29
N GLY A 175 14.34 9.03 2.08
CA GLY A 175 13.98 9.10 3.49
C GLY A 175 14.63 10.29 4.13
N ILE A 176 14.61 10.30 5.46
CA ILE A 176 15.20 11.39 6.21
C ILE A 176 16.56 11.01 6.77
N SER A 177 16.67 9.87 7.46
CA SER A 177 18.01 9.43 7.87
C SER A 177 18.82 8.94 6.69
N GLY A 178 18.15 8.47 5.64
CA GLY A 178 18.86 8.09 4.44
C GLY A 178 19.46 9.27 3.70
N THR A 179 18.90 10.46 3.90
CA THR A 179 19.50 11.65 3.32
C THR A 179 20.84 11.95 3.96
N PHE A 180 20.93 11.80 5.28
CA PHE A 180 22.20 12.11 5.92
C PHE A 180 23.20 11.00 5.81
N ASN A 181 22.76 9.78 5.49
CA ASN A 181 23.71 8.79 5.04
C ASN A 181 24.25 9.16 3.68
N PHE A 182 23.44 9.82 2.86
CA PHE A 182 23.89 10.22 1.54
C PHE A 182 24.85 11.40 1.62
N MET A 183 24.62 12.35 2.52
CA MET A 183 25.42 13.55 2.52
C MET A 183 26.79 13.32 3.12
N LEU A 184 26.88 12.45 4.12
CA LEU A 184 28.16 12.24 4.79
C LEU A 184 29.08 11.36 3.96
N VAL A 185 28.53 10.32 3.33
CA VAL A 185 29.32 9.47 2.46
C VAL A 185 29.76 10.25 1.22
N PHE A 186 28.93 11.18 0.75
CA PHE A 186 29.33 12.06 -0.33
C PHE A 186 30.42 13.02 0.10
N GLN A 187 30.51 13.34 1.39
CA GLN A 187 31.57 14.21 1.85
C GLN A 187 32.93 13.51 1.85
N ALA A 188 32.97 12.27 2.34
CA ALA A 188 34.24 11.56 2.44
C ALA A 188 34.79 11.21 1.08
N GLU A 189 33.92 10.91 0.12
CA GLU A 189 34.39 10.41 -1.15
C GLU A 189 34.59 11.50 -2.19
N HIS A 190 34.05 12.69 -1.97
CA HIS A 190 34.10 13.72 -2.99
C HIS A 190 34.49 15.09 -2.49
N ASN A 191 34.46 15.33 -1.18
CA ASN A 191 34.83 16.60 -0.53
C ASN A 191 34.02 17.77 -1.10
N ILE A 192 32.72 17.71 -0.85
CA ILE A 192 31.81 18.66 -1.47
C ILE A 192 31.95 20.06 -0.87
N LEU A 193 32.34 20.17 0.39
CA LEU A 193 32.37 21.47 1.04
C LEU A 193 33.46 22.35 0.48
N MET A 194 34.55 21.76 0.04
CA MET A 194 35.59 22.54 -0.60
C MET A 194 35.32 22.77 -2.07
N HIS A 195 34.32 22.11 -2.63
CA HIS A 195 34.00 22.31 -4.03
C HIS A 195 33.28 23.63 -4.20
N PRO A 196 33.67 24.47 -5.17
CA PRO A 196 33.12 25.83 -5.25
C PRO A 196 31.72 25.90 -5.77
N PHE A 197 31.07 24.79 -6.05
CA PHE A 197 29.69 24.87 -6.49
C PHE A 197 28.72 24.60 -5.36
N HIS A 198 29.13 23.86 -4.34
CA HIS A 198 28.37 23.91 -3.10
C HIS A 198 28.56 25.24 -2.42
N MET A 199 29.73 25.88 -2.60
CA MET A 199 29.95 27.22 -2.10
C MET A 199 29.11 28.25 -2.81
N ALA A 200 28.79 28.01 -4.07
CA ALA A 200 28.01 28.99 -4.80
C ALA A 200 26.51 28.79 -4.64
N GLY A 201 26.09 27.83 -3.84
CA GLY A 201 24.68 27.65 -3.59
C GLY A 201 24.32 27.74 -2.14
N VAL A 202 25.32 27.57 -1.27
CA VAL A 202 25.15 28.06 0.09
C VAL A 202 24.99 29.56 0.07
N ALA A 203 25.77 30.24 -0.78
CA ALA A 203 25.52 31.64 -1.06
C ALA A 203 24.20 31.87 -1.78
N GLY A 204 23.66 30.85 -2.44
CA GLY A 204 22.38 30.98 -3.08
C GLY A 204 21.19 30.89 -2.15
N VAL A 205 21.26 30.10 -1.09
CA VAL A 205 20.15 29.98 -0.16
C VAL A 205 20.33 30.81 1.10
N PHE A 206 21.56 31.09 1.54
CA PHE A 206 21.73 32.12 2.55
C PHE A 206 21.39 33.47 1.97
N GLY A 207 21.84 33.74 0.74
CA GLY A 207 21.41 34.93 0.06
C GLY A 207 19.94 34.91 -0.26
N GLY A 208 19.42 33.75 -0.63
CA GLY A 208 18.00 33.64 -0.95
C GLY A 208 17.11 33.88 0.25
N SER A 209 17.48 33.34 1.40
CA SER A 209 16.67 33.61 2.59
C SER A 209 16.93 34.99 3.13
N LEU A 210 18.05 35.62 2.77
CA LEU A 210 18.26 37.01 3.15
C LEU A 210 17.30 37.91 2.39
N PHE A 211 17.39 37.89 1.06
CA PHE A 211 16.59 38.79 0.23
C PHE A 211 15.11 38.45 0.27
N SER A 212 14.74 37.25 0.69
CA SER A 212 13.35 36.96 1.02
C SER A 212 12.88 37.76 2.22
N ALA A 213 13.58 37.61 3.34
CA ALA A 213 13.19 38.31 4.56
C ALA A 213 13.57 39.77 4.53
N MET A 214 14.37 40.20 3.58
CA MET A 214 14.69 41.61 3.45
C MET A 214 13.67 42.32 2.58
N HIS A 215 13.14 41.62 1.57
CA HIS A 215 12.08 42.20 0.77
C HIS A 215 10.74 42.11 1.47
N GLY A 216 10.50 41.00 2.15
CA GLY A 216 9.25 40.84 2.86
C GLY A 216 9.11 41.73 4.06
N SER A 217 10.21 42.27 4.57
CA SER A 217 10.10 43.20 5.67
C SER A 217 9.86 44.62 5.20
N LEU A 218 10.44 45.00 4.08
CA LEU A 218 10.30 46.37 3.62
C LEU A 218 8.96 46.64 2.97
N VAL A 219 8.25 45.59 2.54
CA VAL A 219 6.87 45.80 2.13
C VAL A 219 5.97 45.92 3.34
N THR A 220 6.13 45.00 4.30
CA THR A 220 5.34 45.00 5.51
C THR A 220 5.64 46.21 6.40
N SER A 221 6.83 46.78 6.30
CA SER A 221 7.11 48.02 7.01
C SER A 221 6.32 49.19 6.46
N SER A 222 6.21 49.31 5.14
CA SER A 222 5.66 50.51 4.53
C SER A 222 4.22 50.34 4.08
N LEU A 223 3.42 49.56 4.82
CA LEU A 223 2.02 49.42 4.46
C LEU A 223 1.25 50.69 4.76
N ILE A 224 0.21 50.93 3.99
CA ILE A 224 -0.62 52.12 4.14
C ILE A 224 -1.76 51.82 5.11
N ARG A 225 -2.12 52.80 5.94
CA ARG A 225 -3.29 52.71 6.82
C ARG A 225 -4.56 52.44 6.05
N GLU A 226 -5.11 51.24 6.20
CA GLU A 226 -6.44 50.96 5.68
C GLU A 226 -7.31 50.23 6.68
N THR A 227 -6.78 49.85 7.84
CA THR A 227 -7.51 49.11 8.86
C THR A 227 -7.51 49.91 10.15
N THR A 228 -8.22 49.37 11.14
CA THR A 228 -8.17 49.86 12.50
C THR A 228 -7.22 48.99 13.31
N GLU A 229 -6.97 49.40 14.55
CA GLU A 229 -6.06 48.64 15.39
C GLU A 229 -6.70 47.38 15.96
N ASN A 230 -8.02 47.24 15.84
CA ASN A 230 -8.68 46.04 16.32
C ASN A 230 -8.60 44.91 15.30
N GLU A 231 -8.85 45.19 14.03
CA GLU A 231 -8.85 44.12 13.06
C GLU A 231 -7.43 43.83 12.58
N SER A 232 -7.31 42.88 11.66
CA SER A 232 -6.02 42.41 11.22
C SER A 232 -5.39 43.41 10.26
N THR A 233 -4.06 43.37 10.19
CA THR A 233 -3.32 44.16 9.23
C THR A 233 -3.62 43.75 7.80
N ASN A 234 -3.88 42.48 7.57
CA ASN A 234 -4.02 41.97 6.21
C ASN A 234 -5.32 42.36 5.55
N TYR A 235 -6.30 42.85 6.30
CA TYR A 235 -7.58 43.15 5.68
C TYR A 235 -7.62 44.52 5.02
N GLY A 236 -6.50 45.22 4.95
CA GLY A 236 -6.45 46.44 4.18
C GLY A 236 -6.16 46.23 2.72
N TYR A 237 -6.04 44.98 2.31
CA TYR A 237 -5.90 44.61 0.91
C TYR A 237 -7.19 43.94 0.48
N LYS A 238 -7.94 44.60 -0.38
CA LYS A 238 -9.03 43.94 -1.04
C LYS A 238 -8.51 43.29 -2.30
N PHE A 239 -8.99 42.09 -2.58
CA PHE A 239 -8.46 41.30 -3.68
C PHE A 239 -8.85 41.90 -5.02
N GLY A 240 -7.88 41.98 -5.91
CA GLY A 240 -8.14 42.52 -7.22
C GLY A 240 -8.22 44.03 -7.28
N GLN A 241 -7.77 44.72 -6.25
CA GLN A 241 -7.80 46.17 -6.28
C GLN A 241 -6.69 46.68 -7.19
N GLU A 242 -6.82 47.92 -7.61
CA GLU A 242 -5.86 48.54 -8.51
C GLU A 242 -4.96 49.57 -7.83
N GLU A 243 -5.25 49.91 -6.58
CA GLU A 243 -4.39 50.81 -5.84
C GLU A 243 -3.20 50.05 -5.27
N GLU A 244 -2.06 50.73 -5.19
CA GLU A 244 -0.86 50.12 -4.64
C GLU A 244 -0.95 50.07 -3.13
N THR A 245 -0.62 48.92 -2.55
CA THR A 245 -0.88 48.71 -1.13
C THR A 245 0.27 49.09 -0.22
N TYR A 246 1.37 49.63 -0.74
CA TYR A 246 2.43 50.11 0.14
C TYR A 246 3.19 51.25 -0.53
N ASN A 247 3.66 52.17 0.30
CA ASN A 247 4.44 53.31 -0.17
C ASN A 247 5.83 52.80 -0.52
N ILE A 248 6.08 52.59 -1.80
CA ILE A 248 7.38 52.08 -2.25
C ILE A 248 8.46 53.15 -2.17
N VAL A 249 8.09 54.43 -2.18
CA VAL A 249 9.06 55.49 -1.99
C VAL A 249 9.55 55.49 -0.54
N ALA A 250 8.70 55.09 0.39
CA ALA A 250 9.08 55.03 1.80
C ALA A 250 10.13 53.94 2.05
N ALA A 251 9.90 52.74 1.53
CA ALA A 251 10.86 51.65 1.72
C ALA A 251 12.12 51.87 0.92
N HIS A 252 12.08 52.69 -0.12
CA HIS A 252 13.31 53.02 -0.83
C HIS A 252 14.16 54.03 -0.06
N GLY A 253 13.51 54.99 0.61
CA GLY A 253 14.25 55.93 1.42
C GLY A 253 14.79 55.33 2.71
N TYR A 254 14.21 54.23 3.16
CA TYR A 254 14.71 53.56 4.34
C TYR A 254 15.99 52.80 4.04
N PHE A 255 15.94 51.90 3.07
CA PHE A 255 17.11 51.16 2.64
C PHE A 255 18.13 52.04 1.97
N GLY A 256 17.70 53.18 1.41
CA GLY A 256 18.64 54.17 0.92
C GLY A 256 19.41 54.89 2.01
N ARG A 257 18.99 54.77 3.26
CA ARG A 257 19.76 55.26 4.38
C ARG A 257 20.35 54.16 5.23
N LEU A 258 19.83 52.94 5.12
CA LEU A 258 20.30 51.86 5.96
C LEU A 258 21.68 51.38 5.53
N ILE A 259 21.97 51.42 4.22
CA ILE A 259 23.31 51.06 3.78
C ILE A 259 23.98 52.29 3.17
N PHE A 260 23.47 52.72 2.02
CA PHE A 260 23.73 54.03 1.41
C PHE A 260 22.73 54.16 0.26
N GLN A 261 22.83 55.27 -0.47
CA GLN A 261 21.76 55.64 -1.38
C GLN A 261 21.77 54.82 -2.66
N TYR A 262 22.95 54.58 -3.21
CA TYR A 262 23.06 54.01 -4.55
C TYR A 262 22.93 52.49 -4.57
N ALA A 263 22.80 51.84 -3.42
CA ALA A 263 22.65 50.40 -3.35
C ALA A 263 21.20 49.96 -3.33
N SER A 264 20.27 50.86 -3.59
CA SER A 264 18.84 50.56 -3.46
C SER A 264 18.17 50.56 -4.83
N PHE A 265 17.38 49.52 -5.08
CA PHE A 265 16.58 49.42 -6.30
C PHE A 265 15.36 50.29 -6.16
N ASN A 266 15.28 51.40 -6.89
CA ASN A 266 14.01 52.10 -6.95
C ASN A 266 13.02 51.40 -7.87
N ASN A 267 13.53 50.65 -8.85
CA ASN A 267 12.71 49.91 -9.79
C ASN A 267 12.21 48.65 -9.11
N SER A 268 10.88 48.49 -9.03
CA SER A 268 10.35 47.29 -8.40
C SER A 268 10.39 46.09 -9.31
N ARG A 269 10.53 46.31 -10.61
CA ARG A 269 10.63 45.19 -11.52
C ARG A 269 12.01 44.59 -11.48
N ALA A 270 13.04 45.43 -11.50
CA ALA A 270 14.40 44.96 -11.35
C ALA A 270 14.65 44.42 -9.96
N LEU A 271 13.90 44.90 -8.96
CA LEU A 271 13.98 44.32 -7.63
C LEU A 271 13.39 42.92 -7.60
N HIS A 272 12.17 42.77 -8.11
CA HIS A 272 11.56 41.44 -8.18
C HIS A 272 12.19 40.54 -9.22
N PHE A 273 13.16 41.00 -10.00
CA PHE A 273 13.91 40.07 -10.82
C PHE A 273 15.12 39.52 -10.08
N PHE A 274 15.76 40.34 -9.28
CA PHE A 274 16.91 39.92 -8.50
C PHE A 274 16.56 38.88 -7.46
N LEU A 275 15.30 38.84 -7.02
CA LEU A 275 14.86 37.78 -6.12
C LEU A 275 14.76 36.46 -6.85
N ALA A 276 14.53 36.48 -8.15
CA ALA A 276 14.47 35.26 -8.92
C ALA A 276 15.81 34.84 -9.48
N LEU A 277 16.72 35.79 -9.67
CA LEU A 277 18.04 35.47 -10.20
C LEU A 277 18.87 34.70 -9.19
N TRP A 278 19.12 35.31 -8.03
CA TRP A 278 20.10 34.86 -7.05
C TRP A 278 19.92 33.41 -6.55
N PRO A 279 18.71 32.91 -6.20
CA PRO A 279 18.65 31.52 -5.76
C PRO A 279 18.77 30.55 -6.91
N VAL A 280 18.08 30.87 -8.01
CA VAL A 280 17.97 29.95 -9.13
C VAL A 280 19.32 29.76 -9.80
N VAL A 281 20.09 30.84 -9.96
CA VAL A 281 21.45 30.69 -10.45
C VAL A 281 22.31 29.96 -9.42
N GLY A 282 22.00 30.12 -8.14
CA GLY A 282 22.76 29.43 -7.11
C GLY A 282 22.49 27.94 -7.06
N ILE A 283 21.31 27.50 -7.52
CA ILE A 283 20.98 26.08 -7.49
C ILE A 283 21.25 25.41 -8.84
N TRP A 284 21.25 26.16 -9.94
CA TRP A 284 21.78 25.63 -11.18
C TRP A 284 23.25 25.28 -11.04
N ILE A 285 24.02 26.16 -10.41
CA ILE A 285 25.45 25.95 -10.25
C ILE A 285 25.72 24.82 -9.28
N THR A 286 24.90 24.70 -8.25
CA THR A 286 25.10 23.67 -7.23
C THR A 286 24.79 22.29 -7.77
N SER A 287 23.69 22.16 -8.51
CA SER A 287 23.29 20.90 -9.10
C SER A 287 24.24 20.43 -10.18
N MET A 288 25.02 21.35 -10.76
CA MET A 288 26.16 20.95 -11.56
C MET A 288 27.43 20.89 -10.73
N GLY A 289 27.31 20.73 -9.42
CA GLY A 289 28.43 20.40 -8.60
C GLY A 289 28.33 18.92 -8.32
N ILE A 290 27.12 18.45 -8.01
CA ILE A 290 26.87 17.03 -7.83
C ILE A 290 27.11 16.29 -9.14
N SER A 291 26.80 16.94 -10.25
CA SER A 291 26.96 16.32 -11.56
C SER A 291 28.43 16.15 -11.92
N THR A 292 29.23 17.19 -11.70
CA THR A 292 30.66 17.04 -11.98
C THR A 292 31.36 16.23 -10.90
N MET A 293 30.78 16.11 -9.73
CA MET A 293 31.32 15.17 -8.76
C MET A 293 30.70 13.80 -8.86
N ALA A 294 29.74 13.61 -9.77
CA ALA A 294 29.31 12.24 -10.06
C ALA A 294 30.35 11.51 -10.85
N PHE A 295 31.14 12.23 -11.64
CA PHE A 295 32.19 11.64 -12.45
C PHE A 295 33.55 11.83 -11.82
N ASN A 296 33.60 11.90 -10.50
CA ASN A 296 34.81 11.86 -9.69
C ASN A 296 35.77 12.99 -10.04
N LEU A 297 35.22 14.16 -10.32
CA LEU A 297 36.00 15.40 -10.37
C LEU A 297 35.68 16.12 -9.07
N ASN A 298 36.43 15.79 -8.03
CA ASN A 298 36.10 16.17 -6.68
C ASN A 298 36.42 17.64 -6.42
N GLY A 299 36.14 18.09 -5.20
CA GLY A 299 36.45 19.44 -4.79
C GLY A 299 37.93 19.60 -4.53
N PHE A 300 38.29 20.74 -3.93
CA PHE A 300 39.70 21.03 -3.69
C PHE A 300 40.30 20.07 -2.66
N ASN A 301 41.61 19.94 -2.71
CA ASN A 301 42.33 19.05 -1.82
C ASN A 301 43.62 19.76 -1.43
N PHE A 302 43.61 20.40 -0.27
CA PHE A 302 44.78 21.11 0.22
C PHE A 302 45.46 20.36 1.35
N ASN A 303 45.42 19.04 1.32
CA ASN A 303 46.05 18.25 2.35
C ASN A 303 47.55 18.19 2.12
N GLN A 304 48.31 18.43 3.19
CA GLN A 304 49.77 18.52 3.19
C GLN A 304 50.27 19.58 2.22
N SER A 305 49.63 20.75 2.26
CA SER A 305 49.99 21.83 1.36
C SER A 305 50.95 22.84 1.97
N VAL A 306 50.99 22.97 3.29
CA VAL A 306 51.87 23.91 3.95
C VAL A 306 53.00 23.14 4.61
N VAL A 307 54.22 23.44 4.20
CA VAL A 307 55.40 22.79 4.71
C VAL A 307 56.39 23.84 5.20
N ASP A 308 57.22 23.45 6.14
CA ASP A 308 58.31 24.31 6.59
C ASP A 308 59.51 24.14 5.66
N SER A 309 60.61 24.82 5.97
CA SER A 309 61.80 24.71 5.15
C SER A 309 62.48 23.36 5.30
N GLN A 310 62.33 22.72 6.46
CA GLN A 310 62.78 21.35 6.65
C GLN A 310 61.99 20.37 5.81
N GLY A 311 60.73 20.67 5.53
CA GLY A 311 59.89 19.80 4.74
C GLY A 311 58.82 19.07 5.53
N ARG A 312 58.76 19.27 6.84
CA ARG A 312 57.72 18.65 7.63
C ARG A 312 56.37 19.28 7.32
N VAL A 313 55.34 18.45 7.33
CA VAL A 313 54.00 18.92 7.02
C VAL A 313 53.48 19.74 8.20
N ILE A 314 53.09 20.98 7.93
CA ILE A 314 52.40 21.81 8.90
C ILE A 314 50.91 21.67 8.64
N ASN A 315 50.15 21.38 9.67
CA ASN A 315 48.72 21.16 9.50
C ASN A 315 48.01 22.47 9.23
N THR A 316 46.88 22.37 8.54
CA THR A 316 45.98 23.49 8.33
C THR A 316 44.59 23.07 8.76
N TRP A 317 43.60 23.90 8.46
CA TRP A 317 42.24 23.49 8.73
C TRP A 317 41.76 22.42 7.77
N ALA A 318 42.36 22.35 6.58
CA ALA A 318 41.99 21.30 5.64
C ALA A 318 42.51 19.94 6.10
N ASP A 319 43.61 19.91 6.85
CA ASP A 319 44.08 18.65 7.39
C ASP A 319 43.19 18.16 8.52
N ILE A 320 42.61 19.07 9.30
CA ILE A 320 41.62 18.66 10.29
C ILE A 320 40.35 18.21 9.61
N LEU A 321 39.98 18.88 8.52
CA LEU A 321 38.83 18.46 7.73
C LEU A 321 39.08 17.12 7.05
N ASN A 322 40.34 16.84 6.71
CA ASN A 322 40.68 15.57 6.09
C ASN A 322 40.50 14.40 7.06
N ARG A 323 40.82 14.62 8.33
CA ARG A 323 40.72 13.54 9.32
C ARG A 323 39.26 13.27 9.66
N ALA A 324 38.37 14.23 9.40
CA ALA A 324 36.95 13.92 9.46
C ALA A 324 36.51 13.15 8.23
N ASN A 325 37.10 13.43 7.07
CA ASN A 325 36.76 12.67 5.88
C ASN A 325 37.31 11.26 5.94
N LEU A 326 38.48 11.08 6.54
CA LEU A 326 39.05 9.75 6.68
C LEU A 326 38.25 8.88 7.63
N GLY A 327 37.53 9.49 8.56
CA GLY A 327 36.72 8.69 9.47
C GLY A 327 35.48 8.15 8.79
N ILE A 328 34.88 8.93 7.90
CA ILE A 328 33.71 8.46 7.20
C ILE A 328 34.10 7.51 6.07
N GLU A 329 35.27 7.73 5.45
CA GLU A 329 35.70 6.90 4.33
C GLU A 329 36.00 5.48 4.77
N VAL A 330 36.65 5.32 5.93
CA VAL A 330 36.98 3.98 6.40
C VAL A 330 35.82 3.26 7.05
N MET A 331 34.66 3.90 7.15
CA MET A 331 33.53 3.30 7.83
C MET A 331 32.28 3.17 6.98
N HIS A 332 32.22 3.79 5.80
CA HIS A 332 31.03 3.67 5.00
C HIS A 332 31.10 2.35 4.26
N GLU A 333 29.97 1.61 4.28
CA GLU A 333 29.83 0.29 3.69
C GLU A 333 30.92 -0.64 4.20
N ARG A 334 30.87 -0.89 5.50
CA ARG A 334 32.00 -1.45 6.23
C ARG A 334 32.28 -2.90 5.87
N ASN A 335 31.35 -3.54 5.15
CA ASN A 335 31.54 -4.90 4.68
C ASN A 335 31.65 -5.00 3.17
N ALA A 336 31.20 -4.00 2.42
CA ALA A 336 31.14 -4.11 0.98
C ALA A 336 32.49 -4.06 0.30
N HIS A 337 33.52 -3.58 0.96
CA HIS A 337 34.82 -3.41 0.34
C HIS A 337 35.68 -4.63 0.55
N ASN A 338 36.52 -4.92 -0.43
CA ASN A 338 37.52 -5.98 -0.32
C ASN A 338 38.91 -5.51 -0.71
N PHE A 339 39.03 -4.35 -1.32
CA PHE A 339 40.28 -3.93 -1.94
C PHE A 339 40.58 -2.50 -1.48
N PRO A 340 41.85 -2.07 -1.42
CA PRO A 340 42.21 -0.90 -0.60
C PRO A 340 41.66 0.44 -1.04
N LEU A 341 41.07 0.59 -2.22
CA LEU A 341 40.64 1.87 -2.72
C LEU A 341 39.17 1.84 -3.10
N ASP A 342 38.38 2.76 -2.56
CA ASP A 342 36.98 2.85 -2.94
C ASP A 342 36.90 3.46 -4.33
N LEU A 343 37.01 2.63 -5.36
CA LEU A 343 36.79 3.08 -6.72
C LEU A 343 35.32 3.40 -6.99
N ALA A 344 34.41 2.86 -6.20
CA ALA A 344 33.00 3.15 -6.32
C ALA A 344 32.47 3.71 -5.01
N ALA B 2 -13.24 41.68 15.91
CA ALA B 2 -12.44 41.68 14.70
C ALA B 2 -10.98 41.45 15.02
N LEU B 3 -10.69 41.14 16.27
CA LEU B 3 -9.33 40.88 16.68
C LEU B 3 -8.85 39.56 16.07
N PRO B 4 -7.60 39.48 15.64
CA PRO B 4 -7.02 38.20 15.29
C PRO B 4 -6.78 37.39 16.55
N TRP B 5 -6.44 36.11 16.36
CA TRP B 5 -6.20 35.25 17.51
C TRP B 5 -4.95 35.64 18.30
N TYR B 6 -4.03 36.37 17.69
CA TYR B 6 -2.83 36.81 18.39
C TYR B 6 -2.98 38.20 18.94
N ARG B 7 -4.18 38.76 18.97
CA ARG B 7 -4.41 40.03 19.64
C ARG B 7 -5.59 39.95 20.58
N VAL B 8 -5.99 38.75 21.00
CA VAL B 8 -7.20 38.61 21.79
C VAL B 8 -7.03 39.15 23.19
N HIS B 9 -5.81 39.15 23.71
CA HIS B 9 -5.59 39.60 25.06
C HIS B 9 -5.20 41.06 25.14
N THR B 10 -5.43 41.83 24.07
CA THR B 10 -5.22 43.27 24.12
C THR B 10 -6.48 44.05 24.41
N VAL B 11 -7.53 43.39 24.90
CA VAL B 11 -8.70 44.14 25.35
C VAL B 11 -8.45 44.69 26.74
N VAL B 12 -7.35 44.27 27.36
CA VAL B 12 -6.99 44.63 28.72
C VAL B 12 -6.05 45.83 28.74
N LEU B 13 -5.76 46.42 27.58
CA LEU B 13 -4.88 47.57 27.50
C LEU B 13 -5.47 48.80 28.18
N ASN B 14 -6.74 49.10 27.87
CA ASN B 14 -7.39 50.27 28.43
C ASN B 14 -8.34 49.91 29.56
N ASP B 15 -8.00 48.90 30.35
CA ASP B 15 -8.85 48.43 31.44
C ASP B 15 -7.94 48.01 32.58
N PRO B 16 -7.69 48.89 33.55
CA PRO B 16 -6.82 48.52 34.66
C PRO B 16 -7.50 47.58 35.62
N GLY B 17 -8.82 47.59 35.67
CA GLY B 17 -9.52 46.76 36.64
C GLY B 17 -9.45 45.30 36.27
N ARG B 18 -9.49 45.01 34.97
CA ARG B 18 -9.32 43.65 34.49
C ARG B 18 -7.88 43.34 34.16
N LEU B 19 -6.97 44.30 34.29
CA LEU B 19 -5.56 44.00 34.17
C LEU B 19 -5.06 43.24 35.38
N ILE B 20 -5.72 43.44 36.51
CA ILE B 20 -5.37 42.77 37.74
C ILE B 20 -5.94 41.38 37.78
N ALA B 21 -7.19 41.23 37.33
CA ALA B 21 -7.86 39.94 37.37
C ALA B 21 -7.21 38.95 36.46
N VAL B 22 -6.59 39.44 35.41
CA VAL B 22 -5.80 38.59 34.55
C VAL B 22 -4.48 38.24 35.19
N HIS B 23 -3.78 39.25 35.70
CA HIS B 23 -2.52 39.02 36.40
C HIS B 23 -2.69 38.23 37.68
N LEU B 24 -3.88 38.19 38.25
CA LEU B 24 -4.14 37.24 39.34
C LEU B 24 -4.38 35.84 38.83
N MET B 25 -4.86 35.69 37.61
CA MET B 25 -5.12 34.35 37.11
C MET B 25 -3.84 33.67 36.64
N HIS B 26 -2.87 34.42 36.12
CA HIS B 26 -1.56 33.83 35.87
C HIS B 26 -0.91 33.42 37.18
N THR B 27 -1.15 34.19 38.23
CA THR B 27 -0.60 33.86 39.55
C THR B 27 -1.28 32.62 40.14
N ALA B 28 -2.58 32.46 39.93
CA ALA B 28 -3.25 31.28 40.44
C ALA B 28 -2.88 30.02 39.68
N LEU B 29 -2.33 30.14 38.49
CA LEU B 29 -1.85 28.98 37.76
C LEU B 29 -0.40 28.67 38.07
N VAL B 30 0.41 29.69 38.31
CA VAL B 30 1.79 29.47 38.72
C VAL B 30 1.83 28.84 40.10
N ALA B 31 1.05 29.38 41.03
CA ALA B 31 1.05 28.85 42.39
C ALA B 31 0.41 27.48 42.45
N GLY B 32 -0.61 27.24 41.64
CA GLY B 32 -1.20 25.92 41.59
C GLY B 32 -0.32 24.90 40.94
N TRP B 33 0.58 25.34 40.07
CA TRP B 33 1.57 24.42 39.53
C TRP B 33 2.53 23.98 40.61
N ALA B 34 3.10 24.93 41.34
CA ALA B 34 4.15 24.63 42.30
C ALA B 34 3.64 23.81 43.47
N GLY B 35 2.35 23.93 43.78
CA GLY B 35 1.77 23.04 44.76
C GLY B 35 1.54 21.65 44.21
N SER B 36 0.99 21.55 43.01
CA SER B 36 0.69 20.25 42.44
C SER B 36 1.91 19.58 41.83
N MET B 37 2.98 20.33 41.56
CA MET B 37 4.21 19.67 41.19
C MET B 37 4.86 19.04 42.41
N ALA B 38 4.84 19.74 43.54
CA ALA B 38 5.50 19.23 44.73
C ALA B 38 4.70 18.11 45.38
N LEU B 39 3.39 18.07 45.17
CA LEU B 39 2.63 16.89 45.60
C LEU B 39 2.96 15.70 44.73
N TYR B 40 3.26 15.94 43.45
CA TYR B 40 3.62 14.85 42.56
C TYR B 40 4.98 14.29 42.91
N GLU B 41 5.88 15.14 43.38
CA GLU B 41 7.22 14.71 43.68
C GLU B 41 7.31 13.92 44.98
N LEU B 42 6.39 14.15 45.90
CA LEU B 42 6.42 13.39 47.14
C LEU B 42 5.85 12.00 46.98
N ALA B 43 5.03 11.76 45.97
CA ALA B 43 4.60 10.43 45.66
C ALA B 43 5.67 9.63 44.94
N VAL B 44 6.65 10.30 44.38
CA VAL B 44 7.71 9.66 43.62
C VAL B 44 9.00 9.54 44.44
N PHE B 45 9.24 10.43 45.38
CA PHE B 45 10.48 10.43 46.15
C PHE B 45 10.56 9.21 47.07
N ASP B 46 11.78 8.72 47.26
CA ASP B 46 12.04 7.56 48.11
C ASP B 46 13.21 7.90 49.00
N PRO B 47 12.98 8.14 50.28
CA PRO B 47 14.08 8.46 51.19
C PRO B 47 14.72 7.24 51.81
N SER B 48 15.04 6.24 51.00
CA SER B 48 15.64 5.03 51.54
C SER B 48 17.12 5.23 51.80
N ASP B 49 17.82 5.84 50.87
CA ASP B 49 19.26 6.03 50.97
C ASP B 49 19.57 7.39 50.39
N PRO B 50 19.71 8.42 51.23
CA PRO B 50 20.09 9.74 50.71
C PRO B 50 21.56 9.88 50.38
N VAL B 51 22.34 8.81 50.47
CA VAL B 51 23.74 8.84 50.11
C VAL B 51 23.95 8.40 48.67
N LEU B 52 23.41 7.25 48.30
CA LEU B 52 23.53 6.76 46.93
C LEU B 52 22.24 6.93 46.13
N ASN B 53 21.20 7.47 46.73
CA ASN B 53 20.06 7.87 45.93
C ASN B 53 19.55 9.23 46.41
N PRO B 54 20.24 10.33 46.11
CA PRO B 54 19.76 11.64 46.57
C PRO B 54 18.55 12.10 45.78
N MET B 55 18.14 13.35 46.05
CA MET B 55 16.96 13.85 45.37
C MET B 55 17.27 14.25 43.94
N TRP B 56 18.54 14.47 43.62
CA TRP B 56 18.84 14.88 42.26
C TRP B 56 19.05 13.68 41.34
N ARG B 57 19.08 12.47 41.88
CA ARG B 57 19.02 11.28 41.03
C ARG B 57 17.59 10.95 40.68
N GLN B 58 16.67 11.28 41.57
CA GLN B 58 15.28 10.91 41.35
C GLN B 58 14.54 11.95 40.55
N GLY B 59 15.23 12.84 39.86
CA GLY B 59 14.61 13.81 38.99
C GLY B 59 13.82 14.87 39.70
N MET B 60 14.07 15.11 40.98
CA MET B 60 13.29 16.10 41.70
C MET B 60 13.69 17.49 41.25
N PHE B 61 12.72 18.24 40.76
CA PHE B 61 13.05 19.52 40.20
C PHE B 61 12.82 20.65 41.17
N VAL B 62 11.59 20.78 41.67
CA VAL B 62 11.30 21.91 42.55
C VAL B 62 11.70 21.58 43.98
N MET B 63 11.91 20.30 44.29
CA MET B 63 12.31 19.90 45.63
C MET B 63 13.69 20.39 46.06
N PRO B 64 14.72 20.52 45.21
CA PRO B 64 15.92 21.24 45.69
C PRO B 64 15.73 22.74 45.88
N PHE B 65 14.58 23.30 45.54
CA PHE B 65 14.36 24.71 45.81
C PHE B 65 13.67 24.92 47.14
N MET B 66 13.00 23.88 47.64
CA MET B 66 12.48 23.95 49.00
C MET B 66 13.58 23.69 50.00
N THR B 67 14.47 22.76 49.71
CA THR B 67 15.52 22.43 50.66
C THR B 67 16.65 23.43 50.63
N ARG B 68 16.70 24.27 49.61
CA ARG B 68 17.74 25.29 49.55
C ARG B 68 17.51 26.36 50.59
N LEU B 69 16.26 26.76 50.78
CA LEU B 69 15.93 27.81 51.72
C LEU B 69 15.48 27.29 53.08
N GLY B 70 15.67 26.02 53.37
CA GLY B 70 15.54 25.61 54.75
C GLY B 70 14.43 24.65 55.10
N ILE B 71 14.10 23.73 54.21
CA ILE B 71 13.07 22.73 54.48
C ILE B 71 13.71 21.36 54.36
N THR B 72 13.82 20.65 55.47
CA THR B 72 14.42 19.33 55.41
C THR B 72 13.49 18.22 55.84
N ASP B 73 12.46 18.51 56.60
CA ASP B 73 11.63 17.47 57.17
C ASP B 73 10.34 17.30 56.38
N SER B 74 9.71 16.16 56.60
CA SER B 74 8.43 15.86 55.99
C SER B 74 7.51 15.24 57.01
N TRP B 75 6.22 15.20 56.67
CA TRP B 75 5.22 14.65 57.57
C TRP B 75 5.32 13.14 57.71
N GLY B 76 5.97 12.47 56.77
CA GLY B 76 6.22 11.06 56.94
C GLY B 76 7.21 10.75 58.03
N GLY B 77 8.05 11.71 58.39
CA GLY B 77 9.05 11.54 59.42
C GLY B 77 10.45 11.47 58.89
N TRP B 78 10.63 11.29 57.59
CA TRP B 78 11.96 11.26 57.02
C TRP B 78 12.49 12.67 56.88
N SER B 79 13.79 12.75 56.59
CA SER B 79 14.45 14.02 56.37
C SER B 79 15.52 13.83 55.32
N ILE B 80 15.90 14.93 54.66
CA ILE B 80 16.97 14.81 53.68
C ILE B 80 18.33 14.78 54.35
N THR B 81 18.40 15.24 55.60
CA THR B 81 19.65 15.18 56.33
C THR B 81 19.81 13.84 57.02
N GLY B 82 18.76 13.02 57.03
CA GLY B 82 18.80 11.70 57.59
C GLY B 82 18.46 11.62 59.06
N GLU B 83 18.51 12.72 59.79
CA GLU B 83 18.16 12.73 61.20
C GLU B 83 16.64 12.64 61.32
N SER B 84 16.17 11.81 62.23
CA SER B 84 14.73 11.63 62.38
C SER B 84 14.13 12.83 63.08
N VAL B 85 12.83 13.03 62.87
CA VAL B 85 12.12 14.15 63.48
C VAL B 85 10.80 13.63 64.01
N SER B 86 10.36 14.17 65.15
CA SER B 86 9.07 13.79 65.70
C SER B 86 7.95 14.61 65.08
N ASN B 87 8.19 15.89 64.86
CA ASN B 87 7.16 16.76 64.31
C ASN B 87 7.82 17.89 63.54
N PRO B 88 7.57 17.99 62.23
CA PRO B 88 8.04 19.14 61.47
C PRO B 88 7.13 20.35 61.54
N GLY B 89 5.96 20.22 62.13
CA GLY B 89 5.06 21.33 62.24
C GLY B 89 4.28 21.56 60.96
N ILE B 90 4.15 22.84 60.61
CA ILE B 90 3.41 23.18 59.40
C ILE B 90 4.33 23.12 58.19
N TRP B 91 5.48 23.77 58.25
CA TRP B 91 6.29 23.94 57.05
C TRP B 91 7.21 22.75 56.89
N SER B 92 6.68 21.73 56.25
CA SER B 92 7.37 20.58 55.75
C SER B 92 7.20 20.60 54.23
N PHE B 93 7.59 19.51 53.58
CA PHE B 93 7.36 19.43 52.14
C PHE B 93 5.88 19.36 51.82
N GLU B 94 5.10 18.65 52.63
CA GLU B 94 3.66 18.59 52.36
C GLU B 94 2.98 19.88 52.75
N GLY B 95 3.53 20.60 53.72
CA GLY B 95 2.90 21.84 54.15
C GLY B 95 3.08 22.95 53.15
N VAL B 96 4.23 22.98 52.49
CA VAL B 96 4.49 23.98 51.46
C VAL B 96 3.68 23.69 50.20
N ALA B 97 3.65 22.43 49.80
CA ALA B 97 2.89 22.02 48.62
C ALA B 97 1.40 22.26 48.80
N LEU B 98 0.88 22.01 49.98
CA LEU B 98 -0.53 22.24 50.22
C LEU B 98 -0.85 23.72 50.41
N SER B 99 0.13 24.53 50.78
CA SER B 99 -0.13 25.94 50.96
C SER B 99 0.01 26.73 49.67
N HIS B 100 0.83 26.28 48.72
CA HIS B 100 0.80 26.89 47.40
C HIS B 100 -0.47 26.55 46.64
N ILE B 101 -1.18 25.49 47.03
CA ILE B 101 -2.48 25.17 46.43
C ILE B 101 -3.56 26.08 46.99
N ILE B 102 -3.59 26.24 48.31
CA ILE B 102 -4.58 27.09 48.97
C ILE B 102 -4.42 28.55 48.53
N LEU B 103 -3.19 28.97 48.33
CA LEU B 103 -2.92 30.29 47.76
C LEU B 103 -3.42 30.39 46.33
N SER B 104 -3.38 29.29 45.58
CA SER B 104 -3.88 29.30 44.23
C SER B 104 -5.39 29.42 44.20
N GLY B 105 -6.07 28.74 45.11
CA GLY B 105 -7.52 28.81 45.14
C GLY B 105 -8.05 30.16 45.56
N MET B 106 -7.27 30.93 46.30
CA MET B 106 -7.70 32.24 46.73
C MET B 106 -7.35 33.33 45.74
N CYS B 107 -6.24 33.18 45.01
CA CYS B 107 -5.99 34.08 43.90
C CYS B 107 -6.92 33.79 42.73
N PHE B 108 -7.50 32.60 42.69
CA PHE B 108 -8.52 32.30 41.70
C PHE B 108 -9.81 33.04 42.01
N LEU B 109 -10.25 32.99 43.27
CA LEU B 109 -11.50 33.64 43.65
C LEU B 109 -11.38 35.14 43.67
N ALA B 110 -10.20 35.67 43.92
CA ALA B 110 -10.02 37.11 43.87
C ALA B 110 -10.02 37.61 42.45
N ALA B 111 -9.59 36.79 41.50
CA ALA B 111 -9.63 37.17 40.10
C ALA B 111 -11.02 37.09 39.52
N ILE B 112 -11.91 36.30 40.12
CA ILE B 112 -13.31 36.36 39.71
C ILE B 112 -13.93 37.67 40.17
N TRP B 113 -13.57 38.11 41.39
CA TRP B 113 -14.05 39.42 41.87
C TRP B 113 -13.53 40.54 41.00
N HIS B 114 -12.21 40.59 40.83
CA HIS B 114 -11.58 41.70 40.13
C HIS B 114 -11.88 41.71 38.65
N TRP B 115 -12.48 40.66 38.10
CA TRP B 115 -12.94 40.68 36.73
C TRP B 115 -14.36 41.18 36.62
N VAL B 116 -15.22 40.76 37.54
CA VAL B 116 -16.62 41.17 37.52
C VAL B 116 -16.74 42.64 37.89
N TYR B 117 -16.19 43.02 39.03
CA TYR B 117 -16.19 44.41 39.46
C TYR B 117 -14.99 45.12 38.86
N TRP B 118 -15.05 45.31 37.55
CA TRP B 118 -13.98 45.98 36.84
C TRP B 118 -14.03 47.48 36.97
N ASP B 119 -15.19 48.03 37.27
CA ASP B 119 -15.39 49.48 37.20
C ASP B 119 -15.27 50.01 38.62
N LEU B 120 -14.06 50.33 39.01
CA LEU B 120 -13.82 50.95 40.30
C LEU B 120 -13.33 52.37 40.08
N GLU B 121 -13.66 53.24 41.04
CA GLU B 121 -13.32 54.66 40.93
C GLU B 121 -11.83 54.88 41.10
N LEU B 122 -11.14 53.90 41.71
CA LEU B 122 -9.69 53.98 41.92
C LEU B 122 -8.93 54.07 40.62
N PHE B 123 -9.43 53.47 39.56
CA PHE B 123 -8.68 53.42 38.32
C PHE B 123 -9.05 54.55 37.38
N ARG B 124 -10.03 55.36 37.74
CA ARG B 124 -10.39 56.47 36.88
C ARG B 124 -9.43 57.64 37.11
N ASP B 125 -9.28 58.43 36.08
CA ASP B 125 -8.60 59.70 36.20
C ASP B 125 -9.55 60.71 36.84
N PRO B 126 -9.15 61.38 37.91
CA PRO B 126 -9.99 62.44 38.47
C PRO B 126 -9.96 63.74 37.68
N ARG B 127 -9.16 63.83 36.61
CA ARG B 127 -9.12 65.03 35.79
C ARG B 127 -9.73 64.85 34.42
N THR B 128 -9.77 63.64 33.87
CA THR B 128 -10.40 63.40 32.58
C THR B 128 -11.52 62.37 32.65
N GLY B 129 -11.46 61.41 33.55
CA GLY B 129 -12.45 60.36 33.64
C GLY B 129 -12.09 59.08 32.93
N GLU B 130 -11.06 59.10 32.11
CA GLU B 130 -10.65 57.94 31.35
C GLU B 130 -9.72 57.07 32.18
N PRO B 131 -9.78 55.73 32.06
CA PRO B 131 -9.04 54.85 32.96
C PRO B 131 -7.53 54.93 32.77
N ALA B 132 -6.84 55.34 33.83
CA ALA B 132 -5.43 55.64 33.75
C ALA B 132 -4.71 55.01 34.94
N LEU B 133 -3.44 54.71 34.74
CA LEU B 133 -2.57 54.20 35.81
C LEU B 133 -1.35 55.09 35.91
N ASP B 134 -1.12 55.64 37.10
CA ASP B 134 0.02 56.52 37.29
C ASP B 134 1.29 55.71 37.41
N LEU B 135 1.81 55.26 36.29
CA LEU B 135 2.97 54.37 36.21
C LEU B 135 4.26 54.84 36.88
N PRO B 136 4.56 56.14 37.03
CA PRO B 136 5.72 56.48 37.88
C PRO B 136 5.51 56.21 39.36
N LYS B 137 4.31 56.45 39.90
CA LYS B 137 4.13 56.24 41.33
C LYS B 137 3.79 54.79 41.65
N ILE B 138 3.17 54.08 40.70
CA ILE B 138 2.99 52.63 40.85
C ILE B 138 4.35 51.95 40.91
N PHE B 139 5.31 52.47 40.17
CA PHE B 139 6.66 51.93 40.27
C PHE B 139 7.30 52.29 41.60
N GLY B 140 6.96 53.43 42.18
CA GLY B 140 7.53 53.79 43.47
C GLY B 140 7.01 52.90 44.58
N ILE B 141 5.73 52.55 44.53
CA ILE B 141 5.14 51.69 45.55
C ILE B 141 5.69 50.28 45.42
N HIS B 142 5.63 49.72 44.22
CA HIS B 142 6.01 48.34 43.98
C HIS B 142 7.51 48.12 44.05
N LEU B 143 8.33 49.17 43.95
CA LEU B 143 9.76 49.01 44.21
C LEU B 143 10.08 49.15 45.69
N PHE B 144 9.32 49.97 46.41
CA PHE B 144 9.50 50.07 47.84
C PHE B 144 9.10 48.79 48.54
N LEU B 145 8.10 48.09 48.03
CA LEU B 145 7.72 46.81 48.61
C LEU B 145 8.81 45.77 48.39
N SER B 146 9.41 45.79 47.21
CA SER B 146 10.42 44.80 46.90
C SER B 146 11.74 45.14 47.57
N GLY B 147 11.89 46.36 48.04
CA GLY B 147 13.00 46.66 48.92
C GLY B 147 12.81 46.03 50.28
N LEU B 148 11.57 45.99 50.77
CA LEU B 148 11.31 45.40 52.07
C LEU B 148 11.42 43.89 52.02
N LEU B 149 10.94 43.27 50.95
CA LEU B 149 11.01 41.82 50.86
C LEU B 149 12.40 41.34 50.51
N CYS B 150 13.24 42.20 49.96
CA CYS B 150 14.64 41.85 49.77
C CYS B 150 15.40 41.99 51.07
N PHE B 151 15.26 43.14 51.71
CA PHE B 151 15.96 43.38 52.97
C PHE B 151 15.42 42.48 54.06
N GLY B 152 14.12 42.21 54.05
CA GLY B 152 13.56 41.31 55.02
C GLY B 152 14.05 39.89 54.84
N PHE B 153 14.28 39.49 53.60
CA PHE B 153 14.73 38.12 53.34
C PHE B 153 16.18 37.94 53.79
N GLY B 154 17.05 38.86 53.41
CA GLY B 154 18.45 38.70 53.70
C GLY B 154 18.77 38.90 55.17
N ALA B 155 17.99 39.74 55.85
CA ALA B 155 18.31 40.02 57.23
C ALA B 155 17.67 39.01 58.18
N PHE B 156 16.55 38.44 57.80
CA PHE B 156 15.82 37.59 58.72
C PHE B 156 15.78 36.14 58.29
N HIS B 157 15.46 35.85 57.04
CA HIS B 157 15.41 34.46 56.66
C HIS B 157 16.80 33.89 56.54
N VAL B 158 17.72 34.65 55.95
CA VAL B 158 19.02 34.11 55.62
C VAL B 158 19.93 34.11 56.82
N THR B 159 20.10 35.26 57.48
CA THR B 159 21.06 35.34 58.58
C THR B 159 20.61 34.62 59.83
N GLY B 160 19.40 34.08 59.85
CA GLY B 160 18.97 33.29 60.97
C GLY B 160 18.58 34.09 62.17
N LEU B 161 18.45 35.40 62.02
CA LEU B 161 17.83 36.23 63.04
C LEU B 161 16.41 35.74 63.29
N PHE B 162 15.58 35.72 62.26
CA PHE B 162 14.23 35.20 62.32
C PHE B 162 14.01 34.20 61.20
N GLY B 163 14.88 33.24 61.03
CA GLY B 163 14.72 32.31 59.94
C GLY B 163 15.67 31.15 60.00
N PRO B 164 15.46 30.16 59.18
CA PRO B 164 16.32 28.98 59.20
C PRO B 164 17.68 29.20 58.57
N GLY B 165 17.74 29.86 57.43
CA GLY B 165 18.99 30.09 56.75
C GLY B 165 19.07 29.32 55.45
N ILE B 166 20.26 29.37 54.84
CA ILE B 166 20.52 28.77 53.54
C ILE B 166 21.12 27.39 53.78
N TRP B 167 20.75 26.42 52.95
CA TRP B 167 21.54 25.21 52.81
C TRP B 167 22.97 25.54 52.41
N VAL B 168 23.91 25.23 53.29
CA VAL B 168 25.32 25.34 52.98
C VAL B 168 25.91 23.95 52.93
N SER B 169 27.17 23.88 52.50
CA SER B 169 27.84 22.60 52.38
C SER B 169 29.34 22.82 52.47
N ASP B 170 30.10 21.72 52.47
CA ASP B 170 31.54 21.82 52.39
C ASP B 170 31.97 21.93 50.93
N ALA B 171 33.28 21.82 50.70
CA ALA B 171 33.79 22.03 49.36
C ALA B 171 33.57 20.81 48.47
N TYR B 172 33.31 19.65 49.07
CA TYR B 172 33.28 18.41 48.32
C TYR B 172 31.99 17.65 48.50
N GLY B 173 30.93 18.31 48.94
CA GLY B 173 29.60 17.74 48.88
C GLY B 173 29.39 16.55 49.77
N ILE B 174 30.05 16.52 50.93
CA ILE B 174 29.86 15.41 51.87
C ILE B 174 28.89 15.84 52.94
N THR B 175 29.24 16.89 53.67
CA THR B 175 28.41 17.41 54.74
C THR B 175 27.66 18.63 54.26
N GLY B 176 26.41 18.74 54.69
CA GLY B 176 25.61 19.90 54.33
C GLY B 176 24.43 20.01 55.23
N LYS B 177 24.10 21.23 55.67
CA LYS B 177 22.96 21.41 56.54
C LYS B 177 22.45 22.83 56.38
N VAL B 178 21.19 23.00 56.71
CA VAL B 178 20.59 24.33 56.77
C VAL B 178 21.10 25.03 58.01
N GLN B 179 21.73 26.18 57.82
CA GLN B 179 22.18 26.92 58.99
C GLN B 179 22.14 28.40 58.66
N PRO B 180 22.04 29.26 59.68
CA PRO B 180 22.18 30.69 59.45
C PRO B 180 23.55 31.05 58.93
N VAL B 181 23.59 32.06 58.07
CA VAL B 181 24.79 32.47 57.38
C VAL B 181 25.05 33.94 57.68
N ALA B 182 26.15 34.22 58.33
CA ALA B 182 26.45 35.61 58.61
C ALA B 182 27.03 36.28 57.36
N PRO B 183 26.67 37.52 57.08
CA PRO B 183 27.08 38.15 55.83
C PRO B 183 28.55 38.51 55.82
N ALA B 184 29.14 38.43 54.63
CA ALA B 184 30.51 38.83 54.39
C ALA B 184 30.50 40.10 53.56
N TRP B 185 30.95 41.20 54.14
CA TRP B 185 30.78 42.50 53.55
C TRP B 185 31.92 42.94 52.65
N GLY B 186 33.07 42.29 52.75
CA GLY B 186 34.25 42.73 52.02
C GLY B 186 34.19 42.43 50.54
N ALA B 187 35.37 42.28 49.95
CA ALA B 187 35.41 41.84 48.56
C ALA B 187 35.17 40.35 48.46
N ASP B 188 35.22 39.65 49.59
CA ASP B 188 34.94 38.23 49.61
C ASP B 188 33.44 37.95 49.43
N GLY B 189 32.60 38.97 49.55
CA GLY B 189 31.19 38.78 49.30
C GLY B 189 30.88 38.52 47.84
N PHE B 190 31.76 38.96 46.95
CA PHE B 190 31.51 38.77 45.53
C PHE B 190 32.11 37.47 45.02
N ASN B 191 32.76 36.71 45.87
CA ASN B 191 33.01 35.31 45.60
C ASN B 191 31.66 34.62 45.62
N PRO B 192 31.19 34.09 44.50
CA PRO B 192 29.83 33.55 44.46
C PRO B 192 29.70 32.21 45.13
N PHE B 193 30.80 31.56 45.47
CA PHE B 193 30.74 30.33 46.22
C PHE B 193 30.75 30.59 47.72
N ASN B 194 30.87 31.85 48.12
CA ASN B 194 30.73 32.26 49.51
C ASN B 194 29.25 32.43 49.79
N PRO B 195 28.66 31.68 50.71
CA PRO B 195 27.24 31.91 51.02
C PRO B 195 27.00 33.18 51.80
N GLY B 196 28.05 33.77 52.36
CA GLY B 196 27.91 35.03 53.04
C GLY B 196 27.66 36.19 52.10
N GLY B 197 28.04 36.03 50.84
CA GLY B 197 27.78 37.09 49.88
C GLY B 197 26.31 37.17 49.51
N ILE B 198 25.59 36.07 49.64
CA ILE B 198 24.16 36.08 49.36
C ILE B 198 23.42 36.83 50.46
N ALA B 199 23.82 36.62 51.71
CA ALA B 199 23.27 37.37 52.83
C ALA B 199 23.64 38.83 52.77
N ALA B 200 24.87 39.13 52.35
CA ALA B 200 25.28 40.52 52.25
C ALA B 200 24.62 41.20 51.08
N HIS B 201 24.23 40.45 50.05
CA HIS B 201 23.60 41.07 48.89
C HIS B 201 22.20 41.54 49.23
N HIS B 202 21.34 40.62 49.67
CA HIS B 202 19.95 40.95 49.90
C HIS B 202 19.74 41.91 51.07
N ILE B 203 20.72 42.05 51.95
CA ILE B 203 20.67 43.10 52.96
C ILE B 203 21.07 44.44 52.37
N ALA B 204 22.17 44.49 51.63
CA ALA B 204 22.62 45.74 51.04
C ALA B 204 21.66 46.21 49.96
N ALA B 205 21.42 45.40 48.95
CA ALA B 205 20.57 45.78 47.84
C ALA B 205 19.11 45.89 48.19
N GLY B 206 18.69 45.46 49.37
CA GLY B 206 17.35 45.72 49.83
C GLY B 206 17.21 47.15 50.29
N ILE B 207 18.26 47.67 50.92
CA ILE B 207 18.26 49.07 51.37
C ILE B 207 18.24 50.01 50.18
N PHE B 208 19.02 49.70 49.14
CA PHE B 208 19.01 50.47 47.91
C PHE B 208 17.64 50.40 47.24
N GLY B 209 16.92 49.31 47.44
CA GLY B 209 15.58 49.21 46.88
C GLY B 209 14.52 49.84 47.77
N ILE B 210 14.80 49.96 49.06
CA ILE B 210 13.91 50.72 49.92
C ILE B 210 14.00 52.20 49.58
N PHE B 211 15.20 52.74 49.52
CA PHE B 211 15.38 54.17 49.35
C PHE B 211 15.39 54.59 47.89
N ALA B 212 15.21 53.66 46.95
CA ALA B 212 14.87 54.06 45.59
C ALA B 212 13.37 54.21 45.42
N GLY B 213 12.60 53.43 46.18
CA GLY B 213 11.17 53.63 46.22
C GLY B 213 10.80 54.90 46.95
N ILE B 214 11.63 55.31 47.91
CA ILE B 214 11.43 56.61 48.54
C ILE B 214 11.73 57.72 47.55
N PHE B 215 12.70 57.49 46.65
CA PHE B 215 12.91 58.46 45.59
C PHE B 215 11.78 58.41 44.57
N HIS B 216 11.46 57.22 44.07
CA HIS B 216 10.56 57.12 42.92
C HIS B 216 9.09 57.30 43.33
N LEU B 217 8.81 57.49 44.61
CA LEU B 217 7.48 57.97 45.02
C LEU B 217 7.39 59.48 44.88
N THR B 218 8.36 60.19 45.43
CA THR B 218 8.21 61.63 45.58
C THR B 218 8.51 62.38 44.29
N VAL B 219 9.65 62.13 43.68
CA VAL B 219 10.13 62.92 42.56
C VAL B 219 9.43 62.43 41.29
N ARG B 220 8.79 63.35 40.59
CA ARG B 220 8.12 63.09 39.33
C ARG B 220 9.13 63.02 38.19
N PRO B 221 8.79 62.36 37.09
CA PRO B 221 9.73 62.26 35.97
C PRO B 221 9.94 63.59 35.29
N PRO B 222 11.04 63.76 34.57
CA PRO B 222 11.23 64.98 33.80
C PRO B 222 10.28 65.03 32.62
N GLN B 223 10.17 66.21 32.02
CA GLN B 223 9.34 66.34 30.83
C GLN B 223 9.95 65.61 29.65
N ARG B 224 11.28 65.57 29.60
CA ARG B 224 11.95 64.88 28.50
C ARG B 224 11.80 63.38 28.63
N LEU B 225 12.11 62.82 29.80
CA LEU B 225 12.02 61.37 29.97
C LEU B 225 10.60 60.86 30.00
N TYR B 226 9.62 61.70 30.31
CA TYR B 226 8.24 61.25 30.22
C TYR B 226 7.81 61.10 28.78
N ARG B 227 8.37 61.89 27.89
CA ARG B 227 8.05 61.78 26.47
C ARG B 227 8.95 60.80 25.74
N ALA B 228 10.23 60.74 26.12
CA ALA B 228 11.18 59.92 25.39
C ALA B 228 10.94 58.44 25.65
N LEU B 229 10.66 58.08 26.89
CA LEU B 229 10.39 56.69 27.23
C LEU B 229 8.91 56.35 27.23
N ARG B 230 8.06 57.31 26.84
CA ARG B 230 6.63 57.11 26.60
C ARG B 230 5.91 56.61 27.85
N MET B 231 6.13 57.28 28.98
CA MET B 231 5.68 56.74 30.26
C MET B 231 4.17 56.86 30.46
N GLY B 232 3.46 57.48 29.52
CA GLY B 232 2.01 57.42 29.56
C GLY B 232 1.48 56.09 29.06
N ASN B 233 2.20 55.47 28.15
CA ASN B 233 1.83 54.16 27.61
C ASN B 233 2.16 53.10 28.64
N ILE B 234 1.37 52.02 28.67
CA ILE B 234 1.64 50.96 29.62
C ILE B 234 2.59 49.94 29.00
N GLU B 235 2.78 49.97 27.69
CA GLU B 235 3.61 48.93 27.09
C GLU B 235 5.10 49.23 27.30
N THR B 236 5.47 50.47 27.61
CA THR B 236 6.85 50.74 27.99
C THR B 236 7.20 50.14 29.33
N VAL B 237 6.20 49.78 30.13
CA VAL B 237 6.47 48.98 31.30
C VAL B 237 6.78 47.57 30.88
N LEU B 238 5.99 47.02 29.94
CA LEU B 238 6.16 45.64 29.50
C LEU B 238 7.38 45.45 28.65
N SER B 239 7.73 46.47 27.87
CA SER B 239 8.90 46.39 27.00
C SER B 239 10.18 46.26 27.81
N SER B 240 10.21 46.94 28.94
CA SER B 240 11.39 47.01 29.78
C SER B 240 11.33 46.05 30.95
N SER B 241 10.15 45.56 31.30
CA SER B 241 10.09 44.49 32.28
C SER B 241 10.64 43.20 31.73
N ILE B 242 10.36 42.92 30.45
CA ILE B 242 10.89 41.74 29.79
C ILE B 242 12.41 41.80 29.71
N SER B 243 12.97 42.98 29.46
CA SER B 243 14.41 43.15 29.47
C SER B 243 15.02 42.89 30.83
N ALA B 244 14.28 43.14 31.90
CA ALA B 244 14.74 42.83 33.24
C ALA B 244 14.45 41.41 33.66
N VAL B 245 13.93 40.58 32.75
CA VAL B 245 13.52 39.23 33.08
C VAL B 245 14.35 38.19 32.33
N PHE B 246 14.67 38.42 31.06
CA PHE B 246 15.63 37.50 30.44
C PHE B 246 17.03 37.78 30.94
N PHE B 247 17.32 39.04 31.30
CA PHE B 247 18.60 39.35 31.91
C PHE B 247 18.78 38.60 33.21
N ALA B 248 17.69 38.45 33.96
CA ALA B 248 17.75 37.64 35.17
C ALA B 248 17.82 36.17 34.84
N ALA B 249 17.38 35.77 33.65
CA ALA B 249 17.31 34.35 33.34
C ALA B 249 18.62 33.84 32.74
N PHE B 250 19.42 34.72 32.18
CA PHE B 250 20.77 34.28 31.81
C PHE B 250 21.63 34.10 33.03
N VAL B 251 21.39 34.91 34.07
CA VAL B 251 22.19 34.83 35.27
C VAL B 251 21.92 33.55 36.02
N THR B 252 20.65 33.22 36.22
CA THR B 252 20.32 32.03 36.99
C THR B 252 20.65 30.76 36.22
N SER B 253 20.51 30.79 34.91
CA SER B 253 20.96 29.67 34.11
C SER B 253 22.48 29.63 34.03
N GLY B 254 23.12 30.77 34.22
CA GLY B 254 24.57 30.77 34.27
C GLY B 254 25.08 30.19 35.56
N THR B 255 24.59 30.69 36.69
CA THR B 255 25.09 30.23 37.97
C THR B 255 24.56 28.87 38.36
N MET B 256 23.56 28.35 37.66
CA MET B 256 23.22 26.95 37.84
C MET B 256 24.22 26.07 37.10
N TRP B 257 24.68 26.52 35.95
CA TRP B 257 25.50 25.67 35.11
C TRP B 257 26.96 25.71 35.54
N TYR B 258 27.45 26.85 35.98
CA TYR B 258 28.82 26.91 36.43
C TYR B 258 28.96 26.61 37.90
N GLY B 259 27.87 26.61 38.64
CA GLY B 259 27.94 26.39 40.07
C GLY B 259 28.08 27.67 40.85
N ALA B 260 27.37 27.74 41.96
CA ALA B 260 27.49 28.85 42.89
C ALA B 260 27.11 28.32 44.27
N ALA B 261 27.22 29.19 45.27
CA ALA B 261 26.80 28.80 46.61
C ALA B 261 25.29 28.69 46.70
N ALA B 262 24.58 29.38 45.82
CA ALA B 262 23.13 29.25 45.72
C ALA B 262 22.71 28.01 44.96
N THR B 263 23.65 27.22 44.44
CA THR B 263 23.33 25.94 43.77
C THR B 263 24.26 24.89 44.35
N PRO B 264 23.89 24.28 45.46
CA PRO B 264 24.78 23.31 46.09
C PRO B 264 24.75 22.00 45.33
N ILE B 265 25.90 21.32 45.28
CA ILE B 265 26.00 20.11 44.49
C ILE B 265 25.45 18.92 45.28
N GLU B 266 24.99 19.17 46.48
CA GLU B 266 24.27 18.15 47.22
C GLU B 266 22.79 18.18 46.91
N LEU B 267 22.31 19.22 46.24
CA LEU B 267 20.89 19.32 45.90
C LEU B 267 20.63 19.23 44.43
N PHE B 268 21.44 19.86 43.60
CA PHE B 268 21.22 19.82 42.17
C PHE B 268 22.13 18.84 41.46
N GLY B 269 23.16 18.35 42.13
CA GLY B 269 24.09 17.45 41.50
C GLY B 269 25.33 18.21 41.07
N PRO B 270 26.36 17.48 40.68
CA PRO B 270 27.63 18.12 40.33
C PRO B 270 27.56 18.81 38.99
N THR B 271 28.42 19.79 38.81
CA THR B 271 28.51 20.44 37.51
C THR B 271 29.39 19.61 36.58
N ARG B 272 29.50 20.06 35.33
CA ARG B 272 30.34 19.33 34.38
C ARG B 272 31.79 19.72 34.54
N TYR B 273 32.05 20.84 35.22
CA TYR B 273 33.41 21.30 35.38
C TYR B 273 34.07 20.61 36.55
N GLN B 274 33.29 19.82 37.30
CA GLN B 274 33.84 18.95 38.31
C GLN B 274 34.19 17.60 37.75
N TRP B 275 33.82 17.32 36.50
CA TRP B 275 34.33 16.15 35.81
C TRP B 275 35.48 16.47 34.89
N ASP B 276 35.47 17.65 34.28
CA ASP B 276 36.49 18.00 33.32
C ASP B 276 37.83 18.25 33.99
N SER B 277 37.81 18.90 35.16
CA SER B 277 39.05 19.19 35.85
C SER B 277 39.49 18.07 36.77
N GLY B 278 38.70 17.01 36.91
CA GLY B 278 39.03 15.97 37.87
C GLY B 278 38.91 16.46 39.29
N TYR B 279 37.83 17.17 39.60
CA TYR B 279 37.71 17.82 40.90
C TYR B 279 37.50 16.82 42.02
N PHE B 280 36.93 15.65 41.71
CA PHE B 280 36.77 14.61 42.72
C PHE B 280 37.81 13.52 42.60
N GLN B 281 38.43 13.36 41.44
CA GLN B 281 39.52 12.39 41.32
C GLN B 281 40.71 12.84 42.15
N GLN B 282 41.02 14.13 42.09
CA GLN B 282 42.15 14.64 42.85
C GLN B 282 41.85 14.69 44.34
N GLU B 283 40.57 14.71 44.71
CA GLU B 283 40.20 14.79 46.11
C GLU B 283 40.20 13.42 46.76
N ILE B 284 39.75 12.40 46.03
CA ILE B 284 39.76 11.04 46.58
C ILE B 284 41.20 10.56 46.75
N GLU B 285 42.08 10.93 45.81
CA GLU B 285 43.49 10.61 45.96
C GLU B 285 44.12 11.36 47.13
N ARG B 286 43.70 12.60 47.35
CA ARG B 286 44.27 13.40 48.44
C ARG B 286 43.91 12.84 49.80
N GLN B 287 42.74 12.24 49.95
CA GLN B 287 42.38 11.58 51.20
C GLN B 287 42.97 10.18 51.33
N VAL B 288 43.73 9.73 50.34
CA VAL B 288 44.40 8.45 50.38
C VAL B 288 45.89 8.70 50.52
N GLU B 289 46.37 9.78 49.90
CA GLU B 289 47.77 10.18 50.07
C GLU B 289 48.07 10.57 51.51
N THR B 290 47.09 11.09 52.23
CA THR B 290 47.29 11.38 53.64
C THR B 290 47.03 10.15 54.51
N SER B 291 46.23 9.22 54.02
CA SER B 291 45.98 8.01 54.79
C SER B 291 47.15 7.05 54.73
N VAL B 292 47.71 6.86 53.53
CA VAL B 292 48.86 5.97 53.35
C VAL B 292 50.09 6.55 54.05
N SER B 293 50.22 7.87 54.08
CA SER B 293 51.34 8.49 54.78
C SER B 293 51.25 8.31 56.28
N GLU B 294 50.05 8.05 56.81
CA GLU B 294 49.90 7.74 58.23
C GLU B 294 49.90 6.24 58.47
N GLY B 295 50.87 5.55 57.89
CA GLY B 295 51.12 4.13 58.10
C GLY B 295 49.97 3.17 57.94
N LEU B 296 49.46 3.01 56.71
CA LEU B 296 48.35 2.10 56.49
C LEU B 296 48.65 1.16 55.35
N SER B 297 47.92 0.06 55.33
CA SER B 297 47.82 -0.73 54.12
C SER B 297 46.94 0.00 53.12
N GLU B 298 47.01 -0.45 51.86
CA GLU B 298 46.32 0.27 50.79
C GLU B 298 44.82 0.07 50.88
N SER B 299 44.37 -1.15 51.15
CA SER B 299 42.95 -1.44 51.17
C SER B 299 42.26 -0.81 52.37
N GLN B 300 43.02 -0.51 53.42
CA GLN B 300 42.45 0.24 54.55
C GLN B 300 42.38 1.72 54.23
N ALA B 301 43.22 2.19 53.31
CA ALA B 301 43.16 3.59 52.93
C ALA B 301 41.95 3.87 52.06
N TRP B 302 41.63 2.96 51.15
CA TRP B 302 40.50 3.19 50.26
C TRP B 302 39.19 2.91 50.96
N SER B 303 39.23 2.20 52.09
CA SER B 303 38.02 1.91 52.82
C SER B 303 37.55 3.12 53.63
N ARG B 304 38.42 4.10 53.83
CA ARG B 304 38.01 5.29 54.57
C ARG B 304 37.19 6.23 53.69
N ILE B 305 37.31 6.08 52.37
CA ILE B 305 36.63 6.95 51.43
C ILE B 305 35.13 6.70 51.50
N PRO B 306 34.31 7.72 51.70
CA PRO B 306 32.86 7.52 51.75
C PRO B 306 32.31 7.11 50.39
N ASP B 307 31.15 6.45 50.42
CA ASP B 307 30.51 6.06 49.18
C ASP B 307 29.96 7.28 48.45
N LYS B 308 29.64 8.34 49.18
CA LYS B 308 29.11 9.54 48.55
C LYS B 308 30.18 10.26 47.75
N LEU B 309 31.41 10.28 48.25
CA LEU B 309 32.48 11.02 47.58
C LEU B 309 32.87 10.34 46.28
N ALA B 310 32.86 9.01 46.25
CA ALA B 310 33.15 8.31 45.01
C ALA B 310 31.94 8.34 44.07
N PHE B 311 30.77 8.67 44.59
CA PHE B 311 29.58 8.69 43.75
C PHE B 311 29.56 9.93 42.87
N TYR B 312 30.23 10.99 43.29
CA TYR B 312 30.35 12.14 42.41
C TYR B 312 31.39 11.90 41.34
N ASP B 313 32.34 11.00 41.60
CA ASP B 313 33.36 10.66 40.62
C ASP B 313 32.81 9.58 39.70
N TYR B 314 31.79 9.92 38.93
CA TYR B 314 31.10 8.96 38.09
C TYR B 314 30.50 9.73 36.94
N ILE B 315 30.67 9.19 35.73
CA ILE B 315 30.29 9.97 34.55
C ILE B 315 28.78 10.00 34.38
N GLY B 316 28.05 9.08 35.00
CA GLY B 316 26.61 9.14 34.89
C GLY B 316 25.97 10.23 35.70
N ASN B 317 26.71 10.88 36.58
CA ASN B 317 26.21 12.02 37.34
C ASN B 317 26.58 13.35 36.70
N ASN B 318 27.35 13.32 35.63
CA ASN B 318 27.63 14.50 34.84
C ASN B 318 26.35 14.92 34.13
N PRO B 319 25.91 16.18 34.24
CA PRO B 319 24.74 16.63 33.47
C PRO B 319 25.00 16.76 31.99
N ALA B 320 26.25 16.75 31.55
CA ALA B 320 26.59 16.84 30.14
C ALA B 320 26.68 15.48 29.47
N LYS B 321 25.98 14.49 30.00
CA LYS B 321 25.93 13.17 29.39
C LYS B 321 24.55 12.78 28.91
N GLY B 322 23.51 13.45 29.37
CA GLY B 322 22.17 13.07 29.01
C GLY B 322 21.80 13.47 27.60
N GLY B 323 20.54 13.22 27.27
CA GLY B 323 20.00 13.60 25.98
C GLY B 323 18.76 14.43 26.19
N LEU B 324 18.22 14.93 25.08
CA LEU B 324 17.09 15.82 25.18
C LEU B 324 15.77 15.06 25.26
N PHE B 325 15.51 14.16 24.32
CA PHE B 325 14.21 13.56 24.20
C PHE B 325 14.09 12.25 24.96
N ARG B 326 15.13 11.84 25.65
CA ARG B 326 15.00 10.82 26.67
C ARG B 326 14.48 11.49 27.93
N ALA B 327 13.64 10.78 28.67
CA ALA B 327 12.86 11.42 29.71
C ALA B 327 13.03 10.69 31.03
N GLY B 328 12.67 11.38 32.10
CA GLY B 328 12.61 10.77 33.40
C GLY B 328 13.82 11.09 34.25
N PRO B 329 13.91 10.46 35.41
CA PRO B 329 15.02 10.71 36.31
C PRO B 329 16.30 10.06 35.82
N MET B 330 17.38 10.32 36.54
CA MET B 330 18.63 9.69 36.21
C MET B 330 18.65 8.23 36.61
N ASN B 331 17.78 7.82 37.52
CA ASN B 331 17.69 6.41 37.92
C ASN B 331 17.08 5.57 36.81
N LYS B 332 16.40 6.21 35.87
CA LYS B 332 15.97 5.52 34.67
C LYS B 332 17.16 5.19 33.78
N GLY B 333 18.29 5.86 33.98
CA GLY B 333 19.49 5.65 33.22
C GLY B 333 20.12 4.28 33.36
N ASP B 334 20.47 3.89 34.58
CA ASP B 334 21.04 2.59 34.80
C ASP B 334 20.55 1.91 36.06
N GLY B 335 19.68 2.53 36.82
CA GLY B 335 19.12 1.93 38.02
C GLY B 335 19.62 2.61 39.27
N ILE B 336 18.95 2.28 40.37
CA ILE B 336 19.30 2.82 41.66
C ILE B 336 20.59 2.19 42.14
N ALA B 337 21.55 3.03 42.53
CA ALA B 337 22.84 2.53 42.97
C ALA B 337 22.69 1.80 44.30
N GLU B 338 23.44 0.72 44.45
CA GLU B 338 23.39 -0.08 45.66
C GLU B 338 24.65 0.08 46.51
N ALA B 339 25.81 -0.17 45.92
CA ALA B 339 27.04 -0.16 46.68
C ALA B 339 28.18 0.24 45.76
N TRP B 340 29.31 0.52 46.38
CA TRP B 340 30.51 0.89 45.66
C TRP B 340 31.35 -0.35 45.49
N LEU B 341 31.68 -0.68 44.24
CA LEU B 341 32.40 -1.92 43.99
C LEU B 341 33.88 -1.79 44.35
N GLY B 342 34.37 -0.57 44.42
CA GLY B 342 35.73 -0.39 44.86
C GLY B 342 36.52 0.35 43.83
N HIS B 343 37.81 0.50 44.10
CA HIS B 343 38.70 1.21 43.21
C HIS B 343 39.68 0.25 42.56
N PRO B 344 39.46 -0.13 41.31
CA PRO B 344 40.38 -1.07 40.66
C PRO B 344 41.70 -0.40 40.32
N ILE B 345 42.78 -1.13 40.56
CA ILE B 345 44.12 -0.68 40.21
C ILE B 345 44.71 -1.72 39.28
N PHE B 346 45.11 -1.28 38.09
CA PHE B 346 45.58 -2.16 37.04
C PHE B 346 47.09 -2.21 37.04
N ARG B 347 47.63 -3.42 37.05
CA ARG B 347 49.06 -3.65 37.02
C ARG B 347 49.35 -4.69 35.96
N ASP B 348 50.43 -4.49 35.20
CA ASP B 348 50.82 -5.44 34.17
C ASP B 348 51.63 -6.60 34.75
N LYS B 349 52.26 -7.39 33.87
CA LYS B 349 53.14 -8.43 34.37
C LYS B 349 54.46 -7.86 34.83
N GLU B 350 54.80 -6.64 34.39
CA GLU B 350 55.99 -5.97 34.90
C GLU B 350 55.76 -5.41 36.30
N GLY B 351 54.52 -5.02 36.61
CA GLY B 351 54.17 -4.56 37.93
C GLY B 351 53.90 -3.07 38.06
N ARG B 352 54.07 -2.30 36.99
CA ARG B 352 53.82 -0.87 37.08
C ARG B 352 52.33 -0.58 37.08
N GLU B 353 51.99 0.60 37.58
CA GLU B 353 50.59 0.98 37.73
C GLU B 353 50.04 1.59 36.45
N LEU B 354 48.93 1.04 35.97
CA LEU B 354 48.27 1.52 34.77
C LEU B 354 46.94 2.14 35.16
N THR B 355 46.71 3.37 34.71
CA THR B 355 45.45 4.06 34.92
C THR B 355 44.64 4.02 33.64
N VAL B 356 43.36 3.71 33.76
CA VAL B 356 42.48 3.73 32.60
C VAL B 356 42.21 5.17 32.21
N ARG B 357 42.46 5.50 30.94
CA ARG B 357 42.09 6.80 30.40
C ARG B 357 40.58 6.98 30.47
N ARG B 358 40.13 8.11 31.01
CA ARG B 358 38.71 8.32 31.29
C ARG B 358 38.00 8.96 30.10
N MET B 359 36.71 8.66 29.99
CA MET B 359 35.88 9.20 28.93
C MET B 359 35.62 10.69 29.17
N PRO B 360 35.83 11.56 28.20
CA PRO B 360 35.37 12.94 28.32
C PRO B 360 33.87 13.03 28.13
N ALA B 361 33.34 14.24 28.31
CA ALA B 361 31.88 14.39 28.27
C ALA B 361 31.36 14.43 26.84
N PHE B 362 32.24 14.68 25.87
CA PHE B 362 31.82 14.72 24.47
C PHE B 362 31.51 13.32 23.96
N PHE B 363 32.39 12.39 24.26
CA PHE B 363 32.37 11.08 23.62
C PHE B 363 31.26 10.22 24.20
N GLU B 364 30.36 9.77 23.34
CA GLU B 364 29.41 8.74 23.72
C GLU B 364 30.11 7.38 23.77
N THR B 365 30.93 7.11 22.77
CA THR B 365 31.76 5.91 22.74
C THR B 365 33.21 6.33 22.90
N PHE B 366 33.98 5.49 23.56
CA PHE B 366 35.37 5.81 23.80
C PHE B 366 36.15 4.52 23.92
N PRO B 367 37.29 4.38 23.24
CA PRO B 367 38.05 3.12 23.30
C PRO B 367 38.78 2.99 24.62
N VAL B 368 38.75 1.78 25.18
CA VAL B 368 39.38 1.53 26.46
C VAL B 368 40.89 1.52 26.29
N ILE B 369 41.56 2.43 26.98
CA ILE B 369 43.01 2.64 26.85
C ILE B 369 43.60 2.63 28.25
N LEU B 370 44.65 1.84 28.47
CA LEU B 370 45.34 1.81 29.75
C LEU B 370 46.68 2.52 29.63
N VAL B 371 46.87 3.54 30.44
CA VAL B 371 48.04 4.42 30.36
C VAL B 371 48.77 4.36 31.69
N ASP B 372 50.10 4.28 31.64
CA ASP B 372 50.93 4.36 32.82
C ASP B 372 51.14 5.82 33.22
N LYS B 373 52.13 6.07 34.08
CA LYS B 373 52.24 7.36 34.74
C LYS B 373 52.78 8.45 33.81
N ASP B 374 53.51 8.07 32.75
CA ASP B 374 54.15 9.09 31.93
C ASP B 374 53.45 9.34 30.60
N GLY B 375 52.32 8.69 30.34
CA GLY B 375 51.59 8.96 29.11
C GLY B 375 51.76 7.95 28.01
N ILE B 376 52.60 6.94 28.20
CA ILE B 376 52.84 5.95 27.16
C ILE B 376 51.67 4.97 27.13
N ILE B 377 51.18 4.68 25.93
CA ILE B 377 50.11 3.69 25.81
C ILE B 377 50.70 2.32 26.07
N ARG B 378 50.24 1.66 27.12
CA ARG B 378 50.75 0.36 27.50
C ARG B 378 49.82 -0.79 27.18
N ALA B 379 48.51 -0.56 27.26
CA ALA B 379 47.54 -1.59 26.97
C ALA B 379 46.25 -0.94 26.52
N ASP B 380 45.42 -1.72 25.85
CA ASP B 380 44.09 -1.28 25.42
C ASP B 380 43.22 -2.49 25.17
N ILE B 381 42.05 -2.25 24.58
CA ILE B 381 41.22 -3.33 24.04
C ILE B 381 41.11 -3.07 22.54
N PRO B 382 41.71 -3.92 21.70
CA PRO B 382 41.84 -3.56 20.28
C PRO B 382 40.54 -3.78 19.53
N PHE B 383 40.23 -2.82 18.66
CA PHE B 383 39.17 -3.00 17.67
C PHE B 383 39.55 -4.11 16.70
N ARG B 384 40.69 -3.94 16.04
CA ARG B 384 41.20 -4.87 15.04
C ARG B 384 42.12 -5.86 15.74
N ARG B 385 41.67 -7.10 15.87
CA ARG B 385 42.38 -8.07 16.69
C ARG B 385 43.48 -8.80 15.95
N ALA B 386 43.72 -8.46 14.67
CA ALA B 386 44.67 -9.24 13.89
C ALA B 386 46.10 -8.89 14.21
N GLU B 387 46.48 -7.63 14.04
CA GLU B 387 47.86 -7.19 14.17
C GLU B 387 48.11 -6.60 15.55
N SER B 388 47.54 -7.20 16.58
CA SER B 388 47.48 -6.57 17.89
C SER B 388 48.82 -6.52 18.59
N LYS B 389 49.22 -5.32 19.05
CA LYS B 389 50.50 -5.12 19.70
C LYS B 389 50.40 -4.65 21.14
N TYR B 390 49.20 -4.30 21.62
CA TYR B 390 49.05 -3.79 22.98
C TYR B 390 47.85 -4.41 23.68
N SER B 391 47.47 -5.62 23.30
CA SER B 391 46.31 -6.25 23.91
C SER B 391 46.59 -6.63 25.37
N ILE B 392 45.51 -6.92 26.09
CA ILE B 392 45.65 -7.28 27.50
C ILE B 392 46.25 -8.67 27.63
N GLU B 393 46.02 -9.53 26.63
CA GLU B 393 46.60 -10.87 26.64
C GLU B 393 48.12 -10.82 26.54
N GLN B 394 48.64 -9.89 25.73
CA GLN B 394 50.10 -9.76 25.62
C GLN B 394 50.69 -9.14 26.87
N VAL B 395 50.12 -8.02 27.32
CA VAL B 395 50.73 -7.26 28.40
C VAL B 395 50.50 -7.95 29.74
N GLY B 396 49.39 -8.67 29.86
CA GLY B 396 49.14 -9.42 31.08
C GLY B 396 48.76 -8.52 32.22
N VAL B 397 47.72 -7.74 32.04
CA VAL B 397 47.29 -6.78 33.04
C VAL B 397 46.40 -7.49 34.06
N THR B 398 46.77 -7.37 35.33
CA THR B 398 45.95 -7.86 36.43
C THR B 398 45.29 -6.68 37.14
N VAL B 399 44.11 -6.93 37.68
CA VAL B 399 43.32 -5.90 38.35
C VAL B 399 43.33 -6.19 39.85
N ASP B 400 43.45 -5.14 40.64
CA ASP B 400 43.44 -5.24 42.10
C ASP B 400 42.42 -4.25 42.63
N PHE B 401 41.45 -4.73 43.39
CA PHE B 401 40.48 -3.84 43.99
C PHE B 401 40.94 -3.44 45.38
N TYR B 402 40.46 -2.30 45.84
CA TYR B 402 40.80 -1.78 47.15
C TYR B 402 39.60 -1.00 47.67
N GLY B 403 39.04 -1.46 48.77
CA GLY B 403 37.84 -0.85 49.29
C GLY B 403 36.61 -1.31 48.53
N GLY B 404 35.46 -0.90 49.01
CA GLY B 404 34.23 -1.38 48.46
C GLY B 404 34.00 -2.82 48.83
N LYS B 405 33.06 -3.44 48.13
CA LYS B 405 32.68 -4.80 48.47
C LYS B 405 33.55 -5.83 47.77
N LEU B 406 34.50 -5.37 46.95
CA LEU B 406 35.44 -6.31 46.35
C LEU B 406 36.81 -6.18 46.97
N ASN B 407 36.86 -5.91 48.28
CA ASN B 407 37.95 -5.22 49.01
C ASN B 407 39.31 -5.83 48.74
N GLY B 408 39.57 -7.07 49.11
CA GLY B 408 40.79 -7.71 48.65
C GLY B 408 40.50 -8.80 47.66
N GLN B 409 40.63 -8.50 46.37
CA GLN B 409 40.41 -9.47 45.31
C GLN B 409 41.38 -9.16 44.20
N THR B 410 41.71 -10.19 43.41
CA THR B 410 42.63 -10.03 42.30
C THR B 410 42.15 -10.95 41.18
N PHE B 411 41.82 -10.38 40.04
CA PHE B 411 41.47 -11.14 38.86
C PHE B 411 42.60 -11.01 37.86
N LYS B 412 43.03 -12.13 37.29
CA LYS B 412 44.23 -12.16 36.48
C LYS B 412 44.02 -12.54 35.02
N ASP B 413 42.91 -13.18 34.68
CA ASP B 413 42.73 -13.62 33.30
C ASP B 413 42.14 -12.51 32.44
N ALA B 414 42.43 -12.60 31.15
CA ALA B 414 41.89 -11.65 30.17
C ALA B 414 40.36 -11.56 30.05
N PRO B 415 39.55 -12.61 30.28
CA PRO B 415 38.09 -12.37 30.26
C PRO B 415 37.57 -11.45 31.34
N THR B 416 38.16 -11.48 32.53
CA THR B 416 37.61 -10.71 33.64
C THR B 416 38.20 -9.31 33.69
N VAL B 417 39.46 -9.17 33.32
CA VAL B 417 40.12 -7.87 33.35
C VAL B 417 39.54 -6.94 32.30
N LYS B 418 39.14 -7.50 31.15
CA LYS B 418 38.50 -6.69 30.12
C LYS B 418 37.13 -6.19 30.55
N LYS B 419 36.44 -6.94 31.41
CA LYS B 419 35.14 -6.49 31.89
C LYS B 419 35.29 -5.34 32.88
N PHE B 420 36.38 -5.31 33.64
CA PHE B 420 36.54 -4.22 34.59
C PHE B 420 37.30 -3.06 33.98
N ALA B 421 37.98 -3.29 32.86
CA ALA B 421 38.64 -2.18 32.19
C ALA B 421 37.63 -1.32 31.44
N ARG B 422 36.52 -1.92 31.03
CA ARG B 422 35.51 -1.15 30.31
C ARG B 422 34.69 -0.30 31.27
N LYS B 423 34.41 -0.83 32.46
CA LYS B 423 33.62 -0.05 33.40
C LYS B 423 34.46 0.87 34.27
N ALA B 424 35.77 0.90 34.09
CA ALA B 424 36.60 1.81 34.86
C ALA B 424 36.89 3.11 34.14
N GLN B 425 36.56 3.21 32.86
CA GLN B 425 36.66 4.48 32.18
C GLN B 425 35.46 5.37 32.46
N LEU B 426 34.44 4.83 33.11
CA LEU B 426 33.26 5.58 33.49
C LEU B 426 33.34 6.12 34.90
N GLY B 427 34.52 6.51 35.35
CA GLY B 427 34.68 7.05 36.68
C GLY B 427 34.92 5.97 37.71
N GLU B 428 34.13 5.95 38.76
CA GLU B 428 34.19 4.87 39.74
C GLU B 428 33.32 3.72 39.26
N VAL B 429 33.27 2.66 40.06
CA VAL B 429 32.64 1.41 39.68
C VAL B 429 31.56 1.10 40.70
N PHE B 430 30.31 0.98 40.25
CA PHE B 430 29.19 0.80 41.16
C PHE B 430 28.36 -0.41 40.76
N GLU B 431 27.61 -0.90 41.73
CA GLU B 431 26.61 -1.93 41.52
C GLU B 431 25.23 -1.29 41.53
N PHE B 432 24.50 -1.46 40.43
CA PHE B 432 23.20 -0.81 40.27
C PHE B 432 22.07 -1.82 40.34
N ASP B 433 20.85 -1.30 40.34
CA ASP B 433 19.62 -2.09 40.45
C ASP B 433 18.70 -1.63 39.33
N ARG B 434 18.82 -2.25 38.16
CA ARG B 434 18.15 -1.75 36.96
C ARG B 434 16.80 -2.40 36.71
N THR B 435 16.29 -3.20 37.63
CA THR B 435 15.03 -3.90 37.44
C THR B 435 13.85 -3.23 38.14
N SER B 436 14.09 -2.24 38.98
CA SER B 436 13.00 -1.60 39.70
C SER B 436 12.26 -0.59 38.82
N LEU B 437 12.99 0.20 38.04
CA LEU B 437 12.39 1.25 37.23
C LEU B 437 12.45 0.97 35.74
N GLU B 438 12.78 -0.27 35.36
CA GLU B 438 13.00 -0.68 33.96
C GLU B 438 14.04 0.19 33.29
N SER B 439 15.23 0.22 33.89
CA SER B 439 16.29 1.11 33.44
C SER B 439 16.90 0.58 32.15
N ASP B 440 16.81 1.37 31.08
CA ASP B 440 17.14 0.88 29.76
C ASP B 440 18.65 0.77 29.52
N GLY B 441 19.41 1.78 29.92
CA GLY B 441 20.85 1.68 29.74
C GLY B 441 21.50 2.83 29.01
N VAL B 442 20.90 4.02 29.08
CA VAL B 442 21.51 5.23 28.55
C VAL B 442 21.34 6.35 29.55
N PHE B 443 22.35 7.23 29.63
CA PHE B 443 22.43 8.23 30.68
C PHE B 443 21.41 9.34 30.48
N ARG B 444 20.82 9.81 31.59
CA ARG B 444 19.97 10.99 31.57
C ARG B 444 20.70 12.19 32.18
N SER B 445 19.98 13.30 32.37
CA SER B 445 20.55 14.52 32.89
C SER B 445 20.02 14.86 34.27
N SER B 446 20.81 15.62 35.01
CA SER B 446 20.45 16.07 36.34
C SER B 446 19.50 17.26 36.25
N PRO B 447 18.83 17.62 37.34
CA PRO B 447 18.06 18.88 37.34
C PRO B 447 18.89 20.12 37.17
N ARG B 448 20.20 20.06 37.36
CA ARG B 448 21.07 21.14 36.95
C ARG B 448 21.04 21.30 35.44
N GLY B 449 20.94 20.20 34.71
CA GLY B 449 20.95 20.28 33.26
C GLY B 449 19.64 20.76 32.70
N TRP B 450 18.53 20.38 33.32
CA TRP B 450 17.22 20.75 32.80
C TRP B 450 16.90 22.20 33.08
N TYR B 451 17.26 22.68 34.27
CA TYR B 451 17.04 24.08 34.60
C TYR B 451 17.82 24.99 33.68
N THR B 452 19.01 24.58 33.29
CA THR B 452 19.77 25.39 32.38
C THR B 452 19.18 25.33 30.99
N TYR B 453 18.41 24.29 30.68
CA TYR B 453 17.83 24.17 29.36
C TYR B 453 16.66 25.12 29.18
N GLY B 454 15.67 25.03 30.06
CA GLY B 454 14.48 25.83 29.96
C GLY B 454 14.80 27.30 30.08
N HIS B 455 15.39 27.69 31.20
CA HIS B 455 15.59 29.09 31.49
C HIS B 455 16.67 29.75 30.64
N ALA B 456 17.36 29.03 29.77
CA ALA B 456 18.17 29.68 28.74
C ALA B 456 17.56 29.63 27.35
N ASN B 457 16.66 28.68 27.09
CA ASN B 457 15.85 28.78 25.89
C ASN B 457 14.68 29.72 26.06
N PHE B 458 14.19 29.91 27.29
CA PHE B 458 13.22 30.95 27.57
C PHE B 458 13.81 32.33 27.32
N ALA B 459 14.96 32.59 27.92
CA ALA B 459 15.58 33.92 27.88
C ALA B 459 15.97 34.35 26.48
N LEU B 460 16.15 33.39 25.58
CA LEU B 460 16.40 33.71 24.20
C LEU B 460 15.10 34.11 23.50
N LEU B 461 13.98 33.51 23.90
CA LEU B 461 12.69 33.88 23.33
C LEU B 461 12.21 35.22 23.84
N PHE B 462 12.47 35.49 25.13
CA PHE B 462 12.11 36.79 25.69
C PHE B 462 12.97 37.92 25.15
N PHE B 463 14.09 37.60 24.52
CA PHE B 463 14.81 38.65 23.83
C PHE B 463 14.03 39.13 22.61
N PHE B 464 13.28 38.25 21.98
CA PHE B 464 12.43 38.67 20.88
C PHE B 464 11.25 39.47 21.38
N GLY B 465 10.75 39.17 22.57
CA GLY B 465 9.67 39.95 23.14
C GLY B 465 10.11 41.33 23.56
N HIS B 466 11.39 41.51 23.87
CA HIS B 466 11.90 42.85 24.12
C HIS B 466 11.87 43.69 22.86
N LEU B 467 12.17 43.07 21.72
CA LEU B 467 12.19 43.83 20.48
C LEU B 467 10.81 44.02 19.91
N TRP B 468 9.90 43.06 20.13
CA TRP B 468 8.55 43.27 19.63
C TRP B 468 7.83 44.31 20.44
N HIS B 469 7.68 44.07 21.75
CA HIS B 469 6.92 44.97 22.61
C HIS B 469 7.65 46.29 22.78
N GLY B 470 8.96 46.30 22.60
CA GLY B 470 9.70 47.56 22.67
C GLY B 470 9.49 48.43 21.44
N GLY B 471 9.59 47.83 20.27
CA GLY B 471 9.35 48.57 19.06
C GLY B 471 7.88 48.86 18.86
N ARG B 472 7.01 48.18 19.59
CA ARG B 472 5.61 48.52 19.53
C ARG B 472 5.31 49.74 20.40
N THR B 473 6.12 50.00 21.42
CA THR B 473 5.92 51.17 22.27
C THR B 473 6.34 52.45 21.56
N ILE B 474 7.54 52.45 20.99
CA ILE B 474 8.10 53.66 20.40
C ILE B 474 7.29 54.08 19.17
N PHE B 475 6.87 53.11 18.38
CA PHE B 475 6.26 53.34 17.08
C PHE B 475 4.75 53.34 17.13
N ARG B 476 4.14 53.75 18.25
CA ARG B 476 2.73 53.43 18.51
C ARG B 476 1.77 54.11 17.53
N ASP B 477 2.14 55.26 16.98
CA ASP B 477 1.22 55.97 16.11
C ASP B 477 1.10 55.36 14.71
N VAL B 478 1.93 54.39 14.35
CA VAL B 478 1.95 53.90 12.98
C VAL B 478 1.67 52.40 12.87
N PHE B 479 0.86 51.83 13.77
CA PHE B 479 0.65 50.40 13.64
C PHE B 479 -0.65 50.01 12.97
N THR B 480 -1.48 50.97 12.58
CA THR B 480 -2.47 50.67 11.56
C THR B 480 -1.84 50.75 10.18
N GLY B 481 -0.69 51.41 10.10
CA GLY B 481 -0.04 51.69 8.83
C GLY B 481 0.52 53.09 8.89
N ILE B 482 1.16 53.49 7.80
CA ILE B 482 1.71 54.82 7.71
C ILE B 482 0.84 55.65 6.78
N GLY B 483 0.91 56.96 6.95
CA GLY B 483 0.22 57.84 6.04
C GLY B 483 1.00 58.04 4.77
N ALA B 484 0.27 58.22 3.68
CA ALA B 484 0.89 58.43 2.37
C ALA B 484 1.29 59.88 2.13
N GLU B 485 1.20 60.73 3.15
CA GLU B 485 1.45 62.15 2.99
C GLU B 485 2.46 62.67 4.01
N ILE C 21 23.94 54.81 -35.96
CA ILE C 21 23.65 54.55 -34.56
C ILE C 21 22.25 53.94 -34.51
N ALA C 22 21.48 54.24 -35.55
CA ALA C 22 20.15 53.65 -35.70
C ALA C 22 20.26 52.14 -35.92
N GLY C 23 19.58 51.39 -35.06
CA GLY C 23 19.75 49.96 -34.97
C GLY C 23 20.69 49.51 -33.89
N ARG C 24 21.40 50.44 -33.25
CA ARG C 24 22.40 50.13 -32.25
C ARG C 24 22.17 50.96 -30.97
N ASP C 25 20.91 51.19 -30.61
CA ASP C 25 20.56 51.70 -29.30
C ASP C 25 19.17 51.20 -28.94
N ILE C 26 18.79 51.40 -27.68
CA ILE C 26 17.53 50.84 -27.19
C ILE C 26 16.35 51.66 -27.70
N GLU C 27 16.61 52.90 -28.13
CA GLU C 27 15.53 53.75 -28.63
C GLU C 27 15.03 53.26 -29.98
N SER C 28 15.91 52.67 -30.77
CA SER C 28 15.51 52.18 -32.08
C SER C 28 14.98 50.75 -32.00
N THR C 29 15.64 49.90 -31.23
CA THR C 29 15.29 48.49 -31.18
C THR C 29 14.39 48.16 -30.00
N GLY C 30 14.83 48.42 -28.79
CA GLY C 30 14.05 48.02 -27.64
C GLY C 30 14.74 46.96 -26.83
N PHE C 31 15.98 46.66 -27.20
CA PHE C 31 16.81 45.71 -26.49
C PHE C 31 17.96 46.45 -25.84
N ALA C 32 18.28 46.05 -24.61
CA ALA C 32 19.35 46.69 -23.86
C ALA C 32 20.70 46.22 -24.37
N TRP C 33 21.76 46.77 -23.80
CA TRP C 33 23.10 46.43 -24.26
C TRP C 33 23.47 45.01 -23.90
N TRP C 34 22.90 44.49 -22.81
CA TRP C 34 23.27 43.16 -22.37
C TRP C 34 22.60 42.09 -23.20
N SER C 35 21.38 42.35 -23.67
CA SER C 35 20.79 41.49 -24.70
C SER C 35 20.95 42.19 -26.04
N GLY C 36 22.20 42.35 -26.43
CA GLY C 36 22.50 43.21 -27.54
C GLY C 36 22.59 42.49 -28.86
N ASN C 37 22.98 41.23 -28.84
CA ASN C 37 22.99 40.46 -30.07
C ASN C 37 21.61 39.96 -30.46
N ALA C 38 20.58 40.28 -29.69
CA ALA C 38 19.21 40.06 -30.11
C ALA C 38 18.74 41.10 -31.10
N ARG C 39 19.53 42.16 -31.30
CA ARG C 39 19.27 43.13 -32.35
C ARG C 39 19.57 42.55 -33.72
N LEU C 40 20.24 41.42 -33.79
CA LEU C 40 20.66 40.80 -35.02
C LEU C 40 19.65 39.82 -35.56
N ILE C 41 18.44 39.78 -35.01
CA ILE C 41 17.48 38.79 -35.46
C ILE C 41 16.95 39.15 -36.84
N ASN C 42 16.59 40.40 -37.04
CA ASN C 42 15.96 40.81 -38.29
C ASN C 42 16.88 41.63 -39.16
N VAL C 43 18.19 41.52 -38.99
CA VAL C 43 19.17 41.89 -40.01
C VAL C 43 19.90 40.62 -40.39
N SER C 44 20.34 40.53 -41.64
CA SER C 44 20.83 39.26 -42.13
C SER C 44 22.32 39.29 -42.42
N GLY C 45 22.88 40.45 -42.71
CA GLY C 45 24.29 40.52 -42.97
C GLY C 45 25.07 40.58 -41.70
N LYS C 46 24.57 41.37 -40.75
CA LYS C 46 25.18 41.41 -39.44
C LYS C 46 25.07 40.06 -38.74
N LEU C 47 23.99 39.33 -38.99
CA LEU C 47 23.82 38.03 -38.37
C LEU C 47 24.72 36.99 -39.01
N LEU C 48 24.92 37.09 -40.32
CA LEU C 48 25.84 36.17 -40.99
C LEU C 48 27.27 36.40 -40.56
N GLY C 49 27.68 37.66 -40.46
CA GLY C 49 29.00 37.99 -39.96
C GLY C 49 29.23 37.57 -38.53
N ALA C 50 28.17 37.46 -37.75
CA ALA C 50 28.31 36.99 -36.38
C ALA C 50 28.50 35.48 -36.32
N HIS C 51 27.78 34.73 -37.15
CA HIS C 51 27.92 33.28 -37.12
C HIS C 51 29.23 32.82 -37.73
N VAL C 52 29.81 33.60 -38.63
CA VAL C 52 31.09 33.21 -39.21
C VAL C 52 32.25 33.71 -38.35
N ALA C 53 32.01 34.69 -37.49
CA ALA C 53 33.05 35.08 -36.55
C ALA C 53 33.15 34.10 -35.39
N HIS C 54 32.02 33.65 -34.84
CA HIS C 54 32.09 32.63 -33.80
C HIS C 54 32.58 31.31 -34.35
N ALA C 55 32.33 31.04 -35.62
CA ALA C 55 32.97 29.90 -36.25
C ALA C 55 34.47 30.13 -36.40
N GLY C 56 34.88 31.39 -36.52
CA GLY C 56 36.30 31.70 -36.52
C GLY C 56 36.95 31.50 -35.16
N LEU C 57 36.17 31.54 -34.09
CA LEU C 57 36.71 31.30 -32.76
C LEU C 57 36.77 29.82 -32.41
N MET C 58 35.83 29.04 -32.90
CA MET C 58 35.87 27.60 -32.66
C MET C 58 37.08 26.98 -33.33
N VAL C 59 37.38 27.40 -34.56
CA VAL C 59 38.57 26.94 -35.27
C VAL C 59 39.82 27.39 -34.54
N PHE C 60 39.88 28.69 -34.22
CA PHE C 60 41.06 29.31 -33.63
C PHE C 60 41.46 28.69 -32.33
N TRP C 61 40.50 28.27 -31.52
CA TRP C 61 40.84 27.58 -30.29
C TRP C 61 41.52 26.26 -30.58
N ALA C 62 40.95 25.49 -31.51
CA ALA C 62 41.44 24.14 -31.75
C ALA C 62 42.80 24.14 -32.41
N GLY C 63 43.12 25.15 -33.19
CA GLY C 63 44.48 25.26 -33.69
C GLY C 63 45.43 25.67 -32.60
N ALA C 64 45.05 26.65 -31.79
CA ALA C 64 45.94 27.17 -30.78
C ALA C 64 46.05 26.26 -29.58
N MET C 65 45.07 25.39 -29.37
CA MET C 65 45.19 24.46 -28.25
C MET C 65 46.13 23.31 -28.59
N VAL C 66 46.10 22.83 -29.83
CA VAL C 66 46.94 21.70 -30.20
C VAL C 66 48.40 22.11 -30.24
N LEU C 67 48.68 23.31 -30.71
CA LEU C 67 50.04 23.84 -30.61
C LEU C 67 50.48 23.98 -29.17
N PHE C 68 49.57 24.37 -28.29
CA PHE C 68 49.82 24.35 -26.87
C PHE C 68 49.99 22.93 -26.34
N GLU C 69 49.31 21.96 -26.93
CA GLU C 69 49.42 20.59 -26.48
C GLU C 69 50.62 19.88 -27.07
N VAL C 70 51.19 20.40 -28.15
CA VAL C 70 52.42 19.86 -28.72
C VAL C 70 53.65 20.37 -28.00
N SER C 71 53.66 21.67 -27.70
CA SER C 71 54.81 22.27 -27.04
C SER C 71 54.99 21.80 -25.61
N HIS C 72 53.97 21.18 -25.02
CA HIS C 72 54.15 20.61 -23.69
C HIS C 72 54.20 19.10 -23.72
N PHE C 73 54.44 18.50 -24.88
CA PHE C 73 54.46 17.05 -24.96
C PHE C 73 55.82 16.50 -24.55
N VAL C 74 55.80 15.46 -23.72
CA VAL C 74 56.99 14.77 -23.27
C VAL C 74 56.85 13.29 -23.61
N PRO C 75 57.83 12.65 -24.23
CA PRO C 75 57.66 11.24 -24.62
C PRO C 75 57.70 10.27 -23.45
N GLU C 76 58.15 10.71 -22.28
CA GLU C 76 58.33 9.83 -21.14
C GLU C 76 56.99 9.42 -20.54
N LYS C 77 56.20 10.41 -20.13
CA LYS C 77 54.90 10.13 -19.57
C LYS C 77 53.95 9.63 -20.64
N PRO C 78 52.91 8.88 -20.27
CA PRO C 78 51.89 8.48 -21.23
C PRO C 78 51.09 9.66 -21.75
N THR C 79 50.18 9.32 -22.65
CA THR C 79 49.44 10.34 -23.37
C THR C 79 48.35 10.94 -22.50
N TYR C 80 47.88 10.19 -21.52
CA TYR C 80 46.81 10.66 -20.66
C TYR C 80 47.32 11.24 -19.35
N GLU C 81 48.54 10.90 -18.94
CA GLU C 81 49.08 11.49 -17.73
C GLU C 81 49.41 12.95 -17.93
N GLN C 82 49.74 13.34 -19.16
CA GLN C 82 50.14 14.70 -19.46
C GLN C 82 48.97 15.66 -19.60
N GLY C 83 47.74 15.17 -19.45
CA GLY C 83 46.58 16.02 -19.41
C GLY C 83 46.22 16.70 -20.72
N PHE C 84 46.17 15.96 -21.82
CA PHE C 84 45.73 16.53 -23.08
C PHE C 84 44.38 15.94 -23.47
N ILE C 85 43.64 16.71 -24.25
CA ILE C 85 42.32 16.29 -24.73
C ILE C 85 42.18 16.36 -26.23
N LEU C 86 42.97 17.15 -26.94
CA LEU C 86 42.77 17.26 -28.38
C LEU C 86 43.72 16.42 -29.20
N ILE C 87 44.98 16.24 -28.78
CA ILE C 87 45.85 15.34 -29.54
C ILE C 87 45.53 13.88 -29.32
N GLN C 88 44.52 13.57 -28.51
CA GLN C 88 44.07 12.20 -28.40
C GLN C 88 42.89 11.93 -29.31
N HIS C 89 42.27 12.95 -29.88
CA HIS C 89 41.29 12.70 -30.92
C HIS C 89 41.97 12.36 -32.24
N LEU C 90 43.09 13.01 -32.52
CA LEU C 90 43.80 12.73 -33.76
C LEU C 90 44.50 11.39 -33.70
N ALA C 91 44.86 10.93 -32.51
CA ALA C 91 45.45 9.61 -32.39
C ALA C 91 44.42 8.51 -32.59
N THR C 92 43.15 8.80 -32.30
CA THR C 92 42.10 7.85 -32.69
C THR C 92 41.93 7.80 -34.19
N LEU C 93 42.17 8.92 -34.87
CA LEU C 93 42.21 8.89 -36.32
C LEU C 93 43.43 8.14 -36.82
N GLY C 94 44.51 8.14 -36.05
CA GLY C 94 45.66 7.34 -36.37
C GLY C 94 46.92 8.09 -36.73
N TYR C 95 46.94 9.40 -36.57
CA TYR C 95 48.13 10.16 -36.90
C TYR C 95 49.14 10.06 -35.76
N GLY C 96 50.35 9.65 -36.10
CA GLY C 96 51.43 9.69 -35.14
C GLY C 96 51.35 8.67 -34.02
N ILE C 97 50.40 7.77 -34.06
CA ILE C 97 50.23 6.76 -33.03
C ILE C 97 50.97 5.50 -33.47
N GLY C 98 51.55 4.80 -32.51
CA GLY C 98 52.19 3.54 -32.77
C GLY C 98 51.39 2.41 -32.17
N PRO C 99 51.99 1.23 -32.08
CA PRO C 99 51.26 0.09 -31.51
C PRO C 99 51.18 0.21 -30.01
N GLY C 100 50.02 -0.13 -29.46
CA GLY C 100 49.83 -0.10 -28.03
C GLY C 100 49.61 1.29 -27.45
N GLY C 101 49.23 2.26 -28.27
CA GLY C 101 48.94 3.58 -27.77
C GLY C 101 50.16 4.43 -27.54
N GLU C 102 51.27 4.12 -28.17
CA GLU C 102 52.50 4.88 -28.00
C GLU C 102 52.59 5.92 -29.10
N ILE C 103 52.45 7.19 -28.73
CA ILE C 103 52.59 8.27 -29.71
C ILE C 103 54.05 8.41 -30.10
N THR C 104 54.31 8.36 -31.41
CA THR C 104 55.67 8.34 -31.89
C THR C 104 56.14 9.71 -32.35
N SER C 105 55.39 10.35 -33.25
CA SER C 105 56.00 11.36 -34.11
C SER C 105 55.82 12.77 -33.57
N THR C 106 54.57 13.22 -33.45
CA THR C 106 54.15 14.60 -33.07
C THR C 106 54.64 15.69 -34.01
N VAL C 107 55.16 15.32 -35.17
CA VAL C 107 55.14 16.26 -36.29
C VAL C 107 53.78 16.31 -37.01
N PRO C 108 52.93 15.26 -37.14
CA PRO C 108 51.65 15.51 -37.79
C PRO C 108 50.65 16.26 -36.93
N TYR C 109 50.81 16.23 -35.60
CA TYR C 109 49.94 17.02 -34.74
C TYR C 109 50.23 18.50 -34.88
N PHE C 110 51.48 18.83 -35.16
CA PHE C 110 51.83 20.22 -35.44
C PHE C 110 51.16 20.69 -36.71
N ALA C 111 51.03 19.79 -37.68
CA ALA C 111 50.49 20.19 -38.97
C ALA C 111 49.01 20.47 -38.89
N VAL C 112 48.28 19.70 -38.08
CA VAL C 112 46.84 19.90 -37.97
C VAL C 112 46.52 21.19 -37.22
N GLY C 113 47.26 21.48 -36.16
CA GLY C 113 47.02 22.69 -35.41
C GLY C 113 47.39 23.96 -36.14
N VAL C 114 48.13 23.89 -37.24
CA VAL C 114 48.35 25.09 -38.01
C VAL C 114 47.24 25.31 -39.02
N ILE C 115 46.66 24.24 -39.59
CA ILE C 115 45.60 24.43 -40.58
C ILE C 115 44.35 24.96 -39.91
N HIS C 116 44.03 24.46 -38.71
CA HIS C 116 42.98 25.03 -37.88
C HIS C 116 43.39 26.30 -37.16
N LEU C 117 44.48 26.95 -37.56
CA LEU C 117 44.84 28.24 -37.00
C LEU C 117 44.94 29.31 -38.07
N ILE C 118 45.54 28.96 -39.20
CA ILE C 118 45.58 29.85 -40.35
C ILE C 118 44.19 30.09 -40.88
N SER C 119 43.36 29.04 -40.90
CA SER C 119 42.03 29.16 -41.49
C SER C 119 41.10 30.02 -40.65
N SER C 120 41.37 30.13 -39.36
CA SER C 120 40.56 31.03 -38.55
C SER C 120 40.89 32.48 -38.81
N ALA C 121 42.03 32.78 -39.41
CA ALA C 121 42.29 34.15 -39.83
C ALA C 121 41.52 34.51 -41.07
N ILE C 122 41.08 33.53 -41.84
CA ILE C 122 40.21 33.78 -42.99
C ILE C 122 38.75 33.86 -42.54
N LEU C 123 38.31 32.89 -41.73
CA LEU C 123 37.01 32.96 -41.10
C LEU C 123 36.90 34.14 -40.15
N GLY C 124 38.02 34.58 -39.59
CA GLY C 124 38.03 35.83 -38.87
C GLY C 124 37.75 37.01 -39.77
N PHE C 125 38.32 37.02 -40.97
CA PHE C 125 38.10 38.17 -41.85
C PHE C 125 36.70 38.20 -42.41
N GLY C 126 36.05 37.04 -42.54
CA GLY C 126 34.65 37.05 -42.93
C GLY C 126 33.75 37.58 -41.83
N GLY C 127 34.10 37.33 -40.58
CA GLY C 127 33.33 37.87 -39.48
C GLY C 127 33.50 39.35 -39.31
N ILE C 128 34.66 39.88 -39.67
CA ILE C 128 34.86 41.31 -39.57
C ILE C 128 34.43 42.01 -40.85
N TYR C 129 34.37 41.29 -41.97
CA TYR C 129 33.84 41.93 -43.16
C TYR C 129 32.32 41.96 -43.16
N HIS C 130 31.70 40.78 -43.06
CA HIS C 130 30.25 40.67 -43.25
C HIS C 130 29.47 41.36 -42.16
N SER C 131 30.11 41.65 -41.03
CA SER C 131 29.36 42.26 -39.93
C SER C 131 29.73 43.73 -39.75
N LEU C 132 30.70 44.24 -40.51
CA LEU C 132 31.02 45.65 -40.36
C LEU C 132 30.95 46.40 -41.68
N LEU C 133 31.06 45.71 -42.82
CA LEU C 133 30.86 46.36 -44.10
C LEU C 133 29.77 45.76 -44.95
N GLY C 134 29.37 44.53 -44.66
CA GLY C 134 28.35 43.87 -45.43
C GLY C 134 27.02 44.58 -45.27
N PRO C 135 26.13 44.40 -46.24
CA PRO C 135 24.80 44.99 -46.14
C PRO C 135 24.04 44.38 -44.99
N ASP C 136 23.14 45.18 -44.39
CA ASP C 136 22.44 44.71 -43.19
C ASP C 136 21.50 43.55 -43.51
N THR C 137 20.85 43.60 -44.67
CA THR C 137 19.97 42.53 -45.10
C THR C 137 20.47 42.01 -46.44
N LEU C 138 20.57 40.70 -46.57
CA LEU C 138 20.98 40.14 -47.85
C LEU C 138 19.83 40.05 -48.85
N GLU C 139 18.60 40.23 -48.41
CA GLU C 139 17.45 39.97 -49.27
C GLU C 139 17.33 41.01 -50.36
N GLU C 140 17.92 42.19 -50.15
CA GLU C 140 17.85 43.24 -51.15
C GLU C 140 18.76 42.93 -52.33
N SER C 141 20.04 42.70 -52.08
CA SER C 141 21.01 42.59 -53.16
C SER C 141 21.22 41.15 -53.61
N PHE C 142 21.21 40.21 -52.68
CA PHE C 142 21.63 38.84 -52.97
C PHE C 142 20.46 37.90 -52.77
N PRO C 143 19.67 37.65 -53.81
CA PRO C 143 18.41 36.93 -53.59
C PRO C 143 18.59 35.45 -53.34
N PHE C 144 19.78 34.91 -53.62
CA PHE C 144 20.02 33.52 -53.26
C PHE C 144 20.25 33.37 -51.77
N PHE C 145 21.10 34.23 -51.21
CA PHE C 145 21.46 34.15 -49.80
C PHE C 145 20.47 34.84 -48.89
N GLY C 146 19.72 35.81 -49.40
CA GLY C 146 18.76 36.49 -48.57
C GLY C 146 17.61 35.59 -48.19
N TYR C 147 17.01 35.87 -47.05
CA TYR C 147 15.98 35.00 -46.53
C TYR C 147 15.03 35.78 -45.65
N ASP C 148 14.05 35.07 -45.13
CA ASP C 148 13.17 35.54 -44.10
C ASP C 148 12.94 34.37 -43.16
N TRP C 149 12.72 34.66 -41.89
CA TRP C 149 12.54 33.57 -40.95
C TRP C 149 11.17 32.95 -41.10
N ARG C 150 10.19 33.75 -41.55
CA ARG C 150 8.83 33.25 -41.67
C ARG C 150 8.65 32.40 -42.91
N ASP C 151 9.57 32.52 -43.86
CA ASP C 151 9.53 31.69 -45.06
C ASP C 151 9.84 30.24 -44.69
N LYS C 152 9.14 29.32 -45.34
CA LYS C 152 9.31 27.91 -45.03
C LYS C 152 9.90 27.13 -46.18
N ASN C 153 9.92 27.69 -47.38
CA ASN C 153 10.61 27.02 -48.47
C ASN C 153 12.11 27.29 -48.41
N LYS C 154 12.49 28.50 -48.01
CA LYS C 154 13.91 28.82 -47.95
C LYS C 154 14.57 28.15 -46.77
N MET C 155 13.88 28.08 -45.64
CA MET C 155 14.51 27.54 -44.43
C MET C 155 14.76 26.04 -44.54
N THR C 156 13.92 25.32 -45.25
CA THR C 156 14.23 23.92 -45.48
C THR C 156 15.34 23.74 -46.51
N THR C 157 15.56 24.74 -47.36
CA THR C 157 16.70 24.71 -48.27
C THR C 157 18.00 24.98 -47.54
N ILE C 158 17.99 25.92 -46.59
CA ILE C 158 19.17 26.18 -45.77
C ILE C 158 19.47 24.98 -44.91
N LEU C 159 18.44 24.33 -44.40
CA LEU C 159 18.59 23.06 -43.70
C LEU C 159 19.08 21.98 -44.66
N GLY C 160 18.67 22.03 -45.91
CA GLY C 160 19.04 20.97 -46.83
C GLY C 160 20.47 21.07 -47.32
N ILE C 161 20.94 22.28 -47.59
CA ILE C 161 22.32 22.49 -48.01
C ILE C 161 23.27 22.10 -46.91
N HIS C 162 22.96 22.50 -45.68
CA HIS C 162 23.80 22.22 -44.53
C HIS C 162 23.55 20.84 -43.95
N LEU C 163 22.67 20.02 -44.54
CA LEU C 163 22.63 18.59 -44.22
C LEU C 163 23.43 17.73 -45.17
N CYS C 164 23.57 18.13 -46.43
CA CYS C 164 24.40 17.37 -47.34
C CYS C 164 25.87 17.51 -46.99
N LEU C 165 26.25 18.59 -46.34
CA LEU C 165 27.61 18.71 -45.85
C LEU C 165 27.86 17.78 -44.67
N LEU C 166 26.86 17.60 -43.81
CA LEU C 166 27.03 16.66 -42.72
C LEU C 166 26.96 15.21 -43.19
N GLY C 167 26.45 14.99 -44.39
CA GLY C 167 26.54 13.68 -45.00
C GLY C 167 27.94 13.46 -45.52
N LEU C 168 28.48 14.46 -46.22
CA LEU C 168 29.83 14.35 -46.77
C LEU C 168 30.89 14.29 -45.69
N GLY C 169 30.67 15.01 -44.59
CA GLY C 169 31.63 14.97 -43.49
C GLY C 169 31.64 13.65 -42.78
N SER C 170 30.55 12.90 -42.86
CA SER C 170 30.55 11.57 -42.28
C SER C 170 31.25 10.56 -43.16
N PHE C 171 31.31 10.80 -44.47
CA PHE C 171 32.03 9.87 -45.31
C PHE C 171 33.53 10.10 -45.27
N LEU C 172 33.98 11.28 -44.84
CA LEU C 172 35.41 11.50 -44.66
C LEU C 172 35.98 10.62 -43.57
N LEU C 173 35.18 10.30 -42.56
CA LEU C 173 35.62 9.29 -41.60
C LEU C 173 35.70 7.94 -42.26
N VAL C 174 34.76 7.64 -43.14
CA VAL C 174 34.68 6.32 -43.77
C VAL C 174 35.75 6.16 -44.83
N ILE C 175 36.01 7.23 -45.61
CA ILE C 175 37.10 7.22 -46.58
C ILE C 175 38.44 7.08 -45.87
N LYS C 176 38.60 7.73 -44.73
CA LYS C 176 39.87 7.68 -44.04
C LYS C 176 40.07 6.35 -43.35
N ALA C 177 39.02 5.69 -42.91
CA ALA C 177 39.16 4.42 -42.22
C ALA C 177 39.22 3.24 -43.15
N MET C 178 38.93 3.42 -44.43
CA MET C 178 38.98 2.32 -45.37
C MET C 178 40.06 2.51 -46.41
N TYR C 179 40.42 3.75 -46.73
CA TYR C 179 41.37 4.02 -47.79
C TYR C 179 42.58 4.82 -47.33
N LEU C 180 42.37 5.93 -46.63
CA LEU C 180 43.45 6.87 -46.34
C LEU C 180 44.03 6.57 -44.96
N GLY C 181 44.91 5.59 -44.91
CA GLY C 181 45.67 5.33 -43.71
C GLY C 181 45.05 4.38 -42.71
N GLY C 182 43.77 4.51 -42.44
CA GLY C 182 43.12 3.70 -41.44
C GLY C 182 42.98 4.42 -40.13
N VAL C 183 42.29 3.78 -39.20
CA VAL C 183 42.04 4.34 -37.88
C VAL C 183 42.60 3.41 -36.82
N TYR C 184 42.64 3.90 -35.59
CA TYR C 184 43.22 3.17 -34.48
C TYR C 184 42.15 2.27 -33.87
N ASP C 185 42.29 0.97 -34.06
CA ASP C 185 41.43 -0.02 -33.42
C ASP C 185 42.16 -0.52 -32.18
N THR C 186 41.54 -0.36 -31.01
CA THR C 186 42.13 -0.90 -29.80
C THR C 186 41.81 -2.39 -29.66
N TRP C 187 40.88 -2.89 -30.48
CA TRP C 187 40.55 -4.31 -30.42
C TRP C 187 41.28 -5.10 -31.48
N ALA C 188 42.18 -4.45 -32.21
CA ALA C 188 42.92 -5.03 -33.32
C ALA C 188 43.72 -6.23 -32.86
N PRO C 189 43.65 -7.34 -33.57
CA PRO C 189 44.28 -8.58 -33.11
C PRO C 189 45.79 -8.48 -33.17
N GLY C 190 46.44 -8.81 -32.07
CA GLY C 190 47.85 -8.59 -31.95
C GLY C 190 48.25 -7.34 -31.22
N GLY C 191 47.28 -6.53 -30.81
CA GLY C 191 47.56 -5.28 -30.16
C GLY C 191 46.89 -4.12 -30.88
N GLY C 192 46.72 -3.02 -30.14
CA GLY C 192 46.08 -1.85 -30.72
C GLY C 192 46.98 -1.17 -31.73
N ASP C 193 46.50 -1.03 -32.96
CA ASP C 193 47.33 -0.45 -34.00
C ASP C 193 46.40 0.15 -35.04
N VAL C 194 46.98 0.98 -35.92
CA VAL C 194 46.24 1.55 -37.02
C VAL C 194 45.84 0.44 -37.99
N ARG C 195 44.54 0.25 -38.15
CA ARG C 195 43.98 -0.86 -38.88
C ARG C 195 43.04 -0.32 -39.94
N TYR C 196 43.21 -0.75 -41.18
CA TYR C 196 42.22 -0.45 -42.19
C TYR C 196 40.94 -1.21 -41.90
N ILE C 197 39.82 -0.49 -41.94
CA ILE C 197 38.51 -1.13 -41.82
C ILE C 197 38.22 -1.72 -43.18
N THR C 198 38.41 -3.03 -43.30
CA THR C 198 38.18 -3.70 -44.58
C THR C 198 36.69 -3.89 -44.82
N THR C 199 36.02 -4.57 -43.91
CA THR C 199 34.62 -4.98 -44.09
C THR C 199 33.77 -4.35 -42.99
N PRO C 200 33.25 -3.15 -43.20
CA PRO C 200 32.38 -2.54 -42.20
C PRO C 200 31.03 -3.22 -42.17
N THR C 201 30.32 -3.03 -41.07
CA THR C 201 29.03 -3.66 -40.85
C THR C 201 27.95 -2.78 -41.46
N LEU C 202 27.17 -3.35 -42.37
CA LEU C 202 26.12 -2.60 -43.06
C LEU C 202 24.75 -3.18 -42.79
N ASN C 203 24.57 -3.82 -41.65
CA ASN C 203 23.31 -4.46 -41.36
C ASN C 203 22.43 -3.48 -40.60
N PRO C 204 21.28 -3.09 -41.12
CA PRO C 204 20.42 -2.17 -40.38
C PRO C 204 19.79 -2.77 -39.15
N ILE C 205 19.75 -4.10 -39.03
CA ILE C 205 19.29 -4.71 -37.79
C ILE C 205 20.36 -4.55 -36.72
N VAL C 206 21.61 -4.45 -37.13
CA VAL C 206 22.71 -4.26 -36.19
C VAL C 206 22.99 -2.79 -35.96
N ILE C 207 23.04 -1.99 -37.03
CA ILE C 207 23.40 -0.59 -36.92
C ILE C 207 22.30 0.21 -36.24
N PHE C 208 21.07 0.09 -36.71
CA PHE C 208 19.94 0.62 -35.95
C PHE C 208 19.57 -0.27 -34.79
N GLY C 209 20.28 -1.37 -34.59
CA GLY C 209 20.15 -2.10 -33.35
C GLY C 209 20.56 -1.27 -32.15
N TYR C 210 21.62 -0.47 -32.30
CA TYR C 210 22.09 0.37 -31.20
C TYR C 210 21.09 1.46 -30.87
N VAL C 211 20.52 2.09 -31.89
CA VAL C 211 19.74 3.32 -31.69
C VAL C 211 18.43 3.02 -30.96
N PHE C 212 17.97 1.77 -31.01
CA PHE C 212 16.77 1.40 -30.29
C PHE C 212 17.03 0.44 -29.14
N ARG C 213 18.16 0.57 -28.47
CA ARG C 213 18.39 -0.18 -27.25
C ARG C 213 17.91 0.61 -26.04
N SER C 214 17.88 -0.04 -24.90
CA SER C 214 17.67 0.66 -23.66
C SER C 214 18.87 1.53 -23.34
N PRO C 215 18.67 2.68 -22.72
CA PRO C 215 19.81 3.49 -22.29
C PRO C 215 20.38 3.08 -20.95
N PHE C 216 19.82 2.07 -20.32
CA PHE C 216 20.21 1.74 -18.95
C PHE C 216 21.44 0.84 -18.97
N GLY C 217 21.72 0.25 -17.81
CA GLY C 217 22.91 -0.58 -17.70
C GLY C 217 22.77 -1.87 -18.50
N GLY C 218 23.90 -2.35 -19.00
CA GLY C 218 23.92 -3.53 -19.83
C GLY C 218 23.62 -3.29 -21.29
N ASP C 219 22.65 -2.46 -21.60
CA ASP C 219 22.38 -2.13 -22.98
C ASP C 219 23.17 -0.89 -23.36
N GLY C 220 22.90 0.24 -22.70
CA GLY C 220 23.78 1.38 -22.91
C GLY C 220 23.67 2.01 -24.27
N TRP C 221 22.62 2.80 -24.48
CA TRP C 221 21.95 3.05 -25.75
C TRP C 221 22.81 3.17 -27.00
N VAL C 222 23.64 4.20 -27.09
CA VAL C 222 24.49 4.35 -28.26
C VAL C 222 25.95 4.40 -27.84
N VAL C 223 26.23 4.39 -26.53
CA VAL C 223 27.59 4.36 -26.02
C VAL C 223 28.25 3.02 -26.25
N SER C 224 27.46 1.96 -26.31
CA SER C 224 27.96 0.62 -26.20
C SER C 224 28.41 0.02 -27.53
N VAL C 225 28.74 0.84 -28.52
CA VAL C 225 29.32 0.29 -29.72
C VAL C 225 30.73 -0.18 -29.41
N ASN C 226 31.01 -1.45 -29.69
CA ASN C 226 32.17 -2.12 -29.12
C ASN C 226 33.18 -2.62 -30.13
N ASN C 227 33.08 -2.23 -31.39
CA ASN C 227 34.16 -2.48 -32.34
C ASN C 227 34.15 -1.39 -33.39
N MET C 228 35.26 -1.26 -34.10
CA MET C 228 35.36 -0.21 -35.10
C MET C 228 34.61 -0.56 -36.37
N GLU C 229 34.17 -1.80 -36.53
CA GLU C 229 33.37 -2.12 -37.70
C GLU C 229 31.96 -1.56 -37.58
N ASP C 230 31.45 -1.46 -36.36
CA ASP C 230 30.15 -0.83 -36.18
C ASP C 230 30.24 0.68 -36.16
N VAL C 231 31.39 1.22 -35.75
CA VAL C 231 31.60 2.67 -35.80
C VAL C 231 31.68 3.14 -37.24
N ILE C 232 32.58 2.54 -38.02
CA ILE C 232 32.79 2.98 -39.40
C ILE C 232 31.65 2.51 -40.27
N GLY C 233 31.09 1.35 -39.97
CA GLY C 233 29.88 0.94 -40.66
C GLY C 233 28.68 1.78 -40.28
N GLY C 234 28.71 2.38 -39.09
CA GLY C 234 27.60 3.22 -38.69
C GLY C 234 27.66 4.60 -39.29
N HIS C 235 28.87 5.15 -39.46
CA HIS C 235 28.99 6.48 -40.07
C HIS C 235 28.72 6.44 -41.56
N ILE C 236 28.60 5.24 -42.14
CA ILE C 236 28.09 5.13 -43.51
C ILE C 236 26.62 5.44 -43.55
N TRP C 237 25.84 4.83 -42.65
CA TRP C 237 24.40 5.03 -42.63
C TRP C 237 24.03 6.46 -42.27
N VAL C 238 24.89 7.13 -41.50
CA VAL C 238 24.68 8.55 -41.21
C VAL C 238 24.86 9.37 -42.48
N GLY C 239 25.85 9.02 -43.29
CA GLY C 239 26.04 9.72 -44.53
C GLY C 239 24.97 9.40 -45.56
N ILE C 240 24.36 8.23 -45.46
CA ILE C 240 23.24 7.90 -46.34
C ILE C 240 22.02 8.72 -45.96
N LEU C 241 21.72 8.79 -44.67
CA LEU C 241 20.54 9.50 -44.20
C LEU C 241 20.68 11.00 -44.41
N CYS C 242 21.83 11.56 -44.05
CA CYS C 242 22.00 13.01 -44.11
C CYS C 242 22.07 13.53 -45.53
N ILE C 243 22.33 12.68 -46.51
CA ILE C 243 22.29 13.12 -47.89
C ILE C 243 20.90 12.96 -48.47
N THR C 244 20.24 11.82 -48.24
CA THR C 244 18.87 11.67 -48.71
C THR C 244 17.93 12.62 -47.99
N GLY C 245 18.10 12.80 -46.68
CA GLY C 245 17.34 13.82 -45.99
C GLY C 245 17.78 15.22 -46.28
N GLY C 246 19.01 15.40 -46.76
CA GLY C 246 19.40 16.70 -47.24
C GLY C 246 18.71 17.04 -48.54
N ILE C 247 18.62 16.06 -49.44
CA ILE C 247 17.92 16.26 -50.71
C ILE C 247 16.42 16.31 -50.48
N TRP C 248 15.92 15.60 -49.48
CA TRP C 248 14.50 15.63 -49.16
C TRP C 248 14.05 17.02 -48.74
N HIS C 249 14.84 17.70 -47.91
CA HIS C 249 14.41 19.00 -47.46
C HIS C 249 14.77 20.11 -48.44
N ILE C 250 15.61 19.86 -49.44
CA ILE C 250 15.78 20.85 -50.48
C ILE C 250 14.57 20.87 -51.40
N PHE C 251 14.15 19.69 -51.87
CA PHE C 251 13.05 19.63 -52.83
C PHE C 251 11.73 19.97 -52.19
N THR C 252 11.41 19.31 -51.09
CA THR C 252 10.09 19.42 -50.52
C THR C 252 9.97 20.68 -49.67
N LYS C 253 8.85 20.79 -49.07
CA LYS C 253 8.16 21.78 -48.30
C LYS C 253 7.49 21.09 -47.11
N PRO C 254 7.43 21.73 -45.94
CA PRO C 254 6.87 21.06 -44.78
C PRO C 254 5.39 20.72 -44.95
N PHE C 255 5.01 19.54 -44.45
CA PHE C 255 3.69 19.00 -44.65
C PHE C 255 2.65 19.74 -43.84
N ALA C 256 1.41 19.24 -43.92
CA ALA C 256 0.31 19.89 -43.22
C ALA C 256 0.46 19.76 -41.71
N TRP C 257 0.92 18.61 -41.24
CA TRP C 257 1.05 18.43 -39.80
C TRP C 257 2.28 19.14 -39.27
N ALA C 258 3.28 19.36 -40.12
CA ALA C 258 4.49 20.02 -39.65
C ALA C 258 4.33 21.52 -39.63
N ARG C 259 3.39 22.05 -40.41
CA ARG C 259 3.16 23.49 -40.38
C ARG C 259 2.26 23.87 -39.21
N ARG C 260 1.56 22.90 -38.63
CA ARG C 260 0.67 23.23 -37.53
C ARG C 260 1.35 23.09 -36.18
N ALA C 261 2.48 22.39 -36.14
CA ALA C 261 3.07 22.05 -34.85
C ALA C 261 4.17 23.02 -34.46
N PHE C 262 4.75 23.71 -35.42
CA PHE C 262 5.92 24.49 -35.13
C PHE C 262 5.60 25.98 -35.06
N VAL C 263 6.59 26.74 -34.64
CA VAL C 263 6.57 28.19 -34.72
C VAL C 263 7.63 28.59 -35.72
N TRP C 264 7.23 29.28 -36.77
CA TRP C 264 8.14 29.61 -37.85
C TRP C 264 8.59 31.05 -37.60
N SER C 265 9.59 31.19 -36.75
CA SER C 265 10.15 32.49 -36.46
C SER C 265 11.66 32.32 -36.26
N GLY C 266 12.32 33.44 -35.93
CA GLY C 266 13.75 33.41 -35.86
C GLY C 266 14.27 32.72 -34.61
N GLU C 267 13.72 33.08 -33.45
CA GLU C 267 14.21 32.50 -32.21
C GLU C 267 13.73 31.08 -32.02
N ALA C 268 12.64 30.70 -32.67
CA ALA C 268 12.14 29.35 -32.49
C ALA C 268 13.06 28.33 -33.12
N TYR C 269 13.79 28.70 -34.16
CA TYR C 269 14.68 27.72 -34.76
C TYR C 269 15.90 27.57 -33.89
N LEU C 270 16.26 28.63 -33.17
CA LEU C 270 17.37 28.59 -32.24
C LEU C 270 17.05 27.73 -31.04
N SER C 271 15.80 27.69 -30.62
CA SER C 271 15.49 26.83 -29.48
C SER C 271 15.18 25.41 -29.90
N TYR C 272 15.14 25.14 -31.19
CA TYR C 272 15.09 23.78 -31.67
C TYR C 272 16.47 23.17 -31.65
N SER C 273 17.47 23.96 -32.01
CA SER C 273 18.84 23.49 -32.03
C SER C 273 19.32 23.23 -30.63
N LEU C 274 19.04 24.16 -29.71
CA LEU C 274 19.52 24.07 -28.33
C LEU C 274 18.94 22.88 -27.59
N ALA C 275 17.82 22.37 -28.02
CA ALA C 275 17.36 21.11 -27.46
C ALA C 275 18.14 19.94 -28.01
N ALA C 276 18.43 19.96 -29.30
CA ALA C 276 19.13 18.85 -29.92
C ALA C 276 20.62 18.86 -29.61
N ILE C 277 21.21 20.04 -29.46
CA ILE C 277 22.63 20.10 -29.15
C ILE C 277 22.87 19.68 -27.72
N SER C 278 21.88 19.83 -26.86
CA SER C 278 21.98 19.28 -25.53
C SER C 278 21.89 17.76 -25.54
N LEU C 279 21.14 17.17 -26.47
CA LEU C 279 21.15 15.72 -26.61
C LEU C 279 22.52 15.21 -27.00
N MET C 280 23.18 15.91 -27.91
CA MET C 280 24.52 15.54 -28.31
C MET C 280 25.52 15.88 -27.22
N GLY C 281 25.19 16.87 -26.39
CA GLY C 281 26.08 17.26 -25.31
C GLY C 281 26.15 16.22 -24.21
N PHE C 282 25.01 15.63 -23.83
CA PHE C 282 25.07 14.60 -22.81
C PHE C 282 25.70 13.34 -23.34
N THR C 283 25.50 13.04 -24.62
CA THR C 283 25.88 11.75 -25.16
C THR C 283 27.38 11.67 -25.38
N ALA C 284 27.99 12.78 -25.82
CA ALA C 284 29.44 12.84 -25.89
C ALA C 284 30.07 12.85 -24.51
N ALA C 285 29.33 13.32 -23.51
CA ALA C 285 29.82 13.28 -22.15
C ALA C 285 29.61 11.91 -21.52
N LEU C 286 28.83 11.04 -22.16
CA LEU C 286 28.69 9.68 -21.64
C LEU C 286 29.46 8.69 -22.49
N TYR C 287 29.85 9.07 -23.70
CA TYR C 287 30.85 8.30 -24.42
C TYR C 287 32.17 8.29 -23.68
N SER C 288 32.54 9.44 -23.14
CA SER C 288 33.88 9.60 -22.60
C SER C 288 34.01 8.89 -21.26
N TRP C 289 32.89 8.52 -20.64
CA TRP C 289 32.97 7.84 -19.35
C TRP C 289 32.96 6.33 -19.52
N TYR C 290 32.21 5.81 -20.47
CA TYR C 290 32.05 4.36 -20.56
C TYR C 290 32.77 3.74 -21.74
N ASN C 291 32.79 4.40 -22.89
CA ASN C 291 33.23 3.76 -24.12
C ASN C 291 34.75 3.68 -24.15
N ASN C 292 35.28 2.51 -24.44
CA ASN C 292 36.72 2.31 -24.54
C ASN C 292 37.10 1.85 -25.94
N THR C 293 36.25 2.13 -26.91
CA THR C 293 36.47 1.74 -28.30
C THR C 293 36.70 2.96 -29.17
N ALA C 294 35.79 3.91 -29.12
CA ALA C 294 36.02 5.19 -29.78
C ALA C 294 37.01 6.02 -28.99
N TYR C 295 37.13 5.73 -27.70
CA TYR C 295 38.06 6.42 -26.82
C TYR C 295 38.97 5.37 -26.21
N PRO C 296 40.08 5.04 -26.81
CA PRO C 296 40.89 3.92 -26.33
C PRO C 296 41.53 4.22 -24.99
N SER C 297 41.58 3.21 -24.12
CA SER C 297 42.13 3.38 -22.79
C SER C 297 43.63 3.61 -22.83
N GLU C 298 44.27 3.25 -23.94
CA GLU C 298 45.66 3.57 -24.17
C GLU C 298 45.89 5.05 -24.36
N LEU C 299 44.86 5.80 -24.73
CA LEU C 299 44.99 7.22 -25.01
C LEU C 299 44.31 8.09 -23.97
N TYR C 300 43.07 7.80 -23.63
CA TYR C 300 42.31 8.62 -22.71
C TYR C 300 42.43 8.17 -21.27
N GLY C 301 43.18 7.11 -21.00
CA GLY C 301 43.23 6.55 -19.67
C GLY C 301 42.10 5.58 -19.47
N PRO C 302 42.13 4.82 -18.37
CA PRO C 302 41.11 3.82 -18.14
C PRO C 302 39.80 4.48 -17.78
N THR C 303 38.71 3.77 -18.06
CA THR C 303 37.40 4.33 -17.79
C THR C 303 37.10 4.20 -16.31
N GLY C 304 35.98 4.77 -15.90
CA GLY C 304 35.42 4.51 -14.60
C GLY C 304 35.20 3.03 -14.29
N PRO C 305 34.48 2.32 -15.15
CA PRO C 305 34.37 0.87 -14.97
C PRO C 305 35.67 0.09 -15.11
N GLU C 306 36.62 0.57 -15.89
CA GLU C 306 37.79 -0.26 -16.19
C GLU C 306 38.77 -0.25 -15.03
N ALA C 307 38.91 0.89 -14.36
CA ALA C 307 39.81 0.97 -13.22
C ALA C 307 39.26 0.29 -11.98
N SER C 308 37.98 -0.02 -11.96
CA SER C 308 37.42 -0.79 -10.86
C SER C 308 37.68 -2.28 -11.02
N GLN C 309 37.77 -2.76 -12.26
CA GLN C 309 38.08 -4.15 -12.54
C GLN C 309 39.57 -4.42 -12.52
N ALA C 310 40.39 -3.43 -12.85
CA ALA C 310 41.82 -3.60 -12.84
C ALA C 310 42.38 -3.74 -11.44
N GLN C 311 41.69 -3.19 -10.45
CA GLN C 311 42.10 -3.39 -9.06
C GLN C 311 41.87 -4.82 -8.63
N ALA C 312 40.68 -5.36 -8.90
CA ALA C 312 40.34 -6.70 -8.48
C ALA C 312 41.15 -7.75 -9.23
N PHE C 313 41.60 -7.41 -10.43
CA PHE C 313 42.42 -8.34 -11.18
C PHE C 313 43.86 -8.33 -10.68
N THR C 314 44.31 -7.20 -10.16
CA THR C 314 45.69 -7.10 -9.70
C THR C 314 45.90 -7.91 -8.42
N PHE C 315 44.95 -7.80 -7.49
CA PHE C 315 45.07 -8.58 -6.27
C PHE C 315 44.68 -10.03 -6.50
N LEU C 316 44.01 -10.31 -7.61
CA LEU C 316 43.83 -11.68 -8.05
C LEU C 316 45.17 -12.30 -8.43
N VAL C 317 45.99 -11.57 -9.17
CA VAL C 317 47.31 -12.06 -9.53
C VAL C 317 48.20 -12.14 -8.29
N ARG C 318 48.04 -11.19 -7.37
CA ARG C 318 48.91 -11.08 -6.21
C ARG C 318 48.76 -12.29 -5.29
N ASP C 319 47.52 -12.68 -5.00
CA ASP C 319 47.31 -13.76 -4.06
C ASP C 319 47.27 -15.12 -4.73
N GLN C 320 47.28 -15.16 -6.06
CA GLN C 320 47.45 -16.43 -6.75
C GLN C 320 48.90 -16.90 -6.67
N ARG C 321 49.83 -15.96 -6.49
CA ARG C 321 51.23 -16.33 -6.36
C ARG C 321 51.52 -16.86 -4.96
N LEU C 322 50.59 -16.68 -4.04
CA LEU C 322 50.77 -17.21 -2.69
C LEU C 322 50.14 -18.59 -2.57
N GLY C 323 49.87 -19.23 -3.70
CA GLY C 323 49.35 -20.58 -3.68
C GLY C 323 47.91 -20.68 -3.22
N ALA C 324 47.16 -19.60 -3.33
CA ALA C 324 45.78 -19.57 -2.86
C ALA C 324 44.86 -19.93 -4.00
N ASN C 325 43.96 -20.87 -3.74
CA ASN C 325 42.86 -21.13 -4.66
C ASN C 325 41.91 -19.94 -4.64
N VAL C 326 41.90 -19.19 -5.74
CA VAL C 326 41.11 -17.97 -5.76
C VAL C 326 39.64 -18.21 -6.09
N SER C 327 39.30 -19.36 -6.67
CA SER C 327 37.90 -19.65 -6.95
C SER C 327 37.15 -19.98 -5.67
N SER C 328 37.72 -20.85 -4.84
CA SER C 328 37.11 -21.27 -3.60
C SER C 328 37.42 -20.36 -2.43
N ALA C 329 38.11 -19.25 -2.68
CA ALA C 329 38.45 -18.30 -1.63
C ALA C 329 37.19 -17.61 -1.16
N GLN C 330 36.69 -18.01 0.01
CA GLN C 330 35.44 -17.47 0.51
C GLN C 330 35.65 -16.06 1.02
N GLY C 331 34.83 -15.13 0.53
CA GLY C 331 34.94 -13.76 0.89
C GLY C 331 34.44 -13.50 2.30
N PRO C 332 34.66 -12.29 2.79
CA PRO C 332 34.27 -11.98 4.17
C PRO C 332 32.78 -11.87 4.37
N THR C 333 32.05 -11.50 3.33
CA THR C 333 30.59 -11.44 3.38
C THR C 333 29.93 -12.77 3.11
N GLY C 334 30.69 -13.77 2.69
CA GLY C 334 30.13 -15.02 2.22
C GLY C 334 30.10 -15.15 0.72
N LEU C 335 30.34 -14.06 0.00
CA LEU C 335 30.39 -14.10 -1.45
C LEU C 335 31.80 -14.49 -1.90
N GLY C 336 32.07 -14.30 -3.19
CA GLY C 336 33.41 -14.54 -3.69
C GLY C 336 34.30 -13.38 -3.36
N LYS C 337 35.47 -13.66 -2.80
CA LYS C 337 36.43 -12.60 -2.58
C LYS C 337 37.02 -12.14 -3.90
N TYR C 338 37.24 -13.07 -4.82
CA TYR C 338 37.82 -12.77 -6.12
C TYR C 338 36.86 -13.04 -7.26
N LEU C 339 36.36 -14.25 -7.37
CA LEU C 339 35.44 -14.62 -8.42
C LEU C 339 34.09 -14.93 -7.81
N MET C 340 33.06 -14.27 -8.31
CA MET C 340 31.71 -14.56 -7.90
C MET C 340 30.88 -14.67 -9.16
N ARG C 341 29.57 -14.71 -9.00
CA ARG C 341 28.67 -14.94 -10.12
C ARG C 341 27.67 -13.80 -10.21
N SER C 342 27.54 -13.23 -11.41
CA SER C 342 26.69 -12.10 -11.73
C SER C 342 25.22 -12.48 -11.61
N PRO C 343 24.29 -11.52 -11.54
CA PRO C 343 22.86 -11.91 -11.47
C PRO C 343 22.30 -12.47 -12.76
N SER C 344 23.10 -12.55 -13.83
CA SER C 344 22.70 -13.28 -15.01
C SER C 344 23.42 -14.61 -15.14
N GLY C 345 24.41 -14.86 -14.28
CA GLY C 345 25.03 -16.16 -14.20
C GLY C 345 26.51 -16.20 -14.56
N GLU C 346 27.11 -15.06 -14.90
CA GLU C 346 28.45 -15.08 -15.44
C GLU C 346 29.48 -14.95 -14.34
N ILE C 347 30.66 -15.52 -14.57
CA ILE C 347 31.74 -15.44 -13.60
C ILE C 347 32.40 -14.08 -13.72
N ILE C 348 32.36 -13.30 -12.63
CA ILE C 348 32.81 -11.92 -12.64
C ILE C 348 33.79 -11.69 -11.50
N PHE C 349 34.27 -10.46 -11.36
CA PHE C 349 35.10 -10.09 -10.22
C PHE C 349 34.21 -9.63 -9.07
N GLY C 350 34.67 -9.83 -7.84
CA GLY C 350 33.86 -9.56 -6.66
C GLY C 350 34.36 -8.36 -5.85
N GLY C 351 33.44 -7.76 -5.09
CA GLY C 351 33.75 -6.58 -4.29
C GLY C 351 32.70 -5.49 -4.51
N GLU C 352 33.07 -4.21 -4.42
CA GLU C 352 32.23 -3.20 -5.05
C GLU C 352 32.36 -3.22 -6.57
N THR C 353 33.29 -3.99 -7.11
CA THR C 353 33.42 -4.08 -8.55
C THR C 353 32.39 -5.00 -9.19
N MET C 354 31.46 -5.56 -8.42
CA MET C 354 30.43 -6.42 -9.01
C MET C 354 29.39 -5.60 -9.76
N ARG C 355 29.37 -4.29 -9.58
CA ARG C 355 28.42 -3.48 -10.34
C ARG C 355 28.88 -3.30 -11.77
N PHE C 356 30.20 -3.30 -11.99
CA PHE C 356 30.75 -3.09 -13.33
C PHE C 356 31.13 -4.43 -13.94
N TRP C 357 30.15 -5.31 -14.02
CA TRP C 357 30.45 -6.62 -14.58
C TRP C 357 30.28 -6.67 -16.09
N ASP C 358 29.84 -5.57 -16.70
CA ASP C 358 29.76 -5.46 -18.15
C ASP C 358 31.04 -4.92 -18.75
N LEU C 359 32.12 -4.84 -17.99
CA LEU C 359 33.33 -4.20 -18.48
C LEU C 359 34.00 -5.10 -19.49
N ARG C 360 33.97 -4.63 -20.73
CA ARG C 360 34.56 -5.33 -21.86
C ARG C 360 35.76 -4.51 -22.29
N ALA C 361 36.96 -5.01 -22.01
CA ALA C 361 38.19 -4.28 -22.22
C ALA C 361 39.19 -5.17 -22.93
N PRO C 362 40.06 -4.61 -23.77
CA PRO C 362 40.97 -5.46 -24.57
C PRO C 362 42.01 -6.21 -23.77
N TRP C 363 42.17 -5.93 -22.49
CA TRP C 363 43.13 -6.69 -21.70
C TRP C 363 42.44 -7.70 -20.81
N VAL C 364 41.10 -7.68 -20.73
CA VAL C 364 40.40 -8.71 -19.97
C VAL C 364 39.67 -9.68 -20.89
N GLU C 365 39.29 -9.24 -22.09
CA GLU C 365 38.66 -10.14 -23.06
C GLU C 365 39.51 -11.31 -23.53
N PRO C 366 40.85 -11.32 -23.47
CA PRO C 366 41.56 -12.59 -23.58
C PRO C 366 41.21 -13.64 -22.53
N LEU C 367 40.61 -13.28 -21.42
CA LEU C 367 40.29 -14.25 -20.38
C LEU C 367 38.82 -14.59 -20.33
N ARG C 368 38.05 -14.29 -21.37
CA ARG C 368 36.63 -14.58 -21.35
C ARG C 368 36.36 -15.97 -21.89
N GLY C 369 35.12 -16.41 -21.76
CA GLY C 369 34.63 -17.60 -22.39
C GLY C 369 33.19 -17.38 -22.79
N PRO C 370 32.43 -18.43 -22.89
CA PRO C 370 30.98 -18.26 -22.99
C PRO C 370 30.42 -17.89 -21.63
N ASN C 371 30.93 -18.55 -20.60
CA ASN C 371 30.40 -18.37 -19.26
C ASN C 371 30.88 -17.08 -18.64
N GLY C 372 32.07 -16.64 -18.98
CA GLY C 372 32.63 -15.48 -18.35
C GLY C 372 34.13 -15.65 -18.21
N LEU C 373 34.65 -15.24 -17.05
CA LEU C 373 36.06 -15.42 -16.76
C LEU C 373 36.37 -16.89 -16.61
N ASP C 374 37.10 -17.45 -17.56
CA ASP C 374 37.40 -18.87 -17.53
C ASP C 374 38.42 -19.15 -16.44
N ILE C 375 38.02 -20.00 -15.49
CA ILE C 375 38.83 -20.30 -14.32
C ILE C 375 40.08 -21.06 -14.71
N ASN C 376 39.99 -21.93 -15.72
CA ASN C 376 41.16 -22.62 -16.23
C ASN C 376 42.14 -21.65 -16.87
N LYS C 377 41.64 -20.60 -17.51
CA LYS C 377 42.52 -19.64 -18.15
C LYS C 377 43.10 -18.66 -17.13
N ILE C 378 42.44 -18.49 -15.99
CA ILE C 378 43.01 -17.65 -14.94
C ILE C 378 44.10 -18.40 -14.19
N LYS C 379 43.89 -19.70 -13.94
CA LYS C 379 44.89 -20.49 -13.25
C LYS C 379 46.16 -20.70 -14.06
N ASN C 380 46.09 -20.59 -15.38
CA ASN C 380 47.22 -20.96 -16.21
C ASN C 380 47.72 -19.83 -17.10
N ASP C 381 46.84 -19.13 -17.79
CA ASP C 381 47.25 -18.16 -18.79
C ASP C 381 46.92 -16.75 -18.33
N ILE C 382 47.83 -16.16 -17.56
CA ILE C 382 47.80 -14.73 -17.31
C ILE C 382 49.09 -14.17 -17.86
N GLN C 383 48.97 -13.27 -18.81
CA GLN C 383 50.19 -12.80 -19.44
C GLN C 383 50.70 -11.54 -18.74
N PRO C 384 52.01 -11.37 -18.65
CA PRO C 384 52.58 -10.23 -17.91
C PRO C 384 52.29 -8.87 -18.51
N TRP C 385 51.83 -8.78 -19.76
CA TRP C 385 51.37 -7.48 -20.23
C TRP C 385 50.03 -7.11 -19.63
N GLN C 386 49.25 -8.10 -19.21
CA GLN C 386 48.00 -7.81 -18.51
C GLN C 386 48.28 -7.36 -17.10
N GLU C 387 49.35 -7.86 -16.51
CA GLU C 387 49.72 -7.41 -15.17
C GLU C 387 50.29 -6.00 -15.22
N ARG C 388 51.05 -5.69 -16.27
CA ARG C 388 51.53 -4.33 -16.47
C ARG C 388 50.41 -3.38 -16.85
N ARG C 389 49.30 -3.89 -17.33
CA ARG C 389 48.18 -3.04 -17.70
C ARG C 389 47.24 -2.79 -16.54
N ALA C 390 46.95 -3.83 -15.76
CA ALA C 390 46.04 -3.67 -14.64
C ALA C 390 46.69 -2.90 -13.50
N ALA C 391 48.00 -2.95 -13.40
CA ALA C 391 48.67 -2.13 -12.40
C ALA C 391 48.80 -0.69 -12.87
N GLU C 392 48.84 -0.48 -14.18
CA GLU C 392 48.86 0.87 -14.70
C GLU C 392 47.50 1.53 -14.57
N TYR C 393 46.44 0.76 -14.79
CA TYR C 393 45.09 1.29 -14.72
C TYR C 393 44.52 1.33 -13.32
N MET C 394 45.21 0.75 -12.34
CA MET C 394 44.80 0.94 -10.96
C MET C 394 45.30 2.27 -10.42
N THR C 395 46.55 2.59 -10.70
CA THR C 395 47.16 3.81 -10.18
C THR C 395 46.75 5.05 -10.95
N HIS C 396 46.15 4.89 -12.12
CA HIS C 396 45.72 6.05 -12.88
C HIS C 396 44.22 5.99 -13.10
N ALA C 397 43.51 5.65 -12.04
CA ALA C 397 42.05 5.64 -12.05
C ALA C 397 41.51 7.04 -12.26
N PRO C 398 40.37 7.18 -12.91
CA PRO C 398 39.79 8.52 -13.08
C PRO C 398 39.13 9.04 -11.82
N LEU C 399 39.95 9.41 -10.84
CA LEU C 399 39.51 10.03 -9.59
C LEU C 399 40.44 11.18 -9.32
N GLY C 400 39.92 12.40 -9.31
CA GLY C 400 40.80 13.53 -9.22
C GLY C 400 40.33 14.62 -8.28
N SER C 401 40.71 15.85 -8.59
CA SER C 401 40.32 17.02 -7.82
C SER C 401 40.49 18.22 -8.73
N LEU C 402 40.02 19.38 -8.28
CA LEU C 402 40.07 20.54 -9.15
C LEU C 402 41.44 21.18 -9.17
N ASN C 403 42.22 21.02 -8.11
CA ASN C 403 43.60 21.47 -8.09
C ASN C 403 44.55 20.43 -8.68
N SER C 404 44.00 19.39 -9.31
CA SER C 404 44.71 18.39 -10.10
C SER C 404 45.70 17.61 -9.24
N VAL C 405 45.17 17.02 -8.16
CA VAL C 405 45.86 15.98 -7.43
C VAL C 405 44.98 14.74 -7.48
N GLY C 406 45.61 13.60 -7.74
CA GLY C 406 44.87 12.39 -8.05
C GLY C 406 44.45 11.63 -6.81
N GLY C 407 44.15 10.36 -7.02
CA GLY C 407 43.73 9.51 -5.94
C GLY C 407 42.32 9.83 -5.48
N VAL C 408 42.02 9.33 -4.30
CA VAL C 408 40.73 9.53 -3.65
C VAL C 408 40.64 10.96 -3.12
N ALA C 409 39.47 11.34 -2.60
CA ALA C 409 39.29 12.70 -2.09
C ALA C 409 40.14 12.96 -0.86
N THR C 410 40.60 11.91 -0.18
CA THR C 410 41.48 12.07 0.96
C THR C 410 42.92 11.71 0.65
N GLU C 411 43.35 11.83 -0.60
CA GLU C 411 44.74 11.57 -0.94
C GLU C 411 45.59 12.79 -0.65
N ILE C 412 46.82 12.55 -0.23
CA ILE C 412 47.76 13.64 0.04
C ILE C 412 48.27 14.24 -1.27
N ASN C 413 48.86 15.42 -1.17
CA ASN C 413 49.28 16.17 -2.36
C ASN C 413 50.65 15.75 -2.84
N SER C 414 50.72 14.69 -3.65
CA SER C 414 52.00 14.37 -4.26
C SER C 414 51.89 14.12 -5.76
N VAL C 415 50.81 13.49 -6.20
CA VAL C 415 50.64 13.19 -7.61
C VAL C 415 49.92 14.35 -8.29
N ASN C 416 50.07 14.45 -9.60
CA ASN C 416 49.43 15.49 -10.39
C ASN C 416 48.76 14.79 -11.54
N TYR C 417 47.51 14.38 -11.33
CA TYR C 417 46.79 13.65 -12.38
C TYR C 417 45.30 13.78 -12.18
N VAL C 418 44.59 14.27 -13.19
CA VAL C 418 43.16 14.06 -13.32
C VAL C 418 42.93 13.52 -14.73
N SER C 419 42.10 12.49 -14.84
CA SER C 419 41.94 11.79 -16.10
C SER C 419 41.25 12.68 -17.13
N PRO C 420 41.63 12.59 -18.40
CA PRO C 420 40.96 13.39 -19.43
C PRO C 420 39.54 12.96 -19.69
N ARG C 421 39.15 11.78 -19.23
CA ARG C 421 37.75 11.42 -19.22
C ARG C 421 36.97 12.29 -18.25
N SER C 422 37.51 12.48 -17.03
CA SER C 422 36.82 13.31 -16.05
C SER C 422 36.82 14.78 -16.40
N TRP C 423 37.64 15.23 -17.34
CA TRP C 423 37.46 16.59 -17.78
C TRP C 423 36.41 16.70 -18.86
N LEU C 424 36.25 15.67 -19.69
CA LEU C 424 35.25 15.73 -20.74
C LEU C 424 33.85 15.40 -20.23
N CYS C 425 33.74 14.48 -19.29
CA CYS C 425 32.46 14.10 -18.73
C CYS C 425 31.93 15.07 -17.71
N CYS C 426 32.68 16.11 -17.39
CA CYS C 426 32.27 17.08 -16.40
C CYS C 426 32.21 18.46 -16.97
N SER C 427 32.55 18.62 -18.22
CA SER C 427 32.48 19.92 -18.85
C SER C 427 31.50 19.94 -19.99
N HIS C 428 31.52 18.92 -20.85
CA HIS C 428 30.45 18.84 -21.83
C HIS C 428 29.15 18.41 -21.20
N PHE C 429 29.21 17.68 -20.10
CA PHE C 429 28.01 17.45 -19.32
C PHE C 429 27.56 18.74 -18.64
N PHE C 430 28.51 19.56 -18.22
CA PHE C 430 28.20 20.83 -17.57
C PHE C 430 27.47 21.75 -18.51
N LEU C 431 27.94 21.84 -19.75
CA LEU C 431 27.32 22.70 -20.75
C LEU C 431 25.98 22.15 -21.18
N ALA C 432 25.88 20.82 -21.34
CA ALA C 432 24.67 20.20 -21.85
C ALA C 432 23.47 20.35 -20.94
N PHE C 433 23.66 20.74 -19.69
CA PHE C 433 22.47 21.16 -18.98
C PHE C 433 22.10 22.60 -19.27
N PHE C 434 23.09 23.49 -19.41
CA PHE C 434 22.75 24.88 -19.65
C PHE C 434 22.18 25.10 -21.03
N PHE C 435 22.51 24.25 -21.98
CA PHE C 435 21.87 24.35 -23.28
C PHE C 435 20.49 23.74 -23.28
N LEU C 436 20.19 22.87 -22.31
CA LEU C 436 18.81 22.49 -22.09
C LEU C 436 18.03 23.64 -21.48
N VAL C 437 18.69 24.49 -20.69
CA VAL C 437 18.07 25.71 -20.21
C VAL C 437 17.91 26.70 -21.35
N GLY C 438 18.81 26.66 -22.33
CA GLY C 438 18.63 27.50 -23.51
C GLY C 438 17.45 27.08 -24.36
N HIS C 439 17.10 25.81 -24.33
CA HIS C 439 15.86 25.36 -24.97
C HIS C 439 14.65 25.88 -24.22
N TRP C 440 14.77 26.12 -22.94
CA TRP C 440 13.63 26.55 -22.16
C TRP C 440 13.45 28.05 -22.24
N TRP C 441 14.53 28.81 -22.22
CA TRP C 441 14.40 30.25 -22.35
C TRP C 441 13.96 30.62 -23.74
N HIS C 442 14.74 30.22 -24.74
CA HIS C 442 14.55 30.73 -26.09
C HIS C 442 13.29 30.19 -26.75
N SER C 443 12.71 29.11 -26.26
CA SER C 443 11.42 28.66 -26.78
C SER C 443 10.24 29.19 -26.01
N GLY C 444 10.44 29.55 -24.76
CA GLY C 444 9.38 30.26 -24.06
C GLY C 444 9.17 31.63 -24.66
N ARG C 445 10.26 32.29 -25.04
CA ARG C 445 10.11 33.61 -25.63
C ARG C 445 9.59 33.52 -27.05
N ALA C 446 10.05 32.54 -27.82
CA ALA C 446 9.70 32.48 -29.23
C ALA C 446 8.26 32.05 -29.43
N ARG C 447 7.76 31.18 -28.57
CA ARG C 447 6.35 30.81 -28.64
C ARG C 447 5.47 31.98 -28.20
N ALA C 448 5.96 32.80 -27.27
CA ALA C 448 5.17 33.94 -26.80
C ALA C 448 5.39 35.16 -27.67
N ALA C 449 6.53 35.25 -28.36
CA ALA C 449 6.68 36.35 -29.32
C ALA C 449 5.81 36.12 -30.54
N ALA C 450 5.54 34.86 -30.87
CA ALA C 450 4.62 34.57 -31.97
C ALA C 450 3.19 34.92 -31.60
N ALA C 451 2.86 34.87 -30.31
CA ALA C 451 1.49 35.08 -29.87
C ALA C 451 1.21 36.51 -29.43
N GLY C 452 2.25 37.28 -29.13
CA GLY C 452 2.10 38.70 -28.90
C GLY C 452 2.27 39.15 -27.46
N PHE C 453 2.27 38.26 -26.49
CA PHE C 453 2.33 38.68 -25.09
C PHE C 453 3.69 38.51 -24.44
N GLU C 454 4.78 38.69 -25.18
CA GLU C 454 6.08 38.57 -24.55
C GLU C 454 6.46 39.86 -23.83
N LYS C 455 5.74 40.94 -24.11
CA LYS C 455 6.06 42.20 -23.46
C LYS C 455 5.25 42.39 -22.18
N GLY C 456 4.22 41.59 -21.98
CA GLY C 456 3.46 41.67 -20.76
C GLY C 456 1.97 41.63 -21.06
N ILE C 457 1.21 41.70 -20.00
CA ILE C 457 -0.23 41.64 -20.07
C ILE C 457 -0.75 43.02 -20.43
N ASN C 458 -1.76 43.07 -21.30
CA ASN C 458 -2.42 44.31 -21.65
C ASN C 458 -3.29 44.76 -20.48
N ARG C 459 -3.21 46.04 -20.12
CA ARG C 459 -4.05 46.55 -19.05
C ARG C 459 -5.51 46.68 -19.48
N ALA C 460 -5.72 47.02 -20.76
CA ALA C 460 -7.08 47.21 -21.24
C ALA C 460 -7.80 45.87 -21.37
N ASN C 461 -7.09 44.84 -21.84
CA ASN C 461 -7.67 43.53 -22.10
C ASN C 461 -6.87 42.51 -21.30
N GLU C 462 -7.35 42.18 -20.12
CA GLU C 462 -6.69 41.09 -19.40
C GLU C 462 -7.43 39.79 -19.68
N PRO C 463 -6.74 38.72 -20.06
CA PRO C 463 -7.43 37.48 -20.42
C PRO C 463 -8.05 36.75 -19.25
N VAL C 464 -7.59 36.98 -18.03
CA VAL C 464 -8.12 36.24 -16.89
C VAL C 464 -9.50 36.77 -16.52
N LEU C 465 -9.72 38.07 -16.71
CA LEU C 465 -10.98 38.69 -16.34
C LEU C 465 -12.13 38.23 -17.22
N SER C 466 -11.83 37.87 -18.47
CA SER C 466 -12.83 37.30 -19.35
C SER C 466 -12.75 35.77 -19.33
N MET C 467 -12.91 35.22 -18.14
CA MET C 467 -12.96 33.77 -17.96
C MET C 467 -14.11 33.47 -17.02
N ARG C 468 -14.20 32.22 -16.60
CA ARG C 468 -15.23 31.80 -15.66
C ARG C 468 -14.89 32.29 -14.27
N PRO C 469 -15.86 32.23 -13.34
CA PRO C 469 -15.51 32.31 -11.92
C PRO C 469 -14.47 31.27 -11.53
N ILE C 470 -13.68 31.61 -10.51
CA ILE C 470 -12.37 31.00 -10.30
C ILE C 470 -12.49 29.56 -9.80
N ASP C 471 -13.42 29.32 -8.86
CA ASP C 471 -13.49 28.13 -8.02
C ASP C 471 -12.14 27.89 -7.36
N ARG D 11 18.60 74.36 20.64
CA ARG D 11 18.60 75.23 21.81
C ARG D 11 19.68 74.82 22.80
N GLY D 12 19.45 73.71 23.49
CA GLY D 12 20.38 73.20 24.47
C GLY D 12 21.56 72.50 23.83
N LEU D 13 22.38 71.89 24.68
CA LEU D 13 23.53 71.15 24.18
C LEU D 13 23.11 69.80 23.63
N PHE D 14 22.06 69.21 24.20
CA PHE D 14 21.59 67.91 23.73
C PHE D 14 20.92 68.06 22.37
N ASP D 15 20.31 69.21 22.10
CA ASP D 15 19.59 69.39 20.86
C ASP D 15 20.53 69.61 19.69
N LEU D 16 21.68 70.24 19.94
CA LEU D 16 22.65 70.47 18.87
C LEU D 16 23.31 69.16 18.45
N VAL D 17 23.59 68.30 19.42
CA VAL D 17 24.15 66.98 19.14
C VAL D 17 23.12 66.08 18.48
N ASP D 18 21.87 66.15 18.93
CA ASP D 18 20.80 65.39 18.29
C ASP D 18 20.54 65.85 16.86
N ASP D 19 20.70 67.14 16.58
CA ASP D 19 20.46 67.61 15.22
C ASP D 19 21.65 67.32 14.33
N TRP D 20 22.84 67.18 14.90
CA TRP D 20 24.02 66.97 14.07
C TRP D 20 24.10 65.53 13.60
N LEU D 21 23.82 64.58 14.48
CA LEU D 21 23.92 63.17 14.13
C LEU D 21 22.86 62.77 13.12
N LYS D 22 21.67 63.36 13.22
CA LYS D 22 20.58 62.97 12.34
C LYS D 22 20.55 63.78 11.06
N LYS D 23 21.63 64.50 10.75
CA LYS D 23 21.66 65.32 9.55
C LYS D 23 21.76 64.42 8.33
N ASP D 24 21.10 64.80 7.23
CA ASP D 24 21.28 64.09 5.98
C ASP D 24 22.70 64.25 5.48
N ARG D 25 23.40 63.14 5.33
CA ARG D 25 24.78 63.15 4.88
C ARG D 25 24.99 61.87 4.08
N PHE D 26 26.25 61.50 3.85
CA PHE D 26 26.53 60.35 2.99
C PHE D 26 26.14 59.06 3.69
N VAL D 27 26.74 58.77 4.84
CA VAL D 27 26.33 57.65 5.66
C VAL D 27 25.61 58.19 6.89
N PHE D 28 24.42 57.68 7.14
CA PHE D 28 23.64 58.12 8.28
C PHE D 28 24.28 57.63 9.57
N VAL D 29 24.61 58.56 10.46
CA VAL D 29 25.35 58.18 11.66
C VAL D 29 24.35 57.90 12.78
N GLY D 30 23.60 58.92 13.17
CA GLY D 30 22.61 58.77 14.23
C GLY D 30 23.26 58.57 15.58
N TRP D 31 22.42 58.28 16.57
CA TRP D 31 22.94 57.94 17.88
C TRP D 31 23.59 56.57 17.86
N SER D 32 23.00 55.63 17.12
CA SER D 32 23.46 54.26 17.08
C SER D 32 24.77 54.08 16.34
N GLY D 33 25.22 55.08 15.58
CA GLY D 33 26.48 54.95 14.88
C GLY D 33 27.68 55.04 15.81
N LEU D 34 27.46 55.55 17.02
CA LEU D 34 28.54 55.58 18.00
C LEU D 34 28.81 54.20 18.57
N LEU D 35 27.84 53.30 18.46
CA LEU D 35 28.05 51.93 18.91
C LEU D 35 28.40 51.02 17.75
N LEU D 36 27.86 51.32 16.56
CA LEU D 36 28.11 50.47 15.40
C LEU D 36 29.49 50.72 14.81
N PHE D 37 29.74 51.94 14.37
CA PHE D 37 30.93 52.29 13.60
C PHE D 37 32.26 52.07 14.33
N PRO D 38 32.39 52.27 15.65
CA PRO D 38 33.63 51.79 16.28
C PRO D 38 33.70 50.29 16.42
N THR D 39 32.61 49.62 16.75
CA THR D 39 32.72 48.20 17.03
C THR D 39 32.70 47.33 15.78
N ALA D 40 32.01 47.77 14.73
CA ALA D 40 32.00 46.96 13.52
C ALA D 40 33.29 47.11 12.74
N TYR D 41 33.93 48.28 12.83
CA TYR D 41 35.20 48.50 12.16
C TYR D 41 36.30 47.65 12.76
N LEU D 42 36.20 47.32 14.03
CA LEU D 42 37.24 46.55 14.69
C LEU D 42 36.97 45.06 14.67
N ALA D 43 35.73 44.65 14.52
CA ALA D 43 35.47 43.25 14.27
C ALA D 43 35.91 42.86 12.88
N ALA D 44 35.62 43.70 11.89
CA ALA D 44 36.03 43.40 10.53
C ALA D 44 37.54 43.50 10.37
N GLY D 45 38.15 44.55 10.90
CA GLY D 45 39.59 44.69 10.80
C GLY D 45 40.34 43.70 11.66
N GLY D 46 39.73 43.26 12.76
CA GLY D 46 40.34 42.20 13.54
C GLY D 46 40.31 40.87 12.85
N TRP D 47 39.37 40.67 11.95
CA TRP D 47 39.32 39.43 11.18
C TRP D 47 40.29 39.46 10.02
N MET D 48 40.42 40.61 9.35
CA MET D 48 41.34 40.70 8.23
C MET D 48 42.79 40.64 8.69
N THR D 49 43.07 41.13 9.89
CA THR D 49 44.40 41.03 10.43
C THR D 49 44.68 39.63 10.93
N GLY D 50 43.70 39.02 11.60
CA GLY D 50 43.94 37.72 12.20
C GLY D 50 44.05 36.60 11.19
N THR D 51 43.39 36.74 10.05
CA THR D 51 43.53 35.76 8.99
C THR D 51 44.75 36.00 8.13
N THR D 52 45.32 37.20 8.18
CA THR D 52 46.51 37.47 7.40
C THR D 52 47.78 37.17 8.17
N PHE D 53 47.90 37.68 9.39
CA PHE D 53 49.16 37.68 10.11
C PHE D 53 49.20 36.67 11.25
N VAL D 54 48.15 36.58 12.06
CA VAL D 54 48.24 35.84 13.30
C VAL D 54 48.03 34.36 13.06
N THR D 55 48.91 33.55 13.63
CA THR D 55 48.90 32.11 13.45
C THR D 55 48.02 31.42 14.46
N SER D 56 47.88 30.10 14.29
CA SER D 56 47.25 29.22 15.26
C SER D 56 48.22 28.16 15.73
N TRP D 57 49.51 28.47 15.73
CA TRP D 57 50.52 27.44 15.93
C TRP D 57 50.59 27.03 17.39
N TYR D 58 50.21 27.92 18.30
CA TYR D 58 50.34 27.63 19.71
C TYR D 58 49.02 27.22 20.34
N THR D 59 47.91 27.67 19.80
CA THR D 59 46.61 27.32 20.36
C THR D 59 46.15 25.95 19.88
N HIS D 60 45.94 25.83 18.57
CA HIS D 60 45.50 24.59 17.95
C HIS D 60 46.64 23.74 17.45
N GLY D 61 47.75 24.35 17.07
CA GLY D 61 48.80 23.60 16.42
C GLY D 61 48.53 23.46 14.94
N LEU D 62 48.10 24.54 14.32
CA LEU D 62 47.75 24.56 12.92
C LEU D 62 48.52 25.67 12.24
N ALA D 63 48.12 25.96 11.02
CA ALA D 63 48.50 27.18 10.34
C ALA D 63 47.21 27.81 9.82
N SER D 64 46.96 29.06 10.18
CA SER D 64 45.73 29.72 9.79
C SER D 64 45.99 31.18 9.42
N SER D 65 47.02 31.41 8.63
CA SER D 65 47.32 32.78 8.24
C SER D 65 47.76 32.78 6.79
N TYR D 66 47.86 33.98 6.22
CA TYR D 66 48.39 34.07 4.87
C TYR D 66 49.90 34.06 4.88
N LEU D 67 50.53 34.40 6.02
CA LEU D 67 51.97 34.24 6.14
C LEU D 67 52.37 32.78 6.11
N GLU D 68 51.47 31.91 6.48
CA GLU D 68 51.74 30.49 6.55
C GLU D 68 51.13 29.72 5.40
N GLY D 69 51.03 30.33 4.23
CA GLY D 69 50.68 29.62 3.02
C GLY D 69 49.23 29.29 2.84
N CYS D 70 48.38 29.59 3.80
CA CYS D 70 46.97 29.28 3.64
C CYS D 70 46.32 30.27 2.70
N ASN D 71 45.42 29.78 1.86
CA ASN D 71 44.65 30.63 0.98
C ASN D 71 43.46 31.21 1.71
N PHE D 72 42.51 31.73 0.94
CA PHE D 72 41.26 32.25 1.50
C PHE D 72 40.47 31.16 2.22
N LEU D 73 40.56 29.94 1.73
CA LEU D 73 39.72 28.91 2.32
C LEU D 73 40.27 28.39 3.64
N THR D 74 41.56 28.11 3.72
CA THR D 74 42.12 27.49 4.91
C THR D 74 42.71 28.49 5.91
N ALA D 75 42.29 29.73 5.85
CA ALA D 75 42.72 30.73 6.83
C ALA D 75 41.59 31.02 7.80
N ALA D 76 41.95 31.39 9.02
CA ALA D 76 40.96 31.59 10.06
C ALA D 76 41.55 32.44 11.19
N VAL D 77 40.65 33.07 11.94
CA VAL D 77 40.96 33.62 13.25
C VAL D 77 40.53 32.57 14.26
N SER D 78 41.48 31.97 14.97
CA SER D 78 41.16 30.75 15.68
C SER D 78 40.89 31.00 17.16
N THR D 79 40.07 30.12 17.72
CA THR D 79 39.72 30.08 19.12
C THR D 79 40.94 29.81 19.99
N PRO D 80 40.94 30.27 21.23
CA PRO D 80 42.12 30.13 22.09
C PRO D 80 42.22 28.72 22.67
N ALA D 81 43.23 28.54 23.52
CA ALA D 81 43.52 27.23 24.06
C ALA D 81 42.47 26.81 25.07
N ASN D 82 42.50 25.52 25.42
CA ASN D 82 41.58 25.02 26.43
C ASN D 82 42.05 25.41 27.82
N SER D 83 43.35 25.71 27.96
CA SER D 83 43.89 26.11 29.25
C SER D 83 43.44 27.50 29.63
N VAL D 84 43.09 28.32 28.63
CA VAL D 84 42.57 29.64 28.91
C VAL D 84 41.18 29.55 29.53
N GLY D 85 40.45 28.48 29.21
CA GLY D 85 39.12 28.33 29.76
C GLY D 85 38.18 29.30 29.10
N HIS D 86 37.29 29.92 29.86
CA HIS D 86 36.43 30.97 29.33
C HIS D 86 36.91 32.35 29.71
N SER D 87 38.21 32.59 29.73
CA SER D 87 38.69 33.94 30.00
C SER D 87 38.30 34.86 28.87
N LEU D 88 38.06 36.13 29.21
CA LEU D 88 37.75 37.09 28.18
C LEU D 88 38.98 37.51 27.40
N LEU D 89 40.19 37.22 27.93
CA LEU D 89 41.47 37.51 27.28
C LEU D 89 41.61 38.98 26.92
N LEU D 90 41.42 39.83 27.91
CA LEU D 90 41.59 41.26 27.72
C LEU D 90 43.06 41.54 27.46
N LEU D 91 43.32 42.63 26.71
CA LEU D 91 44.69 42.97 26.35
C LEU D 91 45.51 43.32 27.57
N TRP D 92 44.88 43.93 28.57
CA TRP D 92 45.51 44.27 29.82
C TRP D 92 45.36 43.17 30.86
N GLY D 93 44.81 42.02 30.50
CA GLY D 93 44.35 41.04 31.46
C GLY D 93 45.45 40.28 32.15
N PRO D 94 45.08 39.26 32.93
CA PRO D 94 46.10 38.45 33.61
C PRO D 94 46.82 37.50 32.67
N GLU D 95 46.24 37.17 31.52
CA GLU D 95 46.90 36.28 30.58
C GLU D 95 47.86 37.03 29.66
N ALA D 96 47.40 38.13 29.06
CA ALA D 96 48.22 38.82 28.07
C ALA D 96 49.15 39.84 28.73
N GLN D 97 48.65 40.52 29.76
CA GLN D 97 49.42 41.46 30.60
C GLN D 97 50.01 42.61 29.80
N GLY D 98 49.22 43.15 28.89
CA GLY D 98 49.61 44.33 28.16
C GLY D 98 50.39 44.07 26.89
N ASP D 99 51.01 42.90 26.75
CA ASP D 99 51.80 42.61 25.56
C ASP D 99 50.86 42.32 24.41
N PHE D 100 51.11 42.95 23.26
CA PHE D 100 50.28 42.68 22.09
C PHE D 100 50.63 41.35 21.46
N THR D 101 51.92 41.02 21.41
CA THR D 101 52.38 39.86 20.68
C THR D 101 51.96 38.56 21.37
N ARG D 102 52.08 38.51 22.69
CA ARG D 102 51.62 37.33 23.40
C ARG D 102 50.11 37.27 23.46
N TRP D 103 49.42 38.39 23.25
CA TRP D 103 47.97 38.36 23.20
C TRP D 103 47.50 37.68 21.93
N CYS D 104 48.18 37.92 20.83
CA CYS D 104 47.79 37.31 19.56
C CYS D 104 48.08 35.83 19.54
N GLN D 105 49.16 35.40 20.18
CA GLN D 105 49.53 34.00 20.16
C GLN D 105 48.63 33.14 21.04
N ILE D 106 48.11 33.70 22.13
CA ILE D 106 47.13 32.98 22.94
C ILE D 106 45.80 32.85 22.22
N GLY D 107 45.50 33.76 21.31
CA GLY D 107 44.23 33.70 20.62
C GLY D 107 43.34 34.81 21.10
N GLY D 108 43.95 35.96 21.37
CA GLY D 108 43.20 37.06 21.91
C GLY D 108 42.41 37.80 20.87
N LEU D 109 42.80 37.71 19.60
CA LEU D 109 42.04 38.38 18.55
C LEU D 109 40.68 37.74 18.33
N TRP D 110 40.54 36.47 18.68
CA TRP D 110 39.27 35.80 18.44
C TRP D 110 38.19 36.34 19.35
N THR D 111 38.51 36.54 20.62
CA THR D 111 37.54 37.17 21.50
C THR D 111 37.40 38.65 21.18
N PHE D 112 38.46 39.26 20.63
CA PHE D 112 38.35 40.64 20.19
C PHE D 112 37.38 40.76 19.03
N VAL D 113 37.38 39.79 18.12
CA VAL D 113 36.45 39.82 17.01
C VAL D 113 35.04 39.50 17.49
N ALA D 114 34.92 38.49 18.36
CA ALA D 114 33.60 38.04 18.77
C ALA D 114 32.91 39.04 19.70
N LEU D 115 33.67 39.71 20.57
CA LEU D 115 33.04 40.66 21.48
C LEU D 115 32.70 41.96 20.78
N HIS D 116 33.65 42.55 20.06
CA HIS D 116 33.34 43.76 19.30
C HIS D 116 32.39 43.46 18.14
N GLY D 117 32.29 42.20 17.75
CA GLY D 117 31.28 41.85 16.75
C GLY D 117 29.90 41.73 17.35
N ALA D 118 29.82 41.26 18.60
CA ALA D 118 28.53 41.14 19.26
C ALA D 118 27.95 42.51 19.60
N PHE D 119 28.81 43.49 19.84
CA PHE D 119 28.36 44.86 19.99
C PHE D 119 28.24 45.59 18.67
N GLY D 120 28.51 44.92 17.56
CA GLY D 120 28.20 45.49 16.27
C GLY D 120 26.80 45.11 15.89
N LEU D 121 26.41 43.89 16.22
CA LEU D 121 25.05 43.44 15.92
C LEU D 121 24.03 44.04 16.85
N ILE D 122 24.43 44.38 18.08
CA ILE D 122 23.61 45.26 18.90
C ILE D 122 23.48 46.62 18.25
N GLY D 123 24.61 47.19 17.85
CA GLY D 123 24.58 48.53 17.30
C GLY D 123 23.99 48.61 15.92
N PHE D 124 23.93 47.50 15.19
CA PHE D 124 23.29 47.55 13.89
C PHE D 124 21.79 47.34 14.00
N CYS D 125 21.32 46.61 14.99
CA CYS D 125 19.90 46.46 15.18
C CYS D 125 19.28 47.71 15.77
N LEU D 126 20.02 48.43 16.62
CA LEU D 126 19.60 49.75 17.07
C LEU D 126 19.59 50.77 15.93
N ARG D 127 20.42 50.55 14.92
CA ARG D 127 20.40 51.40 13.75
C ARG D 127 19.08 51.26 13.01
N GLN D 128 18.52 50.07 12.98
CA GLN D 128 17.28 49.84 12.27
C GLN D 128 16.06 50.32 13.03
N PHE D 129 16.15 50.50 14.34
CA PHE D 129 15.07 51.19 15.05
C PHE D 129 15.16 52.69 14.90
N GLU D 130 16.35 53.22 14.69
CA GLU D 130 16.49 54.65 14.68
C GLU D 130 16.09 55.23 13.33
N ILE D 131 16.45 54.53 12.25
CA ILE D 131 16.12 55.03 10.92
C ILE D 131 14.64 54.86 10.64
N ALA D 132 14.03 53.82 11.20
CA ALA D 132 12.60 53.62 10.99
C ALA D 132 11.77 54.68 11.71
N ARG D 133 12.31 55.24 12.79
CA ARG D 133 11.56 56.26 13.52
C ARG D 133 11.69 57.60 12.83
N LEU D 134 12.79 57.83 12.12
CA LEU D 134 12.96 59.09 11.42
C LEU D 134 12.22 59.10 10.09
N VAL D 135 12.27 57.98 9.38
CA VAL D 135 11.51 57.84 8.15
C VAL D 135 10.02 57.70 8.46
N GLY D 136 9.69 57.00 9.54
CA GLY D 136 8.32 56.92 9.98
C GLY D 136 7.61 55.69 9.46
N ILE D 137 8.22 54.53 9.64
CA ILE D 137 7.67 53.27 9.17
C ILE D 137 7.63 52.30 10.34
N ARG D 138 7.02 51.17 10.10
CA ARG D 138 6.93 50.13 11.10
C ARG D 138 8.28 49.42 11.21
N PRO D 139 8.65 48.92 12.38
CA PRO D 139 10.03 48.44 12.55
C PRO D 139 10.21 46.95 12.31
N TYR D 140 9.81 46.42 11.16
CA TYR D 140 9.95 44.98 10.95
C TYR D 140 11.30 44.58 10.42
N ASN D 141 12.11 45.51 9.96
CA ASN D 141 13.46 45.16 9.58
C ASN D 141 14.28 44.85 10.81
N ALA D 142 14.07 45.61 11.87
CA ALA D 142 14.80 45.41 13.12
C ALA D 142 14.36 44.15 13.84
N ILE D 143 13.19 43.64 13.53
CA ILE D 143 12.69 42.43 14.15
C ILE D 143 13.04 41.21 13.32
N ALA D 144 13.14 41.36 11.99
CA ALA D 144 13.65 40.28 11.16
C ALA D 144 15.16 40.14 11.29
N PHE D 145 15.87 41.24 11.60
CA PHE D 145 17.30 41.12 11.84
C PHE D 145 17.60 40.48 13.18
N SER D 146 16.61 40.34 14.05
CA SER D 146 16.82 39.63 15.31
C SER D 146 17.03 38.15 15.09
N GLY D 147 16.62 37.63 13.94
CA GLY D 147 16.95 36.29 13.51
C GLY D 147 18.44 36.01 13.47
N PRO D 148 19.19 36.75 12.65
CA PRO D 148 20.66 36.60 12.64
C PRO D 148 21.36 36.94 13.93
N ILE D 149 20.75 37.73 14.81
CA ILE D 149 21.34 37.94 16.12
C ILE D 149 21.24 36.67 16.94
N ALA D 150 20.15 35.93 16.81
CA ALA D 150 19.97 34.70 17.57
C ALA D 150 20.84 33.57 17.07
N VAL D 151 21.45 33.70 15.89
CA VAL D 151 22.39 32.67 15.43
C VAL D 151 23.82 33.03 15.81
N PHE D 152 24.16 34.31 15.82
CA PHE D 152 25.49 34.70 16.27
C PHE D 152 25.65 34.42 17.76
N VAL D 153 24.67 34.82 18.55
CA VAL D 153 24.76 34.70 20.00
C VAL D 153 24.75 33.25 20.42
N SER D 154 23.86 32.46 19.86
CA SER D 154 23.72 31.11 20.35
C SER D 154 24.73 30.14 19.75
N VAL D 155 25.65 30.59 18.92
CA VAL D 155 26.70 29.75 18.37
C VAL D 155 28.08 30.27 18.73
N PHE D 156 28.34 31.54 18.44
CA PHE D 156 29.64 32.09 18.73
C PHE D 156 29.80 32.49 20.18
N LEU D 157 28.69 32.66 20.91
CA LEU D 157 28.77 33.00 22.32
C LEU D 157 28.19 31.92 23.21
N LEU D 158 26.93 31.56 23.07
CA LEU D 158 26.32 30.64 24.02
C LEU D 158 26.72 29.19 23.83
N TYR D 159 27.34 28.84 22.72
CA TYR D 159 27.76 27.46 22.59
C TYR D 159 29.09 27.16 23.29
N PRO D 160 30.15 27.97 23.18
CA PRO D 160 31.34 27.66 23.98
C PRO D 160 31.18 27.93 25.46
N LEU D 161 30.18 28.71 25.88
CA LEU D 161 29.99 28.93 27.31
C LEU D 161 29.50 27.67 28.00
N GLY D 162 28.59 26.95 27.35
CA GLY D 162 28.17 25.68 27.91
C GLY D 162 29.20 24.58 27.81
N GLN D 163 30.14 24.72 26.88
CA GLN D 163 31.17 23.70 26.71
C GLN D 163 32.35 24.00 27.63
N ALA D 164 33.48 23.37 27.34
CA ALA D 164 34.60 23.41 28.27
C ALA D 164 35.33 24.74 28.24
N SER D 165 35.39 25.40 27.08
CA SER D 165 36.10 26.67 26.95
C SER D 165 35.69 27.36 25.66
N TRP D 166 36.40 28.42 25.29
CA TRP D 166 36.16 29.05 23.99
C TRP D 166 36.73 28.22 22.84
N PHE D 167 37.49 27.18 23.15
CA PHE D 167 38.13 26.36 22.12
C PHE D 167 37.11 25.64 21.27
N PHE D 168 35.96 25.32 21.82
CA PHE D 168 34.97 24.58 21.07
C PHE D 168 34.01 25.49 20.32
N ALA D 169 34.43 26.69 19.96
CA ALA D 169 33.61 27.62 19.24
C ALA D 169 34.01 27.63 17.78
N PRO D 170 33.17 28.16 16.88
CA PRO D 170 33.59 28.28 15.48
C PRO D 170 34.66 29.34 15.32
N SER D 171 35.77 28.97 14.71
CA SER D 171 36.77 29.97 14.36
C SER D 171 36.28 30.76 13.17
N PHE D 172 36.70 32.01 13.08
CA PHE D 172 36.20 32.89 12.02
C PHE D 172 37.01 32.70 10.73
N GLY D 173 36.80 31.57 10.10
CA GLY D 173 37.43 31.30 8.83
C GLY D 173 36.63 30.28 8.07
N VAL D 174 36.86 30.22 6.76
CA VAL D 174 35.94 29.51 5.87
C VAL D 174 35.98 28.01 6.11
N ALA D 175 37.17 27.43 6.11
CA ALA D 175 37.27 26.01 6.41
C ALA D 175 37.15 25.72 7.89
N ALA D 176 37.32 26.74 8.74
CA ALA D 176 37.19 26.52 10.16
C ALA D 176 35.74 26.43 10.58
N ILE D 177 34.83 27.04 9.80
CA ILE D 177 33.42 26.74 9.96
C ILE D 177 33.15 25.31 9.50
N PHE D 178 33.87 24.86 8.48
CA PHE D 178 33.58 23.58 7.85
C PHE D 178 33.87 22.41 8.77
N ARG D 179 34.91 22.53 9.59
CA ARG D 179 35.17 21.49 10.58
C ARG D 179 34.15 21.54 11.71
N PHE D 180 33.68 22.75 12.03
CA PHE D 180 32.64 22.90 13.03
C PHE D 180 31.34 22.24 12.58
N LEU D 181 31.11 22.20 11.27
CA LEU D 181 30.00 21.42 10.75
C LEU D 181 30.24 19.93 10.94
N LEU D 182 31.49 19.50 10.81
CA LEU D 182 31.78 18.07 10.91
C LEU D 182 31.97 17.66 12.36
N PHE D 183 32.50 18.56 13.19
CA PHE D 183 32.60 18.30 14.62
C PHE D 183 31.24 18.15 15.27
N LEU D 184 30.22 18.80 14.73
CA LEU D 184 28.90 18.77 15.33
C LEU D 184 28.06 17.58 14.90
N GLN D 185 28.50 16.83 13.89
CA GLN D 185 27.77 15.62 13.55
C GLN D 185 28.28 14.42 14.32
N GLY D 186 29.59 14.26 14.40
CA GLY D 186 30.13 13.10 15.05
C GLY D 186 29.94 13.11 16.54
N PHE D 187 30.04 14.29 17.14
CA PHE D 187 30.04 14.38 18.59
C PHE D 187 28.66 14.68 19.12
N HIS D 188 27.81 15.29 18.33
CA HIS D 188 26.52 15.74 18.81
C HIS D 188 25.33 15.16 18.08
N ASN D 189 25.52 14.61 16.89
CA ASN D 189 24.44 14.18 15.98
C ASN D 189 23.47 15.34 15.73
N TRP D 190 23.98 16.40 15.11
CA TRP D 190 23.22 17.64 15.01
C TRP D 190 22.12 17.55 13.99
N THR D 191 22.28 16.73 12.95
CA THR D 191 21.26 16.67 11.91
C THR D 191 20.01 15.97 12.39
N LEU D 192 20.12 15.16 13.44
CA LEU D 192 18.97 14.44 13.94
C LEU D 192 18.07 15.35 14.78
N ASN D 193 18.61 16.46 15.27
CA ASN D 193 17.95 17.41 16.17
C ASN D 193 16.77 18.05 15.45
N PRO D 194 15.54 18.02 15.98
CA PRO D 194 14.41 18.64 15.26
C PRO D 194 14.48 20.14 15.13
N PHE D 195 15.44 20.76 15.78
CA PHE D 195 15.55 22.19 15.69
C PHE D 195 16.36 22.59 14.47
N HIS D 196 17.30 21.74 14.05
CA HIS D 196 17.90 21.97 12.75
C HIS D 196 16.91 21.65 11.65
N MET D 197 16.08 20.63 11.86
CA MET D 197 15.11 20.22 10.86
C MET D 197 14.05 21.29 10.62
N MET D 198 13.71 22.05 11.67
CA MET D 198 12.86 23.21 11.46
C MET D 198 13.64 24.41 10.97
N GLY D 199 14.96 24.34 10.93
CA GLY D 199 15.73 25.45 10.45
C GLY D 199 16.06 25.29 8.99
N VAL D 200 16.25 24.05 8.55
CA VAL D 200 16.46 23.78 7.13
C VAL D 200 15.17 24.06 6.38
N ALA D 201 14.04 23.83 7.02
CA ALA D 201 12.75 24.13 6.41
C ALA D 201 12.51 25.61 6.25
N GLY D 202 13.22 26.43 7.02
CA GLY D 202 13.05 27.87 6.88
C GLY D 202 14.04 28.46 5.90
N ILE D 203 15.24 27.91 5.85
CA ILE D 203 16.24 28.40 4.92
C ILE D 203 15.94 27.96 3.50
N LEU D 204 15.68 26.67 3.30
CA LEU D 204 15.26 26.21 1.98
C LEU D 204 13.83 26.66 1.68
N GLY D 205 13.05 26.95 2.71
CA GLY D 205 11.74 27.51 2.49
C GLY D 205 11.79 29.00 2.20
N GLY D 206 12.77 29.71 2.76
CA GLY D 206 12.89 31.12 2.48
C GLY D 206 13.48 31.39 1.11
N ALA D 207 14.41 30.53 0.67
CA ALA D 207 14.95 30.63 -0.67
C ALA D 207 13.90 30.27 -1.71
N LEU D 208 12.96 29.43 -1.32
CA LEU D 208 11.87 29.05 -2.22
C LEU D 208 10.95 30.22 -2.49
N LEU D 209 10.61 30.99 -1.44
CA LEU D 209 9.62 32.05 -1.57
C LEU D 209 10.13 33.22 -2.38
N CYS D 210 11.41 33.53 -2.31
CA CYS D 210 11.90 34.64 -3.12
C CYS D 210 12.13 34.22 -4.55
N ALA D 211 12.32 32.93 -4.79
CA ALA D 211 12.44 32.48 -6.18
C ALA D 211 11.08 32.40 -6.85
N ILE D 212 10.01 32.19 -6.08
CA ILE D 212 8.67 32.19 -6.67
C ILE D 212 8.17 33.62 -6.82
N HIS D 213 8.25 34.40 -5.76
CA HIS D 213 7.77 35.77 -5.81
C HIS D 213 8.62 36.61 -6.74
N GLY D 214 9.87 36.23 -6.93
CA GLY D 214 10.64 36.85 -7.97
C GLY D 214 10.14 36.51 -9.36
N ALA D 215 9.80 35.26 -9.58
CA ALA D 215 9.45 34.78 -10.90
C ALA D 215 7.98 34.91 -11.22
N THR D 216 7.14 35.28 -10.26
CA THR D 216 5.73 35.49 -10.57
C THR D 216 5.40 36.94 -10.79
N VAL D 217 6.06 37.86 -10.08
CA VAL D 217 5.91 39.28 -10.33
C VAL D 217 6.48 39.59 -11.70
N GLU D 218 7.61 38.99 -12.03
CA GLU D 218 8.28 39.34 -13.27
C GLU D 218 7.59 38.69 -14.48
N ASN D 219 6.66 37.78 -14.23
CA ASN D 219 5.94 37.15 -15.32
C ASN D 219 4.46 37.47 -15.37
N THR D 220 3.98 38.40 -14.57
CA THR D 220 2.63 38.93 -14.73
C THR D 220 2.64 40.43 -14.88
N LEU D 221 3.71 40.98 -15.47
CA LEU D 221 3.86 42.42 -15.57
C LEU D 221 2.86 42.99 -16.55
N PHE D 222 2.55 44.27 -16.40
CA PHE D 222 1.71 44.91 -17.39
C PHE D 222 2.55 45.51 -18.49
N GLU D 223 1.92 45.73 -19.64
CA GLU D 223 2.53 46.50 -20.72
C GLU D 223 2.45 47.96 -20.34
N ASP D 224 3.59 48.55 -20.01
CA ASP D 224 3.64 49.97 -19.77
C ASP D 224 4.55 50.69 -20.76
N GLY D 225 4.97 50.00 -21.82
CA GLY D 225 5.85 50.58 -22.81
C GLY D 225 5.88 49.73 -24.05
N ASP D 226 6.46 50.31 -25.11
CA ASP D 226 6.52 49.60 -26.38
C ASP D 226 7.83 48.84 -26.51
N ALA D 227 8.79 49.08 -25.62
CA ALA D 227 10.07 48.42 -25.71
C ALA D 227 9.97 46.98 -25.24
N ALA D 228 10.92 46.16 -25.70
CA ALA D 228 10.93 44.75 -25.27
C ALA D 228 11.49 44.63 -23.86
N ASN D 229 12.32 45.57 -23.46
CA ASN D 229 12.82 45.59 -22.08
C ASN D 229 11.72 46.08 -21.15
N THR D 230 11.38 45.24 -20.17
CA THR D 230 10.35 45.61 -19.22
C THR D 230 10.89 46.33 -17.99
N PHE D 231 12.21 46.41 -17.83
CA PHE D 231 12.77 47.09 -16.69
C PHE D 231 12.64 48.60 -16.83
N ARG D 232 12.51 49.08 -18.05
CA ARG D 232 12.48 50.51 -18.30
C ARG D 232 11.13 51.11 -17.93
N ALA D 233 10.09 50.29 -17.89
CA ALA D 233 8.72 50.79 -17.81
C ALA D 233 8.21 50.81 -16.37
N PHE D 234 8.95 51.51 -15.52
CA PHE D 234 8.51 51.65 -14.13
C PHE D 234 9.07 52.96 -13.57
N THR D 235 8.21 53.92 -13.38
CA THR D 235 8.61 55.07 -12.59
C THR D 235 8.25 54.81 -11.12
N PRO D 236 9.14 55.17 -10.19
CA PRO D 236 8.98 54.70 -8.80
C PRO D 236 7.80 55.31 -8.07
N THR D 237 7.36 56.51 -8.45
CA THR D 237 6.32 57.21 -7.72
C THR D 237 4.94 57.00 -8.32
N GLN D 238 4.71 55.89 -9.01
CA GLN D 238 3.41 55.67 -9.61
C GLN D 238 2.52 54.87 -8.68
N SER D 239 1.22 55.14 -8.77
CA SER D 239 0.25 54.50 -7.87
C SER D 239 -0.38 53.26 -8.46
N GLU D 240 -0.26 53.04 -9.75
CA GLU D 240 -0.78 51.82 -10.36
C GLU D 240 0.15 50.67 -10.06
N GLU D 241 -0.43 49.53 -9.68
CA GLU D 241 0.38 48.35 -9.42
C GLU D 241 0.99 47.84 -10.72
N THR D 242 2.16 47.24 -10.61
CA THR D 242 2.93 46.89 -11.79
C THR D 242 2.78 45.45 -12.22
N TYR D 243 1.97 44.66 -11.53
CA TYR D 243 1.74 43.29 -11.95
C TYR D 243 0.35 42.83 -11.57
N SER D 244 -0.23 41.98 -12.38
CA SER D 244 -1.60 41.55 -12.20
C SER D 244 -1.70 40.50 -11.10
N MET D 245 -2.20 40.90 -9.94
CA MET D 245 -2.36 39.98 -8.83
C MET D 245 -3.46 38.98 -9.12
N VAL D 246 -4.50 39.38 -9.87
CA VAL D 246 -5.61 38.49 -10.19
C VAL D 246 -5.13 37.38 -11.11
N THR D 247 -4.24 37.70 -12.04
CA THR D 247 -3.69 36.70 -12.95
C THR D 247 -2.80 35.73 -12.21
N ALA D 248 -1.94 36.24 -11.32
CA ALA D 248 -0.98 35.39 -10.62
C ALA D 248 -1.68 34.49 -9.63
N ASN D 249 -2.80 34.94 -9.08
CA ASN D 249 -3.61 34.06 -8.26
C ASN D 249 -4.25 32.98 -9.12
N ARG D 250 -4.74 33.35 -10.30
CA ARG D 250 -5.40 32.39 -11.18
C ARG D 250 -4.41 31.39 -11.74
N PHE D 251 -3.14 31.80 -11.86
CA PHE D 251 -2.12 30.85 -12.28
C PHE D 251 -1.88 29.79 -11.24
N TRP D 252 -1.48 30.21 -10.03
CA TRP D 252 -1.09 29.22 -9.03
C TRP D 252 -2.26 28.46 -8.45
N SER D 253 -3.48 28.98 -8.56
CA SER D 253 -4.63 28.24 -8.08
C SER D 253 -4.90 27.01 -8.92
N GLN D 254 -4.42 27.00 -10.15
CA GLN D 254 -4.58 25.86 -11.03
C GLN D 254 -3.34 25.02 -11.18
N ILE D 255 -2.16 25.61 -11.01
CA ILE D 255 -0.93 24.81 -11.02
C ILE D 255 -0.77 24.08 -9.69
N PHE D 256 -0.68 24.84 -8.61
CA PHE D 256 -0.34 24.28 -7.32
C PHE D 256 -1.57 23.93 -6.49
N GLY D 257 -2.71 24.59 -6.77
CA GLY D 257 -3.95 24.29 -6.11
C GLY D 257 -4.38 25.35 -5.12
N VAL D 258 -3.44 26.02 -4.49
CA VAL D 258 -3.76 27.04 -3.50
C VAL D 258 -2.74 28.17 -3.65
N ALA D 259 -3.17 29.40 -3.39
CA ALA D 259 -2.37 30.54 -3.78
C ALA D 259 -2.74 31.75 -2.93
N PHE D 260 -1.79 32.68 -2.82
CA PHE D 260 -2.01 33.92 -2.10
C PHE D 260 -3.00 34.81 -2.83
N SER D 261 -3.94 35.37 -2.08
CA SER D 261 -4.83 36.39 -2.59
C SER D 261 -4.70 37.67 -1.79
N ASN D 262 -3.48 37.94 -1.30
CA ASN D 262 -3.29 39.04 -0.36
C ASN D 262 -1.82 39.43 -0.40
N LYS D 263 -1.52 40.62 -0.90
CA LYS D 263 -0.13 41.09 -0.98
C LYS D 263 0.40 41.43 0.40
N ARG D 264 -0.47 41.83 1.32
CA ARG D 264 -0.02 42.12 2.67
C ARG D 264 0.30 40.84 3.41
N TRP D 265 -0.45 39.78 3.15
CA TRP D 265 -0.16 38.50 3.79
C TRP D 265 1.01 37.82 3.12
N LEU D 266 1.21 38.08 1.83
CA LEU D 266 2.30 37.43 1.11
C LEU D 266 3.64 37.91 1.61
N HIS D 267 3.84 39.22 1.62
CA HIS D 267 5.11 39.78 2.03
C HIS D 267 5.36 39.62 3.51
N PHE D 268 4.31 39.49 4.32
CA PHE D 268 4.59 39.11 5.69
C PHE D 268 5.05 37.67 5.77
N PHE D 269 4.54 36.81 4.90
CA PHE D 269 4.90 35.40 4.96
C PHE D 269 6.32 35.18 4.46
N MET D 270 6.83 36.12 3.66
CA MET D 270 8.23 36.09 3.28
C MET D 270 9.14 36.58 4.37
N LEU D 271 8.60 37.13 5.44
CA LEU D 271 9.36 37.51 6.63
C LEU D 271 9.35 36.39 7.65
N PHE D 272 8.21 35.75 7.81
CA PHE D 272 8.04 34.78 8.88
C PHE D 272 8.85 33.53 8.60
N VAL D 273 8.85 33.07 7.36
CA VAL D 273 9.49 31.78 7.03
C VAL D 273 11.01 31.79 7.16
N PRO D 274 11.75 32.80 6.67
CA PRO D 274 13.20 32.73 6.89
C PRO D 274 13.61 32.98 8.32
N VAL D 275 12.89 33.84 9.03
CA VAL D 275 13.32 34.25 10.36
C VAL D 275 13.05 33.16 11.39
N THR D 276 11.92 32.48 11.28
CA THR D 276 11.57 31.41 12.21
C THR D 276 12.53 30.24 12.10
N GLY D 277 13.08 29.99 10.92
CA GLY D 277 14.08 28.95 10.77
C GLY D 277 15.39 29.32 11.45
N LEU D 278 15.61 30.61 11.72
CA LEU D 278 16.78 30.99 12.48
C LEU D 278 16.50 31.01 13.97
N TRP D 279 15.23 31.14 14.36
CA TRP D 279 14.92 31.08 15.78
C TRP D 279 14.78 29.66 16.27
N THR D 280 14.14 28.78 15.48
CA THR D 280 14.00 27.41 15.91
C THR D 280 15.33 26.68 15.89
N SER D 281 16.21 27.00 14.95
CA SER D 281 17.52 26.37 14.95
C SER D 281 18.42 26.95 16.02
N SER D 282 18.07 28.12 16.53
CA SER D 282 18.87 28.73 17.59
C SER D 282 18.54 28.13 18.94
N ILE D 283 17.33 27.58 19.08
CA ILE D 283 16.95 26.95 20.33
C ILE D 283 17.68 25.64 20.52
N GLY D 284 17.94 24.92 19.45
CA GLY D 284 18.59 23.63 19.58
C GLY D 284 20.06 23.72 19.89
N ILE D 285 20.72 24.74 19.37
CA ILE D 285 22.15 24.88 19.58
C ILE D 285 22.45 25.37 20.99
N VAL D 286 21.46 25.99 21.65
CA VAL D 286 21.56 26.22 23.09
C VAL D 286 21.42 24.91 23.83
N GLY D 287 20.63 23.98 23.32
CA GLY D 287 20.56 22.68 23.93
C GLY D 287 21.75 21.79 23.66
N LEU D 288 22.68 22.21 22.82
CA LEU D 288 23.92 21.45 22.65
C LEU D 288 25.08 22.06 23.39
N ALA D 289 24.92 23.26 23.92
CA ALA D 289 25.88 23.74 24.89
C ALA D 289 25.85 22.90 26.15
N LEU D 290 24.70 22.31 26.46
CA LEU D 290 24.52 21.53 27.66
C LEU D 290 24.67 20.05 27.40
N ASN D 291 25.06 19.70 26.19
CA ASN D 291 25.10 18.31 25.70
C ASN D 291 23.78 17.58 25.85
N LEU D 292 22.66 18.30 25.72
CA LEU D 292 21.36 17.66 25.62
C LEU D 292 21.03 17.43 24.14
N ARG D 293 21.69 16.44 23.59
CA ARG D 293 21.57 16.12 22.18
C ARG D 293 20.53 15.04 21.94
N ALA D 294 19.94 15.07 20.75
CA ALA D 294 19.11 13.96 20.29
C ALA D 294 20.01 12.93 19.62
N TYR D 295 20.64 12.10 20.45
CA TYR D 295 21.66 11.22 19.93
C TYR D 295 21.06 9.91 19.42
N ASP D 296 20.23 9.26 20.23
CA ASP D 296 19.77 7.93 19.84
C ASP D 296 18.27 7.78 20.05
N PHE D 297 17.67 6.92 19.23
CA PHE D 297 16.37 6.34 19.51
C PHE D 297 16.63 5.03 20.24
N VAL D 298 16.25 4.98 21.52
CA VAL D 298 16.64 3.85 22.35
C VAL D 298 15.90 2.59 21.93
N SER D 299 14.69 2.73 21.38
CA SER D 299 13.98 1.58 20.85
C SER D 299 14.68 1.02 19.62
N GLN D 300 15.37 1.87 18.87
CA GLN D 300 16.22 1.36 17.80
C GLN D 300 17.51 0.77 18.34
N GLU D 301 18.00 1.28 19.47
CA GLU D 301 19.28 0.83 19.98
C GLU D 301 19.16 -0.43 20.80
N LEU D 302 18.07 -0.57 21.55
CA LEU D 302 17.86 -1.79 22.32
C LEU D 302 17.57 -2.97 21.40
N ARG D 303 16.94 -2.70 20.26
CA ARG D 303 16.62 -3.76 19.32
C ARG D 303 17.84 -4.21 18.55
N ALA D 304 18.69 -3.27 18.14
CA ALA D 304 19.87 -3.63 17.36
C ALA D 304 20.92 -4.31 18.22
N ALA D 305 20.83 -4.16 19.54
CA ALA D 305 21.72 -4.88 20.43
C ALA D 305 21.27 -6.32 20.60
N GLU D 306 19.96 -6.54 20.70
CA GLU D 306 19.46 -7.89 20.95
C GLU D 306 19.34 -8.68 19.65
N ASP D 307 19.09 -7.99 18.54
CA ASP D 307 18.95 -8.65 17.25
C ASP D 307 20.11 -8.23 16.38
N PRO D 308 21.14 -9.07 16.20
CA PRO D 308 22.27 -8.67 15.36
C PRO D 308 22.04 -8.94 13.89
N GLU D 309 20.84 -8.64 13.41
CA GLU D 309 20.51 -8.63 12.00
C GLU D 309 19.71 -7.40 11.61
N PHE D 310 19.18 -6.67 12.57
CA PHE D 310 18.29 -5.54 12.31
C PHE D 310 19.12 -4.31 12.01
N GLU D 311 19.02 -3.84 10.78
CA GLU D 311 19.78 -2.68 10.34
C GLU D 311 18.85 -1.69 9.68
N THR D 312 18.98 -0.43 10.05
CA THR D 312 18.27 0.66 9.41
C THR D 312 19.31 1.58 8.80
N PHE D 313 18.85 2.67 8.18
CA PHE D 313 19.76 3.74 7.81
C PHE D 313 20.23 4.48 9.05
N TYR D 314 19.43 4.43 10.10
CA TYR D 314 19.72 5.20 11.29
C TYR D 314 20.91 4.62 12.06
N THR D 315 21.00 3.29 12.13
CA THR D 315 22.15 2.69 12.78
C THR D 315 23.37 2.76 11.89
N LYS D 316 23.18 3.02 10.60
CA LYS D 316 24.32 3.23 9.71
C LYS D 316 24.97 4.56 9.97
N ASN D 317 24.22 5.52 10.52
CA ASN D 317 24.80 6.84 10.77
C ASN D 317 25.59 6.86 12.06
N HIS D 318 25.34 5.91 12.96
CA HIS D 318 26.13 5.86 14.18
C HIS D 318 27.54 5.34 13.91
N LEU D 319 27.65 4.39 12.99
CA LEU D 319 28.97 3.90 12.64
C LEU D 319 29.75 4.93 11.85
N LEU D 320 29.05 5.82 11.15
CA LEU D 320 29.74 6.94 10.54
C LEU D 320 30.18 7.95 11.57
N ASP D 321 29.51 7.98 12.72
CA ASP D 321 29.91 8.91 13.77
C ASP D 321 30.99 8.36 14.67
N GLU D 322 31.16 7.04 14.75
CA GLU D 322 32.33 6.51 15.42
C GLU D 322 33.59 6.85 14.67
N GLY D 323 33.50 6.92 13.34
CA GLY D 323 34.65 7.34 12.56
C GLY D 323 34.96 8.81 12.76
N ILE D 324 33.93 9.62 12.98
CA ILE D 324 34.23 11.02 13.25
C ILE D 324 34.73 11.18 14.68
N ARG D 325 34.18 10.45 15.64
CA ARG D 325 34.63 10.60 17.02
C ARG D 325 36.02 10.04 17.28
N ALA D 326 36.51 9.11 16.48
CA ALA D 326 37.80 8.50 16.77
C ALA D 326 38.92 9.07 15.93
N TRP D 327 38.67 9.33 14.65
CA TRP D 327 39.77 9.63 13.76
C TRP D 327 40.19 11.07 13.85
N MET D 328 39.23 12.00 13.97
CA MET D 328 39.66 13.39 14.03
C MET D 328 40.04 13.84 15.43
N ALA D 329 39.53 13.17 16.47
CA ALA D 329 39.72 13.62 17.85
C ALA D 329 41.16 13.54 18.32
N ALA D 330 42.02 12.76 17.64
CA ALA D 330 43.43 12.78 17.96
C ALA D 330 44.06 14.12 17.58
N GLN D 331 43.76 14.62 16.38
CA GLN D 331 44.31 15.88 15.90
C GLN D 331 43.44 17.07 16.23
N ASP D 332 42.17 16.83 16.56
CA ASP D 332 41.25 17.88 16.96
C ASP D 332 41.69 18.55 18.25
N GLN D 333 42.03 17.76 19.25
CA GLN D 333 42.23 18.22 20.62
C GLN D 333 43.65 17.84 21.01
N PRO D 334 44.63 18.65 20.64
CA PRO D 334 46.01 18.34 21.03
C PRO D 334 46.29 18.63 22.49
N HIS D 335 45.42 19.38 23.15
CA HIS D 335 45.61 19.67 24.56
C HIS D 335 45.34 18.44 25.42
N GLU D 336 44.46 17.56 24.95
CA GLU D 336 44.07 16.44 25.78
C GLU D 336 45.04 15.27 25.64
N ASN D 337 45.87 15.32 24.59
CA ASN D 337 46.88 14.31 24.26
C ASN D 337 46.26 12.94 24.11
N PHE D 338 45.37 12.79 23.13
CA PHE D 338 44.87 11.47 22.75
C PHE D 338 45.96 10.78 21.96
N VAL D 339 46.54 9.74 22.53
CA VAL D 339 47.44 8.90 21.76
C VAL D 339 46.71 7.60 21.49
N PHE D 340 46.06 7.52 20.36
CA PHE D 340 45.38 6.28 20.03
C PHE D 340 46.36 5.31 19.41
N PRO D 341 46.32 4.04 19.77
CA PRO D 341 46.96 3.01 18.97
C PRO D 341 46.26 2.86 17.63
N GLU D 342 46.95 2.18 16.72
CA GLU D 342 46.36 1.86 15.42
C GLU D 342 45.24 0.85 15.56
N GLU D 343 45.29 0.03 16.61
CA GLU D 343 44.40 -1.09 16.77
C GLU D 343 43.12 -0.77 17.52
N VAL D 344 42.91 0.46 17.98
CA VAL D 344 41.63 0.83 18.54
C VAL D 344 40.78 1.63 17.57
N LEU D 345 41.38 2.20 16.54
CA LEU D 345 40.65 3.02 15.61
C LEU D 345 39.73 2.15 14.77
N PRO D 346 38.42 2.40 14.79
CA PRO D 346 37.49 1.55 14.03
C PRO D 346 37.68 1.75 12.53
N ARG D 347 38.21 0.72 11.90
CA ARG D 347 38.27 0.64 10.45
C ARG D 347 37.19 -0.31 9.99
N GLY D 348 36.80 -0.17 8.73
CA GLY D 348 35.97 -1.16 8.07
C GLY D 348 36.82 -2.28 7.50
N ASN D 349 36.18 -3.13 6.72
CA ASN D 349 36.86 -4.19 6.02
C ASN D 349 37.64 -3.58 4.88
N ALA D 350 38.97 -3.75 4.89
CA ALA D 350 39.87 -3.48 3.77
C ALA D 350 39.86 -2.01 3.35
N LEU D 351 39.62 -1.13 4.31
CA LEU D 351 39.75 0.29 4.07
C LEU D 351 40.69 0.89 5.10
N ARG E 9 29.44 66.50 -3.66
CA ARG E 9 30.01 66.23 -4.98
C ARG E 9 29.73 64.79 -5.37
N PRO E 10 29.34 64.56 -6.63
CA PRO E 10 29.08 63.19 -7.10
C PRO E 10 30.38 62.40 -7.17
N PHE E 11 30.26 61.09 -6.96
CA PHE E 11 31.44 60.25 -6.83
C PHE E 11 32.12 60.03 -8.18
N SER E 12 31.33 59.92 -9.25
CA SER E 12 31.91 59.65 -10.56
C SER E 12 32.57 60.90 -11.14
N ASP E 13 32.21 62.07 -10.62
CA ASP E 13 32.86 63.30 -11.06
C ASP E 13 34.23 63.45 -10.41
N ILE E 14 34.47 62.73 -9.31
CA ILE E 14 35.74 62.84 -8.62
C ILE E 14 36.81 62.06 -9.35
N ILE E 15 36.56 60.78 -9.64
CA ILE E 15 37.61 59.88 -10.10
C ILE E 15 37.95 60.15 -11.57
N THR E 16 37.07 60.85 -12.28
CA THR E 16 37.38 61.21 -13.65
C THR E 16 38.17 62.50 -13.73
N SER E 17 38.25 63.23 -12.63
CA SER E 17 38.98 64.47 -12.61
C SER E 17 40.48 64.20 -12.56
N VAL E 18 41.26 65.14 -13.11
CA VAL E 18 42.71 64.94 -13.16
C VAL E 18 43.33 65.19 -11.80
N ARG E 19 42.84 66.21 -11.08
CA ARG E 19 43.38 66.59 -9.78
C ARG E 19 43.29 65.46 -8.77
N TYR E 20 42.27 64.62 -8.91
CA TYR E 20 42.22 63.38 -8.15
C TYR E 20 43.42 62.48 -8.44
N TRP E 21 43.69 62.23 -9.70
CA TRP E 21 44.80 61.35 -10.05
C TRP E 21 46.15 62.01 -9.92
N ILE E 22 46.21 63.32 -9.68
CA ILE E 22 47.48 63.93 -9.33
C ILE E 22 47.89 63.53 -7.93
N ILE E 23 46.94 63.58 -6.99
CA ILE E 23 47.25 63.27 -5.60
C ILE E 23 47.48 61.78 -5.43
N HIS E 24 46.57 60.96 -5.93
CA HIS E 24 46.62 59.54 -5.68
C HIS E 24 47.56 58.79 -6.60
N SER E 25 48.37 59.48 -7.40
CA SER E 25 49.42 58.79 -8.13
C SER E 25 50.69 58.71 -7.30
N ILE E 26 50.75 59.50 -6.24
CA ILE E 26 51.88 59.42 -5.33
C ILE E 26 51.53 58.57 -4.13
N THR E 27 50.30 58.72 -3.61
CA THR E 27 49.94 58.11 -2.34
C THR E 27 49.76 56.60 -2.46
N ILE E 28 49.21 56.13 -3.58
CA ILE E 28 49.02 54.68 -3.75
C ILE E 28 50.34 53.92 -3.86
N PRO E 29 51.32 54.32 -4.70
CA PRO E 29 52.58 53.56 -4.66
C PRO E 29 53.38 53.79 -3.39
N SER E 30 53.23 54.92 -2.72
CA SER E 30 53.94 55.11 -1.48
C SER E 30 53.35 54.31 -0.34
N LEU E 31 52.13 53.80 -0.51
CA LEU E 31 51.44 53.01 0.51
C LEU E 31 51.43 51.54 0.17
N PHE E 32 51.49 51.19 -1.11
CA PHE E 32 51.58 49.79 -1.51
C PHE E 32 52.98 49.25 -1.27
N VAL E 33 54.01 50.05 -1.54
CA VAL E 33 55.38 49.64 -1.27
C VAL E 33 55.64 49.56 0.23
N SER E 34 55.00 50.42 1.01
CA SER E 34 55.12 50.30 2.46
C SER E 34 54.46 49.04 2.99
N GLY E 35 53.45 48.53 2.28
CA GLY E 35 52.92 47.22 2.61
C GLY E 35 53.80 46.08 2.13
N TRP E 36 54.60 46.33 1.09
CA TRP E 36 55.62 45.37 0.66
C TRP E 36 56.75 45.32 1.68
N LEU E 37 57.27 46.48 2.06
CA LEU E 37 58.41 46.55 2.97
C LEU E 37 58.04 46.11 4.36
N PHE E 38 56.76 46.13 4.71
CA PHE E 38 56.31 45.61 5.98
C PHE E 38 56.49 44.10 6.08
N ILE E 39 56.60 43.41 4.95
CA ILE E 39 56.76 41.97 4.93
C ILE E 39 58.19 41.58 4.63
N SER E 40 58.78 42.19 3.59
CA SER E 40 60.09 41.78 3.12
C SER E 40 61.22 42.12 4.08
N THR E 41 61.02 43.10 4.95
CA THR E 41 61.99 43.42 5.98
C THR E 41 61.78 42.58 7.23
N GLY E 42 60.90 41.60 7.19
CA GLY E 42 60.74 40.68 8.29
C GLY E 42 60.10 41.29 9.52
N LEU E 43 59.35 42.36 9.34
CA LEU E 43 58.78 43.08 10.46
C LEU E 43 57.50 42.44 10.96
N ALA E 44 56.72 41.84 10.05
CA ALA E 44 55.43 41.28 10.41
C ALA E 44 55.55 40.01 11.23
N TYR E 45 56.69 39.34 11.20
CA TYR E 45 56.87 38.16 12.03
C TYR E 45 57.11 38.51 13.48
N ASP E 46 57.51 39.74 13.76
CA ASP E 46 57.85 40.14 15.12
C ASP E 46 56.74 40.89 15.82
N VAL E 47 55.92 41.63 15.08
CA VAL E 47 54.78 42.29 15.70
C VAL E 47 53.74 41.27 16.13
N PHE E 48 53.40 40.36 15.23
CA PHE E 48 52.32 39.42 15.49
C PHE E 48 52.81 38.07 16.00
N GLY E 49 54.11 37.87 16.06
CA GLY E 49 54.65 36.63 16.60
C GLY E 49 54.42 35.40 15.75
N THR E 50 54.19 35.59 14.46
CA THR E 50 53.97 34.48 13.56
C THR E 50 55.30 33.78 13.27
N PRO E 51 55.35 32.46 13.30
CA PRO E 51 56.61 31.78 13.01
C PRO E 51 57.02 31.91 11.55
N ARG E 52 58.30 32.19 11.34
CA ARG E 52 58.93 32.06 10.05
C ARG E 52 58.96 30.59 9.63
N PRO E 53 59.19 30.30 8.33
CA PRO E 53 59.36 28.90 7.93
C PRO E 53 60.55 28.20 8.55
N ASN E 54 61.54 28.93 9.06
CA ASN E 54 62.67 28.29 9.74
C ASN E 54 62.27 27.77 11.10
N GLU E 55 61.28 28.37 11.75
CA GLU E 55 61.11 28.27 13.18
C GLU E 55 59.73 27.74 13.60
N TYR E 56 59.15 26.83 12.83
CA TYR E 56 58.02 26.08 13.37
C TYR E 56 58.49 25.10 14.41
N PHE E 57 59.47 24.30 14.05
CA PHE E 57 60.15 23.42 15.01
C PHE E 57 61.53 23.96 15.28
N THR E 58 62.08 23.55 16.40
CA THR E 58 63.45 23.89 16.77
C THR E 58 64.27 22.62 16.87
N GLN E 59 65.53 22.79 17.27
CA GLN E 59 66.39 21.63 17.48
C GLN E 59 65.98 20.86 18.73
N ASP E 60 65.65 21.58 19.80
CA ASP E 60 65.21 20.92 21.03
C ASP E 60 63.75 20.49 20.90
N ARG E 61 62.85 21.46 20.73
CA ARG E 61 61.42 21.19 20.73
C ARG E 61 61.04 20.67 19.35
N GLN E 62 60.68 19.38 19.31
CA GLN E 62 60.30 18.71 18.08
C GLN E 62 58.83 18.38 18.02
N GLN E 63 58.07 18.75 19.03
CA GLN E 63 56.64 18.49 19.06
C GLN E 63 55.88 19.77 18.72
N VAL E 64 54.57 19.71 18.86
CA VAL E 64 53.71 20.86 18.59
C VAL E 64 53.59 21.67 19.87
N PRO E 65 53.93 22.96 19.87
CA PRO E 65 53.90 23.72 21.12
C PRO E 65 52.48 24.06 21.50
N LEU E 66 52.14 23.85 22.76
CA LEU E 66 50.84 24.27 23.26
C LEU E 66 50.98 25.00 24.58
N VAL E 67 50.02 25.86 24.82
CA VAL E 67 49.89 26.56 26.09
C VAL E 67 49.10 25.67 27.03
N ASN E 68 49.61 25.48 28.24
CA ASN E 68 48.99 24.55 29.18
C ASN E 68 48.77 25.18 30.54
N ASP E 69 48.60 26.50 30.60
CA ASP E 69 48.35 27.15 31.88
C ASP E 69 47.46 28.37 31.66
N ARG E 70 46.58 28.62 32.63
CA ARG E 70 45.70 29.78 32.57
C ARG E 70 46.47 31.08 32.75
N PHE E 71 47.23 31.22 33.83
CA PHE E 71 47.75 32.52 34.21
C PHE E 71 49.21 32.74 33.86
N SER E 72 50.04 31.69 33.81
CA SER E 72 51.43 31.84 33.38
C SER E 72 51.58 31.57 31.89
N ALA E 73 50.52 31.83 31.12
CA ALA E 73 50.54 31.58 29.69
C ALA E 73 51.48 32.54 28.97
N LYS E 74 51.67 33.74 29.52
CA LYS E 74 52.66 34.64 28.96
C LYS E 74 54.07 34.13 29.22
N GLN E 75 54.30 33.54 30.39
CA GLN E 75 55.61 33.02 30.72
C GLN E 75 55.93 31.75 29.94
N GLU E 76 54.91 30.94 29.66
CA GLU E 76 55.13 29.72 28.89
C GLU E 76 55.41 30.03 27.42
N LEU E 77 54.85 31.11 26.90
CA LEU E 77 55.16 31.48 25.53
C LEU E 77 56.49 32.21 25.46
N GLU E 78 57.00 32.70 26.59
CA GLU E 78 58.39 33.16 26.61
C GLU E 78 59.35 31.98 26.56
N ASP E 79 58.89 30.81 26.99
CA ASP E 79 59.72 29.61 26.92
C ASP E 79 59.76 29.09 25.48
N LEU E 80 58.60 28.92 24.86
CA LEU E 80 58.49 28.24 23.58
C LEU E 80 58.91 29.09 22.39
N THR E 81 59.27 30.34 22.58
CA THR E 81 59.68 31.20 21.47
C THR E 81 61.11 31.69 21.56
N LYS E 82 61.89 31.23 22.54
CA LYS E 82 63.30 31.62 22.57
C LYS E 82 64.14 30.75 21.65
N GLY E 83 64.03 29.43 21.78
CA GLY E 83 64.89 28.51 21.06
C GLY E 83 64.68 28.47 19.56
N PHE F 16 33.51 65.95 6.49
CA PHE F 16 33.93 65.62 5.14
C PHE F 16 34.21 64.13 5.01
N ARG F 17 33.87 63.58 3.83
CA ARG F 17 33.84 62.15 3.56
C ARG F 17 35.21 61.57 3.22
N TRP F 18 36.27 62.36 3.29
CA TRP F 18 37.62 61.84 3.11
C TRP F 18 38.04 60.98 4.29
N LEU F 19 37.36 61.11 5.42
CA LEU F 19 37.64 60.24 6.56
C LEU F 19 36.81 58.97 6.49
N ALA F 20 35.81 58.94 5.62
CA ALA F 20 34.90 57.81 5.59
C ALA F 20 35.40 56.71 4.67
N ILE F 21 35.98 57.08 3.54
CA ILE F 21 36.45 56.12 2.54
C ILE F 21 37.83 55.64 2.92
N HIS F 22 38.70 56.59 3.26
CA HIS F 22 40.11 56.34 3.48
C HIS F 22 40.38 55.67 4.81
N GLY F 23 39.36 55.48 5.64
CA GLY F 23 39.48 54.56 6.74
C GLY F 23 39.32 53.12 6.31
N LEU F 24 38.79 52.91 5.11
CA LEU F 24 38.60 51.58 4.56
C LEU F 24 39.54 51.29 3.40
N ALA F 25 40.00 52.30 2.68
CA ALA F 25 40.84 52.09 1.50
C ALA F 25 42.32 52.17 1.78
N ILE F 26 42.77 53.04 2.68
CA ILE F 26 44.17 53.11 3.07
C ILE F 26 44.61 51.81 3.75
N PRO F 27 43.83 51.16 4.63
CA PRO F 27 44.21 49.79 5.02
C PRO F 27 44.23 48.78 3.88
N THR F 28 43.25 48.82 2.98
CA THR F 28 43.07 47.75 1.99
C THR F 28 44.24 47.68 1.02
N VAL F 29 44.78 48.82 0.60
CA VAL F 29 45.95 48.81 -0.27
C VAL F 29 47.19 48.40 0.53
N PHE F 30 47.19 48.67 1.83
CA PHE F 30 48.35 48.28 2.64
C PHE F 30 48.41 46.78 2.85
N PHE F 31 47.26 46.13 3.02
CA PHE F 31 47.27 44.68 3.18
C PHE F 31 47.54 43.99 1.85
N LEU F 32 47.05 44.55 0.73
CA LEU F 32 47.35 43.96 -0.57
C LEU F 32 48.81 44.15 -0.95
N GLY F 33 49.49 45.13 -0.37
CA GLY F 33 50.93 45.19 -0.48
C GLY F 33 51.60 44.04 0.24
N GLY F 34 50.93 43.47 1.24
CA GLY F 34 51.49 42.33 1.93
C GLY F 34 51.08 41.01 1.33
N ILE F 35 49.91 40.94 0.72
CA ILE F 35 49.46 39.68 0.15
C ILE F 35 50.18 39.38 -1.16
N THR F 36 50.57 40.41 -1.92
CA THR F 36 51.46 40.16 -3.05
C THR F 36 52.88 39.80 -2.64
N ALA F 37 53.32 40.21 -1.47
CA ALA F 37 54.67 39.85 -1.04
C ALA F 37 54.71 38.43 -0.53
N MET F 38 53.60 37.89 -0.06
CA MET F 38 53.57 36.54 0.46
C MET F 38 53.48 35.49 -0.62
N GLN F 39 53.24 35.90 -1.86
CA GLN F 39 53.24 34.93 -2.96
C GLN F 39 54.67 34.52 -3.29
N PHE F 40 55.62 35.41 -3.01
CA PHE F 40 57.00 35.19 -3.42
C PHE F 40 57.85 34.71 -2.27
N ILE F 41 57.26 34.57 -1.09
CA ILE F 41 57.96 33.96 0.03
C ILE F 41 57.86 32.46 -0.07
N GLN F 42 59.00 31.78 -0.01
CA GLN F 42 59.03 30.33 0.08
C GLN F 42 59.88 29.96 1.27
N ARG F 43 59.80 28.68 1.66
CA ARG F 43 60.41 28.04 2.83
C ARG F 43 61.70 28.60 3.45
N ALA G 2 -16.35 53.69 38.18
CA ALA G 2 -17.06 54.65 39.02
C ALA G 2 -17.91 53.93 40.07
N LEU G 3 -17.23 53.19 40.96
CA LEU G 3 -17.87 52.54 42.09
C LEU G 3 -16.97 52.75 43.30
N ARG G 4 -17.42 53.59 44.23
CA ARG G 4 -16.63 53.87 45.41
C ARG G 4 -16.64 52.66 46.34
N THR G 5 -15.46 52.15 46.64
CA THR G 5 -15.30 51.13 47.67
C THR G 5 -14.44 51.68 48.78
N ARG G 6 -14.49 51.01 49.93
CA ARG G 6 -13.76 51.51 51.10
C ARG G 6 -12.27 51.35 50.92
N LEU G 7 -11.83 50.29 50.25
CA LEU G 7 -10.42 50.17 49.93
C LEU G 7 -10.05 51.11 48.79
N GLY G 8 -11.01 51.45 47.93
CA GLY G 8 -10.73 52.38 46.87
C GLY G 8 -10.54 53.81 47.36
N GLU G 9 -11.14 54.13 48.51
CA GLU G 9 -11.00 55.48 49.04
C GLU G 9 -9.63 55.71 49.64
N ILE G 10 -9.00 54.65 50.15
CA ILE G 10 -7.70 54.81 50.78
C ILE G 10 -6.63 55.02 49.73
N LEU G 11 -6.64 54.19 48.68
CA LEU G 11 -5.60 54.21 47.68
C LEU G 11 -5.78 55.31 46.65
N ARG G 12 -6.90 56.02 46.69
CA ARG G 12 -7.21 57.04 45.71
C ARG G 12 -6.19 58.18 45.56
N PRO G 13 -5.56 58.71 46.63
CA PRO G 13 -4.51 59.72 46.37
C PRO G 13 -3.25 59.18 45.73
N LEU G 14 -3.08 57.87 45.66
CA LEU G 14 -1.91 57.32 44.99
C LEU G 14 -2.10 57.33 43.49
N ASN G 15 -3.34 57.27 43.03
CA ASN G 15 -3.63 57.28 41.62
C ASN G 15 -4.16 58.64 41.16
N ALA G 16 -4.37 59.58 42.08
CA ALA G 16 -5.03 60.84 41.73
C ALA G 16 -4.15 61.70 40.85
N GLU G 17 -2.85 61.57 41.00
CA GLU G 17 -1.92 62.22 40.11
C GLU G 17 -1.77 61.35 38.87
N TYR G 18 -1.74 61.98 37.69
CA TYR G 18 -1.49 61.24 36.46
C TYR G 18 -0.90 62.20 35.43
N GLY G 19 0.37 62.03 35.12
CA GLY G 19 0.99 62.80 34.07
C GLY G 19 1.57 64.13 34.49
N LYS G 20 1.65 64.42 35.78
CA LYS G 20 2.44 65.56 36.21
C LYS G 20 3.90 65.25 36.01
N VAL G 21 4.64 66.19 35.42
CA VAL G 21 6.05 66.01 35.14
C VAL G 21 6.83 67.13 35.82
N ALA G 22 8.12 66.86 36.04
CA ALA G 22 9.04 67.89 36.46
C ALA G 22 9.49 68.63 35.22
N PRO G 23 9.32 69.95 35.14
CA PRO G 23 9.62 70.65 33.88
C PRO G 23 11.11 70.77 33.66
N GLY G 24 11.54 70.44 32.44
CA GLY G 24 12.94 70.54 32.08
C GLY G 24 13.63 69.20 32.03
N TRP G 25 14.94 69.25 32.25
CA TRP G 25 15.73 68.03 32.25
C TRP G 25 15.65 67.32 33.58
N GLY G 26 15.47 68.06 34.66
CA GLY G 26 15.15 67.45 35.95
C GLY G 26 16.34 66.71 36.53
N THR G 27 16.05 65.53 37.07
CA THR G 27 17.05 64.68 37.68
C THR G 27 17.61 63.65 36.71
N THR G 28 17.68 63.99 35.43
CA THR G 28 18.30 63.10 34.46
C THR G 28 19.82 63.00 34.61
N PRO G 29 20.60 64.09 34.83
CA PRO G 29 22.03 63.86 35.05
C PRO G 29 22.37 63.16 36.35
N ILE G 30 21.47 63.14 37.31
CA ILE G 30 21.70 62.35 38.52
C ILE G 30 21.55 60.87 38.19
N MET G 31 20.62 60.55 37.30
CA MET G 31 20.37 59.16 36.93
C MET G 31 21.52 58.56 36.16
N GLY G 32 22.10 59.31 35.23
CA GLY G 32 23.17 58.78 34.41
C GLY G 32 24.44 58.48 35.19
N ILE G 33 24.69 59.25 36.24
CA ILE G 33 25.83 58.96 37.10
C ILE G 33 25.59 57.67 37.87
N VAL G 34 24.32 57.36 38.16
CA VAL G 34 24.00 56.06 38.76
C VAL G 34 24.14 54.96 37.72
N MET G 35 23.73 55.23 36.47
CA MET G 35 23.79 54.20 35.44
C MET G 35 25.21 53.95 34.97
N LEU G 36 26.04 54.99 34.92
CA LEU G 36 27.46 54.79 34.69
C LEU G 36 28.10 54.01 35.82
N ALA G 37 27.60 54.19 37.05
CA ALA G 37 28.16 53.46 38.18
C ALA G 37 27.73 52.01 38.15
N PHE G 38 26.48 51.76 37.76
CA PHE G 38 25.98 50.38 37.76
C PHE G 38 26.54 49.61 36.57
N LEU G 39 26.99 50.31 35.55
CA LEU G 39 27.69 49.65 34.46
C LEU G 39 29.06 49.17 34.91
N ILE G 40 29.74 49.97 35.72
CA ILE G 40 31.06 49.58 36.22
C ILE G 40 30.92 48.46 37.23
N PHE G 41 29.82 48.43 37.97
CA PHE G 41 29.61 47.37 38.96
C PHE G 41 29.43 46.02 38.30
N LEU G 42 28.74 45.97 37.16
CA LEU G 42 28.49 44.69 36.51
C LEU G 42 29.75 44.18 35.82
N VAL G 43 30.59 45.10 35.36
CA VAL G 43 31.86 44.70 34.74
C VAL G 43 32.78 44.09 35.78
N ILE G 44 32.77 44.62 37.00
CA ILE G 44 33.69 44.16 38.03
C ILE G 44 33.31 42.78 38.54
N ILE G 45 32.03 42.55 38.81
CA ILE G 45 31.64 41.28 39.41
C ILE G 45 31.62 40.17 38.37
N LEU G 46 31.60 40.53 37.09
CA LEU G 46 31.77 39.51 36.06
C LEU G 46 33.23 39.10 35.97
N GLN G 47 34.14 40.05 36.12
CA GLN G 47 35.55 39.74 35.94
C GLN G 47 36.13 39.07 37.17
N ILE G 48 35.51 39.27 38.34
CA ILE G 48 35.83 38.47 39.51
C ILE G 48 35.47 37.02 39.26
N TYR G 49 34.29 36.80 38.71
CA TYR G 49 33.74 35.48 38.46
C TYR G 49 34.50 34.75 37.36
N ASN G 50 35.01 35.50 36.39
CA ASN G 50 35.70 34.97 35.24
C ASN G 50 37.15 34.65 35.53
N SER G 51 37.62 34.96 36.75
CA SER G 51 39.03 34.98 37.13
C SER G 51 39.87 35.83 36.20
N SER G 52 39.30 36.91 35.66
CA SER G 52 40.06 37.88 34.91
C SER G 52 40.29 39.16 35.70
N LEU G 53 39.94 39.16 36.99
CA LEU G 53 40.24 40.24 37.91
C LEU G 53 40.50 39.60 39.25
N ILE G 54 41.77 39.48 39.63
CA ILE G 54 42.16 38.74 40.81
C ILE G 54 42.24 39.69 41.98
N ILE G 55 41.48 39.40 43.03
CA ILE G 55 41.49 40.14 44.28
C ILE G 55 42.16 39.27 45.32
N GLU G 56 43.05 39.86 46.12
CA GLU G 56 43.74 39.12 47.15
C GLU G 56 42.77 38.61 48.20
N ASN G 57 42.94 37.34 48.58
CA ASN G 57 42.09 36.61 49.52
C ASN G 57 40.65 36.52 49.03
N VAL G 58 40.47 36.47 47.71
CA VAL G 58 39.20 36.11 47.09
C VAL G 58 39.49 35.05 46.03
N ASP G 59 39.09 33.81 46.30
CA ASP G 59 39.33 32.71 45.38
C ASP G 59 38.00 32.16 44.92
N VAL G 60 37.78 32.14 43.61
CA VAL G 60 36.54 31.64 43.04
C VAL G 60 36.71 30.14 42.91
N ASP G 61 36.26 29.41 43.92
CA ASP G 61 36.30 27.96 43.94
C ASP G 61 35.29 27.53 44.98
N TRP G 62 34.91 26.25 44.94
CA TRP G 62 34.00 25.72 45.94
C TRP G 62 34.65 25.75 47.32
N ALA G 63 34.11 26.58 48.19
CA ALA G 63 34.69 26.83 49.49
C ALA G 63 33.93 26.07 50.57
N ASN G 64 34.63 25.81 51.67
CA ASN G 64 34.05 25.11 52.80
C ASN G 64 33.09 26.03 53.52
N GLY G 65 31.82 25.98 53.15
CA GLY G 65 30.79 26.54 53.99
C GLY G 65 30.69 25.76 55.28
N ILE G 66 30.33 26.46 56.35
CA ILE G 66 30.42 25.89 57.69
C ILE G 66 29.36 24.81 57.85
N VAL G 67 29.77 23.63 58.29
CA VAL G 67 28.80 22.58 58.59
C VAL G 67 28.88 22.23 60.06
N MET H 1 5.30 -9.84 -14.96
CA MET H 1 5.77 -11.14 -15.39
C MET H 1 5.03 -11.57 -16.65
N LEU H 2 5.20 -10.76 -17.71
CA LEU H 2 4.75 -10.97 -19.08
C LEU H 2 3.25 -10.90 -19.29
N THR H 3 2.47 -10.82 -18.23
CA THR H 3 1.09 -10.39 -18.31
C THR H 3 0.95 -8.97 -17.80
N LEU H 4 1.66 -8.63 -16.73
CA LEU H 4 1.82 -7.26 -16.29
C LEU H 4 2.54 -6.42 -17.33
N LYS H 5 3.50 -7.00 -18.04
CA LYS H 5 4.31 -6.25 -18.98
C LYS H 5 3.48 -5.73 -20.14
N ILE H 6 2.55 -6.56 -20.63
CA ILE H 6 1.60 -6.15 -21.66
C ILE H 6 0.77 -4.98 -21.19
N LEU H 7 0.41 -4.97 -19.91
CA LEU H 7 -0.47 -3.94 -19.38
C LEU H 7 0.23 -2.60 -19.30
N VAL H 8 1.57 -2.60 -19.18
CA VAL H 8 2.27 -1.34 -19.01
C VAL H 8 2.46 -0.65 -20.35
N TYR H 9 2.81 -1.40 -21.39
CA TYR H 9 3.01 -0.81 -22.71
C TYR H 9 1.71 -0.30 -23.30
N THR H 10 0.57 -0.85 -22.89
CA THR H 10 -0.70 -0.22 -23.19
C THR H 10 -0.78 1.15 -22.55
N THR H 11 -0.53 1.22 -21.24
CA THR H 11 -0.74 2.44 -20.49
C THR H 11 0.28 3.51 -20.84
N VAL H 12 1.52 3.11 -21.16
CA VAL H 12 2.53 4.10 -21.52
C VAL H 12 2.17 4.75 -22.85
N ILE H 13 2.05 3.96 -23.92
CA ILE H 13 1.80 4.53 -25.24
C ILE H 13 0.34 4.91 -25.43
N PHE H 14 -0.52 4.70 -24.44
CA PHE H 14 -1.76 5.46 -24.45
C PHE H 14 -1.48 6.92 -24.12
N PHE H 15 -0.81 7.19 -23.01
CA PHE H 15 -0.63 8.58 -22.60
C PHE H 15 0.47 9.27 -23.38
N VAL H 16 1.46 8.53 -23.87
CA VAL H 16 2.48 9.14 -24.71
C VAL H 16 1.88 9.57 -26.04
N SER H 17 0.92 8.79 -26.56
CA SER H 17 0.27 9.18 -27.79
C SER H 17 -0.68 10.35 -27.59
N LEU H 18 -1.25 10.50 -26.40
CA LEU H 18 -2.02 11.70 -26.11
C LEU H 18 -1.12 12.91 -26.01
N PHE H 19 0.12 12.71 -25.61
CA PHE H 19 1.07 13.79 -25.54
C PHE H 19 1.55 14.17 -26.93
N ILE H 20 1.88 13.17 -27.74
CA ILE H 20 2.42 13.42 -29.08
C ILE H 20 1.36 14.04 -29.97
N PHE H 21 0.17 13.48 -29.97
CA PHE H 21 -0.91 14.04 -30.76
C PHE H 21 -1.64 15.16 -30.05
N GLY H 22 -1.15 15.60 -28.91
CA GLY H 22 -1.72 16.78 -28.31
C GLY H 22 -1.10 18.03 -28.90
N PHE H 23 0.22 18.04 -29.04
CA PHE H 23 0.89 19.20 -29.59
C PHE H 23 0.85 19.24 -31.11
N LEU H 24 0.52 18.14 -31.75
CA LEU H 24 0.23 18.20 -33.16
C LEU H 24 -1.17 18.74 -33.44
N SER H 25 -1.99 18.90 -32.41
CA SER H 25 -3.35 19.39 -32.57
C SER H 25 -3.44 20.89 -32.59
N SER H 26 -2.64 21.55 -33.45
CA SER H 26 -2.61 23.00 -33.64
C SER H 26 -2.42 23.73 -32.34
N ASP H 27 -1.50 23.23 -31.53
CA ASP H 27 -1.32 23.71 -30.17
C ASP H 27 -0.78 25.14 -30.02
N PRO H 28 0.06 25.69 -30.91
CA PRO H 28 0.35 27.12 -30.77
C PRO H 28 -0.85 28.03 -30.92
N SER H 29 -1.89 27.61 -31.63
CA SER H 29 -3.02 28.51 -31.83
C SER H 29 -3.95 28.58 -30.63
N ARG H 30 -3.68 27.84 -29.55
CA ARG H 30 -4.56 27.82 -28.39
C ARG H 30 -4.02 28.79 -27.34
N ASN H 31 -4.22 30.06 -27.60
CA ASN H 31 -3.73 31.12 -26.73
C ASN H 31 -4.88 32.08 -26.45
N PRO H 32 -4.80 32.95 -25.45
CA PRO H 32 -5.86 33.94 -25.26
C PRO H 32 -5.79 35.14 -26.18
N ASN H 33 -4.86 35.17 -27.12
CA ASN H 33 -4.78 36.31 -28.02
C ASN H 33 -5.89 36.26 -29.06
N ARG H 34 -5.92 35.20 -29.85
CA ARG H 34 -6.92 35.02 -30.90
C ARG H 34 -7.11 33.53 -31.09
N LYS H 35 -8.38 33.11 -31.12
CA LYS H 35 -8.78 31.71 -31.32
C LYS H 35 -8.17 30.74 -30.31
N ARG I 6 39.73 66.15 -17.33
CA ARG I 6 38.66 65.20 -17.61
C ARG I 6 39.20 63.93 -18.24
N ILE I 7 38.84 62.79 -17.67
CA ILE I 7 39.23 61.49 -18.20
C ILE I 7 37.95 60.71 -18.47
N PRO I 8 37.83 60.03 -19.63
CA PRO I 8 36.68 59.16 -19.86
C PRO I 8 36.63 58.04 -18.84
N LEU I 9 35.41 57.76 -18.38
CA LEU I 9 35.22 56.84 -17.26
C LEU I 9 35.56 55.41 -17.64
N TRP I 10 35.37 55.05 -18.91
CA TRP I 10 35.65 53.69 -19.33
C TRP I 10 37.15 53.42 -19.40
N LEU I 11 37.95 54.47 -19.58
CA LEU I 11 39.40 54.30 -19.45
C LEU I 11 39.79 54.01 -18.02
N VAL I 12 39.06 54.58 -17.06
CA VAL I 12 39.36 54.36 -15.65
C VAL I 12 39.01 52.94 -15.23
N GLY I 13 37.87 52.44 -15.70
CA GLY I 13 37.49 51.08 -15.38
C GLY I 13 38.31 50.04 -16.14
N LEU I 14 38.92 50.46 -17.25
CA LEU I 14 39.79 49.56 -17.99
C LEU I 14 41.10 49.36 -17.27
N VAL I 15 41.74 50.46 -16.85
CA VAL I 15 43.07 50.37 -16.25
C VAL I 15 42.98 49.75 -14.86
N GLY I 16 41.96 50.13 -14.09
CA GLY I 16 41.77 49.49 -12.80
C GLY I 16 41.27 48.07 -12.93
N GLY I 17 40.55 47.77 -14.02
CA GLY I 17 40.01 46.44 -14.19
C GLY I 17 41.07 45.43 -14.56
N LEU I 18 42.04 45.82 -15.38
CA LEU I 18 43.16 44.93 -15.66
C LEU I 18 44.17 44.95 -14.51
N ALA I 19 44.13 45.98 -13.67
CA ALA I 19 44.97 45.98 -12.48
C ALA I 19 44.52 44.91 -11.48
N VAL I 20 43.21 44.67 -11.39
CA VAL I 20 42.69 43.61 -10.54
C VAL I 20 43.09 42.24 -11.07
N ILE I 21 43.11 42.08 -12.39
CA ILE I 21 43.52 40.81 -13.00
C ILE I 21 44.99 40.54 -12.73
N THR I 22 45.81 41.59 -12.73
CA THR I 22 47.19 41.43 -12.30
C THR I 22 47.31 41.16 -10.81
N MET I 23 46.29 41.48 -10.02
CA MET I 23 46.31 41.13 -8.61
C MET I 23 45.77 39.73 -8.37
N LEU I 24 44.68 39.36 -9.06
CA LEU I 24 44.07 38.06 -8.83
C LEU I 24 44.94 36.94 -9.36
N SER I 25 45.39 37.05 -10.62
CA SER I 25 46.24 36.04 -11.21
C SER I 25 47.60 35.96 -10.53
N LEU I 26 48.00 37.01 -9.83
CA LEU I 26 49.17 36.92 -8.98
C LEU I 26 48.91 36.04 -7.77
N PHE I 27 47.66 36.01 -7.28
CA PHE I 27 47.34 35.18 -6.13
C PHE I 27 47.19 33.72 -6.52
N PHE I 28 46.69 33.47 -7.74
CA PHE I 28 46.63 32.09 -8.22
C PHE I 28 47.99 31.61 -8.67
N TYR I 29 48.92 32.53 -8.88
CA TYR I 29 50.29 32.13 -9.14
C TYR I 29 50.91 31.51 -7.90
N GLY I 30 50.79 32.19 -6.76
CA GLY I 30 51.46 31.72 -5.56
C GLY I 30 50.75 30.58 -4.87
N SER I 31 49.68 30.06 -5.48
CA SER I 31 49.15 28.78 -5.04
C SER I 31 50.00 27.64 -5.58
N TYR I 32 50.76 27.90 -6.64
CA TYR I 32 51.62 26.89 -7.25
C TYR I 32 53.10 27.16 -7.03
N SER I 33 53.44 28.14 -6.21
CA SER I 33 54.83 28.46 -5.94
C SER I 33 54.92 29.13 -4.58
N GLY I 34 56.09 29.01 -3.97
CA GLY I 34 56.29 29.69 -2.71
C GLY I 34 55.67 28.91 -1.58
N LEU I 35 55.13 29.62 -0.61
CA LEU I 35 54.52 28.96 0.55
C LEU I 35 53.14 28.44 0.21
N GLY I 36 52.76 27.36 0.86
CA GLY I 36 51.45 26.79 0.63
C GLY I 36 51.28 26.13 -0.70
N SER I 37 52.37 25.73 -1.34
CA SER I 37 52.33 25.12 -2.66
C SER I 37 52.59 23.63 -2.65
N SER I 38 53.00 23.08 -1.50
CA SER I 38 53.33 21.66 -1.31
C SER I 38 54.41 21.19 -2.26
N LEU I 39 55.39 22.05 -2.54
CA LEU I 39 56.49 21.67 -3.41
C LEU I 39 57.61 21.03 -2.60
N ARG J 8 58.20 18.67 -27.49
CA ARG J 8 57.68 20.02 -27.72
C ARG J 8 57.49 20.22 -29.22
N LEU J 9 57.32 21.48 -29.66
CA LEU J 9 57.21 21.89 -31.06
C LEU J 9 58.41 21.43 -31.89
N PRO J 10 58.29 21.33 -33.21
CA PRO J 10 59.46 21.02 -34.04
C PRO J 10 60.55 22.06 -33.92
N GLU J 11 61.75 21.67 -34.36
CA GLU J 11 62.96 22.43 -34.03
C GLU J 11 62.98 23.79 -34.72
N ALA J 12 62.26 23.93 -35.83
CA ALA J 12 62.14 25.22 -36.47
C ALA J 12 61.12 26.10 -35.75
N TYR J 13 60.48 25.60 -34.71
CA TYR J 13 59.42 26.31 -34.04
C TYR J 13 59.57 26.34 -32.54
N VAL J 14 60.76 26.01 -32.01
CA VAL J 14 60.92 25.98 -30.57
C VAL J 14 61.09 27.39 -30.03
N VAL J 15 61.35 28.34 -30.93
CA VAL J 15 61.59 29.74 -30.60
C VAL J 15 60.31 30.37 -30.07
N PHE J 16 59.19 30.01 -30.68
CA PHE J 16 57.90 30.63 -30.40
C PHE J 16 57.13 29.92 -29.31
N SER J 17 57.82 29.10 -28.51
CA SER J 17 57.14 28.42 -27.40
C SER J 17 56.55 29.34 -26.32
N PRO J 18 57.05 30.56 -26.04
CA PRO J 18 56.26 31.43 -25.15
C PRO J 18 54.98 31.96 -25.76
N ILE J 19 54.98 32.29 -27.05
CA ILE J 19 53.84 32.93 -27.68
C ILE J 19 52.66 31.97 -27.79
N VAL J 20 52.96 30.70 -28.07
CA VAL J 20 51.94 29.68 -28.21
C VAL J 20 51.24 29.41 -26.89
N ASP J 21 51.94 29.57 -25.76
CA ASP J 21 51.33 29.33 -24.46
C ASP J 21 50.24 30.33 -24.13
N VAL J 22 50.31 31.54 -24.70
CA VAL J 22 49.29 32.54 -24.48
C VAL J 22 48.06 32.28 -25.34
N LEU J 23 48.22 31.58 -26.46
CA LEU J 23 47.20 31.53 -27.49
C LEU J 23 45.84 30.94 -27.11
N PRO J 24 45.71 29.87 -26.30
CA PRO J 24 44.34 29.44 -25.95
C PRO J 24 43.60 30.42 -25.06
N ILE J 25 44.29 31.30 -24.36
CA ILE J 25 43.63 32.26 -23.49
C ILE J 25 42.86 33.29 -24.32
N ILE J 26 43.32 33.58 -25.52
CA ILE J 26 42.84 34.65 -26.39
C ILE J 26 41.33 34.58 -26.71
N PRO J 27 40.68 33.42 -26.89
CA PRO J 27 39.22 33.43 -26.95
C PRO J 27 38.50 33.96 -25.72
N VAL J 28 39.07 33.89 -24.51
CA VAL J 28 38.43 34.55 -23.38
C VAL J 28 38.49 36.05 -23.56
N PHE J 29 39.57 36.54 -24.18
CA PHE J 29 39.76 37.97 -24.38
C PHE J 29 38.78 38.57 -25.36
N PHE J 30 38.11 37.75 -26.18
CA PHE J 30 37.06 38.28 -27.03
C PHE J 30 35.76 38.48 -26.26
N LEU J 31 35.55 37.70 -25.21
CA LEU J 31 34.37 37.92 -24.38
C LEU J 31 34.49 39.22 -23.62
N LEU J 32 35.68 39.51 -23.11
CA LEU J 32 35.94 40.77 -22.43
C LEU J 32 36.04 41.94 -23.40
N LEU J 33 36.32 41.67 -24.67
CA LEU J 33 36.38 42.73 -25.66
C LEU J 33 35.01 43.30 -25.96
N ALA J 34 33.96 42.50 -25.78
CA ALA J 34 32.61 42.99 -26.00
C ALA J 34 32.23 44.01 -24.94
N PHE J 35 32.55 43.73 -23.67
CA PHE J 35 32.18 44.63 -22.59
C PHE J 35 33.00 45.91 -22.63
N VAL J 36 34.28 45.81 -22.99
CA VAL J 36 35.11 46.99 -23.19
C VAL J 36 34.57 47.84 -24.31
N TRP J 37 34.08 47.18 -25.36
CA TRP J 37 33.46 47.92 -26.44
C TRP J 37 32.12 48.51 -26.02
N GLN J 38 31.38 47.83 -25.16
CA GLN J 38 30.16 48.44 -24.67
C GLN J 38 30.41 49.57 -23.68
N ALA J 39 31.54 49.54 -22.99
CA ALA J 39 31.85 50.65 -22.11
C ALA J 39 32.24 51.89 -22.90
N ALA J 40 33.03 51.70 -23.95
CA ALA J 40 33.50 52.83 -24.74
C ALA J 40 32.42 53.43 -25.59
N ILE J 41 31.36 52.69 -25.89
CA ILE J 41 30.26 53.21 -26.67
C ILE J 41 29.30 53.88 -25.70
N GLY J 42 29.52 53.67 -24.41
CA GLY J 42 28.67 54.30 -23.41
C GLY J 42 27.42 53.50 -23.11
N PHE J 43 27.47 52.19 -23.38
CA PHE J 43 26.37 51.25 -23.17
C PHE J 43 25.11 51.67 -23.92
N ARG J 44 25.29 52.27 -25.10
CA ARG J 44 24.14 52.70 -25.87
C ARG J 44 24.15 52.08 -27.27
N MET K 1 -22.10 42.82 40.32
CA MET K 1 -21.47 43.21 39.06
C MET K 1 -21.32 44.71 38.93
N THR K 2 -20.69 45.11 37.85
CA THR K 2 -20.72 46.50 37.39
C THR K 2 -21.20 46.48 35.95
N GLY K 3 -21.04 47.60 35.25
CA GLY K 3 -21.55 47.75 33.91
C GLY K 3 -20.88 46.88 32.87
N PRO K 4 -21.39 46.91 31.64
CA PRO K 4 -20.76 46.14 30.56
C PRO K 4 -19.46 46.79 30.11
N ASN K 5 -18.47 45.96 29.82
CA ASN K 5 -17.16 46.46 29.45
C ASN K 5 -17.21 47.01 28.02
N PRO K 6 -16.79 48.25 27.80
CA PRO K 6 -16.66 48.75 26.42
C PRO K 6 -15.46 48.20 25.66
N ASN K 7 -14.65 47.36 26.28
CA ASN K 7 -13.52 46.71 25.61
C ASN K 7 -13.87 45.32 25.12
N LYS K 8 -15.14 45.00 24.95
CA LYS K 8 -15.48 43.74 24.30
C LYS K 8 -15.17 43.83 22.83
N GLN K 9 -14.44 42.85 22.33
CA GLN K 9 -14.18 42.72 20.91
C GLN K 9 -14.60 41.34 20.46
N ALA K 10 -14.36 41.06 19.19
CA ALA K 10 -14.68 39.78 18.61
C ALA K 10 -13.42 39.15 18.05
N VAL K 11 -13.38 37.83 18.06
CA VAL K 11 -12.24 37.07 17.58
C VAL K 11 -12.59 36.51 16.21
N GLU K 12 -11.64 36.58 15.30
CA GLU K 12 -11.85 36.07 13.96
C GLU K 12 -10.78 35.07 13.59
N LEU K 13 -11.17 34.13 12.73
CA LEU K 13 -10.23 33.19 12.12
C LEU K 13 -10.88 32.74 10.83
N ASN K 14 -10.34 33.19 9.69
CA ASN K 14 -10.92 32.82 8.40
C ASN K 14 -10.56 31.38 8.05
N ARG K 15 -11.12 30.89 6.94
CA ARG K 15 -10.89 29.50 6.53
C ARG K 15 -9.45 29.27 6.09
N THR K 16 -8.80 30.31 5.57
CA THR K 16 -7.39 30.23 5.23
C THR K 16 -6.54 29.93 6.45
N SER K 17 -6.72 30.67 7.53
CA SER K 17 -5.82 30.54 8.67
C SER K 17 -6.15 29.31 9.49
N LEU K 18 -7.28 28.67 9.22
CA LEU K 18 -7.54 27.37 9.82
C LEU K 18 -6.59 26.32 9.29
N TYR K 19 -6.38 26.29 7.98
CA TYR K 19 -5.60 25.21 7.39
C TYR K 19 -4.12 25.40 7.66
N TRP K 20 -3.67 26.64 7.85
CA TRP K 20 -2.32 26.87 8.32
C TRP K 20 -2.13 26.27 9.69
N GLY K 21 -3.04 26.57 10.60
CA GLY K 21 -2.87 26.16 11.97
C GLY K 21 -3.10 24.68 12.18
N LEU K 22 -3.93 24.07 11.35
CA LEU K 22 -4.05 22.61 11.41
C LEU K 22 -2.78 21.94 10.92
N LEU K 23 -2.30 22.36 9.75
CA LEU K 23 -1.09 21.78 9.17
C LEU K 23 0.13 22.06 10.04
N LEU K 24 0.13 23.19 10.74
CA LEU K 24 1.22 23.50 11.67
C LEU K 24 1.28 22.48 12.79
N ILE K 25 0.13 22.06 13.29
CA ILE K 25 0.11 21.14 14.42
C ILE K 25 0.43 19.73 13.99
N PHE K 26 -0.11 19.29 12.84
CA PHE K 26 0.16 17.93 12.41
C PHE K 26 1.61 17.73 11.96
N VAL K 27 2.22 18.72 11.35
CA VAL K 27 3.61 18.58 10.93
C VAL K 27 4.54 18.63 12.14
N LEU K 28 4.24 19.46 13.12
CA LEU K 28 4.94 19.36 14.40
C LEU K 28 4.64 18.07 15.13
N ALA K 29 3.48 17.47 14.88
CA ALA K 29 3.21 16.18 15.50
C ALA K 29 3.95 15.07 14.77
N VAL K 30 4.11 15.19 13.46
CA VAL K 30 4.90 14.21 12.72
C VAL K 30 6.36 14.31 13.11
N LEU K 31 6.86 15.54 13.25
CA LEU K 31 8.28 15.75 13.50
C LEU K 31 8.68 15.31 14.89
N PHE K 32 7.94 15.73 15.90
CA PHE K 32 8.35 15.49 17.27
C PHE K 32 7.85 14.19 17.85
N SER K 33 7.09 13.38 17.10
CA SER K 33 6.59 12.13 17.68
C SER K 33 7.71 11.13 17.85
N SER K 34 8.58 11.02 16.83
CA SER K 34 9.62 10.01 16.81
C SER K 34 10.60 10.17 17.96
N TYR K 35 10.78 11.40 18.42
CA TYR K 35 11.67 11.67 19.52
C TYR K 35 11.00 11.40 20.85
N PHE K 36 9.71 11.68 20.94
CA PHE K 36 8.98 11.45 22.18
C PHE K 36 8.77 9.97 22.45
N PHE K 37 8.44 9.19 21.42
CA PHE K 37 8.39 7.75 21.58
C PHE K 37 9.76 7.15 21.84
N ASN K 38 10.82 7.84 21.42
CA ASN K 38 12.22 7.49 21.64
C ASN K 38 12.54 6.11 21.08
N GLU L 44 11.19 -1.16 23.13
CA GLU L 44 10.44 -0.56 24.22
C GLU L 44 10.32 0.94 24.07
N VAL L 45 9.08 1.43 23.98
CA VAL L 45 8.82 2.85 23.81
C VAL L 45 8.20 3.39 25.10
N GLN L 46 8.22 4.70 25.23
CA GLN L 46 7.66 5.35 26.40
C GLN L 46 6.16 5.49 26.24
N PHE L 47 5.41 4.97 27.21
CA PHE L 47 3.96 4.93 27.11
C PHE L 47 3.31 6.26 27.45
N GLY L 48 4.09 7.25 27.87
CA GLY L 48 3.58 8.60 28.01
C GLY L 48 3.71 9.41 26.75
N ALA L 49 4.22 8.80 25.68
CA ALA L 49 4.38 9.52 24.43
C ALA L 49 3.12 9.47 23.60
N TYR L 50 2.30 8.42 23.79
CA TYR L 50 0.98 8.38 23.17
C TYR L 50 0.12 9.52 23.67
N LEU L 51 0.18 9.79 24.98
CA LEU L 51 -0.52 10.92 25.54
C LEU L 51 0.09 12.25 25.11
N ALA L 52 1.38 12.27 24.81
CA ALA L 52 1.99 13.51 24.35
C ALA L 52 1.56 13.84 22.94
N VAL L 53 1.60 12.85 22.06
CA VAL L 53 1.33 13.08 20.65
C VAL L 53 -0.17 13.27 20.41
N LEU L 54 -0.99 12.34 20.88
CA LEU L 54 -2.42 12.38 20.57
C LEU L 54 -3.16 13.49 21.30
N LEU L 55 -2.61 14.03 22.38
CA LEU L 55 -3.14 15.28 22.91
C LEU L 55 -2.42 16.47 22.32
N GLY L 56 -1.17 16.30 21.87
CA GLY L 56 -0.51 17.36 21.13
C GLY L 56 -1.11 17.57 19.76
N THR L 57 -1.71 16.54 19.17
CA THR L 57 -2.53 16.77 17.99
C THR L 57 -3.86 17.38 18.38
N PHE L 58 -4.67 16.66 19.14
CA PHE L 58 -6.10 16.90 19.18
C PHE L 58 -6.47 18.16 19.94
N LEU L 59 -5.89 18.36 21.13
CA LEU L 59 -6.22 19.53 21.93
C LEU L 59 -5.90 20.86 21.26
N PRO L 60 -4.74 21.07 20.61
CA PRO L 60 -4.58 22.35 19.92
C PRO L 60 -5.31 22.41 18.60
N ALA L 61 -5.52 21.27 17.94
CA ALA L 61 -6.21 21.31 16.65
C ALA L 61 -7.70 21.48 16.83
N LEU L 62 -8.26 20.91 17.90
CA LEU L 62 -9.66 21.19 18.20
C LEU L 62 -9.84 22.60 18.68
N PHE L 63 -8.79 23.24 19.19
CA PHE L 63 -8.89 24.64 19.55
C PHE L 63 -9.06 25.51 18.32
N LEU L 64 -8.28 25.25 17.26
CA LEU L 64 -8.30 26.10 16.08
C LEU L 64 -9.57 25.91 15.28
N VAL L 65 -10.25 24.78 15.46
CA VAL L 65 -11.54 24.58 14.82
C VAL L 65 -12.58 25.50 15.46
N ASN L 66 -12.47 25.74 16.76
CA ASN L 66 -13.48 26.49 17.49
C ASN L 66 -13.45 27.96 17.12
N LEU L 67 -12.25 28.48 16.90
CA LEU L 67 -12.14 29.86 16.47
C LEU L 67 -12.66 30.05 15.05
N PHE L 68 -12.74 28.97 14.27
CA PHE L 68 -13.31 29.13 12.94
C PHE L 68 -14.82 29.00 12.96
N ILE L 69 -15.36 28.14 13.82
CA ILE L 69 -16.80 27.93 13.86
C ILE L 69 -17.50 29.17 14.43
N GLN L 70 -16.92 29.78 15.45
CA GLN L 70 -17.53 31.00 15.96
C GLN L 70 -17.28 32.19 15.04
N THR L 71 -16.27 32.11 14.17
CA THR L 71 -16.10 33.15 13.16
C THR L 71 -17.23 33.10 12.15
N GLU L 72 -17.58 31.90 11.69
CA GLU L 72 -18.63 31.75 10.71
C GLU L 72 -20.00 31.95 11.34
N ALA L 73 -20.11 31.76 12.65
CA ALA L 73 -21.38 32.01 13.31
C ALA L 73 -21.64 33.49 13.47
N ARG L 74 -20.60 34.30 13.70
CA ARG L 74 -20.78 35.74 13.77
C ARG L 74 -21.11 36.31 12.41
N LYS L 75 -20.54 35.73 11.36
CA LYS L 75 -20.87 36.19 10.02
C LYS L 75 -22.28 35.78 9.63
N ALA L 76 -22.71 34.60 10.09
CA ALA L 76 -24.09 34.19 9.88
C ALA L 76 -25.00 34.84 10.89
N GLY L 77 -24.44 35.37 11.97
CA GLY L 77 -25.27 36.05 12.95
C GLY L 77 -25.69 37.43 12.49
N LYS L 78 -24.76 38.18 11.89
CA LYS L 78 -25.09 39.52 11.44
C LYS L 78 -25.97 39.49 10.20
N ALA L 79 -25.75 38.51 9.31
CA ALA L 79 -26.37 38.44 7.99
C ALA L 79 -27.89 38.38 8.02
N GLY L 80 -28.48 37.87 9.10
CA GLY L 80 -29.90 38.05 9.30
C GLY L 80 -30.80 37.17 8.50
N GLY L 81 -30.27 36.19 7.76
CA GLY L 81 -31.14 35.36 6.95
C GLY L 81 -30.99 33.88 7.19
N GLN L 82 -32.05 33.27 7.72
CA GLN L 82 -32.31 31.82 7.77
C GLN L 82 -31.41 31.07 8.77
N ASP L 83 -30.36 31.74 9.26
CA ASP L 83 -29.39 31.08 10.12
C ASP L 83 -29.03 31.88 11.36
N SER L 84 -29.57 33.08 11.52
CA SER L 84 -29.12 33.92 12.62
C SER L 84 -29.75 33.48 13.93
N ASP L 85 -31.07 33.54 14.02
CA ASP L 85 -31.89 33.03 15.14
C ASP L 85 -31.54 33.62 16.51
N LYS M 3 27.88 -27.87 -22.76
CA LYS M 3 28.02 -28.80 -23.86
C LYS M 3 29.14 -28.34 -24.75
N SER M 4 29.20 -28.91 -25.95
CA SER M 4 29.94 -28.26 -27.02
C SER M 4 29.06 -27.28 -27.77
N GLN M 5 27.75 -27.38 -27.60
CA GLN M 5 26.84 -26.42 -28.20
C GLN M 5 26.93 -25.07 -27.49
N ILE M 6 27.16 -25.08 -26.19
CA ILE M 6 27.40 -23.84 -25.44
C ILE M 6 28.73 -23.24 -25.85
N ASN M 7 29.73 -24.07 -26.10
CA ASN M 7 31.04 -23.59 -26.50
C ASN M 7 31.06 -23.01 -27.91
N GLU M 8 30.03 -23.29 -28.71
CA GLU M 8 29.92 -22.67 -30.02
C GLU M 8 29.71 -21.17 -29.92
N LEU M 9 28.96 -20.74 -28.92
CA LEU M 9 28.57 -19.33 -28.79
C LEU M 9 29.76 -18.47 -28.38
N SER M 10 29.64 -17.18 -28.65
CA SER M 10 30.60 -16.20 -28.17
C SER M 10 30.12 -15.66 -26.83
N TYR M 11 30.86 -14.69 -26.30
CA TYR M 11 30.51 -14.17 -24.98
C TYR M 11 29.33 -13.21 -25.05
N LEU M 12 29.24 -12.43 -26.12
CA LEU M 12 28.20 -11.42 -26.21
C LEU M 12 26.83 -12.04 -26.48
N GLN M 13 26.81 -13.29 -26.91
CA GLN M 13 25.54 -13.95 -27.18
C GLN M 13 25.02 -14.65 -25.94
N VAL M 14 25.90 -14.92 -24.97
CA VAL M 14 25.47 -15.62 -23.77
C VAL M 14 25.01 -14.63 -22.72
N LYS M 15 25.66 -13.46 -22.64
CA LYS M 15 25.46 -12.56 -21.51
C LYS M 15 24.09 -11.93 -21.53
N GLY M 16 23.50 -11.77 -20.35
CA GLY M 16 22.16 -11.26 -20.22
C GLY M 16 21.06 -12.24 -20.57
N THR M 17 21.40 -13.46 -20.98
CA THR M 17 20.38 -14.44 -21.37
C THR M 17 20.14 -15.51 -20.32
N GLY M 18 20.91 -15.53 -19.23
CA GLY M 18 20.69 -16.55 -18.22
C GLY M 18 21.11 -17.94 -18.63
N LEU M 19 22.05 -18.05 -19.56
CA LEU M 19 22.49 -19.37 -20.00
C LEU M 19 23.67 -19.88 -19.19
N ALA M 20 24.56 -18.98 -18.76
CA ALA M 20 25.76 -19.38 -18.05
C ALA M 20 25.45 -19.95 -16.67
N ASN M 21 24.25 -19.69 -16.16
CA ASN M 21 23.77 -20.28 -14.93
C ASN M 21 23.44 -21.75 -15.08
N ARG M 22 23.15 -22.24 -16.27
CA ARG M 22 22.54 -23.54 -16.45
C ARG M 22 23.58 -24.57 -16.83
N CYS M 23 23.55 -25.71 -16.14
CA CYS M 23 24.43 -26.82 -16.48
C CYS M 23 24.02 -27.45 -17.80
N ALA M 24 24.99 -28.15 -18.38
CA ALA M 24 24.84 -28.75 -19.69
C ALA M 24 23.93 -29.96 -19.63
N GLU M 25 23.51 -30.39 -20.80
CA GLU M 25 22.69 -31.59 -20.97
C GLU M 25 23.51 -32.62 -21.72
N VAL M 26 23.85 -33.71 -21.04
CA VAL M 26 24.61 -34.80 -21.64
C VAL M 26 23.64 -35.69 -22.43
N VAL M 27 24.12 -36.27 -23.52
CA VAL M 27 23.28 -36.97 -24.49
C VAL M 27 23.67 -38.44 -24.54
N GLY M 28 22.70 -39.31 -24.34
CA GLY M 28 22.97 -40.73 -24.53
C GLY M 28 23.47 -41.40 -23.26
N GLU M 29 23.50 -42.73 -23.29
CA GLU M 29 23.94 -43.52 -22.15
C GLU M 29 24.84 -44.67 -22.61
N ASP M 30 25.96 -44.83 -21.92
CA ASP M 30 26.90 -45.93 -22.08
C ASP M 30 27.74 -46.02 -20.81
N SER M 31 28.87 -46.71 -20.88
CA SER M 31 29.75 -46.83 -19.74
C SER M 31 31.08 -46.13 -20.02
N ILE M 32 31.71 -45.64 -18.96
CA ILE M 32 33.06 -45.09 -19.05
C ILE M 32 33.85 -45.55 -17.83
N LYS M 33 35.12 -45.87 -18.05
CA LYS M 33 35.97 -46.38 -16.99
C LYS M 33 36.93 -45.32 -16.52
N PRO M 34 37.01 -45.06 -15.21
CA PRO M 34 38.00 -44.11 -14.70
C PRO M 34 39.40 -44.73 -14.74
N LYS M 35 40.32 -43.98 -15.33
CA LYS M 35 41.73 -44.37 -15.46
C LYS M 35 42.41 -44.35 -14.09
N PRO M 36 43.64 -44.86 -13.97
CA PRO M 36 44.39 -44.68 -12.72
C PRO M 36 44.63 -43.23 -12.32
N GLY M 37 45.15 -42.41 -13.23
CA GLY M 37 45.30 -40.98 -12.97
C GLY M 37 44.11 -40.14 -13.36
N ALA M 38 42.90 -40.70 -13.32
CA ALA M 38 41.71 -39.99 -13.79
C ALA M 38 41.36 -38.85 -12.85
N LYS M 39 41.08 -37.70 -13.43
CA LYS M 39 40.83 -36.49 -12.68
C LYS M 39 39.62 -35.79 -13.27
N LEU M 40 38.63 -35.53 -12.41
CA LEU M 40 37.39 -34.94 -12.85
C LEU M 40 37.57 -33.45 -13.11
N VAL M 41 36.98 -32.97 -14.19
CA VAL M 41 37.34 -31.68 -14.74
C VAL M 41 36.27 -30.61 -14.55
N ASP M 42 35.07 -30.78 -15.08
CA ASP M 42 34.16 -29.65 -15.16
C ASP M 42 32.84 -29.96 -14.48
N MET M 43 32.91 -30.48 -13.26
CA MET M 43 31.68 -30.77 -12.55
C MET M 43 30.96 -29.50 -12.12
N CYS M 44 29.79 -29.28 -12.70
CA CYS M 44 28.90 -28.20 -12.29
C CYS M 44 27.67 -28.82 -11.64
N ILE M 45 27.15 -28.15 -10.63
CA ILE M 45 25.97 -28.59 -9.90
C ILE M 45 24.97 -27.46 -9.90
N GLU M 46 23.77 -27.72 -10.39
CA GLU M 46 22.79 -26.65 -10.22
C GLU M 46 21.49 -27.19 -9.67
N PRO M 47 21.02 -26.65 -8.56
CA PRO M 47 19.76 -27.12 -8.01
C PRO M 47 18.56 -26.47 -8.66
N LYS M 48 17.50 -27.23 -8.87
CA LYS M 48 16.32 -26.67 -9.49
C LYS M 48 15.17 -26.48 -8.53
N ALA M 49 15.26 -26.98 -7.31
CA ALA M 49 14.19 -26.80 -6.35
C ALA M 49 14.76 -26.79 -4.95
N TRP M 50 14.12 -26.04 -4.07
CA TRP M 50 14.56 -25.88 -2.69
C TRP M 50 13.41 -26.15 -1.75
N ALA M 51 13.75 -26.63 -0.55
CA ALA M 51 12.74 -26.95 0.44
C ALA M 51 13.35 -26.83 1.83
N VAL M 52 12.62 -26.19 2.73
CA VAL M 52 13.07 -25.92 4.09
C VAL M 52 12.15 -26.67 5.04
N GLU M 53 12.74 -27.39 6.00
CA GLU M 53 11.95 -28.17 6.94
C GLU M 53 11.28 -27.25 7.95
N GLU M 54 9.95 -27.33 8.02
CA GLU M 54 9.16 -26.46 8.89
C GLU M 54 8.10 -27.27 9.61
N GLU M 55 7.32 -26.56 10.43
CA GLU M 55 6.15 -27.10 11.11
C GLU M 55 4.95 -26.81 10.23
N VAL M 56 4.41 -27.83 9.59
CA VAL M 56 3.40 -27.62 8.56
C VAL M 56 2.00 -27.74 9.18
N GLY M 57 1.07 -26.94 8.67
CA GLY M 57 -0.31 -26.93 9.11
C GLY M 57 -1.21 -27.93 8.42
N LYS M 58 -1.16 -29.20 8.81
CA LYS M 58 -2.04 -30.20 8.21
C LYS M 58 -3.45 -30.09 8.80
N ALA M 59 -4.26 -31.14 8.60
CA ALA M 59 -5.66 -31.10 9.02
C ALA M 59 -5.80 -31.00 10.54
N GLY M 60 -5.04 -31.79 11.27
CA GLY M 60 -5.06 -31.69 12.72
C GLY M 60 -3.69 -31.86 13.36
N LYS M 61 -2.67 -32.16 12.56
CA LYS M 61 -1.38 -32.57 13.07
C LYS M 61 -0.29 -31.61 12.62
N THR M 62 0.81 -31.59 13.37
CA THR M 62 1.93 -30.69 13.11
C THR M 62 3.25 -31.42 12.99
N GLU M 63 3.30 -32.49 12.20
CA GLU M 63 4.57 -33.15 11.95
C GLU M 63 5.44 -32.30 11.03
N LYS M 64 6.76 -32.51 11.13
CA LYS M 64 7.69 -31.70 10.35
C LYS M 64 7.70 -32.17 8.89
N LYS M 65 7.46 -31.23 7.98
CA LYS M 65 7.50 -31.54 6.56
C LYS M 65 8.26 -30.43 5.86
N PHE M 66 8.62 -30.69 4.61
CA PHE M 66 9.32 -29.71 3.79
C PHE M 66 8.30 -28.90 3.01
N VAL M 67 8.30 -27.61 3.23
CA VAL M 67 7.64 -26.68 2.32
C VAL M 67 8.69 -26.17 1.36
N ASN M 68 8.28 -25.91 0.13
CA ASN M 68 9.24 -25.36 -0.82
C ASN M 68 9.36 -23.85 -0.62
N SER M 69 10.17 -23.22 -1.46
CA SER M 69 10.50 -21.83 -1.28
C SER M 69 10.94 -21.26 -2.61
N LYS M 70 10.86 -19.94 -2.73
CA LYS M 70 11.26 -19.24 -3.94
C LYS M 70 12.60 -18.57 -3.69
N VAL M 71 13.55 -18.82 -4.60
CA VAL M 71 14.87 -18.20 -4.47
C VAL M 71 14.75 -16.72 -4.82
N MET M 72 15.51 -15.88 -4.11
CA MET M 72 15.41 -14.45 -4.28
C MET M 72 16.69 -13.79 -4.77
N THR M 73 17.85 -14.31 -4.39
CA THR M 73 19.05 -14.03 -5.15
C THR M 73 18.86 -14.65 -6.53
N ARG M 74 19.24 -13.92 -7.57
CA ARG M 74 18.56 -14.07 -8.85
C ARG M 74 19.01 -15.31 -9.59
N GLN M 75 20.25 -15.34 -10.05
CA GLN M 75 20.74 -16.45 -10.88
C GLN M 75 22.12 -16.87 -10.43
N THR M 76 22.40 -16.73 -9.15
CA THR M 76 23.74 -16.91 -8.63
C THR M 76 23.89 -18.20 -7.85
N TYR M 77 23.20 -19.27 -8.22
CA TYR M 77 23.18 -20.43 -7.34
C TYR M 77 24.04 -21.58 -7.83
N THR M 78 24.50 -21.55 -9.08
CA THR M 78 25.14 -22.71 -9.67
C THR M 78 26.63 -22.77 -9.29
N LEU M 79 27.10 -23.97 -8.97
CA LEU M 79 28.52 -24.24 -8.77
C LEU M 79 29.17 -24.57 -10.11
N ASP M 80 30.49 -24.38 -10.19
CA ASP M 80 31.15 -24.54 -11.48
C ASP M 80 32.61 -24.87 -11.25
N ALA M 81 33.21 -25.49 -12.29
CA ALA M 81 34.66 -25.65 -12.44
C ALA M 81 35.28 -26.51 -11.34
N ILE M 82 34.47 -27.40 -10.77
CA ILE M 82 34.93 -28.18 -9.63
C ILE M 82 35.84 -29.30 -10.09
N GLU M 83 37.08 -29.27 -9.61
CA GLU M 83 38.08 -30.23 -10.01
C GLU M 83 38.17 -31.31 -8.95
N GLY M 84 39.05 -32.28 -9.20
CA GLY M 84 39.31 -33.31 -8.23
C GLY M 84 39.73 -34.62 -8.88
N PRO M 85 40.60 -35.36 -8.21
CA PRO M 85 41.00 -36.67 -8.73
C PRO M 85 40.02 -37.75 -8.33
N ILE M 86 39.85 -38.73 -9.22
CA ILE M 86 38.98 -39.86 -8.98
C ILE M 86 39.87 -41.03 -8.60
N THR M 87 39.94 -41.32 -7.30
CA THR M 87 40.74 -42.43 -6.81
C THR M 87 39.95 -43.72 -6.88
N VAL M 88 40.64 -44.81 -7.18
CA VAL M 88 40.02 -46.10 -7.39
C VAL M 88 40.30 -46.94 -6.15
N ASP M 89 39.34 -47.03 -5.25
CA ASP M 89 39.38 -48.10 -4.27
C ASP M 89 38.88 -49.38 -4.94
N GLY M 90 39.19 -50.52 -4.34
CA GLY M 90 38.90 -51.79 -4.97
C GLY M 90 37.42 -52.09 -5.05
N GLY M 91 36.69 -51.87 -3.95
CA GLY M 91 35.28 -52.20 -3.95
C GLY M 91 34.45 -51.14 -4.65
N LYS M 92 34.73 -49.88 -4.38
CA LYS M 92 33.88 -48.78 -4.83
C LYS M 92 34.75 -47.64 -5.33
N ILE M 93 34.35 -47.08 -6.47
CA ILE M 93 35.02 -45.90 -6.99
C ILE M 93 34.69 -44.69 -6.12
N THR M 94 35.69 -43.86 -5.86
CA THR M 94 35.56 -42.73 -4.96
C THR M 94 35.93 -41.44 -5.68
N PHE M 95 35.47 -40.32 -5.12
CA PHE M 95 35.84 -39.00 -5.62
C PHE M 95 36.08 -38.07 -4.44
N ASN M 96 37.14 -37.28 -4.54
CA ASN M 96 37.45 -36.24 -3.57
C ASN M 96 37.74 -34.96 -4.33
N GLU M 97 36.95 -33.93 -4.09
CA GLU M 97 37.07 -32.69 -4.84
C GLU M 97 38.23 -31.88 -4.27
N LYS M 98 38.87 -31.08 -5.11
CA LYS M 98 40.02 -30.31 -4.64
C LYS M 98 39.76 -28.81 -4.74
N GLU M 99 39.42 -28.33 -5.92
CA GLU M 99 39.33 -26.88 -6.13
C GLU M 99 38.08 -26.58 -6.96
N GLY M 100 37.97 -25.35 -7.44
CA GLY M 100 36.79 -24.90 -8.14
C GLY M 100 35.87 -24.08 -7.25
N ILE M 101 34.91 -23.40 -7.90
CA ILE M 101 33.92 -22.63 -7.15
C ILE M 101 32.96 -23.61 -6.51
N ASP M 102 33.13 -23.83 -5.22
CA ASP M 102 32.38 -24.85 -4.50
C ASP M 102 31.52 -24.27 -3.39
N TYR M 103 31.11 -23.01 -3.54
CA TYR M 103 30.13 -22.42 -2.64
C TYR M 103 29.37 -21.39 -3.46
N ALA M 104 28.08 -21.25 -3.16
CA ALA M 104 27.25 -20.25 -3.83
C ALA M 104 26.18 -19.81 -2.85
N ALA M 105 26.36 -18.64 -2.26
CA ALA M 105 25.46 -18.16 -1.22
C ALA M 105 24.14 -17.74 -1.84
N THR M 106 23.04 -18.12 -1.19
CA THR M 106 21.73 -17.83 -1.74
C THR M 106 20.72 -17.74 -0.60
N THR M 107 19.55 -17.22 -0.94
CA THR M 107 18.53 -16.89 0.05
C THR M 107 17.16 -17.21 -0.51
N VAL M 108 16.38 -17.98 0.24
CA VAL M 108 15.06 -18.40 -0.19
C VAL M 108 14.03 -17.83 0.78
N GLN M 109 12.80 -17.67 0.33
CA GLN M 109 11.75 -17.09 1.15
C GLN M 109 10.63 -18.10 1.36
N LEU M 110 10.19 -18.23 2.59
CA LEU M 110 9.18 -19.16 3.06
C LEU M 110 7.80 -18.54 2.96
N PRO M 111 6.73 -19.31 3.15
CA PRO M 111 5.45 -18.70 3.51
C PRO M 111 5.52 -18.03 4.86
N GLY M 112 4.95 -16.83 4.93
CA GLY M 112 5.04 -16.00 6.10
C GLY M 112 5.95 -14.81 5.95
N GLY M 113 6.84 -14.83 4.96
CA GLY M 113 7.76 -13.74 4.75
C GLY M 113 9.13 -13.94 5.37
N GLU M 114 9.42 -15.11 5.92
CA GLU M 114 10.72 -15.32 6.52
C GLU M 114 11.76 -15.58 5.45
N ARG M 115 12.89 -14.89 5.55
CA ARG M 115 13.99 -15.03 4.62
C ARG M 115 15.06 -15.89 5.24
N VAL M 116 15.34 -17.03 4.61
CA VAL M 116 16.34 -17.96 5.13
C VAL M 116 17.50 -17.99 4.15
N PRO M 117 18.63 -17.36 4.48
CA PRO M 117 19.81 -17.54 3.65
C PRO M 117 20.47 -18.85 3.99
N PHE M 118 21.22 -19.37 3.03
CA PHE M 118 22.04 -20.54 3.29
C PHE M 118 23.18 -20.60 2.29
N LEU M 119 24.34 -21.00 2.76
CA LEU M 119 25.45 -21.25 1.87
C LEU M 119 25.29 -22.62 1.25
N PHE M 120 25.19 -22.68 -0.06
CA PHE M 120 25.10 -23.95 -0.78
C PHE M 120 26.49 -24.31 -1.26
N THR M 121 27.01 -25.44 -0.78
CA THR M 121 28.42 -25.73 -0.95
C THR M 121 28.64 -27.22 -1.08
N VAL M 122 29.81 -27.58 -1.62
CA VAL M 122 30.29 -28.96 -1.69
C VAL M 122 31.73 -29.06 -1.23
N LYS M 123 32.15 -28.22 -0.29
CA LYS M 123 33.54 -28.22 0.17
C LYS M 123 33.88 -29.50 0.92
N ASP M 124 35.05 -30.05 0.59
CA ASP M 124 35.61 -31.27 1.20
C ASP M 124 34.65 -32.46 1.04
N LEU M 125 34.32 -32.76 -0.21
CA LEU M 125 33.35 -33.78 -0.53
C LEU M 125 34.06 -35.11 -0.72
N VAL M 126 33.53 -36.16 -0.09
CA VAL M 126 34.07 -37.51 -0.22
C VAL M 126 32.95 -38.35 -0.81
N ALA M 127 32.95 -38.50 -2.13
CA ALA M 127 31.94 -39.29 -2.80
C ALA M 127 32.37 -40.75 -2.86
N LYS M 128 31.40 -41.65 -2.76
CA LYS M 128 31.63 -43.08 -2.85
C LYS M 128 30.47 -43.70 -3.59
N GLY M 129 30.76 -44.45 -4.64
CA GLY M 129 29.69 -45.07 -5.40
C GLY M 129 29.96 -46.50 -5.77
N ASN M 130 28.88 -47.26 -5.98
CA ASN M 130 28.98 -48.70 -6.22
C ASN M 130 29.68 -49.02 -7.54
N GLY M 131 30.55 -50.02 -7.50
CA GLY M 131 31.25 -50.47 -8.69
C GLY M 131 32.42 -49.58 -9.03
N ASP M 132 32.91 -49.76 -10.25
CA ASP M 132 34.09 -49.03 -10.68
C ASP M 132 33.75 -48.06 -11.80
N THR M 133 33.13 -48.55 -12.86
CA THR M 133 32.88 -47.72 -14.03
C THR M 133 31.59 -46.94 -13.86
N PHE M 134 31.54 -45.75 -14.46
CA PHE M 134 30.34 -44.95 -14.43
C PHE M 134 29.29 -45.53 -15.36
N LYS M 135 28.10 -45.70 -14.85
CA LYS M 135 27.01 -46.38 -15.53
C LYS M 135 25.76 -45.55 -15.38
N PRO M 136 24.73 -45.82 -16.17
CA PRO M 136 23.44 -45.15 -15.93
C PRO M 136 22.74 -45.58 -14.65
N GLY M 137 23.18 -46.68 -14.04
CA GLY M 137 22.71 -47.06 -12.73
C GLY M 137 23.63 -46.65 -11.60
N PHE M 138 24.66 -45.86 -11.88
CA PHE M 138 25.64 -45.51 -10.87
C PHE M 138 25.08 -44.44 -9.94
N GLN M 139 25.53 -44.48 -8.68
CA GLN M 139 24.95 -43.61 -7.66
C GLN M 139 25.98 -43.42 -6.54
N MET M 140 26.58 -42.23 -6.50
CA MET M 140 27.58 -41.90 -5.49
C MET M 140 27.08 -40.76 -4.62
N GLY M 141 27.66 -40.64 -3.42
CA GLY M 141 27.34 -39.55 -2.52
C GLY M 141 28.32 -39.52 -1.35
N GLY M 142 28.12 -38.53 -0.50
CA GLY M 142 28.94 -38.43 0.69
C GLY M 142 28.82 -37.10 1.37
N ASP M 143 29.59 -36.95 2.44
CA ASP M 143 29.52 -35.78 3.31
C ASP M 143 30.35 -34.64 2.77
N PHE M 144 29.88 -33.41 3.03
CA PHE M 144 30.65 -32.22 2.76
C PHE M 144 30.58 -31.32 3.98
N ASN M 145 31.59 -30.47 4.16
CA ASN M 145 31.63 -29.57 5.29
C ASN M 145 31.14 -28.19 4.90
N THR M 146 30.11 -27.74 5.54
CA THR M 146 29.64 -26.37 5.32
C THR M 146 30.42 -25.43 6.21
N PRO M 147 31.11 -24.44 5.66
CA PRO M 147 31.65 -23.37 6.48
C PRO M 147 30.53 -22.43 6.92
N SER M 148 30.89 -21.47 7.76
CA SER M 148 29.90 -20.50 8.20
C SER M 148 29.57 -19.55 7.06
N TYR M 149 28.39 -18.95 7.14
CA TYR M 149 27.91 -18.09 6.07
C TYR M 149 28.68 -16.79 6.02
N ARG M 150 29.21 -16.36 7.16
CA ARG M 150 29.99 -15.15 7.25
C ARG M 150 31.36 -15.50 7.78
N THR M 151 32.40 -15.00 7.12
CA THR M 151 33.74 -15.12 7.68
C THR M 151 33.84 -14.20 8.88
N GLY M 152 34.59 -14.62 9.89
CA GLY M 152 34.64 -13.99 11.20
C GLY M 152 34.92 -12.51 11.31
N LEU M 153 35.39 -11.87 10.24
CA LEU M 153 35.58 -10.43 10.24
C LEU M 153 34.39 -9.68 9.67
N PHE M 154 33.24 -10.33 9.59
CA PHE M 154 32.00 -9.65 9.25
C PHE M 154 31.55 -8.79 10.41
N LEU M 155 31.14 -7.56 10.14
CA LEU M 155 30.67 -6.64 11.16
C LEU M 155 29.15 -6.56 11.12
N ASP M 156 28.52 -6.85 12.25
CA ASP M 156 27.07 -6.73 12.38
C ASP M 156 26.71 -5.25 12.48
N PRO M 157 25.39 -4.87 12.44
CA PRO M 157 25.04 -3.44 12.55
C PRO M 157 25.58 -2.64 13.73
N LYS M 158 25.91 -3.29 14.84
CA LYS M 158 26.52 -2.55 15.94
C LYS M 158 28.02 -2.42 15.75
N GLY M 159 28.63 -3.30 14.96
CA GLY M 159 30.05 -3.22 14.72
C GLY M 159 30.81 -4.26 15.50
N ARG M 160 30.29 -5.49 15.54
CA ARG M 160 30.87 -6.57 16.32
C ARG M 160 31.10 -7.77 15.41
N GLY M 161 32.32 -8.30 15.42
CA GLY M 161 32.64 -9.47 14.65
C GLY M 161 33.41 -10.49 15.49
N GLY M 162 33.71 -11.62 14.87
CA GLY M 162 34.41 -12.68 15.55
C GLY M 162 35.90 -12.41 15.65
N THR M 163 36.48 -11.84 14.59
CA THR M 163 37.91 -11.56 14.57
C THR M 163 38.21 -10.07 14.49
N THR M 164 37.18 -9.22 14.50
CA THR M 164 37.38 -7.77 14.55
C THR M 164 36.17 -7.16 15.24
N GLY M 165 36.15 -5.84 15.28
CA GLY M 165 35.01 -5.14 15.82
C GLY M 165 35.06 -5.02 17.32
N TYR M 166 33.99 -4.46 17.88
CA TYR M 166 33.84 -4.35 19.32
C TYR M 166 33.38 -5.70 19.89
N ASP M 167 33.09 -5.71 21.18
CA ASP M 167 32.48 -6.89 21.79
C ASP M 167 31.41 -6.52 22.80
N MET M 168 30.94 -5.29 22.80
CA MET M 168 29.87 -4.88 23.69
C MET M 168 28.94 -3.97 22.92
N ALA M 169 27.74 -3.77 23.48
CA ALA M 169 26.74 -2.91 22.87
C ALA M 169 27.28 -1.48 22.91
N VAL M 170 27.71 -1.00 21.74
CA VAL M 170 28.60 0.16 21.70
C VAL M 170 27.85 1.45 21.99
N ALA M 171 26.54 1.50 21.73
CA ALA M 171 25.72 2.66 22.06
C ALA M 171 24.85 2.42 23.28
N LEU M 172 25.20 1.44 24.10
CA LEU M 172 24.54 1.18 25.37
C LEU M 172 25.61 1.11 26.45
N PRO M 173 26.17 2.25 26.85
CA PRO M 173 27.36 2.20 27.70
C PRO M 173 27.06 1.93 29.15
N ALA M 174 25.78 1.89 29.55
CA ALA M 174 25.48 1.62 30.94
C ALA M 174 25.16 0.15 31.17
N LEU M 175 25.37 -0.69 30.17
CA LEU M 175 25.12 -2.11 30.37
C LEU M 175 26.26 -2.78 31.12
N GLN M 176 27.48 -2.26 31.00
CA GLN M 176 28.63 -2.93 31.62
C GLN M 176 28.89 -2.33 33.00
N LEU M 177 27.82 -2.22 33.78
CA LEU M 177 27.92 -1.66 35.12
C LEU M 177 27.46 -2.69 36.13
N GLY M 178 28.33 -2.96 37.11
CA GLY M 178 28.04 -3.98 38.09
C GLY M 178 28.98 -5.15 37.96
N GLU M 179 28.79 -6.11 38.86
CA GLU M 179 29.58 -7.32 38.80
C GLU M 179 29.15 -8.20 37.62
N GLU M 180 27.87 -8.13 37.25
CA GLU M 180 27.36 -9.01 36.19
C GLU M 180 27.78 -8.53 34.81
N GLY M 181 28.01 -7.22 34.66
CA GLY M 181 28.35 -6.66 33.37
C GLY M 181 27.18 -6.73 32.42
N ASP M 182 27.48 -7.04 31.16
CA ASP M 182 26.49 -7.24 30.11
C ASP M 182 26.29 -8.71 29.79
N ALA M 183 26.34 -9.58 30.79
CA ALA M 183 26.30 -11.02 30.54
C ALA M 183 24.89 -11.50 30.23
N GLU M 184 23.89 -10.63 30.37
CA GLU M 184 22.53 -10.98 29.97
C GLU M 184 22.41 -11.09 28.46
N LEU M 185 23.09 -10.21 27.73
CA LEU M 185 23.15 -10.27 26.28
C LEU M 185 24.47 -10.85 25.76
N PHE M 186 25.03 -11.83 26.47
CA PHE M 186 26.31 -12.44 26.15
C PHE M 186 26.33 -13.14 24.80
N GLY M 187 25.20 -13.75 24.43
CA GLY M 187 25.17 -14.56 23.22
C GLY M 187 25.30 -13.74 21.96
N GLU M 188 24.84 -12.49 22.01
CA GLU M 188 24.91 -11.60 20.86
C GLU M 188 26.21 -10.82 20.81
N ASN M 189 27.09 -11.01 21.77
CA ASN M 189 28.42 -10.44 21.69
C ASN M 189 29.46 -11.44 21.21
N ASN M 190 29.36 -12.69 21.63
CA ASN M 190 30.31 -13.73 21.26
C ASN M 190 29.90 -14.23 19.87
N LYS M 191 30.78 -14.05 18.90
CA LYS M 191 30.54 -14.46 17.53
C LYS M 191 31.32 -15.74 17.28
N VAL M 192 30.62 -16.83 17.07
CA VAL M 192 31.27 -18.14 16.94
C VAL M 192 31.16 -18.64 15.52
N PHE M 193 32.32 -18.88 14.90
CA PHE M 193 32.41 -19.49 13.59
C PHE M 193 31.93 -20.93 13.69
N ASP M 194 31.01 -21.33 12.83
CA ASP M 194 30.33 -22.61 12.93
C ASP M 194 30.57 -23.44 11.67
N ILE M 195 30.90 -24.71 11.86
CA ILE M 195 31.04 -25.67 10.78
C ILE M 195 30.02 -26.78 11.01
N THR M 196 29.17 -27.04 10.02
CA THR M 196 28.23 -28.14 10.11
C THR M 196 28.48 -29.15 9.00
N GLN M 197 27.64 -30.17 8.91
CA GLN M 197 27.79 -31.22 7.92
C GLN M 197 26.64 -31.19 6.94
N GLY M 198 26.88 -31.74 5.76
CA GLY M 198 25.83 -31.88 4.77
C GLY M 198 26.03 -33.17 4.00
N ARG M 199 24.95 -33.74 3.48
CA ARG M 199 25.00 -35.04 2.83
C ARG M 199 24.36 -34.93 1.45
N ILE M 200 25.18 -35.04 0.40
CA ILE M 200 24.71 -34.98 -0.98
C ILE M 200 24.66 -36.40 -1.52
N GLU M 201 23.71 -36.67 -2.41
CA GLU M 201 23.54 -37.97 -3.02
C GLU M 201 23.31 -37.78 -4.52
N MET M 202 24.33 -38.07 -5.31
CA MET M 202 24.30 -37.90 -6.76
C MET M 202 23.94 -39.22 -7.42
N GLU M 203 23.55 -39.15 -8.70
CA GLU M 203 23.11 -40.33 -9.41
C GLU M 203 23.32 -40.10 -10.90
N VAL M 204 24.33 -40.78 -11.46
CA VAL M 204 24.61 -40.68 -12.88
C VAL M 204 23.57 -41.48 -13.65
N ASN M 205 23.02 -40.90 -14.71
CA ASN M 205 22.10 -41.68 -15.52
C ASN M 205 22.32 -41.57 -17.02
N LYS M 206 23.12 -40.61 -17.47
CA LYS M 206 23.38 -40.45 -18.90
C LYS M 206 24.86 -40.15 -19.09
N VAL M 207 25.54 -40.98 -19.88
CA VAL M 207 26.99 -40.91 -20.07
C VAL M 207 27.27 -40.81 -21.56
N ASN M 208 28.29 -40.02 -21.92
CA ASN M 208 29.00 -40.20 -23.18
C ASN M 208 30.37 -40.80 -22.88
N ALA M 209 30.76 -41.81 -23.65
CA ALA M 209 32.11 -42.33 -23.56
C ALA M 209 32.98 -41.81 -24.69
N GLU M 210 32.37 -41.50 -25.83
CA GLU M 210 33.09 -40.88 -26.94
C GLU M 210 33.44 -39.44 -26.64
N ASP M 211 32.80 -38.85 -25.63
CA ASP M 211 33.01 -37.48 -25.24
C ASP M 211 33.46 -37.37 -23.80
N SER M 212 33.36 -38.46 -23.03
CA SER M 212 33.87 -38.60 -21.66
C SER M 212 33.24 -37.58 -20.71
N GLU M 213 31.93 -37.41 -20.82
CA GLU M 213 31.20 -36.48 -19.98
C GLU M 213 29.93 -37.14 -19.48
N ILE M 214 29.69 -37.04 -18.19
CA ILE M 214 28.56 -37.69 -17.53
C ILE M 214 27.62 -36.62 -17.00
N GLY M 215 26.47 -37.06 -16.52
CA GLY M 215 25.53 -36.13 -15.95
C GLY M 215 24.25 -36.76 -15.50
N GLY M 216 23.74 -36.35 -14.34
CA GLY M 216 22.53 -36.93 -13.81
C GLY M 216 21.91 -36.07 -12.75
N VAL M 217 21.04 -36.69 -11.95
CA VAL M 217 20.23 -35.99 -10.96
C VAL M 217 20.85 -36.22 -9.59
N PHE M 218 20.90 -35.17 -8.77
CA PHE M 218 21.38 -35.32 -7.40
C PHE M 218 20.25 -34.98 -6.44
N VAL M 219 20.55 -35.10 -5.15
CA VAL M 219 19.74 -34.55 -4.08
C VAL M 219 20.66 -34.25 -2.91
N ALA M 220 20.57 -33.03 -2.37
CA ALA M 220 21.48 -32.56 -1.35
C ALA M 220 20.69 -32.03 -0.17
N THR M 221 21.12 -32.39 1.03
CA THR M 221 20.56 -31.82 2.24
C THR M 221 21.69 -31.21 3.06
N GLN M 222 21.40 -30.09 3.70
CA GLN M 222 22.37 -29.44 4.55
C GLN M 222 21.62 -28.61 5.57
N LEU M 223 22.35 -27.77 6.29
CA LEU M 223 21.80 -26.95 7.35
C LEU M 223 22.01 -25.50 6.98
N SER M 224 21.00 -24.67 7.21
CA SER M 224 21.11 -23.27 6.87
C SER M 224 22.00 -22.55 7.87
N ASP M 225 22.12 -21.23 7.72
CA ASP M 225 23.04 -20.51 8.58
C ASP M 225 22.36 -20.07 9.86
N THR M 226 23.17 -19.55 10.78
CA THR M 226 22.70 -19.17 12.11
C THR M 226 23.14 -17.77 12.50
N ASP M 227 23.94 -17.09 11.66
CA ASP M 227 24.63 -15.84 11.96
C ASP M 227 25.41 -15.96 13.26
N MET M 228 26.31 -16.96 13.30
CA MET M 228 27.32 -17.14 14.35
C MET M 228 26.68 -17.36 15.71
N GLY M 229 25.59 -18.11 15.71
CA GLY M 229 24.87 -18.38 16.95
C GLY M 229 23.75 -17.42 17.27
N SER M 230 23.23 -16.71 16.27
CA SER M 230 22.16 -15.76 16.55
C SER M 230 20.81 -16.46 16.63
N LYS M 231 20.64 -17.56 15.91
CA LYS M 231 19.37 -18.27 15.90
C LYS M 231 19.62 -19.75 15.71
N THR M 232 18.54 -20.52 15.75
CA THR M 232 18.63 -21.94 15.46
C THR M 232 18.61 -22.15 13.95
N PRO M 233 19.59 -22.82 13.37
CA PRO M 233 19.58 -23.05 11.93
C PRO M 233 18.57 -24.12 11.56
N LYS M 234 18.15 -24.10 10.30
CA LYS M 234 17.07 -24.97 9.85
C LYS M 234 17.55 -25.86 8.70
N LYS M 235 17.02 -27.07 8.67
CA LYS M 235 17.46 -28.06 7.70
C LYS M 235 16.93 -27.72 6.31
N VAL M 236 17.82 -27.68 5.33
CA VAL M 236 17.47 -27.27 3.98
C VAL M 236 17.75 -28.43 3.03
N LEU M 237 16.71 -28.85 2.33
CA LEU M 237 16.81 -29.86 1.29
C LEU M 237 16.73 -29.20 -0.07
N THR M 238 17.49 -29.74 -1.02
CA THR M 238 17.43 -29.24 -2.38
C THR M 238 17.64 -30.38 -3.37
N LYS M 239 17.22 -30.13 -4.62
CA LYS M 239 17.29 -31.11 -5.69
C LYS M 239 17.64 -30.39 -6.97
N GLY M 240 18.24 -31.12 -7.90
CA GLY M 240 18.56 -30.51 -9.18
C GLY M 240 19.21 -31.49 -10.12
N ILE M 241 20.08 -30.97 -10.97
CA ILE M 241 20.79 -31.77 -11.95
C ILE M 241 22.26 -31.34 -11.92
N PHE M 242 23.14 -32.28 -12.22
CA PHE M 242 24.55 -31.94 -12.35
C PHE M 242 25.06 -32.42 -13.68
N TYR M 243 26.37 -32.31 -13.85
CA TYR M 243 27.04 -32.53 -15.12
C TYR M 243 28.52 -32.57 -14.83
N ALA M 244 29.25 -33.48 -15.44
CA ALA M 244 30.67 -33.59 -15.15
C ALA M 244 31.43 -34.10 -16.36
N LYS M 245 32.69 -33.71 -16.44
CA LYS M 245 33.59 -34.18 -17.49
C LYS M 245 34.63 -35.11 -16.88
N VAL M 246 34.54 -36.40 -17.21
CA VAL M 246 35.29 -37.41 -16.48
C VAL M 246 36.75 -37.47 -16.90
N ASP M 247 37.11 -36.92 -18.06
CA ASP M 247 38.44 -36.95 -18.66
C ASP M 247 39.00 -38.38 -18.81
N MET N 1 2.03 -1.61 17.09
CA MET N 1 1.30 -0.74 17.98
C MET N 1 1.88 0.66 17.92
N GLU N 2 3.21 0.74 17.75
CA GLU N 2 3.87 2.03 17.70
C GLU N 2 3.72 2.68 16.34
N ALA N 3 3.82 1.89 15.27
CA ALA N 3 3.74 2.42 13.92
C ALA N 3 2.34 2.81 13.52
N LEU N 4 1.33 2.42 14.30
CA LEU N 4 -0.04 2.80 14.02
C LEU N 4 -0.24 4.29 14.23
N VAL N 5 0.51 4.88 15.15
CA VAL N 5 0.42 6.31 15.39
C VAL N 5 1.06 7.09 14.26
N TYR N 6 2.19 6.58 13.73
CA TYR N 6 2.89 7.27 12.66
C TYR N 6 2.07 7.29 11.39
N THR N 7 1.36 6.20 11.10
CA THR N 7 0.51 6.14 9.91
C THR N 7 -0.66 7.10 10.04
N PHE N 8 -1.26 7.19 11.22
CA PHE N 8 -2.38 8.08 11.44
C PHE N 8 -1.97 9.54 11.34
N LEU N 9 -0.73 9.86 11.70
CA LEU N 9 -0.26 11.23 11.54
C LEU N 9 -0.03 11.55 10.07
N LEU N 10 0.40 10.58 9.28
CA LEU N 10 0.71 10.84 7.89
C LEU N 10 -0.55 10.98 7.06
N ILE N 11 -1.49 10.03 7.17
CA ILE N 11 -2.69 10.16 6.38
C ILE N 11 -3.60 11.25 6.94
N GLY N 12 -3.48 11.56 8.22
CA GLY N 12 -4.20 12.71 8.75
C GLY N 12 -3.66 14.03 8.25
N THR N 13 -2.36 14.08 7.94
CA THR N 13 -1.80 15.28 7.33
C THR N 13 -2.27 15.42 5.89
N LEU N 14 -2.43 14.30 5.20
CA LEU N 14 -2.87 14.35 3.80
C LEU N 14 -4.36 14.64 3.70
N MET N 15 -5.11 14.52 4.78
CA MET N 15 -6.51 14.94 4.73
C MET N 15 -6.62 16.44 4.65
N VAL N 16 -5.90 17.16 5.51
CA VAL N 16 -6.05 18.60 5.58
C VAL N 16 -5.40 19.27 4.37
N ILE N 17 -4.52 18.55 3.67
CA ILE N 17 -4.05 19.02 2.37
C ILE N 17 -5.15 18.89 1.33
N PHE N 18 -5.96 17.83 1.42
CA PHE N 18 -7.06 17.64 0.48
C PHE N 18 -8.13 18.70 0.67
N PHE N 19 -8.46 19.01 1.92
CA PHE N 19 -9.52 19.98 2.17
C PHE N 19 -9.06 21.40 1.86
N ALA N 20 -7.76 21.64 1.89
CA ALA N 20 -7.27 23.00 1.67
C ALA N 20 -7.25 23.33 0.19
N VAL N 21 -7.14 22.30 -0.65
CA VAL N 21 -7.07 22.54 -2.08
C VAL N 21 -8.47 22.66 -2.66
N PHE N 22 -9.38 21.80 -2.24
CA PHE N 22 -10.66 21.72 -2.92
C PHE N 22 -11.74 22.52 -2.21
N PHE N 23 -11.69 22.57 -0.88
CA PHE N 23 -12.63 23.37 -0.12
C PHE N 23 -12.04 24.69 0.30
N ARG N 24 -11.23 25.31 -0.55
CA ARG N 24 -10.60 26.56 -0.18
C ARG N 24 -11.61 27.69 -0.24
N GLU N 25 -11.39 28.70 0.59
CA GLU N 25 -12.23 29.90 0.55
C GLU N 25 -11.89 30.64 -0.74
N THR N 26 -12.78 30.58 -1.71
CA THR N 26 -12.47 31.11 -3.03
C THR N 26 -12.50 32.62 -3.00
N PRO N 27 -11.40 33.29 -3.36
CA PRO N 27 -11.37 34.75 -3.28
C PRO N 27 -12.12 35.37 -4.44
N ARG N 28 -12.83 36.46 -4.14
CA ARG N 28 -13.72 37.08 -5.10
C ARG N 28 -13.45 38.57 -5.15
N ILE N 29 -13.46 39.12 -6.36
CA ILE N 29 -13.42 40.56 -6.52
C ILE N 29 -14.82 41.13 -6.30
N LEU N 30 -14.88 42.28 -5.63
CA LEU N 30 -16.12 42.93 -5.17
C LEU N 30 -16.99 42.01 -4.32
N VAL O 1 34.92 -13.75 18.57
CA VAL O 1 34.96 -14.22 19.94
C VAL O 1 35.36 -13.06 20.83
N ILE O 2 34.66 -12.89 21.96
CA ILE O 2 35.01 -11.84 22.91
C ILE O 2 36.39 -12.11 23.50
N ASP O 3 36.55 -13.26 24.12
CA ASP O 3 37.75 -13.61 24.87
C ASP O 3 38.47 -14.75 24.16
N TYR O 4 39.31 -14.39 23.20
CA TYR O 4 40.06 -15.36 22.42
C TYR O 4 41.49 -15.39 22.92
N GLU O 5 41.92 -16.53 23.41
CA GLU O 5 43.32 -16.68 23.77
C GLU O 5 44.11 -16.91 22.49
N ASN O 6 45.41 -16.57 22.54
CA ASN O 6 46.42 -16.59 21.48
C ASN O 6 46.16 -15.48 20.48
N ILE O 7 45.76 -14.30 20.97
CA ILE O 7 45.78 -13.11 20.14
C ILE O 7 47.22 -12.73 19.82
N GLY O 8 48.12 -12.93 20.79
CA GLY O 8 49.49 -12.48 20.62
C GLY O 8 50.24 -13.25 19.56
N TYR O 9 49.95 -14.54 19.43
CA TYR O 9 50.70 -15.37 18.50
C TYR O 9 50.34 -15.09 17.04
N LEU O 10 49.28 -14.30 16.79
CA LEU O 10 48.92 -13.97 15.43
C LEU O 10 49.97 -13.12 14.74
N GLY O 11 50.12 -11.86 15.17
CA GLY O 11 50.97 -10.97 14.41
C GLY O 11 52.08 -10.25 15.15
N GLY O 12 51.92 -10.06 16.46
CA GLY O 12 52.69 -9.05 17.15
C GLY O 12 53.59 -9.50 18.29
N SER O 13 53.54 -10.75 18.71
CA SER O 13 54.35 -11.16 19.86
C SER O 13 55.78 -11.53 19.46
N SER O 14 56.09 -11.52 18.17
CA SER O 14 57.36 -12.01 17.61
C SER O 14 57.62 -13.47 17.98
N ILE O 15 56.54 -14.23 18.13
CA ILE O 15 56.55 -15.69 18.06
C ILE O 15 55.25 -16.10 17.39
N VAL O 16 55.34 -16.48 16.12
CA VAL O 16 54.15 -16.46 15.28
C VAL O 16 53.42 -17.79 15.39
N ASP O 17 52.12 -17.77 15.11
CA ASP O 17 51.34 -18.99 14.99
C ASP O 17 51.48 -19.49 13.56
N ILE O 18 51.24 -20.78 13.35
CA ILE O 18 51.29 -21.30 11.98
C ILE O 18 49.91 -21.31 11.36
N ASN O 19 48.97 -21.99 11.99
CA ASN O 19 47.67 -22.21 11.38
C ASN O 19 46.67 -21.10 11.65
N ASN O 20 47.10 -19.96 12.17
CA ASN O 20 46.21 -18.82 12.38
C ASN O 20 46.78 -17.49 11.94
N ALA O 21 48.06 -17.39 11.64
CA ALA O 21 48.64 -16.10 11.33
C ALA O 21 48.33 -15.69 9.89
N ASN O 22 48.30 -14.38 9.68
CA ASN O 22 48.18 -13.83 8.34
C ASN O 22 49.51 -14.00 7.63
N VAL O 23 49.50 -13.92 6.30
CA VAL O 23 50.74 -13.96 5.55
C VAL O 23 51.56 -12.69 5.78
N ARG O 24 50.93 -11.62 6.25
CA ARG O 24 51.66 -10.42 6.68
C ARG O 24 52.49 -10.65 7.91
N ALA O 25 52.17 -11.68 8.71
CA ALA O 25 52.93 -11.92 9.93
C ALA O 25 54.30 -12.52 9.61
N TYR O 26 54.41 -13.25 8.51
CA TYR O 26 55.67 -13.79 8.06
C TYR O 26 56.50 -12.79 7.31
N LEU O 27 56.05 -11.54 7.19
CA LEU O 27 56.84 -10.53 6.53
C LEU O 27 57.96 -10.05 7.43
N LYS O 28 57.79 -10.18 8.74
CA LYS O 28 58.82 -9.74 9.68
C LYS O 28 60.01 -10.68 9.74
N MET O 29 59.93 -11.82 9.06
CA MET O 29 61.03 -12.75 9.01
C MET O 29 61.70 -12.60 7.65
N PRO O 30 62.94 -12.12 7.59
CA PRO O 30 63.63 -12.00 6.30
C PRO O 30 63.89 -13.33 5.63
N GLY O 31 63.42 -13.46 4.40
CA GLY O 31 63.64 -14.65 3.62
C GLY O 31 62.40 -15.45 3.29
N MET O 32 61.31 -15.27 4.03
CA MET O 32 60.19 -16.18 3.90
C MET O 32 59.08 -15.60 3.01
N TYR O 33 58.85 -14.30 3.10
CA TYR O 33 57.92 -13.70 2.17
C TYR O 33 58.60 -13.48 0.82
N PRO O 34 57.94 -13.84 -0.29
CA PRO O 34 56.60 -14.41 -0.40
C PRO O 34 56.56 -15.90 -0.67
N THR O 35 57.68 -16.50 -1.04
CA THR O 35 57.70 -17.85 -1.57
C THR O 35 57.49 -18.88 -0.48
N VAL O 36 58.36 -18.85 0.53
CA VAL O 36 58.29 -19.84 1.60
C VAL O 36 57.08 -19.60 2.47
N ALA O 37 56.73 -18.33 2.69
CA ALA O 37 55.52 -18.00 3.44
C ALA O 37 54.28 -18.34 2.64
N GLY O 38 54.39 -18.36 1.31
CA GLY O 38 53.22 -18.65 0.49
C GLY O 38 52.78 -20.10 0.59
N LYS O 39 53.72 -21.00 0.86
CA LYS O 39 53.38 -22.42 0.92
C LYS O 39 52.82 -22.79 2.28
N ILE O 40 53.30 -22.11 3.33
CA ILE O 40 52.87 -22.42 4.69
C ILE O 40 51.43 -22.02 4.89
N VAL O 41 51.07 -20.84 4.40
CA VAL O 41 49.72 -20.30 4.55
C VAL O 41 48.73 -21.08 3.69
N SER O 42 49.20 -21.62 2.57
CA SER O 42 48.29 -22.22 1.60
C SER O 42 47.77 -23.58 2.05
N HIS O 43 48.60 -24.37 2.72
CA HIS O 43 48.18 -25.72 3.05
C HIS O 43 47.46 -25.78 4.40
N GLY O 44 47.02 -26.99 4.74
CA GLY O 44 46.06 -27.17 5.80
C GLY O 44 46.69 -27.14 7.17
N PRO O 45 45.97 -27.72 8.16
CA PRO O 45 46.39 -27.62 9.55
C PRO O 45 47.68 -28.35 9.87
N TYR O 46 48.54 -27.69 10.63
CA TYR O 46 49.79 -28.26 11.08
C TYR O 46 49.72 -28.49 12.59
N SER O 47 50.45 -29.50 13.05
CA SER O 47 50.49 -29.80 14.47
C SER O 47 51.80 -29.40 15.13
N GLY O 48 52.86 -29.17 14.36
CA GLY O 48 54.12 -28.76 14.95
C GLY O 48 55.02 -28.12 13.90
N VAL O 49 56.20 -27.72 14.36
CA VAL O 49 57.20 -27.16 13.46
C VAL O 49 57.81 -28.28 12.61
N ALA O 50 57.73 -29.52 13.10
CA ALA O 50 58.20 -30.66 12.31
C ALA O 50 57.29 -30.92 11.12
N ASP O 51 56.03 -30.47 11.20
CA ASP O 51 55.11 -30.64 10.08
C ASP O 51 55.35 -29.61 8.99
N LEU O 52 56.19 -28.61 9.26
CA LEU O 52 56.54 -27.65 8.22
C LEU O 52 57.42 -28.29 7.17
N TYR O 53 58.12 -29.37 7.52
CA TYR O 53 58.98 -30.04 6.56
C TYR O 53 58.20 -31.06 5.74
N LYS O 54 56.92 -31.26 6.09
CA LYS O 54 56.08 -32.18 5.34
C LYS O 54 55.36 -31.50 4.18
N ILE O 55 55.65 -30.24 3.89
CA ILE O 55 54.96 -29.50 2.85
C ILE O 55 55.36 -30.07 1.49
N PRO O 56 54.39 -30.44 0.65
CA PRO O 56 54.71 -30.86 -0.71
C PRO O 56 55.29 -29.72 -1.54
N GLY O 57 56.51 -29.92 -2.05
CA GLY O 57 57.16 -28.90 -2.83
C GLY O 57 58.05 -28.00 -2.01
N LEU O 58 58.99 -28.59 -1.26
CA LEU O 58 59.99 -27.84 -0.52
C LEU O 58 61.36 -28.09 -1.12
N SER O 59 62.17 -27.04 -1.16
CA SER O 59 63.57 -27.15 -1.51
C SER O 59 64.42 -27.27 -0.25
N SER O 60 65.73 -27.29 -0.46
CA SER O 60 66.64 -27.17 0.68
C SER O 60 66.78 -25.73 1.11
N ALA O 61 66.57 -24.79 0.18
CA ALA O 61 66.59 -23.38 0.52
C ALA O 61 65.29 -22.96 1.19
N GLU O 62 64.18 -23.62 0.83
CA GLU O 62 62.92 -23.32 1.50
C GLU O 62 62.88 -23.89 2.90
N ALA O 63 63.53 -25.03 3.11
CA ALA O 63 63.70 -25.55 4.46
C ALA O 63 64.76 -24.80 5.25
N ASP O 64 65.57 -23.99 4.57
CA ASP O 64 66.67 -23.29 5.26
C ASP O 64 66.13 -22.14 6.09
N VAL O 65 65.25 -21.32 5.52
CA VAL O 65 64.73 -20.15 6.24
C VAL O 65 63.71 -20.59 7.29
N ILE O 66 63.14 -21.78 7.13
CA ILE O 66 62.33 -22.34 8.20
C ILE O 66 63.21 -22.82 9.33
N LYS O 67 64.40 -23.32 8.98
CA LYS O 67 65.34 -23.81 10.00
C LYS O 67 65.90 -22.67 10.83
N LYS O 68 66.03 -21.48 10.23
CA LYS O 68 66.48 -20.31 10.97
C LYS O 68 65.47 -19.93 12.05
N TYR O 69 64.19 -19.81 11.67
CA TYR O 69 63.18 -19.22 12.52
C TYR O 69 62.30 -20.25 13.18
N GLU O 70 62.77 -21.50 13.28
CA GLU O 70 61.94 -22.57 13.84
C GLU O 70 61.72 -22.39 15.33
N SER O 71 62.57 -21.61 15.99
CA SER O 71 62.29 -21.22 17.36
C SER O 71 61.16 -20.19 17.43
N ARG O 72 61.03 -19.38 16.39
CA ARG O 72 60.02 -18.32 16.41
C ARG O 72 58.69 -18.83 15.87
N LEU O 73 58.74 -19.78 14.96
CA LEU O 73 57.53 -20.46 14.53
C LEU O 73 57.02 -21.39 15.62
N THR O 74 55.72 -21.38 15.83
CA THR O 74 55.07 -22.36 16.69
C THR O 74 53.63 -22.53 16.22
N ALA O 75 53.05 -23.68 16.56
CA ALA O 75 51.73 -24.05 16.06
C ALA O 75 50.74 -24.14 17.21
N LYS O 76 49.53 -23.66 16.97
CA LYS O 76 48.50 -23.62 18.00
C LYS O 76 47.21 -24.29 17.53
N THR O 77 46.16 -24.12 18.29
CA THR O 77 44.86 -24.68 17.94
C THR O 77 44.24 -23.88 16.80
N PRO O 78 43.82 -24.52 15.71
CA PRO O 78 43.22 -23.77 14.59
C PRO O 78 41.78 -23.38 14.90
N SER O 79 41.57 -22.10 15.20
CA SER O 79 40.19 -21.63 15.32
C SER O 79 39.71 -21.20 13.95
N PRO O 80 38.62 -21.78 13.45
CA PRO O 80 38.36 -21.79 11.99
C PRO O 80 38.01 -20.45 11.36
N ASP O 81 37.85 -19.39 12.14
CA ASP O 81 37.56 -18.09 11.55
C ASP O 81 38.85 -17.35 11.19
N TYR O 82 39.93 -17.64 11.90
CA TYR O 82 41.22 -17.07 11.53
C TYR O 82 41.87 -17.85 10.39
N VAL O 83 41.45 -19.10 10.18
CA VAL O 83 42.14 -19.93 9.21
C VAL O 83 41.69 -19.59 7.79
N ILE O 84 40.59 -18.86 7.67
CA ILE O 84 40.06 -18.53 6.35
C ILE O 84 40.80 -17.34 5.78
N ASP O 85 40.95 -16.30 6.59
CA ASP O 85 41.58 -15.05 6.16
C ASP O 85 43.08 -15.06 6.46
N ARG O 86 43.75 -16.11 5.97
CA ARG O 86 45.19 -16.23 6.13
C ARG O 86 45.97 -15.65 4.97
N ILE O 87 45.42 -15.68 3.76
CA ILE O 87 46.00 -14.97 2.63
C ILE O 87 45.68 -13.48 2.70
N ASN O 88 44.43 -13.16 2.95
CA ASN O 88 43.98 -11.77 2.95
C ASN O 88 42.91 -11.63 4.02
N ASN O 89 43.17 -10.79 5.01
CA ASN O 89 42.19 -10.49 6.04
C ASN O 89 41.67 -9.06 5.92
N GLY O 90 41.99 -8.38 4.83
CA GLY O 90 41.52 -7.03 4.65
C GLY O 90 42.32 -6.02 5.44
N LEU O 91 43.62 -6.23 5.56
CA LEU O 91 44.50 -5.29 6.24
C LEU O 91 45.52 -4.83 5.21
N TYR O 92 45.59 -3.53 5.00
CA TYR O 92 46.50 -2.96 4.03
C TYR O 92 47.12 -1.70 4.60
N ARG O 93 48.43 -1.54 4.37
CA ARG O 93 49.17 -0.42 4.91
C ARG O 93 48.86 0.87 4.18
N ASP P 2 66.13 25.13 7.10
CA ASP P 2 66.31 24.25 8.25
C ASP P 2 66.58 22.85 7.70
N LEU P 3 66.96 22.77 6.42
CA LEU P 3 67.54 21.54 5.88
C LEU P 3 69.01 21.54 6.22
N ASP P 4 69.30 21.12 7.45
CA ASP P 4 70.68 21.06 7.90
C ASP P 4 71.40 19.90 7.21
N GLU P 5 72.72 20.03 7.10
CA GLU P 5 73.49 19.02 6.40
C GLU P 5 73.61 17.73 7.20
N ALA P 6 73.32 17.80 8.50
CA ALA P 6 73.22 16.57 9.29
C ALA P 6 71.94 15.83 8.96
N THR P 7 70.88 16.56 8.59
CA THR P 7 69.63 15.92 8.22
C THR P 7 69.67 15.43 6.77
N ARG P 8 70.42 16.11 5.92
CA ARG P 8 70.59 15.66 4.54
C ARG P 8 71.59 14.51 4.42
N THR P 9 72.28 14.17 5.50
CA THR P 9 73.29 13.12 5.43
C THR P 9 72.64 11.74 5.51
N VAL P 10 72.74 10.97 4.42
CA VAL P 10 72.07 9.68 4.31
C VAL P 10 73.09 8.57 4.08
N VAL P 11 72.67 7.34 4.38
CA VAL P 11 73.57 6.19 4.32
C VAL P 11 73.71 5.75 2.86
N VAL P 12 74.93 5.44 2.45
CA VAL P 12 75.23 5.31 1.02
C VAL P 12 75.65 3.91 0.59
N ASP P 13 76.23 3.08 1.46
CA ASP P 13 76.66 1.76 1.02
C ASP P 13 76.23 0.70 2.03
N ASN P 14 76.43 -0.57 1.64
CA ASN P 14 76.02 -1.69 2.48
C ASN P 14 76.83 -1.76 3.77
N ALA P 15 78.05 -1.23 3.76
CA ALA P 15 78.86 -1.20 4.97
C ALA P 15 78.29 -0.22 5.99
N GLY P 16 77.88 0.96 5.53
CA GLY P 16 77.31 1.95 6.42
C GLY P 16 77.90 3.35 6.37
N ASN P 17 78.56 3.68 5.27
CA ASN P 17 79.07 5.05 5.11
C ASN P 17 77.93 6.00 4.85
N THR P 18 78.09 7.25 5.29
CA THR P 18 77.06 8.27 5.17
C THR P 18 77.63 9.45 4.40
N THR P 19 76.94 9.85 3.33
CA THR P 19 77.26 11.05 2.57
C THR P 19 76.07 11.98 2.58
N VAL P 20 76.30 13.21 2.16
CA VAL P 20 75.29 14.25 2.22
C VAL P 20 74.73 14.48 0.82
N LEU P 21 73.49 14.95 0.75
CA LEU P 21 72.84 15.27 -0.51
C LEU P 21 72.83 16.78 -0.71
N THR P 22 73.35 17.21 -1.86
CA THR P 22 73.35 18.63 -2.21
C THR P 22 71.92 19.08 -2.46
N PRO P 23 71.62 20.38 -2.28
CA PRO P 23 70.20 20.81 -2.32
C PRO P 23 69.51 20.69 -3.68
N GLU P 24 70.24 20.46 -4.77
CA GLU P 24 69.55 20.14 -6.01
C GLU P 24 69.17 18.67 -6.07
N GLN P 25 69.81 17.82 -5.26
CA GLN P 25 69.45 16.41 -5.25
C GLN P 25 68.12 16.20 -4.57
N VAL P 26 67.84 16.98 -3.52
CA VAL P 26 66.60 16.79 -2.79
C VAL P 26 65.43 17.43 -3.52
N LYS P 27 65.72 18.31 -4.48
CA LYS P 27 64.66 19.01 -5.19
C LYS P 27 64.28 18.27 -6.45
N ARG P 28 65.28 17.85 -7.23
CA ARG P 28 65.03 16.96 -8.36
C ARG P 28 64.59 15.59 -7.88
N GLY P 29 64.99 15.22 -6.67
CA GLY P 29 64.59 13.95 -6.13
C GLY P 29 63.11 13.88 -5.84
N LYS P 30 62.49 15.04 -5.57
CA LYS P 30 61.06 15.03 -5.34
C LYS P 30 60.28 15.09 -6.64
N ARG P 31 60.76 15.91 -7.60
CA ARG P 31 60.04 16.06 -8.87
C ARG P 31 60.09 14.78 -9.68
N LEU P 32 61.23 14.09 -9.67
CA LEU P 32 61.32 12.85 -10.42
C LEU P 32 60.56 11.72 -9.74
N PHE P 33 60.48 11.72 -8.41
CA PHE P 33 59.81 10.63 -7.72
C PHE P 33 58.30 10.69 -7.93
N ASN P 34 57.74 11.90 -7.87
CA ASN P 34 56.31 12.03 -8.08
C ASN P 34 55.94 11.79 -9.54
N ALA P 35 56.82 12.16 -10.46
CA ALA P 35 56.53 11.97 -11.88
C ALA P 35 56.70 10.53 -12.29
N THR P 36 57.74 9.84 -11.80
CA THR P 36 57.99 8.47 -12.21
C THR P 36 57.39 7.45 -11.25
N CYS P 37 57.82 7.48 -10.00
CA CYS P 37 57.53 6.41 -9.06
C CYS P 37 56.24 6.64 -8.30
N GLY P 38 55.82 7.89 -8.19
CA GLY P 38 54.79 8.26 -7.25
C GLY P 38 53.39 7.89 -7.66
N ALA P 39 53.21 7.32 -8.84
CA ALA P 39 51.88 6.87 -9.23
C ALA P 39 51.42 5.71 -8.35
N CYS P 40 52.34 4.86 -7.94
CA CYS P 40 52.01 3.76 -7.05
C CYS P 40 52.68 3.87 -5.69
N HIS P 41 53.90 4.38 -5.65
CA HIS P 41 54.61 4.52 -4.38
C HIS P 41 54.40 5.90 -3.78
N VAL P 42 53.17 6.37 -3.66
CA VAL P 42 52.95 7.71 -3.11
C VAL P 42 52.97 7.66 -1.59
N GLY P 43 53.87 8.45 -1.01
CA GLY P 43 53.99 8.51 0.43
C GLY P 43 54.57 7.26 1.07
N GLY P 44 55.17 6.37 0.30
CA GLY P 44 55.83 5.21 0.87
C GLY P 44 55.05 3.92 0.82
N ILE P 45 53.75 3.98 0.68
CA ILE P 45 52.95 2.78 0.55
C ILE P 45 52.98 2.35 -0.90
N THR P 46 52.70 1.08 -1.15
CA THR P 46 52.58 0.56 -2.50
C THR P 46 51.12 0.22 -2.75
N LYS P 47 50.56 0.78 -3.83
CA LYS P 47 49.14 0.60 -4.10
C LYS P 47 48.85 -0.81 -4.58
N THR P 48 49.67 -1.34 -5.47
CA THR P 48 49.37 -2.61 -6.11
C THR P 48 49.86 -3.81 -5.32
N ASN P 49 50.61 -3.61 -4.26
CA ASN P 49 51.06 -4.68 -3.38
C ASN P 49 51.38 -4.11 -2.02
N PRO P 50 50.40 -3.93 -1.14
CA PRO P 50 50.62 -3.13 0.08
C PRO P 50 51.50 -3.78 1.11
N ASN P 51 51.87 -5.05 0.92
CA ASN P 51 52.77 -5.71 1.85
C ASN P 51 54.19 -5.17 1.72
N VAL P 52 54.60 -4.86 0.49
CA VAL P 52 55.98 -4.48 0.22
C VAL P 52 56.00 -2.95 0.03
N GLY P 53 56.32 -2.23 1.09
CA GLY P 53 56.29 -0.79 1.08
C GLY P 53 57.67 -0.17 0.94
N LEU P 54 57.70 1.16 1.09
CA LEU P 54 58.96 1.89 1.13
C LEU P 54 59.32 2.32 2.54
N ASP P 55 58.87 1.60 3.53
CA ASP P 55 59.23 1.87 4.90
C ASP P 55 60.72 1.59 5.11
N PRO P 56 61.37 2.34 6.00
CA PRO P 56 62.75 1.97 6.37
C PRO P 56 62.81 0.69 7.15
N GLU P 57 61.72 0.29 7.81
CA GLU P 57 61.63 -1.06 8.32
C GLU P 57 61.50 -2.08 7.20
N ALA P 58 60.66 -1.77 6.21
CA ALA P 58 60.38 -2.73 5.14
C ALA P 58 61.51 -2.85 4.15
N LEU P 59 62.27 -1.77 3.93
CA LEU P 59 63.44 -1.86 3.07
C LEU P 59 64.55 -2.65 3.74
N SER P 60 64.62 -2.62 5.06
CA SER P 60 65.68 -3.32 5.76
C SER P 60 65.44 -4.81 5.82
N LEU P 61 64.17 -5.24 5.83
CA LEU P 61 63.88 -6.66 5.99
C LEU P 61 63.95 -7.43 4.69
N ALA P 62 64.20 -6.76 3.56
CA ALA P 62 64.37 -7.47 2.30
C ALA P 62 65.67 -8.26 2.32
N THR P 63 65.70 -9.36 1.56
CA THR P 63 66.75 -10.36 1.69
C THR P 63 68.10 -9.83 1.18
N PRO P 64 68.15 -9.02 0.13
CA PRO P 64 69.23 -8.03 0.12
C PRO P 64 68.73 -6.79 0.85
N ARG P 65 69.57 -6.25 1.72
CA ARG P 65 69.17 -5.04 2.45
C ARG P 65 69.10 -3.87 1.48
N ARG P 66 67.99 -3.15 1.52
CA ARG P 66 67.67 -2.15 0.52
C ARG P 66 67.71 -0.72 1.04
N ASP P 67 68.23 -0.48 2.24
CA ASP P 67 68.14 0.85 2.82
C ASP P 67 69.13 1.82 2.18
N ASN P 68 70.18 1.30 1.57
CA ASN P 68 71.25 2.17 1.10
C ASN P 68 70.87 2.84 -0.21
N ILE P 69 71.55 3.95 -0.50
CA ILE P 69 71.43 4.55 -1.82
C ILE P 69 71.97 3.61 -2.89
N SER P 70 73.08 2.95 -2.60
CA SER P 70 73.66 2.01 -3.55
C SER P 70 72.82 0.76 -3.69
N ALA P 71 72.01 0.46 -2.68
CA ALA P 71 71.15 -0.71 -2.75
C ALA P 71 69.86 -0.39 -3.47
N LEU P 72 69.38 0.86 -3.38
CA LEU P 72 68.15 1.22 -4.07
C LEU P 72 68.37 1.38 -5.56
N VAL P 73 69.48 1.99 -5.96
CA VAL P 73 69.77 2.13 -7.39
C VAL P 73 70.13 0.76 -7.97
N ASP P 74 70.60 -0.15 -7.13
CA ASP P 74 70.73 -1.55 -7.52
C ASP P 74 69.38 -2.15 -7.85
N TYR P 75 68.36 -1.84 -7.04
CA TYR P 75 67.03 -2.40 -7.26
C TYR P 75 66.40 -1.84 -8.53
N ILE P 76 66.71 -0.59 -8.86
CA ILE P 76 66.08 0.03 -10.01
C ILE P 76 66.62 -0.59 -11.30
N LYS P 77 67.91 -0.91 -11.33
CA LYS P 77 68.46 -1.50 -12.54
C LYS P 77 68.22 -3.01 -12.57
N ASN P 78 67.92 -3.62 -11.42
CA ASN P 78 67.66 -5.06 -11.37
C ASN P 78 66.72 -5.38 -10.22
N PRO P 79 65.43 -5.28 -10.43
CA PRO P 79 64.49 -5.56 -9.34
C PRO P 79 64.23 -7.03 -9.13
N THR P 80 64.77 -7.58 -8.06
CA THR P 80 64.36 -8.90 -7.64
C THR P 80 63.13 -8.79 -6.75
N THR P 81 62.68 -9.93 -6.24
CA THR P 81 61.54 -9.91 -5.35
C THR P 81 61.96 -9.49 -3.94
N TYR P 82 61.05 -9.70 -3.01
CA TYR P 82 61.31 -9.36 -1.61
C TYR P 82 62.29 -10.35 -1.00
N ASP P 83 62.20 -11.62 -1.38
CA ASP P 83 63.17 -12.59 -0.91
C ASP P 83 64.37 -12.67 -1.86
N GLY P 84 64.34 -11.90 -2.93
CA GLY P 84 65.48 -11.78 -3.82
C GLY P 84 65.84 -13.03 -4.59
N LEU P 85 64.92 -13.98 -4.73
CA LEU P 85 65.27 -15.21 -5.44
C LEU P 85 65.11 -15.04 -6.94
N GLU P 86 64.02 -14.43 -7.39
CA GLU P 86 63.76 -14.29 -8.81
C GLU P 86 63.52 -12.83 -9.15
N SER P 87 63.61 -12.52 -10.44
CA SER P 87 63.47 -11.15 -10.91
C SER P 87 62.02 -10.87 -11.31
N ILE P 88 61.59 -9.64 -11.02
CA ILE P 88 60.28 -9.15 -11.42
C ILE P 88 60.47 -7.89 -12.24
N ALA P 89 61.57 -7.85 -12.99
CA ALA P 89 61.81 -6.74 -13.91
C ALA P 89 60.76 -6.66 -15.00
N GLU P 90 60.14 -7.79 -15.34
CA GLU P 90 59.12 -7.80 -16.38
C GLU P 90 57.86 -7.05 -15.94
N VAL P 91 57.62 -6.93 -14.64
CA VAL P 91 56.43 -6.24 -14.14
C VAL P 91 56.75 -4.99 -13.34
N HIS P 92 57.92 -4.91 -12.71
CA HIS P 92 58.23 -3.63 -12.11
C HIS P 92 59.01 -2.77 -13.10
N PRO P 93 58.79 -1.47 -13.13
CA PRO P 93 59.58 -0.62 -14.02
C PRO P 93 61.03 -0.58 -13.60
N SER P 94 61.92 -0.70 -14.58
CA SER P 94 63.33 -0.88 -14.29
C SER P 94 64.14 -0.24 -15.41
N ILE P 95 65.44 -0.47 -15.37
CA ILE P 95 66.34 -0.08 -16.46
C ILE P 95 66.59 -1.27 -17.38
N LYS P 96 66.68 -2.46 -16.80
CA LYS P 96 66.86 -3.68 -17.58
C LYS P 96 65.67 -3.95 -18.48
N SER P 97 64.47 -3.89 -17.93
CA SER P 97 63.24 -3.99 -18.71
C SER P 97 62.66 -2.59 -18.91
N ALA P 98 63.34 -1.78 -19.72
CA ALA P 98 62.90 -0.42 -19.97
C ALA P 98 62.44 -0.21 -21.41
N ASP P 99 62.34 -1.28 -22.18
CA ASP P 99 61.69 -1.18 -23.48
C ASP P 99 60.18 -1.16 -23.37
N ILE P 100 59.62 -1.87 -22.39
CA ILE P 100 58.18 -1.83 -22.22
C ILE P 100 57.76 -0.55 -21.54
N TYR P 101 58.46 -0.13 -20.50
CA TYR P 101 58.11 1.08 -19.77
C TYR P 101 58.72 2.27 -20.47
N PRO P 102 57.92 3.15 -21.07
CA PRO P 102 58.50 4.31 -21.76
C PRO P 102 58.95 5.39 -20.82
N ARG P 103 58.69 5.22 -19.53
CA ARG P 103 58.93 6.27 -18.57
C ARG P 103 60.38 6.27 -18.11
N MET P 104 61.08 5.18 -18.32
CA MET P 104 62.44 5.04 -17.84
C MET P 104 63.46 4.91 -18.95
N ARG P 105 63.15 5.39 -20.16
CA ARG P 105 64.13 5.32 -21.22
C ARG P 105 65.13 6.47 -21.15
N SER P 106 64.81 7.52 -20.39
CA SER P 106 65.70 8.66 -20.26
C SER P 106 65.97 8.94 -18.80
N LEU P 107 66.92 8.20 -18.22
CA LEU P 107 67.32 8.39 -16.84
C LEU P 107 68.83 8.18 -16.75
N THR P 108 69.51 9.11 -16.13
CA THR P 108 70.94 9.06 -15.99
C THR P 108 71.29 8.43 -14.64
N ASP P 109 72.59 8.42 -14.31
CA ASP P 109 73.00 7.87 -13.02
C ASP P 109 72.67 8.82 -11.88
N GLU P 110 72.83 10.13 -12.11
CA GLU P 110 72.52 11.09 -11.07
C GLU P 110 71.02 11.25 -10.86
N ASP P 111 70.21 10.87 -11.85
CA ASP P 111 68.78 10.97 -11.69
C ASP P 111 68.25 9.86 -10.79
N LEU P 112 68.78 8.65 -10.94
CA LEU P 112 68.44 7.60 -9.99
C LEU P 112 69.09 7.83 -8.65
N TYR P 113 70.20 8.55 -8.61
CA TYR P 113 70.85 8.87 -7.35
C TYR P 113 70.01 9.86 -6.55
N SER P 114 69.22 10.69 -7.21
CA SER P 114 68.38 11.63 -6.48
C SER P 114 67.02 11.03 -6.14
N ILE P 115 66.49 10.14 -6.98
CA ILE P 115 65.24 9.46 -6.66
C ILE P 115 65.44 8.56 -5.44
N ALA P 116 66.52 7.79 -5.44
CA ALA P 116 66.84 6.99 -4.27
C ALA P 116 67.22 7.87 -3.08
N GLY P 117 67.72 9.07 -3.34
CA GLY P 117 67.92 10.02 -2.26
C GLY P 117 66.60 10.45 -1.63
N HIS P 118 65.56 10.60 -2.44
CA HIS P 118 64.27 11.00 -1.91
C HIS P 118 63.62 9.90 -1.10
N ILE P 119 63.77 8.64 -1.53
CA ILE P 119 63.21 7.51 -0.79
C ILE P 119 63.88 7.32 0.56
N MET P 120 65.16 7.67 0.67
CA MET P 120 65.92 7.52 1.90
C MET P 120 65.80 8.72 2.83
N LEU P 121 65.74 9.93 2.30
CA LEU P 121 65.70 11.13 3.11
C LEU P 121 64.29 11.49 3.58
N SER P 122 63.26 10.93 2.98
CA SER P 122 61.90 11.21 3.43
C SER P 122 61.49 10.58 4.77
N PRO P 123 61.94 9.38 5.18
CA PRO P 123 61.63 8.98 6.57
C PRO P 123 62.36 9.81 7.61
N LYS P 124 63.44 10.49 7.24
CA LYS P 124 64.11 11.35 8.20
C LYS P 124 63.38 12.67 8.37
N ILE P 125 62.73 13.15 7.32
CA ILE P 125 61.90 14.34 7.49
C ILE P 125 60.60 13.99 8.21
N ALA P 126 59.77 13.14 7.61
CA ALA P 126 58.50 12.74 8.20
C ALA P 126 58.70 11.33 8.73
N SER P 127 58.67 11.17 10.04
CA SER P 127 59.10 9.92 10.66
C SER P 127 58.05 8.83 10.50
N GLU P 128 56.79 9.19 10.63
CA GLU P 128 55.71 8.20 10.64
C GLU P 128 54.76 8.34 9.46
N LYS P 129 54.82 9.45 8.73
CA LYS P 129 53.94 9.62 7.59
C LYS P 129 54.39 8.80 6.39
N TRP P 130 55.68 8.53 6.29
CA TRP P 130 56.21 7.83 5.13
C TRP P 130 55.87 6.35 5.19
N GLY P 131 54.93 5.92 4.37
CA GLY P 131 54.55 4.53 4.33
C GLY P 131 53.75 4.08 5.53
N GLY P 132 53.06 5.01 6.17
CA GLY P 132 52.26 4.68 7.34
C GLY P 132 50.82 4.49 6.98
N GLY P 133 50.49 4.66 5.72
CA GLY P 133 49.13 4.49 5.29
C GLY P 133 48.30 5.72 5.57
N LYS P 134 46.98 5.51 5.55
CA LYS P 134 46.06 6.63 5.71
C LYS P 134 45.86 6.98 7.17
N ILE P 135 46.35 6.14 8.09
CA ILE P 135 46.25 6.46 9.51
C ILE P 135 47.10 7.68 9.82
N TYR P 136 48.24 7.80 9.17
CA TYR P 136 49.15 8.89 9.44
C TYR P 136 49.15 9.96 8.37
N TYR P 137 48.04 10.17 7.67
CA TYR P 137 47.97 11.27 6.72
C TYR P 137 47.96 12.59 7.47
N MET Q 1 71.24 31.90 -17.31
CA MET Q 1 70.28 31.41 -16.34
C MET Q 1 69.41 32.53 -15.81
N ILE Q 2 68.69 33.20 -16.70
CA ILE Q 2 67.88 34.34 -16.29
C ILE Q 2 66.39 34.11 -16.57
N ASN Q 3 65.97 32.84 -16.71
CA ASN Q 3 64.57 32.41 -16.81
C ASN Q 3 63.86 33.07 -18.00
N TRP Q 4 64.32 32.66 -19.18
CA TRP Q 4 63.85 33.26 -20.43
C TRP Q 4 62.39 32.93 -20.71
N GLN Q 5 61.89 31.83 -20.14
CA GLN Q 5 60.53 31.41 -20.42
C GLN Q 5 59.51 32.37 -19.81
N VAL Q 6 59.69 32.67 -18.52
CA VAL Q 6 58.76 33.55 -17.81
C VAL Q 6 58.84 34.96 -18.38
N ILE Q 7 60.04 35.42 -18.74
CA ILE Q 7 60.21 36.70 -19.41
C ILE Q 7 59.50 36.70 -20.74
N GLY Q 8 59.51 35.56 -21.43
CA GLY Q 8 58.82 35.47 -22.71
C GLY Q 8 57.31 35.45 -22.55
N GLN Q 9 56.81 34.76 -21.52
CA GLN Q 9 55.37 34.63 -21.34
C GLN Q 9 54.74 35.92 -20.85
N LEU Q 10 55.40 36.62 -19.93
CA LEU Q 10 54.81 37.82 -19.33
C LEU Q 10 54.81 38.97 -20.31
N MET Q 11 55.78 39.00 -21.23
CA MET Q 11 55.74 40.02 -22.27
C MET Q 11 54.69 39.68 -23.31
N SER Q 12 54.56 38.40 -23.65
CA SER Q 12 53.64 38.03 -24.71
C SER Q 12 52.18 38.06 -24.28
N THR Q 13 51.88 37.95 -22.98
CA THR Q 13 50.52 38.28 -22.57
C THR Q 13 50.29 39.78 -22.62
N ALA Q 14 51.27 40.56 -22.13
CA ALA Q 14 51.13 42.01 -22.10
C ALA Q 14 51.14 42.63 -23.48
N VAL Q 15 51.69 41.95 -24.49
CA VAL Q 15 51.51 42.41 -25.86
C VAL Q 15 50.08 42.17 -26.30
N ILE Q 16 49.56 40.98 -26.01
CA ILE Q 16 48.24 40.58 -26.49
C ILE Q 16 47.13 41.23 -25.67
N MET Q 17 47.29 41.31 -24.34
CA MET Q 17 46.29 41.98 -23.51
C MET Q 17 46.23 43.47 -23.74
N LEU Q 18 47.27 44.07 -24.31
CA LEU Q 18 47.22 45.47 -24.70
C LEU Q 18 46.95 45.67 -26.17
N ALA Q 19 46.88 44.59 -26.95
CA ALA Q 19 46.50 44.71 -28.36
C ALA Q 19 45.01 44.64 -28.57
N GLY Q 20 44.25 44.36 -27.52
CA GLY Q 20 42.81 44.30 -27.61
C GLY Q 20 42.11 45.62 -27.39
N PRO Q 21 42.34 46.25 -26.23
CA PRO Q 21 41.85 47.61 -26.04
C PRO Q 21 42.49 48.64 -26.97
N ALA Q 22 43.64 48.36 -27.57
CA ALA Q 22 44.22 49.32 -28.52
C ALA Q 22 43.42 49.36 -29.81
N VAL Q 23 42.66 48.30 -30.10
CA VAL Q 23 41.74 48.33 -31.22
C VAL Q 23 40.58 49.29 -30.93
N ILE Q 24 40.15 49.35 -29.67
CA ILE Q 24 39.05 50.21 -29.31
C ILE Q 24 39.55 51.64 -29.09
N VAL Q 25 40.70 51.79 -28.45
CA VAL Q 25 41.25 53.12 -28.15
C VAL Q 25 41.59 53.87 -29.43
N LEU Q 26 42.16 53.16 -30.41
CA LEU Q 26 42.39 53.79 -31.71
C LEU Q 26 41.10 54.12 -32.44
N LEU Q 27 39.99 53.48 -32.10
CA LEU Q 27 38.72 53.88 -32.69
C LEU Q 27 38.07 55.03 -31.96
N ALA Q 28 38.29 55.14 -30.65
CA ALA Q 28 37.68 56.24 -29.91
C ALA Q 28 38.34 57.56 -30.24
N LEU Q 29 39.64 57.53 -30.53
CA LEU Q 29 40.34 58.74 -30.95
C LEU Q 29 39.93 59.12 -32.37
N LYS Q 30 39.61 58.14 -33.19
CA LYS Q 30 39.25 58.35 -34.57
C LYS Q 30 37.78 58.71 -34.73
N LYS Q 31 36.99 58.53 -33.67
CA LYS Q 31 35.54 58.78 -33.64
C LYS Q 31 34.81 57.97 -34.71
N GLY Q 32 35.29 56.74 -34.96
CA GLY Q 32 34.65 55.88 -35.93
C GLY Q 32 33.41 55.22 -35.37
N ASN Q 33 32.83 54.35 -36.18
CA ASN Q 33 31.58 53.69 -35.82
C ASN Q 33 31.82 52.61 -34.77
N LEU Q 34 31.89 53.00 -33.51
CA LEU Q 34 31.86 52.03 -32.43
C LEU Q 34 30.45 51.50 -32.21
N MET R 1 44.95 46.86 43.65
CA MET R 1 46.16 46.72 44.45
C MET R 1 47.01 45.54 44.00
N THR R 2 46.39 44.54 43.37
CA THR R 2 47.12 43.46 42.74
C THR R 2 47.66 43.91 41.39
N ALA R 3 48.25 42.97 40.66
CA ALA R 3 48.58 43.27 39.27
C ALA R 3 47.32 43.35 38.43
N SER R 4 46.37 42.45 38.68
CA SER R 4 45.16 42.40 37.87
C SER R 4 44.21 43.54 38.20
N LEU R 5 44.15 43.94 39.46
CA LEU R 5 43.22 45.00 39.83
C LEU R 5 43.75 46.38 39.44
N SER R 6 45.05 46.59 39.53
CA SER R 6 45.61 47.88 39.12
C SER R 6 45.52 48.07 37.63
N ASN R 7 45.71 46.99 36.85
CA ASN R 7 45.63 47.11 35.40
C ASN R 7 44.20 47.31 34.93
N PHE R 8 43.22 46.88 35.72
CA PHE R 8 41.84 47.00 35.27
C PHE R 8 41.33 48.43 35.42
N ILE R 9 41.70 49.09 36.52
CA ILE R 9 41.27 50.46 36.73
C ILE R 9 41.97 51.38 35.73
N ALA R 10 43.19 51.03 35.34
CA ALA R 10 43.87 51.77 34.28
C ALA R 10 43.17 51.60 32.95
N SER R 11 42.58 50.42 32.71
CA SER R 11 41.79 50.23 31.51
C SER R 11 40.46 50.95 31.61
N LEU R 12 39.98 51.14 32.83
CA LEU R 12 38.74 51.86 33.04
C LEU R 12 38.94 53.34 32.80
N ILE R 13 40.12 53.85 33.18
CA ILE R 13 40.51 55.21 32.83
C ILE R 13 40.72 55.31 31.32
N ALA R 14 41.36 54.29 30.74
CA ALA R 14 41.58 54.27 29.29
C ALA R 14 40.27 54.08 28.55
N GLY R 15 39.30 53.41 29.17
CA GLY R 15 37.98 53.34 28.57
C GLY R 15 37.22 54.65 28.71
N GLY R 16 37.68 55.53 29.61
CA GLY R 16 37.04 56.82 29.74
C GLY R 16 37.53 57.82 28.72
N VAL R 17 38.81 57.74 28.36
CA VAL R 17 39.37 58.72 27.43
C VAL R 17 39.01 58.37 26.00
N VAL R 18 38.76 57.08 25.72
CA VAL R 18 38.31 56.66 24.40
C VAL R 18 36.89 57.18 24.14
N VAL R 19 36.02 57.07 25.15
CA VAL R 19 34.73 57.73 25.09
C VAL R 19 34.91 59.24 25.14
N GLY R 20 35.94 59.70 25.86
CA GLY R 20 36.15 61.12 26.05
C GLY R 20 36.57 61.85 24.79
N VAL R 21 37.62 61.37 24.11
CA VAL R 21 38.14 62.10 22.97
C VAL R 21 37.19 62.00 21.78
N ILE R 22 36.33 60.99 21.77
CA ILE R 22 35.25 60.96 20.80
C ILE R 22 34.19 61.99 21.17
N ALA R 23 33.87 62.10 22.46
CA ALA R 23 32.81 63.01 22.89
C ALA R 23 33.24 64.47 22.81
N ILE R 24 34.49 64.77 23.21
CA ILE R 24 34.97 66.15 23.20
C ILE R 24 35.08 66.66 21.76
N ALA R 25 35.53 65.80 20.85
CA ALA R 25 35.59 66.18 19.44
C ALA R 25 34.19 66.31 18.85
N LEU R 26 33.21 65.62 19.42
CA LEU R 26 31.88 65.64 18.83
C LEU R 26 31.09 66.87 19.26
N ILE R 27 31.37 67.39 20.45
CA ILE R 27 30.67 68.60 20.91
C ILE R 27 31.16 69.82 20.14
N VAL R 28 32.46 69.89 19.90
CA VAL R 28 33.06 71.07 19.27
C VAL R 28 32.62 71.18 17.82
N ILE R 29 32.62 70.07 17.10
CA ILE R 29 32.20 70.07 15.71
C ILE R 29 30.69 70.25 15.58
N SER R 30 29.92 69.89 16.60
CA SER R 30 28.47 70.11 16.55
C SER R 30 28.12 71.57 16.73
N LYS R 31 29.05 72.37 17.24
CA LYS R 31 28.83 73.81 17.31
C LYS R 31 28.97 74.45 15.93
N SER R 32 30.00 74.04 15.18
CA SER R 32 30.31 74.69 13.92
C SER R 32 29.33 74.28 12.83
N ASP R 33 28.85 73.05 12.87
CA ASP R 33 28.02 72.52 11.80
C ASP R 33 26.53 72.56 12.16
N ARG R 34 26.09 73.60 12.87
CA ARG R 34 24.67 73.73 13.19
C ARG R 34 23.88 74.11 11.95
N ILE R 35 22.61 73.79 11.96
CA ILE R 35 21.76 74.01 10.80
C ILE R 35 21.08 75.36 10.95
N LEU R 36 21.06 76.12 9.84
CA LEU R 36 20.27 77.33 9.75
C LEU R 36 18.80 77.05 10.00
N ARG R 37 18.13 77.96 10.69
CA ARG R 37 16.72 77.81 11.08
C ARG R 37 15.78 77.77 9.88
N MET S 1 66.01 29.22 -41.81
CA MET S 1 65.27 30.34 -42.39
C MET S 1 63.82 30.32 -41.97
N ILE S 2 63.38 29.20 -41.42
CA ILE S 2 61.99 29.08 -40.98
C ILE S 2 61.76 29.93 -39.75
N THR S 3 62.75 29.98 -38.85
CA THR S 3 62.62 30.80 -37.64
C THR S 3 62.66 32.29 -37.96
N LEU S 4 63.18 32.66 -39.13
CA LEU S 4 63.19 34.07 -39.50
C LEU S 4 61.90 34.47 -40.18
N LEU S 5 61.28 33.54 -40.92
CA LEU S 5 60.09 33.90 -41.68
C LEU S 5 58.83 33.85 -40.82
N VAL S 6 58.78 32.91 -39.86
CA VAL S 6 57.65 32.86 -38.95
C VAL S 6 57.67 34.07 -38.02
N ALA S 7 58.87 34.52 -37.64
CA ALA S 7 58.99 35.75 -36.87
C ALA S 7 58.59 36.96 -37.70
N LEU S 8 58.72 36.87 -39.02
CA LEU S 8 58.22 37.93 -39.87
C LEU S 8 56.73 37.74 -40.12
N LEU S 9 56.23 36.53 -39.88
CA LEU S 9 54.81 36.24 -40.08
C LEU S 9 53.99 36.73 -38.89
N VAL S 10 54.57 36.66 -37.69
CA VAL S 10 53.87 37.12 -36.50
C VAL S 10 53.82 38.63 -36.45
N LEU S 11 54.89 39.30 -36.86
CA LEU S 11 54.95 40.75 -36.76
C LEU S 11 54.00 41.42 -37.74
N ILE S 12 53.67 40.75 -38.83
CA ILE S 12 52.67 41.31 -39.75
C ILE S 12 51.27 41.14 -39.18
N SER S 13 51.01 40.01 -38.53
CA SER S 13 49.70 39.80 -37.92
C SER S 13 49.52 40.65 -36.67
N LEU S 14 50.62 41.13 -36.08
CA LEU S 14 50.49 42.23 -35.12
C LEU S 14 50.09 43.51 -35.82
N GLY S 15 50.65 43.76 -37.00
CA GLY S 15 50.38 45.01 -37.67
C GLY S 15 49.01 45.08 -38.30
N LEU S 16 48.41 43.91 -38.59
CA LEU S 16 47.10 43.91 -39.22
C LEU S 16 46.00 44.15 -38.19
N VAL S 17 46.04 43.42 -37.08
CA VAL S 17 44.94 43.40 -36.11
C VAL S 17 44.81 44.76 -35.43
N VAL S 18 45.91 45.47 -35.27
CA VAL S 18 45.83 46.84 -34.76
C VAL S 18 45.19 47.76 -35.80
N THR S 19 45.36 47.46 -37.08
CA THR S 19 44.97 48.41 -38.11
C THR S 19 43.74 48.01 -38.92
N VAL S 20 43.46 46.73 -39.10
CA VAL S 20 42.36 46.31 -39.99
C VAL S 20 40.97 46.59 -39.40
N PRO S 21 40.65 46.28 -38.13
CA PRO S 21 39.34 46.73 -37.62
C PRO S 21 39.23 48.22 -37.45
N VAL S 22 40.36 48.92 -37.26
CA VAL S 22 40.35 50.36 -37.37
C VAL S 22 40.06 50.79 -38.79
N ALA S 23 40.50 50.03 -39.78
CA ALA S 23 40.20 50.36 -41.17
C ALA S 23 38.77 50.04 -41.54
N LEU S 24 38.08 49.18 -40.77
CA LEU S 24 36.72 48.81 -41.14
C LEU S 24 35.68 49.60 -40.35
N ALA S 25 35.96 49.90 -39.10
CA ALA S 25 34.95 50.56 -38.27
C ALA S 25 34.87 52.05 -38.59
N THR S 26 35.90 52.58 -39.23
CA THR S 26 35.86 53.95 -39.71
C THR S 26 34.90 54.02 -40.89
N PRO S 27 34.05 55.07 -40.99
CA PRO S 27 33.05 55.14 -42.07
C PRO S 27 33.56 55.12 -43.51
N GLY S 28 34.85 55.39 -43.75
CA GLY S 28 35.31 55.37 -45.11
C GLY S 28 36.70 54.84 -45.36
N GLU S 29 37.41 54.41 -44.32
CA GLU S 29 38.83 54.15 -44.43
C GLU S 29 39.12 52.92 -45.28
N TRP S 30 38.19 51.96 -45.29
CA TRP S 30 38.41 50.76 -46.09
C TRP S 30 38.19 51.04 -47.57
N GLU S 31 37.19 51.85 -47.89
CA GLU S 31 36.92 52.14 -49.29
C GLU S 31 37.98 53.07 -49.87
N ILE S 32 38.44 54.04 -49.06
CA ILE S 32 39.45 54.97 -49.52
C ILE S 32 40.78 54.27 -49.70
N ALA S 33 41.15 53.42 -48.76
CA ALA S 33 42.38 52.64 -48.85
C ALA S 33 42.06 51.17 -48.53
N LYS S 34 41.98 50.35 -49.57
CA LYS S 34 42.08 48.91 -49.43
C LYS S 34 43.14 48.30 -50.33
N GLY S 35 43.46 48.95 -51.46
CA GLY S 35 44.54 48.47 -52.31
C GLY S 35 45.90 48.60 -51.64
N LYS S 36 46.01 49.51 -50.69
CA LYS S 36 47.14 49.46 -49.77
C LYS S 36 47.07 48.21 -48.90
N PHE S 37 45.91 47.94 -48.31
CA PHE S 37 45.78 46.79 -47.41
C PHE S 37 45.75 45.47 -48.14
N ASN S 38 45.25 45.44 -49.38
CA ASN S 38 45.14 44.18 -50.12
C ASN S 38 46.52 43.63 -50.46
N ARG S 39 47.53 44.49 -50.55
CA ARG S 39 48.89 44.00 -50.66
C ARG S 39 49.30 43.23 -49.41
N PHE S 40 48.93 43.74 -48.24
CA PHE S 40 49.35 43.12 -46.99
C PHE S 40 48.65 41.80 -46.75
N PHE S 41 47.46 41.60 -47.34
CA PHE S 41 46.86 40.28 -47.31
C PHE S 41 47.60 39.34 -48.25
N GLN S 42 47.94 39.83 -49.45
CA GLN S 42 48.62 38.99 -50.42
C GLN S 42 50.05 38.69 -49.99
N ILE S 43 50.68 39.60 -49.24
CA ILE S 43 51.98 39.30 -48.67
C ILE S 43 51.83 38.27 -47.56
N TRP S 44 50.77 38.39 -46.76
CA TRP S 44 50.59 37.51 -45.61
C TRP S 44 50.27 36.09 -46.05
N VAL S 45 49.44 35.94 -47.08
CA VAL S 45 49.12 34.62 -47.61
C VAL S 45 50.34 34.01 -48.27
N PHE S 46 51.16 34.84 -48.93
CA PHE S 46 52.36 34.35 -49.60
C PHE S 46 53.38 33.82 -48.61
N LEU S 47 53.41 34.38 -47.40
CA LEU S 47 54.37 33.89 -46.41
C LEU S 47 53.99 32.52 -45.89
N VAL S 48 52.70 32.22 -45.84
CA VAL S 48 52.25 30.92 -45.32
C VAL S 48 52.68 29.81 -46.26
N ILE S 49 52.68 30.10 -47.56
CA ILE S 49 53.09 29.10 -48.54
C ILE S 49 54.60 28.94 -48.55
N VAL S 50 55.33 30.04 -48.35
CA VAL S 50 56.79 29.99 -48.27
C VAL S 50 57.23 29.19 -47.04
N ILE S 51 56.54 29.37 -45.92
CA ILE S 51 56.85 28.60 -44.73
C ILE S 51 56.45 27.14 -44.90
N ALA S 52 55.33 26.89 -45.58
CA ALA S 52 54.93 25.50 -45.85
C ALA S 52 55.86 24.85 -46.85
N ALA S 53 56.47 25.64 -47.73
CA ALA S 53 57.48 25.10 -48.63
C ALA S 53 58.75 24.78 -47.89
N ALA S 54 59.23 25.72 -47.07
CA ALA S 54 60.48 25.54 -46.35
C ALA S 54 60.38 24.48 -45.27
N ASP S 55 59.16 24.15 -44.82
CA ASP S 55 59.02 23.08 -43.85
C ASP S 55 59.11 21.72 -44.51
N GLY S 56 58.54 21.58 -45.70
CA GLY S 56 58.59 20.30 -46.41
C GLY S 56 59.95 19.98 -46.97
N ILE S 57 60.68 21.01 -47.42
CA ILE S 57 62.05 20.81 -47.85
C ILE S 57 62.93 20.37 -46.69
N SER S 58 62.76 21.01 -45.53
CA SER S 58 63.60 20.69 -44.39
C SER S 58 63.22 19.40 -43.70
N SER S 59 62.17 18.71 -44.13
CA SER S 59 61.80 17.44 -43.53
C SER S 59 61.70 16.34 -44.57
N SER T 19 65.97 27.48 -5.61
CA SER T 19 65.31 27.60 -4.31
C SER T 19 64.26 26.48 -4.19
N TYR T 20 63.90 26.11 -2.95
CA TYR T 20 63.31 24.78 -2.72
C TYR T 20 61.86 24.69 -3.16
N SER T 21 61.11 25.78 -3.02
CA SER T 21 59.68 25.75 -3.34
C SER T 21 59.34 26.65 -4.52
N GLU T 22 60.28 26.84 -5.45
CA GLU T 22 60.06 27.67 -6.63
C GLU T 22 59.39 26.81 -7.68
N GLY T 23 58.19 27.21 -8.10
CA GLY T 23 57.40 26.36 -8.97
C GLY T 23 57.72 26.53 -10.45
N ALA T 24 57.86 27.77 -10.90
CA ALA T 24 58.11 28.03 -12.32
C ALA T 24 59.59 28.23 -12.63
N ALA T 25 60.50 27.59 -11.90
CA ALA T 25 61.90 27.56 -12.28
C ALA T 25 62.04 26.51 -13.38
N TYR T 26 61.94 26.95 -14.63
CA TYR T 26 61.95 26.00 -15.73
C TYR T 26 63.34 25.45 -16.00
N GLY T 27 64.35 26.32 -15.99
CA GLY T 27 65.68 25.90 -16.38
C GLY T 27 66.81 26.34 -15.46
N THR T 28 66.54 27.28 -14.57
CA THR T 28 67.59 27.80 -13.70
C THR T 28 67.84 26.87 -12.53
N ASP T 29 66.86 26.04 -12.21
CA ASP T 29 66.97 25.09 -11.10
C ASP T 29 68.06 24.06 -11.35
N GLN T 30 67.84 23.21 -12.34
CA GLN T 30 68.64 22.01 -12.56
C GLN T 30 69.88 22.37 -13.36
N ALA T 31 70.89 21.50 -13.32
CA ALA T 31 72.12 21.77 -14.06
C ALA T 31 72.11 21.08 -15.42
N ASP T 32 71.46 19.92 -15.51
CA ASP T 32 71.40 19.22 -16.79
C ASP T 32 70.31 19.82 -17.66
N LYS T 33 70.53 19.80 -18.97
CA LYS T 33 69.55 20.33 -19.89
C LYS T 33 68.36 19.38 -19.99
N LEU T 34 67.16 19.93 -19.97
CA LEU T 34 65.97 19.11 -20.06
C LEU T 34 65.50 18.97 -21.50
N TYR T 35 64.54 18.06 -21.67
CA TYR T 35 63.92 17.86 -22.99
C TYR T 35 63.13 19.08 -23.39
N SER T 36 62.45 19.71 -22.44
CA SER T 36 61.63 20.89 -22.66
C SER T 36 61.46 21.57 -21.33
N PRO T 37 61.14 22.87 -21.30
CA PRO T 37 60.90 23.53 -20.01
C PRO T 37 59.70 22.99 -19.29
N TYR T 38 58.78 22.38 -20.01
CA TYR T 38 57.58 21.79 -19.44
C TYR T 38 57.75 20.34 -19.06
N SER T 39 58.96 19.92 -18.75
CA SER T 39 59.24 18.54 -18.38
C SER T 39 60.09 18.48 -17.13
N VAL T 40 60.28 17.25 -16.64
CA VAL T 40 61.22 16.97 -15.57
C VAL T 40 62.39 16.15 -16.08
N TYR T 41 62.19 15.37 -17.13
CA TYR T 41 63.16 14.41 -17.62
C TYR T 41 64.18 15.08 -18.52
N SER T 42 65.36 14.47 -18.57
CA SER T 42 66.42 14.87 -19.48
C SER T 42 66.20 14.15 -20.81
N PRO T 43 66.77 14.60 -21.92
CA PRO T 43 66.53 13.94 -23.21
C PRO T 43 67.17 12.56 -23.31
N GLU T 44 67.05 11.98 -24.51
CA GLU T 44 67.49 10.64 -24.83
C GLU T 44 68.96 10.63 -25.29
N GLY T 45 69.74 11.63 -24.91
CA GLY T 45 71.11 11.75 -25.39
C GLY T 45 72.09 10.83 -24.69
N GLU T 46 73.27 11.35 -24.39
CA GLU T 46 74.28 10.55 -23.71
C GLU T 46 73.96 10.41 -22.23
N LYS T 47 74.87 9.73 -21.53
CA LYS T 47 74.87 9.44 -20.09
C LYS T 47 73.59 8.80 -19.57
N SER T 48 72.74 8.27 -20.44
CA SER T 48 71.53 7.58 -20.05
C SER T 48 71.86 6.14 -19.71
N LEU T 49 71.00 5.53 -18.90
CA LEU T 49 71.21 4.14 -18.57
C LEU T 49 70.49 3.19 -19.51
N TYR T 50 69.52 3.69 -20.27
CA TYR T 50 68.82 2.88 -21.26
C TYR T 50 69.54 3.02 -22.60
N LYS T 51 70.17 1.95 -23.04
CA LYS T 51 70.82 1.91 -24.33
C LYS T 51 70.06 0.94 -25.22
N PRO T 52 69.42 1.41 -26.29
CA PRO T 52 68.52 0.54 -27.05
C PRO T 52 69.24 -0.43 -27.96
N ASP T 53 70.56 -0.33 -28.10
CA ASP T 53 71.31 -1.25 -28.93
C ASP T 53 71.62 -2.57 -28.23
N ASN T 54 71.11 -2.78 -27.01
CA ASN T 54 71.52 -3.93 -26.22
C ASN T 54 70.86 -5.21 -26.73
N ALA T 55 71.56 -6.32 -26.51
CA ALA T 55 71.14 -7.59 -27.11
C ALA T 55 69.94 -8.18 -26.38
N GLU T 56 69.81 -7.89 -25.08
CA GLU T 56 68.72 -8.48 -24.31
C GLU T 56 67.38 -7.86 -24.66
N TYR T 57 67.39 -6.65 -25.23
CA TYR T 57 66.18 -6.09 -25.78
C TYR T 57 65.85 -6.73 -27.13
N LEU T 58 66.88 -7.06 -27.90
CA LEU T 58 66.69 -7.76 -29.16
C LEU T 58 66.29 -9.20 -28.92
N ALA T 59 66.82 -9.81 -27.86
CA ALA T 59 66.51 -11.21 -27.58
C ALA T 59 65.11 -11.35 -26.98
N ARG T 60 64.63 -10.30 -26.33
CA ARG T 60 63.25 -10.32 -25.83
C ARG T 60 62.25 -10.21 -26.98
N LYS T 61 62.54 -9.35 -27.96
CA LYS T 61 61.65 -9.18 -29.08
C LYS T 61 61.71 -10.39 -30.02
N LYS T 62 62.84 -11.07 -30.06
CA LYS T 62 62.95 -12.25 -30.91
C LYS T 62 62.22 -13.43 -30.30
N ALA T 63 62.12 -13.47 -28.97
CA ALA T 63 61.51 -14.63 -28.31
C ALA T 63 60.01 -14.64 -28.47
N VAL T 64 59.38 -13.47 -28.59
CA VAL T 64 57.93 -13.46 -28.77
C VAL T 64 57.58 -13.80 -30.21
N LEU T 65 58.49 -13.56 -31.15
CA LEU T 65 58.26 -13.96 -32.54
C LEU T 65 58.32 -15.48 -32.69
N ALA T 66 59.11 -16.14 -31.85
CA ALA T 66 59.22 -17.59 -31.94
C ALA T 66 57.98 -18.26 -31.35
N GLU T 67 57.50 -17.74 -30.23
CA GLU T 67 56.34 -18.34 -29.58
C GLU T 67 55.05 -18.00 -30.33
N THR T 68 55.07 -16.92 -31.12
CA THR T 68 53.88 -16.54 -31.88
C THR T 68 53.49 -17.61 -32.89
N LYS T 69 54.49 -18.21 -33.54
CA LYS T 69 54.22 -19.34 -34.42
C LYS T 69 53.74 -20.55 -33.63
N ASN T 70 54.21 -20.72 -32.41
CA ASN T 70 53.76 -21.84 -31.59
C ASN T 70 52.35 -21.62 -31.05
N ARG T 71 51.96 -20.37 -30.79
CA ARG T 71 50.59 -20.06 -30.41
C ARG T 71 49.64 -20.07 -31.60
N LEU T 72 50.17 -20.03 -32.82
CA LEU T 72 49.35 -19.94 -34.02
C LEU T 72 49.08 -21.31 -34.63
N GLN T 73 49.86 -22.31 -34.28
CA GLN T 73 49.59 -23.66 -34.72
C GLN T 73 48.52 -24.35 -33.89
N LYS T 74 48.16 -23.78 -32.75
CA LYS T 74 47.04 -24.29 -31.96
C LYS T 74 45.71 -23.75 -32.44
N ILE T 75 45.73 -22.85 -33.43
CA ILE T 75 44.49 -22.31 -33.98
C ILE T 75 43.58 -23.36 -34.63
N PRO T 76 44.06 -24.25 -35.52
CA PRO T 76 43.10 -25.20 -36.15
C PRO T 76 42.55 -26.25 -35.21
N ALA T 77 43.16 -26.46 -34.04
CA ALA T 77 42.64 -27.44 -33.11
C ALA T 77 41.30 -27.00 -32.51
N TYR T 78 41.08 -25.69 -32.39
CA TYR T 78 39.79 -25.20 -31.94
C TYR T 78 38.79 -25.07 -33.07
N VAL T 79 39.26 -24.96 -34.31
CA VAL T 79 38.34 -24.87 -35.44
C VAL T 79 37.96 -26.28 -35.90
N ASP T 80 38.84 -27.26 -35.68
CA ASP T 80 38.42 -28.65 -35.79
C ASP T 80 37.38 -28.99 -34.74
N LYS T 81 37.49 -28.39 -33.56
CA LYS T 81 36.41 -28.41 -32.59
C LYS T 81 35.43 -27.29 -32.91
N LYS T 82 34.51 -27.01 -31.99
CA LYS T 82 33.46 -26.04 -32.25
C LYS T 82 33.68 -24.75 -31.48
N GLU T 83 34.83 -24.60 -30.82
CA GLU T 83 35.05 -23.53 -29.86
C GLU T 83 35.56 -22.31 -30.60
N TRP T 84 34.67 -21.35 -30.85
CA TRP T 84 35.05 -20.10 -31.48
C TRP T 84 35.50 -19.06 -30.49
N PHE T 85 35.14 -19.20 -29.21
CA PHE T 85 35.61 -18.23 -28.23
C PHE T 85 37.09 -18.38 -27.94
N ASN T 86 37.64 -19.58 -28.14
CA ASN T 86 39.05 -19.82 -27.89
C ASN T 86 39.94 -19.36 -29.05
N VAL T 87 39.40 -19.25 -30.26
CA VAL T 87 40.22 -18.78 -31.36
C VAL T 87 40.21 -17.26 -31.45
N LYS T 88 39.18 -16.59 -30.93
CA LYS T 88 39.14 -15.14 -30.96
C LYS T 88 40.14 -14.52 -30.00
N ASP T 89 40.50 -15.24 -28.94
CA ASP T 89 41.35 -14.65 -27.93
C ASP T 89 42.74 -15.25 -27.84
N GLU T 90 42.97 -16.43 -28.45
CA GLU T 90 44.31 -16.99 -28.53
C GLU T 90 45.26 -16.07 -29.27
N LEU T 91 44.76 -15.37 -30.27
CA LEU T 91 45.54 -14.37 -30.98
C LEU T 91 45.46 -12.99 -30.34
N THR T 92 44.95 -12.87 -29.13
CA THR T 92 45.07 -11.63 -28.37
C THR T 92 45.57 -11.88 -26.95
N ARG T 93 45.53 -13.13 -26.47
CA ARG T 93 45.98 -13.39 -25.11
C ARG T 93 47.49 -13.31 -25.00
N TYR T 94 48.19 -14.19 -25.70
CA TYR T 94 49.63 -14.06 -25.77
C TYR T 94 50.09 -13.11 -26.86
N MET T 95 49.43 -13.10 -28.01
CA MET T 95 49.92 -12.40 -29.18
C MET T 95 49.76 -10.89 -29.12
N TYR T 96 49.35 -10.33 -27.98
CA TYR T 96 49.29 -8.89 -27.82
C TYR T 96 50.66 -8.25 -27.96
N GLU T 97 51.69 -8.96 -27.55
CA GLU T 97 53.03 -8.38 -27.58
C GLU T 97 53.71 -8.53 -28.93
N THR T 98 53.00 -9.06 -29.93
CA THR T 98 53.63 -9.25 -31.24
C THR T 98 53.84 -7.93 -31.97
N ARG T 99 52.78 -7.14 -32.13
CA ARG T 99 52.83 -5.90 -32.90
C ARG T 99 53.84 -4.91 -32.35
N GLY T 100 54.09 -4.95 -31.04
CA GLY T 100 55.12 -4.10 -30.48
C GLY T 100 56.51 -4.54 -30.91
N ALA T 101 56.67 -5.83 -31.20
CA ALA T 101 58.00 -6.35 -31.53
C ALA T 101 58.24 -6.32 -33.03
N VAL T 102 57.28 -6.82 -33.82
CA VAL T 102 57.46 -6.94 -35.26
C VAL T 102 57.53 -5.57 -35.93
N ARG T 103 56.87 -4.56 -35.38
CA ARG T 103 57.14 -3.20 -35.84
C ARG T 103 58.52 -2.72 -35.44
N SER T 104 59.03 -3.17 -34.29
CA SER T 104 60.33 -2.73 -33.82
C SER T 104 61.47 -3.45 -34.51
N LEU T 105 61.28 -4.72 -34.87
CA LEU T 105 62.28 -5.46 -35.61
C LEU T 105 62.35 -5.04 -37.07
N SER T 106 61.28 -4.47 -37.60
CA SER T 106 61.24 -4.01 -38.98
C SER T 106 62.10 -2.76 -39.11
N SER T 107 63.31 -2.91 -39.64
CA SER T 107 64.25 -1.81 -39.74
C SER T 107 64.40 -1.35 -41.18
N SER T 108 64.73 -2.26 -42.10
CA SER T 108 64.99 -1.84 -43.48
C SER T 108 63.67 -1.62 -44.23
N VAL T 109 63.80 -1.28 -45.51
CA VAL T 109 62.66 -0.83 -46.30
C VAL T 109 61.70 -1.97 -46.57
N THR T 110 62.16 -2.98 -47.32
CA THR T 110 61.32 -4.11 -47.70
C THR T 110 60.96 -5.00 -46.54
N GLN T 111 61.69 -4.90 -45.42
CA GLN T 111 61.30 -5.57 -44.20
C GLN T 111 60.01 -5.00 -43.63
N LYS T 112 59.81 -3.70 -43.78
CA LYS T 112 58.63 -3.03 -43.23
C LYS T 112 57.36 -3.42 -43.96
N GLU T 113 57.36 -3.34 -45.30
CA GLU T 113 56.17 -3.72 -46.05
C GLU T 113 55.98 -5.22 -46.20
N LYS T 114 56.80 -6.02 -45.53
CA LYS T 114 56.54 -7.43 -45.35
C LYS T 114 55.64 -7.70 -44.15
N ALA T 115 55.63 -6.79 -43.17
CA ALA T 115 54.89 -7.01 -41.95
C ALA T 115 53.39 -6.81 -42.13
N GLU T 116 52.97 -5.87 -42.97
CA GLU T 116 51.55 -5.67 -43.19
C GLU T 116 50.93 -6.79 -44.00
N VAL T 117 51.74 -7.57 -44.71
CA VAL T 117 51.26 -8.82 -45.27
C VAL T 117 50.87 -9.78 -44.15
N PHE T 118 51.65 -9.79 -43.07
CA PHE T 118 51.36 -10.67 -41.94
C PHE T 118 50.15 -10.20 -41.16
N PHE T 119 49.98 -8.88 -41.01
CA PHE T 119 48.87 -8.34 -40.22
C PHE T 119 47.53 -8.54 -40.93
N ARG T 120 47.46 -8.16 -42.19
CA ARG T 120 46.21 -8.29 -42.95
C ARG T 120 45.81 -9.75 -43.11
N ALA T 121 46.79 -10.65 -43.14
CA ALA T 121 46.47 -12.07 -43.05
C ALA T 121 46.04 -12.46 -41.65
N LEU T 122 46.51 -11.75 -40.63
CA LEU T 122 46.14 -12.08 -39.27
C LEU T 122 44.81 -11.44 -38.88
N GLU T 123 44.50 -10.27 -39.41
CA GLU T 123 43.24 -9.61 -39.08
C GLU T 123 42.05 -10.31 -39.73
N ASP T 124 42.29 -11.10 -40.77
CA ASP T 124 41.22 -11.87 -41.36
C ASP T 124 40.96 -13.17 -40.62
N THR T 125 41.91 -13.64 -39.81
CA THR T 125 41.63 -14.76 -38.91
C THR T 125 40.68 -14.34 -37.82
N TYR T 126 40.86 -13.13 -37.28
CA TYR T 126 39.95 -12.63 -36.26
C TYR T 126 38.63 -12.19 -36.87
N GLY T 127 38.66 -11.64 -38.07
CA GLY T 127 37.44 -11.24 -38.75
C GLY T 127 36.58 -12.41 -39.20
N ALA T 128 37.18 -13.59 -39.32
CA ALA T 128 36.41 -14.78 -39.64
C ALA T 128 35.99 -15.55 -38.41
N ALA T 129 36.68 -15.38 -37.30
CA ALA T 129 36.30 -16.06 -36.08
C ALA T 129 35.07 -15.44 -35.45
N THR T 130 34.90 -14.12 -35.59
CA THR T 130 33.69 -13.48 -35.10
C THR T 130 32.49 -13.82 -35.97
N LEU T 131 32.71 -14.00 -37.27
CA LEU T 131 31.65 -14.39 -38.19
C LEU T 131 31.47 -15.90 -38.26
N LYS T 132 32.32 -16.66 -37.56
CA LYS T 132 32.22 -18.12 -37.42
C LYS T 132 32.29 -18.84 -38.77
N LYS T 133 33.35 -18.58 -39.51
CA LYS T 133 33.60 -19.25 -40.78
C LYS T 133 34.78 -20.18 -40.63
N GLY T 134 34.54 -21.48 -40.81
CA GLY T 134 35.55 -22.47 -40.47
C GLY T 134 36.70 -22.51 -41.45
N ASP T 135 36.40 -22.46 -42.74
CA ASP T 135 37.47 -22.52 -43.74
C ASP T 135 38.25 -21.21 -43.80
N ALA T 136 37.58 -20.08 -43.57
CA ALA T 136 38.24 -18.78 -43.67
C ALA T 136 39.22 -18.55 -42.54
N VAL T 137 39.06 -19.26 -41.42
CA VAL T 137 40.11 -19.26 -40.41
C VAL T 137 41.26 -20.16 -40.85
N LYS T 138 40.95 -21.36 -41.32
CA LYS T 138 41.98 -22.31 -41.71
C LYS T 138 42.72 -21.87 -42.96
N ALA T 139 42.07 -21.12 -43.85
CA ALA T 139 42.79 -20.59 -45.00
C ALA T 139 43.72 -19.45 -44.58
N SER T 140 43.22 -18.51 -43.79
CA SER T 140 43.99 -17.35 -43.40
C SER T 140 45.00 -17.65 -42.30
N ASN T 141 44.88 -18.78 -41.62
CA ASN T 141 45.93 -19.21 -40.72
C ASN T 141 47.18 -19.59 -41.49
N ASP T 142 47.00 -20.29 -42.62
CA ASP T 142 48.13 -20.67 -43.44
C ASP T 142 48.74 -19.48 -44.16
N LYS T 143 47.98 -18.41 -44.35
CA LYS T 143 48.55 -17.16 -44.86
C LYS T 143 49.33 -16.41 -43.79
N ALA T 144 49.24 -16.82 -42.53
CA ALA T 144 49.95 -16.18 -41.44
C ALA T 144 51.23 -16.89 -41.06
N ILE T 145 51.21 -18.23 -41.03
CA ILE T 145 52.43 -18.99 -40.76
C ILE T 145 53.41 -18.80 -41.90
N ALA T 146 52.91 -18.72 -43.13
CA ALA T 146 53.77 -18.45 -44.28
C ALA T 146 54.28 -17.02 -44.28
N ALA T 147 53.58 -16.10 -43.64
CA ALA T 147 53.98 -14.69 -43.61
C ALA T 147 54.98 -14.39 -42.52
N LEU T 148 54.85 -15.02 -41.36
CA LEU T 148 55.87 -14.92 -40.33
C LEU T 148 57.13 -15.68 -40.75
N ASP T 149 56.97 -16.71 -41.59
CA ASP T 149 58.11 -17.36 -42.22
C ASP T 149 58.89 -16.38 -43.08
N ALA T 150 58.20 -15.47 -43.77
CA ALA T 150 58.90 -14.47 -44.55
C ALA T 150 59.58 -13.43 -43.65
N PHE T 151 58.99 -13.15 -42.49
CA PHE T 151 59.56 -12.12 -41.61
C PHE T 151 60.83 -12.62 -40.93
N THR T 152 60.75 -13.79 -40.30
CA THR T 152 61.85 -14.26 -39.45
C THR T 152 63.06 -14.65 -40.29
N ALA T 153 62.84 -15.20 -41.48
CA ALA T 153 63.94 -15.70 -42.29
C ALA T 153 64.78 -14.57 -42.87
N THR T 154 64.20 -13.40 -43.11
CA THR T 154 64.99 -12.29 -43.60
C THR T 154 65.81 -11.66 -42.48
N LEU T 155 65.14 -11.08 -41.49
CA LEU T 155 65.82 -10.43 -40.38
C LEU T 155 65.25 -10.91 -39.05
N THR U 20 15.58 -12.22 -18.58
CA THR U 20 16.53 -11.69 -19.54
C THR U 20 16.41 -10.18 -19.62
N GLU U 21 17.29 -9.48 -18.91
CA GLU U 21 17.25 -8.02 -18.85
C GLU U 21 18.15 -7.38 -19.88
N GLY U 22 19.45 -7.68 -19.81
CA GLY U 22 20.42 -7.04 -20.68
C GLY U 22 20.49 -7.60 -22.09
N THR U 23 19.34 -7.88 -22.68
CA THR U 23 19.27 -8.19 -24.09
C THR U 23 19.08 -6.91 -24.88
N ASN U 24 19.60 -6.91 -26.10
CA ASN U 24 19.70 -5.70 -26.91
C ASN U 24 18.54 -5.72 -27.88
N GLU U 25 17.31 -5.64 -27.36
CA GLU U 25 16.11 -5.82 -28.15
C GLU U 25 15.35 -4.52 -28.23
N TRP U 26 14.69 -4.28 -29.38
CA TRP U 26 14.16 -2.97 -29.72
C TRP U 26 12.98 -2.62 -28.83
N PHE U 27 13.07 -1.48 -28.14
CA PHE U 27 12.05 -0.96 -27.23
C PHE U 27 11.71 -1.92 -26.11
N GLY U 28 12.60 -2.84 -25.78
CA GLY U 28 12.28 -3.89 -24.84
C GLY U 28 11.23 -4.87 -25.31
N VAL U 29 10.99 -4.96 -26.61
CA VAL U 29 10.01 -5.91 -27.12
C VAL U 29 10.64 -7.29 -27.07
N ASP U 30 10.31 -8.03 -26.03
CA ASP U 30 10.82 -9.39 -25.87
C ASP U 30 10.00 -10.37 -26.69
N ASP U 31 8.69 -10.36 -26.51
CA ASP U 31 7.78 -11.26 -27.20
C ASP U 31 7.12 -10.54 -28.37
N LEU U 32 6.56 -11.34 -29.27
CA LEU U 32 5.88 -10.82 -30.44
C LEU U 32 4.57 -10.14 -30.08
N ARG U 33 3.99 -10.49 -28.94
CA ARG U 33 2.69 -9.97 -28.54
C ARG U 33 2.76 -8.50 -28.15
N LEU U 34 3.93 -8.01 -27.76
CA LEU U 34 4.02 -6.63 -27.30
C LEU U 34 4.00 -5.64 -28.44
N LEU U 35 4.29 -6.07 -29.66
CA LEU U 35 4.22 -5.20 -30.82
C LEU U 35 2.79 -4.77 -31.07
N ALA U 36 1.84 -5.72 -31.10
CA ALA U 36 0.43 -5.45 -31.32
C ALA U 36 -0.18 -4.54 -30.27
N VAL U 37 0.47 -4.46 -29.11
CA VAL U 37 0.15 -3.44 -28.12
C VAL U 37 0.62 -2.07 -28.57
N LEU U 38 1.82 -1.97 -29.12
CA LEU U 38 2.37 -0.67 -29.50
C LEU U 38 1.65 -0.10 -30.70
N PHE U 39 1.40 -0.94 -31.71
CA PHE U 39 0.76 -0.48 -32.94
C PHE U 39 -0.68 -0.08 -32.67
N LEU U 40 -1.36 -0.81 -31.84
CA LEU U 40 -2.71 -0.39 -31.53
C LEU U 40 -2.77 0.69 -30.53
N GLY U 41 -1.69 1.24 -30.02
CA GLY U 41 -1.80 2.37 -29.13
C GLY U 41 -1.62 3.67 -29.87
N HIS U 42 -0.58 3.73 -30.72
CA HIS U 42 -0.34 4.92 -31.52
C HIS U 42 -1.46 5.11 -32.54
N TRP U 43 -1.95 4.02 -33.13
CA TRP U 43 -2.97 4.12 -34.17
C TRP U 43 -4.35 4.42 -33.62
N ALA U 44 -4.65 4.00 -32.39
CA ALA U 44 -5.99 4.21 -31.86
C ALA U 44 -6.23 5.67 -31.53
N ILE U 45 -5.17 6.41 -31.27
CA ILE U 45 -5.23 7.84 -31.04
C ILE U 45 -4.96 8.61 -32.34
N LEU U 46 -4.13 8.07 -33.22
CA LEU U 46 -3.94 8.61 -34.56
C LEU U 46 -5.24 8.70 -35.33
N SER U 47 -6.06 7.66 -35.23
CA SER U 47 -7.34 7.66 -35.91
C SER U 47 -8.31 8.66 -35.30
N LEU U 48 -8.19 8.90 -33.99
CA LEU U 48 -8.93 10.00 -33.37
C LEU U 48 -8.44 11.34 -33.91
N TRP U 49 -7.13 11.47 -34.06
CA TRP U 49 -6.55 12.73 -34.49
C TRP U 49 -6.90 13.03 -35.94
N LEU U 50 -6.97 11.98 -36.77
CA LEU U 50 -7.33 12.18 -38.17
C LEU U 50 -8.79 12.48 -38.35
N GLY U 51 -9.61 12.28 -37.31
CA GLY U 51 -11.01 12.62 -37.41
C GLY U 51 -11.27 14.10 -37.45
N SER U 52 -10.30 14.91 -37.03
CA SER U 52 -10.39 16.36 -37.13
C SER U 52 -9.27 16.98 -37.96
N TYR U 53 -8.02 16.68 -37.64
CA TYR U 53 -6.91 17.30 -38.34
C TYR U 53 -6.52 16.56 -39.60
N GLY U 54 -6.92 15.31 -39.75
CA GLY U 54 -6.80 14.62 -41.00
C GLY U 54 -7.89 15.05 -41.96
N ASP U 55 -7.70 14.66 -43.22
CA ASP U 55 -8.59 14.97 -44.34
C ASP U 55 -8.80 16.48 -44.50
N SER U 56 -7.74 17.24 -44.25
CA SER U 56 -7.72 18.67 -44.47
C SER U 56 -6.84 18.98 -45.68
N ASN U 57 -6.89 20.23 -46.12
CA ASN U 57 -6.13 20.64 -47.30
C ASN U 57 -4.66 20.72 -46.94
N GLU U 58 -3.85 19.90 -47.61
CA GLU U 58 -2.42 19.86 -47.40
C GLU U 58 -1.67 20.85 -48.29
N ASP U 59 -2.38 21.85 -48.84
CA ASP U 59 -1.81 22.78 -49.81
C ASP U 59 -2.17 24.22 -49.48
N GLU U 60 -2.47 24.53 -48.22
CA GLU U 60 -2.91 25.88 -47.83
C GLU U 60 -1.90 26.46 -46.86
N ASP U 61 -1.28 27.57 -47.26
CA ASP U 61 -0.11 28.11 -46.58
C ASP U 61 -0.49 29.35 -45.76
N PHE U 62 0.53 30.02 -45.21
CA PHE U 62 0.39 31.25 -44.46
C PHE U 62 1.76 31.90 -44.38
N PHE U 63 1.77 33.21 -44.26
CA PHE U 63 3.01 33.96 -44.08
C PHE U 63 3.07 34.52 -42.66
N GLY U 64 2.48 33.78 -41.72
CA GLY U 64 2.56 34.11 -40.32
C GLY U 64 3.71 33.41 -39.64
N GLU U 65 3.74 33.50 -38.31
CA GLU U 65 4.61 32.68 -37.49
C GLU U 65 3.84 31.52 -36.90
N ILE U 66 2.53 31.56 -37.09
CA ILE U 66 1.58 30.73 -36.35
C ILE U 66 0.28 30.76 -37.13
N ASP U 67 -0.37 29.62 -37.26
CA ASP U 67 -1.55 29.54 -38.11
C ASP U 67 -2.81 29.43 -37.26
N TYR U 68 -3.83 30.18 -37.65
CA TYR U 68 -5.14 30.18 -37.00
C TYR U 68 -6.22 29.70 -37.95
N SER U 69 -5.93 28.66 -38.71
CA SER U 69 -6.74 28.24 -39.85
C SER U 69 -8.14 27.79 -39.48
N ALA U 70 -8.25 26.68 -38.77
CA ALA U 70 -9.55 26.08 -38.46
C ALA U 70 -9.41 25.09 -37.33
N ARG U 71 -10.49 24.39 -37.01
CA ARG U 71 -10.48 23.42 -35.92
C ARG U 71 -9.99 22.06 -36.40
N UNK V 1 11.68 23.11 62.02
CA UNK V 1 11.76 21.66 61.94
C UNK V 1 11.16 21.03 63.19
N UNK V 2 10.63 21.85 64.08
CA UNK V 2 9.89 21.37 65.24
C UNK V 2 8.55 22.09 65.27
N UNK V 3 7.53 21.42 65.80
CA UNK V 3 6.20 22.01 65.81
C UNK V 3 6.14 23.17 66.78
N UNK V 4 6.94 23.12 67.84
CA UNK V 4 7.14 24.23 68.77
C UNK V 4 8.50 24.84 68.47
N UNK V 5 8.54 25.72 67.47
CA UNK V 5 9.80 26.32 67.03
C UNK V 5 9.52 27.61 66.28
N UNK V 6 10.42 28.57 66.48
CA UNK V 6 10.48 29.85 65.75
C UNK V 6 9.15 30.59 65.79
N UNK V 7 8.70 30.90 67.01
CA UNK V 7 7.38 31.47 67.30
C UNK V 7 6.26 30.58 66.77
N UNK V 8 6.10 29.43 67.41
CA UNK V 8 5.50 28.19 66.90
C UNK V 8 4.24 28.29 66.05
N UNK V 9 3.14 28.75 66.64
CA UNK V 9 1.89 28.85 65.90
C UNK V 9 1.21 30.18 66.10
N UNK V 10 1.76 31.05 66.95
CA UNK V 10 1.18 32.36 67.14
C UNK V 10 1.37 33.22 65.90
N UNK V 11 2.47 33.02 65.20
CA UNK V 11 2.74 33.86 64.05
C UNK V 11 2.00 33.34 62.82
N UNK V 12 1.75 32.05 62.75
CA UNK V 12 1.13 31.47 61.57
C UNK V 12 -0.38 31.53 61.65
N UNK V 13 -0.95 31.25 62.81
CA UNK V 13 -2.41 31.15 62.94
C UNK V 13 -3.06 32.49 63.24
N UNK V 14 -2.47 33.29 64.12
CA UNK V 14 -3.12 34.55 64.52
C UNK V 14 -2.96 35.62 63.45
N UNK V 15 -1.94 35.50 62.59
CA UNK V 15 -1.78 36.48 61.54
C UNK V 15 -2.67 36.17 60.34
N UNK V 16 -2.98 34.89 60.13
CA UNK V 16 -3.98 34.55 59.13
C UNK V 16 -5.37 34.94 59.60
N UNK V 17 -5.59 34.98 60.91
CA UNK V 17 -6.83 35.54 61.44
C UNK V 17 -6.79 37.06 61.40
N UNK V 18 -5.60 37.65 61.52
CA UNK V 18 -5.50 39.10 61.48
C UNK V 18 -5.62 39.62 60.05
N UNK V 19 -5.10 38.84 59.09
CA UNK V 19 -5.26 39.23 57.69
C UNK V 19 -6.69 39.04 57.23
N UNK V 20 -7.41 38.10 57.85
CA UNK V 20 -8.83 37.95 57.57
C UNK V 20 -9.63 39.10 58.16
N UNK V 21 -9.12 39.70 59.23
CA UNK V 21 -9.82 40.84 59.82
C UNK V 21 -9.60 42.10 59.00
N UNK V 22 -8.42 42.25 58.41
CA UNK V 22 -8.19 43.40 57.54
C UNK V 22 -8.92 43.28 56.22
N UNK V 23 -9.35 42.08 55.85
CA UNK V 23 -10.18 41.87 54.66
C UNK V 23 -11.66 41.92 54.99
N UNK V 24 -12.04 41.67 56.24
CA UNK V 24 -13.45 41.73 56.60
C UNK V 24 -13.82 43.12 57.11
N UNK V 25 -12.84 43.92 57.51
CA UNK V 25 -13.15 45.28 57.93
C UNK V 25 -13.26 46.21 56.73
N UNK V 26 -12.55 45.90 55.65
CA UNK V 26 -12.57 46.78 54.49
C UNK V 26 -13.79 46.52 53.62
N UNK V 27 -14.35 45.33 53.70
CA UNK V 27 -15.64 45.01 53.11
C UNK V 27 -16.46 44.32 54.20
N UNK V 28 -17.29 45.10 54.89
CA UNK V 28 -17.92 44.67 56.12
C UNK V 28 -18.93 43.57 55.89
N UNK V 29 -18.80 42.50 56.69
CA UNK V 29 -19.74 41.38 56.59
C UNK V 29 -21.12 41.78 57.09
N UNK V 30 -21.17 42.72 58.04
CA UNK V 30 -22.44 43.26 58.49
C UNK V 30 -23.07 44.11 57.41
N UNK V 31 -24.39 44.14 57.39
CA UNK V 31 -25.12 44.97 56.45
C UNK V 31 -26.27 45.70 57.13
N UNK W 1 8.07 61.16 51.36
CA UNK W 1 7.50 59.82 51.21
C UNK W 1 6.25 59.69 52.03
N UNK W 2 5.12 59.51 51.35
CA UNK W 2 3.83 59.49 52.01
C UNK W 2 2.93 58.46 51.36
N UNK W 3 2.36 57.59 52.18
CA UNK W 3 1.19 56.81 51.82
C UNK W 3 0.16 57.05 52.93
N UNK W 4 -0.54 58.20 52.82
CA UNK W 4 -1.47 58.72 53.82
C UNK W 4 -0.87 58.85 55.20
N UNK W 5 0.40 59.28 55.28
CA UNK W 5 1.09 59.43 56.55
C UNK W 5 2.21 60.44 56.38
N UNK W 6 2.64 61.03 57.50
CA UNK W 6 3.73 61.98 57.47
C UNK W 6 5.07 61.27 57.28
N UNK W 7 6.11 62.06 56.99
CA UNK W 7 7.43 61.48 56.73
C UNK W 7 8.07 60.99 58.01
N UNK W 8 7.61 61.49 59.16
CA UNK W 8 8.11 61.00 60.43
C UNK W 8 7.32 59.77 60.89
N UNK W 9 6.05 59.69 60.50
CA UNK W 9 5.24 58.56 60.95
C UNK W 9 5.35 57.40 59.98
N UNK W 10 5.73 57.66 58.73
CA UNK W 10 5.97 56.56 57.80
C UNK W 10 7.25 55.83 58.14
N UNK W 11 8.25 56.55 58.65
CA UNK W 11 9.50 55.91 59.03
C UNK W 11 9.34 55.08 60.29
N UNK W 12 8.30 55.37 61.09
CA UNK W 12 8.11 54.63 62.33
C UNK W 12 7.24 53.41 62.12
N UNK W 13 6.37 53.41 61.11
CA UNK W 13 5.53 52.25 60.88
C UNK W 13 6.33 51.12 60.26
N UNK W 14 7.27 51.44 59.38
CA UNK W 14 8.06 50.40 58.75
C UNK W 14 9.15 49.90 59.69
N UNK W 15 9.60 50.75 60.61
CA UNK W 15 10.61 50.30 61.56
C UNK W 15 9.98 49.53 62.72
N UNK W 16 8.68 49.70 62.95
CA UNK W 16 8.02 48.93 64.00
C UNK W 16 7.64 47.54 63.50
N UNK W 17 7.35 47.42 62.21
CA UNK W 17 7.01 46.12 61.66
C UNK W 17 8.25 45.23 61.59
N UNK W 18 9.41 45.82 61.33
CA UNK W 18 10.65 45.04 61.37
C UNK W 18 11.12 44.81 62.79
N UNK W 19 10.51 45.48 63.77
CA UNK W 19 10.92 45.31 65.15
C UNK W 19 10.18 44.17 65.83
N UNK W 20 8.88 44.03 65.55
CA UNK W 20 8.14 42.89 66.07
C UNK W 20 8.62 41.59 65.43
N UNK W 21 9.19 41.69 64.25
CA UNK W 21 9.86 40.53 63.65
C UNK W 21 11.25 40.34 64.23
N UNK W 22 11.73 41.29 65.04
CA UNK W 22 12.97 41.06 65.77
C UNK W 22 12.72 40.69 67.22
N UNK W 23 11.58 41.11 67.78
CA UNK W 23 11.28 40.78 69.17
C UNK W 23 10.88 39.33 69.30
N UNK W 24 9.99 38.84 68.43
CA UNK W 24 9.60 37.43 68.47
C UNK W 24 10.70 36.55 67.90
N UNK W 25 11.69 37.17 67.26
CA UNK W 25 12.85 36.46 66.76
C UNK W 25 13.72 35.96 67.89
N UNK W 26 14.26 36.91 68.65
CA UNK W 26 15.33 36.57 69.57
C UNK W 26 14.76 36.00 70.86
N UNK W 27 13.48 36.21 71.10
CA UNK W 27 12.84 35.52 72.22
C UNK W 27 12.62 34.05 71.89
N UNK W 28 11.92 33.75 70.81
CA UNK W 28 11.62 32.36 70.44
C UNK W 28 12.37 32.00 69.17
N UNK W 29 13.34 31.10 69.28
CA UNK W 29 14.16 30.70 68.16
C UNK W 29 14.27 29.19 68.10
N UNK W 30 14.88 28.70 67.03
CA UNK W 30 15.16 27.28 66.84
C UNK W 30 16.27 27.08 65.82
N UNK X 1 64.09 38.52 7.81
CA UNK X 1 63.38 38.75 6.56
C UNK X 1 63.20 37.46 5.78
N UNK X 2 62.07 37.32 5.11
CA UNK X 2 61.81 36.11 4.35
C UNK X 2 62.63 36.10 3.06
N UNK X 3 62.89 34.90 2.54
CA UNK X 3 63.72 34.72 1.35
C UNK X 3 62.84 34.79 0.10
N UNK X 4 62.59 36.03 -0.33
CA UNK X 4 61.76 36.24 -1.50
C UNK X 4 62.55 35.90 -2.76
N UNK X 5 61.83 35.49 -3.81
CA UNK X 5 62.46 35.03 -5.04
C UNK X 5 61.88 35.72 -6.27
N UNK X 6 61.77 37.05 -6.25
CA UNK X 6 61.21 37.75 -7.40
C UNK X 6 62.22 37.85 -8.54
N UNK X 7 63.50 37.68 -8.25
CA UNK X 7 64.52 37.85 -9.26
C UNK X 7 64.58 36.66 -10.22
N UNK X 8 64.07 35.50 -9.79
CA UNK X 8 64.09 34.30 -10.59
C UNK X 8 62.71 33.70 -10.84
N UNK X 9 61.64 34.44 -10.55
CA UNK X 9 60.28 33.96 -10.76
C UNK X 9 59.53 34.90 -11.67
N UNK X 10 58.27 34.59 -11.92
CA UNK X 10 57.39 35.45 -12.70
C UNK X 10 56.81 36.54 -11.84
N VAL Y 11 -28.87 49.66 64.01
CA VAL Y 11 -27.87 50.62 64.40
C VAL Y 11 -26.72 49.89 65.08
N SER Y 12 -27.08 48.92 65.92
CA SER Y 12 -26.09 48.17 66.66
C SER Y 12 -25.35 47.20 65.75
N LEU Y 13 -24.25 46.66 66.28
CA LEU Y 13 -23.43 45.76 65.48
C LEU Y 13 -24.09 44.41 65.33
N TRP Y 14 -24.87 43.99 66.32
CA TRP Y 14 -25.55 42.71 66.22
C TRP Y 14 -26.74 42.79 65.27
N GLU Y 15 -27.44 43.91 65.28
CA GLU Y 15 -28.58 44.04 64.38
C GLU Y 15 -28.13 44.17 62.95
N ARG Y 16 -26.98 44.79 62.72
CA ARG Y 16 -26.43 44.82 61.37
C ARG Y 16 -25.81 43.49 60.98
N PHE Y 17 -25.63 42.58 61.93
CA PHE Y 17 -25.16 41.24 61.57
C PHE Y 17 -26.31 40.27 61.40
N CYS Y 18 -27.37 40.42 62.21
CA CYS Y 18 -28.57 39.62 62.00
C CYS Y 18 -29.27 40.00 60.71
N ALA Y 19 -29.13 41.24 60.27
CA ALA Y 19 -29.76 41.65 59.03
C ALA Y 19 -29.06 41.04 57.83
N TRP Y 20 -27.78 40.79 57.95
CA TRP Y 20 -27.03 40.19 56.85
C TRP Y 20 -27.17 38.68 56.80
N ILE Y 21 -27.14 38.04 57.97
CA ILE Y 21 -27.12 36.60 58.03
C ILE Y 21 -28.51 36.02 57.74
N THR Y 22 -29.56 36.82 57.83
CA THR Y 22 -30.91 36.39 57.48
C THR Y 22 -31.40 37.07 56.23
N SER Y 23 -30.50 37.63 55.45
CA SER Y 23 -30.91 38.31 54.24
C SER Y 23 -31.11 37.30 53.13
N THR Y 24 -32.26 37.38 52.48
CA THR Y 24 -32.50 36.60 51.28
C THR Y 24 -31.85 37.21 50.06
N GLU Y 25 -31.23 38.38 50.21
CA GLU Y 25 -30.58 39.05 49.10
C GLU Y 25 -29.16 38.57 48.91
N ASN Y 26 -28.70 37.65 49.75
CA ASN Y 26 -27.42 37.01 49.51
C ASN Y 26 -27.54 36.08 48.32
N ARG Y 27 -26.39 35.68 47.79
CA ARG Y 27 -26.38 34.69 46.71
C ARG Y 27 -26.90 33.35 47.20
N LEU Y 28 -26.29 32.81 48.24
CA LEU Y 28 -26.82 31.64 48.94
C LEU Y 28 -27.29 32.09 50.30
N TYR Y 29 -28.50 31.70 50.66
CA TYR Y 29 -29.01 32.06 51.96
C TYR Y 29 -28.25 31.32 53.03
N ILE Y 30 -27.73 32.05 54.01
CA ILE Y 30 -26.95 31.47 55.07
C ILE Y 30 -27.83 31.08 56.24
N GLY Y 31 -28.49 32.04 56.85
CA GLY Y 31 -29.45 31.72 57.87
C GLY Y 31 -28.81 31.38 59.18
N TRP Y 32 -29.62 31.06 60.18
CA TRP Y 32 -29.01 30.73 61.46
C TRP Y 32 -28.61 29.27 61.51
N PHE Y 33 -29.20 28.43 60.67
CA PHE Y 33 -28.72 27.07 60.60
C PHE Y 33 -27.44 26.96 59.79
N GLY Y 34 -27.19 27.91 58.90
CA GLY Y 34 -25.94 27.92 58.18
C GLY Y 34 -24.76 28.28 59.06
N CYS Y 35 -25.02 28.87 60.23
CA CYS Y 35 -23.97 29.10 61.20
C CYS Y 35 -23.40 27.80 61.71
N LEU Y 36 -24.18 26.72 61.69
CA LEU Y 36 -23.61 25.42 61.96
C LEU Y 36 -23.89 24.40 60.87
N MET Y 37 -24.25 24.84 59.67
CA MET Y 37 -24.23 23.95 58.52
C MET Y 37 -22.92 24.04 57.79
N PHE Y 38 -22.55 25.24 57.37
CA PHE Y 38 -21.32 25.52 56.63
C PHE Y 38 -20.02 25.19 57.35
N PRO Y 39 -19.83 25.44 58.66
CA PRO Y 39 -18.58 24.97 59.26
C PRO Y 39 -18.54 23.48 59.41
N THR Y 40 -19.70 22.84 59.57
CA THR Y 40 -19.71 21.40 59.71
C THR Y 40 -19.46 20.70 58.39
N LEU Y 41 -20.16 21.10 57.33
CA LEU Y 41 -20.07 20.36 56.09
C LEU Y 41 -18.80 20.67 55.32
N LEU Y 42 -18.18 21.82 55.56
CA LEU Y 42 -16.90 22.08 54.92
C LEU Y 42 -15.78 21.32 55.61
N THR Y 43 -15.96 20.97 56.88
CA THR Y 43 -14.96 20.14 57.55
C THR Y 43 -15.19 18.67 57.26
N ALA Y 44 -16.44 18.28 57.02
CA ALA Y 44 -16.68 16.92 56.58
C ALA Y 44 -16.20 16.74 55.15
N THR Y 45 -16.26 17.80 54.35
CA THR Y 45 -15.79 17.73 52.96
C THR Y 45 -14.28 17.71 52.90
N SER Y 46 -13.63 18.71 53.49
CA SER Y 46 -12.20 18.87 53.37
C SER Y 46 -11.42 17.75 54.04
N CYS Y 47 -12.03 17.05 54.99
CA CYS Y 47 -11.39 15.86 55.50
C CYS Y 47 -11.71 14.65 54.62
N PHE Y 48 -12.85 14.64 53.92
CA PHE Y 48 -13.18 13.49 53.09
C PHE Y 48 -12.30 13.41 51.87
N ILE Y 49 -12.03 14.56 51.24
CA ILE Y 49 -11.20 14.59 50.04
C ILE Y 49 -9.78 14.16 50.36
N ILE Y 50 -9.27 14.53 51.53
CA ILE Y 50 -7.93 14.09 51.90
C ILE Y 50 -7.93 12.63 52.32
N ALA Y 51 -8.94 12.19 53.05
CA ALA Y 51 -8.95 10.79 53.49
C ALA Y 51 -9.29 9.84 52.36
N PHE Y 52 -9.93 10.31 51.30
CA PHE Y 52 -10.21 9.43 50.18
C PHE Y 52 -9.01 9.32 49.26
N ILE Y 53 -8.24 10.39 49.14
CA ILE Y 53 -7.09 10.42 48.24
C ILE Y 53 -5.84 9.87 48.93
N ALA Y 54 -5.49 10.43 50.07
CA ALA Y 54 -4.23 10.12 50.74
C ALA Y 54 -4.52 9.77 52.19
N ALA Y 55 -4.68 8.49 52.50
CA ALA Y 55 -4.87 8.12 53.88
C ALA Y 55 -4.32 6.71 54.05
N PRO Y 56 -3.54 6.46 55.08
CA PRO Y 56 -2.90 5.16 55.25
C PRO Y 56 -3.92 4.09 55.62
N PRO Y 57 -3.56 2.81 55.53
CA PRO Y 57 -4.53 1.75 55.86
C PRO Y 57 -4.94 1.74 57.32
N VAL Y 58 -6.10 1.14 57.57
CA VAL Y 58 -6.84 1.25 58.81
C VAL Y 58 -7.15 -0.13 59.34
N ASP Y 59 -6.82 -0.38 60.61
CA ASP Y 59 -7.29 -1.59 61.29
C ASP Y 59 -8.78 -1.45 61.53
N ILE Y 60 -9.57 -2.18 60.75
CA ILE Y 60 -11.01 -2.13 60.96
C ILE Y 60 -11.47 -3.27 61.85
N ASP Y 61 -10.87 -4.46 61.71
CA ASP Y 61 -11.36 -5.61 62.45
C ASP Y 61 -10.76 -5.65 63.85
N GLY Y 62 -9.88 -4.71 64.16
CA GLY Y 62 -9.20 -4.70 65.44
C GLY Y 62 -8.19 -5.80 65.62
N ILE Y 63 -7.78 -6.47 64.54
CA ILE Y 63 -6.92 -7.63 64.61
C ILE Y 63 -5.56 -7.28 64.03
N ARG Y 64 -5.35 -5.98 63.83
CA ARG Y 64 -4.09 -5.39 63.35
C ARG Y 64 -3.79 -5.89 61.94
N GLU Y 65 -4.84 -5.98 61.13
CA GLU Y 65 -4.75 -6.27 59.70
C GLU Y 65 -5.29 -5.06 58.96
N PRO Y 66 -4.43 -4.13 58.57
CA PRO Y 66 -4.90 -2.83 58.09
C PRO Y 66 -5.44 -2.91 56.67
N VAL Y 67 -6.64 -2.37 56.49
CA VAL Y 67 -7.36 -2.42 55.22
C VAL Y 67 -7.13 -1.11 54.49
N ALA Y 68 -6.53 -1.20 53.30
CA ALA Y 68 -6.26 -0.01 52.51
C ALA Y 68 -7.54 0.56 51.95
N GLY Y 69 -7.65 1.87 51.91
CA GLY Y 69 -8.87 2.46 51.41
C GLY Y 69 -8.73 3.71 50.60
N SER Y 70 -7.52 4.18 50.36
CA SER Y 70 -7.32 5.44 49.69
C SER Y 70 -6.66 5.25 48.34
N LEU Y 71 -6.60 6.33 47.56
CA LEU Y 71 -6.15 6.21 46.19
C LEU Y 71 -4.64 6.06 46.08
N LEU Y 72 -3.87 6.68 46.98
CA LEU Y 72 -2.43 6.57 46.87
C LEU Y 72 -1.91 5.21 47.24
N TYR Y 73 -2.69 4.40 47.92
CA TYR Y 73 -2.30 3.05 48.30
C TYR Y 73 -2.89 2.02 47.36
N GLY Y 74 -2.99 2.37 46.09
CA GLY Y 74 -3.39 1.43 45.07
C GLY Y 74 -4.86 1.08 45.08
N ASN Y 75 -5.70 2.07 44.81
CA ASN Y 75 -7.12 1.84 44.68
C ASN Y 75 -7.63 2.59 43.47
N ASN Y 76 -8.95 2.65 43.35
CA ASN Y 76 -9.61 3.38 42.30
C ASN Y 76 -10.84 4.04 42.91
N ILE Y 77 -11.73 4.52 42.06
CA ILE Y 77 -12.96 5.14 42.54
C ILE Y 77 -13.84 4.08 43.20
N ILE Y 78 -13.81 2.87 42.68
CA ILE Y 78 -14.74 1.85 43.15
C ILE Y 78 -14.24 1.21 44.44
N SER Y 79 -13.00 0.78 44.48
CA SER Y 79 -12.51 0.09 45.67
C SER Y 79 -12.11 1.05 46.78
N GLY Y 80 -11.73 2.28 46.47
CA GLY Y 80 -11.27 3.21 47.48
C GLY Y 80 -12.43 3.69 48.34
N ALA Y 81 -12.16 3.86 49.64
CA ALA Y 81 -13.22 4.13 50.61
C ALA Y 81 -12.59 4.62 51.90
N VAL Y 82 -13.28 5.56 52.56
CA VAL Y 82 -12.87 5.90 53.92
C VAL Y 82 -13.35 4.78 54.85
N VAL Y 83 -12.39 4.08 55.43
CA VAL Y 83 -12.64 2.86 56.20
C VAL Y 83 -13.26 3.26 57.53
N PRO Y 84 -14.23 2.51 58.06
CA PRO Y 84 -14.73 2.79 59.41
C PRO Y 84 -13.68 2.55 60.48
N SER Y 85 -14.00 2.98 61.69
CA SER Y 85 -13.02 2.93 62.76
C SER Y 85 -12.86 1.50 63.26
N SER Y 86 -11.98 1.33 64.24
CA SER Y 86 -11.55 0.01 64.62
C SER Y 86 -12.63 -0.70 65.43
N ASN Y 87 -12.50 -2.02 65.50
CA ASN Y 87 -13.24 -2.80 66.47
C ASN Y 87 -12.67 -2.60 67.87
N ALA Y 88 -11.39 -2.22 67.95
CA ALA Y 88 -10.77 -1.98 69.25
C ALA Y 88 -11.35 -0.75 69.92
N ILE Y 89 -11.58 0.31 69.15
CA ILE Y 89 -12.29 1.47 69.68
C ILE Y 89 -13.74 1.10 69.94
N GLY Y 90 -14.44 0.69 68.92
CA GLY Y 90 -15.85 0.42 69.07
C GLY Y 90 -16.60 1.71 69.17
N MET Y 91 -17.41 1.84 70.21
CA MET Y 91 -18.33 2.95 70.30
C MET Y 91 -17.72 4.19 70.94
N HIS Y 92 -16.47 4.10 71.41
CA HIS Y 92 -15.85 5.20 72.12
C HIS Y 92 -15.59 6.38 71.21
N PHE Y 93 -15.75 7.57 71.77
CA PHE Y 93 -15.46 8.80 71.04
C PHE Y 93 -13.96 8.96 70.92
N TYR Y 94 -13.48 9.13 69.69
CA TYR Y 94 -12.05 9.12 69.40
C TYR Y 94 -11.70 10.34 68.56
N PRO Y 95 -11.51 11.49 69.20
CA PRO Y 95 -11.11 12.69 68.46
C PRO Y 95 -9.62 12.73 68.24
N ILE Y 96 -9.10 13.83 67.68
CA ILE Y 96 -7.67 13.87 67.41
C ILE Y 96 -6.89 14.08 68.69
N TRP Y 97 -7.41 14.91 69.59
CA TRP Y 97 -6.69 15.22 70.81
C TRP Y 97 -6.67 14.08 71.81
N GLU Y 98 -7.53 13.09 71.65
CA GLU Y 98 -7.49 11.88 72.47
C GLU Y 98 -6.82 10.74 71.74
N ALA Y 99 -5.77 11.02 71.00
CA ALA Y 99 -5.11 10.01 70.20
C ALA Y 99 -3.59 9.99 70.29
N ALA Y 100 -2.97 10.95 70.96
CA ALA Y 100 -1.54 11.00 71.31
C ALA Y 100 -0.57 11.14 70.14
N SER Y 101 -1.06 11.07 68.91
CA SER Y 101 -0.38 11.43 67.66
C SER Y 101 -1.41 11.29 66.55
N ILE Y 102 -1.12 11.89 65.40
CA ILE Y 102 -2.02 11.72 64.28
C ILE Y 102 -1.79 10.36 63.64
N ASP Y 103 -0.58 9.82 63.74
CA ASP Y 103 -0.29 8.49 63.22
C ASP Y 103 -1.05 7.42 63.97
N GLU Y 104 -1.22 7.58 65.28
CA GLU Y 104 -2.08 6.69 66.05
C GLU Y 104 -3.55 6.95 65.74
N TRP Y 105 -3.88 8.15 65.31
CA TRP Y 105 -5.26 8.46 64.96
C TRP Y 105 -5.63 7.84 63.62
N LEU Y 106 -4.78 8.00 62.61
CA LEU Y 106 -5.07 7.46 61.29
C LEU Y 106 -4.99 5.94 61.24
N TYR Y 107 -4.27 5.31 62.17
CA TYR Y 107 -4.19 3.86 62.16
C TYR Y 107 -5.50 3.24 62.62
N ASN Y 108 -6.10 3.80 63.66
CA ASN Y 108 -7.23 3.19 64.33
C ASN Y 108 -8.55 3.63 63.77
N GLY Y 109 -8.57 4.15 62.55
CA GLY Y 109 -9.83 4.61 62.00
C GLY Y 109 -10.23 5.96 62.53
N GLY Y 110 -9.32 6.90 62.50
CA GLY Y 110 -9.60 8.25 62.90
C GLY Y 110 -10.66 8.97 62.08
N PRO Y 111 -10.42 9.24 60.80
CA PRO Y 111 -11.26 10.19 60.08
C PRO Y 111 -12.66 9.70 59.78
N TYR Y 112 -12.99 8.45 60.08
CA TYR Y 112 -14.37 8.04 59.92
C TYR Y 112 -15.27 8.73 60.93
N GLN Y 113 -14.80 8.93 62.14
CA GLN Y 113 -15.64 9.61 63.12
C GLN Y 113 -15.66 11.11 62.90
N LEU Y 114 -14.59 11.69 62.35
CA LEU Y 114 -14.57 13.12 62.13
C LEU Y 114 -15.48 13.50 60.98
N ILE Y 115 -15.55 12.66 59.96
CA ILE Y 115 -16.39 12.95 58.81
C ILE Y 115 -17.85 12.74 59.15
N VAL Y 116 -18.17 11.60 59.76
CA VAL Y 116 -19.56 11.22 60.01
C VAL Y 116 -20.22 12.17 61.01
N LEU Y 117 -19.53 12.52 62.09
CA LEU Y 117 -20.15 13.37 63.08
C LEU Y 117 -20.29 14.81 62.60
N HIS Y 118 -19.37 15.28 61.76
CA HIS Y 118 -19.60 16.57 61.15
C HIS Y 118 -20.54 16.49 59.96
N PHE Y 119 -20.84 15.29 59.48
CA PHE Y 119 -21.81 15.14 58.40
C PHE Y 119 -23.23 15.19 58.94
N LEU Y 120 -23.51 14.43 60.00
CA LEU Y 120 -24.85 14.34 60.53
C LEU Y 120 -25.28 15.63 61.21
N LEU Y 121 -24.34 16.42 61.70
CA LEU Y 121 -24.69 17.75 62.16
C LEU Y 121 -24.95 18.69 61.01
N GLY Y 122 -24.21 18.54 59.91
CA GLY Y 122 -24.39 19.46 58.81
C GLY Y 122 -25.59 19.14 57.95
N VAL Y 123 -26.03 17.89 57.95
CA VAL Y 123 -27.21 17.52 57.18
C VAL Y 123 -28.47 17.81 57.96
N SER Y 124 -28.43 17.62 59.27
CA SER Y 124 -29.52 18.06 60.14
C SER Y 124 -29.58 19.57 60.27
N ALA Y 125 -28.55 20.29 59.85
CA ALA Y 125 -28.61 21.74 59.74
C ALA Y 125 -28.93 22.20 58.34
N TYR Y 126 -28.60 21.40 57.33
CA TYR Y 126 -29.08 21.69 55.99
C TYR Y 126 -30.57 21.50 55.90
N MET Y 127 -31.12 20.60 56.72
CA MET Y 127 -32.55 20.38 56.74
C MET Y 127 -33.28 21.54 57.40
N GLY Y 128 -32.75 22.05 58.51
CA GLY Y 128 -33.37 23.19 59.14
C GLY Y 128 -33.20 24.47 58.36
N ARG Y 129 -32.18 24.53 57.53
CA ARG Y 129 -31.97 25.68 56.66
C ARG Y 129 -33.01 25.73 55.55
N GLU Y 130 -33.49 24.57 55.09
CA GLU Y 130 -34.58 24.55 54.14
C GLU Y 130 -35.88 25.01 54.76
N TRP Y 131 -36.01 24.88 56.07
CA TRP Y 131 -37.17 25.45 56.72
C TRP Y 131 -37.06 26.96 56.74
N GLU Y 132 -35.89 27.47 57.11
CA GLU Y 132 -35.73 28.87 57.47
C GLU Y 132 -36.01 29.78 56.30
N LEU Y 133 -35.47 29.45 55.13
CA LEU Y 133 -35.70 30.24 53.93
C LEU Y 133 -37.14 30.15 53.49
N SER Y 134 -37.82 29.04 53.76
CA SER Y 134 -39.24 28.99 53.47
C SER Y 134 -40.03 29.92 54.39
N TYR Y 135 -39.50 30.21 55.58
CA TYR Y 135 -40.17 31.17 56.43
C TYR Y 135 -39.95 32.58 55.93
N ARG Y 136 -38.73 32.91 55.53
CA ARG Y 136 -38.43 34.26 55.09
C ARG Y 136 -38.91 34.57 53.68
N LEU Y 137 -39.35 33.59 52.91
CA LEU Y 137 -39.85 33.84 51.58
C LEU Y 137 -41.37 33.81 51.48
N GLY Y 138 -42.07 33.53 52.56
CA GLY Y 138 -43.50 33.41 52.50
C GLY Y 138 -44.01 32.06 52.07
N MET Y 139 -43.16 31.07 51.98
CA MET Y 139 -43.59 29.75 51.56
C MET Y 139 -44.21 28.99 52.71
N ARG Y 140 -45.14 28.13 52.39
CA ARG Y 140 -45.56 27.09 53.30
C ARG Y 140 -44.37 26.16 53.55
N PRO Y 141 -44.23 25.62 54.75
CA PRO Y 141 -42.87 25.37 55.24
C PRO Y 141 -42.24 24.02 54.94
N TRP Y 142 -42.96 23.04 54.40
CA TRP Y 142 -42.63 21.64 54.67
C TRP Y 142 -41.82 20.96 53.59
N ILE Y 143 -40.93 21.67 52.91
CA ILE Y 143 -39.97 20.94 52.09
C ILE Y 143 -39.01 20.17 52.98
N PHE Y 144 -38.69 20.70 54.16
CA PHE Y 144 -37.74 20.06 55.06
C PHE Y 144 -38.29 18.79 55.69
N VAL Y 145 -39.60 18.58 55.67
CA VAL Y 145 -40.17 17.31 56.11
C VAL Y 145 -39.96 16.24 55.04
N ALA Y 146 -39.94 16.61 53.77
CA ALA Y 146 -39.62 15.65 52.73
C ALA Y 146 -38.15 15.30 52.75
N PHE Y 147 -37.30 16.22 53.18
CA PHE Y 147 -35.89 15.90 53.29
C PHE Y 147 -35.57 15.13 54.56
N SER Y 148 -36.55 14.95 55.45
CA SER Y 148 -36.33 14.11 56.61
C SER Y 148 -36.14 12.64 56.24
N ALA Y 149 -36.61 12.24 55.07
CA ALA Y 149 -36.52 10.84 54.68
C ALA Y 149 -35.10 10.39 54.32
N PRO Y 150 -34.27 11.14 53.58
CA PRO Y 150 -32.86 10.74 53.52
C PRO Y 150 -32.05 11.08 54.76
N VAL Y 151 -32.50 12.02 55.60
CA VAL Y 151 -31.81 12.25 56.86
C VAL Y 151 -32.07 11.10 57.81
N ALA Y 152 -33.27 10.52 57.76
CA ALA Y 152 -33.56 9.32 58.52
C ALA Y 152 -32.70 8.15 58.08
N ALA Y 153 -32.44 8.06 56.79
CA ALA Y 153 -31.68 6.94 56.26
C ALA Y 153 -30.19 7.14 56.39
N ALA Y 154 -29.73 8.39 56.38
CA ALA Y 154 -28.30 8.64 56.62
C ALA Y 154 -27.96 8.41 58.08
N SER Y 155 -28.84 8.81 58.98
CA SER Y 155 -28.58 8.56 60.39
C SER Y 155 -28.81 7.11 60.77
N ALA Y 156 -29.43 6.32 59.90
CA ALA Y 156 -29.65 4.92 60.23
C ALA Y 156 -28.43 4.08 60.01
N VAL Y 157 -27.65 4.35 58.96
CA VAL Y 157 -26.51 3.49 58.65
C VAL Y 157 -25.20 4.03 59.19
N PHE Y 158 -25.14 5.31 59.56
CA PHE Y 158 -23.93 5.87 60.11
C PHE Y 158 -24.00 6.06 61.60
N LEU Y 159 -25.19 6.25 62.16
CA LEU Y 159 -25.31 6.52 63.58
C LEU Y 159 -26.04 5.40 64.31
N VAL Y 160 -27.27 5.06 63.91
CA VAL Y 160 -28.11 4.16 64.69
C VAL Y 160 -27.61 2.72 64.62
N TYR Y 161 -27.21 2.29 63.44
CA TYR Y 161 -26.67 0.93 63.32
C TYR Y 161 -25.32 0.75 64.02
N PRO Y 162 -24.40 1.72 64.07
CA PRO Y 162 -23.26 1.53 64.97
C PRO Y 162 -23.61 1.56 66.44
N ILE Y 163 -24.73 2.18 66.83
CA ILE Y 163 -25.10 2.22 68.24
C ILE Y 163 -25.59 0.86 68.70
N GLY Y 164 -26.59 0.32 68.01
CA GLY Y 164 -27.19 -0.93 68.42
C GLY Y 164 -26.27 -2.11 68.26
N GLN Y 165 -25.32 -2.03 67.33
CA GLN Y 165 -24.31 -3.05 67.22
C GLN Y 165 -23.08 -2.75 68.06
N GLY Y 166 -23.02 -1.57 68.65
CA GLY Y 166 -22.03 -1.29 69.65
C GLY Y 166 -20.66 -0.91 69.13
N SER Y 167 -20.52 -0.59 67.86
CA SER Y 167 -19.23 -0.21 67.32
C SER Y 167 -19.42 0.56 66.03
N PHE Y 168 -18.56 1.54 65.79
CA PHE Y 168 -18.55 2.18 64.49
C PHE Y 168 -17.94 1.31 63.41
N SER Y 169 -17.30 0.20 63.78
CA SER Y 169 -16.72 -0.68 62.77
C SER Y 169 -17.80 -1.39 61.96
N ASP Y 170 -18.96 -1.60 62.57
CA ASP Y 170 -20.10 -2.07 61.80
C ASP Y 170 -20.79 -0.96 61.04
N GLY Y 171 -20.34 0.29 61.18
CA GLY Y 171 -20.89 1.36 60.39
C GLY Y 171 -20.53 1.26 58.93
N MET Y 172 -21.21 2.04 58.13
CA MET Y 172 -21.09 1.93 56.68
C MET Y 172 -19.81 2.57 56.18
N PRO Y 173 -19.02 1.86 55.37
CA PRO Y 173 -17.81 2.45 54.82
C PRO Y 173 -18.13 3.50 53.77
N LEU Y 174 -17.45 4.64 53.88
CA LEU Y 174 -17.67 5.76 52.97
C LEU Y 174 -17.01 5.46 51.64
N GLY Y 175 -17.67 4.65 50.83
CA GLY Y 175 -17.12 4.33 49.53
C GLY Y 175 -18.16 3.65 48.68
N ILE Y 176 -17.70 3.06 47.58
CA ILE Y 176 -18.58 2.37 46.68
C ILE Y 176 -18.52 0.86 46.86
N SER Y 177 -17.33 0.27 46.87
CA SER Y 177 -17.24 -1.15 47.20
C SER Y 177 -17.50 -1.39 48.68
N GLY Y 178 -17.23 -0.40 49.52
CA GLY Y 178 -17.56 -0.53 50.91
C GLY Y 178 -19.04 -0.53 51.19
N THR Y 179 -19.83 0.05 50.29
CA THR Y 179 -21.27 -0.01 50.41
C THR Y 179 -21.76 -1.45 50.22
N PHE Y 180 -21.21 -2.15 49.24
CA PHE Y 180 -21.68 -3.50 49.01
C PHE Y 180 -21.08 -4.50 49.97
N ASN Y 181 -19.99 -4.15 50.63
CA ASN Y 181 -19.60 -4.94 51.79
C ASN Y 181 -20.58 -4.73 52.92
N PHE Y 182 -21.17 -3.54 53.00
CA PHE Y 182 -22.13 -3.26 54.05
C PHE Y 182 -23.45 -3.96 53.78
N MET Y 183 -23.89 -4.02 52.52
CA MET Y 183 -25.22 -4.54 52.24
C MET Y 183 -25.27 -6.05 52.34
N LEU Y 184 -24.19 -6.71 51.96
CA LEU Y 184 -24.20 -8.18 51.95
C LEU Y 184 -24.05 -8.73 53.35
N VAL Y 185 -23.16 -8.13 54.16
CA VAL Y 185 -22.99 -8.56 55.53
C VAL Y 185 -24.24 -8.24 56.34
N PHE Y 186 -24.96 -7.16 56.00
CA PHE Y 186 -26.23 -6.88 56.62
C PHE Y 186 -27.30 -7.88 56.20
N GLN Y 187 -27.15 -8.50 55.04
CA GLN Y 187 -28.11 -9.51 54.64
C GLN Y 187 -27.96 -10.80 55.42
N ALA Y 188 -26.72 -11.25 55.62
CA ALA Y 188 -26.49 -12.52 56.29
C ALA Y 188 -26.84 -12.44 57.77
N GLU Y 189 -26.62 -11.29 58.38
CA GLU Y 189 -26.79 -11.18 59.81
C GLU Y 189 -28.17 -10.71 60.22
N HIS Y 190 -28.95 -10.15 59.31
CA HIS Y 190 -30.22 -9.56 59.69
C HIS Y 190 -31.38 -9.93 58.78
N ASN Y 191 -31.12 -10.47 57.59
CA ASN Y 191 -32.14 -10.90 56.61
C ASN Y 191 -33.07 -9.74 56.26
N ILE Y 192 -32.50 -8.73 55.61
CA ILE Y 192 -33.24 -7.49 55.37
C ILE Y 192 -34.30 -7.67 54.29
N LEU Y 193 -34.08 -8.58 53.34
CA LEU Y 193 -35.01 -8.71 52.22
C LEU Y 193 -36.35 -9.27 52.65
N MET Y 194 -36.35 -10.11 53.67
CA MET Y 194 -37.60 -10.62 54.19
C MET Y 194 -38.23 -9.66 55.20
N HIS Y 195 -37.51 -8.63 55.61
CA HIS Y 195 -38.07 -7.68 56.54
C HIS Y 195 -39.04 -6.75 55.82
N PRO Y 196 -40.24 -6.53 56.36
CA PRO Y 196 -41.27 -5.80 55.62
C PRO Y 196 -41.04 -4.32 55.52
N PHE Y 197 -39.94 -3.80 56.03
CA PHE Y 197 -39.70 -2.37 55.88
C PHE Y 197 -38.75 -2.09 54.73
N HIS Y 198 -37.88 -3.03 54.38
CA HIS Y 198 -37.23 -2.93 53.09
C HIS Y 198 -38.22 -3.21 51.98
N MET Y 199 -39.24 -4.03 52.26
CA MET Y 199 -40.31 -4.27 51.30
C MET Y 199 -41.18 -3.04 51.11
N ALA Y 200 -41.30 -2.21 52.13
CA ALA Y 200 -42.15 -1.04 52.02
C ALA Y 200 -41.41 0.16 51.46
N GLY Y 201 -40.15 0.01 51.09
CA GLY Y 201 -39.43 1.11 50.49
C GLY Y 201 -38.88 0.77 49.13
N VAL Y 202 -38.76 -0.53 48.85
CA VAL Y 202 -38.65 -0.93 47.45
C VAL Y 202 -39.93 -0.55 46.72
N ALA Y 203 -41.07 -0.73 47.37
CA ALA Y 203 -42.31 -0.18 46.87
C ALA Y 203 -42.32 1.34 46.90
N GLY Y 204 -41.47 1.96 47.72
CA GLY Y 204 -41.37 3.40 47.73
C GLY Y 204 -40.57 3.99 46.60
N VAL Y 205 -39.53 3.32 46.12
CA VAL Y 205 -38.73 3.85 45.03
C VAL Y 205 -39.07 3.24 43.69
N PHE Y 206 -39.57 2.01 43.64
CA PHE Y 206 -40.19 1.56 42.39
C PHE Y 206 -41.46 2.32 42.12
N GLY Y 207 -42.27 2.54 43.16
CA GLY Y 207 -43.41 3.41 43.01
C GLY Y 207 -43.00 4.85 42.77
N GLY Y 208 -41.94 5.30 43.44
CA GLY Y 208 -41.48 6.66 43.25
C GLY Y 208 -40.96 6.93 41.85
N SER Y 209 -40.21 6.00 41.29
CA SER Y 209 -39.76 6.18 39.91
C SER Y 209 -40.87 5.93 38.92
N LEU Y 210 -41.93 5.22 39.32
CA LEU Y 210 -43.09 5.07 38.44
C LEU Y 210 -43.80 6.39 38.31
N PHE Y 211 -44.28 6.92 39.43
CA PHE Y 211 -45.08 8.14 39.43
C PHE Y 211 -44.28 9.37 39.03
N SER Y 212 -42.96 9.32 39.11
CA SER Y 212 -42.12 10.34 38.49
C SER Y 212 -42.23 10.31 36.98
N ALA Y 213 -41.95 9.17 36.38
CA ALA Y 213 -42.00 9.06 34.92
C ALA Y 213 -43.43 8.96 34.40
N MET Y 214 -44.40 8.77 35.26
CA MET Y 214 -45.79 8.77 34.83
C MET Y 214 -46.36 10.17 34.87
N HIS Y 215 -45.93 10.98 35.82
CA HIS Y 215 -46.36 12.37 35.85
C HIS Y 215 -45.59 13.21 34.85
N GLY Y 216 -44.28 12.94 34.72
CA GLY Y 216 -43.48 13.68 33.78
C GLY Y 216 -43.80 13.39 32.33
N SER Y 217 -44.46 12.28 32.05
CA SER Y 217 -44.84 12.00 30.69
C SER Y 217 -46.16 12.66 30.33
N LEU Y 218 -47.09 12.72 31.28
CA LEU Y 218 -48.40 13.27 30.97
C LEU Y 218 -48.41 14.78 30.92
N VAL Y 219 -47.41 15.44 31.49
CA VAL Y 219 -47.26 16.86 31.27
C VAL Y 219 -46.63 17.11 29.90
N THR Y 220 -45.56 16.39 29.60
CA THR Y 220 -44.86 16.53 28.33
C THR Y 220 -45.71 16.04 27.16
N SER Y 221 -46.65 15.12 27.39
CA SER Y 221 -47.58 14.75 26.34
C SER Y 221 -48.52 15.88 25.97
N SER Y 222 -49.05 16.59 26.95
CA SER Y 222 -50.13 17.54 26.71
C SER Y 222 -49.65 18.98 26.65
N LEU Y 223 -48.45 19.23 26.14
CA LEU Y 223 -47.96 20.59 26.00
C LEU Y 223 -48.71 21.32 24.90
N ILE Y 224 -48.85 22.63 25.07
CA ILE Y 224 -49.56 23.46 24.10
C ILE Y 224 -48.56 23.97 23.06
N ARG Y 225 -49.02 24.06 21.79
CA ARG Y 225 -48.23 24.66 20.72
C ARG Y 225 -47.84 26.09 21.02
N GLU Y 226 -46.55 26.31 21.27
CA GLU Y 226 -46.03 27.66 21.36
C GLU Y 226 -44.75 27.85 20.58
N THR Y 227 -44.19 26.80 19.99
CA THR Y 227 -42.95 26.86 19.24
C THR Y 227 -43.18 26.39 17.80
N THR Y 228 -42.13 26.47 17.01
CA THR Y 228 -42.10 25.87 15.69
C THR Y 228 -41.38 24.54 15.76
N GLU Y 229 -41.39 23.81 14.65
CA GLU Y 229 -40.73 22.50 14.63
C GLU Y 229 -39.23 22.62 14.51
N ASN Y 230 -38.69 23.80 14.22
CA ASN Y 230 -37.26 23.98 14.15
C ASN Y 230 -36.65 24.20 15.53
N GLU Y 231 -37.26 25.05 16.35
CA GLU Y 231 -36.67 25.33 17.65
C GLU Y 231 -37.07 24.26 18.66
N SER Y 232 -36.60 24.43 19.89
CA SER Y 232 -36.77 23.43 20.93
C SER Y 232 -38.19 23.47 21.46
N THR Y 233 -38.63 22.34 22.00
CA THR Y 233 -39.90 22.25 22.68
C THR Y 233 -39.94 23.11 23.93
N ASN Y 234 -38.82 23.25 24.61
CA ASN Y 234 -38.81 23.91 25.90
C ASN Y 234 -38.95 25.41 25.82
N TYR Y 235 -38.78 26.01 24.63
CA TYR Y 235 -38.82 27.46 24.56
C TYR Y 235 -40.23 28.01 24.45
N GLY Y 236 -41.25 27.17 24.57
CA GLY Y 236 -42.60 27.66 24.67
C GLY Y 236 -43.03 28.05 26.04
N TYR Y 237 -42.12 27.94 27.01
CA TYR Y 237 -42.34 28.41 28.37
C TYR Y 237 -41.45 29.62 28.58
N LYS Y 238 -42.08 30.77 28.71
CA LYS Y 238 -41.36 31.94 29.18
C LYS Y 238 -41.41 31.96 30.69
N PHE Y 239 -40.29 32.32 31.30
CA PHE Y 239 -40.17 32.24 32.74
C PHE Y 239 -41.03 33.29 33.43
N GLY Y 240 -41.74 32.86 34.46
CA GLY Y 240 -42.59 33.77 35.19
C GLY Y 240 -43.90 34.10 34.52
N GLN Y 241 -44.29 33.35 33.51
CA GLN Y 241 -45.56 33.61 32.86
C GLN Y 241 -46.69 33.13 33.75
N GLU Y 242 -47.89 33.64 33.47
CA GLU Y 242 -49.06 33.30 34.26
C GLU Y 242 -50.02 32.37 33.55
N GLU Y 243 -49.79 32.10 32.28
CA GLU Y 243 -50.62 31.15 31.55
C GLU Y 243 -50.15 29.72 31.84
N GLU Y 244 -51.10 28.80 31.86
CA GLU Y 244 -50.79 27.40 32.11
C GLU Y 244 -50.18 26.78 30.87
N THR Y 245 -49.09 26.04 31.04
CA THR Y 245 -48.32 25.59 29.89
C THR Y 245 -48.72 24.22 29.37
N TYR Y 246 -49.75 23.59 29.93
CA TYR Y 246 -50.22 22.33 29.36
C TYR Y 246 -51.70 22.15 29.64
N ASN Y 247 -52.38 21.50 28.71
CA ASN Y 247 -53.80 21.20 28.84
C ASN Y 247 -53.95 20.07 29.83
N ILE Y 248 -54.30 20.41 31.07
CA ILE Y 248 -54.45 19.40 32.12
C ILE Y 248 -55.72 18.58 31.94
N VAL Y 249 -56.73 19.12 31.24
CA VAL Y 249 -57.91 18.34 30.91
C VAL Y 249 -57.57 17.24 29.92
N ALA Y 250 -56.59 17.50 29.04
CA ALA Y 250 -56.18 16.51 28.06
C ALA Y 250 -55.51 15.32 28.71
N ALA Y 251 -54.56 15.56 29.61
CA ALA Y 251 -53.88 14.47 30.29
C ALA Y 251 -54.77 13.77 31.29
N HIS Y 252 -55.85 14.40 31.74
CA HIS Y 252 -56.80 13.71 32.59
C HIS Y 252 -57.67 12.77 31.79
N GLY Y 253 -58.07 13.18 30.58
CA GLY Y 253 -58.86 12.30 29.74
C GLY Y 253 -58.07 11.15 29.15
N TYR Y 254 -56.75 11.27 29.09
CA TYR Y 254 -55.93 10.18 28.60
C TYR Y 254 -55.80 9.09 29.65
N PHE Y 255 -55.32 9.45 30.83
CA PHE Y 255 -55.22 8.50 31.93
C PHE Y 255 -56.59 8.06 32.43
N GLY Y 256 -57.62 8.86 32.22
CA GLY Y 256 -58.98 8.42 32.49
C GLY Y 256 -59.49 7.36 31.53
N ARG Y 257 -58.81 7.13 30.42
CA ARG Y 257 -59.11 6.02 29.54
C ARG Y 257 -58.05 4.95 29.57
N LEU Y 258 -56.85 5.26 30.03
CA LEU Y 258 -55.76 4.29 30.00
C LEU Y 258 -55.97 3.22 31.06
N ILE Y 259 -56.55 3.56 32.21
CA ILE Y 259 -56.85 2.54 33.20
C ILE Y 259 -58.36 2.43 33.37
N PHE Y 260 -58.97 3.47 33.94
CA PHE Y 260 -60.40 3.73 33.93
C PHE Y 260 -60.59 5.15 34.45
N GLN Y 261 -61.84 5.57 34.57
CA GLN Y 261 -62.13 6.99 34.77
C GLN Y 261 -61.85 7.43 36.20
N TYR Y 262 -62.24 6.61 37.17
CA TYR Y 262 -62.24 7.04 38.56
C TYR Y 262 -60.89 6.94 39.23
N ALA Y 263 -59.88 6.42 38.55
CA ALA Y 263 -58.53 6.29 39.11
C ALA Y 263 -57.65 7.49 38.79
N SER Y 264 -58.21 8.56 38.25
CA SER Y 264 -57.43 9.70 37.79
C SER Y 264 -57.67 10.92 38.68
N PHE Y 265 -56.58 11.56 39.09
CA PHE Y 265 -56.65 12.80 39.86
C PHE Y 265 -56.95 13.96 38.91
N ASN Y 266 -58.15 14.52 38.98
CA ASN Y 266 -58.35 15.77 38.26
C ASN Y 266 -57.72 16.94 38.99
N ASN Y 267 -57.59 16.83 40.31
CA ASN Y 267 -56.99 17.87 41.13
C ASN Y 267 -55.47 17.81 40.97
N SER Y 268 -54.86 18.90 40.53
CA SER Y 268 -53.42 18.89 40.38
C SER Y 268 -52.70 19.09 41.69
N ARG Y 269 -53.39 19.60 42.71
CA ARG Y 269 -52.77 19.76 44.00
C ARG Y 269 -52.69 18.43 44.73
N ALA Y 270 -53.79 17.68 44.71
CA ALA Y 270 -53.77 16.35 45.28
C ALA Y 270 -52.90 15.39 44.47
N LEU Y 271 -52.73 15.66 43.18
CA LEU Y 271 -51.78 14.90 42.39
C LEU Y 271 -50.34 15.19 42.81
N HIS Y 272 -49.97 16.46 42.87
CA HIS Y 272 -48.64 16.82 43.32
C HIS Y 272 -48.44 16.61 44.80
N PHE Y 273 -49.42 16.20 45.56
CA PHE Y 273 -49.15 15.76 46.92
C PHE Y 273 -48.82 14.30 47.00
N PHE Y 274 -49.49 13.48 46.18
CA PHE Y 274 -49.23 12.05 46.15
C PHE Y 274 -47.83 11.73 45.64
N LEU Y 275 -47.23 12.62 44.86
CA LEU Y 275 -45.85 12.42 44.47
C LEU Y 275 -44.90 12.64 45.64
N ALA Y 276 -45.29 13.45 46.62
CA ALA Y 276 -44.47 13.66 47.78
C ALA Y 276 -44.76 12.68 48.90
N LEU Y 277 -45.97 12.12 48.93
CA LEU Y 277 -46.32 11.16 49.97
C LEU Y 277 -45.57 9.86 49.78
N TRP Y 278 -45.78 9.19 48.66
CA TRP Y 278 -45.37 7.82 48.40
C TRP Y 278 -43.89 7.53 48.60
N PRO Y 279 -42.92 8.33 48.11
CA PRO Y 279 -41.53 7.97 48.39
C PRO Y 279 -41.12 8.25 49.81
N VAL Y 280 -41.55 9.40 50.31
CA VAL Y 280 -41.10 9.87 51.62
C VAL Y 280 -41.62 8.98 52.72
N VAL Y 281 -42.87 8.54 52.61
CA VAL Y 281 -43.38 7.55 53.56
C VAL Y 281 -42.67 6.21 53.36
N GLY Y 282 -42.26 5.92 52.13
CA GLY Y 282 -41.56 4.68 51.88
C GLY Y 282 -40.14 4.66 52.43
N ILE Y 283 -39.52 5.82 52.58
CA ILE Y 283 -38.16 5.89 53.10
C ILE Y 283 -38.13 6.17 54.60
N TRP Y 284 -39.17 6.80 55.16
CA TRP Y 284 -39.33 6.82 56.61
C TRP Y 284 -39.46 5.41 57.16
N ILE Y 285 -40.28 4.58 56.51
CA ILE Y 285 -40.52 3.23 56.97
C ILE Y 285 -39.29 2.36 56.80
N THR Y 286 -38.54 2.60 55.72
CA THR Y 286 -37.36 1.80 55.44
C THR Y 286 -36.23 2.11 56.40
N SER Y 287 -36.01 3.38 56.69
CA SER Y 287 -34.97 3.80 57.61
C SER Y 287 -35.27 3.41 59.04
N MET Y 288 -36.52 3.12 59.36
CA MET Y 288 -36.85 2.43 60.60
C MET Y 288 -36.93 0.93 60.39
N GLY Y 289 -36.30 0.42 59.35
CA GLY Y 289 -36.11 -1.00 59.22
C GLY Y 289 -34.68 -1.27 59.64
N ILE Y 290 -33.76 -0.42 59.18
CA ILE Y 290 -32.36 -0.51 59.60
C ILE Y 290 -32.25 -0.23 61.09
N SER Y 291 -33.11 0.65 61.59
CA SER Y 291 -33.08 1.01 63.00
C SER Y 291 -33.55 -0.12 63.88
N THR Y 292 -34.65 -0.78 63.51
CA THR Y 292 -35.10 -1.91 64.30
C THR Y 292 -34.26 -3.15 64.03
N MET Y 293 -33.54 -3.19 62.94
CA MET Y 293 -32.56 -4.25 62.77
C MET Y 293 -31.20 -3.88 63.27
N ALA Y 294 -31.02 -2.66 63.77
CA ALA Y 294 -29.79 -2.36 64.47
C ALA Y 294 -29.76 -3.02 65.83
N PHE Y 295 -30.93 -3.23 66.41
CA PHE Y 295 -31.07 -3.87 67.71
C PHE Y 295 -31.47 -5.33 67.58
N ASN Y 296 -31.09 -5.96 66.47
CA ASN Y 296 -31.18 -7.40 66.26
C ASN Y 296 -32.61 -7.90 66.36
N LEU Y 297 -33.55 -7.11 65.85
CA LEU Y 297 -34.90 -7.57 65.60
C LEU Y 297 -34.98 -7.78 64.10
N ASN Y 298 -34.58 -8.97 63.67
CA ASN Y 298 -34.32 -9.24 62.26
C ASN Y 298 -35.63 -9.40 61.49
N GLY Y 299 -35.51 -9.65 60.19
CA GLY Y 299 -36.65 -9.92 59.34
C GLY Y 299 -37.19 -11.31 59.56
N PHE Y 300 -38.10 -11.71 58.67
CA PHE Y 300 -38.74 -13.01 58.83
C PHE Y 300 -37.76 -14.15 58.64
N ASN Y 301 -38.11 -15.30 59.20
CA ASN Y 301 -37.27 -16.48 59.14
C ASN Y 301 -38.17 -17.67 58.95
N PHE Y 302 -38.33 -18.11 57.69
CA PHE Y 302 -39.17 -19.24 57.37
C PHE Y 302 -38.36 -20.48 57.03
N ASN Y 303 -37.20 -20.62 57.65
CA ASN Y 303 -36.36 -21.78 57.40
C ASN Y 303 -36.90 -22.99 58.14
N GLN Y 304 -37.00 -24.10 57.41
CA GLN Y 304 -37.57 -25.37 57.88
C GLN Y 304 -39.00 -25.20 58.36
N SER Y 305 -39.79 -24.48 57.57
CA SER Y 305 -41.17 -24.20 57.91
C SER Y 305 -42.17 -25.18 57.30
N VAL Y 306 -41.82 -25.79 56.17
CA VAL Y 306 -42.72 -26.71 55.50
C VAL Y 306 -42.21 -28.12 55.71
N VAL Y 307 -43.03 -28.96 56.34
CA VAL Y 307 -42.67 -30.34 56.63
C VAL Y 307 -43.76 -31.25 56.09
N ASP Y 308 -43.36 -32.49 55.79
CA ASP Y 308 -44.32 -33.50 55.40
C ASP Y 308 -44.92 -34.14 56.66
N SER Y 309 -45.77 -35.14 56.47
CA SER Y 309 -46.36 -35.83 57.61
C SER Y 309 -45.36 -36.71 58.34
N GLN Y 310 -44.35 -37.20 57.63
CA GLN Y 310 -43.24 -37.90 58.27
C GLN Y 310 -42.41 -36.97 59.14
N GLY Y 311 -42.33 -35.69 58.78
CA GLY Y 311 -41.56 -34.73 59.54
C GLY Y 311 -40.29 -34.28 58.86
N ARG Y 312 -39.99 -34.79 57.67
CA ARG Y 312 -38.81 -34.35 56.95
C ARG Y 312 -39.02 -32.92 56.45
N VAL Y 313 -37.95 -32.15 56.47
CA VAL Y 313 -38.02 -30.76 56.03
C VAL Y 313 -38.14 -30.73 54.51
N ILE Y 314 -39.18 -30.07 54.03
CA ILE Y 314 -39.34 -29.79 52.60
C ILE Y 314 -38.81 -28.39 52.37
N ASN Y 315 -37.93 -28.24 51.40
CA ASN Y 315 -37.31 -26.95 51.14
C ASN Y 315 -38.31 -26.00 50.51
N THR Y 316 -38.08 -24.71 50.73
CA THR Y 316 -38.83 -23.64 50.08
C THR Y 316 -37.85 -22.69 49.43
N TRP Y 317 -38.34 -21.55 48.95
CA TRP Y 317 -37.42 -20.56 48.45
C TRP Y 317 -36.66 -19.86 49.56
N ALA Y 318 -37.22 -19.85 50.78
CA ALA Y 318 -36.50 -19.26 51.89
C ALA Y 318 -35.34 -20.13 52.32
N ASP Y 319 -35.43 -21.45 52.10
CA ASP Y 319 -34.29 -22.30 52.41
C ASP Y 319 -33.16 -22.12 51.40
N ILE Y 320 -33.49 -21.83 50.15
CA ILE Y 320 -32.45 -21.49 49.18
C ILE Y 320 -31.87 -20.12 49.50
N LEU Y 321 -32.71 -19.20 49.96
CA LEU Y 321 -32.22 -17.90 50.39
C LEU Y 321 -31.38 -18.02 51.65
N ASN Y 322 -31.67 -19.00 52.49
CA ASN Y 322 -30.90 -19.21 53.71
C ASN Y 322 -29.48 -19.68 53.39
N ARG Y 323 -29.33 -20.52 52.37
CA ARG Y 323 -28.02 -21.04 52.02
C ARG Y 323 -27.16 -19.97 51.36
N ALA Y 324 -27.78 -18.93 50.82
CA ALA Y 324 -27.02 -17.76 50.42
C ALA Y 324 -26.63 -16.91 51.62
N ASN Y 325 -27.48 -16.87 52.64
CA ASN Y 325 -27.11 -16.14 53.85
C ASN Y 325 -26.05 -16.87 54.64
N LEU Y 326 -26.08 -18.20 54.64
CA LEU Y 326 -25.05 -18.96 55.35
C LEU Y 326 -23.69 -18.83 54.69
N GLY Y 327 -23.65 -18.53 53.40
CA GLY Y 327 -22.37 -18.36 52.74
C GLY Y 327 -21.71 -17.05 53.10
N ILE Y 328 -22.50 -16.00 53.27
CA ILE Y 328 -21.94 -14.72 53.65
C ILE Y 328 -21.65 -14.70 55.15
N GLU Y 329 -22.45 -15.40 55.96
CA GLU Y 329 -22.25 -15.39 57.40
C GLU Y 329 -20.96 -16.08 57.81
N VAL Y 330 -20.63 -17.20 57.16
CA VAL Y 330 -19.41 -17.92 57.51
C VAL Y 330 -18.17 -17.31 56.91
N MET Y 331 -18.30 -16.24 56.13
CA MET Y 331 -17.16 -15.66 55.45
C MET Y 331 -16.91 -14.19 55.78
N HIS Y 332 -17.84 -13.50 56.43
CA HIS Y 332 -17.61 -12.10 56.73
C HIS Y 332 -16.73 -12.04 57.96
N GLU Y 333 -15.71 -11.18 57.90
CA GLU Y 333 -14.71 -10.98 58.94
C GLU Y 333 -14.09 -12.32 59.33
N ARG Y 334 -13.40 -12.92 58.37
CA ARG Y 334 -13.04 -14.32 58.42
C ARG Y 334 -11.99 -14.62 59.48
N ASN Y 335 -11.38 -13.58 60.04
CA ASN Y 335 -10.42 -13.75 61.10
C ASN Y 335 -10.88 -13.16 62.42
N ALA Y 336 -11.87 -12.27 62.43
CA ALA Y 336 -12.26 -11.56 63.63
C ALA Y 336 -12.99 -12.43 64.64
N HIS Y 337 -13.53 -13.57 64.23
CA HIS Y 337 -14.34 -14.37 65.11
C HIS Y 337 -13.49 -15.42 65.80
N ASN Y 338 -13.86 -15.76 67.02
CA ASN Y 338 -13.24 -16.84 67.76
C ASN Y 338 -14.25 -17.80 68.36
N PHE Y 339 -15.52 -17.45 68.36
CA PHE Y 339 -16.53 -18.20 69.09
C PHE Y 339 -17.72 -18.44 68.17
N PRO Y 340 -18.50 -19.52 68.37
CA PRO Y 340 -19.36 -20.03 67.29
C PRO Y 340 -20.50 -19.13 66.83
N LEU Y 341 -20.83 -18.06 67.53
CA LEU Y 341 -22.00 -17.24 67.20
C LEU Y 341 -21.59 -15.79 67.02
N ASP Y 342 -21.95 -15.21 65.88
CA ASP Y 342 -21.68 -13.79 65.66
C ASP Y 342 -22.67 -12.99 66.48
N LEU Y 343 -22.34 -12.74 67.74
CA LEU Y 343 -23.14 -11.85 68.57
C LEU Y 343 -23.01 -10.40 68.14
N ALA Y 344 -21.96 -10.05 67.42
CA ALA Y 344 -21.78 -8.70 66.89
C ALA Y 344 -21.64 -8.76 65.38
N ALA Z 2 -31.55 27.26 15.15
CA ALA Z 2 -32.24 27.13 16.42
C ALA Z 2 -32.44 25.67 16.77
N LEU Z 3 -31.82 24.79 15.98
CA LEU Z 3 -31.92 23.37 16.25
C LEU Z 3 -31.14 23.03 17.51
N PRO Z 4 -31.66 22.12 18.34
CA PRO Z 4 -30.84 21.57 19.42
C PRO Z 4 -29.79 20.66 18.85
N TRP Z 5 -28.85 20.24 19.70
CA TRP Z 5 -27.78 19.37 19.25
C TRP Z 5 -28.27 17.98 18.86
N TYR Z 6 -29.43 17.56 19.34
CA TYR Z 6 -29.98 16.27 18.98
C TYR Z 6 -30.96 16.36 17.83
N ARG Z 7 -31.01 17.49 17.13
CA ARG Z 7 -31.82 17.58 15.92
C ARG Z 7 -31.03 18.17 14.77
N VAL Z 8 -29.70 18.14 14.86
CA VAL Z 8 -28.89 18.80 13.86
C VAL Z 8 -28.93 18.09 12.52
N HIS Z 9 -29.16 16.80 12.51
CA HIS Z 9 -29.15 16.04 11.29
C HIS Z 9 -30.54 15.91 10.69
N THR Z 10 -31.51 16.72 11.12
CA THR Z 10 -32.81 16.74 10.49
C THR Z 10 -32.96 17.83 9.45
N VAL Z 11 -31.86 18.42 8.99
CA VAL Z 11 -31.96 19.35 7.87
C VAL Z 11 -32.04 18.58 6.57
N VAL Z 12 -31.83 17.27 6.64
CA VAL Z 12 -31.79 16.38 5.49
C VAL Z 12 -33.16 15.74 5.25
N LEU Z 13 -34.17 16.13 6.03
CA LEU Z 13 -35.51 15.57 5.86
C LEU Z 13 -36.14 15.98 4.54
N ASN Z 14 -36.09 17.27 4.21
CA ASN Z 14 -36.68 17.78 2.98
C ASN Z 14 -35.65 18.01 1.90
N ASP Z 15 -34.62 17.19 1.84
CA ASP Z 15 -33.53 17.36 0.87
C ASP Z 15 -33.08 15.97 0.45
N PRO Z 16 -33.60 15.45 -0.67
CA PRO Z 16 -33.18 14.12 -1.11
C PRO Z 16 -31.80 14.13 -1.69
N GLY Z 17 -31.34 15.26 -2.19
CA GLY Z 17 -30.04 15.29 -2.83
C GLY Z 17 -28.92 15.18 -1.84
N ARG Z 18 -29.10 15.76 -0.67
CA ARG Z 18 -28.15 15.61 0.41
C ARG Z 18 -28.47 14.46 1.33
N LEU Z 19 -29.58 13.75 1.10
CA LEU Z 19 -29.84 12.52 1.83
C LEU Z 19 -28.92 11.42 1.36
N ILE Z 20 -28.48 11.52 0.12
CA ILE Z 20 -27.59 10.53 -0.46
C ILE Z 20 -26.16 10.79 -0.05
N ALA Z 21 -25.76 12.05 -0.05
CA ALA Z 21 -24.40 12.43 0.27
C ALA Z 21 -24.07 12.12 1.71
N VAL Z 22 -25.07 12.14 2.56
CA VAL Z 22 -24.90 11.72 3.93
C VAL Z 22 -24.83 10.20 4.02
N HIS Z 23 -25.77 9.52 3.38
CA HIS Z 23 -25.76 8.06 3.35
C HIS Z 23 -24.55 7.49 2.62
N LEU Z 24 -23.91 8.26 1.75
CA LEU Z 24 -22.63 7.84 1.21
C LEU Z 24 -21.49 8.06 2.19
N MET Z 25 -21.62 9.02 3.08
CA MET Z 25 -20.54 9.26 4.02
C MET Z 25 -20.55 8.25 5.16
N HIS Z 26 -21.72 7.77 5.58
CA HIS Z 26 -21.74 6.65 6.51
C HIS Z 26 -21.15 5.41 5.85
N THR Z 27 -21.36 5.25 4.55
CA THR Z 27 -20.81 4.12 3.82
C THR Z 27 -19.30 4.25 3.67
N ALA Z 28 -18.78 5.45 3.48
CA ALA Z 28 -17.33 5.63 3.37
C ALA Z 28 -16.63 5.45 4.69
N LEU Z 29 -17.35 5.52 5.80
CA LEU Z 29 -16.74 5.26 7.10
C LEU Z 29 -16.86 3.81 7.49
N VAL Z 30 -17.94 3.14 7.11
CA VAL Z 30 -18.08 1.72 7.36
C VAL Z 30 -17.07 0.95 6.53
N ALA Z 31 -16.94 1.28 5.26
CA ALA Z 31 -16.01 0.58 4.39
C ALA Z 31 -14.57 0.88 4.74
N GLY Z 32 -14.30 2.12 5.16
CA GLY Z 32 -12.96 2.45 5.59
C GLY Z 32 -12.60 1.81 6.92
N TRP Z 33 -13.59 1.49 7.74
CA TRP Z 33 -13.32 0.73 8.95
C TRP Z 33 -12.88 -0.67 8.60
N ALA Z 34 -13.66 -1.35 7.76
CA ALA Z 34 -13.41 -2.77 7.47
C ALA Z 34 -12.11 -2.98 6.72
N GLY Z 35 -11.67 -1.98 5.98
CA GLY Z 35 -10.35 -2.05 5.37
C GLY Z 35 -9.26 -1.83 6.40
N SER Z 36 -9.40 -0.81 7.22
CA SER Z 36 -8.36 -0.50 8.18
C SER Z 36 -8.40 -1.39 9.41
N MET Z 37 -9.51 -2.07 9.66
CA MET Z 37 -9.49 -3.09 10.69
C MET Z 37 -8.74 -4.31 10.21
N ALA Z 38 -8.95 -4.70 8.96
CA ALA Z 38 -8.31 -5.91 8.45
C ALA Z 38 -6.84 -5.69 8.15
N LEU Z 39 -6.42 -4.45 7.89
CA LEU Z 39 -5.00 -4.17 7.83
C LEU Z 39 -4.37 -4.26 9.20
N TYR Z 40 -5.12 -3.89 10.23
CA TYR Z 40 -4.59 -3.96 11.59
C TYR Z 40 -4.46 -5.40 12.04
N GLU Z 41 -5.34 -6.27 11.56
CA GLU Z 41 -5.32 -7.65 11.99
C GLU Z 41 -4.22 -8.44 11.33
N LEU Z 42 -3.77 -8.03 10.15
CA LEU Z 42 -2.69 -8.75 9.50
C LEU Z 42 -1.33 -8.39 10.06
N ALA Z 43 -1.21 -7.25 10.71
CA ALA Z 43 0.00 -6.94 11.44
C ALA Z 43 0.09 -7.68 12.76
N VAL Z 44 -1.04 -8.17 13.25
CA VAL Z 44 -1.11 -8.85 14.53
C VAL Z 44 -1.15 -10.37 14.37
N PHE Z 45 -1.68 -10.87 13.26
CA PHE Z 45 -1.83 -12.31 13.07
C PHE Z 45 -0.49 -13.00 12.92
N ASP Z 46 -0.41 -14.23 13.41
CA ASP Z 46 0.81 -15.01 13.34
C ASP Z 46 0.44 -16.41 12.86
N PRO Z 47 0.75 -16.76 11.62
CA PRO Z 47 0.40 -18.08 11.11
C PRO Z 47 1.47 -19.11 11.39
N SER Z 48 1.96 -19.19 12.63
CA SER Z 48 3.00 -20.15 12.95
C SER Z 48 2.40 -21.54 13.15
N ASP Z 49 1.30 -21.62 13.88
CA ASP Z 49 0.68 -22.90 14.21
C ASP Z 49 -0.82 -22.68 14.16
N PRO Z 50 -1.47 -23.02 13.06
CA PRO Z 50 -2.92 -22.92 12.99
C PRO Z 50 -3.67 -24.03 13.71
N VAL Z 51 -2.96 -24.91 14.41
CA VAL Z 51 -3.60 -25.97 15.17
C VAL Z 51 -3.79 -25.56 16.62
N LEU Z 52 -2.73 -25.09 17.26
CA LEU Z 52 -2.82 -24.64 18.65
C LEU Z 52 -2.80 -23.13 18.77
N ASN Z 53 -2.71 -22.41 17.68
CA ASN Z 53 -2.95 -20.99 17.75
C ASN Z 53 -3.79 -20.54 16.56
N PRO Z 54 -5.10 -20.84 16.52
CA PRO Z 54 -5.91 -20.41 15.39
C PRO Z 54 -6.19 -18.92 15.40
N MET Z 55 -7.03 -18.49 14.46
CA MET Z 55 -7.31 -17.07 14.37
C MET Z 55 -8.25 -16.61 15.46
N TRP Z 56 -8.99 -17.54 16.07
CA TRP Z 56 -9.93 -17.12 17.10
C TRP Z 56 -9.28 -17.07 18.47
N ARG Z 57 -8.04 -17.53 18.60
CA ARG Z 57 -7.28 -17.28 19.82
C ARG Z 57 -6.62 -15.93 19.77
N GLN Z 58 -6.27 -15.48 18.57
CA GLN Z 58 -5.57 -14.22 18.44
C GLN Z 58 -6.50 -13.03 18.35
N GLY Z 59 -7.76 -13.19 18.75
CA GLY Z 59 -8.69 -12.10 18.80
C GLY Z 59 -9.10 -11.56 17.46
N MET Z 60 -8.95 -12.33 16.38
CA MET Z 60 -9.30 -11.82 15.06
C MET Z 60 -10.80 -11.74 14.94
N PHE Z 61 -11.30 -10.55 14.64
CA PHE Z 61 -12.72 -10.37 14.64
C PHE Z 61 -13.29 -10.44 13.23
N VAL Z 62 -12.81 -9.58 12.34
CA VAL Z 62 -13.38 -9.56 11.00
C VAL Z 62 -12.75 -10.61 10.12
N MET Z 63 -11.59 -11.14 10.53
CA MET Z 63 -10.91 -12.17 9.77
C MET Z 63 -11.66 -13.50 9.67
N PRO Z 64 -12.43 -13.98 10.66
CA PRO Z 64 -13.29 -15.13 10.36
C PRO Z 64 -14.47 -14.83 9.44
N PHE Z 65 -14.68 -13.57 9.05
CA PHE Z 65 -15.75 -13.29 8.12
C PHE Z 65 -15.23 -13.26 6.69
N MET Z 66 -13.92 -13.07 6.53
CA MET Z 66 -13.33 -13.22 5.20
C MET Z 66 -13.13 -14.69 4.87
N THR Z 67 -12.73 -15.48 5.87
CA THR Z 67 -12.45 -16.89 5.60
C THR Z 67 -13.73 -17.70 5.56
N ARG Z 68 -14.84 -17.14 6.01
CA ARG Z 68 -16.09 -17.86 5.96
C ARG Z 68 -16.60 -17.97 4.53
N LEU Z 69 -16.46 -16.91 3.76
CA LEU Z 69 -16.94 -16.89 2.39
C LEU Z 69 -15.85 -17.19 1.37
N GLY Z 70 -14.70 -17.69 1.79
CA GLY Z 70 -13.82 -18.28 0.80
C GLY Z 70 -12.48 -17.63 0.58
N ILE Z 71 -11.88 -17.08 1.61
CA ILE Z 71 -10.56 -16.45 1.50
C ILE Z 71 -9.64 -17.17 2.44
N THR Z 72 -8.67 -17.89 1.90
CA THR Z 72 -7.73 -18.59 2.77
C THR Z 72 -6.30 -18.16 2.60
N ASP Z 73 -5.93 -17.56 1.49
CA ASP Z 73 -4.54 -17.27 1.23
C ASP Z 73 -4.22 -15.81 1.50
N SER Z 74 -2.94 -15.53 1.63
CA SER Z 74 -2.45 -14.18 1.82
C SER Z 74 -1.24 -13.95 0.96
N TRP Z 75 -0.88 -12.67 0.81
CA TRP Z 75 0.25 -12.30 -0.03
C TRP Z 75 1.59 -12.68 0.59
N GLY Z 76 1.62 -12.93 1.90
CA GLY Z 76 2.83 -13.46 2.50
C GLY Z 76 3.14 -14.87 2.09
N GLY Z 77 2.13 -15.62 1.64
CA GLY Z 77 2.30 -16.98 1.22
C GLY Z 77 1.70 -17.99 2.17
N TRP Z 78 1.35 -17.56 3.38
CA TRP Z 78 0.72 -18.47 4.31
C TRP Z 78 -0.75 -18.65 3.97
N SER Z 79 -1.37 -19.63 4.62
CA SER Z 79 -2.77 -19.90 4.44
C SER Z 79 -3.34 -20.38 5.76
N ILE Z 80 -4.65 -20.25 5.92
CA ILE Z 80 -5.26 -20.74 7.15
C ILE Z 80 -5.46 -22.25 7.09
N THR Z 81 -5.45 -22.81 5.88
CA THR Z 81 -5.57 -24.25 5.74
C THR Z 81 -4.21 -24.92 5.85
N GLY Z 82 -3.15 -24.13 5.85
CA GLY Z 82 -1.80 -24.63 6.02
C GLY Z 82 -1.10 -25.03 4.74
N GLU Z 83 -1.83 -25.23 3.66
CA GLU Z 83 -1.23 -25.57 2.37
C GLU Z 83 -0.60 -24.32 1.80
N SER Z 84 0.62 -24.45 1.28
CA SER Z 84 1.32 -23.30 0.75
C SER Z 84 0.71 -22.90 -0.60
N VAL Z 85 0.90 -21.65 -0.97
CA VAL Z 85 0.38 -21.13 -2.23
C VAL Z 85 1.48 -20.29 -2.89
N SER Z 86 1.55 -20.35 -4.23
CA SER Z 86 2.52 -19.53 -4.94
C SER Z 86 1.96 -18.15 -5.20
N ASN Z 87 0.69 -18.05 -5.53
CA ASN Z 87 0.09 -16.76 -5.83
C ASN Z 87 -1.39 -16.79 -5.49
N PRO Z 88 -1.85 -15.96 -4.56
CA PRO Z 88 -3.28 -15.84 -4.30
C PRO Z 88 -4.00 -14.89 -5.23
N GLY Z 89 -3.28 -14.16 -6.06
CA GLY Z 89 -3.91 -13.25 -6.98
C GLY Z 89 -4.29 -11.94 -6.30
N ILE Z 90 -5.47 -11.46 -6.66
CA ILE Z 90 -5.94 -10.21 -6.07
C ILE Z 90 -6.64 -10.45 -4.74
N TRP Z 91 -7.56 -11.40 -4.70
CA TRP Z 91 -8.42 -11.52 -3.52
C TRP Z 91 -7.74 -12.45 -2.52
N SER Z 92 -6.89 -11.84 -1.71
CA SER Z 92 -6.30 -12.39 -0.52
C SER Z 92 -6.79 -11.55 0.64
N PHE Z 93 -6.19 -11.76 1.82
CA PHE Z 93 -6.54 -10.91 2.95
C PHE Z 93 -6.09 -9.48 2.73
N GLU Z 94 -4.92 -9.29 2.12
CA GLU Z 94 -4.47 -7.93 1.88
C GLU Z 94 -5.23 -7.30 0.72
N GLY Z 95 -5.72 -8.11 -0.21
CA GLY Z 95 -6.42 -7.55 -1.35
C GLY Z 95 -7.81 -7.08 -0.99
N VAL Z 96 -8.46 -7.77 -0.06
CA VAL Z 96 -9.77 -7.37 0.41
C VAL Z 96 -9.69 -6.13 1.28
N ALA Z 97 -8.71 -6.11 2.19
CA ALA Z 97 -8.50 -4.97 3.08
C ALA Z 97 -8.14 -3.72 2.31
N LEU Z 98 -7.33 -3.84 1.28
CA LEU Z 98 -6.97 -2.69 0.49
C LEU Z 98 -8.09 -2.26 -0.45
N SER Z 99 -9.00 -3.17 -0.80
CA SER Z 99 -10.08 -2.79 -1.69
C SER Z 99 -11.27 -2.19 -0.95
N HIS Z 100 -11.49 -2.55 0.32
CA HIS Z 100 -12.47 -1.82 1.10
C HIS Z 100 -12.00 -0.41 1.45
N ILE Z 101 -10.69 -0.14 1.38
CA ILE Z 101 -10.18 1.22 1.56
C ILE Z 101 -10.42 2.05 0.30
N ILE Z 102 -10.10 1.49 -0.86
CA ILE Z 102 -10.26 2.20 -2.13
C ILE Z 102 -11.73 2.49 -2.39
N LEU Z 103 -12.60 1.57 -2.00
CA LEU Z 103 -14.04 1.81 -2.04
C LEU Z 103 -14.45 2.92 -1.10
N SER Z 104 -13.78 3.04 0.04
CA SER Z 104 -14.08 4.12 0.97
C SER Z 104 -13.68 5.47 0.42
N GLY Z 105 -12.53 5.54 -0.25
CA GLY Z 105 -12.09 6.80 -0.82
C GLY Z 105 -12.93 7.28 -1.97
N MET Z 106 -13.62 6.38 -2.66
CA MET Z 106 -14.47 6.77 -3.76
C MET Z 106 -15.89 7.08 -3.33
N CYS Z 107 -16.39 6.43 -2.29
CA CYS Z 107 -17.64 6.86 -1.69
C CYS Z 107 -17.48 8.17 -0.94
N PHE Z 108 -16.26 8.50 -0.55
CA PHE Z 108 -15.99 9.81 0.04
C PHE Z 108 -16.08 10.91 -1.00
N LEU Z 109 -15.47 10.70 -2.16
CA LEU Z 109 -15.46 11.72 -3.21
C LEU Z 109 -16.80 11.86 -3.86
N ALA Z 110 -17.59 10.79 -3.91
CA ALA Z 110 -18.92 10.88 -4.47
C ALA Z 110 -19.86 11.61 -3.54
N ALA Z 111 -19.62 11.55 -2.24
CA ALA Z 111 -20.43 12.28 -1.28
C ALA Z 111 -20.08 13.75 -1.25
N ILE Z 112 -18.88 14.13 -1.68
CA ILE Z 112 -18.60 15.55 -1.87
C ILE Z 112 -19.36 16.07 -3.06
N TRP Z 113 -19.45 15.29 -4.14
CA TRP Z 113 -20.25 15.69 -5.30
C TRP Z 113 -21.72 15.80 -4.92
N HIS Z 114 -22.27 14.74 -4.35
CA HIS Z 114 -23.70 14.68 -4.07
C HIS Z 114 -24.13 15.63 -2.98
N TRP Z 115 -23.20 16.24 -2.25
CA TRP Z 115 -23.52 17.28 -1.29
C TRP Z 115 -23.53 18.65 -1.93
N VAL Z 116 -22.54 18.91 -2.79
CA VAL Z 116 -22.43 20.20 -3.44
C VAL Z 116 -23.54 20.37 -4.46
N TYR Z 117 -23.66 19.42 -5.38
CA TYR Z 117 -24.73 19.45 -6.38
C TYR Z 117 -25.97 18.79 -5.80
N TRP Z 118 -26.57 19.48 -4.83
CA TRP Z 118 -27.76 18.98 -4.18
C TRP Z 118 -29.01 19.20 -5.00
N ASP Z 119 -29.00 20.16 -5.90
CA ASP Z 119 -30.20 20.60 -6.59
C ASP Z 119 -30.21 19.92 -7.94
N LEU Z 120 -30.79 18.73 -8.00
CA LEU Z 120 -30.96 18.03 -9.25
C LEU Z 120 -32.44 17.93 -9.57
N GLU Z 121 -32.76 17.92 -10.86
CA GLU Z 121 -34.14 17.90 -11.31
C GLU Z 121 -34.78 16.54 -11.02
N LEU Z 122 -33.96 15.51 -10.84
CA LEU Z 122 -34.45 14.16 -10.55
C LEU Z 122 -35.25 14.10 -9.26
N PHE Z 123 -34.90 14.94 -8.28
CA PHE Z 123 -35.56 14.83 -6.99
C PHE Z 123 -36.74 15.78 -6.88
N ARG Z 124 -36.99 16.60 -7.88
CA ARG Z 124 -38.14 17.48 -7.82
C ARG Z 124 -39.40 16.73 -8.21
N ASP Z 125 -40.50 17.19 -7.68
CA ASP Z 125 -41.81 16.74 -8.13
C ASP Z 125 -42.14 17.44 -9.44
N PRO Z 126 -42.48 16.70 -10.50
CA PRO Z 126 -42.93 17.35 -11.73
C PRO Z 126 -44.35 17.90 -11.67
N ARG Z 127 -45.07 17.69 -10.56
CA ARG Z 127 -46.42 18.22 -10.43
C ARG Z 127 -46.54 19.37 -9.44
N THR Z 128 -45.65 19.45 -8.45
CA THR Z 128 -45.67 20.56 -7.51
C THR Z 128 -44.39 21.35 -7.48
N GLY Z 129 -43.24 20.73 -7.74
CA GLY Z 129 -41.96 21.38 -7.69
C GLY Z 129 -41.21 21.19 -6.39
N GLU Z 130 -41.86 20.67 -5.36
CA GLU Z 130 -41.25 20.47 -4.06
C GLU Z 130 -40.52 19.15 -4.03
N PRO Z 131 -39.37 19.05 -3.33
CA PRO Z 131 -38.54 17.84 -3.39
C PRO Z 131 -39.19 16.63 -2.76
N ALA Z 132 -39.42 15.60 -3.57
CA ALA Z 132 -40.19 14.44 -3.16
C ALA Z 132 -39.48 13.18 -3.59
N LEU Z 133 -39.71 12.10 -2.85
CA LEU Z 133 -39.20 10.79 -3.18
C LEU Z 133 -40.35 9.81 -3.26
N ASP Z 134 -40.50 9.15 -4.39
CA ASP Z 134 -41.58 8.20 -4.57
C ASP Z 134 -41.27 6.90 -3.85
N LEU Z 135 -41.44 6.91 -2.54
CA LEU Z 135 -41.10 5.79 -1.68
C LEU Z 135 -41.72 4.42 -1.99
N PRO Z 136 -42.90 4.29 -2.61
CA PRO Z 136 -43.30 2.96 -3.06
C PRO Z 136 -42.47 2.41 -4.21
N LYS Z 137 -42.08 3.24 -5.18
CA LYS Z 137 -41.34 2.70 -6.31
C LYS Z 137 -39.85 2.63 -6.02
N ILE Z 138 -39.35 3.50 -5.12
CA ILE Z 138 -37.98 3.35 -4.65
C ILE Z 138 -37.82 2.03 -3.93
N PHE Z 139 -38.86 1.61 -3.22
CA PHE Z 139 -38.82 0.30 -2.59
C PHE Z 139 -38.88 -0.81 -3.62
N GLY Z 140 -39.57 -0.59 -4.74
CA GLY Z 140 -39.61 -1.62 -5.75
C GLY Z 140 -38.28 -1.83 -6.43
N ILE Z 141 -37.55 -0.74 -6.67
CA ILE Z 141 -36.25 -0.83 -7.30
C ILE Z 141 -35.25 -1.48 -6.37
N HIS Z 142 -35.17 -0.96 -5.15
CA HIS Z 142 -34.17 -1.40 -4.20
C HIS Z 142 -34.47 -2.78 -3.62
N LEU Z 143 -35.69 -3.28 -3.75
CA LEU Z 143 -35.95 -4.68 -3.38
C LEU Z 143 -35.66 -5.61 -4.54
N PHE Z 144 -35.87 -5.15 -5.77
CA PHE Z 144 -35.53 -5.96 -6.93
C PHE Z 144 -34.02 -6.14 -7.05
N LEU Z 145 -33.25 -5.13 -6.66
CA LEU Z 145 -31.80 -5.28 -6.67
C LEU Z 145 -31.35 -6.28 -5.64
N SER Z 146 -31.97 -6.26 -4.47
CA SER Z 146 -31.56 -7.16 -3.41
C SER Z 146 -32.08 -8.56 -3.65
N GLY Z 147 -33.03 -8.72 -4.56
CA GLY Z 147 -33.36 -10.05 -5.02
C GLY Z 147 -32.27 -10.61 -5.91
N LEU Z 148 -31.64 -9.76 -6.71
CA LEU Z 148 -30.58 -10.22 -7.60
C LEU Z 148 -29.32 -10.54 -6.83
N LEU Z 149 -28.99 -9.72 -5.83
CA LEU Z 149 -27.78 -9.97 -5.06
C LEU Z 149 -27.96 -11.10 -4.08
N CYS Z 150 -29.20 -11.44 -3.75
CA CYS Z 150 -29.42 -12.63 -2.94
C CYS Z 150 -29.36 -13.87 -3.79
N PHE Z 151 -30.09 -13.87 -4.90
CA PHE Z 151 -30.10 -15.01 -5.79
C PHE Z 151 -28.75 -15.19 -6.46
N GLY Z 152 -28.08 -14.09 -6.78
CA GLY Z 152 -26.76 -14.20 -7.36
C GLY Z 152 -25.75 -14.75 -6.38
N PHE Z 153 -25.91 -14.46 -5.10
CA PHE Z 153 -24.96 -14.96 -4.10
C PHE Z 153 -25.14 -16.44 -3.89
N GLY Z 154 -26.38 -16.88 -3.70
CA GLY Z 154 -26.61 -18.27 -3.37
C GLY Z 154 -26.39 -19.19 -4.55
N ALA Z 155 -26.61 -18.69 -5.76
CA ALA Z 155 -26.49 -19.56 -6.92
C ALA Z 155 -25.06 -19.61 -7.45
N PHE Z 156 -24.31 -18.53 -7.26
CA PHE Z 156 -23.00 -18.45 -7.87
C PHE Z 156 -21.87 -18.45 -6.87
N HIS Z 157 -21.94 -17.65 -5.83
CA HIS Z 157 -20.85 -17.64 -4.88
C HIS Z 157 -20.86 -18.89 -4.04
N VAL Z 158 -22.04 -19.30 -3.60
CA VAL Z 158 -22.13 -20.37 -2.63
C VAL Z 158 -22.02 -21.73 -3.29
N THR Z 159 -22.85 -22.00 -4.30
CA THR Z 159 -22.88 -23.32 -4.90
C THR Z 159 -21.66 -23.62 -5.76
N GLY Z 160 -20.76 -22.66 -5.93
CA GLY Z 160 -19.53 -22.92 -6.64
C GLY Z 160 -19.68 -23.01 -8.13
N LEU Z 161 -20.84 -22.62 -8.64
CA LEU Z 161 -20.99 -22.41 -10.07
C LEU Z 161 -19.99 -21.37 -10.55
N PHE Z 162 -20.06 -20.17 -9.99
CA PHE Z 162 -19.12 -19.10 -10.27
C PHE Z 162 -18.56 -18.55 -8.97
N GLY Z 163 -18.08 -19.39 -8.07
CA GLY Z 163 -17.59 -18.89 -6.81
C GLY Z 163 -16.87 -19.94 -6.00
N PRO Z 164 -16.23 -19.52 -4.95
CA PRO Z 164 -15.49 -20.47 -4.13
C PRO Z 164 -16.36 -21.34 -3.23
N GLY Z 165 -17.36 -20.77 -2.59
CA GLY Z 165 -18.23 -21.51 -1.70
C GLY Z 165 -18.03 -21.10 -0.26
N ILE Z 166 -18.68 -21.85 0.62
CA ILE Z 166 -18.69 -21.57 2.05
C ILE Z 166 -17.62 -22.43 2.70
N TRP Z 167 -16.95 -21.88 3.70
CA TRP Z 167 -16.20 -22.70 4.65
C TRP Z 167 -17.11 -23.71 5.32
N VAL Z 168 -16.87 -24.98 5.07
CA VAL Z 168 -17.55 -26.05 5.76
C VAL Z 168 -16.55 -26.77 6.65
N SER Z 169 -17.06 -27.68 7.47
CA SER Z 169 -16.22 -28.41 8.39
C SER Z 169 -16.90 -29.73 8.73
N ASP Z 170 -16.20 -30.56 9.50
CA ASP Z 170 -16.80 -31.77 10.02
C ASP Z 170 -17.56 -31.46 11.30
N ALA Z 171 -17.99 -32.52 12.00
CA ALA Z 171 -18.80 -32.32 13.19
C ALA Z 171 -17.98 -31.90 14.38
N TYR Z 172 -16.67 -32.14 14.35
CA TYR Z 172 -15.83 -31.96 15.52
C TYR Z 172 -14.67 -31.03 15.27
N GLY Z 173 -14.74 -30.22 14.24
CA GLY Z 173 -13.80 -29.11 14.10
C GLY Z 173 -12.36 -29.54 13.84
N ILE Z 174 -12.16 -30.64 13.15
CA ILE Z 174 -10.82 -31.09 12.82
C ILE Z 174 -10.48 -30.66 11.40
N THR Z 175 -11.27 -31.14 10.45
CA THR Z 175 -11.06 -30.82 9.05
C THR Z 175 -12.05 -29.75 8.62
N GLY Z 176 -11.57 -28.84 7.79
CA GLY Z 176 -12.42 -27.80 7.28
C GLY Z 176 -11.80 -27.16 6.06
N LYS Z 177 -12.60 -26.88 5.04
CA LYS Z 177 -12.08 -26.25 3.85
C LYS Z 177 -13.20 -25.51 3.15
N VAL Z 178 -12.79 -24.53 2.36
CA VAL Z 178 -13.72 -23.82 1.49
C VAL Z 178 -14.08 -24.72 0.33
N GLN Z 179 -15.36 -25.01 0.18
CA GLN Z 179 -15.76 -25.82 -0.96
C GLN Z 179 -17.15 -25.41 -1.40
N PRO Z 180 -17.52 -25.65 -2.66
CA PRO Z 180 -18.90 -25.44 -3.08
C PRO Z 180 -19.86 -26.34 -2.35
N VAL Z 181 -21.05 -25.82 -2.10
CA VAL Z 181 -22.06 -26.49 -1.30
C VAL Z 181 -23.32 -26.62 -2.14
N ALA Z 182 -23.72 -27.83 -2.42
CA ALA Z 182 -24.94 -27.99 -3.18
C ALA Z 182 -26.14 -27.83 -2.27
N PRO Z 183 -27.21 -27.19 -2.75
CA PRO Z 183 -28.34 -26.88 -1.86
C PRO Z 183 -29.17 -28.10 -1.51
N ALA Z 184 -29.71 -28.07 -0.30
CA ALA Z 184 -30.60 -29.11 0.19
C ALA Z 184 -31.99 -28.51 0.28
N TRP Z 185 -32.91 -29.00 -0.55
CA TRP Z 185 -34.20 -28.37 -0.72
C TRP Z 185 -35.27 -28.88 0.19
N GLY Z 186 -35.07 -30.03 0.82
CA GLY Z 186 -36.11 -30.65 1.62
C GLY Z 186 -36.34 -29.98 2.94
N ALA Z 187 -36.82 -30.75 3.91
CA ALA Z 187 -36.94 -30.23 5.25
C ALA Z 187 -35.59 -30.20 5.94
N ASP Z 188 -34.61 -30.87 5.36
CA ASP Z 188 -33.26 -30.86 5.90
C ASP Z 188 -32.56 -29.52 5.66
N GLY Z 189 -33.13 -28.68 4.80
CA GLY Z 189 -32.56 -27.36 4.61
C GLY Z 189 -32.74 -26.46 5.81
N PHE Z 190 -33.74 -26.75 6.64
CA PHE Z 190 -33.97 -25.91 7.79
C PHE Z 190 -33.23 -26.41 9.02
N ASN Z 191 -32.49 -27.49 8.90
CA ASN Z 191 -31.44 -27.80 9.85
C ASN Z 191 -30.37 -26.74 9.68
N PRO Z 192 -30.13 -25.90 10.68
CA PRO Z 192 -29.21 -24.78 10.50
C PRO Z 192 -27.77 -25.19 10.52
N PHE Z 193 -27.46 -26.41 10.92
CA PHE Z 193 -26.10 -26.89 10.85
C PHE Z 193 -25.82 -27.55 9.51
N ASN Z 194 -26.82 -27.64 8.65
CA ASN Z 194 -26.65 -28.08 7.28
C ASN Z 194 -26.18 -26.89 6.46
N PRO Z 195 -25.01 -26.92 5.84
CA PRO Z 195 -24.61 -25.78 5.00
C PRO Z 195 -25.38 -25.74 3.69
N GLY Z 196 -26.05 -26.82 3.33
CA GLY Z 196 -26.87 -26.81 2.13
C GLY Z 196 -28.12 -25.98 2.29
N GLY Z 197 -28.56 -25.75 3.52
CA GLY Z 197 -29.72 -24.92 3.72
C GLY Z 197 -29.43 -23.45 3.48
N ILE Z 198 -28.17 -23.05 3.64
CA ILE Z 198 -27.78 -21.68 3.36
C ILE Z 198 -27.81 -21.42 1.86
N ALA Z 199 -27.33 -22.38 1.08
CA ALA Z 199 -27.40 -22.29 -0.38
C ALA Z 199 -28.83 -22.35 -0.86
N ALA Z 200 -29.65 -23.19 -0.25
CA ALA Z 200 -31.03 -23.28 -0.66
C ALA Z 200 -31.81 -22.06 -0.24
N HIS Z 201 -31.39 -21.37 0.81
CA HIS Z 201 -32.11 -20.19 1.25
C HIS Z 201 -31.93 -19.04 0.27
N HIS Z 202 -30.68 -18.64 0.04
CA HIS Z 202 -30.41 -17.47 -0.78
C HIS Z 202 -30.76 -17.68 -2.24
N ILE Z 203 -30.93 -18.92 -2.70
CA ILE Z 203 -31.47 -19.16 -4.03
C ILE Z 203 -32.98 -19.03 -4.03
N ALA Z 204 -33.65 -19.65 -3.06
CA ALA Z 204 -35.11 -19.56 -3.01
C ALA Z 204 -35.57 -18.16 -2.68
N ALA Z 205 -35.13 -17.63 -1.54
CA ALA Z 205 -35.57 -16.31 -1.11
C ALA Z 205 -35.03 -15.17 -1.96
N GLY Z 206 -34.11 -15.42 -2.87
CA GLY Z 206 -33.71 -14.41 -3.83
C GLY Z 206 -34.76 -14.28 -4.91
N ILE Z 207 -35.35 -15.40 -5.31
CA ILE Z 207 -36.41 -15.40 -6.31
C ILE Z 207 -37.64 -14.68 -5.78
N PHE Z 208 -37.99 -14.93 -4.52
CA PHE Z 208 -39.09 -14.22 -3.88
C PHE Z 208 -38.80 -12.74 -3.76
N GLY Z 209 -37.53 -12.37 -3.68
CA GLY Z 209 -37.18 -10.96 -3.64
C GLY Z 209 -37.07 -10.34 -5.02
N ILE Z 210 -36.81 -11.17 -6.03
CA ILE Z 210 -36.88 -10.65 -7.40
C ILE Z 210 -38.31 -10.34 -7.78
N PHE Z 211 -39.21 -11.28 -7.56
CA PHE Z 211 -40.59 -11.13 -8.02
C PHE Z 211 -41.47 -10.40 -7.01
N ALA Z 212 -40.93 -9.96 -5.89
CA ALA Z 212 -41.62 -8.98 -5.08
C ALA Z 212 -41.30 -7.56 -5.53
N GLY Z 213 -40.09 -7.36 -6.05
CA GLY Z 213 -39.77 -6.10 -6.67
C GLY Z 213 -40.50 -5.92 -7.98
N ILE Z 214 -40.81 -7.01 -8.67
CA ILE Z 214 -41.65 -6.92 -9.84
C ILE Z 214 -43.07 -6.56 -9.43
N PHE Z 215 -43.51 -7.03 -8.27
CA PHE Z 215 -44.80 -6.57 -7.78
C PHE Z 215 -44.72 -5.12 -7.32
N HIS Z 216 -43.75 -4.80 -6.46
CA HIS Z 216 -43.75 -3.50 -5.79
C HIS Z 216 -43.27 -2.37 -6.71
N LEU Z 217 -42.89 -2.69 -7.96
CA LEU Z 217 -42.72 -1.64 -8.96
C LEU Z 217 -44.05 -1.26 -9.59
N THR Z 218 -44.81 -2.25 -10.02
CA THR Z 218 -45.96 -1.96 -10.86
C THR Z 218 -47.17 -1.51 -10.05
N VAL Z 219 -47.55 -2.26 -9.04
CA VAL Z 219 -48.79 -2.04 -8.32
C VAL Z 219 -48.57 -0.92 -7.30
N ARG Z 220 -49.40 0.10 -7.37
CA ARG Z 220 -49.38 1.23 -6.46
C ARG Z 220 -50.07 0.86 -5.15
N PRO Z 221 -49.75 1.57 -4.05
CA PRO Z 221 -50.38 1.24 -2.77
C PRO Z 221 -51.85 1.58 -2.76
N PRO Z 222 -52.61 0.97 -1.87
CA PRO Z 222 -54.02 1.35 -1.73
C PRO Z 222 -54.15 2.73 -1.12
N GLN Z 223 -55.35 3.29 -1.21
CA GLN Z 223 -55.60 4.58 -0.59
C GLN Z 223 -55.57 4.47 0.92
N ARG Z 224 -56.01 3.34 1.45
CA ARG Z 224 -56.03 3.15 2.88
C ARG Z 224 -54.61 2.98 3.43
N LEU Z 225 -53.82 2.09 2.84
CA LEU Z 225 -52.47 1.86 3.32
C LEU Z 225 -51.53 3.01 3.06
N TYR Z 226 -51.81 3.85 2.07
CA TYR Z 226 -50.98 5.02 1.87
C TYR Z 226 -51.21 6.04 2.97
N ARG Z 227 -52.41 6.09 3.53
CA ARG Z 227 -52.69 7.00 4.63
C ARG Z 227 -52.40 6.38 5.98
N ALA Z 228 -52.66 5.08 6.15
CA ALA Z 228 -52.51 4.47 7.46
C ALA Z 228 -51.05 4.32 7.84
N LEU Z 229 -50.20 3.94 6.90
CA LEU Z 229 -48.78 3.80 7.16
C LEU Z 229 -47.98 5.04 6.80
N ARG Z 230 -48.66 6.11 6.39
CA ARG Z 230 -48.08 7.44 6.18
C ARG Z 230 -46.96 7.42 5.15
N MET Z 231 -47.24 6.81 3.99
CA MET Z 231 -46.17 6.53 3.04
C MET Z 231 -45.69 7.77 2.30
N GLY Z 232 -46.31 8.93 2.52
CA GLY Z 232 -45.75 10.16 2.02
C GLY Z 232 -44.58 10.64 2.85
N ASN Z 233 -44.60 10.34 4.14
CA ASN Z 233 -43.52 10.70 5.04
C ASN Z 233 -42.34 9.77 4.81
N ILE Z 234 -41.13 10.28 5.02
CA ILE Z 234 -39.96 9.43 4.82
C ILE Z 234 -39.60 8.73 6.13
N GLU Z 235 -40.15 9.18 7.25
CA GLU Z 235 -39.74 8.55 8.50
C GLU Z 235 -40.43 7.21 8.72
N THR Z 236 -41.54 6.94 8.02
CA THR Z 236 -42.11 5.60 8.07
C THR Z 236 -41.24 4.58 7.37
N VAL Z 237 -40.31 5.04 6.53
CA VAL Z 237 -39.30 4.13 6.04
C VAL Z 237 -38.31 3.83 7.14
N LEU Z 238 -37.89 4.86 7.88
CA LEU Z 238 -36.90 4.70 8.94
C LEU Z 238 -37.46 3.99 10.14
N SER Z 239 -38.73 4.21 10.44
CA SER Z 239 -39.36 3.57 11.59
C SER Z 239 -39.39 2.07 11.42
N SER Z 240 -39.61 1.62 10.21
CA SER Z 240 -39.78 0.22 9.90
C SER Z 240 -38.52 -0.41 9.35
N SER Z 241 -37.56 0.38 8.89
CA SER Z 241 -36.27 -0.20 8.56
C SER Z 241 -35.52 -0.63 9.80
N ILE Z 242 -35.63 0.16 10.87
CA ILE Z 242 -35.00 -0.19 12.14
C ILE Z 242 -35.60 -1.47 12.71
N SER Z 243 -36.91 -1.66 12.55
CA SER Z 243 -37.55 -2.90 12.97
C SER Z 243 -37.05 -4.09 12.18
N ALA Z 244 -36.65 -3.89 10.95
CA ALA Z 244 -36.07 -4.96 10.16
C ALA Z 244 -34.59 -5.12 10.38
N VAL Z 245 -34.01 -4.39 11.31
CA VAL Z 245 -32.56 -4.39 11.52
C VAL Z 245 -32.20 -4.94 12.89
N PHE Z 246 -32.95 -4.60 13.94
CA PHE Z 246 -32.70 -5.29 15.20
C PHE Z 246 -33.25 -6.70 15.15
N PHE Z 247 -34.32 -6.92 14.38
CA PHE Z 247 -34.82 -8.28 14.18
C PHE Z 247 -33.77 -9.14 13.52
N ALA Z 248 -33.01 -8.57 12.60
CA ALA Z 248 -31.90 -9.30 12.01
C ALA Z 248 -30.75 -9.44 12.99
N ALA Z 249 -30.67 -8.58 14.00
CA ALA Z 249 -29.51 -8.60 14.87
C ALA Z 249 -29.72 -9.54 16.05
N PHE Z 250 -30.96 -9.85 16.38
CA PHE Z 250 -31.17 -10.92 17.35
C PHE Z 250 -30.88 -12.27 16.74
N VAL Z 251 -31.13 -12.40 15.43
CA VAL Z 251 -30.93 -13.68 14.76
C VAL Z 251 -29.44 -13.98 14.65
N THR Z 252 -28.65 -13.02 14.20
CA THR Z 252 -27.24 -13.27 14.01
C THR Z 252 -26.52 -13.41 15.33
N SER Z 253 -26.95 -12.67 16.34
CA SER Z 253 -26.40 -12.88 17.67
C SER Z 253 -26.91 -14.17 18.27
N GLY Z 254 -28.06 -14.64 17.82
CA GLY Z 254 -28.54 -15.94 18.28
C GLY Z 254 -27.76 -17.07 17.67
N THR Z 255 -27.64 -17.08 16.34
CA THR Z 255 -26.96 -18.18 15.69
C THR Z 255 -25.45 -18.11 15.81
N MET Z 256 -24.90 -16.99 16.27
CA MET Z 256 -23.50 -17.00 16.66
C MET Z 256 -23.33 -17.68 18.00
N TRP Z 257 -24.29 -17.48 18.90
CA TRP Z 257 -24.12 -17.95 20.26
C TRP Z 257 -24.50 -19.40 20.41
N TYR Z 258 -25.50 -19.85 19.69
CA TYR Z 258 -25.87 -21.25 19.77
C TYR Z 258 -25.14 -22.10 18.75
N GLY Z 259 -24.52 -21.49 17.77
CA GLY Z 259 -23.84 -22.24 16.73
C GLY Z 259 -24.75 -22.51 15.56
N ALA Z 260 -24.18 -22.39 14.36
CA ALA Z 260 -24.86 -22.75 13.14
C ALA Z 260 -23.80 -23.14 12.12
N ALA Z 261 -24.24 -23.56 10.94
CA ALA Z 261 -23.29 -23.87 9.88
C ALA Z 261 -22.64 -22.61 9.33
N ALA Z 262 -23.31 -21.47 9.49
CA ALA Z 262 -22.75 -20.19 9.13
C ALA Z 262 -21.77 -19.67 10.17
N THR Z 263 -21.59 -20.36 11.29
CA THR Z 263 -20.60 -19.99 12.31
C THR Z 263 -19.80 -21.23 12.65
N PRO Z 264 -18.75 -21.51 11.89
CA PRO Z 264 -17.99 -22.74 12.14
C PRO Z 264 -17.10 -22.57 13.35
N ILE Z 265 -16.92 -23.65 14.10
CA ILE Z 265 -16.15 -23.58 15.34
C ILE Z 265 -14.67 -23.64 15.06
N GLU Z 266 -14.30 -23.77 13.79
CA GLU Z 266 -12.91 -23.62 13.42
C GLU Z 266 -12.54 -22.19 13.14
N LEU Z 267 -13.51 -21.29 13.04
CA LEU Z 267 -13.24 -19.89 12.77
C LEU Z 267 -13.59 -18.99 13.94
N PHE Z 268 -14.70 -19.22 14.60
CA PHE Z 268 -15.09 -18.38 15.71
C PHE Z 268 -14.79 -19.01 17.06
N GLY Z 269 -14.48 -20.28 17.10
CA GLY Z 269 -14.24 -20.94 18.35
C GLY Z 269 -15.46 -21.71 18.78
N PRO Z 270 -15.32 -22.55 19.80
CA PRO Z 270 -16.43 -23.40 20.22
C PRO Z 270 -17.48 -22.61 20.97
N THR Z 271 -18.70 -23.13 20.97
CA THR Z 271 -19.74 -22.51 21.76
C THR Z 271 -19.64 -22.98 23.21
N ARG Z 272 -20.50 -22.42 24.06
CA ARG Z 272 -20.48 -22.84 25.46
C ARG Z 272 -21.26 -24.12 25.65
N TYR Z 273 -22.10 -24.47 24.68
CA TYR Z 273 -22.91 -25.67 24.80
C TYR Z 273 -22.12 -26.89 24.39
N GLN Z 274 -20.91 -26.68 23.87
CA GLN Z 274 -19.98 -27.77 23.64
C GLN Z 274 -19.12 -28.03 24.85
N TRP Z 275 -19.18 -27.18 25.87
CA TRP Z 275 -18.57 -27.48 27.15
C TRP Z 275 -19.57 -28.02 28.14
N ASP Z 276 -20.81 -27.54 28.09
CA ASP Z 276 -21.80 -27.93 29.07
C ASP Z 276 -22.24 -29.36 28.86
N SER Z 277 -22.39 -29.79 27.61
CA SER Z 277 -22.83 -31.15 27.35
C SER Z 277 -21.68 -32.14 27.26
N GLY Z 278 -20.43 -31.67 27.36
CA GLY Z 278 -19.30 -32.56 27.17
C GLY Z 278 -19.19 -33.05 25.75
N TYR Z 279 -19.34 -32.13 24.78
CA TYR Z 279 -19.42 -32.51 23.39
C TYR Z 279 -18.08 -33.00 22.86
N PHE Z 280 -16.97 -32.55 23.45
CA PHE Z 280 -15.66 -33.03 23.05
C PHE Z 280 -15.10 -34.07 24.02
N GLN Z 281 -15.57 -34.10 25.26
CA GLN Z 281 -15.14 -35.15 26.17
C GLN Z 281 -15.65 -36.50 25.70
N GLN Z 282 -16.90 -36.54 25.25
CA GLN Z 282 -17.48 -37.79 24.79
C GLN Z 282 -16.89 -38.21 23.45
N GLU Z 283 -16.36 -37.26 22.70
CA GLU Z 283 -15.81 -37.58 21.40
C GLU Z 283 -14.38 -38.08 21.49
N ILE Z 284 -13.58 -37.51 22.40
CA ILE Z 284 -12.22 -38.00 22.59
C ILE Z 284 -12.24 -39.41 23.16
N GLU Z 285 -13.17 -39.68 24.06
CA GLU Z 285 -13.33 -41.04 24.58
C GLU Z 285 -13.80 -42.00 23.49
N ARG Z 286 -14.65 -41.54 22.59
CA ARG Z 286 -15.17 -42.41 21.54
C ARG Z 286 -14.08 -42.82 20.55
N GLN Z 287 -13.11 -41.96 20.30
CA GLN Z 287 -11.98 -42.32 19.47
C GLN Z 287 -10.92 -43.11 20.22
N VAL Z 288 -11.12 -43.39 21.49
CA VAL Z 288 -10.21 -44.21 22.28
C VAL Z 288 -10.90 -45.54 22.57
N GLU Z 289 -12.22 -45.50 22.74
CA GLU Z 289 -12.98 -46.73 22.91
C GLU Z 289 -12.93 -47.60 21.66
N THR Z 290 -12.80 -46.99 20.48
CA THR Z 290 -12.62 -47.77 19.27
C THR Z 290 -11.17 -48.13 19.04
N SER Z 291 -10.24 -47.36 19.60
CA SER Z 291 -8.84 -47.68 19.42
C SER Z 291 -8.42 -48.83 20.33
N VAL Z 292 -8.86 -48.80 21.59
CA VAL Z 292 -8.55 -49.86 22.53
C VAL Z 292 -9.22 -51.17 22.13
N SER Z 293 -10.41 -51.08 21.53
CA SER Z 293 -11.09 -52.28 21.07
C SER Z 293 -10.37 -52.93 19.89
N GLU Z 294 -9.57 -52.16 19.16
CA GLU Z 294 -8.74 -52.73 18.09
C GLU Z 294 -7.35 -53.08 18.58
N GLY Z 295 -7.28 -53.78 19.73
CA GLY Z 295 -6.06 -54.32 20.29
C GLY Z 295 -4.88 -53.37 20.47
N LEU Z 296 -5.00 -52.40 21.36
CA LEU Z 296 -3.89 -51.46 21.58
C LEU Z 296 -3.57 -51.35 23.06
N SER Z 297 -2.37 -50.88 23.33
CA SER Z 297 -2.07 -50.37 24.65
C SER Z 297 -2.75 -49.02 24.82
N GLU Z 298 -2.83 -48.57 26.07
CA GLU Z 298 -3.59 -47.37 26.38
C GLU Z 298 -2.88 -46.12 25.89
N SER Z 299 -1.56 -46.06 26.06
CA SER Z 299 -0.81 -44.87 25.69
C SER Z 299 -0.71 -44.72 24.18
N GLN Z 300 -0.86 -45.82 23.45
CA GLN Z 300 -0.93 -45.71 21.99
C GLN Z 300 -2.31 -45.28 21.54
N ALA Z 301 -3.33 -45.51 22.37
CA ALA Z 301 -4.67 -45.07 22.00
C ALA Z 301 -4.80 -43.56 22.17
N TRP Z 302 -4.21 -43.01 23.23
CA TRP Z 302 -4.33 -41.58 23.46
C TRP Z 302 -3.40 -40.80 22.55
N SER Z 303 -2.40 -41.47 21.97
CA SER Z 303 -1.48 -40.79 21.09
C SER Z 303 -2.09 -40.55 19.71
N ARG Z 304 -3.17 -41.26 19.39
CA ARG Z 304 -3.82 -41.05 18.11
C ARG Z 304 -4.67 -39.78 18.11
N ILE Z 305 -5.04 -39.31 19.29
CA ILE Z 305 -5.90 -38.13 19.42
C ILE Z 305 -5.13 -36.90 18.96
N PRO Z 306 -5.68 -36.11 18.05
CA PRO Z 306 -4.99 -34.90 17.60
C PRO Z 306 -4.92 -33.86 18.70
N ASP Z 307 -3.94 -32.97 18.57
CA ASP Z 307 -3.81 -31.89 19.54
C ASP Z 307 -4.94 -30.88 19.40
N LYS Z 308 -5.50 -30.77 18.19
CA LYS Z 308 -6.59 -29.83 17.98
C LYS Z 308 -7.86 -30.28 18.67
N LEU Z 309 -8.13 -31.59 18.68
CA LEU Z 309 -9.36 -32.10 19.26
C LEU Z 309 -9.37 -31.95 20.78
N ALA Z 310 -8.21 -32.13 21.40
CA ALA Z 310 -8.13 -31.92 22.84
C ALA Z 310 -8.07 -30.44 23.17
N PHE Z 311 -7.77 -29.59 22.19
CA PHE Z 311 -7.67 -28.17 22.46
C PHE Z 311 -9.05 -27.55 22.59
N TYR Z 312 -10.07 -28.16 21.99
CA TYR Z 312 -11.41 -27.68 22.22
C TYR Z 312 -11.93 -28.14 23.57
N ASP Z 313 -11.38 -29.22 24.10
CA ASP Z 313 -11.77 -29.72 25.41
C ASP Z 313 -10.96 -28.99 26.47
N TYR Z 314 -11.18 -27.70 26.59
CA TYR Z 314 -10.40 -26.85 27.47
C TYR Z 314 -11.27 -25.67 27.86
N ILE Z 315 -11.28 -25.34 29.15
CA ILE Z 315 -12.23 -24.35 29.62
C ILE Z 315 -11.80 -22.95 29.22
N GLY Z 316 -10.54 -22.74 28.89
CA GLY Z 316 -10.13 -21.43 28.45
C GLY Z 316 -10.58 -21.06 27.07
N ASN Z 317 -11.11 -22.02 26.31
CA ASN Z 317 -11.66 -21.75 24.99
C ASN Z 317 -13.17 -21.57 25.03
N ASN Z 318 -13.78 -21.76 26.17
CA ASN Z 318 -15.17 -21.44 26.37
C ASN Z 318 -15.36 -19.93 26.32
N PRO Z 319 -16.27 -19.41 25.50
CA PRO Z 319 -16.53 -17.97 25.51
C PRO Z 319 -17.26 -17.48 26.75
N ALA Z 320 -17.82 -18.37 27.55
CA ALA Z 320 -18.51 -18.01 28.77
C ALA Z 320 -17.58 -18.00 29.98
N LYS Z 321 -16.29 -17.78 29.76
CA LYS Z 321 -15.34 -17.66 30.85
C LYS Z 321 -14.69 -16.30 30.94
N GLY Z 322 -14.76 -15.50 29.90
CA GLY Z 322 -14.10 -14.22 29.89
C GLY Z 322 -14.81 -13.19 30.75
N GLY Z 323 -14.28 -11.97 30.68
CA GLY Z 323 -14.88 -10.86 31.37
C GLY Z 323 -15.11 -9.72 30.40
N LEU Z 324 -15.74 -8.67 30.90
CA LEU Z 324 -16.10 -7.58 30.00
C LEU Z 324 -14.96 -6.59 29.83
N PHE Z 325 -14.42 -6.08 30.93
CA PHE Z 325 -13.48 -4.98 30.85
C PHE Z 325 -12.03 -5.43 30.80
N ARG Z 326 -11.79 -6.73 30.78
CA ARG Z 326 -10.51 -7.24 30.37
C ARG Z 326 -10.47 -7.25 28.85
N ALA Z 327 -9.31 -6.97 28.28
CA ALA Z 327 -9.24 -6.67 26.87
C ALA Z 327 -8.20 -7.54 26.19
N GLY Z 328 -8.31 -7.61 24.87
CA GLY Z 328 -7.30 -8.26 24.07
C GLY Z 328 -7.70 -9.64 23.64
N PRO Z 329 -6.78 -10.36 23.02
CA PRO Z 329 -7.05 -11.71 22.55
C PRO Z 329 -7.10 -12.69 23.70
N MET Z 330 -7.43 -13.93 23.37
CA MET Z 330 -7.43 -14.99 24.36
C MET Z 330 -6.02 -15.41 24.71
N ASN Z 331 -5.05 -15.13 23.85
CA ASN Z 331 -3.66 -15.46 24.15
C ASN Z 331 -3.10 -14.56 25.23
N LYS Z 332 -3.75 -13.42 25.47
CA LYS Z 332 -3.43 -12.60 26.62
C LYS Z 332 -3.83 -13.29 27.91
N GLY Z 333 -4.75 -14.25 27.82
CA GLY Z 333 -5.25 -15.00 28.95
C GLY Z 333 -4.21 -15.82 29.69
N ASP Z 334 -3.58 -16.75 29.01
CA ASP Z 334 -2.54 -17.56 29.62
C ASP Z 334 -1.34 -17.82 28.73
N GLY Z 335 -1.33 -17.31 27.52
CA GLY Z 335 -0.20 -17.46 26.63
C GLY Z 335 -0.52 -18.38 25.46
N ILE Z 336 0.38 -18.34 24.49
CA ILE Z 336 0.23 -19.15 23.30
C ILE Z 336 0.51 -20.60 23.65
N ALA Z 337 -0.42 -21.49 23.29
CA ALA Z 337 -0.27 -22.90 23.59
C ALA Z 337 0.88 -23.50 22.79
N GLU Z 338 1.62 -24.39 23.42
CA GLU Z 338 2.77 -25.03 22.78
C GLU Z 338 2.49 -26.49 22.47
N ALA Z 339 2.11 -27.27 23.47
CA ALA Z 339 1.93 -28.69 23.26
C ALA Z 339 0.88 -29.20 24.22
N TRP Z 340 0.47 -30.43 23.98
CA TRP Z 340 -0.52 -31.10 24.81
C TRP Z 340 0.22 -31.95 25.82
N LEU Z 341 -0.04 -31.71 27.10
CA LEU Z 341 0.71 -32.43 28.12
C LEU Z 341 0.21 -33.85 28.29
N GLY Z 342 -0.99 -34.13 27.84
CA GLY Z 342 -1.46 -35.50 27.86
C GLY Z 342 -2.73 -35.60 28.64
N HIS Z 343 -3.20 -36.81 28.79
CA HIS Z 343 -4.45 -37.08 29.50
C HIS Z 343 -4.17 -37.78 30.81
N PRO Z 344 -4.19 -37.08 31.94
CA PRO Z 344 -3.92 -37.73 33.21
C PRO Z 344 -5.07 -38.62 33.64
N ILE Z 345 -4.73 -39.79 34.15
CA ILE Z 345 -5.69 -40.73 34.71
C ILE Z 345 -5.31 -40.98 36.15
N PHE Z 346 -6.25 -40.72 37.05
CA PHE Z 346 -6.00 -40.78 38.48
C PHE Z 346 -6.47 -42.11 39.03
N ARG Z 347 -5.60 -42.77 39.77
CA ARG Z 347 -5.90 -44.05 40.40
C ARG Z 347 -5.45 -43.98 41.85
N ASP Z 348 -6.26 -44.54 42.74
CA ASP Z 348 -5.92 -44.56 44.15
C ASP Z 348 -4.99 -45.71 44.50
N LYS Z 349 -4.82 -45.98 45.78
CA LYS Z 349 -4.03 -47.15 46.17
C LYS Z 349 -4.83 -48.43 45.99
N GLU Z 350 -6.16 -48.33 45.91
CA GLU Z 350 -6.97 -49.50 45.59
C GLU Z 350 -6.89 -49.85 44.10
N GLY Z 351 -6.70 -48.85 43.25
CA GLY Z 351 -6.53 -49.07 41.83
C GLY Z 351 -7.70 -48.66 40.95
N ARG Z 352 -8.79 -48.19 41.52
CA ARG Z 352 -9.93 -47.80 40.71
C ARG Z 352 -9.67 -46.45 40.06
N GLU Z 353 -10.41 -46.19 38.98
CA GLU Z 353 -10.22 -44.99 38.20
C GLU Z 353 -11.00 -43.82 38.78
N LEU Z 354 -10.32 -42.71 39.03
CA LEU Z 354 -10.92 -41.51 39.57
C LEU Z 354 -10.88 -40.42 38.51
N THR Z 355 -12.03 -39.83 38.23
CA THR Z 355 -12.12 -38.71 37.30
C THR Z 355 -12.26 -37.42 38.09
N VAL Z 356 -11.50 -36.40 37.69
CA VAL Z 356 -11.63 -35.10 38.32
C VAL Z 356 -12.93 -34.45 37.87
N ARG Z 357 -13.74 -34.04 38.85
CA ARG Z 357 -14.94 -33.25 38.57
C ARG Z 357 -14.55 -31.94 37.90
N ARG Z 358 -15.21 -31.62 36.78
CA ARG Z 358 -14.82 -30.48 35.97
C ARG Z 358 -15.54 -29.20 36.38
N MET Z 359 -14.88 -28.07 36.18
CA MET Z 359 -15.44 -26.78 36.51
C MET Z 359 -16.55 -26.42 35.52
N PRO Z 360 -17.72 -26.03 36.00
CA PRO Z 360 -18.74 -25.45 35.11
C PRO Z 360 -18.36 -24.04 34.69
N ALA Z 361 -19.17 -23.47 33.80
CA ALA Z 361 -18.83 -22.16 33.27
C ALA Z 361 -19.18 -21.03 34.24
N PHE Z 362 -20.04 -21.32 35.21
CA PHE Z 362 -20.41 -20.30 36.20
C PHE Z 362 -19.26 -20.02 37.15
N PHE Z 363 -18.64 -21.08 37.65
CA PHE Z 363 -17.72 -20.97 38.77
C PHE Z 363 -16.39 -20.40 38.30
N GLU Z 364 -15.99 -19.29 38.90
CA GLU Z 364 -14.64 -18.80 38.73
C GLU Z 364 -13.67 -19.65 39.56
N THR Z 365 -14.05 -19.95 40.79
CA THR Z 365 -13.32 -20.85 41.65
C THR Z 365 -14.11 -22.12 41.83
N PHE Z 366 -13.41 -23.23 41.94
CA PHE Z 366 -14.08 -24.51 42.08
C PHE Z 366 -13.18 -25.46 42.85
N PRO Z 367 -13.68 -26.15 43.87
CA PRO Z 367 -12.82 -27.04 44.66
C PRO Z 367 -12.49 -28.31 43.89
N VAL Z 368 -11.24 -28.73 43.99
CA VAL Z 368 -10.79 -29.92 43.27
C VAL Z 368 -11.35 -31.16 43.93
N ILE Z 369 -12.15 -31.92 43.19
CA ILE Z 369 -12.85 -33.09 43.70
C ILE Z 369 -12.56 -34.25 42.77
N LEU Z 370 -12.17 -35.39 43.32
CA LEU Z 370 -11.92 -36.59 42.52
C LEU Z 370 -13.04 -37.58 42.76
N VAL Z 371 -13.71 -37.98 41.69
CA VAL Z 371 -14.91 -38.81 41.76
C VAL Z 371 -14.64 -40.07 40.95
N ASP Z 372 -15.05 -41.23 41.50
CA ASP Z 372 -14.98 -42.48 40.77
C ASP Z 372 -16.19 -42.61 39.84
N LYS Z 373 -16.45 -43.84 39.37
CA LYS Z 373 -17.39 -44.03 38.27
C LYS Z 373 -18.84 -43.90 38.73
N ASP Z 374 -19.13 -44.12 40.02
CA ASP Z 374 -20.53 -44.14 40.43
C ASP Z 374 -20.97 -42.87 41.16
N GLY Z 375 -20.11 -41.87 41.29
CA GLY Z 375 -20.52 -40.62 41.90
C GLY Z 375 -20.07 -40.42 43.33
N ILE Z 376 -19.42 -41.41 43.94
CA ILE Z 376 -19.00 -41.29 45.33
C ILE Z 376 -17.77 -40.41 45.39
N ILE Z 377 -17.76 -39.48 46.34
CA ILE Z 377 -16.57 -38.65 46.52
C ILE Z 377 -15.47 -39.50 47.15
N ARG Z 378 -14.38 -39.68 46.44
CA ARG Z 378 -13.28 -40.52 46.90
C ARG Z 378 -12.08 -39.73 47.37
N ALA Z 379 -11.80 -38.59 46.74
CA ALA Z 379 -10.66 -37.77 47.12
C ALA Z 379 -10.95 -36.34 46.74
N ASP Z 380 -10.22 -35.42 47.37
CA ASP Z 380 -10.31 -34.00 47.05
C ASP Z 380 -9.03 -33.31 47.50
N ILE Z 381 -9.05 -31.98 47.48
CA ILE Z 381 -8.02 -31.18 48.13
C ILE Z 381 -8.72 -30.35 49.20
N PRO Z 382 -8.49 -30.62 50.48
CA PRO Z 382 -9.33 -30.03 51.52
C PRO Z 382 -8.96 -28.58 51.79
N PHE Z 383 -9.99 -27.75 51.94
CA PHE Z 383 -9.82 -26.41 52.47
C PHE Z 383 -9.32 -26.46 53.91
N ARG Z 384 -10.08 -27.13 54.76
CA ARG Z 384 -9.79 -27.26 56.18
C ARG Z 384 -9.00 -28.55 56.39
N ARG Z 385 -7.71 -28.40 56.70
CA ARG Z 385 -6.82 -29.56 56.72
C ARG Z 385 -6.83 -30.29 58.05
N ALA Z 386 -7.64 -29.86 59.01
CA ALA Z 386 -7.56 -30.46 60.34
C ALA Z 386 -8.25 -31.81 60.41
N GLU Z 387 -9.55 -31.85 60.10
CA GLU Z 387 -10.36 -33.05 60.27
C GLU Z 387 -10.47 -33.81 58.95
N SER Z 388 -9.38 -33.89 58.19
CA SER Z 388 -9.46 -34.33 56.81
C SER Z 388 -9.72 -35.83 56.68
N LYS Z 389 -10.74 -36.18 55.90
CA LYS Z 389 -11.12 -37.58 55.72
C LYS Z 389 -11.01 -38.07 54.28
N TYR Z 390 -10.74 -37.19 53.32
CA TYR Z 390 -10.65 -37.60 51.92
C TYR Z 390 -9.46 -36.97 51.22
N SER Z 391 -8.40 -36.67 51.95
CA SER Z 391 -7.25 -36.02 51.33
C SER Z 391 -6.51 -37.00 50.42
N ILE Z 392 -5.64 -36.44 49.59
CA ILE Z 392 -4.88 -37.27 48.65
C ILE Z 392 -3.82 -38.07 49.40
N GLU Z 393 -3.34 -37.54 50.53
CA GLU Z 393 -2.37 -38.27 51.34
C GLU Z 393 -2.97 -39.54 51.93
N GLN Z 394 -4.23 -39.48 52.34
CA GLN Z 394 -4.88 -40.68 52.87
C GLN Z 394 -5.19 -41.67 51.78
N VAL Z 395 -5.81 -41.21 50.70
CA VAL Z 395 -6.32 -42.11 49.67
C VAL Z 395 -5.16 -42.64 48.82
N GLY Z 396 -4.11 -41.84 48.67
CA GLY Z 396 -2.95 -42.30 47.94
C GLY Z 396 -3.20 -42.36 46.44
N VAL Z 397 -3.60 -41.23 45.87
CA VAL Z 397 -3.94 -41.16 44.47
C VAL Z 397 -2.67 -40.98 43.66
N THR Z 398 -2.46 -41.85 42.69
CA THR Z 398 -1.37 -41.71 41.73
C THR Z 398 -1.92 -41.28 40.38
N VAL Z 399 -1.11 -40.55 39.64
CA VAL Z 399 -1.50 -40.00 38.35
C VAL Z 399 -0.73 -40.75 37.27
N ASP Z 400 -1.41 -41.05 36.17
CA ASP Z 400 -0.82 -41.72 35.02
C ASP Z 400 -1.14 -40.92 33.79
N PHE Z 401 -0.14 -40.51 33.05
CA PHE Z 401 -0.38 -39.79 31.82
C PHE Z 401 -0.39 -40.76 30.65
N TYR Z 402 -1.07 -40.37 29.59
CA TYR Z 402 -1.18 -41.19 28.39
C TYR Z 402 -1.27 -40.26 27.19
N GLY Z 403 -0.30 -40.34 26.31
CA GLY Z 403 -0.23 -39.44 25.19
C GLY Z 403 0.32 -38.10 25.59
N GLY Z 404 0.51 -37.25 24.61
CA GLY Z 404 1.17 -35.99 24.86
C GLY Z 404 2.64 -36.19 25.14
N LYS Z 405 3.25 -35.14 25.67
CA LYS Z 405 4.69 -35.18 25.88
C LYS Z 405 5.04 -35.78 27.23
N LEU Z 406 4.04 -36.17 28.02
CA LEU Z 406 4.32 -36.85 29.27
C LEU Z 406 3.96 -38.32 29.18
N ASN Z 407 4.16 -38.93 28.01
CA ASN Z 407 3.45 -40.11 27.46
C ASN Z 407 3.42 -41.27 28.45
N GLY Z 408 4.55 -41.86 28.80
CA GLY Z 408 4.52 -42.82 29.89
C GLY Z 408 5.23 -42.28 31.10
N GLN Z 409 4.48 -41.75 32.06
CA GLN Z 409 5.03 -41.23 33.30
C GLN Z 409 4.03 -41.51 34.41
N THR Z 410 4.55 -41.61 35.63
CA THR Z 410 3.71 -41.87 36.80
C THR Z 410 4.29 -41.09 37.97
N PHE Z 411 3.50 -40.17 38.51
CA PHE Z 411 3.88 -39.45 39.71
C PHE Z 411 3.03 -39.95 40.86
N LYS Z 412 3.67 -40.24 41.99
CA LYS Z 412 2.99 -40.93 43.08
C LYS Z 412 2.89 -40.13 44.36
N ASP Z 413 3.71 -39.10 44.56
CA ASP Z 413 3.67 -38.39 45.83
C ASP Z 413 2.61 -37.30 45.82
N ALA Z 414 2.14 -36.97 47.02
CA ALA Z 414 1.15 -35.90 47.19
C ALA Z 414 1.56 -34.50 46.70
N PRO Z 415 2.83 -34.06 46.73
CA PRO Z 415 3.11 -32.73 46.14
C PRO Z 415 2.85 -32.64 44.64
N THR Z 416 3.09 -33.70 43.89
CA THR Z 416 3.01 -33.60 42.44
C THR Z 416 1.60 -33.92 41.95
N VAL Z 417 0.91 -34.83 42.63
CA VAL Z 417 -0.44 -35.22 42.24
C VAL Z 417 -1.41 -34.07 42.47
N LYS Z 418 -1.19 -33.28 43.52
CA LYS Z 418 -2.04 -32.13 43.77
C LYS Z 418 -1.85 -31.05 42.71
N LYS Z 419 -0.67 -30.96 42.13
CA LYS Z 419 -0.45 -29.98 41.06
C LYS Z 419 -1.15 -30.38 39.78
N PHE Z 420 -1.28 -31.67 39.52
CA PHE Z 420 -1.97 -32.08 38.30
C PHE Z 420 -3.45 -32.27 38.53
N ALA Z 421 -3.88 -32.39 39.78
CA ALA Z 421 -5.30 -32.49 40.04
C ALA Z 421 -5.97 -31.13 39.92
N ARG Z 422 -5.21 -30.06 40.14
CA ARG Z 422 -5.79 -28.72 40.02
C ARG Z 422 -5.92 -28.32 38.57
N LYS Z 423 -4.95 -28.70 37.74
CA LYS Z 423 -5.03 -28.33 36.34
C LYS Z 423 -5.81 -29.31 35.50
N ALA Z 424 -6.36 -30.37 36.08
CA ALA Z 424 -7.17 -31.31 35.32
C ALA Z 424 -8.65 -31.01 35.40
N GLN Z 425 -9.06 -30.12 36.29
CA GLN Z 425 -10.45 -29.70 36.30
C GLN Z 425 -10.72 -28.64 35.24
N LEU Z 426 -9.67 -28.13 34.60
CA LEU Z 426 -9.79 -27.15 33.55
C LEU Z 426 -9.79 -27.79 32.17
N GLY Z 427 -10.37 -28.98 32.03
CA GLY Z 427 -10.45 -29.63 30.75
C GLY Z 427 -9.23 -30.49 30.49
N GLU Z 428 -8.56 -30.28 29.36
CA GLU Z 428 -7.31 -30.95 29.09
C GLU Z 428 -6.18 -30.16 29.72
N VAL Z 429 -4.96 -30.65 29.53
CA VAL Z 429 -3.78 -30.12 30.20
C VAL Z 429 -2.79 -29.70 29.13
N PHE Z 430 -2.42 -28.42 29.12
CA PHE Z 430 -1.56 -27.89 28.08
C PHE Z 430 -0.36 -27.17 28.67
N GLU Z 431 0.67 -27.04 27.84
CA GLU Z 431 1.84 -26.23 28.15
C GLU Z 431 1.75 -24.93 27.36
N PHE Z 432 1.76 -23.81 28.07
CA PHE Z 432 1.58 -22.50 27.46
C PHE Z 432 2.88 -21.71 27.48
N ASP Z 433 2.85 -20.55 26.81
CA ASP Z 433 3.98 -19.65 26.68
C ASP Z 433 3.51 -18.26 27.06
N ARG Z 434 3.60 -17.92 28.34
CA ARG Z 434 2.98 -16.71 28.85
C ARG Z 434 3.92 -15.51 28.89
N THR Z 435 5.12 -15.63 28.32
CA THR Z 435 6.08 -14.54 28.38
C THR Z 435 6.15 -13.73 27.09
N SER Z 436 5.49 -14.18 26.02
CA SER Z 436 5.56 -13.45 24.77
C SER Z 436 4.62 -12.25 24.75
N LEU Z 437 3.41 -12.40 25.28
CA LEU Z 437 2.42 -11.34 25.25
C LEU Z 437 2.12 -10.75 26.62
N GLU Z 438 2.96 -11.05 27.62
CA GLU Z 438 2.77 -10.66 29.02
C GLU Z 438 1.41 -11.13 29.54
N SER Z 439 1.19 -12.44 29.44
CA SER Z 439 -0.10 -13.02 29.76
C SER Z 439 -0.30 -13.04 31.27
N ASP Z 440 -1.34 -12.35 31.75
CA ASP Z 440 -1.48 -12.11 33.18
C ASP Z 440 -1.98 -13.33 33.93
N GLY Z 441 -2.98 -14.02 33.41
CA GLY Z 441 -3.44 -15.21 34.10
C GLY Z 441 -4.93 -15.26 34.40
N VAL Z 442 -5.74 -14.58 33.59
CA VAL Z 442 -7.19 -14.68 33.67
C VAL Z 442 -7.77 -14.81 32.27
N PHE Z 443 -8.85 -15.58 32.16
CA PHE Z 443 -9.37 -15.98 30.86
C PHE Z 443 -10.07 -14.83 30.16
N ARG Z 444 -9.90 -14.74 28.83
CA ARG Z 444 -10.63 -13.80 28.01
C ARG Z 444 -11.73 -14.54 27.21
N SER Z 445 -12.37 -13.81 26.29
CA SER Z 445 -13.47 -14.36 25.50
C SER Z 445 -13.10 -14.48 24.04
N SER Z 446 -13.78 -15.39 23.36
CA SER Z 446 -13.58 -15.61 21.94
C SER Z 446 -14.32 -14.55 21.13
N PRO Z 447 -14.03 -14.41 19.84
CA PRO Z 447 -14.87 -13.54 19.00
C PRO Z 447 -16.30 -13.98 18.85
N ARG Z 448 -16.62 -15.23 19.18
CA ARG Z 448 -18.01 -15.64 19.32
C ARG Z 448 -18.67 -14.88 20.46
N GLY Z 449 -17.91 -14.64 21.54
CA GLY Z 449 -18.50 -13.97 22.69
C GLY Z 449 -18.66 -12.48 22.47
N TRP Z 450 -17.74 -11.87 21.74
CA TRP Z 450 -17.80 -10.42 21.56
C TRP Z 450 -18.85 -10.04 20.55
N TYR Z 451 -18.98 -10.82 19.47
CA TYR Z 451 -20.01 -10.57 18.48
C TYR Z 451 -21.39 -10.67 19.09
N THR Z 452 -21.58 -11.61 20.00
CA THR Z 452 -22.87 -11.73 20.64
C THR Z 452 -23.10 -10.58 21.60
N TYR Z 453 -22.03 -9.93 22.07
CA TYR Z 453 -22.19 -8.83 23.00
C TYR Z 453 -22.68 -7.58 22.30
N GLY Z 454 -21.96 -7.14 21.28
CA GLY Z 454 -22.28 -5.92 20.58
C GLY Z 454 -23.63 -6.02 19.91
N HIS Z 455 -23.78 -6.99 19.03
CA HIS Z 455 -24.99 -7.08 18.21
C HIS Z 455 -26.21 -7.54 18.98
N ALA Z 456 -26.13 -7.84 20.27
CA ALA Z 456 -27.33 -7.97 21.08
C ALA Z 456 -27.55 -6.81 22.02
N ASN Z 457 -26.51 -6.05 22.36
CA ASN Z 457 -26.75 -4.77 23.02
C ASN Z 457 -27.11 -3.68 22.04
N PHE Z 458 -26.68 -3.80 20.79
CA PHE Z 458 -27.16 -2.90 19.74
C PHE Z 458 -28.64 -3.08 19.51
N ALA Z 459 -29.07 -4.33 19.30
CA ALA Z 459 -30.45 -4.64 18.93
C ALA Z 459 -31.44 -4.27 20.01
N LEU Z 460 -30.97 -4.17 21.24
CA LEU Z 460 -31.83 -3.69 22.32
C LEU Z 460 -31.96 -2.18 22.26
N LEU Z 461 -30.92 -1.48 21.81
CA LEU Z 461 -31.01 -0.03 21.68
C LEU Z 461 -31.83 0.36 20.46
N PHE Z 462 -31.72 -0.41 19.38
CA PHE Z 462 -32.53 -0.15 18.20
C PHE Z 462 -33.99 -0.47 18.41
N PHE Z 463 -34.32 -1.21 19.46
CA PHE Z 463 -35.73 -1.35 19.79
C PHE Z 463 -36.30 -0.05 20.31
N PHE Z 464 -35.49 0.77 20.96
CA PHE Z 464 -35.95 2.08 21.37
C PHE Z 464 -36.08 3.01 20.19
N GLY Z 465 -35.22 2.86 19.18
CA GLY Z 465 -35.34 3.66 17.98
C GLY Z 465 -36.55 3.30 17.15
N HIS Z 466 -37.04 2.07 17.25
CA HIS Z 466 -38.29 1.72 16.61
C HIS Z 466 -39.45 2.45 17.24
N LEU Z 467 -39.42 2.62 18.56
CA LEU Z 467 -40.51 3.29 19.23
C LEU Z 467 -40.41 4.79 19.13
N TRP Z 468 -39.19 5.33 19.09
CA TRP Z 468 -39.07 6.77 18.93
C TRP Z 468 -39.45 7.19 17.53
N HIS Z 469 -38.74 6.69 16.52
CA HIS Z 469 -38.97 7.10 15.14
C HIS Z 469 -40.32 6.60 14.64
N GLY Z 470 -40.84 5.53 15.25
CA GLY Z 470 -42.16 5.05 14.86
C GLY Z 470 -43.27 5.93 15.39
N GLY Z 471 -43.20 6.30 16.67
CA GLY Z 471 -44.18 7.19 17.22
C GLY Z 471 -44.01 8.61 16.74
N ARG Z 472 -42.85 8.91 16.16
CA ARG Z 472 -42.70 10.22 15.55
C ARG Z 472 -43.36 10.28 14.19
N THR Z 473 -43.50 9.14 13.52
CA THR Z 473 -44.16 9.11 12.22
C THR Z 473 -45.67 9.27 12.34
N ILE Z 474 -46.28 8.48 13.23
CA ILE Z 474 -47.74 8.46 13.35
C ILE Z 474 -48.25 9.79 13.88
N PHE Z 475 -47.53 10.38 14.82
CA PHE Z 475 -47.98 11.54 15.58
C PHE Z 475 -47.44 12.84 15.01
N ARG Z 476 -47.20 12.92 13.70
CA ARG Z 476 -46.36 13.99 13.14
C ARG Z 476 -46.96 15.38 13.30
N ASP Z 477 -48.29 15.49 13.34
CA ASP Z 477 -48.89 16.81 13.42
C ASP Z 477 -48.80 17.47 14.78
N VAL Z 478 -48.36 16.74 15.81
CA VAL Z 478 -48.42 17.29 17.17
C VAL Z 478 -47.05 17.34 17.85
N PHE Z 479 -45.98 17.54 17.10
CA PHE Z 479 -44.68 17.56 17.80
C PHE Z 479 -44.14 18.95 18.06
N THR Z 480 -44.82 20.00 17.66
CA THR Z 480 -44.59 21.29 18.28
C THR Z 480 -45.35 21.38 19.59
N GLY Z 481 -46.35 20.52 19.76
CA GLY Z 481 -47.26 20.57 20.88
C GLY Z 481 -48.65 20.28 20.39
N ILE Z 482 -49.59 20.29 21.32
CA ILE Z 482 -50.97 20.06 20.96
C ILE Z 482 -51.72 21.38 21.05
N GLY Z 483 -52.83 21.45 20.32
CA GLY Z 483 -53.68 22.62 20.41
C GLY Z 483 -54.57 22.55 21.63
N ALA Z 484 -54.86 23.72 22.19
CA ALA Z 484 -55.70 23.81 23.38
C ALA Z 484 -57.19 23.80 23.04
N GLU Z 485 -57.55 23.54 21.79
CA GLU Z 485 -58.93 23.61 21.35
C GLU Z 485 -59.38 22.35 20.63
N ILE AA 21 -74.24 21.17 63.83
CA ILE AA 21 -73.42 20.73 62.71
C ILE AA 21 -72.41 21.83 62.47
N ALA AA 22 -72.76 23.04 62.92
CA ALA AA 22 -71.85 24.17 62.84
C ALA AA 22 -70.65 23.93 63.76
N GLY AA 23 -69.45 24.02 63.17
CA GLY AA 23 -68.23 23.61 63.82
C GLY AA 23 -67.79 22.21 63.48
N ARG AA 24 -68.61 21.44 62.77
CA ARG AA 24 -68.33 20.06 62.43
C ARG AA 24 -68.53 19.80 60.94
N ASP AA 25 -68.17 20.77 60.10
CA ASP AA 25 -68.03 20.55 58.67
C ASP AA 25 -67.00 21.53 58.13
N ILE AA 26 -66.60 21.30 56.88
CA ILE AA 26 -65.52 22.09 56.31
C ILE AA 26 -66.00 23.49 55.93
N GLU AA 27 -67.32 23.66 55.79
CA GLU AA 27 -67.86 24.97 55.43
C GLU AA 27 -67.75 25.94 56.59
N SER AA 28 -67.81 25.45 57.81
CA SER AA 28 -67.70 26.32 58.97
C SER AA 28 -66.25 26.52 59.38
N THR AA 29 -65.46 25.45 59.38
CA THR AA 29 -64.09 25.52 59.87
C THR AA 29 -63.09 25.72 58.75
N GLY AA 30 -63.03 24.80 57.79
CA GLY AA 30 -62.01 24.90 56.77
C GLY AA 30 -61.05 23.75 56.84
N PHE AA 31 -61.34 22.80 57.71
CA PHE AA 31 -60.55 21.60 57.87
C PHE AA 31 -61.35 20.40 57.38
N ALA AA 32 -60.68 19.50 56.68
CA ALA AA 32 -61.35 18.32 56.15
C ALA AA 32 -61.58 17.30 57.25
N TRP AA 33 -62.22 16.18 56.89
CA TRP AA 33 -62.54 15.19 57.90
C TRP AA 33 -61.30 14.47 58.38
N TRP AA 34 -60.27 14.38 57.54
CA TRP AA 34 -59.08 13.64 57.93
C TRP AA 34 -58.22 14.46 58.88
N SER AA 35 -58.19 15.77 58.71
CA SER AA 35 -57.60 16.63 59.73
C SER AA 35 -58.74 17.22 60.57
N GLY AA 36 -59.43 16.33 61.24
CA GLY AA 36 -60.68 16.71 61.85
C GLY AA 36 -60.55 17.13 63.29
N ASN AA 37 -59.57 16.58 64.00
CA ASN AA 37 -59.34 17.01 65.36
C ASN AA 37 -58.57 18.32 65.43
N ALA AA 38 -58.23 18.92 64.30
CA ALA AA 38 -57.71 20.28 64.27
C ALA AA 38 -58.81 21.30 64.42
N ARG AA 39 -60.06 20.88 64.37
CA ARG AA 39 -61.19 21.73 64.69
C ARG AA 39 -61.28 22.02 66.17
N LEU AA 40 -60.53 21.29 66.99
CA LEU AA 40 -60.58 21.38 68.44
C LEU AA 40 -59.57 22.36 68.98
N ILE AA 41 -58.93 23.16 68.13
CA ILE AA 41 -57.88 24.06 68.62
C ILE AA 41 -58.50 25.20 69.39
N ASN AA 42 -59.55 25.81 68.85
CA ASN AA 42 -60.12 27.00 69.46
C ASN AA 42 -61.46 26.73 70.12
N VAL AA 43 -61.75 25.48 70.47
CA VAL AA 43 -62.76 25.16 71.47
C VAL AA 43 -62.04 24.49 72.62
N SER AA 44 -62.56 24.68 73.84
CA SER AA 44 -61.78 24.27 75.00
C SER AA 44 -62.43 23.11 75.73
N GLY AA 45 -63.73 22.95 75.63
CA GLY AA 45 -64.35 21.85 76.31
C GLY AA 45 -64.23 20.58 75.51
N LYS AA 46 -64.42 20.70 74.20
CA LYS AA 46 -64.21 19.57 73.31
C LYS AA 46 -62.75 19.14 73.32
N LEU AA 47 -61.83 20.08 73.50
CA LEU AA 47 -60.41 19.74 73.54
C LEU AA 47 -60.04 19.09 74.86
N LEU AA 48 -60.66 19.51 75.96
CA LEU AA 48 -60.41 18.89 77.24
C LEU AA 48 -60.94 17.47 77.28
N GLY AA 49 -62.15 17.27 76.74
CA GLY AA 49 -62.70 15.93 76.65
C GLY AA 49 -61.93 15.02 75.75
N ALA AA 50 -61.19 15.56 74.80
CA ALA AA 50 -60.35 14.73 73.95
C ALA AA 50 -59.08 14.30 74.67
N HIS AA 51 -58.47 15.19 75.45
CA HIS AA 51 -57.24 14.83 76.15
C HIS AA 51 -57.50 13.89 77.32
N VAL AA 52 -58.70 13.93 77.89
CA VAL AA 52 -59.00 13.01 78.99
C VAL AA 52 -59.54 11.69 78.45
N ALA AA 53 -60.00 11.65 77.21
CA ALA AA 53 -60.37 10.37 76.63
C ALA AA 53 -59.14 9.59 76.17
N HIS AA 54 -58.18 10.25 75.54
CA HIS AA 54 -56.95 9.55 75.18
C HIS AA 54 -56.15 9.17 76.42
N ALA AA 55 -56.28 9.94 77.49
CA ALA AA 55 -55.72 9.48 78.76
C ALA AA 55 -56.48 8.28 79.28
N GLY AA 56 -57.77 8.18 78.95
CA GLY AA 56 -58.52 6.99 79.29
C GLY AA 56 -58.10 5.77 78.51
N LEU AA 57 -57.49 5.95 77.35
CA LEU AA 57 -57.00 4.82 76.56
C LEU AA 57 -55.62 4.38 76.98
N MET AA 58 -54.77 5.31 77.41
CA MET AA 58 -53.46 4.94 77.90
C MET AA 58 -53.56 4.08 79.15
N VAL AA 59 -54.47 4.47 80.07
CA VAL AA 59 -54.72 3.68 81.27
C VAL AA 59 -55.28 2.32 80.91
N PHE AA 60 -56.32 2.32 80.06
CA PHE AA 60 -57.06 1.12 79.70
C PHE AA 60 -56.19 0.07 79.07
N TRP AA 61 -55.22 0.47 78.26
CA TRP AA 61 -54.30 -0.50 77.70
C TRP AA 61 -53.49 -1.15 78.79
N ALA AA 62 -52.94 -0.36 79.71
CA ALA AA 62 -52.03 -0.89 80.70
C ALA AA 62 -52.71 -1.78 81.71
N GLY AA 63 -53.99 -1.54 81.99
CA GLY AA 63 -54.72 -2.47 82.81
C GLY AA 63 -55.03 -3.76 82.07
N ALA AA 64 -55.46 -3.64 80.81
CA ALA AA 64 -55.87 -4.79 80.05
C ALA AA 64 -54.68 -5.59 79.55
N MET AA 65 -53.51 -4.97 79.44
CA MET AA 65 -52.36 -5.73 79.00
C MET AA 65 -51.80 -6.57 80.13
N VAL AA 66 -51.80 -6.05 81.35
CA VAL AA 66 -51.23 -6.80 82.48
C VAL AA 66 -52.10 -7.98 82.83
N LEU AA 67 -53.42 -7.82 82.75
CA LEU AA 67 -54.32 -8.97 82.89
C LEU AA 67 -54.08 -10.00 81.80
N PHE AA 68 -53.80 -9.55 80.59
CA PHE AA 68 -53.37 -10.43 79.52
C PHE AA 68 -52.00 -11.05 79.81
N GLU AA 69 -51.13 -10.33 80.51
CA GLU AA 69 -49.81 -10.85 80.82
C GLU AA 69 -49.81 -11.75 82.04
N VAL AA 70 -50.84 -11.67 82.89
CA VAL AA 70 -50.98 -12.55 84.03
C VAL AA 70 -51.60 -13.87 83.61
N SER AA 71 -52.64 -13.83 82.78
CA SER AA 71 -53.33 -15.04 82.36
C SER AA 71 -52.48 -15.92 81.47
N HIS AA 72 -51.38 -15.41 80.93
CA HIS AA 72 -50.48 -16.27 80.17
C HIS AA 72 -49.19 -16.55 80.91
N PHE AA 73 -49.15 -16.31 82.21
CA PHE AA 73 -47.92 -16.52 82.96
C PHE AA 73 -47.77 -17.98 83.35
N VAL AA 74 -46.56 -18.50 83.17
CA VAL AA 74 -46.21 -19.86 83.53
C VAL AA 74 -44.99 -19.82 84.44
N PRO AA 75 -44.98 -20.49 85.58
CA PRO AA 75 -43.83 -20.37 86.50
C PRO AA 75 -42.60 -21.10 86.01
N GLU AA 76 -42.72 -21.96 85.00
CA GLU AA 76 -41.61 -22.79 84.55
C GLU AA 76 -40.60 -21.96 83.79
N LYS AA 77 -41.03 -21.30 82.72
CA LYS AA 77 -40.14 -20.47 81.93
C LYS AA 77 -39.76 -19.22 82.72
N PRO AA 78 -38.62 -18.61 82.40
CA PRO AA 78 -38.27 -17.34 83.02
C PRO AA 78 -39.21 -16.21 82.61
N THR AA 79 -38.91 -15.05 83.18
CA THR AA 79 -39.80 -13.91 83.04
C THR AA 79 -39.64 -13.28 81.67
N TYR AA 80 -38.48 -13.42 81.07
CA TYR AA 80 -38.22 -12.83 79.78
C TYR AA 80 -38.44 -13.77 78.61
N GLU AA 81 -38.43 -15.09 78.86
CA GLU AA 81 -38.70 -16.02 77.78
C GLU AA 81 -40.16 -15.99 77.39
N GLN AA 82 -41.04 -15.65 78.32
CA GLN AA 82 -42.47 -15.63 78.08
C GLN AA 82 -42.95 -14.41 77.34
N GLY AA 83 -42.06 -13.48 77.02
CA GLY AA 83 -42.39 -12.35 76.19
C GLY AA 83 -43.32 -11.32 76.81
N PHE AA 84 -43.03 -10.90 78.04
CA PHE AA 84 -43.81 -9.84 78.65
C PHE AA 84 -42.98 -8.57 78.78
N ILE AA 85 -43.67 -7.45 78.79
CA ILE AA 85 -43.01 -6.14 78.92
C ILE AA 85 -43.56 -5.31 80.07
N LEU AA 86 -44.77 -5.55 80.56
CA LEU AA 86 -45.30 -4.70 81.61
C LEU AA 86 -45.17 -5.27 83.00
N ILE AA 87 -45.31 -6.59 83.17
CA ILE AA 87 -45.09 -7.15 84.51
C ILE AA 87 -43.63 -7.20 84.89
N GLN AA 88 -42.72 -6.74 84.04
CA GLN AA 88 -41.34 -6.61 84.42
C GLN AA 88 -41.02 -5.21 84.88
N HIS AA 89 -41.91 -4.24 84.65
CA HIS AA 89 -41.71 -2.94 85.28
C HIS AA 89 -42.11 -2.99 86.75
N LEU AA 90 -43.16 -3.73 87.07
CA LEU AA 90 -43.59 -3.82 88.45
C LEU AA 90 -42.64 -4.68 89.27
N ALA AA 91 -41.95 -5.61 88.63
CA ALA AA 91 -40.96 -6.40 89.35
C ALA AA 91 -39.72 -5.57 89.67
N THR AA 92 -39.43 -4.55 88.87
CA THR AA 92 -38.38 -3.61 89.26
C THR AA 92 -38.81 -2.77 90.45
N LEU AA 93 -40.11 -2.49 90.55
CA LEU AA 93 -40.60 -1.86 91.78
C LEU AA 93 -40.53 -2.81 92.95
N GLY AA 94 -40.64 -4.11 92.70
CA GLY AA 94 -40.44 -5.10 93.72
C GLY AA 94 -41.66 -5.90 94.10
N TYR AA 95 -42.75 -5.80 93.37
CA TYR AA 95 -43.94 -6.56 93.70
C TYR AA 95 -43.80 -7.98 93.17
N GLY AA 96 -43.97 -8.95 94.06
CA GLY AA 96 -44.03 -10.33 93.63
C GLY AA 96 -42.74 -10.93 93.16
N ILE AA 97 -41.64 -10.23 93.29
CA ILE AA 97 -40.34 -10.73 92.85
C ILE AA 97 -39.65 -11.36 94.06
N GLY AA 98 -38.90 -12.42 93.79
CA GLY AA 98 -38.10 -13.06 94.81
C GLY AA 98 -36.63 -12.81 94.57
N PRO AA 99 -35.78 -13.56 95.27
CA PRO AA 99 -34.34 -13.37 95.07
C PRO AA 99 -33.88 -13.98 93.75
N GLY AA 100 -33.00 -13.26 93.08
CA GLY AA 100 -32.48 -13.75 91.82
C GLY AA 100 -33.40 -13.61 90.64
N GLY AA 101 -34.40 -12.75 90.72
CA GLY AA 101 -35.27 -12.53 89.60
C GLY AA 101 -36.36 -13.56 89.43
N GLU AA 102 -36.68 -14.28 90.48
CA GLU AA 102 -37.71 -15.32 90.41
C GLU AA 102 -39.04 -14.73 90.86
N ILE AA 103 -39.96 -14.57 89.92
CA ILE AA 103 -41.29 -14.07 90.26
C ILE AA 103 -42.05 -15.14 91.03
N THR AA 104 -42.56 -14.77 92.20
CA THR AA 104 -43.17 -15.75 93.08
C THR AA 104 -44.69 -15.73 92.98
N SER AA 105 -45.30 -14.56 93.16
CA SER AA 105 -46.69 -14.53 93.61
C SER AA 105 -47.68 -14.41 92.44
N THR AA 106 -47.60 -13.30 91.70
CA THR AA 106 -48.52 -12.90 90.61
C THR AA 106 -49.98 -12.71 91.04
N VAL AA 107 -50.24 -12.69 92.34
CA VAL AA 107 -51.44 -12.00 92.81
C VAL AA 107 -51.27 -10.49 92.89
N PRO AA 108 -50.12 -9.84 93.21
CA PRO AA 108 -50.11 -8.38 93.16
C PRO AA 108 -50.13 -7.80 91.77
N TYR AA 109 -49.70 -8.54 90.76
CA TYR AA 109 -49.78 -8.05 89.40
C TYR AA 109 -51.21 -8.02 88.91
N PHE AA 110 -52.04 -8.93 89.42
CA PHE AA 110 -53.46 -8.88 89.12
C PHE AA 110 -54.09 -7.64 89.72
N ALA AA 111 -53.60 -7.22 90.87
CA ALA AA 111 -54.21 -6.09 91.56
C ALA AA 111 -53.92 -4.79 90.85
N VAL AA 112 -52.71 -4.64 90.29
CA VAL AA 112 -52.36 -3.41 89.61
C VAL AA 112 -53.10 -3.27 88.29
N GLY AA 113 -53.24 -4.37 87.55
CA GLY AA 113 -53.96 -4.31 86.29
C GLY AA 113 -55.45 -4.10 86.42
N VAL AA 114 -56.02 -4.24 87.60
CA VAL AA 114 -57.41 -3.90 87.76
C VAL AA 114 -57.58 -2.42 88.09
N ILE AA 115 -56.65 -1.82 88.85
CA ILE AA 115 -56.81 -0.42 89.20
C ILE AA 115 -56.60 0.46 87.98
N HIS AA 116 -55.64 0.10 87.13
CA HIS AA 116 -55.48 0.73 85.82
C HIS AA 116 -56.48 0.24 84.79
N LEU AA 117 -57.56 -0.42 85.19
CA LEU AA 117 -58.61 -0.79 84.26
C LEU AA 117 -59.95 -0.23 84.67
N ILE AA 118 -60.25 -0.28 85.96
CA ILE AA 118 -61.44 0.34 86.49
C ILE AA 118 -61.35 1.85 86.33
N SER AA 119 -60.16 2.42 86.54
CA SER AA 119 -60.01 3.87 86.51
C SER AA 119 -60.16 4.43 85.11
N SER AA 120 -59.89 3.62 84.09
CA SER AA 120 -60.10 4.09 82.74
C SER AA 120 -61.58 4.15 82.40
N ALA AA 121 -62.44 3.49 83.14
CA ALA AA 121 -63.86 3.66 82.93
C ALA AA 121 -64.37 4.97 83.51
N ILE AA 122 -63.62 5.55 84.44
CA ILE AA 122 -63.94 6.88 84.96
C ILE AA 122 -63.36 7.95 84.06
N LEU AA 123 -62.08 7.82 83.70
CA LEU AA 123 -61.48 8.68 82.69
C LEU AA 123 -62.14 8.52 81.33
N GLY AA 124 -62.70 7.35 81.06
CA GLY AA 124 -63.54 7.21 79.89
C GLY AA 124 -64.80 8.06 79.98
N PHE AA 125 -65.42 8.12 81.16
CA PHE AA 125 -66.65 8.89 81.27
C PHE AA 125 -66.39 10.38 81.22
N GLY AA 126 -65.20 10.82 81.64
CA GLY AA 126 -64.87 12.23 81.46
C GLY AA 126 -64.65 12.60 80.02
N GLY AA 127 -64.11 11.66 79.23
CA GLY AA 127 -63.93 11.92 77.81
C GLY AA 127 -65.22 11.92 77.05
N ILE AA 128 -66.21 11.15 77.50
CA ILE AA 128 -67.48 11.16 76.82
C ILE AA 128 -68.39 12.24 77.40
N TYR AA 129 -68.13 12.70 78.62
CA TYR AA 129 -68.94 13.81 79.11
C TYR AA 129 -68.43 15.14 78.58
N HIS AA 130 -67.16 15.45 78.81
CA HIS AA 130 -66.64 16.79 78.53
C HIS AA 130 -66.60 17.08 77.04
N SER AA 131 -66.66 16.04 76.20
CA SER AA 131 -66.55 16.28 74.77
C SER AA 131 -67.89 16.11 74.07
N LEU AA 132 -68.93 15.70 74.78
CA LEU AA 132 -70.23 15.56 74.12
C LEU AA 132 -71.32 16.37 74.82
N LEU AA 133 -71.15 16.67 76.10
CA LEU AA 133 -72.10 17.54 76.79
C LEU AA 133 -71.50 18.78 77.38
N GLY AA 134 -70.19 18.81 77.58
CA GLY AA 134 -69.54 19.96 78.15
C GLY AA 134 -69.64 21.15 77.24
N PRO AA 135 -69.52 22.34 77.81
CA PRO AA 135 -69.56 23.56 76.99
C PRO AA 135 -68.36 23.59 76.06
N ASP AA 136 -68.53 24.23 74.90
CA ASP AA 136 -67.46 24.22 73.90
C ASP AA 136 -66.24 24.99 74.37
N THR AA 137 -66.46 26.10 75.06
CA THR AA 137 -65.39 26.91 75.61
C THR AA 137 -65.58 27.01 77.11
N LEU AA 138 -64.51 26.77 77.87
CA LEU AA 138 -64.62 26.92 79.31
C LEU AA 138 -64.50 28.37 79.77
N GLU AA 139 -64.06 29.27 78.89
CA GLU AA 139 -63.75 30.62 79.32
C GLU AA 139 -65.00 31.40 79.69
N GLU AA 140 -66.15 30.98 79.17
CA GLU AA 140 -67.40 31.66 79.48
C GLU AA 140 -67.85 31.36 80.90
N SER AA 141 -68.00 30.09 81.24
CA SER AA 141 -68.62 29.73 82.52
C SER AA 141 -67.60 29.52 83.62
N PHE AA 142 -66.45 28.95 83.29
CA PHE AA 142 -65.50 28.51 84.31
C PHE AA 142 -64.21 29.29 84.18
N PRO AA 143 -64.08 30.43 84.86
CA PRO AA 143 -62.95 31.31 84.59
C PRO AA 143 -61.64 30.79 85.12
N PHE AA 144 -61.66 29.80 86.02
CA PHE AA 144 -60.41 29.21 86.46
C PHE AA 144 -59.84 28.29 85.39
N PHE AA 145 -60.68 27.43 84.83
CA PHE AA 145 -60.24 26.46 83.86
C PHE AA 145 -60.18 27.00 82.45
N GLY AA 146 -60.94 28.05 82.14
CA GLY AA 146 -60.93 28.61 80.81
C GLY AA 146 -59.62 29.31 80.52
N TYR AA 147 -59.25 29.34 79.26
CA TYR AA 147 -57.96 29.87 78.89
C TYR AA 147 -58.01 30.41 77.48
N ASP AA 148 -56.86 30.92 77.05
CA ASP AA 148 -56.61 31.28 75.68
C ASP AA 148 -55.18 30.87 75.39
N TRP AA 149 -54.91 30.52 74.13
CA TRP AA 149 -53.57 30.07 73.80
C TRP AA 149 -52.61 31.25 73.74
N ARG AA 150 -53.14 32.43 73.40
CA ARG AA 150 -52.28 33.60 73.26
C ARG AA 150 -51.91 34.20 74.60
N ASP AA 151 -52.66 33.85 75.64
CA ASP AA 151 -52.35 34.30 76.99
C ASP AA 151 -51.06 33.63 77.46
N LYS AA 152 -50.25 34.39 78.18
CA LYS AA 152 -48.96 33.88 78.64
C LYS AA 152 -48.89 33.77 80.15
N ASN AA 153 -49.81 34.40 80.87
CA ASN AA 153 -49.85 34.19 82.31
C ASN AA 153 -50.57 32.90 82.65
N LYS AA 154 -51.61 32.57 81.89
CA LYS AA 154 -52.36 31.36 82.18
C LYS AA 154 -51.58 30.13 81.78
N MET AA 155 -50.89 30.19 80.65
CA MET AA 155 -50.22 29.01 80.13
C MET AA 155 -49.04 28.60 80.99
N THR AA 156 -48.36 29.55 81.62
CA THR AA 156 -47.33 29.16 82.57
C THR AA 156 -47.92 28.64 83.88
N THR AA 157 -49.16 29.00 84.18
CA THR AA 157 -49.84 28.42 85.33
C THR AA 157 -50.26 26.99 85.06
N ILE AA 158 -50.76 26.71 83.84
CA ILE AA 158 -51.10 25.34 83.46
C ILE AA 158 -49.85 24.49 83.43
N LEU AA 159 -48.75 25.06 82.95
CA LEU AA 159 -47.46 24.39 83.03
C LEU AA 159 -47.02 24.24 84.47
N GLY AA 160 -47.37 25.18 85.34
CA GLY AA 160 -46.88 25.13 86.71
C GLY AA 160 -47.63 24.11 87.54
N ILE AA 161 -48.94 24.02 87.37
CA ILE AA 161 -49.74 23.04 88.09
C ILE AA 161 -49.34 21.64 87.70
N HIS AA 162 -49.15 21.41 86.41
CA HIS AA 162 -48.79 20.10 85.90
C HIS AA 162 -47.30 19.83 85.98
N LEU AA 163 -46.49 20.74 86.53
CA LEU AA 163 -45.12 20.42 86.92
C LEU AA 163 -44.98 20.01 88.37
N CYS AA 164 -45.82 20.54 89.26
CA CYS AA 164 -45.75 20.11 90.65
C CYS AA 164 -46.26 18.68 90.81
N LEU AA 165 -47.10 18.22 89.89
CA LEU AA 165 -47.50 16.83 89.92
C LEU AA 165 -46.36 15.92 89.47
N LEU AA 166 -45.56 16.37 88.51
CA LEU AA 166 -44.42 15.57 88.12
C LEU AA 166 -43.30 15.62 89.15
N GLY AA 167 -43.34 16.59 90.05
CA GLY AA 167 -42.45 16.57 91.19
C GLY AA 167 -42.92 15.56 92.20
N LEU AA 168 -44.22 15.57 92.51
CA LEU AA 168 -44.78 14.63 93.46
C LEU AA 168 -44.72 13.19 92.98
N GLY AA 169 -44.89 12.99 91.66
CA GLY AA 169 -44.79 11.65 91.13
C GLY AA 169 -43.39 11.10 91.16
N SER AA 170 -42.39 11.97 91.19
CA SER AA 170 -41.02 11.49 91.34
C SER AA 170 -40.70 11.12 92.77
N PHE AA 171 -41.39 11.72 93.75
CA PHE AA 171 -41.13 11.33 95.12
C PHE AA 171 -41.82 10.03 95.50
N LEU AA 172 -42.85 9.63 94.76
CA LEU AA 172 -43.47 8.33 95.01
C LEU AA 172 -42.52 7.21 94.72
N LEU AA 173 -41.60 7.38 93.76
CA LEU AA 173 -40.54 6.39 93.60
C LEU AA 173 -39.62 6.41 94.81
N VAL AA 174 -39.34 7.60 95.33
CA VAL AA 174 -38.39 7.74 96.42
C VAL AA 174 -39.00 7.27 97.74
N ILE AA 175 -40.28 7.57 97.96
CA ILE AA 175 -40.99 7.07 99.14
C ILE AA 175 -41.08 5.55 99.09
N LYS AA 176 -41.30 4.99 97.91
CA LYS AA 176 -41.46 3.55 97.81
C LYS AA 176 -40.12 2.83 97.94
N ALA AA 177 -39.03 3.47 97.52
CA ALA AA 177 -37.73 2.82 97.58
C ALA AA 177 -37.04 3.00 98.91
N MET AA 178 -37.56 3.87 99.78
CA MET AA 178 -36.94 4.09 101.08
C MET AA 178 -37.85 3.65 102.21
N TYR AA 179 -39.16 3.70 102.02
CA TYR AA 179 -40.08 3.38 103.09
C TYR AA 179 -41.04 2.25 102.76
N LEU AA 180 -41.69 2.29 101.60
CA LEU AA 180 -42.78 1.35 101.31
C LEU AA 180 -42.24 0.17 100.53
N GLY AA 181 -41.66 -0.77 101.24
CA GLY AA 181 -41.27 -2.04 100.64
C GLY AA 181 -39.89 -2.12 100.05
N GLY AA 182 -39.46 -1.09 99.33
CA GLY AA 182 -38.17 -1.11 98.67
C GLY AA 182 -38.30 -1.49 97.21
N VAL AA 183 -37.17 -1.41 96.51
CA VAL AA 183 -37.12 -1.72 95.09
C VAL AA 183 -36.13 -2.84 94.85
N TYR AA 184 -36.14 -3.36 93.64
CA TYR AA 184 -35.30 -4.49 93.28
C TYR AA 184 -33.95 -3.99 92.83
N ASP AA 185 -32.93 -4.22 93.64
CA ASP AA 185 -31.56 -3.93 93.27
C ASP AA 185 -30.93 -5.21 92.74
N THR AA 186 -30.45 -5.18 91.51
CA THR AA 186 -29.74 -6.34 90.97
C THR AA 186 -28.30 -6.36 91.44
N TRP AA 187 -27.83 -5.26 92.01
CA TRP AA 187 -26.46 -5.20 92.51
C TRP AA 187 -26.39 -5.49 93.99
N ALA AA 188 -27.53 -5.84 94.60
CA ALA AA 188 -27.67 -6.06 96.04
C ALA AA 188 -26.72 -7.16 96.49
N PRO AA 189 -25.98 -6.94 97.57
CA PRO AA 189 -24.95 -7.90 97.98
C PRO AA 189 -25.58 -9.18 98.50
N GLY AA 190 -25.13 -10.30 97.98
CA GLY AA 190 -25.76 -11.56 98.29
C GLY AA 190 -26.72 -12.05 97.23
N GLY AA 191 -26.97 -11.26 96.19
CA GLY AA 191 -27.93 -11.61 95.17
C GLY AA 191 -28.95 -10.50 94.99
N GLY AA 192 -29.60 -10.53 93.83
CA GLY AA 192 -30.59 -9.51 93.53
C GLY AA 192 -31.85 -9.73 94.35
N ASP AA 193 -32.25 -8.72 95.11
CA ASP AA 193 -33.39 -8.87 95.99
C ASP AA 193 -33.97 -7.49 96.24
N VAL AA 194 -35.20 -7.46 96.77
CA VAL AA 194 -35.82 -6.21 97.15
C VAL AA 194 -35.06 -5.59 98.31
N ARG AA 195 -34.50 -4.42 98.07
CA ARG AA 195 -33.60 -3.75 99.00
C ARG AA 195 -34.13 -2.37 99.28
N TYR AA 196 -34.24 -2.02 100.55
CA TYR AA 196 -34.52 -0.63 100.91
C TYR AA 196 -33.32 0.23 100.56
N ILE AA 197 -33.57 1.33 99.88
CA ILE AA 197 -32.53 2.32 99.62
C ILE AA 197 -32.38 3.12 100.91
N THR AA 198 -31.35 2.79 101.68
CA THR AA 198 -31.14 3.48 102.94
C THR AA 198 -30.56 4.86 102.72
N THR AA 199 -29.41 4.93 102.06
CA THR AA 199 -28.64 6.16 101.91
C THR AA 199 -28.51 6.49 100.43
N PRO AA 200 -29.45 7.24 99.87
CA PRO AA 200 -29.33 7.63 98.46
C PRO AA 200 -28.27 8.70 98.29
N THR AA 201 -27.80 8.83 97.05
CA THR AA 201 -26.74 9.76 96.73
C THR AA 201 -27.35 11.12 96.45
N LEU AA 202 -26.91 12.13 97.18
CA LEU AA 202 -27.45 13.48 97.02
C LEU AA 202 -26.37 14.47 96.60
N ASN AA 203 -25.35 14.00 95.90
CA ASN AA 203 -24.26 14.86 95.53
C ASN AA 203 -24.54 15.43 94.15
N PRO AA 204 -24.67 16.74 93.99
CA PRO AA 204 -24.92 17.29 92.65
C PRO AA 204 -23.75 17.18 91.71
N ILE AA 205 -22.53 16.96 92.22
CA ILE AA 205 -21.41 16.69 91.34
C ILE AA 205 -21.54 15.28 90.77
N VAL AA 206 -22.21 14.40 91.49
CA VAL AA 206 -22.42 13.03 91.01
C VAL AA 206 -23.72 12.91 90.23
N ILE AA 207 -24.80 13.50 90.76
CA ILE AA 207 -26.11 13.34 90.13
C ILE AA 207 -26.19 14.12 88.83
N PHE AA 208 -25.83 15.39 88.85
CA PHE AA 208 -25.64 16.11 87.60
C PHE AA 208 -24.33 15.77 86.93
N GLY AA 209 -23.53 14.87 87.53
CA GLY AA 209 -22.42 14.29 86.81
C GLY AA 209 -22.87 13.52 85.60
N TYR AA 210 -23.98 12.79 85.70
CA TYR AA 210 -24.48 12.01 84.58
C TYR AA 210 -24.98 12.90 83.45
N VAL AA 211 -25.69 13.97 83.79
CA VAL AA 211 -26.42 14.76 82.80
C VAL AA 211 -25.46 15.51 81.88
N PHE AA 212 -24.24 15.73 82.35
CA PHE AA 212 -23.24 16.40 81.51
C PHE AA 212 -22.09 15.49 81.11
N ARG AA 213 -22.36 14.21 80.90
CA ARG AA 213 -21.35 13.33 80.33
C ARG AA 213 -21.46 13.32 78.82
N SER AA 214 -20.48 12.72 78.18
CA SER AA 214 -20.57 12.43 76.76
C SER AA 214 -21.64 11.37 76.53
N PRO AA 215 -22.35 11.44 75.40
CA PRO AA 215 -23.30 10.39 75.08
C PRO AA 215 -22.67 9.21 74.37
N PHE AA 216 -21.38 9.24 74.12
CA PHE AA 216 -20.74 8.21 73.31
C PHE AA 216 -20.38 7.01 74.17
N GLY AA 217 -19.56 6.14 73.61
CA GLY AA 217 -19.20 4.91 74.30
C GLY AA 217 -18.31 5.21 75.50
N GLY AA 218 -18.46 4.38 76.52
CA GLY AA 218 -17.72 4.55 77.75
C GLY AA 218 -18.35 5.52 78.73
N ASP AA 219 -18.84 6.65 78.26
CA ASP AA 219 -19.52 7.57 79.15
C ASP AA 219 -21.01 7.25 79.14
N GLY AA 220 -21.66 7.37 77.99
CA GLY AA 220 -23.03 6.86 77.94
C GLY AA 220 -24.03 7.70 78.71
N TRP AA 221 -24.42 8.84 78.17
CA TRP AA 221 -24.86 10.05 78.84
C TRP AA 221 -25.70 9.88 80.10
N VAL AA 222 -26.90 9.36 79.99
CA VAL AA 222 -27.74 9.18 81.16
C VAL AA 222 -28.15 7.72 81.31
N VAL AA 223 -27.78 6.87 80.34
CA VAL AA 223 -28.03 5.44 80.41
C VAL AA 223 -27.17 4.77 81.44
N SER AA 224 -26.00 5.31 81.71
CA SER AA 224 -24.96 4.61 82.43
C SER AA 224 -25.06 4.74 83.93
N VAL AA 225 -26.23 5.04 84.47
CA VAL AA 225 -26.38 4.99 85.91
C VAL AA 225 -26.34 3.54 86.38
N ASN AA 226 -25.42 3.24 87.28
CA ASN AA 226 -25.03 1.86 87.52
C ASN AA 226 -25.30 1.35 88.94
N ASN AA 227 -26.05 2.09 89.75
CA ASN AA 227 -26.53 1.54 91.00
C ASN AA 227 -27.85 2.20 91.36
N MET AA 228 -28.59 1.58 92.26
CA MET AA 228 -29.89 2.12 92.63
C MET AA 228 -29.78 3.31 93.56
N GLU AA 229 -28.60 3.57 94.12
CA GLU AA 229 -28.46 4.77 94.94
C GLU AA 229 -28.43 6.02 94.09
N ASP AA 230 -27.91 5.93 92.88
CA ASP AA 230 -27.94 7.08 91.99
C ASP AA 230 -29.29 7.22 91.31
N VAL AA 231 -30.01 6.11 91.12
CA VAL AA 231 -31.36 6.18 90.55
C VAL AA 231 -32.30 6.86 91.54
N ILE AA 232 -32.36 6.33 92.77
CA ILE AA 232 -33.30 6.84 93.75
C ILE AA 232 -32.81 8.18 94.30
N GLY AA 233 -31.51 8.35 94.39
CA GLY AA 233 -30.98 9.66 94.72
C GLY AA 233 -31.16 10.66 93.61
N GLY AA 234 -31.28 10.18 92.37
CA GLY AA 234 -31.48 11.09 91.27
C GLY AA 234 -32.92 11.54 91.14
N HIS AA 235 -33.87 10.65 91.43
CA HIS AA 235 -35.28 11.03 91.36
C HIS AA 235 -35.68 11.95 92.50
N ILE AA 236 -34.81 12.13 93.50
CA ILE AA 236 -35.00 13.18 94.48
C ILE AA 236 -34.79 14.55 93.86
N TRP AA 237 -33.67 14.72 93.14
CA TRP AA 237 -33.35 16.00 92.52
C TRP AA 237 -34.35 16.37 91.45
N VAL AA 238 -34.95 15.38 90.81
CA VAL AA 238 -36.01 15.65 89.85
C VAL AA 238 -37.24 16.21 90.55
N GLY AA 239 -37.55 15.66 91.71
CA GLY AA 239 -38.66 16.18 92.48
C GLY AA 239 -38.38 17.53 93.09
N ILE AA 240 -37.12 17.83 93.34
CA ILE AA 240 -36.76 19.17 93.82
C ILE AA 240 -36.91 20.19 92.71
N LEU AA 241 -36.42 19.86 91.52
CA LEU AA 241 -36.47 20.80 90.40
C LEU AA 241 -37.90 21.00 89.92
N CYS AA 242 -38.66 19.92 89.76
CA CYS AA 242 -39.99 20.03 89.20
C CYS AA 242 -40.98 20.71 90.15
N ILE AA 243 -40.67 20.79 91.43
CA ILE AA 243 -41.52 21.54 92.33
C ILE AA 243 -41.11 23.00 92.40
N THR AA 244 -39.81 23.28 92.51
CA THR AA 244 -39.37 24.67 92.48
C THR AA 244 -39.63 25.31 91.13
N GLY AA 245 -39.40 24.59 90.05
CA GLY AA 245 -39.77 25.10 88.74
C GLY AA 245 -41.25 25.07 88.48
N GLY AA 246 -41.99 24.24 89.22
CA GLY AA 246 -43.43 24.33 89.14
C GLY AA 246 -43.94 25.57 89.81
N ILE AA 247 -43.37 25.92 90.96
CA ILE AA 247 -43.76 27.14 91.66
C ILE AA 247 -43.21 28.36 90.93
N TRP AA 248 -42.06 28.22 90.27
CA TRP AA 248 -41.49 29.31 89.50
C TRP AA 248 -42.40 29.74 88.37
N HIS AA 249 -42.96 28.78 87.65
CA HIS AA 249 -43.80 29.14 86.53
C HIS AA 249 -45.23 29.45 86.93
N ILE AA 250 -45.65 29.14 88.16
CA ILE AA 250 -46.95 29.63 88.61
C ILE AA 250 -46.86 31.12 88.92
N PHE AA 251 -45.86 31.52 89.70
CA PHE AA 251 -45.77 32.91 90.15
C PHE AA 251 -45.38 33.82 89.00
N THR AA 252 -44.31 33.48 88.30
CA THR AA 252 -43.76 34.40 87.32
C THR AA 252 -44.51 34.31 86.00
N LYS AA 253 -44.02 35.02 85.08
CA LYS AA 253 -44.37 35.43 83.75
C LYS AA 253 -43.14 35.36 82.87
N PRO AA 254 -43.25 34.97 81.61
CA PRO AA 254 -42.06 34.82 80.76
C PRO AA 254 -41.33 36.14 80.55
N PHE AA 255 -40.00 36.05 80.57
CA PHE AA 255 -39.14 37.22 80.53
C PHE AA 255 -39.15 37.88 79.15
N ALA AA 256 -38.32 38.90 79.02
CA ALA AA 256 -38.26 39.65 77.76
C ALA AA 256 -37.67 38.81 76.65
N TRP AA 257 -36.66 38.00 76.96
CA TRP AA 257 -36.05 37.19 75.92
C TRP AA 257 -36.90 35.99 75.58
N ALA AA 258 -37.73 35.54 76.52
CA ALA AA 258 -38.55 34.36 76.25
C ALA AA 258 -39.80 34.74 75.47
N ARG AA 259 -40.22 36.00 75.55
CA ARG AA 259 -41.37 36.41 74.77
C ARG AA 259 -40.99 36.72 73.34
N ARG AA 260 -39.70 36.91 73.06
CA ARG AA 260 -39.29 37.24 71.70
C ARG AA 260 -38.93 36.00 70.90
N ALA AA 261 -38.70 34.88 71.59
CA ALA AA 261 -38.15 33.72 70.89
C ALA AA 261 -39.24 32.72 70.51
N PHE AA 262 -40.37 32.77 71.18
CA PHE AA 262 -41.36 31.73 70.98
C PHE AA 262 -42.51 32.23 70.13
N VAL AA 263 -43.37 31.29 69.77
CA VAL AA 263 -44.66 31.58 69.16
C VAL AA 263 -45.71 31.16 70.16
N TRP AA 264 -46.56 32.10 70.55
CA TRP AA 264 -47.53 31.87 71.60
C TRP AA 264 -48.84 31.59 70.88
N SER AA 265 -49.01 30.33 70.46
CA SER AA 265 -50.24 29.91 69.82
C SER AA 265 -50.54 28.49 70.25
N GLY AA 266 -51.62 27.94 69.70
CA GLY AA 266 -52.07 26.63 70.16
C GLY AA 266 -51.21 25.51 69.64
N GLU AA 267 -50.92 25.51 68.33
CA GLU AA 267 -50.15 24.42 67.76
C GLU AA 267 -48.68 24.52 68.09
N ALA AA 268 -48.20 25.72 68.43
CA ALA AA 268 -46.79 25.86 68.73
C ALA AA 268 -46.44 25.18 70.03
N TYR AA 269 -47.37 25.08 70.96
CA TYR AA 269 -47.04 24.43 72.22
C TYR AA 269 -47.02 22.93 72.00
N LEU AA 270 -47.81 22.46 71.05
CA LEU AA 270 -47.84 21.05 70.69
C LEU AA 270 -46.55 20.65 70.00
N SER AA 271 -45.94 21.53 69.25
CA SER AA 271 -44.69 21.15 68.61
C SER AA 271 -43.49 21.38 69.50
N TYR AA 272 -43.69 21.97 70.66
CA TYR AA 272 -42.66 22.03 71.66
C TYR AA 272 -42.59 20.72 72.41
N SER AA 273 -43.76 20.13 72.69
CA SER AA 273 -43.82 18.87 73.39
C SER AA 273 -43.26 17.76 72.53
N LEU AA 274 -43.66 17.73 71.27
CA LEU AA 274 -43.26 16.67 70.35
C LEU AA 274 -41.76 16.64 70.10
N ALA AA 275 -41.08 17.73 70.30
CA ALA AA 275 -39.63 17.69 70.26
C ALA AA 275 -39.07 17.08 71.53
N ALA AA 276 -39.64 17.42 72.67
CA ALA AA 276 -39.13 16.92 73.93
C ALA AA 276 -39.54 15.48 74.19
N ILE AA 277 -40.72 15.07 73.73
CA ILE AA 277 -41.15 13.70 73.94
C ILE AA 277 -40.36 12.76 73.05
N SER AA 278 -39.86 13.26 71.94
CA SER AA 278 -38.94 12.46 71.14
C SER AA 278 -37.59 12.31 71.82
N LEU AA 279 -37.15 13.31 72.59
CA LEU AA 279 -35.93 13.14 73.39
C LEU AA 279 -36.10 12.04 74.42
N MET AA 280 -37.26 11.99 75.05
CA MET AA 280 -37.52 10.94 76.02
C MET AA 280 -37.79 9.62 75.32
N GLY AA 281 -38.24 9.69 74.07
CA GLY AA 281 -38.50 8.47 73.32
C GLY AA 281 -37.24 7.74 72.93
N PHE AA 282 -36.21 8.46 72.50
CA PHE AA 282 -34.96 7.79 72.16
C PHE AA 282 -34.27 7.27 73.41
N THR AA 283 -34.40 8.00 74.51
CA THR AA 283 -33.58 7.71 75.69
C THR AA 283 -34.11 6.48 76.42
N ALA AA 284 -35.43 6.33 76.48
CA ALA AA 284 -36.01 5.10 77.02
C ALA AA 284 -35.75 3.92 76.10
N ALA AA 285 -35.56 4.18 74.81
CA ALA AA 285 -35.21 3.11 73.88
C ALA AA 285 -33.72 2.80 73.93
N LEU AA 286 -32.93 3.64 74.59
CA LEU AA 286 -31.52 3.31 74.75
C LEU AA 286 -31.20 2.86 76.17
N TYR AA 287 -32.10 3.14 77.11
CA TYR AA 287 -32.02 2.48 78.41
C TYR AA 287 -32.21 0.99 78.26
N SER AA 288 -33.13 0.59 77.42
CA SER AA 288 -33.54 -0.79 77.37
C SER AA 288 -32.51 -1.65 76.65
N TRP AA 289 -31.58 -1.01 75.93
CA TRP AA 289 -30.57 -1.78 75.22
C TRP AA 289 -29.30 -1.94 76.06
N TYR AA 290 -28.93 -0.92 76.82
CA TYR AA 290 -27.65 -0.97 77.51
C TYR AA 290 -27.76 -1.15 79.01
N ASN AA 291 -28.75 -0.54 79.64
CA ASN AA 291 -28.76 -0.45 81.09
C ASN AA 291 -29.23 -1.77 81.67
N ASN AA 292 -28.50 -2.30 82.65
CA ASN AA 292 -28.86 -3.53 83.32
C ASN AA 292 -29.08 -3.29 84.81
N THR AA 293 -29.37 -2.06 85.17
CA THR AA 293 -29.59 -1.67 86.55
C THR AA 293 -31.03 -1.28 86.78
N ALA AA 294 -31.54 -0.35 85.99
CA ALA AA 294 -32.96 -0.06 86.02
C ALA AA 294 -33.74 -1.15 85.33
N TYR AA 295 -33.09 -1.91 84.45
CA TYR AA 295 -33.68 -3.00 83.73
C TYR AA 295 -32.87 -4.25 84.03
N PRO AA 296 -33.18 -4.99 85.07
CA PRO AA 296 -32.31 -6.10 85.47
C PRO AA 296 -32.32 -7.23 84.46
N SER AA 297 -31.15 -7.83 84.24
CA SER AA 297 -31.02 -8.90 83.27
C SER AA 297 -31.76 -10.15 83.72
N GLU AA 298 -32.04 -10.25 85.01
CA GLU AA 298 -32.88 -11.32 85.54
C GLU AA 298 -34.32 -11.19 85.07
N LEU AA 299 -34.75 -10.01 84.68
CA LEU AA 299 -36.13 -9.77 84.29
C LEU AA 299 -36.29 -9.52 82.81
N TYR AA 300 -35.49 -8.64 82.23
CA TYR AA 300 -35.62 -8.27 80.84
C TYR AA 300 -34.76 -9.11 79.92
N GLY AA 301 -34.01 -10.05 80.44
CA GLY AA 301 -33.07 -10.79 79.64
C GLY AA 301 -31.76 -10.06 79.53
N PRO AA 302 -30.74 -10.70 79.00
CA PRO AA 302 -29.42 -10.08 78.92
C PRO AA 302 -29.41 -8.99 77.87
N THR AA 303 -28.53 -8.04 78.05
CA THR AA 303 -28.48 -6.92 77.12
C THR AA 303 -27.74 -7.37 75.86
N GLY AA 304 -27.72 -6.48 74.88
CA GLY AA 304 -26.83 -6.63 73.74
C GLY AA 304 -25.37 -6.82 74.09
N PRO AA 305 -24.80 -5.91 74.88
CA PRO AA 305 -23.43 -6.12 75.38
C PRO AA 305 -23.25 -7.31 76.30
N GLU AA 306 -24.27 -7.71 77.05
CA GLU AA 306 -24.05 -8.72 78.07
C GLU AA 306 -23.99 -10.10 77.46
N ALA AA 307 -24.78 -10.37 76.43
CA ALA AA 307 -24.77 -11.67 75.79
C ALA AA 307 -23.56 -11.86 74.90
N SER AA 308 -22.84 -10.80 74.58
CA SER AA 308 -21.58 -10.94 73.85
C SER AA 308 -20.44 -11.34 74.76
N GLN AA 309 -20.48 -10.91 76.02
CA GLN AA 309 -19.48 -11.27 77.01
C GLN AA 309 -19.75 -12.63 77.63
N ALA AA 310 -21.01 -13.03 77.72
CA ALA AA 310 -21.34 -14.32 78.30
C ALA AA 310 -20.92 -15.47 77.41
N GLN AA 311 -20.81 -15.24 76.10
CA GLN AA 311 -20.30 -16.27 75.22
C GLN AA 311 -18.82 -16.49 75.44
N ALA AA 312 -18.04 -15.41 75.50
CA ALA AA 312 -16.60 -15.51 75.66
C ALA AA 312 -16.24 -16.04 77.04
N PHE AA 313 -17.11 -15.84 78.02
CA PHE AA 313 -16.84 -16.36 79.35
C PHE AA 313 -17.16 -17.83 79.43
N THR AA 314 -18.12 -18.29 78.64
CA THR AA 314 -18.52 -19.70 78.69
C THR AA 314 -17.44 -20.58 78.11
N PHE AA 315 -16.88 -20.18 76.97
CA PHE AA 315 -15.81 -20.96 76.37
C PHE AA 315 -14.50 -20.75 77.10
N LEU AA 316 -14.41 -19.69 77.90
CA LEU AA 316 -13.31 -19.56 78.84
C LEU AA 316 -13.36 -20.64 79.90
N VAL AA 317 -14.53 -20.90 80.45
CA VAL AA 317 -14.69 -21.97 81.42
C VAL AA 317 -14.50 -23.33 80.77
N ARG AA 318 -14.94 -23.45 79.51
CA ARG AA 318 -14.93 -24.74 78.82
C ARG AA 318 -13.51 -25.22 78.57
N ASP AA 319 -12.63 -24.34 78.10
CA ASP AA 319 -11.29 -24.76 77.75
C ASP AA 319 -10.32 -24.63 78.92
N GLN AA 320 -10.76 -24.03 80.02
CA GLN AA 320 -9.95 -24.06 81.24
C GLN AA 320 -10.01 -25.44 81.88
N ARG AA 321 -11.08 -26.18 81.63
CA ARG AA 321 -11.19 -27.52 82.17
C ARG AA 321 -10.34 -28.51 81.39
N LEU AA 322 -9.85 -28.10 80.22
CA LEU AA 322 -8.98 -28.95 79.43
C LEU AA 322 -7.52 -28.68 79.76
N GLY AA 323 -7.28 -28.01 80.88
CA GLY AA 323 -5.90 -27.78 81.32
C GLY AA 323 -5.17 -26.76 80.50
N ALA AA 324 -5.89 -25.89 79.82
CA ALA AA 324 -5.28 -24.90 78.95
C ALA AA 324 -5.05 -23.62 79.73
N ASN AA 325 -3.83 -23.10 79.63
CA ASN AA 325 -3.55 -21.75 80.12
C ASN AA 325 -4.25 -20.76 79.23
N VAL AA 326 -5.29 -20.10 79.76
CA VAL AA 326 -6.09 -19.22 78.95
C VAL AA 326 -5.49 -17.83 78.81
N SER AA 327 -4.57 -17.44 79.70
CA SER AA 327 -3.95 -16.13 79.58
C SER AA 327 -2.95 -16.12 78.43
N SER AA 328 -2.10 -17.14 78.36
CA SER AA 328 -1.09 -17.24 77.34
C SER AA 328 -1.58 -17.91 76.07
N ALA AA 329 -2.87 -18.22 75.98
CA ALA AA 329 -3.44 -18.87 74.81
C ALA AA 329 -3.45 -17.86 73.66
N GLN AA 330 -2.53 -18.03 72.73
CA GLN AA 330 -2.38 -17.09 71.64
C GLN AA 330 -3.51 -17.28 70.63
N GLY AA 331 -4.21 -16.19 70.33
CA GLY AA 331 -5.32 -16.23 69.42
C GLY AA 331 -4.87 -16.40 67.99
N PRO AA 332 -5.84 -16.64 67.10
CA PRO AA 332 -5.48 -16.88 65.69
C PRO AA 332 -5.01 -15.66 64.97
N THR AA 333 -5.44 -14.47 65.39
CA THR AA 333 -4.98 -13.22 64.81
C THR AA 333 -3.69 -12.72 65.43
N GLY AA 334 -3.21 -13.36 66.50
CA GLY AA 334 -2.10 -12.85 67.27
C GLY AA 334 -2.51 -12.15 68.54
N LEU AA 335 -3.79 -11.85 68.71
CA LEU AA 335 -4.28 -11.23 69.92
C LEU AA 335 -4.59 -12.32 70.95
N GLY AA 336 -5.29 -11.94 72.02
CA GLY AA 336 -5.72 -12.91 73.00
C GLY AA 336 -6.93 -13.66 72.50
N LYS AA 337 -6.87 -14.98 72.58
CA LYS AA 337 -8.05 -15.76 72.24
C LYS AA 337 -9.12 -15.59 73.31
N TYR AA 338 -8.71 -15.50 74.56
CA TYR AA 338 -9.63 -15.37 75.68
C TYR AA 338 -9.47 -14.04 76.41
N LEU AA 339 -8.27 -13.75 76.88
CA LEU AA 339 -8.00 -12.51 77.60
C LEU AA 339 -7.06 -11.68 76.78
N MET AA 340 -7.45 -10.44 76.52
CA MET AA 340 -6.59 -9.48 75.85
C MET AA 340 -6.66 -8.20 76.65
N ARG AA 341 -6.12 -7.13 76.07
CA ARG AA 341 -6.01 -5.87 76.78
C ARG AA 341 -6.68 -4.77 75.98
N SER AA 342 -7.55 -4.02 76.65
CA SER AA 342 -8.37 -2.95 76.09
C SER AA 342 -7.49 -1.78 75.65
N PRO AA 343 -7.97 -0.85 74.83
CA PRO AA 343 -7.12 0.30 74.46
C PRO AA 343 -6.91 1.30 75.58
N SER AA 344 -7.48 1.08 76.75
CA SER AA 344 -7.12 1.87 77.92
C SER AA 344 -6.26 1.09 78.90
N GLY AA 345 -6.07 -0.22 78.66
CA GLY AA 345 -5.13 -1.01 79.41
C GLY AA 345 -5.73 -2.12 80.24
N GLU AA 346 -7.03 -2.32 80.19
CA GLU AA 346 -7.67 -3.25 81.11
C GLU AA 346 -7.75 -4.64 80.52
N ILE AA 347 -7.74 -5.65 81.37
CA ILE AA 347 -7.84 -7.02 80.91
C ILE AA 347 -9.30 -7.33 80.60
N ILE AA 348 -9.58 -7.67 79.35
CA ILE AA 348 -10.94 -7.85 78.87
C ILE AA 348 -11.08 -9.20 78.18
N PHE AA 349 -12.25 -9.49 77.65
CA PHE AA 349 -12.47 -10.67 76.84
C PHE AA 349 -12.17 -10.35 75.38
N GLY AA 350 -11.72 -11.35 74.63
CA GLY AA 350 -11.26 -11.15 73.26
C GLY AA 350 -12.19 -11.76 72.22
N GLY AA 351 -12.13 -11.23 71.00
CA GLY AA 351 -12.98 -11.67 69.91
C GLY AA 351 -13.64 -10.49 69.22
N GLU AA 352 -14.85 -10.65 68.67
CA GLU AA 352 -15.67 -9.47 68.43
C GLU AA 352 -16.23 -8.89 69.72
N THR AA 353 -16.08 -9.57 70.85
CA THR AA 353 -16.55 -9.02 72.11
C THR AA 353 -15.61 -7.98 72.70
N MET AA 354 -14.54 -7.60 72.01
CA MET AA 354 -13.65 -6.57 72.53
C MET AA 354 -14.26 -5.19 72.41
N ARG AA 355 -15.34 -5.05 71.65
CA ARG AA 355 -15.98 -3.75 71.55
C ARG AA 355 -16.80 -3.46 72.80
N PHE AA 356 -17.33 -4.51 73.43
CA PHE AA 356 -18.17 -4.34 74.62
C PHE AA 356 -17.34 -4.61 75.87
N TRP AA 357 -16.27 -3.85 76.01
CA TRP AA 357 -15.43 -4.06 77.17
C TRP AA 357 -15.85 -3.21 78.36
N ASP AA 358 -16.88 -2.38 78.21
CA ASP AA 358 -17.46 -1.63 79.31
C ASP AA 358 -18.58 -2.38 79.99
N LEU AA 359 -18.75 -3.66 79.70
CA LEU AA 359 -19.88 -4.40 80.22
C LEU AA 359 -19.70 -4.65 81.70
N ARG AA 360 -20.52 -3.98 82.49
CA ARG AA 360 -20.53 -4.08 83.93
C ARG AA 360 -21.79 -4.81 84.33
N ALA AA 361 -21.66 -6.06 84.73
CA ALA AA 361 -22.80 -6.92 85.01
C ALA AA 361 -22.61 -7.62 86.34
N PRO AA 362 -23.69 -7.91 87.06
CA PRO AA 362 -23.55 -8.46 88.42
C PRO AA 362 -22.97 -9.86 88.49
N TRP AA 363 -22.81 -10.54 87.36
CA TRP AA 363 -22.21 -11.86 87.40
C TRP AA 363 -20.76 -11.83 86.91
N VAL AA 364 -20.31 -10.69 86.37
CA VAL AA 364 -18.90 -10.58 85.99
C VAL AA 364 -18.13 -9.68 86.93
N GLU AA 365 -18.81 -8.73 87.58
CA GLU AA 365 -18.15 -7.87 88.56
C GLU AA 365 -17.58 -8.58 89.79
N PRO AA 366 -18.01 -9.78 90.20
CA PRO AA 366 -17.18 -10.56 91.13
C PRO AA 366 -15.79 -10.90 90.64
N LEU AA 367 -15.50 -10.83 89.35
CA LEU AA 367 -14.18 -11.18 88.85
C LEU AA 367 -13.35 -9.97 88.46
N ARG AA 368 -13.73 -8.78 88.90
CA ARG AA 368 -12.98 -7.59 88.53
C ARG AA 368 -11.86 -7.33 89.52
N GLY AA 369 -11.02 -6.36 89.19
CA GLY AA 369 -10.03 -5.84 90.09
C GLY AA 369 -9.87 -4.37 89.81
N PRO AA 370 -8.73 -3.82 90.12
CA PRO AA 370 -8.42 -2.47 89.61
C PRO AA 370 -8.07 -2.55 88.15
N ASN AA 371 -7.31 -3.58 87.79
CA ASN AA 371 -6.81 -3.70 86.42
C ASN AA 371 -7.88 -4.22 85.48
N GLY AA 372 -8.79 -5.03 85.97
CA GLY AA 372 -9.77 -5.62 85.11
C GLY AA 372 -10.10 -7.02 85.59
N LEU AA 373 -10.23 -7.94 84.64
CA LEU AA 373 -10.45 -9.33 84.98
C LEU AA 373 -9.21 -9.90 85.65
N ASP AA 374 -9.31 -10.19 86.93
CA ASP AA 374 -8.17 -10.69 87.67
C ASP AA 374 -7.89 -12.13 87.27
N ILE AA 375 -6.67 -12.36 86.75
CA ILE AA 375 -6.28 -13.65 86.21
C ILE AA 375 -6.19 -14.69 87.32
N ASN AA 376 -5.75 -14.28 88.51
CA ASN AA 376 -5.72 -15.17 89.66
C ASN AA 376 -7.14 -15.58 90.07
N LYS AA 377 -8.10 -14.67 89.93
CA LYS AA 377 -9.47 -15.02 90.30
C LYS AA 377 -10.17 -15.83 89.22
N ILE AA 378 -9.68 -15.75 87.98
CA ILE AA 378 -10.25 -16.60 86.94
C ILE AA 378 -9.70 -18.02 87.06
N LYS AA 379 -8.41 -18.15 87.38
CA LYS AA 379 -7.82 -19.47 87.53
C LYS AA 379 -8.36 -20.24 88.73
N ASN AA 380 -8.89 -19.55 89.73
CA ASN AA 380 -9.25 -20.21 90.96
C ASN AA 380 -10.71 -20.06 91.34
N ASP AA 381 -11.27 -18.86 91.28
CA ASP AA 381 -12.60 -18.61 91.79
C ASP AA 381 -13.56 -18.31 90.64
N ILE AA 382 -14.11 -19.36 90.05
CA ILE AA 382 -15.26 -19.23 89.17
C ILE AA 382 -16.38 -20.01 89.82
N GLN AA 383 -17.46 -19.34 90.12
CA GLN AA 383 -18.51 -20.03 90.84
C GLN AA 383 -19.54 -20.59 89.87
N PRO AA 384 -20.10 -21.77 90.18
CA PRO AA 384 -21.02 -22.41 89.23
C PRO AA 384 -22.32 -21.67 88.99
N TRP AA 385 -22.68 -20.67 89.80
CA TRP AA 385 -23.83 -19.87 89.44
C TRP AA 385 -23.48 -18.91 88.30
N GLN AA 386 -22.20 -18.58 88.15
CA GLN AA 386 -21.79 -17.76 87.01
C GLN AA 386 -21.77 -18.58 85.75
N GLU AA 387 -21.50 -19.88 85.87
CA GLU AA 387 -21.54 -20.74 84.70
C GLU AA 387 -22.99 -20.99 84.29
N ARG AA 388 -23.88 -21.12 85.26
CA ARG AA 388 -25.30 -21.24 84.96
C ARG AA 388 -25.89 -19.94 84.43
N ARG AA 389 -25.22 -18.81 84.68
CA ARG AA 389 -25.72 -17.54 84.20
C ARG AA 389 -25.20 -17.21 82.82
N ALA AA 390 -23.92 -17.47 82.56
CA ALA AA 390 -23.36 -17.18 81.26
C ALA AA 390 -23.85 -18.14 80.20
N ALA AA 391 -24.22 -19.36 80.59
CA ALA AA 391 -24.82 -20.27 79.63
C ALA AA 391 -26.28 -19.94 79.39
N GLU AA 392 -26.94 -19.34 80.36
CA GLU AA 392 -28.30 -18.90 80.17
C GLU AA 392 -28.37 -17.67 79.29
N TYR AA 393 -27.40 -16.76 79.45
CA TYR AA 393 -27.39 -15.52 78.69
C TYR AA 393 -26.74 -15.68 77.33
N MET AA 394 -26.11 -16.81 77.04
CA MET AA 394 -25.66 -17.06 75.68
C MET AA 394 -26.81 -17.54 74.80
N THR AA 395 -27.61 -18.46 75.30
CA THR AA 395 -28.69 -19.03 74.54
C THR AA 395 -29.90 -18.13 74.45
N HIS AA 396 -29.98 -17.08 75.27
CA HIS AA 396 -31.11 -16.17 75.19
C HIS AA 396 -30.62 -14.78 74.88
N ALA AA 397 -29.70 -14.70 73.92
CA ALA AA 397 -29.20 -13.43 73.45
C ALA AA 397 -30.31 -12.63 72.77
N PRO AA 398 -30.26 -11.31 72.85
CA PRO AA 398 -31.30 -10.52 72.17
C PRO AA 398 -31.09 -10.44 70.65
N LEU AA 399 -31.34 -11.56 69.97
CA LEU AA 399 -31.29 -11.64 68.52
C LEU AA 399 -32.53 -12.40 68.08
N GLY AA 400 -33.40 -11.75 67.33
CA GLY AA 400 -34.65 -12.40 67.03
C GLY AA 400 -35.11 -12.25 65.60
N SER AA 401 -36.42 -12.23 65.41
CA SER AA 401 -37.04 -12.07 64.11
C SER AA 401 -38.47 -11.61 64.35
N LEU AA 402 -39.15 -11.23 63.28
CA LEU AA 402 -40.49 -10.68 63.47
C LEU AA 402 -41.53 -11.77 63.66
N ASN AA 403 -41.28 -12.96 63.14
CA ASN AA 403 -42.14 -14.11 63.40
C ASN AA 403 -41.77 -14.82 64.69
N SER AA 404 -40.89 -14.21 65.50
CA SER AA 404 -40.54 -14.64 66.85
C SER AA 404 -39.89 -16.01 66.84
N VAL AA 405 -38.82 -16.14 66.06
CA VAL AA 405 -37.89 -17.24 66.19
C VAL AA 405 -36.53 -16.66 66.51
N GLY AA 406 -35.83 -17.26 67.46
CA GLY AA 406 -34.64 -16.67 68.01
C GLY AA 406 -33.41 -16.99 67.22
N GLY AA 407 -32.27 -16.82 67.88
CA GLY AA 407 -31.00 -17.09 67.25
C GLY AA 407 -30.64 -16.03 66.23
N VAL AA 408 -29.68 -16.38 65.39
CA VAL AA 408 -29.19 -15.52 64.33
C VAL AA 408 -30.22 -15.47 63.21
N ALA AA 409 -29.97 -14.62 62.20
CA ALA AA 409 -30.91 -14.49 61.08
C ALA AA 409 -31.00 -15.77 60.26
N THR AA 410 -30.01 -16.63 60.36
CA THR AA 410 -30.04 -17.90 59.66
C THR AA 410 -30.33 -19.09 60.57
N GLU AA 411 -31.02 -18.86 61.69
CA GLU AA 411 -31.39 -19.95 62.57
C GLU AA 411 -32.65 -20.64 62.05
N ILE AA 412 -32.71 -21.95 62.25
CA ILE AA 412 -33.88 -22.73 61.86
C ILE AA 412 -35.04 -22.46 62.82
N ASN AA 413 -36.24 -22.85 62.39
CA ASN AA 413 -37.44 -22.54 63.15
C ASN AA 413 -37.72 -23.59 64.22
N SER AA 414 -37.11 -23.44 65.39
CA SER AA 414 -37.48 -24.32 66.49
C SER AA 414 -37.76 -23.58 67.78
N VAL AA 415 -36.98 -22.53 68.06
CA VAL AA 415 -37.17 -21.77 69.30
C VAL AA 415 -38.16 -20.66 69.06
N ASN AA 416 -38.76 -20.17 70.13
CA ASN AA 416 -39.73 -19.10 70.07
C ASN AA 416 -39.29 -18.07 71.10
N TYR AA 417 -38.43 -17.14 70.69
CA TYR AA 417 -37.92 -16.15 71.63
C TYR AA 417 -37.45 -14.92 70.89
N VAL AA 418 -37.98 -13.76 71.25
CA VAL AA 418 -37.36 -12.47 70.95
C VAL AA 418 -37.31 -11.71 72.27
N SER AA 419 -36.16 -11.10 72.56
CA SER AA 419 -35.94 -10.48 73.85
C SER AA 419 -36.84 -9.27 74.03
N PRO AA 420 -37.34 -9.03 75.25
CA PRO AA 420 -38.18 -7.85 75.48
C PRO AA 420 -37.40 -6.55 75.40
N ARG AA 421 -36.08 -6.62 75.43
CA ARG AA 421 -35.29 -5.45 75.11
C ARG AA 421 -35.43 -5.09 73.64
N SER AA 422 -35.36 -6.08 72.76
CA SER AA 422 -35.50 -5.80 71.33
C SER AA 422 -36.90 -5.41 70.94
N TRP AA 423 -37.90 -5.63 71.77
CA TRP AA 423 -39.19 -5.04 71.44
C TRP AA 423 -39.29 -3.61 71.91
N LEU AA 424 -38.62 -3.26 72.99
CA LEU AA 424 -38.71 -1.89 73.48
C LEU AA 424 -37.77 -0.96 72.74
N CYS AA 425 -36.60 -1.44 72.36
CA CYS AA 425 -35.63 -0.63 71.64
C CYS AA 425 -35.94 -0.49 70.16
N CYS AA 426 -36.99 -1.13 69.68
CA CYS AA 426 -37.34 -1.07 68.28
C CYS AA 426 -38.74 -0.54 68.09
N SER AA 427 -39.43 -0.24 69.15
CA SER AA 427 -40.75 0.31 69.03
C SER AA 427 -40.83 1.70 69.62
N HIS AA 428 -40.25 1.93 70.79
CA HIS AA 428 -40.15 3.30 71.27
C HIS AA 428 -39.12 4.08 70.49
N PHE AA 429 -38.11 3.40 69.97
CA PHE AA 429 -37.23 4.05 69.02
C PHE AA 429 -37.96 4.33 67.71
N PHE AA 430 -38.86 3.43 67.32
CA PHE AA 430 -39.63 3.61 66.09
C PHE AA 430 -40.52 4.84 66.18
N LEU AA 431 -41.19 5.00 67.30
CA LEU AA 431 -42.07 6.13 67.51
C LEU AA 431 -41.29 7.42 67.64
N ALA AA 432 -40.16 7.37 68.36
CA ALA AA 432 -39.37 8.57 68.64
C ALA AA 432 -38.78 9.22 67.42
N PHE AA 433 -38.73 8.55 66.28
CA PHE AA 433 -38.45 9.31 65.09
C PHE AA 433 -39.68 10.00 64.55
N PHE AA 434 -40.85 9.35 64.59
CA PHE AA 434 -42.02 9.97 64.02
C PHE AA 434 -42.51 11.14 64.85
N PHE AA 435 -42.22 11.15 66.13
CA PHE AA 435 -42.53 12.32 66.92
C PHE AA 435 -41.53 13.44 66.72
N LEU AA 436 -40.34 13.11 66.23
CA LEU AA 436 -39.45 14.16 65.75
C LEU AA 436 -39.97 14.73 64.44
N VAL AA 437 -40.66 13.93 63.64
CA VAL AA 437 -41.34 14.45 62.46
C VAL AA 437 -42.55 15.26 62.88
N GLY AA 438 -43.17 14.93 64.01
CA GLY AA 438 -44.25 15.76 64.51
C GLY AA 438 -43.79 17.12 64.99
N HIS AA 439 -42.54 17.21 65.44
CA HIS AA 439 -41.96 18.52 65.74
C HIS AA 439 -41.72 19.31 64.48
N TRP AA 440 -41.53 18.64 63.35
CA TRP AA 440 -41.25 19.34 62.12
C TRP AA 440 -42.51 19.79 61.44
N TRP AA 441 -43.54 18.95 61.44
CA TRP AA 441 -44.79 19.35 60.83
C TRP AA 441 -45.45 20.44 61.64
N HIS AA 442 -45.72 20.15 62.91
CA HIS AA 442 -46.58 21.01 63.71
C HIS AA 442 -45.90 22.34 64.06
N SER AA 443 -44.58 22.45 63.96
CA SER AA 443 -43.94 23.74 64.15
C SER AA 443 -43.73 24.50 62.87
N GLY AA 444 -43.66 23.82 61.74
CA GLY AA 444 -43.69 24.52 60.48
C GLY AA 444 -45.02 25.20 60.26
N ARG AA 445 -46.10 24.53 60.64
CA ARG AA 445 -47.41 25.14 60.46
C ARG AA 445 -47.65 26.23 61.47
N ALA AA 446 -47.22 26.03 62.71
CA ALA AA 446 -47.54 26.98 63.77
C ALA AA 446 -46.75 28.27 63.64
N ARG AA 447 -45.50 28.16 63.16
CA ARG AA 447 -44.74 29.37 62.91
C ARG AA 447 -45.29 30.11 61.70
N ALA AA 448 -45.85 29.39 60.73
CA ALA AA 448 -46.41 30.05 59.55
C ALA AA 448 -47.86 30.44 59.76
N ALA AA 449 -48.56 29.79 60.68
CA ALA AA 449 -49.91 30.27 61.01
C ALA AA 449 -49.84 31.56 61.81
N ALA AA 450 -48.76 31.75 62.56
CA ALA AA 450 -48.58 33.01 63.27
C ALA AA 450 -48.26 34.14 62.32
N ALA AA 451 -47.66 33.83 61.18
CA ALA AA 451 -47.22 34.85 60.25
C ALA AA 451 -48.22 35.11 59.13
N GLY AA 452 -49.13 34.19 58.88
CA GLY AA 452 -50.25 34.44 57.98
C GLY AA 452 -50.20 33.71 56.66
N PHE AA 453 -49.08 33.11 56.28
CA PHE AA 453 -48.97 32.49 54.97
C PHE AA 453 -49.05 30.97 55.00
N GLU AA 454 -49.85 30.39 55.89
CA GLU AA 454 -49.96 28.94 55.88
C GLU AA 454 -50.97 28.49 54.83
N LYS AA 455 -51.77 29.41 54.30
CA LYS AA 455 -52.75 29.03 53.29
C LYS AA 455 -52.18 29.18 51.89
N GLY AA 456 -51.07 29.86 51.74
CA GLY AA 456 -50.44 29.98 50.44
C GLY AA 456 -50.00 31.40 50.19
N ILE AA 457 -49.43 31.59 49.03
CA ILE AA 457 -48.91 32.88 48.61
C ILE AA 457 -50.06 33.72 48.09
N ASN AA 458 -50.07 35.00 48.42
CA ASN AA 458 -51.05 35.93 47.90
C ASN AA 458 -50.73 36.22 46.45
N ARG AA 459 -51.75 36.20 45.58
CA ARG AA 459 -51.53 36.51 44.17
C ARG AA 459 -51.29 38.01 43.98
N ALA AA 460 -51.97 38.84 44.77
CA ALA AA 460 -51.83 40.28 44.61
C ALA AA 460 -50.46 40.75 45.09
N ASN AA 461 -49.97 40.18 46.19
CA ASN AA 461 -48.72 40.60 46.81
C ASN AA 461 -47.82 39.37 46.92
N GLU AA 462 -46.96 39.20 45.94
CA GLU AA 462 -45.99 38.12 46.09
C GLU AA 462 -44.70 38.70 46.66
N PRO AA 463 -44.14 38.09 47.72
CA PRO AA 463 -42.94 38.66 48.34
C PRO AA 463 -41.68 38.55 47.52
N VAL AA 464 -41.61 37.62 46.56
CA VAL AA 464 -40.39 37.45 45.80
C VAL AA 464 -40.25 38.56 44.77
N LEU AA 465 -41.38 39.05 44.24
CA LEU AA 465 -41.34 40.07 43.21
C LEU AA 465 -40.87 41.41 43.76
N SER AA 466 -41.08 41.67 45.05
CA SER AA 466 -40.56 42.86 45.69
C SER AA 466 -39.25 42.54 46.41
N MET AA 467 -38.29 42.04 45.63
CA MET AA 467 -36.95 41.78 46.13
C MET AA 467 -35.96 42.31 45.11
N ARG AA 468 -34.70 41.98 45.31
CA ARG AA 468 -33.65 42.38 44.40
C ARG AA 468 -33.70 41.53 43.14
N PRO AA 469 -33.00 41.93 42.08
CA PRO AA 469 -32.68 40.99 41.01
C PRO AA 469 -32.00 39.73 41.54
N ILE AA 470 -32.21 38.64 40.82
CA ILE AA 470 -32.05 37.30 41.39
C ILE AA 470 -30.58 36.95 41.61
N ASP AA 471 -29.73 37.29 40.63
CA ASP AA 471 -28.36 36.78 40.47
C ASP AA 471 -28.39 35.25 40.50
N ARG BA 11 -69.53 2.76 7.13
CA ARG BA 11 -69.89 2.36 5.76
C ARG BA 11 -69.55 0.90 5.52
N GLY BA 12 -68.26 0.61 5.39
CA GLY BA 12 -67.79 -0.73 5.14
C GLY BA 12 -67.81 -1.58 6.40
N LEU BA 13 -67.25 -2.80 6.26
CA LEU BA 13 -67.18 -3.68 7.42
C LEU BA 13 -66.05 -3.28 8.34
N PHE BA 14 -64.97 -2.72 7.78
CA PHE BA 14 -63.86 -2.29 8.61
C PHE BA 14 -64.22 -1.06 9.42
N ASP BA 15 -65.11 -0.22 8.90
CA ASP BA 15 -65.46 1.02 9.58
C ASP BA 15 -66.38 0.75 10.77
N LEU BA 16 -67.24 -0.26 10.66
CA LEU BA 16 -68.13 -0.58 11.77
C LEU BA 16 -67.37 -1.18 12.94
N VAL BA 17 -66.36 -2.01 12.64
CA VAL BA 17 -65.51 -2.57 13.68
C VAL BA 17 -64.60 -1.51 14.28
N ASP BA 18 -64.07 -0.61 13.44
CA ASP BA 18 -63.26 0.50 13.94
C ASP BA 18 -64.08 1.45 14.81
N ASP BA 19 -65.36 1.65 14.50
CA ASP BA 19 -66.16 2.55 15.31
C ASP BA 19 -66.63 1.88 16.58
N TRP BA 20 -66.71 0.55 16.59
CA TRP BA 20 -67.21 -0.12 17.78
C TRP BA 20 -66.16 -0.21 18.86
N LEU BA 21 -64.92 -0.52 18.47
CA LEU BA 21 -63.84 -0.67 19.44
C LEU BA 21 -63.49 0.66 20.08
N LYS BA 22 -63.56 1.75 19.32
CA LYS BA 22 -63.15 3.05 19.84
C LYS BA 22 -64.30 3.79 20.52
N LYS BA 23 -65.40 3.11 20.79
CA LYS BA 23 -66.55 3.74 21.41
C LYS BA 23 -66.22 4.09 22.85
N ASP BA 24 -66.71 5.23 23.35
CA ASP BA 24 -66.58 5.53 24.77
C ASP BA 24 -67.38 4.55 25.59
N ARG BA 25 -66.71 3.84 26.47
CA ARG BA 25 -67.34 2.84 27.31
C ARG BA 25 -66.58 2.82 28.62
N PHE BA 26 -66.77 1.77 29.42
CA PHE BA 26 -66.15 1.72 30.74
C PHE BA 26 -64.65 1.55 30.63
N VAL BA 27 -64.21 0.45 30.04
CA VAL BA 27 -62.80 0.24 29.74
C VAL BA 27 -62.59 0.39 28.24
N PHE BA 28 -61.65 1.24 27.86
CA PHE BA 28 -61.38 1.47 26.45
C PHE BA 28 -60.72 0.23 25.85
N VAL BA 29 -61.33 -0.32 24.81
CA VAL BA 29 -60.83 -1.56 24.25
C VAL BA 29 -59.86 -1.26 23.13
N GLY BA 30 -60.35 -0.62 22.07
CA GLY BA 30 -59.52 -0.27 20.94
C GLY BA 30 -59.10 -1.49 20.15
N TRP BA 31 -58.22 -1.25 19.19
CA TRP BA 31 -57.64 -2.37 18.45
C TRP BA 31 -56.67 -3.14 19.32
N SER BA 32 -55.91 -2.43 20.16
CA SER BA 32 -54.87 -3.04 20.99
C SER BA 32 -55.43 -3.86 22.13
N GLY BA 33 -56.72 -3.75 22.44
CA GLY BA 33 -57.28 -4.55 23.51
C GLY BA 33 -57.44 -6.01 23.12
N LEU BA 34 -57.40 -6.30 21.83
CA LEU BA 34 -57.46 -7.69 21.38
C LEU BA 34 -56.15 -8.41 21.65
N LEU BA 35 -55.06 -7.64 21.82
CA LEU BA 35 -53.78 -8.26 22.16
C LEU BA 35 -53.51 -8.16 23.64
N LEU BA 36 -53.99 -7.11 24.29
CA LEU BA 36 -53.74 -6.92 25.71
C LEU BA 36 -54.63 -7.82 26.56
N PHE BA 37 -55.95 -7.64 26.44
CA PHE BA 37 -56.92 -8.27 27.33
C PHE BA 37 -56.94 -9.81 27.29
N PRO BA 38 -56.70 -10.50 26.18
CA PRO BA 38 -56.47 -11.94 26.30
C PRO BA 38 -55.14 -12.30 26.91
N THR BA 39 -54.07 -11.60 26.56
CA THR BA 39 -52.77 -12.06 27.02
C THR BA 39 -52.44 -11.61 28.44
N ALA BA 40 -52.95 -10.45 28.86
CA ALA BA 40 -52.67 -10.01 30.22
C ALA BA 40 -53.51 -10.76 31.23
N TYR BA 41 -54.71 -11.18 30.85
CA TYR BA 41 -55.57 -11.94 31.73
C TYR BA 41 -55.00 -13.31 32.01
N LEU BA 42 -54.23 -13.87 31.09
CA LEU BA 42 -53.69 -15.20 31.27
C LEU BA 42 -52.31 -15.19 31.88
N ALA BA 43 -51.57 -14.10 31.76
CA ALA BA 43 -50.35 -13.98 32.51
C ALA BA 43 -50.63 -13.79 33.99
N ALA BA 44 -51.62 -12.95 34.31
CA ALA BA 44 -51.98 -12.73 35.70
C ALA BA 44 -52.63 -13.95 36.31
N GLY BA 45 -53.57 -14.56 35.60
CA GLY BA 45 -54.21 -15.75 36.12
C GLY BA 45 -53.32 -16.96 36.13
N GLY BA 46 -52.34 -17.00 35.21
CA GLY BA 46 -51.35 -18.07 35.29
C GLY BA 46 -50.42 -17.93 36.46
N TRP BA 47 -50.23 -16.72 36.96
CA TRP BA 47 -49.41 -16.52 38.13
C TRP BA 47 -50.17 -16.84 39.40
N MET BA 48 -51.44 -16.46 39.46
CA MET BA 48 -52.23 -16.74 40.67
C MET BA 48 -52.51 -18.22 40.81
N THR BA 49 -52.62 -18.94 39.71
CA THR BA 49 -52.79 -20.37 39.77
C THR BA 49 -51.50 -21.07 40.11
N GLY BA 50 -50.40 -20.61 39.51
CA GLY BA 50 -49.14 -21.30 39.69
C GLY BA 50 -48.55 -21.11 41.07
N THR BA 51 -48.84 -19.98 41.70
CA THR BA 51 -48.39 -19.79 43.07
C THR BA 51 -49.33 -20.42 44.09
N THR BA 52 -50.54 -20.74 43.70
CA THR BA 52 -51.47 -21.38 44.61
C THR BA 52 -51.37 -22.89 44.57
N PHE BA 53 -51.42 -23.48 43.38
CA PHE BA 53 -51.61 -24.91 43.23
C PHE BA 53 -50.34 -25.63 42.78
N VAL BA 54 -49.63 -25.10 41.80
CA VAL BA 54 -48.58 -25.87 41.15
C VAL BA 54 -47.29 -25.80 41.94
N THR BA 55 -46.69 -26.96 42.18
CA THR BA 55 -45.49 -27.11 42.99
C THR BA 55 -44.23 -26.91 42.16
N SER BA 56 -43.10 -26.92 42.87
CA SER BA 56 -41.79 -26.95 42.26
C SER BA 56 -41.02 -28.18 42.70
N TRP BA 57 -41.73 -29.26 43.01
CA TRP BA 57 -41.10 -30.40 43.66
C TRP BA 57 -40.27 -31.20 42.68
N TYR BA 58 -40.60 -31.14 41.40
CA TYR BA 58 -39.89 -31.95 40.43
C TYR BA 58 -38.87 -31.16 39.64
N THR BA 59 -39.07 -29.86 39.49
CA THR BA 59 -38.13 -29.03 38.74
C THR BA 59 -36.95 -28.63 39.61
N HIS BA 60 -37.22 -27.87 40.67
CA HIS BA 60 -36.20 -27.39 41.59
C HIS BA 60 -36.02 -28.29 42.78
N GLY BA 61 -37.07 -28.99 43.20
CA GLY BA 61 -37.01 -29.73 44.44
C GLY BA 61 -37.29 -28.84 45.62
N LEU BA 62 -38.32 -28.00 45.47
CA LEU BA 62 -38.70 -27.06 46.50
C LEU BA 62 -40.16 -27.23 46.81
N ALA BA 63 -40.71 -26.28 47.53
CA ALA BA 63 -42.14 -26.09 47.66
C ALA BA 63 -42.43 -24.64 47.34
N SER BA 64 -43.30 -24.38 46.38
CA SER BA 64 -43.60 -23.03 45.97
C SER BA 64 -45.09 -22.85 45.69
N SER BA 65 -45.92 -23.34 46.59
CA SER BA 65 -47.35 -23.21 46.37
C SER BA 65 -48.01 -22.94 47.71
N TYR BA 66 -49.29 -22.57 47.67
CA TYR BA 66 -50.02 -22.40 48.91
C TYR BA 66 -50.52 -23.74 49.43
N LEU BA 67 -50.63 -24.74 48.56
CA LEU BA 67 -50.94 -26.08 49.03
C LEU BA 67 -49.83 -26.65 49.87
N GLU BA 68 -48.61 -26.16 49.66
CA GLU BA 68 -47.45 -26.66 50.35
C GLU BA 68 -46.97 -25.72 51.43
N GLY BA 69 -47.88 -25.01 52.07
CA GLY BA 69 -47.56 -24.26 53.26
C GLY BA 69 -46.84 -22.96 53.06
N CYS BA 70 -46.48 -22.61 51.84
CA CYS BA 70 -45.77 -21.36 51.63
C CYS BA 70 -46.74 -20.20 51.72
N ASN BA 71 -46.31 -19.11 52.32
CA ASN BA 71 -47.09 -17.89 52.38
C ASN BA 71 -46.93 -17.09 51.09
N PHE BA 72 -47.33 -15.83 51.15
CA PHE BA 72 -47.16 -14.91 50.02
C PHE BA 72 -45.70 -14.72 49.67
N LEU BA 73 -44.83 -14.77 50.65
CA LEU BA 73 -43.44 -14.47 50.36
C LEU BA 73 -42.71 -15.64 49.71
N THR BA 74 -42.88 -16.85 50.22
CA THR BA 74 -42.11 -17.98 49.73
C THR BA 74 -42.84 -18.79 48.67
N ALA BA 75 -43.81 -18.21 47.99
CA ALA BA 75 -44.49 -18.87 46.89
C ALA BA 75 -44.01 -18.28 45.56
N ALA BA 76 -44.04 -19.11 44.53
CA ALA BA 76 -43.52 -18.70 43.23
C ALA BA 76 -44.06 -19.59 42.13
N VAL BA 77 -44.04 -19.04 40.91
CA VAL BA 77 -44.17 -19.83 39.70
C VAL BA 77 -42.76 -20.09 39.20
N SER BA 78 -42.31 -21.34 39.23
CA SER BA 78 -40.89 -21.58 39.10
C SER BA 78 -40.50 -21.98 37.68
N THR BA 79 -39.26 -21.67 37.34
CA THR BA 79 -38.61 -22.01 36.10
C THR BA 79 -38.49 -23.53 35.94
N PRO BA 80 -38.47 -24.02 34.70
CA PRO BA 80 -38.44 -25.46 34.48
C PRO BA 80 -37.05 -26.04 34.70
N ALA BA 81 -36.95 -27.34 34.43
CA ALA BA 81 -35.71 -28.05 34.70
C ALA BA 81 -34.62 -27.67 33.71
N ASN BA 82 -33.39 -28.06 34.02
CA ASN BA 82 -32.29 -27.79 33.11
C ASN BA 82 -32.31 -28.79 31.96
N SER BA 83 -32.96 -29.94 32.15
CA SER BA 83 -33.04 -30.94 31.11
C SER BA 83 -33.97 -30.50 29.99
N VAL BA 84 -34.91 -29.61 30.30
CA VAL BA 84 -35.80 -29.07 29.29
C VAL BA 84 -35.02 -28.15 28.35
N GLY BA 85 -33.96 -27.54 28.84
CA GLY BA 85 -33.17 -26.66 28.02
C GLY BA 85 -33.93 -25.38 27.77
N HIS BA 86 -33.90 -24.85 26.56
CA HIS BA 86 -34.72 -23.69 26.21
C HIS BA 86 -35.96 -24.05 25.43
N SER BA 87 -36.60 -25.17 25.75
CA SER BA 87 -37.84 -25.50 25.08
C SER BA 87 -38.91 -24.49 25.43
N LEU BA 88 -39.81 -24.25 24.50
CA LEU BA 88 -40.91 -23.34 24.78
C LEU BA 88 -41.96 -24.00 25.65
N LEU BA 89 -41.94 -25.34 25.77
CA LEU BA 89 -42.86 -26.12 26.61
C LEU BA 89 -44.32 -25.84 26.28
N LEU BA 90 -44.64 -25.99 25.01
CA LEU BA 90 -46.01 -25.83 24.57
C LEU BA 90 -46.86 -26.94 25.16
N LEU BA 91 -48.16 -26.65 25.36
CA LEU BA 91 -49.05 -27.63 25.97
C LEU BA 91 -49.21 -28.86 25.10
N TRP BA 92 -49.19 -28.66 23.79
CA TRP BA 92 -49.25 -29.74 22.82
C TRP BA 92 -47.88 -30.27 22.42
N GLY BA 93 -46.82 -29.79 23.06
CA GLY BA 93 -45.48 -29.99 22.58
C GLY BA 93 -44.93 -31.40 22.73
N PRO BA 94 -43.65 -31.60 22.44
CA PRO BA 94 -43.06 -32.92 22.61
C PRO BA 94 -42.80 -33.27 24.07
N GLU BA 95 -42.71 -32.29 24.96
CA GLU BA 95 -42.49 -32.57 26.37
C GLU BA 95 -43.79 -32.87 27.11
N ALA BA 96 -44.80 -32.01 26.94
CA ALA BA 96 -46.04 -32.17 27.69
C ALA BA 96 -47.00 -33.12 27.01
N GLN BA 97 -47.08 -33.06 25.69
CA GLN BA 97 -47.86 -33.97 24.84
C GLN BA 97 -49.35 -33.93 25.16
N GLY BA 98 -49.88 -32.73 25.39
CA GLY BA 98 -51.28 -32.56 25.58
C GLY BA 98 -51.76 -32.69 27.01
N ASP BA 99 -51.01 -33.35 27.87
CA ASP BA 99 -51.44 -33.54 29.24
C ASP BA 99 -51.26 -32.23 30.00
N PHE BA 100 -52.30 -31.83 30.73
CA PHE BA 100 -52.19 -30.61 31.52
C PHE BA 100 -51.37 -30.84 32.77
N THR BA 101 -51.53 -31.99 33.41
CA THR BA 101 -50.93 -32.24 34.71
C THR BA 101 -49.42 -32.40 34.60
N ARG BA 102 -48.96 -33.12 33.59
CA ARG BA 102 -47.53 -33.23 33.37
C ARG BA 102 -46.93 -31.95 32.83
N TRP BA 103 -47.74 -31.08 32.25
CA TRP BA 103 -47.24 -29.79 31.81
C TRP BA 103 -46.92 -28.90 32.98
N CYS BA 104 -47.76 -28.95 34.02
CA CYS BA 104 -47.53 -28.11 35.20
C CYS BA 104 -46.34 -28.60 36.00
N GLN BA 105 -46.11 -29.90 36.05
CA GLN BA 105 -45.02 -30.43 36.85
C GLN BA 105 -43.67 -30.19 36.21
N ILE BA 106 -43.59 -30.14 34.88
CA ILE BA 106 -42.35 -29.78 34.22
C ILE BA 106 -42.02 -28.31 34.40
N GLY BA 107 -43.03 -27.48 34.61
CA GLY BA 107 -42.79 -26.06 34.77
C GLY BA 107 -43.29 -25.34 33.55
N GLY BA 108 -44.40 -25.82 33.02
CA GLY BA 108 -44.93 -25.23 31.81
C GLY BA 108 -45.66 -23.94 32.04
N LEU BA 109 -46.16 -23.71 33.26
CA LEU BA 109 -46.85 -22.46 33.54
C LEU BA 109 -45.91 -21.28 33.54
N TRP BA 110 -44.62 -21.51 33.80
CA TRP BA 110 -43.69 -20.40 33.87
C TRP BA 110 -43.48 -19.79 32.49
N THR BA 111 -43.32 -20.62 31.47
CA THR BA 111 -43.24 -20.08 30.13
C THR BA 111 -44.59 -19.58 29.66
N PHE BA 112 -45.67 -20.15 30.20
CA PHE BA 112 -47.00 -19.64 29.90
C PHE BA 112 -47.18 -18.23 30.44
N VAL BA 113 -46.65 -17.97 31.63
CA VAL BA 113 -46.73 -16.64 32.21
C VAL BA 113 -45.81 -15.68 31.47
N ALA BA 114 -44.58 -16.12 31.18
CA ALA BA 114 -43.59 -15.23 30.59
C ALA BA 114 -43.91 -14.91 29.13
N LEU BA 115 -44.45 -15.86 28.39
CA LEU BA 115 -44.75 -15.58 26.99
C LEU BA 115 -46.01 -14.76 26.83
N HIS BA 116 -47.11 -15.17 27.48
CA HIS BA 116 -48.31 -14.35 27.43
C HIS BA 116 -48.13 -13.04 28.19
N GLY BA 117 -47.14 -12.96 29.06
CA GLY BA 117 -46.83 -11.69 29.68
C GLY BA 117 -46.05 -10.77 28.76
N ALA BA 118 -45.17 -11.35 27.94
CA ALA BA 118 -44.40 -10.55 27.00
C ALA BA 118 -45.28 -9.98 25.90
N PHE BA 119 -46.35 -10.68 25.56
CA PHE BA 119 -47.34 -10.14 24.63
C PHE BA 119 -48.39 -9.32 25.34
N GLY BA 120 -48.29 -9.15 26.65
CA GLY BA 120 -49.13 -8.20 27.33
C GLY BA 120 -48.46 -6.85 27.33
N LEU BA 121 -47.13 -6.86 27.49
CA LEU BA 121 -46.39 -5.61 27.48
C LEU BA 121 -46.24 -5.04 26.08
N ILE BA 122 -46.25 -5.90 25.06
CA ILE BA 122 -46.43 -5.43 23.70
C ILE BA 122 -47.80 -4.80 23.56
N GLY BA 123 -48.84 -5.50 24.01
CA GLY BA 123 -50.19 -5.02 23.84
C GLY BA 123 -50.54 -3.86 24.72
N PHE BA 124 -49.80 -3.65 25.80
CA PHE BA 124 -50.07 -2.47 26.63
C PHE BA 124 -49.35 -1.25 26.11
N CYS BA 125 -48.20 -1.43 25.48
CA CYS BA 125 -47.52 -0.28 24.90
C CYS BA 125 -48.19 0.18 23.62
N LEU BA 126 -48.78 -0.74 22.86
CA LEU BA 126 -49.64 -0.36 21.74
C LEU BA 126 -50.90 0.32 22.20
N ARG BA 127 -51.36 0.03 23.40
CA ARG BA 127 -52.50 0.73 23.96
C ARG BA 127 -52.19 2.19 24.18
N GLN BA 128 -50.97 2.50 24.56
CA GLN BA 128 -50.59 3.88 24.81
C GLN BA 128 -50.33 4.67 23.55
N PHE BA 129 -50.06 4.01 22.41
CA PHE BA 129 -50.04 4.73 21.15
C PHE BA 129 -51.44 4.97 20.62
N GLU BA 130 -52.38 4.11 20.95
CA GLU BA 130 -53.69 4.22 20.35
C GLU BA 130 -54.52 5.28 21.05
N ILE BA 131 -54.41 5.37 22.38
CA ILE BA 131 -55.19 6.33 23.12
C ILE BA 131 -54.64 7.72 22.91
N ALA BA 132 -53.33 7.85 22.71
CA ALA BA 132 -52.74 9.15 22.49
C ALA BA 132 -53.13 9.70 21.13
N ARG BA 133 -53.42 8.84 20.17
CA ARG BA 133 -53.81 9.31 18.85
C ARG BA 133 -55.27 9.73 18.84
N LEU BA 134 -56.08 9.13 19.70
CA LEU BA 134 -57.49 9.51 19.74
C LEU BA 134 -57.69 10.76 20.56
N VAL BA 135 -56.99 10.87 21.68
CA VAL BA 135 -57.03 12.09 22.49
C VAL BA 135 -56.29 13.22 21.77
N GLY BA 136 -55.19 12.90 21.11
CA GLY BA 136 -54.50 13.88 20.31
C GLY BA 136 -53.37 14.54 21.06
N ILE BA 137 -52.50 13.74 21.66
CA ILE BA 137 -51.39 14.24 22.43
C ILE BA 137 -50.11 13.58 21.92
N ARG BA 138 -49.00 14.05 22.42
CA ARG BA 138 -47.71 13.51 22.05
C ARG BA 138 -47.51 12.17 22.75
N PRO BA 139 -46.80 11.22 22.15
CA PRO BA 139 -46.79 9.87 22.71
C PRO BA 139 -45.63 9.59 23.66
N TYR BA 140 -45.44 10.38 24.70
CA TYR BA 140 -44.30 10.12 25.58
C TYR BA 140 -44.59 9.12 26.67
N ASN BA 141 -45.85 8.78 26.90
CA ASN BA 141 -46.13 7.72 27.85
C ASN BA 141 -45.72 6.38 27.27
N ALA BA 142 -45.93 6.19 25.97
CA ALA BA 142 -45.58 4.95 25.30
C ALA BA 142 -44.08 4.80 25.13
N ILE BA 143 -43.34 5.89 25.23
CA ILE BA 143 -41.90 5.85 25.11
C ILE BA 143 -41.24 5.73 26.48
N ALA BA 144 -41.86 6.27 27.51
CA ALA BA 144 -41.40 6.04 28.87
C ALA BA 144 -41.75 4.64 29.35
N PHE BA 145 -42.83 4.06 28.84
CA PHE BA 145 -43.13 2.68 29.19
C PHE BA 145 -42.21 1.69 28.49
N SER BA 146 -41.45 2.13 27.50
CA SER BA 146 -40.46 1.26 26.87
C SER BA 146 -39.32 0.94 27.81
N GLY BA 147 -39.12 1.75 28.85
CA GLY BA 147 -38.22 1.45 29.92
C GLY BA 147 -38.49 0.12 30.61
N PRO BA 148 -39.68 -0.04 31.20
CA PRO BA 148 -40.05 -1.34 31.78
C PRO BA 148 -40.14 -2.49 30.81
N ILE BA 149 -40.32 -2.23 29.52
CA ILE BA 149 -40.24 -3.32 28.55
C ILE BA 149 -38.82 -3.82 28.44
N ALA BA 150 -37.84 -2.91 28.51
CA ALA BA 150 -36.45 -3.30 28.40
C ALA BA 150 -35.93 -4.01 29.63
N VAL BA 151 -36.65 -3.99 30.74
CA VAL BA 151 -36.24 -4.75 31.91
C VAL BA 151 -36.91 -6.12 31.93
N PHE BA 152 -38.15 -6.22 31.46
CA PHE BA 152 -38.77 -7.54 31.36
C PHE BA 152 -38.07 -8.41 30.33
N VAL BA 153 -37.81 -7.85 29.16
CA VAL BA 153 -37.24 -8.61 28.06
C VAL BA 153 -35.82 -9.03 28.39
N SER BA 154 -35.02 -8.11 28.90
CA SER BA 154 -33.62 -8.43 29.09
C SER BA 154 -33.32 -9.19 30.36
N VAL BA 155 -34.33 -9.54 31.15
CA VAL BA 155 -34.14 -10.33 32.36
C VAL BA 155 -34.94 -11.63 32.30
N PHE BA 156 -36.23 -11.52 32.05
CA PHE BA 156 -37.07 -12.71 32.00
C PHE BA 156 -36.96 -13.45 30.69
N LEU BA 157 -36.47 -12.78 29.63
CA LEU BA 157 -36.31 -13.46 28.35
C LEU BA 157 -34.86 -13.53 27.91
N LEU BA 158 -34.16 -12.41 27.76
CA LEU BA 158 -32.82 -12.47 27.20
C LEU BA 158 -31.76 -12.95 28.16
N TYR BA 159 -32.05 -13.04 29.43
CA TYR BA 159 -31.03 -13.57 30.34
C TYR BA 159 -30.99 -15.10 30.37
N PRO BA 160 -32.09 -15.86 30.44
CA PRO BA 160 -31.95 -17.31 30.34
C PRO BA 160 -31.62 -17.80 28.96
N LEU BA 161 -31.81 -17.00 27.91
CA LEU BA 161 -31.44 -17.46 26.57
C LEU BA 161 -29.93 -17.54 26.42
N GLY BA 162 -29.21 -16.57 26.97
CA GLY BA 162 -27.76 -16.65 26.94
C GLY BA 162 -27.21 -17.68 27.89
N GLN BA 163 -27.95 -18.06 28.92
CA GLN BA 163 -27.49 -19.04 29.88
C GLN BA 163 -27.83 -20.44 29.40
N ALA BA 164 -27.76 -21.40 30.32
CA ALA BA 164 -27.85 -22.81 29.93
C ALA BA 164 -29.28 -23.21 29.58
N SER BA 165 -30.27 -22.63 30.25
CA SER BA 165 -31.67 -22.99 30.03
C SER BA 165 -32.58 -21.92 30.62
N TRP BA 166 -33.89 -22.21 30.68
CA TRP BA 166 -34.81 -21.30 31.37
C TRP BA 166 -34.68 -21.40 32.87
N PHE BA 167 -33.91 -22.37 33.38
CA PHE BA 167 -33.77 -22.59 34.81
C PHE BA 167 -33.09 -21.43 35.49
N PHE BA 168 -32.23 -20.72 34.78
CA PHE BA 168 -31.51 -19.63 35.40
C PHE BA 168 -32.23 -18.30 35.26
N ALA BA 169 -33.55 -18.32 35.15
CA ALA BA 169 -34.34 -17.11 35.02
C ALA BA 169 -35.00 -16.79 36.35
N PRO BA 170 -35.48 -15.56 36.54
CA PRO BA 170 -36.22 -15.26 37.78
C PRO BA 170 -37.57 -15.96 37.79
N SER BA 171 -37.83 -16.70 38.85
CA SER BA 171 -39.16 -17.26 39.01
C SER BA 171 -40.10 -16.16 39.47
N PHE BA 172 -41.38 -16.28 39.11
CA PHE BA 172 -42.34 -15.23 39.39
C PHE BA 172 -42.89 -15.36 40.80
N GLY BA 173 -42.05 -15.07 41.77
CA GLY BA 173 -42.48 -15.09 43.15
C GLY BA 173 -41.58 -14.20 43.96
N VAL BA 174 -42.05 -13.80 45.14
CA VAL BA 174 -41.44 -12.70 45.87
C VAL BA 174 -40.07 -13.09 46.38
N ALA BA 175 -39.97 -14.22 47.07
CA ALA BA 175 -38.65 -14.67 47.51
C ALA BA 175 -37.83 -15.29 46.40
N ALA BA 176 -38.48 -15.66 45.30
CA ALA BA 176 -37.76 -16.24 44.18
C ALA BA 176 -37.05 -15.18 43.38
N ILE BA 177 -37.53 -13.93 43.42
CA ILE BA 177 -36.73 -12.83 42.94
C ILE BA 177 -35.57 -12.60 43.88
N PHE BA 178 -35.76 -12.84 45.18
CA PHE BA 178 -34.75 -12.48 46.18
C PHE BA 178 -33.52 -13.36 46.07
N ARG BA 179 -33.69 -14.62 45.71
CA ARG BA 179 -32.52 -15.47 45.46
C ARG BA 179 -31.85 -15.09 44.16
N PHE BA 180 -32.62 -14.62 43.18
CA PHE BA 180 -32.03 -14.16 41.93
C PHE BA 180 -31.19 -12.93 42.16
N LEU BA 181 -31.53 -12.13 43.17
CA LEU BA 181 -30.64 -11.04 43.56
C LEU BA 181 -29.37 -11.57 44.17
N LEU BA 182 -29.46 -12.67 44.92
CA LEU BA 182 -28.28 -13.20 45.59
C LEU BA 182 -27.47 -14.10 44.67
N PHE BA 183 -28.16 -14.79 43.75
CA PHE BA 183 -27.46 -15.58 42.74
C PHE BA 183 -26.64 -14.72 41.81
N LEU BA 184 -27.05 -13.48 41.58
CA LEU BA 184 -26.36 -12.61 40.66
C LEU BA 184 -25.19 -11.86 41.28
N GLN BA 185 -25.03 -11.91 42.60
CA GLN BA 185 -23.85 -11.29 43.19
C GLN BA 185 -22.70 -12.28 43.28
N GLY BA 186 -22.98 -13.49 43.74
CA GLY BA 186 -21.93 -14.45 43.94
C GLY BA 186 -21.35 -14.96 42.64
N PHE BA 187 -22.21 -15.14 41.66
CA PHE BA 187 -21.78 -15.79 40.42
C PHE BA 187 -21.39 -14.79 39.36
N HIS BA 188 -21.91 -13.57 39.44
CA HIS BA 188 -21.69 -12.60 38.39
C HIS BA 188 -21.03 -11.32 38.84
N ASN BA 189 -21.03 -11.03 40.14
CA ASN BA 189 -20.61 -9.73 40.70
C ASN BA 189 -21.37 -8.59 40.03
N TRP BA 190 -22.69 -8.58 40.24
CA TRP BA 190 -23.55 -7.68 39.48
C TRP BA 190 -23.45 -6.26 39.98
N THR BA 191 -23.15 -6.05 41.26
CA THR BA 191 -23.12 -4.69 41.78
C THR BA 191 -21.90 -3.93 41.28
N LEU BA 192 -20.88 -4.64 40.83
CA LEU BA 192 -19.68 -3.96 40.35
C LEU BA 192 -19.88 -3.42 38.94
N ASN BA 193 -20.86 -3.95 38.21
CA ASN BA 193 -21.14 -3.63 36.82
C ASN BA 193 -21.56 -2.17 36.70
N PRO BA 194 -20.93 -1.34 35.85
CA PRO BA 194 -21.33 0.07 35.76
C PRO BA 194 -22.71 0.30 35.19
N PHE BA 195 -23.36 -0.74 34.71
CA PHE BA 195 -24.67 -0.55 34.17
C PHE BA 195 -25.72 -0.64 35.26
N HIS BA 196 -25.45 -1.40 36.31
CA HIS BA 196 -26.30 -1.31 37.49
C HIS BA 196 -26.07 0.03 38.19
N MET BA 197 -24.82 0.49 38.20
CA MET BA 197 -24.48 1.74 38.87
C MET BA 197 -25.13 2.93 38.20
N MET BA 198 -25.30 2.87 36.88
CA MET BA 198 -26.11 3.88 36.22
C MET BA 198 -27.59 3.63 36.34
N GLY BA 199 -27.99 2.48 36.85
CA GLY BA 199 -29.40 2.20 37.01
C GLY BA 199 -29.88 2.57 38.38
N VAL BA 200 -29.01 2.40 39.38
CA VAL BA 200 -29.34 2.83 40.74
C VAL BA 200 -29.42 4.35 40.79
N ALA BA 201 -28.60 5.00 39.96
CA ALA BA 201 -28.62 6.46 39.89
C ALA BA 201 -29.90 6.98 39.26
N GLY BA 202 -30.60 6.14 38.49
CA GLY BA 202 -31.83 6.57 37.88
C GLY BA 202 -33.04 6.25 38.75
N ILE BA 203 -32.97 5.14 39.47
CA ILE BA 203 -34.07 4.76 40.34
C ILE BA 203 -34.07 5.61 41.60
N LEU BA 204 -32.93 5.73 42.27
CA LEU BA 204 -32.86 6.63 43.41
C LEU BA 204 -32.86 8.08 42.96
N GLY BA 205 -32.48 8.34 41.71
CA GLY BA 205 -32.61 9.68 41.17
C GLY BA 205 -34.02 10.00 40.75
N GLY BA 206 -34.78 9.00 40.30
CA GLY BA 206 -36.15 9.25 39.92
C GLY BA 206 -37.06 9.41 41.12
N ALA BA 207 -36.78 8.66 42.20
CA ALA BA 207 -37.53 8.82 43.43
C ALA BA 207 -37.22 10.16 44.08
N LEU BA 208 -36.02 10.69 43.83
CA LEU BA 208 -35.64 11.98 44.36
C LEU BA 208 -36.44 13.09 43.72
N LEU BA 209 -36.62 13.03 42.40
CA LEU BA 209 -37.26 14.11 41.66
C LEU BA 209 -38.73 14.24 41.97
N CYS BA 210 -39.41 13.12 42.22
CA CYS BA 210 -40.83 13.24 42.52
C CYS BA 210 -41.05 13.64 43.97
N ALA BA 211 -40.07 13.38 44.84
CA ALA BA 211 -40.19 13.84 46.21
C ALA BA 211 -39.89 15.32 46.32
N ILE BA 212 -39.08 15.87 45.42
CA ILE BA 212 -38.84 17.31 45.44
C ILE BA 212 -39.95 18.04 44.74
N HIS BA 213 -40.29 17.61 43.53
CA HIS BA 213 -41.35 18.27 42.78
C HIS BA 213 -42.70 18.10 43.44
N GLY BA 214 -42.86 17.03 44.20
CA GLY BA 214 -44.03 16.93 45.03
C GLY BA 214 -44.05 17.94 46.15
N ALA BA 215 -42.90 18.14 46.79
CA ALA BA 215 -42.84 18.99 47.97
C ALA BA 215 -42.56 20.45 47.66
N THR BA 216 -42.26 20.80 46.42
CA THR BA 216 -42.06 22.19 46.08
C THR BA 216 -43.30 22.82 45.48
N VAL BA 217 -44.07 22.07 44.70
CA VAL BA 217 -45.35 22.53 44.21
C VAL BA 217 -46.29 22.72 45.37
N GLU BA 218 -46.27 21.78 46.32
CA GLU BA 218 -47.23 21.82 47.41
C GLU BA 218 -46.85 22.88 48.44
N ASN BA 219 -45.65 23.44 48.35
CA ASN BA 219 -45.23 24.46 49.28
C ASN BA 219 -45.03 25.83 48.66
N THR BA 220 -45.39 26.03 47.41
CA THR BA 220 -45.46 27.36 46.82
C THR BA 220 -46.83 27.66 46.25
N LEU BA 221 -47.87 27.10 46.85
CA LEU BA 221 -49.22 27.23 46.32
C LEU BA 221 -49.73 28.64 46.52
N PHE BA 222 -50.67 29.05 45.71
CA PHE BA 222 -51.28 30.34 45.92
C PHE BA 222 -52.49 30.21 46.84
N GLU BA 223 -52.86 31.33 47.46
CA GLU BA 223 -54.11 31.41 48.20
C GLU BA 223 -55.23 31.54 47.18
N ASP BA 224 -56.02 30.48 47.03
CA ASP BA 224 -57.20 30.55 46.20
C ASP BA 224 -58.47 30.32 47.00
N GLY BA 225 -58.38 30.34 48.32
CA GLY BA 225 -59.53 30.11 49.16
C GLY BA 225 -59.24 30.52 50.58
N ASP BA 226 -60.31 30.60 51.38
CA ASP BA 226 -60.15 31.01 52.77
C ASP BA 226 -59.98 29.81 53.69
N ALA BA 227 -60.21 28.61 53.17
CA ALA BA 227 -60.10 27.41 53.99
C ALA BA 227 -58.65 27.07 54.25
N ALA BA 228 -58.41 26.32 55.33
CA ALA BA 228 -57.04 25.89 55.62
C ALA BA 228 -56.64 24.74 54.73
N ASN BA 229 -57.61 23.96 54.25
CA ASN BA 229 -57.31 22.90 53.29
C ASN BA 229 -57.04 23.50 51.92
N THR BA 230 -55.85 23.22 51.39
CA THR BA 230 -55.49 23.75 50.09
C THR BA 230 -55.87 22.83 48.95
N PHE BA 231 -56.34 21.62 49.23
CA PHE BA 231 -56.73 20.70 48.17
C PHE BA 231 -58.04 21.11 47.54
N ARG BA 232 -58.85 21.87 48.29
CA ARG BA 232 -60.17 22.23 47.81
C ARG BA 232 -60.11 23.33 46.76
N ALA BA 233 -59.01 24.11 46.75
CA ALA BA 233 -58.96 25.35 45.99
C ALA BA 233 -58.30 25.13 44.62
N PHE BA 234 -58.87 24.20 43.85
CA PHE BA 234 -58.36 23.96 42.49
C PHE BA 234 -59.49 23.42 41.63
N THR BA 235 -59.98 24.24 40.74
CA THR BA 235 -60.85 23.71 39.71
C THR BA 235 -59.99 23.31 38.50
N PRO BA 236 -60.27 22.16 37.88
CA PRO BA 236 -59.33 21.60 36.91
C PRO BA 236 -59.21 22.39 35.62
N THR BA 237 -60.23 23.13 35.23
CA THR BA 237 -60.24 23.81 33.94
C THR BA 237 -59.79 25.26 34.05
N GLN BA 238 -58.98 25.61 35.04
CA GLN BA 238 -58.56 26.98 35.20
C GLN BA 238 -57.23 27.20 34.49
N SER BA 239 -57.04 28.42 33.99
CA SER BA 239 -55.86 28.76 33.22
C SER BA 239 -54.76 29.38 34.05
N GLU BA 240 -55.06 29.84 35.25
CA GLU BA 240 -54.03 30.38 36.12
C GLU BA 240 -53.23 29.24 36.73
N GLU BA 241 -51.91 29.39 36.75
CA GLU BA 241 -51.06 28.38 37.36
C GLU BA 241 -51.29 28.37 38.87
N THR BA 242 -51.12 27.20 39.47
CA THR BA 242 -51.49 27.01 40.85
C THR BA 242 -50.33 27.12 41.82
N TYR BA 243 -49.11 27.38 41.33
CA TYR BA 243 -47.99 27.55 42.23
C TYR BA 243 -46.99 28.52 41.64
N SER BA 244 -46.32 29.26 42.52
CA SER BA 244 -45.42 30.32 42.08
C SER BA 244 -44.09 29.73 41.64
N MET BA 245 -43.87 29.70 40.33
CA MET BA 245 -42.61 29.19 39.79
C MET BA 245 -41.45 30.12 40.10
N VAL BA 246 -41.73 31.42 40.18
CA VAL BA 246 -40.68 32.40 40.46
C VAL BA 246 -40.19 32.24 41.89
N THR BA 247 -41.10 31.93 42.81
CA THR BA 247 -40.73 31.72 44.20
C THR BA 247 -39.93 30.44 44.36
N ALA BA 248 -40.36 29.36 43.70
CA ALA BA 248 -39.71 28.07 43.84
C ALA BA 248 -38.33 28.08 43.21
N ASN BA 249 -38.15 28.87 42.16
CA ASN BA 249 -36.82 29.07 41.62
C ASN BA 249 -35.96 29.85 42.60
N ARG BA 250 -36.53 30.89 43.23
CA ARG BA 250 -35.78 31.72 44.16
C ARG BA 250 -35.43 30.94 45.41
N PHE BA 251 -36.25 29.96 45.77
CA PHE BA 251 -35.93 29.12 46.90
C PHE BA 251 -34.73 28.26 46.62
N TRP BA 252 -34.80 27.42 45.58
CA TRP BA 252 -33.73 26.46 45.36
C TRP BA 252 -32.47 27.09 44.82
N SER BA 253 -32.54 28.30 44.25
CA SER BA 253 -31.32 28.95 43.81
C SER BA 253 -30.45 29.39 44.96
N GLN BA 254 -31.03 29.53 46.14
CA GLN BA 254 -30.30 29.90 47.33
C GLN BA 254 -30.04 28.75 48.27
N ILE BA 255 -30.90 27.73 48.28
CA ILE BA 255 -30.62 26.54 49.07
C ILE BA 255 -29.58 25.67 48.38
N PHE BA 256 -29.89 25.21 47.17
CA PHE BA 256 -29.06 24.24 46.49
C PHE BA 256 -28.06 24.88 45.55
N GLY BA 257 -28.34 26.09 45.08
CA GLY BA 257 -27.43 26.83 44.25
C GLY BA 257 -27.85 26.92 42.80
N VAL BA 258 -28.55 25.92 42.30
CA VAL BA 258 -28.99 25.90 40.92
C VAL BA 258 -30.37 25.26 40.89
N ALA BA 259 -31.21 25.72 39.95
CA ALA BA 259 -32.61 25.37 40.01
C ALA BA 259 -33.25 25.49 38.63
N PHE BA 260 -34.34 24.76 38.45
CA PHE BA 260 -35.10 24.81 37.20
C PHE BA 260 -35.79 26.16 37.05
N SER BA 261 -35.69 26.73 35.86
CA SER BA 261 -36.46 27.90 35.50
C SER BA 261 -37.35 27.61 34.30
N ASN BA 262 -37.84 26.38 34.18
CA ASN BA 262 -38.52 25.95 32.98
C ASN BA 262 -39.38 24.74 33.33
N LYS BA 263 -40.71 24.90 33.31
CA LYS BA 263 -41.61 23.80 33.63
C LYS BA 263 -41.61 22.75 32.54
N ARG BA 264 -41.35 23.15 31.30
CA ARG BA 264 -41.29 22.19 30.22
C ARG BA 264 -40.03 21.36 30.31
N TRP BA 265 -38.92 21.97 30.75
CA TRP BA 265 -37.69 21.23 30.93
C TRP BA 265 -37.72 20.40 32.19
N LEU BA 266 -38.46 20.85 33.19
CA LEU BA 266 -38.52 20.14 34.46
C LEU BA 266 -39.22 18.80 34.29
N HIS BA 267 -40.44 18.84 33.75
CA HIS BA 267 -41.21 17.62 33.60
C HIS BA 267 -40.65 16.71 32.54
N PHE BA 268 -39.90 17.22 31.58
CA PHE BA 268 -39.18 16.29 30.74
C PHE BA 268 -38.04 15.62 31.49
N PHE BA 269 -37.43 16.34 32.43
CA PHE BA 269 -36.29 15.78 33.15
C PHE BA 269 -36.76 14.73 34.14
N MET BA 270 -38.03 14.79 34.55
CA MET BA 270 -38.62 13.75 35.36
C MET BA 270 -38.98 12.51 34.56
N LEU BA 271 -38.91 12.59 33.23
CA LEU BA 271 -39.08 11.44 32.37
C LEU BA 271 -37.75 10.79 32.04
N PHE BA 272 -36.74 11.62 31.81
CA PHE BA 272 -35.46 11.13 31.33
C PHE BA 272 -34.74 10.34 32.41
N VAL BA 273 -34.77 10.84 33.64
CA VAL BA 273 -33.98 10.24 34.71
C VAL BA 273 -34.47 8.85 35.14
N PRO BA 274 -35.77 8.58 35.32
CA PRO BA 274 -36.13 7.20 35.68
C PRO BA 274 -35.99 6.22 34.55
N VAL BA 275 -36.24 6.67 33.31
CA VAL BA 275 -36.28 5.75 32.18
C VAL BA 275 -34.89 5.33 31.76
N THR BA 276 -33.94 6.27 31.77
CA THR BA 276 -32.56 5.97 31.38
C THR BA 276 -31.91 5.00 32.34
N GLY BA 277 -32.29 5.03 33.61
CA GLY BA 277 -31.79 4.05 34.55
C GLY BA 277 -32.31 2.65 34.29
N LEU BA 278 -33.41 2.54 33.56
CA LEU BA 278 -33.89 1.23 33.16
C LEU BA 278 -33.28 0.81 31.83
N TRP BA 279 -32.83 1.75 31.02
CA TRP BA 279 -32.18 1.36 29.77
C TRP BA 279 -30.71 1.03 29.98
N THR BA 280 -30.02 1.80 30.81
CA THR BA 280 -28.61 1.52 31.05
C THR BA 280 -28.44 0.25 31.86
N SER BA 281 -29.35 -0.03 32.78
CA SER BA 281 -29.25 -1.28 33.53
C SER BA 281 -29.69 -2.47 32.70
N SER BA 282 -30.42 -2.22 31.61
CA SER BA 282 -30.85 -3.30 30.76
C SER BA 282 -29.75 -3.74 29.80
N ILE BA 283 -28.80 -2.83 29.52
CA ILE BA 283 -27.69 -3.16 28.66
C ILE BA 283 -26.72 -4.10 29.37
N GLY BA 284 -26.56 -3.95 30.67
CA GLY BA 284 -25.60 -4.78 31.38
C GLY BA 284 -26.08 -6.19 31.59
N ILE BA 285 -27.38 -6.37 31.77
CA ILE BA 285 -27.92 -7.70 32.03
C ILE BA 285 -27.95 -8.52 30.76
N VAL BA 286 -27.93 -7.87 29.59
CA VAL BA 286 -27.66 -8.58 28.35
C VAL BA 286 -26.21 -9.01 28.29
N GLY BA 287 -25.31 -8.22 28.87
CA GLY BA 287 -23.93 -8.66 28.94
C GLY BA 287 -23.66 -9.71 29.99
N LEU BA 288 -24.63 -10.06 30.81
CA LEU BA 288 -24.46 -11.19 31.72
C LEU BA 288 -25.13 -12.46 31.23
N ALA BA 289 -25.93 -12.37 30.19
CA ALA BA 289 -26.34 -13.58 29.52
C ALA BA 289 -25.16 -14.26 28.86
N LEU BA 290 -24.15 -13.49 28.49
CA LEU BA 290 -22.98 -14.01 27.80
C LEU BA 290 -21.83 -14.25 28.74
N ASN BA 291 -22.07 -14.08 30.04
CA ASN BA 291 -21.06 -14.13 31.09
C ASN BA 291 -19.92 -13.15 30.84
N LEU BA 292 -20.20 -12.01 30.23
CA LEU BA 292 -19.24 -10.92 30.16
C LEU BA 292 -19.44 -10.00 31.35
N ARG BA 293 -18.99 -10.47 32.50
CA ARG BA 293 -19.16 -9.77 33.76
C ARG BA 293 -17.95 -8.92 34.08
N ALA BA 294 -18.19 -7.85 34.85
CA ALA BA 294 -17.09 -7.09 35.44
C ALA BA 294 -16.75 -7.73 36.78
N TYR BA 295 -15.93 -8.79 36.70
CA TYR BA 295 -15.69 -9.59 37.89
C TYR BA 295 -14.54 -9.05 38.69
N ASP BA 296 -13.40 -8.78 38.05
CA ASP BA 296 -12.21 -8.42 38.82
C ASP BA 296 -11.50 -7.23 38.20
N PHE BA 297 -10.82 -6.47 39.05
CA PHE BA 297 -9.78 -5.55 38.64
C PHE BA 297 -8.47 -6.32 38.73
N VAL BA 298 -7.85 -6.59 37.59
CA VAL BA 298 -6.71 -7.50 37.56
C VAL BA 298 -5.50 -6.84 38.23
N SER BA 299 -5.41 -5.51 38.19
CA SER BA 299 -4.33 -4.83 38.91
C SER BA 299 -4.52 -4.96 40.41
N GLN BA 300 -5.75 -5.09 40.88
CA GLN BA 300 -5.98 -5.42 42.29
C GLN BA 300 -5.72 -6.89 42.56
N GLU BA 301 -5.92 -7.75 41.57
CA GLU BA 301 -5.81 -9.19 41.81
C GLU BA 301 -4.37 -9.65 41.69
N LEU BA 302 -3.61 -9.07 40.75
CA LEU BA 302 -2.21 -9.43 40.61
C LEU BA 302 -1.41 -8.94 41.80
N ARG BA 303 -1.83 -7.83 42.40
CA ARG BA 303 -1.11 -7.27 43.53
C ARG BA 303 -1.41 -8.05 44.80
N ALA BA 304 -2.66 -8.46 44.99
CA ALA BA 304 -3.02 -9.19 46.20
C ALA BA 304 -2.48 -10.61 46.18
N ALA BA 305 -2.12 -11.11 44.99
CA ALA BA 305 -1.49 -12.42 44.92
C ALA BA 305 -0.02 -12.34 45.29
N GLU BA 306 0.66 -11.28 44.85
CA GLU BA 306 2.09 -11.16 45.09
C GLU BA 306 2.37 -10.59 46.48
N ASP BA 307 1.47 -9.74 46.98
CA ASP BA 307 1.65 -9.13 48.29
C ASP BA 307 0.58 -9.69 49.22
N PRO BA 308 0.90 -10.63 50.10
CA PRO BA 308 -0.13 -11.18 50.99
C PRO BA 308 -0.32 -10.33 52.24
N GLU BA 309 -0.35 -9.01 52.08
CA GLU BA 309 -0.73 -8.07 53.12
C GLU BA 309 -1.67 -7.01 52.59
N PHE BA 310 -1.79 -6.86 51.27
CA PHE BA 310 -2.56 -5.79 50.66
C PHE BA 310 -4.02 -6.18 50.63
N GLU BA 311 -4.84 -5.47 51.38
CA GLU BA 311 -6.26 -5.74 51.47
C GLU BA 311 -7.03 -4.46 51.23
N THR BA 312 -8.05 -4.55 50.38
CA THR BA 312 -8.98 -3.46 50.17
C THR BA 312 -10.35 -3.94 50.60
N PHE BA 313 -11.36 -3.07 50.44
CA PHE BA 313 -12.73 -3.55 50.57
C PHE BA 313 -13.11 -4.40 49.38
N TYR BA 314 -12.43 -4.19 48.27
CA TYR BA 314 -12.78 -4.88 47.05
C TYR BA 314 -12.42 -6.35 47.10
N THR BA 315 -11.27 -6.68 47.68
CA THR BA 315 -10.90 -8.08 47.82
C THR BA 315 -11.70 -8.73 48.95
N LYS BA 316 -12.31 -7.92 49.81
CA LYS BA 316 -13.18 -8.48 50.83
C LYS BA 316 -14.49 -8.95 50.22
N ASN BA 317 -14.87 -8.40 49.08
CA ASN BA 317 -16.13 -8.81 48.47
C ASN BA 317 -15.97 -10.10 47.68
N HIS BA 318 -14.74 -10.45 47.29
CA HIS BA 318 -14.54 -11.71 46.60
C HIS BA 318 -14.67 -12.89 47.54
N LEU BA 319 -14.20 -12.72 48.78
CA LEU BA 319 -14.34 -13.79 49.75
C LEU BA 319 -15.79 -13.94 50.18
N LEU BA 320 -16.56 -12.87 50.11
CA LEU BA 320 -18.00 -13.01 50.33
C LEU BA 320 -18.66 -13.72 49.17
N ASP BA 321 -18.06 -13.65 47.98
CA ASP BA 321 -18.64 -14.32 46.82
C ASP BA 321 -18.23 -15.78 46.72
N GLU BA 322 -17.10 -16.16 47.33
CA GLU BA 322 -16.80 -17.58 47.43
C GLU BA 322 -17.79 -18.28 48.33
N GLY BA 323 -18.28 -17.59 49.35
CA GLY BA 323 -19.32 -18.17 50.18
C GLY BA 323 -20.63 -18.29 49.45
N ILE BA 324 -20.91 -17.37 48.55
CA ILE BA 324 -22.14 -17.53 47.78
C ILE BA 324 -21.96 -18.60 46.72
N ARG BA 325 -20.79 -18.67 46.07
CA ARG BA 325 -20.60 -19.68 45.04
C ARG BA 325 -20.49 -21.10 45.57
N ALA BA 326 -20.13 -21.31 46.82
CA ALA BA 326 -19.93 -22.66 47.30
C ALA BA 326 -21.11 -23.18 48.11
N TRP BA 327 -21.69 -22.33 48.95
CA TRP BA 327 -22.64 -22.81 49.93
C TRP BA 327 -24.02 -23.00 49.32
N MET BA 328 -24.45 -22.09 48.47
CA MET BA 328 -25.79 -22.26 47.93
C MET BA 328 -25.82 -23.17 46.72
N ALA BA 329 -24.70 -23.30 46.00
CA ALA BA 329 -24.69 -24.03 44.73
C ALA BA 329 -24.94 -25.52 44.89
N ALA BA 330 -24.78 -26.07 46.09
CA ALA BA 330 -25.19 -27.45 46.30
C ALA BA 330 -26.70 -27.61 46.22
N GLN BA 331 -27.45 -26.73 46.87
CA GLN BA 331 -28.91 -26.79 46.87
C GLN BA 331 -29.53 -25.99 45.76
N ASP BA 332 -28.77 -25.07 45.15
CA ASP BA 332 -29.23 -24.28 44.01
C ASP BA 332 -29.52 -25.15 42.81
N GLN BA 333 -28.60 -26.04 42.48
CA GLN BA 333 -28.60 -26.77 41.22
C GLN BA 333 -28.62 -28.25 41.56
N PRO BA 334 -29.79 -28.81 41.83
CA PRO BA 334 -29.84 -30.24 42.13
C PRO BA 334 -29.68 -31.11 40.90
N HIS BA 335 -29.82 -30.53 39.72
CA HIS BA 335 -29.64 -31.30 38.49
C HIS BA 335 -28.18 -31.65 38.27
N GLU BA 336 -27.27 -30.82 38.75
CA GLU BA 336 -25.86 -31.04 38.46
C GLU BA 336 -25.24 -32.00 39.45
N ASN BA 337 -25.92 -32.24 40.57
CA ASN BA 337 -25.51 -33.13 41.66
C ASN BA 337 -24.14 -32.73 42.20
N PHE BA 338 -24.05 -31.53 42.76
CA PHE BA 338 -22.86 -31.13 43.50
C PHE BA 338 -22.90 -31.82 44.84
N VAL BA 339 -21.99 -32.76 45.05
CA VAL BA 339 -21.84 -33.32 46.39
C VAL BA 339 -20.55 -32.76 46.95
N PHE BA 340 -20.65 -31.69 47.69
CA PHE BA 340 -19.44 -31.14 48.29
C PHE BA 340 -19.15 -31.87 49.59
N PRO BA 341 -17.89 -32.20 49.85
CA PRO BA 341 -17.50 -32.55 51.22
C PRO BA 341 -17.60 -31.35 52.14
N GLU BA 342 -17.56 -31.64 53.43
CA GLU BA 342 -17.54 -30.57 54.44
C GLU BA 342 -16.21 -29.83 54.40
N GLU BA 343 -15.16 -30.48 53.94
CA GLU BA 343 -13.81 -29.96 54.02
C GLU BA 343 -13.40 -29.13 52.81
N VAL BA 344 -14.24 -28.97 51.80
CA VAL BA 344 -13.93 -28.05 50.72
C VAL BA 344 -14.67 -26.73 50.85
N LEU BA 345 -15.73 -26.69 51.65
CA LEU BA 345 -16.53 -25.49 51.77
C LEU BA 345 -15.75 -24.44 52.53
N PRO BA 346 -15.52 -23.26 51.96
CA PRO BA 346 -14.72 -22.24 52.64
C PRO BA 346 -15.47 -21.68 53.84
N ARG BA 347 -14.98 -22.01 55.01
CA ARG BA 347 -15.43 -21.42 56.26
C ARG BA 347 -14.40 -20.41 56.70
N GLY BA 348 -14.81 -19.47 57.53
CA GLY BA 348 -13.90 -18.61 58.23
C GLY BA 348 -13.42 -19.26 59.51
N ASN BA 349 -12.72 -18.47 60.31
CA ASN BA 349 -12.27 -18.93 61.62
C ASN BA 349 -13.48 -18.98 62.54
N ALA BA 350 -13.77 -20.17 63.06
CA ALA BA 350 -14.70 -20.38 64.17
C ALA BA 350 -16.13 -19.96 63.83
N LEU BA 351 -16.47 -20.04 62.56
CA LEU BA 351 -17.85 -19.82 62.14
C LEU BA 351 -18.34 -21.04 61.36
N ARG CA 9 -74.86 3.06 34.01
CA ARG CA 9 -75.28 3.12 35.40
C ARG CA 9 -74.08 3.33 36.30
N PRO CA 10 -74.18 4.22 37.29
CA PRO CA 10 -73.07 4.44 38.23
C PRO CA 10 -72.85 3.23 39.10
N PHE CA 11 -71.60 3.02 39.50
CA PHE CA 11 -71.23 1.79 40.21
C PHE CA 11 -71.75 1.79 41.64
N SER CA 12 -71.77 2.95 42.29
CA SER CA 12 -72.20 3.02 43.68
C SER CA 12 -73.72 2.92 43.78
N ASP CA 13 -74.43 3.18 42.69
CA ASP CA 13 -75.87 3.00 42.71
C ASP CA 13 -76.25 1.53 42.57
N ILE CA 14 -75.32 0.71 42.11
CA ILE CA 14 -75.61 -0.71 41.93
C ILE CA 14 -75.56 -1.43 43.27
N ILE CA 15 -74.47 -1.27 44.02
CA ILE CA 15 -74.22 -2.12 45.18
C ILE CA 15 -75.08 -1.69 46.36
N THR CA 16 -75.63 -0.49 46.30
CA THR CA 16 -76.54 -0.06 47.36
C THR CA 16 -77.96 -0.51 47.09
N SER CA 17 -78.23 -0.97 45.88
CA SER CA 17 -79.57 -1.42 45.55
C SER CA 17 -79.84 -2.79 46.15
N VAL CA 18 -81.10 -3.07 46.42
CA VAL CA 18 -81.46 -4.33 47.07
C VAL CA 18 -81.41 -5.47 46.06
N ARG CA 19 -81.87 -5.21 44.83
CA ARG CA 19 -81.94 -6.22 43.77
C ARG CA 19 -80.57 -6.79 43.45
N TYR CA 20 -79.53 -5.98 43.62
CA TYR CA 20 -78.17 -6.48 43.56
C TYR CA 20 -77.91 -7.53 44.63
N TRP CA 21 -78.23 -7.23 45.87
CA TRP CA 21 -77.96 -8.17 46.94
C TRP CA 21 -78.97 -9.31 46.99
N ILE CA 22 -80.04 -9.25 46.21
CA ILE CA 22 -80.89 -10.43 46.09
C ILE CA 22 -80.19 -11.49 45.27
N ILE CA 23 -79.57 -11.10 44.16
CA ILE CA 23 -78.92 -12.07 43.29
C ILE CA 23 -77.64 -12.59 43.92
N HIS CA 24 -76.80 -11.69 44.39
CA HIS CA 24 -75.49 -12.08 44.88
C HIS CA 24 -75.49 -12.59 46.31
N SER CA 25 -76.65 -12.82 46.91
CA SER CA 25 -76.67 -13.50 48.20
C SER CA 25 -76.75 -15.00 47.99
N ILE CA 26 -77.08 -15.42 46.78
CA ILE CA 26 -77.09 -16.84 46.47
C ILE CA 26 -75.80 -17.23 45.77
N THR CA 27 -75.33 -16.38 44.86
CA THR CA 27 -74.22 -16.75 43.99
C THR CA 27 -72.89 -16.78 44.72
N ILE CA 28 -72.68 -15.86 45.67
CA ILE CA 28 -71.43 -15.84 46.42
C ILE CA 28 -71.25 -17.06 47.33
N PRO CA 29 -72.23 -17.47 48.16
CA PRO CA 29 -72.01 -18.70 48.92
C PRO CA 29 -72.04 -19.95 48.06
N SER CA 30 -72.73 -19.94 46.93
CA SER CA 30 -72.71 -21.13 46.08
C SER CA 30 -71.39 -21.25 45.32
N LEU CA 31 -70.60 -20.19 45.28
CA LEU CA 31 -69.32 -20.19 44.58
C LEU CA 31 -68.14 -20.27 45.54
N PHE CA 32 -68.31 -19.78 46.76
CA PHE CA 32 -67.28 -19.89 47.78
C PHE CA 32 -67.20 -21.30 48.33
N VAL CA 33 -68.35 -21.96 48.51
CA VAL CA 33 -68.37 -23.33 48.98
C VAL CA 33 -67.87 -24.26 47.89
N SER CA 34 -68.11 -23.93 46.62
CA SER CA 34 -67.55 -24.74 45.54
C SER CA 34 -66.03 -24.61 45.47
N GLY CA 35 -65.48 -23.48 45.94
CA GLY CA 35 -64.04 -23.39 46.10
C GLY CA 35 -63.54 -24.11 47.33
N TRP CA 36 -64.40 -24.28 48.33
CA TRP CA 36 -64.07 -25.12 49.48
C TRP CA 36 -64.06 -26.58 49.09
N LEU CA 37 -65.11 -27.03 48.40
CA LEU CA 37 -65.25 -28.43 48.04
C LEU CA 37 -64.25 -28.84 46.97
N PHE CA 38 -63.70 -27.88 46.24
CA PHE CA 38 -62.64 -28.16 45.30
C PHE CA 38 -61.36 -28.61 45.99
N ILE CA 39 -61.19 -28.28 47.26
CA ILE CA 39 -60.00 -28.64 48.00
C ILE CA 39 -60.27 -29.81 48.94
N SER CA 40 -61.37 -29.76 49.69
CA SER CA 40 -61.63 -30.74 50.73
C SER CA 40 -61.98 -32.11 50.17
N THR CA 41 -62.46 -32.18 48.94
CA THR CA 41 -62.71 -33.45 48.29
C THR CA 41 -61.48 -33.99 47.59
N GLY CA 42 -60.32 -33.36 47.78
CA GLY CA 42 -59.07 -33.88 47.26
C GLY CA 42 -58.97 -33.80 45.76
N LEU CA 43 -59.68 -32.87 45.14
CA LEU CA 43 -59.72 -32.79 43.70
C LEU CA 43 -58.54 -32.01 43.15
N ALA CA 44 -58.08 -31.02 43.90
CA ALA CA 44 -57.01 -30.15 43.42
C ALA CA 44 -55.66 -30.82 43.38
N TYR CA 45 -55.49 -31.91 44.12
CA TYR CA 45 -54.23 -32.64 44.06
C TYR CA 45 -54.11 -33.47 42.81
N ASP CA 46 -55.21 -33.75 42.13
CA ASP CA 46 -55.20 -34.62 40.97
C ASP CA 46 -55.22 -33.86 39.66
N VAL CA 47 -55.84 -32.68 39.63
CA VAL CA 47 -55.80 -31.88 38.42
C VAL CA 47 -54.39 -31.33 38.19
N PHE CA 48 -53.80 -30.76 39.22
CA PHE CA 48 -52.52 -30.09 39.07
C PHE CA 48 -51.35 -30.97 39.46
N GLY CA 49 -51.60 -32.17 39.97
CA GLY CA 49 -50.51 -33.08 40.29
C GLY CA 49 -49.68 -32.68 41.48
N THR CA 50 -50.21 -31.85 42.36
CA THR CA 50 -49.48 -31.42 43.54
C THR CA 50 -49.45 -32.56 44.55
N PRO CA 51 -48.29 -32.82 45.17
CA PRO CA 51 -48.25 -33.90 46.17
C PRO CA 51 -49.02 -33.55 47.43
N ARG CA 52 -49.78 -34.53 47.92
CA ARG CA 52 -50.34 -34.49 49.25
C ARG CA 52 -49.23 -34.56 50.29
N PRO CA 53 -49.51 -34.21 51.55
CA PRO CA 53 -48.50 -34.39 52.60
C PRO CA 53 -48.07 -35.83 52.84
N ASN CA 54 -48.88 -36.81 52.42
CA ASN CA 54 -48.49 -38.20 52.55
C ASN CA 54 -47.40 -38.58 51.56
N GLU CA 55 -47.36 -37.92 50.41
CA GLU CA 55 -46.70 -38.46 49.22
C GLU CA 55 -45.61 -37.54 48.66
N TYR CA 56 -44.90 -36.82 49.52
CA TYR CA 56 -43.67 -36.20 49.03
C TYR CA 56 -42.61 -37.26 48.81
N PHE CA 57 -42.37 -38.07 49.82
CA PHE CA 57 -41.51 -39.23 49.69
C PHE CA 57 -42.37 -40.49 49.68
N THR CA 58 -41.80 -41.57 49.16
CA THR CA 58 -42.44 -42.85 49.18
C THR CA 58 -41.60 -43.82 49.98
N GLN CA 59 -42.03 -45.08 50.01
CA GLN CA 59 -41.25 -46.11 50.68
C GLN CA 59 -40.00 -46.45 49.89
N ASP CA 60 -40.13 -46.55 48.57
CA ASP CA 60 -38.98 -46.84 47.72
C ASP CA 60 -38.14 -45.59 47.52
N ARG CA 61 -38.74 -44.57 46.90
CA ARG CA 61 -38.01 -43.36 46.52
C ARG CA 61 -37.90 -42.47 47.75
N GLN CA 62 -36.68 -42.35 48.27
CA GLN CA 62 -36.39 -41.56 49.46
C GLN CA 62 -35.60 -40.31 49.14
N GLN CA 63 -35.32 -40.04 47.87
CA GLN CA 63 -34.59 -38.86 47.48
C GLN CA 63 -35.55 -37.84 46.90
N VAL CA 64 -35.00 -36.76 46.36
CA VAL CA 64 -35.79 -35.70 45.74
C VAL CA 64 -36.00 -36.07 44.28
N PRO CA 65 -37.24 -36.16 43.79
CA PRO CA 65 -37.44 -36.59 42.41
C PRO CA 65 -37.12 -35.47 41.44
N LEU CA 66 -36.38 -35.80 40.40
CA LEU CA 66 -36.11 -34.83 39.36
C LEU CA 66 -36.32 -35.45 37.99
N VAL CA 67 -36.66 -34.59 37.05
CA VAL CA 67 -36.78 -34.94 35.65
C VAL CA 67 -35.39 -34.84 35.03
N ASN CA 68 -34.98 -35.88 34.30
CA ASN CA 68 -33.63 -35.93 33.77
C ASN CA 68 -33.61 -36.26 32.29
N ASP CA 69 -34.68 -35.93 31.56
CA ASP CA 69 -34.71 -36.21 30.14
C ASP CA 69 -35.54 -35.14 29.43
N ARG CA 70 -35.11 -34.79 28.21
CA ARG CA 70 -35.83 -33.81 27.41
C ARG CA 70 -37.17 -34.34 26.93
N PHE CA 71 -37.16 -35.49 26.26
CA PHE CA 71 -38.34 -35.92 25.52
C PHE CA 71 -39.17 -36.99 26.20
N SER CA 72 -38.56 -37.85 27.02
CA SER CA 72 -39.33 -38.83 27.79
C SER CA 72 -39.66 -38.32 29.18
N ALA CA 73 -39.80 -37.00 29.31
CA ALA CA 73 -40.09 -36.38 30.60
C ALA CA 73 -41.50 -36.72 31.06
N LYS CA 74 -42.42 -36.94 30.12
CA LYS CA 74 -43.75 -37.41 30.49
C LYS CA 74 -43.69 -38.83 31.02
N GLN CA 75 -42.85 -39.67 30.41
CA GLN CA 75 -42.75 -41.06 30.85
C GLN CA 75 -42.02 -41.17 32.18
N GLU CA 76 -41.06 -40.29 32.43
CA GLU CA 76 -40.35 -40.32 33.71
C GLU CA 76 -41.23 -39.83 34.85
N LEU CA 77 -42.15 -38.92 34.58
CA LEU CA 77 -43.07 -38.50 35.64
C LEU CA 77 -44.20 -39.51 35.81
N GLU CA 78 -44.40 -40.40 34.83
CA GLU CA 78 -45.26 -41.54 35.07
C GLU CA 78 -44.60 -42.53 36.02
N ASP CA 79 -43.27 -42.54 36.05
CA ASP CA 79 -42.55 -43.40 36.96
C ASP CA 79 -42.60 -42.87 38.38
N LEU CA 80 -42.28 -41.59 38.56
CA LEU CA 80 -42.10 -41.01 39.89
C LEU CA 80 -43.41 -40.69 40.61
N THR CA 81 -44.56 -40.90 39.99
CA THR CA 81 -45.83 -40.59 40.62
C THR CA 81 -46.72 -41.81 40.82
N LYS CA 82 -46.25 -43.01 40.51
CA LYS CA 82 -47.07 -44.19 40.80
C LYS CA 82 -46.93 -44.64 42.24
N GLY CA 83 -45.69 -44.82 42.71
CA GLY CA 83 -45.45 -45.38 44.04
C GLY CA 83 -45.87 -44.49 45.20
N PHE DA 16 -72.20 -5.20 27.39
CA PHE DA 16 -72.57 -5.02 28.79
C PHE DA 16 -71.43 -5.45 29.72
N ARG DA 17 -71.27 -4.70 30.80
CA ARG DA 17 -70.13 -4.78 31.71
C ARG DA 17 -70.22 -5.91 32.73
N TRP DA 18 -71.24 -6.76 32.62
CA TRP DA 18 -71.32 -7.95 33.48
C TRP DA 18 -70.27 -8.97 33.07
N LEU DA 19 -69.74 -8.86 31.86
CA LEU DA 19 -68.66 -9.75 31.45
C LEU DA 19 -67.31 -9.19 31.83
N ALA DA 20 -67.26 -7.92 32.24
CA ALA DA 20 -65.98 -7.28 32.50
C ALA DA 20 -65.55 -7.48 33.95
N ILE DA 21 -66.50 -7.42 34.87
CA ILE DA 21 -66.20 -7.53 36.30
C ILE DA 21 -66.11 -9.00 36.68
N HIS DA 22 -67.10 -9.77 36.23
CA HIS DA 22 -67.27 -11.14 36.65
C HIS DA 22 -66.30 -12.08 35.97
N GLY DA 23 -65.48 -11.58 35.04
CA GLY DA 23 -64.31 -12.33 34.64
C GLY DA 23 -63.19 -12.21 35.63
N LEU DA 24 -63.27 -11.24 36.53
CA LEU DA 24 -62.26 -11.03 37.55
C LEU DA 24 -62.75 -11.38 38.95
N ALA DA 25 -64.06 -11.32 39.20
CA ALA DA 25 -64.60 -11.55 40.52
C ALA DA 25 -65.06 -12.97 40.76
N ILE DA 26 -65.64 -13.63 39.75
CA ILE DA 26 -66.02 -15.03 39.87
C ILE DA 26 -64.79 -15.92 40.08
N PRO DA 27 -63.64 -15.73 39.42
CA PRO DA 27 -62.44 -16.45 39.89
C PRO DA 27 -62.01 -16.11 41.31
N THR DA 28 -62.05 -14.83 41.70
CA THR DA 28 -61.43 -14.40 42.96
C THR DA 28 -62.13 -15.01 44.17
N VAL DA 29 -63.45 -15.11 44.14
CA VAL DA 29 -64.17 -15.77 45.23
C VAL DA 29 -63.93 -17.28 45.19
N PHE DA 30 -63.68 -17.82 44.01
CA PHE DA 30 -63.43 -19.26 43.92
C PHE DA 30 -62.09 -19.64 44.49
N PHE DA 31 -61.07 -18.80 44.28
CA PHE DA 31 -59.77 -19.10 44.86
C PHE DA 31 -59.76 -18.85 46.36
N LEU DA 32 -60.49 -17.84 46.83
CA LEU DA 32 -60.57 -17.60 48.27
C LEU DA 32 -61.36 -18.69 48.97
N GLY DA 33 -62.23 -19.40 48.25
CA GLY DA 33 -62.80 -20.61 48.78
C GLY DA 33 -61.78 -21.70 48.98
N GLY DA 34 -60.69 -21.65 48.22
CA GLY DA 34 -59.64 -22.62 48.39
C GLY DA 34 -58.58 -22.20 49.38
N ILE DA 35 -58.36 -20.90 49.52
CA ILE DA 35 -57.32 -20.45 50.44
C ILE DA 35 -57.80 -20.53 51.89
N THR DA 36 -59.10 -20.39 52.14
CA THR DA 36 -59.61 -20.69 53.46
C THR DA 36 -59.63 -22.18 53.78
N ALA DA 37 -59.71 -23.04 52.77
CA ALA DA 37 -59.68 -24.46 53.04
C ALA DA 37 -58.29 -24.95 53.33
N MET DA 38 -57.26 -24.27 52.83
CA MET DA 38 -55.90 -24.69 53.05
C MET DA 38 -55.36 -24.28 54.40
N GLN DA 39 -56.08 -23.45 55.14
CA GLN DA 39 -55.66 -23.12 56.50
C GLN DA 39 -55.93 -24.28 57.43
N PHE DA 40 -56.91 -25.11 57.09
CA PHE DA 40 -57.35 -26.17 57.99
C PHE DA 40 -56.79 -27.51 57.56
N ILE DA 41 -56.02 -27.54 56.49
CA ILE DA 41 -55.33 -28.75 56.09
C ILE DA 41 -54.03 -28.85 56.87
N GLN DA 42 -53.82 -29.99 57.51
CA GLN DA 42 -52.54 -30.26 58.15
C GLN DA 42 -52.05 -31.62 57.64
N ARG DA 43 -50.78 -31.91 57.91
CA ARG DA 43 -50.00 -33.08 57.47
C ARG DA 43 -50.70 -34.40 57.13
N ALA EA 2 -33.09 21.60 -9.74
CA ALA EA 2 -33.40 21.98 -11.11
C ALA EA 2 -32.12 22.12 -11.93
N LEU EA 3 -31.40 21.00 -12.08
CA LEU EA 3 -30.22 20.92 -12.92
C LEU EA 3 -30.30 19.62 -13.70
N ARG EA 4 -30.56 19.72 -15.00
CA ARG EA 4 -30.67 18.52 -15.82
C ARG EA 4 -29.30 17.90 -16.04
N THR EA 5 -29.15 16.65 -15.64
CA THR EA 5 -27.96 15.88 -15.94
C THR EA 5 -28.36 14.69 -16.81
N ARG EA 6 -27.37 14.10 -17.46
CA ARG EA 6 -27.66 13.01 -18.39
C ARG EA 6 -28.08 11.75 -17.65
N LEU EA 7 -27.55 11.52 -16.47
CA LEU EA 7 -28.04 10.41 -15.66
C LEU EA 7 -29.38 10.77 -15.02
N GLY EA 8 -29.63 12.06 -14.82
CA GLY EA 8 -30.91 12.46 -14.27
C GLY EA 8 -32.05 12.30 -15.26
N GLU EA 9 -31.74 12.34 -16.56
CA GLU EA 9 -32.78 12.20 -17.57
C GLU EA 9 -33.25 10.76 -17.68
N ILE EA 10 -32.37 9.80 -17.39
CA ILE EA 10 -32.74 8.40 -17.52
C ILE EA 10 -33.65 8.00 -16.38
N LEU EA 11 -33.28 8.35 -15.16
CA LEU EA 11 -33.99 7.91 -13.99
C LEU EA 11 -35.25 8.72 -13.71
N ARG EA 12 -35.47 9.79 -14.46
CA ARG EA 12 -36.59 10.69 -14.24
C ARG EA 12 -37.98 10.06 -14.29
N PRO EA 13 -38.31 9.09 -15.17
CA PRO EA 13 -39.64 8.46 -15.06
C PRO EA 13 -39.83 7.58 -13.85
N LEU EA 14 -38.75 7.24 -13.13
CA LEU EA 14 -38.91 6.45 -11.93
C LEU EA 14 -39.36 7.32 -10.77
N ASN EA 15 -39.04 8.60 -10.81
CA ASN EA 15 -39.44 9.51 -9.75
C ASN EA 15 -40.59 10.40 -10.17
N ALA EA 16 -41.04 10.31 -11.44
CA ALA EA 16 -42.02 11.25 -11.97
C ALA EA 16 -43.38 11.03 -11.33
N GLU EA 17 -43.66 9.80 -10.94
CA GLU EA 17 -44.86 9.50 -10.17
C GLU EA 17 -44.58 9.82 -8.72
N TYR EA 18 -45.54 10.43 -8.04
CA TYR EA 18 -45.41 10.66 -6.60
C TYR EA 18 -46.79 10.79 -5.99
N GLY EA 19 -47.19 9.79 -5.22
CA GLY EA 19 -48.43 9.87 -4.50
C GLY EA 19 -49.65 9.39 -5.25
N LYS EA 20 -49.50 8.75 -6.41
CA LYS EA 20 -50.62 8.06 -7.00
C LYS EA 20 -50.93 6.82 -6.19
N VAL EA 21 -52.20 6.61 -5.89
CA VAL EA 21 -52.62 5.48 -5.08
C VAL EA 21 -53.64 4.66 -5.87
N ALA EA 22 -53.77 3.40 -5.48
CA ALA EA 22 -54.84 2.57 -5.98
C ALA EA 22 -56.08 2.87 -5.14
N PRO EA 23 -57.19 3.26 -5.74
CA PRO EA 23 -58.34 3.70 -4.93
C PRO EA 23 -59.03 2.52 -4.28
N GLY EA 24 -59.31 2.66 -2.99
CA GLY EA 24 -60.00 1.63 -2.25
C GLY EA 24 -59.09 0.83 -1.36
N TRP EA 25 -59.52 -0.40 -1.11
CA TRP EA 25 -58.72 -1.29 -0.26
C TRP EA 25 -57.61 -1.95 -1.05
N GLY EA 26 -57.83 -2.17 -2.34
CA GLY EA 26 -56.75 -2.60 -3.22
C GLY EA 26 -56.31 -4.01 -2.95
N THR EA 27 -54.99 -4.20 -2.94
CA THR EA 27 -54.39 -5.50 -2.71
C THR EA 27 -54.01 -5.71 -1.25
N THR EA 28 -54.78 -5.12 -0.33
CA THR EA 28 -54.53 -5.35 1.08
C THR EA 28 -54.93 -6.76 1.54
N PRO EA 29 -56.07 -7.37 1.14
CA PRO EA 29 -56.29 -8.75 1.56
C PRO EA 29 -55.35 -9.76 0.93
N ILE EA 30 -54.69 -9.43 -0.16
CA ILE EA 30 -53.67 -10.32 -0.70
C ILE EA 30 -52.44 -10.28 0.19
N MET EA 31 -52.14 -9.10 0.75
CA MET EA 31 -50.96 -8.94 1.59
C MET EA 31 -51.09 -9.69 2.90
N GLY EA 32 -52.27 -9.64 3.52
CA GLY EA 32 -52.46 -10.28 4.82
C GLY EA 32 -52.37 -11.79 4.75
N ILE EA 33 -52.76 -12.37 3.62
CA ILE EA 33 -52.61 -13.80 3.45
C ILE EA 33 -51.14 -14.16 3.33
N VAL EA 34 -50.33 -13.24 2.79
CA VAL EA 34 -48.88 -13.45 2.79
C VAL EA 34 -48.32 -13.26 4.18
N MET EA 35 -48.85 -12.29 4.95
CA MET EA 35 -48.32 -12.03 6.28
C MET EA 35 -48.75 -13.09 7.27
N LEU EA 36 -49.97 -13.62 7.13
CA LEU EA 36 -50.36 -14.80 7.91
C LEU EA 36 -49.50 -16.00 7.56
N ALA EA 37 -49.07 -16.10 6.30
CA ALA EA 37 -48.24 -17.23 5.90
C ALA EA 37 -46.83 -17.07 6.44
N PHE EA 38 -46.32 -15.85 6.44
CA PHE EA 38 -44.94 -15.64 6.90
C PHE EA 38 -44.86 -15.70 8.41
N LEU EA 39 -45.99 -15.50 9.08
CA LEU EA 39 -46.02 -15.72 10.53
C LEU EA 39 -45.92 -17.20 10.85
N ILE EA 40 -46.58 -18.05 10.06
CA ILE EA 40 -46.52 -19.48 10.29
C ILE EA 40 -45.15 -20.01 9.94
N PHE EA 41 -44.48 -19.40 8.96
CA PHE EA 41 -43.16 -19.84 8.57
C PHE EA 41 -42.13 -19.60 9.65
N LEU EA 42 -42.24 -18.48 10.36
CA LEU EA 42 -41.26 -18.17 11.40
C LEU EA 42 -41.49 -19.03 12.64
N VAL EA 43 -42.74 -19.41 12.90
CA VAL EA 43 -43.04 -20.28 14.03
C VAL EA 43 -42.46 -21.66 13.77
N ILE EA 44 -42.51 -22.13 12.53
CA ILE EA 44 -42.08 -23.49 12.23
C ILE EA 44 -40.56 -23.62 12.30
N ILE EA 45 -39.83 -22.66 11.73
CA ILE EA 45 -38.37 -22.81 11.70
C ILE EA 45 -37.75 -22.49 13.05
N LEU EA 46 -38.50 -21.82 13.92
CA LEU EA 46 -38.02 -21.67 15.29
C LEU EA 46 -38.20 -22.95 16.06
N GLN EA 47 -39.30 -23.66 15.82
CA GLN EA 47 -39.56 -24.86 16.61
C GLN EA 47 -38.76 -26.05 16.10
N ILE EA 48 -38.32 -26.01 14.84
CA ILE EA 48 -37.34 -26.97 14.37
C ILE EA 48 -36.02 -26.76 15.10
N TYR EA 49 -35.62 -25.51 15.24
CA TYR EA 49 -34.36 -25.15 15.86
C TYR EA 49 -34.36 -25.41 17.35
N ASN EA 50 -35.52 -25.29 17.98
CA ASN EA 50 -35.68 -25.44 19.42
C ASN EA 50 -35.81 -26.88 19.83
N SER EA 51 -35.83 -27.81 18.85
CA SER EA 51 -36.20 -29.21 19.02
C SER EA 51 -37.56 -29.37 19.69
N SER EA 52 -38.48 -28.46 19.43
CA SER EA 52 -39.85 -28.62 19.87
C SER EA 52 -40.78 -28.97 18.71
N LEU EA 53 -40.21 -29.27 17.55
CA LEU EA 53 -40.95 -29.78 16.40
C LEU EA 53 -40.02 -30.73 15.70
N ILE EA 54 -40.22 -32.03 15.87
CA ILE EA 54 -39.30 -33.03 15.38
C ILE EA 54 -39.76 -33.50 14.01
N ILE EA 55 -38.88 -33.36 13.03
CA ILE EA 55 -39.11 -33.83 11.68
C ILE EA 55 -38.21 -35.03 11.46
N GLU EA 56 -38.77 -36.08 10.84
CA GLU EA 56 -38.00 -37.29 10.58
C GLU EA 56 -36.87 -37.01 9.61
N ASN EA 57 -35.69 -37.54 9.95
CA ASN EA 57 -34.43 -37.35 9.22
C ASN EA 57 -34.02 -35.88 9.15
N VAL EA 58 -34.37 -35.13 10.19
CA VAL EA 58 -33.83 -33.80 10.42
C VAL EA 58 -33.37 -33.73 11.87
N ASP EA 59 -32.07 -33.70 12.09
CA ASP EA 59 -31.49 -33.67 13.43
C ASP EA 59 -30.71 -32.38 13.59
N VAL EA 60 -31.07 -31.59 14.60
CA VAL EA 60 -30.40 -30.33 14.86
C VAL EA 60 -29.18 -30.65 15.71
N ASP EA 61 -28.05 -30.85 15.06
CA ASP EA 61 -26.79 -31.13 15.72
C ASP EA 61 -25.71 -30.80 14.71
N TRP EA 62 -24.48 -30.65 15.19
CA TRP EA 62 -23.35 -30.42 14.31
C TRP EA 62 -23.13 -31.61 13.41
N ALA EA 63 -23.37 -31.41 12.12
CA ALA EA 63 -23.35 -32.48 11.14
C ALA EA 63 -22.06 -32.44 10.34
N ASN EA 64 -21.68 -33.60 9.81
CA ASN EA 64 -20.48 -33.74 8.99
C ASN EA 64 -20.72 -33.08 7.65
N GLY EA 65 -20.35 -31.81 7.54
CA GLY EA 65 -20.20 -31.20 6.23
C GLY EA 65 -19.04 -31.84 5.50
N ILE EA 66 -19.17 -31.92 4.18
CA ILE EA 66 -18.23 -32.71 3.38
C ILE EA 66 -16.88 -32.04 3.37
N VAL EA 67 -15.84 -32.78 3.71
CA VAL EA 67 -14.49 -32.25 3.59
C VAL EA 67 -13.70 -33.05 2.57
N MET FA 1 -4.26 17.65 70.38
CA MET FA 1 -3.44 17.22 71.50
C MET FA 1 -3.25 18.38 72.46
N LEU FA 2 -4.38 18.85 73.01
CA LEU FA 2 -4.53 19.84 74.08
C LEU FA 2 -4.14 21.26 73.69
N THR FA 3 -3.57 21.46 72.52
CA THR FA 3 -3.52 22.77 71.91
C THR FA 3 -4.52 22.89 70.79
N LEU FA 4 -4.69 21.83 70.01
CA LEU FA 4 -5.80 21.70 69.07
C LEU FA 4 -7.14 21.68 69.77
N LYS FA 5 -7.20 21.08 70.96
CA LYS FA 5 -8.46 20.92 71.66
C LYS FA 5 -9.03 22.27 72.09
N ILE FA 6 -8.15 23.17 72.54
CA ILE FA 6 -8.55 24.54 72.87
C ILE FA 6 -9.13 25.23 71.65
N LEU FA 7 -8.57 24.95 70.48
CA LEU FA 7 -8.99 25.65 69.27
C LEU FA 7 -10.37 25.21 68.82
N VAL FA 8 -10.78 23.99 69.19
CA VAL FA 8 -12.06 23.49 68.71
C VAL FA 8 -13.19 24.06 69.55
N TYR FA 9 -13.02 24.11 70.87
CA TYR FA 9 -14.06 24.63 71.75
C TYR FA 9 -14.27 26.13 71.55
N THR FA 10 -13.25 26.84 71.07
CA THR FA 10 -13.49 28.19 70.59
C THR FA 10 -14.43 28.19 69.40
N THR FA 11 -14.11 27.37 68.40
CA THR FA 11 -14.85 27.40 67.14
C THR FA 11 -16.25 26.83 67.29
N VAL FA 12 -16.44 25.84 68.16
CA VAL FA 12 -17.77 25.29 68.35
C VAL FA 12 -18.69 26.31 69.01
N ILE FA 13 -18.32 26.78 70.21
CA ILE FA 13 -19.20 27.70 70.93
C ILE FA 13 -19.09 29.12 70.41
N PHE FA 14 -18.27 29.38 69.40
CA PHE FA 14 -18.51 30.59 68.62
C PHE FA 14 -19.78 30.43 67.78
N PHE FA 15 -19.85 29.38 66.98
CA PHE FA 15 -20.98 29.25 66.08
C PHE FA 15 -22.23 28.75 66.77
N VAL FA 16 -22.09 28.00 67.85
CA VAL FA 16 -23.26 27.59 68.61
C VAL FA 16 -23.90 28.80 69.28
N SER FA 17 -23.08 29.74 69.74
CA SER FA 17 -23.62 30.95 70.34
C SER FA 17 -24.24 31.86 69.31
N LEU FA 18 -23.76 31.85 68.08
CA LEU FA 18 -24.45 32.57 67.02
C LEU FA 18 -25.79 31.93 66.68
N PHE FA 19 -25.89 30.63 66.88
CA PHE FA 19 -27.14 29.94 66.66
C PHE FA 19 -28.12 30.22 67.78
N ILE FA 20 -27.65 30.15 69.02
CA ILE FA 20 -28.50 30.34 70.19
C ILE FA 20 -28.99 31.77 70.26
N PHE FA 21 -28.09 32.73 70.12
CA PHE FA 21 -28.50 34.11 70.12
C PHE FA 21 -28.97 34.60 68.77
N GLY FA 22 -29.13 33.71 67.80
CA GLY FA 22 -29.77 34.13 66.57
C GLY FA 22 -31.27 34.06 66.70
N PHE FA 23 -31.77 32.97 67.26
CA PHE FA 23 -33.21 32.83 67.41
C PHE FA 23 -33.76 33.56 68.61
N LEU FA 24 -32.90 33.97 69.53
CA LEU FA 24 -33.35 34.88 70.57
C LEU FA 24 -33.43 36.31 70.06
N SER FA 25 -32.94 36.59 68.86
CA SER FA 25 -32.96 37.93 68.28
C SER FA 25 -34.26 38.25 67.57
N SER FA 26 -35.39 38.04 68.25
CA SER FA 26 -36.74 38.33 67.76
C SER FA 26 -36.99 37.69 66.41
N ASP FA 27 -36.58 36.44 66.30
CA ASP FA 27 -36.60 35.73 65.04
C ASP FA 27 -37.97 35.42 64.44
N PRO FA 28 -39.05 35.19 65.20
CA PRO FA 28 -40.35 35.09 64.54
C PRO FA 28 -40.78 36.35 63.82
N SER FA 29 -40.31 37.52 64.23
CA SER FA 29 -40.78 38.75 63.59
C SER FA 29 -40.11 39.01 62.25
N ARG FA 30 -39.17 38.17 61.81
CA ARG FA 30 -38.46 38.40 60.57
C ARG FA 30 -39.11 37.61 59.45
N ASN FA 31 -40.25 38.09 59.00
CA ASN FA 31 -41.04 37.44 57.98
C ASN FA 31 -41.39 38.46 56.91
N PRO FA 32 -41.83 38.06 55.71
CA PRO FA 32 -42.26 39.06 54.73
C PRO FA 32 -43.65 39.61 54.95
N ASN FA 33 -44.33 39.24 56.04
CA ASN FA 33 -45.66 39.76 56.28
C ASN FA 33 -45.59 41.20 56.76
N ARG FA 34 -44.93 41.42 57.89
CA ARG FA 34 -44.80 42.75 58.47
C ARG FA 34 -43.51 42.77 59.25
N LYS FA 35 -42.71 43.83 59.04
CA LYS FA 35 -41.42 44.05 59.70
C LYS FA 35 -40.44 42.89 59.53
N ARG GA 6 -83.00 0.48 48.93
CA ARG GA 6 -81.91 1.38 49.25
C ARG GA 6 -81.21 1.00 50.54
N ILE GA 7 -79.89 0.87 50.49
CA ILE GA 7 -79.08 0.56 51.66
C ILE GA 7 -78.07 1.68 51.83
N PRO GA 8 -77.86 2.20 53.04
CA PRO GA 8 -76.79 3.18 53.26
C PRO GA 8 -75.43 2.59 52.95
N LEU GA 9 -74.60 3.40 52.28
CA LEU GA 9 -73.34 2.91 51.74
C LEU GA 9 -72.35 2.56 52.83
N TRP GA 10 -72.43 3.24 53.97
CA TRP GA 10 -71.49 2.97 55.06
C TRP GA 10 -71.80 1.65 55.74
N LEU GA 11 -73.04 1.17 55.66
CA LEU GA 11 -73.35 -0.17 56.12
C LEU GA 11 -72.71 -1.21 55.21
N VAL GA 12 -72.61 -0.91 53.92
CA VAL GA 12 -72.03 -1.85 52.97
C VAL GA 12 -70.52 -1.95 53.19
N GLY GA 13 -69.87 -0.82 53.42
CA GLY GA 13 -68.43 -0.85 53.67
C GLY GA 13 -68.09 -1.38 55.04
N LEU GA 14 -69.06 -1.35 55.96
CA LEU GA 14 -68.84 -1.93 57.29
C LEU GA 14 -68.86 -3.45 57.23
N VAL GA 15 -69.88 -4.01 56.58
CA VAL GA 15 -70.04 -5.47 56.58
C VAL GA 15 -68.98 -6.11 55.71
N GLY GA 16 -68.68 -5.51 54.56
CA GLY GA 16 -67.60 -6.02 53.74
C GLY GA 16 -66.23 -5.75 54.34
N GLY GA 17 -66.12 -4.67 55.12
CA GLY GA 17 -64.84 -4.33 55.72
C GLY GA 17 -64.46 -5.26 56.84
N LEU GA 18 -65.43 -5.68 57.66
CA LEU GA 18 -65.14 -6.68 58.67
C LEU GA 18 -65.09 -8.08 58.07
N ALA GA 19 -65.67 -8.27 56.88
CA ALA GA 19 -65.52 -9.54 56.19
C ALA GA 19 -64.09 -9.76 55.74
N VAL GA 20 -63.39 -8.69 55.34
CA VAL GA 20 -61.99 -8.79 54.96
C VAL GA 20 -61.12 -9.12 56.18
N ILE GA 21 -61.47 -8.56 57.33
CA ILE GA 21 -60.73 -8.85 58.56
C ILE GA 21 -60.91 -10.30 58.96
N THR GA 22 -62.10 -10.86 58.73
CA THR GA 22 -62.28 -12.30 58.92
C THR GA 22 -61.54 -13.11 57.87
N MET GA 23 -61.18 -12.52 56.74
CA MET GA 23 -60.38 -13.24 55.76
C MET GA 23 -58.89 -13.09 56.04
N LEU GA 24 -58.45 -11.88 56.41
CA LEU GA 24 -57.03 -11.66 56.63
C LEU GA 24 -56.54 -12.36 57.89
N SER GA 25 -57.25 -12.17 59.00
CA SER GA 25 -56.88 -12.82 60.25
C SER GA 25 -57.03 -14.32 60.19
N LEU GA 26 -57.83 -14.82 59.25
CA LEU GA 26 -57.84 -16.25 59.00
C LEU GA 26 -56.55 -16.70 58.33
N PHE GA 27 -55.93 -15.83 57.53
CA PHE GA 27 -54.69 -16.20 56.86
C PHE GA 27 -53.50 -16.12 57.83
N PHE GA 28 -53.54 -15.19 58.77
CA PHE GA 28 -52.50 -15.13 59.79
C PHE GA 28 -52.71 -16.20 60.83
N TYR GA 29 -53.91 -16.78 60.90
CA TYR GA 29 -54.12 -17.93 61.75
C TYR GA 29 -53.36 -19.13 61.24
N GLY GA 30 -53.48 -19.42 59.95
CA GLY GA 30 -52.88 -20.63 59.41
C GLY GA 30 -51.40 -20.50 59.14
N SER GA 31 -50.80 -19.37 59.52
CA SER GA 31 -49.36 -19.30 59.60
C SER GA 31 -48.85 -19.99 60.85
N TYR GA 32 -49.71 -20.14 61.85
CA TYR GA 32 -49.34 -20.79 63.10
C TYR GA 32 -50.02 -22.13 63.31
N SER GA 33 -50.67 -22.66 62.28
CA SER GA 33 -51.33 -23.94 62.37
C SER GA 33 -51.46 -24.53 60.99
N GLY GA 34 -51.55 -25.85 60.93
CA GLY GA 34 -51.75 -26.49 59.64
C GLY GA 34 -50.45 -26.57 58.88
N LEU GA 35 -50.53 -26.42 57.56
CA LEU GA 35 -49.35 -26.52 56.74
C LEU GA 35 -48.54 -25.24 56.79
N GLY GA 36 -47.23 -25.36 56.64
CA GLY GA 36 -46.37 -24.20 56.66
C GLY GA 36 -46.22 -23.55 58.00
N SER GA 37 -46.47 -24.28 59.08
CA SER GA 37 -46.41 -23.75 60.43
C SER GA 37 -45.20 -24.22 61.21
N SER GA 38 -44.44 -25.19 60.66
CA SER GA 38 -43.25 -25.79 61.28
C SER GA 38 -43.57 -26.39 62.65
N LEU GA 39 -44.75 -26.98 62.78
CA LEU GA 39 -45.11 -27.62 64.05
C LEU GA 39 -44.64 -29.07 64.07
N ARG HA 8 -51.51 -18.43 85.77
CA ARG HA 8 -52.59 -17.65 85.15
C ARG HA 8 -53.23 -16.77 86.22
N LEU HA 9 -54.42 -16.22 85.94
CA LEU HA 9 -55.23 -15.42 86.85
C LEU HA 9 -55.53 -16.16 88.14
N PRO HA 10 -55.88 -15.46 89.23
CA PRO HA 10 -56.30 -16.16 90.46
C PRO HA 10 -57.54 -17.00 90.25
N GLU HA 11 -57.76 -17.92 91.20
CA GLU HA 11 -58.72 -19.01 91.00
C GLU HA 11 -60.15 -18.49 90.92
N ALA HA 12 -60.42 -17.34 91.53
CA ALA HA 12 -61.74 -16.74 91.40
C ALA HA 12 -61.90 -16.05 90.05
N TYR HA 13 -60.87 -16.04 89.23
CA TYR HA 13 -60.90 -15.31 87.97
C TYR HA 13 -60.44 -16.13 86.79
N VAL HA 14 -60.37 -17.45 86.92
CA VAL HA 14 -59.89 -18.27 85.82
C VAL HA 14 -60.99 -18.45 84.78
N VAL HA 15 -62.22 -18.12 85.15
CA VAL HA 15 -63.40 -18.26 84.32
C VAL HA 15 -63.32 -17.28 83.16
N PHE HA 16 -62.86 -16.07 83.43
CA PHE HA 16 -62.86 -14.98 82.48
C PHE HA 16 -61.59 -14.92 81.65
N SER HA 17 -60.83 -16.01 81.61
CA SER HA 17 -59.61 -16.03 80.79
C SER HA 17 -59.83 -15.88 79.28
N PRO HA 18 -60.96 -16.25 78.66
CA PRO HA 18 -61.13 -15.82 77.26
C PRO HA 18 -61.38 -14.35 77.07
N ILE HA 19 -62.12 -13.71 77.97
CA ILE HA 19 -62.52 -12.31 77.78
C ILE HA 19 -61.32 -11.39 77.92
N VAL HA 20 -60.42 -11.71 78.84
CA VAL HA 20 -59.23 -10.92 79.08
C VAL HA 20 -58.28 -10.95 77.88
N ASP HA 21 -58.27 -12.05 77.13
CA ASP HA 21 -57.39 -12.16 75.97
C ASP HA 21 -57.78 -11.18 74.86
N VAL HA 22 -59.05 -10.81 74.79
CA VAL HA 22 -59.51 -9.86 73.79
C VAL HA 22 -59.17 -8.43 74.18
N LEU HA 23 -59.00 -8.17 75.47
CA LEU HA 23 -58.98 -6.80 75.99
C LEU HA 23 -57.87 -5.89 75.48
N PRO HA 24 -56.61 -6.30 75.28
CA PRO HA 24 -55.64 -5.34 74.72
C PRO HA 24 -55.92 -4.95 73.29
N ILE HA 25 -56.68 -5.74 72.54
CA ILE HA 25 -56.99 -5.39 71.16
C ILE HA 25 -57.91 -4.20 71.09
N ILE HA 26 -58.75 -4.00 72.10
CA ILE HA 26 -59.82 -3.01 72.14
C ILE HA 26 -59.37 -1.56 71.91
N PRO HA 27 -58.20 -1.10 72.38
CA PRO HA 27 -57.73 0.22 71.91
C PRO HA 27 -57.51 0.37 70.42
N VAL HA 28 -57.21 -0.69 69.67
CA VAL HA 28 -57.18 -0.56 68.21
C VAL HA 28 -58.57 -0.30 67.68
N PHE HA 29 -59.59 -0.88 68.33
CA PHE HA 29 -60.96 -0.73 67.89
C PHE HA 29 -61.51 0.68 68.08
N PHE HA 30 -60.85 1.50 68.89
CA PHE HA 30 -61.26 2.90 68.97
C PHE HA 30 -60.71 3.71 67.81
N LEU HA 31 -59.59 3.29 67.24
CA LEU HA 31 -59.08 3.97 66.06
C LEU HA 31 -59.99 3.72 64.88
N LEU HA 32 -60.47 2.49 64.73
CA LEU HA 32 -61.41 2.15 63.69
C LEU HA 32 -62.81 2.69 63.97
N LEU HA 33 -63.12 2.99 65.22
CA LEU HA 33 -64.42 3.54 65.55
C LEU HA 33 -64.55 4.98 65.07
N ALA HA 34 -63.43 5.69 64.93
CA ALA HA 34 -63.49 7.04 64.41
C ALA HA 34 -63.87 7.05 62.93
N PHE HA 35 -63.28 6.15 62.15
CA PHE HA 35 -63.55 6.11 60.72
C PHE HA 35 -64.97 5.60 60.43
N VAL HA 36 -65.44 4.64 61.22
CA VAL HA 36 -66.82 4.18 61.11
C VAL HA 36 -67.77 5.31 61.46
N TRP HA 37 -67.41 6.11 62.45
CA TRP HA 37 -68.23 7.26 62.76
C TRP HA 37 -68.14 8.34 61.68
N GLN HA 38 -66.98 8.49 61.05
CA GLN HA 38 -66.92 9.42 59.93
C GLN HA 38 -67.64 8.92 58.70
N ALA HA 39 -67.76 7.61 58.53
CA ALA HA 39 -68.52 7.10 57.41
C ALA HA 39 -70.01 7.33 57.62
N ALA HA 40 -70.49 7.08 58.83
CA ALA HA 40 -71.91 7.21 59.11
C ALA HA 40 -72.37 8.64 59.15
N ILE HA 41 -71.46 9.58 59.36
CA ILE HA 41 -71.83 10.99 59.38
C ILE HA 41 -71.74 11.49 57.95
N GLY HA 42 -71.18 10.67 57.07
CA GLY HA 42 -71.09 11.05 55.67
C GLY HA 42 -69.86 11.88 55.38
N PHE HA 43 -68.83 11.76 56.21
CA PHE HA 43 -67.56 12.48 56.11
C PHE HA 43 -67.77 14.00 56.08
N ARG HA 44 -68.75 14.46 56.82
CA ARG HA 44 -69.02 15.90 56.86
C ARG HA 44 -68.98 16.43 58.29
N MET IA 1 -20.90 24.01 -8.48
CA MET IA 1 -21.90 24.11 -7.43
C MET IA 1 -23.29 24.28 -7.98
N THR IA 2 -24.26 24.29 -7.08
CA THR IA 2 -25.61 24.75 -7.37
C THR IA 2 -25.93 25.84 -6.34
N GLY IA 3 -27.21 26.20 -6.27
CA GLY IA 3 -27.65 27.29 -5.43
C GLY IA 3 -27.49 27.04 -3.93
N PRO IA 4 -27.78 28.07 -3.13
CA PRO IA 4 -27.71 27.89 -1.67
C PRO IA 4 -28.89 27.08 -1.16
N ASN IA 5 -28.61 26.22 -0.20
CA ASN IA 5 -29.64 25.32 0.32
C ASN IA 5 -30.61 26.12 1.20
N PRO IA 6 -31.91 26.05 0.95
CA PRO IA 6 -32.88 26.65 1.88
C PRO IA 6 -33.08 25.88 3.17
N ASN IA 7 -32.42 24.74 3.34
CA ASN IA 7 -32.49 23.97 4.57
C ASN IA 7 -31.34 24.27 5.51
N LYS IA 8 -30.68 25.42 5.36
CA LYS IA 8 -29.69 25.82 6.36
C LYS IA 8 -30.40 26.23 7.62
N GLN IA 9 -29.98 25.67 8.74
CA GLN IA 9 -30.46 26.09 10.04
C GLN IA 9 -29.28 26.44 10.91
N ALA IA 10 -29.58 26.78 12.16
CA ALA IA 10 -28.56 27.11 13.13
C ALA IA 10 -28.65 26.17 14.32
N VAL IA 11 -27.51 25.93 14.94
CA VAL IA 11 -27.42 25.04 16.07
C VAL IA 11 -27.31 25.89 17.33
N GLU IA 12 -28.01 25.49 18.37
CA GLU IA 12 -27.99 26.23 19.63
C GLU IA 12 -27.62 25.30 20.76
N LEU IA 13 -26.98 25.87 21.77
CA LEU IA 13 -26.70 25.19 23.03
C LEU IA 13 -26.54 26.29 24.08
N ASN IA 14 -27.52 26.43 24.96
CA ASN IA 14 -27.46 27.46 25.99
C ASN IA 14 -26.46 27.07 27.08
N ARG IA 15 -26.24 28.00 28.02
CA ARG IA 15 -25.26 27.77 29.08
C ARG IA 15 -25.73 26.69 30.04
N THR IA 16 -27.03 26.53 30.21
CA THR IA 16 -27.58 25.44 31.01
C THR IA 16 -27.17 24.08 30.46
N SER IA 17 -27.37 23.86 29.16
CA SER IA 17 -27.16 22.54 28.61
C SER IA 17 -25.69 22.23 28.40
N LEU IA 18 -24.84 23.25 28.54
CA LEU IA 18 -23.40 22.99 28.57
C LEU IA 18 -23.02 22.24 29.84
N TYR IA 19 -23.54 22.67 30.99
CA TYR IA 19 -23.09 22.08 32.23
C TYR IA 19 -23.65 20.70 32.44
N TRP IA 20 -24.82 20.42 31.86
CA TRP IA 20 -25.32 19.05 31.83
C TRP IA 20 -24.39 18.16 31.06
N GLY IA 21 -24.00 18.59 29.87
CA GLY IA 21 -23.22 17.73 29.01
C GLY IA 21 -21.78 17.60 29.45
N LEU IA 22 -21.26 18.61 30.14
CA LEU IA 22 -19.93 18.46 30.74
C LEU IA 22 -19.97 17.47 31.88
N LEU IA 23 -20.91 17.65 32.80
CA LEU IA 23 -21.03 16.78 33.96
C LEU IA 23 -21.40 15.36 33.55
N LEU IA 24 -22.13 15.22 32.44
CA LEU IA 24 -22.44 13.89 31.92
C LEU IA 24 -21.18 13.16 31.51
N ILE IA 25 -20.23 13.85 30.90
CA ILE IA 25 -19.03 13.20 30.42
C ILE IA 25 -18.07 12.90 31.55
N PHE IA 26 -17.92 13.82 32.50
CA PHE IA 26 -16.97 13.57 33.58
C PHE IA 26 -17.46 12.49 34.53
N VAL IA 27 -18.76 12.40 34.77
CA VAL IA 27 -19.26 11.36 35.67
C VAL IA 27 -19.21 9.99 34.99
N LEU IA 28 -19.46 9.93 33.68
CA LEU IA 28 -19.18 8.72 32.95
C LEU IA 28 -17.69 8.43 32.85
N ALA IA 29 -16.86 9.46 32.94
CA ALA IA 29 -15.42 9.20 32.95
C ALA IA 29 -14.97 8.72 34.31
N VAL IA 30 -15.60 9.20 35.39
CA VAL IA 30 -15.29 8.70 36.71
C VAL IA 30 -15.75 7.27 36.85
N LEU IA 31 -16.93 6.96 36.34
CA LEU IA 31 -17.52 5.64 36.53
C LEU IA 31 -16.78 4.58 35.74
N PHE IA 32 -16.53 4.82 34.47
CA PHE IA 32 -15.98 3.79 33.62
C PHE IA 32 -14.47 3.75 33.58
N SER IA 33 -13.77 4.64 34.31
CA SER IA 33 -12.32 4.60 34.26
C SER IA 33 -11.77 3.39 34.99
N SER IA 34 -12.34 3.08 36.16
CA SER IA 34 -11.83 2.03 37.02
C SER IA 34 -11.90 0.67 36.35
N TYR IA 35 -12.87 0.49 35.46
CA TYR IA 35 -13.02 -0.75 34.74
C TYR IA 35 -12.08 -0.83 33.56
N PHE IA 36 -11.83 0.30 32.90
CA PHE IA 36 -10.95 0.33 31.76
C PHE IA 36 -9.50 0.14 32.16
N PHE IA 37 -9.07 0.79 33.25
CA PHE IA 37 -7.74 0.52 33.78
C PHE IA 37 -7.61 -0.89 34.32
N ASN IA 38 -8.73 -1.50 34.71
CA ASN IA 38 -8.83 -2.88 35.17
C ASN IA 38 -7.95 -3.11 36.38
N GLU JA 44 -0.11 -4.04 37.34
CA GLU JA 44 -0.01 -3.81 35.90
C GLU JA 44 -1.36 -3.39 35.32
N VAL JA 45 -1.38 -2.20 34.72
CA VAL JA 45 -2.59 -1.67 34.13
C VAL JA 45 -2.44 -1.66 32.61
N GLN JA 46 -3.56 -1.53 31.92
CA GLN JA 46 -3.55 -1.50 30.48
C GLN JA 46 -3.22 -0.10 29.99
N PHE JA 47 -2.18 0.01 29.16
CA PHE JA 47 -1.69 1.31 28.73
C PHE JA 47 -2.53 1.92 27.62
N GLY JA 48 -3.53 1.22 27.12
CA GLY JA 48 -4.49 1.80 26.23
C GLY JA 48 -5.67 2.41 26.94
N ALA JA 49 -5.66 2.37 28.27
CA ALA JA 49 -6.76 2.94 29.03
C ALA JA 49 -6.55 4.43 29.28
N TYR JA 50 -5.29 4.87 29.28
CA TYR JA 50 -5.01 6.30 29.33
C TYR JA 50 -5.55 7.00 28.09
N LEU JA 51 -5.39 6.36 26.94
CA LEU JA 51 -5.96 6.89 25.71
C LEU JA 51 -7.47 6.77 25.69
N ALA JA 52 -8.03 5.81 26.40
CA ALA JA 52 -9.48 5.70 26.44
C ALA JA 52 -10.09 6.79 27.30
N VAL JA 53 -9.52 7.01 28.47
CA VAL JA 53 -10.10 7.95 29.41
C VAL JA 53 -9.83 9.38 28.98
N LEU JA 54 -8.57 9.72 28.71
CA LEU JA 54 -8.22 11.12 28.43
C LEU JA 54 -8.71 11.59 27.07
N LEU JA 55 -9.02 10.69 26.15
CA LEU JA 55 -9.77 11.09 24.98
C LEU JA 55 -11.26 10.95 25.18
N GLY JA 56 -11.68 10.06 26.07
CA GLY JA 56 -13.07 9.99 26.44
C GLY JA 56 -13.51 11.20 27.25
N THR JA 57 -12.58 11.83 27.98
CA THR JA 57 -12.89 13.13 28.54
C THR JA 57 -12.86 14.20 27.46
N PHE JA 58 -11.69 14.43 26.88
CA PHE JA 58 -11.40 15.69 26.22
C PHE JA 58 -12.13 15.85 24.90
N LEU JA 59 -12.13 14.82 24.05
CA LEU JA 59 -12.78 14.91 22.74
C LEU JA 59 -14.28 15.16 22.81
N PRO JA 60 -15.06 14.50 23.68
CA PRO JA 60 -16.48 14.89 23.72
C PRO JA 60 -16.72 16.16 24.51
N ALA JA 61 -15.86 16.47 25.49
CA ALA JA 61 -16.08 17.68 26.27
C ALA JA 61 -15.67 18.91 25.50
N LEU JA 62 -14.62 18.81 24.67
CA LEU JA 62 -14.29 19.92 23.80
C LEU JA 62 -15.32 20.07 22.70
N PHE JA 63 -16.06 19.02 22.38
CA PHE JA 63 -17.15 19.17 21.44
C PHE JA 63 -18.27 20.04 21.99
N LEU JA 64 -18.64 19.81 23.26
CA LEU JA 64 -19.78 20.52 23.83
C LEU JA 64 -19.44 21.97 24.11
N VAL JA 65 -18.16 22.29 24.22
CA VAL JA 65 -17.75 23.69 24.36
C VAL JA 65 -17.99 24.43 23.05
N ASN JA 66 -17.81 23.76 21.92
CA ASN JA 66 -17.90 24.41 20.62
C ASN JA 66 -19.31 24.79 20.29
N LEU JA 67 -20.25 23.95 20.67
CA LEU JA 67 -21.65 24.26 20.44
C LEU JA 67 -22.10 25.41 21.32
N PHE JA 68 -21.39 25.69 22.42
CA PHE JA 68 -21.76 26.84 23.23
C PHE JA 68 -21.12 28.11 22.72
N ILE JA 69 -19.91 28.03 22.21
CA ILE JA 69 -19.22 29.23 21.73
C ILE JA 69 -19.88 29.76 20.47
N GLN JA 70 -20.28 28.88 19.56
CA GLN JA 70 -20.98 29.35 18.38
C GLN JA 70 -22.41 29.77 18.69
N THR JA 71 -22.97 29.30 19.82
CA THR JA 71 -24.28 29.79 20.24
C THR JA 71 -24.18 31.23 20.67
N GLU JA 72 -23.15 31.56 21.46
CA GLU JA 72 -22.99 32.91 21.94
C GLU JA 72 -22.50 33.84 20.84
N ALA JA 73 -21.85 33.28 19.81
CA ALA JA 73 -21.42 34.11 18.70
C ALA JA 73 -22.59 34.50 17.81
N ARG JA 74 -23.57 33.60 17.64
CA ARG JA 74 -24.77 33.97 16.88
C ARG JA 74 -25.60 34.99 17.61
N LYS JA 75 -25.64 34.90 18.94
CA LYS JA 75 -26.36 35.89 19.71
C LYS JA 75 -25.65 37.23 19.69
N ALA JA 76 -24.31 37.19 19.69
CA ALA JA 76 -23.55 38.43 19.54
C ALA JA 76 -23.48 38.85 18.09
N GLY JA 77 -23.78 37.94 17.17
CA GLY JA 77 -23.78 38.30 15.77
C GLY JA 77 -25.00 39.10 15.38
N LYS JA 78 -26.17 38.70 15.87
CA LYS JA 78 -27.38 39.41 15.52
C LYS JA 78 -27.48 40.76 16.23
N ALA JA 79 -26.97 40.82 17.47
CA ALA JA 79 -27.13 41.97 18.36
C ALA JA 79 -26.55 43.27 17.81
N GLY JA 80 -25.54 43.18 16.94
CA GLY JA 80 -25.15 44.35 16.18
C GLY JA 80 -24.33 45.38 16.90
N GLY JA 81 -23.90 45.11 18.13
CA GLY JA 81 -23.15 46.11 18.85
C GLY JA 81 -21.80 45.63 19.37
N GLN JA 82 -20.72 46.20 18.82
CA GLN JA 82 -19.35 46.17 19.31
C GLN JA 82 -18.67 44.81 19.17
N ASP JA 83 -19.44 43.77 18.86
CA ASP JA 83 -18.93 42.41 18.81
C ASP JA 83 -19.34 41.65 17.56
N SER JA 84 -20.16 42.22 16.70
CA SER JA 84 -20.69 41.44 15.59
C SER JA 84 -19.66 41.29 14.48
N ASP JA 85 -19.23 42.42 13.90
CA ASP JA 85 -18.14 42.51 12.92
C ASP JA 85 -18.33 41.66 11.66
N LYS KA 3 1.18 -1.56 92.80
CA LYS KA 3 1.58 -1.33 94.17
C LYS KA 3 0.47 -1.82 95.07
N SER KA 4 0.53 -1.41 96.33
CA SER KA 4 -0.67 -1.45 97.16
C SER KA 4 -1.48 -0.19 97.01
N GLN KA 5 -0.89 0.86 96.46
CA GLN KA 5 -1.62 2.08 96.21
C GLN KA 5 -2.58 1.89 95.03
N ILE KA 6 -2.19 1.09 94.05
CA ILE KA 6 -3.09 0.74 92.95
C ILE KA 6 -4.22 -0.14 93.46
N ASN KA 7 -3.93 -1.03 94.40
CA ASN KA 7 -4.94 -1.93 94.96
C ASN KA 7 -5.94 -1.19 95.84
N GLU KA 8 -5.63 0.03 96.26
CA GLU KA 8 -6.58 0.83 97.02
C GLU KA 8 -7.78 1.20 96.17
N LEU KA 9 -7.57 1.46 94.89
CA LEU KA 9 -8.60 1.96 94.00
C LEU KA 9 -9.62 0.88 93.68
N SER KA 10 -10.80 1.31 93.26
CA SER KA 10 -11.81 0.41 92.74
C SER KA 10 -11.66 0.29 91.24
N TYR KA 11 -12.56 -0.45 90.60
CA TYR KA 11 -12.44 -0.67 89.17
C TYR KA 11 -12.88 0.55 88.38
N LEU KA 12 -13.92 1.25 88.85
CA LEU KA 12 -14.48 2.37 88.10
C LEU KA 12 -13.56 3.57 88.13
N GLN KA 13 -12.61 3.60 89.06
CA GLN KA 13 -11.69 4.73 89.14
C GLN KA 13 -10.47 4.50 88.27
N VAL KA 14 -10.20 3.25 87.92
CA VAL KA 14 -9.02 2.95 87.11
C VAL KA 14 -9.36 3.03 85.63
N LYS KA 15 -10.57 2.61 85.25
CA LYS KA 15 -10.89 2.40 83.85
C LYS KA 15 -10.99 3.73 83.10
N GLY KA 16 -10.50 3.70 81.86
CA GLY KA 16 -10.44 4.90 81.06
C GLY KA 16 -9.33 5.86 81.41
N THR KA 17 -8.52 5.57 82.42
CA THR KA 17 -7.47 6.47 82.84
C THR KA 17 -6.08 6.05 82.39
N GLY KA 18 -5.94 4.86 81.79
CA GLY KA 18 -4.64 4.43 81.36
C GLY KA 18 -3.71 4.03 82.48
N LEU KA 19 -4.25 3.61 83.62
CA LEU KA 19 -3.41 3.23 84.75
C LEU KA 19 -3.09 1.74 84.73
N ALA KA 20 -4.03 0.91 84.27
CA ALA KA 20 -3.83 -0.54 84.28
C ALA KA 20 -2.75 -0.97 83.31
N ASN KA 21 -2.39 -0.13 82.37
CA ASN KA 21 -1.28 -0.37 81.46
C ASN KA 21 0.07 -0.26 82.15
N ARG KA 22 0.17 0.47 83.26
CA ARG KA 22 1.46 0.88 83.80
C ARG KA 22 1.86 -0.01 84.95
N CYS KA 23 3.10 -0.49 84.90
CA CYS KA 23 3.65 -1.27 85.99
C CYS KA 23 3.87 -0.42 87.23
N ALA KA 24 3.94 -1.09 88.35
CA ALA KA 24 4.06 -0.47 89.64
C ALA KA 24 5.46 0.12 89.85
N GLU KA 25 5.57 0.96 90.86
CA GLU KA 25 6.84 1.56 91.27
C GLU KA 25 7.19 1.02 92.64
N VAL KA 26 8.27 0.24 92.70
CA VAL KA 26 8.75 -0.32 93.95
C VAL KA 26 9.57 0.75 94.68
N VAL KA 27 9.53 0.74 96.00
CA VAL KA 27 10.09 1.80 96.83
C VAL KA 27 11.22 1.25 97.69
N GLY KA 28 12.38 1.88 97.60
CA GLY KA 28 13.47 1.49 98.50
C GLY KA 28 14.32 0.38 97.95
N GLU KA 29 15.46 0.16 98.61
CA GLU KA 29 16.39 -0.88 98.20
C GLU KA 29 16.94 -1.64 99.41
N ASP KA 30 16.92 -2.96 99.30
CA ASP KA 30 17.51 -3.88 100.27
C ASP KA 30 17.75 -5.22 99.57
N SER KA 31 17.93 -6.28 100.34
CA SER KA 31 18.13 -7.61 99.77
C SER KA 31 16.97 -8.51 100.14
N ILE KA 32 16.69 -9.49 99.26
CA ILE KA 32 15.72 -10.53 99.54
C ILE KA 32 16.28 -11.85 99.03
N LYS KA 33 16.04 -12.92 99.80
CA LYS KA 33 16.58 -14.22 99.47
C LYS KA 33 15.48 -15.11 98.92
N PRO KA 34 15.68 -15.73 97.76
CA PRO KA 34 14.70 -16.69 97.25
C PRO KA 34 14.73 -17.99 98.05
N LYS KA 35 13.56 -18.42 98.51
CA LYS KA 35 13.38 -19.64 99.27
C LYS KA 35 13.61 -20.86 98.38
N PRO KA 36 13.66 -22.07 98.96
CA PRO KA 36 13.68 -23.28 98.10
C PRO KA 36 12.48 -23.43 97.19
N GLY KA 37 11.27 -23.34 97.73
CA GLY KA 37 10.07 -23.36 96.92
C GLY KA 37 9.61 -22.01 96.43
N ALA KA 38 10.52 -21.06 96.23
CA ALA KA 38 10.14 -19.69 95.87
C ALA KA 38 9.61 -19.63 94.46
N LYS KA 39 8.49 -18.94 94.30
CA LYS KA 39 7.78 -18.88 93.04
C LYS KA 39 7.40 -17.45 92.78
N LEU KA 40 7.80 -16.94 91.63
CA LEU KA 40 7.56 -15.55 91.27
C LEU KA 40 6.10 -15.36 90.87
N VAL KA 41 5.50 -14.25 91.32
CA VAL KA 41 4.07 -14.12 91.30
C VAL KA 41 3.56 -13.10 90.27
N ASP KA 42 3.94 -11.83 90.37
CA ASP KA 42 3.24 -10.83 89.59
C ASP KA 42 4.20 -10.04 88.72
N MET KA 43 5.06 -10.75 87.99
CA MET KA 43 5.99 -10.04 87.13
C MET KA 43 5.27 -9.41 85.94
N CYS KA 44 5.28 -8.08 85.90
CA CYS KA 44 4.79 -7.33 84.76
C CYS KA 44 5.97 -6.65 84.09
N ILE KA 45 5.92 -6.56 82.78
CA ILE KA 45 6.97 -5.94 81.98
C ILE KA 45 6.32 -4.87 81.10
N GLU KA 46 6.79 -3.64 81.21
CA GLU KA 46 6.25 -2.70 80.24
C GLU KA 46 7.36 -1.89 79.59
N PRO KA 47 7.44 -1.91 78.28
CA PRO KA 47 8.48 -1.15 77.61
C PRO KA 47 8.09 0.31 77.42
N LYS KA 48 9.05 1.21 77.58
CA LYS KA 48 8.74 2.61 77.42
C LYS KA 48 9.30 3.22 76.14
N ALA KA 49 10.15 2.49 75.41
CA ALA KA 49 10.69 3.02 74.17
C ALA KA 49 10.97 1.87 73.23
N TRP KA 50 10.85 2.14 71.94
CA TRP KA 50 11.03 1.15 70.90
C TRP KA 50 12.00 1.67 69.85
N ALA KA 51 12.71 0.75 69.22
CA ALA KA 51 13.69 1.12 68.21
C ALA KA 51 13.86 -0.02 67.22
N VAL KA 52 13.87 0.29 65.94
CA VAL KA 52 13.96 -0.69 64.87
C VAL KA 52 15.26 -0.44 64.12
N GLU KA 53 16.03 -1.51 63.88
CA GLU KA 53 17.30 -1.37 63.20
C GLU KA 53 17.08 -1.11 61.71
N GLU KA 54 17.64 0.01 61.23
CA GLU KA 54 17.44 0.44 59.85
C GLU KA 54 18.77 0.90 59.26
N GLU KA 55 18.70 1.32 58.01
CA GLU KA 55 19.82 1.94 57.29
C GLU KA 55 19.67 3.45 57.46
N VAL KA 56 20.52 4.05 58.27
CA VAL KA 56 20.32 5.44 58.66
C VAL KA 56 21.11 6.35 57.72
N GLY KA 57 20.55 7.53 57.45
CA GLY KA 57 21.18 8.52 56.61
C GLY KA 57 22.13 9.48 57.32
N LYS KA 58 23.35 9.05 57.61
CA LYS KA 58 24.31 9.94 58.26
C LYS KA 58 24.90 10.92 57.24
N ALA KA 59 26.02 11.55 57.60
CA ALA KA 59 26.61 12.58 56.76
C ALA KA 59 27.10 12.03 55.43
N GLY KA 60 27.80 10.90 55.46
CA GLY KA 60 28.22 10.25 54.23
C GLY KA 60 28.13 8.75 54.26
N LYS KA 61 27.75 8.18 55.39
CA LYS KA 61 27.85 6.74 55.61
C LYS KA 61 26.48 6.16 55.92
N THR KA 62 26.35 4.85 55.67
CA THR KA 62 25.09 4.14 55.86
C THR KA 62 25.23 2.92 56.76
N GLU KA 63 25.86 3.07 57.91
CA GLU KA 63 25.92 1.98 58.86
C GLU KA 63 24.56 1.77 59.52
N LYS KA 64 24.32 0.55 59.99
CA LYS KA 64 23.04 0.22 60.58
C LYS KA 64 22.92 0.80 61.98
N LYS KA 65 21.88 1.58 62.21
CA LYS KA 65 21.62 2.16 63.52
C LYS KA 65 20.15 2.00 63.85
N PHE KA 66 19.82 2.20 65.11
CA PHE KA 66 18.45 2.14 65.56
C PHE KA 66 17.82 3.51 65.47
N VAL KA 67 16.76 3.62 64.69
CA VAL KA 67 15.86 4.75 64.78
C VAL KA 67 14.73 4.36 65.69
N ASN KA 68 14.20 5.33 66.43
CA ASN KA 68 13.06 5.01 67.28
C ASN KA 68 11.78 5.05 66.46
N SER KA 69 10.66 4.84 67.14
CA SER KA 69 9.39 4.69 66.46
C SER KA 69 8.27 5.00 67.43
N LYS KA 70 7.12 5.34 66.89
CA LYS KA 70 5.95 5.65 67.69
C LYS KA 70 4.99 4.48 67.65
N VAL KA 71 4.56 4.03 68.82
CA VAL KA 71 3.61 2.92 68.89
C VAL KA 71 2.24 3.41 68.46
N MET KA 72 1.51 2.56 67.74
CA MET KA 72 0.22 2.95 67.18
C MET KA 72 -0.95 2.16 67.72
N THR KA 73 -0.78 0.89 68.05
CA THR KA 73 -1.70 0.24 68.97
C THR KA 73 -1.57 0.95 70.31
N ARG KA 74 -2.71 1.21 70.95
CA ARG KA 74 -2.79 2.36 71.82
C ARG KA 74 -2.11 2.12 73.17
N GLN KA 75 -2.68 1.23 73.99
CA GLN KA 75 -2.17 1.02 75.34
C GLN KA 75 -2.12 -0.46 75.65
N THR KA 76 -1.90 -1.27 74.63
CA THR KA 76 -2.01 -2.71 74.76
C THR KA 76 -0.67 -3.41 74.78
N TYR KA 77 0.37 -2.81 75.33
CA TYR KA 77 1.71 -3.37 75.15
C TYR KA 77 2.24 -4.09 76.38
N THR KA 78 1.62 -3.91 77.53
CA THR KA 78 2.20 -4.39 78.78
C THR KA 78 1.89 -5.85 79.01
N LEU KA 79 2.88 -6.61 79.48
CA LEU KA 79 2.69 -7.98 79.93
C LEU KA 79 2.29 -7.99 81.39
N ASP KA 80 1.64 -9.08 81.82
CA ASP KA 80 1.11 -9.08 83.17
C ASP KA 80 0.98 -10.52 83.66
N ALA KA 81 0.94 -10.67 84.99
CA ALA KA 81 0.54 -11.88 85.69
C ALA KA 81 1.46 -13.06 85.41
N ILE KA 82 2.72 -12.77 85.08
CA ILE KA 82 3.63 -13.82 84.66
C ILE KA 82 4.14 -14.58 85.87
N GLU KA 83 3.85 -15.87 85.90
CA GLU KA 83 4.21 -16.73 87.02
C GLU KA 83 5.49 -17.46 86.68
N GLY KA 84 5.94 -18.26 87.64
CA GLY KA 84 7.09 -19.10 87.42
C GLY KA 84 7.86 -19.37 88.69
N PRO KA 85 8.45 -20.56 88.80
CA PRO KA 85 9.27 -20.89 89.96
C PRO KA 85 10.69 -20.38 89.80
N ILE KA 86 11.28 -19.98 90.93
CA ILE KA 86 12.66 -19.50 90.95
C ILE KA 86 13.51 -20.65 91.48
N THR KA 87 14.18 -21.35 90.58
CA THR KA 87 15.05 -22.45 90.98
C THR KA 87 16.43 -21.93 91.36
N VAL KA 88 17.02 -22.57 92.35
CA VAL KA 88 18.30 -22.13 92.90
C VAL KA 88 19.37 -23.09 92.38
N ASP KA 89 20.08 -22.68 91.35
CA ASP KA 89 21.35 -23.32 91.07
C ASP KA 89 22.39 -22.78 92.03
N GLY KA 90 23.50 -23.52 92.17
CA GLY KA 90 24.48 -23.17 93.18
C GLY KA 90 25.22 -21.90 92.88
N GLY KA 91 25.66 -21.74 91.62
CA GLY KA 91 26.44 -20.55 91.28
C GLY KA 91 25.56 -19.33 91.08
N LYS KA 92 24.44 -19.51 90.37
CA LYS KA 92 23.63 -18.39 89.93
C LYS KA 92 22.16 -18.72 90.12
N ILE KA 93 21.40 -17.77 90.64
CA ILE KA 93 19.97 -17.93 90.75
C ILE KA 93 19.34 -17.84 89.37
N THR KA 94 18.36 -18.71 89.12
CA THR KA 94 17.73 -18.82 87.81
C THR KA 94 16.23 -18.63 87.93
N PHE KA 95 15.60 -18.29 86.81
CA PHE KA 95 14.16 -18.17 86.72
C PHE KA 95 13.67 -18.79 85.42
N ASN KA 96 12.59 -19.53 85.50
CA ASN KA 96 11.92 -20.09 84.33
C ASN KA 96 10.43 -19.79 84.46
N GLU KA 97 9.89 -19.04 83.50
CA GLU KA 97 8.50 -18.61 83.58
C GLU KA 97 7.60 -19.75 83.14
N LYS KA 98 6.39 -19.80 83.69
CA LYS KA 98 5.49 -20.90 83.34
C LYS KA 98 4.24 -20.38 82.65
N GLU KA 99 3.51 -19.46 83.27
CA GLU KA 99 2.22 -19.06 82.74
C GLU KA 99 2.09 -17.54 82.84
N GLY KA 100 0.89 -17.03 82.63
CA GLY KA 100 0.65 -15.60 82.58
C GLY KA 100 0.56 -15.07 81.15
N ILE KA 101 0.07 -13.85 81.03
CA ILE KA 101 0.00 -13.19 79.73
C ILE KA 101 1.41 -12.81 79.32
N ASP KA 102 2.00 -13.59 78.43
CA ASP KA 102 3.40 -13.43 78.06
C ASP KA 102 3.57 -13.08 76.58
N TYR KA 103 2.58 -12.46 75.97
CA TYR KA 103 2.70 -11.91 74.64
C TYR KA 103 1.78 -10.72 74.56
N ALA KA 104 2.19 -9.70 73.81
CA ALA KA 104 1.38 -8.52 73.60
C ALA KA 104 1.71 -7.97 72.24
N ALA KA 105 0.82 -8.22 71.27
CA ALA KA 105 1.09 -7.82 69.89
C ALA KA 105 0.95 -6.32 69.73
N THR KA 106 1.89 -5.72 69.02
CA THR KA 106 1.89 -4.27 68.87
C THR KA 106 2.55 -3.90 67.55
N THR KA 107 2.39 -2.65 67.17
CA THR KA 107 2.79 -2.16 65.86
C THR KA 107 3.35 -0.75 66.00
N VAL KA 108 4.56 -0.54 65.47
CA VAL KA 108 5.22 0.75 65.56
C VAL KA 108 5.41 1.28 64.15
N GLN KA 109 5.54 2.59 64.02
CA GLN KA 109 5.68 3.22 62.72
C GLN KA 109 7.02 3.94 62.63
N LEU KA 110 7.71 3.74 61.52
CA LEU KA 110 9.03 4.26 61.23
C LEU KA 110 8.93 5.61 60.53
N PRO KA 111 10.03 6.35 60.38
CA PRO KA 111 10.06 7.40 59.36
C PRO KA 111 9.94 6.81 57.97
N GLY KA 112 9.10 7.46 57.16
CA GLY KA 112 8.76 6.98 55.84
C GLY KA 112 7.36 6.44 55.74
N GLY KA 113 6.73 6.13 56.86
CA GLY KA 113 5.39 5.58 56.85
C GLY KA 113 5.30 4.08 56.90
N GLU KA 114 6.42 3.38 57.10
CA GLU KA 114 6.37 1.93 57.16
C GLU KA 114 5.86 1.47 58.51
N ARG KA 115 4.91 0.56 58.50
CA ARG KA 115 4.33 0.00 59.71
C ARG KA 115 4.93 -1.36 59.97
N VAL KA 116 5.61 -1.49 61.10
CA VAL KA 116 6.26 -2.75 61.46
C VAL KA 116 5.54 -3.32 62.67
N PRO KA 117 4.72 -4.35 62.51
CA PRO KA 117 4.17 -5.04 63.66
C PRO KA 117 5.22 -5.97 64.23
N PHE KA 118 5.08 -6.28 65.52
CA PHE KA 118 5.92 -7.29 66.13
C PHE KA 118 5.22 -7.83 67.36
N LEU KA 119 5.33 -9.13 67.57
CA LEU KA 119 4.86 -9.73 68.80
C LEU KA 119 5.90 -9.52 69.87
N PHE KA 120 5.52 -8.85 70.95
CA PHE KA 120 6.40 -8.63 72.08
C PHE KA 120 6.08 -9.69 73.12
N THR KA 121 7.05 -10.54 73.44
CA THR KA 121 6.77 -11.74 74.19
C THR KA 121 7.95 -12.11 75.08
N VAL KA 122 7.67 -12.93 76.08
CA VAL KA 122 8.67 -13.54 76.95
C VAL KA 122 8.43 -15.04 77.12
N LYS KA 123 7.89 -15.69 76.10
CA LYS KA 123 7.57 -17.11 76.20
C LYS KA 123 8.83 -17.96 76.31
N ASP KA 124 8.80 -18.93 77.23
CA ASP KA 124 9.88 -19.89 77.50
C ASP KA 124 11.19 -19.17 77.84
N LEU KA 125 11.12 -18.35 78.89
CA LEU KA 125 12.24 -17.52 79.29
C LEU KA 125 13.10 -18.24 80.31
N VAL KA 126 14.40 -18.25 80.10
CA VAL KA 126 15.34 -18.88 81.02
C VAL KA 126 16.26 -17.77 81.50
N ALA KA 127 15.94 -17.18 82.64
CA ALA KA 127 16.74 -16.12 83.21
C ALA KA 127 17.84 -16.70 84.08
N LYS KA 128 18.99 -16.03 84.08
CA LYS KA 128 20.13 -16.42 84.89
C LYS KA 128 20.80 -15.16 85.38
N GLY KA 129 21.00 -15.05 86.69
CA GLY KA 129 21.64 -13.87 87.22
C GLY KA 129 22.66 -14.16 88.29
N ASN KA 130 23.61 -13.25 88.44
CA ASN KA 130 24.75 -13.44 89.34
C ASN KA 130 24.33 -13.49 90.80
N GLY KA 131 24.93 -14.43 91.54
CA GLY KA 131 24.66 -14.56 92.95
C GLY KA 131 23.36 -15.30 93.21
N ASP KA 132 22.92 -15.19 94.47
CA ASP KA 132 21.73 -15.91 94.90
C ASP KA 132 20.60 -14.94 95.24
N THR KA 133 20.88 -13.99 96.12
CA THR KA 133 19.84 -13.09 96.60
C THR KA 133 19.66 -11.93 95.65
N PHE KA 134 18.42 -11.43 95.58
CA PHE KA 134 18.15 -10.26 94.76
C PHE KA 134 18.69 -9.01 95.44
N LYS KA 135 19.43 -8.23 94.68
CA LYS KA 135 20.16 -7.08 95.18
C LYS KA 135 19.91 -5.92 94.23
N PRO KA 136 20.22 -4.69 94.65
CA PRO KA 136 20.17 -3.57 93.70
C PRO KA 136 21.23 -3.62 92.61
N GLY KA 137 22.24 -4.45 92.77
CA GLY KA 137 23.20 -4.71 91.71
C GLY KA 137 22.92 -5.97 90.93
N PHE KA 138 21.78 -6.62 91.15
CA PHE KA 138 21.49 -7.88 90.50
C PHE KA 138 21.07 -7.66 89.04
N GLN KA 139 21.39 -8.62 88.19
CA GLN KA 139 21.21 -8.46 86.75
C GLN KA 139 21.07 -9.84 86.12
N MET KA 140 19.84 -10.19 85.74
CA MET KA 140 19.58 -11.48 85.10
C MET KA 140 19.05 -11.27 83.69
N GLY KA 141 19.16 -12.31 82.86
CA GLY KA 141 18.64 -12.27 81.52
C GLY KA 141 18.68 -13.64 80.88
N GLY KA 142 18.18 -13.72 79.66
CA GLY KA 142 18.24 -14.97 78.93
C GLY KA 142 17.35 -14.96 77.71
N ASP KA 143 17.33 -16.10 77.04
CA ASP KA 143 16.65 -16.26 75.77
C ASP KA 143 15.16 -16.55 75.96
N PHE KA 144 14.36 -16.06 75.01
CA PHE KA 144 12.95 -16.43 74.95
C PHE KA 144 12.61 -16.78 73.51
N ASN KA 145 11.59 -17.61 73.33
CA ASN KA 145 11.20 -18.03 71.99
C ASN KA 145 10.02 -17.19 71.51
N THR KA 146 10.21 -16.52 70.41
CA THR KA 146 9.10 -15.80 69.80
C THR KA 146 8.32 -16.73 68.91
N PRO KA 147 7.03 -16.92 69.14
CA PRO KA 147 6.20 -17.61 68.15
C PRO KA 147 5.91 -16.68 66.98
N SER KA 148 5.25 -17.23 65.98
CA SER KA 148 4.90 -16.41 64.83
C SER KA 148 3.79 -15.45 65.20
N TYR KA 149 3.70 -14.36 64.44
CA TYR KA 149 2.73 -13.32 64.76
C TYR KA 149 1.31 -13.76 64.46
N ARG KA 150 1.16 -14.67 63.52
CA ARG KA 150 -0.14 -15.20 63.14
C ARG KA 150 -0.12 -16.70 63.36
N THR KA 151 -1.14 -17.23 64.02
CA THR KA 151 -1.30 -18.67 64.09
C THR KA 151 -1.72 -19.17 62.71
N GLY KA 152 -1.24 -20.35 62.33
CA GLY KA 152 -1.36 -20.90 61.00
C GLY KA 152 -2.70 -20.96 60.32
N LEU KA 153 -3.79 -20.77 61.06
CA LEU KA 153 -5.12 -20.72 60.46
C LEU KA 153 -5.56 -19.29 60.16
N PHE KA 154 -4.63 -18.35 60.13
CA PHE KA 154 -4.92 -17.00 59.67
C PHE KA 154 -5.11 -17.01 58.16
N LEU KA 155 -6.13 -16.32 57.68
CA LEU KA 155 -6.42 -16.25 56.25
C LEU KA 155 -5.98 -14.89 55.72
N ASP KA 156 -5.12 -14.90 54.71
CA ASP KA 156 -4.66 -13.68 54.05
C ASP KA 156 -5.81 -13.19 53.16
N PRO KA 157 -5.70 -11.94 52.56
CA PRO KA 157 -6.78 -11.46 51.69
C PRO KA 157 -7.26 -12.35 50.55
N LYS KA 158 -6.41 -13.26 50.05
CA LYS KA 158 -6.89 -14.18 49.02
C LYS KA 158 -7.58 -15.38 49.63
N GLY KA 159 -7.30 -15.68 50.89
CA GLY KA 159 -7.94 -16.80 51.54
C GLY KA 159 -7.02 -17.99 51.67
N ARG KA 160 -5.76 -17.75 52.00
CA ARG KA 160 -4.74 -18.78 52.08
C ARG KA 160 -4.10 -18.76 53.45
N GLY KA 161 -4.04 -19.91 54.11
CA GLY KA 161 -3.39 -20.03 55.40
C GLY KA 161 -2.49 -21.24 55.45
N GLY KA 162 -1.83 -21.39 56.58
CA GLY KA 162 -0.90 -22.50 56.76
C GLY KA 162 -1.62 -23.79 57.07
N THR KA 163 -2.67 -23.72 57.87
CA THR KA 163 -3.43 -24.91 58.25
C THR KA 163 -4.85 -24.91 57.73
N THR KA 164 -5.23 -23.89 56.97
CA THR KA 164 -6.54 -23.85 56.33
C THR KA 164 -6.42 -23.01 55.06
N GLY KA 165 -7.55 -22.80 54.41
CA GLY KA 165 -7.59 -21.94 53.25
C GLY KA 165 -7.18 -22.66 51.99
N TYR KA 166 -7.11 -21.89 50.91
CA TYR KA 166 -6.64 -22.41 49.63
C TYR KA 166 -5.13 -22.49 49.63
N ASP KA 167 -4.55 -22.83 48.49
CA ASP KA 167 -3.11 -22.76 48.32
C ASP KA 167 -2.70 -22.24 46.95
N MET KA 168 -3.61 -21.62 46.22
CA MET KA 168 -3.30 -21.04 44.94
C MET KA 168 -4.04 -19.72 44.81
N ALA KA 169 -3.60 -18.90 43.85
CA ALA KA 169 -4.23 -17.62 43.60
C ALA KA 169 -5.65 -17.87 43.11
N VAL KA 170 -6.62 -17.64 43.97
CA VAL KA 170 -7.94 -18.20 43.78
C VAL KA 170 -8.72 -17.48 42.69
N ALA KA 171 -8.40 -16.22 42.43
CA ALA KA 171 -9.02 -15.47 41.34
C ALA KA 171 -8.08 -15.31 40.15
N LEU KA 172 -7.05 -16.14 40.06
CA LEU KA 172 -6.17 -16.19 38.91
C LEU KA 172 -6.09 -17.64 38.43
N PRO KA 173 -7.14 -18.13 37.77
CA PRO KA 173 -7.21 -19.57 37.51
C PRO KA 173 -6.36 -20.02 36.35
N ALA KA 174 -5.76 -19.10 35.61
CA ALA KA 174 -4.93 -19.51 34.48
C ALA KA 174 -3.45 -19.57 34.87
N LEU KA 175 -3.14 -19.42 36.15
CA LEU KA 175 -1.74 -19.53 36.56
C LEU KA 175 -1.29 -20.97 36.65
N GLN KA 176 -2.20 -21.90 36.93
CA GLN KA 176 -1.80 -23.29 37.13
C GLN KA 176 -1.92 -24.07 35.81
N LEU KA 177 -1.39 -23.47 34.76
CA LEU KA 177 -1.44 -24.09 33.44
C LEU KA 177 -0.03 -24.32 32.94
N GLY KA 178 0.25 -25.55 32.57
CA GLY KA 178 1.58 -25.93 32.14
C GLY KA 178 2.23 -26.87 33.11
N GLU KA 179 3.46 -27.27 32.76
CA GLU KA 179 4.23 -28.13 33.64
C GLU KA 179 4.73 -27.35 34.86
N GLU KA 180 4.97 -26.05 34.69
CA GLU KA 180 5.54 -25.26 35.77
C GLU KA 180 4.49 -24.91 36.82
N GLY KA 181 3.22 -24.84 36.42
CA GLY KA 181 2.17 -24.45 37.34
C GLY KA 181 2.29 -23.00 37.74
N ASP KA 182 2.02 -22.73 39.01
CA ASP KA 182 2.17 -21.42 39.62
C ASP KA 182 3.41 -21.33 40.49
N ALA KA 183 4.50 -21.97 40.09
CA ALA KA 183 5.67 -22.05 40.96
C ALA KA 183 6.47 -20.75 40.94
N GLU KA 184 6.10 -19.80 40.08
CA GLU KA 184 6.74 -18.49 40.09
C GLU KA 184 6.34 -17.71 41.34
N LEU KA 185 5.09 -17.83 41.77
CA LEU KA 185 4.61 -17.22 43.00
C LEU KA 185 4.49 -18.23 44.15
N PHE KA 186 5.40 -19.19 44.22
CA PHE KA 186 5.38 -20.26 45.19
C PHE KA 186 5.51 -19.77 46.63
N GLY KA 187 6.30 -18.71 46.83
CA GLY KA 187 6.60 -18.26 48.17
C GLY KA 187 5.39 -17.65 48.87
N GLU KA 188 4.47 -17.08 48.10
CA GLU KA 188 3.27 -16.47 48.64
C GLU KA 188 2.13 -17.45 48.78
N ASN KA 189 2.33 -18.70 48.39
CA ASN KA 189 1.35 -19.73 48.65
C ASN KA 189 1.69 -20.58 49.86
N ASN KA 190 2.97 -20.88 50.05
CA ASN KA 190 3.43 -21.70 51.17
C ASN KA 190 3.51 -20.79 52.40
N LYS KA 191 2.70 -21.09 53.40
CA LYS KA 191 2.68 -20.30 54.63
C LYS KA 191 3.44 -21.08 55.70
N VAL KA 192 4.56 -20.55 56.13
CA VAL KA 192 5.43 -21.26 57.06
C VAL KA 192 5.40 -20.59 58.43
N PHE KA 193 5.00 -21.35 59.44
CA PHE KA 193 5.04 -20.92 60.83
C PHE KA 193 6.50 -20.78 61.24
N ASP KA 194 6.86 -19.64 61.82
CA ASP KA 194 8.24 -19.31 62.09
C ASP KA 194 8.44 -19.06 63.58
N ILE KA 195 9.50 -19.64 64.13
CA ILE KA 195 9.91 -19.40 65.52
C ILE KA 195 11.31 -18.81 65.48
N THR KA 196 11.48 -17.65 66.12
CA THR KA 196 12.80 -17.04 66.23
C THR KA 196 13.21 -16.92 67.69
N GLN KA 197 14.35 -16.30 67.94
CA GLN KA 197 14.88 -16.14 69.29
C GLN KA 197 14.90 -14.68 69.68
N GLY KA 198 14.89 -14.44 70.97
CA GLY KA 198 15.01 -13.09 71.49
C GLY KA 198 15.80 -13.11 72.77
N ARG KA 199 16.49 -12.02 73.09
CA ARG KA 199 17.37 -11.97 74.24
C ARG KA 199 17.01 -10.76 75.10
N ILE KA 200 16.47 -11.01 76.28
CA ILE KA 200 16.09 -9.95 77.22
C ILE KA 200 17.16 -9.89 78.31
N GLU KA 201 17.41 -8.69 78.82
CA GLU KA 201 18.38 -8.47 79.87
C GLU KA 201 17.78 -7.55 80.93
N MET KA 202 17.40 -8.13 82.06
CA MET KA 202 16.76 -7.40 83.14
C MET KA 202 17.80 -6.98 84.18
N GLU KA 203 17.42 -6.06 85.04
CA GLU KA 203 18.36 -5.52 86.03
C GLU KA 203 17.56 -4.99 87.21
N VAL KA 204 17.60 -5.71 88.33
CA VAL KA 204 16.92 -5.28 89.54
C VAL KA 204 17.72 -4.15 90.17
N ASN KA 205 17.02 -3.09 90.58
CA ASN KA 205 17.75 -2.04 91.29
C ASN KA 205 17.04 -1.53 92.54
N LYS KA 206 15.78 -1.87 92.74
CA LYS KA 206 15.04 -1.41 93.92
C LYS KA 206 14.20 -2.57 94.45
N VAL KA 207 14.42 -2.93 95.71
CA VAL KA 207 13.81 -4.09 96.33
C VAL KA 207 13.09 -3.64 97.61
N ASN KA 208 11.94 -4.23 97.89
CA ASN KA 208 11.41 -4.30 99.24
C ASN KA 208 11.56 -5.73 99.74
N ALA KA 209 12.04 -5.88 100.97
CA ALA KA 209 12.05 -7.19 101.61
C ALA KA 209 10.93 -7.35 102.60
N GLU KA 210 10.46 -6.24 103.17
CA GLU KA 210 9.29 -6.25 104.04
C GLU KA 210 8.01 -6.46 103.24
N ASP KA 211 8.07 -6.28 101.93
CA ASP KA 211 6.94 -6.43 101.05
C ASP KA 211 7.19 -7.47 99.98
N SER KA 212 8.45 -7.90 99.82
CA SER KA 212 8.88 -9.01 98.95
C SER KA 212 8.53 -8.73 97.49
N GLU KA 213 8.79 -7.51 97.04
CA GLU KA 213 8.52 -7.10 95.67
C GLU KA 213 9.72 -6.33 95.13
N ILE KA 214 10.17 -6.71 93.93
CA ILE KA 214 11.33 -6.13 93.32
C ILE KA 214 10.92 -5.38 92.07
N GLY KA 215 11.86 -4.66 91.47
CA GLY KA 215 11.57 -3.96 90.26
C GLY KA 215 12.73 -3.15 89.72
N GLY KA 216 12.94 -3.17 88.42
CA GLY KA 216 14.04 -2.46 87.84
C GLY KA 216 13.88 -2.26 86.36
N VAL KA 217 14.99 -1.97 85.70
CA VAL KA 217 15.01 -1.61 84.29
C VAL KA 217 15.48 -2.81 83.48
N PHE KA 218 14.84 -3.07 82.34
CA PHE KA 218 15.28 -4.14 81.47
C PHE KA 218 15.71 -3.54 80.13
N VAL KA 219 16.16 -4.42 79.24
CA VAL KA 219 16.34 -4.11 77.84
C VAL KA 219 16.16 -5.41 77.06
N ALA KA 220 15.32 -5.39 76.02
CA ALA KA 220 14.96 -6.58 75.29
C ALA KA 220 15.17 -6.35 73.80
N THR KA 221 15.76 -7.33 73.14
CA THR KA 221 15.88 -7.31 71.69
C THR KA 221 15.25 -8.58 71.14
N GLN KA 222 14.60 -8.44 70.00
CA GLN KA 222 13.98 -9.58 69.34
C GLN KA 222 13.88 -9.26 67.86
N LEU KA 223 13.16 -10.10 67.14
CA LEU KA 223 13.01 -9.97 65.71
C LEU KA 223 11.53 -9.75 65.41
N SER KA 224 11.24 -8.84 64.48
CA SER KA 224 9.85 -8.56 64.14
C SER KA 224 9.28 -9.69 63.30
N ASP KA 225 8.03 -9.52 62.87
CA ASP KA 225 7.39 -10.60 62.15
C ASP KA 225 7.69 -10.53 60.66
N THR KA 226 7.28 -11.56 59.94
CA THR KA 226 7.57 -11.71 58.52
C THR KA 226 6.33 -12.05 57.71
N ASP KA 227 5.18 -12.26 58.37
CA ASP KA 227 3.96 -12.80 57.77
C ASP KA 227 4.24 -14.11 57.03
N MET KA 228 4.82 -15.06 57.78
CA MET KA 228 5.00 -16.45 57.36
C MET KA 228 5.90 -16.56 56.13
N GLY KA 229 6.92 -15.73 56.09
CA GLY KA 229 7.83 -15.71 54.97
C GLY KA 229 7.50 -14.72 53.87
N SER KA 230 6.70 -13.70 54.18
CA SER KA 230 6.34 -12.74 53.14
C SER KA 230 7.44 -11.71 52.93
N LYS KA 231 8.21 -11.41 53.97
CA LYS KA 231 9.25 -10.40 53.86
C LYS KA 231 10.40 -10.77 54.79
N THR KA 232 11.44 -9.97 54.75
CA THR KA 232 12.55 -10.14 55.67
C THR KA 232 12.22 -9.45 56.98
N PRO KA 233 12.25 -10.16 58.11
CA PRO KA 233 11.97 -9.52 59.39
C PRO KA 233 13.11 -8.64 59.84
N LYS KA 234 12.80 -7.69 60.70
CA LYS KA 234 13.77 -6.68 61.12
C LYS KA 234 13.97 -6.71 62.62
N LYS KA 235 15.20 -6.42 63.03
CA LYS KA 235 15.58 -6.52 64.43
C LYS KA 235 14.98 -5.36 65.22
N VAL KA 236 14.29 -5.68 66.31
CA VAL KA 236 13.58 -4.69 67.10
C VAL KA 236 14.17 -4.67 68.50
N LEU KA 237 14.65 -3.51 68.92
CA LEU KA 237 15.14 -3.28 70.27
C LEU KA 237 14.11 -2.49 71.05
N THR KA 238 13.98 -2.80 72.33
CA THR KA 238 13.09 -2.03 73.19
C THR KA 238 13.66 -1.95 74.59
N LYS KA 239 13.16 -0.97 75.35
CA LYS KA 239 13.61 -0.69 76.71
C LYS KA 239 12.42 -0.28 77.54
N GLY KA 240 12.51 -0.50 78.84
CA GLY KA 240 11.43 -0.09 79.71
C GLY KA 240 11.74 -0.39 81.16
N ILE KA 241 10.69 -0.68 81.92
CA ILE KA 241 10.79 -0.97 83.33
C ILE KA 241 9.94 -2.19 83.61
N PHE KA 242 10.33 -2.97 84.60
CA PHE KA 242 9.52 -4.10 85.03
C PHE KA 242 9.29 -4.01 86.53
N TYR KA 243 8.69 -5.05 87.06
CA TYR KA 243 8.21 -5.09 88.43
C TYR KA 243 7.83 -6.52 88.73
N ALA KA 244 8.17 -7.02 89.91
CA ALA KA 244 7.88 -8.42 90.20
C ALA KA 244 7.64 -8.60 91.69
N LYS KA 245 6.84 -9.60 92.01
CA LYS KA 245 6.58 -9.98 93.40
C LYS KA 245 7.24 -11.32 93.68
N VAL KA 246 8.28 -11.29 94.52
CA VAL KA 246 9.16 -12.44 94.66
C VAL KA 246 8.56 -13.54 95.53
N ASP KA 247 7.55 -13.22 96.35
CA ASP KA 247 6.92 -14.12 97.32
C ASP KA 247 7.91 -14.76 98.28
N MET LA 1 1.12 6.82 39.29
CA MET LA 1 0.90 7.17 37.89
C MET LA 1 -0.54 6.90 37.52
N GLU LA 2 -1.12 5.85 38.10
CA GLU LA 2 -2.50 5.49 37.78
C GLU LA 2 -3.48 6.34 38.54
N ALA LA 3 -3.18 6.64 39.80
CA ALA LA 3 -4.08 7.42 40.65
C ALA LA 3 -4.09 8.89 40.29
N LEU LA 4 -3.14 9.34 39.48
CA LEU LA 4 -3.12 10.73 39.04
C LEU LA 4 -4.28 11.03 38.12
N VAL LA 5 -4.74 10.03 37.37
CA VAL LA 5 -5.87 10.22 36.49
C VAL LA 5 -7.17 10.30 37.30
N TYR LA 6 -7.27 9.49 38.35
CA TYR LA 6 -8.48 9.48 39.17
C TYR LA 6 -8.66 10.79 39.91
N THR LA 7 -7.56 11.39 40.39
CA THR LA 7 -7.63 12.66 41.08
C THR LA 7 -8.03 13.78 40.13
N PHE LA 8 -7.50 13.76 38.90
CA PHE LA 8 -7.84 14.78 37.91
C PHE LA 8 -9.29 14.68 37.48
N LEU LA 9 -9.87 13.48 37.48
CA LEU LA 9 -11.28 13.36 37.16
C LEU LA 9 -12.15 13.89 38.30
N LEU LA 10 -11.71 13.73 39.54
CA LEU LA 10 -12.51 14.16 40.67
C LEU LA 10 -12.50 15.66 40.84
N ILE LA 11 -11.32 16.27 40.84
CA ILE LA 11 -11.29 17.73 41.00
C ILE LA 11 -11.75 18.41 39.73
N GLY LA 12 -11.63 17.76 38.58
CA GLY LA 12 -12.21 18.31 37.37
C GLY LA 12 -13.72 18.28 37.37
N THR LA 13 -14.30 17.30 38.06
CA THR LA 13 -15.76 17.28 38.22
C THR LA 13 -16.22 18.37 39.17
N LEU LA 14 -15.41 18.67 40.18
CA LEU LA 14 -15.79 19.71 41.14
C LEU LA 14 -15.58 21.10 40.56
N MET LA 15 -14.85 21.23 39.46
CA MET LA 15 -14.76 22.54 38.82
C MET LA 15 -16.08 22.90 38.16
N VAL LA 16 -16.64 21.98 37.39
CA VAL LA 16 -17.84 22.30 36.62
C VAL LA 16 -19.06 22.41 37.54
N ILE LA 17 -18.96 21.85 38.75
CA ILE LA 17 -19.97 22.12 39.77
C ILE LA 17 -19.84 23.55 40.28
N PHE LA 18 -18.61 24.04 40.40
CA PHE LA 18 -18.40 25.41 40.87
C PHE LA 18 -18.91 26.42 39.85
N PHE LA 19 -18.64 26.18 38.57
CA PHE LA 19 -19.05 27.13 37.54
C PHE LA 19 -20.55 27.09 37.31
N ALA LA 20 -21.20 25.97 37.65
CA ALA LA 20 -22.62 25.87 37.38
C ALA LA 20 -23.43 26.58 38.45
N VAL LA 21 -22.84 26.73 39.64
CA VAL LA 21 -23.56 27.37 40.73
C VAL LA 21 -23.40 28.87 40.66
N PHE LA 22 -22.20 29.33 40.37
CA PHE LA 22 -21.94 30.76 40.51
C PHE LA 22 -22.02 31.49 39.18
N PHE LA 23 -21.62 30.84 38.10
CA PHE LA 23 -21.76 31.42 36.77
C PHE LA 23 -22.98 30.93 36.04
N ARG LA 24 -24.08 30.70 36.75
CA ARG LA 24 -25.26 30.17 36.10
C ARG LA 24 -25.93 31.26 35.27
N GLU LA 25 -26.61 30.84 34.21
CA GLU LA 25 -27.39 31.76 33.41
C GLU LA 25 -28.59 32.18 34.24
N THR LA 26 -28.58 33.41 34.74
CA THR LA 26 -29.59 33.83 35.69
C THR LA 26 -30.91 34.07 34.98
N PRO LA 27 -31.98 33.38 35.35
CA PRO LA 27 -33.25 33.55 34.64
C PRO LA 27 -33.93 34.84 35.03
N ARG LA 28 -34.55 35.48 34.05
CA ARG LA 28 -35.13 36.79 34.24
C ARG LA 28 -36.54 36.82 33.68
N ILE LA 29 -37.43 37.47 34.43
CA ILE LA 29 -38.77 37.72 33.91
C ILE LA 29 -38.72 38.92 32.98
N LEU LA 30 -39.48 38.85 31.88
CA LEU LA 30 -39.47 39.81 30.76
C LEU LA 30 -38.08 40.04 30.19
N VAL MA 1 1.10 -24.79 54.99
CA VAL MA 1 1.97 -25.54 54.11
C VAL MA 1 1.13 -26.11 52.99
N ILE MA 2 1.61 -26.01 51.75
CA ILE MA 2 0.90 -26.59 50.61
C ILE MA 2 0.85 -28.10 50.75
N ASP MA 3 2.00 -28.72 50.83
CA ASP MA 3 2.13 -30.18 50.80
C ASP MA 3 2.63 -30.65 52.16
N TYR MA 4 1.68 -30.87 53.07
CA TYR MA 4 1.99 -31.32 54.42
C TYR MA 4 1.68 -32.80 54.52
N GLU MA 5 2.69 -33.60 54.81
CA GLU MA 5 2.45 -34.99 55.08
C GLU MA 5 1.93 -35.12 56.51
N ASN MA 6 1.20 -36.21 56.76
CA ASN MA 6 0.49 -36.59 57.99
C ASN MA 6 -0.73 -35.71 58.20
N ILE MA 7 -1.44 -35.39 57.11
CA ILE MA 7 -2.77 -34.82 57.25
C ILE MA 7 -3.73 -35.85 57.83
N GLY MA 8 -3.54 -37.12 57.46
CA GLY MA 8 -4.48 -38.16 57.87
C GLY MA 8 -4.44 -38.44 59.35
N TYR MA 9 -3.25 -38.33 59.96
CA TYR MA 9 -3.11 -38.68 61.36
C TYR MA 9 -3.73 -37.63 62.29
N LEU MA 10 -4.13 -36.48 61.75
CA LEU MA 10 -4.75 -35.46 62.58
C LEU MA 10 -6.11 -35.90 63.11
N GLY MA 11 -7.10 -36.03 62.24
CA GLY MA 11 -8.44 -36.25 62.74
C GLY MA 11 -9.20 -37.44 62.19
N GLY MA 12 -8.86 -37.89 60.99
CA GLY MA 12 -9.78 -38.71 60.23
C GLY MA 12 -9.33 -40.10 59.83
N SER MA 13 -8.08 -40.47 60.04
CA SER MA 13 -7.61 -41.78 59.59
C SER MA 13 -7.92 -42.88 60.57
N SER MA 14 -8.50 -42.56 61.74
CA SER MA 14 -8.71 -43.46 62.88
C SER MA 14 -7.41 -44.10 63.35
N ILE MA 15 -6.31 -43.38 63.18
CA ILE MA 15 -5.07 -43.60 63.92
C ILE MA 15 -4.48 -42.22 64.20
N VAL MA 16 -4.60 -41.77 65.44
CA VAL MA 16 -4.49 -40.34 65.69
C VAL MA 16 -3.04 -39.99 65.96
N ASP MA 17 -2.69 -38.73 65.74
CA ASP MA 17 -1.39 -38.20 66.12
C ASP MA 17 -1.50 -37.73 67.55
N ILE MA 18 -0.36 -37.64 68.25
CA ILE MA 18 -0.39 -37.13 69.61
C ILE MA 18 -0.11 -35.63 69.64
N ASN MA 19 1.03 -35.23 69.11
CA ASN MA 19 1.48 -33.87 69.25
C ASN MA 19 0.97 -32.94 68.16
N ASN MA 20 -0.02 -33.36 67.37
CA ASN MA 20 -0.60 -32.50 66.36
C ASN MA 20 -2.12 -32.56 66.29
N ALA MA 21 -2.75 -33.51 66.94
CA ALA MA 21 -4.20 -33.65 66.81
C ALA MA 21 -4.93 -32.64 67.67
N ASN MA 22 -6.13 -32.28 67.23
CA ASN MA 22 -7.03 -31.46 68.02
C ASN MA 22 -7.60 -32.32 69.14
N VAL MA 23 -8.12 -31.66 70.18
CA VAL MA 23 -8.78 -32.38 71.25
C VAL MA 23 -10.10 -32.99 70.77
N ARG MA 24 -10.65 -32.49 69.66
CA ARG MA 24 -11.80 -33.11 69.02
C ARG MA 24 -11.47 -34.46 68.41
N ALA MA 25 -10.20 -34.73 68.14
CA ALA MA 25 -9.84 -36.00 67.52
C ALA MA 25 -9.90 -37.13 68.54
N TYR MA 26 -9.70 -36.83 69.81
CA TYR MA 26 -9.82 -37.81 70.86
C TYR MA 26 -11.25 -38.01 71.31
N LEU MA 27 -12.21 -37.35 70.66
CA LEU MA 27 -13.61 -37.55 71.02
C LEU MA 27 -14.11 -38.86 70.45
N LYS MA 28 -13.48 -39.36 69.38
CA LYS MA 28 -13.91 -40.60 68.78
C LYS MA 28 -13.50 -41.83 69.59
N MET MA 29 -12.71 -41.64 70.64
CA MET MA 29 -12.31 -42.73 71.50
C MET MA 29 -13.14 -42.64 72.77
N PRO MA 30 -14.02 -43.61 73.03
CA PRO MA 30 -14.81 -43.57 74.27
C PRO MA 30 -13.97 -43.71 75.53
N GLY MA 31 -14.11 -42.74 76.42
CA GLY MA 31 -13.43 -42.76 77.68
C GLY MA 31 -12.41 -41.67 77.89
N MET MA 32 -11.92 -41.04 76.81
CA MET MA 32 -10.77 -40.15 76.95
C MET MA 32 -11.18 -38.70 77.01
N TYR MA 33 -12.20 -38.32 76.26
CA TYR MA 33 -12.71 -36.96 76.41
C TYR MA 33 -13.60 -36.88 77.64
N PRO MA 34 -13.44 -35.86 78.49
CA PRO MA 34 -12.51 -34.74 78.36
C PRO MA 34 -11.28 -34.82 79.26
N THR MA 35 -11.29 -35.72 80.23
CA THR MA 35 -10.30 -35.71 81.30
C THR MA 35 -8.96 -36.22 80.81
N VAL MA 36 -8.95 -37.44 80.28
CA VAL MA 36 -7.70 -38.05 79.85
C VAL MA 36 -7.17 -37.37 78.60
N ALA MA 37 -8.09 -36.97 77.71
CA ALA MA 37 -7.69 -36.22 76.52
C ALA MA 37 -7.22 -34.82 76.88
N GLY MA 38 -7.69 -34.29 78.02
CA GLY MA 38 -7.31 -32.94 78.41
C GLY MA 38 -5.86 -32.86 78.85
N LYS MA 39 -5.31 -33.94 79.39
CA LYS MA 39 -3.94 -33.91 79.86
C LYS MA 39 -2.96 -34.14 78.73
N ILE MA 40 -3.35 -34.94 77.74
CA ILE MA 40 -2.47 -35.26 76.62
C ILE MA 40 -2.24 -34.02 75.76
N VAL MA 41 -3.31 -33.29 75.49
CA VAL MA 41 -3.24 -32.11 74.64
C VAL MA 41 -2.51 -30.98 75.35
N SER MA 42 -2.59 -30.94 76.68
CA SER MA 42 -2.08 -29.80 77.42
C SER MA 42 -0.55 -29.80 77.50
N HIS MA 43 0.08 -30.96 77.61
CA HIS MA 43 1.52 -30.98 77.83
C HIS MA 43 2.28 -31.00 76.51
N GLY MA 44 3.60 -30.97 76.63
CA GLY MA 44 4.46 -30.68 75.52
C GLY MA 44 4.69 -31.87 74.61
N PRO MA 45 5.78 -31.80 73.83
CA PRO MA 45 6.02 -32.81 72.78
C PRO MA 45 6.31 -34.19 73.32
N TYR MA 46 5.68 -35.19 72.71
CA TYR MA 46 5.89 -36.58 73.04
C TYR MA 46 6.62 -37.27 71.91
N SER MA 47 7.41 -38.30 72.25
CA SER MA 47 8.13 -39.05 71.25
C SER MA 47 7.55 -40.42 70.98
N GLY MA 48 6.72 -40.94 71.88
CA GLY MA 48 6.11 -42.23 71.66
C GLY MA 48 4.88 -42.41 72.52
N VAL MA 49 4.27 -43.58 72.39
CA VAL MA 49 3.12 -43.92 73.21
C VAL MA 49 3.58 -44.25 74.63
N ALA MA 50 4.85 -44.62 74.79
CA ALA MA 50 5.40 -44.84 76.12
C ALA MA 50 5.55 -43.54 76.89
N ASP MA 51 5.63 -42.41 76.17
CA ASP MA 51 5.73 -41.12 76.84
C ASP MA 51 4.38 -40.64 77.33
N LEU MA 52 3.30 -41.32 76.95
CA LEU MA 52 1.98 -40.99 77.47
C LEU MA 52 1.87 -41.35 78.93
N TYR MA 53 2.67 -42.31 79.38
CA TYR MA 53 2.63 -42.71 80.78
C TYR MA 53 3.51 -41.82 81.64
N LYS MA 54 4.25 -40.91 81.00
CA LYS MA 54 5.10 -39.98 81.74
C LYS MA 54 4.38 -38.70 82.12
N ILE MA 55 3.07 -38.61 81.87
CA ILE MA 55 2.32 -37.38 82.14
C ILE MA 55 2.20 -37.19 83.64
N PRO MA 56 2.59 -36.01 84.15
CA PRO MA 56 2.37 -35.73 85.57
C PRO MA 56 0.89 -35.65 85.92
N GLY MA 57 0.47 -36.49 86.86
CA GLY MA 57 -0.93 -36.52 87.25
C GLY MA 57 -1.75 -37.53 86.48
N LEU MA 58 -1.31 -38.78 86.48
CA LEU MA 58 -2.06 -39.88 85.88
C LEU MA 58 -2.54 -40.83 86.96
N SER MA 59 -3.76 -41.33 86.80
CA SER MA 59 -4.28 -42.40 87.62
C SER MA 59 -4.05 -43.74 86.95
N SER MA 60 -4.56 -44.79 87.59
CA SER MA 60 -4.60 -46.09 86.93
C SER MA 60 -5.77 -46.17 85.96
N ALA MA 61 -6.82 -45.38 86.21
CA ALA MA 61 -7.93 -45.33 85.28
C ALA MA 61 -7.61 -44.45 84.09
N GLU MA 62 -6.77 -43.43 84.29
CA GLU MA 62 -6.36 -42.60 83.16
C GLU MA 62 -5.35 -43.33 82.28
N ALA MA 63 -4.53 -44.18 82.88
CA ALA MA 63 -3.67 -45.05 82.07
C ALA MA 63 -4.44 -46.21 81.45
N ASP MA 64 -5.66 -46.46 81.91
CA ASP MA 64 -6.42 -47.61 81.42
C ASP MA 64 -6.95 -47.35 80.02
N VAL MA 65 -7.56 -46.17 79.80
CA VAL MA 65 -8.13 -45.87 78.49
C VAL MA 65 -7.03 -45.55 77.48
N ILE MA 66 -5.84 -45.19 77.96
CA ILE MA 66 -4.70 -45.08 77.06
C ILE MA 66 -4.21 -46.47 76.67
N LYS MA 67 -4.31 -47.42 77.61
CA LYS MA 67 -3.88 -48.78 77.33
C LYS MA 67 -4.79 -49.47 76.33
N LYS MA 68 -6.06 -49.10 76.31
CA LYS MA 68 -6.99 -49.64 75.32
C LYS MA 68 -6.60 -49.20 73.91
N TYR MA 69 -6.38 -47.91 73.72
CA TYR MA 69 -6.24 -47.33 72.40
C TYR MA 69 -4.80 -47.05 72.03
N GLU MA 70 -3.85 -47.71 72.69
CA GLU MA 70 -2.44 -47.44 72.45
C GLU MA 70 -2.01 -47.92 71.07
N SER MA 71 -2.76 -48.83 70.47
CA SER MA 71 -2.54 -49.18 69.08
C SER MA 71 -2.99 -48.06 68.15
N ARG MA 72 -4.02 -47.31 68.56
CA ARG MA 72 -4.57 -46.27 67.71
C ARG MA 72 -3.84 -44.95 67.91
N LEU MA 73 -3.34 -44.72 69.11
CA LEU MA 73 -2.47 -43.58 69.36
C LEU MA 73 -1.10 -43.82 68.72
N THR MA 74 -0.58 -42.79 68.08
CA THR MA 74 0.79 -42.80 67.60
C THR MA 74 1.30 -41.36 67.55
N ALA MA 75 2.61 -41.21 67.62
CA ALA MA 75 3.24 -39.90 67.73
C ALA MA 75 4.06 -39.60 66.49
N LYS MA 76 3.99 -38.35 66.03
CA LYS MA 76 4.68 -37.93 64.81
C LYS MA 76 5.55 -36.71 65.06
N THR MA 77 6.04 -36.12 63.98
CA THR MA 77 6.87 -34.93 64.07
C THR MA 77 6.01 -33.73 64.41
N PRO MA 78 6.34 -32.95 65.45
CA PRO MA 78 5.52 -31.79 65.79
C PRO MA 78 5.80 -30.62 64.85
N SER MA 79 4.86 -30.36 63.95
CA SER MA 79 4.99 -29.14 63.15
C SER MA 79 4.31 -28.00 63.89
N PRO MA 80 5.03 -26.92 64.18
CA PRO MA 80 4.62 -26.03 65.28
C PRO MA 80 3.37 -25.19 65.05
N ASP MA 81 2.77 -25.24 63.87
CA ASP MA 81 1.54 -24.50 63.65
C ASP MA 81 0.32 -25.32 64.05
N TYR MA 82 0.43 -26.64 63.99
CA TYR MA 82 -0.65 -27.49 64.48
C TYR MA 82 -0.58 -27.65 65.99
N VAL MA 83 0.58 -27.39 66.59
CA VAL MA 83 0.72 -27.67 68.02
C VAL MA 83 0.11 -26.55 68.85
N ILE MA 84 -0.18 -25.42 68.22
CA ILE MA 84 -0.74 -24.29 68.96
C ILE MA 84 -2.23 -24.46 69.13
N ASP MA 85 -2.92 -24.79 68.04
CA ASP MA 85 -4.37 -24.93 68.03
C ASP MA 85 -4.78 -26.37 68.33
N ARG MA 86 -4.28 -26.89 69.44
CA ARG MA 86 -4.63 -28.23 69.87
C ARG MA 86 -5.81 -28.27 70.83
N ILE MA 87 -6.00 -27.23 71.63
CA ILE MA 87 -7.21 -27.08 72.42
C ILE MA 87 -8.37 -26.59 71.57
N ASN MA 88 -8.12 -25.56 70.76
CA ASN MA 88 -9.17 -24.94 69.98
C ASN MA 88 -8.55 -24.49 68.66
N ASN MA 89 -9.03 -25.04 67.55
CA ASN MA 89 -8.59 -24.62 66.23
C ASN MA 89 -9.70 -23.89 65.49
N GLY MA 90 -10.77 -23.53 66.18
CA GLY MA 90 -11.85 -22.81 65.52
C GLY MA 90 -12.74 -23.71 64.70
N LEU MA 91 -12.97 -24.92 65.16
CA LEU MA 91 -13.87 -25.84 64.49
C LEU MA 91 -14.98 -26.16 65.46
N TYR MA 92 -16.22 -25.90 65.05
CA TYR MA 92 -17.36 -26.15 65.91
C TYR MA 92 -18.50 -26.73 65.08
N ARG MA 93 -19.16 -27.72 65.65
CA ARG MA 93 -20.22 -28.44 64.95
C ARG MA 93 -21.48 -27.61 64.82
N ASP NA 2 -47.73 -40.43 57.16
CA ASP NA 2 -46.62 -41.24 56.70
C ASP NA 2 -45.68 -41.46 57.89
N LEU NA 3 -46.19 -41.22 59.09
CA LEU NA 3 -45.51 -41.66 60.31
C LEU NA 3 -45.88 -43.11 60.54
N ASP NA 4 -45.19 -43.99 59.83
CA ASP NA 4 -45.44 -45.41 59.96
C ASP NA 4 -44.93 -45.91 61.31
N GLU NA 5 -45.52 -46.99 61.80
CA GLU NA 5 -45.14 -47.50 63.11
C GLU NA 5 -43.78 -48.17 63.08
N ALA NA 6 -43.28 -48.52 61.90
CA ALA NA 6 -41.91 -48.97 61.79
C ALA NA 6 -40.93 -47.82 61.95
N THR NA 7 -41.34 -46.62 61.55
CA THR NA 7 -40.49 -45.45 61.71
C THR NA 7 -40.58 -44.90 63.13
N ARG NA 8 -41.73 -45.05 63.78
CA ARG NA 8 -41.86 -44.64 65.17
C ARG NA 8 -41.25 -45.63 66.15
N THR NA 9 -40.80 -46.79 65.66
CA THR NA 9 -40.26 -47.80 66.55
C THR NA 9 -38.81 -47.49 66.90
N VAL NA 10 -38.54 -47.20 68.17
CA VAL NA 10 -37.23 -46.77 68.63
C VAL NA 10 -36.69 -47.73 69.68
N VAL NA 11 -35.37 -47.70 69.86
CA VAL NA 11 -34.70 -48.62 70.75
C VAL NA 11 -34.87 -48.15 72.19
N VAL NA 12 -35.16 -49.08 73.11
CA VAL NA 12 -35.64 -48.71 74.43
C VAL NA 12 -34.70 -49.10 75.57
N ASP NA 13 -33.88 -50.14 75.44
CA ASP NA 13 -33.02 -50.51 76.56
C ASP NA 13 -31.60 -50.76 76.08
N ASN NA 14 -30.70 -50.98 77.05
CA ASN NA 14 -29.28 -51.17 76.73
C ASN NA 14 -29.05 -52.48 76.00
N ALA NA 15 -29.94 -53.46 76.18
CA ALA NA 15 -29.81 -54.72 75.45
C ALA NA 15 -30.12 -54.53 73.98
N GLY NA 16 -31.18 -53.78 73.66
CA GLY NA 16 -31.52 -53.53 72.28
C GLY NA 16 -32.96 -53.81 71.89
N ASN NA 17 -33.89 -53.82 72.86
CA ASN NA 17 -35.29 -53.98 72.53
C ASN NA 17 -35.83 -52.71 71.92
N THR NA 18 -36.82 -52.86 71.03
CA THR NA 18 -37.40 -51.74 70.31
C THR NA 18 -38.90 -51.70 70.58
N THR NA 19 -39.38 -50.55 71.04
CA THR NA 19 -40.80 -50.29 71.22
C THR NA 19 -41.21 -49.11 70.36
N VAL NA 20 -42.51 -48.91 70.22
CA VAL NA 20 -43.05 -47.90 69.34
C VAL NA 20 -43.55 -46.74 70.18
N LEU NA 21 -43.57 -45.54 69.59
CA LEU NA 21 -44.06 -44.35 70.26
C LEU NA 21 -45.44 -44.00 69.72
N THR NA 22 -46.40 -43.87 70.63
CA THR NA 22 -47.75 -43.49 70.27
C THR NA 22 -47.75 -42.04 69.77
N PRO NA 23 -48.71 -41.67 68.91
CA PRO NA 23 -48.63 -40.33 68.27
C PRO NA 23 -48.77 -39.12 69.18
N GLU NA 24 -49.18 -39.29 70.44
CA GLU NA 24 -49.10 -38.17 71.36
C GLU NA 24 -47.71 -38.04 71.95
N GLN NA 25 -46.91 -39.10 71.91
CA GLN NA 25 -45.55 -39.03 72.43
C GLN NA 25 -44.66 -38.20 71.50
N VAL NA 26 -44.89 -38.32 70.19
CA VAL NA 26 -44.05 -37.60 69.25
C VAL NA 26 -44.47 -36.13 69.15
N LYS NA 27 -45.67 -35.82 69.63
CA LYS NA 27 -46.16 -34.45 69.52
C LYS NA 27 -45.83 -33.66 70.76
N ARG NA 28 -46.06 -34.24 71.93
CA ARG NA 28 -45.60 -33.64 73.18
C ARG NA 28 -44.08 -33.69 73.26
N GLY NA 29 -43.48 -34.65 72.58
CA GLY NA 29 -42.04 -34.75 72.59
C GLY NA 29 -41.39 -33.61 71.86
N LYS NA 30 -42.08 -33.01 70.91
CA LYS NA 30 -41.50 -31.86 70.23
C LYS NA 30 -41.76 -30.58 70.99
N ARG NA 31 -42.96 -30.42 71.56
CA ARG NA 31 -43.29 -29.20 72.27
C ARG NA 31 -42.48 -29.06 73.54
N LEU NA 32 -42.26 -30.17 74.25
CA LEU NA 32 -41.46 -30.10 75.47
C LEU NA 32 -39.98 -29.92 75.16
N PHE NA 33 -39.49 -30.47 74.06
CA PHE NA 33 -38.07 -30.37 73.76
C PHE NA 33 -37.69 -28.95 73.38
N ASN NA 34 -38.52 -28.30 72.58
CA ASN NA 34 -38.22 -26.92 72.20
C ASN NA 34 -38.40 -25.98 73.37
N ALA NA 35 -39.34 -26.26 74.27
CA ALA NA 35 -39.58 -25.38 75.40
C ALA NA 35 -38.51 -25.57 76.47
N THR NA 36 -38.10 -26.81 76.73
CA THR NA 36 -37.14 -27.06 77.79
C THR NA 36 -35.70 -27.14 77.27
N CYS NA 37 -35.44 -28.08 76.39
CA CYS NA 37 -34.07 -28.43 76.01
C CYS NA 37 -33.57 -27.62 74.84
N GLY NA 38 -34.49 -27.11 74.02
CA GLY NA 38 -34.13 -26.57 72.73
C GLY NA 38 -33.47 -25.23 72.74
N ALA NA 39 -33.32 -24.61 73.91
CA ALA NA 39 -32.61 -23.34 73.99
C ALA NA 39 -31.15 -23.52 73.63
N CYS NA 40 -30.56 -24.65 74.01
CA CYS NA 40 -29.18 -24.94 73.68
C CYS NA 40 -29.04 -26.13 72.75
N HIS NA 41 -29.88 -27.15 72.91
CA HIS NA 41 -29.80 -28.32 72.05
C HIS NA 41 -30.73 -28.21 70.85
N VAL NA 42 -30.67 -27.11 70.10
CA VAL NA 42 -31.57 -26.94 68.97
C VAL NA 42 -31.01 -27.68 67.75
N GLY NA 43 -31.80 -28.61 67.23
CA GLY NA 43 -31.39 -29.37 66.07
C GLY NA 43 -30.29 -30.36 66.31
N GLY NA 44 -29.96 -30.68 67.57
CA GLY NA 44 -29.00 -31.70 67.87
C GLY NA 44 -27.62 -31.19 68.23
N ILE NA 45 -27.28 -29.99 67.86
CA ILE NA 45 -26.01 -29.42 68.26
C ILE NA 45 -26.14 -28.85 69.65
N THR NA 46 -25.02 -28.68 70.33
CA THR NA 46 -24.99 -28.04 71.63
C THR NA 46 -24.29 -26.71 71.50
N LYS NA 47 -24.97 -25.63 71.92
CA LYS NA 47 -24.42 -24.30 71.73
C LYS NA 47 -23.25 -24.04 72.66
N THR NA 48 -23.38 -24.43 73.93
CA THR NA 48 -22.40 -24.07 74.94
C THR NA 48 -21.23 -25.05 75.01
N ASN NA 49 -21.30 -26.16 74.31
CA ASN NA 49 -20.20 -27.13 74.25
C ASN NA 49 -20.36 -27.96 72.98
N PRO NA 50 -19.85 -27.48 71.84
CA PRO NA 50 -20.20 -28.09 70.55
C PRO NA 50 -19.57 -29.45 70.32
N ASN NA 51 -18.67 -29.88 71.19
CA ASN NA 51 -18.07 -31.20 71.05
C ASN NA 51 -19.08 -32.29 71.38
N VAL NA 52 -19.91 -32.04 72.38
CA VAL NA 52 -20.82 -33.06 72.92
C VAL NA 52 -22.21 -32.74 72.38
N GLY NA 53 -22.59 -33.41 71.29
CA GLY NA 53 -23.84 -33.15 70.62
C GLY NA 53 -24.90 -34.18 70.94
N LEU NA 54 -26.01 -34.07 70.21
CA LEU NA 54 -27.07 -35.07 70.28
C LEU NA 54 -27.08 -35.96 69.05
N ASP NA 55 -25.95 -36.14 68.42
CA ASP NA 55 -25.83 -37.06 67.30
C ASP NA 55 -26.02 -38.49 67.76
N PRO NA 56 -26.59 -39.35 66.92
CA PRO NA 56 -26.61 -40.78 67.26
C PRO NA 56 -25.23 -41.40 67.26
N GLU NA 57 -24.29 -40.82 66.52
CA GLU NA 57 -22.89 -41.19 66.69
C GLU NA 57 -22.36 -40.71 68.03
N ALA NA 58 -22.69 -39.48 68.40
CA ALA NA 58 -22.11 -38.90 69.62
C ALA NA 58 -22.74 -39.45 70.88
N LEU NA 59 -24.02 -39.83 70.82
CA LEU NA 59 -24.64 -40.48 71.97
C LEU NA 59 -24.10 -41.89 72.18
N SER NA 60 -23.68 -42.54 71.11
CA SER NA 60 -23.21 -43.90 71.23
C SER NA 60 -21.78 -43.95 71.78
N LEU NA 61 -20.99 -42.92 71.53
CA LEU NA 61 -19.59 -42.96 71.95
C LEU NA 61 -19.39 -42.54 73.40
N ALA NA 62 -20.46 -42.14 74.10
CA ALA NA 62 -20.33 -41.81 75.51
C ALA NA 62 -20.08 -43.08 76.31
N THR NA 63 -19.39 -42.93 77.44
CA THR NA 63 -18.83 -44.07 78.17
C THR NA 63 -19.93 -44.94 78.80
N PRO NA 64 -21.03 -44.36 79.31
CA PRO NA 64 -22.27 -45.15 79.23
C PRO NA 64 -22.92 -44.85 77.89
N ARG NA 65 -23.37 -45.90 77.21
CA ARG NA 65 -24.04 -45.70 75.94
C ARG NA 65 -25.38 -45.00 76.15
N ARG NA 66 -25.62 -43.94 75.40
CA ARG NA 66 -26.73 -43.04 75.65
C ARG NA 66 -27.81 -43.09 74.58
N ASP NA 67 -27.77 -44.06 73.67
CA ASP NA 67 -28.71 -44.03 72.55
C ASP NA 67 -30.11 -44.45 72.97
N ASN NA 68 -30.23 -45.17 74.08
CA ASN NA 68 -31.51 -45.76 74.42
C ASN NA 68 -32.43 -44.72 75.06
N ILE NA 69 -33.73 -45.01 75.02
CA ILE NA 69 -34.67 -44.19 75.77
C ILE NA 69 -34.41 -44.32 77.27
N SER NA 70 -34.11 -45.54 77.73
CA SER NA 70 -33.82 -45.75 79.14
C SER NA 70 -32.48 -45.15 79.54
N ALA NA 71 -31.59 -44.95 78.56
CA ALA NA 71 -30.31 -44.35 78.87
C ALA NA 71 -30.40 -42.83 78.86
N LEU NA 72 -31.30 -42.27 78.05
CA LEU NA 72 -31.43 -40.82 78.01
C LEU NA 72 -32.16 -40.30 79.23
N VAL NA 73 -33.21 -40.99 79.67
CA VAL NA 73 -33.93 -40.57 80.87
C VAL NA 73 -33.06 -40.82 82.10
N ASP NA 74 -32.13 -41.77 81.99
CA ASP NA 74 -31.09 -41.92 83.00
C ASP NA 74 -30.21 -40.68 83.08
N TYR NA 75 -29.86 -40.13 81.93
CA TYR NA 75 -29.00 -38.94 81.89
C TYR NA 75 -29.71 -37.72 82.46
N ILE NA 76 -31.02 -37.64 82.25
CA ILE NA 76 -31.76 -36.47 82.70
C ILE NA 76 -31.84 -36.44 84.23
N LYS NA 77 -32.02 -37.61 84.84
CA LYS NA 77 -32.11 -37.62 86.29
C LYS NA 77 -30.72 -37.63 86.93
N ASN NA 78 -29.69 -38.00 86.17
CA ASN NA 78 -28.33 -38.03 86.71
C ASN NA 78 -27.32 -37.79 85.58
N PRO NA 79 -27.04 -36.54 85.26
CA PRO NA 79 -26.10 -36.28 84.17
C PRO NA 79 -24.65 -36.37 84.59
N THR NA 80 -23.98 -37.42 84.15
CA THR NA 80 -22.53 -37.46 84.28
C THR NA 80 -21.91 -36.77 83.07
N THR NA 81 -20.59 -36.80 83.03
CA THR NA 81 -19.90 -36.21 81.90
C THR NA 81 -19.92 -37.16 80.71
N TYR NA 82 -19.10 -36.83 79.71
CA TYR NA 82 -19.00 -37.64 78.52
C TYR NA 82 -18.26 -38.93 78.80
N ASP NA 83 -17.25 -38.88 79.67
CA ASP NA 83 -16.57 -40.11 80.08
C ASP NA 83 -17.24 -40.73 81.30
N GLY NA 84 -18.28 -40.09 81.82
CA GLY NA 84 -19.07 -40.66 82.88
C GLY NA 84 -18.38 -40.80 84.21
N LEU NA 85 -17.28 -40.09 84.45
CA LEU NA 85 -16.57 -40.26 85.71
C LEU NA 85 -17.20 -39.41 86.80
N GLU NA 86 -17.51 -38.15 86.51
CA GLU NA 86 -18.04 -37.25 87.51
C GLU NA 86 -19.36 -36.64 87.03
N SER NA 87 -20.10 -36.09 87.98
CA SER NA 87 -21.41 -35.53 87.68
C SER NA 87 -21.31 -34.05 87.38
N ILE NA 88 -22.13 -33.61 86.42
CA ILE NA 88 -22.25 -32.20 86.07
C ILE NA 88 -23.70 -31.79 86.23
N ALA NA 89 -24.38 -32.39 87.21
CA ALA NA 89 -25.73 -32.01 87.52
C ALA NA 89 -25.83 -30.57 88.01
N GLU NA 90 -24.76 -30.05 88.59
CA GLU NA 90 -24.76 -28.69 89.09
C GLU NA 90 -24.83 -27.67 87.95
N VAL NA 91 -24.41 -28.03 86.75
CA VAL NA 91 -24.43 -27.12 85.61
C VAL NA 91 -25.35 -27.58 84.49
N HIS NA 92 -25.59 -28.87 84.35
CA HIS NA 92 -26.62 -29.22 83.37
C HIS NA 92 -27.97 -29.31 84.06
N PRO NA 93 -29.05 -28.90 83.41
CA PRO NA 93 -30.37 -29.04 84.01
C PRO NA 93 -30.75 -30.50 84.15
N SER NA 94 -31.29 -30.84 85.32
CA SER NA 94 -31.51 -32.23 85.66
C SER NA 94 -32.74 -32.33 86.56
N ILE NA 95 -32.98 -33.53 87.08
CA ILE NA 95 -33.98 -33.74 88.11
C ILE NA 95 -33.36 -33.73 89.49
N LYS NA 96 -32.14 -34.26 89.60
CA LYS NA 96 -31.42 -34.25 90.86
C LYS NA 96 -31.09 -32.83 91.31
N SER NA 97 -30.53 -32.02 90.41
CA SER NA 97 -30.31 -30.61 90.67
C SER NA 97 -31.39 -29.79 89.99
N ALA NA 98 -32.62 -29.89 90.50
CA ALA NA 98 -33.75 -29.17 89.93
C ALA NA 98 -34.27 -28.09 90.86
N ASP NA 99 -33.57 -27.80 91.94
CA ASP NA 99 -33.90 -26.62 92.73
C ASP NA 99 -33.35 -25.35 92.11
N ILE NA 100 -32.20 -25.43 91.45
CA ILE NA 100 -31.69 -24.24 90.79
C ILE NA 100 -32.43 -23.99 89.49
N TYR NA 101 -32.66 -25.01 88.69
CA TYR NA 101 -33.35 -24.84 87.42
C TYR NA 101 -34.84 -24.87 87.65
N PRO NA 102 -35.55 -23.76 87.45
CA PRO NA 102 -37.00 -23.76 87.69
C PRO NA 102 -37.76 -24.42 86.58
N ARG NA 103 -37.07 -24.81 85.52
CA ARG NA 103 -37.75 -25.29 84.33
C ARG NA 103 -38.09 -26.77 84.46
N MET NA 104 -37.43 -27.46 85.38
CA MET NA 104 -37.62 -28.89 85.51
C MET NA 104 -38.24 -29.30 86.83
N ARG NA 105 -38.97 -28.40 87.49
CA ARG NA 105 -39.62 -28.77 88.74
C ARG NA 105 -40.93 -29.50 88.49
N SER NA 106 -41.47 -29.41 87.29
CA SER NA 106 -42.74 -30.06 86.96
C SER NA 106 -42.55 -30.92 85.72
N LEU NA 107 -42.03 -32.13 85.92
CA LEU NA 107 -41.85 -33.09 84.85
C LEU NA 107 -42.15 -34.48 85.39
N THR NA 108 -42.98 -35.21 84.69
CA THR NA 108 -43.38 -36.55 85.11
C THR NA 108 -42.48 -37.56 84.40
N ASP NA 109 -42.79 -38.85 84.59
CA ASP NA 109 -42.00 -39.89 83.94
C ASP NA 109 -42.33 -39.99 82.45
N GLU NA 110 -43.60 -39.81 82.10
CA GLU NA 110 -43.98 -39.86 80.69
C GLU NA 110 -43.52 -38.63 79.93
N ASP NA 111 -43.28 -37.52 80.62
CA ASP NA 111 -42.80 -36.32 79.96
C ASP NA 111 -41.34 -36.46 79.55
N LEU NA 112 -40.52 -37.04 80.42
CA LEU NA 112 -39.16 -37.34 80.00
C LEU NA 112 -39.11 -38.50 79.03
N TYR NA 113 -40.11 -39.37 79.06
CA TYR NA 113 -40.18 -40.46 78.10
C TYR NA 113 -40.46 -39.95 76.70
N SER NA 114 -41.15 -38.82 76.58
CA SER NA 114 -41.43 -38.27 75.26
C SER NA 114 -40.33 -37.33 74.79
N ILE NA 115 -39.66 -36.62 75.71
CA ILE NA 115 -38.53 -35.79 75.32
C ILE NA 115 -37.39 -36.66 74.81
N ALA NA 116 -37.09 -37.74 75.53
CA ALA NA 116 -36.09 -38.68 75.05
C ALA NA 116 -36.57 -39.42 73.83
N GLY NA 117 -37.89 -39.55 73.64
CA GLY NA 117 -38.41 -40.06 72.40
C GLY NA 117 -38.11 -39.14 71.23
N HIS NA 118 -38.16 -37.83 71.46
CA HIS NA 118 -37.90 -36.88 70.39
C HIS NA 118 -36.42 -36.86 70.01
N ILE NA 119 -35.53 -36.99 70.99
CA ILE NA 119 -34.09 -37.02 70.71
C ILE NA 119 -33.69 -38.26 69.93
N MET NA 120 -34.39 -39.37 70.14
CA MET NA 120 -34.09 -40.62 69.45
C MET NA 120 -34.78 -40.77 68.11
N LEU NA 121 -35.99 -40.27 67.96
CA LEU NA 121 -36.74 -40.42 66.73
C LEU NA 121 -36.42 -39.35 65.69
N SER NA 122 -35.78 -38.25 66.08
CA SER NA 122 -35.41 -37.24 65.11
C SER NA 122 -34.26 -37.59 64.17
N PRO NA 123 -33.22 -38.36 64.54
CA PRO NA 123 -32.29 -38.80 63.49
C PRO NA 123 -32.88 -39.78 62.51
N LYS NA 124 -33.98 -40.44 62.87
CA LYS NA 124 -34.62 -41.35 61.93
C LYS NA 124 -35.47 -40.58 60.92
N ILE NA 125 -36.03 -39.45 61.32
CA ILE NA 125 -36.73 -38.60 60.36
C ILE NA 125 -35.73 -37.87 59.47
N ALA NA 126 -34.92 -36.99 60.07
CA ALA NA 126 -33.92 -36.22 59.33
C ALA NA 126 -32.58 -36.87 59.62
N SER NA 127 -31.97 -37.46 58.61
CA SER NA 127 -30.81 -38.32 58.83
C SER NA 127 -29.56 -37.50 59.11
N GLU NA 128 -29.39 -36.40 58.39
CA GLU NA 128 -28.17 -35.62 58.46
C GLU NA 128 -28.37 -34.23 59.03
N LYS NA 129 -29.61 -33.77 59.15
CA LYS NA 129 -29.86 -32.44 59.69
C LYS NA 129 -29.72 -32.41 61.19
N TRP NA 130 -29.94 -33.54 61.85
CA TRP NA 130 -29.92 -33.57 63.31
C TRP NA 130 -28.50 -33.54 63.83
N GLY NA 131 -28.10 -32.40 64.37
CA GLY NA 131 -26.75 -32.27 64.91
C GLY NA 131 -25.68 -32.20 63.86
N GLY NA 132 -26.02 -31.75 62.66
CA GLY NA 132 -25.06 -31.65 61.60
C GLY NA 132 -24.52 -30.25 61.46
N GLY NA 133 -25.01 -29.35 62.31
CA GLY NA 133 -24.53 -27.99 62.26
C GLY NA 133 -25.23 -27.20 61.19
N LYS NA 134 -24.61 -26.08 60.83
CA LYS NA 134 -25.21 -25.17 59.87
C LYS NA 134 -24.95 -25.61 58.44
N ILE NA 135 -24.05 -26.58 58.25
CA ILE NA 135 -23.81 -27.11 56.91
C ILE NA 135 -25.06 -27.79 56.39
N TYR NA 136 -25.79 -28.47 57.26
CA TYR NA 136 -26.94 -29.22 56.85
C TYR NA 136 -28.26 -28.56 57.22
N TYR NA 137 -28.30 -27.24 57.32
CA TYR NA 137 -29.56 -26.57 57.56
C TYR NA 137 -30.45 -26.69 56.35
N MET OA 1 -63.79 -32.38 75.49
CA MET OA 1 -62.71 -32.05 74.57
C MET OA 1 -63.22 -31.33 73.33
N ILE OA 2 -63.88 -30.19 73.51
CA ILE OA 2 -64.47 -29.49 72.39
C ILE OA 2 -63.87 -28.10 72.20
N ASN OA 3 -62.67 -27.87 72.75
CA ASN OA 3 -61.86 -26.66 72.54
C ASN OA 3 -62.61 -25.40 72.99
N TRP OA 4 -62.82 -25.33 74.31
CA TRP OA 4 -63.61 -24.26 74.89
C TRP OA 4 -62.93 -22.90 74.77
N GLN OA 5 -61.61 -22.88 74.62
CA GLN OA 5 -60.88 -21.62 74.57
C GLN OA 5 -61.18 -20.86 73.30
N VAL OA 6 -61.06 -21.55 72.16
CA VAL OA 6 -61.30 -20.92 70.85
C VAL OA 6 -62.75 -20.51 70.70
N ILE OA 7 -63.67 -21.34 71.22
CA ILE OA 7 -65.08 -20.98 71.24
C ILE OA 7 -65.31 -19.76 72.11
N GLY OA 8 -64.55 -19.64 73.19
CA GLY OA 8 -64.67 -18.47 74.04
C GLY OA 8 -64.10 -17.21 73.41
N GLN OA 9 -62.98 -17.35 72.69
CA GLN OA 9 -62.33 -16.19 72.11
C GLN OA 9 -63.09 -15.65 70.91
N LEU OA 10 -63.60 -16.54 70.06
CA LEU OA 10 -64.26 -16.11 68.84
C LEU OA 10 -65.62 -15.48 69.11
N MET OA 11 -66.27 -15.92 70.20
CA MET OA 11 -67.51 -15.25 70.57
C MET OA 11 -67.22 -13.91 71.23
N SER OA 12 -66.17 -13.85 72.04
CA SER OA 12 -65.90 -12.62 72.77
C SER OA 12 -65.30 -11.53 71.89
N THR OA 13 -64.66 -11.86 70.77
CA THR OA 13 -64.36 -10.81 69.81
C THR OA 13 -65.63 -10.36 69.10
N ALA OA 14 -66.46 -11.30 68.68
CA ALA OA 14 -67.68 -10.98 67.95
C ALA OA 14 -68.70 -10.27 68.83
N VAL OA 15 -68.63 -10.40 70.15
CA VAL OA 15 -69.45 -9.56 71.00
C VAL OA 15 -68.92 -8.13 70.98
N ILE OA 16 -67.60 -7.99 71.10
CA ILE OA 16 -66.98 -6.67 71.22
C ILE OA 16 -66.90 -5.97 69.86
N MET OA 17 -66.57 -6.69 68.79
CA MET OA 17 -66.54 -6.09 67.46
C MET OA 17 -67.92 -5.71 66.95
N LEU OA 18 -68.98 -6.27 67.52
CA LEU OA 18 -70.33 -5.84 67.19
C LEU OA 18 -70.91 -4.90 68.23
N ALA OA 19 -70.21 -4.65 69.33
CA ALA OA 19 -70.68 -3.68 70.31
C ALA OA 19 -70.19 -2.27 70.00
N GLY OA 20 -69.34 -2.12 68.99
CA GLY OA 20 -68.84 -0.83 68.60
C GLY OA 20 -69.70 -0.11 67.58
N PRO OA 21 -69.92 -0.73 66.43
CA PRO OA 21 -70.91 -0.17 65.48
C PRO OA 21 -72.33 -0.15 66.00
N ALA OA 22 -72.67 -0.95 67.02
CA ALA OA 22 -74.02 -0.88 67.57
C ALA OA 22 -74.24 0.41 68.35
N VAL OA 23 -73.16 1.04 68.79
CA VAL OA 23 -73.27 2.37 69.39
C VAL OA 23 -73.64 3.40 68.32
N ILE OA 24 -73.10 3.22 67.12
CA ILE OA 24 -73.38 4.16 66.04
C ILE OA 24 -74.73 3.85 65.39
N VAL OA 25 -75.03 2.56 65.19
CA VAL OA 25 -76.27 2.15 64.53
C VAL OA 25 -77.48 2.55 65.37
N LEU OA 26 -77.38 2.38 66.69
CA LEU OA 26 -78.45 2.86 67.56
C LEU OA 26 -78.57 4.38 67.57
N LEU OA 27 -77.52 5.10 67.20
CA LEU OA 27 -77.65 6.54 67.07
C LEU OA 27 -78.21 6.95 65.72
N ALA OA 28 -77.92 6.19 64.66
CA ALA OA 28 -78.43 6.57 63.35
C ALA OA 28 -79.93 6.33 63.26
N LEU OA 29 -80.43 5.32 63.96
CA LEU OA 29 -81.87 5.08 64.01
C LEU OA 29 -82.56 6.13 64.85
N LYS OA 30 -81.86 6.64 65.86
CA LYS OA 30 -82.42 7.61 66.78
C LYS OA 30 -82.29 9.03 66.25
N LYS OA 31 -81.51 9.22 65.18
CA LYS OA 31 -81.24 10.52 64.55
C LYS OA 31 -80.65 11.51 65.54
N GLY OA 32 -79.83 11.02 66.46
CA GLY OA 32 -79.17 11.88 67.42
C GLY OA 32 -78.00 12.63 66.84
N ASN OA 33 -77.32 13.36 67.71
CA ASN OA 33 -76.21 14.19 67.27
C ASN OA 33 -74.97 13.35 66.98
N LEU OA 34 -74.90 12.79 65.79
CA LEU OA 34 -73.68 12.17 65.32
C LEU OA 34 -72.67 13.23 64.89
N MET PA 1 -47.01 -35.66 10.19
CA MET PA 1 -47.04 -37.11 10.06
C MET PA 1 -46.43 -37.80 11.28
N THR PA 2 -45.52 -37.11 11.98
CA THR PA 2 -45.01 -37.60 13.25
C THR PA 2 -46.01 -37.33 14.36
N ALA PA 3 -45.62 -37.61 15.59
CA ALA PA 3 -46.43 -37.18 16.72
C ALA PA 3 -46.33 -35.67 16.89
N SER PA 4 -45.13 -35.12 16.70
CA SER PA 4 -44.94 -33.69 16.92
C SER PA 4 -45.51 -32.86 15.78
N LEU PA 5 -45.46 -33.36 14.56
CA LEU PA 5 -45.97 -32.58 13.44
C LEU PA 5 -47.48 -32.64 13.35
N SER PA 6 -48.09 -33.77 13.71
CA SER PA 6 -49.54 -33.84 13.68
C SER PA 6 -50.16 -33.00 14.78
N ASN PA 7 -49.51 -32.96 15.95
CA ASN PA 7 -50.04 -32.16 17.05
C ASN PA 7 -49.89 -30.67 16.80
N PHE PA 8 -48.92 -30.28 15.96
CA PHE PA 8 -48.70 -28.86 15.73
C PHE PA 8 -49.75 -28.28 14.80
N ILE PA 9 -50.11 -29.02 13.75
CA ILE PA 9 -51.12 -28.55 12.82
C ILE PA 9 -52.48 -28.51 13.51
N ALA PA 10 -52.72 -29.43 14.45
CA ALA PA 10 -53.94 -29.38 15.24
C ALA PA 10 -53.96 -28.14 16.12
N SER PA 11 -52.80 -27.70 16.60
CA SER PA 11 -52.74 -26.47 17.38
C SER PA 11 -52.89 -25.27 16.46
N LEU PA 12 -52.51 -25.42 15.20
CA LEU PA 12 -52.66 -24.35 14.22
C LEU PA 12 -54.12 -24.18 13.85
N ILE PA 13 -54.85 -25.30 13.78
CA ILE PA 13 -56.30 -25.25 13.63
C ILE PA 13 -56.94 -24.69 14.89
N ALA PA 14 -56.44 -25.11 16.05
CA ALA PA 14 -56.95 -24.58 17.32
C ALA PA 14 -56.57 -23.12 17.50
N GLY PA 15 -55.45 -22.70 16.92
CA GLY PA 15 -55.13 -21.28 16.92
C GLY PA 15 -55.98 -20.50 15.94
N GLY PA 16 -56.63 -21.20 15.01
CA GLY PA 16 -57.52 -20.51 14.09
C GLY PA 16 -58.89 -20.28 14.67
N VAL PA 17 -59.37 -21.21 15.50
CA VAL PA 17 -60.72 -21.08 16.04
C VAL PA 17 -60.73 -20.12 17.22
N VAL PA 18 -59.60 -19.97 17.90
CA VAL PA 18 -59.49 -19.00 18.98
C VAL PA 18 -59.55 -17.58 18.42
N VAL PA 19 -58.83 -17.35 17.32
CA VAL PA 19 -59.01 -16.11 16.58
C VAL PA 19 -60.39 -16.07 15.94
N GLY PA 20 -60.92 -17.23 15.57
CA GLY PA 20 -62.19 -17.27 14.87
C GLY PA 20 -63.38 -16.90 15.73
N VAL PA 21 -63.52 -17.55 16.89
CA VAL PA 21 -64.71 -17.31 17.72
C VAL PA 21 -64.66 -15.94 18.36
N ILE PA 22 -63.48 -15.35 18.48
CA ILE PA 22 -63.39 -13.95 18.86
C ILE PA 22 -63.84 -13.07 17.70
N ALA PA 23 -63.42 -13.41 16.47
CA ALA PA 23 -63.73 -12.57 15.32
C ALA PA 23 -65.20 -12.67 14.92
N ILE PA 24 -65.75 -13.90 14.94
CA ILE PA 24 -67.15 -14.08 14.54
C ILE PA 24 -68.09 -13.40 15.51
N ALA PA 25 -67.77 -13.48 16.80
CA ALA PA 25 -68.57 -12.77 17.81
C ALA PA 25 -68.40 -11.26 17.70
N LEU PA 26 -67.27 -10.80 17.15
CA LEU PA 26 -67.03 -9.37 17.12
C LEU PA 26 -67.70 -8.72 15.92
N ILE PA 27 -67.89 -9.46 14.83
CA ILE PA 27 -68.57 -8.91 13.66
C ILE PA 27 -70.06 -8.75 13.94
N VAL PA 28 -70.65 -9.75 14.61
CA VAL PA 28 -72.10 -9.77 14.84
C VAL PA 28 -72.50 -8.65 15.80
N ILE PA 29 -71.74 -8.47 16.87
CA ILE PA 29 -72.04 -7.43 17.84
C ILE PA 29 -71.73 -6.05 17.29
N SER PA 30 -70.82 -5.94 16.31
CA SER PA 30 -70.53 -4.65 15.71
C SER PA 30 -71.65 -4.20 14.78
N LYS PA 31 -72.53 -5.13 14.38
CA LYS PA 31 -73.71 -4.74 13.60
C LYS PA 31 -74.76 -4.10 14.50
N SER PA 32 -74.97 -4.68 15.68
CA SER PA 32 -76.05 -4.22 16.54
C SER PA 32 -75.70 -2.92 17.23
N ASP PA 33 -74.43 -2.71 17.55
CA ASP PA 33 -74.02 -1.56 18.33
C ASP PA 33 -73.44 -0.46 17.45
N ARG PA 34 -73.98 -0.26 16.25
CA ARG PA 34 -73.52 0.81 15.38
C ARG PA 34 -73.97 2.16 15.92
N ILE PA 35 -73.26 3.19 15.56
CA ILE PA 35 -73.53 4.53 16.08
C ILE PA 35 -74.46 5.25 15.11
N LEU PA 36 -75.46 5.93 15.67
CA LEU PA 36 -76.30 6.83 14.90
C LEU PA 36 -75.46 7.94 14.26
N ARG PA 37 -75.84 8.31 13.03
CA ARG PA 37 -75.10 9.30 12.25
C ARG PA 37 -75.13 10.70 12.88
N MET QA 1 -68.39 -16.68 95.56
CA MET QA 1 -69.30 -15.59 95.26
C MET QA 1 -68.64 -14.52 94.41
N ILE QA 2 -67.31 -14.58 94.33
CA ILE QA 2 -66.59 -13.60 93.53
C ILE QA 2 -66.83 -13.84 92.04
N THR QA 3 -66.91 -15.11 91.64
CA THR QA 3 -67.17 -15.43 90.23
C THR QA 3 -68.60 -15.08 89.83
N LEU QA 4 -69.49 -14.92 90.79
CA LEU QA 4 -70.85 -14.54 90.45
C LEU QA 4 -71.00 -13.02 90.37
N LEU QA 5 -70.22 -12.29 91.18
CA LEU QA 5 -70.39 -10.84 91.21
C LEU QA 5 -69.61 -10.17 90.09
N VAL QA 6 -68.45 -10.72 89.72
CA VAL QA 6 -67.70 -10.18 88.59
C VAL QA 6 -68.44 -10.43 87.30
N ALA QA 7 -69.13 -11.58 87.21
CA ALA QA 7 -69.98 -11.84 86.06
C ALA QA 7 -71.19 -10.91 86.04
N LEU QA 8 -71.60 -10.43 87.20
CA LEU QA 8 -72.65 -9.42 87.23
C LEU QA 8 -72.05 -8.04 86.98
N LEU QA 9 -70.74 -7.91 87.17
CA LEU QA 9 -70.07 -6.63 86.96
C LEU QA 9 -69.79 -6.40 85.48
N VAL QA 10 -69.54 -7.47 84.74
CA VAL QA 10 -69.28 -7.35 83.31
C VAL QA 10 -70.57 -7.09 82.55
N LEU QA 11 -71.67 -7.73 82.97
CA LEU QA 11 -72.92 -7.59 82.24
C LEU QA 11 -73.51 -6.20 82.39
N ILE QA 12 -73.19 -5.50 83.48
CA ILE QA 12 -73.64 -4.12 83.61
C ILE QA 12 -72.82 -3.20 82.73
N SER QA 13 -71.52 -3.45 82.62
CA SER QA 13 -70.68 -2.63 81.76
C SER QA 13 -70.93 -2.92 80.29
N LEU QA 14 -71.53 -4.08 79.97
CA LEU QA 14 -72.11 -4.24 78.64
C LEU QA 14 -73.33 -3.36 78.49
N GLY QA 15 -74.15 -3.25 79.53
CA GLY QA 15 -75.39 -2.51 79.41
C GLY QA 15 -75.18 -1.00 79.40
N LEU QA 16 -74.06 -0.55 79.96
CA LEU QA 16 -73.82 0.90 80.00
C LEU QA 16 -73.29 1.40 78.67
N VAL QA 17 -72.29 0.73 78.12
CA VAL QA 17 -71.57 1.23 76.95
C VAL QA 17 -72.48 1.24 75.72
N VAL QA 18 -73.43 0.32 75.66
CA VAL QA 18 -74.41 0.37 74.59
C VAL QA 18 -75.35 1.56 74.78
N THR QA 19 -75.59 1.97 76.03
CA THR QA 19 -76.64 2.95 76.29
C THR QA 19 -76.15 4.33 76.70
N VAL QA 20 -74.98 4.46 77.33
CA VAL QA 20 -74.54 5.75 77.86
C VAL QA 20 -74.11 6.73 76.75
N PRO QA 21 -73.28 6.37 75.75
CA PRO QA 21 -73.06 7.35 74.66
C PRO QA 21 -74.28 7.59 73.80
N VAL QA 22 -75.20 6.64 73.74
CA VAL QA 22 -76.50 6.93 73.15
C VAL QA 22 -77.27 7.92 74.02
N ALA QA 23 -77.08 7.87 75.33
CA ALA QA 23 -77.74 8.83 76.20
C ALA QA 23 -77.08 10.21 76.14
N LEU QA 24 -75.85 10.29 75.67
CA LEU QA 24 -75.18 11.60 75.66
C LEU QA 24 -75.25 12.26 74.29
N ALA QA 25 -75.17 11.47 73.21
CA ALA QA 25 -75.12 12.08 71.89
C ALA QA 25 -76.50 12.53 71.44
N THR QA 26 -77.54 12.02 72.08
CA THR QA 26 -78.88 12.49 71.82
C THR QA 26 -79.02 13.90 72.42
N PRO QA 27 -79.68 14.85 71.71
CA PRO QA 27 -79.76 16.24 72.21
C PRO QA 27 -80.42 16.46 73.57
N GLY QA 28 -81.17 15.49 74.09
CA GLY QA 28 -81.78 15.73 75.38
C GLY QA 28 -81.89 14.55 76.33
N GLU QA 29 -81.40 13.38 75.91
CA GLU QA 29 -81.70 12.15 76.64
C GLU QA 29 -81.02 12.11 77.99
N TRP QA 30 -79.87 12.77 78.12
CA TRP QA 30 -79.16 12.75 79.39
C TRP QA 30 -79.83 13.69 80.39
N GLU QA 31 -80.30 14.83 79.93
CA GLU QA 31 -80.94 15.78 80.84
C GLU QA 31 -82.32 15.27 81.26
N ILE QA 32 -83.05 14.64 80.32
CA ILE QA 32 -84.37 14.13 80.62
C ILE QA 32 -84.28 12.94 81.56
N ALA QA 33 -83.34 12.04 81.32
CA ALA QA 33 -83.11 10.89 82.18
C ALA QA 33 -81.62 10.79 82.47
N LYS QA 34 -81.23 11.21 83.68
CA LYS QA 34 -79.95 10.82 84.27
C LYS QA 34 -80.10 10.24 85.66
N GLY QA 35 -81.16 10.59 86.39
CA GLY QA 35 -81.40 9.97 87.68
C GLY QA 35 -81.75 8.51 87.56
N LYS QA 36 -82.26 8.10 86.40
CA LYS QA 36 -82.29 6.68 86.08
C LYS QA 36 -80.88 6.13 85.93
N PHE QA 37 -80.04 6.83 85.16
CA PHE QA 37 -78.69 6.34 84.89
C PHE QA 37 -77.77 6.49 86.10
N ASN QA 38 -78.00 7.51 86.94
CA ASN QA 38 -77.11 7.73 88.08
C ASN QA 38 -77.21 6.62 89.11
N ARG QA 39 -78.34 5.92 89.13
CA ARG QA 39 -78.43 4.70 89.93
C ARG QA 39 -77.47 3.65 89.42
N PHE QA 40 -77.38 3.50 88.09
CA PHE QA 40 -76.56 2.46 87.51
C PHE QA 40 -75.08 2.75 87.66
N PHE QA 41 -74.70 4.01 87.82
CA PHE QA 41 -73.33 4.31 88.18
C PHE QA 41 -73.08 3.96 89.64
N GLN QA 42 -74.03 4.30 90.51
CA GLN QA 42 -73.87 4.02 91.93
C GLN QA 42 -73.95 2.53 92.23
N ILE QA 43 -74.71 1.79 91.43
CA ILE QA 43 -74.70 0.33 91.55
C ILE QA 43 -73.37 -0.21 91.07
N TRP QA 44 -72.84 0.35 89.98
CA TRP QA 44 -71.61 -0.17 89.39
C TRP QA 44 -70.40 0.08 90.29
N VAL QA 45 -70.35 1.26 90.91
CA VAL QA 45 -69.26 1.58 91.83
C VAL QA 45 -69.37 0.73 93.08
N PHE QA 46 -70.60 0.46 93.52
CA PHE QA 46 -70.83 -0.34 94.72
C PHE QA 46 -70.37 -1.78 94.51
N LEU QA 47 -70.47 -2.29 93.29
CA LEU QA 47 -70.03 -3.67 93.03
C LEU QA 47 -68.52 -3.80 93.12
N VAL QA 48 -67.79 -2.74 92.75
CA VAL QA 48 -66.33 -2.81 92.76
C VAL QA 48 -65.83 -2.92 94.19
N ILE QA 49 -66.51 -2.26 95.12
CA ILE QA 49 -66.12 -2.32 96.53
C ILE QA 49 -66.52 -3.66 97.13
N VAL QA 50 -67.66 -4.20 96.72
CA VAL QA 50 -68.08 -5.52 97.20
C VAL QA 50 -67.12 -6.61 96.72
N ILE QA 51 -66.65 -6.50 95.49
CA ILE QA 51 -65.68 -7.45 94.98
C ILE QA 51 -64.32 -7.25 95.64
N ALA QA 52 -63.95 -6.00 95.92
CA ALA QA 52 -62.70 -5.75 96.63
C ALA QA 52 -62.79 -6.20 98.07
N ALA QA 53 -63.98 -6.18 98.64
CA ALA QA 53 -64.18 -6.73 99.99
C ALA QA 53 -64.08 -8.25 99.98
N ALA QA 54 -64.79 -8.88 99.05
CA ALA QA 54 -64.81 -10.34 98.98
C ALA QA 54 -63.48 -10.92 98.55
N ASP QA 55 -62.62 -10.13 97.91
CA ASP QA 55 -61.31 -10.64 97.57
C ASP QA 55 -60.36 -10.62 98.75
N GLY QA 56 -60.45 -9.59 99.60
CA GLY QA 56 -59.60 -9.50 100.76
C GLY QA 56 -59.98 -10.48 101.86
N ILE QA 57 -61.27 -10.74 102.00
CA ILE QA 57 -61.74 -11.75 102.94
C ILE QA 57 -61.26 -13.13 102.50
N SER QA 58 -61.35 -13.42 101.21
CA SER QA 58 -60.98 -14.74 100.71
C SER QA 58 -59.47 -14.95 100.61
N SER QA 59 -58.67 -13.94 100.90
CA SER QA 59 -57.22 -14.10 100.86
C SER QA 59 -56.59 -13.70 102.19
N SER RA 19 -54.34 -33.86 66.37
CA SER RA 19 -53.76 -33.85 65.03
C SER RA 19 -52.39 -33.17 65.08
N TYR RA 20 -51.51 -33.48 64.12
CA TYR RA 20 -50.08 -33.29 64.33
C TYR RA 20 -49.65 -31.83 64.23
N SER RA 21 -50.29 -31.06 63.35
CA SER RA 21 -49.90 -29.68 63.14
C SER RA 21 -50.98 -28.69 63.56
N GLU RA 22 -51.79 -29.06 64.55
CA GLU RA 22 -52.84 -28.19 65.07
C GLU RA 22 -52.24 -27.25 66.10
N GLY RA 23 -52.32 -25.94 65.84
CA GLY RA 23 -51.61 -24.99 66.67
C GLY RA 23 -52.37 -24.56 67.91
N ALA RA 24 -53.67 -24.29 67.76
CA ALA RA 24 -54.47 -23.81 68.87
C ALA RA 24 -55.26 -24.92 69.55
N ALA RA 25 -54.76 -26.16 69.56
CA ALA RA 25 -55.35 -27.21 70.37
C ALA RA 25 -54.87 -27.00 71.79
N TYR RA 26 -55.65 -26.26 72.59
CA TYR RA 26 -55.19 -25.92 73.93
C TYR RA 26 -55.29 -27.09 74.88
N GLY RA 27 -56.39 -27.84 74.82
CA GLY RA 27 -56.61 -28.90 75.80
C GLY RA 27 -57.05 -30.23 75.23
N THR RA 28 -57.49 -30.25 73.98
CA THR RA 28 -57.99 -31.48 73.40
C THR RA 28 -56.87 -32.39 72.96
N ASP RA 29 -55.68 -31.82 72.74
CA ASP RA 29 -54.52 -32.58 72.30
C ASP RA 29 -54.07 -33.58 73.37
N GLN RA 30 -53.59 -33.08 74.49
CA GLN RA 30 -52.89 -33.86 75.49
C GLN RA 30 -53.92 -34.52 76.41
N ALA RA 31 -53.48 -35.55 77.13
CA ALA RA 31 -54.39 -36.25 78.04
C ALA RA 31 -54.26 -35.72 79.46
N ASP RA 32 -53.07 -35.28 79.85
CA ASP RA 32 -52.87 -34.76 81.19
C ASP RA 32 -53.33 -33.31 81.24
N LYS RA 33 -53.85 -32.91 82.40
CA LYS RA 33 -54.29 -31.54 82.57
C LYS RA 33 -53.10 -30.61 82.68
N LEU RA 34 -53.16 -29.47 82.00
CA LEU RA 34 -52.06 -28.53 82.04
C LEU RA 34 -52.27 -27.49 83.11
N TYR RA 35 -51.22 -26.70 83.34
CA TYR RA 35 -51.30 -25.59 84.29
C TYR RA 35 -52.24 -24.51 83.78
N SER RA 36 -52.21 -24.26 82.49
CA SER RA 36 -53.04 -23.27 81.84
C SER RA 36 -53.11 -23.62 80.37
N PRO RA 37 -54.14 -23.14 79.64
CA PRO RA 37 -54.17 -23.42 78.20
C PRO RA 37 -53.03 -22.79 77.44
N TYR RA 38 -52.44 -21.75 77.99
CA TYR RA 38 -51.34 -21.05 77.38
C TYR RA 38 -49.99 -21.61 77.80
N SER RA 39 -49.92 -22.89 78.16
CA SER RA 39 -48.68 -23.51 78.59
C SER RA 39 -48.48 -24.85 77.89
N VAL RA 40 -47.31 -25.42 78.13
CA VAL RA 40 -47.00 -26.78 77.71
C VAL RA 40 -46.87 -27.69 78.90
N TYR RA 41 -46.49 -27.16 80.05
CA TYR RA 41 -46.15 -27.94 81.23
C TYR RA 41 -47.40 -28.31 82.01
N SER RA 42 -47.29 -29.41 82.74
CA SER RA 42 -48.32 -29.87 83.68
C SER RA 42 -48.07 -29.17 85.01
N PRO RA 43 -49.06 -29.08 85.91
CA PRO RA 43 -48.84 -28.38 87.19
C PRO RA 43 -47.89 -29.12 88.13
N GLU RA 44 -47.76 -28.56 89.32
CA GLU RA 44 -46.85 -29.01 90.37
C GLU RA 44 -47.50 -30.09 91.27
N GLY RA 45 -48.51 -30.78 90.75
CA GLY RA 45 -49.24 -31.74 91.55
C GLY RA 45 -48.54 -33.06 91.77
N GLU RA 46 -49.29 -34.15 91.67
CA GLU RA 46 -48.70 -35.46 91.85
C GLU RA 46 -47.94 -35.89 90.59
N LYS RA 47 -47.42 -37.12 90.65
CA LYS RA 47 -46.67 -37.83 89.61
C LYS RA 47 -45.49 -37.05 89.03
N SER RA 48 -45.04 -35.99 89.70
CA SER RA 48 -43.89 -35.22 89.26
C SER RA 48 -42.62 -35.89 89.77
N LEU RA 49 -41.53 -35.61 89.09
CA LEU RA 49 -40.25 -36.16 89.53
C LEU RA 49 -39.52 -35.25 90.49
N TYR RA 50 -39.89 -33.97 90.54
CA TYR RA 50 -39.30 -33.03 91.49
C TYR RA 50 -40.12 -33.03 92.76
N LYS RA 51 -39.55 -33.55 93.83
CA LYS RA 51 -40.20 -33.52 95.14
C LYS RA 51 -39.40 -32.60 96.05
N PRO RA 52 -39.96 -31.47 96.47
CA PRO RA 52 -39.16 -30.48 97.18
C PRO RA 52 -38.86 -30.84 98.63
N ASP RA 53 -39.46 -31.92 99.15
CA ASP RA 53 -39.20 -32.35 100.51
C ASP RA 53 -37.91 -33.15 100.66
N ASN RA 54 -37.13 -33.29 99.59
CA ASN RA 54 -35.98 -34.19 99.62
C ASN RA 54 -34.83 -33.59 100.39
N ALA RA 55 -34.01 -34.46 100.97
CA ALA RA 55 -32.97 -34.03 101.89
C ALA RA 55 -31.79 -33.42 101.16
N GLU RA 56 -31.55 -33.85 99.92
CA GLU RA 56 -30.39 -33.35 99.19
C GLU RA 56 -30.60 -31.92 98.70
N TYR RA 57 -31.86 -31.48 98.64
CA TYR RA 57 -32.12 -30.07 98.41
C TYR RA 57 -31.92 -29.27 99.68
N LEU RA 58 -32.26 -29.87 100.82
CA LEU RA 58 -32.02 -29.23 102.11
C LEU RA 58 -30.53 -29.21 102.44
N ALA RA 59 -29.82 -30.27 102.04
CA ALA RA 59 -28.39 -30.33 102.34
C ALA RA 59 -27.59 -29.42 101.44
N ARG RA 60 -28.11 -29.12 100.25
CA ARG RA 60 -27.45 -28.16 99.38
C ARG RA 60 -27.60 -26.75 99.92
N LYS RA 61 -28.79 -26.41 100.42
CA LYS RA 61 -29.03 -25.08 100.97
C LYS RA 61 -28.32 -24.89 102.29
N LYS RA 62 -28.11 -25.98 103.03
CA LYS RA 62 -27.43 -25.88 104.31
C LYS RA 62 -25.93 -25.69 104.11
N ALA RA 63 -25.40 -26.22 103.01
CA ALA RA 63 -23.96 -26.18 102.79
C ALA RA 63 -23.49 -24.79 102.40
N VAL RA 64 -24.34 -24.00 101.74
CA VAL RA 64 -23.92 -22.66 101.38
C VAL RA 64 -23.99 -21.74 102.60
N LEU RA 65 -24.85 -22.07 103.57
CA LEU RA 65 -24.90 -21.29 104.80
C LEU RA 65 -23.66 -21.52 105.65
N ALA RA 66 -23.04 -22.69 105.54
CA ALA RA 66 -21.85 -22.98 106.32
C ALA RA 66 -20.63 -22.28 105.73
N GLU RA 67 -20.53 -22.28 104.40
CA GLU RA 67 -19.39 -21.67 103.74
C GLU RA 67 -19.50 -20.14 103.75
N THR RA 68 -20.73 -19.62 103.91
CA THR RA 68 -20.93 -18.17 103.94
C THR RA 68 -20.21 -17.54 105.13
N LYS RA 69 -20.25 -18.20 106.28
CA LYS RA 69 -19.49 -17.75 107.43
C LYS RA 69 -17.99 -17.88 107.18
N ASN RA 70 -17.58 -18.88 106.41
CA ASN RA 70 -16.16 -19.03 106.10
C ASN RA 70 -15.68 -18.03 105.08
N ARG RA 71 -16.55 -17.61 104.15
CA ARG RA 71 -16.22 -16.53 103.23
C ARG RA 71 -16.30 -15.16 103.87
N LEU RA 72 -16.94 -15.06 105.04
CA LEU RA 72 -17.16 -13.78 105.69
C LEU RA 72 -16.09 -13.47 106.72
N GLN RA 73 -15.35 -14.48 107.17
CA GLN RA 73 -14.23 -14.25 108.06
C GLN RA 73 -12.98 -13.80 107.33
N LYS RA 74 -12.95 -13.92 106.01
CA LYS RA 74 -11.85 -13.39 105.21
C LYS RA 74 -12.03 -11.92 104.89
N ILE RA 75 -13.17 -11.34 105.30
CA ILE RA 75 -13.41 -9.91 105.07
C ILE RA 75 -12.41 -9.00 105.76
N PRO RA 76 -12.11 -9.14 107.08
CA PRO RA 76 -11.18 -8.17 107.68
C PRO RA 76 -9.74 -8.29 107.22
N ALA RA 77 -9.36 -9.39 106.58
CA ALA RA 77 -8.00 -9.52 106.07
C ALA RA 77 -7.72 -8.55 104.93
N TYR RA 78 -8.74 -8.21 104.15
CA TYR RA 78 -8.58 -7.21 103.10
C TYR RA 78 -8.73 -5.80 103.62
N VAL RA 79 -9.42 -5.61 104.74
CA VAL RA 79 -9.58 -4.29 105.31
C VAL RA 79 -8.39 -3.96 106.20
N ASP RA 80 -7.75 -4.98 106.78
CA ASP RA 80 -6.44 -4.79 107.37
C ASP RA 80 -5.42 -4.42 106.30
N LYS RA 81 -5.56 -4.96 105.10
CA LYS RA 81 -4.84 -4.46 103.94
C LYS RA 81 -5.60 -3.29 103.34
N LYS RA 82 -5.21 -2.86 102.16
CA LYS RA 82 -5.79 -1.67 101.55
C LYS RA 82 -6.72 -2.02 100.40
N GLU RA 83 -7.01 -3.30 100.20
CA GLU RA 83 -7.70 -3.76 98.99
C GLU RA 83 -9.20 -3.68 99.20
N TRP RA 84 -9.80 -2.62 98.67
CA TRP RA 84 -11.24 -2.47 98.74
C TRP RA 84 -11.97 -3.15 97.59
N PHE RA 85 -11.29 -3.45 96.49
CA PHE RA 85 -11.95 -4.15 95.41
C PHE RA 85 -12.21 -5.60 95.76
N ASN RA 86 -11.42 -6.19 96.66
CA ASN RA 86 -11.61 -7.57 97.06
C ASN RA 86 -12.71 -7.74 98.10
N VAL RA 87 -13.04 -6.70 98.84
CA VAL RA 87 -14.12 -6.83 99.82
C VAL RA 87 -15.48 -6.55 99.18
N LYS RA 88 -15.53 -5.77 98.09
CA LYS RA 88 -16.80 -5.50 97.44
C LYS RA 88 -17.34 -6.72 96.71
N ASP RA 89 -16.47 -7.63 96.31
CA ASP RA 89 -16.93 -8.74 95.49
C ASP RA 89 -16.84 -10.10 96.19
N GLU RA 90 -16.11 -10.20 97.30
CA GLU RA 90 -16.09 -11.43 98.10
C GLU RA 90 -17.48 -11.77 98.61
N LEU RA 91 -18.27 -10.77 98.92
CA LEU RA 91 -19.66 -10.95 99.32
C LEU RA 91 -20.62 -10.96 98.14
N THR RA 92 -20.11 -11.06 96.90
CA THR RA 92 -20.98 -11.32 95.75
C THR RA 92 -20.43 -12.45 94.89
N ARG RA 93 -19.17 -12.83 95.06
CA ARG RA 93 -18.62 -13.88 94.22
C ARG RA 93 -19.16 -15.24 94.61
N TYR RA 94 -18.88 -15.67 95.84
CA TYR RA 94 -19.52 -16.88 96.34
C TYR RA 94 -20.88 -16.63 96.93
N MET RA 95 -21.06 -15.52 97.65
CA MET RA 95 -22.25 -15.30 98.47
C MET RA 95 -23.49 -14.94 97.66
N TYR RA 96 -23.44 -15.03 96.33
CA TYR RA 96 -24.62 -14.81 95.51
C TYR RA 96 -25.70 -15.85 95.80
N GLU RA 97 -25.29 -17.06 96.15
CA GLU RA 97 -26.26 -18.12 96.37
C GLU RA 97 -26.83 -18.11 97.78
N THR RA 98 -26.48 -17.11 98.60
CA THR RA 98 -26.97 -17.09 99.97
C THR RA 98 -28.45 -16.74 100.03
N ARG RA 99 -28.84 -15.60 99.42
CA ARG RA 99 -30.22 -15.10 99.50
C ARG RA 99 -31.23 -16.09 98.94
N GLY RA 100 -30.82 -16.91 97.98
CA GLY RA 100 -31.72 -17.94 97.49
C GLY RA 100 -31.96 -19.03 98.52
N ALA RA 101 -30.99 -19.23 99.42
CA ALA RA 101 -31.11 -20.32 100.38
C ALA RA 101 -31.73 -19.84 101.69
N VAL RA 102 -31.25 -18.72 102.22
CA VAL RA 102 -31.71 -18.23 103.51
C VAL RA 102 -33.16 -17.77 103.46
N ARG RA 103 -33.63 -17.28 102.31
CA ARG RA 103 -35.06 -17.09 102.15
C ARG RA 103 -35.82 -18.41 102.08
N SER RA 104 -35.19 -19.44 101.53
CA SER RA 104 -35.86 -20.73 101.39
C SER RA 104 -35.87 -21.53 102.68
N LEU RA 105 -34.81 -21.39 103.49
CA LEU RA 105 -34.76 -22.05 104.79
C LEU RA 105 -35.67 -21.38 105.81
N SER RA 106 -35.97 -20.10 105.62
CA SER RA 106 -36.86 -19.36 106.51
C SER RA 106 -38.28 -19.84 106.34
N SER RA 107 -38.74 -20.69 107.26
CA SER RA 107 -40.07 -21.30 107.16
C SER RA 107 -41.02 -20.68 108.19
N SER RA 108 -40.66 -20.70 109.46
CA SER RA 108 -41.59 -20.22 110.49
C SER RA 108 -41.60 -18.70 110.54
N VAL RA 109 -42.38 -18.16 111.47
CA VAL RA 109 -42.66 -16.72 111.51
C VAL RA 109 -41.43 -15.94 111.93
N THR RA 110 -40.97 -16.16 113.17
CA THR RA 110 -39.83 -15.43 113.71
C THR RA 110 -38.51 -15.80 113.05
N GLN RA 111 -38.47 -16.92 112.35
CA GLN RA 111 -37.32 -17.25 111.53
C GLN RA 111 -37.18 -16.30 110.35
N LYS RA 112 -38.30 -15.85 109.79
CA LYS RA 112 -38.30 -14.98 108.63
C LYS RA 112 -37.77 -13.58 108.96
N GLU RA 113 -38.30 -12.95 110.01
CA GLU RA 113 -37.83 -11.62 110.40
C GLU RA 113 -36.50 -11.63 111.14
N LYS RA 114 -35.86 -12.79 111.25
CA LYS RA 114 -34.46 -12.86 111.68
C LYS RA 114 -33.51 -12.67 110.50
N ALA RA 115 -33.97 -12.96 109.28
CA ALA RA 115 -33.09 -12.92 108.11
C ALA RA 115 -32.82 -11.50 107.65
N GLU RA 116 -33.80 -10.59 107.77
CA GLU RA 116 -33.55 -9.22 107.35
C GLU RA 116 -32.65 -8.47 108.32
N VAL RA 117 -32.50 -8.99 109.54
CA VAL RA 117 -31.43 -8.50 110.40
C VAL RA 117 -30.07 -8.83 109.80
N PHE RA 118 -29.96 -10.01 109.19
CA PHE RA 118 -28.69 -10.42 108.59
C PHE RA 118 -28.42 -9.65 107.30
N PHE RA 119 -29.45 -9.35 106.52
CA PHE RA 119 -29.27 -8.67 105.25
C PHE RA 119 -28.89 -7.20 105.44
N ARG RA 120 -29.64 -6.50 106.29
CA ARG RA 120 -29.37 -5.08 106.53
C ARG RA 120 -28.01 -4.88 107.19
N ALA RA 121 -27.56 -5.87 107.97
CA ALA RA 121 -26.18 -5.86 108.44
C ALA RA 121 -25.21 -6.18 107.32
N LEU RA 122 -25.64 -6.96 106.33
CA LEU RA 122 -24.75 -7.31 105.24
C LEU RA 122 -24.71 -6.22 104.16
N GLU RA 123 -25.82 -5.52 103.96
CA GLU RA 123 -25.85 -4.47 102.95
C GLU RA 123 -25.05 -3.25 103.38
N ASP RA 124 -24.81 -3.10 104.68
CA ASP RA 124 -23.97 -2.01 105.14
C ASP RA 124 -22.49 -2.33 105.05
N THR RA 125 -22.13 -3.61 104.93
CA THR RA 125 -20.75 -3.95 104.63
C THR RA 125 -20.40 -3.56 103.20
N TYR RA 126 -21.34 -3.77 102.27
CA TYR RA 126 -21.11 -3.37 100.89
C TYR RA 126 -21.25 -1.87 100.72
N GLY RA 127 -22.16 -1.25 101.47
CA GLY RA 127 -22.32 0.19 101.41
C GLY RA 127 -21.18 0.96 102.02
N ALA RA 128 -20.39 0.31 102.88
CA ALA RA 128 -19.20 0.94 103.43
C ALA RA 128 -17.95 0.62 102.63
N ALA RA 129 -17.96 -0.49 101.88
CA ALA RA 129 -16.80 -0.81 101.05
C ALA RA 129 -16.70 0.08 99.83
N THR RA 130 -17.85 0.50 99.28
CA THR RA 130 -17.82 1.44 98.16
C THR RA 130 -17.43 2.83 98.62
N LEU RA 131 -17.79 3.20 99.84
CA LEU RA 131 -17.41 4.48 100.40
C LEU RA 131 -16.06 4.44 101.11
N LYS RA 132 -15.43 3.25 101.16
CA LYS RA 132 -14.08 3.04 101.70
C LYS RA 132 -13.95 3.50 103.14
N LYS RA 133 -14.79 2.94 104.01
CA LYS RA 133 -14.74 3.21 105.44
C LYS RA 133 -14.27 1.95 106.14
N GLY RA 134 -13.11 2.05 106.81
CA GLY RA 134 -12.47 0.85 107.34
C GLY RA 134 -13.18 0.29 108.56
N ASP RA 135 -13.57 1.15 109.50
CA ASP RA 135 -14.23 0.66 110.70
C ASP RA 135 -15.66 0.22 110.41
N ALA RA 136 -16.34 0.89 109.47
CA ALA RA 136 -17.73 0.56 109.18
C ALA RA 136 -17.86 -0.79 108.50
N VAL RA 137 -16.81 -1.28 107.85
CA VAL RA 137 -16.81 -2.66 107.40
C VAL RA 137 -16.58 -3.60 108.56
N LYS RA 138 -15.59 -3.30 109.40
CA LYS RA 138 -15.24 -4.18 110.51
C LYS RA 138 -16.31 -4.17 111.59
N ALA RA 139 -17.06 -3.09 111.73
CA ALA RA 139 -18.17 -3.09 112.68
C ALA RA 139 -19.33 -3.91 112.14
N SER RA 140 -19.70 -3.69 110.88
CA SER RA 140 -20.85 -4.37 110.31
C SER RA 140 -20.56 -5.80 109.88
N ASN RA 141 -19.28 -6.18 109.81
CA ASN RA 141 -18.96 -7.58 109.64
C ASN RA 141 -19.32 -8.38 110.88
N ASP RA 142 -19.04 -7.83 112.06
CA ASP RA 142 -19.38 -8.49 113.30
C ASP RA 142 -20.88 -8.50 113.56
N LYS RA 143 -21.62 -7.59 112.95
CA LYS RA 143 -23.08 -7.65 112.98
C LYS RA 143 -23.63 -8.70 112.03
N ALA RA 144 -22.80 -9.27 111.16
CA ALA RA 144 -23.23 -10.29 110.22
C ALA RA 144 -22.91 -11.70 110.69
N ILE RA 145 -21.73 -11.91 111.26
CA ILE RA 145 -21.38 -13.21 111.83
C ILE RA 145 -22.27 -13.52 113.01
N ALA RA 146 -22.61 -12.50 113.80
CA ALA RA 146 -23.53 -12.68 114.92
C ALA RA 146 -24.96 -12.91 114.44
N ALA RA 147 -25.31 -12.44 113.24
CA ALA RA 147 -26.65 -12.57 112.71
C ALA RA 147 -26.89 -13.91 112.03
N LEU RA 148 -25.88 -14.42 111.33
CA LEU RA 148 -25.97 -15.77 110.79
C LEU RA 148 -25.86 -16.81 111.91
N ASP RA 149 -25.21 -16.44 113.01
CA ASP RA 149 -25.25 -17.24 114.23
C ASP RA 149 -26.67 -17.38 114.76
N ALA RA 150 -27.47 -16.31 114.65
CA ALA RA 150 -28.86 -16.40 115.06
C ALA RA 150 -29.67 -17.24 114.10
N PHE RA 151 -29.32 -17.23 112.82
CA PHE RA 151 -30.11 -17.96 111.82
C PHE RA 151 -29.88 -19.46 111.93
N THR RA 152 -28.60 -19.87 111.93
CA THR RA 152 -28.27 -21.29 111.83
C THR RA 152 -28.63 -22.03 113.12
N ALA RA 153 -28.50 -21.37 114.26
CA ALA RA 153 -28.72 -22.04 115.54
C ALA RA 153 -30.19 -22.34 115.80
N THR RA 154 -31.10 -21.52 115.24
CA THR RA 154 -32.51 -21.82 115.41
C THR RA 154 -32.95 -22.95 114.49
N LEU RA 155 -32.89 -22.73 113.18
CA LEU RA 155 -33.29 -23.73 112.20
C LEU RA 155 -32.21 -23.92 111.14
N THR SA 20 -6.89 9.85 77.96
CA THR SA 20 -8.04 9.54 78.81
C THR SA 20 -9.33 9.92 78.13
N GLU SA 21 -9.99 8.94 77.51
CA GLU SA 21 -11.21 9.20 76.76
C GLU SA 21 -12.46 8.96 77.60
N GLY SA 22 -12.62 7.76 78.13
CA GLY SA 22 -13.82 7.40 78.86
C GLY SA 22 -13.86 7.88 80.30
N THR SA 23 -13.43 9.11 80.53
CA THR SA 23 -13.63 9.76 81.81
C THR SA 23 -14.96 10.49 81.78
N ASN SA 24 -15.58 10.57 82.95
CA ASN SA 24 -16.95 11.05 83.08
C ASN SA 24 -16.88 12.51 83.51
N GLU SA 25 -16.35 13.36 82.63
CA GLU SA 25 -16.05 14.75 82.97
C GLU SA 25 -16.95 15.67 82.17
N TRP SA 26 -17.33 16.79 82.78
CA TRP SA 26 -18.41 17.63 82.27
C TRP SA 26 -17.99 18.31 80.98
N PHE SA 27 -18.77 18.11 79.92
CA PHE SA 27 -18.55 18.68 78.59
C PHE SA 27 -17.18 18.33 78.01
N GLY SA 28 -16.58 17.24 78.47
CA GLY SA 28 -15.22 16.93 78.08
C GLY SA 28 -14.18 17.90 78.57
N VAL SA 29 -14.49 18.68 79.60
CA VAL SA 29 -13.52 19.62 80.14
C VAL SA 29 -12.51 18.82 80.96
N ASP SA 30 -11.38 18.52 80.34
CA ASP SA 30 -10.32 17.78 81.01
C ASP SA 30 -9.48 18.70 81.88
N ASP SA 31 -8.96 19.78 81.28
CA ASP SA 31 -8.12 20.74 81.96
C ASP SA 31 -8.93 21.96 82.36
N LEU SA 32 -8.37 22.73 83.29
CA LEU SA 32 -9.01 23.93 83.79
C LEU SA 32 -9.03 25.04 82.74
N ARG SA 33 -8.11 24.98 81.78
CA ARG SA 33 -7.96 26.02 80.78
C ARG SA 33 -9.12 26.03 79.79
N LEU SA 34 -9.81 24.90 79.62
CA LEU SA 34 -10.88 24.83 78.63
C LEU SA 34 -12.14 25.54 79.09
N LEU SA 35 -12.30 25.76 80.39
CA LEU SA 35 -13.44 26.49 80.91
C LEU SA 35 -13.42 27.93 80.43
N ALA SA 36 -12.28 28.60 80.59
CA ALA SA 36 -12.10 29.99 80.18
C ALA SA 36 -12.31 30.20 78.69
N VAL SA 37 -12.19 29.12 77.92
CA VAL SA 37 -12.61 29.13 76.53
C VAL SA 37 -14.13 29.14 76.40
N LEU SA 38 -14.82 28.35 77.21
CA LEU SA 38 -16.28 28.25 77.10
C LEU SA 38 -16.95 29.52 77.57
N PHE SA 39 -16.49 30.06 78.72
CA PHE SA 39 -17.11 31.24 79.28
C PHE SA 39 -16.87 32.45 78.40
N LEU SA 40 -15.69 32.55 77.84
CA LEU SA 40 -15.48 33.68 76.94
C LEU SA 40 -16.05 33.46 75.59
N GLY SA 41 -16.72 32.37 75.27
CA GLY SA 41 -17.34 32.25 73.98
C GLY SA 41 -18.80 32.64 74.04
N HIS SA 42 -19.51 32.12 75.05
CA HIS SA 42 -20.92 32.47 75.23
C HIS SA 42 -21.05 33.93 75.60
N TRP SA 43 -20.14 34.45 76.43
CA TRP SA 43 -20.26 35.83 76.90
C TRP SA 43 -19.84 36.84 75.86
N ALA SA 44 -18.94 36.48 74.94
CA ALA SA 44 -18.47 37.45 73.96
C ALA SA 44 -19.53 37.75 72.93
N ILE SA 45 -20.45 36.83 72.72
CA ILE SA 45 -21.60 37.02 71.84
C ILE SA 45 -22.81 37.49 72.63
N LEU SA 46 -22.94 37.06 73.89
CA LEU SA 46 -23.97 37.59 74.79
C LEU SA 46 -23.87 39.09 74.95
N SER SA 47 -22.64 39.60 75.07
CA SER SA 47 -22.44 41.03 75.21
C SER SA 47 -22.75 41.77 73.92
N LEU SA 48 -22.55 41.12 72.78
CA LEU SA 48 -23.02 41.66 71.52
C LEU SA 48 -24.53 41.69 71.49
N TRP SA 49 -25.16 40.64 71.99
CA TRP SA 49 -26.60 40.52 71.94
C TRP SA 49 -27.27 41.53 72.87
N LEU SA 50 -26.64 41.80 74.01
CA LEU SA 50 -27.18 42.76 74.95
C LEU SA 50 -27.00 44.19 74.46
N GLY SA 51 -26.18 44.40 73.44
CA GLY SA 51 -26.02 45.74 72.90
C GLY SA 51 -27.24 46.23 72.15
N SER SA 52 -28.12 45.32 71.75
CA SER SA 52 -29.38 45.68 71.13
C SER SA 52 -30.59 45.17 71.88
N TYR SA 53 -30.67 43.88 72.18
CA TYR SA 53 -31.83 43.32 72.83
C TYR SA 53 -31.77 43.42 74.33
N GLY SA 54 -30.59 43.64 74.90
CA GLY SA 54 -30.50 43.99 76.30
C GLY SA 54 -30.84 45.44 76.52
N ASP SA 55 -31.01 45.77 77.80
CA ASP SA 55 -31.38 47.12 78.27
C ASP SA 55 -32.66 47.62 77.62
N SER SA 56 -33.60 46.70 77.42
CA SER SA 56 -34.93 47.01 76.93
C SER SA 56 -35.93 46.84 78.08
N ASN SA 57 -37.16 47.28 77.83
CA ASN SA 57 -38.19 47.22 78.85
C ASN SA 57 -38.65 45.77 79.01
N GLU SA 58 -38.45 45.23 80.22
CA GLU SA 58 -38.83 43.87 80.54
C GLU SA 58 -40.27 43.78 81.05
N ASP SA 59 -41.09 44.81 80.79
CA ASP SA 59 -42.44 44.89 81.33
C ASP SA 59 -43.45 45.30 80.27
N GLU SA 60 -43.17 45.06 79.00
CA GLU SA 60 -44.04 45.48 77.91
C GLU SA 60 -44.56 44.26 77.17
N ASP SA 61 -45.87 44.07 77.18
CA ASP SA 61 -46.49 42.83 76.77
C ASP SA 61 -47.15 42.99 75.40
N PHE SA 62 -47.89 41.97 74.96
CA PHE SA 62 -48.64 41.95 73.73
C PHE SA 62 -49.64 40.81 73.80
N PHE SA 63 -50.75 40.96 73.09
CA PHE SA 63 -51.76 39.91 73.01
C PHE SA 63 -51.76 39.31 71.61
N GLY SA 64 -50.59 39.29 70.99
CA GLY SA 64 -50.40 38.64 69.71
C GLY SA 64 -49.94 37.21 69.88
N GLU SA 65 -49.55 36.61 68.76
CA GLU SA 65 -48.85 35.33 68.76
C GLU SA 65 -47.37 35.57 68.55
N ILE SA 66 -47.01 36.80 68.26
CA ILE SA 66 -45.70 37.16 67.73
C ILE SA 66 -45.56 38.66 67.91
N ASP SA 67 -44.39 39.11 68.34
CA ASP SA 67 -44.21 40.51 68.69
C ASP SA 67 -43.39 41.21 67.62
N TYR SA 68 -43.83 42.41 67.25
CA TYR SA 68 -43.13 43.26 66.28
C TYR SA 68 -42.70 44.57 66.92
N SER SA 69 -42.16 44.48 68.14
CA SER SA 69 -41.93 45.65 68.99
C SER SA 69 -40.92 46.63 68.44
N ALA SA 70 -39.66 46.22 68.34
CA ALA SA 70 -38.58 47.12 67.94
C ALA SA 70 -37.36 46.33 67.51
N ARG SA 71 -36.28 47.02 67.22
CA ARG SA 71 -35.05 46.37 66.80
C ARG SA 71 -34.22 45.93 67.99
N UNK TA 1 -7.68 -18.83 -5.25
CA UNK TA 1 -6.46 -19.09 -4.48
C UNK TA 1 -5.26 -19.25 -5.40
N UNK TA 2 -5.49 -19.05 -6.70
CA UNK TA 2 -4.41 -19.02 -7.67
C UNK TA 2 -4.56 -17.76 -8.49
N UNK TA 3 -3.45 -17.21 -8.96
CA UNK TA 3 -3.50 -15.97 -9.72
C UNK TA 3 -4.16 -16.18 -11.08
N UNK TA 4 -4.01 -17.39 -11.62
CA UNK TA 4 -4.73 -17.82 -12.82
C UNK TA 4 -5.83 -18.77 -12.37
N UNK TA 5 -6.96 -18.20 -11.96
CA UNK TA 5 -8.06 -18.99 -11.43
C UNK TA 5 -9.35 -18.20 -11.52
N UNK TA 6 -10.44 -18.93 -11.81
CA UNK TA 6 -11.82 -18.44 -11.79
C UNK TA 6 -12.00 -17.18 -12.63
N UNK TA 7 -11.67 -17.30 -13.93
CA UNK TA 7 -11.62 -16.20 -14.88
C UNK TA 7 -10.66 -15.12 -14.42
N UNK TA 8 -9.36 -15.45 -14.46
CA UNK TA 8 -8.26 -14.87 -13.68
C UNK TA 8 -8.21 -13.36 -13.48
N UNK TA 9 -8.04 -12.61 -14.55
CA UNK TA 9 -7.96 -11.16 -14.43
C UNK TA 9 -8.82 -10.45 -15.44
N UNK TA 10 -9.46 -11.19 -16.35
CA UNK TA 10 -10.36 -10.58 -17.31
C UNK TA 10 -11.59 -10.01 -16.62
N UNK TA 11 -12.06 -10.70 -15.58
CA UNK TA 11 -13.27 -10.26 -14.93
C UNK TA 11 -13.00 -9.14 -13.94
N UNK TA 12 -11.79 -9.08 -13.39
CA UNK TA 12 -11.48 -8.09 -12.38
C UNK TA 12 -10.98 -6.79 -12.99
N UNK TA 13 -10.13 -6.89 -14.01
CA UNK TA 13 -9.50 -5.69 -14.58
C UNK TA 13 -10.34 -5.05 -15.68
N UNK TA 14 -10.96 -5.83 -16.55
CA UNK TA 14 -11.69 -5.25 -17.66
C UNK TA 14 -13.06 -4.74 -17.22
N UNK TA 15 -13.60 -5.25 -16.13
CA UNK TA 15 -14.88 -4.75 -15.67
C UNK TA 15 -14.72 -3.48 -14.83
N UNK TA 16 -13.56 -3.31 -14.21
CA UNK TA 16 -13.27 -2.03 -13.57
C UNK TA 16 -12.98 -0.96 -14.63
N UNK TA 17 -12.48 -1.38 -15.79
CA UNK TA 17 -12.37 -0.45 -16.91
C UNK TA 17 -13.73 -0.22 -17.55
N UNK TA 18 -14.60 -1.23 -17.51
CA UNK TA 18 -15.93 -1.06 -18.10
C UNK TA 18 -16.83 -0.22 -17.21
N UNK TA 19 -16.65 -0.33 -15.89
CA UNK TA 19 -17.41 0.51 -14.97
C UNK TA 19 -16.92 1.94 -15.03
N UNK TA 20 -15.63 2.13 -15.35
CA UNK TA 20 -15.12 3.49 -15.56
C UNK TA 20 -15.65 4.07 -16.85
N UNK TA 21 -15.98 3.24 -17.82
CA UNK TA 21 -16.54 3.74 -19.07
C UNK TA 21 -17.99 4.12 -18.90
N UNK TA 22 -18.73 3.39 -18.07
CA UNK TA 22 -20.12 3.78 -17.80
C UNK TA 22 -20.22 5.01 -16.92
N UNK TA 23 -19.14 5.36 -16.22
CA UNK TA 23 -19.09 6.59 -15.45
C UNK TA 23 -18.53 7.76 -16.26
N UNK TA 24 -17.74 7.48 -17.29
CA UNK TA 24 -17.20 8.56 -18.10
C UNK TA 24 -18.10 8.86 -19.29
N UNK TA 25 -18.98 7.93 -19.66
CA UNK TA 25 -19.92 8.22 -20.73
C UNK TA 25 -21.10 9.02 -20.23
N UNK TA 26 -21.45 8.86 -18.95
CA UNK TA 26 -22.63 9.54 -18.42
C UNK TA 26 -22.30 10.97 -18.03
N UNK TA 27 -21.04 11.24 -17.71
CA UNK TA 27 -20.53 12.59 -17.54
C UNK TA 27 -19.26 12.71 -18.37
N UNK TA 28 -19.42 13.23 -19.59
CA UNK TA 28 -18.40 13.13 -20.62
C UNK TA 28 -17.16 13.95 -20.28
N UNK TA 29 -15.99 13.31 -20.40
CA UNK TA 29 -14.73 14.00 -20.13
C UNK TA 29 -14.44 15.05 -21.19
N UNK TA 30 -14.90 14.81 -22.41
CA UNK TA 30 -14.78 15.79 -23.47
C UNK TA 30 -15.68 16.98 -23.20
N UNK TA 31 -15.23 18.15 -23.67
CA UNK TA 31 -16.03 19.36 -23.54
C UNK TA 31 -16.02 20.15 -24.83
N UNK UA 1 -43.72 -4.80 -15.44
CA UNK UA 1 -42.42 -4.48 -14.87
C UNK UA 1 -41.55 -3.77 -15.88
N UNK UA 2 -41.29 -2.50 -15.62
CA UNK UA 2 -40.56 -1.67 -16.57
C UNK UA 2 -39.60 -0.76 -15.84
N UNK UA 3 -38.35 -0.76 -16.28
CA UNK UA 3 -37.40 0.30 -16.00
C UNK UA 3 -36.86 0.76 -17.35
N UNK UA 4 -37.64 1.61 -18.03
CA UNK UA 4 -37.41 2.09 -19.40
C UNK UA 4 -37.23 0.95 -20.41
N UNK UA 5 -38.00 -0.13 -20.27
CA UNK UA 5 -37.91 -1.27 -21.16
C UNK UA 5 -39.23 -2.02 -21.14
N UNK UA 6 -39.46 -2.81 -22.18
CA UNK UA 6 -40.67 -3.61 -22.26
C UNK UA 6 -40.58 -4.81 -21.33
N UNK UA 7 -41.74 -5.45 -21.11
CA UNK UA 7 -41.78 -6.59 -20.19
C UNK UA 7 -41.11 -7.81 -20.81
N UNK UA 8 -40.99 -7.84 -22.12
CA UNK UA 8 -40.27 -8.93 -22.78
C UNK UA 8 -38.78 -8.64 -22.83
N UNK UA 9 -38.40 -7.37 -22.90
CA UNK UA 9 -36.98 -7.04 -23.00
C UNK UA 9 -36.35 -6.89 -21.62
N UNK UA 10 -37.16 -6.62 -20.59
CA UNK UA 10 -36.61 -6.58 -19.25
C UNK UA 10 -36.31 -7.99 -18.75
N UNK UA 11 -37.10 -8.97 -19.18
CA UNK UA 11 -36.84 -10.35 -18.78
C UNK UA 11 -35.61 -10.90 -19.47
N UNK UA 12 -35.21 -10.30 -20.60
CA UNK UA 12 -34.05 -10.81 -21.32
C UNK UA 12 -32.77 -10.15 -20.86
N UNK UA 13 -32.83 -8.93 -20.34
CA UNK UA 13 -31.61 -8.27 -19.87
C UNK UA 13 -31.13 -8.89 -18.58
N UNK UA 14 -32.05 -9.27 -17.69
CA UNK UA 14 -31.65 -9.85 -16.43
C UNK UA 14 -31.25 -11.31 -16.61
N UNK UA 15 -31.82 -11.99 -17.61
CA UNK UA 15 -31.44 -13.37 -17.86
C UNK UA 15 -30.14 -13.46 -18.64
N UNK UA 16 -29.75 -12.39 -19.35
CA UNK UA 16 -28.48 -12.41 -20.06
C UNK UA 16 -27.32 -12.08 -19.12
N UNK UA 17 -27.58 -11.27 -18.10
CA UNK UA 17 -26.54 -10.95 -17.14
C UNK UA 17 -26.20 -12.15 -16.28
N UNK UA 18 -27.20 -12.96 -15.95
CA UNK UA 18 -26.95 -14.18 -15.20
C UNK UA 18 -26.39 -15.28 -16.10
N UNK UA 19 -26.42 -15.07 -17.42
CA UNK UA 19 -25.93 -16.08 -18.34
C UNK UA 19 -24.44 -15.91 -18.60
N UNK UA 20 -23.97 -14.67 -18.74
CA UNK UA 20 -22.54 -14.43 -18.89
C UNK UA 20 -21.80 -14.76 -17.61
N UNK UA 21 -22.51 -14.72 -16.48
CA UNK UA 21 -21.94 -15.22 -15.23
C UNK UA 21 -22.04 -16.74 -15.16
N UNK UA 22 -22.74 -17.37 -16.11
CA UNK UA 22 -22.72 -18.83 -16.18
C UNK UA 22 -21.78 -19.30 -17.28
N UNK UA 23 -21.56 -18.48 -18.32
CA UNK UA 23 -20.67 -18.89 -19.40
C UNK UA 23 -19.22 -18.85 -18.96
N UNK UA 24 -18.80 -17.75 -18.33
CA UNK UA 24 -17.43 -17.68 -17.82
C UNK UA 24 -17.26 -18.53 -16.57
N UNK UA 25 -18.37 -18.99 -16.02
CA UNK UA 25 -18.34 -19.91 -14.88
C UNK UA 25 -17.79 -21.26 -15.28
N UNK UA 26 -18.51 -21.93 -16.16
CA UNK UA 26 -18.25 -23.33 -16.39
C UNK UA 26 -17.11 -23.51 -17.37
N UNK UA 27 -16.79 -22.47 -18.13
CA UNK UA 27 -15.58 -22.50 -18.93
C UNK UA 27 -14.33 -22.40 -18.06
N UNK UA 28 -14.21 -21.35 -17.26
CA UNK UA 28 -13.04 -21.15 -16.42
C UNK UA 28 -13.44 -21.29 -14.96
N UNK UA 29 -12.96 -22.36 -14.32
CA UNK UA 29 -13.31 -22.64 -12.93
C UNK UA 29 -12.05 -22.96 -12.14
N UNK UA 30 -12.24 -23.11 -10.83
CA UNK UA 30 -11.16 -23.52 -9.91
C UNK UA 30 -11.75 -24.07 -8.63
N UNK VA 1 -58.41 -37.35 50.47
CA UNK VA 1 -58.90 -36.11 51.03
C UNK VA 1 -57.94 -35.58 52.10
N UNK VA 2 -57.80 -34.27 52.16
CA UNK VA 2 -56.89 -33.67 53.14
C UNK VA 2 -57.50 -33.73 54.54
N UNK VA 3 -56.64 -33.70 55.55
CA UNK VA 3 -57.07 -33.82 56.94
C UNK VA 3 -57.38 -32.43 57.50
N UNK VA 4 -58.59 -31.97 57.23
CA UNK VA 4 -59.02 -30.67 57.69
C UNK VA 4 -59.31 -30.71 59.19
N UNK VA 5 -59.13 -29.56 59.85
CA UNK VA 5 -59.29 -29.48 61.30
C UNK VA 5 -60.21 -28.35 61.73
N UNK VA 6 -61.38 -28.26 61.13
CA UNK VA 6 -62.30 -27.18 61.48
C UNK VA 6 -63.01 -27.46 62.80
N UNK VA 7 -63.02 -28.72 63.23
CA UNK VA 7 -63.75 -29.09 64.44
C UNK VA 7 -63.01 -28.66 65.70
N UNK VA 8 -61.70 -28.46 65.60
CA UNK VA 8 -60.87 -28.09 66.74
C UNK VA 8 -60.11 -26.79 66.53
N UNK VA 9 -60.45 -26.00 65.53
CA UNK VA 9 -59.78 -24.73 65.26
C UNK VA 9 -60.80 -23.60 65.26
N UNK VA 10 -60.32 -22.40 65.00
CA UNK VA 10 -61.18 -21.23 64.88
C UNK VA 10 -61.77 -21.16 63.47
N SER WA 31 -37.04 -1.91 -51.63
CA SER WA 31 -35.99 -0.94 -51.35
C SER WA 31 -34.83 -1.60 -50.64
N GLU WA 32 -33.61 -1.40 -51.14
CA GLU WA 32 -32.45 -2.08 -50.58
C GLU WA 32 -32.00 -1.44 -49.28
N ILE WA 33 -32.47 -0.23 -48.98
CA ILE WA 33 -32.11 0.43 -47.73
C ILE WA 33 -32.78 -0.28 -46.56
N GLU WA 34 -34.01 -0.74 -46.75
CA GLU WA 34 -34.76 -1.34 -45.65
C GLU WA 34 -34.41 -2.81 -45.43
N LEU WA 35 -33.49 -3.38 -46.21
CA LEU WA 35 -33.27 -4.82 -46.15
C LEU WA 35 -32.31 -5.20 -45.03
N GLY WA 36 -31.50 -4.26 -44.56
CA GLY WA 36 -30.56 -4.61 -43.51
C GLY WA 36 -31.15 -4.45 -42.13
N VAL WA 37 -32.27 -3.74 -42.03
CA VAL WA 37 -32.83 -3.38 -40.73
C VAL WA 37 -33.56 -4.55 -40.12
N THR WA 38 -33.19 -4.91 -38.89
CA THR WA 38 -33.90 -5.94 -38.15
C THR WA 38 -34.32 -5.28 -36.84
N GLU WA 39 -35.01 -6.00 -35.97
CA GLU WA 39 -35.64 -5.45 -34.77
C GLU WA 39 -34.72 -4.89 -33.68
N PRO WA 40 -33.70 -5.65 -33.14
CA PRO WA 40 -33.06 -5.16 -31.91
C PRO WA 40 -32.19 -3.91 -32.09
N LEU WA 41 -31.64 -3.72 -33.27
CA LEU WA 41 -30.80 -2.54 -33.47
C LEU WA 41 -31.45 -1.53 -34.38
N GLY WA 42 -32.25 -1.98 -35.34
CA GLY WA 42 -32.81 -1.04 -36.28
C GLY WA 42 -31.76 -0.58 -37.29
N VAL WA 43 -31.89 0.67 -37.72
CA VAL WA 43 -30.89 1.29 -38.59
C VAL WA 43 -29.65 1.53 -37.73
N TYR WA 44 -28.59 0.77 -37.97
CA TYR WA 44 -27.43 0.80 -37.09
C TYR WA 44 -26.19 1.19 -37.89
N ASP WA 45 -25.67 2.37 -37.62
CA ASP WA 45 -24.38 2.79 -38.15
C ASP WA 45 -23.69 3.77 -37.21
N PRO WA 46 -22.69 3.31 -36.47
CA PRO WA 46 -21.92 4.24 -35.64
C PRO WA 46 -21.05 5.18 -36.45
N LEU WA 47 -20.57 4.72 -37.60
CA LEU WA 47 -19.74 5.58 -38.45
C LEU WA 47 -20.60 6.57 -39.21
N GLY WA 48 -21.84 6.19 -39.50
CA GLY WA 48 -22.76 7.07 -40.17
C GLY WA 48 -22.53 7.25 -41.66
N TRP WA 49 -22.17 6.18 -42.37
CA TRP WA 49 -21.93 6.30 -43.80
C TRP WA 49 -23.23 6.40 -44.59
N LEU WA 50 -24.36 6.13 -43.95
CA LEU WA 50 -25.65 6.22 -44.65
C LEU WA 50 -25.99 7.66 -44.98
N GLU WA 51 -25.54 8.61 -44.16
CA GLU WA 51 -25.82 10.01 -44.44
C GLU WA 51 -24.63 10.70 -45.08
N SER WA 52 -23.41 10.26 -44.75
CA SER WA 52 -22.23 10.93 -45.26
C SER WA 52 -21.98 10.58 -46.72
N GLU WA 53 -21.87 9.28 -47.02
CA GLU WA 53 -21.62 8.81 -48.39
C GLU WA 53 -22.73 7.85 -48.79
N PRO WA 54 -23.86 8.38 -49.26
CA PRO WA 54 -24.97 7.50 -49.64
C PRO WA 54 -24.78 6.88 -51.01
N GLU WA 55 -23.81 7.37 -51.77
CA GLU WA 55 -23.57 6.83 -53.10
C GLU WA 55 -22.87 5.48 -53.04
N ALA WA 56 -22.12 5.23 -51.96
CA ALA WA 56 -21.36 3.99 -51.86
C ALA WA 56 -22.25 2.83 -51.43
N PHE WA 57 -23.43 3.13 -50.89
CA PHE WA 57 -24.33 2.16 -50.28
C PHE WA 57 -24.77 1.04 -51.22
N GLU WA 58 -24.88 1.34 -52.51
CA GLU WA 58 -25.25 0.31 -53.47
C GLU WA 58 -24.13 -0.70 -53.65
N ARG WA 59 -22.89 -0.28 -53.44
CA ARG WA 59 -21.79 -1.24 -53.43
C ARG WA 59 -21.66 -1.90 -52.06
N ARG WA 60 -21.79 -1.10 -50.99
CA ARG WA 60 -21.55 -1.60 -49.63
C ARG WA 60 -22.56 -2.67 -49.25
N ARG WA 61 -23.80 -2.53 -49.70
CA ARG WA 61 -24.77 -3.60 -49.50
C ARG WA 61 -24.41 -4.82 -50.31
N ALA WA 62 -23.91 -4.62 -51.52
CA ALA WA 62 -23.54 -5.74 -52.36
C ALA WA 62 -22.21 -6.35 -51.94
N VAL WA 63 -21.56 -5.77 -50.94
CA VAL WA 63 -20.41 -6.43 -50.34
C VAL WA 63 -20.81 -7.13 -49.05
N GLU WA 64 -21.73 -6.53 -48.28
CA GLU WA 64 -22.19 -7.18 -47.05
C GLU WA 64 -22.99 -8.43 -47.37
N ARG WA 65 -23.68 -8.47 -48.51
CA ARG WA 65 -24.20 -9.74 -49.00
C ARG WA 65 -23.08 -10.66 -49.43
N LYS WA 66 -22.04 -10.11 -50.05
CA LYS WA 66 -21.05 -10.95 -50.71
C LYS WA 66 -20.12 -11.61 -49.71
N HIS WA 67 -19.59 -10.84 -48.76
CA HIS WA 67 -18.85 -11.43 -47.65
C HIS WA 67 -19.75 -12.30 -46.80
N GLY WA 68 -21.06 -12.03 -46.81
CA GLY WA 68 -21.98 -12.89 -46.10
C GLY WA 68 -22.08 -14.26 -46.72
N ARG WA 69 -22.34 -14.31 -48.04
CA ARG WA 69 -22.57 -15.57 -48.72
C ARG WA 69 -21.33 -16.45 -48.75
N VAL WA 70 -20.16 -15.84 -48.71
CA VAL WA 70 -18.94 -16.63 -48.61
C VAL WA 70 -18.76 -17.16 -47.19
N ALA WA 71 -19.15 -16.36 -46.19
CA ALA WA 71 -18.98 -16.79 -44.81
C ALA WA 71 -19.97 -17.88 -44.43
N MET WA 72 -21.19 -17.81 -44.97
CA MET WA 72 -22.19 -18.82 -44.68
C MET WA 72 -21.81 -20.17 -45.26
N ALA WA 73 -21.17 -20.18 -46.42
CA ALA WA 73 -20.69 -21.41 -47.00
C ALA WA 73 -19.36 -21.85 -46.43
N ALA WA 74 -18.79 -21.07 -45.51
CA ALA WA 74 -17.55 -21.44 -44.85
C ALA WA 74 -17.76 -22.00 -43.46
N VAL WA 75 -18.81 -21.55 -42.75
CA VAL WA 75 -19.13 -22.13 -41.46
C VAL WA 75 -19.58 -23.58 -41.64
N VAL WA 76 -20.43 -23.82 -42.63
CA VAL WA 76 -20.81 -25.18 -42.99
C VAL WA 76 -19.59 -25.94 -43.48
N GLY WA 77 -18.68 -25.26 -44.16
CA GLY WA 77 -17.42 -25.88 -44.53
C GLY WA 77 -16.52 -26.15 -43.33
N THR WA 78 -16.73 -25.42 -42.23
CA THR WA 78 -15.96 -25.71 -41.05
C THR WA 78 -16.53 -26.92 -40.32
N ILE WA 79 -17.85 -27.04 -40.31
CA ILE WA 79 -18.52 -28.08 -39.54
C ILE WA 79 -18.38 -29.44 -40.23
N VAL WA 80 -18.60 -29.46 -41.54
CA VAL WA 80 -18.55 -30.71 -42.30
C VAL WA 80 -17.13 -31.26 -42.33
N HIS WA 81 -16.13 -30.38 -42.41
CA HIS WA 81 -14.75 -30.84 -42.37
C HIS WA 81 -14.36 -31.34 -41.00
N ASN WA 82 -15.03 -30.88 -39.94
CA ASN WA 82 -14.68 -31.28 -38.59
C ASN WA 82 -15.53 -32.42 -38.04
N ASN WA 83 -16.62 -32.77 -38.70
CA ASN WA 83 -17.31 -34.02 -38.40
C ASN WA 83 -16.69 -35.21 -39.09
N HIS WA 84 -15.56 -35.01 -39.77
CA HIS WA 84 -14.86 -36.01 -40.58
C HIS WA 84 -15.77 -36.61 -41.64
N ILE WA 85 -16.66 -35.78 -42.18
CA ILE WA 85 -17.42 -36.15 -43.36
C ILE WA 85 -16.48 -35.96 -44.56
N VAL WA 86 -15.90 -37.05 -45.00
CA VAL WA 86 -14.83 -37.05 -45.98
C VAL WA 86 -15.34 -37.81 -47.20
N PHE WA 87 -14.89 -37.40 -48.39
CA PHE WA 87 -15.33 -38.05 -49.63
C PHE WA 87 -14.92 -39.52 -49.74
N ASP WA 88 -13.96 -39.96 -48.92
CA ASP WA 88 -13.52 -41.36 -48.83
C ASP WA 88 -12.99 -41.85 -50.18
N GLY WA 89 -12.23 -40.99 -50.84
CA GLY WA 89 -11.60 -41.32 -52.09
C GLY WA 89 -10.14 -40.96 -52.02
N TYR WA 90 -9.46 -41.16 -53.15
CA TYR WA 90 -8.04 -40.90 -53.27
C TYR WA 90 -7.85 -39.66 -54.13
N LEU WA 91 -7.51 -38.54 -53.48
CA LEU WA 91 -7.57 -37.23 -54.14
C LEU WA 91 -6.51 -37.10 -55.24
N SER WA 92 -5.25 -37.19 -54.89
CA SER WA 92 -4.22 -36.98 -55.88
C SER WA 92 -3.56 -38.32 -56.20
N PRO WA 93 -3.70 -38.83 -57.42
CA PRO WA 93 -2.89 -40.00 -57.78
C PRO WA 93 -1.42 -39.67 -57.94
N SER WA 94 -1.10 -38.40 -58.21
CA SER WA 94 0.31 -38.03 -58.37
C SER WA 94 0.95 -37.70 -57.04
N ASN WA 95 0.39 -36.76 -56.29
CA ASN WA 95 0.97 -36.29 -55.06
C ASN WA 95 0.64 -37.17 -53.87
N ASN WA 96 -0.16 -38.21 -54.09
CA ASN WA 96 -0.54 -39.21 -53.09
C ASN WA 96 -1.22 -38.59 -51.88
N LEU WA 97 -2.15 -37.69 -52.13
CA LEU WA 97 -3.02 -37.13 -51.09
C LEU WA 97 -4.31 -37.90 -51.09
N LYS WA 98 -4.72 -38.37 -49.93
CA LYS WA 98 -6.11 -38.76 -49.77
C LYS WA 98 -6.91 -37.56 -49.29
N PHE WA 99 -8.23 -37.69 -49.34
CA PHE WA 99 -9.08 -36.63 -48.80
C PHE WA 99 -9.00 -36.60 -47.28
N SER WA 100 -8.72 -37.73 -46.65
CA SER WA 100 -8.60 -37.76 -45.20
C SER WA 100 -7.26 -37.21 -44.74
N ASP WA 101 -6.30 -37.11 -45.64
CA ASP WA 101 -4.98 -36.64 -45.26
C ASP WA 101 -4.93 -35.11 -45.13
N ILE WA 102 -5.90 -34.41 -45.68
CA ILE WA 102 -5.88 -32.95 -45.64
C ILE WA 102 -6.33 -32.50 -44.25
N PRO WA 103 -5.61 -31.56 -43.62
CA PRO WA 103 -6.03 -31.06 -42.31
C PRO WA 103 -7.35 -30.32 -42.38
N THR WA 104 -8.05 -30.29 -41.26
CA THR WA 104 -9.40 -29.75 -41.21
C THR WA 104 -9.46 -28.33 -40.72
N GLY WA 105 -8.37 -27.79 -40.19
CA GLY WA 105 -8.40 -26.44 -39.66
C GLY WA 105 -8.12 -25.40 -40.72
N VAL WA 106 -7.24 -24.46 -40.41
CA VAL WA 106 -6.87 -23.42 -41.35
C VAL WA 106 -5.99 -23.99 -42.46
N ASP WA 107 -5.20 -25.02 -42.17
CA ASP WA 107 -4.18 -25.51 -43.09
C ASP WA 107 -4.73 -26.49 -44.11
N GLY WA 108 -6.03 -26.44 -44.41
CA GLY WA 108 -6.59 -27.33 -45.40
C GLY WA 108 -6.21 -26.94 -46.82
N ILE WA 109 -6.31 -25.65 -47.14
CA ILE WA 109 -6.00 -25.20 -48.49
C ILE WA 109 -4.50 -25.27 -48.75
N ARG WA 110 -3.70 -25.09 -47.71
CA ARG WA 110 -2.26 -25.17 -47.86
C ARG WA 110 -1.78 -26.59 -48.16
N ALA WA 111 -2.61 -27.59 -47.88
CA ALA WA 111 -2.31 -28.96 -48.29
C ALA WA 111 -2.73 -29.27 -49.71
N ILE WA 112 -3.64 -28.48 -50.28
CA ILE WA 112 -4.07 -28.66 -51.66
C ILE WA 112 -2.92 -28.30 -52.60
N PRO WA 113 -2.57 -29.14 -53.57
CA PRO WA 113 -1.48 -28.81 -54.49
C PRO WA 113 -1.89 -27.68 -55.43
N THR WA 114 -0.86 -27.04 -55.99
CA THR WA 114 -1.07 -25.84 -56.79
C THR WA 114 -1.75 -26.13 -58.13
N ALA WA 115 -1.70 -27.37 -58.59
CA ALA WA 115 -2.46 -27.72 -59.78
C ALA WA 115 -3.95 -27.80 -59.47
N GLY WA 116 -4.30 -28.06 -58.22
CA GLY WA 116 -5.69 -28.06 -57.81
C GLY WA 116 -6.17 -26.66 -57.48
N LEU WA 117 -5.27 -25.84 -56.97
CA LEU WA 117 -5.60 -24.44 -56.75
C LEU WA 117 -5.75 -23.70 -58.07
N ALA WA 118 -5.08 -24.17 -59.12
CA ALA WA 118 -5.27 -23.59 -60.44
C ALA WA 118 -6.63 -23.98 -61.02
N GLN WA 119 -7.13 -25.17 -60.69
CA GLN WA 119 -8.44 -25.58 -61.18
C GLN WA 119 -9.56 -24.81 -60.51
N ILE WA 120 -9.38 -24.44 -59.24
CA ILE WA 120 -10.41 -23.69 -58.52
C ILE WA 120 -10.46 -22.25 -59.03
N LEU WA 121 -9.29 -21.61 -59.17
CA LEU WA 121 -9.25 -20.22 -59.58
C LEU WA 121 -9.67 -20.04 -61.03
N ALA WA 122 -9.44 -21.04 -61.88
CA ALA WA 122 -9.90 -20.95 -63.25
C ALA WA 122 -11.40 -21.13 -63.34
N PHE WA 123 -11.97 -21.86 -62.37
CA PHE WA 123 -13.40 -22.11 -62.41
C PHE WA 123 -14.19 -20.92 -61.88
N PHE WA 124 -13.81 -20.40 -60.71
CA PHE WA 124 -14.59 -19.32 -60.13
C PHE WA 124 -14.26 -17.97 -60.77
N ALA WA 125 -13.24 -17.93 -61.62
CA ALA WA 125 -13.13 -16.78 -62.51
C ALA WA 125 -14.24 -16.81 -63.54
N LEU WA 126 -14.66 -17.99 -63.96
CA LEU WA 126 -15.75 -18.08 -64.91
C LEU WA 126 -17.09 -17.88 -64.22
N VAL WA 127 -17.15 -18.20 -62.92
CA VAL WA 127 -18.38 -17.95 -62.18
C VAL WA 127 -18.51 -16.47 -61.85
N GLU WA 128 -17.48 -15.89 -61.24
CA GLU WA 128 -17.67 -14.61 -60.59
C GLU WA 128 -17.52 -13.45 -61.59
N LEU WA 129 -17.07 -13.74 -62.81
CA LEU WA 129 -17.04 -12.72 -63.84
C LEU WA 129 -18.13 -12.90 -64.88
N ALA WA 130 -18.35 -14.13 -65.33
CA ALA WA 130 -19.21 -14.37 -66.48
C ALA WA 130 -20.63 -14.76 -66.08
N TRP WA 131 -20.78 -15.87 -65.37
CA TRP WA 131 -22.10 -16.42 -65.13
C TRP WA 131 -22.83 -15.69 -64.01
N MET WA 132 -22.19 -15.53 -62.87
CA MET WA 132 -22.73 -14.79 -61.73
C MET WA 132 -21.80 -13.61 -61.50
N PRO WA 133 -21.92 -12.54 -62.29
CA PRO WA 133 -20.91 -11.48 -62.24
C PRO WA 133 -21.02 -10.66 -60.97
N ALA WA 134 -19.89 -10.53 -60.27
CA ALA WA 134 -19.86 -9.78 -59.02
C ALA WA 134 -20.03 -8.29 -59.23
N SER WA 135 -19.85 -7.79 -60.44
CA SER WA 135 -20.13 -6.39 -60.73
C SER WA 135 -21.62 -6.09 -60.71
N LYS WA 136 -22.47 -7.09 -60.77
CA LYS WA 136 -23.91 -6.90 -60.66
C LYS WA 136 -24.24 -6.65 -59.19
N TYR WA 137 -24.44 -5.38 -58.84
CA TYR WA 137 -24.62 -5.00 -57.44
C TYR WA 137 -25.99 -5.33 -56.90
N ASP WA 138 -26.91 -5.86 -57.71
CA ASP WA 138 -28.20 -6.26 -57.18
C ASP WA 138 -28.11 -7.59 -56.45
N GLY WA 139 -27.24 -8.48 -56.93
CA GLY WA 139 -27.04 -9.77 -56.30
C GLY WA 139 -28.11 -10.80 -56.61
N ASP WA 140 -29.05 -10.49 -57.49
CA ASP WA 140 -30.21 -11.35 -57.75
C ASP WA 140 -30.05 -12.14 -59.04
N TYR WA 141 -28.85 -12.69 -59.22
CA TYR WA 141 -28.24 -13.11 -60.47
C TYR WA 141 -29.13 -13.89 -61.43
N GLY WA 142 -29.51 -15.10 -61.09
CA GLY WA 142 -30.55 -15.73 -61.88
C GLY WA 142 -31.60 -16.47 -61.08
N VAL WA 143 -31.25 -16.88 -59.88
CA VAL WA 143 -31.92 -17.98 -59.21
C VAL WA 143 -32.74 -17.41 -58.06
N GLY WA 144 -33.98 -17.86 -57.95
CA GLY WA 144 -34.81 -17.51 -56.83
C GLY WA 144 -34.40 -18.26 -55.59
N TYR WA 145 -35.22 -18.09 -54.55
CA TYR WA 145 -35.03 -18.86 -53.33
C TYR WA 145 -35.51 -20.26 -53.65
N PHE WA 146 -34.55 -21.16 -53.90
CA PHE WA 146 -34.78 -22.50 -54.42
C PHE WA 146 -35.55 -22.45 -55.74
N GLY WA 147 -35.00 -21.71 -56.70
CA GLY WA 147 -35.51 -21.71 -58.05
C GLY WA 147 -36.70 -20.80 -58.32
N THR WA 148 -37.47 -20.45 -57.30
CA THR WA 148 -38.65 -19.62 -57.45
C THR WA 148 -38.46 -18.32 -56.72
N ASP WA 149 -38.96 -17.23 -57.28
CA ASP WA 149 -38.95 -15.99 -56.55
C ASP WA 149 -40.08 -15.98 -55.51
N ILE WA 150 -40.10 -14.93 -54.72
CA ILE WA 150 -41.07 -14.77 -53.65
C ILE WA 150 -41.95 -13.59 -54.03
N LYS WA 151 -43.14 -13.87 -54.54
CA LYS WA 151 -44.00 -12.82 -55.07
C LYS WA 151 -44.63 -11.96 -53.99
N ASP WA 152 -44.76 -12.48 -52.77
CA ASP WA 152 -45.29 -11.70 -51.65
C ASP WA 152 -44.24 -10.67 -51.24
N PRO WA 153 -44.54 -9.36 -51.31
CA PRO WA 153 -43.51 -8.35 -51.05
C PRO WA 153 -43.01 -8.32 -49.61
N GLU WA 154 -43.87 -8.70 -48.67
CA GLU WA 154 -43.43 -8.75 -47.28
C GLU WA 154 -42.52 -9.95 -47.03
N GLU WA 155 -42.84 -11.08 -47.65
CA GLU WA 155 -42.04 -12.27 -47.42
C GLU WA 155 -40.74 -12.24 -48.22
N LYS WA 156 -40.76 -11.57 -49.37
CA LYS WA 156 -39.50 -11.37 -50.10
C LYS WA 156 -38.61 -10.41 -49.35
N ALA WA 157 -39.19 -9.40 -48.72
CA ALA WA 157 -38.42 -8.49 -47.88
C ALA WA 157 -38.23 -9.04 -46.48
N ARG WA 158 -38.79 -10.21 -46.19
CA ARG WA 158 -38.41 -10.92 -44.99
C ARG WA 158 -37.12 -11.68 -45.17
N LYS WA 159 -37.07 -12.59 -46.13
CA LYS WA 159 -35.94 -13.50 -46.25
C LYS WA 159 -34.68 -12.84 -46.75
N LEU WA 160 -34.77 -11.65 -47.33
CA LEU WA 160 -33.58 -10.87 -47.60
C LEU WA 160 -32.93 -10.34 -46.33
N ASN WA 161 -33.71 -10.01 -45.29
CA ASN WA 161 -33.14 -9.80 -43.96
C ASN WA 161 -32.52 -11.07 -43.41
N VAL WA 162 -33.08 -12.22 -43.76
CA VAL WA 162 -32.60 -13.48 -43.21
C VAL WA 162 -31.29 -13.89 -43.88
N GLU WA 163 -31.14 -13.61 -45.16
CA GLU WA 163 -29.85 -13.83 -45.81
C GLU WA 163 -28.80 -12.89 -45.26
N LEU WA 164 -29.19 -11.69 -44.85
CA LEU WA 164 -28.23 -10.80 -44.23
C LEU WA 164 -27.89 -11.21 -42.80
N ASN WA 165 -28.90 -11.54 -41.99
CA ASN WA 165 -28.62 -11.75 -40.58
C ASN WA 165 -27.93 -13.09 -40.31
N ASN WA 166 -28.35 -14.16 -40.99
CA ASN WA 166 -27.53 -15.37 -41.02
C ASN WA 166 -26.19 -15.11 -41.71
N GLY WA 167 -26.14 -14.13 -42.61
CA GLY WA 167 -24.88 -13.79 -43.24
C GLY WA 167 -23.96 -12.96 -42.36
N ARG WA 168 -24.53 -12.01 -41.61
CA ARG WA 168 -23.72 -11.22 -40.69
C ARG WA 168 -23.18 -12.07 -39.56
N ALA WA 169 -23.99 -12.99 -39.05
CA ALA WA 169 -23.55 -13.86 -37.97
C ALA WA 169 -22.51 -14.87 -38.43
N ALA WA 170 -22.50 -15.19 -39.72
CA ALA WA 170 -21.52 -16.14 -40.22
C ALA WA 170 -20.16 -15.50 -40.40
N MET WA 171 -20.12 -14.18 -40.66
CA MET WA 171 -18.83 -13.49 -40.72
C MET WA 171 -18.17 -13.47 -39.36
N MET WA 172 -18.97 -13.24 -38.32
CA MET WA 172 -18.47 -13.28 -36.96
C MET WA 172 -18.20 -14.70 -36.47
N GLY WA 173 -18.67 -15.70 -37.20
CA GLY WA 173 -18.44 -17.07 -36.82
C GLY WA 173 -17.15 -17.63 -37.38
N ILE WA 174 -16.80 -17.24 -38.60
CA ILE WA 174 -15.55 -17.69 -39.19
C ILE WA 174 -14.36 -17.03 -38.51
N MET WA 175 -14.50 -15.75 -38.14
CA MET WA 175 -13.48 -15.10 -37.33
C MET WA 175 -13.40 -15.73 -35.95
N GLY WA 176 -14.50 -16.29 -35.45
CA GLY WA 176 -14.42 -17.09 -34.24
C GLY WA 176 -13.72 -18.41 -34.41
N ASN WA 177 -13.69 -18.94 -35.62
CA ASN WA 177 -12.91 -20.13 -35.91
C ASN WA 177 -11.45 -19.82 -36.19
N MET WA 178 -11.19 -18.94 -37.16
CA MET WA 178 -9.83 -18.77 -37.65
C MET WA 178 -8.90 -18.13 -36.63
N VAL WA 179 -9.45 -17.46 -35.63
CA VAL WA 179 -8.65 -16.95 -34.53
C VAL WA 179 -8.46 -18.01 -33.45
N ALA WA 180 -9.53 -18.70 -33.07
CA ALA WA 180 -9.42 -19.73 -32.05
C ALA WA 180 -8.82 -21.03 -32.56
N GLU WA 181 -8.52 -21.14 -33.85
CA GLU WA 181 -7.74 -22.26 -34.35
C GLU WA 181 -6.27 -21.94 -34.50
N VAL WA 182 -5.89 -20.67 -34.41
CA VAL WA 182 -4.50 -20.27 -34.41
C VAL WA 182 -3.98 -20.03 -33.00
N LEU WA 183 -4.79 -19.40 -32.15
CA LEU WA 183 -4.35 -19.14 -30.78
C LEU WA 183 -4.31 -20.43 -29.96
N THR WA 184 -5.32 -21.29 -30.11
CA THR WA 184 -5.23 -22.60 -29.48
C THR WA 184 -4.35 -23.54 -30.25
N GLY WA 185 -4.06 -23.25 -31.51
CA GLY WA 185 -3.17 -24.08 -32.30
C GLY WA 185 -3.72 -25.42 -32.68
N GLN WA 186 -5.03 -25.61 -32.56
CA GLN WA 186 -5.67 -26.89 -32.83
C GLN WA 186 -6.77 -26.68 -33.85
N THR WA 187 -7.33 -27.80 -34.31
CA THR WA 187 -8.54 -27.73 -35.12
C THR WA 187 -9.73 -27.53 -34.21
N MET WA 188 -10.92 -27.40 -34.79
CA MET WA 188 -12.10 -27.33 -33.96
C MET WA 188 -12.41 -28.68 -33.34
N TYR WA 189 -12.12 -29.76 -34.06
CA TYR WA 189 -12.39 -31.10 -33.55
C TYR WA 189 -11.50 -31.44 -32.36
N GLU WA 190 -10.27 -30.94 -32.35
CA GLU WA 190 -9.38 -31.23 -31.24
C GLU WA 190 -9.69 -30.43 -30.00
N GLN WA 191 -10.35 -29.28 -30.14
CA GLN WA 191 -10.71 -28.49 -28.97
C GLN WA 191 -11.81 -29.16 -28.17
N TYR WA 192 -12.84 -29.64 -28.86
CA TYR WA 192 -13.92 -30.32 -28.18
C TYR WA 192 -13.54 -31.71 -27.72
N ALA WA 193 -12.55 -32.32 -28.38
CA ALA WA 193 -12.09 -33.64 -27.95
C ALA WA 193 -11.25 -33.54 -26.69
N SER WA 194 -10.28 -32.62 -26.67
CA SER WA 194 -9.43 -32.45 -25.51
C SER WA 194 -10.09 -31.69 -24.37
N GLY WA 195 -11.27 -31.15 -24.60
CA GLY WA 195 -11.92 -30.36 -23.56
C GLY WA 195 -11.25 -29.02 -23.34
N HIS WA 196 -10.75 -28.41 -24.42
CA HIS WA 196 -10.11 -27.11 -24.34
C HIS WA 196 -11.09 -25.98 -24.61
N ILE WA 197 -12.34 -26.16 -24.17
CA ILE WA 197 -13.38 -25.16 -24.34
C ILE WA 197 -13.08 -23.94 -23.47
N SER WA 198 -12.40 -24.14 -22.35
CA SER WA 198 -12.03 -23.04 -21.49
C SER WA 198 -10.95 -22.20 -22.14
N PRO WA 199 -11.03 -20.87 -22.04
CA PRO WA 199 -10.04 -20.02 -22.71
C PRO WA 199 -8.73 -19.89 -21.95
N PHE WA 200 -7.62 -20.14 -22.66
CA PHE WA 200 -6.30 -19.96 -22.08
C PHE WA 200 -5.95 -18.49 -21.97
N GLY WA 201 -6.34 -17.69 -22.97
CA GLY WA 201 -6.16 -16.25 -22.94
C GLY WA 201 -7.46 -15.57 -22.58
N ASP WA 202 -8.17 -15.07 -23.59
CA ASP WA 202 -9.51 -14.53 -23.39
C ASP WA 202 -10.36 -15.02 -24.55
N GLY WA 203 -11.66 -15.09 -24.32
CA GLY WA 203 -12.58 -15.50 -25.36
C GLY WA 203 -13.96 -14.94 -25.13
N GLN WA 204 -14.51 -14.32 -26.16
CA GLN WA 204 -15.83 -13.71 -26.07
C GLN WA 204 -16.73 -14.37 -27.08
N GLY WA 205 -17.75 -15.09 -26.59
CA GLY WA 205 -18.70 -15.75 -27.44
C GLY WA 205 -20.13 -15.45 -27.02
N VAL WA 206 -21.10 -16.03 -27.71
CA VAL WA 206 -22.50 -15.85 -27.37
C VAL WA 206 -23.05 -17.09 -26.68
N SER XA 31 -60.37 -14.56 -38.80
CA SER XA 31 -60.88 -14.36 -37.45
C SER XA 31 -60.41 -15.48 -36.54
N GLU XA 32 -59.84 -15.10 -35.38
CA GLU XA 32 -59.26 -16.11 -34.49
C GLU XA 32 -60.33 -16.85 -33.72
N ILE XA 33 -61.56 -16.32 -33.70
CA ILE XA 33 -62.64 -17.01 -33.00
C ILE XA 33 -63.04 -18.27 -33.74
N GLU XA 34 -63.03 -18.23 -35.08
CA GLU XA 34 -63.48 -19.36 -35.87
C GLU XA 34 -62.40 -20.43 -36.04
N LEU XA 35 -61.21 -20.24 -35.46
CA LEU XA 35 -60.11 -21.15 -35.77
C LEU XA 35 -60.15 -22.41 -34.91
N GLY XA 36 -60.83 -22.35 -33.78
CA GLY XA 36 -60.87 -23.52 -32.92
C GLY XA 36 -61.99 -24.46 -33.26
N VAL XA 37 -62.96 -23.98 -34.04
CA VAL XA 37 -64.18 -24.75 -34.29
C VAL XA 37 -63.92 -25.81 -35.34
N THR XA 38 -64.24 -27.07 -34.99
CA THR XA 38 -64.16 -28.17 -35.94
C THR XA 38 -65.56 -28.79 -35.96
N GLU XA 39 -65.77 -29.82 -36.76
CA GLU XA 39 -67.10 -30.39 -37.03
C GLU XA 39 -67.81 -31.07 -35.86
N PRO XA 40 -67.23 -32.07 -35.12
CA PRO XA 40 -68.08 -32.87 -34.23
C PRO XA 40 -68.60 -32.12 -33.00
N LEU XA 41 -67.85 -31.12 -32.54
CA LEU XA 41 -68.30 -30.40 -31.36
C LEU XA 41 -68.75 -28.98 -31.70
N GLY XA 42 -68.14 -28.36 -32.70
CA GLY XA 42 -68.48 -26.99 -32.98
C GLY XA 42 -67.86 -26.05 -31.94
N VAL XA 43 -68.57 -24.96 -31.67
CA VAL XA 43 -68.18 -24.06 -30.61
C VAL XA 43 -68.42 -24.76 -29.29
N TYR XA 44 -67.36 -25.15 -28.60
CA TYR XA 44 -67.48 -25.99 -27.42
C TYR XA 44 -66.88 -25.29 -26.22
N ASP XA 45 -67.73 -24.89 -25.27
CA ASP XA 45 -67.28 -24.39 -23.98
C ASP XA 45 -68.31 -24.68 -22.90
N PRO XA 46 -68.04 -25.66 -22.05
CA PRO XA 46 -68.95 -25.90 -20.92
C PRO XA 46 -68.86 -24.82 -19.86
N LEU XA 47 -67.68 -24.23 -19.70
CA LEU XA 47 -67.55 -23.16 -18.72
C LEU XA 47 -68.13 -21.85 -19.24
N GLY XA 48 -68.11 -21.68 -20.56
CA GLY XA 48 -68.69 -20.50 -21.17
C GLY XA 48 -67.87 -19.24 -21.03
N TRP XA 49 -66.54 -19.33 -21.15
CA TRP XA 49 -65.72 -18.12 -21.03
C TRP XA 49 -65.78 -17.26 -22.29
N LEU XA 50 -66.34 -17.79 -23.38
CA LEU XA 50 -66.46 -17.01 -24.60
C LEU XA 50 -67.43 -15.85 -24.45
N GLU XA 51 -68.45 -16.03 -23.61
CA GLU XA 51 -69.43 -14.98 -23.39
C GLU XA 51 -69.14 -14.21 -22.10
N SER XA 52 -68.60 -14.89 -21.10
CA SER XA 52 -68.38 -14.25 -19.82
C SER XA 52 -67.19 -13.31 -19.87
N GLU XA 53 -66.02 -13.82 -20.26
CA GLU XA 53 -64.79 -13.03 -20.33
C GLU XA 53 -64.24 -13.10 -21.75
N PRO XA 54 -64.74 -12.27 -22.65
CA PRO XA 54 -64.26 -12.33 -24.04
C PRO XA 54 -62.94 -11.61 -24.23
N GLU XA 55 -62.52 -10.84 -23.22
CA GLU XA 55 -61.26 -10.11 -23.33
C GLU XA 55 -60.07 -11.04 -23.15
N ALA XA 56 -60.25 -12.14 -22.43
CA ALA XA 56 -59.14 -13.04 -22.17
C ALA XA 56 -58.84 -13.93 -23.37
N PHE XA 57 -59.78 -14.04 -24.30
CA PHE XA 57 -59.75 -14.98 -25.42
C PHE XA 57 -58.53 -14.81 -26.31
N GLU XA 58 -58.03 -13.57 -26.45
CA GLU XA 58 -56.84 -13.35 -27.26
C GLU XA 58 -55.61 -13.93 -26.59
N ARG XA 59 -55.60 -14.02 -25.27
CA ARG XA 59 -54.53 -14.73 -24.59
C ARG XA 59 -54.80 -16.23 -24.57
N ARG XA 60 -56.04 -16.62 -24.29
CA ARG XA 60 -56.39 -18.02 -24.11
C ARG XA 60 -56.17 -18.83 -25.38
N ARG XA 61 -56.44 -18.22 -26.54
CA ARG XA 61 -56.11 -18.88 -27.80
C ARG XA 61 -54.61 -18.96 -27.98
N ALA XA 62 -53.89 -17.93 -27.57
CA ALA XA 62 -52.43 -17.95 -27.71
C ALA XA 62 -51.78 -18.82 -26.65
N VAL XA 63 -52.56 -19.38 -25.73
CA VAL XA 63 -52.02 -20.39 -24.84
C VAL XA 63 -52.39 -21.79 -25.33
N GLU XA 64 -53.61 -21.94 -25.89
CA GLU XA 64 -54.01 -23.24 -26.43
C GLU XA 64 -53.17 -23.61 -27.65
N ARG XA 65 -52.73 -22.61 -28.42
CA ARG XA 65 -51.68 -22.88 -29.40
C ARG XA 65 -50.37 -23.21 -28.74
N LYS XA 66 -50.05 -22.54 -27.64
CA LYS XA 66 -48.71 -22.61 -27.08
C LYS XA 66 -48.48 -23.92 -26.35
N HIS XA 67 -49.42 -24.31 -25.48
CA HIS XA 67 -49.37 -25.65 -24.90
C HIS XA 67 -49.54 -26.73 -25.96
N GLY XA 68 -50.18 -26.38 -27.07
CA GLY XA 68 -50.29 -27.33 -28.17
C GLY XA 68 -48.94 -27.60 -28.82
N ARG XA 69 -48.25 -26.54 -29.21
CA ARG XA 69 -46.99 -26.68 -29.95
C ARG XA 69 -45.90 -27.33 -29.10
N VAL XA 70 -45.97 -27.17 -27.79
CA VAL XA 70 -45.03 -27.86 -26.92
C VAL XA 70 -45.41 -29.33 -26.81
N ALA XA 71 -46.70 -29.63 -26.78
CA ALA XA 71 -47.13 -31.01 -26.63
C ALA XA 71 -46.89 -31.81 -27.90
N MET XA 72 -47.06 -31.17 -29.06
CA MET XA 72 -46.82 -31.86 -30.33
C MET XA 72 -45.37 -32.22 -30.52
N ALA XA 73 -44.46 -31.38 -30.04
CA ALA XA 73 -43.04 -31.68 -30.10
C ALA XA 73 -42.60 -32.57 -28.96
N ALA XA 74 -43.50 -32.94 -28.06
CA ALA XA 74 -43.19 -33.84 -26.97
C ALA XA 74 -43.67 -35.26 -27.23
N VAL XA 75 -44.76 -35.43 -27.97
CA VAL XA 75 -45.21 -36.77 -28.33
C VAL XA 75 -44.19 -37.40 -29.29
N VAL XA 76 -43.73 -36.62 -30.27
CA VAL XA 76 -42.65 -37.06 -31.13
C VAL XA 76 -41.38 -37.28 -30.33
N GLY XA 77 -41.17 -36.45 -29.31
CA GLY XA 77 -40.07 -36.69 -28.40
C GLY XA 77 -40.26 -37.92 -27.53
N THR XA 78 -41.50 -38.35 -27.36
CA THR XA 78 -41.72 -39.59 -26.62
C THR XA 78 -41.43 -40.80 -27.51
N ILE XA 79 -41.82 -40.71 -28.78
CA ILE XA 79 -41.73 -41.83 -29.69
C ILE XA 79 -40.29 -42.07 -30.12
N VAL XA 80 -39.58 -41.01 -30.46
CA VAL XA 80 -38.20 -41.12 -30.94
C VAL XA 80 -37.28 -41.59 -29.82
N HIS XA 81 -37.54 -41.16 -28.59
CA HIS XA 81 -36.74 -41.63 -27.47
C HIS XA 81 -37.04 -43.09 -27.14
N ASN XA 82 -38.23 -43.58 -27.48
CA ASN XA 82 -38.60 -44.95 -27.16
C ASN XA 82 -38.38 -45.93 -28.30
N ASN XA 83 -38.11 -45.46 -29.51
CA ASN XA 83 -37.61 -46.33 -30.57
C ASN XA 83 -36.11 -46.54 -30.49
N HIS XA 84 -35.48 -46.02 -29.44
CA HIS XA 84 -34.03 -46.05 -29.24
C HIS XA 84 -33.28 -45.41 -30.39
N ILE XA 85 -33.89 -44.38 -30.98
CA ILE XA 85 -33.19 -43.55 -31.94
C ILE XA 85 -32.32 -42.59 -31.13
N VAL XA 86 -31.05 -42.94 -31.02
CA VAL XA 86 -30.10 -42.29 -30.13
C VAL XA 86 -29.02 -41.68 -31.00
N PHE XA 87 -28.46 -40.54 -30.56
CA PHE XA 87 -27.42 -39.86 -31.33
C PHE XA 87 -26.14 -40.67 -31.48
N ASP XA 88 -25.94 -41.72 -30.66
CA ASP XA 88 -24.82 -42.65 -30.74
C ASP XA 88 -23.50 -41.90 -30.57
N GLY XA 89 -23.49 -40.98 -29.61
CA GLY XA 89 -22.29 -40.24 -29.28
C GLY XA 89 -22.08 -40.29 -27.79
N TYR XA 90 -21.06 -39.58 -27.35
CA TYR XA 90 -20.68 -39.52 -25.95
C TYR XA 90 -21.03 -38.14 -25.42
N LEU XA 91 -22.12 -38.06 -24.64
CA LEU XA 91 -22.71 -36.77 -24.29
C LEU XA 91 -21.81 -35.95 -23.38
N SER XA 92 -21.49 -36.45 -22.20
CA SER XA 92 -20.72 -35.66 -21.28
C SER XA 92 -19.32 -36.27 -21.17
N PRO XA 93 -18.28 -35.56 -21.61
CA PRO XA 93 -16.93 -36.04 -21.32
C PRO XA 93 -16.57 -35.92 -19.85
N SER XA 94 -17.24 -35.02 -19.12
CA SER XA 94 -16.92 -34.85 -17.71
C SER XA 94 -17.72 -35.82 -16.85
N ASN XA 95 -19.04 -35.81 -16.97
CA ASN XA 95 -19.90 -36.61 -16.11
C ASN XA 95 -20.05 -38.03 -16.62
N ASN XA 96 -19.44 -38.36 -17.76
CA ASN XA 96 -19.42 -39.69 -18.36
C ASN XA 96 -20.83 -40.22 -18.65
N LEU XA 97 -21.66 -39.36 -19.22
CA LEU XA 97 -22.97 -39.77 -19.71
C LEU XA 97 -22.86 -40.04 -21.20
N LYS XA 98 -23.34 -41.20 -21.63
CA LYS XA 98 -23.63 -41.37 -23.03
C LYS XA 98 -25.07 -40.96 -23.30
N PHE XA 99 -25.40 -40.82 -24.58
CA PHE XA 99 -26.78 -40.54 -24.94
C PHE XA 99 -27.67 -41.75 -24.70
N SER XA 100 -27.09 -42.95 -24.76
CA SER XA 100 -27.87 -44.15 -24.52
C SER XA 100 -28.09 -44.39 -23.03
N ASP XA 101 -27.30 -43.72 -22.19
CA ASP XA 101 -27.42 -43.92 -20.76
C ASP XA 101 -28.59 -43.17 -20.15
N ILE XA 102 -29.13 -42.19 -20.86
CA ILE XA 102 -30.21 -41.38 -20.33
C ILE XA 102 -31.51 -42.18 -20.44
N PRO XA 103 -32.31 -42.24 -19.38
CA PRO XA 103 -33.60 -42.96 -19.46
C PRO XA 103 -34.56 -42.29 -20.41
N THR XA 104 -35.47 -43.10 -20.94
CA THR XA 104 -36.36 -42.64 -22.00
C THR XA 104 -37.73 -42.21 -21.49
N GLY XA 105 -38.05 -42.48 -20.23
CA GLY XA 105 -39.35 -42.12 -19.72
C GLY XA 105 -39.41 -40.70 -19.21
N VAL XA 106 -39.98 -40.53 -18.01
CA VAL XA 106 -40.06 -39.21 -17.40
C VAL XA 106 -38.69 -38.76 -16.89
N ASP XA 107 -37.84 -39.71 -16.50
CA ASP XA 107 -36.58 -39.38 -15.82
C ASP XA 107 -35.46 -39.04 -16.80
N GLY XA 108 -35.78 -38.60 -18.01
CA GLY XA 108 -34.73 -38.25 -18.94
C GLY XA 108 -34.06 -36.92 -18.61
N ILE XA 109 -34.86 -35.91 -18.28
CA ILE XA 109 -34.30 -34.60 -17.97
C ILE XA 109 -33.58 -34.62 -16.63
N ARG XA 110 -34.03 -35.47 -15.71
CA ARG XA 110 -33.38 -35.58 -14.41
C ARG XA 110 -32.01 -36.23 -14.51
N ALA XA 111 -31.71 -36.92 -15.61
CA ALA XA 111 -30.37 -37.41 -15.85
C ALA XA 111 -29.46 -36.39 -16.50
N ILE XA 112 -30.02 -35.36 -17.12
CA ILE XA 112 -29.23 -34.29 -17.73
C ILE XA 112 -28.56 -33.47 -16.64
N PRO XA 113 -27.25 -33.23 -16.72
CA PRO XA 113 -26.59 -32.43 -15.68
C PRO XA 113 -27.01 -30.98 -15.74
N THR XA 114 -26.79 -30.29 -14.62
CA THR XA 114 -27.28 -28.92 -14.48
C THR XA 114 -26.53 -27.93 -15.34
N ALA XA 115 -25.32 -28.27 -15.78
CA ALA XA 115 -24.64 -27.42 -16.74
C ALA XA 115 -25.29 -27.51 -18.12
N GLY XA 116 -25.94 -28.63 -18.41
CA GLY XA 116 -26.66 -28.76 -19.66
C GLY XA 116 -28.05 -28.17 -19.58
N LEU XA 117 -28.64 -28.22 -18.38
CA LEU XA 117 -29.90 -27.55 -18.17
C LEU XA 117 -29.73 -26.03 -18.19
N ALA XA 118 -28.54 -25.55 -17.84
CA ALA XA 118 -28.27 -24.13 -17.95
C ALA XA 118 -28.12 -23.71 -19.41
N GLN XA 119 -27.61 -24.59 -20.26
CA GLN XA 119 -27.48 -24.26 -21.67
C GLN XA 119 -28.83 -24.22 -22.37
N ILE XA 120 -29.78 -25.04 -21.94
CA ILE XA 120 -31.10 -25.05 -22.55
C ILE XA 120 -31.88 -23.81 -22.14
N LEU XA 121 -31.86 -23.49 -20.84
CA LEU XA 121 -32.63 -22.36 -20.35
C LEU XA 121 -32.07 -21.03 -20.83
N ALA XA 122 -30.76 -20.96 -21.06
CA ALA XA 122 -30.19 -19.72 -21.59
C ALA XA 122 -30.52 -19.57 -23.07
N PHE XA 123 -30.75 -20.69 -23.76
CA PHE XA 123 -31.05 -20.62 -25.18
C PHE XA 123 -32.50 -20.26 -25.42
N PHE XA 124 -33.43 -20.95 -24.76
CA PHE XA 124 -34.83 -20.69 -25.04
C PHE XA 124 -35.33 -19.45 -24.33
N ALA XA 125 -34.52 -18.86 -23.44
CA ALA XA 125 -34.81 -17.50 -23.03
C ALA XA 125 -34.58 -16.54 -24.18
N LEU XA 126 -33.60 -16.83 -25.04
CA LEU XA 126 -33.36 -15.98 -26.18
C LEU XA 126 -34.37 -16.25 -27.27
N VAL XA 127 -34.91 -17.46 -27.31
CA VAL XA 127 -35.95 -17.76 -28.29
C VAL XA 127 -37.28 -17.15 -27.84
N GLU XA 128 -37.70 -17.44 -26.62
CA GLU XA 128 -39.10 -17.19 -26.27
C GLU XA 128 -39.31 -15.75 -25.83
N LEU XA 129 -38.23 -14.99 -25.63
CA LEU XA 129 -38.36 -13.57 -25.35
C LEU XA 129 -38.01 -12.70 -26.54
N ALA XA 130 -36.92 -13.01 -27.22
CA ALA XA 130 -36.38 -12.11 -28.22
C ALA XA 130 -36.82 -12.47 -29.63
N TRP XA 131 -36.46 -13.66 -30.11
CA TRP XA 131 -36.66 -14.00 -31.50
C TRP XA 131 -38.10 -14.38 -31.81
N MET XA 132 -38.66 -15.30 -31.03
CA MET XA 132 -40.05 -15.71 -31.16
C MET XA 132 -40.73 -15.35 -29.85
N PRO XA 133 -41.10 -14.08 -29.66
CA PRO XA 133 -41.56 -13.64 -28.34
C PRO XA 133 -42.94 -14.18 -28.02
N ALA XA 134 -43.06 -14.81 -26.85
CA ALA XA 134 -44.32 -15.39 -26.42
C ALA XA 134 -45.36 -14.35 -26.07
N SER XA 135 -44.95 -13.10 -25.85
CA SER XA 135 -45.91 -12.03 -25.64
C SER XA 135 -46.67 -11.67 -26.92
N LYS XA 136 -46.18 -12.10 -28.08
CA LYS XA 136 -46.89 -11.88 -29.33
C LYS XA 136 -48.04 -12.87 -29.39
N TYR XA 137 -49.25 -12.40 -29.09
CA TYR XA 137 -50.40 -13.29 -28.98
C TYR XA 137 -50.96 -13.73 -30.32
N ASP XA 138 -50.41 -13.27 -31.44
CA ASP XA 138 -50.88 -13.75 -32.72
C ASP XA 138 -50.28 -15.12 -33.03
N GLY XA 139 -49.05 -15.36 -32.60
CA GLY XA 139 -48.41 -16.64 -32.81
C GLY XA 139 -47.84 -16.85 -34.20
N ASP XA 140 -47.88 -15.84 -35.06
CA ASP XA 140 -47.49 -15.96 -36.46
C ASP XA 140 -46.10 -15.40 -36.73
N TYR XA 141 -45.18 -15.73 -35.83
CA TYR XA 141 -43.93 -15.04 -35.54
C TYR XA 141 -43.11 -14.60 -36.75
N GLY XA 142 -42.55 -15.53 -37.50
CA GLY XA 142 -41.98 -15.12 -38.76
C GLY XA 142 -42.27 -16.04 -39.92
N VAL XA 143 -42.55 -17.30 -39.62
CA VAL XA 143 -42.36 -18.39 -40.57
C VAL XA 143 -43.73 -18.87 -41.00
N GLY XA 144 -43.89 -19.05 -42.31
CA GLY XA 144 -45.11 -19.65 -42.83
C GLY XA 144 -45.12 -21.14 -42.61
N TYR XA 145 -46.14 -21.77 -43.18
CA TYR XA 145 -46.21 -23.22 -43.17
C TYR XA 145 -45.17 -23.71 -44.14
N PHE XA 146 -44.03 -24.15 -43.59
CA PHE XA 146 -42.82 -24.47 -44.33
C PHE XA 146 -42.36 -23.28 -45.17
N GLY XA 147 -42.15 -22.15 -44.50
CA GLY XA 147 -41.55 -20.99 -45.11
C GLY XA 147 -42.46 -20.11 -45.92
N THR XA 148 -43.59 -20.62 -46.40
CA THR XA 148 -44.51 -19.86 -47.22
C THR XA 148 -45.83 -19.73 -46.49
N ASP XA 149 -46.47 -18.58 -46.64
CA ASP XA 149 -47.82 -18.45 -46.11
C ASP XA 149 -48.82 -19.13 -47.04
N ILE XA 150 -50.07 -19.17 -46.60
CA ILE XA 150 -51.14 -19.81 -47.35
C ILE XA 150 -52.09 -18.70 -47.77
N LYS XA 151 -52.00 -18.30 -49.04
CA LYS XA 151 -52.76 -17.16 -49.52
C LYS XA 151 -54.24 -17.45 -49.67
N ASP XA 152 -54.62 -18.71 -49.86
CA ASP XA 152 -56.01 -19.10 -49.96
C ASP XA 152 -56.65 -18.98 -48.59
N PRO XA 153 -57.68 -18.12 -48.40
CA PRO XA 153 -58.21 -17.89 -47.06
C PRO XA 153 -58.90 -19.09 -46.43
N GLU XA 154 -59.48 -19.97 -47.26
CA GLU XA 154 -60.09 -21.17 -46.73
C GLU XA 154 -59.04 -22.18 -46.30
N GLU XA 155 -57.95 -22.29 -47.05
CA GLU XA 155 -56.93 -23.27 -46.71
C GLU XA 155 -56.05 -22.77 -45.57
N LYS XA 156 -55.87 -21.46 -45.46
CA LYS XA 156 -55.16 -20.93 -44.31
C LYS XA 156 -55.99 -21.09 -43.05
N ALA XA 157 -57.30 -20.94 -43.17
CA ALA XA 157 -58.19 -21.20 -42.05
C ALA XA 157 -58.54 -22.67 -41.92
N ARG XA 158 -58.03 -23.50 -42.83
CA ARG XA 158 -58.08 -24.93 -42.60
C ARG XA 158 -56.98 -25.40 -41.70
N LYS XA 159 -55.72 -25.14 -42.07
CA LYS XA 159 -54.59 -25.73 -41.36
C LYS XA 159 -54.36 -25.11 -40.00
N LEU XA 160 -54.92 -23.94 -39.74
CA LEU XA 160 -54.93 -23.44 -38.38
C LEU XA 160 -55.83 -24.25 -37.45
N ASN XA 161 -56.94 -24.78 -37.95
CA ASN XA 161 -57.67 -25.80 -37.21
C ASN XA 161 -56.85 -27.06 -37.03
N VAL XA 162 -55.99 -27.37 -37.99
CA VAL XA 162 -55.22 -28.60 -37.94
C VAL XA 162 -54.09 -28.48 -36.94
N GLU XA 163 -53.48 -27.29 -36.83
CA GLU XA 163 -52.50 -27.07 -35.78
C GLU XA 163 -53.14 -27.11 -34.41
N LEU XA 164 -54.39 -26.71 -34.31
CA LEU XA 164 -55.08 -26.81 -33.03
C LEU XA 164 -55.49 -28.24 -32.72
N ASN XA 165 -56.07 -28.96 -33.68
CA ASN XA 165 -56.64 -30.26 -33.35
C ASN XA 165 -55.58 -31.32 -33.16
N ASN XA 166 -54.54 -31.35 -34.00
CA ASN XA 166 -53.35 -32.13 -33.67
C ASN XA 166 -52.68 -31.59 -32.42
N GLY XA 167 -52.85 -30.32 -32.11
CA GLY XA 167 -52.30 -29.77 -30.89
C GLY XA 167 -53.09 -30.13 -29.64
N ARG XA 168 -54.42 -30.11 -29.75
CA ARG XA 168 -55.26 -30.49 -28.63
C ARG XA 168 -55.12 -31.98 -28.31
N ALA XA 169 -55.02 -32.81 -29.34
CA ALA XA 169 -54.85 -34.24 -29.13
C ALA XA 169 -53.49 -34.58 -28.57
N ALA XA 170 -52.49 -33.74 -28.82
CA ALA XA 170 -51.16 -34.01 -28.29
C ALA XA 170 -51.05 -33.66 -26.82
N MET XA 171 -51.86 -32.71 -26.34
CA MET XA 171 -51.89 -32.43 -24.91
C MET XA 171 -52.47 -33.60 -24.15
N MET XA 172 -53.52 -34.21 -24.69
CA MET XA 172 -54.11 -35.40 -24.09
C MET XA 172 -53.25 -36.63 -24.31
N GLY XA 173 -52.25 -36.56 -25.18
CA GLY XA 173 -51.38 -37.70 -25.41
C GLY XA 173 -50.20 -37.74 -24.46
N ILE XA 174 -49.66 -36.57 -24.14
CA ILE XA 174 -48.55 -36.51 -23.18
C ILE XA 174 -49.02 -36.84 -21.78
N MET XA 175 -50.22 -36.38 -21.43
CA MET XA 175 -50.82 -36.80 -20.15
C MET XA 175 -51.13 -38.28 -20.16
N GLY XA 176 -51.38 -38.87 -21.33
CA GLY XA 176 -51.49 -40.31 -21.42
C GLY XA 176 -50.17 -41.03 -21.26
N ASN XA 177 -49.06 -40.36 -21.54
CA ASN XA 177 -47.74 -40.92 -21.27
C ASN XA 177 -47.30 -40.71 -19.84
N MET XA 178 -47.30 -39.45 -19.38
CA MET XA 178 -46.66 -39.12 -18.11
C MET XA 178 -47.41 -39.71 -16.92
N VAL XA 179 -48.67 -40.06 -17.08
CA VAL XA 179 -49.40 -40.77 -16.04
C VAL XA 179 -49.20 -42.27 -16.13
N ALA XA 180 -49.27 -42.82 -17.33
CA ALA XA 180 -49.08 -44.26 -17.49
C ALA XA 180 -47.61 -44.68 -17.44
N GLU XA 181 -46.68 -43.74 -17.34
CA GLU XA 181 -45.29 -44.08 -17.07
C GLU XA 181 -44.93 -43.97 -15.61
N VAL XA 182 -45.78 -43.36 -14.80
CA VAL XA 182 -45.59 -43.31 -13.35
C VAL XA 182 -46.41 -44.38 -12.65
N LEU XA 183 -47.65 -44.59 -13.09
CA LEU XA 183 -48.48 -45.61 -12.44
C LEU XA 183 -48.00 -47.01 -12.78
N THR XA 184 -47.64 -47.26 -14.04
CA THR XA 184 -47.02 -48.54 -14.36
C THR XA 184 -45.56 -48.59 -13.95
N GLY XA 185 -44.94 -47.43 -13.71
CA GLY XA 185 -43.56 -47.39 -13.26
C GLY XA 185 -42.54 -47.77 -14.30
N GLN XA 186 -42.93 -47.81 -15.56
CA GLN XA 186 -42.05 -48.25 -16.64
C GLN XA 186 -41.99 -47.16 -17.70
N THR XA 187 -41.10 -47.35 -18.67
CA THR XA 187 -41.10 -46.51 -19.84
C THR XA 187 -42.19 -46.98 -20.79
N MET XA 188 -42.35 -46.27 -21.90
CA MET XA 188 -43.31 -46.74 -22.90
C MET XA 188 -42.78 -47.98 -23.60
N TYR XA 189 -41.47 -48.06 -23.79
CA TYR XA 189 -40.88 -49.21 -24.46
C TYR XA 189 -41.01 -50.48 -23.63
N GLU XA 190 -40.95 -50.37 -22.31
CA GLU XA 190 -41.07 -51.55 -21.46
C GLU XA 190 -42.50 -52.04 -21.35
N GLN XA 191 -43.49 -51.18 -21.56
CA GLN XA 191 -44.87 -51.62 -21.49
C GLN XA 191 -45.23 -52.51 -22.67
N TYR XA 192 -44.82 -52.09 -23.87
CA TYR XA 192 -45.11 -52.89 -25.05
C TYR XA 192 -44.21 -54.11 -25.13
N ALA XA 193 -43.03 -54.07 -24.51
CA ALA XA 193 -42.16 -55.24 -24.51
C ALA XA 193 -42.69 -56.30 -23.56
N SER XA 194 -43.03 -55.91 -22.33
CA SER XA 194 -43.52 -56.87 -21.36
C SER XA 194 -44.98 -57.25 -21.58
N GLY XA 195 -45.66 -56.61 -22.51
CA GLY XA 195 -47.07 -56.91 -22.73
C GLY XA 195 -47.95 -56.40 -21.60
N HIS XA 196 -47.60 -55.25 -21.03
CA HIS XA 196 -48.37 -54.65 -19.96
C HIS XA 196 -49.39 -53.65 -20.50
N ILE XA 197 -49.95 -53.94 -21.68
CA ILE XA 197 -50.94 -53.09 -22.30
C ILE XA 197 -52.24 -53.12 -21.51
N SER XA 198 -52.51 -54.23 -20.83
CA SER XA 198 -53.70 -54.34 -20.01
C SER XA 198 -53.56 -53.46 -18.77
N PRO XA 199 -54.62 -52.77 -18.36
CA PRO XA 199 -54.52 -51.87 -17.21
C PRO XA 199 -54.59 -52.59 -15.87
N PHE XA 200 -53.61 -52.30 -15.01
CA PHE XA 200 -53.63 -52.84 -13.65
C PHE XA 200 -54.65 -52.12 -12.78
N GLY XA 201 -54.79 -50.81 -12.97
CA GLY XA 201 -55.81 -50.04 -12.29
C GLY XA 201 -56.97 -49.76 -13.21
N ASP XA 202 -57.00 -48.56 -13.79
CA ASP XA 202 -57.97 -48.24 -14.82
C ASP XA 202 -57.24 -47.47 -15.90
N GLY XA 203 -57.77 -47.53 -17.12
CA GLY XA 203 -57.18 -46.80 -18.22
C GLY XA 203 -58.20 -46.50 -19.29
N GLN XA 204 -58.25 -45.22 -19.68
CA GLN XA 204 -59.21 -44.76 -20.68
C GLN XA 204 -58.44 -44.21 -21.87
N GLY XA 205 -58.56 -44.89 -23.00
CA GLY XA 205 -57.90 -44.47 -24.22
C GLY XA 205 -58.87 -44.45 -25.38
N VAL XA 206 -58.37 -44.09 -26.57
CA VAL XA 206 -59.20 -44.07 -27.76
C VAL XA 206 -58.87 -45.27 -28.65
N SER YA 31 -65.75 -29.32 -64.41
CA SER YA 31 -66.84 -30.23 -64.70
C SER YA 31 -66.38 -31.67 -64.55
N GLU YA 32 -67.15 -32.47 -63.81
CA GLU YA 32 -66.71 -33.84 -63.52
C GLU YA 32 -66.96 -34.76 -64.72
N ILE YA 33 -67.76 -34.31 -65.68
CA ILE YA 33 -68.00 -35.12 -66.88
C ILE YA 33 -66.74 -35.19 -67.74
N GLU YA 34 -66.01 -34.08 -67.82
CA GLU YA 34 -64.86 -34.03 -68.69
C GLU YA 34 -63.60 -34.62 -68.07
N LEU YA 35 -63.69 -35.15 -66.84
CA LEU YA 35 -62.46 -35.55 -66.15
C LEU YA 35 -62.04 -36.96 -66.53
N GLY YA 36 -62.96 -37.77 -67.05
CA GLY YA 36 -62.59 -39.13 -67.40
C GLY YA 36 -62.04 -39.23 -68.81
N VAL YA 37 -62.27 -38.20 -69.62
CA VAL YA 37 -61.94 -38.27 -71.03
C VAL YA 37 -60.45 -38.07 -71.25
N THR YA 38 -59.82 -39.02 -71.94
CA THR YA 38 -58.43 -38.88 -72.32
C THR YA 38 -58.39 -39.04 -73.84
N GLU YA 39 -57.22 -38.94 -74.47
CA GLU YA 39 -57.08 -38.88 -75.92
C GLU YA 39 -57.48 -40.11 -76.72
N PRO YA 40 -56.96 -41.36 -76.45
CA PRO YA 40 -57.15 -42.43 -77.44
C PRO YA 40 -58.58 -42.93 -77.56
N LEU YA 41 -59.36 -42.83 -76.49
CA LEU YA 41 -60.74 -43.32 -76.56
C LEU YA 41 -61.74 -42.19 -76.53
N GLY YA 42 -61.42 -41.10 -75.84
CA GLY YA 42 -62.41 -40.04 -75.71
C GLY YA 42 -63.50 -40.43 -74.73
N VAL YA 43 -64.72 -39.95 -75.01
CA VAL YA 43 -65.89 -40.35 -74.23
C VAL YA 43 -66.20 -41.79 -74.60
N TYR YA 44 -65.95 -42.71 -73.67
CA TYR YA 44 -66.05 -44.13 -73.97
C TYR YA 44 -67.07 -44.78 -73.06
N ASP YA 45 -68.19 -45.22 -73.64
CA ASP YA 45 -69.16 -46.03 -72.93
C ASP YA 45 -69.90 -46.94 -73.90
N PRO YA 46 -69.57 -48.23 -73.92
CA PRO YA 46 -70.33 -49.17 -74.75
C PRO YA 46 -71.73 -49.42 -74.22
N LEU YA 47 -71.89 -49.37 -72.89
CA LEU YA 47 -73.21 -49.59 -72.31
C LEU YA 47 -74.07 -48.34 -72.46
N GLY YA 48 -73.44 -47.17 -72.51
CA GLY YA 48 -74.16 -45.93 -72.71
C GLY YA 48 -74.92 -45.44 -71.50
N TRP YA 49 -74.35 -45.55 -70.29
CA TRP YA 49 -75.05 -45.08 -69.10
C TRP YA 49 -74.99 -43.57 -68.98
N LEU YA 50 -74.16 -42.90 -69.78
CA LEU YA 50 -74.07 -41.45 -69.72
C LEU YA 50 -75.35 -40.79 -70.23
N GLU YA 51 -76.02 -41.44 -71.18
CA GLU YA 51 -77.26 -40.88 -71.71
C GLU YA 51 -78.48 -41.54 -71.08
N SER YA 52 -78.37 -42.82 -70.71
CA SER YA 52 -79.53 -43.53 -70.18
C SER YA 52 -79.82 -43.10 -68.74
N GLU YA 53 -78.83 -43.22 -67.86
CA GLU YA 53 -78.99 -42.88 -66.44
C GLU YA 53 -77.93 -41.84 -66.07
N PRO YA 54 -78.19 -40.56 -66.34
CA PRO YA 54 -77.19 -39.53 -66.03
C PRO YA 54 -77.19 -39.14 -64.56
N GLU YA 55 -78.21 -39.58 -63.82
CA GLU YA 55 -78.30 -39.24 -62.42
C GLU YA 55 -77.32 -40.06 -61.59
N ALA YA 56 -76.96 -41.26 -62.08
CA ALA YA 56 -76.08 -42.13 -61.32
C ALA YA 56 -74.62 -41.70 -61.43
N PHE YA 57 -74.31 -40.88 -62.44
CA PHE YA 57 -72.95 -40.51 -62.81
C PHE YA 57 -72.17 -39.85 -61.69
N GLU YA 58 -72.86 -39.10 -60.83
CA GLU YA 58 -72.18 -38.47 -59.70
C GLU YA 58 -71.72 -39.50 -58.69
N ARG YA 59 -72.41 -40.63 -58.60
CA ARG YA 59 -71.93 -41.73 -57.77
C ARG YA 59 -70.90 -42.56 -58.53
N ARG YA 60 -71.17 -42.84 -59.81
CA ARG YA 60 -70.33 -43.75 -60.59
C ARG YA 60 -68.93 -43.19 -60.77
N ARG YA 61 -68.81 -41.87 -60.90
CA ARG YA 61 -67.48 -41.27 -60.93
C ARG YA 61 -66.82 -41.37 -59.57
N ALA YA 62 -67.60 -41.20 -58.50
CA ALA YA 62 -67.03 -41.29 -57.16
C ALA YA 62 -66.78 -42.73 -56.75
N VAL YA 63 -67.14 -43.69 -57.60
CA VAL YA 63 -66.72 -45.07 -57.36
C VAL YA 63 -65.51 -45.40 -58.23
N GLU YA 64 -65.47 -44.89 -59.46
CA GLU YA 64 -64.31 -45.13 -60.32
C GLU YA 64 -63.06 -44.46 -59.76
N ARG YA 65 -63.22 -43.32 -59.08
CA ARG YA 65 -62.12 -42.82 -58.27
C ARG YA 65 -61.82 -43.72 -57.10
N LYS YA 66 -62.86 -44.27 -56.48
CA LYS YA 66 -62.69 -44.94 -55.20
C LYS YA 66 -62.06 -46.31 -55.37
N HIS YA 67 -62.57 -47.11 -56.31
CA HIS YA 67 -61.89 -48.35 -56.66
C HIS YA 67 -60.53 -48.08 -57.27
N GLY YA 68 -60.35 -46.89 -57.86
CA GLY YA 68 -59.04 -46.52 -58.37
C GLY YA 68 -58.02 -46.33 -57.26
N ARG YA 69 -58.37 -45.50 -56.28
CA ARG YA 69 -57.44 -45.14 -55.21
C ARG YA 69 -57.08 -46.34 -54.34
N VAL YA 70 -57.98 -47.31 -54.23
CA VAL YA 70 -57.65 -48.52 -53.51
C VAL YA 70 -56.73 -49.40 -54.35
N ALA YA 71 -56.95 -49.43 -55.67
CA ALA YA 71 -56.14 -50.28 -56.52
C ALA YA 71 -54.73 -49.73 -56.68
N MET YA 72 -54.58 -48.41 -56.72
CA MET YA 72 -53.27 -47.80 -56.85
C MET YA 72 -52.42 -48.04 -55.62
N ALA YA 73 -53.03 -48.06 -54.44
CA ALA YA 73 -52.31 -48.38 -53.22
C ALA YA 73 -52.16 -49.87 -53.01
N ALA YA 74 -52.70 -50.69 -53.90
CA ALA YA 74 -52.54 -52.13 -53.83
C ALA YA 74 -51.48 -52.66 -54.76
N VAL YA 75 -51.29 -52.02 -55.92
CA VAL YA 75 -50.21 -52.42 -56.82
C VAL YA 75 -48.86 -52.14 -56.16
N VAL YA 76 -48.74 -50.96 -55.55
CA VAL YA 76 -47.55 -50.64 -54.76
C VAL YA 76 -47.45 -51.59 -53.58
N GLY YA 77 -48.58 -51.97 -53.01
CA GLY YA 77 -48.57 -52.99 -51.98
C GLY YA 77 -48.21 -54.37 -52.50
N THR YA 78 -48.38 -54.60 -53.80
CA THR YA 78 -47.96 -55.86 -54.36
C THR YA 78 -46.45 -55.86 -54.58
N ILE YA 79 -45.92 -54.73 -55.02
CA ILE YA 79 -44.51 -54.65 -55.39
C ILE YA 79 -43.62 -54.63 -54.16
N VAL YA 80 -43.99 -53.82 -53.17
CA VAL YA 80 -43.18 -53.69 -51.95
C VAL YA 80 -43.18 -54.98 -51.16
N HIS YA 81 -44.30 -55.70 -51.14
CA HIS YA 81 -44.33 -56.99 -50.45
C HIS YA 81 -43.52 -58.04 -51.20
N ASN YA 82 -43.34 -57.89 -52.51
CA ASN YA 82 -42.62 -58.88 -53.29
C ASN YA 82 -41.15 -58.54 -53.52
N ASN YA 83 -40.72 -57.32 -53.21
CA ASN YA 83 -39.30 -57.03 -53.13
C ASN YA 83 -38.69 -57.41 -51.80
N HIS YA 84 -39.49 -58.05 -50.93
CA HIS YA 84 -39.12 -58.42 -49.56
C HIS YA 84 -38.68 -57.21 -48.75
N ILE YA 85 -39.32 -56.07 -49.02
CA ILE YA 85 -39.17 -54.91 -48.16
C ILE YA 85 -40.06 -55.15 -46.95
N VAL YA 86 -39.45 -55.60 -45.87
CA VAL YA 86 -40.15 -56.08 -44.68
C VAL YA 86 -39.75 -55.16 -43.55
N PHE YA 87 -40.68 -54.94 -42.59
CA PHE YA 87 -40.40 -54.07 -41.46
C PHE YA 87 -39.30 -54.57 -40.54
N ASP YA 88 -38.92 -55.85 -40.65
CA ASP YA 88 -37.81 -56.46 -39.91
C ASP YA 88 -38.04 -56.36 -38.41
N GLY YA 89 -39.28 -56.61 -38.00
CA GLY YA 89 -39.63 -56.62 -36.60
C GLY YA 89 -40.39 -57.88 -36.29
N TYR YA 90 -40.86 -57.97 -35.05
CA TYR YA 90 -41.58 -59.13 -34.56
C TYR YA 90 -43.04 -58.72 -34.38
N LEU YA 91 -43.90 -59.16 -35.30
CA LEU YA 91 -45.27 -58.65 -35.39
C LEU YA 91 -46.11 -59.03 -34.19
N SER YA 92 -46.31 -60.32 -33.97
CA SER YA 92 -47.18 -60.73 -32.89
C SER YA 92 -46.34 -61.34 -31.77
N PRO YA 93 -46.29 -60.72 -30.60
CA PRO YA 93 -45.64 -61.40 -29.47
C PRO YA 93 -46.48 -62.57 -28.97
N SER YA 94 -47.78 -62.56 -29.22
CA SER YA 94 -48.62 -63.65 -28.75
C SER YA 94 -48.64 -64.80 -29.75
N ASN YA 95 -49.02 -64.53 -30.99
CA ASN YA 95 -49.18 -65.56 -32.00
C ASN YA 95 -47.87 -65.95 -32.67
N ASN YA 96 -46.78 -65.27 -32.31
CA ASN YA 96 -45.43 -65.56 -32.79
C ASN YA 96 -45.32 -65.43 -34.30
N LEU YA 97 -45.89 -64.38 -34.85
CA LEU YA 97 -45.73 -64.04 -36.25
C LEU YA 97 -44.63 -62.99 -36.37
N LYS YA 98 -43.67 -63.24 -37.25
CA LYS YA 98 -42.83 -62.16 -37.69
C LYS YA 98 -43.45 -61.52 -38.94
N PHE YA 99 -42.92 -60.36 -39.31
CA PHE YA 99 -43.39 -59.73 -40.54
C PHE YA 99 -42.90 -60.50 -41.76
N SER YA 100 -41.77 -61.19 -41.62
CA SER YA 100 -41.26 -61.98 -42.75
C SER YA 100 -42.02 -63.29 -42.90
N ASP YA 101 -42.75 -63.70 -41.86
CA ASP YA 101 -43.46 -64.97 -41.91
C ASP YA 101 -44.75 -64.88 -42.72
N ILE YA 102 -45.25 -63.67 -42.94
CA ILE YA 102 -46.51 -63.50 -43.64
C ILE YA 102 -46.28 -63.69 -45.14
N PRO YA 103 -47.10 -64.49 -45.83
CA PRO YA 103 -46.93 -64.67 -47.27
C PRO YA 103 -47.19 -63.39 -48.02
N THR YA 104 -46.58 -63.29 -49.20
CA THR YA 104 -46.60 -62.07 -49.98
C THR YA 104 -47.66 -62.05 -51.06
N GLY YA 105 -48.28 -63.18 -51.35
CA GLY YA 105 -49.27 -63.23 -52.40
C GLY YA 105 -50.65 -62.82 -51.93
N VAL YA 106 -51.65 -63.63 -52.31
CA VAL YA 106 -53.02 -63.37 -51.88
C VAL YA 106 -53.21 -63.70 -50.41
N ASP YA 107 -52.45 -64.67 -49.89
CA ASP YA 107 -52.68 -65.19 -48.55
C ASP YA 107 -52.01 -64.37 -47.46
N GLY YA 108 -51.74 -63.08 -47.72
CA GLY YA 108 -51.12 -62.26 -46.69
C GLY YA 108 -52.10 -61.87 -45.60
N ILE YA 109 -53.31 -61.45 -45.97
CA ILE YA 109 -54.29 -61.03 -44.97
C ILE YA 109 -54.80 -62.22 -44.19
N ARG YA 110 -54.85 -63.40 -44.83
CA ARG YA 110 -55.30 -64.60 -44.14
C ARG YA 110 -54.32 -65.08 -43.08
N ALA YA 111 -53.08 -64.61 -43.12
CA ALA YA 111 -52.12 -64.87 -42.06
C ALA YA 111 -52.23 -63.87 -40.92
N ILE YA 112 -52.82 -62.71 -41.15
CA ILE YA 112 -53.01 -61.71 -40.09
C ILE YA 112 -54.04 -62.23 -39.10
N PRO YA 113 -53.76 -62.20 -37.80
CA PRO YA 113 -54.74 -62.68 -36.82
C PRO YA 113 -55.93 -61.74 -36.72
N THR YA 114 -57.02 -62.28 -36.19
CA THR YA 114 -58.29 -61.57 -36.18
C THR YA 114 -58.29 -60.39 -35.20
N ALA YA 115 -57.39 -60.39 -34.23
CA ALA YA 115 -57.26 -59.20 -33.39
C ALA YA 115 -56.60 -58.06 -34.14
N GLY YA 116 -55.81 -58.37 -35.16
CA GLY YA 116 -55.21 -57.34 -35.98
C GLY YA 116 -56.16 -56.89 -37.08
N LEU YA 117 -57.00 -57.82 -37.54
CA LEU YA 117 -58.04 -57.43 -38.49
C LEU YA 117 -59.10 -56.59 -37.81
N ALA YA 118 -59.29 -56.75 -36.51
CA ALA YA 118 -60.20 -55.88 -35.78
C ALA YA 118 -59.63 -54.49 -35.61
N GLN YA 119 -58.30 -54.36 -35.52
CA GLN YA 119 -57.70 -53.05 -35.39
C GLN YA 119 -57.77 -52.27 -36.71
N ILE YA 120 -57.70 -52.97 -37.84
CA ILE YA 120 -57.77 -52.31 -39.13
C ILE YA 120 -59.19 -51.84 -39.41
N LEU YA 121 -60.17 -52.71 -39.17
CA LEU YA 121 -61.56 -52.35 -39.47
C LEU YA 121 -62.09 -51.29 -38.53
N ALA YA 122 -61.59 -51.24 -37.30
CA ALA YA 122 -62.03 -50.18 -36.40
C ALA YA 122 -61.39 -48.85 -36.78
N PHE YA 123 -60.23 -48.89 -37.43
CA PHE YA 123 -59.56 -47.66 -37.81
C PHE YA 123 -60.16 -47.06 -39.07
N PHE YA 124 -60.32 -47.87 -40.12
CA PHE YA 124 -60.81 -47.32 -41.37
C PHE YA 124 -62.32 -47.12 -41.36
N ALA YA 125 -63.00 -47.62 -40.32
CA ALA YA 125 -64.36 -47.14 -40.09
C ALA YA 125 -64.35 -45.69 -39.65
N LEU YA 126 -63.31 -45.29 -38.91
CA LEU YA 126 -63.22 -43.91 -38.49
C LEU YA 126 -62.71 -43.03 -39.63
N VAL YA 127 -61.95 -43.62 -40.55
CA VAL YA 127 -61.51 -42.86 -41.71
C VAL YA 127 -62.64 -42.71 -42.70
N GLU YA 128 -63.27 -43.82 -43.10
CA GLU YA 128 -64.11 -43.77 -44.29
C GLU YA 128 -65.52 -43.28 -43.97
N LEU YA 129 -65.85 -43.16 -42.68
CA LEU YA 129 -67.13 -42.56 -42.30
C LEU YA 129 -66.98 -41.14 -41.78
N ALA YA 130 -65.99 -40.91 -40.92
CA ALA YA 130 -65.92 -39.66 -40.19
C ALA YA 130 -64.98 -38.65 -40.85
N TRP YA 131 -63.70 -38.99 -40.95
CA TRP YA 131 -62.69 -38.02 -41.37
C TRP YA 131 -62.71 -37.80 -42.87
N MET YA 132 -62.64 -38.89 -43.65
CA MET YA 132 -62.70 -38.84 -45.10
C MET YA 132 -63.96 -39.61 -45.51
N PRO YA 133 -65.13 -38.99 -45.40
CA PRO YA 133 -66.38 -39.75 -45.57
C PRO YA 133 -66.61 -40.14 -47.03
N ALA YA 134 -66.84 -41.43 -47.24
CA ALA YA 134 -67.06 -41.95 -48.58
C ALA YA 134 -68.39 -41.50 -49.17
N SER YA 135 -69.32 -41.02 -48.35
CA SER YA 135 -70.56 -40.46 -48.87
C SER YA 135 -70.33 -39.13 -49.57
N LYS YA 136 -69.19 -38.48 -49.36
CA LYS YA 136 -68.85 -37.25 -50.06
C LYS YA 136 -68.45 -37.61 -51.48
N TYR YA 137 -69.37 -37.43 -52.42
CA TYR YA 137 -69.14 -37.88 -53.79
C TYR YA 137 -68.21 -36.97 -54.58
N ASP YA 138 -67.74 -35.87 -54.01
CA ASP YA 138 -66.78 -35.04 -54.72
C ASP YA 138 -65.39 -35.64 -54.66
N GLY YA 139 -65.06 -36.29 -53.55
CA GLY YA 139 -63.77 -36.92 -53.38
C GLY YA 139 -62.63 -36.00 -53.05
N ASP YA 140 -62.91 -34.72 -52.81
CA ASP YA 140 -61.88 -33.70 -52.61
C ASP YA 140 -61.70 -33.34 -51.16
N TYR YA 141 -61.67 -34.38 -50.31
CA TYR YA 141 -61.94 -34.39 -48.88
C TYR YA 141 -61.31 -33.26 -48.08
N GLY YA 142 -60.01 -33.26 -47.92
CA GLY YA 142 -59.40 -32.07 -47.37
C GLY YA 142 -58.13 -31.61 -48.05
N VAL YA 143 -57.46 -32.54 -48.70
CA VAL YA 143 -56.04 -32.41 -48.99
C VAL YA 143 -55.85 -32.15 -50.47
N GLY YA 144 -55.03 -31.18 -50.80
CA GLY YA 144 -54.67 -30.92 -52.17
C GLY YA 144 -53.69 -31.96 -52.68
N TYR YA 145 -53.21 -31.71 -53.90
CA TYR YA 145 -52.16 -32.54 -54.45
C TYR YA 145 -50.88 -32.16 -53.72
N PHE YA 146 -50.51 -33.01 -52.76
CA PHE YA 146 -49.44 -32.75 -51.79
C PHE YA 146 -49.72 -31.45 -51.03
N GLY YA 147 -50.87 -31.38 -50.40
CA GLY YA 147 -51.20 -30.31 -49.48
C GLY YA 147 -51.68 -29.03 -50.12
N THR YA 148 -51.38 -28.77 -51.38
CA THR YA 148 -51.78 -27.56 -52.07
C THR YA 148 -52.74 -27.90 -53.20
N ASP YA 149 -53.72 -27.05 -53.43
CA ASP YA 149 -54.55 -27.23 -54.60
C ASP YA 149 -53.83 -26.73 -55.84
N ILE YA 150 -54.45 -26.94 -56.99
CA ILE YA 150 -53.89 -26.56 -58.27
C ILE YA 150 -54.78 -25.47 -58.82
N LYS YA 151 -54.33 -24.22 -58.70
CA LYS YA 151 -55.16 -23.08 -59.08
C LYS YA 151 -55.33 -22.92 -60.59
N ASP YA 152 -54.39 -23.44 -61.37
CA ASP YA 152 -54.51 -23.40 -62.83
C ASP YA 152 -55.59 -24.37 -63.27
N PRO YA 153 -56.68 -23.90 -63.93
CA PRO YA 153 -57.80 -24.79 -64.22
C PRO YA 153 -57.47 -25.88 -65.23
N GLU YA 154 -56.53 -25.62 -66.12
CA GLU YA 154 -56.14 -26.66 -67.07
C GLU YA 154 -55.29 -27.73 -66.39
N GLU YA 155 -54.41 -27.32 -65.47
CA GLU YA 155 -53.54 -28.30 -64.82
C GLU YA 155 -54.28 -29.05 -63.72
N LYS YA 156 -55.27 -28.41 -63.11
CA LYS YA 156 -56.11 -29.13 -62.16
C LYS YA 156 -56.99 -30.14 -62.88
N ALA YA 157 -57.46 -29.79 -64.07
CA ALA YA 157 -58.20 -30.74 -64.89
C ALA YA 157 -57.27 -31.63 -65.70
N ARG YA 158 -55.97 -31.43 -65.59
CA ARG YA 158 -55.04 -32.41 -66.11
C ARG YA 158 -54.85 -33.56 -65.14
N LYS YA 159 -54.41 -33.28 -63.92
CA LYS YA 159 -54.03 -34.33 -62.99
C LYS YA 159 -55.20 -35.12 -62.45
N LEU YA 160 -56.42 -34.60 -62.56
CA LEU YA 160 -57.58 -35.42 -62.28
C LEU YA 160 -57.79 -36.51 -63.32
N ASN YA 161 -57.47 -36.26 -64.58
CA ASN YA 161 -57.36 -37.35 -65.55
C ASN YA 161 -56.25 -38.32 -65.19
N VAL YA 162 -55.19 -37.83 -64.58
CA VAL YA 162 -54.05 -38.68 -64.27
C VAL YA 162 -54.35 -39.56 -63.07
N GLU YA 163 -55.11 -39.05 -62.10
CA GLU YA 163 -55.56 -39.91 -61.01
C GLU YA 163 -56.53 -40.96 -61.51
N LEU YA 164 -57.29 -40.64 -62.54
CA LEU YA 164 -58.17 -41.66 -63.10
C LEU YA 164 -57.41 -42.67 -63.95
N ASN YA 165 -56.51 -42.22 -64.82
CA ASN YA 165 -55.91 -43.15 -65.76
C ASN YA 165 -54.87 -44.05 -65.11
N ASN YA 166 -54.04 -43.51 -64.21
CA ASN YA 166 -53.25 -44.38 -63.34
C ASN YA 166 -54.16 -45.19 -62.41
N GLY YA 167 -55.35 -44.69 -62.12
CA GLY YA 167 -56.29 -45.45 -61.31
C GLY YA 167 -57.00 -46.55 -62.07
N ARG YA 168 -57.37 -46.28 -63.32
CA ARG YA 168 -58.00 -47.30 -64.15
C ARG YA 168 -57.04 -48.42 -64.48
N ALA YA 169 -55.78 -48.07 -64.76
CA ALA YA 169 -54.78 -49.08 -65.07
C ALA YA 169 -54.40 -49.90 -63.86
N ALA YA 170 -54.57 -49.36 -62.65
CA ALA YA 170 -54.24 -50.11 -61.46
C ALA YA 170 -55.31 -51.13 -61.12
N MET YA 171 -56.56 -50.87 -61.51
CA MET YA 171 -57.61 -51.86 -61.32
C MET YA 171 -57.36 -53.08 -62.19
N MET YA 172 -56.92 -52.84 -63.42
CA MET YA 172 -56.58 -53.92 -64.32
C MET YA 172 -55.24 -54.56 -63.97
N GLY YA 173 -54.47 -53.94 -63.08
CA GLY YA 173 -53.21 -54.51 -62.67
C GLY YA 173 -53.34 -55.45 -61.49
N ILE YA 174 -54.23 -55.14 -60.56
CA ILE YA 174 -54.46 -56.01 -59.42
C ILE YA 174 -55.18 -57.29 -59.85
N MET YA 175 -56.12 -57.16 -60.79
CA MET YA 175 -56.72 -58.34 -61.38
C MET YA 175 -55.71 -59.14 -62.18
N GLY YA 176 -54.68 -58.50 -62.71
CA GLY YA 176 -53.58 -59.22 -63.31
C GLY YA 176 -52.71 -59.94 -62.30
N ASN YA 177 -52.69 -59.47 -61.05
CA ASN YA 177 -51.99 -60.18 -60.00
C ASN YA 177 -52.84 -61.28 -59.38
N MET YA 178 -54.04 -60.94 -58.91
CA MET YA 178 -54.81 -61.88 -58.10
C MET YA 178 -55.32 -63.07 -58.89
N VAL YA 179 -55.36 -62.98 -60.21
CA VAL YA 179 -55.67 -64.13 -61.04
C VAL YA 179 -54.42 -64.93 -61.37
N ALA YA 180 -53.33 -64.27 -61.74
CA ALA YA 180 -52.10 -64.98 -62.05
C ALA YA 180 -51.34 -65.45 -60.82
N GLU YA 181 -51.79 -65.12 -59.61
CA GLU YA 181 -51.24 -65.71 -58.40
C GLU YA 181 -52.06 -66.89 -57.90
N VAL YA 182 -53.27 -67.09 -58.43
CA VAL YA 182 -54.07 -68.25 -58.10
C VAL YA 182 -53.93 -69.33 -59.17
N LEU YA 183 -53.93 -68.94 -60.44
CA LEU YA 183 -53.81 -69.92 -61.51
C LEU YA 183 -52.40 -70.51 -61.56
N THR YA 184 -51.38 -69.68 -61.42
CA THR YA 184 -50.03 -70.22 -61.30
C THR YA 184 -49.76 -70.77 -59.91
N GLY YA 185 -50.57 -70.39 -58.92
CA GLY YA 185 -50.41 -70.92 -57.57
C GLY YA 185 -49.19 -70.43 -56.84
N GLN YA 186 -48.56 -69.36 -57.32
CA GLN YA 186 -47.32 -68.86 -56.75
C GLN YA 186 -47.50 -67.39 -56.41
N THR YA 187 -46.52 -66.83 -55.72
CA THR YA 187 -46.48 -65.39 -55.53
C THR YA 187 -45.93 -64.74 -56.81
N MET YA 188 -45.87 -63.42 -56.81
CA MET YA 188 -45.26 -62.75 -57.94
C MET YA 188 -43.75 -62.95 -57.94
N TYR YA 189 -43.15 -63.01 -56.74
CA TYR YA 189 -41.71 -63.21 -56.63
C TYR YA 189 -41.28 -64.58 -57.12
N GLU YA 190 -42.10 -65.60 -56.91
CA GLU YA 190 -41.75 -66.93 -57.35
C GLU YA 190 -41.91 -67.13 -58.84
N GLN YA 191 -42.76 -66.34 -59.50
CA GLN YA 191 -42.91 -66.47 -60.95
C GLN YA 191 -41.68 -65.95 -61.68
N TYR YA 192 -41.17 -64.81 -61.27
CA TYR YA 192 -39.98 -64.26 -61.90
C TYR YA 192 -38.73 -65.00 -61.48
N ALA YA 193 -38.74 -65.63 -60.30
CA ALA YA 193 -37.59 -66.42 -59.88
C ALA YA 193 -37.50 -67.72 -60.65
N SER YA 194 -38.61 -68.46 -60.74
CA SER YA 194 -38.62 -69.73 -61.44
C SER YA 194 -38.67 -69.57 -62.95
N GLY YA 195 -38.84 -68.36 -63.47
CA GLY YA 195 -38.95 -68.18 -64.90
C GLY YA 195 -40.26 -68.67 -65.45
N HIS YA 196 -41.34 -68.53 -64.69
CA HIS YA 196 -42.67 -68.97 -65.11
C HIS YA 196 -43.43 -67.82 -65.78
N ILE YA 197 -42.71 -66.97 -66.50
CA ILE YA 197 -43.30 -65.84 -67.20
C ILE YA 197 -44.16 -66.33 -68.36
N SER YA 198 -43.81 -67.48 -68.93
CA SER YA 198 -44.58 -68.06 -70.01
C SER YA 198 -45.91 -68.58 -69.47
N PRO YA 199 -47.01 -68.39 -70.19
CA PRO YA 199 -48.31 -68.82 -69.70
C PRO YA 199 -48.58 -70.31 -69.89
N PHE YA 200 -48.97 -70.98 -68.81
CA PHE YA 200 -49.36 -72.38 -68.88
C PHE YA 200 -50.73 -72.54 -69.53
N GLY YA 201 -51.64 -71.63 -69.23
CA GLY YA 201 -52.95 -71.61 -69.86
C GLY YA 201 -53.00 -70.55 -70.93
N ASP YA 202 -53.57 -69.39 -70.61
CA ASP YA 202 -53.53 -68.24 -71.50
C ASP YA 202 -53.25 -67.02 -70.64
N GLY YA 203 -52.67 -66.00 -71.26
CA GLY YA 203 -52.39 -64.77 -70.56
C GLY YA 203 -52.35 -63.60 -71.51
N GLN YA 204 -53.09 -62.54 -71.16
CA GLN YA 204 -53.17 -61.36 -71.99
C GLN YA 204 -52.65 -60.17 -71.18
N GLY YA 205 -51.53 -59.62 -71.62
CA GLY YA 205 -50.93 -58.48 -70.97
C GLY YA 205 -50.57 -57.39 -71.96
N VAL YA 206 -50.01 -56.29 -71.48
CA VAL YA 206 -49.60 -55.20 -72.36
C VAL YA 206 -48.08 -55.21 -72.53
N SER ZA 31 -42.23 -16.30 -77.20
CA SER ZA 31 -41.75 -16.44 -78.58
C SER ZA 31 -40.59 -17.42 -78.63
N GLU ZA 32 -40.68 -18.39 -79.55
CA GLU ZA 32 -39.67 -19.44 -79.59
C GLU ZA 32 -38.39 -18.96 -80.26
N ILE ZA 33 -38.44 -17.82 -80.95
CA ILE ZA 33 -37.24 -17.28 -81.57
C ILE ZA 33 -36.28 -16.76 -80.50
N GLU ZA 34 -36.81 -16.16 -79.45
CA GLU ZA 34 -35.96 -15.56 -78.43
C GLU ZA 34 -35.45 -16.57 -77.41
N LEU ZA 35 -35.78 -17.85 -77.55
CA LEU ZA 35 -35.46 -18.80 -76.49
C LEU ZA 35 -34.04 -19.34 -76.62
N GLY ZA 36 -33.45 -19.25 -77.80
CA GLY ZA 36 -32.11 -19.78 -77.96
C GLY ZA 36 -31.05 -18.75 -77.63
N VAL ZA 37 -31.42 -17.48 -77.55
CA VAL ZA 37 -30.46 -16.41 -77.42
C VAL ZA 37 -29.99 -16.30 -75.99
N THR ZA 38 -28.67 -16.35 -75.79
CA THR ZA 38 -28.09 -16.13 -74.47
C THR ZA 38 -27.09 -14.98 -74.65
N GLU ZA 39 -26.42 -14.56 -73.59
CA GLU ZA 39 -25.58 -13.36 -73.57
C GLU ZA 39 -24.33 -13.35 -74.45
N PRO ZA 40 -23.38 -14.34 -74.38
CA PRO ZA 40 -22.08 -14.11 -75.03
C PRO ZA 40 -22.12 -14.11 -76.54
N LEU ZA 41 -23.07 -14.84 -77.13
CA LEU ZA 41 -23.12 -14.89 -78.59
C LEU ZA 41 -24.33 -14.15 -79.13
N GLY ZA 42 -25.44 -14.14 -78.39
CA GLY ZA 42 -26.63 -13.53 -78.93
C GLY ZA 42 -27.27 -14.41 -79.99
N VAL ZA 43 -27.88 -13.76 -80.98
CA VAL ZA 43 -28.42 -14.47 -82.13
C VAL ZA 43 -27.24 -14.95 -82.96
N TYR ZA 44 -27.00 -16.26 -82.96
CA TYR ZA 44 -25.80 -16.80 -83.57
C TYR ZA 44 -26.17 -17.78 -84.66
N ASP ZA 45 -25.89 -17.42 -85.91
CA ASP ZA 45 -26.01 -18.33 -87.04
C ASP ZA 45 -25.02 -17.96 -88.14
N PRO ZA 46 -23.94 -18.71 -88.28
CA PRO ZA 46 -23.02 -18.47 -89.40
C PRO ZA 46 -23.61 -18.87 -90.73
N LEU ZA 47 -24.46 -19.91 -90.74
CA LEU ZA 47 -25.07 -20.34 -91.98
C LEU ZA 47 -26.21 -19.40 -92.37
N GLY ZA 48 -26.85 -18.79 -91.38
CA GLY ZA 48 -27.91 -17.85 -91.64
C GLY ZA 48 -29.23 -18.45 -92.05
N TRP ZA 49 -29.63 -19.58 -91.45
CA TRP ZA 49 -30.90 -20.19 -91.81
C TRP ZA 49 -32.09 -19.44 -91.23
N LEU ZA 50 -31.84 -18.52 -90.29
CA LEU ZA 50 -32.94 -17.76 -89.70
C LEU ZA 50 -33.56 -16.81 -90.71
N GLU ZA 51 -32.77 -16.32 -91.66
CA GLU ZA 51 -33.31 -15.42 -92.68
C GLU ZA 51 -33.59 -16.15 -93.98
N SER ZA 52 -32.81 -17.19 -94.28
CA SER ZA 52 -32.97 -17.88 -95.56
C SER ZA 52 -34.20 -18.78 -95.54
N GLU ZA 53 -34.27 -19.69 -94.57
CA GLU ZA 53 -35.39 -20.62 -94.46
C GLU ZA 53 -36.03 -20.49 -93.09
N PRO ZA 54 -36.92 -19.51 -92.91
CA PRO ZA 54 -37.53 -19.30 -91.59
C PRO ZA 54 -38.66 -20.29 -91.31
N GLU ZA 55 -39.09 -21.01 -92.35
CA GLU ZA 55 -40.18 -21.96 -92.16
C GLU ZA 55 -39.70 -23.21 -91.46
N ALA ZA 56 -38.41 -23.53 -91.58
CA ALA ZA 56 -37.89 -24.76 -91.00
C ALA ZA 56 -37.65 -24.60 -89.50
N PHE ZA 57 -37.59 -23.35 -89.02
CA PHE ZA 57 -37.19 -23.01 -87.66
C PHE ZA 57 -38.06 -23.66 -86.59
N GLU ZA 58 -39.34 -23.85 -86.89
CA GLU ZA 58 -40.22 -24.50 -85.93
C GLU ZA 58 -39.88 -25.96 -85.75
N ARG ZA 59 -39.32 -26.58 -86.79
CA ARG ZA 59 -38.80 -27.94 -86.63
C ARG ZA 59 -37.40 -27.92 -86.04
N ARG ZA 60 -36.55 -27.00 -86.52
CA ARG ZA 60 -35.14 -26.97 -86.12
C ARG ZA 60 -34.98 -26.69 -84.63
N ARG ZA 61 -35.85 -25.85 -84.08
CA ARG ZA 61 -35.84 -25.65 -82.64
C ARG ZA 61 -36.31 -26.91 -81.93
N ALA ZA 62 -37.31 -27.59 -82.49
CA ALA ZA 62 -37.81 -28.80 -81.85
C ALA ZA 62 -36.88 -29.98 -82.09
N VAL ZA 63 -35.81 -29.78 -82.83
CA VAL ZA 63 -34.76 -30.80 -82.90
C VAL ZA 63 -33.61 -30.45 -81.98
N GLU ZA 64 -33.27 -29.15 -81.88
CA GLU ZA 64 -32.21 -28.73 -80.97
C GLU ZA 64 -32.61 -28.95 -79.51
N ARG ZA 65 -33.91 -28.85 -79.20
CA ARG ZA 65 -34.37 -29.36 -77.91
C ARG ZA 65 -34.26 -30.87 -77.84
N LYS ZA 66 -34.56 -31.55 -78.94
CA LYS ZA 66 -34.72 -32.99 -78.88
C LYS ZA 66 -33.39 -33.71 -78.78
N HIS ZA 67 -32.43 -33.33 -79.64
CA HIS ZA 67 -31.06 -33.83 -79.47
C HIS ZA 67 -30.46 -33.34 -78.16
N GLY ZA 68 -30.95 -32.22 -77.63
CA GLY ZA 68 -30.49 -31.76 -76.34
C GLY ZA 68 -30.93 -32.68 -75.22
N ARG ZA 69 -32.22 -32.98 -75.15
CA ARG ZA 69 -32.78 -33.76 -74.05
C ARG ZA 69 -32.26 -35.18 -74.06
N VAL ZA 70 -31.90 -35.71 -75.22
CA VAL ZA 70 -31.29 -37.03 -75.27
C VAL ZA 70 -29.84 -36.95 -74.79
N ALA ZA 71 -29.15 -35.86 -75.14
CA ALA ZA 71 -27.74 -35.75 -74.75
C ALA ZA 71 -27.59 -35.48 -73.27
N MET ZA 72 -28.51 -34.73 -72.68
CA MET ZA 72 -28.45 -34.44 -71.26
C MET ZA 72 -28.68 -35.69 -70.43
N ALA ZA 73 -29.54 -36.58 -70.88
CA ALA ZA 73 -29.75 -37.84 -70.21
C ALA ZA 73 -28.70 -38.88 -70.57
N ALA ZA 74 -27.77 -38.54 -71.44
CA ALA ZA 74 -26.68 -39.43 -71.79
C ALA ZA 74 -25.38 -39.10 -71.08
N VAL ZA 75 -25.15 -37.82 -70.78
CA VAL ZA 75 -23.97 -37.45 -70.00
C VAL ZA 75 -24.09 -37.98 -68.59
N VAL ZA 76 -25.28 -37.84 -68.00
CA VAL ZA 76 -25.56 -38.45 -66.70
C VAL ZA 76 -25.50 -39.97 -66.82
N GLY ZA 77 -25.92 -40.51 -67.96
CA GLY ZA 77 -25.74 -41.92 -68.20
C GLY ZA 77 -24.28 -42.32 -68.40
N THR ZA 78 -23.43 -41.36 -68.77
CA THR ZA 78 -22.01 -41.68 -68.86
C THR ZA 78 -21.38 -41.68 -67.47
N ILE ZA 79 -21.80 -40.76 -66.62
CA ILE ZA 79 -21.17 -40.58 -65.32
C ILE ZA 79 -21.58 -41.68 -64.36
N VAL ZA 80 -22.88 -42.00 -64.33
CA VAL ZA 80 -23.40 -43.01 -63.42
C VAL ZA 80 -22.88 -44.39 -63.78
N HIS ZA 81 -22.73 -44.67 -65.07
CA HIS ZA 81 -22.17 -45.95 -65.48
C HIS ZA 81 -20.68 -46.04 -65.17
N ASN ZA 82 -19.99 -44.90 -65.08
CA ASN ZA 82 -18.56 -44.91 -64.82
C ASN ZA 82 -18.18 -44.71 -63.36
N ASN ZA 83 -19.13 -44.33 -62.51
CA ASN ZA 83 -18.90 -44.42 -61.07
C ASN ZA 83 -19.18 -45.79 -60.51
N HIS ZA 84 -19.46 -46.76 -61.39
CA HIS ZA 84 -19.83 -48.14 -61.04
C HIS ZA 84 -21.06 -48.17 -60.14
N ILE ZA 85 -21.98 -47.23 -60.35
CA ILE ZA 85 -23.28 -47.29 -59.72
C ILE ZA 85 -24.10 -48.30 -60.52
N VAL ZA 86 -24.17 -49.52 -60.00
CA VAL ZA 86 -24.72 -50.66 -60.71
C VAL ZA 86 -25.92 -51.13 -59.91
N PHE ZA 87 -26.94 -51.66 -60.60
CA PHE ZA 87 -28.15 -52.14 -59.93
C PHE ZA 87 -27.91 -53.31 -58.98
N ASP ZA 88 -26.77 -53.98 -59.09
CA ASP ZA 88 -26.35 -55.07 -58.20
C ASP ZA 88 -27.36 -56.22 -58.22
N GLY ZA 89 -27.83 -56.53 -59.43
CA GLY ZA 89 -28.74 -57.64 -59.63
C GLY ZA 89 -28.22 -58.51 -60.74
N TYR ZA 90 -29.02 -59.51 -61.07
CA TYR ZA 90 -28.67 -60.48 -62.11
C TYR ZA 90 -29.58 -60.22 -63.31
N LEU ZA 91 -29.01 -59.60 -64.36
CA LEU ZA 91 -29.81 -59.07 -65.46
C LEU ZA 91 -30.49 -60.17 -66.26
N SER ZA 92 -29.73 -61.04 -66.87
CA SER ZA 92 -30.33 -62.05 -67.72
C SER ZA 92 -30.23 -63.40 -67.05
N PRO ZA 93 -31.33 -64.02 -66.66
CA PRO ZA 93 -31.24 -65.41 -66.19
C PRO ZA 93 -30.93 -66.37 -67.33
N SER ZA 94 -31.24 -66.00 -68.57
CA SER ZA 94 -30.97 -66.89 -69.69
C SER ZA 94 -29.56 -66.73 -70.20
N ASN ZA 95 -29.18 -65.51 -70.57
CA ASN ZA 95 -27.89 -65.25 -71.18
C ASN ZA 95 -26.77 -65.08 -70.17
N ASN ZA 96 -27.11 -65.14 -68.87
CA ASN ZA 96 -26.16 -65.07 -67.75
C ASN ZA 96 -25.36 -63.78 -67.76
N LEU ZA 97 -26.04 -62.66 -67.98
CA LEU ZA 97 -25.45 -61.34 -67.86
C LEU ZA 97 -25.79 -60.80 -66.48
N LYS ZA 98 -24.78 -60.35 -65.76
CA LYS ZA 98 -25.04 -59.47 -64.63
C LYS ZA 98 -25.02 -58.02 -65.12
N PHE ZA 99 -25.51 -57.13 -64.26
CA PHE ZA 99 -25.44 -55.71 -64.58
C PHE ZA 99 -24.00 -55.21 -64.51
N SER ZA 100 -23.17 -55.85 -63.69
CA SER ZA 100 -21.78 -55.43 -63.61
C SER ZA 100 -20.96 -55.96 -64.78
N ASP ZA 101 -21.49 -56.94 -65.49
CA ASP ZA 101 -20.75 -57.53 -66.61
C ASP ZA 101 -20.80 -56.66 -67.86
N ILE ZA 102 -21.75 -55.74 -67.93
CA ILE ZA 102 -21.91 -54.91 -69.12
C ILE ZA 102 -20.82 -53.83 -69.12
N PRO ZA 103 -20.13 -53.62 -70.22
CA PRO ZA 103 -19.11 -52.56 -70.27
C PRO ZA 103 -19.72 -51.18 -70.14
N THR ZA 104 -18.92 -50.25 -69.65
CA THR ZA 104 -19.41 -48.92 -69.32
C THR ZA 104 -19.16 -47.89 -70.41
N GLY ZA 105 -18.36 -48.21 -71.41
CA GLY ZA 105 -18.06 -47.26 -72.45
C GLY ZA 105 -19.09 -47.25 -73.55
N VAL ZA 106 -18.62 -47.26 -74.80
CA VAL ZA 106 -19.52 -47.30 -75.95
C VAL ZA 106 -20.18 -48.67 -76.09
N ASP ZA 107 -19.50 -49.73 -75.68
CA ASP ZA 107 -19.94 -51.10 -75.93
C ASP ZA 107 -20.95 -51.60 -74.91
N GLY ZA 108 -21.67 -50.70 -74.25
CA GLY ZA 108 -22.67 -51.14 -73.29
C GLY ZA 108 -23.91 -51.70 -73.95
N ILE ZA 109 -24.42 -51.01 -74.97
CA ILE ZA 109 -25.64 -51.47 -75.64
C ILE ZA 109 -25.35 -52.72 -76.46
N ARG ZA 110 -24.14 -52.85 -76.97
CA ARG ZA 110 -23.77 -54.03 -77.75
C ARG ZA 110 -23.70 -55.29 -76.89
N ALA ZA 111 -23.59 -55.15 -75.57
CA ALA ZA 111 -23.68 -56.28 -74.67
C ALA ZA 111 -25.11 -56.63 -74.30
N ILE ZA 112 -26.05 -55.72 -74.48
CA ILE ZA 112 -27.46 -55.99 -74.21
C ILE ZA 112 -27.99 -56.97 -75.25
N PRO ZA 113 -28.66 -58.05 -74.85
CA PRO ZA 113 -29.19 -59.00 -75.83
C PRO ZA 113 -30.35 -58.40 -76.60
N THR ZA 114 -30.62 -59.00 -77.77
CA THR ZA 114 -31.60 -58.45 -78.69
C THR ZA 114 -33.03 -58.58 -78.20
N ALA ZA 115 -33.28 -59.49 -77.25
CA ALA ZA 115 -34.59 -59.53 -76.64
C ALA ZA 115 -34.81 -58.34 -75.70
N GLY ZA 116 -33.73 -57.79 -75.17
CA GLY ZA 116 -33.82 -56.61 -74.35
C GLY ZA 116 -33.86 -55.35 -75.17
N LEU ZA 117 -33.19 -55.38 -76.32
CA LEU ZA 117 -33.29 -54.27 -77.25
C LEU ZA 117 -34.67 -54.20 -77.88
N ALA ZA 118 -35.35 -55.34 -77.98
CA ALA ZA 118 -36.72 -55.33 -78.46
C ALA ZA 118 -37.67 -54.76 -77.43
N GLN ZA 119 -37.37 -54.93 -76.13
CA GLN ZA 119 -38.22 -54.36 -75.10
C GLN ZA 119 -38.07 -52.85 -75.03
N ILE ZA 120 -36.89 -52.33 -75.32
CA ILE ZA 120 -36.68 -50.88 -75.29
C ILE ZA 120 -37.35 -50.22 -76.47
N LEU ZA 121 -37.17 -50.77 -77.67
CA LEU ZA 121 -37.73 -50.17 -78.87
C LEU ZA 121 -39.24 -50.27 -78.90
N ALA ZA 122 -39.81 -51.31 -78.30
CA ALA ZA 122 -41.27 -51.40 -78.25
C ALA ZA 122 -41.83 -50.40 -77.23
N PHE ZA 123 -41.03 -50.05 -76.22
CA PHE ZA 123 -41.52 -49.12 -75.22
C PHE ZA 123 -41.45 -47.68 -75.69
N PHE ZA 124 -40.30 -47.26 -76.22
CA PHE ZA 124 -40.17 -45.86 -76.61
C PHE ZA 124 -40.83 -45.59 -77.95
N ALA ZA 125 -41.29 -46.62 -78.65
CA ALA ZA 125 -42.23 -46.37 -79.73
C ALA ZA 125 -43.56 -45.91 -79.16
N LEU ZA 126 -43.94 -46.43 -78.00
CA LEU ZA 126 -45.18 -45.99 -77.38
C LEU ZA 126 -45.02 -44.64 -76.71
N VAL ZA 127 -43.80 -44.31 -76.30
CA VAL ZA 127 -43.55 -42.99 -75.75
C VAL ZA 127 -43.49 -41.95 -76.84
N GLU ZA 128 -42.64 -42.18 -77.85
CA GLU ZA 128 -42.29 -41.08 -78.74
C GLU ZA 128 -43.32 -40.89 -79.84
N LEU ZA 129 -44.25 -41.82 -79.99
CA LEU ZA 129 -45.35 -41.65 -80.93
C LEU ZA 129 -46.65 -41.29 -80.25
N ALA ZA 130 -46.98 -41.98 -79.17
CA ALA ZA 130 -48.31 -41.88 -78.59
C ALA ZA 130 -48.38 -40.89 -77.42
N TRP ZA 131 -47.62 -41.16 -76.36
CA TRP ZA 131 -47.77 -40.39 -75.14
C TRP ZA 131 -47.08 -39.05 -75.21
N MET ZA 132 -45.82 -39.03 -75.61
CA MET ZA 132 -45.05 -37.80 -75.80
C MET ZA 132 -44.66 -37.75 -77.26
N PRO ZA 133 -45.58 -37.34 -78.14
CA PRO ZA 133 -45.34 -37.48 -79.59
C PRO ZA 133 -44.30 -36.48 -80.07
N ALA ZA 134 -43.29 -37.00 -80.76
CA ALA ZA 134 -42.21 -36.18 -81.28
C ALA ZA 134 -42.66 -35.27 -82.42
N SER ZA 135 -43.81 -35.56 -83.03
CA SER ZA 135 -44.35 -34.66 -84.04
C SER ZA 135 -44.86 -33.37 -83.44
N LYS ZA 136 -45.09 -33.33 -82.13
CA LYS ZA 136 -45.50 -32.10 -81.45
C LYS ZA 136 -44.29 -31.20 -81.34
N TYR ZA 137 -44.19 -30.21 -82.23
CA TYR ZA 137 -43.00 -29.38 -82.31
C TYR ZA 137 -42.92 -28.33 -81.21
N ASP ZA 138 -43.92 -28.24 -80.33
CA ASP ZA 138 -43.81 -27.31 -79.21
C ASP ZA 138 -42.92 -27.86 -78.12
N GLY ZA 139 -42.94 -29.19 -77.92
CA GLY ZA 139 -42.13 -29.83 -76.93
C GLY ZA 139 -42.63 -29.72 -75.51
N ASP ZA 140 -43.82 -29.16 -75.30
CA ASP ZA 140 -44.34 -28.86 -73.97
C ASP ZA 140 -45.38 -29.90 -73.53
N TYR ZA 141 -45.07 -31.17 -73.78
CA TYR ZA 141 -45.97 -32.31 -73.89
C TYR ZA 141 -47.06 -32.41 -72.85
N GLY ZA 142 -46.71 -32.69 -71.61
CA GLY ZA 142 -47.71 -32.55 -70.58
C GLY ZA 142 -47.24 -31.90 -69.30
N VAL ZA 143 -45.93 -31.96 -69.06
CA VAL ZA 143 -45.39 -31.84 -67.72
C VAL ZA 143 -44.68 -30.50 -67.60
N GLY ZA 144 -44.95 -29.79 -66.52
CA GLY ZA 144 -44.23 -28.57 -66.24
C GLY ZA 144 -42.83 -28.86 -65.72
N TYR ZA 145 -42.16 -27.79 -65.32
CA TYR ZA 145 -40.87 -27.94 -64.68
C TYR ZA 145 -41.14 -28.47 -63.29
N PHE ZA 146 -40.93 -29.78 -63.13
CA PHE ZA 146 -41.30 -30.56 -61.96
C PHE ZA 146 -42.81 -30.42 -61.68
N GLY ZA 147 -43.61 -30.75 -62.69
CA GLY ZA 147 -45.05 -30.85 -62.52
C GLY ZA 147 -45.81 -29.55 -62.60
N THR ZA 148 -45.17 -28.41 -62.35
CA THR ZA 148 -45.83 -27.11 -62.37
C THR ZA 148 -45.26 -26.27 -63.48
N ASP ZA 149 -46.10 -25.48 -64.12
CA ASP ZA 149 -45.58 -24.52 -65.08
C ASP ZA 149 -45.00 -23.32 -64.35
N ILE ZA 150 -44.40 -22.43 -65.12
CA ILE ZA 150 -43.77 -21.23 -64.59
C ILE ZA 150 -44.58 -20.05 -65.10
N LYS ZA 151 -45.42 -19.49 -64.24
CA LYS ZA 151 -46.34 -18.45 -64.64
C LYS ZA 151 -45.66 -17.11 -64.89
N ASP ZA 152 -44.51 -16.87 -64.29
CA ASP ZA 152 -43.76 -15.65 -64.51
C ASP ZA 152 -43.15 -15.70 -65.91
N PRO ZA 153 -43.48 -14.77 -66.81
CA PRO ZA 153 -43.03 -14.88 -68.20
C PRO ZA 153 -41.53 -14.72 -68.38
N GLU ZA 154 -40.89 -13.96 -67.50
CA GLU ZA 154 -39.44 -13.83 -67.58
C GLU ZA 154 -38.75 -15.08 -67.09
N GLU ZA 155 -39.28 -15.71 -66.05
CA GLU ZA 155 -38.63 -16.90 -65.51
C GLU ZA 155 -38.94 -18.13 -66.35
N LYS ZA 156 -40.10 -18.15 -67.00
CA LYS ZA 156 -40.38 -19.23 -67.93
C LYS ZA 156 -39.51 -19.10 -69.17
N ALA ZA 157 -39.25 -17.86 -69.61
CA ALA ZA 157 -38.33 -17.63 -70.70
C ALA ZA 157 -36.89 -17.59 -70.23
N ARG ZA 158 -36.65 -17.73 -68.94
CA ARG ZA 158 -35.31 -17.99 -68.46
C ARG ZA 158 -34.94 -19.44 -68.59
N LYS ZA 159 -35.69 -20.33 -67.97
CA LYS ZA 159 -35.30 -21.73 -67.88
C LYS ZA 159 -35.42 -22.48 -69.20
N LEU ZA 160 -36.16 -21.94 -70.16
CA LEU ZA 160 -36.10 -22.50 -71.50
C LEU ZA 160 -34.77 -22.24 -72.18
N ASN ZA 161 -34.11 -21.10 -71.92
CA ASN ZA 161 -32.71 -20.94 -72.29
C ASN ZA 161 -31.82 -21.91 -71.56
N VAL ZA 162 -32.18 -22.26 -70.34
CA VAL ZA 162 -31.34 -23.14 -69.54
C VAL ZA 162 -31.45 -24.58 -70.00
N GLU ZA 163 -32.64 -24.99 -70.44
CA GLU ZA 163 -32.77 -26.31 -71.05
C GLU ZA 163 -32.03 -26.37 -72.37
N LEU ZA 164 -31.94 -25.26 -73.08
CA LEU ZA 164 -31.16 -25.26 -74.31
C LEU ZA 164 -29.66 -25.23 -74.03
N ASN ZA 165 -29.20 -24.39 -73.12
CA ASN ZA 165 -27.76 -24.21 -72.97
C ASN ZA 165 -27.11 -25.38 -72.25
N ASN ZA 166 -27.73 -25.91 -71.20
CA ASN ZA 166 -27.31 -27.22 -70.68
C ASN ZA 166 -27.54 -28.31 -71.73
N GLY ZA 167 -28.49 -28.12 -72.64
CA GLY ZA 167 -28.69 -29.09 -73.70
C GLY ZA 167 -27.67 -29.00 -74.81
N ARG ZA 168 -27.30 -27.79 -75.19
CA ARG ZA 168 -26.28 -27.61 -76.22
C ARG ZA 168 -24.92 -28.09 -75.73
N ALA ZA 169 -24.60 -27.82 -74.47
CA ALA ZA 169 -23.33 -28.25 -73.91
C ALA ZA 169 -23.28 -29.76 -73.72
N ALA ZA 170 -24.42 -30.41 -73.58
CA ALA ZA 170 -24.43 -31.86 -73.41
C ALA ZA 170 -24.22 -32.57 -74.73
N MET ZA 171 -24.61 -31.95 -75.85
CA MET ZA 171 -24.33 -32.54 -77.15
C MET ZA 171 -22.84 -32.54 -77.43
N MET ZA 172 -22.17 -31.46 -77.06
CA MET ZA 172 -20.73 -31.38 -77.19
C MET ZA 172 -20.00 -32.19 -76.14
N GLY ZA 173 -20.71 -32.67 -75.11
CA GLY ZA 173 -20.08 -33.48 -74.10
C GLY ZA 173 -20.09 -34.95 -74.44
N ILE ZA 174 -21.17 -35.43 -75.06
CA ILE ZA 174 -21.23 -36.83 -75.47
C ILE ZA 174 -20.27 -37.10 -76.63
N MET ZA 175 -20.16 -36.14 -77.55
CA MET ZA 175 -19.14 -36.25 -78.58
C MET ZA 175 -17.74 -36.17 -78.00
N GLY ZA 176 -17.58 -35.50 -76.87
CA GLY ZA 176 -16.31 -35.57 -76.14
C GLY ZA 176 -16.06 -36.89 -75.49
N ASN ZA 177 -17.11 -37.65 -75.18
CA ASN ZA 177 -16.94 -39.01 -74.68
C ASN ZA 177 -16.76 -40.03 -75.79
N MET ZA 178 -17.69 -40.07 -76.75
CA MET ZA 178 -17.71 -41.16 -77.71
C MET ZA 178 -16.54 -41.13 -78.67
N VAL ZA 179 -15.87 -39.98 -78.81
CA VAL ZA 179 -14.64 -39.92 -79.58
C VAL ZA 179 -13.43 -40.26 -78.72
N ALA ZA 180 -13.35 -39.72 -77.51
CA ALA ZA 180 -12.22 -40.02 -76.65
C ALA ZA 180 -12.32 -41.38 -75.98
N GLU ZA 181 -13.41 -42.13 -76.17
CA GLU ZA 181 -13.46 -43.52 -75.74
C GLU ZA 181 -13.13 -44.49 -76.86
N VAL ZA 182 -13.10 -44.02 -78.11
CA VAL ZA 182 -12.68 -44.84 -79.23
C VAL ZA 182 -11.22 -44.60 -79.59
N LEU ZA 183 -10.78 -43.33 -79.57
CA LEU ZA 183 -9.40 -43.03 -79.90
C LEU ZA 183 -8.46 -43.50 -78.80
N THR ZA 184 -8.82 -43.27 -77.54
CA THR ZA 184 -8.02 -43.84 -76.46
C THR ZA 184 -8.30 -45.32 -76.27
N GLY ZA 185 -9.42 -45.82 -76.79
CA GLY ZA 185 -9.75 -47.22 -76.69
C GLY ZA 185 -10.12 -47.70 -75.32
N GLN ZA 186 -10.42 -46.79 -74.40
CA GLN ZA 186 -10.71 -47.13 -73.02
C GLN ZA 186 -12.06 -46.55 -72.65
N THR ZA 187 -12.54 -46.92 -71.46
CA THR ZA 187 -13.71 -46.27 -70.91
C THR ZA 187 -13.30 -44.94 -70.30
N MET ZA 188 -14.26 -44.19 -69.77
CA MET ZA 188 -13.90 -42.96 -69.09
C MET ZA 188 -13.26 -43.27 -67.76
N TYR ZA 189 -13.68 -44.35 -67.10
CA TYR ZA 189 -13.10 -44.73 -65.81
C TYR ZA 189 -11.65 -45.16 -65.93
N GLU ZA 190 -11.29 -45.80 -67.03
CA GLU ZA 190 -9.92 -46.25 -67.21
C GLU ZA 190 -8.97 -45.11 -67.58
N GLN ZA 191 -9.48 -44.02 -68.15
CA GLN ZA 191 -8.62 -42.90 -68.49
C GLN ZA 191 -8.17 -42.17 -67.23
N TYR ZA 192 -9.09 -41.91 -66.31
CA TYR ZA 192 -8.74 -41.24 -65.08
C TYR ZA 192 -7.99 -42.16 -64.13
N ALA ZA 193 -8.19 -43.47 -64.24
CA ALA ZA 193 -7.45 -44.40 -63.40
C ALA ZA 193 -6.01 -44.52 -63.85
N SER ZA 194 -5.79 -44.72 -65.14
CA SER ZA 194 -4.43 -44.87 -65.66
C SER ZA 194 -3.71 -43.54 -65.80
N GLY ZA 195 -4.39 -42.42 -65.59
CA GLY ZA 195 -3.75 -41.13 -65.77
C GLY ZA 195 -3.50 -40.80 -67.22
N HIS ZA 196 -4.41 -41.21 -68.11
CA HIS ZA 196 -4.29 -40.93 -69.53
C HIS ZA 196 -5.02 -39.65 -69.91
N ILE ZA 197 -5.02 -38.67 -69.01
CA ILE ZA 197 -5.67 -37.39 -69.24
C ILE ZA 197 -4.93 -36.62 -70.33
N SER ZA 198 -3.63 -36.84 -70.45
CA SER ZA 198 -2.84 -36.19 -71.49
C SER ZA 198 -3.20 -36.76 -72.86
N PRO ZA 199 -3.31 -35.92 -73.88
CA PRO ZA 199 -3.71 -36.41 -75.20
C PRO ZA 199 -2.57 -37.06 -75.98
N PHE ZA 200 -2.82 -38.27 -76.48
CA PHE ZA 200 -1.85 -38.95 -77.33
C PHE ZA 200 -1.83 -38.34 -78.73
N GLY ZA 201 -3.00 -37.96 -79.24
CA GLY ZA 201 -3.10 -37.27 -80.50
C GLY ZA 201 -3.29 -35.79 -80.29
N ASP ZA 202 -4.55 -35.34 -80.39
CA ASP ZA 202 -4.89 -33.97 -80.04
C ASP ZA 202 -6.19 -34.01 -79.27
N GLY ZA 203 -6.41 -33.00 -78.44
CA GLY ZA 203 -7.64 -32.92 -77.68
C GLY ZA 203 -7.97 -31.49 -77.32
N GLN ZA 204 -9.19 -31.09 -77.61
CA GLN ZA 204 -9.65 -29.73 -77.35
C GLN ZA 204 -10.81 -29.78 -76.39
N GLY ZA 205 -10.60 -29.26 -75.19
CA GLY ZA 205 -11.61 -29.21 -74.16
C GLY ZA 205 -11.76 -27.83 -73.56
N VAL ZA 206 -12.66 -27.68 -72.59
CA VAL ZA 206 -12.84 -26.40 -71.92
C VAL ZA 206 -12.23 -26.45 -70.53
N SER AB 31 37.90 18.63 -124.80
CA SER AB 31 39.07 18.58 -125.66
C SER AB 31 40.29 18.04 -124.92
N GLU AB 32 41.28 17.57 -125.67
CA GLU AB 32 42.45 16.97 -125.06
C GLU AB 32 43.40 17.98 -124.46
N ILE AB 33 43.21 19.28 -124.72
CA ILE AB 33 44.02 20.30 -124.08
C ILE AB 33 43.66 20.41 -122.60
N GLU AB 34 42.39 20.20 -122.28
CA GLU AB 34 41.91 20.31 -120.90
C GLU AB 34 42.11 19.05 -120.08
N LEU AB 35 42.84 18.06 -120.58
CA LEU AB 35 42.88 16.78 -119.89
C LEU AB 35 44.19 16.52 -119.16
N GLY AB 36 45.26 17.22 -119.55
CA GLY AB 36 46.48 17.10 -118.77
C GLY AB 36 46.57 18.04 -117.59
N VAL AB 37 45.64 18.98 -117.46
CA VAL AB 37 45.75 20.06 -116.48
C VAL AB 37 45.36 19.53 -115.11
N THR AB 38 46.31 19.51 -114.19
CA THR AB 38 46.08 19.10 -112.81
C THR AB 38 46.51 20.24 -111.90
N GLU AB 39 45.77 20.43 -110.81
CA GLU AB 39 45.90 21.59 -109.91
C GLU AB 39 47.29 21.94 -109.39
N PRO AB 40 48.22 21.02 -109.02
CA PRO AB 40 49.52 21.48 -108.51
C PRO AB 40 50.37 22.21 -109.52
N LEU AB 41 50.17 21.98 -110.81
CA LEU AB 41 50.90 22.72 -111.83
C LEU AB 41 50.00 23.44 -112.82
N GLY AB 42 48.75 23.02 -112.96
CA GLY AB 42 47.89 23.60 -113.97
C GLY AB 42 48.35 23.22 -115.36
N VAL AB 43 48.71 24.23 -116.14
CA VAL AB 43 49.34 24.02 -117.44
C VAL AB 43 50.85 24.08 -117.23
N TYR AB 44 51.57 23.14 -117.81
CA TYR AB 44 53.00 23.01 -117.50
C TYR AB 44 53.76 22.49 -118.71
N ASP AB 45 54.64 23.32 -119.26
CA ASP AB 45 55.67 22.85 -120.18
C ASP AB 45 56.94 23.70 -120.03
N PRO AB 46 58.06 23.07 -119.67
CA PRO AB 46 59.32 23.84 -119.58
C PRO AB 46 59.96 24.10 -120.92
N LEU AB 47 59.51 23.44 -121.99
CA LEU AB 47 60.12 23.58 -123.30
C LEU AB 47 59.33 24.45 -124.25
N GLY AB 48 58.00 24.45 -124.14
CA GLY AB 48 57.19 25.32 -124.98
C GLY AB 48 56.56 24.67 -126.18
N TRP AB 49 56.32 23.36 -126.13
CA TRP AB 49 55.72 22.64 -127.26
C TRP AB 49 54.21 22.85 -127.35
N LEU AB 50 53.58 23.43 -126.32
CA LEU AB 50 52.14 23.67 -126.39
C LEU AB 50 51.79 24.78 -127.36
N GLU AB 51 52.71 25.71 -127.58
CA GLU AB 51 52.48 26.81 -128.51
C GLU AB 51 53.32 26.70 -129.78
N SER AB 52 54.56 26.22 -129.66
CA SER AB 52 55.42 26.07 -130.84
C SER AB 52 54.92 24.98 -131.77
N GLU AB 53 54.26 23.94 -131.27
CA GLU AB 53 53.74 22.88 -132.14
C GLU AB 53 52.49 22.29 -131.50
N PRO AB 54 51.33 22.89 -131.73
CA PRO AB 54 50.07 22.20 -131.40
C PRO AB 54 49.66 21.19 -132.46
N GLU AB 55 50.40 21.10 -133.57
CA GLU AB 55 50.07 20.15 -134.61
C GLU AB 55 50.38 18.72 -134.19
N ALA AB 56 51.41 18.53 -133.37
CA ALA AB 56 51.73 17.21 -132.86
C ALA AB 56 50.98 16.87 -131.58
N PHE AB 57 50.05 17.72 -131.15
CA PHE AB 57 49.43 17.55 -129.84
C PHE AB 57 48.57 16.29 -129.78
N GLU AB 58 47.78 16.04 -130.80
CA GLU AB 58 47.01 14.79 -130.86
C GLU AB 58 47.92 13.59 -131.07
N ARG AB 59 49.07 13.79 -131.70
CA ARG AB 59 50.08 12.73 -131.72
C ARG AB 59 50.69 12.53 -130.34
N ARG AB 60 51.09 13.62 -129.68
CA ARG AB 60 51.71 13.49 -128.37
C ARG AB 60 50.72 13.08 -127.29
N ARG AB 61 49.43 13.39 -127.45
CA ARG AB 61 48.45 12.96 -126.47
C ARG AB 61 48.26 11.45 -126.52
N ALA AB 62 48.20 10.88 -127.72
CA ALA AB 62 48.09 9.44 -127.88
C ALA AB 62 49.40 8.72 -127.68
N VAL AB 63 50.44 9.41 -127.20
CA VAL AB 63 51.70 8.80 -126.84
C VAL AB 63 51.95 8.86 -125.35
N GLU AB 64 51.64 10.00 -124.71
CA GLU AB 64 51.66 10.06 -123.25
C GLU AB 64 50.56 9.18 -122.65
N ARG AB 65 49.42 9.04 -123.33
CA ARG AB 65 48.49 7.99 -122.95
C ARG AB 65 49.06 6.61 -123.21
N LYS AB 66 49.82 6.46 -124.29
CA LYS AB 66 50.26 5.12 -124.68
C LYS AB 66 51.45 4.66 -123.83
N HIS AB 67 52.44 5.53 -123.60
CA HIS AB 67 53.50 5.18 -122.66
C HIS AB 67 52.99 5.03 -121.23
N GLY AB 68 51.91 5.71 -120.88
CA GLY AB 68 51.35 5.57 -119.55
C GLY AB 68 50.71 4.23 -119.33
N ARG AB 69 49.85 3.82 -120.27
CA ARG AB 69 49.10 2.57 -120.14
C ARG AB 69 50.02 1.35 -120.17
N VAL AB 70 51.22 1.49 -120.75
CA VAL AB 70 52.25 0.46 -120.60
C VAL AB 70 52.71 0.40 -119.15
N ALA AB 71 53.06 1.55 -118.58
CA ALA AB 71 53.73 1.56 -117.28
C ALA AB 71 52.79 1.18 -116.15
N MET AB 72 51.51 1.49 -116.29
CA MET AB 72 50.55 1.16 -115.24
C MET AB 72 50.39 -0.34 -115.10
N ALA AB 73 50.32 -1.05 -116.23
CA ALA AB 73 50.35 -2.51 -116.18
C ALA AB 73 51.72 -3.02 -115.79
N ALA AB 74 52.77 -2.24 -116.06
CA ALA AB 74 54.11 -2.68 -115.71
C ALA AB 74 54.37 -2.55 -114.22
N VAL AB 75 53.68 -1.62 -113.54
CA VAL AB 75 53.80 -1.49 -112.09
C VAL AB 75 53.29 -2.75 -111.41
N VAL AB 76 52.11 -3.23 -111.82
CA VAL AB 76 51.55 -4.45 -111.27
C VAL AB 76 52.40 -5.64 -111.66
N GLY AB 77 52.96 -5.61 -112.87
CA GLY AB 77 53.92 -6.62 -113.26
C GLY AB 77 55.24 -6.56 -112.51
N THR AB 78 55.52 -5.44 -111.86
CA THR AB 78 56.67 -5.41 -110.97
C THR AB 78 56.31 -5.96 -109.60
N ILE AB 79 55.13 -5.58 -109.09
CA ILE AB 79 54.76 -5.90 -107.72
C ILE AB 79 54.42 -7.38 -107.58
N VAL AB 80 53.54 -7.88 -108.47
CA VAL AB 80 53.03 -9.25 -108.36
C VAL AB 80 54.14 -10.27 -108.61
N HIS AB 81 55.09 -9.96 -109.49
CA HIS AB 81 56.24 -10.82 -109.66
C HIS AB 81 57.12 -10.82 -108.41
N ASN AB 82 57.23 -9.68 -107.75
CA ASN AB 82 58.08 -9.58 -106.57
C ASN AB 82 57.41 -10.05 -105.30
N ASN AB 83 56.11 -10.33 -105.32
CA ASN AB 83 55.47 -10.98 -104.17
C ASN AB 83 55.53 -12.49 -104.26
N HIS AB 84 56.23 -13.02 -105.27
CA HIS AB 84 56.35 -14.46 -105.54
C HIS AB 84 54.98 -15.12 -105.73
N ILE AB 85 54.08 -14.43 -106.42
CA ILE AB 85 52.84 -15.03 -106.86
C ILE AB 85 53.12 -15.81 -108.13
N VAL AB 86 52.85 -17.10 -108.10
CA VAL AB 86 53.29 -18.03 -109.14
C VAL AB 86 52.05 -18.62 -109.80
N PHE AB 87 52.11 -18.78 -111.13
CA PHE AB 87 51.05 -19.46 -111.87
C PHE AB 87 50.86 -20.92 -111.48
N ASP AB 88 51.87 -21.53 -110.85
CA ASP AB 88 51.78 -22.84 -110.19
C ASP AB 88 51.50 -23.97 -111.15
N GLY AB 89 51.85 -23.78 -112.42
CA GLY AB 89 51.75 -24.84 -113.40
C GLY AB 89 53.13 -25.36 -113.76
N TYR AB 90 53.40 -25.44 -115.06
CA TYR AB 90 54.72 -25.86 -115.54
C TYR AB 90 54.89 -25.26 -116.93
N LEU AB 91 55.74 -24.24 -117.01
CA LEU AB 91 55.74 -23.36 -118.19
C LEU AB 91 56.27 -24.08 -119.42
N SER AB 92 57.53 -24.49 -119.40
CA SER AB 92 58.15 -25.03 -120.61
C SER AB 92 58.28 -26.53 -120.46
N PRO AB 93 57.53 -27.32 -121.22
CA PRO AB 93 57.83 -28.76 -121.27
C PRO AB 93 59.15 -29.04 -121.96
N SER AB 94 59.56 -28.17 -122.87
CA SER AB 94 60.83 -28.33 -123.57
C SER AB 94 62.00 -27.83 -122.72
N ASN AB 95 61.99 -26.54 -122.41
CA ASN AB 95 63.14 -25.91 -121.75
C ASN AB 95 63.23 -26.23 -120.27
N ASN AB 96 62.21 -26.90 -119.71
CA ASN AB 96 62.12 -27.26 -118.28
C ASN AB 96 62.21 -26.03 -117.39
N LEU AB 97 61.51 -24.96 -117.78
CA LEU AB 97 61.36 -23.78 -116.94
C LEU AB 97 60.04 -23.89 -116.18
N LYS AB 98 60.13 -23.82 -114.86
CA LYS AB 98 58.94 -23.57 -114.06
C LYS AB 98 58.76 -22.07 -113.97
N PHE AB 99 57.60 -21.64 -113.48
CA PHE AB 99 57.39 -20.21 -113.28
C PHE AB 99 58.20 -19.66 -112.12
N SER AB 100 58.64 -20.51 -111.20
CA SER AB 100 59.54 -20.08 -110.13
C SER AB 100 60.96 -19.83 -110.62
N ASP AB 101 61.38 -20.49 -111.70
CA ASP AB 101 62.74 -20.36 -112.20
C ASP AB 101 62.99 -19.01 -112.86
N ILE AB 102 61.95 -18.38 -113.40
CA ILE AB 102 62.12 -17.12 -114.13
C ILE AB 102 62.42 -16.01 -113.15
N PRO AB 103 63.42 -15.16 -113.39
CA PRO AB 103 63.74 -14.08 -112.45
C PRO AB 103 62.65 -13.03 -112.39
N THR AB 104 62.39 -12.53 -111.19
CA THR AB 104 61.32 -11.58 -110.95
C THR AB 104 61.77 -10.13 -111.11
N GLY AB 105 63.00 -9.90 -111.54
CA GLY AB 105 63.50 -8.55 -111.71
C GLY AB 105 63.50 -8.09 -113.15
N VAL AB 106 64.69 -7.83 -113.70
CA VAL AB 106 64.79 -7.36 -115.07
C VAL AB 106 64.93 -8.55 -116.02
N ASP AB 107 65.64 -9.58 -115.61
CA ASP AB 107 66.05 -10.67 -116.50
C ASP AB 107 64.96 -11.72 -116.71
N GLY AB 108 63.69 -11.38 -116.44
CA GLY AB 108 62.63 -12.35 -116.67
C GLY AB 108 62.33 -12.57 -118.14
N ILE AB 109 62.35 -11.51 -118.94
CA ILE AB 109 62.13 -11.64 -120.38
C ILE AB 109 63.32 -12.34 -121.03
N ARG AB 110 64.52 -12.11 -120.52
CA ARG AB 110 65.68 -12.79 -121.06
C ARG AB 110 65.72 -14.26 -120.69
N ALA AB 111 64.87 -14.71 -119.75
CA ALA AB 111 64.66 -16.12 -119.50
C ALA AB 111 63.58 -16.72 -120.38
N ILE AB 112 62.78 -15.88 -121.03
CA ILE AB 112 61.70 -16.39 -121.90
C ILE AB 112 62.30 -16.84 -123.23
N PRO AB 113 61.97 -18.04 -123.71
CA PRO AB 113 62.49 -18.49 -125.00
C PRO AB 113 61.87 -17.72 -126.16
N THR AB 114 62.61 -17.68 -127.27
CA THR AB 114 62.18 -16.94 -128.44
C THR AB 114 60.97 -17.57 -129.12
N ALA AB 115 60.78 -18.88 -128.96
CA ALA AB 115 59.58 -19.52 -129.47
C ALA AB 115 58.34 -19.04 -128.74
N GLY AB 116 58.46 -18.74 -127.45
CA GLY AB 116 57.38 -18.09 -126.75
C GLY AB 116 57.29 -16.61 -127.08
N LEU AB 117 58.44 -15.97 -127.32
CA LEU AB 117 58.46 -14.59 -127.79
C LEU AB 117 57.90 -14.48 -129.20
N ALA AB 118 58.01 -15.54 -130.00
CA ALA AB 118 57.34 -15.57 -131.29
C ALA AB 118 55.84 -15.58 -131.14
N GLN AB 119 55.34 -16.26 -130.10
CA GLN AB 119 53.90 -16.28 -129.83
C GLN AB 119 53.42 -14.91 -129.37
N ILE AB 120 54.28 -14.13 -128.75
CA ILE AB 120 53.87 -12.86 -128.16
C ILE AB 120 53.61 -11.82 -129.25
N LEU AB 121 54.64 -11.49 -130.03
CA LEU AB 121 54.54 -10.34 -130.93
C LEU AB 121 53.64 -10.61 -132.12
N ALA AB 122 53.44 -11.87 -132.49
CA ALA AB 122 52.44 -12.17 -133.50
C ALA AB 122 51.02 -11.95 -132.98
N PHE AB 123 50.84 -12.08 -131.66
CA PHE AB 123 49.52 -11.81 -131.09
C PHE AB 123 49.29 -10.31 -130.93
N PHE AB 124 50.27 -9.61 -130.36
CA PHE AB 124 50.11 -8.19 -130.06
C PHE AB 124 50.20 -7.30 -131.30
N ALA AB 125 50.71 -7.83 -132.42
CA ALA AB 125 50.55 -7.13 -133.68
C ALA AB 125 49.07 -7.07 -134.08
N LEU AB 126 48.34 -8.16 -133.85
CA LEU AB 126 46.90 -8.13 -134.07
C LEU AB 126 46.19 -7.26 -133.02
N VAL AB 127 46.79 -7.08 -131.85
CA VAL AB 127 46.19 -6.23 -130.84
C VAL AB 127 46.42 -4.77 -131.15
N GLU AB 128 47.67 -4.44 -131.52
CA GLU AB 128 48.01 -3.05 -131.80
C GLU AB 128 47.34 -2.55 -133.07
N LEU AB 129 47.20 -3.41 -134.09
CA LEU AB 129 46.81 -2.95 -135.42
C LEU AB 129 45.36 -3.24 -135.77
N ALA AB 130 44.91 -4.49 -135.58
CA ALA AB 130 43.61 -4.89 -136.09
C ALA AB 130 42.48 -4.42 -135.16
N TRP AB 131 42.57 -4.76 -133.88
CA TRP AB 131 41.45 -4.58 -132.98
C TRP AB 131 41.50 -3.23 -132.26
N MET AB 132 42.68 -2.83 -131.78
CA MET AB 132 42.84 -1.63 -130.97
C MET AB 132 43.85 -0.72 -131.65
N PRO AB 133 43.43 -0.01 -132.71
CA PRO AB 133 44.40 0.65 -133.60
C PRO AB 133 45.05 1.86 -132.97
N ALA AB 134 46.37 1.94 -133.14
CA ALA AB 134 47.13 3.09 -132.67
C ALA AB 134 46.93 4.33 -133.52
N SER AB 135 46.43 4.18 -134.74
CA SER AB 135 46.06 5.34 -135.54
C SER AB 135 44.77 5.99 -135.06
N LYS AB 136 44.01 5.33 -134.18
CA LYS AB 136 42.87 5.94 -133.50
C LYS AB 136 43.44 6.70 -132.31
N TYR AB 137 43.70 7.99 -132.51
CA TYR AB 137 44.46 8.77 -131.53
C TYR AB 137 43.66 9.14 -130.30
N ASP AB 138 42.34 8.94 -130.29
CA ASP AB 138 41.58 9.35 -129.12
C ASP AB 138 41.65 8.35 -127.98
N GLY AB 139 42.10 7.12 -128.25
CA GLY AB 139 42.24 6.12 -127.21
C GLY AB 139 40.95 5.57 -126.68
N ASP AB 140 39.83 5.86 -127.34
CA ASP AB 140 38.49 5.53 -126.88
C ASP AB 140 37.94 4.31 -127.59
N TYR AB 141 38.79 3.29 -127.77
CA TYR AB 141 38.72 2.29 -128.83
C TYR AB 141 37.40 1.55 -128.91
N GLY AB 142 37.11 0.69 -127.94
CA GLY AB 142 35.83 0.04 -127.97
C GLY AB 142 35.07 0.04 -126.66
N VAL AB 143 35.80 0.25 -125.57
CA VAL AB 143 35.28 0.08 -124.23
C VAL AB 143 35.24 1.45 -123.56
N GLY AB 144 34.18 1.71 -122.81
CA GLY AB 144 34.19 2.88 -121.97
C GLY AB 144 34.95 2.62 -120.68
N TYR AB 145 34.34 2.99 -119.57
CA TYR AB 145 34.93 2.77 -118.25
C TYR AB 145 34.20 1.59 -117.62
N PHE AB 146 34.90 0.46 -117.53
CA PHE AB 146 34.33 -0.84 -117.18
C PHE AB 146 33.14 -1.16 -118.07
N GLY AB 147 33.38 -1.15 -119.38
CA GLY AB 147 32.33 -1.43 -120.34
C GLY AB 147 31.53 -0.19 -120.71
N THR AB 148 30.75 0.30 -119.76
CA THR AB 148 29.90 1.45 -120.01
C THR AB 148 30.73 2.74 -120.04
N ASP AB 149 30.10 3.81 -120.51
CA ASP AB 149 30.73 5.12 -120.53
C ASP AB 149 30.33 5.91 -119.29
N ILE AB 150 31.00 7.04 -119.10
CA ILE AB 150 30.70 7.95 -118.01
C ILE AB 150 29.83 9.05 -118.60
N LYS AB 151 28.53 8.97 -118.35
CA LYS AB 151 27.57 9.84 -119.03
C LYS AB 151 27.56 11.25 -118.48
N ASP AB 152 28.16 11.50 -117.32
CA ASP AB 152 28.31 12.86 -116.81
C ASP AB 152 29.61 13.41 -117.38
N PRO AB 153 29.57 14.45 -118.23
CA PRO AB 153 30.83 15.00 -118.77
C PRO AB 153 31.67 15.72 -117.73
N GLU AB 154 31.10 16.11 -116.60
CA GLU AB 154 31.88 16.64 -115.49
C GLU AB 154 32.76 15.55 -114.88
N GLU AB 155 32.17 14.40 -114.61
CA GLU AB 155 32.94 13.29 -114.06
C GLU AB 155 33.74 12.54 -115.11
N LYS AB 156 33.37 12.65 -116.38
CA LYS AB 156 34.14 12.00 -117.43
C LYS AB 156 35.48 12.68 -117.61
N ALA AB 157 35.46 14.01 -117.78
CA ALA AB 157 36.71 14.76 -117.95
C ALA AB 157 37.53 14.78 -116.67
N ARG AB 158 36.88 14.64 -115.51
CA ARG AB 158 37.62 14.55 -114.27
C ARG AB 158 38.37 13.23 -114.19
N LYS AB 159 37.76 12.14 -114.63
CA LYS AB 159 38.42 10.84 -114.59
C LYS AB 159 39.40 10.64 -115.74
N LEU AB 160 39.31 11.44 -116.80
CA LEU AB 160 40.33 11.38 -117.84
C LEU AB 160 41.66 11.89 -117.33
N ASN AB 161 41.66 12.83 -116.39
CA ASN AB 161 42.89 13.23 -115.71
C ASN AB 161 43.47 12.07 -114.92
N VAL AB 162 42.60 11.21 -114.38
CA VAL AB 162 43.04 10.21 -113.42
C VAL AB 162 43.79 9.09 -114.12
N GLU AB 163 43.35 8.73 -115.34
CA GLU AB 163 44.12 7.78 -116.15
C GLU AB 163 45.46 8.38 -116.56
N LEU AB 164 45.54 9.70 -116.65
CA LEU AB 164 46.81 10.33 -116.97
C LEU AB 164 47.70 10.44 -115.75
N ASN AB 165 47.16 10.84 -114.60
CA ASN AB 165 48.03 11.12 -113.46
C ASN AB 165 48.49 9.85 -112.75
N ASN AB 166 47.61 8.85 -112.61
CA ASN AB 166 48.10 7.51 -112.28
C ASN AB 166 48.99 6.98 -113.39
N GLY AB 167 48.76 7.40 -114.63
CA GLY AB 167 49.65 7.00 -115.72
C GLY AB 167 51.01 7.66 -115.63
N ARG AB 168 51.04 8.96 -115.33
CA ARG AB 168 52.32 9.67 -115.24
C ARG AB 168 53.14 9.20 -114.05
N ALA AB 169 52.48 8.87 -112.95
CA ALA AB 169 53.20 8.39 -111.77
C ALA AB 169 53.73 6.98 -111.99
N ALA AB 170 53.09 6.21 -112.86
CA ALA AB 170 53.61 4.90 -113.20
C ALA AB 170 54.84 4.99 -114.08
N MET AB 171 54.94 6.05 -114.89
CA MET AB 171 56.09 6.22 -115.77
C MET AB 171 57.37 6.40 -114.96
N MET AB 172 57.36 7.35 -114.03
CA MET AB 172 58.50 7.53 -113.14
C MET AB 172 58.55 6.44 -112.08
N GLY AB 173 57.46 5.68 -111.90
CA GLY AB 173 57.47 4.59 -110.96
C GLY AB 173 58.25 3.39 -111.46
N ILE AB 174 58.12 3.07 -112.75
CA ILE AB 174 58.89 1.99 -113.35
C ILE AB 174 60.37 2.35 -113.42
N MET AB 175 60.66 3.64 -113.65
CA MET AB 175 62.04 4.11 -113.57
C MET AB 175 62.59 3.99 -112.15
N GLY AB 176 61.72 4.03 -111.15
CA GLY AB 176 62.13 3.69 -109.80
C GLY AB 176 62.41 2.23 -109.59
N ASN AB 177 61.92 1.36 -110.49
CA ASN AB 177 62.15 -0.08 -110.33
C ASN AB 177 63.42 -0.55 -111.02
N MET AB 178 63.48 -0.38 -112.35
CA MET AB 178 64.54 -1.01 -113.13
C MET AB 178 65.89 -0.38 -112.85
N VAL AB 179 65.91 0.91 -112.56
CA VAL AB 179 67.17 1.58 -112.24
C VAL AB 179 67.63 1.18 -110.86
N ALA AB 180 66.70 0.97 -109.92
CA ALA AB 180 67.07 0.45 -108.61
C ALA AB 180 67.27 -1.06 -108.60
N GLU AB 181 67.04 -1.74 -109.71
CA GLU AB 181 67.41 -3.15 -109.82
C GLU AB 181 68.70 -3.36 -110.60
N VAL AB 182 69.07 -2.44 -111.47
CA VAL AB 182 70.33 -2.52 -112.20
C VAL AB 182 71.47 -1.89 -111.40
N LEU AB 183 71.24 -0.70 -110.84
CA LEU AB 183 72.29 -0.05 -110.07
C LEU AB 183 72.48 -0.68 -108.69
N THR AB 184 71.60 -1.57 -108.28
CA THR AB 184 71.79 -2.31 -107.04
C THR AB 184 72.03 -3.80 -107.25
N GLY AB 185 71.62 -4.33 -108.40
CA GLY AB 185 71.84 -5.73 -108.72
C GLY AB 185 70.85 -6.69 -108.11
N GLN AB 186 69.95 -6.22 -107.26
CA GLN AB 186 69.01 -7.09 -106.57
C GLN AB 186 67.59 -6.77 -107.01
N THR AB 187 66.70 -7.73 -106.82
CA THR AB 187 65.29 -7.50 -107.08
C THR AB 187 64.69 -6.62 -106.00
N MET AB 188 63.47 -6.14 -106.26
CA MET AB 188 62.78 -5.31 -105.28
C MET AB 188 62.43 -6.10 -104.02
N TYR AB 189 62.12 -7.39 -104.19
CA TYR AB 189 61.85 -8.24 -103.04
C TYR AB 189 63.09 -8.45 -102.20
N GLU AB 190 64.25 -8.58 -102.84
CA GLU AB 190 65.47 -8.86 -102.10
C GLU AB 190 66.05 -7.62 -101.45
N GLN AB 191 65.62 -6.43 -101.84
CA GLN AB 191 66.10 -5.23 -101.16
C GLN AB 191 65.45 -5.07 -99.79
N TYR AB 192 64.16 -5.39 -99.69
CA TYR AB 192 63.47 -5.23 -98.42
C TYR AB 192 63.58 -6.45 -97.53
N ALA AB 193 63.95 -7.60 -98.09
CA ALA AB 193 64.25 -8.75 -97.25
C ALA AB 193 65.60 -8.60 -96.57
N SER AB 194 66.50 -7.80 -97.15
CA SER AB 194 67.88 -7.73 -96.70
C SER AB 194 68.23 -6.41 -96.01
N GLY AB 195 67.30 -5.47 -95.90
CA GLY AB 195 67.66 -4.18 -95.32
C GLY AB 195 68.48 -3.32 -96.24
N HIS AB 196 68.14 -3.30 -97.52
CA HIS AB 196 68.81 -2.48 -98.53
C HIS AB 196 68.05 -1.17 -98.77
N ILE AB 197 67.55 -0.56 -97.70
CA ILE AB 197 66.64 0.58 -97.84
C ILE AB 197 67.42 1.86 -98.09
N SER AB 198 68.26 2.27 -97.14
CA SER AB 198 68.88 3.58 -97.22
C SER AB 198 70.08 3.53 -98.14
N PRO AB 199 70.14 4.37 -99.18
CA PRO AB 199 71.37 4.42 -100.00
C PRO AB 199 72.53 5.07 -99.28
N PHE AB 200 72.28 5.88 -98.25
CA PHE AB 200 73.35 6.41 -97.44
C PHE AB 200 73.92 5.39 -96.47
N GLY AB 201 73.20 4.30 -96.21
CA GLY AB 201 73.65 3.28 -95.30
C GLY AB 201 74.69 2.34 -95.89
N ASP AB 202 74.39 1.78 -97.06
CA ASP AB 202 75.32 0.89 -97.74
C ASP AB 202 76.35 1.70 -98.54
N GLY AB 203 77.29 1.01 -99.15
CA GLY AB 203 78.37 1.65 -99.88
C GLY AB 203 78.16 1.57 -101.38
N GLN AB 204 78.14 2.72 -102.03
CA GLN AB 204 78.03 2.82 -103.49
C GLN AB 204 78.69 4.14 -103.92
N GLY AB 205 78.60 4.43 -105.21
CA GLY AB 205 78.92 5.77 -105.70
C GLY AB 205 77.95 6.79 -105.15
N VAL AB 206 78.50 7.79 -104.44
CA VAL AB 206 77.77 8.81 -103.67
C VAL AB 206 76.85 8.17 -102.61
N SER BB 31 19.57 23.55 -100.40
CA SER BB 31 20.77 23.89 -99.66
C SER BB 31 21.37 22.67 -98.98
N GLU BB 32 22.07 22.91 -97.88
CA GLU BB 32 22.66 21.85 -97.09
C GLU BB 32 21.87 21.57 -95.82
N ILE BB 33 20.71 22.20 -95.65
CA ILE BB 33 19.93 22.05 -94.43
C ILE BB 33 19.08 20.78 -94.45
N GLU BB 34 18.71 20.30 -95.62
CA GLU BB 34 17.77 19.19 -95.76
C GLU BB 34 18.42 17.82 -95.65
N LEU BB 35 19.66 17.75 -95.20
CA LEU BB 35 20.43 16.50 -95.31
C LEU BB 35 20.25 15.58 -94.11
N GLY BB 36 20.58 16.04 -92.92
CA GLY BB 36 20.56 15.16 -91.76
C GLY BB 36 19.19 14.80 -91.21
N VAL BB 37 18.11 15.25 -91.84
CA VAL BB 37 16.76 14.96 -91.36
C VAL BB 37 16.45 13.49 -91.63
N THR BB 38 16.02 12.77 -90.60
CA THR BB 38 15.67 11.37 -90.71
C THR BB 38 14.41 11.12 -89.89
N GLU BB 39 13.61 10.16 -90.33
CA GLU BB 39 12.30 9.73 -89.81
C GLU BB 39 12.09 9.68 -88.29
N PRO BB 40 13.05 9.26 -87.44
CA PRO BB 40 12.75 9.32 -85.99
C PRO BB 40 12.61 10.71 -85.45
N LEU BB 41 13.50 11.63 -85.81
CA LEU BB 41 13.58 12.90 -85.12
C LEU BB 41 13.31 14.10 -85.99
N GLY BB 42 13.96 14.24 -87.14
CA GLY BB 42 13.85 15.45 -87.91
C GLY BB 42 14.99 16.42 -87.60
N VAL BB 43 14.72 17.71 -87.73
CA VAL BB 43 15.70 18.73 -87.37
C VAL BB 43 15.83 18.69 -85.85
N TYR BB 44 16.97 18.23 -85.37
CA TYR BB 44 17.10 17.79 -83.99
C TYR BB 44 18.00 18.75 -83.23
N ASP BB 45 17.42 19.87 -82.78
CA ASP BB 45 18.06 20.78 -81.83
C ASP BB 45 17.36 20.69 -80.48
N PRO BB 46 17.78 19.82 -79.58
CA PRO BB 46 17.23 19.90 -78.23
C PRO BB 46 17.82 21.06 -77.48
N LEU BB 47 19.13 21.27 -77.58
CA LEU BB 47 19.79 22.36 -76.89
C LEU BB 47 20.00 23.58 -77.78
N GLY BB 48 19.66 23.48 -79.07
CA GLY BB 48 19.40 24.63 -79.90
C GLY BB 48 20.54 25.56 -80.24
N TRP BB 49 21.50 25.10 -81.03
CA TRP BB 49 22.37 26.02 -81.73
C TRP BB 49 22.73 25.61 -83.15
N LEU BB 50 22.24 24.46 -83.64
CA LEU BB 50 22.46 24.14 -85.05
C LEU BB 50 21.69 25.10 -85.95
N GLU BB 51 20.59 25.66 -85.46
CA GLU BB 51 19.77 26.58 -86.22
C GLU BB 51 20.18 28.04 -85.98
N SER BB 52 20.66 28.37 -84.78
CA SER BB 52 21.05 29.74 -84.49
C SER BB 52 22.36 30.13 -85.15
N GLU BB 53 23.03 29.20 -85.79
CA GLU BB 53 24.25 29.44 -86.56
C GLU BB 53 24.05 29.05 -88.01
N PRO BB 54 23.22 29.76 -88.79
CA PRO BB 54 22.92 29.30 -90.16
C PRO BB 54 24.08 29.44 -91.12
N GLU BB 55 25.13 30.17 -90.75
CA GLU BB 55 26.39 30.21 -91.49
C GLU BB 55 27.39 29.22 -90.93
N ALA BB 56 27.44 29.10 -89.61
CA ALA BB 56 28.30 28.11 -88.97
C ALA BB 56 27.65 26.74 -88.89
N PHE BB 57 26.41 26.58 -89.37
CA PHE BB 57 25.87 25.26 -89.67
C PHE BB 57 26.79 24.52 -90.62
N GLU BB 58 27.23 25.19 -91.68
CA GLU BB 58 28.17 24.60 -92.62
C GLU BB 58 29.55 24.44 -92.01
N ARG BB 59 29.89 25.20 -90.97
CA ARG BB 59 31.10 24.90 -90.23
C ARG BB 59 30.94 23.60 -89.46
N ARG BB 60 29.79 23.43 -88.79
CA ARG BB 60 29.54 22.19 -88.09
C ARG BB 60 29.22 21.05 -89.05
N ARG BB 61 28.79 21.36 -90.27
CA ARG BB 61 28.41 20.30 -91.21
C ARG BB 61 29.62 19.53 -91.69
N ALA BB 62 30.69 20.24 -92.08
CA ALA BB 62 31.89 19.58 -92.53
C ALA BB 62 32.57 18.84 -91.40
N VAL BB 63 32.45 19.33 -90.18
CA VAL BB 63 33.06 18.65 -89.04
C VAL BB 63 32.31 17.36 -88.70
N GLU BB 64 30.98 17.38 -88.71
CA GLU BB 64 30.21 16.18 -88.42
C GLU BB 64 30.45 15.11 -89.49
N ARG BB 65 30.62 15.52 -90.74
CA ARG BB 65 31.04 14.57 -91.78
C ARG BB 65 32.45 14.06 -91.52
N LYS BB 66 33.36 14.94 -91.14
CA LYS BB 66 34.76 14.55 -91.03
C LYS BB 66 35.00 13.68 -89.82
N HIS BB 67 34.44 14.04 -88.66
CA HIS BB 67 34.49 13.16 -87.49
C HIS BB 67 33.72 11.88 -87.73
N GLY BB 68 32.73 11.89 -88.63
CA GLY BB 68 32.04 10.65 -88.95
C GLY BB 68 32.93 9.69 -89.72
N ARG BB 69 33.61 10.20 -90.75
CA ARG BB 69 34.45 9.36 -91.60
C ARG BB 69 35.68 8.81 -90.89
N VAL BB 70 36.02 9.34 -89.71
CA VAL BB 70 37.06 8.72 -88.91
C VAL BB 70 36.53 7.48 -88.21
N ALA BB 71 35.35 7.61 -87.58
CA ALA BB 71 34.79 6.51 -86.81
C ALA BB 71 34.32 5.37 -87.70
N MET BB 72 33.96 5.67 -88.94
CA MET BB 72 33.52 4.65 -89.87
C MET BB 72 34.66 3.71 -90.22
N ALA BB 73 35.83 4.25 -90.52
CA ALA BB 73 37.00 3.42 -90.75
C ALA BB 73 37.66 2.98 -89.45
N ALA BB 74 37.05 3.26 -88.31
CA ALA BB 74 37.58 2.84 -87.02
C ALA BB 74 36.74 1.78 -86.34
N VAL BB 75 35.43 1.71 -86.61
CA VAL BB 75 34.65 0.60 -86.10
C VAL BB 75 35.03 -0.67 -86.84
N VAL BB 76 35.20 -0.58 -88.17
CA VAL BB 76 35.71 -1.71 -88.93
C VAL BB 76 37.12 -2.06 -88.48
N GLY BB 77 37.91 -1.03 -88.15
CA GLY BB 77 39.18 -1.28 -87.50
C GLY BB 77 39.04 -1.89 -86.12
N THR BB 78 37.93 -1.64 -85.45
CA THR BB 78 37.75 -2.28 -84.15
C THR BB 78 37.23 -3.70 -84.33
N ILE BB 79 36.39 -3.92 -85.33
CA ILE BB 79 35.79 -5.23 -85.53
C ILE BB 79 36.80 -6.21 -86.11
N VAL BB 80 37.53 -5.81 -87.14
CA VAL BB 80 38.42 -6.73 -87.85
C VAL BB 80 39.63 -7.09 -86.99
N HIS BB 81 40.17 -6.14 -86.22
CA HIS BB 81 41.28 -6.44 -85.33
C HIS BB 81 40.85 -7.40 -84.22
N ASN BB 82 39.62 -7.28 -83.75
CA ASN BB 82 39.16 -8.15 -82.67
C ASN BB 82 38.66 -9.49 -83.17
N ASN BB 83 38.33 -9.63 -84.46
CA ASN BB 83 38.09 -10.96 -85.00
C ASN BB 83 39.37 -11.75 -85.21
N HIS BB 84 40.53 -11.11 -85.02
CA HIS BB 84 41.86 -11.69 -85.20
C HIS BB 84 42.07 -12.20 -86.63
N ILE BB 85 41.41 -11.57 -87.59
CA ILE BB 85 41.84 -11.67 -88.98
C ILE BB 85 43.09 -10.82 -89.10
N VAL BB 86 44.23 -11.46 -89.33
CA VAL BB 86 45.53 -10.81 -89.26
C VAL BB 86 46.16 -10.90 -90.64
N PHE BB 87 47.02 -9.92 -90.96
CA PHE BB 87 47.86 -9.96 -92.16
C PHE BB 87 48.74 -11.20 -92.22
N ASP BB 88 49.11 -11.76 -91.07
CA ASP BB 88 49.85 -13.03 -90.95
C ASP BB 88 51.21 -12.95 -91.63
N GLY BB 89 51.84 -11.79 -91.53
CA GLY BB 89 53.16 -11.59 -92.10
C GLY BB 89 54.19 -11.28 -91.04
N TYR BB 90 54.84 -10.13 -91.15
CA TYR BB 90 55.91 -9.75 -90.24
C TYR BB 90 56.04 -8.24 -90.30
N LEU BB 91 55.76 -7.58 -89.18
CA LEU BB 91 55.51 -6.14 -89.22
C LEU BB 91 56.82 -5.34 -89.27
N SER BB 92 57.65 -5.45 -88.24
CA SER BB 92 58.85 -4.64 -88.19
C SER BB 92 60.06 -5.54 -88.34
N PRO BB 93 60.88 -5.34 -89.36
CA PRO BB 93 62.14 -6.09 -89.41
C PRO BB 93 63.12 -5.65 -88.33
N SER BB 94 63.16 -4.35 -88.01
CA SER BB 94 64.13 -3.85 -87.06
C SER BB 94 63.75 -4.17 -85.62
N ASN BB 95 62.54 -3.80 -85.22
CA ASN BB 95 62.08 -4.01 -83.86
C ASN BB 95 61.45 -5.38 -83.66
N ASN BB 96 61.46 -6.23 -84.70
CA ASN BB 96 61.14 -7.65 -84.64
C ASN BB 96 59.68 -7.90 -84.22
N LEU BB 97 58.74 -7.21 -84.84
CA LEU BB 97 57.34 -7.45 -84.61
C LEU BB 97 56.73 -8.24 -85.76
N LYS BB 98 55.86 -9.17 -85.42
CA LYS BB 98 54.87 -9.68 -86.34
C LYS BB 98 53.62 -8.81 -86.22
N PHE BB 99 52.68 -9.02 -87.13
CA PHE BB 99 51.41 -8.32 -86.99
C PHE BB 99 50.59 -8.86 -85.82
N SER BB 100 50.74 -10.15 -85.53
CA SER BB 100 50.03 -10.77 -84.44
C SER BB 100 50.54 -10.35 -83.05
N ASP BB 101 51.71 -9.73 -82.99
CA ASP BB 101 52.28 -9.35 -81.70
C ASP BB 101 51.55 -8.17 -81.10
N ILE BB 102 50.91 -7.35 -81.92
CA ILE BB 102 50.31 -6.11 -81.47
C ILE BB 102 48.95 -6.43 -80.83
N PRO BB 103 48.62 -5.84 -79.68
CA PRO BB 103 47.29 -6.03 -79.10
C PRO BB 103 46.19 -5.42 -79.96
N THR BB 104 44.95 -5.84 -79.68
CA THR BB 104 43.82 -5.47 -80.50
C THR BB 104 42.94 -4.40 -79.85
N GLY BB 105 43.21 -4.05 -78.61
CA GLY BB 105 42.39 -3.08 -77.91
C GLY BB 105 42.83 -1.66 -78.19
N VAL BB 106 42.87 -0.85 -77.14
CA VAL BB 106 43.34 0.52 -77.28
C VAL BB 106 44.84 0.53 -77.50
N ASP BB 107 45.55 -0.48 -77.01
CA ASP BB 107 47.01 -0.54 -77.00
C ASP BB 107 47.63 -0.84 -78.37
N GLY BB 108 46.86 -0.77 -79.47
CA GLY BB 108 47.36 -1.11 -80.79
C GLY BB 108 48.39 -0.15 -81.35
N ILE BB 109 48.01 1.11 -81.52
CA ILE BB 109 48.98 2.13 -81.95
C ILE BB 109 49.99 2.38 -80.84
N ARG BB 110 49.55 2.23 -79.58
CA ARG BB 110 50.44 2.35 -78.43
C ARG BB 110 51.59 1.34 -78.46
N ALA BB 111 51.43 0.20 -79.12
CA ALA BB 111 52.48 -0.79 -79.29
C ALA BB 111 53.18 -0.69 -80.63
N ILE BB 112 52.92 0.35 -81.41
CA ILE BB 112 53.52 0.52 -82.73
C ILE BB 112 54.76 1.40 -82.63
N PRO BB 113 55.87 1.03 -83.27
CA PRO BB 113 57.07 1.86 -83.23
C PRO BB 113 56.89 3.17 -83.99
N THR BB 114 57.62 4.19 -83.54
CA THR BB 114 57.46 5.53 -84.08
C THR BB 114 58.04 5.68 -85.47
N ALA BB 115 58.89 4.74 -85.90
CA ALA BB 115 59.43 4.79 -87.26
C ALA BB 115 58.37 4.49 -88.30
N GLY BB 116 57.26 3.90 -87.91
CA GLY BB 116 56.14 3.71 -88.80
C GLY BB 116 55.07 4.77 -88.61
N LEU BB 117 54.99 5.31 -87.40
CA LEU BB 117 54.04 6.40 -87.15
C LEU BB 117 54.45 7.66 -87.90
N ALA BB 118 55.74 7.86 -88.11
CA ALA BB 118 56.19 8.96 -88.96
C ALA BB 118 55.81 8.70 -90.40
N GLN BB 119 55.81 7.43 -90.82
CA GLN BB 119 55.37 7.11 -92.18
C GLN BB 119 53.87 7.29 -92.33
N ILE BB 120 53.12 7.18 -91.23
CA ILE BB 120 51.67 7.32 -91.31
C ILE BB 120 51.29 8.79 -91.45
N LEU BB 121 51.76 9.64 -90.54
CA LEU BB 121 51.29 11.01 -90.52
C LEU BB 121 51.89 11.86 -91.63
N ALA BB 122 53.04 11.45 -92.19
CA ALA BB 122 53.53 12.10 -93.39
C ALA BB 122 52.63 11.81 -94.58
N PHE BB 123 51.94 10.68 -94.55
CA PHE BB 123 50.98 10.38 -95.60
C PHE BB 123 49.71 11.19 -95.41
N PHE BB 124 49.10 11.11 -94.23
CA PHE BB 124 47.79 11.75 -94.04
C PHE BB 124 47.89 13.25 -93.80
N ALA BB 125 49.10 13.80 -93.72
CA ALA BB 125 49.22 15.25 -93.94
C ALA BB 125 48.93 15.59 -95.38
N LEU BB 126 49.52 14.83 -96.31
CA LEU BB 126 49.32 15.07 -97.73
C LEU BB 126 47.90 14.75 -98.15
N VAL BB 127 47.20 13.86 -97.44
CA VAL BB 127 45.82 13.58 -97.79
C VAL BB 127 44.90 14.64 -97.23
N GLU BB 128 45.18 15.08 -96.00
CA GLU BB 128 44.36 16.11 -95.39
C GLU BB 128 44.54 17.44 -96.10
N LEU BB 129 45.78 17.83 -96.38
CA LEU BB 129 46.06 19.14 -96.95
C LEU BB 129 45.94 19.17 -98.47
N ALA BB 130 46.71 18.34 -99.17
CA ALA BB 130 46.84 18.48 -100.61
C ALA BB 130 45.64 17.86 -101.34
N TRP BB 131 45.47 16.55 -101.21
CA TRP BB 131 44.56 15.85 -102.12
C TRP BB 131 43.10 16.02 -101.75
N MET BB 132 42.77 15.98 -100.46
CA MET BB 132 41.40 16.22 -100.00
C MET BB 132 41.38 17.33 -98.98
N PRO BB 133 41.49 18.59 -99.40
CA PRO BB 133 41.53 19.69 -98.44
C PRO BB 133 40.21 19.88 -97.71
N ALA BB 134 40.26 19.61 -96.40
CA ALA BB 134 39.10 19.75 -95.54
C ALA BB 134 38.74 21.19 -95.22
N SER BB 135 39.49 22.16 -95.76
CA SER BB 135 39.01 23.53 -95.82
C SER BB 135 37.75 23.65 -96.67
N LYS BB 136 37.56 22.76 -97.63
CA LYS BB 136 36.28 22.65 -98.34
C LYS BB 136 35.24 22.06 -97.39
N TYR BB 137 34.02 22.58 -97.48
CA TYR BB 137 32.99 22.17 -96.53
C TYR BB 137 32.13 21.04 -97.08
N ASP BB 138 31.92 21.00 -98.39
CA ASP BB 138 31.28 19.84 -98.98
C ASP BB 138 32.21 18.64 -98.95
N GLY BB 139 33.41 18.81 -99.50
CA GLY BB 139 34.40 17.76 -99.46
C GLY BB 139 34.21 16.66 -100.46
N ASP BB 140 33.46 16.90 -101.53
CA ASP BB 140 33.29 15.90 -102.58
C ASP BB 140 34.48 15.93 -103.52
N TYR BB 141 35.27 14.87 -103.49
CA TYR BB 141 36.39 14.68 -104.40
C TYR BB 141 36.25 13.40 -105.21
N GLY BB 142 35.91 12.30 -104.56
CA GLY BB 142 35.86 10.99 -105.17
C GLY BB 142 34.44 10.53 -105.43
N VAL BB 143 33.63 11.39 -106.04
CA VAL BB 143 32.19 11.26 -106.22
C VAL BB 143 31.83 9.93 -106.88
N GLY BB 144 32.64 9.50 -107.83
CA GLY BB 144 32.80 8.09 -108.13
C GLY BB 144 31.63 7.50 -108.89
N TYR BB 145 31.66 6.17 -108.97
CA TYR BB 145 30.85 5.40 -109.89
C TYR BB 145 29.49 5.10 -109.29
N PHE BB 146 28.43 5.46 -110.02
CA PHE BB 146 27.02 5.27 -109.62
C PHE BB 146 26.72 5.92 -108.28
N GLY BB 147 27.12 7.19 -108.16
CA GLY BB 147 27.05 7.86 -106.88
C GLY BB 147 25.73 8.55 -106.64
N THR BB 148 25.76 9.88 -106.54
CA THR BB 148 24.56 10.67 -106.31
C THR BB 148 23.59 10.63 -107.49
N ASP BB 149 24.08 10.32 -108.70
CA ASP BB 149 23.25 9.86 -109.82
C ASP BB 149 22.21 10.87 -110.29
N ILE BB 150 22.64 11.86 -111.07
CA ILE BB 150 21.85 12.94 -111.65
C ILE BB 150 20.46 12.51 -112.15
N LYS BB 151 20.38 11.40 -112.86
CA LYS BB 151 19.06 10.87 -113.23
C LYS BB 151 18.52 9.90 -112.19
N ASP BB 152 18.64 10.26 -110.92
CA ASP BB 152 18.08 9.64 -109.72
C ASP BB 152 18.15 10.69 -108.61
N PRO BB 153 17.29 11.71 -108.59
CA PRO BB 153 17.30 12.62 -107.44
C PRO BB 153 16.77 11.98 -106.19
N GLU BB 154 16.00 10.90 -106.34
CA GLU BB 154 15.52 10.12 -105.22
C GLU BB 154 16.64 9.39 -104.48
N GLU BB 155 17.78 9.16 -105.12
CA GLU BB 155 18.85 8.40 -104.50
C GLU BB 155 19.83 9.29 -103.77
N LYS BB 156 20.15 10.44 -104.35
CA LYS BB 156 21.07 11.41 -103.73
C LYS BB 156 20.58 11.87 -102.37
N ALA BB 157 19.26 12.01 -102.21
CA ALA BB 157 18.71 12.32 -100.90
C ALA BB 157 19.00 11.18 -99.92
N ARG BB 158 18.76 9.94 -100.33
CA ARG BB 158 19.07 8.83 -99.46
C ARG BB 158 20.48 8.28 -99.65
N LYS BB 159 21.37 9.04 -100.26
CA LYS BB 159 22.78 8.66 -100.25
C LYS BB 159 23.56 9.61 -99.35
N LEU BB 160 23.21 10.88 -99.38
CA LEU BB 160 23.84 11.88 -98.52
C LEU BB 160 23.47 11.70 -97.07
N ASN BB 161 22.32 11.10 -96.77
CA ASN BB 161 22.04 10.71 -95.39
C ASN BB 161 23.01 9.65 -94.91
N VAL BB 162 23.18 8.60 -95.71
CA VAL BB 162 23.55 7.33 -95.15
C VAL BB 162 25.06 7.16 -95.03
N GLU BB 163 25.85 7.94 -95.77
CA GLU BB 163 27.24 8.17 -95.39
C GLU BB 163 27.29 8.77 -94.00
N LEU BB 164 26.62 9.90 -93.83
CA LEU BB 164 26.54 10.57 -92.54
C LEU BB 164 25.88 9.66 -91.49
N ASN BB 165 24.83 8.94 -91.86
CA ASN BB 165 23.99 8.37 -90.82
C ASN BB 165 24.52 7.05 -90.29
N ASN BB 166 25.23 6.26 -91.11
CA ASN BB 166 26.08 5.21 -90.57
C ASN BB 166 27.16 5.82 -89.70
N GLY BB 167 27.73 6.96 -90.11
CA GLY BB 167 28.77 7.61 -89.35
C GLY BB 167 28.28 8.35 -88.14
N ARG BB 168 27.00 8.71 -88.15
CA ARG BB 168 26.32 9.15 -86.95
C ARG BB 168 26.49 8.18 -85.80
N ALA BB 169 25.98 6.96 -85.97
CA ALA BB 169 26.07 5.93 -84.95
C ALA BB 169 27.34 5.11 -85.09
N ALA BB 170 28.36 5.62 -85.76
CA ALA BB 170 29.67 5.01 -85.67
C ALA BB 170 30.51 5.70 -84.62
N MET BB 171 30.25 6.99 -84.39
CA MET BB 171 30.94 7.71 -83.34
C MET BB 171 30.58 7.15 -81.97
N MET BB 172 29.29 6.91 -81.74
CA MET BB 172 28.83 6.34 -80.48
C MET BB 172 29.20 4.88 -80.32
N GLY BB 173 29.65 4.23 -81.40
CA GLY BB 173 30.19 2.89 -81.29
C GLY BB 173 31.63 2.91 -80.84
N ILE BB 174 32.41 3.85 -81.38
CA ILE BB 174 33.80 4.01 -80.94
C ILE BB 174 33.86 4.46 -79.50
N MET BB 175 33.04 5.45 -79.14
CA MET BB 175 32.96 5.90 -77.75
C MET BB 175 32.46 4.80 -76.84
N GLY BB 176 31.59 3.94 -77.36
CA GLY BB 176 31.16 2.77 -76.63
C GLY BB 176 32.07 1.58 -76.74
N ASN BB 177 33.14 1.65 -77.54
CA ASN BB 177 34.17 0.63 -77.54
C ASN BB 177 35.39 1.04 -76.75
N MET BB 178 35.70 2.32 -76.72
CA MET BB 178 36.84 2.78 -75.94
C MET BB 178 36.51 2.74 -74.45
N VAL BB 179 35.32 3.20 -74.08
CA VAL BB 179 34.98 3.31 -72.67
C VAL BB 179 34.59 1.96 -72.10
N ALA BB 180 33.92 1.11 -72.89
CA ALA BB 180 33.64 -0.24 -72.42
C ALA BB 180 34.90 -1.11 -72.34
N GLU BB 181 36.02 -0.69 -72.93
CA GLU BB 181 37.30 -1.32 -72.67
C GLU BB 181 38.02 -0.71 -71.48
N VAL BB 182 38.00 0.63 -71.36
CA VAL BB 182 38.72 1.32 -70.30
C VAL BB 182 38.19 0.94 -68.92
N LEU BB 183 36.87 0.93 -68.75
CA LEU BB 183 36.32 0.62 -67.44
C LEU BB 183 36.36 -0.86 -67.10
N THR BB 184 36.75 -1.73 -68.03
CA THR BB 184 36.95 -3.12 -67.72
C THR BB 184 38.41 -3.54 -67.76
N GLY BB 185 39.26 -2.80 -68.46
CA GLY BB 185 40.64 -3.17 -68.65
C GLY BB 185 40.88 -4.21 -69.72
N GLN BB 186 39.92 -5.08 -69.97
CA GLN BB 186 40.01 -6.11 -71.00
C GLN BB 186 39.54 -5.54 -72.32
N THR BB 187 40.08 -6.09 -73.41
CA THR BB 187 39.66 -5.68 -74.75
C THR BB 187 38.26 -6.20 -75.04
N MET BB 188 37.75 -5.83 -76.22
CA MET BB 188 36.42 -6.29 -76.60
C MET BB 188 36.42 -7.79 -76.85
N TYR BB 189 37.50 -8.32 -77.40
CA TYR BB 189 37.63 -9.76 -77.59
C TYR BB 189 37.69 -10.50 -76.26
N GLU BB 190 38.25 -9.87 -75.23
CA GLU BB 190 38.38 -10.54 -73.95
C GLU BB 190 37.14 -10.44 -73.10
N GLN BB 191 36.22 -9.51 -73.40
CA GLN BB 191 34.99 -9.44 -72.64
C GLN BB 191 34.03 -10.55 -73.01
N TYR BB 192 33.83 -10.78 -74.31
CA TYR BB 192 32.90 -11.82 -74.74
C TYR BB 192 33.41 -13.21 -74.38
N ALA BB 193 34.73 -13.38 -74.29
CA ALA BB 193 35.27 -14.63 -73.78
C ALA BB 193 34.97 -14.77 -72.30
N SER BB 194 35.08 -13.69 -71.54
CA SER BB 194 34.84 -13.74 -70.11
C SER BB 194 33.38 -13.59 -69.74
N GLY BB 195 32.55 -13.02 -70.61
CA GLY BB 195 31.17 -12.75 -70.24
C GLY BB 195 31.06 -11.62 -69.22
N HIS BB 196 31.77 -10.53 -69.46
CA HIS BB 196 31.87 -9.39 -68.53
C HIS BB 196 31.00 -8.24 -69.00
N ILE BB 197 29.79 -8.55 -69.45
CA ILE BB 197 28.98 -7.56 -70.14
C ILE BB 197 27.95 -6.91 -69.23
N SER BB 198 27.52 -7.59 -68.17
CA SER BB 198 26.72 -6.92 -67.16
C SER BB 198 27.64 -6.16 -66.21
N PRO BB 199 27.29 -4.93 -65.84
CA PRO BB 199 28.17 -4.09 -65.02
C PRO BB 199 27.99 -4.20 -63.51
N PHE BB 200 27.22 -5.15 -63.00
CA PHE BB 200 26.84 -5.11 -61.59
C PHE BB 200 27.47 -6.20 -60.74
N GLY BB 201 27.43 -7.46 -61.18
CA GLY BB 201 27.97 -8.53 -60.37
C GLY BB 201 29.48 -8.53 -60.24
N ASP BB 202 30.16 -7.81 -61.11
CA ASP BB 202 31.61 -7.74 -61.17
C ASP BB 202 32.14 -6.75 -60.12
N GLY BB 203 33.41 -6.39 -60.22
CA GLY BB 203 33.96 -5.40 -59.32
C GLY BB 203 34.35 -4.09 -59.95
N GLN BB 204 33.59 -3.03 -59.66
CA GLN BB 204 33.99 -1.65 -59.91
C GLN BB 204 33.22 -0.78 -58.92
N GLY BB 205 33.38 0.54 -59.06
CA GLY BB 205 32.50 1.46 -58.37
C GLY BB 205 31.09 1.28 -58.86
N VAL BB 206 30.20 0.86 -57.97
CA VAL BB 206 28.88 0.29 -58.25
C VAL BB 206 28.98 -0.90 -59.20
N SER CB 31 0.15 0.33 -111.55
CA SER CB 31 -1.09 -0.41 -111.39
C SER CB 31 -0.87 -1.70 -110.61
N GLU CB 32 -1.38 -1.75 -109.39
CA GLU CB 32 -1.07 -2.84 -108.48
C GLU CB 32 -1.86 -4.11 -108.79
N ILE CB 33 -3.00 -4.00 -109.48
CA ILE CB 33 -3.74 -5.19 -109.86
C ILE CB 33 -3.00 -5.95 -110.95
N GLU CB 34 -2.34 -5.24 -111.85
CA GLU CB 34 -1.72 -5.83 -113.03
C GLU CB 34 -0.33 -6.39 -112.78
N LEU CB 35 0.03 -6.72 -111.54
CA LEU CB 35 1.41 -7.09 -111.25
C LEU CB 35 1.63 -8.59 -111.05
N GLY CB 36 0.57 -9.38 -110.94
CA GLY CB 36 0.74 -10.82 -110.84
C GLY CB 36 0.29 -11.60 -112.04
N VAL CB 37 -0.20 -10.93 -113.07
CA VAL CB 37 -0.67 -11.59 -114.28
C VAL CB 37 0.55 -12.08 -115.07
N THR CB 38 0.63 -13.39 -115.27
CA THR CB 38 1.71 -13.98 -116.04
C THR CB 38 1.10 -15.05 -116.93
N GLU CB 39 1.67 -15.16 -118.15
CA GLU CB 39 1.29 -16.03 -119.26
C GLU CB 39 0.86 -17.47 -118.92
N PRO CB 40 1.43 -18.16 -117.91
CA PRO CB 40 0.80 -19.43 -117.50
C PRO CB 40 -0.62 -19.31 -117.01
N LEU CB 41 -0.93 -18.29 -116.21
CA LEU CB 41 -2.27 -18.29 -115.61
C LEU CB 41 -3.06 -17.02 -115.88
N GLY CB 42 -2.42 -15.86 -115.89
CA GLY CB 42 -3.17 -14.63 -116.10
C GLY CB 42 -3.87 -14.20 -114.83
N VAL CB 43 -5.04 -13.58 -114.98
CA VAL CB 43 -5.88 -13.25 -113.84
C VAL CB 43 -6.42 -14.55 -113.25
N TYR CB 44 -6.23 -14.73 -111.95
CA TYR CB 44 -6.41 -16.07 -111.39
C TYR CB 44 -6.97 -15.95 -109.98
N ASP CB 45 -8.29 -16.08 -109.87
CA ASP CB 45 -8.97 -16.15 -108.58
C ASP CB 45 -9.94 -17.32 -108.58
N PRO CB 46 -9.52 -18.50 -108.10
CA PRO CB 46 -10.47 -19.61 -107.96
C PRO CB 46 -11.53 -19.36 -106.92
N LEU CB 47 -11.26 -18.52 -105.93
CA LEU CB 47 -12.27 -18.13 -104.96
C LEU CB 47 -12.98 -16.83 -105.33
N GLY CB 48 -12.44 -16.10 -106.31
CA GLY CB 48 -13.12 -14.92 -106.81
C GLY CB 48 -13.14 -13.74 -105.85
N TRP CB 49 -12.04 -13.52 -105.14
CA TRP CB 49 -11.94 -12.38 -104.24
C TRP CB 49 -11.69 -11.07 -104.95
N LEU CB 50 -11.26 -11.11 -106.22
CA LEU CB 50 -10.94 -9.88 -106.94
C LEU CB 50 -12.18 -9.05 -107.24
N GLU CB 51 -13.27 -9.72 -107.61
CA GLU CB 51 -14.50 -8.98 -107.84
C GLU CB 51 -15.33 -8.84 -106.57
N SER CB 52 -15.26 -9.82 -105.69
CA SER CB 52 -16.12 -9.79 -104.50
C SER CB 52 -15.58 -8.88 -103.42
N GLU CB 53 -14.27 -8.67 -103.37
CA GLU CB 53 -13.67 -7.81 -102.33
C GLU CB 53 -12.48 -7.10 -102.93
N PRO CB 54 -12.71 -5.95 -103.56
CA PRO CB 54 -11.59 -5.24 -104.22
C PRO CB 54 -10.80 -4.33 -103.29
N GLU CB 55 -11.40 -3.89 -102.18
CA GLU CB 55 -10.72 -2.91 -101.33
C GLU CB 55 -9.62 -3.55 -100.52
N ALA CB 56 -9.79 -4.81 -100.13
CA ALA CB 56 -8.76 -5.49 -99.37
C ALA CB 56 -7.65 -6.05 -100.25
N PHE CB 57 -7.66 -5.75 -101.55
CA PHE CB 57 -6.59 -6.22 -102.43
C PHE CB 57 -5.25 -5.60 -102.05
N GLU CB 58 -5.26 -4.32 -101.66
CA GLU CB 58 -4.03 -3.64 -101.25
C GLU CB 58 -3.45 -4.26 -99.99
N ARG CB 59 -4.31 -4.73 -99.10
CA ARG CB 59 -3.86 -5.57 -97.99
C ARG CB 59 -3.23 -6.85 -98.50
N ARG CB 60 -3.96 -7.62 -99.31
CA ARG CB 60 -3.54 -8.95 -99.72
C ARG CB 60 -2.33 -8.91 -100.65
N ARG CB 61 -2.16 -7.81 -101.39
CA ARG CB 61 -1.02 -7.71 -102.29
C ARG CB 61 0.28 -7.65 -101.51
N ALA CB 62 0.27 -6.89 -100.42
CA ALA CB 62 1.46 -6.83 -99.55
C ALA CB 62 1.66 -8.15 -98.83
N VAL CB 63 0.59 -8.87 -98.52
CA VAL CB 63 0.74 -10.12 -97.80
C VAL CB 63 1.30 -11.21 -98.71
N GLU CB 64 0.85 -11.28 -99.96
CA GLU CB 64 1.44 -12.22 -100.90
C GLU CB 64 2.88 -11.85 -101.21
N ARG CB 65 3.21 -10.56 -101.15
CA ARG CB 65 4.61 -10.16 -101.10
C ARG CB 65 5.26 -10.64 -99.82
N LYS CB 66 4.64 -10.35 -98.66
CA LYS CB 66 5.33 -10.50 -97.39
C LYS CB 66 5.67 -11.94 -97.07
N HIS CB 67 4.75 -12.88 -97.33
CA HIS CB 67 5.08 -14.29 -97.18
C HIS CB 67 6.12 -14.72 -98.21
N GLY CB 68 6.17 -14.04 -99.35
CA GLY CB 68 7.24 -14.32 -100.31
C GLY CB 68 8.60 -13.89 -99.79
N ARG CB 69 8.72 -12.61 -99.42
CA ARG CB 69 9.98 -12.03 -98.94
C ARG CB 69 10.56 -12.78 -97.74
N VAL CB 70 9.70 -13.37 -96.91
CA VAL CB 70 10.16 -14.33 -95.91
C VAL CB 70 10.73 -15.56 -96.60
N ALA CB 71 9.91 -16.19 -97.44
CA ALA CB 71 10.20 -17.53 -97.91
C ALA CB 71 11.33 -17.58 -98.93
N MET CB 72 11.64 -16.47 -99.58
CA MET CB 72 12.86 -16.42 -100.38
C MET CB 72 14.07 -16.59 -99.48
N ALA CB 73 14.10 -15.84 -98.38
CA ALA CB 73 15.18 -15.88 -97.39
C ALA CB 73 15.12 -17.09 -96.50
N ALA CB 74 14.17 -18.00 -96.71
CA ALA CB 74 14.11 -19.22 -95.93
C ALA CB 74 14.53 -20.46 -96.71
N VAL CB 75 14.45 -20.40 -98.05
CA VAL CB 75 14.97 -21.49 -98.87
C VAL CB 75 16.48 -21.56 -98.76
N VAL CB 76 17.14 -20.41 -98.80
CA VAL CB 76 18.59 -20.38 -98.64
C VAL CB 76 18.98 -20.79 -97.22
N GLY CB 77 18.13 -20.48 -96.24
CA GLY CB 77 18.33 -21.02 -94.91
C GLY CB 77 18.05 -22.51 -94.78
N THR CB 78 17.49 -23.14 -95.82
CA THR CB 78 17.46 -24.59 -95.85
C THR CB 78 18.68 -25.14 -96.57
N ILE CB 79 19.07 -24.49 -97.66
CA ILE CB 79 20.18 -24.97 -98.49
C ILE CB 79 21.50 -24.84 -97.74
N VAL CB 80 21.83 -23.62 -97.29
CA VAL CB 80 23.13 -23.33 -96.70
C VAL CB 80 23.30 -24.05 -95.38
N HIS CB 81 22.22 -24.23 -94.62
CA HIS CB 81 22.30 -24.99 -93.38
C HIS CB 81 22.52 -26.47 -93.67
N ASN CB 82 22.08 -26.96 -94.82
CA ASN CB 82 22.26 -28.36 -95.18
C ASN CB 82 23.43 -28.60 -96.12
N ASN CB 83 24.16 -27.55 -96.50
CA ASN CB 83 25.49 -27.75 -97.05
C ASN CB 83 26.54 -27.87 -95.97
N HIS CB 84 26.11 -27.80 -94.70
CA HIS CB 84 26.97 -27.76 -93.51
C HIS CB 84 27.96 -26.61 -93.58
N ILE CB 85 27.52 -25.48 -94.12
CA ILE CB 85 28.26 -24.23 -94.02
C ILE CB 85 28.02 -23.70 -92.61
N VAL CB 86 29.04 -23.79 -91.77
CA VAL CB 86 28.93 -23.49 -90.35
C VAL CB 86 29.83 -22.31 -90.06
N PHE CB 87 29.41 -21.45 -89.12
CA PHE CB 87 30.22 -20.33 -88.68
C PHE CB 87 31.54 -20.74 -88.03
N ASP CB 88 31.69 -22.01 -87.65
CA ASP CB 88 32.92 -22.61 -87.12
C ASP CB 88 33.37 -21.96 -85.83
N GLY CB 89 32.42 -21.39 -85.08
CA GLY CB 89 32.72 -20.76 -83.81
C GLY CB 89 32.10 -21.50 -82.65
N TYR CB 90 32.07 -20.81 -81.51
CA TYR CB 90 31.57 -21.37 -80.26
C TYR CB 90 30.42 -20.48 -79.83
N LEU CB 91 29.21 -21.02 -79.97
CA LEU CB 91 27.99 -20.21 -79.96
C LEU CB 91 27.70 -19.63 -78.58
N SER CB 92 27.47 -20.49 -77.58
CA SER CB 92 27.13 -20.00 -76.27
C SER CB 92 28.20 -20.43 -75.29
N PRO CB 93 28.83 -19.50 -74.58
CA PRO CB 93 29.73 -19.90 -73.50
C PRO CB 93 29.00 -20.56 -72.34
N SER CB 94 27.77 -20.13 -72.05
CA SER CB 94 27.04 -20.70 -70.93
C SER CB 94 26.51 -22.09 -71.28
N ASN CB 95 25.68 -22.19 -72.31
CA ASN CB 95 25.03 -23.44 -72.64
C ASN CB 95 25.90 -24.37 -73.46
N ASN CB 96 27.15 -23.98 -73.74
CA ASN CB 96 28.19 -24.83 -74.34
C ASN CB 96 27.83 -25.31 -75.73
N LEU CB 97 27.00 -24.55 -76.43
CA LEU CB 97 26.61 -24.92 -77.78
C LEU CB 97 27.62 -24.38 -78.77
N LYS CB 98 27.74 -25.09 -79.89
CA LYS CB 98 28.39 -24.56 -81.08
C LYS CB 98 27.34 -24.41 -82.16
N PHE CB 99 27.74 -23.80 -83.27
CA PHE CB 99 26.82 -23.68 -84.39
C PHE CB 99 26.61 -25.03 -85.07
N SER CB 100 27.63 -25.91 -85.03
CA SER CB 100 27.46 -27.26 -85.53
C SER CB 100 26.55 -28.08 -84.63
N ASP CB 101 26.47 -27.73 -83.35
CA ASP CB 101 25.63 -28.45 -82.40
C ASP CB 101 24.15 -28.27 -82.69
N ILE CB 102 23.76 -27.16 -83.31
CA ILE CB 102 22.36 -26.92 -83.64
C ILE CB 102 21.98 -27.83 -84.81
N PRO CB 103 20.85 -28.53 -84.74
CA PRO CB 103 20.40 -29.34 -85.87
C PRO CB 103 20.04 -28.47 -87.07
N THR CB 104 20.09 -29.08 -88.23
CA THR CB 104 19.95 -28.37 -89.49
C THR CB 104 18.56 -28.51 -90.11
N GLY CB 105 17.71 -29.34 -89.54
CA GLY CB 105 16.38 -29.52 -90.10
C GLY CB 105 15.37 -28.53 -89.55
N VAL CB 106 14.22 -29.03 -89.10
CA VAL CB 106 13.20 -28.16 -88.53
C VAL CB 106 13.63 -27.69 -87.15
N ASP CB 107 14.49 -28.46 -86.47
CA ASP CB 107 14.83 -28.20 -85.08
C ASP CB 107 16.00 -27.23 -84.92
N GLY CB 108 16.19 -26.32 -85.87
CA GLY CB 108 17.22 -25.32 -85.73
C GLY CB 108 16.86 -24.26 -84.72
N ILE CB 109 15.68 -23.67 -84.86
CA ILE CB 109 15.23 -22.65 -83.92
C ILE CB 109 14.86 -23.26 -82.58
N ARG CB 110 14.29 -24.47 -82.59
CA ARG CB 110 13.88 -25.12 -81.35
C ARG CB 110 15.05 -25.51 -80.45
N ALA CB 111 16.28 -25.51 -80.97
CA ALA CB 111 17.45 -25.81 -80.15
C ALA CB 111 18.22 -24.57 -79.72
N ILE CB 112 17.87 -23.41 -80.26
CA ILE CB 112 18.43 -22.12 -79.80
C ILE CB 112 17.97 -21.87 -78.37
N PRO CB 113 18.84 -21.42 -77.47
CA PRO CB 113 18.39 -21.05 -76.12
C PRO CB 113 17.42 -19.89 -76.16
N THR CB 114 16.54 -19.85 -75.15
CA THR CB 114 15.40 -18.93 -75.19
C THR CB 114 15.83 -17.48 -74.94
N ALA CB 115 17.02 -17.27 -74.40
CA ALA CB 115 17.57 -15.93 -74.42
C ALA CB 115 18.03 -15.56 -75.82
N GLY CB 116 18.48 -16.54 -76.59
CA GLY CB 116 18.95 -16.25 -77.94
C GLY CB 116 17.83 -15.95 -78.90
N LEU CB 117 16.67 -16.59 -78.71
CA LEU CB 117 15.51 -16.21 -79.50
C LEU CB 117 14.96 -14.87 -79.06
N ALA CB 118 15.22 -14.49 -77.81
CA ALA CB 118 14.76 -13.20 -77.35
C ALA CB 118 15.56 -12.07 -77.99
N GLN CB 119 16.83 -12.32 -78.29
CA GLN CB 119 17.63 -11.29 -78.94
C GLN CB 119 17.25 -11.14 -80.40
N ILE CB 120 16.75 -12.21 -81.02
CA ILE CB 120 16.36 -12.12 -82.43
C ILE CB 120 15.06 -11.37 -82.58
N LEU CB 121 14.04 -11.76 -81.81
CA LEU CB 121 12.73 -11.12 -81.91
C LEU CB 121 12.75 -9.68 -81.44
N ALA CB 122 13.66 -9.34 -80.53
CA ALA CB 122 13.87 -7.94 -80.22
C ALA CB 122 14.51 -7.19 -81.37
N PHE CB 123 15.28 -7.87 -82.21
CA PHE CB 123 15.86 -7.18 -83.35
C PHE CB 123 14.84 -7.00 -84.47
N PHE CB 124 14.01 -8.00 -84.72
CA PHE CB 124 13.01 -7.88 -85.76
C PHE CB 124 11.72 -7.31 -85.25
N ALA CB 125 11.70 -6.82 -84.02
CA ALA CB 125 10.72 -5.80 -83.68
C ALA CB 125 11.17 -4.45 -84.17
N LEU CB 126 12.49 -4.22 -84.20
CA LEU CB 126 12.98 -2.96 -84.73
C LEU CB 126 12.83 -2.90 -86.24
N VAL CB 127 13.13 -3.99 -86.93
CA VAL CB 127 13.16 -3.94 -88.38
C VAL CB 127 11.76 -3.89 -88.96
N GLU CB 128 10.84 -4.66 -88.41
CA GLU CB 128 9.53 -4.73 -89.03
C GLU CB 128 8.59 -3.64 -88.54
N LEU CB 129 9.02 -2.81 -87.59
CA LEU CB 129 8.21 -1.68 -87.16
C LEU CB 129 8.85 -0.35 -87.47
N ALA CB 130 10.15 -0.21 -87.22
CA ALA CB 130 10.81 1.08 -87.35
C ALA CB 130 11.43 1.28 -88.72
N TRP CB 131 12.40 0.45 -89.08
CA TRP CB 131 13.14 0.68 -90.31
C TRP CB 131 12.33 0.32 -91.55
N MET CB 132 11.73 -0.87 -91.55
CA MET CB 132 10.99 -1.39 -92.70
C MET CB 132 9.60 -1.76 -92.22
N PRO CB 133 8.71 -0.78 -92.06
CA PRO CB 133 7.45 -1.03 -91.35
C PRO CB 133 6.47 -1.79 -92.21
N ALA CB 134 6.03 -2.95 -91.71
CA ALA CB 134 5.18 -3.81 -92.51
C ALA CB 134 3.75 -3.30 -92.63
N SER CB 135 3.39 -2.21 -91.94
CA SER CB 135 2.10 -1.59 -92.20
C SER CB 135 2.14 -0.65 -93.39
N LYS CB 136 3.27 -0.56 -94.10
CA LYS CB 136 3.29 0.11 -95.40
C LYS CB 136 3.08 -0.95 -96.48
N TYR CB 137 2.00 -0.82 -97.22
CA TYR CB 137 1.59 -1.90 -98.11
C TYR CB 137 2.25 -1.83 -99.48
N ASP CB 138 2.87 -0.71 -99.84
CA ASP CB 138 3.53 -0.65 -101.13
C ASP CB 138 4.84 -1.43 -101.10
N GLY CB 139 5.52 -1.45 -99.96
CA GLY CB 139 6.77 -2.17 -99.85
C GLY CB 139 7.88 -1.59 -100.67
N ASP CB 140 7.85 -0.27 -100.92
CA ASP CB 140 8.75 0.39 -101.85
C ASP CB 140 9.70 1.33 -101.14
N TYR CB 141 10.34 0.79 -100.11
CA TYR CB 141 11.31 1.46 -99.26
C TYR CB 141 12.49 1.99 -100.08
N GLY CB 142 13.27 2.86 -99.43
CA GLY CB 142 14.27 3.67 -100.12
C GLY CB 142 15.38 2.91 -100.82
N VAL CB 143 15.50 1.61 -100.57
CA VAL CB 143 16.42 0.79 -101.32
C VAL CB 143 15.70 0.28 -102.57
N GLY CB 144 16.28 0.55 -103.73
CA GLY CB 144 15.77 0.03 -104.97
C GLY CB 144 16.29 -1.37 -105.22
N TYR CB 145 16.33 -1.75 -106.49
CA TYR CB 145 16.84 -3.07 -106.85
C TYR CB 145 18.36 -2.97 -106.90
N PHE CB 146 19.00 -3.49 -105.87
CA PHE CB 146 20.43 -3.31 -105.60
C PHE CB 146 20.79 -1.82 -105.55
N GLY CB 147 20.21 -1.14 -104.57
CA GLY CB 147 20.56 0.24 -104.32
C GLY CB 147 19.90 1.20 -105.28
N THR CB 148 20.27 1.11 -106.55
CA THR CB 148 19.56 1.86 -107.57
C THR CB 148 18.14 1.34 -107.72
N ASP CB 149 17.24 2.22 -108.06
CA ASP CB 149 15.92 1.77 -108.48
C ASP CB 149 15.96 1.57 -109.99
N ILE CB 150 14.79 1.42 -110.59
CA ILE CB 150 14.66 1.35 -112.04
C ILE CB 150 14.13 2.70 -112.50
N LYS CB 151 14.67 3.19 -113.62
CA LYS CB 151 14.04 4.32 -114.29
C LYS CB 151 13.02 3.83 -115.31
N ASP CB 152 13.39 2.78 -116.02
CA ASP CB 152 12.70 2.11 -117.11
C ASP CB 152 11.31 1.66 -116.67
N PRO CB 153 10.25 2.32 -117.14
CA PRO CB 153 8.89 1.93 -116.70
C PRO CB 153 8.42 0.62 -117.32
N GLU CB 154 9.07 0.18 -118.39
CA GLU CB 154 8.84 -1.16 -118.93
C GLU CB 154 9.28 -2.22 -117.94
N GLU CB 155 10.50 -2.12 -117.43
CA GLU CB 155 11.06 -3.16 -116.59
C GLU CB 155 10.59 -3.10 -115.14
N LYS CB 156 9.71 -2.16 -114.78
CA LYS CB 156 9.18 -2.08 -113.42
C LYS CB 156 8.40 -3.33 -113.06
N ALA CB 157 7.31 -3.59 -113.79
CA ALA CB 157 6.51 -4.77 -113.54
C ALA CB 157 7.26 -6.04 -113.86
N ARG CB 158 8.17 -6.00 -114.84
CA ARG CB 158 8.88 -7.19 -115.27
C ARG CB 158 9.77 -7.74 -114.16
N LYS CB 159 10.43 -6.86 -113.41
CA LYS CB 159 11.14 -7.30 -112.22
C LYS CB 159 10.17 -7.58 -111.07
N LEU CB 160 9.06 -6.85 -111.01
CA LEU CB 160 8.12 -7.08 -109.93
C LEU CB 160 7.30 -8.34 -110.18
N ASN CB 161 7.09 -8.71 -111.45
CA ASN CB 161 6.52 -10.03 -111.72
C ASN CB 161 7.46 -11.14 -111.28
N VAL CB 162 8.77 -10.89 -111.29
CA VAL CB 162 9.70 -11.90 -110.83
C VAL CB 162 9.59 -12.07 -109.32
N GLU CB 163 9.69 -10.97 -108.57
CA GLU CB 163 9.70 -11.01 -107.09
C GLU CB 163 8.43 -11.62 -106.53
N LEU CB 164 7.31 -11.49 -107.23
CA LEU CB 164 6.16 -12.30 -106.90
C LEU CB 164 6.40 -13.76 -107.25
N ASN CB 165 6.61 -14.05 -108.54
CA ASN CB 165 6.64 -15.43 -109.02
C ASN CB 165 7.84 -16.20 -108.48
N ASN CB 166 9.01 -15.57 -108.47
CA ASN CB 166 10.19 -16.19 -107.88
C ASN CB 166 10.17 -16.12 -106.36
N GLY CB 167 9.08 -15.67 -105.75
CA GLY CB 167 8.88 -15.74 -104.32
C GLY CB 167 7.61 -16.49 -103.98
N ARG CB 168 6.66 -16.50 -104.91
CA ARG CB 168 5.50 -17.39 -104.78
C ARG CB 168 5.94 -18.84 -104.77
N ALA CB 169 6.91 -19.19 -105.63
CA ALA CB 169 7.42 -20.55 -105.66
C ALA CB 169 8.36 -20.85 -104.50
N ALA CB 170 8.73 -19.86 -103.70
CA ALA CB 170 9.56 -20.12 -102.54
C ALA CB 170 8.75 -20.77 -101.44
N MET CB 171 7.56 -20.25 -101.17
CA MET CB 171 6.79 -20.75 -100.04
C MET CB 171 6.18 -22.11 -100.31
N MET CB 172 6.13 -22.54 -101.57
CA MET CB 172 5.86 -23.95 -101.83
C MET CB 172 7.02 -24.83 -101.45
N GLY CB 173 8.25 -24.35 -101.65
CA GLY CB 173 9.42 -25.13 -101.31
C GLY CB 173 9.68 -25.22 -99.82
N ILE CB 174 9.22 -24.23 -99.08
CA ILE CB 174 9.40 -24.25 -97.63
C ILE CB 174 8.47 -25.27 -96.99
N MET CB 175 7.24 -25.37 -97.49
CA MET CB 175 6.42 -26.51 -97.11
C MET CB 175 6.96 -27.80 -97.70
N GLY CB 176 7.69 -27.71 -98.80
CA GLY CB 176 8.35 -28.87 -99.36
C GLY CB 176 9.54 -29.37 -98.56
N ASN CB 177 9.95 -28.65 -97.51
CA ASN CB 177 10.93 -29.15 -96.58
C ASN CB 177 10.32 -29.60 -95.26
N MET CB 178 9.52 -28.73 -94.65
CA MET CB 178 9.02 -29.00 -93.30
C MET CB 178 8.09 -30.21 -93.27
N VAL CB 179 7.26 -30.37 -94.29
CA VAL CB 179 6.44 -31.56 -94.38
C VAL CB 179 7.27 -32.76 -94.80
N ALA CB 180 8.23 -32.57 -95.69
CA ALA CB 180 9.08 -33.66 -96.14
C ALA CB 180 10.20 -34.00 -95.15
N GLU CB 181 10.24 -33.36 -93.99
CA GLU CB 181 11.13 -33.79 -92.92
C GLU CB 181 10.37 -34.30 -91.71
N VAL CB 182 9.05 -34.17 -91.68
CA VAL CB 182 8.24 -34.76 -90.63
C VAL CB 182 7.59 -36.06 -91.10
N LEU CB 183 7.07 -36.09 -92.34
CA LEU CB 183 6.54 -37.33 -92.87
C LEU CB 183 7.66 -38.32 -93.24
N THR CB 184 8.89 -37.83 -93.34
CA THR CB 184 10.01 -38.74 -93.58
C THR CB 184 10.88 -38.91 -92.35
N GLY CB 185 10.81 -37.99 -91.39
CA GLY CB 185 11.57 -38.11 -90.16
C GLY CB 185 13.05 -37.84 -90.26
N GLN CB 186 13.57 -37.58 -91.45
CA GLN CB 186 14.97 -37.30 -91.66
C GLN CB 186 15.15 -35.85 -92.07
N THR CB 187 16.36 -35.34 -91.88
CA THR CB 187 16.65 -34.02 -92.41
C THR CB 187 16.86 -34.11 -93.91
N MET CB 188 16.97 -32.95 -94.55
CA MET CB 188 17.19 -32.93 -96.00
C MET CB 188 18.56 -33.47 -96.37
N TYR CB 189 19.54 -33.27 -95.49
CA TYR CB 189 20.84 -33.89 -95.71
C TYR CB 189 20.77 -35.40 -95.59
N GLU CB 190 19.95 -35.91 -94.68
CA GLU CB 190 19.85 -37.35 -94.49
C GLU CB 190 19.09 -38.04 -95.61
N GLN CB 191 18.20 -37.32 -96.28
CA GLN CB 191 17.47 -37.92 -97.39
C GLN CB 191 18.39 -38.10 -98.60
N TYR CB 192 19.12 -37.05 -98.96
CA TYR CB 192 20.01 -37.15 -100.10
C TYR CB 192 21.28 -37.92 -99.80
N ALA CB 193 21.61 -38.14 -98.53
CA ALA CB 193 22.73 -39.03 -98.22
C ALA CB 193 22.31 -40.48 -98.42
N SER CB 194 21.22 -40.89 -97.78
CA SER CB 194 20.75 -42.27 -97.83
C SER CB 194 20.08 -42.63 -99.14
N GLY CB 195 19.64 -41.63 -99.92
CA GLY CB 195 18.88 -41.93 -101.12
C GLY CB 195 17.47 -42.34 -100.77
N HIS CB 196 16.78 -41.47 -100.05
CA HIS CB 196 15.37 -41.65 -99.69
C HIS CB 196 14.47 -40.87 -100.62
N ILE CB 197 14.84 -40.85 -101.90
CA ILE CB 197 14.20 -39.95 -102.85
C ILE CB 197 13.00 -40.59 -103.54
N SER CB 198 13.02 -41.91 -103.75
CA SER CB 198 11.89 -42.59 -104.36
C SER CB 198 10.77 -42.75 -103.33
N PRO CB 199 9.60 -42.17 -103.57
CA PRO CB 199 8.51 -42.29 -102.59
C PRO CB 199 7.74 -43.59 -102.69
N PHE CB 200 8.10 -44.48 -103.61
CA PHE CB 200 7.39 -45.73 -103.78
C PHE CB 200 8.22 -46.97 -103.49
N GLY CB 201 9.54 -46.82 -103.40
CA GLY CB 201 10.37 -47.94 -103.00
C GLY CB 201 10.29 -48.17 -101.51
N ASP CB 202 10.30 -47.09 -100.74
CA ASP CB 202 10.28 -47.15 -99.28
C ASP CB 202 8.89 -47.55 -98.78
N GLY CB 203 8.80 -47.84 -97.48
CA GLY CB 203 7.55 -48.24 -96.90
C GLY CB 203 6.83 -47.14 -96.15
N GLN CB 204 5.68 -46.72 -96.66
CA GLN CB 204 4.82 -45.76 -95.97
C GLN CB 204 3.39 -46.05 -96.40
N GLY CB 205 2.47 -45.19 -95.97
CA GLY CB 205 1.11 -45.19 -96.49
C GLY CB 205 1.12 -44.93 -97.99
N VAL CB 206 0.64 -45.91 -98.75
CA VAL CB 206 0.66 -45.96 -100.22
C VAL CB 206 2.09 -45.87 -100.75
N SER DB 31 17.90 -2.48 -135.71
CA SER DB 31 17.44 -3.55 -136.58
C SER DB 31 18.34 -4.77 -136.47
N GLU DB 32 18.04 -5.80 -137.26
CA GLU DB 32 18.87 -6.98 -137.31
C GLU DB 32 19.94 -6.92 -138.40
N ILE DB 33 19.69 -6.16 -139.47
CA ILE DB 33 20.59 -6.15 -140.61
C ILE DB 33 21.86 -5.35 -140.30
N GLU DB 34 21.76 -4.36 -139.43
CA GLU DB 34 22.87 -3.44 -139.15
C GLU DB 34 23.88 -4.01 -138.16
N LEU DB 35 23.91 -5.32 -137.92
CA LEU DB 35 24.62 -5.90 -136.79
C LEU DB 35 25.89 -6.64 -137.17
N GLY DB 36 25.82 -7.62 -138.05
CA GLY DB 36 26.95 -8.49 -138.35
C GLY DB 36 28.07 -7.87 -139.15
N VAL DB 37 27.96 -6.58 -139.50
CA VAL DB 37 29.01 -5.89 -140.24
C VAL DB 37 30.22 -5.71 -139.33
N THR DB 38 31.35 -6.25 -139.74
CA THR DB 38 32.59 -6.13 -139.00
C THR DB 38 33.73 -6.02 -140.01
N GLU DB 39 34.64 -5.09 -139.73
CA GLU DB 39 35.73 -4.58 -140.57
C GLU DB 39 36.54 -5.61 -141.39
N PRO DB 40 36.83 -6.83 -140.91
CA PRO DB 40 37.46 -7.81 -141.83
C PRO DB 40 36.56 -8.25 -142.97
N LEU DB 41 35.26 -8.31 -142.75
CA LEU DB 41 34.39 -8.74 -143.84
C LEU DB 41 33.30 -7.73 -144.17
N GLY DB 42 32.68 -7.13 -143.18
CA GLY DB 42 31.48 -6.35 -143.47
C GLY DB 42 30.35 -7.28 -143.87
N VAL DB 43 29.52 -6.81 -144.80
CA VAL DB 43 28.49 -7.67 -145.38
C VAL DB 43 29.18 -8.72 -146.23
N TYR DB 44 28.86 -9.98 -145.98
CA TYR DB 44 29.65 -11.08 -146.52
C TYR DB 44 28.74 -12.28 -146.78
N ASP DB 45 28.26 -12.41 -148.01
CA ASP DB 45 27.48 -13.59 -148.42
C ASP DB 45 28.02 -14.13 -149.72
N PRO DB 46 28.94 -15.10 -149.66
CA PRO DB 46 29.33 -15.81 -150.89
C PRO DB 46 28.23 -16.67 -151.46
N LEU DB 47 27.26 -17.10 -150.65
CA LEU DB 47 26.09 -17.78 -151.18
C LEU DB 47 25.01 -16.79 -151.62
N GLY DB 48 24.95 -15.63 -150.99
CA GLY DB 48 23.99 -14.61 -151.39
C GLY DB 48 22.55 -14.96 -151.06
N TRP DB 49 22.24 -15.10 -149.78
CA TRP DB 49 20.88 -15.36 -149.34
C TRP DB 49 20.15 -14.10 -148.91
N LEU DB 50 20.84 -12.95 -148.89
CA LEU DB 50 20.20 -11.71 -148.48
C LEU DB 50 19.17 -11.24 -149.51
N GLU DB 51 19.44 -11.49 -150.79
CA GLU DB 51 18.51 -11.12 -151.85
C GLU DB 51 17.68 -12.29 -152.35
N SER DB 52 18.23 -13.50 -152.33
CA SER DB 52 17.47 -14.67 -152.72
C SER DB 52 16.51 -15.12 -151.63
N GLU DB 53 16.69 -14.66 -150.39
CA GLU DB 53 15.74 -14.94 -149.32
C GLU DB 53 15.79 -13.82 -148.28
N PRO DB 54 15.13 -12.69 -148.54
CA PRO DB 54 15.14 -11.62 -147.54
C PRO DB 54 14.05 -11.76 -146.49
N GLU DB 55 13.04 -12.57 -146.76
CA GLU DB 55 11.89 -12.64 -145.86
C GLU DB 55 12.21 -13.45 -144.61
N ALA DB 56 12.98 -14.52 -144.75
CA ALA DB 56 13.34 -15.37 -143.62
C ALA DB 56 14.69 -15.00 -143.03
N PHE DB 57 15.07 -13.73 -143.07
CA PHE DB 57 16.35 -13.32 -142.49
C PHE DB 57 16.33 -13.38 -140.97
N GLU DB 58 15.19 -13.01 -140.36
CA GLU DB 58 15.10 -13.08 -138.90
C GLU DB 58 15.10 -14.52 -138.40
N ARG DB 59 14.56 -15.43 -139.20
CA ARG DB 59 14.78 -16.85 -138.96
C ARG DB 59 16.25 -17.20 -139.04
N ARG DB 60 16.98 -16.59 -139.97
CA ARG DB 60 18.41 -16.84 -140.05
C ARG DB 60 19.20 -16.07 -139.00
N ARG DB 61 18.72 -14.90 -138.60
CA ARG DB 61 19.51 -14.04 -137.71
C ARG DB 61 19.54 -14.58 -136.30
N ALA DB 62 18.37 -14.87 -135.72
CA ALA DB 62 18.28 -15.36 -134.37
C ALA DB 62 18.84 -16.76 -134.20
N VAL DB 63 18.99 -17.51 -135.29
CA VAL DB 63 19.54 -18.85 -135.21
C VAL DB 63 21.07 -18.87 -135.29
N GLU DB 64 21.69 -17.95 -136.04
CA GLU DB 64 23.13 -17.71 -135.85
C GLU DB 64 23.40 -17.19 -134.45
N ARG DB 65 22.50 -16.37 -133.91
CA ARG DB 65 22.56 -16.01 -132.50
C ARG DB 65 22.35 -17.23 -131.61
N LYS DB 66 21.44 -18.13 -132.01
CA LYS DB 66 21.14 -19.28 -131.16
C LYS DB 66 22.27 -20.31 -131.19
N HIS DB 67 22.75 -20.66 -132.39
CA HIS DB 67 23.91 -21.55 -132.50
C HIS DB 67 25.17 -20.93 -131.92
N GLY DB 68 25.25 -19.61 -131.84
CA GLY DB 68 26.36 -18.96 -131.18
C GLY DB 68 26.35 -19.25 -129.70
N ARG DB 69 25.25 -18.90 -129.03
CA ARG DB 69 25.16 -18.97 -127.57
C ARG DB 69 25.30 -20.39 -127.04
N VAL DB 70 24.91 -21.39 -127.83
CA VAL DB 70 25.21 -22.77 -127.46
C VAL DB 70 26.70 -23.03 -127.58
N ALA DB 71 27.30 -22.60 -128.69
CA ALA DB 71 28.72 -22.82 -128.93
C ALA DB 71 29.59 -21.98 -128.03
N MET DB 72 29.09 -20.85 -127.54
CA MET DB 72 29.88 -20.03 -126.62
C MET DB 72 30.01 -20.71 -125.27
N ALA DB 73 28.91 -21.26 -124.76
CA ALA DB 73 28.94 -21.89 -123.44
C ALA DB 73 29.74 -23.18 -123.45
N ALA DB 74 29.91 -23.80 -124.59
CA ALA DB 74 30.58 -25.10 -124.64
C ALA DB 74 32.08 -24.99 -124.84
N VAL DB 75 32.59 -23.81 -125.22
CA VAL DB 75 34.04 -23.60 -125.24
C VAL DB 75 34.61 -23.68 -123.83
N VAL DB 76 33.95 -22.99 -122.90
CA VAL DB 76 34.34 -23.05 -121.49
C VAL DB 76 34.10 -24.44 -120.93
N GLY DB 77 33.02 -25.11 -121.37
CA GLY DB 77 32.81 -26.51 -121.04
C GLY DB 77 33.82 -27.44 -121.67
N THR DB 78 34.54 -27.00 -122.69
CA THR DB 78 35.70 -27.76 -123.14
C THR DB 78 36.91 -27.47 -122.26
N ILE DB 79 37.11 -26.21 -121.89
CA ILE DB 79 38.32 -25.80 -121.18
C ILE DB 79 38.31 -26.33 -119.75
N VAL DB 80 37.24 -26.03 -119.00
CA VAL DB 80 37.19 -26.28 -117.57
C VAL DB 80 37.13 -27.77 -117.27
N HIS DB 81 36.48 -28.54 -118.13
CA HIS DB 81 36.55 -29.99 -118.02
C HIS DB 81 37.97 -30.48 -118.25
N ASN DB 82 38.66 -29.88 -119.22
CA ASN DB 82 40.03 -30.28 -119.53
C ASN DB 82 41.07 -29.68 -118.59
N ASN DB 83 40.68 -28.74 -117.73
CA ASN DB 83 41.57 -28.32 -116.64
C ASN DB 83 41.57 -29.31 -115.49
N HIS DB 84 40.72 -30.34 -115.57
CA HIS DB 84 40.40 -31.26 -114.47
C HIS DB 84 39.89 -30.52 -113.25
N ILE DB 85 39.16 -29.43 -113.49
CA ILE DB 85 38.37 -28.79 -112.46
C ILE DB 85 37.11 -29.64 -112.29
N VAL DB 86 36.92 -30.16 -111.08
CA VAL DB 86 35.91 -31.17 -110.81
C VAL DB 86 34.95 -30.59 -109.77
N PHE DB 87 33.67 -30.97 -109.84
CA PHE DB 87 32.69 -30.63 -108.81
C PHE DB 87 33.03 -31.19 -107.44
N ASP DB 88 33.91 -32.21 -107.38
CA ASP DB 88 34.56 -32.69 -106.15
C ASP DB 88 33.56 -33.29 -105.17
N GLY DB 89 32.62 -34.06 -105.69
CA GLY DB 89 31.66 -34.74 -104.85
C GLY DB 89 31.52 -36.21 -105.21
N TYR DB 90 30.29 -36.64 -105.43
CA TYR DB 90 29.99 -38.03 -105.76
C TYR DB 90 28.70 -38.03 -106.54
N LEU DB 91 28.77 -38.42 -107.81
CA LEU DB 91 27.67 -38.14 -108.71
C LEU DB 91 26.50 -39.10 -108.52
N SER DB 92 26.71 -40.38 -108.75
CA SER DB 92 25.60 -41.31 -108.78
C SER DB 92 25.69 -42.25 -107.59
N PRO DB 93 24.64 -42.36 -106.77
CA PRO DB 93 24.64 -43.39 -105.73
C PRO DB 93 24.51 -44.79 -106.28
N SER DB 94 23.73 -44.99 -107.34
CA SER DB 94 23.51 -46.31 -107.92
C SER DB 94 24.70 -46.71 -108.79
N ASN DB 95 24.99 -45.91 -109.81
CA ASN DB 95 25.98 -46.27 -110.81
C ASN DB 95 27.42 -46.08 -110.32
N ASN DB 96 27.60 -45.55 -109.12
CA ASN DB 96 28.91 -45.30 -108.49
C ASN DB 96 29.79 -44.38 -109.33
N LEU DB 97 29.18 -43.48 -110.08
CA LEU DB 97 29.94 -42.48 -110.80
C LEU DB 97 30.36 -41.38 -109.85
N LYS DB 98 31.61 -40.98 -109.96
CA LYS DB 98 32.07 -39.75 -109.34
C LYS DB 98 32.08 -38.67 -110.41
N PHE DB 99 32.25 -37.42 -110.00
CA PHE DB 99 32.38 -36.35 -110.98
C PHE DB 99 33.70 -36.40 -111.71
N SER DB 100 34.73 -36.98 -111.11
CA SER DB 100 36.01 -37.17 -111.78
C SER DB 100 35.99 -38.29 -112.79
N ASP DB 101 35.07 -39.24 -112.66
CA ASP DB 101 35.11 -40.44 -113.49
C ASP DB 101 34.59 -40.20 -114.90
N ILE DB 102 33.93 -39.08 -115.14
CA ILE DB 102 33.39 -38.81 -116.48
C ILE DB 102 34.52 -38.34 -117.39
N PRO DB 103 34.64 -38.88 -118.61
CA PRO DB 103 35.68 -38.41 -119.53
C PRO DB 103 35.41 -37.00 -120.02
N THR DB 104 36.49 -36.29 -120.34
CA THR DB 104 36.42 -34.89 -120.72
C THR DB 104 36.47 -34.67 -122.22
N GLY DB 105 36.50 -35.74 -123.01
CA GLY DB 105 36.45 -35.61 -124.46
C GLY DB 105 35.03 -35.51 -124.95
N VAL DB 106 34.74 -36.16 -126.08
CA VAL DB 106 33.38 -36.16 -126.63
C VAL DB 106 32.47 -37.04 -125.78
N ASP DB 107 33.03 -38.06 -125.13
CA ASP DB 107 32.24 -39.10 -124.47
C ASP DB 107 31.80 -38.72 -123.05
N GLY DB 108 31.68 -37.44 -122.74
CA GLY DB 108 31.17 -37.01 -121.45
C GLY DB 108 29.68 -37.25 -121.32
N ILE DB 109 28.91 -36.81 -122.33
CA ILE DB 109 27.47 -37.05 -122.35
C ILE DB 109 27.19 -38.55 -122.46
N ARG DB 110 28.00 -39.26 -123.22
CA ARG DB 110 27.84 -40.70 -123.40
C ARG DB 110 28.24 -41.50 -122.16
N ALA DB 111 28.78 -40.85 -121.13
CA ALA DB 111 29.02 -41.49 -119.84
C ALA DB 111 28.04 -41.02 -118.77
N ILE DB 112 26.99 -40.32 -119.15
CA ILE DB 112 25.97 -39.84 -118.23
C ILE DB 112 24.79 -40.81 -118.27
N PRO DB 113 24.27 -41.24 -117.12
CA PRO DB 113 23.08 -42.10 -117.12
C PRO DB 113 21.85 -41.35 -117.61
N THR DB 114 20.94 -42.10 -118.23
CA THR DB 114 19.75 -41.51 -118.84
C THR DB 114 18.75 -41.01 -117.83
N ALA DB 115 18.84 -41.44 -116.56
CA ALA DB 115 18.02 -40.87 -115.51
C ALA DB 115 18.35 -39.40 -115.31
N GLY DB 116 19.62 -39.05 -115.42
CA GLY DB 116 20.00 -37.65 -115.43
C GLY DB 116 19.71 -36.96 -116.74
N LEU DB 117 19.82 -37.70 -117.85
CA LEU DB 117 19.45 -37.13 -119.14
C LEU DB 117 17.94 -36.96 -119.26
N ALA DB 118 17.17 -37.76 -118.51
CA ALA DB 118 15.75 -37.46 -118.36
C ALA DB 118 15.55 -36.18 -117.58
N GLN DB 119 16.42 -35.89 -116.61
CA GLN DB 119 16.30 -34.66 -115.85
C GLN DB 119 16.68 -33.46 -116.68
N ILE DB 120 17.64 -33.60 -117.59
CA ILE DB 120 18.09 -32.47 -118.39
C ILE DB 120 17.04 -32.09 -119.41
N LEU DB 121 16.62 -33.05 -120.25
CA LEU DB 121 15.74 -32.75 -121.37
C LEU DB 121 14.34 -32.36 -120.93
N ALA DB 122 13.91 -32.78 -119.74
CA ALA DB 122 12.66 -32.29 -119.21
C ALA DB 122 12.80 -30.87 -118.68
N PHE DB 123 14.01 -30.48 -118.25
CA PHE DB 123 14.20 -29.14 -117.73
C PHE DB 123 14.25 -28.12 -118.84
N PHE DB 124 15.00 -28.40 -119.90
CA PHE DB 124 15.12 -27.45 -120.99
C PHE DB 124 13.93 -27.49 -121.94
N ALA DB 125 13.08 -28.51 -121.84
CA ALA DB 125 11.77 -28.42 -122.46
C ALA DB 125 10.94 -27.34 -121.80
N LEU DB 126 11.15 -27.12 -120.51
CA LEU DB 126 10.51 -26.01 -119.83
C LEU DB 126 11.24 -24.70 -120.07
N VAL DB 127 12.51 -24.74 -120.46
CA VAL DB 127 13.24 -23.51 -120.71
C VAL DB 127 12.90 -22.95 -122.08
N GLU DB 128 13.16 -23.72 -123.12
CA GLU DB 128 13.13 -23.23 -124.50
C GLU DB 128 11.71 -23.12 -125.03
N LEU DB 129 10.72 -23.64 -124.32
CA LEU DB 129 9.33 -23.52 -124.72
C LEU DB 129 8.55 -22.56 -123.83
N ALA DB 130 8.67 -22.70 -122.52
CA ALA DB 130 7.79 -21.99 -121.60
C ALA DB 130 8.36 -20.64 -121.18
N TRP DB 131 9.54 -20.65 -120.57
CA TRP DB 131 10.09 -19.43 -120.00
C TRP DB 131 10.79 -18.59 -121.05
N MET DB 132 11.59 -19.23 -121.90
CA MET DB 132 12.29 -18.54 -122.98
C MET DB 132 11.82 -19.12 -124.31
N PRO DB 133 10.63 -18.73 -124.78
CA PRO DB 133 10.04 -19.38 -125.96
C PRO DB 133 10.77 -18.95 -127.23
N ALA DB 134 11.63 -19.84 -127.73
CA ALA DB 134 12.52 -19.50 -128.83
C ALA DB 134 11.81 -19.42 -130.18
N SER DB 135 10.48 -19.57 -130.22
CA SER DB 135 9.73 -19.27 -131.42
C SER DB 135 9.82 -17.80 -131.81
N LYS DB 136 9.94 -16.91 -130.84
CA LYS DB 136 10.13 -15.50 -131.12
C LYS DB 136 11.61 -15.23 -131.42
N TYR DB 137 11.87 -14.43 -132.44
CA TYR DB 137 13.22 -14.31 -132.98
C TYR DB 137 13.93 -13.04 -132.53
N ASP DB 138 13.53 -12.46 -131.41
CA ASP DB 138 14.29 -11.37 -130.80
C ASP DB 138 15.32 -11.88 -129.81
N GLY DB 139 14.95 -12.80 -128.93
CA GLY DB 139 15.87 -13.58 -128.16
C GLY DB 139 16.05 -13.15 -126.71
N ASP DB 140 15.59 -11.96 -126.34
CA ASP DB 140 15.90 -11.46 -125.01
C ASP DB 140 14.98 -12.07 -123.94
N TYR DB 141 13.68 -11.82 -124.05
CA TYR DB 141 12.54 -12.42 -123.35
C TYR DB 141 12.40 -12.02 -121.89
N GLY DB 142 13.47 -11.61 -121.24
CA GLY DB 142 13.32 -10.71 -120.13
C GLY DB 142 14.52 -9.86 -119.80
N VAL DB 143 15.69 -10.22 -120.29
CA VAL DB 143 16.93 -10.00 -119.57
C VAL DB 143 17.79 -8.98 -120.31
N GLY DB 144 18.30 -7.99 -119.59
CA GLY DB 144 19.28 -7.07 -120.13
C GLY DB 144 20.71 -7.57 -119.91
N TYR DB 145 21.66 -6.73 -120.31
CA TYR DB 145 23.08 -7.07 -120.16
C TYR DB 145 23.44 -6.94 -118.70
N PHE DB 146 23.71 -8.09 -118.06
CA PHE DB 146 23.79 -8.24 -116.61
C PHE DB 146 22.58 -7.62 -115.92
N GLY DB 147 21.40 -7.99 -116.42
CA GLY DB 147 20.15 -7.47 -115.90
C GLY DB 147 19.83 -6.04 -116.24
N THR DB 148 20.73 -5.32 -116.91
CA THR DB 148 20.56 -3.92 -117.23
C THR DB 148 20.52 -3.74 -118.74
N ASP DB 149 19.56 -2.95 -119.20
CA ASP DB 149 19.59 -2.56 -120.60
C ASP DB 149 20.69 -1.53 -120.84
N ILE DB 150 21.10 -1.42 -122.08
CA ILE DB 150 22.12 -0.47 -122.49
C ILE DB 150 21.43 0.54 -123.39
N LYS DB 151 21.06 1.68 -122.82
CA LYS DB 151 20.22 2.64 -123.52
C LYS DB 151 21.01 3.55 -124.45
N ASP DB 152 22.32 3.40 -124.53
CA ASP DB 152 23.08 4.07 -125.58
C ASP DB 152 22.98 3.24 -126.84
N PRO DB 153 22.23 3.68 -127.87
CA PRO DB 153 22.01 2.82 -129.04
C PRO DB 153 23.25 2.63 -129.89
N GLU DB 154 24.22 3.54 -129.78
CA GLU DB 154 25.52 3.33 -130.41
C GLU DB 154 26.25 2.18 -129.73
N GLU DB 155 26.29 2.21 -128.40
CA GLU DB 155 26.93 1.12 -127.66
C GLU DB 155 26.06 -0.12 -127.59
N LYS DB 156 24.73 0.03 -127.66
CA LYS DB 156 23.87 -1.15 -127.72
C LYS DB 156 24.10 -1.95 -129.00
N ALA DB 157 24.42 -1.25 -130.10
CA ALA DB 157 24.92 -1.96 -131.27
C ALA DB 157 26.30 -2.55 -130.99
N ARG DB 158 27.14 -1.84 -130.23
CA ARG DB 158 28.51 -2.30 -130.03
C ARG DB 158 28.56 -3.50 -129.09
N LYS DB 159 27.78 -3.48 -128.01
CA LYS DB 159 27.77 -4.65 -127.13
C LYS DB 159 27.01 -5.82 -127.73
N LEU DB 160 26.11 -5.57 -128.67
CA LEU DB 160 25.38 -6.70 -129.24
C LEU DB 160 26.23 -7.47 -130.22
N ASN DB 161 27.10 -6.78 -130.96
CA ASN DB 161 27.83 -7.44 -132.03
C ASN DB 161 28.92 -8.35 -131.52
N VAL DB 162 29.30 -8.21 -130.25
CA VAL DB 162 30.32 -9.09 -129.70
C VAL DB 162 29.77 -10.49 -129.53
N GLU DB 163 28.56 -10.63 -128.99
CA GLU DB 163 27.98 -11.97 -128.88
C GLU DB 163 27.56 -12.53 -130.22
N LEU DB 164 27.53 -11.70 -131.27
CA LEU DB 164 27.64 -12.24 -132.61
C LEU DB 164 29.09 -12.60 -132.91
N ASN DB 165 30.03 -11.69 -132.65
CA ASN DB 165 31.41 -11.91 -133.09
C ASN DB 165 32.13 -12.96 -132.25
N ASN DB 166 32.06 -12.84 -130.92
CA ASN DB 166 32.49 -13.97 -130.09
C ASN DB 166 31.53 -15.15 -130.16
N GLY DB 167 30.33 -14.96 -130.70
CA GLY DB 167 29.53 -16.13 -131.09
C GLY DB 167 30.13 -16.84 -132.27
N ARG DB 168 30.64 -16.08 -133.25
CA ARG DB 168 31.18 -16.69 -134.46
C ARG DB 168 32.49 -17.43 -134.20
N ALA DB 169 33.36 -16.86 -133.37
CA ALA DB 169 34.63 -17.52 -133.08
C ALA DB 169 34.42 -18.75 -132.21
N ALA DB 170 33.30 -18.83 -131.50
CA ALA DB 170 33.03 -20.00 -130.66
C ALA DB 170 32.52 -21.17 -131.48
N MET DB 171 31.81 -20.91 -132.58
CA MET DB 171 31.33 -21.99 -133.43
C MET DB 171 32.48 -22.73 -134.07
N MET DB 172 33.50 -22.00 -134.51
CA MET DB 172 34.67 -22.61 -135.10
C MET DB 172 35.61 -23.20 -134.06
N GLY DB 173 35.31 -23.06 -132.78
CA GLY DB 173 36.11 -23.65 -131.74
C GLY DB 173 35.57 -24.98 -131.26
N ILE DB 174 34.24 -25.11 -131.28
CA ILE DB 174 33.62 -26.39 -130.96
C ILE DB 174 33.90 -27.39 -132.06
N MET DB 175 33.87 -26.94 -133.31
CA MET DB 175 34.39 -27.75 -134.40
C MET DB 175 35.90 -27.89 -134.33
N GLY DB 176 36.57 -26.92 -133.70
CA GLY DB 176 38.00 -27.04 -133.48
C GLY DB 176 38.38 -28.06 -132.43
N ASN DB 177 37.43 -28.56 -131.66
CA ASN DB 177 37.69 -29.63 -130.69
C ASN DB 177 37.10 -30.97 -131.12
N MET DB 178 35.84 -30.99 -131.56
CA MET DB 178 35.19 -32.25 -131.93
C MET DB 178 35.87 -32.93 -133.11
N VAL DB 179 36.39 -32.16 -134.05
CA VAL DB 179 37.25 -32.72 -135.09
C VAL DB 179 38.59 -33.15 -134.52
N ALA DB 180 39.16 -32.33 -133.63
CA ALA DB 180 40.48 -32.59 -133.08
C ALA DB 180 40.45 -33.48 -131.84
N GLU DB 181 39.38 -34.22 -131.63
CA GLU DB 181 39.36 -35.25 -130.59
C GLU DB 181 38.98 -36.58 -131.22
N VAL DB 182 38.20 -36.52 -132.31
CA VAL DB 182 37.88 -37.72 -133.07
C VAL DB 182 39.07 -38.14 -133.92
N LEU DB 183 39.61 -37.20 -134.71
CA LEU DB 183 40.75 -37.52 -135.56
C LEU DB 183 42.02 -37.73 -134.75
N THR DB 184 42.11 -37.11 -133.57
CA THR DB 184 43.32 -37.21 -132.78
C THR DB 184 43.23 -38.28 -131.72
N GLY DB 185 42.02 -38.75 -131.40
CA GLY DB 185 41.84 -39.82 -130.43
C GLY DB 185 42.16 -39.46 -129.00
N GLN DB 186 42.31 -38.18 -128.68
CA GLN DB 186 42.69 -37.75 -127.35
C GLN DB 186 41.78 -36.61 -126.94
N THR DB 187 41.84 -36.26 -125.65
CA THR DB 187 41.17 -35.05 -125.19
C THR DB 187 42.08 -33.85 -125.46
N MET DB 188 41.57 -32.65 -125.16
CA MET DB 188 42.41 -31.46 -125.32
C MET DB 188 43.53 -31.44 -124.30
N TYR DB 189 43.28 -31.98 -123.11
CA TYR DB 189 44.32 -32.07 -122.10
C TYR DB 189 45.43 -33.02 -122.52
N GLU DB 190 45.09 -34.15 -123.12
CA GLU DB 190 46.08 -35.11 -123.58
C GLU DB 190 46.88 -34.61 -124.78
N GLN DB 191 46.37 -33.63 -125.52
CA GLN DB 191 47.12 -33.08 -126.63
C GLN DB 191 48.33 -32.29 -126.14
N TYR DB 192 48.11 -31.37 -125.19
CA TYR DB 192 49.21 -30.58 -124.67
C TYR DB 192 50.13 -31.40 -123.79
N ALA DB 193 49.59 -32.40 -123.09
CA ALA DB 193 50.40 -33.21 -122.19
C ALA DB 193 51.27 -34.23 -122.91
N SER DB 194 51.06 -34.44 -124.20
CA SER DB 194 51.83 -35.42 -124.96
C SER DB 194 52.66 -34.81 -126.07
N GLY DB 195 52.65 -33.49 -126.22
CA GLY DB 195 53.32 -32.91 -127.37
C GLY DB 195 52.56 -33.09 -128.66
N HIS DB 196 51.23 -33.10 -128.59
CA HIS DB 196 50.38 -33.13 -129.77
C HIS DB 196 49.95 -31.72 -130.18
N ILE DB 197 50.86 -30.76 -130.00
CA ILE DB 197 50.64 -29.40 -130.47
C ILE DB 197 50.72 -29.34 -131.99
N SER DB 198 51.82 -29.83 -132.54
CA SER DB 198 52.03 -29.78 -133.98
C SER DB 198 51.30 -30.92 -134.66
N PRO DB 199 50.42 -30.64 -135.63
CA PRO DB 199 49.75 -31.71 -136.38
C PRO DB 199 50.56 -32.27 -137.53
N PHE DB 200 51.80 -31.80 -137.73
CA PHE DB 200 52.62 -32.23 -138.85
C PHE DB 200 53.68 -33.26 -138.46
N GLY DB 201 54.16 -33.22 -137.21
CA GLY DB 201 55.20 -34.15 -136.81
C GLY DB 201 54.69 -35.57 -136.63
N ASP DB 202 53.46 -35.70 -136.13
CA ASP DB 202 52.87 -37.00 -135.88
C ASP DB 202 52.33 -37.60 -137.18
N GLY DB 203 52.00 -38.89 -137.13
CA GLY DB 203 51.54 -39.59 -138.32
C GLY DB 203 50.04 -39.86 -138.35
N GLN DB 204 49.33 -39.11 -139.20
CA GLN DB 204 47.89 -39.31 -139.41
C GLN DB 204 47.61 -39.00 -140.88
N GLY DB 205 46.34 -38.89 -141.23
CA GLY DB 205 45.97 -38.35 -142.52
C GLY DB 205 46.32 -36.88 -142.60
N VAL DB 206 47.36 -36.57 -143.39
CA VAL DB 206 47.99 -35.25 -143.51
C VAL DB 206 48.51 -34.74 -142.16
N UNK EB 1 15.08 24.96 -85.48
CA UNK EB 1 13.64 25.06 -85.53
C UNK EB 1 13.12 25.09 -84.12
N UNK EB 2 14.03 24.86 -83.17
CA UNK EB 2 13.71 24.87 -81.75
C UNK EB 2 14.63 25.76 -80.94
N UNK EB 3 15.51 26.50 -81.59
CA UNK EB 3 16.27 27.53 -80.88
C UNK EB 3 15.38 28.67 -80.43
N UNK EB 4 14.25 28.88 -81.09
CA UNK EB 4 13.27 29.84 -80.61
C UNK EB 4 12.46 29.28 -79.44
N UNK EB 5 12.22 27.96 -79.44
CA UNK EB 5 11.43 27.35 -78.39
C UNK EB 5 12.20 27.29 -77.08
N UNK EB 6 13.53 27.20 -77.15
CA UNK EB 6 14.35 27.33 -75.96
C UNK EB 6 14.59 28.79 -75.60
N UNK EB 7 14.26 29.72 -76.50
CA UNK EB 7 14.40 31.14 -76.21
C UNK EB 7 13.13 31.76 -75.67
N UNK EB 8 12.03 31.01 -75.59
CA UNK EB 8 10.86 31.49 -74.87
C UNK EB 8 10.93 31.08 -73.41
N UNK EB 9 11.03 29.78 -73.16
CA UNK EB 9 11.55 29.19 -71.91
C UNK EB 9 10.74 29.58 -70.67
N UNK EB 10 9.50 29.08 -70.61
CA UNK EB 10 8.69 29.22 -69.42
C UNK EB 10 9.33 28.49 -68.23
N UNK EB 11 9.05 29.00 -67.04
CA UNK EB 11 9.70 28.48 -65.84
C UNK EB 11 9.10 27.12 -65.45
N UNK EB 12 9.98 26.22 -65.00
CA UNK EB 12 9.63 24.84 -64.73
C UNK EB 12 9.28 24.65 -63.27
N UNK EB 13 8.26 23.85 -62.99
CA UNK EB 13 7.92 23.50 -61.63
C UNK EB 13 8.61 22.23 -61.16
N UNK EB 14 9.32 21.54 -62.04
CA UNK EB 14 9.97 20.28 -61.73
C UNK EB 14 11.47 20.38 -61.75
N UNK EB 15 12.02 21.52 -62.12
CA UNK EB 15 13.44 21.78 -62.01
C UNK EB 15 13.55 23.30 -61.88
N UNK EB 16 13.72 23.79 -60.65
CA UNK EB 16 13.64 25.23 -60.42
C UNK EB 16 14.85 25.98 -60.96
N UNK EB 17 15.96 25.30 -61.19
CA UNK EB 17 17.15 25.94 -61.75
C UNK EB 17 17.25 25.83 -63.26
N UNK EB 18 16.12 25.67 -63.96
CA UNK EB 18 16.15 25.28 -65.36
C UNK EB 18 15.47 26.26 -66.30
N UNK EB 19 14.22 26.64 -66.02
CA UNK EB 19 13.35 27.40 -66.94
C UNK EB 19 13.23 26.67 -68.29
N UNK EB 20 12.52 25.55 -68.21
CA UNK EB 20 12.47 24.52 -69.24
C UNK EB 20 11.86 25.03 -70.55
N UNK EB 21 11.96 24.17 -71.57
CA UNK EB 21 11.62 24.56 -72.93
C UNK EB 21 10.13 24.79 -73.08
N UNK EB 22 9.76 25.60 -74.06
CA UNK EB 22 8.40 26.14 -74.11
C UNK EB 22 7.45 25.23 -74.87
N UNK EB 23 7.95 24.13 -75.42
CA UNK EB 23 7.10 23.24 -76.20
C UNK EB 23 6.21 22.38 -75.32
N UNK EB 24 6.63 22.20 -74.06
CA UNK EB 24 5.90 21.31 -73.16
C UNK EB 24 5.01 22.12 -72.23
N UNK EB 25 4.32 23.13 -72.76
CA UNK EB 25 3.80 24.30 -72.03
C UNK EB 25 2.82 23.90 -70.92
N UNK EB 26 1.61 23.44 -71.21
CA UNK EB 26 0.68 23.18 -70.13
C UNK EB 26 -0.19 21.93 -70.26
N UNK EB 27 -0.52 21.48 -71.47
CA UNK EB 27 -1.79 20.78 -71.64
C UNK EB 27 -1.66 19.27 -71.50
N UNK EB 28 -0.44 18.75 -71.37
CA UNK EB 28 -0.26 17.31 -71.50
C UNK EB 28 -0.41 16.56 -70.18
N UNK EB 29 -1.07 17.19 -69.20
CA UNK EB 29 -1.35 16.64 -67.86
C UNK EB 29 -0.10 16.17 -67.12
N UNK EB 30 0.94 17.01 -67.08
CA UNK EB 30 2.15 16.74 -66.32
C UNK EB 30 2.91 18.03 -66.08
N UNK EB 31 3.60 18.10 -64.94
CA UNK EB 31 4.48 19.21 -64.62
C UNK EB 31 5.68 19.21 -65.55
N UNK EB 32 6.28 20.38 -65.73
CA UNK EB 32 7.23 20.58 -66.83
C UNK EB 32 8.65 20.32 -66.36
N UNK EB 33 9.30 19.30 -66.93
CA UNK EB 33 10.70 19.04 -66.62
C UNK EB 33 11.53 19.27 -67.86
N UNK EB 34 11.35 18.49 -68.94
CA UNK EB 34 12.00 18.60 -70.26
C UNK EB 34 13.49 18.95 -70.20
N UNK EB 35 14.25 18.15 -69.45
CA UNK EB 35 15.59 18.57 -69.03
C UNK EB 35 16.56 18.66 -70.19
N UNK EB 36 16.78 17.57 -70.90
CA UNK EB 36 17.58 17.59 -72.12
C UNK EB 36 16.77 18.03 -73.33
N UNK EB 37 15.50 18.38 -73.12
CA UNK EB 37 14.63 19.06 -74.10
C UNK EB 37 14.41 18.24 -75.36
N UNK EB 38 14.07 16.97 -75.18
CA UNK EB 38 13.65 16.16 -76.33
C UNK EB 38 12.24 16.53 -76.77
N UNK EB 39 11.51 17.31 -75.96
CA UNK EB 39 10.20 17.77 -76.36
C UNK EB 39 10.28 18.96 -77.31
N UNK EB 40 11.49 19.47 -77.56
CA UNK EB 40 11.65 20.52 -78.56
C UNK EB 40 11.33 19.99 -79.95
N UNK EB 41 11.98 18.90 -80.36
CA UNK EB 41 11.48 18.12 -81.48
C UNK EB 41 10.26 17.33 -81.05
N UNK EB 42 9.48 16.89 -82.02
CA UNK EB 42 8.29 16.10 -81.73
C UNK EB 42 8.39 14.83 -82.57
N UNK EB 43 8.53 13.70 -81.90
CA UNK EB 43 8.52 12.42 -82.59
C UNK EB 43 7.09 12.03 -82.92
N UNK EB 44 6.90 11.39 -84.07
CA UNK EB 44 5.56 11.12 -84.56
C UNK EB 44 5.39 9.63 -84.78
N UNK EB 45 4.30 9.29 -85.46
CA UNK EB 45 3.61 7.99 -85.52
C UNK EB 45 4.60 6.84 -85.77
N UNK EB 46 5.35 6.87 -86.88
CA UNK EB 46 6.41 5.90 -87.23
C UNK EB 46 5.92 4.46 -87.37
N UNK EB 47 4.61 4.23 -87.29
CA UNK EB 47 4.06 2.90 -87.51
C UNK EB 47 4.03 2.57 -88.99
N UNK EB 48 3.55 3.51 -89.79
CA UNK EB 48 3.59 3.40 -91.24
C UNK EB 48 4.53 4.44 -91.79
N UNK EB 49 5.27 4.10 -92.84
CA UNK EB 49 6.09 5.10 -93.50
C UNK EB 49 5.20 6.05 -94.27
N UNK EB 50 5.72 7.26 -94.49
CA UNK EB 50 5.09 8.53 -94.91
C UNK EB 50 4.26 9.15 -93.78
N UNK EB 51 4.07 8.45 -92.66
CA UNK EB 51 3.84 9.08 -91.38
C UNK EB 51 5.15 9.29 -90.63
N UNK EB 52 6.26 9.13 -91.34
CA UNK EB 52 7.58 9.64 -90.96
C UNK EB 52 7.52 11.07 -90.48
N UNK EB 53 6.87 11.95 -91.26
CA UNK EB 53 6.81 13.38 -90.95
C UNK EB 53 6.04 13.62 -89.67
N UNK EB 54 6.30 14.76 -89.05
CA UNK EB 54 5.92 14.99 -87.66
C UNK EB 54 5.13 16.28 -87.52
N UNK EB 55 4.02 16.22 -86.80
CA UNK EB 55 3.22 17.41 -86.53
C UNK EB 55 3.89 18.24 -85.45
N UNK EB 56 3.82 19.55 -85.61
CA UNK EB 56 4.40 20.46 -84.62
C UNK EB 56 3.55 20.48 -83.37
N UNK EB 57 4.21 20.39 -82.21
CA UNK EB 57 3.67 20.39 -80.86
C UNK EB 57 2.72 19.23 -80.57
N UNK EB 58 2.71 18.18 -81.39
CA UNK EB 58 1.89 17.00 -81.11
C UNK EB 58 2.76 16.03 -80.33
N UNK EB 59 2.88 16.26 -79.03
CA UNK EB 59 3.63 15.38 -78.15
C UNK EB 59 2.81 14.17 -77.70
N UNK EB 60 1.63 13.95 -78.27
CA UNK EB 60 0.80 12.83 -77.86
C UNK EB 60 1.39 11.51 -78.30
N UNK EB 61 2.27 11.53 -79.30
CA UNK EB 61 2.93 10.29 -79.71
C UNK EB 61 3.96 9.87 -78.69
N UNK EB 62 4.63 10.83 -78.06
CA UNK EB 62 5.61 10.49 -77.04
C UNK EB 62 4.94 10.29 -75.69
N UNK EB 63 3.67 10.67 -75.55
CA UNK EB 63 2.94 10.38 -74.33
C UNK EB 63 2.32 8.99 -74.39
N UNK EB 64 2.12 8.47 -75.59
CA UNK EB 64 1.69 7.09 -75.73
C UNK EB 64 2.81 6.15 -75.38
N UNK EB 65 4.05 6.60 -75.54
CA UNK EB 65 5.20 5.74 -75.22
C UNK EB 65 5.43 5.65 -73.73
N UNK EB 66 5.20 6.74 -72.99
CA UNK EB 66 5.40 6.71 -71.55
C UNK EB 66 4.37 5.83 -70.88
N UNK EB 67 3.11 5.95 -71.28
CA UNK EB 67 2.06 5.18 -70.64
C UNK EB 67 1.97 3.76 -71.20
N UNK EB 68 2.87 3.40 -72.12
CA UNK EB 68 2.96 2.01 -72.53
C UNK EB 68 4.27 1.38 -72.05
N UNK EB 69 5.34 2.18 -71.92
CA UNK EB 69 6.59 1.60 -71.45
C UNK EB 69 6.62 1.54 -69.93
N UNK EB 70 5.77 2.30 -69.26
CA UNK EB 70 5.78 2.24 -67.81
C UNK EB 70 4.60 1.44 -67.27
N UNK EB 71 3.53 1.33 -68.05
CA UNK EB 71 2.44 0.43 -67.66
C UNK EB 71 2.89 -1.01 -67.74
N UNK EB 72 3.83 -1.31 -68.64
CA UNK EB 72 4.49 -2.61 -68.59
C UNK EB 72 5.38 -2.72 -67.37
N UNK EB 73 5.93 -1.60 -66.90
CA UNK EB 73 6.83 -1.64 -65.76
C UNK EB 73 6.08 -1.77 -64.46
N UNK EB 74 4.92 -1.12 -64.35
CA UNK EB 74 4.14 -1.19 -63.13
C UNK EB 74 3.56 -2.58 -62.90
N UNK EB 75 3.36 -3.36 -63.96
CA UNK EB 75 3.00 -4.76 -63.82
C UNK EB 75 4.21 -5.66 -63.77
N UNK EB 76 5.42 -5.10 -63.80
CA UNK EB 76 6.63 -5.87 -63.66
C UNK EB 76 7.30 -5.67 -62.32
N UNK EB 77 7.00 -4.56 -61.62
CA UNK EB 77 7.50 -4.39 -60.26
C UNK EB 77 6.82 -5.35 -59.30
N UNK EB 78 5.60 -5.77 -59.62
CA UNK EB 78 4.99 -6.85 -58.86
C UNK EB 78 5.60 -8.19 -59.23
N UNK EB 79 6.15 -8.30 -60.44
CA UNK EB 79 6.67 -9.58 -60.91
C UNK EB 79 7.98 -9.94 -60.24
N UNK EB 80 8.88 -8.98 -60.12
CA UNK EB 80 10.17 -9.25 -59.51
C UNK EB 80 10.07 -9.48 -58.01
N UNK EB 81 8.94 -9.15 -57.38
CA UNK EB 81 8.69 -9.44 -55.98
C UNK EB 81 7.84 -10.68 -55.76
N UNK EB 82 6.67 -10.77 -56.37
CA UNK EB 82 5.72 -11.83 -56.05
C UNK EB 82 6.08 -13.18 -56.64
N UNK EB 83 7.13 -13.28 -57.43
CA UNK EB 83 7.59 -14.61 -57.83
C UNK EB 83 8.38 -15.27 -56.73
N UNK EB 84 8.81 -14.51 -55.73
CA UNK EB 84 9.60 -15.01 -54.62
C UNK EB 84 8.84 -14.97 -53.30
N UNK EB 85 8.10 -13.89 -53.05
CA UNK EB 85 7.38 -13.76 -51.79
C UNK EB 85 6.22 -14.72 -51.71
N UNK EB 86 5.36 -14.73 -52.74
CA UNK EB 86 4.20 -15.62 -52.76
C UNK EB 86 4.58 -17.08 -52.82
N UNK EB 87 5.14 -17.54 -53.95
CA UNK EB 87 5.38 -18.96 -54.20
C UNK EB 87 6.13 -19.11 -55.52
N UNK EB 88 6.56 -20.35 -55.78
CA UNK EB 88 6.91 -20.79 -57.12
C UNK EB 88 5.68 -21.42 -57.77
N UNK EB 89 5.86 -22.13 -58.87
CA UNK EB 89 4.71 -22.64 -59.62
C UNK EB 89 4.64 -24.16 -59.72
N UNK EB 90 5.70 -24.88 -59.34
CA UNK EB 90 5.71 -26.34 -59.18
C UNK EB 90 5.35 -27.10 -60.45
N UNK EB 91 6.23 -27.08 -61.46
CA UNK EB 91 5.93 -27.65 -62.77
C UNK EB 91 6.08 -29.17 -62.78
N UNK EB 92 5.79 -29.74 -63.95
CA UNK EB 92 5.62 -31.18 -64.14
C UNK EB 92 6.91 -31.84 -64.65
N UNK EB 93 6.75 -33.07 -65.15
CA UNK EB 93 7.89 -33.88 -65.55
C UNK EB 93 8.40 -33.48 -66.93
N UNK EB 94 7.50 -33.33 -67.89
CA UNK EB 94 7.91 -32.90 -69.23
C UNK EB 94 8.43 -31.46 -69.22
N UNK EB 95 7.93 -30.65 -68.28
CA UNK EB 95 8.46 -29.31 -68.12
C UNK EB 95 9.61 -29.28 -67.13
N UNK EB 96 10.16 -30.46 -66.80
CA UNK EB 96 11.39 -30.64 -66.04
C UNK EB 96 11.35 -30.01 -64.66
N UNK EB 97 10.56 -30.61 -63.75
CA UNK EB 97 10.17 -30.05 -62.45
C UNK EB 97 11.34 -29.43 -61.67
N UNK EB 98 11.01 -28.34 -60.97
CA UNK EB 98 11.87 -27.26 -60.45
C UNK EB 98 12.46 -26.44 -61.59
N UNK EB 99 11.77 -26.34 -62.73
CA UNK EB 99 12.18 -25.38 -63.75
C UNK EB 99 11.67 -23.99 -63.41
N UNK EB 100 10.52 -23.91 -62.74
CA UNK EB 100 9.99 -22.61 -62.36
C UNK EB 100 10.53 -22.16 -61.01
N UNK EB 101 11.48 -22.92 -60.46
CA UNK EB 101 11.88 -22.74 -59.06
C UNK EB 101 12.94 -21.65 -58.86
N UNK EB 102 13.63 -21.26 -59.94
CA UNK EB 102 14.76 -20.35 -59.83
C UNK EB 102 14.32 -18.95 -59.42
N UNK EB 103 14.65 -18.54 -58.20
CA UNK EB 103 14.14 -17.29 -57.65
C UNK EB 103 14.90 -16.07 -58.15
N UNK EB 104 16.12 -16.24 -58.64
CA UNK EB 104 16.89 -15.14 -59.23
C UNK EB 104 16.18 -14.72 -60.51
N UNK EB 105 15.52 -13.56 -60.45
CA UNK EB 105 14.50 -13.20 -61.42
C UNK EB 105 15.04 -12.99 -62.83
N UNK EB 106 16.34 -12.70 -62.96
CA UNK EB 106 16.92 -12.62 -64.29
C UNK EB 106 17.29 -13.99 -64.84
N UNK EB 107 17.38 -15.00 -63.98
CA UNK EB 107 17.74 -16.34 -64.42
C UNK EB 107 16.54 -17.20 -64.75
N UNK EB 108 15.35 -16.79 -64.35
CA UNK EB 108 14.17 -17.58 -64.66
C UNK EB 108 13.75 -17.47 -66.12
N UNK EB 109 14.20 -16.43 -66.83
CA UNK EB 109 13.91 -16.34 -68.26
C UNK EB 109 14.69 -17.37 -69.06
N UNK EB 110 15.81 -17.85 -68.55
CA UNK EB 110 16.57 -18.90 -69.21
C UNK EB 110 16.20 -20.29 -68.74
N UNK EB 111 15.86 -20.46 -67.45
CA UNK EB 111 15.61 -21.77 -66.90
C UNK EB 111 14.17 -22.23 -67.02
N UNK EB 112 13.28 -21.39 -67.54
CA UNK EB 112 11.90 -21.82 -67.69
C UNK EB 112 11.74 -22.69 -68.93
N UNK EB 113 10.51 -23.14 -69.14
CA UNK EB 113 10.21 -23.94 -70.32
C UNK EB 113 10.22 -23.07 -71.57
N UNK EB 114 10.61 -23.66 -72.69
CA UNK EB 114 10.78 -22.89 -73.92
C UNK EB 114 9.45 -22.47 -74.51
N UNK EB 115 8.43 -23.32 -74.40
CA UNK EB 115 7.10 -22.98 -74.90
C UNK EB 115 6.34 -22.09 -73.96
N UNK EB 116 6.93 -21.69 -72.83
CA UNK EB 116 6.27 -20.77 -71.94
C UNK EB 116 6.55 -19.32 -72.32
N UNK EB 117 7.78 -19.01 -72.71
CA UNK EB 117 8.09 -17.65 -73.14
C UNK EB 117 7.45 -17.33 -74.48
N UNK EB 118 7.32 -18.33 -75.35
CA UNK EB 118 6.65 -18.09 -76.63
C UNK EB 118 5.16 -17.89 -76.45
N UNK EB 119 4.57 -18.54 -75.44
CA UNK EB 119 3.15 -18.36 -75.19
C UNK EB 119 2.86 -17.05 -74.48
N UNK EB 120 3.84 -16.48 -73.78
CA UNK EB 120 3.63 -15.18 -73.16
C UNK EB 120 3.94 -14.03 -74.10
N UNK EB 121 4.84 -14.23 -75.06
CA UNK EB 121 5.07 -13.20 -76.07
C UNK EB 121 3.89 -13.10 -77.02
N UNK EB 122 3.19 -14.19 -77.26
CA UNK EB 122 2.00 -14.15 -78.09
C UNK EB 122 0.79 -13.65 -77.30
N UNK EB 123 0.77 -13.89 -75.99
CA UNK EB 123 -0.31 -13.35 -75.16
C UNK EB 123 -0.21 -11.85 -75.01
N UNK EB 124 0.98 -11.29 -75.19
CA UNK EB 124 1.17 -9.85 -75.25
C UNK EB 124 1.07 -9.32 -76.67
N UNK EB 125 1.28 -10.16 -77.67
CA UNK EB 125 1.12 -9.72 -79.05
C UNK EB 125 -0.34 -9.57 -79.42
N UNK EB 126 -1.23 -10.37 -78.84
CA UNK EB 126 -2.65 -10.28 -79.14
C UNK EB 126 -3.31 -9.07 -78.51
N UNK EB 127 -2.58 -8.30 -77.71
CA UNK EB 127 -3.07 -7.04 -77.17
C UNK EB 127 -2.41 -5.84 -77.81
N UNK EB 128 -1.14 -5.95 -78.20
CA UNK EB 128 -0.51 -4.86 -78.95
C UNK EB 128 -1.00 -4.80 -80.38
N UNK EB 129 -1.40 -5.92 -80.96
CA UNK EB 129 -2.07 -5.89 -82.24
C UNK EB 129 -3.51 -5.41 -82.12
N UNK EB 130 -4.06 -5.40 -80.91
CA UNK EB 130 -5.30 -4.66 -80.68
C UNK EB 130 -5.03 -3.19 -80.47
N UNK EB 131 -3.77 -2.81 -80.21
CA UNK EB 131 -3.44 -1.40 -80.10
C UNK EB 131 -3.07 -0.80 -81.44
N UNK EB 132 -2.33 -1.55 -82.27
CA UNK EB 132 -1.97 -1.05 -83.59
C UNK EB 132 -3.20 -0.95 -84.49
N UNK EB 133 -4.16 -1.86 -84.31
CA UNK EB 133 -5.41 -1.76 -85.05
C UNK EB 133 -6.23 -0.59 -84.57
N UNK EB 134 -6.33 -0.40 -83.25
CA UNK EB 134 -7.13 0.70 -82.72
C UNK EB 134 -6.45 2.05 -82.87
N UNK EB 135 -5.17 2.07 -83.25
CA UNK EB 135 -4.53 3.35 -83.53
C UNK EB 135 -4.79 3.76 -84.98
N UNK EB 136 -4.76 2.80 -85.90
CA UNK EB 136 -4.99 3.13 -87.30
C UNK EB 136 -6.47 3.36 -87.58
N UNK EB 137 -7.34 2.58 -86.94
CA UNK EB 137 -8.73 2.58 -87.35
C UNK EB 137 -9.52 3.69 -86.68
N UNK EB 138 -9.08 4.15 -85.51
CA UNK EB 138 -9.84 5.20 -84.82
C UNK EB 138 -9.77 6.53 -85.57
N UNK EB 139 -8.62 7.20 -85.53
CA UNK EB 139 -8.46 8.55 -86.04
C UNK EB 139 -7.02 9.04 -85.91
N UNK EB 140 -6.76 10.25 -86.40
CA UNK EB 140 -5.64 11.02 -85.88
C UNK EB 140 -5.98 11.63 -84.53
N UNK EB 141 -7.25 11.94 -84.32
CA UNK EB 141 -7.78 12.33 -83.01
C UNK EB 141 -7.98 11.08 -82.16
N UNK EB 142 -6.87 10.57 -81.63
CA UNK EB 142 -6.86 9.42 -80.73
C UNK EB 142 -6.23 9.86 -79.43
N UNK EB 143 -6.89 9.56 -78.32
CA UNK EB 143 -6.35 9.88 -77.02
C UNK EB 143 -5.15 8.98 -76.73
N UNK EB 144 -4.24 9.47 -75.90
CA UNK EB 144 -3.05 8.71 -75.59
C UNK EB 144 -3.37 7.55 -74.67
N UNK EB 145 -2.92 6.36 -75.07
CA UNK EB 145 -2.98 5.12 -74.29
C UNK EB 145 -4.40 4.70 -73.95
N UNK EB 146 -5.22 4.53 -74.97
CA UNK EB 146 -6.54 3.92 -74.83
C UNK EB 146 -6.53 2.60 -75.59
N UNK EB 147 -6.24 1.51 -74.90
CA UNK EB 147 -6.29 0.21 -75.56
C UNK EB 147 -7.73 -0.18 -75.85
N UNK EB 148 -8.64 0.06 -74.91
CA UNK EB 148 -10.06 -0.17 -75.11
C UNK EB 148 -10.83 0.69 -74.14
N UNK EB 149 -11.49 1.72 -74.67
CA UNK EB 149 -12.30 2.62 -73.87
C UNK EB 149 -13.79 2.30 -73.94
N UNK EB 150 -14.16 1.12 -74.42
CA UNK EB 150 -15.56 0.73 -74.49
C UNK EB 150 -15.86 -0.54 -73.71
N UNK EB 151 -14.98 -1.52 -73.70
CA UNK EB 151 -15.20 -2.74 -72.93
C UNK EB 151 -14.95 -2.44 -71.47
N UNK EB 152 -16.01 -2.18 -70.71
CA UNK EB 152 -15.92 -1.90 -69.29
C UNK EB 152 -16.81 -2.88 -68.55
N UNK EB 153 -16.19 -3.85 -67.88
CA UNK EB 153 -16.94 -4.77 -67.06
C UNK EB 153 -17.53 -4.09 -65.82
N UNK EB 154 -16.90 -3.03 -65.34
CA UNK EB 154 -17.33 -2.32 -64.14
C UNK EB 154 -16.87 -0.87 -64.26
N UNK EB 155 -16.77 -0.18 -63.11
CA UNK EB 155 -15.95 1.02 -62.92
C UNK EB 155 -16.44 2.22 -63.74
N UNK EB 156 -17.65 2.66 -63.42
CA UNK EB 156 -18.18 3.91 -63.93
C UNK EB 156 -17.83 5.03 -62.96
N UNK EB 157 -16.92 5.91 -63.37
CA UNK EB 157 -16.41 6.99 -62.52
C UNK EB 157 -16.80 8.33 -63.12
N UNK EB 158 -16.83 9.36 -62.28
CA UNK EB 158 -17.29 10.69 -62.68
C UNK EB 158 -16.30 11.39 -63.62
N UNK EB 159 -16.75 12.47 -64.26
CA UNK EB 159 -15.92 13.14 -65.26
C UNK EB 159 -14.85 13.99 -64.60
N UNK EB 160 -15.06 14.39 -63.35
CA UNK EB 160 -14.02 15.12 -62.64
C UNK EB 160 -13.06 14.17 -61.93
N UNK EB 161 -13.53 12.95 -61.64
CA UNK EB 161 -12.70 11.98 -60.96
C UNK EB 161 -11.80 11.24 -61.94
N UNK EB 162 -12.28 11.06 -63.17
CA UNK EB 162 -11.51 10.36 -64.20
C UNK EB 162 -10.29 11.18 -64.59
N UNK EB 163 -10.41 12.50 -64.53
CA UNK EB 163 -9.23 13.34 -64.72
C UNK EB 163 -8.28 13.21 -63.54
N UNK EB 164 -8.82 13.01 -62.34
CA UNK EB 164 -7.97 12.82 -61.18
C UNK EB 164 -7.40 11.42 -61.14
N UNK EB 165 -8.12 10.45 -61.70
CA UNK EB 165 -7.60 9.09 -61.75
C UNK EB 165 -6.57 8.94 -62.86
N UNK EB 166 -6.65 9.81 -63.87
CA UNK EB 166 -5.67 9.79 -64.96
C UNK EB 166 -4.32 10.26 -64.46
N UNK EB 167 -4.32 11.28 -63.58
CA UNK EB 167 -3.06 11.75 -63.03
C UNK EB 167 -2.49 10.80 -62.00
N UNK EB 168 -3.32 9.96 -61.40
CA UNK EB 168 -2.79 8.95 -60.51
C UNK EB 168 -2.12 7.82 -61.28
N UNK EB 169 -2.56 7.57 -62.52
CA UNK EB 169 -1.90 6.55 -63.31
C UNK EB 169 -0.56 7.02 -63.82
N UNK EB 170 -0.47 8.24 -64.35
CA UNK EB 170 0.78 8.76 -64.87
C UNK EB 170 1.80 9.04 -63.78
N UNK EB 171 1.36 9.27 -62.55
CA UNK EB 171 2.30 9.44 -61.45
C UNK EB 171 2.80 8.11 -60.93
N UNK EB 172 1.94 7.11 -60.86
CA UNK EB 172 2.39 5.79 -60.43
C UNK EB 172 3.02 4.99 -61.57
N UNK EB 173 3.08 5.55 -62.78
CA UNK EB 173 3.83 4.94 -63.86
C UNK EB 173 5.26 5.46 -63.89
N UNK EB 174 5.40 6.78 -63.81
CA UNK EB 174 6.73 7.39 -63.85
C UNK EB 174 7.53 7.07 -62.60
N UNK EB 175 6.86 6.74 -61.50
CA UNK EB 175 7.58 6.27 -60.32
C UNK EB 175 7.91 4.78 -60.43
N UNK EB 176 7.13 4.04 -61.20
CA UNK EB 176 7.39 2.61 -61.32
C UNK EB 176 8.47 2.31 -62.33
N UNK EB 177 8.62 3.16 -63.36
CA UNK EB 177 9.68 2.96 -64.34
C UNK EB 177 11.05 3.14 -63.72
N UNK EB 178 11.19 4.06 -62.77
CA UNK EB 178 12.44 4.23 -62.03
C UNK EB 178 12.60 3.21 -60.91
N UNK EB 179 11.89 2.10 -60.97
CA UNK EB 179 11.98 1.02 -60.00
C UNK EB 179 12.25 -0.33 -60.65
N UNK EB 180 11.68 -0.60 -61.83
CA UNK EB 180 12.02 -1.81 -62.55
C UNK EB 180 13.43 -1.76 -63.10
N UNK EB 181 14.00 -0.57 -63.25
CA UNK EB 181 15.42 -0.44 -63.56
C UNK EB 181 16.28 -0.62 -62.32
N UNK EB 182 15.67 -0.79 -61.15
CA UNK EB 182 16.39 -1.02 -59.91
C UNK EB 182 16.37 -2.48 -59.51
N UNK EB 183 15.20 -3.11 -59.56
CA UNK EB 183 15.10 -4.53 -59.31
C UNK EB 183 15.78 -5.35 -60.40
N UNK EB 184 16.01 -4.77 -61.57
CA UNK EB 184 16.93 -5.38 -62.53
C UNK EB 184 18.37 -5.18 -62.10
N UNK EB 185 18.68 -4.03 -61.51
CA UNK EB 185 20.06 -3.75 -61.13
C UNK EB 185 20.45 -4.48 -59.87
N UNK EB 186 19.57 -4.54 -58.88
CA UNK EB 186 19.91 -5.20 -57.63
C UNK EB 186 20.00 -6.71 -57.81
N UNK EB 187 19.11 -7.29 -58.62
CA UNK EB 187 19.13 -8.73 -58.82
C UNK EB 187 20.31 -9.17 -59.66
N UNK EB 188 20.80 -8.32 -60.56
CA UNK EB 188 22.01 -8.66 -61.28
C UNK EB 188 23.24 -8.59 -60.40
N UNK EB 189 23.18 -7.83 -59.29
CA UNK EB 189 24.26 -7.75 -58.33
C UNK EB 189 24.23 -8.90 -57.34
N UNK EB 190 23.13 -9.03 -56.60
CA UNK EB 190 22.92 -10.17 -55.70
C UNK EB 190 21.58 -10.78 -56.03
N UNK EB 191 21.53 -12.10 -56.15
CA UNK EB 191 20.33 -12.80 -56.59
C UNK EB 191 19.23 -12.74 -55.54
N UNK EB 192 18.01 -13.10 -55.97
CA UNK EB 192 16.84 -13.27 -55.10
C UNK EB 192 16.44 -12.01 -54.35
N UNK EB 193 15.84 -11.04 -55.05
CA UNK EB 193 15.48 -9.73 -54.51
C UNK EB 193 14.62 -9.77 -53.24
N UNK EB 194 13.85 -10.83 -53.01
CA UNK EB 194 13.20 -10.96 -51.70
C UNK EB 194 14.20 -11.36 -50.64
N UNK EB 195 15.07 -12.33 -50.93
CA UNK EB 195 16.12 -12.72 -50.01
C UNK EB 195 17.25 -11.70 -49.93
N UNK EB 196 17.29 -10.73 -50.84
CA UNK EB 196 18.23 -9.62 -50.69
C UNK EB 196 17.70 -8.55 -49.74
N UNK EB 197 16.39 -8.37 -49.68
CA UNK EB 197 15.77 -7.42 -48.76
C UNK EB 197 15.21 -8.10 -47.53
N UNK EB 198 15.65 -9.32 -47.23
CA UNK EB 198 15.29 -9.99 -45.99
C UNK EB 198 16.49 -10.61 -45.27
N UNK EB 199 17.54 -11.01 -45.99
CA UNK EB 199 18.76 -11.41 -45.30
C UNK EB 199 19.51 -10.20 -44.80
N UNK EB 200 19.24 -9.03 -45.37
CA UNK EB 200 19.66 -7.76 -44.78
C UNK EB 200 18.70 -7.29 -43.71
N UNK EB 201 17.70 -8.08 -43.37
CA UNK EB 201 16.83 -7.78 -42.23
C UNK EB 201 16.45 -9.04 -41.46
N UNK EB 202 17.28 -10.10 -41.52
CA UNK EB 202 16.97 -11.26 -40.69
C UNK EB 202 17.19 -10.98 -39.21
N UNK EB 203 18.43 -11.13 -38.72
CA UNK EB 203 18.98 -10.22 -37.72
C UNK EB 203 20.48 -10.05 -37.92
N UNK EB 204 21.17 -11.19 -37.95
CA UNK EB 204 22.61 -11.37 -38.05
C UNK EB 204 22.88 -12.87 -37.96
N UNK EB 205 24.13 -13.27 -38.12
CA UNK EB 205 24.54 -14.62 -37.76
C UNK EB 205 25.38 -14.68 -36.50
N UNK EB 206 26.24 -13.69 -36.28
CA UNK EB 206 27.07 -13.64 -35.09
C UNK EB 206 26.39 -13.02 -33.89
N UNK EB 207 25.31 -12.27 -34.10
CA UNK EB 207 24.69 -11.50 -33.03
C UNK EB 207 23.23 -11.88 -32.78
N UNK EB 208 22.89 -13.17 -32.82
CA UNK EB 208 21.51 -13.59 -32.59
C UNK EB 208 21.15 -13.52 -31.11
N UNK EB 209 22.17 -13.43 -30.27
CA UNK EB 209 22.22 -12.99 -28.87
C UNK EB 209 21.71 -13.93 -27.81
N UNK EB 210 20.89 -14.95 -28.11
CA UNK EB 210 20.89 -16.34 -27.61
C UNK EB 210 19.53 -16.96 -27.92
N UNK EB 211 19.35 -18.20 -27.47
CA UNK EB 211 18.03 -18.66 -27.08
C UNK EB 211 17.79 -18.22 -25.63
N UNK EB 212 16.61 -17.65 -25.38
CA UNK EB 212 16.28 -17.12 -24.06
C UNK EB 212 16.00 -18.28 -23.10
N UNK EB 213 16.82 -18.39 -22.06
CA UNK EB 213 16.73 -19.52 -21.14
C UNK EB 213 16.81 -19.03 -19.70
N UNK EB 214 16.01 -18.01 -19.37
CA UNK EB 214 16.03 -17.49 -18.01
C UNK EB 214 15.39 -18.46 -17.03
N UNK EB 215 14.30 -19.10 -17.46
CA UNK EB 215 13.55 -20.13 -16.72
C UNK EB 215 13.19 -19.78 -15.27
N UNK FB 1 66.33 46.29 -80.98
CA UNK FB 1 65.25 45.50 -81.56
C UNK FB 1 65.81 44.37 -82.40
N UNK FB 2 64.90 43.61 -83.02
CA UNK FB 2 65.33 42.59 -83.98
C UNK FB 2 65.99 43.22 -85.20
N UNK FB 3 65.22 44.02 -85.95
CA UNK FB 3 65.69 44.80 -87.11
C UNK FB 3 66.34 43.95 -88.18
N UNK FB 4 65.89 42.71 -88.33
CA UNK FB 4 66.46 41.80 -89.29
C UNK FB 4 65.71 41.91 -90.62
N UNK FB 5 65.97 40.98 -91.53
CA UNK FB 5 65.31 40.99 -92.81
C UNK FB 5 63.95 40.30 -92.72
N UNK FB 6 62.90 41.02 -93.08
CA UNK FB 6 61.57 40.43 -93.20
C UNK FB 6 61.55 39.53 -94.42
N UNK FB 7 61.58 38.23 -94.19
CA UNK FB 7 61.64 37.25 -95.28
C UNK FB 7 60.29 37.16 -95.99
N UNK FB 8 60.34 36.68 -97.23
CA UNK FB 8 59.16 36.52 -98.07
C UNK FB 8 58.83 35.05 -98.31
N UNK FB 9 58.91 34.23 -97.25
CA UNK FB 9 58.69 32.79 -97.40
C UNK FB 9 57.24 32.48 -97.73
N UNK FB 10 56.30 33.17 -97.08
CA UNK FB 10 54.89 32.93 -97.32
C UNK FB 10 54.11 34.20 -97.04
N UNK FB 11 52.92 34.27 -97.61
CA UNK FB 11 52.05 35.42 -97.35
C UNK FB 11 51.39 35.32 -95.99
N UNK FB 12 50.56 34.30 -95.80
CA UNK FB 12 49.75 34.19 -94.60
C UNK FB 12 50.45 33.47 -93.46
N UNK FB 13 51.74 33.18 -93.60
CA UNK FB 13 52.49 32.55 -92.53
C UNK FB 13 53.64 33.41 -92.04
N UNK FB 14 53.68 34.69 -92.37
CA UNK FB 14 54.83 35.49 -91.94
C UNK FB 14 54.52 36.90 -91.47
N UNK FB 15 53.37 37.47 -91.89
CA UNK FB 15 53.30 38.92 -92.11
C UNK FB 15 53.45 39.85 -90.91
N UNK FB 16 52.45 39.98 -90.05
CA UNK FB 16 52.58 40.98 -89.00
C UNK FB 16 52.13 40.54 -87.62
N UNK FB 17 51.01 39.82 -87.55
CA UNK FB 17 50.39 39.51 -86.28
C UNK FB 17 50.59 38.06 -85.87
N UNK FB 18 50.61 37.14 -86.84
CA UNK FB 18 51.02 35.77 -86.54
C UNK FB 18 52.49 35.71 -86.19
N UNK FB 19 53.28 36.67 -86.66
CA UNK FB 19 54.64 36.81 -86.15
C UNK FB 19 54.64 37.26 -84.70
N UNK FB 20 53.62 38.02 -84.28
CA UNK FB 20 53.54 38.43 -82.89
C UNK FB 20 52.98 37.34 -82.00
N UNK FB 21 52.03 36.56 -82.53
CA UNK FB 21 51.45 35.49 -81.74
C UNK FB 21 52.43 34.35 -81.55
N UNK FB 22 53.24 34.07 -82.57
CA UNK FB 22 54.28 33.04 -82.45
C UNK FB 22 55.37 33.44 -81.47
N UNK FB 23 55.55 34.75 -81.23
CA UNK FB 23 56.42 35.17 -80.14
C UNK FB 23 55.82 34.80 -78.79
N UNK FB 24 54.59 35.24 -78.53
CA UNK FB 24 53.97 35.06 -77.24
C UNK FB 24 53.59 33.60 -76.97
N UNK FB 25 53.31 32.82 -78.00
CA UNK FB 25 53.02 31.41 -77.77
C UNK FB 25 54.28 30.62 -77.48
N UNK FB 26 55.36 30.89 -78.21
CA UNK FB 26 56.64 30.27 -77.88
C UNK FB 26 57.27 30.89 -76.66
N UNK FB 27 56.78 32.04 -76.21
CA UNK FB 27 57.20 32.58 -74.92
C UNK FB 27 56.62 31.73 -73.78
N UNK FB 28 55.29 31.63 -73.74
CA UNK FB 28 54.62 31.03 -72.59
C UNK FB 28 54.85 29.53 -72.52
N UNK FB 29 55.06 28.88 -73.65
CA UNK FB 29 55.43 27.46 -73.63
C UNK FB 29 56.84 27.29 -73.08
N UNK FB 30 57.74 28.23 -73.39
CA UNK FB 30 59.08 28.16 -72.82
C UNK FB 30 59.09 28.60 -71.37
N UNK FB 31 58.13 29.45 -70.98
CA UNK FB 31 58.07 29.92 -69.60
C UNK FB 31 57.68 28.80 -68.66
N UNK FB 32 56.71 27.98 -69.04
CA UNK FB 32 56.33 26.81 -68.26
C UNK FB 32 57.28 25.63 -68.47
N UNK FB 33 58.37 25.82 -69.19
CA UNK FB 33 59.41 24.81 -69.33
C UNK FB 33 60.60 25.06 -68.41
N UNK FB 34 60.80 26.30 -67.96
CA UNK FB 34 61.86 26.57 -67.00
C UNK FB 34 61.50 26.00 -65.63
N UNK FB 35 60.24 26.09 -65.23
CA UNK FB 35 59.80 25.45 -64.00
C UNK FB 35 59.73 23.94 -64.16
N UNK FB 36 59.69 23.45 -65.39
CA UNK FB 36 59.72 22.01 -65.62
C UNK FB 36 61.08 21.43 -65.30
N UNK FB 37 62.15 22.04 -65.82
CA UNK FB 37 63.48 21.55 -65.55
C UNK FB 37 63.90 21.83 -64.11
N UNK FB 38 63.23 22.77 -63.44
CA UNK FB 38 63.48 22.95 -62.01
C UNK FB 38 62.89 21.80 -61.21
N UNK FB 39 61.57 21.61 -61.30
CA UNK FB 39 60.88 20.67 -60.42
C UNK FB 39 61.11 19.22 -60.80
N UNK FB 40 61.65 18.95 -61.98
CA UNK FB 40 61.97 17.56 -62.32
C UNK FB 40 63.41 17.21 -61.94
N UNK FB 41 64.36 18.12 -62.17
CA UNK FB 41 65.75 17.83 -61.80
C UNK FB 41 65.99 17.95 -60.30
N UNK FB 42 65.09 18.60 -59.56
CA UNK FB 42 65.21 18.66 -58.11
C UNK FB 42 64.53 17.48 -57.42
N UNK FB 43 64.29 16.39 -58.16
CA UNK FB 43 63.81 15.12 -57.63
C UNK FB 43 62.46 15.23 -56.92
N UNK FB 44 61.63 16.16 -57.36
CA UNK FB 44 60.26 16.27 -56.85
C UNK FB 44 59.37 15.39 -57.73
N UNK FB 45 59.13 14.17 -57.28
CA UNK FB 45 58.29 13.23 -58.00
C UNK FB 45 56.90 13.16 -57.35
N UNK FB 46 55.93 12.70 -58.14
CA UNK FB 46 54.55 12.64 -57.68
C UNK FB 46 54.27 11.47 -56.74
N UNK FB 47 55.26 10.60 -56.52
CA UNK FB 47 55.25 9.53 -55.51
C UNK FB 47 54.09 8.55 -55.71
N UNK FB 48 54.16 7.87 -56.86
CA UNK FB 48 53.21 6.81 -57.19
C UNK FB 48 53.82 5.91 -58.25
N UNK FB 49 53.05 4.92 -58.69
CA UNK FB 49 53.39 4.11 -59.85
C UNK FB 49 52.65 4.69 -61.06
N UNK FB 50 53.41 5.22 -62.01
CA UNK FB 50 52.82 5.97 -63.12
C UNK FB 50 52.06 5.06 -64.07
N UNK FB 51 52.68 3.98 -64.50
CA UNK FB 51 52.02 2.96 -65.31
C UNK FB 51 51.96 1.68 -64.49
N UNK FB 52 50.78 1.06 -64.44
CA UNK FB 52 50.67 -0.21 -63.72
C UNK FB 52 51.14 -1.38 -64.58
N UNK FB 53 50.90 -1.31 -65.90
CA UNK FB 53 51.26 -2.40 -66.78
C UNK FB 53 52.75 -2.48 -67.00
N UNK FB 54 53.37 -1.40 -67.47
CA UNK FB 54 54.80 -1.34 -67.67
C UNK FB 54 55.58 -1.11 -66.38
N UNK FB 55 54.87 -0.99 -65.25
CA UNK FB 55 55.45 -0.91 -63.89
C UNK FB 55 56.36 0.30 -63.70
N UNK FB 56 56.22 1.31 -64.53
CA UNK FB 56 57.00 2.53 -64.40
C UNK FB 56 56.45 3.35 -63.25
N UNK FB 57 57.27 3.58 -62.23
CA UNK FB 57 56.93 4.49 -61.16
C UNK FB 57 57.30 5.90 -61.56
N UNK FB 58 56.86 6.86 -60.77
CA UNK FB 58 57.21 8.25 -61.04
C UNK FB 58 58.68 8.53 -60.72
N UNK FB 59 59.32 7.68 -59.92
CA UNK FB 59 60.74 7.78 -59.65
C UNK FB 59 61.59 7.03 -60.67
N UNK FB 60 60.96 6.41 -61.68
CA UNK FB 60 61.73 5.61 -62.61
C UNK FB 60 62.32 6.45 -63.74
N UNK FB 61 61.56 7.41 -64.25
CA UNK FB 61 62.00 8.18 -65.40
C UNK FB 61 63.09 9.16 -65.03
N UNK FB 62 63.95 9.49 -66.00
CA UNK FB 62 65.01 10.44 -65.77
C UNK FB 62 64.47 11.86 -65.77
N UNK FB 63 65.33 12.80 -65.38
CA UNK FB 63 64.97 14.21 -65.35
C UNK FB 63 65.61 15.01 -66.47
N UNK FB 64 66.42 14.36 -67.32
CA UNK FB 64 67.16 15.03 -68.37
C UNK FB 64 66.30 15.27 -69.60
N UNK FB 65 66.94 15.57 -70.73
CA UNK FB 65 66.25 15.75 -72.00
C UNK FB 65 65.64 14.44 -72.53
N UNK FB 66 66.03 13.29 -71.98
CA UNK FB 66 65.42 12.02 -72.32
C UNK FB 66 64.27 11.64 -71.39
N UNK FB 67 63.56 12.64 -70.86
CA UNK FB 67 62.43 12.37 -69.98
C UNK FB 67 61.12 12.20 -70.72
N UNK FB 68 60.94 12.93 -71.83
CA UNK FB 68 59.74 12.75 -72.64
C UNK FB 68 59.75 11.41 -73.35
N UNK FB 69 60.92 10.91 -73.74
CA UNK FB 69 60.99 9.58 -74.32
C UNK FB 69 60.85 8.50 -73.27
N UNK FB 70 61.18 8.80 -72.01
CA UNK FB 70 61.17 7.79 -70.96
C UNK FB 70 59.76 7.37 -70.57
N UNK FB 71 58.76 8.21 -70.83
CA UNK FB 71 57.39 7.79 -70.61
C UNK FB 71 56.97 6.78 -71.67
N UNK FB 72 55.83 6.14 -71.43
CA UNK FB 72 55.31 5.20 -72.41
C UNK FB 72 54.76 5.95 -73.62
N UNK FB 73 54.54 5.22 -74.72
CA UNK FB 73 53.96 5.84 -75.89
C UNK FB 73 52.48 6.14 -75.70
N UNK FB 74 51.83 5.52 -74.73
CA UNK FB 74 50.48 5.89 -74.33
C UNK FB 74 50.44 7.29 -73.75
N UNK FB 75 51.51 7.68 -73.06
CA UNK FB 75 51.56 8.99 -72.42
C UNK FB 75 51.55 10.11 -73.45
N UNK FB 76 52.49 10.07 -74.38
CA UNK FB 76 52.54 11.08 -75.44
C UNK FB 76 51.35 10.95 -76.38
N UNK FB 77 50.70 9.79 -76.42
CA UNK FB 77 49.40 9.73 -77.06
C UNK FB 77 48.35 10.48 -76.25
N UNK FB 78 48.33 10.27 -74.93
CA UNK FB 78 47.28 10.87 -74.13
C UNK FB 78 47.58 12.33 -73.79
N UNK FB 79 48.85 12.66 -73.54
CA UNK FB 79 49.16 14.03 -73.12
C UNK FB 79 49.14 15.00 -74.29
N UNK FB 80 49.56 14.57 -75.48
CA UNK FB 80 49.51 15.48 -76.62
C UNK FB 80 48.10 15.63 -77.15
N UNK FB 81 47.20 14.70 -76.81
CA UNK FB 81 45.80 14.93 -77.12
C UNK FB 81 45.22 16.00 -76.21
N UNK FB 82 45.57 15.97 -74.92
CA UNK FB 82 45.12 17.00 -74.00
C UNK FB 82 45.80 18.33 -74.27
N UNK FB 83 47.05 18.31 -74.70
CA UNK FB 83 47.75 19.56 -74.99
C UNK FB 83 47.27 20.17 -76.29
N UNK FB 84 46.57 19.40 -77.13
CA UNK FB 84 46.03 19.95 -78.37
C UNK FB 84 44.52 20.07 -78.35
N UNK FB 85 43.84 19.43 -77.40
CA UNK FB 85 42.42 19.72 -77.22
C UNK FB 85 42.22 21.15 -76.74
N UNK FB 86 43.12 21.64 -75.88
CA UNK FB 86 43.09 23.04 -75.52
C UNK FB 86 43.62 23.91 -76.65
N UNK FB 87 44.58 23.40 -77.42
CA UNK FB 87 45.22 24.20 -78.46
C UNK FB 87 44.38 24.33 -79.71
N UNK FB 88 43.26 23.64 -79.81
CA UNK FB 88 42.36 23.83 -80.93
C UNK FB 88 40.95 24.21 -80.54
N UNK FB 89 40.52 23.86 -79.32
CA UNK FB 89 39.15 24.15 -78.89
C UNK FB 89 39.08 25.08 -77.70
N UNK FB 90 39.76 24.75 -76.60
CA UNK FB 90 39.49 25.46 -75.34
C UNK FB 90 40.17 26.82 -75.30
N UNK FB 91 41.49 26.83 -75.23
CA UNK FB 91 42.27 28.07 -75.31
C UNK FB 91 42.72 28.15 -76.77
N UNK FB 92 41.81 28.61 -77.62
CA UNK FB 92 41.91 28.42 -79.07
C UNK FB 92 43.09 29.18 -79.63
N UNK FB 93 44.04 28.46 -80.23
CA UNK FB 93 45.25 29.07 -80.73
C UNK FB 93 45.04 29.80 -82.04
N UNK FB 94 43.88 29.63 -82.68
CA UNK FB 94 43.56 30.45 -83.84
C UNK FB 94 43.34 31.91 -83.46
N UNK FB 95 42.95 32.17 -82.21
CA UNK FB 95 42.89 33.53 -81.71
C UNK FB 95 44.29 34.08 -81.56
N UNK FB 96 44.73 34.88 -82.52
CA UNK FB 96 46.07 35.44 -82.49
C UNK FB 96 46.24 36.54 -81.45
N UNK FB 97 45.14 37.03 -80.87
CA UNK FB 97 45.19 38.10 -79.88
C UNK FB 97 45.76 37.66 -78.55
N UNK FB 98 45.84 36.35 -78.28
CA UNK FB 98 46.36 35.75 -77.05
C UNK FB 98 45.63 36.21 -75.80
N UNK FB 99 44.36 36.57 -75.93
CA UNK FB 99 43.54 37.06 -74.83
C UNK FB 99 42.37 36.12 -74.55
N UNK FB 100 42.67 34.82 -74.48
CA UNK FB 100 41.67 33.76 -74.62
C UNK FB 100 40.60 33.76 -73.55
N UNK FB 101 40.92 33.42 -72.32
CA UNK FB 101 39.83 33.41 -71.35
C UNK FB 101 40.14 34.10 -70.03
N UNK FB 102 41.35 33.91 -69.50
CA UNK FB 102 41.66 34.32 -68.13
C UNK FB 102 42.84 35.27 -68.17
N UNK FB 103 42.66 36.45 -67.59
CA UNK FB 103 43.63 37.53 -67.74
C UNK FB 103 44.86 37.29 -66.88
N UNK FB 104 44.69 37.24 -65.58
CA UNK FB 104 45.77 37.09 -64.62
C UNK FB 104 45.43 35.83 -63.85
N UNK FB 105 45.91 35.73 -62.62
CA UNK FB 105 45.69 34.56 -61.78
C UNK FB 105 44.24 34.45 -61.30
N UNK FB 106 44.00 33.75 -60.19
CA UNK FB 106 42.95 32.73 -59.98
C UNK FB 106 41.60 32.84 -60.67
N UNK FB 107 40.98 31.68 -60.82
CA UNK FB 107 40.11 31.32 -61.93
C UNK FB 107 38.73 31.96 -61.96
N UNK FB 108 38.51 33.08 -61.27
CA UNK FB 108 37.28 33.82 -61.52
C UNK FB 108 37.48 34.90 -62.59
N UNK FB 109 38.15 36.01 -62.23
CA UNK FB 109 38.54 36.94 -63.28
C UNK FB 109 39.98 37.43 -63.18
N UNK FB 110 40.27 38.13 -62.08
CA UNK FB 110 41.45 38.99 -61.88
C UNK FB 110 41.83 39.77 -63.14
N UNK FB 111 40.88 40.58 -63.61
CA UNK FB 111 41.16 41.40 -64.79
C UNK FB 111 41.98 42.62 -64.40
N UNK FB 112 43.06 42.84 -65.14
CA UNK FB 112 43.99 43.95 -64.88
C UNK FB 112 43.53 45.12 -65.74
N UNK FB 113 42.64 45.94 -65.18
CA UNK FB 113 42.04 47.04 -65.93
C UNK FB 113 42.97 48.26 -66.03
N UNK FB 114 44.05 48.29 -65.28
CA UNK FB 114 45.00 49.40 -65.35
C UNK FB 114 45.76 49.32 -66.66
N UNK FB 115 45.56 50.33 -67.52
CA UNK FB 115 46.13 50.31 -68.87
C UNK FB 115 47.64 50.40 -68.88
N UNK FB 116 48.24 51.10 -67.92
CA UNK FB 116 49.69 51.17 -67.85
C UNK FB 116 50.28 49.94 -67.20
N UNK FB 117 49.63 49.42 -66.14
CA UNK FB 117 50.15 48.25 -65.46
C UNK FB 117 49.97 46.99 -66.31
N UNK FB 118 48.93 46.94 -67.14
CA UNK FB 118 48.82 45.85 -68.10
C UNK FB 118 49.91 45.97 -69.16
N UNK FB 119 50.15 47.19 -69.65
CA UNK FB 119 51.25 47.41 -70.58
C UNK FB 119 52.60 47.24 -69.92
N UNK FB 120 52.67 47.45 -68.61
CA UNK FB 120 53.87 47.06 -67.88
C UNK FB 120 53.97 45.54 -67.76
N UNK FB 121 52.84 44.86 -67.61
CA UNK FB 121 52.87 43.41 -67.44
C UNK FB 121 52.95 42.67 -68.76
N UNK FB 122 52.40 43.23 -69.83
CA UNK FB 122 52.52 42.58 -71.13
C UNK FB 122 53.95 42.65 -71.64
N UNK FB 123 54.65 43.75 -71.39
CA UNK FB 123 56.08 43.78 -71.65
C UNK FB 123 56.81 42.84 -70.70
N UNK FB 124 56.33 42.72 -69.46
CA UNK FB 124 56.87 41.73 -68.55
C UNK FB 124 56.40 40.32 -68.89
N UNK FB 125 55.37 40.19 -69.72
CA UNK FB 125 54.98 38.85 -70.17
C UNK FB 125 55.94 38.34 -71.24
N UNK FB 126 56.36 39.21 -72.15
CA UNK FB 126 57.20 38.83 -73.27
C UNK FB 126 58.69 38.92 -72.97
N UNK FB 127 59.15 40.04 -72.39
CA UNK FB 127 60.58 40.23 -72.23
C UNK FB 127 61.16 39.36 -71.13
N UNK FB 128 60.36 39.00 -70.12
CA UNK FB 128 60.82 38.04 -69.14
C UNK FB 128 60.94 36.66 -69.76
N UNK FB 129 59.97 36.28 -70.58
CA UNK FB 129 60.05 35.00 -71.27
C UNK FB 129 60.94 35.07 -72.50
N UNK FB 130 61.38 36.26 -72.91
CA UNK FB 130 62.36 36.35 -73.99
C UNK FB 130 63.70 35.80 -73.55
N UNK FB 131 64.01 35.83 -72.26
CA UNK FB 131 65.14 35.10 -71.74
C UNK FB 131 64.83 33.63 -71.54
N UNK FB 132 63.55 33.27 -71.40
CA UNK FB 132 63.18 31.87 -71.19
C UNK FB 132 63.31 31.06 -72.47
N UNK FB 133 63.08 31.67 -73.62
CA UNK FB 133 63.31 30.96 -74.88
C UNK FB 133 64.80 30.75 -75.12
N UNK FB 134 65.64 31.69 -74.68
CA UNK FB 134 67.07 31.48 -74.71
C UNK FB 134 67.55 30.57 -73.59
N UNK FB 135 66.72 30.36 -72.57
CA UNK FB 135 67.13 29.53 -71.44
C UNK FB 135 67.11 28.05 -71.81
N UNK FB 136 66.02 27.59 -72.42
CA UNK FB 136 65.89 26.18 -72.75
C UNK FB 136 66.84 25.78 -73.87
N UNK FB 137 67.18 26.70 -74.75
CA UNK FB 137 68.19 26.42 -75.76
C UNK FB 137 69.57 26.30 -75.12
N UNK FB 138 69.84 27.12 -74.09
CA UNK FB 138 71.11 27.02 -73.39
C UNK FB 138 71.16 25.78 -72.52
N UNK FB 139 70.03 25.38 -71.94
CA UNK FB 139 70.01 24.22 -71.07
C UNK FB 139 70.08 22.92 -71.85
N UNK FB 140 69.37 22.82 -72.98
CA UNK FB 140 69.39 21.61 -73.78
C UNK FB 140 70.72 21.41 -74.49
N UNK FB 141 71.46 22.50 -74.76
CA UNK FB 141 72.83 22.34 -75.25
C UNK FB 141 73.75 21.87 -74.14
N UNK FB 142 73.42 22.16 -72.89
CA UNK FB 142 74.17 21.69 -71.73
C UNK FB 142 73.60 20.42 -71.13
N UNK FB 143 72.59 19.81 -71.76
CA UNK FB 143 72.02 18.56 -71.27
C UNK FB 143 72.33 17.40 -72.21
N UNK GB 1 -24.62 -25.91 -124.15
CA UNK GB 1 -23.87 -25.12 -123.17
C UNK GB 1 -23.14 -26.02 -122.18
N UNK GB 2 -22.56 -25.40 -121.15
CA UNK GB 2 -21.93 -26.12 -120.06
C UNK GB 2 -22.83 -26.20 -118.83
N UNK GB 3 -24.00 -25.57 -118.85
CA UNK GB 3 -24.95 -25.69 -117.76
C UNK GB 3 -25.82 -26.93 -117.92
N UNK GB 4 -26.15 -27.28 -119.15
CA UNK GB 4 -26.93 -28.47 -119.45
C UNK GB 4 -26.07 -29.65 -119.86
N UNK GB 5 -24.80 -29.68 -119.44
CA UNK GB 5 -23.92 -30.77 -119.85
C UNK GB 5 -24.04 -31.97 -118.91
N UNK GB 6 -24.16 -31.73 -117.60
CA UNK GB 6 -24.29 -32.81 -116.63
C UNK GB 6 -25.75 -33.14 -116.32
N UNK GB 7 -26.67 -32.77 -117.19
CA UNK GB 7 -28.10 -33.01 -116.94
C UNK GB 7 -28.54 -34.24 -117.73
N UNK GB 8 -28.68 -35.37 -117.03
CA UNK GB 8 -29.15 -36.61 -117.62
C UNK GB 8 -30.62 -36.79 -117.31
N UNK GB 9 -31.22 -37.83 -117.91
CA UNK GB 9 -32.65 -38.05 -117.75
C UNK GB 9 -33.04 -38.55 -116.37
N UNK GB 10 -32.09 -39.04 -115.57
CA UNK GB 10 -32.42 -39.54 -114.25
C UNK GB 10 -32.78 -38.40 -113.30
N UNK GB 11 -31.87 -37.46 -113.08
CA UNK GB 11 -32.07 -36.40 -112.11
C UNK GB 11 -32.00 -35.00 -112.72
N UNK GB 12 -30.98 -34.73 -113.54
CA UNK GB 12 -30.71 -33.50 -114.30
C UNK GB 12 -30.34 -32.30 -113.46
N UNK GB 13 -30.47 -32.29 -112.19
CA UNK GB 13 -29.92 -31.32 -111.25
C UNK GB 13 -29.75 -32.06 -109.92
N UNK GB 14 -28.54 -32.54 -109.68
CA UNK GB 14 -28.23 -33.27 -108.45
C UNK GB 14 -27.29 -32.39 -107.64
N UNK GB 15 -27.87 -31.46 -106.89
CA UNK GB 15 -27.10 -30.48 -106.11
C UNK GB 15 -27.59 -30.53 -104.67
N UNK GB 16 -27.02 -31.46 -103.89
CA UNK GB 16 -27.27 -31.46 -102.46
C UNK GB 16 -26.44 -30.39 -101.76
N UNK GB 17 -25.26 -30.08 -102.31
CA UNK GB 17 -24.45 -28.98 -101.80
C UNK GB 17 -24.85 -27.63 -102.39
N UNK GB 18 -25.55 -27.63 -103.52
CA UNK GB 18 -26.08 -26.44 -104.20
C UNK GB 18 -24.98 -25.45 -104.55
N UNK GB 19 -24.02 -25.91 -105.35
CA UNK GB 19 -22.90 -25.08 -105.77
C UNK GB 19 -23.20 -24.25 -107.00
N UNK GB 20 -24.20 -24.62 -107.80
CA UNK GB 20 -24.50 -23.87 -109.01
C UNK GB 20 -25.24 -22.57 -108.69
N UNK GB 21 -26.25 -22.64 -107.82
CA UNK GB 21 -26.99 -21.43 -107.45
C UNK GB 21 -26.20 -20.52 -106.54
N UNK GB 22 -25.16 -21.02 -105.87
CA UNK GB 22 -24.35 -20.19 -105.00
C UNK GB 22 -23.12 -19.65 -105.73
N UNK GB 23 -22.58 -20.42 -106.69
CA UNK GB 23 -21.38 -20.03 -107.41
C UNK GB 23 -21.66 -20.17 -108.91
N UNK GB 24 -22.23 -19.11 -109.49
CA UNK GB 24 -22.61 -19.13 -110.90
C UNK GB 24 -21.42 -18.91 -111.83
N UNK GB 25 -20.41 -18.16 -111.39
CA UNK GB 25 -19.22 -17.98 -112.21
C UNK GB 25 -18.25 -19.14 -112.05
N UNK GB 26 -18.32 -19.86 -110.93
CA UNK GB 26 -17.44 -20.99 -110.68
C UNK GB 26 -17.98 -22.29 -111.24
N UNK GB 27 -19.02 -22.23 -112.08
CA UNK GB 27 -19.46 -23.43 -112.79
C UNK GB 27 -18.45 -23.85 -113.84
N UNK GB 28 -17.73 -22.89 -114.41
CA UNK GB 28 -16.69 -23.23 -115.39
C UNK GB 28 -15.52 -23.93 -114.72
N UNK GB 29 -15.10 -23.46 -113.55
CA UNK GB 29 -14.01 -24.10 -112.83
C UNK GB 29 -14.43 -25.43 -112.23
N UNK GB 30 -15.73 -25.68 -112.10
CA UNK GB 30 -16.23 -26.95 -111.58
C UNK GB 30 -16.35 -28.01 -112.67
N UNK GB 31 -16.86 -27.65 -113.84
CA UNK GB 31 -17.04 -28.62 -114.90
C UNK GB 31 -15.71 -28.95 -115.59
N UNK GB 32 -14.76 -28.02 -115.56
CA UNK GB 32 -13.46 -28.29 -116.18
C UNK GB 32 -12.68 -29.33 -115.38
N UNK GB 33 -12.78 -29.28 -114.06
CA UNK GB 33 -12.19 -30.33 -113.24
C UNK GB 33 -13.05 -31.58 -113.19
N UNK GB 34 -14.33 -31.46 -113.54
CA UNK GB 34 -15.19 -32.64 -113.61
C UNK GB 34 -14.80 -33.52 -114.77
N UNK GB 35 -14.64 -32.92 -115.96
CA UNK GB 35 -14.22 -33.68 -117.12
C UNK GB 35 -12.74 -34.03 -117.07
N UNK GB 36 -11.97 -33.33 -116.25
CA UNK GB 36 -10.56 -33.69 -116.09
C UNK GB 36 -10.43 -34.98 -115.27
N UNK GB 37 -11.22 -35.11 -114.21
CA UNK GB 37 -11.21 -36.32 -113.41
C UNK GB 37 -12.06 -37.44 -114.00
N UNK GB 38 -12.76 -37.18 -115.11
CA UNK GB 38 -13.51 -38.21 -115.80
C UNK GB 38 -12.73 -38.79 -116.97
N UNK GB 39 -12.08 -37.92 -117.75
CA UNK GB 39 -11.30 -38.39 -118.90
C UNK GB 39 -10.08 -39.18 -118.47
N UNK GB 40 -9.47 -38.81 -117.34
CA UNK GB 40 -8.37 -39.61 -116.82
C UNK GB 40 -8.85 -40.91 -116.20
N UNK GB 41 -10.09 -40.96 -115.72
CA UNK GB 41 -10.61 -42.16 -115.09
C UNK GB 41 -11.19 -43.16 -116.07
N UNK GB 42 -11.66 -42.70 -117.22
CA UNK GB 42 -12.09 -43.63 -118.26
C UNK GB 42 -10.93 -44.42 -118.83
N UNK GB 43 -9.74 -43.80 -118.86
CA UNK GB 43 -8.51 -44.51 -119.20
C UNK GB 43 -7.90 -45.23 -118.01
N UNK GB 44 -8.56 -45.19 -116.85
CA UNK GB 44 -8.09 -45.92 -115.68
C UNK GB 44 -8.80 -47.26 -115.51
N UNK GB 45 -10.03 -47.38 -116.01
CA UNK GB 45 -10.71 -48.67 -115.98
C UNK GB 45 -10.05 -49.64 -116.96
N UNK GB 46 -9.63 -49.13 -118.13
CA UNK GB 46 -8.83 -49.95 -119.04
C UNK GB 46 -7.43 -50.18 -118.49
N UNK GB 47 -6.96 -49.30 -117.60
CA UNK GB 47 -5.68 -49.52 -116.93
C UNK GB 47 -5.78 -50.64 -115.90
N UNK GB 48 -6.85 -50.65 -115.12
CA UNK GB 48 -7.00 -51.69 -114.09
C UNK GB 48 -7.36 -53.03 -114.70
N UNK GB 49 -8.06 -53.04 -115.83
CA UNK GB 49 -8.45 -54.29 -116.47
C UNK GB 49 -7.27 -54.95 -117.17
N UNK GB 50 -6.61 -54.21 -118.07
CA UNK GB 50 -5.55 -54.79 -118.90
C UNK GB 50 -4.31 -55.15 -118.11
N UNK GB 51 -4.08 -54.50 -116.97
CA UNK GB 51 -3.02 -54.96 -116.09
C UNK GB 51 -3.43 -56.26 -115.38
N UNK GB 52 -4.68 -56.33 -114.92
CA UNK GB 52 -5.17 -57.54 -114.27
C UNK GB 52 -5.40 -58.67 -115.27
N UNK GB 53 -5.56 -58.36 -116.55
CA UNK GB 53 -5.67 -59.36 -117.61
C UNK GB 53 -4.32 -59.87 -118.08
N UNK GB 54 -3.24 -59.51 -117.37
CA UNK GB 54 -1.87 -59.99 -117.62
C UNK GB 54 -1.37 -59.66 -119.01
N UNK GB 55 -1.85 -58.55 -119.58
CA UNK GB 55 -1.39 -58.10 -120.89
C UNK GB 55 -0.01 -57.51 -120.72
N UNK GB 56 1.01 -58.25 -121.16
CA UNK GB 56 2.38 -57.78 -121.11
C UNK GB 56 2.72 -57.03 -122.38
N UNK GB 57 3.77 -56.21 -122.31
CA UNK GB 57 4.20 -55.39 -123.43
C UNK GB 57 5.06 -56.13 -124.43
N UNK GB 58 5.20 -57.45 -124.29
CA UNK GB 58 5.99 -58.35 -125.12
C UNK GB 58 7.46 -57.95 -125.23
N UNK GB 59 8.00 -57.30 -124.20
CA UNK GB 59 9.37 -56.83 -124.19
C UNK GB 59 9.85 -56.63 -122.76
N UNK GB 60 11.16 -56.52 -122.61
CA UNK GB 60 11.73 -56.24 -121.30
C UNK GB 60 11.40 -54.81 -120.87
N UNK GB 61 11.12 -54.66 -119.57
CA UNK GB 61 10.76 -53.35 -119.03
C UNK GB 61 11.98 -52.43 -118.92
N UNK GB 62 13.18 -52.99 -118.93
CA UNK GB 62 14.39 -52.19 -118.73
C UNK GB 62 15.51 -52.76 -119.59
N UNK GB 63 16.02 -51.95 -120.51
CA UNK GB 63 17.14 -52.39 -121.34
C UNK GB 63 18.43 -52.45 -120.53
N UNK GB 64 18.56 -51.59 -119.52
CA UNK GB 64 19.76 -51.57 -118.68
C UNK GB 64 19.55 -52.28 -117.35
N UNK GB 65 18.49 -51.94 -116.62
CA UNK GB 65 18.25 -52.50 -115.30
C UNK GB 65 17.71 -53.93 -115.35
N UNK GB 66 17.34 -54.43 -116.54
CA UNK GB 66 16.96 -55.81 -116.81
C UNK GB 66 15.73 -56.23 -115.98
N UNK GB 67 14.62 -55.60 -116.30
CA UNK GB 67 13.32 -55.96 -115.77
C UNK GB 67 12.47 -56.54 -116.90
N UNK GB 68 11.23 -56.90 -116.59
CA UNK GB 68 10.34 -57.51 -117.55
C UNK GB 68 8.95 -56.88 -117.44
N UNK GB 69 8.16 -57.05 -118.50
CA UNK GB 69 6.80 -56.53 -118.53
C UNK GB 69 5.83 -57.35 -117.68
N UNK GB 70 6.23 -58.54 -117.27
CA UNK GB 70 5.40 -59.36 -116.38
C UNK GB 70 5.89 -59.35 -114.94
N UNK GB 71 7.08 -58.80 -114.69
CA UNK GB 71 7.63 -58.83 -113.34
C UNK GB 71 6.90 -57.88 -112.39
N UNK GB 72 6.23 -56.86 -112.92
CA UNK GB 72 5.46 -55.95 -112.09
C UNK GB 72 4.11 -56.55 -111.76
N UNK GB 73 3.55 -56.16 -110.62
CA UNK GB 73 2.25 -56.67 -110.21
C UNK GB 73 1.14 -55.93 -110.95
N UNK GB 74 -0.10 -56.27 -110.62
CA UNK GB 74 -1.28 -55.69 -111.27
C UNK GB 74 -2.18 -54.92 -110.31
N UNK GB 75 -1.78 -54.83 -109.04
CA UNK GB 75 -2.54 -54.10 -108.03
C UNK GB 75 -2.02 -52.66 -107.95
N UNK GB 76 -2.34 -51.96 -106.85
CA UNK GB 76 -1.83 -50.61 -106.63
C UNK GB 76 -0.33 -50.56 -106.43
N UNK GB 77 0.31 -51.70 -106.11
CA UNK GB 77 1.76 -51.78 -105.97
C UNK GB 77 2.47 -52.00 -107.30
N UNK GB 78 1.77 -51.80 -108.43
CA UNK GB 78 2.41 -51.91 -109.72
C UNK GB 78 3.43 -50.79 -109.93
N UNK GB 79 3.05 -49.56 -109.60
CA UNK GB 79 3.97 -48.44 -109.67
C UNK GB 79 5.09 -48.54 -108.63
N UNK GB 80 4.82 -49.21 -107.51
CA UNK GB 80 5.86 -49.44 -106.51
C UNK GB 80 6.94 -50.39 -107.01
N UNK GB 81 6.63 -51.24 -107.98
CA UNK GB 81 7.61 -52.13 -108.57
C UNK GB 81 8.29 -51.53 -109.80
N UNK GB 82 7.76 -50.43 -110.35
CA UNK GB 82 8.40 -49.77 -111.46
C UNK GB 82 9.68 -49.07 -111.00
N UNK GB 83 10.62 -48.94 -111.93
CA UNK GB 83 11.93 -48.40 -111.60
C UNK GB 83 11.87 -46.91 -111.30
N UNK GB 84 12.79 -46.44 -110.46
CA UNK GB 84 12.81 -45.03 -110.10
C UNK GB 84 13.28 -44.15 -111.25
N UNK GB 85 14.12 -44.67 -112.14
CA UNK GB 85 14.51 -43.92 -113.33
C UNK GB 85 13.37 -43.80 -114.32
N UNK GB 86 12.39 -44.69 -114.25
CA UNK GB 86 11.23 -44.62 -115.13
C UNK GB 86 10.34 -43.44 -114.77
N UNK GB 87 9.97 -43.33 -113.49
CA UNK GB 87 9.00 -42.33 -113.05
C UNK GB 87 9.53 -40.91 -113.19
N UNK GB 88 10.86 -40.73 -113.10
CA UNK GB 88 11.44 -39.43 -113.38
C UNK GB 88 11.37 -39.08 -114.86
N UNK GB 89 11.18 -40.08 -115.72
CA UNK GB 89 10.89 -39.86 -117.13
C UNK GB 89 9.42 -40.02 -117.46
N UNK GB 90 8.71 -40.93 -116.78
CA UNK GB 90 7.31 -41.18 -117.11
C UNK GB 90 6.42 -40.04 -116.65
N UNK GB 91 6.59 -39.60 -115.40
CA UNK GB 91 5.79 -38.49 -114.91
C UNK GB 91 6.23 -37.17 -115.52
N UNK GB 92 7.45 -37.08 -116.06
CA UNK GB 92 7.89 -35.85 -116.70
C UNK GB 92 7.11 -35.57 -117.97
N UNK GB 93 6.73 -36.61 -118.72
CA UNK GB 93 5.82 -36.41 -119.83
C UNK GB 93 4.40 -36.18 -119.34
N UNK GB 94 4.04 -36.74 -118.20
CA UNK GB 94 2.72 -36.53 -117.63
C UNK GB 94 2.58 -35.17 -116.97
N UNK GB 95 3.67 -34.65 -116.38
CA UNK GB 95 3.80 -33.23 -116.08
C UNK GB 95 3.52 -32.41 -117.33
N UNK GB 96 4.33 -32.63 -118.37
CA UNK GB 96 4.39 -31.76 -119.54
C UNK GB 96 3.16 -31.86 -120.42
N UNK GB 97 2.41 -32.96 -120.35
CA UNK GB 97 1.14 -33.03 -121.07
C UNK GB 97 0.13 -32.07 -120.48
N UNK GB 98 0.04 -32.00 -119.15
CA UNK GB 98 -0.86 -31.09 -118.49
C UNK GB 98 -0.32 -29.67 -118.42
N UNK GB 99 0.99 -29.49 -118.59
CA UNK GB 99 1.59 -28.16 -118.45
C UNK GB 99 1.50 -27.37 -119.75
N UNK GB 100 2.13 -27.86 -120.81
CA UNK GB 100 2.26 -27.13 -122.06
C UNK GB 100 1.47 -27.72 -123.20
N UNK GB 101 1.43 -29.06 -123.31
CA UNK GB 101 0.85 -29.72 -124.49
C UNK GB 101 -0.67 -29.61 -124.50
N UNK GB 102 -1.33 -30.26 -123.56
CA UNK GB 102 -2.77 -30.14 -123.41
C UNK GB 102 -2.99 -29.02 -122.40
N UNK GB 103 -3.68 -27.99 -122.82
CA UNK GB 103 -3.87 -26.81 -121.98
C UNK GB 103 -4.86 -27.15 -120.87
N UNK GB 104 -4.33 -27.53 -119.71
CA UNK GB 104 -5.17 -27.77 -118.53
C UNK GB 104 -5.70 -26.46 -117.94
N UNK GB 105 -5.00 -25.35 -118.16
CA UNK GB 105 -5.51 -24.04 -117.78
C UNK GB 105 -6.69 -23.61 -118.63
N UNK GB 106 -6.84 -24.19 -119.82
CA UNK GB 106 -8.06 -24.02 -120.62
C UNK GB 106 -9.16 -24.88 -120.00
N UNK GB 107 -10.39 -24.36 -120.02
CA UNK GB 107 -11.50 -24.99 -119.32
C UNK GB 107 -12.44 -25.79 -120.21
N UNK GB 108 -12.59 -25.40 -121.48
CA UNK GB 108 -13.48 -26.15 -122.37
C UNK GB 108 -12.84 -27.41 -122.92
N UNK GB 109 -11.51 -27.54 -122.79
CA UNK GB 109 -10.70 -28.69 -123.19
C UNK GB 109 -10.78 -29.01 -124.67
N UNK GB 110 -11.12 -28.05 -125.52
CA UNK GB 110 -11.30 -28.26 -126.95
C UNK GB 110 -10.08 -27.84 -127.75
N UNK GB 111 -8.88 -28.08 -127.20
CA UNK GB 111 -7.64 -27.51 -127.72
C UNK GB 111 -7.25 -28.01 -129.11
N UNK GB 112 -6.95 -29.30 -129.24
CA UNK GB 112 -6.31 -29.80 -130.44
C UNK GB 112 -6.98 -31.04 -131.04
N UNK GB 113 -7.69 -31.83 -130.23
CA UNK GB 113 -8.29 -33.07 -130.69
C UNK GB 113 -9.77 -32.86 -131.00
N UNK GB 114 -10.30 -33.74 -131.83
CA UNK GB 114 -11.72 -33.79 -132.15
C UNK GB 114 -12.21 -35.23 -132.02
N UNK GB 115 -13.42 -35.48 -132.50
CA UNK GB 115 -13.95 -36.85 -132.56
C UNK GB 115 -13.23 -37.57 -133.70
N UNK GB 116 -12.13 -38.25 -133.36
CA UNK GB 116 -11.19 -38.86 -134.31
C UNK GB 116 -10.70 -37.84 -135.35
N UNK GB 117 -10.24 -36.70 -134.83
CA UNK GB 117 -9.69 -35.56 -135.59
C UNK GB 117 -10.68 -34.98 -136.60
N UNK GB 118 -11.98 -35.18 -136.39
CA UNK GB 118 -13.01 -34.69 -137.31
C UNK GB 118 -14.20 -34.23 -136.48
N UNK GB 119 -14.57 -32.97 -136.63
CA UNK GB 119 -15.65 -32.41 -135.84
C UNK GB 119 -17.00 -32.94 -136.30
N UNK GB 120 -17.86 -33.25 -135.33
CA UNK GB 120 -19.24 -33.65 -135.58
C UNK GB 120 -20.03 -32.36 -135.79
N UNK GB 121 -20.33 -32.06 -137.04
CA UNK GB 121 -20.97 -30.80 -137.40
C UNK GB 121 -22.47 -30.78 -137.11
N UNK GB 122 -23.05 -31.90 -136.71
CA UNK GB 122 -24.46 -31.94 -136.32
C UNK GB 122 -24.60 -31.37 -134.92
N UNK GB 123 -25.44 -30.35 -134.77
CA UNK GB 123 -25.65 -29.72 -133.47
C UNK GB 123 -26.39 -30.65 -132.51
N UNK GB 124 -27.24 -31.54 -133.04
CA UNK GB 124 -27.89 -32.53 -132.21
C UNK GB 124 -26.91 -33.60 -131.74
N UNK GB 125 -25.94 -33.94 -132.58
CA UNK GB 125 -24.96 -34.97 -132.23
C UNK GB 125 -23.79 -34.42 -131.45
N UNK GB 126 -23.53 -33.11 -131.52
CA UNK GB 126 -22.43 -32.53 -130.76
C UNK GB 126 -22.75 -32.50 -129.28
N UNK GB 127 -23.97 -32.12 -128.92
CA UNK GB 127 -24.37 -32.13 -127.52
C UNK GB 127 -24.55 -33.55 -127.00
N UNK GB 128 -24.91 -34.48 -127.88
CA UNK GB 128 -25.07 -35.87 -127.48
C UNK GB 128 -23.74 -36.60 -127.34
N UNK GB 129 -22.69 -36.14 -127.99
CA UNK GB 129 -21.38 -36.76 -127.82
C UNK GB 129 -20.69 -36.27 -126.57
N UNK GB 130 -21.08 -35.10 -126.07
CA UNK GB 130 -20.45 -34.57 -124.86
C UNK GB 130 -21.02 -35.23 -123.61
N UNK GB 131 -22.33 -35.44 -123.57
CA UNK GB 131 -22.93 -36.15 -122.44
C UNK GB 131 -22.56 -37.62 -122.45
N UNK GB 132 -22.29 -38.17 -123.65
CA UNK GB 132 -21.76 -39.53 -123.72
C UNK GB 132 -20.29 -39.56 -123.33
N UNK GB 133 -19.63 -38.40 -123.27
CA UNK GB 133 -18.29 -38.35 -122.70
C UNK GB 133 -18.34 -38.20 -121.18
N UNK GB 134 -19.29 -37.43 -120.68
CA UNK GB 134 -19.35 -37.18 -119.24
C UNK GB 134 -19.97 -38.36 -118.51
N UNK GB 135 -21.18 -38.75 -118.90
CA UNK GB 135 -21.93 -39.75 -118.13
C UNK GB 135 -21.33 -41.13 -118.23
N UNK GB 136 -20.67 -41.45 -119.35
CA UNK GB 136 -20.01 -42.75 -119.46
C UNK GB 136 -18.72 -42.79 -118.66
N UNK GB 137 -18.09 -41.64 -118.44
CA UNK GB 137 -16.84 -41.62 -117.68
C UNK GB 137 -17.05 -41.26 -116.22
N UNK GB 138 -18.16 -40.59 -115.88
CA UNK GB 138 -18.45 -40.34 -114.47
C UNK GB 138 -18.78 -41.63 -113.75
N UNK GB 139 -19.32 -42.63 -114.45
CA UNK GB 139 -19.41 -43.96 -113.87
C UNK GB 139 -18.04 -44.60 -113.76
N UNK GB 140 -17.14 -44.31 -114.70
CA UNK GB 140 -15.79 -44.84 -114.63
C UNK GB 140 -14.97 -44.18 -113.54
N UNK GB 141 -15.36 -42.99 -113.08
CA UNK GB 141 -14.69 -42.36 -111.95
C UNK GB 141 -14.99 -43.13 -110.66
N UNK GB 142 -16.26 -43.47 -110.45
CA UNK GB 142 -16.62 -44.27 -109.29
C UNK GB 142 -16.19 -45.73 -109.44
N UNK GB 143 -15.89 -46.15 -110.68
CA UNK GB 143 -15.42 -47.52 -110.87
C UNK GB 143 -13.98 -47.71 -110.42
N UNK GB 144 -13.14 -46.69 -110.61
CA UNK GB 144 -11.74 -46.83 -110.23
C UNK GB 144 -11.55 -46.80 -108.72
N UNK GB 145 -12.37 -46.03 -108.01
CA UNK GB 145 -12.32 -46.06 -106.56
C UNK GB 145 -12.93 -47.34 -106.01
N UNK GB 146 -13.91 -47.92 -106.70
CA UNK GB 146 -14.47 -49.20 -106.29
C UNK GB 146 -13.48 -50.33 -106.51
N UNK GB 147 -12.63 -50.20 -107.52
CA UNK GB 147 -11.59 -51.20 -107.74
C UNK GB 147 -10.48 -51.06 -106.71
N UNK GB 148 -10.04 -49.82 -106.45
CA UNK GB 148 -8.89 -49.60 -105.58
C UNK GB 148 -9.22 -49.89 -104.12
N UNK GB 149 -10.44 -49.60 -103.68
CA UNK GB 149 -10.82 -49.94 -102.31
C UNK GB 149 -10.95 -51.45 -102.15
N UNK GB 150 -11.50 -52.14 -103.15
CA UNK GB 150 -11.53 -53.59 -103.13
C UNK GB 150 -10.15 -54.21 -103.33
N UNK GB 151 -9.21 -53.48 -103.94
CA UNK GB 151 -7.84 -53.96 -104.05
C UNK GB 151 -7.03 -53.73 -102.78
N UNK GB 152 -7.60 -53.05 -101.78
CA UNK GB 152 -6.96 -52.89 -100.49
C UNK GB 152 -7.75 -53.52 -99.36
N UNK GB 153 -9.06 -53.72 -99.52
CA UNK GB 153 -9.85 -54.38 -98.49
C UNK GB 153 -9.84 -55.89 -98.65
N UNK GB 154 -9.73 -56.40 -99.88
CA UNK GB 154 -9.67 -57.83 -100.12
C UNK GB 154 -8.24 -58.33 -100.34
N UNK GB 155 -7.27 -57.73 -99.63
CA UNK GB 155 -5.85 -58.09 -99.64
C UNK GB 155 -5.22 -58.05 -101.04
FE FE2 HB . 7.37 41.54 -3.34
MG CLA IB . 24.92 21.14 1.51
CHA CLA IB . 23.23 20.06 -1.26
CHB CLA IB . 23.28 24.09 1.39
CHC CLA IB . 26.32 21.95 4.50
CHD CLA IB . 26.60 18.03 1.60
NA CLA IB . 23.51 21.96 0.22
C1A CLA IB . 22.93 21.34 -0.87
C2A CLA IB . 21.92 22.28 -1.50
C3A CLA IB . 22.20 23.62 -0.82
C4A CLA IB . 23.03 23.22 0.37
CMA CLA IB . 22.96 24.52 -1.74
CAA CLA IB . 20.56 21.82 -1.05
CBA CLA IB . 19.50 22.50 -1.87
CGA CLA IB . 18.64 21.45 -2.49
O1A CLA IB . 18.89 20.26 -2.66
O2A CLA IB . 17.44 21.92 -2.91
NB CLA IB . 24.89 22.77 2.68
C1B CLA IB . 24.05 23.81 2.53
C2B CLA IB . 24.08 24.65 3.75
C3B CLA IB . 24.94 24.04 4.63
C4B CLA IB . 25.46 22.83 3.96
CMB CLA IB . 23.26 25.85 3.85
CAB CLA IB . 25.35 24.32 5.98
CBB CLA IB . 25.43 25.50 6.59
NC CLA IB . 26.27 20.19 2.76
C1C CLA IB . 26.71 20.71 3.92
C2C CLA IB . 27.62 19.79 4.56
C3C CLA IB . 27.71 18.67 3.76
C4C CLA IB . 26.86 18.94 2.61
CMC CLA IB . 28.26 20.03 5.85
CAC CLA IB . 28.50 17.47 3.98
CBC CLA IB . 27.77 16.45 4.81
ND CLA IB . 24.99 19.43 0.45
C1D CLA IB . 25.71 18.23 0.60
C2D CLA IB . 25.31 17.29 -0.45
C3D CLA IB . 24.36 17.94 -1.17
C4D CLA IB . 24.20 19.27 -0.59
CMD CLA IB . 25.84 15.94 -0.58
CAD CLA IB . 23.43 17.85 -2.27
OBD CLA IB . 23.19 16.90 -2.98
CBD CLA IB . 22.74 19.22 -2.39
CGD CLA IB . 23.23 19.80 -3.66
O1D CLA IB . 24.41 20.01 -3.95
O2D CLA IB . 22.26 20.07 -4.56
CED CLA IB . 21.77 18.94 -5.26
C1 CLA IB . 17.07 21.65 -4.26
C2 CLA IB . 15.70 21.06 -4.19
C3 CLA IB . 15.46 19.76 -4.27
C4 CLA IB . 16.52 18.75 -4.46
C5 CLA IB . 14.07 19.25 -4.16
C6 CLA IB . 13.41 18.94 -5.47
C7 CLA IB . 11.96 18.66 -5.13
C8 CLA IB . 11.09 18.48 -6.34
C9 CLA IB . 11.22 19.68 -7.22
C10 CLA IB . 9.63 18.34 -5.98
C11 CLA IB . 9.39 17.45 -4.80
C12 CLA IB . 7.94 17.59 -4.40
C13 CLA IB . 7.64 16.80 -3.15
C14 CLA IB . 7.90 15.34 -3.39
C15 CLA IB . 6.18 16.96 -2.77
C16 CLA IB . 5.80 18.42 -2.65
C17 CLA IB . 4.79 18.62 -1.56
C18 CLA IB . 3.51 17.88 -1.87
C19 CLA IB . 2.81 18.52 -3.05
C20 CLA IB . 2.61 17.89 -0.66
CHA PHO JB . 8.11 24.38 -6.58
CHB PHO JB . 9.40 21.52 -2.91
CHC PHO JB . 13.70 23.76 -2.53
CHD PHO JB . 12.40 26.84 -6.08
NA PHO JB . 8.99 23.14 -4.71
C1A PHO JB . 8.00 23.39 -5.68
C2A PHO JB . 6.87 22.43 -5.48
C3A PHO JB . 7.21 21.72 -4.17
C4A PHO JB . 8.64 22.16 -3.92
CMA PHO JB . 6.33 22.19 -3.05
CAA PHO JB . 6.84 21.40 -6.56
CBA PHO JB . 5.58 20.62 -6.39
CGA PHO JB . 5.81 19.31 -7.03
O1A PHO JB . 6.75 18.95 -7.74
O2A PHO JB . 4.82 18.44 -6.74
NB PHO JB . 11.45 22.85 -3.00
C1B PHO JB . 10.67 21.81 -2.55
C2B PHO JB . 11.49 21.07 -1.56
C3B PHO JB . 12.70 21.70 -1.45
C4B PHO JB . 12.70 22.86 -2.37
CMB PHO JB . 10.98 19.91 -0.85
CAB PHO JB . 13.83 21.41 -0.61
CBB PHO JB . 14.55 20.29 -0.62
NC PHO JB . 12.77 25.12 -4.33
C1C PHO JB . 13.72 24.84 -3.47
C2C PHO JB . 14.82 25.81 -3.60
C3C PHO JB . 14.46 26.68 -4.59
C4C PHO JB . 13.14 26.26 -5.09
CMC PHO JB . 16.02 25.79 -2.79
CAC PHO JB . 15.21 27.83 -5.09
CBC PHO JB . 15.86 27.54 -6.41
ND PHO JB . 10.36 25.45 -5.94
C1D PHO JB . 11.10 26.49 -6.51
C2D PHO JB . 10.29 27.06 -7.54
C3D PHO JB . 9.13 26.29 -7.63
C4D PHO JB . 9.23 25.28 -6.63
CMD PHO JB . 10.64 28.22 -8.35
CAD PHO JB . 7.87 26.13 -8.27
OBD PHO JB . 7.32 26.83 -9.12
CBD PHO JB . 7.22 24.85 -7.68
CGD PHO JB . 5.87 25.23 -7.17
O1D PHO JB . 4.77 24.87 -7.55
O2D PHO JB . 5.97 26.08 -6.12
CED PHO JB . 4.74 26.31 -5.40
C1 PHO JB . 4.83 17.24 -7.51
C2 PHO JB . 4.47 16.15 -6.56
C3 PHO JB . 3.21 15.93 -6.15
C4 PHO JB . 2.05 16.73 -6.59
C5 PHO JB . 2.93 14.82 -5.21
C6 PHO JB . 3.80 13.64 -5.56
C7 PHO JB . 4.61 13.15 -4.39
C8 PHO JB . 5.96 12.59 -4.79
C9 PHO JB . 5.84 11.66 -5.99
C10 PHO JB . 6.56 11.97 -3.53
C11 PHO JB . 7.11 10.57 -3.62
C12 PHO JB . 8.60 10.49 -3.91
C13 PHO JB . 9.44 11.63 -3.40
C14 PHO JB . 10.66 11.78 -4.29
C15 PHO JB . 9.83 11.38 -1.95
C16 PHO JB . 10.96 12.25 -1.45
C17 PHO JB . 10.79 12.53 0.02
C18 PHO JB . 11.90 11.93 0.84
C19 PHO JB . 13.24 12.48 0.47
C20 PHO JB . 11.61 12.17 2.31
MG CLA KB . 5.10 3.37 -15.80
CHA CLA KB . 7.65 1.12 -15.40
CHB CLA KB . 7.10 5.30 -17.75
CHC CLA KB . 2.45 5.40 -16.43
CHD CLA KB . 3.02 1.25 -13.90
NA CLA KB . 7.05 3.24 -16.43
C1A CLA KB . 7.94 2.19 -16.20
C2A CLA KB . 9.26 2.46 -16.89
C3A CLA KB . 9.11 3.89 -17.42
C4A CLA KB . 7.64 4.17 -17.22
CMA CLA KB . 9.92 4.86 -16.63
CAA CLA KB . 9.41 1.57 -18.12
CBA CLA KB . 8.12 1.15 -18.80
CGA CLA KB . 8.30 0.88 -20.26
O1A CLA KB . 8.78 -0.11 -20.79
O2A CLA KB . 7.87 1.91 -21.06
NB CLA KB . 4.84 5.05 -16.85
C1B CLA KB . 5.78 5.67 -17.59
C2B CLA KB . 5.20 6.86 -18.22
C3B CLA KB . 3.89 6.90 -17.85
C4B CLA KB . 3.63 5.74 -16.98
CMB CLA KB . 5.92 7.76 -19.10
CAB CLA KB . 2.93 7.85 -18.20
CBB CLA KB . 1.97 7.56 -19.04
NC CLA KB . 3.10 3.34 -15.24
C1C CLA KB . 2.19 4.27 -15.61
C2C CLA KB . 0.90 3.94 -15.06
C3C CLA KB . 1.05 2.76 -14.37
C4C CLA KB . 2.44 2.39 -14.48
CMC CLA KB . -0.31 4.72 -15.26
CAC CLA KB . 0.01 2.03 -13.64
CBC CLA KB . -0.52 0.87 -14.42
ND CLA KB . 5.24 1.61 -14.83
C1D CLA KB . 4.32 0.90 -14.06
C2D CLA KB . 5.01 -0.27 -13.49
C3D CLA KB . 6.28 -0.24 -13.97
C4D CLA KB . 6.38 0.94 -14.82
CMD CLA KB . 4.34 -1.20 -12.62
CAD CLA KB . 7.59 -0.87 -13.99
OBD CLA KB . 7.96 -1.89 -13.44
CBD CLA KB . 8.49 0.01 -14.88
CGD CLA KB . 9.60 0.60 -14.08
O1D CLA KB . 9.84 1.78 -13.86
O2D CLA KB . 10.42 -0.30 -13.51
CED CLA KB . 11.67 0.18 -13.02
C1 CLA KB . 7.50 1.59 -22.42
C2 CLA KB . 8.08 2.61 -23.32
C3 CLA KB . 8.26 2.54 -24.65
C4 CLA KB . 7.93 1.41 -25.52
C5 CLA KB . 8.87 3.69 -25.37
C6 CLA KB . 7.82 4.65 -25.87
C7 CLA KB . 8.52 5.91 -26.31
C8 CLA KB . 7.99 6.34 -27.65
C9 CLA KB . 8.25 5.26 -28.69
C10 CLA KB . 8.55 7.71 -28.05
C11 CLA KB . 9.87 7.63 -28.80
C12 CLA KB . 9.84 8.39 -30.10
C13 CLA KB . 10.80 7.79 -31.12
C14 CLA KB . 12.21 7.78 -30.57
C15 CLA KB . 10.73 8.49 -32.47
C16 CLA KB . 11.59 7.75 -33.48
C17 CLA KB . 11.52 8.33 -34.88
C18 CLA KB . 12.28 7.47 -35.88
C19 CLA KB . 12.18 8.02 -37.29
C20 CLA KB . 13.73 7.36 -35.49
C1 BCR LB . -5.67 12.10 -17.42
C2 BCR LB . -6.30 12.68 -18.65
C3 BCR LB . -6.12 11.73 -19.80
C4 BCR LB . -6.84 10.43 -19.53
C5 BCR LB . -6.64 9.97 -18.14
C6 BCR LB . -6.10 10.69 -17.17
C7 BCR LB . -5.97 10.18 -15.81
C8 BCR LB . -4.88 9.58 -15.37
C9 BCR LB . -4.72 9.13 -14.01
C10 BCR LB . -4.00 8.03 -13.78
C11 BCR LB . -4.00 7.34 -12.51
C33 BCR LB . -7.12 8.59 -17.94
C31 BCR LB . -6.03 12.99 -16.26
C32 BCR LB . -4.18 12.17 -17.62
C34 BCR LB . -5.62 9.69 -12.98
C12 BCR LB . -3.07 6.42 -12.30
C13 BCR LB . -2.88 5.79 -11.02
C14 BCR LB . -2.36 4.57 -10.99
C15 BCR LB . -1.85 3.97 -9.79
C16 BCR LB . -1.19 2.82 -9.84
C17 BCR LB . -0.06 2.69 -8.97
C18 BCR LB . 0.85 1.72 -9.01
C19 BCR LB . 1.09 0.99 -7.79
C20 BCR LB . 1.99 0.01 -7.71
C21 BCR LB . 2.69 -0.16 -6.47
C22 BCR LB . 3.47 -1.20 -6.18
C23 BCR LB . 3.53 -1.61 -4.80
C24 BCR LB . 4.20 -2.70 -4.44
C25 BCR LB . 4.27 -3.28 -3.10
C26 BCR LB . 5.14 -2.84 -2.20
C27 BCR LB . 5.30 -3.38 -0.84
C28 BCR LB . 4.11 -4.18 -0.41
C29 BCR LB . 3.74 -5.13 -1.51
C30 BCR LB . 3.36 -4.42 -2.80
C35 BCR LB . -3.60 6.31 -9.84
C36 BCR LB . 1.89 1.69 -10.05
C37 BCR LB . 3.84 -2.17 -7.23
C38 BCR LB . 6.09 -1.74 -2.42
C39 BCR LB . 1.91 -3.99 -2.74
C40 BCR LB . 3.47 -5.48 -3.87
O6 SQD MB . 19.20 46.58 -14.62
C44 SQD MB . 19.14 45.47 -15.48
C45 SQD MB . 18.95 44.23 -14.64
C46 SQD MB . 19.42 43.03 -15.44
O47 SQD MB . 19.63 44.34 -13.41
C7 SQD MB . 18.97 44.04 -12.19
O49 SQD MB . 17.79 43.84 -12.18
C8 SQD MB . 19.80 43.72 -10.95
C9 SQD MB . 20.43 42.34 -11.11
C10 SQD MB . 21.85 42.51 -11.64
C11 SQD MB . 22.45 41.11 -11.85
C12 SQD MB . 23.94 41.25 -12.16
C13 SQD MB . 24.75 40.67 -11.00
C14 SQD MB . 25.47 39.41 -11.48
C15 SQD MB . 24.67 38.20 -11.05
C16 SQD MB . 24.78 38.02 -9.55
C17 SQD MB . 25.88 36.99 -9.26
C18 SQD MB . 25.35 35.58 -9.56
C19 SQD MB . 24.19 35.26 -8.63
C20 SQD MB . 24.40 33.89 -8.03
C21 SQD MB . 25.58 33.95 -7.09
C22 SQD MB . 25.60 32.71 -6.23
O48 SQD MB . 20.62 43.37 -16.09
C23 SQD MB . 21.66 42.43 -16.07
O10 SQD MB . 21.53 41.44 -15.39
C24 SQD MB . 23.06 42.78 -16.57
C25 SQD MB . 23.82 41.48 -16.79
C26 SQD MB . 25.30 41.79 -16.99
C27 SQD MB . 26.12 40.49 -16.95
C28 SQD MB . 27.56 40.84 -16.56
C29 SQD MB . 28.43 39.58 -16.62
C30 SQD MB . 29.88 39.96 -16.25
C31 SQD MB . 30.84 39.14 -17.11
C32 SQD MB . 32.30 39.38 -16.69
C33 SQD MB . 32.62 40.87 -16.69
C34 SQD MB . 34.11 41.07 -16.38
C35 SQD MB . 34.27 41.52 -14.95
C36 SQD MB . 35.67 42.04 -14.71
C37 SQD MB . 36.69 40.96 -14.95
C38 SQD MB . 37.90 41.22 -14.09
C1 SQD MB . 18.18 47.53 -14.81
C2 SQD MB . 18.09 48.54 -13.71
O2 SQD MB . 18.00 47.94 -12.48
C3 SQD MB . 16.83 49.29 -14.00
O3 SQD MB . 16.61 50.21 -12.99
C4 SQD MB . 16.87 50.01 -15.31
O4 SQD MB . 15.59 50.39 -15.65
C5 SQD MB . 17.43 49.18 -16.42
C6 SQD MB . 18.13 50.11 -17.36
O5 SQD MB . 18.34 48.18 -16.05
S SQD MB . 18.72 49.13 -18.72
O7 SQD MB . 17.86 48.01 -18.92
O8 SQD MB . 18.84 49.96 -19.94
O9 SQD MB . 19.96 48.49 -18.42
C BCT NB . 6.08 43.24 -4.33
O1 BCT NB . 5.36 44.23 -4.24
O2 BCT NB . 7.04 43.01 -5.02
O3 BCT NB . 5.35 42.05 -4.03
O1 LHG OB . 14.86 41.97 -23.14
C1 LHG OB . 15.14 40.64 -23.55
C2 LHG OB . 14.43 39.70 -22.64
O2 LHG OB . 13.05 39.65 -22.94
C3 LHG OB . 14.53 40.10 -21.22
O3 LHG OB . 13.67 41.20 -21.21
P LHG OB . 12.42 41.25 -20.21
O4 LHG OB . 12.30 42.62 -19.69
O5 LHG OB . 11.47 40.32 -20.85
O6 LHG OB . 13.19 40.46 -18.99
C4 LHG OB . 12.47 39.81 -18.00
C5 LHG OB . 13.44 38.75 -17.49
C6 LHG OB . 14.81 39.33 -17.30
O7 LHG OB . 12.99 38.35 -16.23
C7 LHG OB . 12.61 37.08 -16.21
O9 LHG OB . 11.80 36.70 -16.97
C8 LHG OB . 12.80 36.47 -14.91
C9 LHG OB . 12.19 35.10 -14.95
C10 LHG OB . 13.24 34.05 -15.12
O8 LHG OB . 15.63 38.56 -18.16
C23 LHG OB . 16.96 38.83 -18.13
O10 LHG OB . 17.34 39.75 -17.46
C24 LHG OB . 17.96 37.80 -18.48
C11 LHG OB . 13.90 34.04 -13.77
C12 LHG OB . 15.15 33.23 -13.84
C13 LHG OB . 16.19 33.96 -14.65
C14 LHG OB . 17.54 33.27 -14.61
C15 LHG OB . 18.18 33.41 -15.99
C16 LHG OB . 19.63 33.82 -15.82
C17 LHG OB . 20.57 32.93 -16.62
C18 LHG OB . 21.17 33.89 -17.60
C19 LHG OB . 22.52 33.53 -18.14
C20 LHG OB . 22.57 34.35 -19.43
C21 LHG OB . 22.90 35.78 -19.15
C22 LHG OB . 22.50 36.60 -20.36
C25 LHG OB . 19.10 37.72 -17.52
C26 LHG OB . 20.38 38.41 -17.91
C27 LHG OB . 21.20 38.47 -16.65
C28 LHG OB . 21.44 37.18 -15.92
C29 LHG OB . 22.50 37.49 -14.90
C30 LHG OB . 23.85 37.81 -15.45
C31 LHG OB . 24.97 36.94 -14.99
C32 LHG OB . 24.65 35.47 -14.88
C33 LHG OB . 25.27 34.96 -13.60
C34 LHG OB . 26.73 35.30 -13.39
C35 LHG OB . 27.63 34.13 -13.73
C1 BCR PB . -2.51 13.63 -3.37
C2 BCR PB . -2.30 13.57 -1.89
C3 BCR PB . -2.16 14.96 -1.35
C4 BCR PB . -3.45 15.72 -1.55
C5 BCR PB . -4.00 15.52 -2.90
C6 BCR PB . -3.59 14.59 -3.76
C7 BCR PB . -4.21 14.42 -5.08
C8 BCR PB . -3.74 14.99 -6.19
C9 BCR PB . -4.57 15.36 -7.31
C10 BCR PB . -5.09 14.42 -8.10
C11 BCR PB . -5.59 14.71 -9.43
C33 BCR PB . -5.08 16.47 -3.22
C31 BCR PB . -2.85 12.22 -3.84
C32 BCR PB . -1.18 14.04 -3.97
C34 BCR PB . -4.69 16.79 -7.63
C12 BCR PB . -6.39 13.83 -10.04
C13 BCR PB . -6.97 14.02 -11.33
C14 BCR PB . -7.65 13.01 -11.88
C15 BCR PB . -8.37 13.12 -13.12
C16 BCR PB . -8.93 12.02 -13.65
C17 BCR PB . -9.57 12.15 -14.93
C18 BCR PB . -10.12 11.16 -15.62
C19 BCR PB . -10.46 11.41 -17.01
C20 BCR PB . -10.58 10.44 -17.91
C21 BCR PB . -10.55 10.77 -19.32
C22 BCR PB . -10.55 9.88 -20.31
C23 BCR PB . -10.80 10.35 -21.65
C24 BCR PB . -11.17 9.55 -22.65
C25 BCR PB . -11.21 9.89 -24.07
C26 BCR PB . -12.25 10.52 -24.63
C27 BCR PB . -12.37 10.90 -26.05
C28 BCR PB . -11.02 10.90 -26.73
C29 BCR PB . -10.31 9.62 -26.38
C30 BCR PB . -10.05 9.46 -24.90
C35 BCR PB . -7.02 15.37 -11.94
C36 BCR PB . -10.08 9.78 -15.14
C37 BCR PB . -10.51 8.43 -20.05
C38 BCR PB . -13.45 10.96 -23.88
C39 BCR PB . -8.76 10.17 -24.53
C40 BCR PB . -9.78 7.98 -24.72
MG CLA QB . 32.32 47.02 49.45
CHA CLA QB . 34.06 47.21 52.41
CHB CLA QB . 29.55 48.20 50.99
CHC CLA QB . 30.69 47.03 46.45
CHD CLA QB . 35.24 45.89 47.84
NA CLA QB . 31.88 47.57 51.40
C1A CLA QB . 32.75 47.61 52.49
C2A CLA QB . 32.01 48.11 53.73
C3A CLA QB . 30.55 48.27 53.25
C4A CLA QB . 30.65 48.00 51.77
CMA CLA QB . 29.65 47.26 53.91
CAA CLA QB . 32.53 49.47 54.19
CBA CLA QB . 32.01 50.67 53.42
CGA CLA QB . 33.11 51.37 52.71
O1A CLA QB . 33.10 52.51 52.24
O2A CLA QB . 34.25 50.61 52.57
NB CLA QB . 30.49 47.56 48.83
C1B CLA QB . 29.49 47.98 49.63
C2B CLA QB . 28.25 48.14 48.84
C3B CLA QB . 28.57 47.81 47.55
C4B CLA QB . 29.99 47.43 47.53
CMB CLA QB . 26.99 48.58 49.41
CAB CLA QB . 27.75 47.78 46.40
CBB CLA QB . 27.55 48.81 45.61
NC CLA QB . 32.85 46.52 47.52
C1C CLA QB . 32.03 46.59 46.45
C2C CLA QB . 32.72 46.18 45.25
C3C CLA QB . 34.01 45.88 45.63
C4C CLA QB . 34.09 46.09 47.06
CMC CLA QB . 32.13 46.13 43.93
CAC CLA QB . 35.08 45.41 44.76
CBC CLA QB . 35.17 43.91 44.77
ND CLA QB . 34.19 46.50 49.97
C1D CLA QB . 35.30 46.09 49.20
C2D CLA QB . 36.45 45.91 50.08
C3D CLA QB . 36.02 46.29 51.34
C4D CLA QB . 34.61 46.69 51.20
CMD CLA QB . 37.74 45.43 49.65
CAD CLA QB . 36.38 46.45 52.71
OBD CLA QB . 37.41 46.14 53.28
CBD CLA QB . 35.16 47.11 53.42
CGD CLA QB . 34.69 46.29 54.57
O1D CLA QB . 34.01 46.66 55.54
O2D CLA QB . 35.07 44.99 54.51
CED CLA QB . 34.86 44.17 55.67
C1 CLA QB . 35.49 51.33 52.40
C2 CLA QB . 36.60 50.35 52.33
C3 CLA QB . 37.21 49.98 51.20
C4 CLA QB . 38.32 49.00 51.19
C5 CLA QB . 36.80 50.54 49.88
C6 CLA QB . 35.98 49.58 49.05
C7 CLA QB . 34.52 49.88 49.21
C8 CLA QB . 33.81 50.07 47.88
C9 CLA QB . 34.46 51.18 47.09
C10 CLA QB . 32.31 50.29 48.14
C11 CLA QB . 31.73 51.65 47.82
C12 CLA QB . 30.72 51.53 46.71
C13 CLA QB . 29.52 52.42 46.94
C14 CLA QB . 28.82 52.02 48.21
C15 CLA QB . 28.53 52.34 45.78
C16 CLA QB . 27.83 53.65 45.48
C17 CLA QB . 26.81 53.43 44.38
C18 CLA QB . 26.17 54.70 43.82
C19 CLA QB . 25.47 55.50 44.89
C20 CLA QB . 27.18 55.55 43.08
MG CLA RB . 24.97 42.35 44.41
CHA CLA RB . 25.01 40.00 41.91
CHB CLA RB . 26.86 40.30 46.34
CHC CLA RB . 25.29 44.86 46.68
CHD CLA RB . 22.99 44.44 42.36
NA CLA RB . 25.76 40.45 44.15
C1A CLA RB . 25.70 39.66 43.03
C2A CLA RB . 26.44 38.36 43.25
C3A CLA RB . 26.66 38.37 44.77
C4A CLA RB . 26.46 39.82 45.12
CMA CLA RB . 25.65 37.50 45.45
CAA CLA RB . 27.79 38.54 42.61
CBA CLA RB . 28.48 37.22 42.40
CGA CLA RB . 27.78 36.53 41.29
O1A CLA RB . 27.36 35.38 41.23
O2A CLA RB . 27.61 37.36 40.23
NB CLA RB . 25.76 42.49 46.25
C1B CLA RB . 26.67 41.63 46.74
C2B CLA RB . 27.48 42.25 47.80
C3B CLA RB . 27.05 43.53 47.90
C4B CLA RB . 25.97 43.71 46.92
CMB CLA RB . 28.55 41.54 48.50
CAB CLA RB . 27.50 44.61 48.74
CBB CLA RB . 27.43 44.59 50.06
NC CLA RB . 24.21 44.27 44.53
C1C CLA RB . 24.47 45.11 45.55
C2C CLA RB . 23.80 46.37 45.31
C3C CLA RB . 23.17 46.26 44.09
C4C CLA RB . 23.43 44.94 43.59
CMC CLA RB . 23.83 47.52 46.20
CAC CLA RB . 22.37 47.28 43.43
CBC CLA RB . 20.90 47.07 43.67
ND CLA RB . 24.23 42.33 42.55
C1D CLA RB . 23.38 43.22 41.85
C2D CLA RB . 23.00 42.62 40.57
C3D CLA RB . 23.63 41.41 40.52
C4D CLA RB . 24.35 41.26 41.78
CMD CLA RB . 22.14 43.26 39.58
CAD CLA RB . 23.85 40.20 39.78
OBD CLA RB . 23.47 39.90 38.67
CBD CLA RB . 24.68 39.24 40.65
CGD CLA RB . 23.78 38.10 40.96
O1D CLA RB . 22.80 38.12 41.68
O2D CLA RB . 24.11 36.94 40.35
CED CLA RB . 23.91 35.74 41.09
C1 CLA RB . 27.77 36.79 38.92
C2 CLA RB . 27.96 37.94 38.01
C3 CLA RB . 27.13 38.24 37.01
C4 CLA RB . 25.94 37.40 36.74
C5 CLA RB . 27.38 39.42 36.13
C6 CLA RB . 26.16 39.98 35.43
C7 CLA RB . 26.51 40.38 34.01
C8 CLA RB . 25.56 39.84 32.94
C9 CLA RB . 25.17 38.40 33.22
C10 CLA RB . 26.23 39.92 31.57
C11 CLA RB . 25.43 39.29 30.46
C12 CLA RB . 24.18 40.05 30.09
C13 CLA RB . 23.53 39.51 28.83
C14 CLA RB . 22.13 40.05 28.65
C15 CLA RB . 23.45 37.98 28.84
C16 CLA RB . 23.29 37.45 27.45
C17 CLA RB . 24.58 37.49 26.66
C18 CLA RB . 25.11 36.08 26.45
C19 CLA RB . 25.65 35.93 25.05
C20 CLA RB . 26.22 35.83 27.43
MG CLA SB . 17.26 37.59 45.21
CHA CLA SB . 17.93 34.23 45.50
CHB CLA SB . 20.08 38.00 43.40
CHC CLA SB . 16.34 40.82 44.56
CHD CLA SB . 14.26 37.11 46.95
NA CLA SB . 18.78 36.31 44.63
C1A CLA SB . 18.87 34.94 44.82
C2A CLA SB . 20.14 34.42 44.19
C3A CLA SB . 20.92 35.68 43.84
C4A CLA SB . 19.87 36.76 43.94
CMA CLA SB . 22.01 35.89 44.85
CAA CLA SB . 19.83 33.60 42.95
CBA CLA SB . 18.72 34.14 42.06
CGA CLA SB . 19.39 34.96 41.00
O1A CLA SB . 20.56 34.90 40.66
O2A CLA SB . 18.58 35.87 40.36
NB CLA SB . 18.10 39.14 44.25
C1B CLA SB . 19.18 39.06 43.47
C2B CLA SB . 19.35 40.33 42.73
C3B CLA SB . 18.30 41.13 43.05
C4B CLA SB . 17.49 40.38 44.04
CMB CLA SB . 20.44 40.52 41.80
CAB CLA SB . 17.92 42.43 42.60
CBB CLA SB . 18.70 43.52 42.57
NC CLA SB . 15.63 38.75 45.72
C1C CLA SB . 15.47 40.04 45.36
C2C CLA SB . 14.22 40.54 45.85
C3C CLA SB . 13.62 39.49 46.54
C4C CLA SB . 14.52 38.37 46.46
CMC CLA SB . 13.71 41.87 45.58
CAC CLA SB . 12.32 39.50 47.20
CBC CLA SB . 11.22 39.01 46.31
ND CLA SB . 16.29 36.08 46.09
C1D CLA SB . 15.07 36.01 46.77
C2D CLA SB . 14.84 34.63 47.19
C3D CLA SB . 15.91 33.91 46.74
C4D CLA SB . 16.79 34.85 46.05
CMD CLA SB . 13.67 34.16 47.91
CAD CLA SB . 16.50 32.61 46.64
OBD CLA SB . 16.05 31.54 47.01
CBD CLA SB . 17.84 32.78 45.89
CGD CLA SB . 18.99 32.44 46.79
O1D CLA SB . 20.19 32.61 46.61
O2D CLA SB . 18.67 31.85 47.95
CED CLA SB . 19.50 30.77 48.33
C1 CLA SB . 19.27 36.75 39.45
C2 CLA SB . 18.47 37.99 39.34
C3 CLA SB . 18.89 39.11 38.75
C4 CLA SB . 20.23 39.22 38.15
C5 CLA SB . 17.98 40.28 38.71
C6 CLA SB . 18.43 41.42 37.82
C7 CLA SB . 17.42 42.54 37.88
C8 CLA SB . 18.08 43.85 37.51
C9 CLA SB . 17.24 45.01 37.98
C10 CLA SB . 18.23 43.92 36.00
C11 CLA SB . 18.90 45.20 35.57
C12 CLA SB . 18.47 45.54 34.17
C13 CLA SB . 19.38 46.59 33.56
C14 CLA SB . 18.81 47.02 32.24
C15 CLA SB . 20.80 46.03 33.45
C16 CLA SB . 21.72 46.89 32.60
C17 CLA SB . 22.16 48.15 33.31
C18 CLA SB . 23.00 49.02 32.40
C19 CLA SB . 24.47 48.65 32.46
C20 CLA SB . 22.84 50.48 32.77
MG CLA TB . 11.49 30.19 36.01
CHA CLA TB . 13.30 30.72 38.85
CHB CLA TB . 10.24 27.33 37.35
CHC CLA TB . 9.51 29.83 33.30
CHD CLA TB . 12.67 33.27 34.70
NA CLA TB . 11.81 29.17 37.79
C1A CLA TB . 12.56 29.57 38.88
C2A CLA TB . 12.48 28.53 40.00
C3A CLA TB . 11.58 27.45 39.43
C4A CLA TB . 11.18 28.00 38.08
CMA CLA TB . 12.30 26.15 39.32
CAA CLA TB . 11.78 29.04 41.24
CBA CLA TB . 10.63 29.97 40.96
CGA CLA TB . 10.10 30.39 42.29
O1A CLA TB . 10.38 29.83 43.34
O2A CLA TB . 9.25 31.46 42.34
NB CLA TB . 10.11 28.88 35.46
C1B CLA TB . 9.78 27.74 36.10
C2B CLA TB . 8.86 26.95 35.26
C3B CLA TB . 8.66 27.66 34.12
C4B CLA TB . 9.46 28.87 34.23
CMB CLA TB . 8.34 25.66 35.68
CAB CLA TB . 7.92 27.42 32.92
CBB CLA TB . 6.73 26.84 32.78
NC CLA TB . 11.19 31.32 34.31
C1C CLA TB . 10.32 30.98 33.34
C2C CLA TB . 10.28 31.96 32.30
C3C CLA TB . 11.18 32.94 32.68
C4C CLA TB . 11.75 32.54 33.95
CMC CLA TB . 9.44 31.87 31.13
CAC CLA TB . 11.47 34.15 31.97
CBC CLA TB . 12.71 34.09 31.16
ND CLA TB . 12.83 31.60 36.50
C1D CLA TB . 13.17 32.84 35.90
C2D CLA TB . 14.11 33.52 36.78
C3D CLA TB . 14.21 32.75 37.91
C4D CLA TB . 13.34 31.58 37.71
CMD CLA TB . 14.76 34.78 36.47
CAD CLA TB . 14.81 32.59 39.19
OBD CLA TB . 15.67 33.29 39.69
CBD CLA TB . 14.17 31.37 39.87
CGD CLA TB . 15.18 30.42 40.44
O1D CLA TB . 15.03 29.64 41.37
O2D CLA TB . 16.39 30.47 39.85
CED CLA TB . 17.51 30.40 40.73
C1 CLA TB . 9.34 32.16 43.59
C2 CLA TB . 8.05 32.75 43.98
C3 CLA TB . 7.78 34.04 43.81
C4 CLA TB . 8.77 34.98 43.21
C5 CLA TB . 6.47 34.62 44.22
C6 CLA TB . 6.60 35.96 44.89
C7 CLA TB . 6.99 35.76 46.34
C8 CLA TB . 6.70 37.00 47.18
C9 CLA TB . 6.95 36.62 48.61
C10 CLA TB . 5.28 37.50 46.92
C11 CLA TB . 4.63 38.18 48.10
C12 CLA TB . 4.41 39.66 47.84
C13 CLA TB . 3.67 40.34 48.99
C14 CLA TB . 3.76 41.84 48.85
C15 CLA TB . 4.19 39.88 50.35
C16 CLA TB . 3.14 39.98 51.44
C17 CLA TB . 3.21 38.81 52.40
C18 CLA TB . 2.16 38.96 53.49
C19 CLA TB . 2.28 37.87 54.52
C20 CLA TB . 0.76 38.96 52.92
MG CLA UB . 6.37 30.23 46.20
CHA CLA UB . 8.70 27.91 45.17
CHB CLA UB . 7.66 30.12 49.33
CHC CLA UB . 4.22 32.70 47.13
CHD CLA UB . 5.13 30.39 42.90
NA CLA UB . 7.92 29.17 47.08
C1A CLA UB . 8.79 28.26 46.49
C2A CLA UB . 9.79 27.73 47.50
C3A CLA UB . 9.33 28.36 48.81
C4A CLA UB . 8.22 29.30 48.39
CMA CLA UB . 8.83 27.33 49.76
CAA CLA UB . 11.20 28.22 47.20
CBA CLA UB . 11.24 29.68 46.83
CGA CLA UB . 12.33 29.97 45.89
O1A CLA UB . 13.37 29.37 45.69
O2A CLA UB . 12.08 31.11 45.19
NB CLA UB . 5.91 31.10 47.94
C1B CLA UB . 6.66 31.04 49.05
C2B CLA UB . 6.30 32.11 49.99
C3B CLA UB . 5.34 32.85 49.39
C4B CLA UB . 5.08 32.23 48.07
CMB CLA UB . 6.95 32.29 51.28
CAB CLA UB . 4.69 34.03 49.84
CBB CLA UB . 3.45 34.07 50.31
NC CLA UB . 4.92 31.32 45.20
C1C CLA UB . 4.16 32.27 45.79
C2C CLA UB . 3.25 32.83 44.82
C3C CLA UB . 3.51 32.19 43.62
C4C CLA UB . 4.56 31.23 43.86
CMC CLA UB . 2.29 33.89 45.07
CAC CLA UB . 2.85 32.45 42.35
CBC CLA UB . 3.60 33.50 41.61
ND CLA UB . 6.84 29.47 44.39
C1D CLA UB . 6.21 29.57 43.13
C2D CLA UB . 6.89 28.66 42.19
C3D CLA UB . 7.85 28.00 42.92
C4D CLA UB . 7.75 28.53 44.29
CMD CLA UB . 6.57 28.55 40.79
CAD CLA UB . 8.93 27.06 42.89
OBD CLA UB . 9.45 26.48 41.95
CBD CLA UB . 9.41 26.87 44.35
CGD CLA UB . 9.04 25.53 44.83
O1D CLA UB . 9.77 24.63 45.23
O2D CLA UB . 7.71 25.30 44.81
CED CLA UB . 7.21 24.25 45.62
C1 CLA UB . 13.22 31.80 44.64
C2 CLA UB . 12.72 33.15 44.30
C3 CLA UB . 13.37 33.96 43.46
C4 CLA UB . 14.64 33.55 42.83
C5 CLA UB . 12.84 35.30 43.14
C6 CLA UB . 13.90 36.28 42.74
C7 CLA UB . 13.31 37.64 42.50
C8 CLA UB . 13.93 38.39 41.33
C9 CLA UB . 15.41 38.11 41.19
C10 CLA UB . 13.65 39.86 41.56
C11 CLA UB . 14.52 40.80 40.74
C12 CLA UB . 13.76 42.04 40.39
C13 CLA UB . 13.67 43.02 41.55
C14 CLA UB . 12.23 43.26 41.92
C15 CLA UB . 14.32 44.32 41.18
C16 CLA UB . 14.29 45.31 42.32
C17 CLA UB . 15.37 45.00 43.33
C18 CLA UB . 15.47 46.12 44.34
C19 CLA UB . 16.75 46.89 44.14
C20 CLA UB . 15.47 45.53 45.73
MG CLA VB . 10.91 32.55 54.95
CHA CLA VB . 10.12 29.59 56.53
CHB CLA VB . 10.60 31.05 51.96
CHC CLA VB . 11.10 35.61 53.44
CHD CLA VB . 10.96 34.12 58.11
NA CLA VB . 10.52 30.60 54.36
C1A CLA VB . 10.15 29.52 55.16
C2A CLA VB . 9.92 28.29 54.30
C3A CLA VB . 10.30 28.75 52.90
C4A CLA VB . 10.48 30.25 53.06
CMA CLA VB . 11.55 28.06 52.45
CAA CLA VB . 8.48 27.86 54.29
CBA CLA VB . 7.52 29.02 54.31
CGA CLA VB . 6.64 28.81 53.14
O1A CLA VB . 6.74 27.96 52.28
O2A CLA VB . 5.62 29.70 53.06
NB CLA VB . 10.96 33.20 53.05
C1B CLA VB . 10.74 32.43 51.98
C2B CLA VB . 10.69 33.27 50.77
C3B CLA VB . 10.83 34.57 51.14
C4B CLA VB . 11.01 34.54 52.62
CMB CLA VB . 10.46 32.71 49.45
CAB CLA VB . 10.77 35.74 50.31
CBB CLA VB . 11.48 36.87 50.36
NC CLA VB . 11.09 34.48 55.66
C1C CLA VB . 11.14 35.56 54.86
C2C CLA VB . 11.16 36.76 55.65
C3C CLA VB . 11.13 36.35 56.96
C4C CLA VB . 11.09 34.91 56.97
CMC CLA VB . 11.14 38.08 55.08
CAC CLA VB . 11.06 37.18 58.14
CBC CLA VB . 9.66 37.58 58.44
ND CLA VB . 10.75 32.03 56.89
C1D CLA VB . 10.80 32.77 58.09
C2D CLA VB . 10.64 31.84 59.21
C3D CLA VB . 10.38 30.63 58.67
C4D CLA VB . 10.42 30.80 57.22
CMD CLA VB . 10.72 32.14 60.63
CAD CLA VB . 10.14 29.26 58.93
OBD CLA VB . 10.14 28.65 59.99
CBD CLA VB . 9.85 28.58 57.59
CGD CLA VB . 10.72 27.38 57.46
O1D CLA VB . 11.82 27.32 56.96
O2D CLA VB . 10.17 26.26 57.97
CED CLA VB . 10.82 25.03 57.63
C1 CLA VB . 4.71 29.44 52.00
C2 CLA VB . 3.58 30.37 52.17
C3 CLA VB . 2.60 30.43 51.28
C4 CLA VB . 2.55 29.61 50.07
C5 CLA VB . 1.49 31.37 51.46
C6 CLA VB . 0.23 30.61 51.76
C7 CLA VB . -0.94 31.56 51.82
C8 CLA VB . -2.16 30.81 52.30
C9 CLA VB . -3.39 31.65 52.07
C10 CLA VB . -1.97 30.48 53.77
C11 CLA VB . -2.10 29.00 54.03
C12 CLA VB . -2.68 28.72 55.40
C13 CLA VB . -1.77 27.85 56.24
C14 CLA VB . -0.57 28.65 56.68
C15 CLA VB . -1.31 26.61 55.49
C16 CLA VB . -2.41 25.57 55.42
C17 CLA VB . -2.36 24.60 56.59
C18 CLA VB . -1.08 23.79 56.60
C19 CLA VB . -1.02 22.89 57.81
C20 CLA VB . -0.96 22.96 55.35
MG CLA WB . 9.10 18.95 34.72
CHA CLA WB . 9.81 15.62 35.18
CHB CLA WB . 12.42 19.65 34.58
CHC CLA WB . 8.34 22.17 33.87
CHD CLA WB . 5.68 18.15 34.66
NA CLA WB . 10.82 17.80 34.93
C1A CLA WB . 10.92 16.42 35.06
C2A CLA WB . 12.38 16.00 35.11
C3A CLA WB . 13.15 17.33 35.13
C4A CLA WB . 12.06 18.36 34.85
CMA CLA WB . 13.89 17.55 36.41
CAA CLA WB . 12.76 15.29 33.81
CBA CLA WB . 12.06 15.85 32.57
CGA CLA WB . 12.62 15.32 31.29
O1A CLA WB . 13.28 14.31 31.14
O2A CLA WB . 12.33 16.10 30.21
NB CLA WB . 10.17 20.60 34.40
C1B CLA WB . 11.50 20.66 34.29
C2B CLA WB . 11.92 21.99 33.79
C3B CLA WB . 10.78 22.71 33.59
C4B CLA WB . 9.65 21.83 33.97
CMB CLA WB . 13.32 22.28 33.58
CAB CLA WB . 10.53 24.02 33.07
CBB CLA WB . 11.29 25.10 33.20
NC CLA WB . 7.33 19.98 34.41
C1C CLA WB . 7.26 21.28 34.08
C2C CLA WB . 5.88 21.68 33.91
C3C CLA WB . 5.12 20.54 34.11
C4C CLA WB . 6.04 19.48 34.41
CMC CLA WB . 5.44 23.02 33.57
CAC CLA WB . 3.66 20.41 34.06
CBC CLA WB . 3.17 19.88 32.75
ND CLA WB . 7.95 17.32 34.97
C1D CLA WB . 6.56 17.13 34.90
C2D CLA WB . 6.25 15.72 35.15
C3D CLA WB . 7.46 15.11 35.29
C4D CLA WB . 8.49 16.14 35.14
CMD CLA WB . 4.92 15.15 35.22
CAD CLA WB . 8.14 13.88 35.56
OBD CLA WB . 7.68 12.80 35.91
CBD CLA WB . 9.65 14.14 35.38
CGD CLA WB . 10.36 13.65 36.59
O1D CLA WB . 11.38 12.99 36.65
O2D CLA WB . 9.76 14.01 37.74
CED CLA WB . 9.89 13.12 38.85
C1 CLA WB . 11.81 15.41 29.04
C2 CLA WB . 12.17 16.21 27.84
C3 CLA WB . 11.27 16.88 27.11
C4 CLA WB . 9.84 16.89 27.42
C5 CLA WB . 11.67 17.68 25.91
C6 CLA WB . 11.55 19.16 26.19
C7 CLA WB . 10.54 19.81 25.28
C8 CLA WB . 10.96 19.67 23.83
C9 CLA WB . 12.12 20.60 23.55
C10 CLA WB . 9.81 19.96 22.89
C11 CLA WB . 9.26 21.35 23.10
C12 CLA WB . 7.79 21.38 22.75
C13 CLA WB . 7.56 21.41 21.25
C14 CLA WB . 8.20 22.63 20.64
C15 CLA WB . 6.07 21.40 20.94
C16 CLA WB . 5.64 20.16 20.19
C17 CLA WB . 4.15 20.17 19.97
C18 CLA WB . 3.67 18.97 19.17
C19 CLA WB . 3.70 17.70 19.99
C20 CLA WB . 2.26 19.22 18.70
MG CLA XB . 16.90 47.07 24.67
CHA CLA XB . 14.82 49.68 25.52
CHB CLA XB . 16.27 47.64 21.40
CHC CLA XB . 19.26 44.74 23.88
CHD CLA XB . 17.62 46.62 28.08
NA CLA XB . 15.71 48.42 23.66
C1A CLA XB . 14.94 49.45 24.18
C2A CLA XB . 14.26 50.21 23.06
C3A CLA XB . 14.50 49.33 21.84
C4A CLA XB . 15.59 48.40 22.30
CMA CLA XB . 13.29 48.50 21.51
CAA CLA XB . 14.87 51.61 22.91
CBA CLA XB . 16.32 51.70 22.47
CGA CLA XB . 17.28 51.57 23.61
O1A CLA XB . 17.37 52.24 24.63
O2A CLA XB . 18.15 50.53 23.44
NB CLA XB . 17.52 46.22 22.97
C1B CLA XB . 17.29 46.75 21.75
C2B CLA XB . 18.25 46.25 20.76
C3B CLA XB . 19.11 45.43 21.43
C4B CLA XB . 18.67 45.41 22.85
CMB CLA XB . 18.27 46.63 19.37
CAB CLA XB . 20.25 44.78 20.88
CBB CLA XB . 20.56 43.50 20.97
NC CLA XB . 18.15 45.84 25.79
C1C CLA XB . 19.00 44.93 25.26
C2C CLA XB . 19.68 44.22 26.33
C3C CLA XB . 19.27 44.82 27.51
C4C CLA XB . 18.31 45.83 27.16
CMC CLA XB . 20.65 43.15 26.15
CAC CLA XB . 19.69 44.50 28.87
CBC CLA XB . 18.93 43.35 29.47
ND CLA XB . 16.41 47.93 26.42
C1D CLA XB . 16.74 47.61 27.76
C2D CLA XB . 15.96 48.46 28.66
C3D CLA XB . 15.21 49.28 27.85
C4D CLA XB . 15.54 48.93 26.47
CMD CLA XB . 16.01 48.38 30.10
CAD CLA XB . 14.21 50.31 27.79
OBD CLA XB . 13.57 50.84 28.68
CBD CLA XB . 13.95 50.63 26.30
CGD CLA XB . 12.51 50.40 26.01
O1D CLA XB . 11.78 49.54 26.50
O2D CLA XB . 11.95 51.25 25.12
CED CLA XB . 10.54 51.36 25.12
C1 CLA XB . 18.87 50.08 24.61
C2 CLA XB . 20.28 50.49 24.44
C3 CLA XB . 21.26 49.63 24.15
C4 CLA XB . 21.01 48.17 23.96
C5 CLA XB . 22.67 50.11 23.99
C6 CLA XB . 23.69 49.20 24.64
C7 CLA XB . 25.09 49.82 24.70
C8 CLA XB . 25.85 49.26 25.89
C9 CLA XB . 25.38 49.94 27.16
C10 CLA XB . 27.36 49.40 25.74
C11 CLA XB . 28.09 48.83 26.95
C12 CLA XB . 29.24 47.92 26.56
C13 CLA XB . 30.10 47.53 27.75
C14 CLA XB . 30.73 48.76 28.38
C15 CLA XB . 31.21 46.59 27.33
C16 CLA XB . 31.65 45.71 28.47
C17 CLA XB . 30.89 44.41 28.49
C18 CLA XB . 31.79 43.20 28.38
C19 CLA XB . 32.47 42.90 29.70
C20 CLA XB . 31.02 41.98 27.93
MG CLA YB . 15.61 55.05 38.98
CHA CLA YB . 14.64 57.50 36.75
CHB CLA YB . 13.78 52.76 37.29
CHC CLA YB . 16.81 52.62 41.07
CHD CLA YB . 17.66 57.39 40.60
NA CLA YB . 14.36 55.16 37.32
C1A CLA YB . 14.11 56.26 36.49
C2A CLA YB . 13.12 55.88 35.40
C3A CLA YB . 12.75 54.42 35.73
C4A CLA YB . 13.70 54.07 36.86
CMA CLA YB . 11.34 54.34 36.21
CAA CLA YB . 13.70 55.96 34.00
CBA CLA YB . 14.74 54.90 33.71
CGA CLA YB . 15.57 55.35 32.56
O1A CLA YB . 15.60 56.47 32.05
O2A CLA YB . 16.37 54.39 32.05
NB CLA YB . 15.21 53.10 39.25
C1B CLA YB . 14.60 52.32 38.33
C2B CLA YB . 14.92 50.89 38.58
C3B CLA YB . 15.76 50.86 39.64
C4B CLA YB . 15.97 52.26 40.08
CMB CLA YB . 14.42 49.80 37.76
CAB CLA YB . 16.43 49.77 40.27
CBB CLA YB . 15.83 48.74 40.85
NC CLA YB . 16.95 55.02 40.56
C1C CLA YB . 17.27 53.93 41.30
C2C CLA YB . 18.22 54.27 42.33
C3C CLA YB . 18.49 55.63 42.18
C4C CLA YB . 17.68 56.08 41.07
CMC CLA YB . 18.79 53.35 43.29
CAC CLA YB . 19.37 56.46 42.98
CBC CLA YB . 18.62 57.22 44.04
ND CLA YB . 16.15 56.96 38.74
C1D CLA YB . 16.97 57.82 39.50
C2D CLA YB . 16.90 59.17 38.97
C3D CLA YB . 16.00 59.11 37.93
C4D CLA YB . 15.56 57.72 37.82
CMD CLA YB . 17.63 60.29 39.51
CAD CLA YB . 15.34 59.84 36.91
OBD CLA YB . 15.42 61.04 36.65
CBD CLA YB . 14.41 58.86 36.16
CGD CLA YB . 13.00 59.20 36.43
O1D CLA YB . 12.02 59.09 35.71
O2D CLA YB . 12.84 59.71 37.68
CED CLA YB . 11.62 59.36 38.35
C1 CLA YB . 17.02 54.70 30.80
C2 CLA YB . 17.42 53.40 30.21
C3 CLA YB . 17.66 53.24 28.91
C4 CLA YB . 17.56 54.35 27.93
C5 CLA YB . 18.05 51.91 28.37
C6 CLA YB . 18.99 51.17 29.31
C7 CLA YB . 19.32 49.84 28.69
C8 CLA YB . 20.74 49.39 28.93
C9 CLA YB . 21.72 50.49 28.60
C10 CLA YB . 21.01 48.18 28.06
C11 CLA YB . 22.42 47.66 28.23
C12 CLA YB . 22.71 46.60 27.19
C13 CLA YB . 24.10 46.03 27.34
C14 CLA YB . 24.41 45.08 26.22
C15 CLA YB . 24.27 45.35 28.70
C16 CLA YB . 25.66 44.78 28.88
C17 CLA YB . 25.84 44.26 30.30
C18 CLA YB . 27.29 43.87 30.58
C19 CLA YB . 27.74 42.76 29.65
C20 CLA YB . 27.44 43.41 32.01
MG CLA ZB . 10.18 49.23 35.18
CHA CLA ZB . 8.56 47.11 37.31
CHB CLA ZB . 12.88 47.22 35.21
CHC CLA ZB . 11.79 51.47 33.20
CHD CLA ZB . 7.43 51.43 35.35
NA CLA ZB . 10.61 47.42 36.07
C1A CLA ZB . 9.80 46.68 36.93
C2A CLA ZB . 10.51 45.41 37.35
C3A CLA ZB . 11.88 45.51 36.68
C4A CLA ZB . 11.79 46.80 35.91
CMA CLA ZB . 12.97 45.62 37.70
CAA CLA ZB . 9.83 44.22 36.72
CBA CLA ZB . 10.50 42.94 37.11
CGA CLA ZB . 9.49 42.10 37.82
O1A CLA ZB . 8.35 41.85 37.48
O2A CLA ZB . 9.97 41.57 38.98
NB CLA ZB . 11.95 49.27 34.25
C1B CLA ZB . 12.95 48.41 34.51
C2B CLA ZB . 14.21 48.94 33.96
C3B CLA ZB . 13.93 50.12 33.38
C4B CLA ZB . 12.48 50.37 33.58
CMB CLA ZB . 15.47 48.23 34.09
CAB CLA ZB . 14.83 51.05 32.78
CBB CLA ZB . 14.77 51.51 31.54
NC CLA ZB . 9.65 51.06 34.36
C1C CLA ZB . 10.46 51.78 33.55
C2C CLA ZB . 9.79 52.98 33.14
C3C CLA ZB . 8.58 53.01 33.81
C4C CLA ZB . 8.51 51.80 34.57
CMC CLA ZB . 10.37 53.96 32.24
CAC CLA ZB . 7.55 54.03 33.77
CBC CLA ZB . 6.53 53.74 32.71
ND CLA ZB . 8.38 49.31 36.05
C1D CLA ZB . 7.36 50.26 36.05
C2D CLA ZB . 6.26 49.80 36.90
C3D CLA ZB . 6.67 48.60 37.40
C4D CLA ZB . 8.00 48.34 36.86
CMD CLA ZB . 5.03 50.52 37.12
CAD CLA ZB . 6.32 47.50 38.24
OBD CLA ZB . 5.29 47.29 38.86
CBD CLA ZB . 7.52 46.54 38.25
CGD CLA ZB . 8.00 46.43 39.65
O1D CLA ZB . 7.43 45.89 40.59
O2D CLA ZB . 9.20 47.00 39.91
CED CLA ZB . 9.94 46.45 41.01
C1 CLA ZB . 9.05 40.78 39.75
C2 CLA ZB . 9.01 41.41 41.10
C3 CLA ZB . 9.02 40.69 42.23
C4 CLA ZB . 9.08 39.21 42.26
C5 CLA ZB . 8.97 41.37 43.55
C6 CLA ZB . 7.71 41.01 44.31
C7 CLA ZB . 6.51 41.64 43.65
C8 CLA ZB . 6.59 43.16 43.66
C9 CLA ZB . 6.26 43.68 45.04
C10 CLA ZB . 5.61 43.79 42.68
C11 CLA ZB . 5.53 43.08 41.36
C12 CLA ZB . 4.63 43.86 40.43
C13 CLA ZB . 4.25 43.14 39.14
C14 CLA ZB . 5.29 42.17 38.67
C15 CLA ZB . 4.06 44.17 38.05
C16 CLA ZB . 2.60 44.35 37.76
C17 CLA ZB . 2.45 45.02 36.42
C18 CLA ZB . 1.78 46.37 36.54
C19 CLA ZB . 0.84 46.56 35.39
C20 CLA ZB . 2.83 47.45 36.46
MG CLA AC . 3.74 39.43 23.89
CHA CLA AC . 1.35 40.35 21.63
CHB CLA AC . 1.76 40.48 26.43
CHC CLA AC . 5.98 38.13 26.12
CHD CLA AC . 5.71 38.22 21.23
NA CLA AC . 1.86 40.31 24.00
C1A CLA AC . 1.01 40.57 22.93
C2A CLA AC . -0.28 41.17 23.44
C3A CLA AC . -0.03 41.39 24.93
C4A CLA AC . 1.28 40.66 25.17
CMA CLA AC . 0.11 42.84 25.22
CAA CLA AC . -1.43 40.18 23.28
CBA CLA AC . -1.08 38.74 23.52
CGA CLA AC . -1.95 37.88 22.69
O1A CLA AC . -2.92 38.21 22.04
O2A CLA AC . -1.60 36.57 22.68
NB CLA AC . 3.88 39.37 25.89
C1B CLA AC . 2.96 39.83 26.74
C2B CLA AC . 3.41 39.59 28.11
C3B CLA AC . 4.59 38.92 28.05
C4B CLA AC . 4.90 38.77 26.62
CMB CLA AC . 2.62 39.97 29.24
CAB CLA AC . 5.41 38.40 29.09
CBB CLA AC . 5.95 39.09 30.09
NC CLA AC . 5.54 38.42 23.70
C1C CLA AC . 6.28 37.98 24.75
C2C CLA AC . 7.43 37.27 24.26
C3C CLA AC . 7.36 37.29 22.89
C4C CLA AC . 6.16 38.01 22.53
CMC CLA AC . 8.44 36.65 25.09
CAC CLA AC . 8.29 36.64 21.99
CBC CLA AC . 7.78 35.28 21.64
ND CLA AC . 3.65 39.32 21.89
C1D CLA AC . 4.53 38.83 20.91
C2D CLA AC . 3.98 39.08 19.58
C3D CLA AC . 2.77 39.68 19.80
C4D CLA AC . 2.60 39.78 21.25
CMD CLA AC . 4.64 38.73 18.35
CAD CLA AC . 1.59 40.23 19.21
OBD CLA AC . 1.29 40.37 18.03
CBD CLA AC . 0.68 40.70 20.35
CGD CLA AC . 0.69 42.17 20.31
O1D CLA AC . 1.61 42.90 19.97
O2D CLA AC . -0.47 42.75 20.69
CED CLA AC . -1.02 43.59 19.70
C1 CLA AC . -2.69 35.66 22.55
C2 CLA AC . -2.11 34.29 22.50
C3 CLA AC . -2.88 33.20 22.31
C4 CLA AC . -4.34 33.29 22.13
C5 CLA AC . -2.32 31.83 22.25
C6 CLA AC . -0.81 31.77 22.18
C7 CLA AC . -0.42 30.32 22.24
C8 CLA AC . 1.03 30.16 22.61
C9 CLA AC . 1.90 30.51 21.44
C10 CLA AC . 1.28 28.74 23.06
C11 CLA AC . 0.58 28.46 24.36
C12 CLA AC . 1.24 29.22 25.50
C13 CLA AC . 1.86 28.30 26.53
C14 CLA AC . 0.79 27.49 27.24
C15 CLA AC . 2.62 29.14 27.53
C16 CLA AC . 3.52 28.32 28.43
C17 CLA AC . 4.15 29.23 29.47
C18 CLA AC . 5.49 29.78 29.05
C19 CLA AC . 6.48 29.63 30.17
C20 CLA AC . 5.41 31.23 28.67
MG CLA BC . 0.81 41.01 31.92
CHA CLA BC . 3.63 41.29 33.86
CHB CLA BC . 0.46 37.79 32.81
CHC CLA BC . -1.79 40.75 29.71
CHD CLA BC . 1.20 44.36 30.96
NA CLA BC . 1.90 39.76 33.15
C1A CLA BC . 3.04 40.06 33.88
C2A CLA BC . 3.49 38.84 34.66
C3A CLA BC . 2.51 37.76 34.22
C4A CLA BC . 1.54 38.47 33.32
CMA CLA BC . 3.27 36.83 33.37
CAA CLA BC . 3.36 39.05 36.15
CBA CLA BC . 2.08 38.53 36.76
CGA CLA BC . 1.79 39.25 38.02
O1A CLA BC . 1.75 40.47 38.20
O2A CLA BC . 1.54 38.40 39.05
NB CLA BC . -0.48 39.57 31.43
C1B CLA BC . -0.46 38.31 31.91
C2B CLA BC . -1.50 37.51 31.23
C3B CLA BC . -2.11 38.36 30.34
C4B CLA BC . -1.46 39.66 30.45
CMB CLA BC . -1.70 36.11 31.56
CAB CLA BC . -3.14 38.20 29.35
CBB CLA BC . -4.11 37.28 29.28
NC CLA BC . -0.13 42.33 30.60
C1C CLA BC . -1.15 42.00 29.79
C2C CLA BC . -1.52 43.15 28.99
C3C CLA BC . -0.70 44.19 29.36
C4C CLA BC . 0.17 43.65 30.37
CMC CLA BC . -2.58 43.17 28.01
CAC CLA BC . -0.69 45.55 28.83
CBC CLA BC . 0.40 45.78 27.82
ND CLA BC . 2.10 42.48 32.24
C1D CLA BC . 2.10 43.81 31.81
C2D CLA BC . 3.23 44.48 32.38
C3D CLA BC . 3.89 43.58 33.14
C4D CLA BC . 3.13 42.34 33.04
CMD CLA BC . 3.47 45.86 32.08
CAD CLA BC . 4.99 43.33 34.00
OBD CLA BC . 5.88 44.09 34.30
CBD CLA BC . 4.85 41.89 34.53
CGD CLA BC . 6.09 41.09 34.31
O1D CLA BC . 6.59 40.25 35.05
O2D CLA BC . 6.70 41.34 33.13
CED CLA BC . 7.82 40.52 32.81
C1 CLA BC . 2.14 38.70 40.34
C2 CLA BC . 3.61 38.82 40.13
C3 CLA BC . 4.53 38.14 40.81
C4 CLA BC . 4.21 37.18 41.87
C5 CLA BC . 5.96 38.36 40.49
C6 CLA BC . 6.61 37.16 39.85
C7 CLA BC . 6.33 37.14 38.37
C8 CLA BC . 6.24 35.75 37.78
C9 CLA BC . 5.42 35.83 36.52
C10 CLA BC . 5.58 34.74 38.70
C11 CLA BC . 6.34 33.44 38.73
C12 CLA BC . 7.72 33.64 39.34
C13 CLA BC . 8.83 33.04 38.50
C14 CLA BC . 8.55 31.58 38.24
C15 CLA BC . 10.17 33.18 39.20
C16 CLA BC . 10.54 34.61 39.49
C17 CLA BC . 10.80 35.36 38.21
C18 CLA BC . 11.58 36.64 38.45
C19 CLA BC . 10.81 37.53 39.38
C20 CLA BC . 11.78 37.39 37.16
MG CLA CC . 3.61 32.19 32.30
CHA CLA CC . 1.03 32.55 30.07
CHB CLA CC . 5.09 34.94 31.06
CHC CLA CC . 6.14 31.77 34.54
CHD CLA CC . 2.19 29.14 33.37
NA CLA CC . 3.09 33.54 30.82
C1A CLA CC . 1.98 33.52 29.99
C2A CLA CC . 2.05 34.68 29.02
C3A CLA CC . 3.42 35.32 29.28
C4A CLA CC . 3.90 34.57 30.49
CMA CLA CC . 4.36 35.04 28.16
CAA CLA CC . 1.03 35.72 29.29
CBA CLA CC . 1.08 36.83 28.29
CGA CLA CC . 0.41 36.46 27.02
O1A CLA CC . -0.75 36.09 26.83
O2A CLA CC . 1.25 36.59 25.96
NB CLA CC . 5.28 33.18 32.73
C1B CLA CC . 5.68 34.32 32.16
C2B CLA CC . 6.86 34.86 32.86
C3B CLA CC . 7.15 33.96 33.85
C4B CLA CC . 6.17 32.87 33.76
CMB CLA CC . 7.48 36.09 32.40
CAB CLA CC . 8.19 33.86 34.84
CBB CLA CC . 9.25 34.65 35.03
NC CLA CC . 4.08 30.71 33.69
C1C CLA CC . 5.17 30.74 34.48
C2C CLA CC . 5.17 29.56 35.33
C3C CLA CC . 4.06 28.82 34.99
C4C CLA CC . 3.38 29.54 33.96
CMC CLA CC . 6.18 29.27 36.34
CAC CLA CC . 3.60 27.56 35.59
CBC CLA CC . 3.87 26.32 34.79
ND CLA CC . 2.01 31.06 31.86
C1D CLA CC . 1.55 29.84 32.39
C2D CLA CC . 0.29 29.49 31.74
C3D CLA CC . 0.04 30.51 30.86
C4D CLA CC . 1.15 31.45 30.96
CMD CLA CC . -0.47 28.29 32.05
CAD CLA CC . -0.84 31.00 29.86
OBD CLA CC . -1.86 30.51 29.43
CBD CLA CC . -0.26 32.33 29.35
CGD CLA CC . -0.11 32.28 27.88
O1D CLA CC . 0.90 32.13 27.22
O2D CLA CC . -1.30 32.43 27.25
CED CLA CC . -1.25 32.84 25.88
C1 CLA CC . 0.91 35.90 24.76
C2 CLA CC . 1.68 34.64 24.77
C3 CLA CC . 2.85 34.50 24.17
C4 CLA CC . 3.50 35.60 23.42
C5 CLA CC . 3.54 33.19 24.23
C6 CLA CC . 5.04 33.28 24.15
C7 CLA CC . 5.60 31.93 23.77
C8 CLA CC . 6.27 31.24 24.94
C9 CLA CC . 7.35 32.14 25.50
C10 CLA CC . 6.90 29.93 24.48
C11 CLA CC . 5.84 28.90 24.21
C12 CLA CC . 6.30 27.52 24.62
C13 CLA CC . 6.25 26.53 23.47
C14 CLA CC . 7.38 26.82 22.50
C15 CLA CC . 4.93 26.55 22.71
C16 CLA CC . 3.84 25.80 23.46
C17 CLA CC . 4.20 24.35 23.68
C18 CLA CC . 3.07 23.56 24.31
C19 CLA CC . 2.74 24.07 25.71
C20 CLA CC . 3.45 22.09 24.38
MG CLA DC . -0.14 47.23 43.25
CHA CLA DC . -0.02 44.34 41.39
CHB CLA DC . 0.87 45.51 45.98
CHC CLA DC . -0.61 50.04 45.15
CHD CLA DC . -1.59 48.89 40.51
NA CLA DC . 0.45 45.26 43.57
C1A CLA DC . 0.41 44.20 42.68
C2A CLA DC . 0.89 42.92 43.37
C3A CLA DC . 1.14 43.35 44.82
C4A CLA DC . 0.83 44.82 44.79
CMA CLA DC . 0.17 42.69 45.75
CAA CLA DC . 2.18 42.39 42.80
CBA CLA DC . 2.78 41.27 43.63
CGA CLA DC . 1.82 40.11 43.73
O1A CLA DC . 0.82 39.89 43.07
O2A CLA DC . 2.15 39.18 44.68
NB CLA DC . 0.16 47.71 45.17
C1B CLA DC . 0.54 46.87 46.14
C2B CLA DC . 0.51 47.55 47.46
C3B CLA DC . 0.10 48.83 47.22
C4B CLA DC . -0.12 48.94 45.77
CMB CLA DC . 0.84 46.87 48.70
CAB CLA DC . -0.12 49.95 48.08
CBB CLA DC . -0.81 49.96 49.22
NC CLA DC . -0.87 49.13 42.86
C1C CLA DC . -0.96 50.12 43.78
C2C CLA DC . -1.54 51.29 43.21
C3C CLA DC . -1.88 50.98 41.91
C4C CLA DC . -1.45 49.61 41.70
CMC CLA DC . -1.79 52.53 43.94
CAC CLA DC . -2.56 51.86 40.95
CBC CLA DC . -4.06 51.75 41.05
ND CLA DC . -0.55 46.83 41.32
C1D CLA DC . -1.17 47.59 40.32
C2D CLA DC . -1.33 46.78 39.12
C3D CLA DC . -0.91 45.51 39.48
C4D CLA DC . -0.47 45.59 40.86
CMD CLA DC . -1.87 47.25 37.87
CAD CLA DC . -0.74 44.17 39.05
OBD CLA DC . -0.96 43.67 37.97
CBD CLA DC . -0.23 43.37 40.26
CGD CLA DC . -1.29 42.40 40.60
O1D CLA DC . -2.48 42.52 40.36
O2D CLA DC . -0.91 41.26 41.21
CED CLA DC . -1.61 40.09 40.83
C1 CLA DC . 1.32 38.01 44.75
C2 CLA DC . 0.25 38.29 45.73
C3 CLA DC . 0.20 37.77 46.96
C4 CLA DC . 1.24 36.85 47.47
C5 CLA DC . -0.89 38.11 47.89
C6 CLA DC . -0.39 39.09 48.93
C7 CLA DC . -1.48 39.40 49.93
C8 CLA DC . -2.55 40.28 49.33
C9 CLA DC . -1.95 41.60 48.88
C10 CLA DC . -3.63 40.56 50.35
C11 CLA DC . -4.99 40.30 49.76
C12 CLA DC . -6.08 41.00 50.51
C13 CLA DC . -5.98 42.49 50.32
C14 CLA DC . -7.06 43.22 51.09
C15 CLA DC . -6.11 42.85 48.85
C16 CLA DC . -5.79 44.30 48.64
C17 CLA DC . -4.31 44.49 48.52
C18 CLA DC . -4.03 45.48 47.43
C19 CLA DC . -2.54 45.56 47.18
C20 CLA DC . -4.55 46.84 47.82
MG CLA EC . -7.95 43.42 45.40
CHA CLA EC . -11.02 44.00 46.84
CHB CLA EC . -8.04 40.27 46.54
CHC CLA EC . -4.76 42.95 44.25
CHD CLA EC . -7.76 46.82 44.48
NA CLA EC . -9.38 42.31 46.43
C1A CLA EC . -10.60 42.71 46.95
C2A CLA EC . -11.31 41.54 47.66
C3A CLA EC . -10.32 40.39 47.50
C4A CLA EC . -9.17 41.02 46.74
CMA CLA EC . -9.78 40.03 48.84
CAA CLA EC . -12.68 41.13 47.12
CBA CLA EC . -13.34 40.13 48.05
CGA CLA EC . -14.37 40.76 48.92
O1A CLA EC . -15.26 41.55 48.60
O2A CLA EC . -14.32 40.37 50.23
NB CLA EC . -6.69 41.87 45.28
C1B CLA EC . -6.89 40.70 45.91
C2B CLA EC . -5.67 39.89 45.91
C3B CLA EC . -4.71 40.62 45.29
C4B CLA EC . -5.35 41.90 44.89
CMB CLA EC . -5.61 38.59 46.53
CAB CLA EC . -3.35 40.20 45.15
CBB CLA EC . -2.46 40.48 44.21
NC CLA EC . -6.57 44.63 44.47
C1C CLA EC . -5.35 44.21 44.06
C2C CLA EC . -4.66 45.31 43.42
C3C CLA EC . -5.48 46.41 43.52
C4C CLA EC . -6.68 45.97 44.18
CMC CLA EC . -3.34 45.22 42.83
CAC CLA EC . -5.23 47.75 43.01
CBC CLA EC . -4.45 48.58 43.97
ND CLA EC . -9.10 45.06 45.51
C1D CLA EC . -8.88 46.41 45.14
C2D CLA EC . -10.03 47.20 45.53
C3D CLA EC . -10.88 46.34 46.20
C4D CLA EC . -10.25 45.01 46.18
CMD CLA EC . -10.14 48.61 45.25
CAD CLA EC . -12.11 46.19 46.87
OBD CLA EC . -12.95 47.02 47.11
CBD CLA EC . -12.24 44.72 47.36
CGD CLA EC . -12.34 44.77 48.86
O1D CLA EC . -13.16 45.41 49.51
O2D CLA EC . -11.41 44.03 49.52
CED CLA EC . -11.50 43.89 50.93
C1 CLA EC . -14.61 38.99 50.53
C2 CLA EC . -15.65 38.96 51.59
C3 CLA EC . -15.62 38.10 52.63
C4 CLA EC . -16.67 38.12 53.67
C5 CLA EC . -14.52 37.12 52.80
C6 CLA EC . -13.54 37.56 53.87
C7 CLA EC . -13.04 36.38 54.66
C8 CLA EC . -11.87 35.70 53.98
C9 CLA EC . -12.00 34.19 54.07
C10 CLA EC . -10.57 36.15 54.63
C11 CLA EC . -9.38 35.85 53.77
C12 CLA EC . -8.39 34.96 54.50
C13 CLA EC . -7.59 34.12 53.52
C14 CLA EC . -8.50 33.37 52.58
C15 CLA EC . -6.61 33.20 54.23
C16 CLA EC . -7.22 31.89 54.69
C17 CLA EC . -6.47 30.71 54.13
C18 CLA EC . -7.07 29.38 54.55
C19 CLA EC . -6.93 29.19 56.05
C20 CLA EC . -8.53 29.30 54.15
C1 BCR FC . 3.11 15.49 30.36
C2 BCR FC . 3.78 14.21 29.92
C3 BCR FC . 3.24 13.74 28.61
C4 BCR FC . 1.74 13.64 28.55
C5 BCR FC . 1.03 14.53 29.49
C6 BCR FC . 1.63 15.40 30.31
C7 BCR FC . 0.86 16.24 31.23
C8 BCR FC . 0.51 17.50 30.95
C9 BCR FC . -0.33 18.26 31.85
C10 BCR FC . -0.90 19.40 31.41
C11 BCR FC . -1.75 20.22 32.22
C33 BCR FC . -0.44 14.40 29.43
C31 BCR FC . 3.64 16.62 29.50
C32 BCR FC . 3.56 15.73 31.78
C34 BCR FC . -0.46 17.81 33.25
C12 BCR FC . -1.95 21.48 31.82
C13 BCR FC . -2.83 22.42 32.45
C14 BCR FC . -2.92 23.63 31.89
C15 BCR FC . -3.86 24.63 32.32
C16 BCR FC . -3.85 25.82 31.72
C17 BCR FC . -5.04 26.60 31.91
C18 BCR FC . -5.25 27.85 31.47
C19 BCR FC . -6.44 28.51 31.96
C20 BCR FC . -6.77 29.75 31.66
C21 BCR FC . -7.75 30.39 32.49
C22 BCR FC . -8.54 31.40 32.13
C23 BCR FC . -9.22 32.12 33.18
C24 BCR FC . -10.38 32.75 32.96
C25 BCR FC . -11.06 33.64 33.90
C26 BCR FC . -11.93 33.19 34.80
C27 BCR FC . -12.68 34.01 35.77
C28 BCR FC . -12.36 35.48 35.68
C29 BCR FC . -11.96 35.87 34.28
C30 BCR FC . -10.77 35.09 33.79
C35 BCR FC . -3.85 21.96 33.41
C36 BCR FC . -4.57 28.38 30.29
C37 BCR FC . -8.95 31.57 30.73
C38 BCR FC . -12.27 31.77 34.97
C39 BCR FC . -9.51 35.49 34.52
C40 BCR FC . -10.57 35.52 32.35
C1 BCR GC . 6.13 23.76 28.46
C2 BCR GC . 7.03 23.01 27.50
C3 BCR GC . 7.27 21.63 28.01
C4 BCR GC . 5.98 20.85 28.06
C5 BCR GC . 4.85 21.66 28.58
C6 BCR GC . 4.90 22.98 28.79
C7 BCR GC . 3.75 23.74 29.27
C8 BCR GC . 3.52 23.97 30.57
C9 BCR GC . 2.22 24.29 31.10
C10 BCR GC . 1.94 23.89 32.34
C11 BCR GC . 0.67 24.13 32.96
C33 BCR GC . 3.64 20.86 28.86
C31 BCR GC . 5.79 25.08 27.81
C32 BCR GC . 6.96 24.01 29.70
C34 BCR GC . 1.17 24.71 30.16
C12 BCR GC . 0.48 23.74 34.22
C13 BCR GC . -0.48 24.35 35.10
C14 BCR GC . -0.91 23.68 36.17
C15 BCR GC . -1.91 24.19 37.07
C16 BCR GC . -2.34 23.42 38.07
C17 BCR GC . -3.41 23.91 38.89
C18 BCR GC . -3.96 23.25 39.90
C19 BCR GC . -4.77 23.97 40.85
C20 BCR GC . -5.46 23.37 41.82
C21 BCR GC . -6.09 24.20 42.80
C22 BCR GC . -7.12 23.85 43.58
C23 BCR GC . -7.86 24.90 44.25
C24 BCR GC . -8.91 24.67 45.03
C25 BCR GC . -9.60 25.61 45.92
C26 BCR GC . -10.51 26.46 45.48
C27 BCR GC . -11.26 27.44 46.31
C28 BCR GC . -11.15 27.17 47.78
C29 BCR GC . -9.75 26.77 48.12
C30 BCR GC . -9.29 25.53 47.38
C35 BCR GC . -0.94 25.72 34.84
C36 BCR GC . -3.58 21.86 40.22
C37 BCR GC . -7.24 22.46 44.07
C38 BCR GC . -10.91 26.61 44.07
C39 BCR GC . -9.95 24.29 47.94
C40 BCR GC . -7.82 25.40 47.71
C1 BCR HC . 1.74 33.69 55.66
C2 BCR HC . 2.43 33.41 56.98
C3 BCR HC . 1.83 34.10 58.18
C4 BCR HC . 1.43 35.50 57.87
C5 BCR HC . 0.50 35.51 56.73
C6 BCR HC . 0.62 34.69 55.70
C7 BCR HC . -0.33 34.67 54.57
C8 BCR HC . -0.21 35.47 53.51
C9 BCR HC . -0.87 35.31 52.24
C10 BCR HC . -2.21 35.47 52.19
C11 BCR HC . -2.96 35.62 50.97
C33 BCR HC . -0.58 36.50 56.85
C31 BCR HC . 1.24 32.36 55.18
C32 BCR HC . 2.84 34.17 54.73
C34 BCR HC . -0.05 35.44 51.03
C12 BCR HC . -4.28 35.80 51.05
C13 BCR HC . -5.16 35.94 49.93
C14 BCR HC . -6.44 36.26 50.15
C15 BCR HC . -7.45 36.31 49.13
C16 BCR HC . -8.73 36.40 49.51
C17 BCR HC . -9.74 36.35 48.50
C18 BCR HC . -11.05 36.54 48.71
C19 BCR HC . -11.90 36.78 47.58
C20 BCR HC . -13.22 36.59 47.63
C21 BCR HC . -13.96 36.65 46.39
C22 BCR HC . -15.29 36.58 46.28
C23 BCR HC . -15.87 36.67 44.97
C24 BCR HC . -17.17 36.45 44.77
C25 BCR HC . -17.86 36.08 43.54
C26 BCR HC . -17.92 34.81 43.12
C27 BCR HC . -18.60 34.34 41.91
C28 BCR HC . -19.65 35.31 41.46
C29 BCR HC . -19.07 36.69 41.44
C30 BCR HC . -18.56 37.15 42.79
C35 BCR HC . -4.71 35.56 48.58
C36 BCR HC . -11.65 36.30 50.02
C37 BCR HC . -16.15 36.73 47.47
C38 BCR HC . -17.28 33.68 43.82
C39 BCR HC . -19.69 37.69 43.64
C40 BCR HC . -17.69 38.35 42.46
C1 LMG IC . 8.60 8.95 33.74
O1 LMG IC . 9.14 10.05 33.09
C2 LMG IC . 9.56 7.80 33.45
O2 LMG IC . 9.42 7.57 32.08
C3 LMG IC . 8.97 6.61 34.22
O3 LMG IC . 9.84 5.55 33.96
C4 LMG IC . 8.97 6.90 35.74
O4 LMG IC . 10.27 7.07 36.14
C5 LMG IC . 8.23 8.26 35.95
O5 LMG IC . 8.59 10.08 37.32
C6 LMG IC . 8.45 8.70 37.39
O6 LMG IC . 8.73 9.28 35.11
C7 LMG IC . 8.33 11.19 33.12
C8 LMG IC . 8.44 11.79 31.73
C9 LMG IC . 7.65 10.92 30.78
O7 LMG IC . 7.75 13.01 31.76
C10 LMG IC . 8.41 14.12 31.40
O9 LMG IC . 9.61 14.09 31.22
C11 LMG IC . 7.53 15.30 31.25
C12 LMG IC . 8.37 16.52 31.12
C13 LMG IC . 7.54 17.69 30.73
C14 LMG IC . 8.24 18.89 31.25
C15 LMG IC . 9.23 19.33 30.25
C16 LMG IC . 10.45 19.78 30.97
C17 LMG IC . 11.35 20.37 29.93
C18 LMG IC . 10.74 21.68 29.52
C19 LMG IC . 11.86 22.59 29.14
C20 LMG IC . 11.19 23.79 28.59
C21 LMG IC . 12.09 24.34 27.54
C22 LMG IC . 11.16 24.94 26.54
C23 LMG IC . 11.90 26.07 25.91
C24 LMG IC . 11.05 26.45 24.74
C25 LMG IC . 11.29 25.42 23.65
O8 LMG IC . 7.93 11.40 29.49
C28 LMG IC . 7.28 10.78 28.49
O10 LMG IC . 6.78 9.68 28.68
C29 LMG IC . 6.86 11.71 27.40
C30 LMG IC . 8.00 12.59 27.01
C31 LMG IC . 7.63 13.97 27.44
C32 LMG IC . 7.07 14.68 26.25
C33 LMG IC . 5.90 15.46 26.75
C34 LMG IC . 6.19 16.92 26.68
C35 LMG IC . 6.06 17.31 25.22
C36 LMG IC . 4.61 17.23 24.86
C37 LMG IC . 3.95 18.50 25.31
C38 LMG IC . 2.53 18.30 24.91
C39 LMG IC . 1.65 18.89 25.99
C40 LMG IC . 0.38 18.12 25.81
C41 LMG IC . -0.78 19.03 26.11
C42 LMG IC . -0.87 19.90 24.88
C43 LMG IC . -1.95 20.93 25.10
C1 LMG JC . 6.77 27.92 62.25
O1 LMG JC . 6.47 28.99 61.42
C2 LMG JC . 5.74 26.84 61.89
O2 LMG JC . 4.59 27.24 62.54
C3 LMG JC . 6.18 25.54 62.57
O3 LMG JC . 5.33 24.60 62.05
C4 LMG JC . 7.60 25.16 62.17
O4 LMG JC . 7.64 24.95 60.82
C5 LMG JC . 8.50 26.35 62.48
O5 LMG JC . 9.77 25.96 60.64
C6 LMG JC . 9.89 26.03 62.00
O6 LMG JC . 8.04 27.49 61.79
C7 LMG JC . 6.75 30.28 61.95
C8 LMG JC . 6.90 31.27 60.76
C9 LMG JC . 6.08 30.70 59.62
O7 LMG JC . 6.27 32.47 61.12
C10 LMG JC . 6.82 33.66 60.74
O9 LMG JC . 7.89 33.64 60.15
C11 LMG JC . 5.76 34.62 60.40
C12 LMG JC . 6.37 35.93 60.03
C13 LMG JC . 6.24 36.17 58.57
C14 LMG JC . 5.77 37.59 58.41
C15 LMG JC . 4.34 37.69 58.88
C16 LMG JC . 3.56 38.57 57.94
C17 LMG JC . 4.13 39.95 58.03
C18 LMG JC . 3.13 40.90 57.42
C19 LMG JC . 3.48 42.27 57.91
C20 LMG JC . 3.18 43.22 56.79
C21 LMG JC . 1.84 43.82 57.09
C22 LMG JC . 2.13 45.04 57.92
C23 LMG JC . 2.56 46.12 56.98
C24 LMG JC . 1.93 47.37 57.52
C25 LMG JC . 0.56 47.49 56.93
O8 LMG JC . 5.81 31.71 58.72
C28 LMG JC . 6.26 31.52 57.49
O10 LMG JC . 6.41 30.39 57.07
C29 LMG JC . 6.88 32.72 56.93
C30 LMG JC . 6.31 32.99 55.61
C31 LMG JC . 7.40 33.52 54.77
C32 LMG JC . 7.65 34.92 55.20
C33 LMG JC . 6.53 35.70 54.64
C34 LMG JC . 6.97 36.25 53.34
C35 LMG JC . 7.72 37.50 53.64
C36 LMG JC . 6.73 38.52 54.09
C37 LMG JC . 7.34 39.25 55.26
C38 LMG JC . 6.55 40.51 55.32
C39 LMG JC . 7.08 41.51 54.32
C40 LMG JC . 8.41 41.92 54.90
C41 LMG JC . 8.20 42.83 56.07
C42 LMG JC . 7.73 44.11 55.43
C43 LMG JC . 7.39 45.07 56.53
O6 SQD KC . -0.55 16.57 60.22
C44 SQD KC . -0.91 17.41 59.16
C45 SQD KC . -1.89 18.46 59.66
C46 SQD KC . -1.15 19.33 60.67
O47 SQD KC . -2.36 19.24 58.58
C7 SQD KC . -3.73 19.25 58.25
O49 SQD KC . -4.46 18.40 58.71
C8 SQD KC . -4.24 20.21 57.19
C9 SQD KC . -5.63 19.77 56.73
C10 SQD KC . -5.98 20.55 55.47
C11 SQD KC . -6.90 21.72 55.82
C12 SQD KC . -7.59 22.21 54.57
C13 SQD KC . -8.08 23.65 54.79
C14 SQD KC . -9.16 23.98 53.76
C15 SQD KC . -9.15 25.48 53.50
C16 SQD KC . -10.27 25.83 52.52
O48 SQD KC . -1.50 20.68 60.44
C23 SQD KC . -0.86 21.67 61.23
O10 SQD KC . 0.24 21.40 61.67
C24 SQD KC . -1.73 22.68 61.97
C25 SQD KC . -2.87 23.15 61.08
C26 SQD KC . -3.43 24.46 61.62
C27 SQD KC . -2.55 25.64 61.15
C1 SQD KC . 0.78 16.11 60.26
C2 SQD KC . 1.39 16.52 61.56
O2 SQD KC . 1.68 17.86 61.55
C3 SQD KC . 2.66 15.78 61.83
O3 SQD KC . 2.96 15.97 63.15
C4 SQD KC . 2.58 14.31 61.60
O4 SQD KC . 3.84 13.75 61.67
C5 SQD KC . 2.00 14.03 60.25
C6 SQD KC . 1.79 12.54 60.22
O5 SQD KC . 0.81 14.72 60.04
S SQD KC . 0.93 12.04 58.74
O7 SQD KC . 0.87 10.61 58.62
O8 SQD KC . 1.52 12.65 57.54
O9 SQD KC . -0.48 12.35 58.85
O1 LHG LC . -0.77 38.32 10.11
C1 LHG LC . 0.33 39.14 10.39
C2 LHG LC . -0.05 40.53 10.03
O2 LHG LC . 0.05 40.71 8.64
C3 LHG LC . 0.85 41.56 10.66
O3 LHG LC . 0.66 41.23 12.01
P LHG LC . 1.67 41.77 13.10
O4 LHG LC . 2.65 42.58 12.35
O5 LHG LC . 0.85 42.01 14.30
O6 LHG LC . 2.46 40.35 13.26
C4 LHG LC . 2.89 39.94 14.50
C5 LHG LC . 3.75 38.75 14.17
C6 LHG LC . 5.20 39.06 14.42
O7 LHG LC . 3.38 37.76 15.06
C7 LHG LC . 2.37 36.99 14.62
O9 LHG LC . 2.05 36.91 13.46
C8 LHG LC . 1.87 36.13 15.68
C9 LHG LC . 2.98 35.26 16.12
C10 LHG LC . 3.25 34.25 15.07
O8 LHG LC . 5.88 37.84 14.16
C23 LHG LC . 7.19 37.94 13.82
O10 LHG LC . 7.67 39.04 13.63
C24 LHG LC . 7.97 36.74 13.33
C11 LHG LC . 2.86 32.98 15.75
C12 LHG LC . 3.97 32.01 15.58
C13 LHG LC . 3.41 30.63 15.67
C14 LHG LC . 4.28 29.64 14.95
C15 LHG LC . 5.57 29.57 15.74
C16 LHG LC . 6.62 28.88 14.93
C17 LHG LC . 6.47 27.37 15.02
C18 LHG LC . 7.02 27.06 16.37
C19 LHG LC . 7.16 25.58 16.65
C20 LHG LC . 7.66 25.53 18.08
C21 LHG LC . 9.08 26.02 18.15
C22 LHG LC . 9.55 25.94 19.58
C25 LHG LC . 8.30 35.68 14.34
C26 LHG LC . 9.68 35.05 14.24
C27 LHG LC . 9.93 34.44 15.60
C28 LHG LC . 9.03 33.30 15.97
C29 LHG LC . 9.56 32.80 17.30
C30 LHG LC . 9.60 31.31 17.49
C31 LHG LC . 8.32 30.69 17.99
C32 LHG LC . 7.69 31.35 19.21
C33 LHG LC . 6.27 31.72 18.85
C34 LHG LC . 5.57 32.62 19.82
C35 LHG LC . 4.69 33.64 19.13
C36 LHG LC . 3.39 33.70 19.90
C37 LHG LC . 2.90 35.10 19.83
C38 LHG LC . 1.48 35.26 20.30
MG CLA MC . 14.57 56.95 57.31
CHA CLA MC . 14.80 60.17 56.13
CHB CLA MC . 11.97 56.38 55.25
CHC CLA MC . 14.48 53.74 58.46
CHD CLA MC . 17.33 57.58 59.41
NA CLA MC . 13.56 58.12 55.91
C1A CLA MC . 13.80 59.45 55.57
C2A CLA MC . 12.80 59.93 54.50
C3A CLA MC . 11.86 58.71 54.36
C4A CLA MC . 12.49 57.64 55.23
CMA CLA MC . 10.48 59.03 54.82
CAA CLA MC . 13.24 60.18 53.05
CBA CLA MC . 14.62 60.61 52.61
CGA CLA MC . 15.62 59.54 52.90
O1A CLA MC . 15.46 58.33 52.77
O2A CLA MC . 16.80 59.98 53.39
NB CLA MC . 13.38 55.38 56.98
C1B CLA MC . 12.45 55.31 56.01
C2B CLA MC . 11.98 53.92 55.89
C3B CLA MC . 12.68 53.16 56.78
C4B CLA MC . 13.59 54.08 57.49
CMB CLA MC . 10.96 53.53 54.93
CAB CLA MC . 12.61 51.75 57.00
CBB CLA MC . 12.23 51.13 58.10
NC CLA MC . 15.68 55.89 58.69
C1C CLA MC . 15.46 54.59 59.03
C2C CLA MC . 16.42 54.18 60.04
C3C CLA MC . 17.25 55.26 60.28
C4C CLA MC . 16.76 56.32 59.45
CMC CLA MC . 16.49 52.84 60.63
CAC CLA MC . 18.38 55.35 61.19
CBC CLA MC . 19.69 55.07 60.50
ND CLA MC . 15.84 58.45 57.68
C1D CLA MC . 16.90 58.57 58.59
C2D CLA MC . 17.47 59.90 58.46
C3D CLA MC . 16.71 60.56 57.53
C4D CLA MC . 15.69 59.62 57.10
CMD CLA MC . 18.65 60.27 59.20
CAD CLA MC . 16.54 61.75 56.74
OBD CLA MC . 17.27 62.71 56.62
CBD CLA MC . 15.23 61.59 55.97
CGD CLA MC . 14.13 62.41 56.53
O1D CLA MC . 13.33 62.10 57.42
O2D CLA MC . 14.01 63.63 55.97
CED CLA MC . 12.71 64.21 55.99
C1 CLA MC . 17.95 59.14 53.19
C2 CLA MC . 18.25 58.44 54.47
C3 CLA MC . 19.21 57.51 54.57
C4 CLA MC . 20.07 57.14 53.42
C5 CLA MC . 19.50 56.82 55.85
C6 CLA MC . 18.88 55.44 55.95
C7 CLA MC . 19.89 54.34 55.76
C8 CLA MC . 20.05 53.46 57.00
C9 CLA MC . 21.49 53.48 57.43
C10 CLA MC . 19.64 52.03 56.70
C11 CLA MC . 18.41 51.58 57.46
C12 CLA MC . 18.42 50.07 57.61
C13 CLA MC . 17.04 49.42 57.71
C14 CLA MC . 16.02 50.09 56.81
C15 CLA MC . 16.55 49.36 59.15
C16 CLA MC . 17.17 48.21 59.92
C17 CLA MC . 16.10 47.28 60.49
C18 CLA MC . 16.64 46.28 61.50
C19 CLA MC . 15.55 45.32 61.90
C20 CLA MC . 17.79 45.48 60.95
C1 BCR NC . 36.47 50.18 56.91
C2 BCR NC . 37.80 49.48 56.98
C3 BCR NC . 38.74 50.04 55.95
C4 BCR NC . 38.97 51.51 56.16
C5 BCR NC . 37.77 52.23 56.63
C6 BCR NC . 36.62 51.66 56.96
C7 BCR NC . 35.48 52.44 57.46
C8 BCR NC . 34.47 52.87 56.71
C9 BCR NC . 33.12 52.96 57.23
C10 BCR NC . 32.36 54.02 56.95
C11 BCR NC . 30.95 54.10 57.26
C33 BCR NC . 37.95 53.69 56.69
C31 BCR NC . 35.61 49.64 58.03
C32 BCR NC . 35.80 49.75 55.63
C34 BCR NC . 32.55 51.77 57.88
C12 BCR NC . 30.25 55.15 56.86
C13 BCR NC . 29.13 55.09 55.96
C14 BCR NC . 28.25 56.09 55.95
C15 BCR NC . 27.40 56.39 54.82
C16 BCR NC . 26.13 56.81 55.03
C17 BCR NC . 25.24 56.93 53.90
C18 BCR NC . 24.82 58.08 53.37
C19 BCR NC . 23.58 58.08 52.63
C20 BCR NC . 23.05 59.19 52.12
C21 BCR NC . 22.03 59.09 51.11
C22 BCR NC . 21.34 60.13 50.61
C23 BCR NC . 19.94 59.92 50.24
C24 BCR NC . 19.47 60.05 49.00
C25 BCR NC . 18.06 60.07 48.61
C26 BCR NC . 17.33 58.97 48.49
C27 BCR NC . 15.90 58.90 48.11
C28 BCR NC . 15.23 60.23 48.38
C29 BCR NC . 16.06 61.32 47.75
C30 BCR NC . 17.46 61.42 48.32
C35 BCR NC . 29.14 54.09 54.87
C36 BCR NC . 25.68 59.27 53.32
C37 BCR NC . 21.99 61.41 50.29
C38 BCR NC . 17.83 57.60 48.73
C39 BCR NC . 17.47 62.33 49.54
C40 BCR NC . 18.26 62.15 47.25
C1B LMU OC . 17.41 69.28 53.19
C2B LMU OC . 15.93 69.61 53.34
C3B LMU OC . 15.42 70.27 52.12
C4B LMU OC . 16.09 71.59 51.92
C5B LMU OC . 17.62 71.46 51.86
C6B LMU OC . 18.23 72.49 52.75
O1B LMU OC . 17.50 67.98 52.78
O2B LMU OC . 15.19 68.38 53.58
O3B LMU OC . 13.98 70.46 52.24
O4' LMU OC . 15.63 72.14 50.68
O5B LMU OC . 18.17 70.12 52.20
O6B LMU OC . 18.47 73.65 52.02
C1' LMU OC . 18.85 64.50 53.95
C2' LMU OC . 17.56 65.12 54.46
C3' LMU OC . 17.74 66.58 54.70
C4' LMU OC . 18.48 67.32 53.60
C5' LMU OC . 19.37 66.51 52.65
C6' LMU OC . 20.78 66.66 53.10
O1' LMU OC . 18.87 63.13 53.96
O2' LMU OC . 16.54 64.95 53.46
O3' LMU OC . 18.32 66.84 56.04
O5' LMU OC . 19.10 65.06 52.58
O6' LMU OC . 21.56 65.80 52.32
C1 LMU OC . 20.18 62.65 54.25
C2 LMU OC . 20.12 61.52 55.31
C3 LMU OC . 21.56 61.29 55.86
C4 LMU OC . 21.80 59.74 56.05
C5 LMU OC . 22.42 59.51 57.46
C6 LMU OC . 22.95 58.05 57.60
C7 LMU OC . 24.31 58.09 58.30
C8 LMU OC . 24.20 57.40 59.66
C9 LMU OC . 23.91 55.92 59.45
O1 OEX PC . 31.82 4.59 -2.74
CA1 OEX PC . 29.64 4.94 -3.65
MN1 OEX PC . 31.66 3.97 -1.05
O2 OEX PC . 29.96 2.52 -3.87
MN2 OEX PC . 32.02 2.67 -3.41
O3 OEX PC . 31.38 2.29 -1.45
MN3 OEX PC . 29.50 1.86 -2.18
O4 OEX PC . 27.55 1.56 -2.95
MN4 OEX PC . 26.88 3.20 -1.84
O5 OEX PC . 29.19 4.06 -1.30
MG CLA QC . 30.62 10.71 -35.47
CHA CLA QC . 33.73 9.99 -34.28
CHB CLA QC . 29.21 8.83 -33.02
CHC CLA QC . 27.53 11.67 -36.56
CHD CLA QC . 32.09 12.84 -37.85
NA CLA QC . 31.38 9.56 -33.92
C1A CLA QC . 32.71 9.41 -33.56
C2A CLA QC . 32.83 8.53 -32.34
C3A CLA QC . 31.39 8.07 -32.07
C4A CLA QC . 30.58 8.88 -33.06
CMA CLA QC . 31.25 6.59 -32.28
CAA CLA QC . 33.24 9.30 -31.09
CBA CLA QC . 32.96 10.78 -31.11
CGA CLA QC . 31.84 11.18 -30.23
O1A CLA QC . 31.91 11.56 -29.06
O2A CLA QC . 30.62 11.13 -30.82
NB CLA QC . 28.74 10.31 -34.91
C1B CLA QC . 28.36 9.53 -33.88
C2B CLA QC . 26.88 9.50 -33.80
C3B CLA QC . 26.42 10.31 -34.81
C4B CLA QC . 27.59 10.83 -35.51
CMB CLA QC . 26.20 8.72 -32.77
CAB CLA QC . 25.12 10.74 -35.25
CBB CLA QC . 23.96 10.15 -35.08
NC CLA QC . 29.94 11.97 -36.97
C1C CLA QC . 28.63 12.21 -37.24
C2C CLA QC . 28.52 13.15 -38.31
C3C CLA QC . 29.81 13.50 -38.66
C4C CLA QC . 30.71 12.77 -37.81
CMC CLA QC . 27.26 13.62 -38.88
CAC CLA QC . 30.20 14.45 -39.68
CBC CLA QC . 30.48 15.80 -39.07
ND CLA QC . 32.46 11.24 -36.06
C1D CLA QC . 32.93 12.14 -37.03
C2D CLA QC . 34.39 12.15 -37.01
C3D CLA QC . 34.76 11.32 -35.98
C4D CLA QC . 33.51 10.82 -35.40
CMD CLA QC . 35.22 12.92 -37.91
CAD CLA QC . 35.84 10.73 -35.25
OBD CLA QC . 37.03 10.81 -35.43
CBD CLA QC . 35.22 9.93 -34.08
CGD CLA QC . 35.72 8.53 -34.02
O1D CLA QC . 35.09 7.50 -34.24
O2D CLA QC . 37.02 8.42 -33.67
CED CLA QC . 37.73 7.32 -34.23
C1 CLA QC . 29.70 12.16 -30.42
C2 CLA QC . 28.47 12.05 -31.24
C3 CLA QC . 27.27 12.34 -30.75
C4 CLA QC . 27.07 12.78 -29.36
C5 CLA QC . 26.05 12.24 -31.59
C6 CLA QC . 24.80 11.84 -30.86
C7 CLA QC . 23.63 12.23 -31.73
C8 CLA QC . 22.29 11.78 -31.20
C9 CLA QC . 22.30 10.30 -30.90
C10 CLA QC . 21.20 12.05 -32.21
C11 CLA QC . 21.15 13.52 -32.54
C12 CLA QC . 20.20 13.79 -33.69
C13 CLA QC . 19.39 15.02 -33.38
C14 CLA QC . 18.43 14.74 -32.24
C15 CLA QC . 18.69 15.55 -34.63
C16 CLA QC . 17.33 14.92 -34.89
C17 CLA QC . 16.51 15.80 -35.80
C18 CLA QC . 15.13 15.25 -36.00
C19 CLA QC . 14.35 16.09 -36.98
C20 CLA QC . 14.39 15.29 -34.69
MG CLA RC . 32.68 20.38 -27.26
CHA CLA RC . 33.70 17.32 -28.38
CHB CLA RC . 35.91 21.26 -26.75
CHC CLA RC . 31.63 23.39 -26.11
CHD CLA RC . 29.29 19.41 -27.70
NA CLA RC . 34.51 19.42 -27.55
C1A CLA RC . 34.73 18.14 -28.02
C2A CLA RC . 36.23 17.82 -28.07
C3A CLA RC . 36.87 19.09 -27.47
C4A CLA RC . 35.69 20.01 -27.25
CMA CLA RC . 37.55 18.81 -26.17
CAA CLA RC . 36.80 17.61 -29.46
CBA CLA RC . 36.41 18.69 -30.43
CGA CLA RC . 35.73 18.06 -31.60
O1A CLA RC . 35.13 16.99 -31.62
O2A CLA RC . 35.80 18.76 -32.77
NB CLA RC . 33.59 21.98 -26.50
C1B CLA RC . 34.91 22.21 -26.49
C2B CLA RC . 35.18 23.62 -26.16
C3B CLA RC . 33.97 24.21 -25.98
C4B CLA RC . 32.95 23.19 -26.21
CMB CLA RC . 36.49 24.20 -26.05
CAB CLA RC . 33.66 25.56 -25.66
CBB CLA RC . 33.65 26.04 -24.44
NC CLA RC . 30.82 21.22 -26.95
C1C CLA RC . 30.65 22.46 -26.46
C2C CLA RC . 29.25 22.75 -26.32
C3C CLA RC . 28.57 21.65 -26.77
C4C CLA RC . 29.55 20.68 -27.18
CMC CLA RC . 28.77 24.01 -25.81
CAC CLA RC . 27.13 21.48 -26.79
CBC CLA RC . 26.63 20.90 -25.50
ND CLA RC . 31.68 18.81 -27.97
C1D CLA RC . 30.29 18.54 -28.10
C2D CLA RC . 30.13 17.21 -28.65
C3D CLA RC . 31.39 16.69 -28.74
C4D CLA RC . 32.33 17.72 -28.29
CMD CLA RC . 28.83 16.66 -28.97
CAD CLA RC . 32.17 15.55 -29.10
OBD CLA RC . 31.81 14.47 -29.49
CBD CLA RC . 33.65 15.91 -28.88
CGD CLA RC . 34.23 14.94 -27.92
O1D CLA RC . 35.38 14.49 -27.90
O2D CLA RC . 33.32 14.53 -27.02
CED CLA RC . 33.80 14.06 -25.76
C1 CLA RC . 34.68 18.56 -33.66
C2 CLA RC . 34.97 19.21 -34.95
C3 CLA RC . 34.07 19.35 -35.94
C4 CLA RC . 32.69 18.87 -35.86
C5 CLA RC . 34.44 20.01 -37.21
C6 CLA RC . 34.34 19.08 -38.40
C7 CLA RC . 35.39 18.00 -38.30
C8 CLA RC . 35.48 17.15 -39.53
C9 CLA RC . 34.17 16.46 -39.79
C10 CLA RC . 36.54 16.10 -39.28
C11 CLA RC . 36.87 15.26 -40.48
C12 CLA RC . 37.99 14.35 -40.04
C13 CLA RC . 38.59 13.56 -41.18
C14 CLA RC . 38.71 12.12 -40.76
C15 CLA RC . 39.96 14.09 -41.54
C16 CLA RC . 40.48 13.37 -42.75
C17 CLA RC . 41.18 14.31 -43.70
C18 CLA RC . 41.67 13.55 -44.92
C19 CLA RC . 42.64 14.38 -45.73
C20 CLA RC . 40.51 13.13 -45.78
MG CLA SC . 38.15 20.67 -37.89
CHA CLA SC . 39.24 19.23 -34.98
CHB CLA SC . 39.51 18.13 -39.68
CHC CLA SC . 36.64 21.90 -40.70
CHD CLA SC . 36.39 23.04 -35.97
NA CLA SC . 39.29 19.00 -37.39
C1A CLA SC . 39.61 18.55 -36.11
C2A CLA SC . 40.43 17.25 -36.22
C3A CLA SC . 40.54 17.00 -37.73
C4A CLA SC . 39.73 18.11 -38.32
CMA CLA SC . 41.95 17.01 -38.26
CAA CLA SC . 39.78 16.02 -35.62
CBA CLA SC . 38.28 16.01 -35.61
CGA CLA SC . 37.91 14.94 -34.63
O1A CLA SC . 38.52 13.92 -34.39
O2A CLA SC . 36.74 15.15 -33.96
NB CLA SC . 38.06 20.11 -39.81
C1B CLA SC . 38.74 19.09 -40.37
C2B CLA SC . 38.53 19.08 -41.84
C3B CLA SC . 37.74 20.15 -42.12
C4B CLA SC . 37.44 20.82 -40.84
CMB CLA SC . 39.12 18.09 -42.73
CAB CLA SC . 37.24 20.62 -43.37
CBB CLA SC . 37.70 21.69 -44.00
NC CLA SC . 36.87 22.26 -38.27
C1C CLA SC . 36.40 22.59 -39.49
C2C CLA SC . 35.48 23.71 -39.38
C3C CLA SC . 35.36 23.99 -38.03
C4C CLA SC . 36.23 23.07 -37.34
CMC CLA SC . 34.77 24.33 -40.48
CAC CLA SC . 34.49 24.98 -37.42
CBC CLA SC . 33.21 24.33 -36.95
ND CLA SC . 38.09 21.28 -35.98
C1D CLA SC . 37.25 22.21 -35.33
C2D CLA SC . 37.43 22.10 -33.90
C3D CLA SC . 38.21 21.01 -33.70
C4D CLA SC . 38.53 20.46 -35.03
CMD CLA SC . 36.84 23.03 -32.96
CAD CLA SC . 38.87 20.18 -32.75
OBD CLA SC . 39.08 20.35 -31.57
CBD CLA SC . 39.35 18.93 -33.50
CGD CLA SC . 40.73 18.69 -33.03
O1D CLA SC . 41.19 17.67 -32.52
O2D CLA SC . 41.53 19.78 -33.13
CED CLA SC . 42.69 19.64 -33.93
C1 CLA SC . 35.96 13.95 -33.80
C2 CLA SC . 34.60 14.24 -33.26
C3 CLA SC . 33.62 14.84 -33.95
C4 CLA SC . 33.80 15.28 -35.34
C5 CLA SC . 32.30 15.06 -33.32
C6 CLA SC . 31.17 14.84 -34.29
C7 CLA SC . 29.87 14.47 -33.61
C8 CLA SC . 28.79 15.53 -33.68
C9 CLA SC . 27.43 14.88 -33.87
C10 CLA SC . 28.98 16.57 -34.77
C11 CLA SC . 28.12 17.79 -34.51
C12 CLA SC . 28.89 18.92 -33.86
C13 CLA SC . 28.62 19.01 -32.37
C14 CLA SC . 27.74 20.19 -32.03
C15 CLA SC . 29.92 19.08 -31.61
C16 CLA SC . 30.68 20.34 -31.96
C17 CLA SC . 32.12 20.23 -31.54
C18 CLA SC . 32.72 21.61 -31.45
C19 CLA SC . 32.14 22.30 -30.28
C20 CLA SC . 34.16 21.50 -31.07
MG CLA TC . 41.42 23.40 -21.04
CHA CLA TC . 44.33 22.82 -19.32
CHB CLA TC . 40.20 20.40 -20.03
CHC CLA TC . 38.41 24.12 -22.49
CHD CLA TC . 42.66 26.52 -22.00
NA CLA TC . 42.18 21.86 -19.88
C1A CLA TC . 43.39 21.83 -19.20
C2A CLA TC . 43.52 20.54 -18.42
C3A CLA TC . 42.26 19.76 -18.79
C4A CLA TC . 41.47 20.74 -19.62
CMA CLA TC . 42.57 18.53 -19.58
CAA CLA TC . 43.44 20.85 -16.92
CBA CLA TC . 42.32 21.79 -16.51
CGA CLA TC . 42.46 22.37 -15.15
O1A CLA TC . 43.48 22.55 -14.48
O2A CLA TC . 41.27 22.77 -14.63
NB CLA TC . 39.65 22.46 -21.19
C1B CLA TC . 39.39 21.20 -20.81
C2B CLA TC . 38.10 20.76 -21.35
C3B CLA TC . 37.59 21.80 -22.04
C4B CLA TC . 38.56 22.90 -21.95
CMB CLA TC . 37.56 19.44 -21.10
CAB CLA TC . 36.36 21.94 -22.75
CBB CLA TC . 35.16 21.96 -22.19
NC CLA TC . 40.68 25.02 -22.06
C1C CLA TC . 39.40 25.11 -22.53
C2C CLA TC . 39.19 26.40 -23.11
C3C CLA TC . 40.38 27.06 -23.01
C4C CLA TC . 41.33 26.20 -22.34
CMC CLA TC . 37.93 26.86 -23.68
CAC CLA TC . 40.60 28.43 -23.44
CBC CLA TC . 40.58 29.36 -22.27
ND CLA TC . 43.11 24.44 -20.84
C1D CLA TC . 43.50 25.71 -21.30
C2D CLA TC . 44.89 25.97 -20.89
C3D CLA TC . 45.26 24.88 -20.13
C4D CLA TC . 44.11 23.98 -20.11
CMD CLA TC . 45.64 27.16 -21.23
CAD CLA TC . 46.30 24.27 -19.36
OBD CLA TC . 47.43 24.64 -19.14
CBD CLA TC . 45.74 22.93 -18.80
CGD CLA TC . 46.56 21.78 -19.22
O1D CLA TC . 46.69 20.70 -18.65
O2D CLA TC . 47.25 21.97 -20.37
CED CLA TC . 47.67 20.82 -21.09
C1 CLA TC . 41.17 24.16 -14.26
C2 CLA TC . 39.73 24.41 -13.95
C3 CLA TC . 39.15 25.62 -13.95
C4 CLA TC . 39.87 26.88 -14.26
C5 CLA TC . 37.71 25.71 -13.62
C6 CLA TC . 36.91 26.39 -14.70
C7 CLA TC . 36.20 27.58 -14.10
C8 CLA TC . 34.90 27.86 -14.81
C9 CLA TC . 34.76 29.35 -15.03
C10 CLA TC . 33.74 27.30 -14.00
C11 CLA TC . 32.40 27.66 -14.60
C12 CLA TC . 31.44 28.23 -13.60
C13 CLA TC . 30.65 29.38 -14.19
C14 CLA TC . 31.02 30.66 -13.48
C15 CLA TC . 29.16 29.09 -14.11
C16 CLA TC . 28.29 30.30 -14.38
C17 CLA TC . 27.60 30.25 -15.73
C18 CLA TC . 26.09 30.08 -15.60
C19 CLA TC . 25.43 30.10 -16.95
C20 CLA TC . 25.47 31.14 -14.72
MG CLA UC . 11.23 20.83 -25.66
CHA CLA UC . 9.10 22.59 -27.69
CHB CLA UC . 9.72 22.19 -22.93
CHC CLA UC . 13.05 18.77 -23.67
CHD CLA UC . 12.73 19.39 -28.51
NA CLA UC . 9.71 22.24 -25.38
C1A CLA UC . 8.93 22.83 -26.36
C2A CLA UC . 7.92 23.78 -25.72
C3A CLA UC . 8.34 23.80 -24.25
C4A CLA UC . 9.33 22.66 -24.16
CMA CLA UC . 8.98 25.10 -23.85
CAA CLA UC . 6.50 23.24 -25.86
CBA CLA UC . 6.34 21.77 -25.53
CGA CLA UC . 6.41 20.85 -26.70
O1A CLA UC . 5.64 20.72 -27.64
O2A CLA UC . 7.52 20.05 -26.66
NB CLA UC . 11.47 20.64 -23.67
C1B CLA UC . 10.61 21.14 -22.76
C2B CLA UC . 10.72 20.39 -21.49
C3B CLA UC . 11.65 19.42 -21.68
C4B CLA UC . 12.14 19.57 -23.07
CMB CLA UC . 9.90 20.70 -20.33
CAB CLA UC . 12.07 18.42 -20.77
CBB CLA UC . 13.30 18.24 -20.29
NC CLA UC . 12.68 19.39 -26.04
C1C CLA UC . 13.30 18.70 -25.05
C2C CLA UC . 14.26 17.80 -25.61
C3C CLA UC . 14.16 17.92 -27.00
C4C CLA UC . 13.15 18.93 -27.25
CMC CLA UC . 15.10 16.97 -24.76
CAC CLA UC . 14.97 17.21 -27.99
CBC CLA UC . 14.50 15.80 -28.25
ND CLA UC . 11.03 20.93 -27.65
C1D CLA UC . 11.74 20.32 -28.71
C2D CLA UC . 11.19 20.82 -29.96
C3D CLA UC . 10.12 21.62 -29.65
C4D CLA UC . 10.08 21.68 -28.19
CMD CLA UC . 11.67 20.42 -31.26
CAD CLA UC . 9.05 22.45 -30.13
OBD CLA UC . 8.61 22.60 -31.25
CBD CLA UC . 8.40 23.14 -28.91
CGD CLA UC . 8.43 24.64 -28.93
O1D CLA UC . 7.62 25.40 -28.41
O2D CLA UC . 9.46 25.19 -29.60
CED CLA UC . 9.37 26.58 -29.89
C1 CLA UC . 7.20 18.66 -26.61
C2 CLA UC . 8.11 18.02 -25.64
C3 CLA UC . 9.31 17.53 -25.98
C4 CLA UC . 9.82 17.56 -27.35
C5 CLA UC . 10.18 16.89 -24.97
C6 CLA UC . 9.42 15.95 -24.06
C7 CLA UC . 10.22 15.80 -22.79
C8 CLA UC . 9.60 14.79 -21.84
C9 CLA UC . 8.27 15.31 -21.34
C10 CLA UC . 10.52 14.51 -20.67
C11 CLA UC . 11.90 14.11 -21.12
C12 CLA UC . 11.94 12.73 -21.74
C13 CLA UC . 13.00 12.49 -22.81
C14 CLA UC . 13.61 13.75 -23.39
C15 CLA UC . 12.42 11.66 -23.96
C16 CLA UC . 13.13 10.34 -24.09
C17 CLA UC . 12.32 9.36 -24.91
C18 CLA UC . 13.01 8.02 -25.03
C19 CLA UC . 13.30 7.42 -23.67
C20 CLA UC . 12.14 7.10 -25.84
MG CLA VC . 13.68 16.05 -41.60
CHA CLA VC . 10.25 16.35 -41.71
CHB CLA VC . 13.85 18.90 -39.80
CHC CLA VC . 17.02 15.47 -41.09
CHD CLA VC . 13.44 12.99 -43.28
NA CLA VC . 12.27 17.43 -40.93
C1A CLA VC . 10.88 17.37 -41.03
C2A CLA VC . 10.26 18.57 -40.34
C3A CLA VC . 11.44 19.52 -40.18
C4A CLA VC . 12.61 18.55 -40.27
CMA CLA VC . 11.43 20.54 -41.27
CAA CLA VC . 9.98 18.30 -38.88
CBA CLA VC . 9.36 16.98 -38.47
CGA CLA VC . 9.97 16.41 -37.23
O1A CLA VC . 11.00 16.73 -36.65
O2A CLA VC . 9.25 15.38 -36.70
NB CLA VC . 15.17 17.06 -40.74
C1B CLA VC . 14.99 18.10 -39.91
C2B CLA VC . 16.21 18.33 -39.14
C3B CLA VC . 17.11 17.39 -39.48
C4B CLA VC . 16.47 16.55 -40.51
CMB CLA VC . 16.28 19.41 -38.20
CAB CLA VC . 18.43 17.13 -38.99
CBB CLA VC . 19.44 17.99 -38.91
NC CLA VC . 14.99 14.55 -42.18
C1C CLA VC . 16.32 14.54 -41.89
C2C CLA VC . 16.94 13.35 -42.44
C3C CLA VC . 15.91 12.61 -43.02
C4C CLA VC . 14.70 13.38 -42.85
CMC CLA VC . 18.35 13.05 -42.30
CAC CLA VC . 16.04 11.33 -43.70
CBC CLA VC . 15.62 10.15 -42.86
ND CLA VC . 12.24 14.91 -42.39
C1D CLA VC . 12.29 13.69 -43.07
C2D CLA VC . 10.93 13.32 -43.45
C3D CLA VC . 10.11 14.30 -42.97
C4D CLA VC . 10.97 15.26 -42.30
CMD CLA VC . 10.61 12.11 -44.19
CAD CLA VC . 8.76 14.76 -42.81
OBD CLA VC . 7.71 14.26 -43.18
CBD CLA VC . 8.81 16.10 -42.04
CGD CLA VC . 8.32 17.13 -43.00
O1D CLA VC . 7.59 18.09 -42.81
O2D CLA VC . 8.76 16.91 -44.27
CED CLA VC . 9.10 18.05 -45.05
C1 CLA VC . 9.91 14.51 -35.76
C2 CLA VC . 9.24 13.19 -35.90
C3 CLA VC . 9.79 12.02 -35.54
C4 CLA VC . 11.15 11.92 -34.98
C5 CLA VC . 9.05 10.74 -35.71
C6 CLA VC . 8.10 10.76 -36.89
C7 CLA VC . 7.40 9.44 -37.07
C8 CLA VC . 6.79 9.29 -38.46
C9 CLA VC . 5.96 10.49 -38.83
C10 CLA VC . 5.95 8.02 -38.56
C11 CLA VC . 5.50 7.74 -39.98
C12 CLA VC . 6.39 6.77 -40.72
C13 CLA VC . 7.30 7.48 -41.72
C14 CLA VC . 7.00 7.07 -43.15
C15 CLA VC . 8.79 7.29 -41.40
C16 CLA VC . 9.14 5.83 -41.17
C17 CLA VC . 10.10 5.65 -40.01
C18 CLA VC . 9.47 5.09 -38.75
C19 CLA VC . 9.03 6.19 -37.81
C20 CLA VC . 8.34 4.11 -38.99
MG CLA WC . 16.85 22.68 -37.11
CHA CLA WC . 20.17 22.98 -37.92
CHB CLA WC . 17.62 20.45 -34.72
CHC CLA WC . 13.53 22.22 -36.54
CHD CLA WC . 16.06 25.07 -39.58
NA CLA WC . 18.64 21.86 -36.44
C1A CLA WC . 19.94 22.11 -36.90
C2A CLA WC . 20.94 21.26 -36.10
C3A CLA WC . 20.06 20.54 -35.07
C4A CLA WC . 18.66 20.97 -35.43
CMA CLA WC . 20.13 19.04 -35.17
CAA CLA WC . 21.98 22.05 -35.31
CBA CLA WC . 23.07 21.19 -34.70
CGA CLA WC . 23.99 20.66 -35.74
O1A CLA WC . 25.09 21.09 -36.09
O2A CLA WC . 23.50 19.55 -36.37
NB CLA WC . 15.78 21.65 -35.79
C1B CLA WC . 16.27 20.72 -34.96
C2B CLA WC . 15.18 19.96 -34.34
C3B CLA WC . 14.01 20.45 -34.86
C4B CLA WC . 14.40 21.50 -35.82
CMB CLA WC . 15.43 18.88 -33.41
CAB CLA WC . 12.63 20.12 -34.72
CBB CLA WC . 12.09 18.92 -34.53
NC CLA WC . 15.13 23.51 -37.89
C1C CLA WC . 13.88 23.16 -37.51
C2C CLA WC . 12.90 23.89 -38.26
C3C CLA WC . 13.60 24.72 -39.11
C4C CLA WC . 15.00 24.46 -38.88
CMC CLA WC . 11.47 23.72 -38.07
CAC CLA WC . 13.03 25.63 -40.08
CBC CLA WC . 12.80 24.85 -41.34
ND CLA WC . 17.81 23.73 -38.51
C1D CLA WC . 17.37 24.73 -39.41
C2D CLA WC . 18.53 25.25 -40.13
C3D CLA WC . 19.61 24.57 -39.65
C4D CLA WC . 19.12 23.67 -38.60
CMD CLA WC . 18.45 26.24 -41.19
CAD CLA WC . 21.03 24.36 -39.73
OBD CLA WC . 21.83 24.75 -40.56
CBD CLA WC . 21.44 23.46 -38.57
CGD CLA WC . 22.26 22.35 -39.10
O1D CLA WC . 23.30 21.85 -38.66
O2D CLA WC . 21.76 21.83 -40.22
CED CLA WC . 21.69 20.42 -40.18
C1 CLA WC . 24.07 18.27 -36.08
C2 CLA WC . 23.35 17.31 -36.95
C3 CLA WC . 23.40 15.97 -36.85
C4 CLA WC . 24.19 15.28 -35.82
C5 CLA WC . 22.63 15.13 -37.79
C6 CLA WC . 21.89 13.98 -37.12
C7 CLA WC . 20.78 13.48 -38.02
C8 CLA WC . 20.60 11.99 -37.84
C9 CLA WC . 21.84 11.28 -38.32
C10 CLA WC . 19.40 11.50 -38.63
C11 CLA WC . 18.17 11.44 -37.76
C12 CLA WC . 17.06 12.26 -38.35
C13 CLA WC . 15.74 11.51 -38.41
C14 CLA WC . 15.91 10.16 -39.06
C15 CLA WC . 14.72 12.31 -39.19
C16 CLA WC . 13.39 12.39 -38.46
C17 CLA WC . 12.41 11.38 -39.02
C18 CLA WC . 11.38 12.01 -39.93
C19 CLA WC . 10.36 10.98 -40.36
C20 CLA WC . 10.67 13.15 -39.25
MG CLA XC . 20.63 33.03 -25.48
CHA CLA XC . 19.35 36.16 -24.94
CHB CLA XC . 21.43 33.90 -28.65
CHC CLA XC . 22.19 30.02 -25.87
CHD CLA XC . 19.94 32.22 -22.14
NA CLA XC . 20.39 34.75 -26.61
C1A CLA XC . 19.86 35.96 -26.19
C2A CLA XC . 19.93 36.98 -27.31
C3A CLA XC . 20.39 36.16 -28.51
C4A CLA XC . 20.79 34.84 -27.90
CMA CLA XC . 19.24 35.91 -29.43
CAA CLA XC . 20.99 38.02 -27.00
CBA CLA XC . 22.23 37.48 -26.32
CGA CLA XC . 23.14 38.51 -25.75
O1A CLA XC . 23.22 39.70 -26.04
O2A CLA XC . 23.97 38.00 -24.79
NB CLA XC . 21.62 32.13 -26.96
C1B CLA XC . 21.81 32.64 -28.18
C2B CLA XC . 22.44 31.63 -29.04
C3B CLA XC . 22.66 30.52 -28.28
C4B CLA XC . 22.14 30.84 -26.94
CMB CLA XC . 22.74 31.94 -30.41
CAB CLA XC . 23.26 29.26 -28.56
CBB CLA XC . 24.28 28.98 -29.36
NC CLA XC . 20.97 31.41 -24.24
C1C CLA XC . 21.63 30.30 -24.61
C2C CLA XC . 21.72 29.40 -23.49
C3C CLA XC . 21.07 30.00 -22.44
C4C CLA XC . 20.59 31.27 -22.93
CMC CLA XC . 22.39 28.11 -23.52
CAC CLA XC . 20.88 29.49 -21.09
CBC CLA XC . 21.96 29.95 -20.16
ND CLA XC . 19.79 33.90 -23.89
C1D CLA XC . 19.57 33.45 -22.58
C2D CLA XC . 18.93 34.51 -21.82
C3D CLA XC . 18.78 35.57 -22.69
C4D CLA XC . 19.36 35.13 -23.96
CMD CLA XC . 18.58 34.35 -20.42
CAD CLA XC . 18.36 36.92 -22.87
OBD CLA XC . 17.83 37.70 -22.09
CBD CLA XC . 18.64 37.31 -24.33
CGD CLA XC . 17.30 37.35 -24.94
O1D CLA XC . 16.29 36.81 -24.50
O2D CLA XC . 17.21 38.01 -26.11
CED CLA XC . 16.03 37.79 -26.88
C1 CLA XC . 25.21 38.72 -24.63
C2 CLA XC . 26.09 37.99 -23.69
C3 CLA XC . 26.37 38.36 -22.44
C4 CLA XC . 25.81 39.58 -21.82
C5 CLA XC . 27.27 37.56 -21.59
C6 CLA XC . 26.47 36.80 -20.55
C7 CLA XC . 27.33 36.50 -19.36
C8 CLA XC . 27.94 35.12 -19.46
C9 CLA XC . 27.12 34.12 -18.68
C10 CLA XC . 29.36 35.19 -18.92
C11 CLA XC . 30.17 34.00 -19.33
C12 CLA XC . 30.67 33.26 -18.10
C13 CLA XC . 32.03 32.60 -18.31
C14 CLA XC . 33.14 33.61 -18.45
C15 CLA XC . 31.98 31.68 -19.52
C16 CLA XC . 31.12 30.48 -19.20
C17 CLA XC . 31.94 29.40 -18.56
C18 CLA XC . 31.29 28.05 -18.81
C19 CLA XC . 31.26 27.80 -20.29
C20 CLA XC . 32.08 26.94 -18.18
MG CLA YC . 23.35 31.87 -33.72
CHA CLA YC . 23.47 28.53 -34.42
CHB CLA YC . 26.58 31.82 -32.74
CHC CLA YC . 23.11 35.17 -32.92
CHD CLA YC . 19.96 31.88 -34.65
NA CLA YC . 24.79 30.39 -33.63
C1A CLA YC . 24.65 29.05 -33.97
C2A CLA YC . 25.94 28.31 -33.74
C3A CLA YC . 26.85 29.36 -33.10
C4A CLA YC . 26.04 30.63 -33.15
CMA CLA YC . 27.09 28.97 -31.70
CAA CLA YC . 26.61 27.91 -35.03
CBA CLA YC . 27.84 27.08 -34.77
CGA CLA YC . 27.39 25.73 -34.33
O1A CLA YC . 26.25 25.32 -34.11
O2A CLA YC . 28.41 24.85 -34.17
NB CLA YC . 24.61 33.23 -33.00
C1B CLA YC . 25.90 33.03 -32.71
C2B CLA YC . 26.53 34.31 -32.34
C3B CLA YC . 25.55 35.27 -32.39
C4B CLA YC . 24.31 34.58 -32.78
CMB CLA YC . 27.92 34.37 -31.98
CAB CLA YC . 25.51 36.67 -32.11
CBB CLA YC . 26.50 37.55 -32.05
NC CLA YC . 21.81 33.26 -33.77
C1C CLA YC . 21.94 34.54 -33.38
C2C CLA YC . 20.67 35.21 -33.51
C3C CLA YC . 19.78 34.29 -34.02
C4C CLA YC . 20.51 33.06 -34.19
CMC CLA YC . 20.41 36.59 -33.17
CAC CLA YC . 18.37 34.48 -34.33
CBC CLA YC . 17.47 33.96 -33.24
ND CLA YC . 21.98 30.56 -34.35
C1D CLA YC . 20.64 30.70 -34.74
C2D CLA YC . 20.10 29.41 -35.16
C3D CLA YC . 21.13 28.54 -35.00
C4D CLA YC . 22.29 29.29 -34.52
CMD CLA YC . 18.74 29.17 -35.61
CAD CLA YC . 21.52 27.18 -35.08
OBD CLA YC . 20.81 26.20 -35.25
CBD CLA YC . 23.03 27.15 -34.84
CGD CLA YC . 23.29 26.09 -33.83
O1D CLA YC . 23.25 24.90 -34.05
O2D CLA YC . 23.61 26.50 -32.59
CED CLA YC . 22.56 26.71 -31.64
C1 CLA YC . 28.04 23.53 -33.71
C2 CLA YC . 27.82 22.70 -34.91
C3 CLA YC . 28.82 22.17 -35.65
C4 CLA YC . 30.25 22.37 -35.34
C5 CLA YC . 28.51 21.34 -36.83
C6 CLA YC . 28.46 22.14 -38.11
C7 CLA YC . 27.04 22.55 -38.43
C8 CLA YC . 26.88 23.90 -39.09
C9 CLA YC . 28.02 24.85 -38.77
C10 CLA YC . 25.58 24.48 -38.58
C11 CLA YC . 25.36 25.91 -38.97
C12 CLA YC . 24.00 26.27 -38.48
C13 CLA YC . 23.66 27.68 -38.88
C14 CLA YC . 24.57 28.62 -38.17
C15 CLA YC . 22.22 27.95 -38.54
C16 CLA YC . 21.56 28.62 -39.70
C17 CLA YC . 21.38 30.08 -39.39
C18 CLA YC . 20.95 30.80 -40.64
C19 CLA YC . 21.13 32.29 -40.44
C20 CLA YC . 19.51 30.46 -40.94
MG CLA ZC . 30.82 29.95 -28.13
CHA CLA ZC . 29.81 33.15 -27.34
CHB CLA ZC . 27.61 29.01 -28.22
CHC CLA ZC . 31.84 26.78 -28.86
CHD CLA ZC . 34.16 30.95 -27.78
NA CLA ZC . 29.02 30.95 -27.87
C1A CLA ZC . 28.80 32.29 -27.55
C2A CLA ZC . 27.31 32.56 -27.45
C3A CLA ZC . 26.66 31.19 -27.62
C4A CLA ZC . 27.83 30.33 -27.96
CMA CLA ZC . 26.07 30.65 -26.35
CAA CLA ZC . 26.88 33.38 -28.62
CBA CLA ZC . 25.40 33.61 -28.56
CGA CLA ZC . 25.13 34.87 -27.83
O1A CLA ZC . 25.36 36.04 -28.15
O2A CLA ZC . 24.54 34.64 -26.64
NB CLA ZC . 29.90 28.23 -28.47
C1B CLA ZC . 28.57 28.07 -28.53
C2B CLA ZC . 28.23 26.72 -28.96
C3B CLA ZC . 29.42 26.07 -29.14
C4B CLA ZC . 30.50 27.03 -28.81
CMB CLA ZC . 26.82 26.33 -29.07
CAB CLA ZC . 29.75 24.74 -29.53
CBB CLA ZC . 28.97 23.67 -29.56
NC CLA ZC . 32.68 29.05 -28.32
C1C CLA ZC . 32.87 27.74 -28.63
C2C CLA ZC . 34.29 27.47 -28.67
C3C CLA ZC . 34.93 28.64 -28.35
C4C CLA ZC . 33.91 29.63 -28.12
CMC CLA ZC . 34.88 26.18 -28.98
CAC CLA ZC . 36.36 28.85 -28.26
CBC CLA ZC . 36.85 28.73 -26.85
ND CLA ZC . 31.83 31.63 -27.75
C1D CLA ZC . 33.19 31.89 -27.58
C2D CLA ZC . 33.34 33.30 -27.22
C3D CLA ZC . 32.10 33.83 -27.15
C4D CLA ZC . 31.18 32.74 -27.45
CMD CLA ZC . 34.60 33.95 -27.02
CAD CLA ZC . 31.33 35.00 -26.90
OBD CLA ZC . 31.73 36.14 -26.71
CBD CLA ZC . 29.85 34.59 -26.93
CGD CLA ZC . 29.26 34.72 -25.57
O1D CLA ZC . 28.60 35.65 -25.12
O2D CLA ZC . 29.52 33.66 -24.78
CED CLA ZC . 28.95 33.63 -23.48
C1 CLA ZC . 25.35 35.03 -25.53
C2 CLA ZC . 25.25 33.96 -24.52
C3 CLA ZC . 24.22 33.85 -23.68
C4 CLA ZC . 23.09 34.79 -23.71
C5 CLA ZC . 24.14 32.77 -22.68
C6 CLA ZC . 25.50 32.18 -22.37
C7 CLA ZC . 25.31 31.04 -21.40
C8 CLA ZC . 26.24 29.88 -21.72
C9 CLA ZC . 26.16 28.83 -20.65
C10 CLA ZC . 27.67 30.39 -21.83
C11 CLA ZC . 28.56 29.34 -22.42
C12 CLA ZC . 29.28 29.87 -23.63
C13 CLA ZC . 30.14 28.86 -24.36
C14 CLA ZC . 29.60 27.44 -24.27
C15 CLA ZC . 31.54 28.84 -23.82
C16 CLA ZC . 32.17 30.20 -23.75
C17 CLA ZC . 33.66 30.01 -23.59
C18 CLA ZC . 34.35 31.19 -22.95
C19 CLA ZC . 35.84 31.01 -23.13
C20 CLA ZC . 33.95 32.48 -23.61
MG CLA AD . 27.84 41.67 -30.24
CHA CLA AD . 26.35 44.22 -32.02
CHB CLA AD . 29.02 40.35 -33.11
CHC CLA AD . 29.26 39.14 -28.44
CHD CLA AD . 26.66 43.12 -27.25
NA CLA AD . 27.70 42.23 -32.24
C1A CLA AD . 27.05 43.33 -32.79
C2A CLA AD . 27.19 43.31 -34.32
C3A CLA AD . 28.14 42.13 -34.57
C4A CLA AD . 28.30 41.51 -33.22
CMA CLA AD . 27.57 41.13 -35.52
CAA CLA AD . 27.79 44.52 -34.98
CBA CLA AD . 28.87 45.21 -34.20
CGA CLA AD . 29.06 46.52 -34.89
O1A CLA AD . 28.72 46.81 -36.04
O2A CLA AD . 29.68 47.47 -34.13
NB CLA AD . 28.87 40.01 -30.70
C1B CLA AD . 29.29 39.67 -31.93
C2B CLA AD . 30.12 38.47 -31.87
C3B CLA AD . 30.20 38.11 -30.55
C4B CLA AD . 29.42 39.10 -29.78
CMB CLA AD . 30.74 37.87 -33.05
CAB CLA AD . 30.90 37.03 -29.93
CBB CLA AD . 30.70 35.76 -30.21
NC CLA AD . 27.94 41.23 -28.21
C1C CLA AD . 28.58 40.15 -27.70
C2C CLA AD . 28.45 40.15 -26.25
C3C CLA AD . 27.71 41.28 -25.92
C4C CLA AD . 27.40 41.95 -27.15
CMC CLA AD . 29.03 39.13 -25.38
CAC CLA AD . 27.31 41.73 -24.58
CBC CLA AD . 28.23 42.78 -24.04
ND CLA AD . 26.83 43.30 -29.68
C1D CLA AD . 26.41 43.77 -28.42
C2D CLA AD . 25.60 44.99 -28.61
C3D CLA AD . 25.53 45.15 -29.95
C4D CLA AD . 26.31 44.09 -30.60
CMD CLA AD . 25.01 45.80 -27.55
CAD CLA AD . 24.98 45.96 -30.97
OBD CLA AD . 24.17 46.85 -30.82
CBD CLA AD . 25.52 45.44 -32.32
CGD CLA AD . 24.33 45.07 -33.15
O1D CLA AD . 23.34 44.45 -32.77
O2D CLA AD . 24.39 45.48 -34.44
CED CLA AD . 23.16 45.75 -35.11
C1 CLA AD . 31.00 47.89 -34.52
C2 CLA AD . 31.96 47.05 -33.75
C3 CLA AD . 33.15 47.49 -33.35
C4 CLA AD . 33.65 48.84 -33.67
C5 CLA AD . 34.05 46.61 -32.58
C6 CLA AD . 35.45 46.60 -33.13
C7 CLA AD . 36.18 45.42 -32.51
C8 CLA AD . 36.98 44.67 -33.56
C9 CLA AD . 36.07 44.15 -34.65
C10 CLA AD . 37.72 43.52 -32.90
C11 CLA AD . 38.52 42.71 -33.87
C12 CLA AD . 39.66 42.01 -33.18
C13 CLA AD . 40.15 40.86 -34.03
C14 CLA AD . 41.25 40.11 -33.34
C15 CLA AD . 40.64 41.36 -35.37
C16 CLA AD . 40.76 40.26 -36.38
C17 CLA AD . 40.99 40.88 -37.74
C18 CLA AD . 41.28 39.87 -38.84
C19 CLA AD . 41.74 40.62 -40.07
C20 CLA AD . 42.37 38.93 -38.42
MG CLA BD . 26.30 28.02 -45.23
CHA CLA BD . 27.95 27.75 -42.24
CHB CLA BD . 28.48 25.89 -46.65
CHC CLA BD . 24.66 28.38 -48.19
CHD CLA BD . 24.16 30.40 -43.77
NA CLA BD . 27.91 26.95 -44.51
C1A CLA BD . 28.46 26.96 -43.23
C2A CLA BD . 29.63 26.00 -43.15
C3A CLA BD . 29.83 25.55 -44.59
C4A CLA BD . 28.64 26.13 -45.31
CMA CLA BD . 31.04 26.20 -45.16
CAA CLA BD . 29.23 24.79 -42.33
CBA CLA BD . 29.88 23.50 -42.76
CGA CLA BD . 30.73 22.95 -41.66
O1A CLA BD . 31.36 23.56 -40.80
O2A CLA BD . 30.79 21.59 -41.63
NB CLA BD . 26.42 27.15 -47.03
C1B CLA BD . 27.47 26.41 -47.44
C2B CLA BD . 27.45 26.24 -48.91
C3B CLA BD . 26.37 26.96 -49.37
C4B CLA BD . 25.72 27.55 -48.17
CMB CLA BD . 28.48 25.53 -49.64
CAB CLA BD . 25.94 27.20 -50.71
CBB CLA BD . 24.78 26.88 -51.26
NC CLA BD . 24.69 29.17 -45.86
C1C CLA BD . 24.18 29.16 -47.11
C2C CLA BD . 23.06 30.07 -47.19
C3C CLA BD . 22.92 30.66 -45.94
C4C CLA BD . 23.95 30.08 -45.11
CMC CLA BD . 22.32 30.30 -48.42
CAC CLA BD . 21.94 31.67 -45.50
CBC CLA BD . 22.46 33.07 -45.43
ND CLA BD . 26.12 28.97 -43.49
C1D CLA BD . 25.17 29.91 -43.01
C2D CLA BD . 25.47 30.23 -41.62
C3D CLA BD . 26.54 29.44 -41.27
C4D CLA BD . 26.89 28.67 -42.46
CMD CLA BD . 24.73 31.20 -40.84
CAD CLA BD . 27.47 29.09 -40.24
OBD CLA BD . 27.63 29.56 -39.13
CBD CLA BD . 28.34 27.95 -40.80
CGD CLA BD . 29.78 28.31 -40.70
O1D CLA BD . 30.65 27.76 -40.02
O2D CLA BD . 30.12 29.35 -41.48
CED CLA BD . 31.49 29.43 -41.84
C1 CLA BD . 32.03 20.97 -42.02
C2 CLA BD . 31.87 20.56 -43.44
C3 CLA BD . 32.69 19.69 -44.05
C4 CLA BD . 33.85 19.09 -43.35
C5 CLA BD . 32.49 19.31 -45.47
C6 CLA BD . 33.59 19.85 -46.37
C7 CLA BD . 34.30 18.71 -47.07
C8 CLA BD . 35.70 19.14 -47.53
C9 CLA BD . 35.62 19.92 -48.82
C10 CLA BD . 36.62 17.94 -47.69
C11 CLA BD . 37.77 17.98 -46.72
C12 CLA BD . 39.13 17.86 -47.39
C13 CLA BD . 40.16 18.68 -46.62
C14 CLA BD . 39.97 20.15 -46.88
C15 CLA BD . 41.59 18.26 -46.93
C16 CLA BD . 42.57 19.00 -46.04
C17 CLA BD . 43.85 19.36 -46.78
C18 CLA BD . 44.48 20.64 -46.23
C19 CLA BD . 45.87 20.82 -46.82
C20 CLA BD . 43.65 21.87 -46.54
MG CLA CD . 31.26 36.14 -47.81
CHA CLA CD . 30.64 38.51 -50.23
CHB CLA CD . 28.13 34.93 -48.18
CHC CLA CD . 32.02 33.62 -45.64
CHD CLA CD . 34.56 37.34 -47.57
NA CLA CD . 29.65 36.68 -49.00
C1A CLA CD . 29.58 37.66 -49.98
C2A CLA CD . 28.22 37.67 -50.64
C3A CLA CD . 27.46 36.55 -49.91
C4A CLA CD . 28.48 35.99 -48.96
CMA CLA CD . 26.25 37.03 -49.17
CAA CLA CD . 28.31 37.25 -52.09
CBA CLA CD . 29.27 36.09 -52.31
CGA CLA CD . 29.37 35.74 -53.75
O1A CLA CD . 29.77 36.42 -54.69
O2A CLA CD . 28.93 34.46 -54.00
NB CLA CD . 30.25 34.60 -47.02
C1B CLA CD . 28.97 34.29 -47.27
C2B CLA CD . 28.54 33.12 -46.47
C3B CLA CD . 29.64 32.73 -45.74
C4B CLA CD . 30.75 33.67 -46.10
CMB CLA CD . 27.20 32.59 -46.60
CAB CLA CD . 29.91 31.65 -44.83
CBB CLA CD . 29.18 30.56 -44.57
NC CLA CD . 32.97 35.60 -46.79
C1C CLA CD . 33.06 34.53 -45.98
C2C CLA CD . 34.40 34.40 -45.49
C3C CLA CD . 35.12 35.45 -46.01
C4C CLA CD . 34.21 36.21 -46.84
CMC CLA CD . 34.86 33.34 -44.61
CAC CLA CD . 36.54 35.74 -45.83
CBC CLA CD . 37.32 35.12 -46.96
ND CLA CD . 32.37 37.59 -48.63
C1D CLA CD . 33.71 37.99 -48.42
C2D CLA CD . 34.00 39.18 -49.23
C3D CLA CD . 32.84 39.42 -49.94
C4D CLA CD . 31.87 38.39 -49.54
CMD CLA CD . 35.27 39.87 -49.24
CAD CLA CD . 32.20 40.26 -50.92
OBD CLA CD . 32.65 41.24 -51.49
CBD CLA CD . 30.79 39.69 -51.14
CGD CLA CD . 29.73 40.70 -50.87
O1D CLA CD . 28.85 40.68 -50.02
O2D CLA CD . 29.78 41.74 -51.73
CED CLA CD . 29.88 43.06 -51.16
C1 CLA CD . 29.52 33.73 -55.09
C2 CLA CD . 30.93 33.38 -54.72
C3 CLA CD . 31.51 32.22 -55.07
C4 CLA CD . 30.81 31.18 -55.86
C5 CLA CD . 32.92 31.94 -54.67
C6 CLA CD . 33.05 30.73 -53.75
C7 CLA CD . 34.50 30.36 -53.54
C8 CLA CD . 34.71 29.60 -52.24
C9 CLA CD . 36.18 29.45 -51.94
C10 CLA CD . 34.04 28.23 -52.29
C11 CLA CD . 33.99 27.61 -50.90
C12 CLA CD . 34.63 26.24 -50.81
C13 CLA CD . 33.95 25.34 -49.78
C14 CLA CD . 32.45 25.30 -49.97
C15 CLA CD . 34.31 25.72 -48.35
C16 CLA CD . 34.86 24.52 -47.63
C17 CLA CD . 35.43 24.86 -46.26
C18 CLA CD . 34.40 24.60 -45.18
C19 CLA CD . 34.55 25.55 -44.02
C20 CLA CD . 34.45 23.16 -44.69
C1 BCR DD . 7.18 17.92 -31.74
C2 BCR DD . 5.82 18.47 -31.42
C3 BCR DD . 4.84 17.35 -31.35
C4 BCR DD . 5.19 16.43 -30.20
C5 BCR DD . 6.64 16.15 -30.14
C6 BCR DD . 7.56 16.80 -30.84
C7 BCR DD . 8.99 16.50 -30.72
C8 BCR DD . 9.62 15.60 -31.47
C9 BCR DD . 11.04 15.39 -31.41
C10 BCR DD . 11.56 14.26 -31.90
C11 BCR DD . 12.93 13.88 -31.67
C33 BCR DD . 6.97 15.05 -29.22
C31 BCR DD . 8.16 19.07 -31.62
C32 BCR DD . 7.15 17.48 -33.18
C34 BCR DD . 11.88 16.44 -30.83
C12 BCR DD . 13.36 12.76 -32.25
C13 BCR DD . 14.71 12.28 -32.17
C14 BCR DD . 15.10 11.33 -33.03
C15 BCR DD . 16.47 10.90 -33.15
C16 BCR DD . 16.76 9.89 -33.97
C17 BCR DD . 18.15 9.61 -34.18
C18 BCR DD . 18.62 8.74 -35.08
C19 BCR DD . 20.05 8.52 -35.13
C20 BCR DD . 20.59 7.44 -35.66
C21 BCR DD . 22.02 7.30 -35.55
C22 BCR DD . 22.77 6.30 -36.01
C23 BCR DD . 24.18 6.33 -35.69
C24 BCR DD . 25.03 5.34 -35.99
C25 BCR DD . 26.21 4.92 -35.26
C26 BCR DD . 27.38 5.56 -35.38
C27 BCR DD . 28.63 5.18 -34.69
C28 BCR DD . 28.28 4.56 -33.37
C29 BCR DD . 27.36 3.40 -33.60
C30 BCR DD . 26.13 3.68 -34.42
C35 BCR DD . 15.56 12.68 -31.04
C36 BCR DD . 17.73 7.88 -35.87
C37 BCR DD . 22.30 5.47 -37.14
C38 BCR DD . 27.59 6.76 -36.19
C39 BCR DD . 24.89 3.65 -33.57
C40 BCR DD . 26.01 2.45 -35.30
C1A DGD ED . 21.69 6.35 -18.70
C2A DGD ED . 20.67 7.37 -19.06
C3A DGD ED . 19.28 6.85 -18.71
C4A DGD ED . 18.25 7.92 -19.01
C5A DGD ED . 17.08 7.71 -18.08
C6A DGD ED . 15.80 7.58 -18.87
C7A DGD ED . 14.74 7.32 -17.81
C8A DGD ED . 13.46 8.02 -18.15
C9A DGD ED . 13.71 9.52 -18.03
CAA DGD ED . 13.85 9.87 -16.59
CBA DGD ED . 14.77 11.06 -16.52
CCA DGD ED . 13.91 12.28 -16.66
CDA DGD ED . 14.83 13.44 -17.00
CEA DGD ED . 14.19 14.25 -18.09
CFA DGD ED . 15.14 14.41 -19.25
CGA DGD ED . 15.25 13.06 -19.92
O1A DGD ED . 21.68 5.52 -17.82
C1B DGD ED . 23.39 6.67 -22.58
C2B DGD ED . 23.68 7.89 -23.37
C3B DGD ED . 23.47 9.13 -22.54
C4B DGD ED . 21.99 9.40 -22.33
C5B DGD ED . 21.93 10.83 -21.86
C6B DGD ED . 21.90 10.81 -20.33
C7B DGD ED . 21.39 12.17 -19.93
C8B DGD ED . 21.13 12.10 -18.47
C9B DGD ED . 19.93 12.97 -18.21
CAB DGD ED . 20.36 13.88 -17.11
CBB DGD ED . 19.55 15.11 -17.33
CCB DGD ED . 19.86 16.03 -16.18
CDB DGD ED . 18.97 17.20 -16.45
CEB DGD ED . 17.57 16.83 -16.09
CFB DGD ED . 16.77 18.00 -16.59
CGB DGD ED . 15.35 17.53 -16.71
O1B DGD ED . 22.34 6.07 -22.58
O1G DGD ED . 22.73 6.46 -19.56
C1G DGD ED . 23.80 5.60 -19.42
C2G DGD ED . 24.24 5.26 -20.83
O2G DGD ED . 24.30 6.45 -21.59
C3G DGD ED . 25.66 4.69 -20.70
O3G DGD ED . 25.36 3.32 -20.76
C1D DGD ED . 26.31 2.52 -20.21
C2D DGD ED . 25.56 1.47 -19.41
O2D DGD ED . 25.03 2.16 -18.35
C3D DGD ED . 26.68 0.53 -18.89
O3D DGD ED . 26.11 -0.54 -18.26
C4D DGD ED . 27.48 -0.09 -20.07
O4D DGD ED . 26.65 -0.88 -20.83
C5D DGD ED . 27.93 1.04 -21.00
O5D DGD ED . 29.61 0.00 -22.07
C6D DGD ED . 28.34 0.49 -22.32
O6D DGD ED . 26.87 1.90 -21.32
C1E DGD ED . 29.97 -1.19 -22.68
C2E DGD ED . 31.15 -1.79 -21.89
O2E DGD ED . 30.67 -2.07 -20.63
C3E DGD ED . 32.21 -0.69 -21.80
O3E DGD ED . 33.28 -1.26 -21.13
C4E DGD ED . 32.69 -0.41 -23.22
O4E DGD ED . 33.15 -1.60 -23.76
C5E DGD ED . 31.51 0.01 -24.09
O6E DGD ED . 30.40 -0.84 -23.95
C6E DGD ED . 31.85 -0.22 -25.52
O5E DGD ED . 33.04 0.46 -25.67
C1A DGD FD . 43.98 28.32 -12.95
C2A DGD FD . 44.38 29.74 -12.81
C3A DGD FD . 43.42 30.65 -13.55
C4A DGD FD . 42.25 31.04 -12.65
C5A DGD FD . 40.95 30.53 -13.25
C6A DGD FD . 39.79 30.70 -12.28
C7A DGD FD . 38.61 31.10 -13.13
C8A DGD FD . 37.78 32.14 -12.40
C9A DGD FD . 36.37 32.07 -12.97
CAA DGD FD . 35.52 33.13 -12.28
CBA DGD FD . 35.18 32.62 -10.87
CCA DGD FD . 34.42 33.72 -10.17
CDA DGD FD . 35.41 34.44 -9.25
CEA DGD FD . 35.69 33.57 -8.05
CFA DGD FD . 37.03 33.93 -7.47
CGA DGD FD . 38.09 33.46 -8.45
O1A DGD FD . 42.88 27.86 -13.14
C1B DGD FD . 43.68 25.83 -16.32
C2B DGD FD . 42.92 26.81 -17.08
C3B DGD FD . 41.84 26.11 -17.83
C4B DGD FD . 40.68 27.03 -18.08
C5B DGD FD . 39.69 26.18 -18.81
C6B DGD FD . 39.14 25.19 -17.81
C7B DGD FD . 37.97 24.59 -18.51
C8B DGD FD . 37.89 23.24 -17.93
C9B DGD FD . 36.45 22.92 -17.92
CAB DGD FD . 36.31 22.03 -16.73
CBB DGD FD . 34.91 22.31 -16.34
CCB DGD FD . 34.58 21.38 -15.22
CDB DGD FD . 33.33 22.03 -14.75
CEB DGD FD . 33.25 21.82 -13.27
CFB DGD FD . 34.14 22.91 -12.72
CGB DGD FD . 34.18 22.76 -11.23
O1B DGD FD . 44.00 24.75 -16.74
O1G DGD FD . 45.07 27.59 -13.24
C1G DGD FD . 45.00 26.21 -13.09
C2G DGD FD . 45.13 25.62 -14.50
O2G DGD FD . 44.38 26.41 -15.35
C3G DGD FD . 46.58 25.81 -14.92
O3G DGD FD . 47.28 25.24 -13.86
C1D DGD FD . 48.04 24.20 -14.27
C2D DGD FD . 49.25 24.19 -13.32
O2D DGD FD . 50.08 25.13 -13.85
C3D DGD FD . 49.91 22.79 -13.49
O3D DGD FD . 50.85 22.62 -12.49
C4D DGD FD . 48.89 21.62 -13.33
O4D DGD FD . 48.30 21.66 -12.11
C5D DGD FD . 47.75 21.93 -14.33
O5D DGD FD . 47.06 19.73 -14.35
C6D DGD FD . 46.54 21.01 -14.24
O6D DGD FD . 47.21 23.13 -13.98
C1E DGD FD . 47.15 19.23 -15.62
C2E DGD FD . 46.37 17.90 -15.70
O2E DGD FD . 45.11 18.17 -15.22
C3E DGD FD . 47.02 16.86 -14.78
O3E DGD FD . 46.43 15.65 -15.13
C4E DGD FD . 48.54 16.78 -15.02
O4E DGD FD . 48.76 16.38 -16.32
C5E DGD FD . 49.14 18.16 -14.91
O6E DGD FD . 48.52 19.01 -15.81
C6E DGD FD . 50.57 18.17 -15.40
O5E DGD FD . 50.45 18.24 -16.78
C1 BCR GD . 52.76 30.37 -34.90
C2 BCR GD . 53.91 29.40 -34.77
C3 BCR GD . 53.68 28.21 -35.65
C4 BCR GD . 53.67 28.65 -37.09
C5 BCR GD . 52.88 29.87 -37.30
C6 BCR GD . 52.44 30.68 -36.32
C7 BCR GD . 51.67 31.89 -36.59
C8 BCR GD . 50.33 31.90 -36.67
C9 BCR GD . 49.55 33.04 -37.08
C10 BCR GD . 48.23 32.88 -37.23
C11 BCR GD . 47.31 33.99 -37.31
C33 BCR GD . 52.61 30.14 -38.73
C31 BCR GD . 53.15 31.61 -34.15
C32 BCR GD . 51.59 29.72 -34.21
C34 BCR GD . 50.16 34.37 -36.98
C12 BCR GD . 46.08 33.80 -36.86
C13 BCR GD . 45.10 34.84 -36.70
C14 BCR GD . 43.88 34.52 -36.23
C15 BCR GD . 42.84 35.47 -36.00
C16 BCR GD . 41.59 35.05 -35.80
C17 BCR GD . 40.62 36.05 -35.46
C18 BCR GD . 39.31 35.88 -35.32
C19 BCR GD . 38.54 37.01 -34.88
C20 BCR GD . 37.25 36.92 -34.59
C21 BCR GD . 36.56 38.16 -34.31
C22 BCR GD . 35.54 38.26 -33.47
C23 BCR GD . 35.00 39.57 -33.17
C24 BCR GD . 33.72 39.72 -32.87
C25 BCR GD . 33.03 40.96 -32.54
C26 BCR GD . 32.39 41.65 -33.48
C27 BCR GD . 31.64 42.90 -33.28
C28 BCR GD . 31.68 43.41 -31.86
C29 BCR GD . 31.85 42.31 -30.84
C30 BCR GD . 33.00 41.38 -31.12
C35 BCR GD . 45.41 36.23 -37.08
C36 BCR GD . 38.71 34.54 -35.22
C37 BCR GD . 34.87 37.06 -32.94
C38 BCR GD . 32.36 41.25 -34.89
C39 BCR GD . 32.96 40.19 -30.19
C40 BCR GD . 34.24 42.17 -30.75
MG CLA HD . 53.76 20.24 -47.79
CHA CLA HD . 54.10 17.38 -45.92
CHB CLA HD . 50.72 20.81 -46.40
CHC CLA HD . 53.45 23.01 -49.77
CHD CLA HD . 56.80 19.47 -49.44
NA CLA HD . 52.65 19.28 -46.32
C1A CLA HD . 52.96 18.09 -45.65
C2A CLA HD . 51.83 17.74 -44.67
C3A CLA HD . 50.82 18.89 -44.82
C4A CLA HD . 51.44 19.74 -45.91
CMA CLA HD . 49.48 18.39 -45.23
CAA CLA HD . 52.28 17.66 -43.22
CBA CLA HD . 51.35 16.72 -42.49
CGA CLA HD . 51.82 15.30 -42.47
O1A CLA HD . 52.80 14.83 -41.89
O2A CLA HD . 51.02 14.45 -43.21
NB CLA HD . 52.37 21.65 -48.01
C1B CLA HD . 51.16 21.66 -47.42
C2B CLA HD . 50.34 22.75 -48.00
C3B CLA HD . 51.11 23.38 -48.94
C4B CLA HD . 52.42 22.69 -48.96
CMB CLA HD . 48.97 23.01 -47.58
CAB CLA HD . 50.84 24.49 -49.79
CBB CLA HD . 51.35 25.71 -49.61
NC CLA HD . 54.96 21.10 -49.25
C1C CLA HD . 54.65 22.26 -49.90
C2C CLA HD . 55.69 22.61 -50.83
C3C CLA HD . 56.62 21.57 -50.79
C4C CLA HD . 56.14 20.65 -49.79
CMC CLA HD . 55.66 23.80 -51.67
CAC CLA HD . 57.87 21.46 -51.54
CBC CLA HD . 57.65 20.91 -52.93
ND CLA HD . 55.23 18.89 -47.64
C1D CLA HD . 56.36 18.63 -48.45
C2D CLA HD . 56.99 17.38 -48.02
C3D CLA HD . 56.19 16.90 -47.01
C4D CLA HD . 55.08 17.84 -46.86
CMD CLA HD . 58.22 16.83 -48.58
CAD CLA HD . 56.00 15.83 -46.06
OBD CLA HD . 56.77 14.94 -45.75
CBD CLA HD . 54.59 16.04 -45.46
CGD CLA HD . 53.66 14.97 -45.93
O1D CLA HD . 52.73 15.09 -46.73
O2D CLA HD . 53.91 13.75 -45.39
CED CLA HD . 52.86 12.78 -45.43
C1 CLA HD . 50.06 13.64 -42.53
C2 CLA HD . 48.74 14.27 -42.77
C3 CLA HD . 48.09 15.01 -41.85
C4 CLA HD . 48.62 15.26 -40.49
C5 CLA HD . 46.77 15.64 -42.12
C6 CLA HD . 46.84 17.13 -41.88
C7 CLA HD . 45.64 17.81 -42.48
C8 CLA HD . 44.46 17.75 -41.52
C9 CLA HD . 43.31 16.99 -42.14
C10 CLA HD . 44.08 19.16 -41.07
C11 CLA HD . 43.17 19.90 -42.03
C12 CLA HD . 41.87 20.29 -41.35
C13 CLA HD . 41.11 21.46 -41.98
C14 CLA HD . 41.48 21.73 -43.43
C15 CLA HD . 41.27 22.69 -41.13
C16 CLA HD . 39.95 23.34 -40.83
C17 CLA HD . 39.83 24.54 -41.70
C18 CLA HD . 38.38 24.93 -41.90
C19 CLA HD . 38.05 26.03 -40.95
C20 CLA HD . 38.20 25.41 -43.33
MG CLA ID . 12.69 18.62 -58.62
CHA CLA ID . 13.27 16.09 -60.89
CHB CLA ID . 9.43 17.71 -58.41
CHC CLA ID . 12.14 21.21 -56.48
CHD CLA ID . 16.11 19.49 -58.77
NA CLA ID . 11.55 17.13 -59.52
C1A CLA ID . 11.97 16.17 -60.45
C2A CLA ID . 10.79 15.26 -60.81
C3A CLA ID . 9.63 15.80 -59.96
C4A CLA ID . 10.23 16.98 -59.25
CMA CLA ID . 8.43 16.23 -60.77
CAA CLA ID . 11.02 13.85 -60.30
CBA CLA ID . 11.34 13.77 -58.80
CGA CLA ID . 10.36 12.89 -58.06
O1A CLA ID . 10.43 11.66 -57.89
O2A CLA ID . 9.29 13.55 -57.54
NB CLA ID . 11.10 19.27 -57.57
C1B CLA ID . 9.85 18.82 -57.70
C2B CLA ID . 8.91 19.71 -56.99
C3B CLA ID . 9.67 20.71 -56.44
C4B CLA ID . 11.08 20.45 -56.81
CMB CLA ID . 7.48 19.46 -56.98
CAB CLA ID . 9.28 21.86 -55.66
CBB CLA ID . 8.55 21.85 -54.55
NC CLA ID . 13.91 20.07 -57.77
C1C CLA ID . 13.48 21.03 -56.93
C2C CLA ID . 14.58 21.88 -56.53
C3C CLA ID . 15.71 21.39 -57.17
C4C CLA ID . 15.27 20.26 -57.96
CMC CLA ID . 14.48 23.00 -55.62
CAC CLA ID . 17.08 21.90 -57.08
CBC CLA ID . 17.42 22.82 -58.21
ND CLA ID . 14.34 18.04 -59.61
C1D CLA ID . 15.68 18.47 -59.56
C2D CLA ID . 16.49 17.63 -60.45
C3D CLA ID . 15.61 16.76 -61.02
C4D CLA ID . 14.28 17.02 -60.45
CMD CLA ID . 17.92 17.79 -60.67
CAD CLA ID . 15.49 15.64 -61.91
OBD CLA ID . 16.40 15.10 -62.54
CBD CLA ID . 13.99 15.20 -61.88
CGD CLA ID . 13.35 15.33 -63.24
O1D CLA ID . 12.21 15.69 -63.51
O2D CLA ID . 14.14 15.02 -64.31
CED CLA ID . 14.03 15.83 -65.47
C1 CLA ID . 8.19 12.73 -57.09
C2 CLA ID . 6.92 13.47 -57.26
C3 CLA ID . 6.51 14.43 -56.43
C4 CLA ID . 7.29 14.86 -55.25
C5 CLA ID . 5.22 15.14 -56.63
C6 CLA ID . 4.08 14.16 -56.58
C7 CLA ID . 2.76 14.86 -56.43
C8 CLA ID . 1.79 14.58 -57.58
C9 CLA ID . 1.74 13.11 -57.94
C10 CLA ID . 2.18 15.35 -58.82
C11 CLA ID . 1.04 16.18 -59.37
C12 CLA ID . 0.49 17.15 -58.32
C13 CLA ID . 0.76 18.62 -58.66
C14 CLA ID . 0.29 18.96 -60.06
C15 CLA ID . 2.22 19.04 -58.49
C16 CLA ID . 2.83 18.60 -57.17
C17 CLA ID . 2.29 19.38 -55.99
C18 CLA ID . 2.93 19.09 -54.63
C19 CLA ID . 1.87 18.77 -53.60
C20 CLA ID . 4.00 18.02 -54.63
MG CLA JD . 15.26 16.95 1.83
CHA CLA JD . 14.80 18.08 5.01
CHB CLA JD . 11.90 16.62 1.46
CHC CLA JD . 15.74 16.25 -1.47
CHD CLA JD . 18.71 17.52 2.20
NA CLA JD . 13.63 17.22 3.07
C1A CLA JD . 13.64 17.76 4.36
C2A CLA JD . 12.22 17.86 4.88
C3A CLA JD . 11.39 17.11 3.84
C4A CLA JD . 12.35 16.98 2.69
CMA CLA JD . 10.97 15.77 4.36
CAA CLA JD . 11.77 19.31 4.84
CBA CLA JD . 12.44 20.20 3.80
CGA CLA JD . 11.72 21.50 3.70
O1A CLA JD . 10.88 21.91 4.49
O2A CLA JD . 12.09 22.23 2.60
NB CLA JD . 14.06 16.50 0.30
C1B CLA JD . 12.72 16.46 0.34
C2B CLA JD . 12.19 16.20 -0.99
C3B CLA JD . 13.26 16.09 -1.82
C4B CLA JD . 14.47 16.26 -1.00
CMB CLA JD . 10.77 16.11 -1.25
CAB CLA JD . 13.32 15.84 -3.22
CBB CLA JD . 13.20 14.61 -3.71
NC CLA JD . 16.93 16.82 0.62
C1C CLA JD . 16.89 16.52 -0.69
C2C CLA JD . 18.22 16.56 -1.24
C3C CLA JD . 19.06 16.94 -0.20
C4C CLA JD . 18.24 17.11 0.96
CMC CLA JD . 18.56 16.29 -2.62
CAC CLA JD . 20.51 17.13 -0.23
CBC CLA JD . 21.24 15.84 -0.10
ND CLA JD . 16.54 17.47 3.28
C1D CLA JD . 17.92 17.68 3.30
C2D CLA JD . 18.32 18.13 4.63
C3D CLA JD . 17.16 18.26 5.34
C4D CLA JD . 16.07 17.88 4.44
CMD CLA JD . 19.68 18.40 5.03
CAD CLA JD . 16.57 18.61 6.59
OBD CLA JD . 17.14 18.87 7.65
CBD CLA JD . 15.04 18.57 6.41
CGD CLA JD . 14.55 17.52 7.32
O1D CLA JD . 15.16 16.53 7.67
O2D CLA JD . 13.29 17.71 7.77
CED CLA JD . 12.62 16.56 8.31
C1 CLA JD . 11.19 23.26 2.13
C2 CLA JD . 9.96 22.59 1.63
C3 CLA JD . 8.82 23.22 1.38
C4 CLA JD . 8.72 24.67 1.55
C5 CLA JD . 7.61 22.50 0.90
C6 CLA JD . 7.21 21.35 1.79
C7 CLA JD . 7.58 20.02 1.16
C8 CLA JD . 7.07 18.83 1.95
C9 CLA JD . 7.36 18.96 3.42
C10 CLA JD . 7.72 17.57 1.41
C11 CLA JD . 7.16 16.36 2.12
C12 CLA JD . 7.68 15.10 1.48
C13 CLA JD . 6.65 13.99 1.50
C14 CLA JD . 7.16 12.79 0.74
C15 CLA JD . 5.34 14.47 0.89
C16 CLA JD . 4.30 13.39 1.05
C17 CLA JD . 3.58 13.19 -0.25
C18 CLA JD . 2.62 12.01 -0.09
C19 CLA JD . 1.39 12.23 -0.93
C20 CLA JD . 3.32 10.73 -0.45
MG CLA KD . 29.38 31.46 6.64
CHA CLA KD . 29.89 30.53 3.37
CHB CLA KD . 30.29 34.64 5.88
CHC CLA KD . 28.58 32.40 9.81
CHD CLA KD . 28.24 28.20 7.33
NA CLA KD . 30.03 32.40 4.91
C1A CLA KD . 30.12 31.84 3.64
C2A CLA KD . 30.58 32.90 2.64
C3A CLA KD . 30.94 34.10 3.53
C4A CLA KD . 30.37 33.71 4.87
CMA CLA KD . 32.43 34.21 3.62
CAA CLA KD . 29.44 33.32 1.74
CBA CLA KD . 28.06 33.25 2.37
CGA CLA KD . 27.14 34.20 1.66
O1A CLA KD . 27.38 34.83 0.63
O2A CLA KD . 25.92 34.33 2.27
NB CLA KD . 29.40 33.19 7.63
C1B CLA KD . 29.83 34.38 7.17
C2B CLA KD . 29.80 35.39 8.24
C3B CLA KD . 29.33 34.76 9.35
C4B CLA KD . 29.08 33.35 8.99
CMB CLA KD . 30.20 36.77 8.02
CAB CLA KD . 29.11 35.27 10.66
CBB CLA KD . 29.96 35.06 11.67
NC CLA KD . 28.59 30.46 8.28
C1C CLA KD . 28.35 31.04 9.47
C2C CLA KD . 27.76 30.08 10.37
C3C CLA KD . 27.65 28.88 9.67
C4C CLA KD . 28.17 29.14 8.34
CMC CLA KD . 27.38 30.40 11.75
CAC CLA KD . 27.09 27.60 10.09
CBC CLA KD . 27.87 26.85 11.12
ND CLA KD . 29.24 29.70 5.68
C1D CLA KD . 28.76 28.44 6.08
C2D CLA KD . 28.89 27.50 4.96
C3D CLA KD . 29.37 28.25 3.92
C4D CLA KD . 29.51 29.62 4.40
CMD CLA KD . 28.59 26.08 5.01
CAD CLA KD . 29.79 28.24 2.55
OBD CLA KD . 29.96 27.28 1.82
CBD CLA KD . 30.03 29.70 2.13
CGD CLA KD . 31.45 29.72 1.70
O1D CLA KD . 32.32 28.93 2.07
O2D CLA KD . 31.80 30.70 0.84
CED CLA KD . 33.19 30.85 0.58
C1 CLA KD . 24.89 35.03 1.54
C2 CLA KD . 24.94 36.46 1.96
C3 CLA KD . 25.19 37.48 1.11
C4 CLA KD . 25.43 37.29 -0.33
C5 CLA KD . 25.23 38.88 1.59
C6 CLA KD . 26.59 39.50 1.36
C7 CLA KD . 27.62 38.92 2.31
C8 CLA KD . 29.01 39.51 2.09
C9 CLA KD . 30.08 38.60 2.67
C10 CLA KD . 29.11 40.90 2.70
C11 CLA KD . 29.60 41.92 1.69
C12 CLA KD . 30.23 43.13 2.35
C13 CLA KD . 31.57 43.46 1.71
C14 CLA KD . 32.56 42.33 1.96
C15 CLA KD . 32.15 44.79 2.23
C16 CLA KD . 32.44 45.75 1.11
C17 CLA KD . 31.24 46.59 0.75
C18 CLA KD . 31.44 48.07 1.10
C19 CLA KD . 30.15 48.70 1.58
C20 CLA KD . 31.96 48.81 -0.11
CHA PHO LD . 21.48 42.42 6.85
CHB PHO LD . 25.15 39.47 5.84
CHC PHO LD . 22.35 35.53 6.61
CHD PHO LD . 18.52 38.42 7.38
NA PHO LD . 23.14 40.74 6.38
C1A PHO LD . 22.75 42.09 6.52
C2A PHO LD . 23.92 43.00 6.17
C3A PHO LD . 25.00 42.00 5.70
C4A PHO LD . 24.38 40.65 6.02
CMA PHO LD . 25.26 42.14 4.24
CAA PHO LD . 24.45 43.84 7.30
CBA PHO LD . 24.57 43.02 8.55
CGA PHO LD . 25.55 43.63 9.50
O1A PHO LD . 25.65 43.46 10.71
O2A PHO LD . 26.41 44.48 8.86
NB PHO LD . 23.46 37.74 6.37
C1B PHO LD . 24.73 38.19 6.04
C2B PHO LD . 25.58 36.98 5.91
C3B PHO LD . 24.79 35.89 6.12
C4B PHO LD . 23.41 36.34 6.42
CMB PHO LD . 26.97 37.12 5.52
CAB PHO LD . 25.04 34.48 6.05
CBB PHO LD . 26.15 33.84 6.39
NC PHO LD . 20.63 37.22 6.98
C1C PHO LD . 21.00 35.96 6.85
C2C PHO LD . 19.82 35.06 7.00
C3C PHO LD . 18.73 35.88 7.21
C4C PHO LD . 19.24 37.28 7.21
CMC PHO LD . 19.88 33.62 6.89
CAC PHO LD . 17.32 35.53 7.38
CBC PHO LD . 16.79 35.66 8.77
ND PHO LD . 20.34 40.12 7.16
C1D PHO LD . 19.01 39.76 7.37
C2D PHO LD . 18.27 40.95 7.52
C3D PHO LD . 19.17 42.01 7.36
C4D PHO LD . 20.46 41.44 7.09
CMD PHO LD . 16.84 41.02 7.78
CAD PHO LD . 19.30 43.43 7.29
OBD PHO LD . 18.46 44.30 7.42
CBD PHO LD . 20.79 43.74 6.96
CGD PHO LD . 20.80 44.49 5.68
O1D PHO LD . 20.84 45.70 5.47
O2D PHO LD . 20.77 43.65 4.63
CED PHO LD . 21.19 44.17 3.37
C1 PHO LD . 27.24 45.35 9.67
C2 PHO LD . 28.49 44.61 9.98
C3 PHO LD . 28.88 44.37 11.24
C4 PHO LD . 28.10 44.85 12.40
C5 PHO LD . 30.12 43.62 11.53
C6 PHO LD . 29.83 42.46 12.48
C7 PHO LD . 30.87 41.38 12.42
C8 PHO LD . 30.35 39.95 12.52
C9 PHO LD . 29.08 39.83 13.33
C10 PHO LD . 31.41 39.06 13.14
C11 PHO LD . 32.75 39.15 12.43
C12 PHO LD . 32.73 38.34 11.16
C13 PHO LD . 33.85 38.71 10.21
C14 PHO LD . 33.71 40.15 9.82
C15 PHO LD . 33.84 37.82 8.97
C16 PHO LD . 33.67 36.35 9.29
C17 PHO LD . 34.01 35.46 8.10
C18 PHO LD . 33.42 34.05 8.19
C19 PHO LD . 34.20 33.07 7.36
C20 PHO LD . 33.31 33.52 9.60
C2 PL9 MD . 15.36 47.03 -1.36
C3 PL9 MD . 14.52 46.07 -0.89
C4 PL9 MD . 13.10 46.26 -0.90
C5 PL9 MD . 12.60 47.51 -1.42
C6 PL9 MD . 13.45 48.47 -1.90
C1 PL9 MD . 14.86 48.26 -1.88
C7 PL9 MD . 15.09 44.83 -0.38
C8 PL9 MD . 16.49 44.56 -0.75
C9 PL9 MD . 16.84 43.55 -1.53
C10 PL9 MD . 15.92 42.44 -1.84
C11 PL9 MD . 18.00 43.72 -2.47
C12 PL9 MD . 18.84 44.97 -2.13
C13 PL9 MD . 20.00 44.51 -1.33
C14 PL9 MD . 21.24 44.42 -1.82
C15 PL9 MD . 21.56 44.69 -3.23
C16 PL9 MD . 22.41 44.05 -0.98
C17 PL9 MD . 23.42 45.18 -0.78
C18 PL9 MD . 24.36 44.83 0.35
C19 PL9 MD . 25.54 45.39 0.61
C20 PL9 MD . 26.14 46.38 -0.29
C21 PL9 MD . 26.26 45.01 1.86
C22 PL9 MD . 26.73 46.22 2.70
C23 PL9 MD . 27.99 45.84 3.40
C24 PL9 MD . 28.37 46.38 4.57
C25 PL9 MD . 27.49 47.26 5.37
C26 PL9 MD . 29.50 45.74 5.29
C27 PL9 MD . 30.77 46.62 5.25
C28 PL9 MD . 30.93 47.35 6.54
C29 PL9 MD . 31.88 47.03 7.43
C30 PL9 MD . 32.62 45.76 7.38
C31 PL9 MD . 32.32 47.94 8.51
C32 PL9 MD . 31.32 49.05 8.82
C33 PL9 MD . 32.14 50.28 8.98
C34 PL9 MD . 32.16 51.26 8.09
C35 PL9 MD . 31.66 51.16 6.71
C36 PL9 MD . 32.45 52.60 8.60
C37 PL9 MD . 33.88 52.95 8.29
C38 PL9 MD . 34.40 53.56 9.53
C39 PL9 MD . 35.59 53.26 10.00
C40 PL9 MD . 36.08 51.85 10.01
C41 PL9 MD . 36.55 54.36 10.02
C42 PL9 MD . 37.17 54.46 11.39
C43 PL9 MD . 38.61 54.76 11.23
C44 PL9 MD . 39.17 55.88 11.65
C45 PL9 MD . 38.37 57.02 12.14
C46 PL9 MD . 40.63 56.11 11.61
C47 PL9 MD . 41.27 56.07 13.00
C48 PL9 MD . 41.76 57.45 13.27
C49 PL9 MD . 41.12 58.31 14.06
C50 PL9 MD . 40.73 59.61 13.48
C51 PL9 MD . 41.04 58.19 15.52
C52 PL9 MD . 11.14 47.68 -1.43
C53 PL9 MD . 13.01 49.74 -2.43
O1 PL9 MD . 12.37 45.37 -0.47
O2 PL9 MD . 15.71 49.07 -2.29
MG CLA ND . 22.93 23.24 8.88
CHA CLA ND . 23.32 25.76 11.17
CHB CLA ND . 20.59 25.06 7.28
CHC CLA ND . 22.88 20.90 6.39
CHD CLA ND . 25.54 21.50 10.43
NA CLA ND . 22.05 25.08 9.24
C1A CLA ND . 22.36 25.99 10.23
C2A CLA ND . 21.52 27.22 10.09
C3A CLA ND . 20.46 26.80 9.09
C4A CLA ND . 21.06 25.57 8.46
CMA CLA ND . 19.22 26.48 9.85
CAA CLA ND . 22.36 28.21 9.35
CBA CLA ND . 22.75 29.34 10.24
CGA CLA ND . 22.74 30.55 9.40
O1A CLA ND . 21.81 30.97 8.72
O2A CLA ND . 23.93 31.20 9.40
NB CLA ND . 21.84 22.97 7.22
C1B CLA ND . 21.07 23.92 6.66
C2B CLA ND . 20.74 23.54 5.25
C3B CLA ND . 21.39 22.37 5.00
C4B CLA ND . 22.10 21.99 6.25
CMB CLA ND . 19.89 24.40 4.43
CAB CLA ND . 21.50 21.53 3.84
CBB CLA ND . 20.53 21.24 2.98
NC CLA ND . 23.96 21.47 8.55
C1C CLA ND . 23.74 20.65 7.49
C2C CLA ND . 24.60 19.51 7.58
C3C CLA ND . 25.42 19.71 8.66
C4C CLA ND . 25.00 20.95 9.28
CMC CLA ND . 24.63 18.42 6.63
CAC CLA ND . 26.49 18.82 9.10
CBC CLA ND . 26.18 18.02 10.34
ND CLA ND . 24.13 23.47 10.46
C1D CLA ND . 25.16 22.69 10.98
C2D CLA ND . 25.70 23.34 12.16
C3D CLA ND . 25.04 24.52 12.28
C4D CLA ND . 24.08 24.57 11.19
CMD CLA ND . 26.77 22.81 12.98
CAD CLA ND . 24.89 25.72 13.03
OBD CLA ND . 25.48 26.08 14.02
CBD CLA ND . 23.81 26.55 12.34
CGD CLA ND . 22.73 26.74 13.35
O1D CLA ND . 21.86 25.94 13.66
O2D CLA ND . 22.78 27.93 13.98
CED CLA ND . 21.63 28.32 14.73
C1 CLA ND . 23.90 32.51 8.84
C2 CLA ND . 24.88 33.31 9.62
C3 CLA ND . 24.52 34.20 10.53
C4 CLA ND . 23.11 34.46 10.85
C5 CLA ND . 25.53 34.97 11.30
C6 CLA ND . 25.23 36.45 11.26
C7 CLA ND . 25.71 37.02 9.95
C8 CLA ND . 26.38 38.37 10.16
C9 CLA ND . 25.33 39.41 10.47
C10 CLA ND . 27.13 38.75 8.91
C11 CLA ND . 27.83 40.07 9.05
C12 CLA ND . 28.82 40.23 7.93
C13 CLA ND . 29.18 41.69 7.77
C14 CLA ND . 28.48 42.28 6.57
C15 CLA ND . 30.68 41.87 7.65
C16 CLA ND . 31.22 41.11 6.46
C17 CLA ND . 32.40 41.85 5.85
C18 CLA ND . 33.74 41.27 6.24
C19 CLA ND . 34.87 42.05 5.61
C20 CLA ND . 33.83 39.81 5.82
MG CLA OD . 36.96 47.85 22.74
CHA CLA OD . 38.19 45.21 24.57
CHB CLA OD . 33.84 47.21 23.86
CHC CLA OD . 35.86 50.65 21.11
CHD CLA OD . 40.23 48.54 21.64
NA CLA OD . 36.16 46.41 24.00
C1A CLA OD . 36.84 45.42 24.71
C2A CLA OD . 35.86 44.59 25.52
C3A CLA OD . 34.48 45.20 25.18
C4A CLA OD . 34.83 46.37 24.29
CMA CLA OD . 33.63 44.20 24.47
CAA CLA OD . 36.06 44.71 27.01
CBA CLA OD . 36.38 46.13 27.43
CGA CLA OD . 36.03 46.29 28.87
O1A CLA OD . 36.10 45.46 29.78
O2A CLA OD . 35.57 47.55 29.16
NB CLA OD . 35.18 48.73 22.50
C1B CLA OD . 34.03 48.31 23.03
C2B CLA OD . 32.94 49.23 22.64
C3B CLA OD . 33.51 50.20 21.87
C4B CLA OD . 34.95 49.91 21.78
CMB CLA OD . 31.56 49.06 23.06
CAB CLA OD . 32.93 51.34 21.23
CBB CLA OD . 32.32 52.35 21.84
NC CLA OD . 37.88 49.31 21.58
C1C CLA OD . 37.24 50.37 21.03
C2C CLA OD . 38.19 51.19 20.31
C3C CLA OD . 39.43 50.59 20.44
C4C CLA OD . 39.23 49.41 21.26
CMC CLA OD . 37.84 52.41 19.59
CAC CLA OD . 40.70 51.03 19.89
CBC CLA OD . 41.54 51.78 20.89
ND CLA OD . 38.80 47.09 22.99
C1D CLA OD . 40.05 47.46 22.45
C2D CLA OD . 41.05 46.49 22.89
C3D CLA OD . 40.40 45.61 23.71
C4D CLA OD . 39.00 46.03 23.76
CMD CLA OD . 42.44 46.54 22.48
CAD CLA OD . 40.50 44.44 24.52
OBD CLA OD . 41.49 43.76 24.75
CBD CLA OD . 39.11 44.15 25.10
CGD CLA OD . 38.65 42.83 24.59
O1D CLA OD . 37.67 42.60 23.89
O2D CLA OD . 39.41 41.77 24.94
CED CLA OD . 39.22 40.58 24.17
C1 CLA OD . 36.14 48.22 30.30
C2 CLA OD . 35.73 49.62 30.12
C3 CLA OD . 34.54 50.11 30.49
C4 CLA OD . 33.51 49.28 31.15
C5 CLA OD . 34.23 51.55 30.26
C6 CLA OD . 33.38 52.17 31.34
C7 CLA OD . 33.55 53.67 31.35
C8 CLA OD . 32.93 54.24 32.63
C9 CLA OD . 31.42 54.17 32.56
C10 CLA OD . 33.39 55.66 32.84
C11 CLA OD . 34.79 55.67 33.41
C12 CLA OD . 35.10 56.98 34.09
C13 CLA OD . 36.41 56.88 34.83
C14 CLA OD . 36.23 56.13 36.14
C15 CLA OD . 37.01 58.26 35.07
C16 CLA OD . 37.73 58.75 33.84
C17 CLA OD . 38.25 60.16 34.02
C18 CLA OD . 38.76 60.75 32.71
C19 CLA OD . 39.25 62.17 32.94
C20 CLA OD . 37.67 60.75 31.66
C2 PL9 PD . 3.29 33.59 -5.17
C3 PL9 PD . 2.06 33.02 -5.04
C4 PL9 PD . 0.93 33.75 -5.34
C5 PL9 PD . 1.07 35.04 -5.77
C6 PL9 PD . 2.28 35.61 -5.91
C1 PL9 PD . 3.41 34.90 -5.62
C7 PL9 PD . 1.92 31.67 -4.59
C8 PL9 PD . 3.12 31.03 -4.09
C9 PL9 PD . 3.07 29.84 -3.54
C10 PL9 PD . 2.07 28.85 -3.91
C11 PL9 PD . 3.57 29.73 -2.19
C12 PL9 PD . 4.92 29.03 -2.20
C13 PL9 PD . 5.27 28.85 -0.79
C14 PL9 PD . 5.33 27.66 -0.19
C15 PL9 PD . 4.77 26.46 -0.79
C16 PL9 PD . 6.32 27.35 0.85
C17 PL9 PD . 5.87 27.64 2.25
C18 PL9 PD . 6.97 27.35 3.19
C19 PL9 PD . 6.93 26.50 4.22
C20 PL9 PD . 5.66 25.89 4.63
C21 PL9 PD . 8.05 26.50 5.17
C22 PL9 PD . 7.60 26.90 6.57
C23 PL9 PD . 8.76 26.74 7.45
C24 PL9 PD . 8.71 27.13 8.72
C25 PL9 PD . 7.66 27.97 9.27
C26 PL9 PD . 9.85 26.86 9.57
C27 PL9 PD . 9.40 26.05 10.76
C28 PL9 PD . 8.97 24.71 10.29
C29 PL9 PD . 8.00 24.03 10.87
C30 PL9 PD . 7.24 24.56 12.02
C31 PL9 PD . 7.86 22.59 10.72
C32 PL9 PD . 8.69 22.00 9.61
C33 PL9 PD . 8.80 20.59 9.99
C34 PL9 PD . 9.50 19.70 9.30
C35 PL9 PD . 10.54 20.04 8.34
C36 PL9 PD . 9.00 18.35 9.32
C37 PL9 PD . 8.41 18.05 7.97
C38 PL9 PD . 8.25 16.58 7.96
C39 PL9 PD . 7.37 15.97 7.20
C40 PL9 PD . 6.49 16.70 6.28
C41 PL9 PD . 7.29 14.52 7.27
C42 PL9 PD . 7.88 13.97 6.01
C43 PL9 PD . 8.29 12.59 6.26
C44 PL9 PD . 8.08 11.63 5.41
C45 PL9 PD . 9.12 10.67 5.05
C46 PL9 PD . 6.93 11.64 4.52
C47 PL9 PD . 6.11 10.40 4.70
C48 PL9 PD . 4.79 10.74 4.16
C49 PL9 PD . 3.96 9.85 3.64
C50 PL9 PD . 2.58 10.28 3.42
C51 PL9 PD . 4.22 8.41 3.60
C52 PL9 PD . -0.14 35.73 -6.08
C53 PL9 PD . 2.50 36.95 -6.36
O1 PL9 PD . -0.15 33.20 -5.20
O2 PL9 PD . 4.53 35.36 -5.73
C1 LMG QD . 47.24 33.10 -0.79
O1 LMG QD . 46.55 34.12 -1.42
C2 LMG QD . 47.51 32.03 -1.85
O2 LMG QD . 46.27 31.55 -2.22
C3 LMG QD . 48.23 30.94 -1.03
O3 LMG QD . 48.52 29.94 -1.95
C4 LMG QD . 49.56 31.48 -0.45
O4 LMG QD . 50.39 31.81 -1.49
C5 LMG QD . 49.25 32.78 0.32
O5 LMG QD . 51.21 32.56 1.45
C6 LMG QD . 50.56 33.45 0.63
O6 LMG QD . 48.49 33.67 -0.47
C7 LMG QD . 46.13 35.09 -0.52
C8 LMG QD . 44.61 35.07 -0.63
C9 LMG QD . 44.09 36.50 -0.50
O7 LMG QD . 44.32 34.69 -1.94
C10 LMG QD . 43.48 33.66 -2.11
O9 LMG QD . 43.23 32.92 -1.17
C11 LMG QD . 43.24 33.37 -3.55
C12 LMG QD . 41.78 33.42 -3.83
C13 LMG QD . 41.20 34.76 -3.44
C14 LMG QD . 39.71 34.61 -3.41
C15 LMG QD . 39.13 35.86 -2.84
C16 LMG QD . 37.71 35.98 -3.29
C17 LMG QD . 36.92 34.95 -2.52
C18 LMG QD . 35.50 35.46 -2.43
C19 LMG QD . 35.46 36.47 -1.31
C20 LMG QD . 34.76 37.70 -1.86
C21 LMG QD . 34.76 38.75 -0.79
C22 LMG QD . 33.99 39.90 -1.38
C23 LMG QD . 34.66 41.16 -0.94
C24 LMG QD . 33.83 42.26 -1.54
C25 LMG QD . 34.50 43.57 -1.20
O8 LMG QD . 42.72 36.36 -0.19
C28 LMG QD . 42.09 37.45 0.30
O10 LMG QD . 42.72 38.49 0.46
C29 LMG QD . 40.61 37.36 0.22
C30 LMG QD . 39.94 38.12 1.35
C31 LMG QD . 38.54 38.49 0.90
C32 LMG QD . 38.00 39.52 1.88
C33 LMG QD . 38.03 40.87 1.16
C34 LMG QD . 37.03 41.80 1.86
C35 LMG QD . 37.35 43.24 1.42
C36 LMG QD . 36.51 44.14 2.29
C37 LMG QD . 37.31 45.39 2.60
C38 LMG QD . 36.55 46.46 1.88
C39 LMG QD . 37.45 47.14 0.88
C40 LMG QD . 36.65 48.35 0.51
C41 LMG QD . 37.30 49.02 -0.68
C42 LMG QD . 37.05 50.50 -0.41
C43 LMG QD . 37.42 51.29 -1.63
C1 BCR RD . 43.61 47.68 16.46
C2 BCR RD . 44.27 47.10 17.68
C3 BCR RD . 43.47 45.93 18.17
C4 BCR RD . 43.46 44.83 17.12
C5 BCR RD . 43.32 45.35 15.75
C6 BCR RD . 43.36 46.65 15.42
C7 BCR RD . 43.25 47.09 14.03
C8 BCR RD . 42.10 47.46 13.47
C9 BCR RD . 42.04 48.01 12.13
C10 BCR RD . 42.11 47.16 11.10
C11 BCR RD . 41.69 47.50 9.77
C33 BCR RD . 43.10 44.30 14.75
C31 BCR RD . 44.52 48.78 15.95
C32 BCR RD . 42.31 48.31 16.92
C34 BCR RD . 42.36 49.43 11.95
C12 BCR RD . 41.92 46.61 8.80
C13 BCR RD . 41.23 46.53 7.55
C14 BCR RD . 41.56 45.55 6.71
C15 BCR RD . 41.22 45.51 5.31
C16 BCR RD . 41.69 44.51 4.56
C17 BCR RD . 41.30 44.43 3.18
C18 BCR RD . 41.70 43.51 2.30
C19 BCR RD . 40.93 43.39 1.08
C20 BCR RD . 41.29 42.56 0.10
C21 BCR RD . 40.44 42.47 -1.06
C22 BCR RD . 40.47 41.49 -1.95
C23 BCR RD . 39.29 41.26 -2.76
C24 BCR RD . 39.35 40.81 -4.02
C25 BCR RD . 38.47 41.21 -5.13
C26 BCR RD . 38.73 42.29 -5.87
C27 BCR RD . 37.92 42.77 -7.01
C28 BCR RD . 37.12 41.65 -7.61
C29 BCR RD . 36.40 40.92 -6.53
C30 BCR RD . 37.30 40.34 -5.45
C35 BCR RD . 39.92 47.20 7.40
C36 BCR RD . 43.03 42.90 2.33
C37 BCR RD . 41.58 40.51 -2.00
C38 BCR RD . 39.87 43.20 -5.63
C39 BCR RD . 37.80 38.96 -5.86
C40 BCR RD . 36.36 40.11 -4.27
CHA HEM SD . 40.08 62.04 -2.01
CHB HEM SD . 44.58 61.92 -0.39
CHC HEM SD . 44.58 57.15 -0.25
CHD HEM SD . 40.71 57.42 -3.03
C1A HEM SD . 41.27 62.44 -1.50
C2A HEM SD . 41.66 63.78 -1.10
C3A HEM SD . 42.90 63.71 -0.66
C4A HEM SD . 43.35 62.36 -0.76
CMA HEM SD . 43.74 64.88 -0.13
CAA HEM SD . 40.84 65.09 -1.15
CBA HEM SD . 40.22 65.47 -2.51
CGA HEM SD . 41.15 65.36 -3.69
O1A HEM SD . 41.51 64.22 -4.10
O2A HEM SD . 41.50 66.42 -4.25
C1B HEM SD . 44.88 60.63 -0.10
C2B HEM SD . 45.94 60.24 0.78
C3B HEM SD . 45.95 58.90 0.83
C4B HEM SD . 44.89 58.45 -0.03
CMB HEM SD . 46.84 61.28 1.48
CAB HEM SD . 46.83 57.86 1.56
CBB HEM SD . 47.78 58.09 2.46
C1C HEM SD . 43.51 56.80 -1.02
C2C HEM SD . 43.08 55.47 -1.31
C3C HEM SD . 41.99 55.56 -2.07
C4C HEM SD . 41.74 56.95 -2.28
CMC HEM SD . 43.81 54.23 -0.74
CAC HEM SD . 41.07 54.52 -2.75
CBC HEM SD . 41.39 53.25 -3.05
C1D HEM SD . 40.13 58.63 -2.83
C2D HEM SD . 38.73 58.90 -2.98
C3D HEM SD . 38.53 60.17 -2.70
C4D HEM SD . 39.82 60.76 -2.38
CMD HEM SD . 37.66 57.88 -3.40
CAD HEM SD . 37.16 60.88 -2.75
CBD HEM SD . 36.70 61.21 -1.33
CGD HEM SD . 35.45 62.05 -1.36
O1D HEM SD . 35.46 63.16 -0.76
O2D HEM SD . 34.45 61.63 -1.98
NA HEM SD . 42.33 61.59 -1.27
NB HEM SD . 44.25 59.52 -0.58
NC HEM SD . 42.67 57.70 -1.62
ND HEM SD . 40.78 59.77 -2.45
FE HEM SD . 42.36 59.62 -1.20
C1 BCR TD . 39.99 49.00 46.18
C2 BCR TD . 41.28 48.54 46.82
C3 BCR TD . 40.98 47.43 47.78
C4 BCR TD . 40.41 46.24 47.06
C5 BCR TD . 39.43 46.63 46.01
C6 BCR TD . 39.20 47.88 45.60
C7 BCR TD . 38.25 48.21 44.55
C8 BCR TD . 36.98 48.51 44.78
C9 BCR TD . 36.11 49.12 43.79
C10 BCR TD . 34.79 49.14 43.98
C11 BCR TD . 33.86 49.78 43.09
C33 BCR TD . 38.71 45.48 45.46
C31 BCR TD . 40.36 50.01 45.12
C32 BCR TD . 39.20 49.71 47.25
C34 BCR TD . 36.74 49.83 42.66
C12 BCR TD . 32.55 49.65 43.34
C13 BCR TD . 31.51 50.22 42.53
C14 BCR TD . 30.24 50.12 42.94
C15 BCR TD . 29.12 50.72 42.26
C16 BCR TD . 27.88 50.41 42.63
C17 BCR TD . 26.77 50.87 41.86
C18 BCR TD . 25.49 50.59 42.10
C19 BCR TD . 24.46 51.18 41.29
C20 BCR TD . 23.17 50.87 41.43
C21 BCR TD . 22.23 51.29 40.43
C22 BCR TD . 20.95 50.91 40.39
C23 BCR TD . 20.04 51.62 39.52
C24 BCR TD . 20.27 51.78 38.21
C25 BCR TD . 19.32 52.14 37.16
C26 BCR TD . 18.97 53.41 36.91
C27 BCR TD . 18.05 53.86 35.87
C28 BCR TD . 17.95 52.85 34.76
C29 BCR TD . 17.69 51.49 35.37
C30 BCR TD . 18.79 51.04 36.30
C35 BCR TD . 31.85 50.98 41.32
C36 BCR TD . 25.08 49.76 43.24
C37 BCR TD . 20.60 49.55 40.84
C38 BCR TD . 19.46 54.56 37.69
C39 BCR TD . 19.94 50.45 35.52
C40 BCR TD . 18.18 49.89 37.08
C1A DGD UD . 31.86 34.08 30.46
C2A DGD UD . 32.49 35.33 30.00
C3A DGD UD . 31.44 36.39 29.78
C4A DGD UD . 30.99 36.39 28.34
C5A DGD UD . 29.67 37.10 28.24
C6A DGD UD . 29.87 38.48 27.69
C7A DGD UD . 28.59 38.79 26.96
C8A DGD UD . 28.90 39.54 25.68
C9A DGD UD . 27.78 40.54 25.49
CAA DGD UD . 26.98 40.11 24.30
CBA DGD UD . 25.59 40.69 24.44
CCA DGD UD . 24.81 40.23 23.25
CDA DGD UD . 23.37 40.70 23.45
CEA DGD UD . 22.62 39.59 24.14
CFA DGD UD . 21.19 39.60 23.70
CGA DGD UD . 20.51 38.50 24.48
O1A DGD UD . 30.68 33.82 30.51
C1B DGD UD . 31.05 34.59 33.67
C2B DGD UD . 29.64 35.08 33.77
C3B DGD UD . 28.66 33.94 33.79
C4B DGD UD . 27.52 34.26 34.71
C5B DGD UD . 26.62 35.08 33.85
C6B DGD UD . 25.74 34.09 33.16
C7B DGD UD . 25.31 34.76 31.88
C8B DGD UD . 26.39 34.52 30.88
C9B DGD UD . 26.51 33.05 30.63
CAB DGD UD . 25.31 32.66 29.82
CBB DGD UD . 25.61 31.26 29.44
CCB DGD UD . 25.24 30.40 30.59
CDB DGD UD . 25.55 29.07 30.02
CEB DGD UD . 24.31 28.57 29.40
CFB DGD UD . 24.79 27.89 28.15
CGB DGD UD . 23.67 28.01 27.17
O1B DGD UD . 32.01 35.28 33.41
O1G DGD UD . 32.71 33.44 31.31
C1G DGD UD . 32.28 32.29 31.99
C2G DGD UD . 32.37 32.58 33.50
O2G DGD UD . 31.19 33.24 33.90
C3G DGD UD . 32.36 31.21 34.18
O3G DGD UD . 33.73 30.85 34.21
C1D DGD UD . 33.89 29.48 34.06
C2D DGD UD . 35.38 29.19 33.82
O2D DGD UD . 35.72 29.78 32.62
C3D DGD UD . 35.37 27.66 33.64
O3D DGD UD . 36.66 27.26 33.39
C4D DGD UD . 34.97 26.98 34.97
O4D DGD UD . 35.84 27.38 35.96
C5D DGD UD . 33.58 27.54 35.37
O5D DGD UD . 34.31 26.91 37.53
C6D DGD UD . 33.13 27.19 36.81
O6D DGD UD . 33.56 28.97 35.34
C1E DGD UD . 34.14 26.73 38.90
C2E DGD UD . 35.44 27.14 39.69
O2E DGD UD . 35.75 28.43 39.31
C3E DGD UD . 36.59 26.20 39.31
O3E DGD UD . 37.64 26.51 40.16
C4E DGD UD . 36.18 24.73 39.56
O4E DGD UD . 35.82 24.59 40.88
C5E DGD UD . 34.91 24.46 38.75
O6E DGD UD . 33.88 25.36 39.06
C6E DGD UD . 34.33 23.11 39.14
O5E DGD UD . 33.35 23.39 40.08
C1A DGD VD . 43.01 28.78 -4.89
C2A DGD VD . 41.71 28.74 -4.18
C3A DGD VD . 40.62 29.34 -5.01
C4A DGD VD . 39.33 29.34 -4.23
C5A DGD VD . 38.24 30.05 -5.00
C6A DGD VD . 36.88 29.49 -4.63
C7A DGD VD . 35.93 30.66 -4.70
C8A DGD VD . 34.69 30.37 -3.92
C9A DGD VD . 33.52 30.77 -4.77
CAA DGD VD . 32.32 30.95 -3.88
CBA DGD VD . 31.74 32.34 -4.15
CCA DGD VD . 30.69 32.61 -3.10
CDA DGD VD . 31.38 32.78 -1.74
CEA DGD VD . 32.28 34.01 -1.78
CFA DGD VD . 31.45 35.25 -1.59
CGA DGD VD . 32.01 35.97 -0.39
O1A DGD VD . 43.99 29.43 -4.61
C1B DGD VD . 43.31 25.90 -8.61
C2B DGD VD . 42.88 26.81 -9.68
C3B DGD VD . 41.90 26.13 -10.57
C4B DGD VD . 40.60 25.85 -9.85
C5B DGD VD . 39.90 27.17 -9.83
C6B DGD VD . 38.43 26.84 -9.77
C7B DGD VD . 37.78 28.15 -9.46
C8B DGD VD . 36.33 27.92 -9.71
C9B DGD VD . 35.63 29.10 -9.14
CAB DGD VD . 34.27 28.97 -9.72
CBB DGD VD . 33.46 29.91 -8.91
CCB DGD VD . 32.03 29.60 -9.23
CDB DGD VD . 31.39 30.87 -8.80
CEB DGD VD . 30.00 30.88 -9.35
CFB DGD VD . 29.56 32.32 -9.16
CGB DGD VD . 28.73 32.68 -10.37
O1B DGD VD . 43.49 24.72 -8.76
O1G DGD VD . 43.16 27.61 -5.54
C1G DGD VD . 44.37 26.94 -5.41
C2G DGD VD . 44.41 25.90 -6.53
O2G DGD VD . 44.03 26.56 -7.68
C3G DGD VD . 45.87 25.56 -6.70
O3G DGD VD . 46.11 24.75 -5.57
C1D DGD VD . 47.44 24.37 -5.48
C2D DGD VD . 47.72 24.40 -3.99
O2D DGD VD . 48.15 25.68 -3.79
C3D DGD VD . 48.92 23.48 -3.69
O3D DGD VD . 48.86 23.19 -2.35
C4D DGD VD . 48.82 22.10 -4.38
O4D DGD VD . 47.70 21.43 -3.95
C5D DGD VD . 48.58 22.39 -5.84
O5D DGD VD . 49.63 20.52 -6.64
C6D DGD VD . 48.38 21.11 -6.64
O6D DGD VD . 47.37 23.05 -5.94
C1E DGD VD . 49.86 19.62 -7.66
C2E DGD VD . 50.42 18.34 -7.03
O2E DGD VD . 49.48 17.95 -6.11
C3E DGD VD . 51.73 18.65 -6.29
O3E DGD VD . 52.26 17.41 -5.98
C4E DGD VD . 52.71 19.37 -7.24
O4E DGD VD . 53.02 18.52 -8.27
C5E DGD VD . 52.02 20.59 -7.84
O6E DGD VD . 50.82 20.23 -8.46
C6E DGD VD . 52.82 21.15 -9.01
O5E DGD VD . 52.05 22.20 -9.48
O1 LHG WD . -5.28 34.53 6.27
C1 LHG WD . -4.58 35.25 5.25
C2 LHG WD . -5.60 35.99 4.44
O2 LHG WD . -6.89 35.45 4.62
C3 LHG WD . -5.35 35.95 2.96
O3 LHG WD . -5.02 34.60 2.76
P LHG WD . -4.97 34.01 1.28
O4 LHG WD . -6.28 33.38 1.02
O5 LHG WD . -4.17 35.00 0.53
O6 LHG WD . -4.03 32.70 1.62
C4 LHG WD . -4.30 31.52 0.95
C5 LHG WD . -3.37 30.51 1.57
C6 LHG WD . -4.13 29.28 2.01
O7 LHG WD . -2.58 30.08 0.54
C7 LHG WD . -1.28 30.15 0.82
O9 LHG WD . -0.80 31.12 1.35
C8 LHG WD . -0.63 28.87 0.62
C9 LHG WD . 0.73 29.08 0.04
C10 LHG WD . 1.78 28.27 0.77
O8 LHG WD . -3.16 28.53 2.73
C23 LHG WD . -3.48 27.26 3.07
O10 LHG WD . -4.58 26.84 2.82
C24 LHG WD . -2.39 26.29 3.36
C11 LHG WD . 1.36 26.83 0.59
C12 LHG WD . 1.87 26.04 1.73
C13 LHG WD . 2.11 24.64 1.27
C14 LHG WD . 3.14 23.94 2.09
C15 LHG WD . 3.35 22.62 1.42
C16 LHG WD . 2.57 21.59 2.16
C17 LHG WD . 3.28 21.23 3.43
C18 LHG WD . 2.57 19.99 3.87
C19 LHG WD . 3.00 18.75 3.15
C20 LHG WD . 2.90 17.71 4.24
C21 LHG WD . 2.96 16.34 3.66
C22 LHG WD . 3.29 15.37 4.77
C25 LHG WD . -2.80 24.85 3.30
C26 LHG WD . -1.70 23.85 2.99
C27 LHG WD . -2.17 23.13 1.76
C28 LHG WD . -1.24 23.20 0.59
C29 LHG WD . -1.75 22.21 -0.43
C30 LHG WD . -0.71 21.41 -1.17
C31 LHG WD . -0.91 21.27 -2.64
C32 LHG WD . -0.81 19.87 -3.20
C33 LHG WD . -1.70 19.80 -4.42
C34 LHG WD . -1.07 19.23 -5.66
C35 LHG WD . -1.42 20.04 -6.88
C36 LHG WD . -1.84 19.10 -7.98
C37 LHG WD . -0.60 18.55 -8.58
C38 LHG WD . -0.73 17.12 -9.08
O1 LHG XD . -5.81 35.08 12.24
C1 LHG XD . -7.08 35.19 11.64
C2 LHG XD . -7.29 36.60 11.23
O2 LHG XD . -8.58 36.74 10.67
C3 LHG XD . -6.36 37.08 10.14
O3 LHG XD . -5.14 36.53 10.56
P LHG XD . -3.82 36.92 9.74
O4 LHG XD . -4.13 36.80 8.30
O5 LHG XD . -3.22 38.01 10.55
O6 LHG XD . -3.00 35.52 10.03
C4 LHG XD . -2.06 35.48 11.06
C5 LHG XD . -1.77 34.00 11.35
C6 LHG XD . -2.62 33.05 10.54
O7 LHG XD . -0.46 33.80 10.96
C7 LHG XD . 0.44 33.82 11.96
O9 LHG XD . 0.16 34.15 13.09
C8 LHG XD . 1.79 33.63 11.44
C9 LHG XD . 1.76 32.54 10.42
C10 LHG XD . 1.85 31.22 11.10
O8 LHG XD . -2.02 31.79 10.81
C23 LHG XD . -2.55 31.02 11.82
O10 LHG XD . -3.74 31.01 11.99
C24 LHG XD . -1.76 29.88 12.38
C11 LHG XD . 1.22 30.31 10.11
C12 LHG XD . 1.94 29.02 10.12
C13 LHG XD . 3.06 29.13 9.14
C14 LHG XD . 3.87 27.87 9.12
C15 LHG XD . 3.16 26.98 8.16
C16 LHG XD . 3.15 25.59 8.70
C17 LHG XD . 4.52 24.98 8.53
C18 LHG XD . 4.25 23.52 8.53
C19 LHG XD . 4.44 22.88 7.19
C20 LHG XD . 5.94 22.73 7.17
C21 LHG XD . 6.34 22.06 5.91
C22 LHG XD . 7.83 21.77 6.00
C25 LHG XD . -2.18 29.40 13.74
C26 LHG XD . -1.06 28.92 14.67
C27 LHG XD . -1.78 28.48 15.91
C28 LHG XD . -0.95 28.43 17.16
C29 LHG XD . -1.93 28.15 18.29
C30 LHG XD . -2.24 26.70 18.54
C31 LHG XD . -2.01 26.20 19.94
C32 LHG XD . -2.58 27.09 21.04
C33 LHG XD . -3.12 26.17 22.11
C34 LHG XD . -2.12 25.46 22.99
C35 LHG XD . -2.33 25.86 24.43
C36 LHG XD . -2.00 24.68 25.33
C37 LHG XD . -2.59 24.99 26.68
C38 LHG XD . -1.75 24.57 27.86
O6 SQD YD . -18.18 23.80 1.72
C44 SQD YD . -18.91 22.79 2.40
C45 SQD YD . -18.04 22.06 3.44
C46 SQD YD . -17.78 22.94 4.65
O47 SQD YD . -18.59 20.80 3.80
C7 SQD YD . -18.67 20.37 5.15
O49 SQD YD . -19.71 20.51 5.78
C8 SQD YD . -17.60 19.46 5.72
C9 SQD YD . -17.53 19.68 7.22
C10 SQD YD . -17.16 18.36 7.87
C11 SQD YD . -15.67 18.12 7.68
C12 SQD YD . -15.21 17.25 8.83
C13 SQD YD . -13.91 16.56 8.43
C14 SQD YD . -13.83 15.23 9.16
C15 SQD YD . -14.36 14.14 8.25
C16 SQD YD . -13.38 13.91 7.11
C17 SQD YD . -12.56 12.67 7.44
C18 SQD YD . -12.98 11.53 6.52
C19 SQD YD . -12.07 10.32 6.76
C20 SQD YD . -11.64 9.77 5.42
C21 SQD YD . -12.82 9.12 4.73
C22 SQD YD . -12.32 7.97 3.90
O48 SQD YD . -16.48 23.47 4.54
C23 SQD YD . -16.05 24.38 5.53
O10 SQD YD . -16.87 24.85 6.29
C24 SQD YD . -14.58 24.32 5.92
C25 SQD YD . -14.19 22.87 6.11
C26 SQD YD . -12.93 22.84 6.97
C27 SQD YD . -12.87 21.56 7.81
C28 SQD YD . -11.41 21.10 7.89
C29 SQD YD . -11.38 19.80 8.69
C30 SQD YD . -10.06 19.07 8.41
C31 SQD YD . -10.12 17.72 9.13
C32 SQD YD . -8.88 16.91 8.75
C33 SQD YD . -8.79 15.67 9.64
C34 SQD YD . -7.79 15.95 10.76
C35 SQD YD . -8.52 16.11 12.08
C36 SQD YD . -8.54 17.57 12.49
C37 SQD YD . -8.93 17.69 13.94
C38 SQD YD . -7.87 17.05 14.79
C1 SQD YD . -18.57 25.15 1.90
C2 SQD YD . -18.31 26.07 0.74
O2 SQD YD . -16.99 26.09 0.41
C3 SQD YD . -18.72 27.45 1.15
O3 SQD YD . -18.78 28.22 0.01
C4 SQD YD . -20.04 27.61 1.88
O4 SQD YD . -19.94 28.65 2.77
C5 SQD YD . -20.52 26.40 2.62
C6 SQD YD . -22.01 26.29 2.36
O5 SQD YD . -19.91 25.18 2.28
S SQD YD . -22.66 24.64 2.61
O7 SQD YD . -22.07 23.97 3.77
O8 SQD YD . -24.12 24.69 2.74
O9 SQD YD . -22.27 23.76 1.54
MG CLA ZD . -23.13 15.71 11.58
CHA CLA ZD . -24.05 18.95 10.88
CHB CLA ZD . -23.56 14.91 8.32
CHC CLA ZD . -21.79 12.65 12.21
CHD CLA ZD . -22.51 16.66 14.90
NA CLA ZD . -23.79 16.75 9.91
C1A CLA ZD . -24.10 18.10 9.81
C2A CLA ZD . -24.50 18.47 8.40
C3A CLA ZD . -24.63 17.11 7.73
C4A CLA ZD . -23.93 16.17 8.70
CMA CLA ZD . -26.07 16.75 7.63
CAA CLA ZD . -23.43 19.28 7.68
CBA CLA ZD . -22.01 18.91 8.01
CGA CLA ZD . -21.42 19.84 9.02
O1A CLA ZD . -21.64 21.05 9.15
O2A CLA ZD . -20.52 19.24 9.85
NB CLA ZD . -22.80 14.07 10.49
C1B CLA ZD . -22.96 13.98 9.15
C2B CLA ZD . -22.44 12.67 8.67
C3B CLA ZD . -21.95 12.03 9.76
C4B CLA ZD . -22.17 12.91 10.93
CMB CLA ZD . -22.50 12.30 7.27
CAB CLA ZD . -21.31 10.75 9.88
CBB CLA ZD . -21.76 9.58 9.41
NC CLA ZD . -22.37 14.79 13.28
C1C CLA ZD . -21.90 13.52 13.32
C2C CLA ZD . -21.44 13.21 14.65
C3C CLA ZD . -21.61 14.35 15.41
C4C CLA ZD . -22.20 15.35 14.54
CMC CLA ZD . -20.88 11.93 15.07
CAC CLA ZD . -21.27 14.51 16.81
CBC CLA ZD . -19.83 14.93 16.95
ND CLA ZD . -23.35 17.34 12.72
C1D CLA ZD . -23.05 17.60 14.08
C2D CLA ZD . -23.33 19.01 14.36
C3D CLA ZD . -23.69 19.59 13.16
C4D CLA ZD . -23.67 18.50 12.18
CMD CLA ZD . -23.16 19.62 15.66
CAD CLA ZD . -24.04 20.79 12.46
OBD CLA ZD . -24.07 21.93 12.84
CBD CLA ZD . -24.33 20.41 11.00
CGD CLA ZD . -25.73 20.75 10.63
O1D CLA ZD . -26.21 20.84 9.50
O2D CLA ZD . -26.55 20.97 11.67
CED CLA ZD . -27.67 21.83 11.43
C1 CLA ZD . -20.50 19.53 11.28
C2 CLA ZD . -20.27 18.23 11.95
C3 CLA ZD . -19.08 17.63 12.03
C4 CLA ZD . -17.87 18.26 11.47
C5 CLA ZD . -18.91 16.31 12.70
C6 CLA ZD . -17.53 16.05 13.29
C7 CLA ZD . -16.79 14.95 12.56
C8 CLA ZD . -15.99 13.97 13.43
C9 CLA ZD . -16.43 13.95 14.87
C10 CLA ZD . -14.49 14.18 13.35
C11 CLA ZD . -13.72 13.13 14.13
C12 CLA ZD . -12.60 12.50 13.31
C13 CLA ZD . -11.34 12.26 14.14
C14 CLA ZD . -10.15 12.04 13.22
C15 CLA ZD . -11.47 11.08 15.11
C16 CLA ZD . -10.47 11.14 16.25
C17 CLA ZD . -9.51 9.97 16.25
C18 CLA ZD . -8.66 9.90 17.52
C19 CLA ZD . -7.88 11.18 17.76
C20 CLA ZD . -7.75 8.69 17.50
C1 LMG AE . -15.74 35.44 22.81
O1 LMG AE . -15.17 34.42 22.06
C2 LMG AE . -15.00 36.74 22.47
O2 LMG AE . -13.76 36.57 23.03
C3 LMG AE . -15.73 37.85 23.28
O3 LMG AE . -15.14 39.03 22.84
C4 LMG AE . -17.24 37.89 22.92
O4 LMG AE . -17.35 38.21 21.60
C5 LMG AE . -17.80 36.45 23.11
O5 LMG AE . -19.34 37.13 21.52
C6 LMG AE . -19.26 36.40 22.68
O6 LMG AE . -17.07 35.55 22.32
C7 LMG AE . -15.70 33.17 22.36
C8 LMG AE . -14.48 32.28 22.67
C9 LMG AE . -13.53 32.41 21.49
O7 LMG AE . -13.80 32.81 23.81
C10 LMG AE . -13.57 32.02 24.91
O9 LMG AE . -12.46 31.96 25.41
C11 LMG AE . -14.83 31.44 25.47
C12 LMG AE . -14.89 31.49 26.99
C13 LMG AE . -16.05 30.69 27.57
C14 LMG AE . -15.83 29.23 27.21
C15 LMG AE . -14.68 28.68 28.00
C16 LMG AE . -14.67 27.19 27.90
C17 LMG AE . -13.33 26.78 27.35
C18 LMG AE . -12.58 26.14 28.50
C19 LMG AE . -12.08 24.79 28.03
O8 LMG AE . -12.42 31.59 21.77
C28 LMG AE . -12.60 30.27 21.71
O10 LMG AE . -13.15 29.77 20.74
C29 LMG AE . -11.76 29.53 22.69
C30 LMG AE . -11.98 28.05 22.56
C31 LMG AE . -11.45 27.42 23.80
C32 LMG AE . -11.64 25.94 23.67
C33 LMG AE . -10.64 25.32 24.58
C34 LMG AE . -9.81 24.40 23.75
C35 LMG AE . -8.73 23.91 24.68
C36 LMG AE . -7.46 24.39 24.09
C37 LMG AE . -6.38 23.53 24.65
C38 LMG AE . -5.36 23.64 23.60
CHA HEM BE . 58.62 -2.41 -5.13
CHB HEM BE . 60.57 1.85 -5.95
CHC HEM BE . 57.85 2.30 -9.81
CHD HEM BE . 55.06 -1.18 -8.12
C1A HEM BE . 59.45 -1.33 -5.09
C2A HEM BE . 60.61 -1.21 -4.26
C3A HEM BE . 61.16 -0.03 -4.49
C4A HEM BE . 60.35 0.62 -5.46
CMA HEM BE . 62.44 0.54 -3.85
CAA HEM BE . 61.14 -2.28 -3.29
CBA HEM BE . 60.58 -2.03 -1.91
CGA HEM BE . 61.02 -3.13 -0.99
O1A HEM BE . 61.47 -4.19 -1.48
O2A HEM BE . 60.92 -2.95 0.24
C1B HEM BE . 60.12 2.20 -7.18
C2B HEM BE . 60.85 2.97 -8.14
C3B HEM BE . 60.08 3.10 -9.22
C4B HEM BE . 58.87 2.39 -8.94
CMB HEM BE . 62.26 3.51 -7.85
CAB HEM BE . 60.26 3.75 -10.60
CBB HEM BE . 61.39 4.18 -11.14
C1C HEM BE . 56.80 1.48 -9.60
C2C HEM BE . 55.58 1.59 -10.31
C3C HEM BE . 54.77 0.66 -9.88
C4C HEM BE . 55.48 -0.11 -8.86
CMC HEM BE . 55.29 2.65 -11.38
CAC HEM BE . 53.35 0.51 -10.48
CBC HEM BE . 52.42 -0.32 -10.02
C1D HEM BE . 55.83 -1.84 -7.21
C2D HEM BE . 55.47 -3.09 -6.56
C3D HEM BE . 56.44 -3.42 -5.76
C4D HEM BE . 57.45 -2.42 -5.84
CMD HEM BE . 54.19 -3.90 -6.78
CAD HEM BE . 56.43 -4.69 -4.88
CBD HEM BE . 57.37 -5.72 -5.48
CGD HEM BE . 57.11 -7.04 -4.83
O1D HEM BE . 56.10 -7.14 -4.08
O2D HEM BE . 57.89 -7.99 -5.04
NA HEM BE . 59.30 -0.19 -5.82
NB HEM BE . 58.90 1.84 -7.68
NC HEM BE . 56.73 0.44 -8.72
ND HEM BE . 57.06 -1.46 -6.73
FE HEM BE . 58.11 0.08 -7.34
C1 BCR CE . 49.45 37.12 -32.84
C2 BCR CE . 50.42 36.15 -33.47
C3 BCR CE . 50.15 34.77 -32.98
C4 BCR CE . 48.80 34.36 -33.48
C5 BCR CE . 47.78 35.37 -33.16
C6 BCR CE . 48.05 36.64 -32.84
C7 BCR CE . 46.99 37.62 -32.55
C8 BCR CE . 46.45 37.79 -31.34
C9 BCR CE . 45.31 38.64 -31.12
C10 BCR CE . 44.67 38.60 -29.95
C11 BCR CE . 43.56 39.45 -29.62
C33 BCR CE . 46.41 34.85 -33.22
C31 BCR CE . 49.55 38.42 -33.60
C32 BCR CE . 49.95 37.33 -31.42
C34 BCR CE . 45.25 39.87 -31.92
C12 BCR CE . 43.24 39.61 -28.33
C13 BCR CE . 42.38 40.64 -27.83
C14 BCR CE . 42.56 41.03 -26.57
C15 BCR CE . 41.57 41.71 -25.77
C16 BCR CE . 41.92 42.09 -24.55
C17 BCR CE . 40.98 42.80 -23.74
C18 BCR CE . 41.12 43.01 -22.42
C19 BCR CE . 40.11 43.77 -21.74
C20 BCR CE . 39.75 43.51 -20.49
C21 BCR CE . 39.36 44.59 -19.63
C22 BCR CE . 38.59 44.47 -18.55
C23 BCR CE . 37.74 45.61 -18.21
C24 BCR CE . 36.44 45.63 -18.53
C25 BCR CE . 35.42 46.53 -17.99
C26 BCR CE . 35.22 47.76 -18.47
C27 BCR CE . 34.20 48.70 -18.00
C28 BCR CE . 33.02 47.93 -17.50
C29 BCR CE . 33.48 46.96 -16.45
C30 BCR CE . 34.57 46.00 -16.89
C35 BCR CE . 41.16 41.00 -28.57
C36 BCR CE . 42.08 42.24 -21.63
C37 BCR CE . 38.17 43.14 -18.08
C38 BCR CE . 36.01 48.37 -19.57
C39 BCR CE . 33.98 44.67 -17.33
C40 BCR CE . 35.37 45.74 -15.62
C1 BCR DE . 52.15 23.44 -42.55
C2 BCR DE . 53.43 23.01 -41.88
C3 BCR DE . 53.73 23.88 -40.72
C4 BCR DE . 53.86 25.33 -41.11
C5 BCR DE . 52.89 25.73 -42.14
C6 BCR DE . 52.09 24.90 -42.79
C7 BCR DE . 51.18 25.37 -43.84
C8 BCR DE . 49.90 25.68 -43.62
C9 BCR DE . 48.97 25.93 -44.69
C10 BCR DE . 47.72 26.27 -44.39
C11 BCR DE . 46.71 26.43 -45.39
C33 BCR DE . 52.88 27.18 -42.39
C31 BCR DE . 51.05 22.94 -41.65
C32 BCR DE . 52.09 22.69 -43.85
C34 BCR DE . 49.51 26.13 -46.05
C12 BCR DE . 45.51 26.83 -45.01
C13 BCR DE . 44.53 27.47 -45.86
C14 BCR DE . 43.25 27.23 -45.59
C15 BCR DE . 42.18 28.08 -45.99
C16 BCR DE . 40.96 27.85 -45.51
C17 BCR DE . 39.88 28.52 -46.18
C18 BCR DE . 38.67 28.73 -45.66
C19 BCR DE . 37.57 28.94 -46.58
C20 BCR DE . 36.33 29.17 -46.16
C21 BCR DE . 35.40 29.71 -47.12
C22 BCR DE . 34.08 29.56 -47.06
C23 BCR DE . 33.31 29.94 -48.24
C24 BCR DE . 32.16 30.59 -48.14
C25 BCR DE . 31.20 30.84 -49.19
C26 BCR DE . 31.28 31.89 -50.00
C27 BCR DE . 30.34 32.22 -51.08
C28 BCR DE . 29.27 31.18 -51.30
C29 BCR DE . 28.90 30.52 -50.00
C30 BCR DE . 30.08 29.87 -49.33
C35 BCR DE . 44.95 28.56 -46.76
C36 BCR DE . 38.48 29.10 -44.25
C37 BCR DE . 33.38 29.39 -45.78
C38 BCR DE . 32.35 32.89 -49.92
C39 BCR DE . 30.52 28.64 -50.08
C40 BCR DE . 29.58 29.37 -47.98
MG CLA EE . 47.29 34.19 -57.34
CHA CLA EE . 46.63 37.57 -57.42
CHB CLA EE . 44.44 33.66 -55.60
CHC CLA EE . 47.67 30.82 -57.86
CHD CLA EE . 50.15 34.76 -59.31
NA CLA EE . 45.84 35.45 -56.56
C1A CLA EE . 45.72 36.81 -56.74
C2A CLA EE . 44.49 37.33 -56.01
C3A CLA EE . 44.02 36.11 -55.19
C4A CLA EE . 44.80 34.98 -55.82
CMA CLA EE . 44.32 36.26 -53.72
CAA CLA EE . 43.41 37.61 -57.04
CBA CLA EE . 42.24 38.27 -56.36
CGA CLA EE . 42.74 39.53 -55.74
O1A CLA EE . 43.17 40.53 -56.32
O2A CLA EE . 42.70 39.53 -54.37
NB CLA EE . 46.25 32.56 -56.85
C1B CLA EE . 45.10 32.55 -56.13
C2B CLA EE . 44.60 31.15 -56.02
C3B CLA EE . 45.50 30.35 -56.66
C4B CLA EE . 46.57 31.23 -57.19
CMB CLA EE . 43.37 30.81 -55.29
CAB CLA EE . 45.53 28.92 -56.82
CBB CLA EE . 46.35 28.09 -56.19
NC CLA EE . 48.73 33.02 -58.27
C1C CLA EE . 48.72 31.66 -58.33
C2C CLA EE . 49.86 31.16 -59.06
C3C CLA EE . 50.54 32.29 -59.53
C4C CLA EE . 49.81 33.44 -59.04
CMC CLA EE . 50.18 29.75 -59.27
CAC CLA EE . 51.77 32.32 -60.31
CBC CLA EE . 53.00 32.27 -59.44
ND CLA EE . 48.39 35.78 -57.92
C1D CLA EE . 49.48 35.87 -58.82
C2D CLA EE . 49.76 37.27 -59.13
C3D CLA EE . 48.70 37.97 -58.60
C4D CLA EE . 47.84 36.99 -57.92
CMD CLA EE . 50.91 37.75 -59.89
CAD CLA EE . 48.14 39.28 -58.37
OBD CLA EE . 48.63 40.39 -58.51
CBD CLA EE . 46.70 39.02 -57.86
CGD CLA EE . 46.25 40.02 -56.83
O1D CLA EE . 46.30 39.91 -55.60
O2D CLA EE . 45.75 41.16 -57.40
CED CLA EE . 45.92 42.40 -56.73
C1 CLA EE . 42.30 40.77 -53.76
C2 CLA EE . 40.82 40.70 -53.63
C3 CLA EE . 39.96 41.33 -54.46
C4 CLA EE . 40.37 42.19 -55.59
C5 CLA EE . 38.50 41.19 -54.23
C6 CLA EE . 38.07 41.89 -52.95
C7 CLA EE . 37.76 43.36 -53.20
C8 CLA EE . 36.46 43.57 -53.95
C9 CLA EE . 36.69 44.26 -55.29
C10 CLA EE . 35.49 44.40 -53.14
C11 CLA EE . 35.14 43.75 -51.82
C12 CLA EE . 34.12 44.56 -51.09
C13 CLA EE . 32.92 43.75 -50.57
C14 CLA EE . 32.52 42.58 -51.47
C15 CLA EE . 31.69 44.61 -50.23
C16 CLA EE . 31.87 46.12 -50.40
C17 CLA EE . 31.19 46.93 -49.32
C18 CLA EE . 31.18 48.42 -49.63
C19 CLA EE . 30.44 49.20 -48.58
C20 CLA EE . 32.60 48.93 -49.78
C1 LMG FE . 50.90 24.28 -17.29
O1 LMG FE . 50.59 25.43 -17.99
C2 LMG FE . 50.29 23.12 -18.08
O2 LMG FE . 48.94 23.23 -17.83
C3 LMG FE . 50.79 21.84 -17.38
O3 LMG FE . 50.33 20.80 -18.17
C4 LMG FE . 52.33 21.80 -17.36
O4 LMG FE . 52.79 21.85 -18.65
C5 LMG FE . 52.78 23.09 -16.66
O5 LMG FE . 54.64 24.48 -16.71
C6 LMG FE . 54.31 23.13 -16.65
O6 LMG FE . 52.31 24.20 -17.37
C7 LMG FE . 50.39 26.49 -17.14
C8 LMG FE . 49.72 27.57 -17.97
C9 LMG FE . 48.55 28.06 -17.14
O7 LMG FE . 50.59 28.65 -17.98
C10 LMG FE . 51.36 28.86 -19.07
O9 LMG FE . 51.83 27.91 -19.67
C11 LMG FE . 51.68 30.30 -19.27
C12 LMG FE . 50.50 31.00 -19.86
C13 LMG FE . 49.65 31.69 -18.83
C14 LMG FE . 50.43 32.89 -18.35
C15 LMG FE . 49.53 33.74 -17.53
C16 LMG FE . 48.43 34.30 -18.40
C17 LMG FE . 47.55 35.12 -17.50
C18 LMG FE . 46.58 35.84 -18.37
C19 LMG FE . 45.36 36.10 -17.54
C20 LMG FE . 44.43 34.98 -17.86
C21 LMG FE . 43.12 35.61 -18.24
C22 LMG FE . 42.29 35.51 -17.00
C23 LMG FE . 40.94 36.01 -17.35
C24 LMG FE . 40.23 36.06 -16.03
C25 LMG FE . 38.81 36.46 -16.29
O8 LMG FE . 47.89 29.03 -17.88
C28 LMG FE . 46.59 29.20 -17.61
O10 LMG FE . 46.04 28.40 -16.87
C29 LMG FE . 46.07 30.53 -17.91
C30 LMG FE . 44.72 30.70 -17.27
C31 LMG FE . 43.68 30.25 -18.26
C32 LMG FE . 42.52 31.18 -18.10
C33 LMG FE . 41.65 30.61 -17.03
C34 LMG FE . 40.37 31.39 -17.00
C35 LMG FE . 39.29 30.43 -17.44
C36 LMG FE . 38.31 31.25 -18.22
C37 LMG FE . 36.98 30.55 -18.16
C38 LMG FE . 37.11 29.52 -19.23
C39 LMG FE . 35.75 29.04 -19.61
C40 LMG FE . 35.97 27.58 -19.77
C41 LMG FE . 34.90 27.05 -20.66
C42 LMG FE . 34.83 25.61 -20.26
C43 LMG FE . 33.67 24.98 -20.96
C1 LMG GE . 13.17 -2.50 -21.18
O1 LMG GE . 12.67 -1.37 -21.85
C2 LMG GE . 11.97 -3.43 -21.04
O2 LMG GE . 11.11 -2.75 -20.22
C3 LMG GE . 12.51 -4.64 -20.27
O3 LMG GE . 11.42 -5.50 -20.19
C4 LMG GE . 13.64 -5.35 -21.08
O4 LMG GE . 13.09 -5.94 -22.20
C5 LMG GE . 14.68 -4.27 -21.54
O5 LMG GE . 16.81 -4.85 -22.21
C6 LMG GE . 15.50 -4.90 -22.65
O6 LMG GE . 14.07 -3.13 -22.07
C7 LMG GE . 13.57 -0.76 -22.74
C8 LMG GE . 13.32 0.74 -22.68
C9 LMG GE . 12.74 1.17 -24.01
O7 LMG GE . 12.33 1.01 -21.75
C10 LMG GE . 12.27 2.27 -21.24
O9 LMG GE . 13.31 2.87 -21.03
C11 LMG GE . 10.90 2.86 -21.32
C12 LMG GE . 10.91 4.37 -21.38
C13 LMG GE . 9.54 4.95 -21.10
C14 LMG GE . 9.67 6.45 -21.15
C15 LMG GE . 8.63 7.00 -22.07
C16 LMG GE . 8.37 8.43 -21.69
C17 LMG GE . 8.63 9.27 -22.89
C18 LMG GE . 7.55 10.33 -22.89
C19 LMG GE . 8.15 11.57 -23.47
C20 LMG GE . 7.12 12.14 -24.42
C21 LMG GE . 7.44 11.62 -25.79
C22 LMG GE . 8.02 12.78 -26.51
C23 LMG GE . 9.42 12.39 -26.86
C24 LMG GE . 9.29 11.63 -28.13
C25 LMG GE . 9.49 12.60 -29.25
O8 LMG GE . 13.19 2.46 -24.22
C28 LMG GE . 13.82 2.70 -25.37
O10 LMG GE . 14.34 1.76 -25.96
C29 LMG GE . 13.34 3.93 -26.02
C30 LMG GE . 13.93 4.10 -27.39
C31 LMG GE . 15.33 4.63 -27.24
C32 LMG GE . 15.28 6.02 -26.67
C33 LMG GE . 16.37 6.07 -25.64
C34 LMG GE . 16.37 7.44 -25.04
C35 LMG GE . 17.82 7.79 -24.81
C36 LMG GE . 17.80 8.90 -23.83
C37 LMG GE . 17.57 10.15 -24.61
C38 LMG GE . 18.08 11.19 -23.66
C39 LMG GE . 17.00 11.56 -22.68
C40 LMG GE . 16.99 13.07 -22.75
C41 LMG GE . 18.04 13.61 -21.83
C42 LMG GE . 17.56 14.99 -21.49
C43 LMG GE . 17.73 15.90 -22.65
MG CLA HE . 3.88 8.39 -35.28
CHA CLA HE . 4.61 5.04 -35.49
CHB CLA HE . 6.12 8.67 -32.72
CHC CLA HE . 3.64 11.77 -35.52
CHD CLA HE . 1.90 8.07 -38.16
NA CLA HE . 5.06 7.04 -34.22
C1A CLA HE . 5.28 5.71 -34.50
C2A CLA HE . 6.26 5.13 -33.51
C3A CLA HE . 6.34 6.20 -32.43
C4A CLA HE . 5.83 7.42 -33.17
CMA CLA HE . 5.46 5.88 -31.27
CAA CLA HE . 7.58 5.10 -34.21
CBA CLA HE . 8.34 3.81 -34.03
CGA CLA HE . 9.66 3.98 -34.71
O1A CLA HE . 10.37 4.97 -34.73
O2A CLA HE . 10.08 2.86 -35.37
NB CLA HE . 4.69 9.92 -34.27
C1B CLA HE . 5.65 9.84 -33.33
C2B CLA HE . 6.14 11.18 -32.99
C3B CLA HE . 5.46 12.08 -33.77
C4B CLA HE . 4.51 11.28 -34.59
CMB CLA HE . 7.18 11.40 -31.99
CAB CLA HE . 5.56 13.51 -33.80
CBB CLA HE . 5.80 14.29 -34.84
NC CLA HE . 2.83 9.68 -36.52
C1C CLA HE . 2.84 11.02 -36.40
C2C CLA HE . 1.99 11.62 -37.41
C3C CLA HE . 1.57 10.58 -38.22
C4C CLA HE . 2.12 9.37 -37.66
CMC CLA HE . 1.73 13.04 -37.54
CAC CLA HE . 0.69 10.69 -39.38
CBC CLA HE . -0.76 10.64 -39.00
ND CLA HE . 3.14 6.90 -36.41
C1D CLA HE . 2.35 6.92 -37.58
C2D CLA HE . 2.14 5.54 -38.02
C3D CLA HE . 2.98 4.76 -37.24
C4D CLA HE . 3.65 5.68 -36.31
CMD CLA HE . 1.24 5.14 -39.08
CAD CLA HE . 3.43 3.45 -36.89
OBD CLA HE . 2.99 2.37 -37.23
CBD CLA HE . 4.62 3.61 -35.92
CGD CLA HE . 4.44 2.68 -34.77
O1D CLA HE . 5.03 1.63 -34.56
O2D CLA HE . 3.54 3.09 -33.86
CED CLA HE . 3.70 2.54 -32.56
C1 CLA HE . 11.28 3.01 -36.14
C2 CLA HE . 11.12 2.11 -37.30
C3 CLA HE . 12.04 1.97 -38.27
C4 CLA HE . 13.31 2.72 -38.28
C5 CLA HE . 11.81 1.04 -39.39
C6 CLA HE . 10.63 1.48 -40.26
C7 CLA HE . 11.08 2.52 -41.26
C8 CLA HE . 10.44 2.27 -42.61
C9 CLA HE . 11.02 1.02 -43.24
C10 CLA HE . 10.63 3.47 -43.53
C11 CLA HE . 9.74 3.37 -44.74
C12 CLA HE . 8.58 4.35 -44.70
C13 CLA HE . 7.21 3.69 -44.56
C14 CLA HE . 6.89 3.42 -43.10
C15 CLA HE . 7.06 2.41 -45.39
C16 CLA HE . 6.27 2.66 -46.64
C17 CLA HE . 4.89 3.21 -46.34
C18 CLA HE . 4.42 4.27 -47.34
C19 CLA HE . 3.13 4.91 -46.87
C20 CLA HE . 5.48 5.33 -47.55
MG CLA IE . -11.08 4.07 -38.06
CHA CLA IE . -13.02 6.72 -39.09
CHB CLA IE . -11.33 5.15 -34.84
CHC CLA IE . -8.88 1.60 -37.14
CHD CLA IE . -10.74 3.08 -41.43
NA CLA IE . -12.09 5.64 -37.14
C1A CLA IE . -12.84 6.66 -37.74
C2A CLA IE . -13.39 7.62 -36.68
C3A CLA IE . -12.88 7.04 -35.35
C4A CLA IE . -12.04 5.85 -35.78
CMA CLA IE . -12.07 8.07 -34.62
CAA CLA IE . -14.91 7.67 -36.63
CBA CLA IE . -15.46 9.09 -36.72
CGA CLA IE . -16.24 9.46 -35.50
O1A CLA IE . -15.82 9.87 -34.42
O2A CLA IE . -17.59 9.31 -35.66
NB CLA IE . -10.16 3.57 -36.35
C1B CLA IE . -10.51 4.04 -35.12
C2B CLA IE . -9.86 3.23 -34.06
C3B CLA IE . -9.16 2.23 -34.70
C4B CLA IE . -9.36 2.42 -36.16
CMB CLA IE . -10.08 3.50 -32.65
CAB CLA IE . -8.41 1.12 -34.15
CBB CLA IE . -7.11 0.92 -34.29
NC CLA IE . -10.08 2.57 -39.10
C1C CLA IE . -9.25 1.65 -38.52
C2C CLA IE . -8.71 0.75 -39.52
C3C CLA IE . -9.21 1.17 -40.75
C4C CLA IE . -10.05 2.33 -40.47
CMC CLA IE . -7.82 -0.38 -39.24
CAC CLA IE . -8.96 0.61 -42.08
CBC CLA IE . -7.86 1.33 -42.81
ND CLA IE . -11.95 4.52 -39.83
C1D CLA IE . -11.61 4.10 -41.14
C2D CLA IE . -12.31 4.94 -42.11
C3D CLA IE . -12.89 5.95 -41.38
C4D CLA IE . -12.58 5.68 -39.97
CMD CLA IE . -12.30 4.72 -43.53
CAD CLA IE . -13.72 7.14 -41.41
OBD CLA IE . -14.37 7.62 -42.34
CBD CLA IE . -13.63 7.77 -40.00
CGD CLA IE . -12.74 8.99 -40.05
O1D CLA IE . -11.56 9.09 -39.72
O2D CLA IE . -13.35 10.10 -40.56
CED CLA IE . -12.81 10.63 -41.77
C1 CLA IE . -18.29 8.61 -34.61
C2 CLA IE . -17.79 7.22 -34.63
C3 CLA IE . -18.23 6.23 -33.82
C4 CLA IE . -17.66 4.87 -33.90
C5 CLA IE . -19.29 6.49 -32.81
C6 CLA IE . -18.72 6.74 -31.42
C7 CLA IE . -19.83 7.23 -30.51
C8 CLA IE . -19.37 7.36 -29.06
C9 CLA IE . -20.39 6.76 -28.12
C10 CLA IE . -19.09 8.81 -28.70
C11 CLA IE . -20.20 9.76 -29.13
C12 CLA IE . -20.03 11.13 -28.52
C13 CLA IE . -21.14 11.45 -27.51
C14 CLA IE . -21.73 12.82 -27.79
C15 CLA IE . -20.73 11.34 -26.03
C16 CLA IE . -19.27 11.08 -25.76
C17 CLA IE . -19.06 9.76 -25.05
C18 CLA IE . -17.61 9.57 -24.64
C19 CLA IE . -17.43 8.34 -23.77
C20 CLA IE . -16.73 9.46 -25.87
C1 LMG JE . 18.35 37.36 72.69
O1 LMG JE . 18.30 38.79 72.89
C2 LMG JE . 19.81 36.93 72.41
O2 LMG JE . 20.09 37.39 71.13
C3 LMG JE . 19.76 35.41 72.30
O3 LMG JE . 21.10 35.04 72.10
C4 LMG JE . 19.25 34.77 73.63
O4 LMG JE . 20.10 35.10 74.63
C5 LMG JE . 17.87 35.40 73.92
O5 LMG JE . 16.69 36.09 75.80
C6 LMG JE . 17.42 35.00 75.33
O6 LMG JE . 17.93 36.79 73.92
C7 LMG JE . 17.40 39.18 73.92
C8 LMG JE . 16.55 40.39 73.57
C9 LMG JE . 16.39 40.61 72.06
O7 LMG JE . 15.28 40.12 74.08
C10 LMG JE . 14.79 40.95 75.03
O9 LMG JE . 15.46 41.91 75.37
C11 LMG JE . 13.32 40.81 75.20
C12 LMG JE . 12.79 42.02 75.89
C13 LMG JE . 11.58 42.60 75.21
C14 LMG JE . 11.66 44.10 75.38
C15 LMG JE . 11.81 44.76 74.02
C16 LMG JE . 12.58 46.04 74.17
C17 LMG JE . 12.28 46.94 73.02
C18 LMG JE . 12.07 48.34 73.54
C19 LMG JE . 12.69 49.27 72.53
O8 LMG JE . 15.22 41.42 71.88
C28 LMG JE . 15.23 42.31 70.85
O10 LMG JE . 16.15 42.30 70.05
C29 LMG JE . 14.17 43.34 70.90
C30 LMG JE . 14.24 44.20 69.67
C31 LMG JE . 13.38 45.41 69.88
C32 LMG JE . 11.93 44.96 69.95
C33 LMG JE . 11.09 46.17 69.61
C34 LMG JE . 9.73 45.98 70.22
C35 LMG JE . 8.72 46.34 69.15
C36 LMG JE . 7.38 46.16 69.77
C37 LMG JE . 6.33 46.26 68.70
FE FE2 KE . -45.62 18.28 37.86
MG CLA LE . -32.03 -2.46 49.41
CHA CLA LE . -31.49 0.13 51.57
CHB CLA LE . -34.10 -0.52 47.56
CHC CLA LE . -32.17 -4.93 47.07
CHD CLA LE . -29.86 -4.46 51.34
NA CLA LE . -32.72 -0.52 49.58
C1A CLA LE . -32.37 0.41 50.56
C2A CLA LE . -33.06 1.71 50.30
C3A CLA LE . -34.10 1.37 49.22
C4A CLA LE . -33.61 0.03 48.72
CMA CLA LE . -35.46 1.27 49.82
CAA CLA LE . -32.05 2.63 49.67
CBA CLA LE . -32.56 4.05 49.66
CGA CLA LE . -31.58 4.92 50.35
O1A CLA LE . -30.68 4.60 51.12
O2A CLA LE . -31.73 6.23 50.05
NB CLA LE . -33.04 -2.72 47.69
C1B CLA LE . -33.72 -1.76 47.04
C2B CLA LE . -34.04 -2.21 45.67
C3B CLA LE . -33.49 -3.46 45.52
C4B CLA LE . -32.84 -3.79 46.81
CMB CLA LE . -34.77 -1.36 44.74
CAB CLA LE . -33.41 -4.39 44.43
CBB CLA LE . -34.25 -4.56 43.42
NC CLA LE . -31.23 -4.37 49.29
C1C CLA LE . -31.42 -5.20 48.25
C2C CLA LE . -30.70 -6.43 48.46
C3C CLA LE . -30.04 -6.31 49.67
C4C CLA LE . -30.39 -5.01 50.19
CMC CLA LE . -30.68 -7.55 47.54
CAC CLA LE . -29.17 -7.30 50.32
CBC CLA LE . -27.75 -7.20 49.85
ND CLA LE . -30.93 -2.29 51.07
C1D CLA LE . -30.08 -3.18 51.76
C2D CLA LE . -29.49 -2.50 52.92
C3D CLA LE . -29.98 -1.23 52.87
C4D CLA LE . -30.89 -1.15 51.73
CMD CLA LE . -28.53 -3.11 53.83
CAD CLA LE . -29.97 0.06 53.48
OBD CLA LE . -29.32 0.47 54.42
CBD CLA LE . -30.98 0.94 52.72
CGD CLA LE . -32.10 1.19 53.65
O1D CLA LE . -32.78 0.33 54.20
O2D CLA LE . -32.32 2.49 53.93
CED CLA LE . -31.41 3.06 54.85
C1 CLA LE . -31.84 7.15 51.15
C2 CLA LE . -30.83 8.20 50.88
C3 CLA LE . -29.64 8.26 51.47
C4 CLA LE . -29.19 7.25 52.46
C5 CLA LE . -28.69 9.33 51.13
C6 CLA LE . -28.64 10.47 52.11
C7 CLA LE . -27.80 11.53 51.47
C8 CLA LE . -27.76 12.82 52.24
C9 CLA LE . -29.17 13.31 52.45
C10 CLA LE . -27.03 13.92 51.49
C11 CLA LE . -25.75 13.45 50.85
C12 CLA LE . -25.25 14.55 49.96
C13 CLA LE . -24.02 14.13 49.20
C14 CLA LE . -22.93 13.78 50.16
C15 CLA LE . -23.53 15.25 48.30
C16 CLA LE . -24.64 15.75 47.41
C17 CLA LE . -24.10 16.17 46.07
C18 CLA LE . -23.12 17.31 46.22
C19 CLA LE . -23.86 18.56 46.65
C20 CLA LE . -22.40 17.55 44.92
MG CLA ME . -15.80 20.02 64.98
CHA CLA ME . -14.58 17.25 66.56
CHB CLA ME . -18.86 19.47 66.37
CHC CLA ME . -16.90 22.94 63.62
CHD CLA ME . -12.59 20.62 63.68
NA CLA ME . -16.58 18.58 66.23
C1A CLA ME . -15.90 17.53 66.83
C2A CLA ME . -16.83 16.74 67.72
C3A CLA ME . -18.20 17.35 67.45
C4A CLA ME . -17.87 18.57 66.65
CMA CLA ME . -19.05 16.42 66.64
CAA CLA ME . -16.52 17.03 69.19
CBA CLA ME . -15.95 18.41 69.50
CGA CLA ME . -16.30 18.88 70.87
O1A CLA ME . -15.77 18.55 71.93
O2A CLA ME . -17.32 19.78 70.91
NB CLA ME . -17.55 20.99 64.96
C1B CLA ME . -18.67 20.61 65.61
C2B CLA ME . -19.75 21.59 65.36
C3B CLA ME . -19.20 22.57 64.59
C4B CLA ME . -17.79 22.21 64.33
CMB CLA ME . -21.08 21.51 65.92
CAB CLA ME . -19.82 23.73 64.11
CBB CLA ME . -19.53 24.91 64.60
NC CLA ME . -14.90 21.50 63.83
C1C CLA ME . -15.54 22.61 63.40
C2C CLA ME . -14.62 23.43 62.65
C3C CLA ME . -13.39 22.79 62.68
C4C CLA ME . -13.58 21.57 63.43
CMC CLA ME . -14.95 24.70 62.03
CAC CLA ME . -12.15 23.25 62.07
CBC CLA ME . -11.22 23.89 63.05
ND CLA ME . -13.99 19.17 65.05
C1D CLA ME . -12.78 19.50 64.44
C2D CLA ME . -11.80 18.47 64.73
C3D CLA ME . -12.43 17.56 65.56
C4D CLA ME . -13.79 18.06 65.73
CMD CLA ME . -10.45 18.49 64.22
CAD CLA ME . -12.33 16.34 66.32
OBD CLA ME . -11.38 15.60 66.48
CBD CLA ME . -13.72 16.10 66.96
CGD CLA ME . -14.32 14.85 66.41
O1D CLA ME . -15.37 14.73 65.78
O2D CLA ME . -13.62 13.73 66.64
CED CLA ME . -14.30 12.49 66.47
C1 CLA ME . -17.38 20.68 72.04
C2 CLA ME . -18.80 20.76 72.50
C3 CLA ME . -19.26 21.20 73.68
C4 CLA ME . -18.46 21.71 74.79
C5 CLA ME . -20.71 21.18 73.95
C6 CLA ME . -21.36 22.48 73.54
C7 CLA ME . -22.86 22.26 73.56
C8 CLA ME . -23.53 23.43 74.28
C9 CLA ME . -23.04 23.49 75.71
C10 CLA ME . -25.05 23.33 74.17
C11 CLA ME . -25.69 22.51 75.27
C12 CLA ME . -26.81 23.26 75.97
C13 CLA ME . -26.96 22.79 77.41
C14 CLA ME . -27.25 21.31 77.46
C15 CLA ME . -28.02 23.58 78.16
C16 CLA ME . -28.02 23.18 79.63
C17 CLA ME . -28.99 23.97 80.48
C18 CLA ME . -28.86 23.64 81.95
C19 CLA ME . -29.79 24.46 82.81
C20 CLA ME . -29.12 22.17 82.19
C1 BCR NE . -20.31 31.54 58.52
C2 BCR NE . -21.03 32.75 59.05
C3 BCR NE . -20.68 32.97 60.48
C4 BCR NE . -19.21 33.27 60.61
C5 BCR NE . -18.37 32.40 59.76
C6 BCR NE . -18.85 31.58 58.82
C7 BCR NE . -17.99 30.76 57.98
C8 BCR NE . -17.67 29.50 58.29
C9 BCR NE . -16.86 28.67 57.44
C10 BCR NE . -16.06 27.76 58.01
C11 BCR NE . -15.03 27.08 57.31
C33 BCR NE . -16.93 32.49 60.07
C31 BCR NE . -20.57 31.47 57.04
C32 BCR NE . -20.96 30.34 59.17
C34 BCR NE . -16.68 29.07 56.04
C12 BCR NE . -14.45 26.02 57.88
C13 BCR NE . -13.53 25.17 57.19
C14 BCR NE . -12.63 24.50 57.90
C15 BCR NE . -11.86 23.41 57.38
C16 BCR NE . -11.11 22.68 58.19
C17 BCR NE . -11.07 21.27 57.92
C18 BCR NE . -10.55 20.33 58.73
C19 BCR NE . -9.57 19.45 58.14
C20 BCR NE . -9.01 18.48 58.84
C21 BCR NE . -8.65 17.26 58.16
C22 BCR NE . -7.91 16.30 58.68
C23 BCR NE . -7.10 15.53 57.76
C24 BCR NE . -6.24 14.61 58.20
C25 BCR NE . -5.30 13.84 57.40
C26 BCR NE . -5.66 12.73 56.76
C27 BCR NE . -4.76 11.88 55.96
C28 BCR NE . -3.51 12.59 55.56
C29 BCR NE . -2.94 13.28 56.77
C30 BCR NE . -3.88 14.31 57.36
C35 BCR NE . -13.33 25.33 55.74
C36 BCR NE . -11.24 19.90 59.94
C37 BCR NE . -7.56 16.29 60.11
C38 BCR NE . -7.02 12.18 56.77
C39 BCR NE . -3.74 15.62 56.62
C40 BCR NE . -3.36 14.55 58.76
O6 SQD OE . -57.92 13.96 48.93
C44 SQD OE . -57.24 14.24 50.12
C45 SQD OE . -55.79 13.82 49.95
C46 SQD OE . -55.18 13.59 51.32
O47 SQD OE . -55.69 12.68 49.13
C7 SQD OE . -54.79 12.63 48.04
O49 SQD OE . -54.20 13.64 47.71
C8 SQD OE . -54.35 11.29 47.47
C9 SQD OE . -53.42 10.60 48.46
C10 SQD OE . -54.23 9.64 49.31
C11 SQD OE . -53.30 8.98 50.33
C12 SQD OE . -54.03 7.85 51.04
C13 SQD OE . -53.40 6.52 50.64
C14 SQD OE . -52.72 5.91 51.86
C15 SQD OE . -51.22 6.22 51.79
C16 SQD OE . -50.58 5.40 50.68
C17 SQD OE . -49.96 4.15 51.31
C18 SQD OE . -48.66 4.53 52.03
C19 SQD OE . -47.65 5.06 51.02
C20 SQD OE . -46.32 4.39 51.22
C21 SQD OE . -46.45 2.93 50.84
C22 SQD OE . -45.08 2.32 50.72
O48 SQD OE . -56.12 12.89 52.11
C23 SQD OE . -55.64 11.82 52.89
O10 SQD OE . -54.51 11.46 52.75
C24 SQD OE . -56.61 10.89 53.62
C25 SQD OE . -55.81 10.12 54.67
C26 SQD OE . -56.67 8.97 55.21
C27 SQD OE . -55.78 8.04 56.04
C28 SQD OE . -56.45 6.65 56.07
C29 SQD OE . -55.67 5.71 57.01
C30 SQD OE . -56.36 4.34 57.03
C31 SQD OE . -56.27 3.77 58.45
C32 SQD OE . -56.83 2.34 58.50
C33 SQD OE . -58.25 2.29 57.92
C34 SQD OE . -58.82 0.88 58.09
C35 SQD OE . -58.76 0.14 56.77
C36 SQD OE . -59.62 -1.10 56.82
C37 SQD OE . -59.11 -2.05 57.87
C38 SQD OE . -59.45 -3.46 57.47
C1 SQD OE . -58.47 15.09 48.29
C2 SQD OE . -58.93 14.82 46.90
O2 SQD OE . -57.95 14.23 46.15
C3 SQD OE . -59.26 16.17 46.35
O3 SQD OE . -59.63 16.04 45.02
C4 SQD OE . -60.36 16.86 47.10
O4 SQD OE . -60.38 18.19 46.75
C5 SQD OE . -60.22 16.76 48.59
C6 SQD OE . -61.59 16.71 49.17
O5 SQD OE . -59.52 15.61 49.06
S SQD OE . -61.43 16.68 50.93
O7 SQD OE . -60.21 17.34 51.32
O8 SQD OE . -62.61 17.26 51.59
O9 SQD OE . -61.18 15.35 51.41
C BCT PE . -46.78 20.26 37.54
O1 BCT PE . -47.37 20.98 36.75
O2 BCT PE . -47.14 19.70 38.54
O3 BCT PE . -45.38 20.56 37.60
O1 LHG QE . -55.20 21.03 56.53
C1 LHG QE . -54.29 20.77 57.58
C2 LHG QE . -52.91 20.82 57.02
O2 LHG QE . -52.50 22.15 56.81
C3 LHG QE . -52.80 20.14 55.70
O3 LHG QE . -53.46 21.06 54.89
P LHG QE . -52.73 21.70 53.63
O4 LHG QE . -53.71 21.79 52.52
O5 LHG QE . -51.82 22.68 54.25
O6 LHG QE . -51.88 20.34 53.26
C4 LHG QE . -50.73 20.42 52.50
C5 LHG QE . -49.95 19.17 52.90
C6 LHG QE . -50.86 17.98 52.96
O7 LHG QE . -49.01 18.91 51.90
C7 LHG QE . -47.76 19.03 52.35
O9 LHG QE . -47.42 20.02 52.86
C8 LHG QE . -46.84 18.18 51.62
C9 LHG QE . -45.45 18.51 52.07
C10 LHG QE . -44.96 17.50 53.07
O8 LHG QE . -50.77 17.53 54.30
C23 LHG QE . -51.44 16.40 54.61
O10 LHG QE . -52.14 15.90 53.78
C24 LHG QE . -51.01 15.52 55.72
C11 LHG QE . -44.70 16.31 52.20
C12 LHG QE . -44.44 15.12 53.06
C13 LHG QE . -45.72 14.69 53.75
C14 LHG QE . -45.57 13.39 54.50
C15 LHG QE . -46.39 13.48 55.78
C16 LHG QE . -47.17 12.21 55.96
C17 LHG QE . -47.00 11.60 57.35
C18 LHG QE . -48.38 11.70 57.91
C19 LHG QE . -48.72 10.70 58.98
C20 LHG QE . -49.89 11.38 59.68
C21 LHG QE . -51.16 11.19 58.91
C22 LHG QE . -52.16 12.22 59.38
C25 LHG QE . -50.99 14.07 55.36
C26 LHG QE . -52.18 13.25 55.82
C27 LHG QE . -52.07 11.95 55.03
C28 LHG QE . -50.77 11.20 55.12
C29 LHG QE . -51.04 9.85 54.51
C30 LHG QE . -51.98 8.98 55.28
C31 LHG QE . -51.43 7.65 55.68
C32 LHG QE . -50.00 7.66 56.17
C33 LHG QE . -49.33 6.44 55.58
C34 LHG QE . -50.05 5.12 55.75
C35 LHG QE . -49.46 4.31 56.88
C1 BCR RE . -17.73 22.65 47.46
C2 BCR RE . -17.24 21.76 46.34
C3 BCR RE . -18.31 21.60 45.32
C4 BCR RE . -18.63 22.92 44.67
C5 BCR RE . -18.72 24.01 45.67
C6 BCR RE . -18.34 23.91 46.95
C7 BCR RE . -18.43 25.04 47.88
C8 BCR RE . -19.48 25.24 48.68
C9 BCR RE . -19.90 26.54 49.13
C10 BCR RE . -19.18 27.22 50.02
C11 BCR RE . -19.72 28.31 50.80
C33 BCR RE . -19.31 25.25 45.12
C31 BCR RE . -16.54 22.93 48.35
C32 BCR RE . -18.74 21.83 48.23
C34 BCR RE . -21.22 27.00 48.71
C12 BCR RE . -18.88 29.16 51.41
C13 BCR RE . -19.30 30.31 52.17
C14 BCR RE . -18.37 31.00 52.84
C15 BCR RE . -18.65 32.22 53.55
C16 BCR RE . -17.68 32.79 54.27
C17 BCR RE . -18.02 33.96 55.03
C18 BCR RE . -17.21 34.62 55.85
C19 BCR RE . -17.79 35.60 56.74
C20 BCR RE . -17.19 35.98 57.87
C21 BCR RE . -17.97 36.65 58.88
C22 BCR RE . -17.53 36.98 60.10
C23 BCR RE . -18.32 37.90 60.89
C24 BCR RE . -17.83 38.57 61.94
C25 BCR RE . -18.61 39.31 62.93
C26 BCR RE . -19.00 40.57 62.72
C27 BCR RE . -19.79 41.40 63.67
C28 BCR RE . -20.47 40.54 64.70
C29 BCR RE . -19.47 39.56 65.26
C30 BCR RE . -18.91 38.62 64.21
C35 BCR RE . -20.68 30.83 52.03
C36 BCR RE . -15.84 34.14 56.10
C37 BCR RE . -16.18 36.60 60.56
C38 BCR RE . -18.74 41.33 61.49
C39 BCR RE . -19.84 37.43 64.05
C40 BCR RE . -17.63 38.08 64.84
MG CLA SE . -40.09 -27.10 1.07
CHA CLA SE . -39.82 -29.96 -0.83
CHB CLA SE . -39.64 -25.22 -1.70
CHC CLA SE . -40.59 -24.31 2.95
CHD CLA SE . -40.67 -29.11 3.91
NA CLA SE . -39.75 -27.55 -0.93
C1A CLA SE . -39.69 -28.80 -1.54
C2A CLA SE . -39.45 -28.63 -3.03
C3A CLA SE . -39.26 -27.12 -3.23
C4A CLA SE . -39.57 -26.57 -1.86
CMA CLA SE . -37.84 -26.79 -3.61
CAA CLA SE . -40.65 -29.10 -3.86
CBA CLA SE . -41.79 -28.09 -3.97
CGA CLA SE . -43.03 -28.61 -3.32
O1A CLA SE . -44.19 -28.22 -3.47
O2A CLA SE . -42.81 -29.67 -2.47
NB CLA SE . -40.15 -25.15 0.69
C1B CLA SE . -39.90 -24.57 -0.50
C2B CLA SE . -39.90 -23.09 -0.36
C3B CLA SE . -40.16 -22.83 0.95
C4B CLA SE . -40.32 -24.14 1.64
CMB CLA SE . -39.65 -22.19 -1.46
CAB CLA SE . -40.25 -21.60 1.64
CBB CLA SE . -41.37 -20.90 1.73
NC CLA SE . -40.51 -26.77 3.07
C1C CLA SE . -40.67 -25.54 3.62
C2C CLA SE . -40.95 -25.67 5.03
C3C CLA SE . -41.00 -27.02 5.31
C4C CLA SE . -40.72 -27.71 4.07
CMC CLA SE . -41.17 -24.54 5.93
CAC CLA SE . -41.26 -27.63 6.60
CBC CLA SE . -39.98 -27.94 7.31
ND CLA SE . -40.09 -29.06 1.54
C1D CLA SE . -40.38 -29.75 2.73
C2D CLA SE . -40.31 -31.18 2.49
C3D CLA SE . -40.06 -31.32 1.14
C4D CLA SE . -39.98 -29.97 0.59
CMD CLA SE . -40.49 -32.19 3.52
CAD CLA SE . -39.84 -32.25 0.07
OBD CLA SE . -39.72 -33.47 0.11
CBD CLA SE . -39.76 -31.41 -1.23
CGD CLA SE . -38.48 -31.66 -1.96
O1D CLA SE . -38.23 -31.45 -3.14
O2D CLA SE . -37.49 -32.16 -1.17
CED CLA SE . -36.31 -32.64 -1.81
C1 CLA SE . -43.91 -30.56 -2.23
C2 CLA SE . -43.46 -31.66 -1.32
C3 CLA SE . -43.74 -31.72 -0.02
C4 CLA SE . -43.27 -32.85 0.81
C5 CLA SE . -44.55 -30.67 0.65
C6 CLA SE . -43.73 -29.73 1.48
C7 CLA SE . -43.42 -28.47 0.71
C8 CLA SE . -43.80 -27.21 1.45
C9 CLA SE . -45.28 -27.24 1.82
C10 CLA SE . -43.39 -25.99 0.63
C11 CLA SE . -44.49 -25.12 0.06
C12 CLA SE . -44.45 -23.74 0.67
C13 CLA SE . -44.72 -22.65 -0.35
C14 CLA SE . -43.69 -22.69 -1.44
C15 CLA SE . -44.72 -21.28 0.30
C16 CLA SE . -45.73 -20.31 -0.30
C17 CLA SE . -45.57 -18.95 0.34
C18 CLA SE . -46.66 -17.94 0.00
C19 CLA SE . -46.74 -17.69 -1.49
C20 CLA SE . -48.00 -18.34 0.56
MG CLA TE . -35.25 -19.12 4.79
CHA CLA TE . -34.10 -18.37 7.94
CHB CLA TE . -33.45 -21.97 4.82
CHC CLA TE . -36.78 -20.04 1.89
CHD CLA TE . -37.12 -16.12 4.82
NA CLA TE . -33.97 -19.99 6.16
C1A CLA TE . -33.63 -19.53 7.42
C2A CLA TE . -32.68 -20.50 8.08
C3A CLA TE . -32.23 -21.38 6.93
C4A CLA TE . -33.31 -21.14 5.89
CMA CLA TE . -30.90 -20.95 6.42
CAA CLA TE . -33.53 -21.36 8.99
CBA CLA TE . -32.68 -22.08 10.01
CGA CLA TE . -32.23 -21.05 11.00
O1A CLA TE . -31.09 -20.83 11.43
O2A CLA TE . -33.26 -20.29 11.42
NB CLA TE . -35.01 -20.64 3.50
C1B CLA TE . -34.40 -21.79 3.82
C2B CLA TE . -34.85 -22.88 2.94
C3B CLA TE . -35.79 -22.35 2.11
C4B CLA TE . -35.92 -20.91 2.46
CMB CLA TE . -34.35 -24.24 3.07
CAB CLA TE . -36.59 -22.96 1.09
CBB CLA TE . -36.08 -23.51 0.00
NC CLA TE . -36.64 -18.20 3.55
C1C CLA TE . -37.10 -18.76 2.40
C2C CLA TE . -38.05 -17.87 1.79
C3C CLA TE . -38.17 -16.77 2.63
C4C CLA TE . -37.28 -16.99 3.73
CMC CLA TE . -38.76 -18.12 0.56
CAC CLA TE . -39.02 -15.61 2.42
CBC CLA TE . -38.25 -14.47 1.81
ND CLA TE . -35.64 -17.60 6.07
C1D CLA TE . -36.37 -16.40 5.94
C2D CLA TE . -36.16 -15.58 7.12
C3D CLA TE . -35.32 -16.30 7.94
C4D CLA TE . -35.01 -17.54 7.23
CMD CLA TE . -36.77 -14.28 7.33
CAD CLA TE . -34.60 -16.35 9.18
OBD CLA TE . -34.60 -15.55 10.09
CBD CLA TE . -33.76 -17.62 9.19
CGD CLA TE . -32.35 -17.16 9.16
O1D CLA TE . -31.77 -16.62 8.22
O2D CLA TE . -31.66 -17.35 10.31
CED CLA TE . -30.28 -17.70 10.18
C1 CLA TE . -33.28 -19.92 12.82
C2 CLA TE . -34.66 -19.47 13.09
C3 CLA TE . -34.98 -18.24 13.49
C4 CLA TE . -33.94 -17.23 13.69
C5 CLA TE . -36.40 -17.87 13.74
C6 CLA TE . -36.72 -16.40 13.64
C7 CLA TE . -37.69 -15.99 14.73
C8 CLA TE . -37.26 -14.75 15.53
C9 CLA TE . -35.78 -14.76 15.83
C10 CLA TE . -38.04 -14.70 16.83
C11 CLA TE . -37.60 -13.58 17.76
C12 CLA TE . -37.96 -12.19 17.28
C13 CLA TE . -37.70 -11.14 18.33
C14 CLA TE . -37.77 -9.75 17.74
C15 CLA TE . -36.35 -11.33 18.99
C16 CLA TE . -36.32 -10.62 20.33
C17 CLA TE . -37.07 -11.38 21.40
C18 CLA TE . -36.09 -11.98 22.40
C19 CLA TE . -36.62 -11.81 23.80
C20 CLA TE . -35.90 -13.43 22.10
MG CLA UE . -28.20 -13.50 3.67
CHA CLA UE . -25.39 -14.76 5.21
CHB CLA UE . -30.15 -15.06 5.93
CHC CLA UE . -30.92 -11.89 2.38
CHD CLA UE . -26.14 -11.75 1.43
NA CLA UE . -27.80 -14.76 5.25
C1A CLA UE . -26.57 -15.15 5.76
C2A CLA UE . -26.76 -16.05 6.96
C3A CLA UE . -28.25 -16.37 6.93
C4A CLA UE . -28.80 -15.32 5.99
CMA CLA UE . -28.46 -17.76 6.39
CAA CLA UE . -26.37 -15.33 8.25
CBA CLA UE . -26.78 -13.88 8.34
CGA CLA UE . -28.10 -13.83 9.05
O1A CLA UE . -28.55 -14.71 9.76
O2A CLA UE . -28.83 -12.69 8.88
NB CLA UE . -30.16 -13.55 4.02
C1B CLA UE . -30.74 -14.14 5.07
C2B CLA UE . -32.16 -13.75 5.16
C3B CLA UE . -32.39 -12.85 4.15
C4B CLA UE . -31.12 -12.72 3.43
CMB CLA UE . -33.03 -14.24 6.20
CAB CLA UE . -33.55 -12.12 3.78
CBB CLA UE . -34.77 -12.60 3.59
NC CLA UE . -28.47 -12.13 2.14
C1C CLA UE . -29.67 -11.61 1.79
C2C CLA UE . -29.50 -10.67 0.73
C3C CLA UE . -28.15 -10.63 0.45
C4C CLA UE . -27.50 -11.56 1.33
CMC CLA UE . -30.59 -9.90 0.16
CAC CLA UE . -27.48 -9.80 -0.55
CBC CLA UE . -26.99 -8.50 0.01
ND CLA UE . -26.24 -13.30 3.31
C1D CLA UE . -25.53 -12.54 2.36
C2D CLA UE . -24.09 -12.76 2.58
C3D CLA UE . -23.99 -13.61 3.65
C4D CLA UE . -25.35 -13.91 4.08
CMD CLA UE . -23.04 -12.15 1.80
CAD CLA UE . -23.09 -14.28 4.53
OBD CLA UE . -21.87 -14.22 4.56
CBD CLA UE . -23.96 -15.08 5.53
CGD CLA UE . -23.73 -16.56 5.35
O1D CLA UE . -24.35 -17.49 5.84
O2D CLA UE . -22.71 -16.90 4.56
CED CLA UE . -21.91 -17.98 5.04
C1 CLA UE . -30.15 -12.74 9.45
C2 CLA UE . -30.99 -11.78 8.70
C3 CLA UE . -32.32 -11.71 8.81
C4 CLA UE . -33.09 -12.59 9.71
C5 CLA UE . -33.05 -10.71 7.99
C6 CLA UE . -34.51 -10.51 8.35
C7 CLA UE . -35.12 -9.48 7.42
C8 CLA UE . -36.62 -9.67 7.34
C9 CLA UE . -37.17 -8.97 6.14
C10 CLA UE . -37.25 -9.11 8.60
C11 CLA UE . -38.75 -9.29 8.60
C12 CLA UE . -39.40 -8.21 9.44
C13 CLA UE . -40.82 -8.57 9.77
C14 CLA UE . -41.47 -7.40 10.46
C15 CLA UE . -40.87 -9.84 10.61
C16 CLA UE . -42.22 -10.12 11.22
C17 CLA UE . -43.22 -10.64 10.21
C18 CLA UE . -44.60 -10.81 10.84
C19 CLA UE . -44.74 -12.18 11.48
C20 CLA UE . -45.68 -10.61 9.82
MG CLA VE . -22.96 -5.41 12.59
CHA CLA VE . -23.05 -8.19 10.65
CHB CLA VE . -19.58 -5.37 12.39
CHC CLA VE . -22.92 -2.47 14.29
CHD CLA VE . -26.51 -5.34 12.64
NA CLA VE . -21.56 -6.65 11.72
C1A CLA VE . -21.79 -7.75 10.91
C2A CLA VE . -20.47 -8.36 10.44
C3A CLA VE . -19.41 -7.48 11.09
C4A CLA VE . -20.22 -6.43 11.81
CMA CLA VE . -18.56 -8.28 12.03
CAA CLA VE . -20.24 -8.24 8.96
CBA CLA VE . -20.76 -6.95 8.35
CGA CLA VE . -20.48 -7.05 6.90
O1A CLA VE . -19.73 -7.86 6.39
O2A CLA VE . -21.11 -6.16 6.07
NB CLA VE . -21.54 -4.15 13.17
C1B CLA VE . -20.22 -4.33 13.06
C2B CLA VE . -19.50 -3.27 13.79
C3B CLA VE . -20.45 -2.46 14.34
C4B CLA VE . -21.74 -3.02 13.95
CMB CLA VE . -18.05 -3.22 13.85
CAB CLA VE . -20.40 -1.29 15.16
CBB CLA VE . -19.54 -0.28 15.12
NC CLA VE . -24.44 -4.17 13.36
C1C CLA VE . -24.18 -3.02 14.01
C2C CLA VE . -25.39 -2.36 14.39
C3C CLA VE . -26.41 -3.16 13.94
C4C CLA VE . -25.82 -4.31 13.28
CMC CLA VE . -25.43 -1.10 15.10
CAC CLA VE . -27.82 -2.90 14.06
CBC CLA VE . -28.48 -3.62 15.19
ND CLA VE . -24.48 -6.57 12.00
C1D CLA VE . -25.88 -6.39 12.04
C2D CLA VE . -26.49 -7.52 11.34
C3D CLA VE . -25.46 -8.23 10.81
C4D CLA VE . -24.21 -7.58 11.20
CMD CLA VE . -27.92 -7.73 11.24
CAD CLA VE . -25.10 -9.38 10.04
OBD CLA VE . -25.81 -10.25 9.61
CBD CLA VE . -23.57 -9.33 9.82
CGD CLA VE . -22.88 -10.62 10.14
O1D CLA VE . -21.82 -11.04 9.69
O2D CLA VE . -23.55 -11.39 11.02
CED CLA VE . -23.56 -12.79 10.73
C1 CLA VE . -21.31 -6.70 4.75
C2 CLA VE . -21.25 -5.65 3.71
C3 CLA VE . -22.35 -5.13 3.17
C4 CLA VE . -23.71 -5.57 3.57
C5 CLA VE . -22.26 -4.09 2.11
C6 CLA VE . -23.24 -4.30 0.98
C7 CLA VE . -22.70 -5.33 0.02
C8 CLA VE . -23.38 -5.27 -1.32
C9 CLA VE . -22.65 -6.22 -2.24
C10 CLA VE . -23.43 -3.83 -1.84
C11 CLA VE . -23.39 -3.70 -3.34
C12 CLA VE . -24.69 -3.15 -3.89
C13 CLA VE . -24.63 -2.93 -5.40
C14 CLA VE . -26.02 -2.71 -5.95
C15 CLA VE . -23.94 -4.09 -6.12
C16 CLA VE . -23.29 -3.65 -7.42
C17 CLA VE . -21.96 -4.33 -7.64
C18 CLA VE . -21.35 -3.89 -8.97
C19 CLA VE . -20.08 -4.65 -9.26
C20 CLA VE . -21.06 -2.41 -8.98
MG CLA WE . -17.70 -5.60 2.48
CHA CLA WE . -16.83 -7.53 5.20
CHB CLA WE . -16.95 -8.18 0.42
CHC CLA WE . -18.80 -3.77 -0.17
CHD CLA WE . -18.57 -2.98 4.67
NA CLA WE . -17.00 -7.53 2.78
C1A CLA WE . -16.71 -8.16 3.99
C2A CLA WE . -16.24 -9.59 3.75
C3A CLA WE . -16.18 -9.69 2.23
C4A CLA WE . -16.76 -8.38 1.75
CMA CLA WE . -14.77 -9.85 1.76
CAA CLA WE . -17.25 -10.60 4.26
CBA CLA WE . -18.67 -10.23 3.90
CGA CLA WE . -19.63 -10.71 4.92
O1A CLA WE . -19.52 -11.63 5.72
O2A CLA WE . -20.77 -10.00 4.88
NB CLA WE . -17.71 -5.86 0.50
C1B CLA WE . -17.52 -7.05 -0.13
C2B CLA WE . -18.00 -6.99 -1.51
C3B CLA WE . -18.52 -5.76 -1.70
C4B CLA WE . -18.36 -5.02 -0.42
CMB CLA WE . -17.93 -8.12 -2.42
CAB CLA WE . -19.18 -5.21 -2.83
CBB CLA WE . -18.63 -4.33 -3.66
NC CLA WE . -18.50 -3.71 2.29
C1C CLA WE . -18.86 -3.16 1.10
C2C CLA WE . -19.38 -1.82 1.33
C3C CLA WE . -19.33 -1.61 2.69
C4C CLA WE . -18.78 -2.79 3.30
CMC CLA WE . -19.89 -0.94 0.30
CAC CLA WE . -19.78 -0.41 3.38
CBC CLA WE . -21.22 -0.55 3.76
ND CLA WE . -17.83 -5.30 4.47
C1D CLA WE . -18.14 -4.16 5.23
C2D CLA WE . -17.91 -4.47 6.64
C3D CLA WE . -17.41 -5.75 6.69
C4D CLA WE . -17.36 -6.21 5.31
CMD CLA WE . -18.19 -3.56 7.74
CAD CLA WE . -16.96 -6.82 7.52
OBD CLA WE . -16.96 -6.93 8.74
CBD CLA WE . -16.46 -7.94 6.59
CGD CLA WE . -14.99 -8.05 6.70
O1D CLA WE . -14.31 -9.01 7.03
O2D CLA WE . -14.34 -6.91 6.36
CED CLA WE . -12.98 -7.02 5.99
C1 CLA WE . -21.95 -10.62 5.39
C2 CLA WE . -23.08 -9.81 4.88
C3 CLA WE . -24.30 -9.88 5.42
C4 CLA WE . -24.59 -10.76 6.57
C5 CLA WE . -25.40 -9.04 4.87
C6 CLA WE . -26.76 -9.64 5.12
C7 CLA WE . -27.83 -8.80 4.49
C8 CLA WE . -29.10 -8.69 5.31
C9 CLA WE . -29.42 -9.95 6.07
C10 CLA WE . -30.22 -8.30 4.35
C11 CLA WE . -31.61 -8.54 4.88
C12 CLA WE . -32.57 -7.51 4.33
C13 CLA WE . -32.97 -7.82 2.91
C14 CLA WE . -32.57 -6.69 1.99
C15 CLA WE . -34.47 -8.01 2.84
C16 CLA WE . -34.91 -8.35 1.44
C17 CLA WE . -34.67 -9.81 1.13
C18 CLA WE . -35.33 -10.19 -0.18
C19 CLA WE . -36.51 -11.09 0.08
C20 CLA WE . -34.34 -10.92 -1.04
MG CLA XE . -18.22 -13.24 -4.18
CHA CLA XE . -14.84 -13.73 -4.37
CHB CLA XE . -17.85 -11.81 -1.14
CHC CLA XE . -21.49 -12.22 -4.28
CHD CLA XE . -18.52 -14.48 -7.46
NA CLA XE . -16.60 -12.93 -2.92
C1A CLA XE . -15.25 -13.14 -3.21
C2A CLA XE . -14.41 -12.75 -2.02
C3A CLA XE . -15.42 -12.36 -0.95
C4A CLA XE . -16.73 -12.35 -1.71
CMA CLA XE . -15.40 -13.35 0.16
CAA CLA XE . -13.54 -11.54 -2.32
CBA CLA XE . -14.22 -10.54 -3.19
CGA CLA XE . -14.14 -9.25 -2.45
O1A CLA XE . -13.72 -9.09 -1.32
O2A CLA XE . -14.59 -8.19 -3.15
NB CLA XE . -19.48 -12.29 -2.91
C1B CLA XE . -19.11 -11.73 -1.74
C2B CLA XE . -20.24 -10.99 -1.16
C3B CLA XE . -21.30 -11.10 -2.01
C4B CLA XE . -20.82 -11.92 -3.15
CMB CLA XE . -20.12 -10.28 0.10
CAB CLA XE . -22.59 -10.47 -1.89
CBB CLA XE . -23.80 -10.93 -2.21
NC CLA XE . -19.73 -13.41 -5.57
C1C CLA XE . -20.98 -12.91 -5.40
C2C CLA XE . -21.75 -13.10 -6.59
C3C CLA XE . -20.93 -13.75 -7.49
C4C CLA XE . -19.65 -13.93 -6.84
CMC CLA XE . -23.11 -12.62 -6.75
CAC CLA XE . -21.21 -14.10 -8.86
CBC CLA XE . -20.98 -12.94 -9.78
ND CLA XE . -17.05 -14.07 -5.57
C1D CLA XE . -17.29 -14.54 -6.88
C2D CLA XE . -16.04 -15.07 -7.43
C3D CLA XE . -15.09 -14.78 -6.50
C4D CLA XE . -15.75 -14.12 -5.39
CMD CLA XE . -15.83 -15.74 -8.68
CAD CLA XE . -13.71 -14.92 -6.16
OBD CLA XE . -12.82 -15.49 -6.75
CBD CLA XE . -13.48 -14.15 -4.86
CGD CLA XE . -12.78 -15.03 -3.90
O1D CLA XE . -13.28 -15.77 -3.07
O2D CLA XE . -11.43 -14.97 -3.99
CED CLA XE . -10.70 -15.57 -2.92
C1 CLA XE . -14.43 -6.93 -2.47
C2 CLA XE . -14.79 -5.90 -3.44
C3 CLA XE . -14.83 -4.61 -3.08
C4 CLA XE . -14.51 -4.15 -1.73
C5 CLA XE . -15.20 -3.58 -4.04
C6 CLA XE . -14.01 -2.74 -4.37
C7 CLA XE . -14.41 -1.60 -5.27
C8 CLA XE . -13.18 -0.88 -5.73
C9 CLA XE . -13.57 0.45 -6.35
C10 CLA XE . -12.45 -1.76 -6.70
C11 CLA XE . -11.02 -2.00 -6.29
C12 CLA XE . -10.10 -2.16 -7.48
C13 CLA XE . -9.35 -3.49 -7.45
C14 CLA XE . -10.30 -4.63 -7.76
C15 CLA XE . -8.69 -3.74 -6.11
C16 CLA XE . -7.42 -2.92 -5.95
C17 CLA XE . -6.19 -3.65 -6.44
C18 CLA XE . -5.92 -4.90 -5.63
C19 CLA XE . -4.73 -5.65 -6.19
C20 CLA XE . -5.66 -4.56 -4.18
MG CLA YE . -12.78 -4.49 18.00
CHA CLA YE . -9.96 -5.87 19.41
CHB CLA YE . -14.57 -7.22 18.95
CHC CLA YE . -15.62 -2.93 16.96
CHD CLA YE . -10.94 -1.61 17.23
NA CLA YE . -12.30 -6.28 18.96
C1A CLA YE . -11.08 -6.64 19.51
C2A CLA YE . -11.18 -8.01 20.18
C3A CLA YE . -12.60 -8.47 19.82
C4A CLA YE . -13.22 -7.24 19.20
CMA CLA YE . -12.60 -9.68 18.92
CAA CLA YE . -11.15 -7.85 21.70
CBA CLA YE . -11.83 -6.59 22.22
CGA CLA YE . -12.01 -6.57 23.70
O1A CLA YE . -11.41 -7.23 24.52
O2A CLA YE . -12.97 -5.70 24.13
NB CLA YE . -14.70 -5.02 17.87
C1B CLA YE . -15.25 -6.13 18.40
C2B CLA YE . -16.72 -6.05 18.34
C3B CLA YE . -17.03 -4.84 17.78
C4B CLA YE . -15.75 -4.17 17.48
CMB CLA YE . -17.53 -7.13 18.86
CAB CLA YE . -18.27 -4.19 17.50
CBB CLA YE . -19.43 -4.74 17.17
NC CLA YE . -13.19 -2.65 17.17
C1C CLA YE . -14.42 -2.22 16.81
C2C CLA YE . -14.35 -0.88 16.28
C3C CLA YE . -13.03 -0.49 16.39
C4C CLA YE . -12.30 -1.60 16.95
CMC CLA YE . -15.50 -0.13 15.80
CAC CLA YE . -12.43 0.79 15.98
CBC CLA YE . -12.26 1.74 17.13
ND CLA YE . -10.88 -3.86 18.14
C1D CLA YE . -10.26 -2.64 17.81
C2D CLA YE . -8.83 -2.72 18.15
C3D CLA YE . -8.66 -3.94 18.74
C4D CLA YE . -9.97 -4.60 18.75
CMD CLA YE . -7.87 -1.67 17.90
CAD CLA YE . -7.73 -4.85 19.33
OBD CLA YE . -6.51 -4.77 19.38
CBD CLA YE . -8.54 -6.05 19.87
CGD CLA YE . -7.94 -7.30 19.35
O1D CLA YE . -7.68 -8.33 19.97
O2D CLA YE . -7.65 -7.24 18.04
CED CLA YE . -6.52 -8.00 17.59
C1 CLA YE . -12.60 -4.82 25.21
C2 CLA YE . -13.84 -4.45 25.94
C3 CLA YE . -14.36 -3.22 25.93
C4 CLA YE . -13.78 -2.12 25.16
C5 CLA YE . -15.61 -2.90 26.67
C6 CLA YE . -16.78 -2.69 25.73
C7 CLA YE . -17.31 -1.27 25.82
C8 CLA YE . -17.84 -1.00 27.21
C9 CLA YE . -19.14 -1.73 27.42
C10 CLA YE . -18.02 0.48 27.44
C11 CLA YE . -18.98 1.10 26.45
C12 CLA YE . -18.62 2.54 26.21
C13 CLA YE . -19.09 3.43 27.34
C14 CLA YE . -20.60 3.34 27.49
C15 CLA YE . -18.69 4.88 27.07
C16 CLA YE . -17.72 5.40 28.12
C17 CLA YE . -17.29 6.81 27.77
C18 CLA YE . -16.35 7.41 28.81
C19 CLA YE . -14.97 6.80 28.74
C20 CLA YE . -16.25 8.90 28.60
MG CLA ZE . -43.50 -2.24 15.95
CHA CLA ZE . -44.77 -0.40 13.34
CHB CLA ZE . -44.91 -0.09 18.14
CHC CLA ZE . -42.54 -4.30 18.49
CHD CLA ZE . -42.16 -4.51 13.62
NA CLA ZE . -44.62 -0.52 15.74
C1A CLA ZE . -45.07 0.08 14.57
C2A CLA ZE . -45.90 1.31 14.89
C3A CLA ZE . -45.63 1.52 16.39
C4A CLA ZE . -45.03 0.21 16.81
CMA CLA ZE . -44.61 2.59 16.62
CAA CLA ZE . -47.38 1.07 14.59
CBA CLA ZE . -48.11 0.01 15.41
CGA CLA ZE . -47.93 -1.38 14.88
O1A CLA ZE . -48.19 -1.80 13.76
O2A CLA ZE . -47.37 -2.22 15.80
NB CLA ZE . -43.55 -2.13 17.94
C1B CLA ZE . -44.36 -1.28 18.62
C2B CLA ZE . -44.60 -1.75 19.99
C3B CLA ZE . -43.95 -2.93 20.11
C4B CLA ZE . -43.28 -3.21 18.81
CMB CLA ZE . -45.42 -1.06 20.95
CAB CLA ZE . -43.96 -3.78 21.26
CBB CLA ZE . -42.92 -4.31 21.88
NC CLA ZE . -42.46 -4.03 16.03
C1C CLA ZE . -42.13 -4.68 17.18
C2C CLA ZE . -41.38 -5.88 16.86
C3C CLA ZE . -41.36 -5.97 15.48
C4C CLA ZE . -42.03 -4.80 14.97
CMC CLA ZE . -40.84 -6.82 17.84
CAC CLA ZE . -40.74 -7.02 14.67
CBC CLA ZE . -39.27 -6.80 14.44
ND CLA ZE . -43.46 -2.48 13.95
C1D CLA ZE . -42.83 -3.42 13.12
C2D CLA ZE . -43.00 -3.02 11.72
C3D CLA ZE . -43.75 -1.88 11.74
C4D CLA ZE . -44.02 -1.58 13.14
CMD CLA ZE . -42.45 -3.75 10.60
CAD CLA ZE . -44.32 -0.80 10.97
OBD CLA ZE . -44.26 -0.57 9.79
CBD CLA ZE . -45.03 0.15 11.96
CGD CLA ZE . -44.43 1.51 11.80
O1D CLA ZE . -43.27 1.79 11.53
O2D CLA ZE . -45.30 2.54 11.95
CED CLA ZE . -44.91 3.80 11.39
C1 CLA ZE . -46.81 -3.45 15.28
C2 CLA ZE . -47.71 -4.53 15.73
C3 CLA ZE . -47.40 -5.40 16.71
C4 CLA ZE . -46.12 -5.33 17.45
C5 CLA ZE . -48.35 -6.48 17.10
C6 CLA ZE . -47.69 -7.82 17.34
C7 CLA ZE . -48.68 -8.96 17.49
C8 CLA ZE . -48.04 -10.27 17.04
C9 CLA ZE . -48.02 -10.33 15.54
C10 CLA ZE . -48.72 -11.50 17.62
C11 CLA ZE . -48.07 -12.79 17.15
C12 CLA ZE . -47.79 -13.75 18.29
C13 CLA ZE . -47.33 -15.11 17.79
C14 CLA ZE . -48.40 -15.76 16.93
C15 CLA ZE . -47.02 -16.04 18.95
C16 CLA ZE . -46.01 -17.09 18.58
C17 CLA ZE . -44.61 -16.63 18.89
C18 CLA ZE . -43.91 -17.57 19.86
C19 CLA ZE . -43.42 -18.81 19.15
C20 CLA ZE . -42.74 -16.87 20.52
MG CLA AF . -45.04 -6.42 0.13
CHA CLA AF . -47.62 -4.18 0.48
CHB CLA AF . -43.01 -4.41 1.94
CHC CLA AF . -42.60 -8.82 -0.04
CHD CLA AF . -47.23 -8.60 -1.56
NA CLA AF . -45.29 -4.56 1.01
C1A CLA AF . -46.45 -3.78 1.08
C2A CLA AF . -46.16 -2.48 1.81
C3A CLA AF . -44.65 -2.54 2.07
C4A CLA AF . -44.26 -3.94 1.64
CMA CLA AF . -43.93 -1.53 1.23
CAA CLA AF . -46.91 -2.34 3.11
CBA CLA AF . -46.45 -3.26 4.19
CGA CLA AF . -47.53 -3.40 5.21
O1A CLA AF . -48.70 -3.02 5.13
O2A CLA AF . -47.14 -4.01 6.37
NB CLA AF . -43.11 -6.51 0.67
C1B CLA AF . -42.54 -5.68 1.58
C2B CLA AF . -41.31 -6.29 2.13
C3B CLA AF . -41.21 -7.52 1.57
C4B CLA AF . -42.34 -7.68 0.65
CMB CLA AF . -40.48 -5.65 3.13
CAB CLA AF . -40.27 -8.57 1.79
CBB CLA AF . -38.96 -8.48 1.59
NC CLA AF . -44.92 -8.33 -0.69
C1C CLA AF . -43.83 -9.12 -0.66
C2C CLA AF . -44.08 -10.37 -1.35
C3C CLA AF . -45.41 -10.32 -1.75
C4C CLA AF . -45.93 -9.03 -1.34
CMC CLA AF . -43.14 -11.46 -1.50
CAC CLA AF . -46.16 -11.33 -2.48
CBC CLA AF . -46.20 -11.05 -3.96
ND CLA AF . -46.98 -6.48 -0.37
C1D CLA AF . -47.74 -7.42 -1.10
C2D CLA AF . -49.08 -6.89 -1.32
C3D CLA AF . -49.09 -5.65 -0.75
C4D CLA AF . -47.76 -5.43 -0.17
CMD CLA AF . -50.13 -7.61 -2.01
CAD CLA AF . -49.86 -4.47 -0.48
OBD CLA AF . -51.01 -4.23 -0.79
CBD CLA AF . -48.93 -3.48 0.27
CGD CLA AF . -48.67 -2.32 -0.61
O1D CLA AF . -48.48 -1.14 -0.31
O2D CLA AF . -48.61 -2.66 -1.92
CED CLA AF . -47.66 -1.97 -2.73
C1 CLA AF . -48.07 -3.95 7.46
C2 CLA AF . -47.27 -4.24 8.68
C3 CLA AF . -47.67 -3.87 9.90
C4 CLA AF . -48.94 -3.17 10.17
C5 CLA AF . -46.82 -4.18 11.09
C6 CLA AF . -46.17 -5.55 10.99
C7 CLA AF . -45.34 -5.75 12.23
C8 CLA AF . -45.35 -7.19 12.73
C9 CLA AF . -46.76 -7.72 12.84
C10 CLA AF . -44.69 -7.22 14.10
C11 CLA AF . -44.66 -8.61 14.69
C12 CLA AF . -44.18 -8.54 16.12
C13 CLA AF . -44.12 -9.93 16.73
C14 CLA AF . -43.78 -9.83 18.21
C15 CLA AF . -43.11 -10.80 16.00
C16 CLA AF . -43.02 -12.19 16.60
C17 CLA AF . -42.13 -13.08 15.75
C18 CLA AF . -42.19 -14.53 16.20
C19 CLA AF . -41.70 -14.67 17.62
C20 CLA AF . -41.34 -15.40 15.29
MG CLA BF . -39.43 -0.85 4.04
CHA CLA BF . -36.28 -0.76 2.71
CHB CLA BF . -38.59 -3.54 5.88
CHC CLA BF . -42.62 -1.00 5.18
CHD CLA BF . -40.35 1.82 1.92
NA CLA BF . -37.68 -1.93 4.29
C1A CLA BF . -36.47 -1.73 3.65
C2A CLA BF . -35.45 -2.75 4.14
C3A CLA BF . -36.24 -3.62 5.12
C4A CLA BF . -37.60 -2.99 5.12
CMA CLA BF . -36.35 -5.02 4.61
CAA CLA BF . -34.40 -2.05 4.96
CBA CLA BF . -33.37 -3.02 5.47
CGA CLA BF . -32.05 -2.60 4.94
O1A CLA BF . -31.56 -1.47 4.93
O2A CLA BF . -31.34 -3.63 4.40
NB CLA BF . -40.39 -1.97 5.39
C1B CLA BF . -39.89 -3.10 5.93
C2B CLA BF . -40.97 -3.87 6.58
C3B CLA BF . -42.11 -3.17 6.39
C4B CLA BF . -41.77 -1.96 5.61
CMB CLA BF . -40.75 -5.14 7.23
CAB CLA BF . -43.44 -3.53 6.77
CBB CLA BF . -44.25 -2.84 7.55
NC CLA BF . -41.14 0.27 3.69
C1C CLA BF . -42.31 0.06 4.29
C2C CLA BF . -43.28 1.02 3.84
C3C CLA BF . -42.66 1.76 2.85
C4C CLA BF . -41.31 1.29 2.77
CMC CLA BF . -44.64 1.08 4.32
CAC CLA BF . -43.22 2.85 2.07
CBC CLA BF . -42.98 4.19 2.71
ND CLA BF . -38.58 0.32 2.66
C1D CLA BF . -39.07 1.37 1.86
C2D CLA BF . -37.99 1.86 1.02
C3D CLA BF . -36.91 1.08 1.29
C4D CLA BF . -37.32 0.13 2.32
CMD CLA BF . -38.12 2.96 0.07
CAD CLA BF . -35.53 0.83 1.00
OBD CLA BF . -34.79 1.42 0.24
CBD CLA BF . -35.11 -0.37 1.85
CGD CLA BF . -34.69 -1.46 0.92
O1D CLA BF . -33.69 -1.46 0.20
O2D CLA BF . -35.50 -2.53 0.86
CED CLA BF . -34.90 -3.76 0.48
C1 CLA BF . -30.08 -3.31 3.80
C2 CLA BF . -30.13 -3.80 2.40
C3 CLA BF . -29.12 -4.44 1.81
C4 CLA BF . -27.84 -4.75 2.49
C5 CLA BF . -29.23 -4.89 0.41
C6 CLA BF . -28.23 -4.20 -0.49
C7 CLA BF . -28.60 -2.74 -0.66
C8 CLA BF . -29.95 -2.58 -1.34
C9 CLA BF . -29.81 -2.84 -2.81
C10 CLA BF . -30.50 -1.18 -1.17
C11 CLA BF . -30.32 -0.61 0.22
C12 CLA BF . -31.01 0.73 0.30
C13 CLA BF . -30.71 1.54 1.55
C14 CLA BF . -30.38 0.69 2.75
C15 CLA BF . -31.92 2.37 1.91
C16 CLA BF . -31.68 3.81 1.56
C17 CLA BF . -32.68 4.66 2.29
C18 CLA BF . -33.59 5.39 1.34
C19 CLA BF . -33.84 6.78 1.86
C20 CLA BF . -34.92 4.69 1.27
MG CLA CF . -32.60 8.40 15.55
CHA CLA CF . -33.38 11.68 16.14
CHB CLA CF . -31.95 9.14 12.31
CHC CLA CF . -31.46 5.22 15.10
CHD CLA CF . -33.15 7.72 18.97
NA CLA CF . -32.69 10.13 14.41
C1A CLA CF . -33.00 11.42 14.86
C2A CLA CF . -32.91 12.41 13.72
C3A CLA CF . -32.66 11.53 12.49
C4A CLA CF . -32.39 10.17 13.09
CMA CLA CF . -33.88 11.51 11.63
CAA CLA CF . -31.71 13.33 13.91
CBA CLA CF . -30.48 12.68 14.50
CGA CLA CF . -29.72 13.68 15.28
O1A CLA CF . -29.91 14.88 15.31
O2A CLA CF . -28.70 13.17 16.01
NB CLA CF . -31.90 7.37 13.99
C1B CLA CF . -31.69 7.85 12.77
C2B CLA CF . -31.16 6.79 11.91
C3B CLA CF . -31.00 5.67 12.67
C4B CLA CF . -31.47 6.04 14.02
CMB CLA CF . -30.83 7.01 10.53
CAB CLA CF . -30.46 4.39 12.36
CBB CLA CF . -30.90 3.58 11.40
NC CLA CF . -32.40 6.77 16.79
C1C CLA CF . -31.91 5.56 16.39
C2C CLA CF . -31.85 4.67 17.52
C3C CLA CF . -32.31 5.37 18.60
C4C CLA CF . -32.66 6.69 18.15
CMC CLA CF . -31.36 3.31 17.48
CAC CLA CF . -32.39 4.87 19.95
CBC CLA CF . -31.13 5.26 20.70
ND CLA CF . -33.17 9.40 17.20
C1D CLA CF . -33.39 9.00 18.53
C2D CLA CF . -33.89 10.13 19.31
C3D CLA CF . -33.92 11.18 18.44
C4D CLA CF . -33.45 10.67 17.14
CMD CLA CF . -34.23 10.07 20.71
CAD CLA CF . -34.20 12.57 18.26
OBD CLA CF . -34.62 13.38 19.05
CBD CLA CF . -33.89 12.92 16.79
CGD CLA CF . -35.20 13.16 16.15
O1D CLA CF . -36.27 12.63 16.42
O2D CLA CF . -35.18 14.08 15.17
CED CLA CF . -36.07 15.16 15.41
C1 CLA CF . -27.57 14.05 16.16
C2 CLA CF . -26.60 13.35 17.02
C3 CLA CF . -25.46 13.93 17.42
C4 CLA CF . -25.09 15.31 17.03
C5 CLA CF . -24.48 13.26 18.29
C6 CLA CF . -24.95 11.96 18.89
C7 CLA CF . -23.80 11.37 19.65
C8 CLA CF . -24.03 9.90 19.92
C9 CLA CF . -25.05 9.74 21.03
C10 CLA CF . -22.72 9.25 20.31
C11 CLA CF . -21.78 9.21 19.12
C12 CLA CF . -22.27 8.25 18.07
C13 CLA CF . -21.32 7.08 17.87
C14 CLA CF . -20.00 7.55 17.30
C15 CLA CF . -21.97 6.09 16.93
C16 CLA CF . -21.26 4.75 16.89
C17 CLA CF . -21.89 3.87 15.84
C18 CLA CF . -22.98 2.98 16.40
C19 CLA CF . -22.79 1.58 15.89
C20 CLA CF . -24.35 3.46 16.01
MG CLA DF . -30.19 7.53 7.25
CHA CLA DF . -30.73 4.21 6.51
CHB CLA DF . -26.95 6.91 7.88
CHC CLA DF . -29.84 10.77 8.27
CHD CLA DF . -33.57 8.15 6.63
NA CLA DF . -29.04 5.81 7.19
C1A CLA DF . -29.44 4.52 6.85
C2A CLA DF . -28.26 3.58 6.94
C3A CLA DF . -27.13 4.48 7.45
C4A CLA DF . -27.73 5.84 7.53
CMA CLA DF . -26.87 4.05 8.84
CAA CLA DF . -27.87 3.04 5.57
CBA CLA DF . -26.77 3.80 4.88
CGA CLA DF . -26.87 3.58 3.41
O1A CLA DF . -27.85 3.73 2.69
O2A CLA DF . -25.68 3.19 2.87
NB CLA DF . -28.66 8.65 7.86
C1B CLA DF . -27.40 8.22 8.06
C2B CLA DF . -26.58 9.31 8.62
C3B CLA DF . -27.42 10.39 8.75
C4B CLA DF . -28.74 9.98 8.28
CMB CLA DF . -25.18 9.11 8.92
CAB CLA DF . -27.27 11.72 9.27
CBB CLA DF . -26.17 12.44 9.42
NC CLA DF . -31.48 9.16 7.38
C1C CLA DF . -31.12 10.38 7.84
C2C CLA DF . -32.28 11.25 7.84
C3C CLA DF . -33.34 10.53 7.35
C4C CLA DF . -32.82 9.22 7.07
CMC CLA DF . -32.28 12.63 8.28
CAC CLA DF . -34.71 10.99 7.16
CBC CLA DF . -35.64 10.52 8.25
ND CLA DF . -31.80 6.48 6.75
C1D CLA DF . -33.11 6.89 6.50
C2D CLA DF . -33.89 5.75 6.10
C3D CLA DF . -33.05 4.69 6.14
C4D CLA DF . -31.74 5.20 6.52
CMD CLA DF . -35.28 5.90 5.80
CAD CLA DF . -32.92 3.29 5.93
OBD CLA DF . -33.78 2.48 5.64
CBD CLA DF . -31.42 2.94 6.11
CGD CLA DF . -31.22 1.84 7.09
O1D CLA DF . -30.40 0.92 7.03
O2D CLA DF . -32.06 1.87 8.14
CED CLA DF . -31.85 0.92 9.18
C1 CLA DF . -25.70 2.13 1.90
C2 CLA DF . -26.37 0.97 2.52
C3 CLA DF . -25.86 -0.26 2.60
C4 CLA DF . -24.53 -0.62 2.06
C5 CLA DF . -26.65 -1.33 3.24
C6 CLA DF . -26.04 -1.79 4.54
C7 CLA DF . -26.45 -0.88 5.67
C8 CLA DF . -25.40 -0.74 6.77
C9 CLA DF . -25.63 0.56 7.48
C10 CLA DF . -23.98 -0.75 6.24
C11 CLA DF . -23.10 -1.64 7.09
C12 CLA DF . -23.52 -3.08 6.97
C13 CLA DF . -23.68 -3.77 8.32
C14 CLA DF . -22.40 -3.64 9.11
C15 CLA DF . -24.01 -5.25 8.15
C16 CLA DF . -25.29 -5.46 7.38
C17 CLA DF . -26.48 -4.99 8.17
C18 CLA DF . -27.78 -5.57 7.66
C19 CLA DF . -27.97 -5.20 6.22
C20 CLA DF . -28.95 -5.04 8.43
MG CLA EF . -23.30 3.51 11.97
CHA CLA EF . -23.52 6.85 12.74
CHB CLA EF . -26.64 3.22 12.23
CHC CLA EF . -23.03 0.21 11.21
CHD CLA EF . -19.79 3.77 12.02
NA CLA EF . -24.82 4.85 12.39
C1A CLA EF . -24.72 6.20 12.68
C2A CLA EF . -26.10 6.78 12.97
C3A CLA EF . -27.03 5.56 12.92
C4A CLA EF . -26.11 4.46 12.45
CMA CLA EF . -27.50 5.21 14.30
CAA CLA EF . -26.56 7.71 11.91
CBA CLA EF . -27.90 8.30 12.24
CGA CLA EF . -27.79 9.41 13.21
O1A CLA EF . -27.13 10.44 13.13
O2A CLA EF . -28.56 9.19 14.30
NB CLA EF . -24.59 2.01 11.74
C1B CLA EF . -25.92 2.10 11.82
C2B CLA EF . -26.55 0.83 11.41
C3B CLA EF . -25.52 -0.02 11.12
C4B CLA EF . -24.27 0.72 11.35
CMB CLA EF . -28.01 0.70 11.43
CAB CLA EF . -25.44 -1.40 10.71
CBB CLA EF . -26.42 -2.28 10.56
NC CLA EF . -21.70 2.23 11.69
C1C CLA EF . -21.81 0.92 11.40
C2C CLA EF . -20.49 0.33 11.25
C3C CLA EF . -19.58 1.34 11.49
C4C CLA EF . -20.34 2.53 11.76
CMC CLA EF . -20.23 -1.05 10.92
CAC CLA EF . -18.12 1.27 11.41
CBC CLA EF . -17.41 1.21 12.73
ND CLA EF . -21.92 4.92 12.30
C1D CLA EF . -20.52 4.89 12.26
C2D CLA EF . -20.01 6.24 12.52
C3D CLA EF . -21.11 7.02 12.68
C4D CLA EF . -22.29 6.16 12.56
CMD CLA EF . -18.60 6.58 12.56
CAD CLA EF . -21.61 8.33 12.97
OBD CLA EF . -20.97 9.34 13.20
CBD CLA EF . -23.14 8.27 12.98
CGD CLA EF . -23.66 8.82 14.25
O1D CLA EF . -24.10 8.20 15.21
O2D CLA EF . -23.60 10.16 14.29
CED CLA EF . -24.44 10.82 15.23
C1 CLA EF . -28.25 9.92 15.49
C2 CLA EF . -27.41 9.05 16.32
C3 CLA EF . -27.90 8.28 17.29
C4 CLA EF . -29.34 8.24 17.61
C5 CLA EF . -26.97 7.44 18.09
C6 CLA EF . -27.58 6.18 18.63
C7 CLA EF . -26.73 5.66 19.76
C8 CLA EF . -25.96 4.42 19.36
C9 CLA EF . -26.91 3.36 18.85
C10 CLA EF . -25.19 3.88 20.53
C11 CLA EF . -24.01 4.77 20.87
C12 CLA EF . -22.82 3.95 21.33
C13 CLA EF . -22.35 4.37 22.71
C14 CLA EF . -23.33 3.87 23.76
C15 CLA EF . -22.17 5.88 22.87
C16 CLA EF . -20.89 6.37 22.21
C17 CLA EF . -19.67 5.72 22.84
C18 CLA EF . -18.37 6.29 22.29
C19 CLA EF . -18.22 6.01 20.80
C20 CLA EF . -17.20 5.69 23.04
MG CLA FF . -31.35 4.13 -5.21
CHA CLA FF . -29.52 4.43 -2.31
CHB CLA FF . -29.24 1.73 -6.30
CHC CLA FF . -32.97 4.10 -8.21
CHD CLA FF . -33.25 6.92 -4.23
NA CLA FF . -29.72 3.16 -4.36
C1A CLA FF . -29.08 3.44 -3.15
C2A CLA FF . -27.90 2.50 -2.96
C3A CLA FF . -27.86 1.67 -4.25
C4A CLA FF . -29.04 2.19 -5.02
CMA CLA FF . -26.63 1.99 -5.05
CAA CLA FF . -28.07 1.54 -1.80
CBA CLA FF . -27.01 0.47 -1.76
CGA CLA FF . -25.64 1.07 -1.63
O1A CLA FF . -25.34 2.22 -1.33
O2A CLA FF . -24.61 0.19 -1.88
NB CLA FF . -31.20 3.06 -6.89
C1B CLA FF . -30.25 2.15 -7.16
C2B CLA FF . -30.38 1.68 -8.56
C3B CLA FF . -31.45 2.35 -9.10
C4B CLA FF . -31.97 3.23 -8.05
CMB CLA FF . -29.48 0.72 -9.16
CAB CLA FF . -32.05 2.33 -10.41
CBB CLA FF . -31.43 2.41 -11.58
NC CLA FF . -32.89 5.25 -6.02
C1C CLA FF . -33.40 5.06 -7.26
C2C CLA FF . -34.44 6.03 -7.54
C3C CLA FF . -34.50 6.86 -6.44
C4C CLA FF . -33.52 6.37 -5.48
CMC CLA FF . -35.18 6.10 -8.78
CAC CLA FF . -35.37 8.04 -6.29
CBC CLA FF . -34.72 9.27 -6.85
ND CLA FF . -31.53 5.31 -3.59
C1D CLA FF . -32.34 6.43 -3.33
C2D CLA FF . -31.98 6.99 -2.04
C3D CLA FF . -30.91 6.27 -1.60
C4D CLA FF . -30.63 5.26 -2.62
CMD CLA FF . -32.65 8.13 -1.42
CAD CLA FF . -29.94 6.10 -0.57
OBD CLA FF . -29.80 6.71 0.47
CBD CLA FF . -28.99 4.98 -1.01
CGD CLA FF . -27.66 5.60 -1.21
O1D CLA FF . -27.45 6.76 -1.48
O2D CLA FF . -26.59 4.80 -1.06
CED CLA FF . -25.46 5.40 -0.44
C1 CLA FF . -23.27 0.71 -1.67
C2 CLA FF . -22.81 1.24 -2.98
C3 CLA FF . -21.92 0.63 -3.76
C4 CLA FF . -21.28 -0.66 -3.39
C5 CLA FF . -21.51 1.20 -5.05
C6 CLA FF . -22.18 0.45 -6.19
C7 CLA FF . -21.73 0.99 -7.52
C8 CLA FF . -22.35 2.35 -7.80
C9 CLA FF . -23.85 2.24 -7.83
C10 CLA FF . -21.85 2.86 -9.14
C11 CLA FF . -21.38 4.28 -9.01
C12 CLA FF . -21.36 4.99 -10.33
C13 CLA FF . -22.77 5.23 -10.82
C14 CLA FF . -22.75 5.94 -12.16
C15 CLA FF . -23.53 6.08 -9.83
C16 CLA FF . -24.99 6.13 -10.21
C17 CLA FF . -25.69 4.91 -9.70
C18 CLA FF . -27.04 5.32 -9.16
C19 CLA FF . -27.70 4.15 -8.49
C20 CLA FF . -27.91 5.82 -10.29
MG CLA GF . -24.61 9.36 -7.92
CHA CLA GF . -23.57 11.47 -10.42
CHB CLA GF . -21.43 8.43 -7.43
CHC CLA GF . -25.68 7.03 -5.66
CHD CLA GF . -27.95 10.15 -8.66
NA CLA GF . -22.79 9.96 -8.73
C1A CLA GF . -22.54 10.86 -9.77
C2A CLA GF . -21.03 10.96 -10.05
C3A CLA GF . -20.44 9.98 -9.05
C4A CLA GF . -21.63 9.43 -8.33
CMA CLA GF . -19.83 8.84 -9.79
CAA CLA GF . -20.40 12.34 -9.90
CBA CLA GF . -18.97 12.34 -10.43
CGA CLA GF . -18.87 12.93 -11.79
O1A CLA GF . -19.37 13.99 -12.19
O2A CLA GF . -18.09 12.22 -12.66
NB CLA GF . -23.72 8.07 -6.67
C1B CLA GF . -22.43 7.77 -6.72
C2B CLA GF . -22.13 6.57 -5.92
C3B CLA GF . -23.30 6.15 -5.41
C4B CLA GF . -24.35 7.08 -5.89
CMB CLA GF . -20.79 6.03 -5.79
CAB CLA GF . -23.46 4.95 -4.63
CBB CLA GF . -24.33 4.64 -3.69
NC CLA GF . -26.46 8.78 -7.23
C1C CLA GF . -26.66 7.84 -6.27
C2C CLA GF . -28.08 7.69 -6.03
C3C CLA GF . -28.72 8.54 -6.90
C4C CLA GF . -27.70 9.22 -7.66
CMC CLA GF . -28.65 6.80 -5.05
CAC CLA GF . -30.15 8.77 -7.01
CBC CLA GF . -30.81 7.78 -7.92
ND CLA GF . -25.61 10.57 -9.16
C1D CLA GF . -26.99 10.77 -9.40
C2D CLA GF . -27.15 11.72 -10.49
C3D CLA GF . -25.87 12.01 -10.92
C4D CLA GF . -24.94 11.27 -10.08
CMD CLA GF . -28.45 12.17 -10.94
CAD CLA GF . -25.09 12.76 -11.84
OBD CLA GF . -25.45 13.52 -12.71
CBD CLA GF . -23.61 12.42 -11.60
CGD CLA GF . -23.09 11.83 -12.88
O1D CLA GF . -23.14 12.34 -13.99
O2D CLA GF . -22.53 10.59 -12.76
CED CLA GF . -21.88 9.99 -13.88
C1 CLA GF . -16.68 12.12 -12.37
C2 CLA GF . -15.93 12.53 -13.58
C3 CLA GF . -14.84 11.90 -14.03
C4 CLA GF . -14.13 12.33 -15.25
C5 CLA GF . -14.29 10.70 -13.33
C6 CLA GF . -14.64 9.42 -14.07
C7 CLA GF . -13.50 8.43 -13.99
C8 CLA GF . -13.54 7.62 -12.72
C9 CLA GF . -12.16 7.46 -12.15
C10 CLA GF . -14.15 6.25 -13.01
C11 CLA GF . -14.60 5.56 -11.76
C12 CLA GF . -13.91 4.22 -11.59
C13 CLA GF . -13.79 3.84 -10.13
C14 CLA GF . -13.15 4.95 -9.34
C15 CLA GF . -13.07 2.51 -9.95
C16 CLA GF . -11.56 2.63 -9.93
C17 CLA GF . -10.98 2.05 -8.67
C18 CLA GF . -9.46 2.16 -8.62
C19 CLA GF . -8.82 1.32 -9.70
C20 CLA GF . -9.05 3.61 -8.75
C1 BCR HF . -18.14 1.74 19.87
C2 BCR HF . -18.13 1.28 21.31
C3 BCR HF . -16.82 0.61 21.61
C4 BCR HF . -15.69 1.59 21.48
C5 BCR HF . -15.84 2.46 20.29
C6 BCR HF . -16.93 2.54 19.54
C7 BCR HF . -17.03 3.44 18.40
C8 BCR HF . -16.71 3.08 17.15
C9 BCR HF . -16.35 4.02 16.11
C10 BCR HF . -15.48 3.64 15.18
C11 BCR HF . -15.03 4.51 14.12
C33 BCR HF . -14.63 3.26 20.03
C31 BCR HF . -19.40 2.55 19.68
C32 BCR HF . -18.22 0.48 19.02
C34 BCR HF . -16.69 5.43 16.32
C12 BCR HF . -14.18 4.03 13.22
C13 BCR HF . -14.10 4.55 11.88
C14 BCR HF . -12.99 4.33 11.16
C15 BCR HF . -12.79 4.87 9.85
C16 BCR HF . -11.62 4.67 9.24
C17 BCR HF . -11.40 5.30 7.97
C18 BCR HF . -10.27 5.21 7.26
C19 BCR HF . -10.30 5.60 5.87
C20 BCR HF . -9.20 5.66 5.13
C21 BCR HF . -9.37 5.90 3.71
C22 BCR HF . -8.44 6.38 2.89
C23 BCR HF . -8.87 6.88 1.60
C24 BCR HF . -8.03 7.41 0.71
C25 BCR HF . -8.31 7.73 -0.69
C26 BCR HF . -8.90 8.88 -1.05
C27 BCR HF . -9.21 9.31 -2.43
C28 BCR HF . -8.50 8.49 -3.48
C29 BCR HF . -8.51 7.04 -3.08
C30 BCR HF . -7.84 6.79 -1.74
C35 BCR HF . -15.22 5.29 11.30
C36 BCR HF . -9.09 4.51 7.77
C37 BCR HF . -7.02 6.03 3.08
C38 BCR HF . -9.38 9.89 -0.10
C39 BCR HF . -6.34 6.91 -1.86
C40 BCR HF . -8.12 5.33 -1.45
C1 BCR IF . -15.85 -5.36 -8.45
C2 BCR IF . -15.38 -6.61 -9.16
C3 BCR IF . -15.36 -6.54 -10.66
C4 BCR IF . -16.56 -5.82 -11.20
C5 BCR IF . -16.64 -4.48 -10.59
C6 BCR IF . -16.32 -4.25 -9.32
C7 BCR IF . -16.38 -2.90 -8.73
C8 BCR IF . -17.49 -2.39 -8.19
C9 BCR IF . -17.56 -1.25 -7.31
C10 BCR IF . -17.27 -0.03 -7.81
C11 BCR IF . -17.56 1.20 -7.14
C33 BCR IF . -17.09 -3.44 -11.52
C31 BCR IF . -14.69 -4.91 -7.62
C32 BCR IF . -16.96 -5.82 -7.53
C34 BCR IF . -18.39 -1.39 -6.10
C12 BCR IF . -17.25 2.34 -7.74
C13 BCR IF . -17.44 3.66 -7.19
C14 BCR IF . -17.22 4.72 -7.97
C15 BCR IF . -17.27 6.09 -7.52
C16 BCR IF . -16.78 7.04 -8.31
C17 BCR IF . -16.74 8.39 -7.80
C18 BCR IF . -16.40 9.46 -8.51
C19 BCR IF . -16.70 10.77 -8.00
C20 BCR IF . -16.07 11.86 -8.40
C21 BCR IF . -16.30 13.09 -7.68
C22 BCR IF . -15.83 14.28 -8.02
C23 BCR IF . -16.16 15.42 -7.19
C24 BCR IF . -15.59 16.61 -7.39
C25 BCR IF . -15.46 17.72 -6.45
C26 BCR IF . -14.48 17.76 -5.53
C27 BCR IF . -14.26 18.84 -4.56
C28 BCR IF . -14.90 20.12 -5.00
C29 BCR IF . -16.32 19.84 -5.43
C30 BCR IF . -16.43 18.85 -6.56
C35 BCR IF . -17.75 3.83 -5.77
C36 BCR IF . -15.52 9.35 -9.69
C37 BCR IF . -15.24 14.52 -9.36
C38 BCR IF . -13.47 16.70 -5.36
C39 BCR IF . -16.21 19.52 -7.90
C40 BCR IF . -17.88 18.43 -6.54
C1 LMG JF . -4.22 -5.19 23.23
O1 LMG JF . -5.59 -5.18 23.46
C2 LMG JF . -3.65 -6.07 24.34
O2 LMG JF . -3.87 -5.37 25.52
C3 LMG JF . -2.14 -6.11 24.06
O3 LMG JF . -1.61 -6.91 25.07
C4 LMG JF . -1.87 -6.76 22.68
O4 LMG JF . -2.31 -8.05 22.72
C5 LMG JF . -2.72 -5.99 21.62
O5 LMG JF . -3.96 -6.66 19.79
C6 LMG JF . -2.68 -6.78 20.32
O6 LMG JF . -4.07 -5.88 22.01
C7 LMG JF . -6.29 -4.32 22.62
C8 LMG JF . -7.36 -3.68 23.52
C9 LMG JF . -6.65 -2.69 24.42
O7 LMG JF . -8.17 -2.89 22.70
C10 LMG JF . -9.49 -3.12 22.71
O9 LMG JF . -9.93 -4.11 23.27
C11 LMG JF . -10.26 -2.10 21.98
C12 LMG JF . -11.66 -2.59 21.81
C13 LMG JF . -12.55 -1.49 21.30
C14 LMG JF . -13.65 -2.16 20.57
C15 LMG JF . -14.71 -2.49 21.53
C16 LMG JF . -15.28 -3.82 21.15
C17 LMG JF . -16.45 -4.03 22.04
C18 LMG JF . -17.53 -3.10 21.56
C19 LMG JF . -18.85 -3.76 21.84
C20 LMG JF . -19.86 -2.74 21.50
C21 LMG JF . -21.00 -2.95 22.41
C22 LMG JF . -21.57 -1.59 22.63
C23 LMG JF . -23.02 -1.76 22.89
C24 LMG JF . -23.47 -0.42 23.38
C25 LMG JF . -23.03 -0.29 24.81
O8 LMG JF . -7.61 -2.26 25.35
C28 LMG JF . -7.20 -1.33 26.23
O10 LMG JF . -6.00 -1.16 26.40
C29 LMG JF . -8.24 -0.32 26.54
C30 LMG JF . -9.54 -0.99 26.85
C31 LMG JF . -10.46 -0.65 25.74
C32 LMG JF . -11.31 0.49 26.19
C33 LMG JF . -11.41 1.42 25.01
C34 LMG JF . -12.82 1.42 24.50
C35 LMG JF . -13.62 2.27 25.47
C36 LMG JF . -13.18 3.70 25.30
C37 LMG JF . -13.90 4.25 24.12
C38 LMG JF . -13.39 5.65 24.04
C39 LMG JF . -13.22 6.02 22.58
C40 LMG JF . -12.18 7.09 22.64
C41 LMG JF . -12.47 8.11 21.57
C42 LMG JF . -13.63 8.90 22.15
C43 LMG JF . -14.08 9.90 21.12
C1 LMG KF . -10.23 -13.71 -9.43
O1 LMG KF . -11.36 -12.90 -9.35
C2 LMG KF . -9.06 -12.80 -9.00
O2 LMG KF . -8.80 -12.04 -10.11
C3 LMG KF . -7.85 -13.71 -8.80
O3 LMG KF . -6.92 -12.87 -8.23
C4 LMG KF . -8.14 -14.83 -7.81
O4 LMG KF . -8.44 -14.27 -6.59
C5 LMG KF . -9.39 -15.56 -8.30
O5 LMG KF . -10.11 -15.90 -6.17
C6 LMG KF . -9.74 -16.61 -7.27
O6 LMG KF . -10.45 -14.66 -8.42
C7 LMG KF . -12.39 -13.18 -10.28
C8 LMG KF . -13.72 -12.59 -9.71
C9 LMG KF . -13.35 -11.45 -8.80
O7 LMG KF . -14.43 -12.03 -10.78
C10 LMG KF . -15.79 -12.14 -10.83
O9 LMG KF . -16.34 -12.82 -9.97
C11 LMG KF . -16.39 -10.90 -11.36
C12 LMG KF . -17.86 -11.06 -11.46
C13 LMG KF . -18.55 -10.24 -10.42
C14 LMG KF . -19.68 -9.54 -11.11
C15 LMG KF . -19.11 -8.48 -12.02
C16 LMG KF . -19.93 -7.23 -11.93
C17 LMG KF . -21.31 -7.55 -12.45
C18 LMG KF . -22.01 -6.24 -12.74
C19 LMG KF . -23.16 -6.55 -13.65
C20 LMG KF . -24.27 -5.63 -13.26
C21 LMG KF . -24.23 -4.50 -14.26
C22 LMG KF . -25.10 -4.94 -15.40
C23 LMG KF . -26.53 -4.72 -14.98
C24 LMG KF . -27.22 -4.22 -16.21
C25 LMG KF . -27.05 -2.72 -16.26
O8 LMG KF . -14.45 -10.64 -8.62
C28 LMG KF . -14.87 -10.50 -7.38
O10 LMG KF . -14.07 -10.62 -6.47
C29 LMG KF . -16.31 -10.60 -7.27
C30 LMG KF . -16.81 -9.44 -6.51
C31 LMG KF . -17.94 -9.93 -5.69
C32 LMG KF . -19.10 -10.12 -6.60
C33 LMG KF . -19.60 -8.76 -6.89
C34 LMG KF . -20.67 -8.46 -5.91
C35 LMG KF . -21.92 -9.06 -6.49
C36 LMG KF . -22.31 -8.23 -7.67
C37 LMG KF . -22.75 -9.19 -8.74
C38 LMG KF . -23.57 -8.33 -9.65
C39 LMG KF . -24.97 -8.18 -9.12
C40 LMG KF . -25.58 -9.54 -9.32
C41 LMG KF . -25.89 -9.74 -10.76
C42 LMG KF . -27.07 -8.84 -11.00
C43 LMG KF . -27.41 -8.89 -12.45
O6 SQD LF . 1.47 -8.18 -5.07
C44 SQD LF . 0.48 -7.24 -4.73
C45 SQD LF . 0.07 -6.45 -5.95
C46 SQD LF . -0.59 -7.41 -6.92
O47 SQD LF . -0.82 -5.42 -5.60
C7 SQD LF . -0.47 -4.06 -5.81
O49 SQD LF . 0.68 -3.77 -6.04
C8 SQD LF . -1.50 -2.98 -5.55
C9 SQD LF . -0.82 -1.62 -5.46
C10 SQD LF . -1.81 -0.61 -4.91
C11 SQD LF . -2.39 0.21 -6.06
C12 SQD LF . -3.03 1.47 -5.50
C13 SQD LF . -4.03 2.03 -6.51
C14 SQD LF . -4.31 3.50 -6.19
C15 SQD LF . -5.71 3.84 -6.66
C16 SQD LF . -5.98 5.32 -6.42
O48 SQD LF . -1.72 -6.79 -7.48
C23 SQD LF . -2.53 -7.55 -8.36
O10 SQD LF . -2.52 -8.76 -8.22
C24 SQD LF . -2.86 -6.98 -9.73
C25 SQD LF . -3.19 -5.49 -9.61
C26 SQD LF . -3.96 -5.05 -10.86
C27 SQD LF . -5.44 -5.42 -10.71
C1 SQD LF . 1.43 -9.42 -4.43
C2 SQD LF . 1.32 -10.49 -5.48
O2 SQD LF . 0.04 -10.53 -5.98
C3 SQD LF . 1.62 -11.84 -4.91
O3 SQD LF . 1.82 -12.69 -5.97
C4 SQD LF . 2.85 -11.90 -4.07
O4 SQD LF . 2.92 -13.12 -3.44
C5 SQD LF . 2.82 -10.82 -3.04
C6 SQD LF . 4.18 -10.85 -2.40
O5 SQD LF . 2.56 -9.56 -3.60
S SQD LF . 4.40 -9.49 -1.27
O7 SQD LF . 5.63 -9.63 -0.52
O8 SQD LF . 3.25 -9.36 -0.37
O9 SQD LF . 4.65 -8.28 -1.99
O1 LHG MF . -35.11 18.82 25.63
C1 LHG MF . -36.11 17.85 25.41
C2 LHG MF . -37.32 18.57 24.93
O2 LHG MF . -38.00 19.16 26.01
C3 LHG MF . -38.30 17.66 24.25
O3 LHG MF . -37.49 17.15 23.23
P LHG MF . -37.93 15.85 22.44
O4 LHG MF . -39.23 15.48 23.02
O5 LHG MF . -37.45 16.06 21.06
O6 LHG MF . -36.90 14.87 23.24
C4 LHG MF . -36.26 13.87 22.58
C5 LHG MF . -35.63 13.07 23.68
C6 LHG MF . -36.31 11.74 23.84
O7 LHG MF . -34.32 12.83 23.29
C7 LHG MF . -33.46 13.79 23.65
O9 LHG MF . -33.69 14.59 24.53
C8 LHG MF . -32.17 13.59 23.01
C9 LHG MF . -31.64 12.30 23.44
C10 LHG MF . -31.22 12.39 24.86
O8 LHG MF . -35.56 11.06 24.85
C23 LHG MF . -36.22 10.09 25.54
O10 LHG MF . -37.40 9.94 25.35
C24 LHG MF . -35.60 9.45 26.77
C11 LHG MF . -29.73 12.21 24.75
C12 LHG MF . -29.33 11.16 25.71
C13 LHG MF . -27.89 11.39 26.10
C14 LHG MF . -27.58 10.80 27.44
C15 LHG MF . -27.68 9.30 27.26
C16 LHG MF . -27.72 8.65 28.62
C17 LHG MF . -26.32 8.51 29.18
C18 LHG MF . -25.77 7.34 28.42
C19 LHG MF . -24.43 6.86 28.92
C20 LHG MF . -24.06 5.76 27.93
C21 LHG MF . -24.95 4.56 28.16
C22 LHG MF . -24.54 3.48 27.18
C25 LHG MF . -34.43 8.53 26.53
C26 LHG MF . -34.40 7.27 27.39
C27 LHG MF . -33.48 6.34 26.64
C28 LHG MF . -32.04 6.77 26.56
C29 LHG MF . -31.33 5.61 25.88
C30 LHG MF . -29.97 5.26 26.42
C31 LHG MF . -28.81 6.04 25.86
C32 LHG MF . -28.75 6.13 24.35
C33 LHG MF . -28.71 7.61 23.98
C34 LHG MF . -28.93 7.91 22.52
C35 LHG MF . -29.76 9.15 22.32
C36 LHG MF . -29.10 9.95 21.21
C37 LHG MF . -30.17 10.63 20.45
C38 LHG MF . -29.67 11.67 19.50
MG CLA NF . -40.10 -13.87 -16.22
CHA CLA NF . -43.40 -13.05 -16.68
CHB CLA NF . -39.46 -10.75 -15.12
CHC CLA NF . -36.88 -14.81 -15.68
CHD CLA NF . -40.84 -17.13 -17.32
NA CLA NF . -41.28 -12.17 -15.96
C1A CLA NF . -42.64 -12.01 -16.22
C2A CLA NF . -43.11 -10.59 -15.89
C3A CLA NF . -41.79 -9.89 -15.53
C4A CLA NF . -40.76 -11.01 -15.52
CMA CLA NF . -41.43 -8.82 -16.52
CAA CLA NF . -43.99 -10.28 -14.68
CBA CLA NF . -45.01 -11.22 -14.08
CGA CLA NF . -44.32 -12.41 -13.49
O1A CLA NF . -43.25 -12.43 -12.90
O2A CLA NF . -44.97 -13.60 -13.68
NB CLA NF . -38.45 -12.93 -15.62
C1B CLA NF . -38.44 -11.69 -15.09
C2B CLA NF . -37.12 -11.43 -14.47
C3B CLA NF . -36.37 -12.56 -14.62
C4B CLA NF . -37.22 -13.54 -15.35
CMB CLA NF . -36.78 -10.17 -13.83
CAB CLA NF . -35.05 -12.84 -14.13
CBB CLA NF . -33.97 -13.11 -14.87
NC CLA NF . -39.06 -15.63 -16.49
C1C CLA NF . -37.73 -15.79 -16.24
C2C CLA NF . -37.32 -17.15 -16.56
C3C CLA NF . -38.46 -17.82 -16.99
C4C CLA NF . -39.53 -16.85 -16.96
CMC CLA NF . -35.98 -17.68 -16.40
CAC CLA NF . -38.60 -19.20 -17.41
CBC CLA NF . -39.04 -20.11 -16.29
ND CLA NF . -41.70 -14.92 -16.81
C1D CLA NF . -41.85 -16.23 -17.25
C2D CLA NF . -43.23 -16.48 -17.56
C3D CLA NF . -43.89 -15.29 -17.38
C4D CLA NF . -42.88 -14.33 -16.93
CMD CLA NF . -43.66 -17.80 -17.93
CAD CLA NF . -45.15 -14.60 -17.35
OBD CLA NF . -46.28 -15.03 -17.46
CBD CLA NF . -44.84 -13.12 -17.07
CGD CLA NF . -44.99 -12.27 -18.29
O1D CLA NF . -44.12 -12.01 -19.12
O2D CLA NF . -46.21 -11.74 -18.43
CED CLA NF . -46.27 -10.51 -19.13
C1 CLA NF . -44.68 -14.65 -12.75
C2 CLA NF . -43.71 -15.60 -13.38
C3 CLA NF . -43.21 -16.65 -12.72
C4 CLA NF . -43.60 -16.94 -11.31
C5 CLA NF . -42.26 -17.59 -13.36
C6 CLA NF . -40.81 -17.31 -13.02
C7 CLA NF . -40.25 -18.29 -12.00
C8 CLA NF . -39.11 -19.13 -12.56
C9 CLA NF . -39.48 -20.59 -12.47
C10 CLA NF . -37.83 -18.89 -11.77
C11 CLA NF . -36.74 -18.22 -12.57
C12 CLA NF . -35.39 -18.54 -11.97
C13 CLA NF . -34.31 -17.48 -12.18
C14 CLA NF . -34.86 -16.07 -12.09
C15 CLA NF . -33.56 -17.68 -13.49
C16 CLA NF . -32.49 -18.76 -13.38
C17 CLA NF . -31.13 -18.23 -13.76
C18 CLA NF . -30.08 -19.30 -13.96
C19 CLA NF . -28.73 -18.66 -14.22
C20 CLA NF . -29.95 -20.22 -12.77
C1 BCR OF . -41.97 -34.16 -5.62
C2 BCR OF . -41.81 -35.48 -4.89
C3 BCR OF . -42.99 -35.71 -3.99
C4 BCR OF . -44.27 -35.80 -4.80
C5 BCR OF . -44.30 -34.84 -5.93
C6 BCR OF . -43.29 -34.07 -6.32
C7 BCR OF . -43.38 -33.18 -7.47
C8 BCR OF . -43.68 -31.89 -7.39
C9 BCR OF . -43.09 -30.91 -8.29
C10 BCR OF . -43.83 -29.90 -8.77
C11 BCR OF . -43.26 -28.76 -9.45
C33 BCR OF . -45.61 -34.80 -6.61
C31 BCR OF . -40.82 -34.05 -6.59
C32 BCR OF . -41.82 -33.06 -4.61
C34 BCR OF . -41.62 -30.90 -8.42
C12 BCR OF . -44.07 -27.80 -9.90
C13 BCR OF . -43.98 -26.42 -9.48
C14 BCR OF . -44.56 -25.47 -10.23
C15 BCR OF . -44.94 -24.17 -9.74
C16 BCR OF . -44.80 -23.09 -10.51
C17 BCR OF . -45.01 -21.78 -9.93
C18 BCR OF . -46.04 -20.98 -10.19
C19 BCR OF . -45.88 -19.56 -9.97
C20 BCR OF . -46.85 -18.69 -10.28
C21 BCR OF . -46.79 -17.36 -9.72
C22 BCR OF . -47.63 -16.36 -10.01
C23 BCR OF . -47.11 -15.00 -10.08
C24 BCR OF . -47.50 -14.01 -9.27
C25 BCR OF . -47.18 -12.59 -9.43
C26 BCR OF . -46.00 -12.07 -9.05
C27 BCR OF . -45.60 -10.66 -9.17
C28 BCR OF . -46.43 -9.97 -10.22
C29 BCR OF . -47.87 -10.24 -9.95
C30 BCR OF . -48.24 -11.71 -10.01
C35 BCR OF . -43.53 -26.10 -8.11
C36 BCR OF . -47.40 -21.51 -10.45
C37 BCR OF . -49.09 -16.59 -10.15
C38 BCR OF . -44.90 -12.84 -8.45
C39 BCR OF . -48.60 -12.11 -11.43
C40 BCR OF . -49.53 -11.81 -9.21
O1 OEX PF . -21.45 -9.14 63.03
CA1 OEX PF . -21.32 -6.78 62.86
MN1 OEX PF . -20.25 -9.88 61.88
O2 OEX PF . -19.39 -7.34 64.26
MN2 OEX PF . -20.07 -9.32 64.52
O3 OEX PF . -18.84 -9.72 62.89
MN3 OEX PF . -18.07 -7.81 63.03
O4 OEX PF . -17.41 -5.81 63.12
MN4 OEX PF . -18.23 -5.48 61.22
O5 OEX PF . -19.58 -7.60 61.19
MG CLA QF . -37.92 8.16 86.21
CHA CLA QF . -37.93 4.77 86.65
CHB CLA QF . -34.94 7.96 84.60
CHC CLA QF . -38.08 11.51 85.58
CHD CLA QF . -41.12 8.30 87.67
NA CLA QF . -36.64 6.59 85.74
C1A CLA QF . -36.83 5.25 86.00
C2A CLA QF . -35.67 4.44 85.44
C3A CLA QF . -34.69 5.49 84.94
C4A CLA QF . -35.46 6.79 85.09
CMA CLA QF . -33.43 5.49 85.75
CAA CLA QF . -36.04 3.63 84.21
CBA CLA QF . -37.26 4.11 83.44
CGA CLA QF . -36.91 4.75 82.14
O1A CLA QF . -36.86 4.21 81.05
O2A CLA QF . -36.66 6.08 82.23
NB CLA QF . -36.73 9.48 85.29
C1B CLA QF . -35.56 9.22 84.69
C2B CLA QF . -34.99 10.46 84.12
C3B CLA QF . -35.89 11.45 84.40
C4B CLA QF . -36.99 10.84 85.15
CMB CLA QF . -33.72 10.46 83.41
CAB CLA QF . -35.99 12.86 84.13
CBB CLA QF . -35.00 13.71 83.86
NC CLA QF . -39.32 9.64 86.61
C1C CLA QF . -39.17 10.94 86.27
C2C CLA QF . -40.33 11.68 86.68
C3C CLA QF . -41.19 10.78 87.24
C4C CLA QF . -40.56 9.49 87.19
CMC CLA QF . -40.50 13.11 86.47
CAC CLA QF . -42.52 11.05 87.77
CBC CLA QF . -43.58 10.73 86.74
ND CLA QF . -39.22 6.91 87.09
C1D CLA QF . -40.51 7.08 87.62
C2D CLA QF . -41.01 5.80 88.10
C3D CLA QF . -40.05 4.88 87.79
C4D CLA QF . -38.97 5.61 87.11
CMD CLA QF . -42.27 5.61 88.78
CAD CLA QF . -39.64 3.50 87.83
OBD CLA QF . -40.19 2.55 88.36
CBD CLA QF . -38.33 3.37 87.04
CGD CLA QF . -37.25 2.69 87.80
O1D CLA QF . -36.22 3.18 88.25
O2D CLA QF . -37.48 1.38 88.03
CED CLA QF . -36.96 0.84 89.24
C1 CLA QF . -37.10 6.86 81.11
C2 CLA QF . -36.87 8.30 81.40
C3 CLA QF . -36.53 9.17 80.45
C4 CLA QF . -36.37 8.76 79.05
C5 CLA QF . -36.32 10.60 80.77
C6 CLA QF . -35.29 11.31 79.92
C7 CLA QF . -35.54 12.78 80.04
C8 CLA QF . -34.49 13.63 79.35
C9 CLA QF . -33.11 13.24 79.80
C10 CLA QF . -34.72 15.09 79.67
C11 CLA QF . -36.10 15.52 79.24
C12 CLA QF . -36.42 16.91 79.73
C13 CLA QF . -37.09 17.69 78.62
C14 CLA QF . -36.12 17.96 77.50
C15 CLA QF . -37.75 18.95 79.15
C16 CLA QF . -36.83 20.16 79.19
C17 CLA QF . -37.64 21.43 79.24
C18 CLA QF . -36.75 22.65 79.18
C19 CLA QF . -37.57 23.90 79.32
C20 CLA QF . -36.08 22.69 77.83
MG CLA RF . -44.17 4.08 75.75
CHA CLA RF . -42.24 3.24 78.43
CHB CLA RF . -45.87 1.18 76.04
CHC CLA RF . -46.03 4.95 73.05
CHD CLA RF . -42.32 7.10 75.39
NA CLA RF . -44.06 2.48 77.07
C1A CLA RF . -43.19 2.30 78.13
C2A CLA RF . -43.44 0.96 78.82
C3A CLA RF . -44.56 0.32 77.97
C4A CLA RF . -44.87 1.40 76.96
CMA CLA RF . -44.09 -0.92 77.27
CAA CLA RF . -43.94 1.08 80.25
CBA CLA RF . -45.09 2.03 80.41
CGA CLA RF . -44.72 3.06 81.42
O1A CLA RF . -43.59 3.43 81.72
O2A CLA RF . -45.76 3.65 82.07
NB CLA RF . -45.62 3.21 74.70
C1B CLA RF . -46.26 2.08 75.05
C2B CLA RF . -47.47 1.93 74.21
C3B CLA RF . -47.51 2.98 73.37
C4B CLA RF . -46.34 3.82 73.68
CMB CLA RF . -48.38 0.81 74.31
CAB CLA RF . -48.47 3.33 72.38
CBB CLA RF . -48.45 2.83 71.15
NC CLA RF . -44.15 5.71 74.47
C1C CLA RF . -45.01 5.84 73.43
C2C CLA RF . -44.73 7.03 72.69
C3C CLA RF . -43.71 7.67 73.34
C4C CLA RF . -43.33 6.84 74.47
CMC CLA RF . -45.49 7.42 71.53
CAC CLA RF . -43.06 8.89 72.93
CBC CLA RF . -41.93 8.64 71.98
ND CLA RF . -42.71 5.06 76.71
C1D CLA RF . -42.05 6.28 76.46
C2D CLA RF . -41.02 6.46 77.46
C3D CLA RF . -41.03 5.32 78.22
C4D CLA RF . -42.10 4.46 77.70
CMD CLA RF . -40.21 7.66 77.54
CAD CLA RF . -40.43 4.63 79.31
OBD CLA RF . -39.50 4.95 80.01
CBD CLA RF . -41.18 3.29 79.49
CGD CLA RF . -40.19 2.19 79.35
O1D CLA RF . -40.19 1.11 79.93
O2D CLA RF . -39.21 2.51 78.49
CED CLA RF . -38.52 1.43 77.85
C1 CLA RF . -45.51 5.01 82.50
C2 CLA RF . -46.63 5.46 83.36
C3 CLA RF . -46.79 6.72 83.79
C4 CLA RF . -45.87 7.81 83.46
C5 CLA RF . -47.95 7.09 84.64
C6 CLA RF . -47.52 7.58 86.00
C7 CLA RF . -46.90 6.45 86.78
C8 CLA RF . -46.62 6.80 88.23
C9 CLA RF . -45.66 7.95 88.30
C10 CLA RF . -45.99 5.59 88.87
C11 CLA RF . -45.78 5.72 90.35
C12 CLA RF . -45.22 4.39 90.81
C13 CLA RF . -45.13 4.28 92.31
C14 CLA RF . -43.77 3.75 92.67
C15 CLA RF . -46.19 3.33 92.83
C16 CLA RF . -46.17 3.31 94.33
C17 CLA RF . -47.56 3.29 94.91
C18 CLA RF . -47.49 3.30 96.43
C19 CLA RF . -48.83 2.96 97.04
C20 CLA RF . -47.02 4.66 96.92
MG CLA SF . -50.02 4.27 86.18
CHA CLA SF . -48.12 1.74 84.85
CHB CLA SF . -48.91 3.51 89.28
CHC CLA SF . -51.58 7.07 87.37
CHD CLA SF . -50.81 5.28 82.91
NA CLA SF . -48.79 2.78 86.94
C1A CLA SF . -48.05 1.83 86.23
C2A CLA SF . -47.24 0.97 87.18
C3A CLA SF . -47.59 1.53 88.58
C4A CLA SF . -48.50 2.68 88.26
CMA CLA SF . -48.26 0.54 89.49
CAA CLA SF . -45.74 1.05 87.05
CBA CLA SF . -45.20 2.37 86.51
CGA CLA SF . -43.81 2.07 86.09
O1A CLA SF . -43.03 1.26 86.59
O2A CLA SF . -43.35 2.82 85.04
NB CLA SF . -50.18 5.13 87.98
C1B CLA SF . -49.72 4.64 89.13
C2B CLA SF . -50.16 5.49 90.26
C3B CLA SF . -50.91 6.49 89.72
C4B CLA SF . -50.95 6.27 88.27
CMB CLA SF . -49.81 5.24 91.65
CAB CLA SF . -51.59 7.58 90.35
CBB CLA SF . -52.91 7.63 90.53
NC CLA SF . -51.10 5.81 85.30
C1C CLA SF . -51.66 6.84 85.98
C2C CLA SF . -52.28 7.76 85.05
C3C CLA SF . -52.02 7.29 83.78
C4C CLA SF . -51.27 6.06 83.95
CMC CLA SF . -52.97 8.99 85.42
CAC CLA SF . -52.36 7.92 82.52
CBC CLA SF . -51.19 8.72 82.00
ND CLA SF . -49.86 3.53 84.31
C1D CLA SF . -50.16 4.11 83.07
C2D CLA SF . -49.63 3.28 82.00
C3D CLA SF . -48.87 2.34 82.63
C4D CLA SF . -48.97 2.58 84.07
CMD CLA SF . -49.90 3.51 80.60
CAD CLA SF . -48.04 1.18 82.47
OBD CLA SF . -47.85 0.49 81.49
CBD CLA SF . -47.38 0.91 83.82
CGD CLA SF . -47.48 -0.54 84.02
O1D CLA SF . -46.56 -1.33 84.25
O2D CLA SF . -48.74 -1.03 83.88
CED CLA SF . -49.29 -1.69 85.00
C1 CLA SF . -41.98 3.23 85.20
C2 CLA SF . -41.58 4.21 84.15
C3 CLA SF . -42.00 5.47 84.10
C4 CLA SF . -42.94 6.04 85.08
C5 CLA SF . -41.54 6.38 83.02
C6 CLA SF . -41.29 7.78 83.53
C7 CLA SF . -40.28 8.53 82.69
C8 CLA SF . -40.86 9.70 81.88
C9 CLA SF . -39.91 10.86 81.87
C10 CLA SF . -42.22 10.19 82.35
C11 CLA SF . -42.89 11.01 81.28
C12 CLA SF . -43.92 10.22 80.50
C13 CLA SF . -43.38 9.79 79.14
C14 CLA SF . -43.99 10.59 78.01
C15 CLA SF . -43.62 8.30 78.94
C16 CLA SF . -45.09 8.00 78.91
C17 CLA SF . -45.35 6.54 79.11
C18 CLA SF . -46.73 6.18 78.61
C19 CLA SF . -46.72 6.27 77.13
C20 CLA SF . -46.99 4.73 78.84
MG CLA TF . -47.60 -5.93 72.31
CHA CLA TF . -47.49 -9.35 72.17
CHB CLA TF . -44.23 -5.81 72.45
CHC CLA TF . -47.71 -2.52 72.10
CHD CLA TF . -51.10 -6.07 72.07
NA CLA TF . -46.13 -7.37 72.34
C1A CLA TF . -46.28 -8.75 72.22
C2A CLA TF . -44.92 -9.43 72.22
C3A CLA TF . -43.94 -8.28 72.44
C4A CLA TF . -44.82 -7.05 72.40
CMA CLA TF . -43.24 -8.37 73.76
CAA CLA TF . -44.64 -10.00 70.84
CBA CLA TF . -44.93 -9.05 69.68
CGA CLA TF . -45.01 -9.72 68.34
O1A CLA TF . -45.27 -10.88 68.06
O2A CLA TF . -44.77 -8.86 67.31
NB CLA TF . -46.24 -4.46 72.25
C1B CLA TF . -44.93 -4.61 72.43
C2B CLA TF . -44.28 -3.30 72.63
C3B CLA TF . -45.27 -2.37 72.53
C4B CLA TF . -46.52 -3.09 72.29
CMB CLA TF . -42.86 -3.16 72.85
CAB CLA TF . -45.21 -0.95 72.63
CBB CLA TF . -44.62 -0.16 71.74
NC CLA TF . -49.13 -4.55 72.13
C1C CLA TF . -48.93 -3.21 72.03
C2C CLA TF . -50.19 -2.55 71.83
C3C CLA TF . -51.14 -3.53 71.85
C4C CLA TF . -50.49 -4.81 72.04
CMC CLA TF . -50.36 -1.12 71.64
CAC CLA TF . -52.55 -3.32 71.65
CBC CLA TF . -52.95 -3.68 70.25
ND CLA TF . -49.03 -7.34 72.24
C1D CLA TF . -50.43 -7.26 72.17
C2D CLA TF . -50.99 -8.62 72.19
C3D CLA TF . -49.91 -9.47 72.21
C4D CLA TF . -48.71 -8.62 72.21
CMD CLA TF . -52.40 -8.93 72.18
CAD CLA TF . -49.45 -10.83 72.23
OBD CLA TF . -50.09 -11.85 72.26
CBD CLA TF . -47.90 -10.80 72.18
CGD CLA TF . -47.32 -11.52 73.36
O1D CLA TF . -46.23 -12.07 73.44
O2D CLA TF . -48.14 -11.55 74.45
CED CLA TF . -47.52 -11.77 75.71
C1 CLA TF . -45.81 -8.71 66.33
C2 CLA TF . -45.43 -7.57 65.46
C3 CLA TF . -46.28 -6.87 64.70
C4 CLA TF . -47.74 -7.15 64.63
C5 CLA TF . -45.76 -5.74 63.90
C6 CLA TF . -46.46 -4.44 64.18
C7 CLA TF . -47.04 -3.92 62.90
C8 CLA TF . -47.09 -2.40 62.90
C9 CLA TF . -48.41 -1.94 62.33
C10 CLA TF . -45.91 -1.85 62.10
C11 CLA TF . -45.98 -0.35 61.96
C12 CLA TF . -45.80 0.11 60.54
C13 CLA TF . -46.73 1.26 60.21
C14 CLA TF . -47.74 0.81 59.17
C15 CLA TF . -45.94 2.48 59.77
C16 CLA TF . -46.80 3.56 59.13
C17 CLA TF . -46.99 4.77 60.00
C18 CLA TF . -46.28 6.01 59.46
C19 CLA TF . -46.55 7.21 60.33
C20 CLA TF . -46.69 6.30 58.03
MG CLA UF . -36.66 22.16 66.79
CHA CLA UF . -38.18 25.23 66.91
CHB CLA UF . -36.37 22.44 63.43
CHC CLA UF . -34.79 19.33 66.77
CHD CLA UF . -36.91 21.94 70.32
NA CLA UF . -37.27 23.58 65.40
C1A CLA UF . -37.87 24.80 65.65
C2A CLA UF . -38.12 25.55 64.34
C3A CLA UF . -37.77 24.50 63.27
C4A CLA UF . -37.08 23.41 64.07
CMA CLA UF . -38.97 23.96 62.57
CAA CLA UF . -37.21 26.76 64.20
CBA CLA UF . -35.76 26.52 64.57
CGA CLA UF . -35.39 26.85 65.97
O1A CLA UF . -35.35 27.94 66.53
O2A CLA UF . -35.05 25.75 66.69
NB CLA UF . -35.88 21.01 65.36
C1B CLA UF . -35.70 21.41 64.08
C2B CLA UF . -34.64 20.62 63.43
C3B CLA UF . -34.19 19.74 64.35
C4B CLA UF . -34.96 19.99 65.59
CMB CLA UF . -34.22 20.84 62.06
CAB CLA UF . -33.13 18.79 64.22
CBB CLA UF . -33.24 17.47 64.34
NC CLA UF . -36.04 20.85 68.28
C1C CLA UF . -35.30 19.74 68.01
C2C CLA UF . -35.05 19.02 69.22
C3C CLA UF . -35.59 19.75 70.26
C4C CLA UF . -36.22 20.92 69.65
CMC CLA UF . -34.30 17.77 69.21
CAC CLA UF . -35.60 19.39 71.68
CBC CLA UF . -34.30 19.71 72.38
ND CLA UF . -37.37 23.28 68.31
C1D CLA UF . -37.46 23.04 69.69
C2D CLA UF . -38.14 24.19 70.30
C3D CLA UF . -38.37 25.10 69.29
C4D CLA UF . -37.89 24.47 68.07
CMD CLA UF . -38.41 24.30 71.72
CAD CLA UF . -38.89 26.39 68.93
OBD CLA UF . -39.26 27.31 69.64
CBD CLA UF . -38.84 26.49 67.39
CGD CLA UF . -40.16 26.71 66.74
O1D CLA UF . -40.37 27.30 65.68
O2D CLA UF . -41.23 26.20 67.38
CED CLA UF . -42.51 26.64 66.93
C1 CLA UF . -33.71 25.78 67.20
C2 CLA UF . -33.13 24.43 67.01
C3 CLA UF . -33.22 23.47 67.93
C4 CLA UF . -33.93 23.65 69.22
C5 CLA UF . -32.62 22.15 67.69
C6 CLA UF . -31.22 22.24 67.12
C7 CLA UF . -30.92 20.93 66.45
C8 CLA UF . -29.49 20.88 65.93
C9 CLA UF . -29.32 21.88 64.82
C10 CLA UF . -29.15 19.48 65.43
C11 CLA UF . -29.44 18.42 66.45
C12 CLA UF . -28.46 18.46 67.61
C13 CLA UF . -28.99 17.99 68.97
C14 CLA UF . -30.50 17.92 69.07
C15 CLA UF . -28.48 18.89 70.07
C16 CLA UF . -27.62 18.12 71.05
C17 CLA UF . -26.77 19.05 71.89
C18 CLA UF . -25.89 18.29 72.86
C19 CLA UF . -24.98 17.33 72.13
C20 CLA UF . -25.06 19.29 73.63
MG CLA VF . -38.93 26.61 82.86
CHA CLA VF . -38.05 29.70 81.63
CHB CLA VF . -40.83 26.09 80.13
CHC CLA VF . -39.38 23.37 83.88
CHD CLA VF . -36.76 27.12 85.58
NA CLA VF . -39.41 27.76 81.20
C1A CLA VF . -38.91 29.00 80.82
C2A CLA VF . -39.50 29.42 79.48
C3A CLA VF . -40.67 28.47 79.31
C4A CLA VF . -40.27 27.33 80.25
CMA CLA VF . -41.95 29.14 79.74
CAA CLA VF . -38.66 28.94 78.31
CBA CLA VF . -37.15 29.10 78.39
CGA CLA VF . -36.43 27.90 77.84
O1A CLA VF . -36.87 26.78 77.58
O2A CLA VF . -35.10 28.12 77.65
NB CLA VF . -40.01 25.07 82.21
C1B CLA VF . -40.56 25.02 80.99
C2B CLA VF . -40.92 23.63 80.68
C3B CLA VF . -40.53 22.85 81.71
C4B CLA VF . -39.93 23.76 82.71
CMB CLA VF . -41.55 23.31 79.43
CAB CLA VF . -40.57 21.43 81.89
CBB CLA VF . -41.64 20.64 81.77
NC CLA VF . -38.27 25.50 84.49
C1C CLA VF . -38.60 24.20 84.72
C2C CLA VF . -37.98 23.73 85.92
C3C CLA VF . -37.19 24.77 86.39
C4C CLA VF . -37.38 25.88 85.47
CMC CLA VF . -38.15 22.39 86.45
CAC CLA VF . -36.35 24.78 87.59
CBC CLA VF . -34.88 24.58 87.30
ND CLA VF . -37.72 28.06 83.54
C1D CLA VF . -36.91 28.14 84.68
C2D CLA VF . -36.25 29.45 84.70
C3D CLA VF . -36.66 30.10 83.55
C4D CLA VF . -37.56 29.17 82.85
CMD CLA VF . -35.34 29.88 85.74
CAD CLA VF . -36.55 31.27 82.74
OBD CLA VF . -35.86 32.27 82.91
CBD CLA VF . -37.46 31.08 81.51
CGD CLA VF . -38.52 32.11 81.65
O1D CLA VF . -39.04 32.80 80.79
O2D CLA VF . -38.92 32.27 82.93
CED CLA VF . -40.31 32.51 83.16
C1 CLA VF . -34.24 26.97 77.52
C2 CLA VF . -32.91 27.41 78.00
C3 CLA VF . -31.94 26.59 78.45
C4 CLA VF . -32.13 25.13 78.51
C5 CLA VF . -30.64 27.11 78.92
C6 CLA VF . -30.75 28.49 79.53
C7 CLA VF . -29.41 28.97 80.07
C8 CLA VF . -29.57 30.11 81.07
C9 CLA VF . -30.46 31.20 80.51
C10 CLA VF . -28.21 30.70 81.44
C11 CLA VF . -28.31 31.71 82.57
C12 CLA VF . -28.03 31.12 83.93
C13 CLA VF . -29.31 30.89 84.73
C14 CLA VF . -29.36 31.75 85.98
C15 CLA VF . -29.55 29.41 85.07
C16 CLA VF . -28.32 28.77 85.69
C17 CLA VF . -28.08 27.37 85.16
C18 CLA VF . -26.93 27.26 84.17
C19 CLA VF . -27.41 27.38 82.74
C20 CLA VF . -25.77 28.20 84.42
MG CLA WF . -44.22 22.82 77.23
CHA CLA WF . -45.89 20.35 78.90
CHB CLA WF . -41.69 20.70 76.58
CHC CLA WF . -42.47 25.39 75.82
CHD CLA WF . -46.88 25.04 77.85
NA CLA WF . -43.88 20.83 77.68
C1A CLA WF . -44.69 19.93 78.39
C2A CLA WF . -44.02 18.56 78.48
C3A CLA WF . -42.72 18.74 77.66
C4A CLA WF . -42.76 20.19 77.27
CMA CLA WF . -41.48 18.49 78.47
CAA CLA WF . -44.79 17.42 77.83
CBA CLA WF . -44.19 16.05 78.10
CGA CLA WF . -44.42 15.64 79.52
O1A CLA WF . -45.29 14.90 79.98
O2A CLA WF . -43.50 16.18 80.38
NB CLA WF . -42.48 22.98 76.26
C1B CLA WF . -41.55 22.02 76.18
C2B CLA WF . -40.29 22.58 75.65
C3B CLA WF . -40.51 23.91 75.45
C4B CLA WF . -41.90 24.19 75.86
CMB CLA WF . -39.11 21.75 75.48
CAB CLA WF . -39.69 25.01 75.01
CBB CLA WF . -38.40 25.20 75.22
NC CLA WF . -44.62 24.82 76.88
C1C CLA WF . -43.75 25.68 76.30
C2C CLA WF . -44.32 26.99 76.24
C3C CLA WF . -45.57 26.91 76.78
C4C CLA WF . -45.76 25.54 77.20
CMC CLA WF . -43.61 28.13 75.66
CAC CLA WF . -46.52 27.99 76.95
CBC CLA WF . -46.20 28.65 78.26
ND CLA WF . -45.95 22.80 78.21
C1D CLA WF . -46.99 23.75 78.32
C2D CLA WF . -48.09 23.15 79.07
C3D CLA WF . -47.69 21.87 79.37
C4D CLA WF . -46.38 21.68 78.77
CMD CLA WF . -49.29 23.86 79.45
CAD CLA WF . -48.03 20.65 80.03
OBD CLA WF . -48.93 20.39 80.80
CBD CLA WF . -46.98 19.61 79.64
CGD CLA WF . -46.48 18.96 80.88
O1D CLA WF . -46.25 17.77 81.11
O2D CLA WF . -46.25 19.84 81.85
CED CLA WF . -44.98 19.66 82.45
C1 CLA WF . -42.47 15.35 80.94
C2 CLA WF . -41.70 16.22 81.84
C3 CLA WF . -40.52 15.93 82.39
C4 CLA WF . -39.82 14.65 82.15
C5 CLA WF . -39.84 16.90 83.29
C6 CLA WF . -38.36 17.05 83.01
C7 CLA WF . -37.86 18.36 83.60
C8 CLA WF . -36.44 18.21 84.09
C9 CLA WF . -36.41 17.23 85.23
C10 CLA WF . -35.87 19.53 84.54
C11 CLA WF . -35.09 20.20 83.43
C12 CLA WF . -35.64 21.58 83.14
C13 CLA WF . -34.55 22.63 83.09
C14 CLA WF . -33.66 22.57 84.30
C15 CLA WF . -35.17 24.01 82.99
C16 CLA WF . -34.53 24.84 81.91
C17 CLA WF . -33.51 25.79 82.49
C18 CLA WF . -34.03 27.22 82.58
C19 CLA WF . -32.93 28.14 83.05
C20 CLA WF . -34.54 27.70 81.25
MG CLA XF . -50.45 15.79 64.26
CHA CLA XF . -52.56 17.15 61.92
CHB CLA XF . -52.60 16.69 66.71
CHC CLA XF . -48.49 14.13 66.50
CHD CLA XF . -48.33 14.73 61.66
NA CLA XF . -52.26 16.80 64.29
C1A CLA XF . -52.99 17.25 63.20
C2A CLA XF . -54.29 17.88 63.66
C3A CLA XF . -54.15 17.89 65.19
C4A CLA XF . -52.93 17.05 65.43
CMA CLA XF . -53.86 19.29 65.65
CAA CLA XF . -55.46 16.97 63.30
CBA CLA XF . -55.17 15.48 63.43
CGA CLA XF . -56.18 14.59 62.79
O1A CLA XF . -57.35 14.84 62.50
O2A CLA XF . -55.69 13.34 62.54
NB CLA XF . -50.53 15.47 66.22
C1B CLA XF . -51.47 15.94 67.04
C2B CLA XF . -51.10 15.62 68.43
C3B CLA XF . -49.95 14.91 68.40
C4B CLA XF . -49.57 14.80 66.98
CMB CLA XF . -51.94 16.05 69.50
CAB CLA XF . -49.15 14.32 69.42
CBB CLA XF . -49.53 13.75 70.55
NC CLA XF . -48.72 14.67 64.11
C1C CLA XF . -48.10 14.08 65.16
C2C CLA XF . -46.96 13.35 64.70
C3C CLA XF . -46.89 13.53 63.33
C4C CLA XF . -48.01 14.37 62.96
CMC CLA XF . -46.08 12.58 65.56
CAC CLA XF . -45.90 12.99 62.41
CBC CLA XF . -46.35 11.69 61.80
ND CLA XF . -50.35 15.92 62.26
C1D CLA XF . -49.43 15.44 61.33
C2D CLA XF . -49.86 15.83 59.99
C3D CLA XF . -51.04 16.52 60.15
C4D CLA XF . -51.31 16.54 61.59
CMD CLA XF . -49.12 15.45 58.80
CAD CLA XF . -52.15 17.19 59.52
OBD CLA XF . -52.37 17.41 58.35
CBD CLA XF . -53.09 17.67 60.63
CGD CLA XF . -52.88 19.13 60.65
O1D CLA XF . -51.91 19.72 60.19
O2D CLA XF . -53.84 19.85 61.28
CED CLA XF . -53.51 21.21 61.60
C1 CLA XF . -56.67 12.29 62.50
C2 CLA XF . -56.01 10.98 62.38
C3 CLA XF . -56.00 10.21 61.28
C4 CLA XF . -56.65 10.61 60.02
C5 CLA XF . -55.30 8.91 61.27
C6 CLA XF . -54.01 9.01 60.51
C7 CLA XF . -53.61 7.66 59.96
C8 CLA XF . -52.66 6.95 60.90
C9 CLA XF . -51.24 7.15 60.45
C10 CLA XF . -53.02 5.49 60.92
C11 CLA XF . -52.40 4.77 62.09
C12 CLA XF . -51.50 3.66 61.61
C13 CLA XF . -51.46 2.47 62.56
C14 CLA XF . -52.78 1.72 62.59
C15 CLA XF . -51.07 2.92 63.96
C16 CLA XF . -49.62 3.34 63.95
C17 CLA XF . -48.73 2.15 64.21
C18 CLA XF . -47.42 2.62 64.83
C19 CLA XF . -47.71 3.29 66.14
C20 CLA XF . -46.49 1.46 65.09
MG CLA YF . -53.25 17.03 72.45
CHA CLA YF . -50.64 16.73 74.61
CHB CLA YF . -53.97 13.75 72.80
CHC CLA YF . -55.78 17.39 70.19
CHD CLA YF . -52.42 20.42 72.03
NA CLA YF . -52.42 15.50 73.55
C1A CLA YF . -51.34 15.57 74.41
C2A CLA YF . -51.06 14.21 75.01
C3A CLA YF . -52.06 13.29 74.33
C4A CLA YF . -52.90 14.23 73.50
CMA CLA YF . -51.30 12.38 73.45
CAA CLA YF . -51.38 14.17 76.49
CBA CLA YF . -50.98 12.83 77.09
CGA CLA YF . -49.50 12.81 77.21
O1A CLA YF . -48.68 13.65 76.81
O2A CLA YF . -49.02 11.71 77.83
NB CLA YF . -54.62 15.82 71.67
C1B CLA YF . -54.80 14.52 71.97
C2B CLA YF . -55.99 14.00 71.30
C3B CLA YF . -56.51 15.03 70.55
C4B CLA YF . -55.62 16.19 70.76
CMB CLA YF . -56.39 12.63 71.46
CAB CLA YF . -57.61 15.16 69.66
CBB CLA YF . -58.70 14.41 69.54
NC CLA YF . -53.96 18.61 71.31
C1C CLA YF . -54.99 18.53 70.44
C2C CLA YF . -55.17 19.80 69.80
C3C CLA YF . -54.25 20.67 70.34
C4C CLA YF . -53.49 19.91 71.29
CMC CLA YF . -56.18 20.09 68.79
CAC CLA YF . -54.04 22.07 70.00
CBC CLA YF . -52.89 22.27 69.05
ND CLA YF . -51.88 18.32 73.10
C1D CLA YF . -51.67 19.69 72.89
C2D CLA YF . -50.51 20.14 73.64
C3D CLA YF . -50.04 19.04 74.26
C4D CLA YF . -50.93 17.92 73.93
CMD CLA YF . -49.99 21.51 73.64
CAD CLA YF . -49.02 18.52 75.10
OBD CLA YF . -47.99 19.05 75.45
CBD CLA YF . -49.43 17.08 75.44
CGD CLA YF . -48.24 16.22 75.21
O1D CLA YF . -47.26 16.18 75.92
O2D CLA YF . -48.28 15.43 74.11
CED CLA YF . -47.76 15.95 72.88
C1 CLA YF . -47.59 11.62 77.94
C2 CLA YF . -47.22 12.22 79.23
C3 CLA YF . -47.35 11.62 80.41
C4 CLA YF . -47.91 10.26 80.56
C5 CLA YF . -46.94 12.31 81.67
C6 CLA YF . -48.07 13.06 82.31
C7 CLA YF . -48.05 14.52 81.88
C8 CLA YF . -49.40 15.17 81.74
C9 CLA YF . -50.52 14.18 81.44
C10 CLA YF . -49.29 16.17 80.62
C11 CLA YF . -50.59 16.77 80.19
C12 CLA YF . -50.27 17.78 79.15
C13 CLA YF . -51.52 18.48 78.71
C14 CLA YF . -52.41 17.50 78.00
C15 CLA YF . -51.14 19.62 77.80
C16 CLA YF . -51.91 20.84 78.21
C17 CLA YF . -53.02 21.08 77.22
C18 CLA YF . -53.93 22.15 77.75
C19 CLA YF . -55.23 22.13 76.97
C20 CLA YF . -53.25 23.49 77.65
MG CLA ZF . -52.18 7.63 71.36
CHA CLA ZF . -54.35 8.65 68.90
CHB CLA ZF . -50.30 10.33 70.76
CHC CLA ZF . -50.03 6.58 73.79
CHD CLA ZF . -54.08 4.71 71.78
NA CLA ZF . -52.35 9.24 70.06
C1A CLA ZF . -53.32 9.49 69.11
C2A CLA ZF . -53.02 10.79 68.38
C3A CLA ZF . -51.66 11.23 68.94
C4A CLA ZF . -51.43 10.22 70.02
CMA CLA ZF . -50.55 11.07 67.96
CAA CLA ZF . -53.99 11.83 68.80
CBA CLA ZF . -53.66 13.13 68.14
CGA CLA ZF . -54.42 13.23 66.86
O1A CLA ZF . -55.62 13.36 66.68
O2A CLA ZF . -53.60 13.16 65.81
NB CLA ZF . -50.48 8.32 72.13
C1B CLA ZF . -49.92 9.48 71.79
C2B CLA ZF . -48.76 9.77 72.65
C3B CLA ZF . -48.67 8.70 73.51
C4B CLA ZF . -49.76 7.76 73.17
CMB CLA ZF . -47.99 10.98 72.44
CAB CLA ZF . -47.76 8.39 74.56
CBB CLA ZF . -46.57 8.92 74.82
NC CLA ZF . -52.10 5.96 72.58
C1C CLA ZF . -51.14 5.72 73.50
C2C CLA ZF . -51.39 4.46 74.16
C3C CLA ZF . -52.52 3.94 73.58
C4C CLA ZF . -52.96 4.87 72.59
CMC CLA ZF . -50.58 3.88 75.22
CAC CLA ZF . -53.17 2.67 73.91
CBC CLA ZF . -52.73 1.58 72.98
ND CLA ZF . -53.86 6.84 70.62
C1D CLA ZF . -54.49 5.61 70.85
C2D CLA ZF . -55.64 5.53 69.95
C3D CLA ZF . -55.66 6.67 69.22
C4D CLA ZF . -54.49 7.44 69.63
CMD CLA ZF . -56.58 4.44 69.92
CAD CLA ZF . -56.33 7.41 68.20
OBD CLA ZF . -57.39 7.16 67.66
CBD CLA ZF . -55.48 8.66 67.90
CGD CLA ZF . -54.91 8.57 66.53
O1D CLA ZF . -55.33 9.09 65.51
O2D CLA ZF . -53.79 7.80 66.48
CED CLA ZF . -53.11 7.69 65.23
C1 CLA ZF . -53.82 12.00 64.99
C2 CLA ZF . -52.50 11.45 64.63
C3 CLA ZF . -51.76 11.96 63.65
C4 CLA ZF . -52.21 13.10 62.84
C5 CLA ZF . -50.44 11.40 63.31
C6 CLA ZF . -50.28 9.98 63.79
C7 CLA ZF . -48.88 9.50 63.47
C8 CLA ZF . -48.31 8.66 64.59
C9 CLA ZF . -46.98 8.08 64.17
C10 CLA ZF . -49.27 7.55 64.93
C11 CLA ZF . -48.87 6.87 66.22
C12 CLA ZF . -50.01 6.88 67.21
C13 CLA ZF . -49.66 6.31 68.56
C14 CLA ZF . -48.22 6.52 68.96
C15 CLA ZF . -49.95 4.83 68.63
C16 CLA ZF . -51.33 4.47 68.15
C17 CLA ZF . -51.61 3.07 68.62
C18 CLA ZF . -52.66 2.35 67.80
C19 CLA ZF . -53.07 1.11 68.54
C20 CLA ZF . -53.87 3.21 67.59
MG CLA AG . -62.11 13.05 66.62
CHA CLA AG . -64.45 15.57 66.36
CHB CLA AG . -62.38 13.14 69.98
CHC CLA AG . -59.77 10.58 66.81
CHD CLA AG . -61.93 12.93 63.10
NA CLA AG . -63.26 14.19 67.94
C1A CLA AG . -64.19 15.19 67.65
C2A CLA AG . -64.75 15.75 68.97
C3A CLA AG . -64.14 14.86 70.04
C4A CLA AG . -63.17 14.00 69.28
CMA CLA AG . -63.40 15.64 71.07
CAA CLA AG . -66.25 15.72 69.15
CBA CLA AG . -66.95 14.54 68.56
CGA CLA AG . -68.39 14.90 68.59
O1A CLA AG . -68.94 15.76 69.26
O2A CLA AG . -69.16 14.16 67.73
NB CLA AG . -61.19 12.10 68.11
C1B CLA AG . -61.47 12.25 69.42
C2B CLA AG . -60.67 11.30 70.22
C3B CLA AG . -59.93 10.58 69.34
C4B CLA AG . -60.26 11.06 67.99
CMB CLA AG . -60.78 11.22 71.67
CAB CLA AG . -59.02 9.50 69.58
CBB CLA AG . -57.93 9.61 70.33
NC CLA AG . -61.05 11.96 65.20
C1C CLA AG . -60.15 10.99 65.50
C2C CLA AG . -59.61 10.44 64.29
C3C CLA AG . -60.22 11.10 63.23
C4C CLA AG . -61.12 12.06 63.82
CMC CLA AG . -58.61 9.38 64.25
CAC CLA AG . -60.00 10.91 61.80
CBC CLA AG . -61.04 10.02 61.19
ND CLA AG . -62.99 13.94 65.05
C1D CLA AG . -62.82 13.80 63.66
C2D CLA AG . -63.68 14.77 62.97
C3D CLA AG . -64.26 15.48 63.97
C4D CLA AG . -63.83 14.94 65.25
CMD CLA AG . -63.80 14.93 61.53
CAD CLA AG . -65.14 16.56 64.23
OBD CLA AG . -65.58 17.34 63.41
CBD CLA AG . -65.34 16.64 65.77
CGD CLA AG . -64.90 17.99 66.19
O1D CLA AG . -63.90 18.59 65.83
O2D CLA AG . -65.73 18.60 67.08
CED CLA AG . -65.78 20.02 67.06
C1 CLA AG . -70.12 13.25 68.32
C2 CLA AG . -69.45 11.93 68.40
C3 CLA AG . -70.11 10.76 68.30
C4 CLA AG . -71.56 10.69 68.10
C5 CLA AG . -69.37 9.49 68.39
C6 CLA AG . -70.03 8.51 69.32
C7 CLA AG . -69.04 7.41 69.62
C8 CLA AG . -69.03 7.07 71.09
C9 CLA AG . -68.64 8.28 71.91
C10 CLA AG . -68.04 5.94 71.34
C11 CLA AG . -67.96 5.57 72.80
C12 CLA AG . -67.50 4.14 72.95
C13 CLA AG . -66.96 3.92 74.34
C14 CLA AG . -66.45 2.52 74.52
C15 CLA AG . -68.03 4.18 75.37
C16 CLA AG . -67.47 4.37 76.76
C17 CLA AG . -68.57 4.90 77.66
C18 CLA AG . -68.17 5.00 79.12
C19 CLA AG . -69.42 5.28 79.93
C20 CLA AG . -67.57 3.69 79.59
MG CLA BG . -54.95 19.16 84.65
CHA CLA BG . -54.23 16.29 82.90
CHB CLA BG . -54.34 17.56 87.54
CHC CLA BG . -55.75 22.02 86.31
CHD CLA BG . -55.78 20.73 81.61
NA CLA BG . -54.32 17.24 85.11
C1A CLA BG . -54.06 16.18 84.26
C2A CLA BG . -53.61 14.96 85.03
C3A CLA BG . -53.78 15.39 86.49
C4A CLA BG . -54.13 16.84 86.39
CMA CLA BG . -54.97 14.69 87.07
CAA CLA BG . -52.12 14.75 84.79
CBA CLA BG . -51.37 14.18 85.97
CGA CLA BG . -50.79 12.83 85.61
O1A CLA BG . -51.25 11.99 84.85
O2A CLA BG . -49.61 12.57 86.25
NB CLA BG . -54.86 19.74 86.56
C1B CLA BG . -54.72 18.90 87.60
C2B CLA BG . -55.09 19.57 88.86
C3B CLA BG . -55.49 20.83 88.53
C4B CLA BG . -55.38 20.95 87.06
CMB CLA BG . -55.07 18.90 90.15
CAB CLA BG . -56.04 21.86 89.36
CBB CLA BG . -55.55 23.08 89.56
NC CLA BG . -55.62 21.03 84.05
C1C CLA BG . -55.88 22.05 84.91
C2C CLA BG . -56.32 23.20 84.17
C3C CLA BG . -56.35 22.85 82.82
C4C CLA BG . -55.90 21.47 82.77
CMC CLA BG . -56.69 24.47 84.80
CAC CLA BG . -56.72 23.66 81.65
CBC CLA BG . -58.10 23.39 81.12
ND CLA BG . -55.11 18.66 82.71
C1D CLA BG . -55.43 19.41 81.56
C2D CLA BG . -55.32 18.56 80.38
C3D CLA BG . -54.89 17.35 80.84
C4D CLA BG . -54.75 17.47 82.29
CMD CLA BG . -55.65 19.00 79.04
CAD CLA BG . -54.53 16.00 80.49
OBD CLA BG . -54.61 15.42 79.41
CBD CLA BG . -54.03 15.32 81.78
CGD CLA BG . -54.80 14.07 82.02
O1D CLA BG . -54.39 12.92 82.02
O2D CLA BG . -56.10 14.30 82.29
CED CLA BG . -56.77 13.28 83.03
C1 CLA BG . -49.64 11.56 87.28
C2 CLA BG . -49.73 12.28 88.58
C3 CLA BG . -49.48 11.71 89.76
C4 CLA BG . -49.09 10.29 89.87
C5 CLA BG . -49.56 12.49 91.03
C6 CLA BG . -50.72 12.02 91.88
C7 CLA BG . -50.23 11.55 93.23
C8 CLA BG . -51.23 10.61 93.89
C9 CLA BG . -52.33 11.40 94.55
C10 CLA BG . -50.56 9.70 94.91
C11 CLA BG . -50.65 8.24 94.49
C12 CLA BG . -51.25 7.35 95.55
C13 CLA BG . -52.03 6.22 94.90
C14 CLA BG . -53.36 6.74 94.36
C15 CLA BG . -52.28 5.05 95.85
C16 CLA BG . -52.94 3.90 95.13
C17 CLA BG . -53.96 3.18 96.00
C18 CLA BG . -55.10 2.57 95.19
C19 CLA BG . -55.94 1.66 96.06
C20 CLA BG . -55.99 3.63 94.58
MG CLA CG . -64.63 17.29 84.70
CHA CLA CG . -67.33 19.33 85.33
CHB CLA CG . -62.62 20.00 84.47
CHC CLA CG . -61.94 15.24 84.35
CHD CLA CG . -66.72 14.50 85.09
NA CLA CG . -64.96 19.34 84.86
C1A CLA CG . -66.15 20.00 85.17
C2A CLA CG . -65.92 21.50 85.23
C3A CLA CG . -64.43 21.64 84.90
C4A CLA CG . -63.94 20.22 84.73
CMA CLA CG . -64.17 22.44 83.65
CAA CLA CG . -66.08 22.01 86.65
CBA CLA CG . -65.50 21.09 87.69
CGA CLA CG . -65.72 21.62 89.07
O1A CLA CG . -66.78 21.80 89.66
O2A CLA CG . -64.54 21.91 89.71
NB CLA CG . -62.67 17.56 84.41
C1B CLA CG . -62.04 18.75 84.31
C2B CLA CG . -60.60 18.56 84.06
C3B CLA CG . -60.38 17.21 84.03
C4B CLA CG . -61.71 16.57 84.26
CMB CLA CG . -59.71 19.71 83.94
CAB CLA CG . -59.21 16.39 83.87
CBB CLA CG . -57.93 16.74 83.92
NC CLA CG . -64.40 15.25 84.70
C1C CLA CG . -63.20 14.63 84.57
C2C CLA CG . -63.38 13.20 84.70
C3C CLA CG . -64.72 12.98 84.88
C4C CLA CG . -65.37 14.28 84.89
CMC CLA CG . -62.30 12.23 84.63
CAC CLA CG . -65.39 11.71 85.10
CBC CLA CG . -65.52 11.44 86.57
ND CLA CG . -66.57 16.92 85.06
C1D CLA CG . -67.30 15.72 85.17
C2D CLA CG . -68.71 16.03 85.39
C3D CLA CG . -68.78 17.40 85.45
C4D CLA CG . -67.41 17.91 85.27
CMD CLA CG . -69.76 15.04 85.52
CAD CLA CG . -69.65 18.54 85.63
OBD CLA CG . -70.84 18.58 85.81
CBD CLA CG . -68.74 19.80 85.60
CGD CLA CG . -69.16 20.76 84.55
O1D CLA CG . -68.54 21.13 83.55
O2D CLA CG . -70.39 21.28 84.77
CED CLA CG . -71.36 21.14 83.74
C1 CLA CG . -64.49 21.78 91.14
C2 CLA CG . -64.54 20.34 91.49
C3 CLA CG . -63.85 19.80 92.51
C4 CLA CG . -62.98 20.60 93.39
C5 CLA CG . -63.95 18.34 92.81
C6 CLA CG . -62.62 17.62 92.66
C7 CLA CG . -62.72 16.19 93.17
C8 CLA CG . -61.67 15.30 92.54
C9 CLA CG . -61.93 13.85 92.87
C10 CLA CG . -60.26 15.68 92.98
C11 CLA CG . -59.21 14.99 92.12
C12 CLA CG . -58.21 14.18 92.90
C13 CLA CG . -56.84 14.16 92.25
C14 CLA CG . -56.36 15.55 91.89
C15 CLA CG . -56.78 13.24 91.03
C16 CLA CG . -55.67 12.23 91.18
C17 CLA CG . -55.69 11.17 90.11
C18 CLA CG . -54.72 11.52 88.98
C19 CLA CG . -55.20 11.00 87.65
C20 CLA CG . -53.32 11.02 89.28
C1 BCR DG . -58.87 -5.39 93.53
C2 BCR DG . -58.70 -6.88 93.65
C3 BCR DG . -59.16 -7.54 92.38
C4 BCR DG . -60.60 -7.24 92.07
C5 BCR DG . -60.98 -5.86 92.40
C6 BCR DG . -60.20 -4.98 93.04
C7 BCR DG . -60.67 -3.63 93.35
C8 BCR DG . -60.43 -2.57 92.59
C9 BCR DG . -60.70 -1.23 93.03
C10 BCR DG . -60.48 -0.22 92.18
C11 BCR DG . -60.61 1.15 92.58
C33 BCR DG . -62.32 -5.49 91.92
C31 BCR DG . -57.74 -4.91 92.65
C32 BCR DG . -58.65 -4.84 94.93
C34 BCR DG . -61.55 -1.04 94.21
C12 BCR DG . -60.42 2.09 91.66
C13 BCR DG . -60.94 3.43 91.72
C14 BCR DG . -60.19 4.39 91.18
C15 BCR DG . -60.71 5.65 90.74
C16 BCR DG . -59.92 6.46 90.03
C17 BCR DG . -60.37 7.81 89.88
C18 BCR DG . -59.96 8.66 88.95
C19 BCR DG . -60.08 10.08 89.22
C20 BCR DG . -59.72 11.01 88.35
C21 BCR DG . -60.20 12.34 88.55
C22 BCR DG . -59.59 13.45 88.12
C23 BCR DG . -60.08 14.72 88.63
C24 BCR DG . -60.22 15.77 87.84
C25 BCR DG . -60.46 17.15 88.26
C26 BCR DG . -61.70 17.61 88.46
C27 BCR DG . -62.05 19.00 88.86
C28 BCR DG . -60.85 19.85 89.14
C29 BCR DG . -59.68 19.48 88.26
C30 BCR DG . -59.29 18.03 88.43
C35 BCR DG . -62.34 3.67 92.09
C36 BCR DG . -59.72 8.24 87.56
C37 BCR DG . -58.76 13.44 86.90
C38 BCR DG . -62.91 16.80 88.31
C39 BCR DG . -58.64 17.80 89.77
C40 BCR DG . -58.21 17.78 87.39
C1 BCR EG . -34.87 28.04 71.70
C2 BCR EG . -34.77 29.17 70.72
C3 BCR EG . -33.43 29.81 70.84
C4 BCR EG . -32.35 28.83 70.46
C5 BCR EG . -32.58 27.50 71.03
C6 BCR EG . -33.70 27.12 71.63
C7 BCR EG . -33.89 25.77 72.16
C8 BCR EG . -33.59 25.43 73.41
C9 BCR EG . -33.86 24.12 73.95
C10 BCR EG . -33.23 23.71 75.05
C11 BCR EG . -33.29 22.36 75.53
C33 BCR EG . -31.41 26.62 70.91
C31 BCR EG . -36.15 27.31 71.41
C32 BCR EG . -34.98 28.67 73.08
C34 BCR EG . -34.87 23.29 73.28
C12 BCR EG . -32.67 22.06 76.66
C13 BCR EG . -32.69 20.78 77.28
C14 BCR EG . -32.29 20.67 78.56
C15 BCR EG . -32.43 19.47 79.33
C16 BCR EG . -31.93 19.44 80.57
C17 BCR EG . -32.23 18.28 81.36
C18 BCR EG . -31.96 18.14 82.66
C19 BCR EG . -32.28 16.88 83.29
C20 BCR EG . -31.70 16.48 84.42
C21 BCR EG . -32.03 15.16 84.88
C22 BCR EG . -31.57 14.57 85.98
C23 BCR EG . -31.97 13.19 86.20
C24 BCR EG . -31.50 12.43 87.20
C25 BCR EG . -31.29 10.99 87.21
C26 BCR EG . -32.29 10.12 87.41
C27 BCR EG . -32.14 8.67 87.45
C28 BCR EG . -31.03 8.26 86.55
C29 BCR EG . -29.77 8.98 86.96
C30 BCR EG . -29.89 10.49 87.08
C35 BCR EG . -32.92 19.57 76.47
C36 BCR EG . -31.18 19.15 83.40
C37 BCR EG . -31.10 15.36 87.12
C38 BCR EG . -33.69 10.51 87.59
C39 BCR EG . -29.14 11.17 85.96
C40 BCR EG . -29.08 10.80 88.31
C1A DGD FG . -25.19 7.53 71.48
C2A DGD FG . -25.84 8.76 70.94
C3A DGD FG . -24.80 9.73 70.42
C4A DGD FG . -25.47 10.93 69.81
C5A DGD FG . -24.57 11.50 68.75
C6A DGD FG . -24.29 12.95 69.00
C7A DGD FG . -23.33 13.34 67.89
C8A DGD FG . -23.63 14.73 67.39
C9A DGD FG . -24.97 14.70 66.69
CAA DGD FG . -24.82 13.97 65.40
CBA DGD FG . -26.15 13.31 65.11
CCA DGD FG . -26.96 14.32 64.36
CDA DGD FG . -28.42 13.86 64.42
CEA DGD FG . -29.28 15.06 64.71
CFA DGD FG . -30.17 14.78 65.91
CGA DGD FG . -29.25 14.78 67.12
O1A DGD FG . -24.14 7.01 71.14
C1B DGD FG . -27.39 7.89 75.08
C2B DGD FG . -28.83 8.19 75.26
C3B DGD FG . -29.56 8.19 73.93
C4B DGD FG . -29.21 9.42 73.12
C5B DGD FG . -30.28 9.49 72.05
C6B DGD FG . -29.70 8.81 70.81
C7B DGD FG . -30.58 9.29 69.68
C8B DGD FG . -29.91 8.82 68.42
C9B DGD FG . -30.16 9.89 67.40
CAB DGD FG . -30.72 9.15 66.22
CBB DGD FG . -31.60 10.14 65.55
CCB DGD FG . -32.10 9.48 64.29
CDB DGD FG . -32.92 10.58 63.66
CEB DGD FG . -31.99 11.58 63.06
CFB DGD FG . -32.90 12.70 62.64
CGB DGD FG . -32.06 13.91 62.47
O1B DGD FG . -26.52 8.72 74.99
O1G DGD FG . -25.93 7.04 72.49
C1G DGD FG . -25.51 5.90 73.14
C2G DGD FG . -25.85 6.13 74.61
O2G DGD FG . -27.17 6.60 74.70
C3G DGD FG . -25.79 4.73 75.25
O3G DGD FG . -24.52 4.80 75.84
C1D DGD FG . -23.95 3.59 76.08
C2D DGD FG . -22.50 3.72 75.66
O2D DGD FG . -22.55 3.80 74.29
C3D DGD FG . -21.88 2.35 76.07
O3D DGD FG . -20.53 2.38 75.84
C4D DGD FG . -22.02 2.10 77.58
O4D DGD FG . -21.32 3.05 78.29
C5D DGD FG . -23.49 2.31 77.97
O5D DGD FG . -23.54 1.17 79.91
C6D DGD FG . -23.61 2.47 79.46
O6D DGD FG . -23.99 3.52 77.48
C1E DGD FG . -22.84 0.95 81.08
C2E DGD FG . -22.45 -0.54 81.13
O2E DGD FG . -21.59 -0.75 80.07
C3E DGD FG . -23.73 -1.34 80.92
O3E DGD FG . -23.36 -2.66 81.00
C4E DGD FG . -24.64 -1.05 82.11
O4E DGD FG . -23.94 -1.39 83.25
C5E DGD FG . -24.91 0.44 82.21
O6E DGD FG . -23.73 1.23 82.11
C6E DGD FG . -25.32 0.77 83.61
O5E DGD FG . -26.37 -0.09 83.83
C1A DGD GG . -49.95 -11.12 64.30
C2A DGD GG . -51.26 -11.31 63.68
C3A DGD GG . -51.99 -9.98 63.53
C4A DGD GG . -51.61 -9.33 62.21
C5A DGD GG . -50.94 -7.98 62.49
C6A DGD GG . -50.34 -7.40 61.22
C7A DGD GG . -50.59 -5.90 61.31
C8A DGD GG . -50.95 -5.36 59.95
C9A DGD GG . -50.62 -3.88 59.95
CAA DGD GG . -51.00 -3.29 58.61
CBA DGD GG . -49.94 -3.71 57.58
CCA DGD GG . -50.40 -3.20 56.24
CDA DGD GG . -51.04 -4.37 55.49
CEA DGD GG . -49.96 -5.31 55.02
CFA DGD GG . -50.53 -6.70 54.84
CGA DGD GG . -50.83 -7.24 56.21
O1A DGD GG . -49.22 -10.14 64.29
C1B DGD GG . -48.85 -9.69 68.11
C2B DGD GG . -49.71 -8.51 68.02
C3B DGD GG . -49.00 -7.36 68.58
C4B DGD GG . -49.49 -6.08 67.95
C5B DGD GG . -48.66 -5.00 68.60
C6B DGD GG . -47.27 -5.14 68.06
C7B DGD GG . -46.59 -3.90 68.49
C8B DGD GG . -45.17 -4.30 68.62
C9B DGD GG . -44.40 -3.11 68.25
CAB DGD GG . -43.17 -3.67 67.65
CBB DGD GG . -42.79 -2.59 66.73
CCB DGD GG . -41.48 -2.96 66.14
CDB DGD GG . -41.44 -1.98 65.00
CEB DGD GG . -40.71 -2.62 63.87
CFB DGD GG . -41.77 -3.48 63.23
CGB DGD GG . -41.14 -4.23 62.10
O1B DGD GG . -48.17 -9.96 69.06
O1G DGD GG . -49.78 -12.05 65.26
C1G DGD GG . -48.50 -12.28 65.76
C2G DGD GG . -48.53 -11.84 67.23
O2G DGD GG . -49.26 -10.67 67.30
C3G DGD GG . -49.34 -12.88 67.98
O3G DGD GG . -48.72 -14.07 67.62
C1D DGD GG . -48.21 -14.71 68.71
C2D DGD GG . -48.27 -16.20 68.36
O2D DGD GG . -49.57 -16.55 68.64
C3D DGD GG . -47.34 -16.92 69.38
O3D DGD GG . -47.18 -18.22 68.97
C4D DGD GG . -45.92 -16.28 69.44
O4D DGD GG . -45.33 -16.33 68.21
C5D DGD GG . -46.14 -14.78 69.71
O5D DGD GG . -44.00 -14.52 70.50
C6D DGD GG . -44.90 -13.92 69.64
O6D DGD GG . -46.88 -14.29 68.67
C1E DGD GG . -44.05 -14.10 71.81
C2E DGD GG . -42.65 -13.58 72.22
O2E DGD GG . -42.29 -12.67 71.26
C3E DGD GG . -41.64 -14.73 72.17
O3E DGD GG . -40.51 -14.25 72.81
C4E DGD GG . -42.16 -15.97 72.95
O4E DGD GG . -42.35 -15.63 74.26
C5E DGD GG . -43.54 -16.32 72.42
O6E DGD GG . -44.39 -15.23 72.55
C6E DGD GG . -44.22 -17.34 73.31
O5E DGD GG . -44.70 -16.59 74.36
C1 LMG HG . -50.31 -15.80 72.12
O1 LMG HG . -51.46 -15.03 72.06
C2 LMG HG . -49.38 -15.08 73.10
O2 LMG HG . -48.91 -14.01 72.37
C3 LMG HG . -48.17 -16.04 73.30
O3 LMG HG . -47.39 -15.45 74.26
C4 LMG HG . -48.66 -17.41 73.83
O4 LMG HG . -49.33 -17.20 75.02
C5 LMG HG . -49.70 -17.92 72.82
O5 LMG HG . -51.57 -19.30 72.85
C6 LMG HG . -50.25 -19.25 73.32
O6 LMG HG . -50.75 -17.00 72.71
C7 LMG HG . -52.02 -15.07 70.80
C8 LMG HG . -53.02 -13.93 70.74
C9 LMG HG . -52.75 -13.22 69.44
O7 LMG HG . -54.26 -14.52 70.54
C10 LMG HG . -55.09 -14.66 71.61
O9 LMG HG . -54.63 -14.94 72.71
C11 LMG HG . -56.51 -14.62 71.22
C12 LMG HG . -56.94 -13.20 70.96
C13 LMG HG . -56.88 -12.83 69.51
C14 LMG HG . -58.03 -13.55 68.84
C15 LMG HG . -58.17 -13.01 67.45
C16 LMG HG . -58.59 -11.55 67.53
C17 LMG HG . -58.67 -11.07 66.10
C18 LMG HG . -59.30 -9.70 66.14
C19 LMG HG . -58.81 -8.98 64.92
C20 LMG HG . -57.62 -8.19 65.37
C21 LMG HG . -57.85 -6.79 64.94
C22 LMG HG . -57.05 -6.65 63.69
C23 LMG HG . -57.15 -5.22 63.27
C24 LMG HG . -56.48 -5.20 61.93
C25 LMG HG . -56.44 -3.78 61.47
O8 LMG HG . -53.64 -12.15 69.37
C28 LMG HG . -53.23 -11.11 68.61
O10 LMG HG . -52.09 -11.09 68.18
C29 LMG HG . -54.33 -10.31 68.05
C30 LMG HG . -53.79 -9.40 66.99
C31 LMG HG . -53.38 -8.11 67.65
C32 LMG HG . -53.74 -7.02 66.68
C33 LMG HG . -52.57 -6.84 65.78
C34 LMG HG . -52.80 -5.62 64.94
C35 LMG HG . -51.76 -4.61 65.37
C36 LMG HG . -52.39 -3.27 65.28
C37 LMG HG . -51.32 -2.25 65.09
C38 LMG HG . -50.85 -2.04 66.50
C39 LMG HG . -50.10 -0.74 66.56
C40 LMG HG . -48.95 -1.09 67.44
C41 LMG HG . -48.43 0.16 68.04
C42 LMG HG . -47.01 -0.19 68.35
C43 LMG HG . -46.32 1.05 68.82
C1 BCR IG . -66.50 -5.47 78.52
C2 BCR IG . -66.22 -6.17 79.82
C3 BCR IG . -64.75 -6.37 79.98
C4 BCR IG . -64.10 -5.02 80.11
C5 BCR IG . -64.53 -4.12 79.03
C6 BCR IG . -65.61 -4.31 78.26
C7 BCR IG . -66.01 -3.37 77.21
C8 BCR IG . -65.54 -3.42 75.96
C9 BCR IG . -65.82 -2.40 74.98
C10 BCR IG . -65.15 -2.38 73.84
C11 BCR IG . -65.40 -1.43 72.78
C33 BCR IG . -63.63 -2.97 78.85
C31 BCR IG . -67.94 -5.01 78.58
C32 BCR IG . -66.35 -6.52 77.44
C34 BCR IG . -67.15 -1.79 75.05
C12 BCR IG . -64.97 -1.72 71.55
C13 BCR IG . -65.40 -1.02 70.36
C14 BCR IG . -65.36 -1.70 69.21
C15 BCR IG . -65.32 -1.10 67.91
C16 BCR IG . -65.34 -1.92 66.86
C17 BCR IG . -65.35 -1.35 65.54
C18 BCR IG . -65.13 -2.04 64.42
C19 BCR IG . -65.20 -1.35 63.15
C20 BCR IG . -64.41 -1.65 62.13
C21 BCR IG . -64.92 -1.54 60.79
C22 BCR IG . -64.17 -1.37 59.70
C23 BCR IG . -64.74 -0.63 58.61
C24 BCR IG . -64.44 0.66 58.42
C25 BCR IG . -64.69 1.45 57.20
C26 BCR IG . -65.86 2.04 56.96
C27 BCR IG . -66.16 2.86 55.78
C28 BCR IG . -64.91 3.56 55.32
C29 BCR IG . -63.85 2.52 55.07
C30 BCR IG . -63.55 1.62 56.26
C35 BCR IG . -65.56 0.43 70.38
C36 BCR IG . -64.49 -3.37 64.47
C37 BCR IG . -62.70 -1.42 59.81
C38 BCR IG . -67.04 1.95 57.84
C39 BCR IG . -62.35 2.12 57.04
C40 BCR IG . -63.13 0.30 55.62
C1 BCR JG . -62.48 -8.46 84.49
C2 BCR JG . -61.98 -9.68 85.22
C3 BCR JG . -61.18 -9.25 86.41
C4 BCR JG . -62.06 -8.52 87.39
C5 BCR JG . -62.94 -7.53 86.72
C6 BCR JG . -63.14 -7.47 85.40
C7 BCR JG . -64.03 -6.49 84.78
C8 BCR JG . -63.61 -5.29 84.38
C9 BCR JG . -64.48 -4.24 83.91
C10 BCR JG . -63.96 -3.04 83.65
C11 BCR JG . -64.63 -2.03 82.89
C33 BCR JG . -63.59 -6.60 87.66
C31 BCR JG . -63.43 -8.96 83.43
C32 BCR JG . -61.27 -7.86 83.82
C34 BCR JG . -65.82 -4.61 83.43
C12 BCR JG . -63.89 -1.18 82.19
C13 BCR JG . -64.41 -0.23 81.23
C14 BCR JG . -63.55 0.55 80.58
C15 BCR JG . -63.95 1.51 79.59
C16 BCR JG . -63.08 2.45 79.19
C17 BCR JG . -63.51 3.29 78.12
C18 BCR JG . -62.86 4.34 77.63
C19 BCR JG . -63.42 4.99 76.47
C20 BCR JG . -62.82 5.99 75.83
C21 BCR JG . -63.56 6.65 74.80
C22 BCR JG . -63.00 7.18 73.71
C23 BCR JG . -63.86 7.72 72.66
C24 BCR JG . -63.44 8.72 71.92
C25 BCR JG . -64.16 9.36 70.84
C26 BCR JG . -64.88 10.46 71.05
C27 BCR JG . -65.65 11.22 70.05
C28 BCR JG . -65.60 10.62 68.67
C29 BCR JG . -64.35 9.82 68.41
C30 BCR JG . -64.03 8.80 69.47
C35 BCR JG . -65.87 -0.13 81.00
C36 BCR JG . -61.46 4.63 77.96
C37 BCR JG . -61.54 7.33 73.60
C38 BCR JG . -65.03 11.07 72.39
C39 BCR JG . -62.64 8.23 69.25
C40 BCR JG . -65.01 7.65 69.23
MG CLA KG . -24.98 5.16 47.84
CHA CLA KG . -24.69 4.28 44.56
CHB CLA KG . -23.68 8.21 47.13
CHC CLA KG . -25.69 6.15 51.02
CHD CLA KG . -26.53 2.06 48.48
NA CLA KG . -24.23 6.05 46.13
C1A CLA KG . -24.25 5.53 44.85
C2A CLA KG . -23.68 6.55 43.88
C3A CLA KG . -23.10 7.64 44.78
C4A CLA KG . -23.71 7.30 46.12
CMA CLA KG . -21.60 7.55 44.83
CAA CLA KG . -24.80 7.18 43.08
CBA CLA KG . -26.17 7.23 43.74
CGA CLA KG . -27.08 8.10 42.98
O1A CLA KG . -26.88 8.54 41.86
O2A CLA KG . -28.23 8.41 43.66
NB CLA KG . -24.71 6.83 48.87
C1B CLA KG . -24.20 7.98 48.40
C2B CLA KG . -24.26 9.02 49.42
C3B CLA KG . -24.82 8.45 50.52
C4B CLA KG . -25.10 7.04 50.20
CMB CLA KG . -23.78 10.35 49.18
CAB CLA KG . -25.10 9.01 51.80
CBB CLA KG . -24.17 9.14 52.73
NC CLA KG . -25.86 4.24 49.46
C1C CLA KG . -26.05 4.82 50.67
C2C CLA KG . -26.72 3.92 51.55
C3C CLA KG . -26.98 2.76 50.82
C4C CLA KG . -26.44 2.98 49.51
CMC CLA KG . -27.09 4.22 52.92
CAC CLA KG . -27.64 1.56 51.25
CBC CLA KG . -26.72 0.64 52.01
ND CLA KG . -25.35 3.45 46.86
C1D CLA KG . -26.02 2.27 47.23
C2D CLA KG . -26.07 1.38 46.07
C3D CLA KG . -25.54 2.09 45.03
C4D CLA KG . -25.16 3.39 45.56
CMD CLA KG . -26.63 0.04 46.09
CAD CLA KG . -25.21 2.08 43.64
OBD CLA KG . -25.25 1.15 42.86
CBD CLA KG . -24.72 3.49 43.28
CGD CLA KG . -23.32 3.34 42.85
O1D CLA KG . -22.53 2.48 43.23
O2D CLA KG . -22.89 4.26 41.95
CED CLA KG . -21.49 4.41 41.82
C1 CLA KG . -28.99 9.56 43.26
C2 CLA KG . -28.15 10.76 43.54
C3 CLA KG . -28.40 11.98 43.07
C4 CLA KG . -29.58 12.21 42.22
C5 CLA KG . -27.55 13.15 43.37
C6 CLA KG . -26.09 12.90 43.04
C7 CLA KG . -25.28 12.66 44.29
C8 CLA KG . -23.78 12.55 44.04
C9 CLA KG . -23.49 11.64 42.87
C10 CLA KG . -23.09 12.03 45.27
C11 CLA KG . -21.60 12.01 45.07
C12 CLA KG . -20.90 11.64 46.34
C13 CLA KG . -19.58 12.36 46.49
C14 CLA KG . -18.96 12.08 47.84
C15 CLA KG . -19.74 13.85 46.30
C16 CLA KG . -18.41 14.53 46.32
C17 CLA KG . -18.42 15.73 47.23
C18 CLA KG . -17.03 16.30 47.30
C19 CLA KG . -17.08 17.80 47.46
C20 CLA KG . -16.27 15.65 48.43
MG CLA LG . -40.78 -7.10 42.11
CHA CLA LG . -41.29 -6.19 45.38
CHB CLA LG . -44.14 -7.05 41.58
CHC CLA LG . -40.22 -7.72 38.81
CHD CLA LG . -37.31 -6.95 42.66
NA CLA LG . -42.42 -6.73 43.31
C1A CLA LG . -42.42 -6.31 44.63
C2A CLA LG . -43.85 -6.10 45.11
C3A CLA LG . -44.70 -6.62 43.97
C4A CLA LG . -43.70 -6.80 42.85
CMA CLA LG . -45.27 -7.94 44.35
CAA CLA LG . -44.14 -4.61 45.26
CBA CLA LG . -43.39 -3.69 44.30
CGA CLA LG . -44.14 -2.43 44.13
O1A CLA LG . -45.13 -2.06 44.76
O2A CLA LG . -43.63 -1.61 43.15
NB CLA LG . -41.95 -7.32 40.50
C1B CLA LG . -43.30 -7.28 40.49
C2B CLA LG . -43.80 -7.60 39.14
C3B CLA LG . -42.70 -7.79 38.36
C4B CLA LG . -41.51 -7.63 39.21
CMB CLA LG . -45.21 -7.63 38.81
CAB CLA LG . -42.62 -8.13 36.97
CBB CLA LG . -42.37 -9.36 36.54
NC CLA LG . -39.07 -7.33 40.96
C1C CLA LG . -39.08 -7.57 39.63
C2C CLA LG . -37.72 -7.64 39.14
C3C CLA LG . -36.89 -7.41 40.24
C4C CLA LG . -37.76 -7.20 41.35
CMC CLA LG . -37.40 -7.88 37.74
CAC CLA LG . -35.42 -7.30 40.29
CBC CLA LG . -34.67 -8.58 40.05
ND CLA LG . -39.53 -6.83 43.65
C1D CLA LG . -38.13 -6.78 43.74
C2D CLA LG . -37.75 -6.53 45.14
C3D CLA LG . -38.93 -6.34 45.81
C4D CLA LG . -40.00 -6.47 44.83
CMD CLA LG . -36.39 -6.52 45.65
CAD CLA LG . -39.54 -6.08 47.07
OBD CLA LG . -39.02 -6.05 48.17
CBD CLA LG . -41.04 -5.88 46.83
CGD CLA LG . -41.69 -6.92 47.65
O1D CLA LG . -41.18 -7.96 48.02
O2D CLA LG . -42.98 -6.66 48.03
CED CLA LG . -43.67 -7.74 48.66
C1 CLA LG . -44.16 -0.27 43.06
C2 CLA LG . -45.27 -0.29 42.08
C3 CLA LG . -46.53 0.05 42.38
C4 CLA LG . -46.96 0.47 43.72
C5 CLA LG . -47.60 0.02 41.36
C6 CLA LG . -48.69 -0.97 41.73
C7 CLA LG . -48.20 -2.40 41.58
C8 CLA LG . -49.27 -3.42 41.97
C9 CLA LG . -48.64 -4.76 42.29
C10 CLA LG . -50.31 -3.56 40.86
C11 CLA LG . -51.72 -3.37 41.39
C12 CLA LG . -52.76 -4.03 40.51
C13 CLA LG . -53.73 -4.87 41.35
C14 CLA LG . -52.99 -6.02 42.00
C15 CLA LG . -54.89 -5.40 40.51
C16 CLA LG . -56.23 -4.98 41.08
C17 CLA LG . -56.68 -3.63 40.56
C18 CLA LG . -57.91 -3.74 39.67
C19 CLA LG . -57.85 -2.74 38.54
C20 CLA LG . -59.16 -3.52 40.49
CHA PHO MG . -31.96 16.44 48.78
CHB PHO MG . -28.62 13.17 47.56
CHC PHO MG . -31.91 9.60 47.70
CHD PHO MG . -35.40 12.86 48.72
NA PHO MG . -30.53 14.61 48.13
C1A PHO MG . -30.75 15.97 48.47
C2A PHO MG . -29.44 16.72 48.36
C3A PHO MG . -28.48 15.70 47.73
C4A PHO MG . -29.27 14.41 47.83
CMA PHO MG . -28.21 16.02 46.30
CAA PHO MG . -28.91 17.08 49.70
CBA PHO MG . -27.74 17.98 49.48
CGA PHO MG . -26.90 17.85 50.70
O1A PHO MG . -27.16 17.31 51.76
O2A PHO MG . -25.70 18.45 50.52
NB PHO MG . -30.52 11.63 47.73
C1B PHO MG . -29.18 11.95 47.57
C2B PHO MG . -28.48 10.66 47.39
C3B PHO MG . -29.39 9.65 47.43
C4B PHO MG . -30.73 10.26 47.63
CMB PHO MG . -27.03 10.59 47.18
CAB PHO MG . -29.23 8.24 47.27
CBB PHO MG . -28.51 7.42 48.05
NC PHO MG . -33.42 11.45 48.22
C1C PHO MG . -33.19 10.18 47.98
C2C PHO MG . -34.46 9.44 48.03
C3C PHO MG . -35.44 10.34 48.31
C4C PHO MG . -34.80 11.66 48.44
CMC PHO MG . -34.57 8.02 47.79
CAC PHO MG . -36.87 10.11 48.43
CBC PHO MG . -37.29 10.09 49.87
ND PHO MG . -33.44 14.35 48.56
C1D PHO MG . -34.80 14.14 48.80
C2D PHO MG . -35.39 15.40 49.08
C3D PHO MG . -34.33 16.34 49.11
C4D PHO MG . -33.14 15.63 48.79
CMD PHO MG . -36.79 15.66 49.33
CAD PHO MG . -33.99 17.72 49.28
OBD PHO MG . -34.71 18.69 49.46
CBD PHO MG . -32.46 17.81 49.15
CGD PHO MG . -32.14 18.80 48.10
O1D PHO MG . -31.58 19.89 48.19
O2D PHO MG . -32.54 18.37 46.88
CED PHO MG . -32.08 19.14 45.76
C1 PHO MG . -24.92 18.62 51.70
C2 PHO MG . -23.53 18.33 51.31
C3 PHO MG . -22.76 19.19 50.63
C4 PHO MG . -23.21 20.55 50.22
C5 PHO MG . -21.37 18.84 50.28
C6 PHO MG . -20.76 18.06 51.42
C7 PHO MG . -20.19 16.74 50.98
C8 PHO MG . -20.31 15.64 52.02
C9 PHO MG . -19.88 16.15 53.39
C10 PHO MG . -19.53 14.45 51.49
C11 PHO MG . -18.52 13.78 52.41
C12 PHO MG . -19.07 12.60 53.20
C13 PHO MG . -20.18 11.81 52.54
C14 PHO MG . -21.03 11.18 53.62
C15 PHO MG . -19.58 10.76 51.61
C16 PHO MG . -20.55 9.69 51.20
C17 PHO MG . -20.23 9.20 49.80
C18 PHO MG . -19.79 7.76 49.80
C19 PHO MG . -20.87 6.84 50.32
C20 PHO MG . -19.40 7.37 48.40
CHA PHO NG . -47.58 1.42 34.14
CHB PHO NG . -46.60 -1.78 37.59
CHC PHO NG . -41.94 -0.30 37.81
CHD PHO NG . -42.90 3.13 34.52
NA PHO NG . -46.84 -0.08 35.86
C1A PHO NG . -47.84 0.41 34.99
C2A PHO NG . -49.15 -0.31 35.26
C3A PHO NG . -48.81 -1.19 36.48
C4A PHO NG . -47.32 -1.00 36.63
CMA PHO NG . -49.53 -0.72 37.70
CAA PHO NG . -49.67 -1.15 34.14
CBA PHO NG . -48.56 -1.97 33.54
CGA PHO NG . -49.10 -3.16 32.81
O1A PHO NG . -48.55 -3.83 31.94
O2A PHO NG . -50.36 -3.48 33.24
NB PHO NG . -44.33 -0.83 37.36
C1B PHO NG . -45.28 -1.70 37.87
C2B PHO NG . -44.56 -2.57 38.83
C3B PHO NG . -43.26 -2.16 38.89
C4B PHO NG . -43.08 -1.02 37.96
CMB PHO NG . -45.30 -3.60 39.57
CAB PHO NG . -42.15 -2.57 39.69
CBB PHO NG . -41.84 -3.80 40.10
NC PHO NG . -42.69 1.29 36.13
C1C PHO NG . -41.77 0.82 36.94
C2C PHO NG . -40.54 1.65 36.82
C3C PHO NG . -40.81 2.63 35.89
C4C PHO NG . -42.20 2.41 35.43
CMC PHO NG . -39.34 1.42 37.60
CAC PHO NG . -39.95 3.73 35.44
CBC PHO NG . -39.41 3.58 34.04
ND PHO NG . -45.07 1.91 34.55
C1D PHO NG . -44.23 2.92 34.08
C2D PHO NG . -44.96 3.69 33.15
C3D PHO NG . -46.25 3.14 33.10
C4D PHO NG . -46.29 2.06 34.03
CMD PHO NG . -44.44 4.83 32.40
CAD PHO NG . -47.56 3.28 32.54
OBD PHO NG . -47.98 4.10 31.75
CBD PHO NG . -48.46 2.18 33.19
CGD PHO NG . -49.57 2.87 33.89
O1D PHO NG . -50.70 3.13 33.51
O2D PHO NG . -49.18 3.25 35.12
CED PHO NG . -50.22 3.55 36.06
C1 PHO NG . -51.12 -4.44 32.47
C2 PHO NG . -50.79 -5.79 32.99
C3 PHO NG . -50.27 -6.75 32.21
C4 PHO NG . -50.02 -6.54 30.78
C5 PHO NG . -49.93 -8.10 32.74
C6 PHO NG . -48.50 -8.46 32.41
C7 PHO NG . -47.93 -9.51 33.33
C8 PHO NG . -46.48 -9.32 33.73
C9 PHO NG . -45.65 -8.61 32.68
C10 PHO NG . -45.85 -10.68 34.00
C11 PHO NG . -46.62 -11.51 35.00
C12 PHO NG . -46.35 -11.02 36.40
C13 PHO NG . -47.39 -11.52 37.39
C14 PHO NG . -48.74 -10.98 37.00
C15 PHO NG . -47.04 -11.07 38.81
C16 PHO NG . -45.60 -11.31 39.18
C17 PHO NG . -45.35 -11.20 40.67
C18 PHO NG . -43.89 -10.94 41.05
C19 PHO NG . -43.59 -11.40 42.45
C20 PHO NG . -42.89 -11.57 40.10
C2 PL9 OG . -52.38 11.28 36.57
C3 PL9 OG . -51.09 11.65 36.35
C4 PL9 OG . -50.78 12.92 35.77
C5 PL9 OG . -51.86 13.79 35.44
C6 PL9 OG . -53.18 13.42 35.68
C1 PL9 OG . -53.46 12.14 36.26
C7 PL9 OG . -50.02 10.72 36.69
C8 PL9 OG . -50.39 9.62 37.60
C9 PL9 OG . -49.90 9.51 38.84
C10 PL9 OG . -48.73 10.28 39.27
C11 PL9 OG . -50.77 8.96 39.92
C12 PL9 OG . -52.04 8.27 39.36
C13 PL9 OG . -51.75 6.81 39.32
C14 PL9 OG . -52.26 5.94 40.19
C15 PL9 OG . -53.10 6.36 41.34
C16 PL9 OG . -52.05 4.48 40.09
C17 PL9 OG . -53.31 3.68 39.75
C18 PL9 OG . -52.93 2.29 39.31
C19 PL9 OG . -53.74 1.22 39.25
C20 PL9 OG . -55.12 1.27 39.74
C21 PL9 OG . -53.21 -0.05 38.66
C22 PL9 OG . -54.13 -0.65 37.58
C23 PL9 OG . -53.99 -2.14 37.63
C24 PL9 OG . -54.19 -2.92 36.55
C25 PL9 OG . -54.37 -2.38 35.19
C26 PL9 OG . -53.76 -4.34 36.65
C27 PL9 OG . -54.97 -5.30 36.72
C28 PL9 OG . -55.21 -5.91 35.38
C29 PL9 OG . -54.95 -7.20 35.13
C30 PL9 OG . -54.11 -8.03 36.01
C31 PL9 OG . -55.52 -7.94 33.99
C32 PL9 OG . -56.04 -7.03 32.88
C33 PL9 OG . -57.34 -7.62 32.46
C34 PL9 OG . -58.51 -7.08 32.73
C35 PL9 OG . -58.73 -6.02 33.73
C36 PL9 OG . -59.60 -7.36 31.79
C37 PL9 OG . -60.50 -8.41 32.39
C38 PL9 OG . -60.77 -9.34 31.28
C39 PL9 OG . -60.76 -10.65 31.44
C40 PL9 OG . -59.69 -11.30 32.25
C41 PL9 OG . -62.04 -11.31 31.24
C42 PL9 OG . -61.85 -12.48 30.30
C43 PL9 OG . -62.67 -13.61 30.80
C44 PL9 OG . -63.69 -14.11 30.13
C45 PL9 OG . -64.24 -13.46 28.93
C46 PL9 OG . -64.40 -15.34 30.57
C47 PL9 OG . -64.11 -16.55 29.66
C48 PL9 OG . -65.38 -16.88 28.98
C49 PL9 OG . -65.64 -16.55 27.72
C50 PL9 OG . -66.84 -15.74 27.45
C51 PL9 OG . -65.00 -17.18 26.55
C52 PL9 OG . -51.52 15.10 34.86
C53 PL9 OG . -54.31 14.25 35.38
O1 PL9 OG . -49.59 13.21 35.58
O2 PL9 OG . -54.59 11.73 36.51
MG CLA PG . -30.47 -3.71 41.80
CHA CLA PG . -32.01 -4.71 38.91
CHB CLA PG . -31.82 -0.64 41.46
CHC CLA PG . -29.27 -2.89 44.89
CHD CLA PG . -29.31 -6.99 42.25
NA CLA PG . -31.64 -2.82 40.36
C1A CLA PG . -32.21 -3.41 39.24
C2A CLA PG . -33.04 -2.41 38.49
C3A CLA PG . -32.67 -1.08 39.13
C4A CLA PG . -32.02 -1.52 40.42
CMA CLA PG . -31.70 -0.40 38.24
CAA CLA PG . -34.46 -2.65 38.93
CBA CLA PG . -35.26 -3.22 37.82
CGA CLA PG . -36.61 -2.63 37.95
O1A CLA PG . -36.89 -1.44 37.98
O2A CLA PG . -37.58 -3.56 38.05
NB CLA PG . -30.44 -2.04 42.91
C1B CLA PG . -31.21 -0.96 42.66
C2B CLA PG . -31.25 -0.08 43.86
C3B CLA PG . -30.53 -0.72 44.84
C4B CLA PG . -30.01 -1.97 44.24
CMB CLA PG . -31.99 1.17 43.84
CAB CLA PG . -30.24 -0.42 46.21
CBB CLA PG . -29.96 0.78 46.71
NC CLA PG . -29.39 -4.73 43.25
C1C CLA PG . -28.97 -4.19 44.41
C2C CLA PG . -28.23 -5.17 45.17
C3C CLA PG . -28.31 -6.35 44.47
C4C CLA PG . -29.04 -6.06 43.26
CMC CLA PG . -27.62 -4.93 46.46
CAC CLA PG . -27.75 -7.62 44.90
CBC CLA PG . -26.53 -8.05 44.15
ND CLA PG . -30.54 -5.45 40.83
C1D CLA PG . -30.01 -6.72 41.12
C2D CLA PG . -30.37 -7.63 40.04
C3D CLA PG . -31.13 -6.92 39.17
C4D CLA PG . -31.21 -5.57 39.71
CMD CLA PG . -29.99 -9.02 39.97
CAD CLA PG . -31.86 -6.94 37.95
OBD CLA PG . -32.02 -7.86 37.18
CBD CLA PG . -32.46 -5.54 37.75
CGD CLA PG . -31.91 -5.04 36.47
O1D CLA PG . -30.80 -4.54 36.29
O2D CLA PG . -32.74 -5.18 35.43
CED CLA PG . -32.43 -4.46 34.23
C1 CLA PG . -38.92 -3.08 37.89
C2 CLA PG . -39.67 -4.17 37.24
C3 CLA PG . -40.00 -4.14 35.94
C4 CLA PG . -39.65 -3.00 35.09
C5 CLA PG . -40.76 -5.23 35.32
C6 CLA PG . -41.96 -4.72 34.58
C7 CLA PG . -43.09 -4.46 35.54
C8 CLA PG . -44.41 -4.91 34.97
C9 CLA PG . -44.86 -3.98 33.88
C10 CLA PG . -45.44 -4.94 36.08
C11 CLA PG . -46.79 -5.40 35.61
C12 CLA PG . -47.65 -5.73 36.79
C13 CLA PG . -49.10 -5.74 36.37
C14 CLA PG . -49.79 -4.48 36.84
C15 CLA PG . -49.81 -6.96 36.90
C16 CLA PG . -49.76 -7.02 38.41
C17 CLA PG . -51.01 -7.63 38.98
C18 CLA PG . -50.82 -9.09 39.39
C19 CLA PG . -52.11 -9.66 39.93
C20 CLA PG . -49.73 -9.21 40.44
MG CLA QG . -51.93 -18.45 23.99
CHA CLA QG . -49.40 -20.78 24.14
CHB CLA QG . -49.91 -16.33 22.30
CHC CLA QG . -54.55 -16.30 23.66
CHD CLA QG . -54.02 -20.69 25.71
NA CLA QG . -49.96 -18.55 23.35
C1A CLA QG . -49.09 -19.63 23.47
C2A CLA QG . -47.74 -19.28 22.84
C3A CLA QG . -47.91 -17.83 22.37
C4A CLA QG . -49.37 -17.53 22.68
CMA CLA QG . -47.00 -16.91 23.11
CAA CLA QG . -47.39 -20.12 21.63
CBA CLA QG . -48.59 -20.37 20.75
CGA CLA QG . -48.11 -20.70 19.38
O1A CLA QG . -47.10 -21.31 19.05
O2A CLA QG . -48.95 -20.24 18.41
NB CLA QG . -52.17 -16.65 23.16
C1B CLA QG . -51.23 -15.94 22.52
C2B CLA QG . -51.80 -14.67 22.04
C3B CLA QG . -53.11 -14.66 22.43
C4B CLA QG . -53.37 -15.92 23.13
CMB CLA QG . -51.03 -13.69 21.30
CAB CLA QG . -54.13 -13.68 22.23
CBB CLA QG . -54.58 -13.27 21.05
NC CLA QG . -53.92 -18.49 24.58
C1C CLA QG . -54.82 -17.51 24.32
C2C CLA QG . -56.10 -17.88 24.86
C3C CLA QG . -55.96 -19.11 25.46
C4C CLA QG . -54.58 -19.49 25.26
CMC CLA QG . -57.30 -17.04 24.77
CAC CLA QG . -56.97 -19.90 26.15
CBC CLA QG . -57.57 -20.98 25.28
ND CLA QG . -51.80 -20.29 24.78
C1D CLA QG . -52.73 -21.07 25.48
C2D CLA QG . -52.08 -22.30 25.92
C3D CLA QG . -50.81 -22.26 25.42
C4D CLA QG . -50.69 -20.98 24.71
CMD CLA QG . -52.75 -23.33 26.70
CAD CLA QG . -49.54 -22.91 25.33
OBD CLA QG . -49.20 -23.98 25.80
CBD CLA QG . -48.61 -22.00 24.51
CGD CLA QG . -47.48 -21.58 25.38
O1D CLA QG . -47.19 -20.43 25.72
O2D CLA QG . -46.69 -22.56 25.85
CED CLA QG . -45.85 -22.23 26.96
C1 CLA QG . -49.33 -21.14 17.37
C2 CLA QG . -50.49 -20.49 16.72
C3 CLA QG . -50.38 -19.55 15.78
C4 CLA QG . -49.07 -19.07 15.27
C5 CLA QG . -51.61 -18.94 15.20
C6 CLA QG . -51.49 -18.59 13.74
C7 CLA QG . -52.85 -18.50 13.09
C8 CLA QG . -52.69 -18.46 11.58
C9 CLA QG . -52.14 -17.13 11.14
C10 CLA QG . -54.01 -18.74 10.90
C11 CLA QG . -54.30 -20.22 10.91
C12 CLA QG . -55.31 -20.60 9.87
C13 CLA QG . -55.41 -22.10 9.76
C14 CLA QG . -54.24 -22.66 8.98
C15 CLA QG . -56.73 -22.51 9.13
C16 CLA QG . -57.85 -22.50 10.17
C17 CLA QG . -59.19 -22.81 9.55
C18 CLA QG . -60.33 -22.55 10.52
C19 CLA QG . -61.66 -22.88 9.86
C20 CLA QG . -60.33 -21.13 11.01
C2 PL9 RG . -37.69 21.56 41.71
C3 PL9 RG . -36.74 22.47 41.43
C4 PL9 RG . -37.08 23.71 40.96
C5 PL9 RG . -38.41 23.99 40.76
C6 PL9 RG . -39.37 23.09 41.03
C1 PL9 RG . -39.03 21.85 41.51
C7 PL9 RG . -35.35 22.18 41.64
C8 PL9 RG . -35.02 20.80 41.94
C9 PL9 RG . -33.77 20.40 42.03
C10 PL9 RG . -32.70 21.28 42.44
C11 PL9 RG . -33.38 19.32 41.15
C12 PL9 RG . -33.24 18.04 41.94
C13 PL9 RG . -32.69 17.05 41.00
C14 PL9 RG . -31.48 16.53 41.08
C15 PL9 RG . -30.46 17.11 41.92
C16 PL9 RG . -31.20 15.14 40.71
C17 PL9 RG . -30.78 14.94 39.28
C18 PL9 RG . -30.59 13.49 39.03
C19 PL9 RG . -29.47 12.93 38.57
C20 PL9 RG . -28.36 13.76 38.06
C21 PL9 RG . -29.53 11.52 38.18
C22 PL9 RG . -29.24 11.33 36.69
C23 PL9 RG . -29.18 9.88 36.44
C24 PL9 RG . -29.07 9.40 35.21
C25 PL9 RG . -29.26 10.19 34.01
C26 PL9 RG . -28.93 7.97 35.04
C27 PL9 RG . -27.65 7.69 34.28
C28 PL9 RG . -26.50 8.07 35.13
C29 PL9 RG . -25.37 8.55 34.64
C30 PL9 RG . -25.18 8.76 33.20
C31 PL9 RG . -24.11 8.52 35.38
C32 PL9 RG . -24.28 8.19 36.84
C33 PL9 RG . -22.95 7.71 37.23
C34 PL9 RG . -22.66 7.27 38.44
C35 PL9 RG . -23.63 6.86 39.42
C36 PL9 RG . -21.29 7.48 38.88
C37 PL9 RG . -21.30 8.57 39.91
C38 PL9 RG . -19.97 8.49 40.55
C39 PL9 RG . -19.40 9.51 41.13
C40 PL9 RG . -20.05 10.80 41.24
C41 PL9 RG . -18.08 9.31 41.72
C42 PL9 RG . -18.24 9.29 43.20
C43 PL9 RG . -17.09 8.59 43.78
C44 PL9 RG . -16.47 9.02 44.85
C45 PL9 RG . -16.12 8.13 45.95
C46 PL9 RG . -16.40 10.43 45.18
C47 PL9 RG . -14.97 10.88 45.31
C48 PL9 RG . -15.01 12.34 45.14
C49 PL9 RG . -14.13 13.14 45.69
C50 PL9 RG . -14.12 14.53 45.19
C51 PL9 RG . -12.97 12.71 46.48
C52 PL9 RG . -38.71 25.30 40.27
C53 PL9 RG . -40.77 23.32 40.85
O1 PL9 RG . -36.19 24.51 40.72
O2 PL9 RG . -39.85 21.00 41.76
O1 LHG SG . -31.61 23.93 28.96
C1 LHG SG . -32.82 23.90 29.70
C2 LHG SG . -33.41 25.28 29.67
O2 LHG SG . -32.44 26.23 29.32
C3 LHG SG . -33.97 25.74 30.98
O3 LHG SG . -32.98 25.32 31.88
P LHG SG . -33.00 25.87 33.39
O4 LHG SG . -32.09 27.04 33.43
O5 LHG SG . -34.39 25.67 33.82
O6 LHG SG . -32.06 24.68 34.03
C4 LHG SG . -31.17 25.03 35.04
C5 LHG SG . -30.38 23.78 35.31
C6 LHG SG . -28.90 24.04 35.25
O7 LHG SG . -30.64 23.49 36.63
C7 LHG SG . -31.05 22.24 36.81
O9 LHG SG . -31.86 21.73 36.10
C8 LHG SG . -30.21 21.56 37.79
C9 LHG SG . -31.07 20.67 38.63
C10 LHG SG . -30.46 19.29 38.78
O8 LHG SG . -28.32 22.75 35.34
C23 LHG SG . -26.99 22.68 35.55
O10 LHG SG . -26.33 23.68 35.56
C24 LHG SG . -26.41 21.43 36.13
C11 LHG SG . -29.13 19.51 39.45
C12 LHG SG . -28.22 18.42 39.05
C13 LHG SG . -27.24 18.20 40.17
C14 LHG SG . -26.69 16.82 40.16
C15 LHG SG . -25.84 16.73 41.40
C16 LHG SG . -24.42 16.91 40.99
C17 LHG SG . -23.91 15.65 40.36
C18 LHG SG . -22.43 15.87 40.34
C19 LHG SG . -21.75 15.62 41.66
C20 LHG SG . -20.42 15.05 41.21
C21 LHG SG . -19.45 15.04 42.34
C22 LHG SG . -18.34 14.09 41.98
C25 LHG SG . -25.04 21.59 36.70
C26 LHG SG . -24.64 20.62 37.80
C27 LHG SG . -24.29 21.48 38.97
C28 LHG SG . -25.07 21.21 40.23
C29 LHG SG . -24.38 21.97 41.33
C30 LHG SG . -24.30 21.27 42.66
C31 LHG SG . -24.62 22.11 43.87
C32 LHG SG . -23.62 22.05 45.00
C33 LHG SG . -23.69 23.38 45.72
C34 LHG SG . -23.83 23.31 47.22
C35 LHG SG . -24.85 24.31 47.72
C36 LHG SG . -24.27 25.04 48.91
C37 LHG SG . -24.42 24.13 50.09
C38 LHG SG . -23.30 24.25 51.09
C1 LMG TG . -50.74 -18.94 53.58
O1 LMG TG . -51.63 -17.90 53.38
C2 LMG TG . -50.28 -18.86 55.03
O2 LMG TG . -49.56 -17.68 55.12
C3 LMG TG . -49.28 -20.04 55.11
O3 LMG TG . -48.83 -20.03 56.42
C4 LMG TG . -50.01 -21.38 54.86
O4 LMG TG . -50.95 -21.58 55.84
C5 LMG TG . -50.77 -21.26 53.51
O5 LMG TG . -50.84 -23.54 53.37
C6 LMG TG . -51.69 -22.44 53.41
O6 LMG TG . -51.55 -20.09 53.49
C7 LMG TG . -52.01 -17.78 52.05
C8 LMG TG . -51.52 -16.42 51.63
C9 LMG TG . -52.53 -15.79 50.68
O7 LMG TG . -51.54 -15.61 52.77
C10 LMG TG . -50.41 -14.97 53.10
O9 LMG TG . -49.35 -15.30 52.58
C11 LMG TG . -50.58 -14.14 54.33
C12 LMG TG . -50.22 -12.72 54.02
C13 LMG TG . -51.06 -12.19 52.89
C14 LMG TG . -50.41 -10.92 52.42
C15 LMG TG . -51.10 -10.48 51.17
C16 LMG TG . -50.88 -9.00 50.99
C17 LMG TG . -49.45 -8.83 50.56
C18 LMG TG . -49.38 -7.56 49.76
C19 LMG TG . -49.86 -7.88 48.36
C20 LMG TG . -50.87 -6.82 48.01
C21 LMG TG . -51.42 -7.15 46.65
C22 LMG TG . -52.36 -6.02 46.34
C23 LMG TG . -53.55 -6.61 45.63
C24 LMG TG . -54.44 -5.44 45.31
C25 LMG TG . -55.68 -5.96 44.67
O8 LMG TG . -51.84 -14.75 50.02
C28 LMG TG . -52.41 -14.26 48.90
O10 LMG TG . -53.47 -14.72 48.52
C29 LMG TG . -51.85 -12.95 48.49
C30 LMG TG . -51.90 -12.76 46.98
C31 LMG TG . -51.90 -11.27 46.70
C32 LMG TG . -52.27 -11.08 45.24
C33 LMG TG . -53.70 -10.56 45.21
C34 LMG TG . -53.94 -9.87 43.87
C35 LMG TG . -55.45 -9.70 43.67
C36 LMG TG . -55.65 -9.24 42.26
C37 LMG TG . -56.90 -9.89 41.70
C38 LMG TG . -57.84 -8.71 41.53
C39 LMG TG . -59.08 -8.94 42.35
C40 LMG TG . -60.00 -7.87 41.82
C41 LMG TG . -61.22 -7.78 42.70
C42 LMG TG . -62.32 -7.47 41.71
C43 LMG TG . -63.57 -7.10 42.48
C1 BCR UG . -56.35 -21.50 31.60
C2 BCR UG . -55.65 -22.74 31.11
C3 BCR UG . -54.18 -22.45 30.97
C4 BCR UG . -53.59 -22.14 32.32
C5 BCR UG . -54.46 -21.29 33.14
C6 BCR UG . -55.72 -20.96 32.83
C7 BCR UG . -56.55 -20.13 33.72
C8 BCR UG . -56.66 -18.82 33.59
C9 BCR UG . -57.57 -18.04 34.40
C10 BCR UG . -57.22 -17.75 35.65
C11 BCR UG . -57.83 -16.71 36.44
C33 BCR UG . -53.81 -20.79 34.36
C31 BCR UG . -57.79 -21.88 31.83
C32 BCR UG . -56.30 -20.50 30.47
C34 BCR UG . -58.99 -18.01 34.01
C12 BCR UG . -57.46 -16.59 37.71
C13 BCR UG . -57.58 -15.40 38.51
C14 BCR UG . -57.13 -15.45 39.77
C15 BCR UG . -57.45 -14.51 40.80
C16 BCR UG . -57.00 -14.73 42.04
C17 BCR UG . -57.27 -13.75 43.05
C18 BCR UG . -56.91 -13.82 44.34
C19 BCR UG . -56.96 -12.60 45.11
C20 BCR UG . -56.69 -12.58 46.42
C21 BCR UG . -56.71 -11.31 47.10
C22 BCR UG . -56.17 -11.07 48.29
C23 BCR UG . -55.84 -9.70 48.63
C24 BCR UG . -55.90 -9.23 49.88
C25 BCR UG . -56.33 -7.89 50.28
C26 BCR UG . -57.62 -7.59 50.47
C27 BCR UG . -58.14 -6.28 50.89
C28 BCR UG . -57.11 -5.47 51.61
C29 BCR UG . -55.84 -5.48 50.81
C30 BCR UG . -55.27 -6.85 50.53
C35 BCR UG . -57.77 -14.10 37.86
C36 BCR UG . -56.82 -15.09 45.07
C37 BCR UG . -55.72 -12.17 49.16
C38 BCR UG . -58.72 -8.54 50.27
C39 BCR UG . -54.39 -7.32 51.66
C40 BCR UG . -54.34 -6.63 49.34
CHA HEM VG . -74.22 -7.88 38.37
CHB HEM VG . -75.03 -12.60 38.53
CHC HEM VG . -70.85 -13.39 40.71
CHD HEM VG . -70.84 -8.71 41.63
C1A HEM VG . -74.77 -9.10 38.14
C2A HEM VG . -75.91 -9.41 37.29
C3A HEM VG . -76.10 -10.72 37.36
C4A HEM VG . -75.12 -11.28 38.23
CMA HEM VG . -77.20 -11.52 36.63
CAA HEM VG . -76.79 -8.46 36.44
CBA HEM VG . -77.42 -7.26 37.16
CGA HEM VG . -78.08 -7.58 38.48
O1A HEM VG . -77.39 -7.90 39.47
O2A HEM VG . -79.33 -7.49 38.53
C1B HEM VG . -73.90 -13.19 39.01
C2B HEM VG . -73.58 -14.58 38.82
C3B HEM VG . -72.41 -14.81 39.44
C4B HEM VG . -71.99 -13.56 40.01
CMB HEM VG . -74.52 -15.51 38.03
CAB HEM VG . -71.53 -16.06 39.61
CBB HEM VG . -71.71 -17.27 39.06
C1C HEM VG . -70.48 -12.15 41.16
C2C HEM VG . -69.30 -11.86 41.92
C3C HEM VG . -69.30 -10.54 42.15
C4C HEM VG . -70.49 -10.01 41.56
CMC HEM VG . -68.26 -12.94 42.28
CAC HEM VG . -68.35 -9.60 42.90
CBC HEM VG . -67.47 -9.94 43.86
C1D HEM VG . -71.61 -8.09 40.70
C2D HEM VG . -71.43 -6.74 40.24
C3D HEM VG . -72.36 -6.49 39.33
C4D HEM VG . -73.17 -7.68 39.20
CMD HEM VG . -70.35 -5.76 40.73
CAD HEM VG . -72.53 -5.15 38.60
CBD HEM VG . -72.12 -5.31 37.13
CGD HEM VG . -72.45 -4.06 36.36
O1D HEM VG . -73.17 -4.16 35.33
O2D HEM VG . -71.97 -2.96 36.75
NA HEM VG . -74.31 -10.26 38.69
NB HEM VG . -72.91 -12.59 39.74
NC HEM VG . -71.20 -11.00 40.97
ND HEM VG . -72.67 -8.66 40.03
FE HEM VG . -72.60 -10.62 39.60
C1 BCR WG . -45.68 -31.97 5.54
C2 BCR WG . -45.50 -33.46 5.68
C3 BCR WG . -44.10 -33.83 5.29
C4 BCR WG . -43.11 -33.19 6.23
C5 BCR WG . -43.48 -31.79 6.56
C6 BCR WG . -44.63 -31.20 6.25
C7 BCR WG . -44.95 -29.83 6.62
C8 BCR WG . -44.69 -28.77 5.85
C9 BCR WG . -45.27 -27.46 6.09
C10 BCR WG . -44.76 -26.40 5.45
C11 BCR WG . -45.30 -25.07 5.57
C33 BCR WG . -42.41 -31.09 7.29
C31 BCR WG . -47.05 -31.63 6.06
C32 BCR WG . -45.65 -31.65 4.05
C34 BCR WG . -46.49 -27.37 6.90
C12 BCR WG . -44.66 -24.07 4.97
C13 BCR WG . -45.06 -22.69 5.00
C14 BCR WG . -44.41 -21.79 4.26
C15 BCR WG . -44.78 -20.41 4.17
C16 BCR WG . -43.95 -19.54 3.57
C17 BCR WG . -44.23 -18.14 3.60
C18 BCR WG . -43.47 -17.19 3.08
C19 BCR WG . -43.91 -15.81 3.12
C20 BCR WG . -43.14 -14.81 2.69
C21 BCR WG . -43.52 -13.46 2.98
C22 BCR WG . -42.76 -12.39 2.74
C23 BCR WG . -43.36 -11.07 2.83
C24 BCR WG . -44.05 -10.64 3.90
C25 BCR WG . -44.38 -9.27 4.26
C26 BCR WG . -45.46 -8.65 3.75
C27 BCR WG . -45.90 -7.28 4.08
C28 BCR WG . -45.36 -6.85 5.41
C29 BCR WG . -43.88 -7.12 5.45
C30 BCR WG . -43.55 -8.59 5.28
C35 BCR WG . -46.27 -22.30 5.75
C36 BCR WG . -42.21 -17.49 2.39
C37 BCR WG . -41.30 -12.51 2.87
C38 BCR WG . -46.37 -9.25 2.76
C39 BCR WG . -43.68 -9.32 6.60
C40 BCR WG . -42.05 -8.60 4.97
C1A DGD XG . -35.22 -20.03 22.39
C2A DGD XG . -36.68 -20.17 22.41
C3A DGD XG . -37.34 -18.98 21.74
C4A DGD XG . -37.67 -17.92 22.76
C5A DGD XG . -37.88 -16.60 22.06
C6A DGD XG . -39.33 -16.29 21.94
C7A DGD XG . -39.42 -14.79 21.95
C8A DGD XG . -40.62 -14.35 22.75
C9A DGD XG . -41.17 -13.12 22.07
CAA DGD XG . -40.93 -11.94 22.96
CBA DGD XG . -40.91 -10.70 22.09
CCA DGD XG . -40.65 -9.54 23.00
CDA DGD XG . -40.48 -8.31 22.12
CEA DGD XG . -39.02 -8.16 21.80
CFA DGD XG . -38.69 -6.71 21.65
CGA DGD XG . -37.23 -6.64 21.29
O1A DGD XG . -34.57 -19.06 22.05
C1B DGD XG . -34.29 -20.73 19.25
C2B DGD XG . -34.19 -19.47 18.45
C3B DGD XG . -32.87 -18.81 18.61
C4B DGD XG . -32.44 -18.18 17.31
C5B DGD XG . -33.13 -16.86 17.34
C6B DGD XG . -32.20 -15.95 18.04
C7B DGD XG . -33.08 -14.87 18.62
C8B DGD XG . -33.58 -15.38 19.94
C9B DGD XG . -32.43 -15.61 20.86
CAB DGD XG . -31.96 -14.26 21.28
CBB DGD XG . -30.96 -14.56 22.33
CCB DGD XG . -29.68 -14.91 21.66
CDB DGD XG . -28.83 -15.13 22.84
CEB DGD XG . -28.17 -13.84 23.14
CFB DGD XG . -28.17 -13.80 24.64
CGB DGD XG . -28.23 -12.35 25.01
O1B DGD XG . -35.32 -21.33 19.47
O1G DGD XG . -34.67 -21.26 22.28
C1G DGD XG . -33.28 -21.39 22.09
C2G DGD XG . -33.05 -22.13 20.77
O2G DGD XG . -33.08 -21.18 19.72
C3G DGD XG . -31.61 -22.65 20.84
O3G DGD XG . -31.76 -23.90 21.45
C1D DGD XG . -30.68 -24.21 22.26
C2D DGD XG . -31.01 -25.44 23.11
O2D DGD XG . -32.05 -25.08 23.93
C3D DGD XG . -29.74 -25.60 23.95
O3D DGD XG . -29.92 -26.68 24.79
C4D DGD XG . -28.55 -25.97 23.03
O4D DGD XG . -28.87 -27.12 22.35
C5D DGD XG . -28.43 -24.86 21.96
O5D DGD XG . -27.38 -26.60 20.75
C6D DGD XG . -27.46 -25.19 20.79
O6D DGD XG . -29.67 -24.59 21.34
C1E DGD XG . -26.69 -27.12 19.65
C2E DGD XG . -27.23 -28.54 19.27
O2E DGD XG . -28.60 -28.43 19.10
C3E DGD XG . -26.94 -29.53 20.42
O3E DGD XG . -27.28 -30.78 19.93
C4E DGD XG . -25.43 -29.51 20.74
O4E DGD XG . -24.72 -29.85 19.60
C5E DGD XG . -25.03 -28.09 21.09
O6E DGD XG . -25.35 -27.18 20.05
C6E DGD XG . -23.52 -27.98 21.19
O5E DGD XG . -23.10 -27.51 19.94
C1A DGD YG . -47.12 -13.85 57.16
C2A DGD YG . -46.41 -13.05 56.15
C3A DGD YG . -46.85 -11.61 56.18
C4A DGD YG . -46.13 -10.85 55.09
C5A DGD YG . -46.65 -9.43 55.01
C6A DGD YG . -45.58 -8.50 54.50
C7A DGD YG . -46.30 -7.46 53.70
C8A DGD YG . -45.35 -6.78 52.75
C9A DGD YG . -45.60 -5.29 52.86
CAA DGD YG . -45.04 -4.64 51.64
CBA DGD YG . -46.14 -3.79 51.01
CCA DGD YG . -45.66 -3.30 49.67
CDA DGD YG . -45.56 -4.50 48.72
CEA DGD YG . -46.95 -5.08 48.49
CFA DGD YG . -47.69 -4.24 47.47
CGA DGD YG . -48.10 -5.18 46.36
O1A DGD YG . -47.93 -14.74 56.97
C1B DGD YG . -46.02 -12.86 61.62
C2B DGD YG . -47.04 -11.84 61.93
C3B DGD YG . -46.42 -10.68 62.64
C4B DGD YG . -45.49 -9.92 61.74
C5B DGD YG . -46.39 -9.12 60.85
C6B DGD YG . -45.58 -7.91 60.46
C7B DGD YG . -46.40 -7.28 59.37
C8B DGD YG . -45.80 -5.93 59.18
C9B DGD YG . -46.38 -5.39 57.93
CAB DGD YG . -46.00 -3.96 57.99
CBB DGD YG . -46.28 -3.47 56.61
CCB DGD YG . -45.63 -2.13 56.52
CDB DGD YG . -46.37 -1.57 55.36
CEB DGD YG . -46.10 -0.09 55.33
CFB DGD YG . -47.14 0.44 54.36
CGB DGD YG . -47.59 1.77 54.89
O1B DGD YG . -45.11 -13.13 62.36
O1G DGD YG . -46.38 -13.86 58.28
C1G DGD YG . -46.16 -15.09 58.91
C2G DGD YG . -45.67 -14.77 60.30
O2G DGD YG . -46.51 -13.80 60.82
C3G DGD YG . -45.92 -16.03 61.11
O3G DGD YG . -44.91 -16.88 60.65
C1D DGD YG . -44.98 -18.14 61.21
C2D DGD YG . -44.59 -19.07 60.08
O2D DGD YG . -45.79 -19.34 59.47
C3D DGD YG . -44.08 -20.40 60.68
O3D DGD YG . -43.35 -21.01 59.69
C4D DGD YG . -43.10 -20.21 61.84
O4D DGD YG . -41.97 -19.54 61.42
C5D DGD YG . -43.77 -19.29 62.83
O5D DGD YG . -42.78 -20.13 64.70
C6D DGD YG . -42.87 -18.95 63.99
O6D DGD YG . -43.97 -18.08 62.18
C1E DGD YG . -42.44 -20.00 66.03
C2E DGD YG . -41.28 -20.98 66.30
O2E DGD YG . -40.29 -20.64 65.40
C3E DGD YG . -41.74 -22.42 66.00
O3E DGD YG . -40.73 -23.21 66.51
C4E DGD YG . -43.03 -22.74 66.78
O4E DGD YG . -42.77 -22.65 68.13
C5E DGD YG . -44.08 -21.66 66.48
O6E DGD YG . -43.57 -20.38 66.73
C6E DGD YG . -45.24 -21.73 67.44
O5E DGD YG . -46.06 -20.67 67.07
O6 SQD ZG . -19.42 35.64 33.14
C44 SQD ZG . -18.06 35.81 32.78
C45 SQD ZG . -17.35 34.46 32.58
C46 SQD ZG . -17.79 33.81 31.27
O47 SQD ZG . -15.94 34.58 32.67
C7 SQD ZG . -15.06 33.96 31.73
O49 SQD ZG . -14.62 34.59 30.79
C8 SQD ZG . -14.45 32.61 32.07
C9 SQD ZG . -14.14 31.89 30.75
C10 SQD ZG . -12.89 31.07 30.96
C11 SQD ZG . -13.25 29.81 31.74
C12 SQD ZG . -12.24 28.75 31.36
C13 SQD ZG . -12.23 27.69 32.47
C14 SQD ZG . -10.84 27.06 32.51
C15 SQD ZG . -10.03 27.78 33.57
C16 SQD ZG . -10.55 27.41 34.94
C17 SQD ZG . -9.64 26.35 35.53
C18 SQD ZG . -8.81 26.95 36.67
C19 SQD ZG . -7.99 25.86 37.33
C20 SQD ZG . -8.12 26.01 38.83
C21 SQD ZG . -7.38 27.26 39.28
C22 SQD ZG . -6.84 27.02 40.66
O48 SQD ZG . -18.74 32.81 31.57
C23 SQD ZG . -19.34 32.13 30.50
O10 SQD ZG . -19.20 32.57 29.38
C24 SQD ZG . -19.65 30.66 30.71
C25 SQD ZG . -18.45 29.99 31.36
C26 SQD ZG . -18.56 28.49 31.11
C27 SQD ZG . -17.18 27.85 31.03
C28 SQD ZG . -17.23 26.48 31.70
C29 SQD ZG . -15.84 25.87 31.64
C30 SQD ZG . -15.74 24.74 32.66
C31 SQD ZG . -14.29 24.24 32.68
C32 SQD ZG . -14.13 23.20 33.79
C33 SQD ZG . -12.78 22.51 33.67
C34 SQD ZG . -12.98 21.17 32.98
C35 SQD ZG . -12.42 21.22 31.57
C36 SQD ZG . -13.54 21.28 30.56
C37 SQD ZG . -13.00 20.98 29.18
C38 SQD ZG . -12.52 19.55 29.14
C1 SQD ZG . -20.41 36.12 32.23
C2 SQD ZG . -21.69 36.58 32.84
O2 SQD ZG . -22.28 35.58 33.56
C3 SQD ZG . -22.63 36.97 31.73
O3 SQD ZG . -23.68 37.66 32.28
C4 SQD ZG . -22.07 37.81 30.60
O4 SQD ZG . -22.70 37.47 29.43
C5 SQD ZG . -20.59 37.70 30.39
C6 SQD ZG . -20.06 39.09 30.12
O5 SQD ZG . -19.85 37.13 31.44
S SQD ZG . -18.32 39.27 30.46
O7 SQD ZG . -17.53 38.14 30.03
O8 SQD ZG . -17.82 40.51 29.82
O9 SQD ZG . -18.04 39.30 31.88
O1 LHG AH . -29.84 21.59 23.58
C1 LHG AH . -29.71 22.99 23.58
C2 LHG AH . -31.00 23.59 23.16
O2 LHG AH . -30.87 25.00 23.11
C3 LHG AH . -32.13 23.36 24.14
O3 LHG AH . -31.94 22.02 24.49
P LHG AH . -33.02 21.31 25.43
O4 LHG AH . -33.32 22.22 26.54
O5 LHG AH . -33.87 20.58 24.47
O6 LHG AH . -31.99 20.22 26.14
C4 LHG AH . -31.91 18.93 25.64
C5 LHG AH . -30.63 18.31 26.20
C6 LHG AH . -29.79 19.27 27.02
O7 LHG AH . -31.04 17.31 27.07
C7 LHG AH . -31.01 16.07 26.55
O9 LHG AH . -30.81 15.84 25.38
C8 LHG AH . -31.51 15.11 27.53
C9 LHG AH . -30.92 15.43 28.87
C10 LHG AH . -29.55 14.82 28.96
O8 LHG AH . -28.80 18.42 27.60
C23 LHG AH . -27.60 18.30 26.95
O10 LHG AH . -27.12 19.25 26.40
C24 LHG AH . -26.69 17.16 27.31
C11 LHG AH . -28.90 15.70 29.97
C12 LHG AH . -28.03 14.85 30.83
C13 LHG AH . -28.87 14.34 31.96
C14 LHG AH . -28.07 13.45 32.84
C15 LHG AH . -27.38 14.37 33.81
C16 LHG AH . -25.98 13.91 34.02
C17 LHG AH . -25.99 12.70 34.91
C18 LHG AH . -24.63 12.71 35.50
C19 LHG AH . -24.62 13.05 36.96
C20 LHG AH . -25.01 11.74 37.57
C21 LHG AH . -25.02 11.85 39.05
C22 LHG AH . -25.25 10.48 39.64
C25 LHG AH . -25.63 16.82 26.28
C26 LHG AH . -25.29 15.34 26.14
C27 LHG AH . -24.21 15.31 25.10
C28 LHG AH . -24.01 14.01 24.39
C29 LHG AH . -23.03 14.30 23.27
C30 LHG AH . -21.57 14.22 23.64
C31 LHG AH . -20.71 13.30 22.81
C32 LHG AH . -20.90 13.41 21.32
C33 LHG AH . -19.53 13.26 20.68
C34 LHG AH . -18.95 11.87 20.66
C35 LHG AH . -18.71 11.44 19.23
C36 LHG AH . -17.49 10.54 19.17
C37 LHG AH . -17.06 10.49 17.72
C38 LHG AH . -16.57 9.13 17.26
MG CLA BH . -7.22 34.03 27.00
CHA CLA BH . -9.97 35.69 25.77
CHB CLA BH . -7.49 35.79 29.88
CHC CLA BH . -4.77 32.08 28.34
CHD CLA BH . -7.13 32.11 24.05
NA CLA BH . -8.47 35.55 27.66
C1A CLA BH . -9.58 36.08 27.02
C2A CLA BH . -10.25 37.14 27.87
C3A CLA BH . -9.24 37.34 28.99
C4A CLA BH . -8.33 36.14 28.86
CMA CLA BH . -8.47 38.59 28.74
CAA CLA BH . -11.58 36.68 28.46
CBA CLA BH . -11.63 35.22 28.85
CGA CLA BH . -12.30 34.38 27.80
O1A CLA BH . -13.22 34.72 27.07
O2A CLA BH . -11.79 33.12 27.70
NB CLA BH . -6.27 33.99 28.75
C1B CLA BH . -6.58 34.72 29.84
C2B CLA BH . -5.79 34.29 30.99
C3B CLA BH . -5.01 33.24 30.57
C4B CLA BH . -5.31 33.03 29.13
CMB CLA BH . -5.93 34.91 32.29
CAB CLA BH . -4.08 32.43 31.28
CBB CLA BH . -3.07 32.84 32.03
NC CLA BH . -6.09 32.45 26.27
C1C CLA BH . -5.12 31.81 26.99
C2C CLA BH . -4.55 30.74 26.19
C3C CLA BH . -5.23 30.73 25.00
C4C CLA BH . -6.21 31.80 25.05
CMC CLA BH . -3.49 29.86 26.63
CAC CLA BH . -5.02 29.80 23.89
CBC CLA BH . -5.84 28.55 24.09
ND CLA BH . -8.19 33.96 25.23
C1D CLA BH . -8.06 33.13 24.11
C2D CLA BH . -9.09 33.46 23.14
C3D CLA BH . -9.88 34.42 23.74
C4D CLA BH . -9.27 34.69 25.04
CMD CLA BH . -9.25 32.82 21.86
CAD CLA BH . -11.05 35.25 23.64
OBD CLA BH . -11.92 35.28 22.81
CBD CLA BH . -11.12 36.11 24.91
CGD CLA BH . -11.06 37.56 24.58
O1D CLA BH . -11.36 38.51 25.29
O2D CLA BH . -10.63 37.84 23.34
CED CLA BH . -11.07 39.06 22.76
C1 CLA BH . -11.57 32.50 26.41
C2 CLA BH . -10.27 31.78 26.54
C3 CLA BH . -10.13 30.60 27.15
C4 CLA BH . -11.29 29.91 27.75
C5 CLA BH . -8.80 29.93 27.26
C6 CLA BH . -8.85 28.42 27.38
C7 CLA BH . -8.38 27.92 28.74
C8 CLA BH . -7.50 26.67 28.75
C9 CLA BH . -6.84 26.39 27.43
C10 CLA BH . -8.23 25.42 29.24
C11 CLA BH . -7.32 24.23 29.35
C12 CLA BH . -7.42 23.52 30.68
C13 CLA BH . -7.36 22.00 30.56
C14 CLA BH . -7.89 21.35 31.83
C15 CLA BH . -5.95 21.49 30.26
C16 CLA BH . -5.96 20.11 29.64
C17 CLA BH . -5.26 19.07 30.51
C18 CLA BH . -5.05 17.74 29.79
C19 CLA BH . -6.36 17.15 29.28
C20 CLA BH . -4.32 16.74 30.67
C1 LMG CH . -22.99 25.35 11.22
O1 LMG CH . -22.58 25.02 12.52
C2 LMG CH . -24.49 25.06 11.14
O2 LMG CH . -24.57 23.69 11.17
C3 LMG CH . -24.93 25.51 9.72
O3 LMG CH . -26.31 25.37 9.72
C4 LMG CH . -24.57 27.00 9.49
O4 LMG CH . -25.29 27.75 10.38
C5 LMG CH . -23.06 27.18 9.83
O5 LMG CH . -23.70 29.36 10.29
C6 LMG CH . -22.67 28.64 9.70
O6 LMG CH . -22.82 26.75 11.14
C7 LMG CH . -21.20 25.15 12.68
C8 LMG CH . -20.73 23.80 13.25
C9 LMG CH . -21.59 23.51 14.47
O7 LMG CH . -21.01 22.77 12.29
C10 LMG CH . -20.01 21.95 11.84
O9 LMG CH . -20.17 20.74 11.84
C11 LMG CH . -18.87 22.72 11.23
C12 LMG CH . -18.35 22.09 9.95
C13 LMG CH . -17.06 22.72 9.46
C14 LMG CH . -16.00 22.46 10.52
C15 LMG CH . -15.62 21.00 10.51
C16 LMG CH . -14.36 20.81 11.30
C17 LMG CH . -14.66 19.80 12.39
C18 LMG CH . -13.95 18.53 12.00
C19 LMG CH . -13.13 18.09 13.18
O8 LMG CH . -21.17 22.29 14.99
C28 LMG CH . -19.97 22.26 15.61
O10 LMG CH . -19.70 23.10 16.45
C29 LMG CH . -19.26 20.98 15.43
C30 LMG CH . -17.96 20.99 16.16
C31 LMG CH . -17.14 19.85 15.62
C32 LMG CH . -15.84 19.85 16.35
C33 LMG CH . -15.31 18.45 16.23
C34 LMG CH . -15.09 17.95 17.62
C35 LMG CH . -14.71 16.51 17.45
C36 LMG CH . -15.77 15.74 18.13
C37 LMG CH . -15.19 14.40 18.43
C38 LMG CH . -16.01 13.99 19.59
C1 BCR DH . -9.23 2.20 21.08
C2 BCR DH . -8.50 1.61 22.26
C3 BCR DH . -8.35 2.61 23.37
C4 BCR DH . -7.78 3.93 22.94
C5 BCR DH . -7.99 4.26 21.51
C6 BCR DH . -8.67 3.50 20.65
C7 BCR DH . -8.83 3.88 19.25
C8 BCR DH . -9.88 4.52 18.77
C9 BCR DH . -9.96 4.96 17.40
C10 BCR DH . -10.91 5.82 17.04
C11 BCR DH . -11.06 6.33 15.70
C33 BCR DH . -7.40 5.55 21.13
C31 BCR DH . -10.70 2.30 21.44
C32 BCR DH . -9.10 1.19 19.96
C34 BCR DH . -9.04 4.36 16.42
C12 BCR DH . -12.22 6.89 15.38
C13 BCR DH . -12.53 7.52 14.13
C14 BCR DH . -13.74 8.04 13.99
C15 BCR DH . -14.15 8.83 12.86
C16 BCR DH . -15.40 9.29 12.80
C17 BCR DH . -15.62 10.36 11.87
C18 BCR DH . -16.78 10.96 11.58
C19 BCR DH . -16.78 11.86 10.46
C20 BCR DH . -17.87 12.48 10.02
C21 BCR DH . -17.79 13.06 8.70
C22 BCR DH . -18.53 14.08 8.26
C23 BCR DH . -18.56 14.31 6.83
C24 BCR DH . -18.79 15.51 6.33
C25 BCR DH . -19.01 15.82 4.92
C26 BCR DH . -18.00 16.09 4.08
C27 BCR DH . -18.13 16.43 2.65
C28 BCR DH . -19.55 16.43 2.16
C29 BCR DH . -20.51 16.79 3.26
C30 BCR DH . -20.41 15.86 4.43
C35 BCR DH . -11.44 7.90 13.20
C36 BCR DH . -17.90 10.98 12.54
C37 BCR DH . -19.03 15.11 9.18
C38 BCR DH . -16.58 16.08 4.48
C39 BCR DH . -20.93 14.48 4.09
C40 BCR DH . -21.36 16.39 5.48
CHA HEM EH . -25.38 -32.58 77.24
CHB HEM EH . -30.06 -33.23 76.63
CHC HEM EH . -30.86 -29.01 78.63
CHD HEM EH . -26.28 -27.90 77.90
C1A HEM EH . -26.58 -33.16 77.01
C2A HEM EH . -26.80 -34.54 76.67
C3A HEM EH . -28.09 -34.73 76.51
C4A HEM EH . -28.73 -33.46 76.72
CMA HEM EH . -28.80 -36.04 76.17
CAA HEM EH . -25.71 -35.61 76.57
CBA HEM EH . -25.26 -35.72 75.12
CGA HEM EH . -24.13 -36.70 75.03
O1A HEM EH . -23.53 -37.03 76.08
O2A HEM EH . -23.82 -37.14 73.89
C1B HEM EH . -30.62 -32.22 77.31
C2B HEM EH . -31.89 -32.30 78.00
C3B HEM EH . -32.10 -31.10 78.56
C4B HEM EH . -30.98 -30.29 78.23
CMB HEM EH . -32.75 -33.57 78.00
CAB HEM EH . -33.22 -30.51 79.43
CBB HEM EH . -34.17 -31.19 80.08
C1C HEM EH . -29.72 -28.32 78.47
C2C HEM EH . -29.64 -26.90 78.58
C3C HEM EH . -28.39 -26.54 78.37
C4C HEM EH . -27.62 -27.76 78.14
CMC HEM EH . -30.84 -26.00 78.87
CAC HEM EH . -27.99 -25.06 78.44
CBC HEM EH . -26.79 -24.59 78.12
C1D HEM EH . -25.64 -29.09 77.71
C2D HEM EH . -24.22 -29.27 77.63
C3D HEM EH . -23.97 -30.55 77.47
C4D HEM EH . -25.21 -31.24 77.43
CMD HEM EH . -23.15 -28.18 77.75
CAD HEM EH . -22.57 -31.14 77.34
CBD HEM EH . -22.18 -31.84 78.63
CGD HEM EH . -20.72 -32.13 78.60
O1D HEM EH . -20.02 -31.61 77.70
O2D HEM EH . -20.22 -32.86 79.49
NA HEM EH . -27.79 -32.50 77.02
NB HEM EH . -30.08 -30.98 77.47
NC HEM EH . -28.47 -28.83 78.21
ND HEM EH . -26.24 -30.33 77.58
FE HEM EH . -28.15 -30.73 77.73
MG CLA FH . -58.35 -4.67 100.21
CHA CLA FH . -55.33 -6.29 100.12
CHB CLA FH . -57.32 -2.59 97.75
CHC CLA FH . -61.34 -3.03 100.45
CHD CLA FH . -59.29 -6.66 102.98
NA CLA FH . -56.63 -4.55 99.05
C1A CLA FH . -55.46 -5.32 99.17
C2A CLA FH . -54.43 -4.85 98.13
C3A CLA FH . -55.14 -3.73 97.37
C4A CLA FH . -56.47 -3.61 98.08
CMA CLA FH . -54.39 -2.44 97.45
CAA CLA FH . -54.02 -5.93 97.15
CBA CLA FH . -52.63 -5.61 96.65
CGA CLA FH . -51.55 -6.26 97.45
O1A CLA FH . -51.27 -7.46 97.55
O2A CLA FH . -50.79 -5.35 98.16
NB CLA FH . -59.18 -3.14 99.25
C1B CLA FH . -58.58 -2.36 98.33
C2B CLA FH . -59.43 -1.20 98.01
C3B CLA FH . -60.57 -1.33 98.78
C4B CLA FH . -60.43 -2.56 99.56
CMB CLA FH . -59.05 -0.16 97.07
CAB CLA FH . -61.74 -0.52 98.86
CBB CLA FH . -62.92 -0.85 98.33
NC CLA FH . -60.02 -4.88 101.43
C1C CLA FH . -61.14 -4.13 101.31
C2C CLA FH . -62.13 -4.55 102.29
C3C CLA FH . -61.53 -5.54 103.05
C4C CLA FH . -60.21 -5.74 102.50
CMC CLA FH . -63.44 -3.93 102.41
CAC CLA FH . -62.11 -6.29 104.17
CBC CLA FH . -62.03 -5.53 105.47
ND CLA FH . -57.62 -6.24 101.23
C1D CLA FH . -58.07 -6.88 102.41
C2D CLA FH . -57.04 -7.83 102.85
C3D CLA FH . -56.00 -7.68 101.97
C4D CLA FH . -56.39 -6.63 101.02
CMD CLA FH . -57.18 -8.71 104.00
CAD CLA FH . -54.68 -8.13 101.62
OBD CLA FH . -54.05 -9.09 102.04
CBD CLA FH . -54.17 -7.15 100.53
CGD CLA FH . -53.08 -6.29 101.08
O1D CLA FH . -53.13 -5.10 101.34
O2D CLA FH . -51.91 -6.96 101.29
CED CLA FH . -50.71 -6.19 101.38
C1 CLA FH . -49.50 -4.97 97.64
C2 CLA FH . -49.68 -3.61 97.08
C3 CLA FH . -49.78 -3.36 95.76
C4 CLA FH . -49.73 -4.41 94.72
C5 CLA FH . -49.97 -1.99 95.22
C6 CLA FH . -51.22 -1.92 94.36
C7 CLA FH . -51.62 -0.48 94.12
C8 CLA FH . -50.83 0.08 92.95
C9 CLA FH . -49.98 1.25 93.39
C10 CLA FH . -51.77 0.44 91.80
C11 CLA FH . -52.43 1.79 91.92
C12 CLA FH . -52.09 2.66 90.73
C13 CLA FH . -53.06 3.80 90.44
C14 CLA FH . -53.93 4.21 91.61
C15 CLA FH . -53.92 3.46 89.23
C16 CLA FH . -53.91 4.58 88.22
C17 CLA FH . -55.23 5.29 88.33
C18 CLA FH . -55.13 6.69 87.82
C19 CLA FH . -55.66 6.71 86.40
C20 CLA FH . -55.98 7.60 88.69
C1 LMG GH . -15.19 14.48 74.99
O1 LMG GH . -16.24 15.40 74.84
C2 LMG GH . -13.93 15.33 74.89
O2 LMG GH . -13.94 15.80 73.59
C3 LMG GH . -12.77 14.33 75.02
O3 LMG GH . -11.63 15.12 74.97
C4 LMG GH . -12.82 13.61 76.40
O4 LMG GH . -12.53 14.52 77.38
C5 LMG GH . -14.27 13.06 76.64
O5 LMG GH . -14.74 11.44 78.20
C6 LMG GH . -14.40 12.78 78.12
O6 LMG GH . -15.26 14.02 76.33
C7 LMG GH . -17.39 15.13 75.60
C8 LMG GH . -18.60 15.54 74.76
C9 LMG GH . -19.24 16.72 75.44
O7 LMG GH . -18.17 16.01 73.52
C10 LMG GH . -19.07 16.01 72.49
O9 LMG GH . -19.87 15.10 72.41
C11 LMG GH . -19.15 17.33 71.81
C12 LMG GH . -20.49 17.58 71.16
C13 LMG GH . -20.44 18.74 70.18
C14 LMG GH . -21.80 18.86 69.57
C15 LMG GH . -22.26 20.28 69.71
C16 LMG GH . -23.29 20.54 68.64
C17 LMG GH . -24.54 21.00 69.31
C18 LMG GH . -25.10 22.11 68.44
C19 LMG GH . -26.59 22.04 68.54
C20 LMG GH . -27.07 23.46 68.69
C21 LMG GH . -27.22 23.74 70.16
C22 LMG GH . -28.68 23.73 70.41
C23 LMG GH . -28.93 22.62 71.36
C24 LMG GH . -28.67 23.20 72.71
C25 LMG GH . -29.98 23.70 73.23
O8 LMG GH . -20.60 16.63 75.16
C28 LMG GH . -21.42 16.65 76.21
O10 LMG GH . -20.99 16.32 77.30
C29 LMG GH . -22.57 17.55 75.99
C30 LMG GH . -23.40 17.69 77.23
C31 LMG GH . -24.28 16.48 77.36
C32 LMG GH . -25.27 16.47 76.23
C33 LMG GH . -25.33 15.04 75.75
C34 LMG GH . -26.31 14.97 74.64
C35 LMG GH . -27.02 13.64 74.79
C36 LMG GH . -27.64 13.37 73.48
C37 LMG GH . -28.93 14.13 73.44
C38 LMG GH . -29.67 13.39 72.37
C39 LMG GH . -29.28 13.95 71.02
C40 LMG GH . -30.62 14.21 70.38
C41 LMG GH . -31.12 12.94 69.74
C42 LMG GH . -32.04 13.41 68.65
C43 LMG GH . -33.30 13.93 69.24
MG CLA HH . -26.49 30.70 78.21
CHA CLA HH . -23.92 29.60 80.19
CHB CLA HH . -26.60 27.65 76.72
CHC CLA HH . -29.43 31.58 76.73
CHD CLA HH . -26.56 33.69 80.04
NA CLA HH . -25.35 28.97 78.36
C1A CLA HH . -24.37 28.69 79.29
C2A CLA HH . -23.85 27.29 79.07
C3A CLA HH . -24.43 26.90 77.71
C4A CLA HH . -25.57 27.88 77.58
CMA CLA HH . -23.42 27.11 76.62
CAA CLA HH . -24.53 26.43 80.10
CBA CLA HH . -23.60 25.48 80.80
CGA CLA HH . -24.45 24.65 81.72
O1A CLA HH . -25.58 24.20 81.51
O2A CLA HH . -23.87 24.41 82.92
NB CLA HH . -27.74 29.79 76.93
C1B CLA HH . -27.67 28.52 76.51
C2B CLA HH . -28.88 28.15 75.77
C3B CLA HH . -29.69 29.24 75.76
C4B CLA HH . -28.97 30.32 76.49
CMB CLA HH . -29.08 26.83 75.19
CAB CLA HH . -30.98 29.40 75.14
CBB CLA HH . -32.12 29.79 75.71
NC CLA HH . -27.68 32.40 78.26
C1C CLA HH . -28.82 32.55 77.54
C2C CLA HH . -29.40 33.85 77.81
C3C CLA HH . -28.65 34.42 78.81
C4C CLA HH . -27.58 33.49 79.11
CMC CLA HH . -30.59 34.37 77.16
CAC CLA HH . -28.86 35.73 79.41
CBC CLA HH . -28.17 36.83 78.65
ND CLA HH . -25.35 31.62 79.57
C1D CLA HH . -25.51 32.84 80.26
C2D CLA HH . -24.39 32.99 81.21
C3D CLA HH . -23.74 31.79 81.21
C4D CLA HH . -24.43 30.94 80.24
CMD CLA HH . -24.12 34.21 81.96
CAD CLA HH . -22.63 31.02 81.69
OBD CLA HH . -21.66 31.38 82.32
CBD CLA HH . -22.83 29.56 81.21
CGD CLA HH . -21.55 29.05 80.65
O1D CLA HH . -20.76 28.27 81.17
O2D CLA HH . -21.27 29.50 79.41
CED CLA HH . -20.38 28.68 78.66
C1 CLA HH . -24.68 23.72 83.89
C2 CLA HH . -24.26 24.23 85.22
C3 CLA HH . -24.80 23.83 86.36
C4 CLA HH . -25.90 22.84 86.44
C5 CLA HH . -24.31 24.40 87.65
C6 CLA HH . -24.60 25.88 87.75
C7 CLA HH . -26.02 26.12 88.23
C8 CLA HH . -26.06 27.25 89.25
C9 CLA HH . -25.39 26.81 90.53
C10 CLA HH . -27.49 27.68 89.50
C11 CLA HH . -27.53 29.00 90.25
C12 CLA HH . -27.97 30.15 89.37
C13 CLA HH . -26.87 31.18 89.10
C14 CLA HH . -26.00 30.78 87.93
C15 CLA HH . -26.01 31.47 90.33
C16 CLA HH . -26.40 32.79 90.99
C17 CLA HH . -26.28 33.96 90.02
C18 CLA HH . -27.40 34.98 90.19
C19 CLA HH . -27.35 36.00 89.07
C20 CLA HH . -28.76 34.32 90.21
MG CLA IH . -18.59 44.38 77.53
CHA CLA IH . -20.58 46.99 76.49
CHB CLA IH . -18.28 43.33 74.31
CHC CLA IH . -16.87 41.64 78.66
CHD CLA IH . -19.04 45.44 80.87
NA CLA IH . -19.27 45.11 75.70
C1A CLA IH . -20.10 46.20 75.48
C2A CLA IH . -20.38 46.38 73.97
C3A CLA IH . -19.58 45.23 73.32
C4A CLA IH . -18.98 44.50 74.52
CMA CLA IH . -20.49 44.36 72.51
CAA CLA IH . -19.88 47.69 73.40
CBA CLA IH . -20.94 48.45 72.64
CGA CLA IH . -20.56 48.65 71.20
O1A CLA IH . -20.68 47.86 70.26
O2A CLA IH . -20.03 49.87 70.96
NB CLA IH . -17.85 42.73 76.67
C1B CLA IH . -17.70 42.56 75.33
C2B CLA IH . -16.83 41.38 75.06
C3B CLA IH . -16.44 40.89 76.28
C4B CLA IH . -17.06 41.76 77.33
CMB CLA IH . -16.50 40.98 73.70
CAB CLA IH . -15.54 39.81 76.59
CBB CLA IH . -15.87 38.69 77.25
NC CLA IH . -17.98 43.73 79.42
C1C CLA IH . -17.27 42.59 79.64
C2C CLA IH . -17.03 42.41 81.07
C3C CLA IH . -17.67 43.48 81.71
C4C CLA IH . -18.28 44.28 80.66
CMC CLA IH . -16.27 41.31 81.67
CAC CLA IH . -17.74 43.76 83.15
CBC CLA IH . -19.01 43.24 83.77
ND CLA IH . -19.30 46.02 78.48
C1D CLA IH . -19.53 46.25 79.87
C2D CLA IH . -20.35 47.44 80.02
C3D CLA IH . -20.77 47.78 78.77
C4D CLA IH . -20.14 46.82 77.84
CMD CLA IH . -20.67 48.02 81.31
CAD CLA IH . -21.53 48.72 77.96
OBD CLA IH . -22.06 49.77 78.28
CBD CLA IH . -21.60 48.10 76.54
CGD CLA IH . -22.99 47.55 76.30
O1D CLA IH . -23.36 46.37 76.38
O2D CLA IH . -23.92 48.49 76.00
CED CLA IH . -25.01 48.64 76.92
C1 CLA IH . -18.80 49.91 70.19
C2 CLA IH . -17.77 49.25 71.02
C3 CLA IH . -16.48 49.10 70.67
C4 CLA IH . -15.51 48.43 71.57
C5 CLA IH . -15.97 49.61 69.37
C6 CLA IH . -15.89 48.54 68.31
C7 CLA IH . -15.61 49.18 66.96
C8 CLA IH . -15.36 48.15 65.88
C9 CLA IH . -14.15 48.52 65.04
C10 CLA IH . -16.59 47.99 64.99
C11 CLA IH . -17.18 49.30 64.52
C12 CLA IH . -18.22 49.10 63.44
C13 CLA IH . -17.75 49.67 62.10
C14 CLA IH . -18.82 50.54 61.48
C15 CLA IH . -17.27 48.64 61.07
C16 CLA IH . -17.45 47.18 61.47
C17 CLA IH . -16.12 46.47 61.57
C18 CLA IH . -16.31 44.98 61.81
C19 CLA IH . -14.99 44.23 61.72
C20 CLA IH . -16.95 44.74 63.16
MG CLA JH . -23.01 -4.07 -42.12
CHA CLA JH . -25.59 -1.83 -41.96
CHB CLA JH . -21.85 -2.62 -44.99
CHC CLA JH . -20.47 -6.34 -42.16
CHD CLA JH . -24.05 -5.36 -38.97
NA CLA JH . -23.66 -2.49 -43.29
C1A CLA JH . -24.76 -1.67 -43.05
C2A CLA JH . -24.88 -0.60 -44.13
C3A CLA JH . -23.74 -0.97 -45.10
C4A CLA JH . -23.01 -2.10 -44.42
CMA CLA JH . -24.33 -1.45 -46.40
CAA CLA JH . -24.69 0.82 -43.61
CBA CLA JH . -23.68 1.66 -44.35
CGA CLA JH . -22.68 2.11 -43.36
O1A CLA JH . -22.85 2.81 -42.35
O2A CLA JH . -21.42 1.66 -43.62
NB CLA JH . -21.46 -4.42 -43.34
C1B CLA JH . -21.14 -3.70 -44.45
C2B CLA JH . -19.94 -4.31 -45.08
C3B CLA JH . -19.56 -5.36 -44.29
C4B CLA JH . -20.52 -5.44 -43.18
CMB CLA JH . -19.35 -3.77 -46.31
CAB CLA JH . -18.46 -6.27 -44.40
CBB CLA JH . -18.22 -7.05 -45.45
NC CLA JH . -22.41 -5.59 -40.82
C1C CLA JH . -21.36 -6.41 -41.04
C2C CLA JH . -21.25 -7.38 -39.95
C3C CLA JH . -22.23 -7.06 -39.04
C4C CLA JH . -22.95 -5.93 -39.58
CMC CLA JH . -20.27 -8.43 -39.83
CAC CLA JH . -22.51 -7.74 -37.78
CBC CLA JH . -21.85 -7.07 -36.60
ND CLA JH . -24.49 -3.79 -40.79
C1D CLA JH . -24.79 -4.36 -39.54
C2D CLA JH . -26.00 -3.76 -38.99
C3D CLA JH . -26.39 -2.83 -39.92
C4D CLA JH . -25.39 -2.84 -40.98
CMD CLA JH . -26.65 -4.16 -37.75
CAD CLA JH . -27.36 -1.82 -40.24
OBD CLA JH . -28.39 -1.50 -39.66
CBD CLA JH . -26.85 -1.13 -41.53
CGD CLA JH . -27.84 -1.28 -42.63
O1D CLA JH . -28.18 -2.31 -43.21
O2D CLA JH . -28.41 -0.11 -43.00
CED CLA JH . -29.81 -0.13 -43.23
C1 CLA JH . -21.08 0.44 -42.94
C2 CLA JH . -19.72 0.05 -43.35
C3 CLA JH . -19.14 -1.03 -42.80
C4 CLA JH . -19.84 -1.84 -41.77
C5 CLA JH . -17.77 -1.46 -43.17
C6 CLA JH . -16.87 -1.39 -41.96
C7 CLA JH . -15.64 -2.24 -42.16
C8 CLA JH . -14.43 -1.63 -41.47
C9 CLA JH . -14.09 -0.28 -42.09
C10 CLA JH . -13.23 -2.54 -41.60
C11 CLA JH . -12.69 -2.90 -40.23
C12 CLA JH . -13.54 -3.97 -39.58
C13 CLA JH . -13.04 -4.32 -38.18
C14 CLA JH . -11.57 -4.66 -38.18
C15 CLA JH . -13.86 -5.47 -37.61
C16 CLA JH . -13.53 -5.71 -36.16
C17 CLA JH . -14.02 -7.06 -35.70
C18 CLA JH . -13.29 -8.19 -36.42
C19 CLA JH . -13.94 -9.52 -36.15
C20 CLA JH . -11.84 -8.22 -36.00
MG CLA KH . -13.25 -8.05 -47.57
CHA CLA KH . -13.87 -5.47 -49.80
CHB CLA KH . -14.09 -6.05 -44.99
CHC CLA KH . -12.35 -10.54 -45.39
CHD CLA KH . -12.20 -10.07 -50.26
NA CLA KH . -13.93 -6.09 -47.45
C1A CLA KH . -14.13 -5.16 -48.49
C2A CLA KH . -14.62 -3.82 -47.89
C3A CLA KH . -14.87 -4.16 -46.40
C4A CLA KH . -14.25 -5.53 -46.25
CMA CLA KH . -14.23 -3.20 -45.45
CAA CLA KH . -15.93 -3.27 -48.43
CBA CLA KH . -16.02 -1.77 -48.31
CGA CLA KH . -15.61 -1.13 -49.60
O1A CLA KH . -15.11 -0.02 -49.77
O2A CLA KH . -15.84 -1.91 -50.68
NB CLA KH . -13.32 -8.29 -45.57
C1B CLA KH . -13.53 -7.30 -44.69
C2B CLA KH . -13.11 -7.70 -43.34
C3B CLA KH . -12.61 -8.97 -43.45
C4B CLA KH . -12.75 -9.36 -44.87
CMB CLA KH . -13.22 -6.81 -42.18
CAB CLA KH . -12.03 -9.88 -42.49
CBB CLA KH . -12.51 -10.17 -41.29
NC CLA KH . -12.50 -9.97 -47.80
C1C CLA KH . -12.24 -10.83 -46.77
C2C CLA KH . -11.75 -12.09 -47.28
C3C CLA KH . -11.64 -11.94 -48.65
C4C CLA KH . -12.12 -10.61 -48.97
CMC CLA KH . -11.39 -13.24 -46.46
CAC CLA KH . -11.18 -12.94 -49.59
CBC CLA KH . -12.35 -13.70 -50.15
ND CLA KH . -13.11 -7.90 -49.56
C1D CLA KH . -12.66 -8.81 -50.55
C2D CLA KH . -12.76 -8.18 -51.86
C3D CLA KH . -13.20 -6.89 -51.65
C4D CLA KH . -13.40 -6.76 -50.19
CMD CLA KH . -12.41 -8.84 -53.11
CAD CLA KH . -13.57 -5.63 -52.23
OBD CLA KH . -13.57 -5.30 -53.41
CBD CLA KH . -13.97 -4.69 -51.08
CGD CLA KH . -13.09 -3.49 -51.02
O1D CLA KH . -12.28 -3.21 -50.14
O2D CLA KH . -13.26 -2.64 -52.05
CED CLA KH . -12.78 -1.30 -51.91
MG CLA LH . -14.78 -28.43 -48.18
CHA CLA LH . -12.79 -31.23 -48.43
CHB CLA LH . -12.08 -26.45 -48.60
CHC CLA LH . -16.84 -25.70 -48.04
CHD CLA LH . -17.60 -30.53 -47.89
NA CLA LH . -12.76 -28.81 -48.47
C1A CLA LH . -12.12 -30.05 -48.55
C2A CLA LH . -10.61 -29.85 -48.80
C3A CLA LH . -10.44 -28.32 -48.67
C4A CLA LH . -11.86 -27.80 -48.60
CMA CLA LH . -9.68 -27.95 -47.43
CAA CLA LH . -10.05 -30.19 -50.16
CBA CLA LH . -10.87 -30.84 -51.27
CGA CLA LH . -11.97 -29.97 -51.75
O1A CLA LH . -11.92 -28.90 -52.35
O2A CLA LH . -13.18 -30.50 -51.43
NB CLA LH . -14.51 -26.45 -48.25
C1B CLA LH . -13.34 -25.83 -48.50
C2B CLA LH . -13.55 -24.37 -48.64
C3B CLA LH . -14.90 -24.16 -48.48
C4B CLA LH . -15.52 -25.48 -48.23
CMB CLA LH . -12.47 -23.44 -48.91
CAB CLA LH . -15.68 -22.96 -48.52
CBB CLA LH . -15.47 -21.89 -47.77
NC CLA LH . -16.83 -28.18 -47.94
C1C CLA LH . -17.45 -26.97 -47.88
C2C CLA LH . -18.88 -27.15 -47.69
C3C CLA LH . -19.10 -28.51 -47.70
C4C CLA LH . -17.81 -29.15 -47.86
CMC CLA LH . -19.84 -26.07 -47.57
CAC CLA LH . -20.39 -29.19 -47.55
CBC CLA LH . -21.03 -29.45 -48.88
ND CLA LH . -15.17 -30.40 -48.14
C1D CLA LH . -16.38 -31.13 -48.03
C2D CLA LH . -16.08 -32.56 -48.05
C3D CLA LH . -14.71 -32.67 -48.17
C4D CLA LH . -14.20 -31.29 -48.25
CMD CLA LH . -17.09 -33.61 -47.95
CAD CLA LH . -13.57 -33.55 -48.26
OBD CLA LH . -13.54 -34.77 -48.21
CBD CLA LH . -12.33 -32.65 -48.45
CGD CLA LH . -11.37 -32.85 -47.32
O1D CLA LH . -10.14 -32.84 -47.36
O2D CLA LH . -11.98 -33.05 -46.13
CED CLA LH . -11.33 -32.51 -44.98
C1 CLA LH . -14.28 -30.31 -52.34
C2 CLA LH . -15.05 -29.15 -51.81
C3 CLA LH . -16.38 -29.09 -51.83
C4 CLA LH . -17.23 -30.15 -52.39
C5 CLA LH . -17.07 -27.90 -51.27
C6 CLA LH . -17.85 -27.15 -52.32
C7 CLA LH . -18.30 -25.82 -51.77
C8 CLA LH . -19.40 -25.23 -52.63
C9 CLA LH . -18.93 -25.00 -54.04
C10 CLA LH . -19.88 -23.92 -52.04
C11 CLA LH . -21.22 -23.55 -52.62
C12 CLA LH . -22.27 -24.62 -52.38
C13 CLA LH . -23.65 -24.00 -52.17
C14 CLA LH . -24.06 -24.13 -50.73
C15 CLA LH . -24.68 -24.66 -53.09
C16 CLA LH . -24.32 -24.55 -54.55
C17 CLA LH . -25.30 -25.36 -55.39
C18 CLA LH . -25.00 -25.32 -56.88
C19 CLA LH . -26.19 -25.80 -57.68
C20 CLA LH . -23.79 -26.18 -57.20
MG CLA MH . -8.75 -31.56 -59.95
CHA CLA MH . -11.27 -31.17 -62.29
CHB CLA MH . -10.16 -29.17 -58.02
CHC CLA MH . -6.23 -31.96 -57.69
CHD CLA MH . -7.35 -34.14 -61.91
NA CLA MH . -10.43 -30.35 -60.16
C1A CLA MH . -11.36 -30.33 -61.20
C2A CLA MH . -12.40 -29.23 -60.91
C3A CLA MH . -12.06 -28.70 -59.51
C4A CLA MH . -10.78 -29.43 -59.21
CMA CLA MH . -11.94 -27.20 -59.37
CAA CLA MH . -13.85 -29.66 -60.89
CBA CLA MH . -14.52 -28.99 -62.07
CGA CLA MH . -14.09 -27.56 -62.12
O1A CLA MH . -13.31 -27.02 -62.90
O2A CLA MH . -14.68 -26.81 -61.14
NB CLA MH . -8.20 -30.62 -58.27
C1B CLA MH . -9.02 -29.82 -57.58
C2B CLA MH . -8.60 -29.73 -56.17
C3B CLA MH . -7.49 -30.53 -56.04
C4B CLA MH . -7.23 -31.10 -57.39
CMB CLA MH . -9.38 -28.92 -55.24
CAB CLA MH . -6.66 -30.85 -54.90
CBB CLA MH . -7.03 -30.91 -53.61
NC CLA MH . -7.08 -32.80 -59.84
C1C CLA MH . -6.16 -32.75 -58.85
C2C CLA MH . -5.09 -33.69 -59.11
C3C CLA MH . -5.44 -34.39 -60.26
C4C CLA MH . -6.69 -33.81 -60.72
CMC CLA MH . -3.94 -33.85 -58.22
CAC CLA MH . -4.72 -35.50 -60.93
CBC CLA MH . -3.42 -35.17 -61.61
ND CLA MH . -9.20 -32.55 -61.63
C1D CLA MH . -8.50 -33.55 -62.35
C2D CLA MH . -9.23 -33.83 -63.58
C3D CLA MH . -10.32 -33.00 -63.60
C4D CLA MH . -10.24 -32.18 -62.37
CMD CLA MH . -8.81 -34.82 -64.54
CAD CLA MH . -11.50 -32.59 -64.31
OBD CLA MH . -11.99 -33.06 -65.34
CBD CLA MH . -12.10 -31.39 -63.54
CGD CLA MH . -12.19 -30.20 -64.46
O1D CLA MH . -12.79 -30.18 -65.54
O2D CLA MH . -11.54 -29.09 -64.04
CED CLA MH . -10.34 -28.70 -64.71
MG CLA NH . -4.25 -18.38 -45.65
CHA CLA NH . -2.10 -17.82 -43.00
CHB CLA NH . -6.82 -17.12 -43.85
CHC CLA NH . -6.28 -18.76 -48.39
CHD CLA NH . -1.54 -19.67 -47.52
NA CLA NH . -4.42 -17.64 -43.71
C1A CLA NH . -3.41 -17.46 -42.76
C2A CLA NH . -3.99 -16.86 -41.48
C3A CLA NH . -5.51 -16.79 -41.76
C4A CLA NH . -5.61 -17.21 -43.21
CMA CLA NH . -6.32 -17.64 -40.83
CAA CLA NH . -3.47 -15.47 -41.17
CBA CLA NH . -4.29 -14.34 -41.75
CGA CLA NH . -3.41 -13.17 -42.07
O1A CLA NH . -2.35 -12.86 -41.54
O2A CLA NH . -3.90 -12.39 -43.08
NB CLA NH . -6.18 -18.00 -46.04
C1B CLA NH . -7.06 -17.47 -45.18
C2B CLA NH . -8.38 -17.31 -45.84
C3B CLA NH . -8.24 -17.78 -47.12
C4B CLA NH . -6.84 -18.23 -47.26
CMB CLA NH . -9.54 -16.77 -45.13
CAB CLA NH . -9.18 -17.89 -48.21
CBB CLA NH . -9.96 -16.90 -48.67
NC CLA NH . -3.96 -19.12 -47.58
C1C CLA NH . -4.94 -19.18 -48.53
C2C CLA NH . -4.39 -19.73 -49.76
C3C CLA NH . -3.05 -19.98 -49.52
C4C CLA NH . -2.79 -19.59 -48.14
CMC CLA NH . -5.14 -19.92 -50.99
CAC CLA NH . -2.07 -20.54 -50.46
CBC CLA NH . -2.03 -22.04 -50.40
ND CLA NH . -2.30 -18.79 -45.35
C1D CLA NH . -1.29 -19.27 -46.23
C2D CLA NH . 0.00 -19.29 -45.50
C3D CLA NH . -0.26 -18.76 -44.26
C4D CLA NH . -1.70 -18.45 -44.22
CMD CLA NH . 1.25 -19.76 -46.08
CAD CLA NH . 0.29 -18.42 -42.97
OBD CLA NH . 1.42 -18.59 -42.53
CBD CLA NH . -0.84 -17.74 -42.17
CGD CLA NH . -1.03 -18.39 -40.84
O1D CLA NH . -1.38 -17.86 -39.78
O2D CLA NH . -0.77 -19.72 -40.85
CED CLA NH . -1.88 -20.62 -40.79
MG CLA OH . -14.13 -12.45 -56.08
CHA CLA OH . -15.53 -9.43 -55.07
CHB CLA OH . -13.56 -11.19 -59.15
CHC CLA OH . -12.78 -15.50 -57.01
CHD CLA OH . -14.77 -13.76 -52.89
NA CLA OH . -14.51 -10.58 -56.95
C1A CLA OH . -15.12 -9.45 -56.38
C2A CLA OH . -15.21 -8.33 -57.44
C3A CLA OH . -14.54 -8.93 -58.69
C4A CLA OH . -14.18 -10.35 -58.25
CMA CLA OH . -15.40 -8.91 -59.91
CAA CLA OH . -14.49 -7.04 -57.10
CBA CLA OH . -15.43 -5.86 -56.92
CGA CLA OH . -16.56 -5.91 -57.88
O1A CLA OH . -17.66 -6.44 -57.75
O2A CLA OH . -16.31 -5.25 -59.04
NB CLA OH . -13.43 -13.23 -57.79
C1B CLA OH . -13.15 -12.51 -58.89
C2B CLA OH . -12.31 -13.31 -59.81
C3B CLA OH . -12.09 -14.52 -59.21
C4B CLA OH . -12.78 -14.48 -57.91
CMB CLA OH . -11.83 -12.80 -61.08
CAB CLA OH . -11.34 -15.67 -59.61
CBB CLA OH . -10.05 -15.70 -59.91
NC CLA OH . -13.84 -14.28 -55.13
C1C CLA OH . -13.30 -15.38 -55.70
C2C CLA OH . -13.30 -16.49 -54.77
C3C CLA OH . -13.84 -16.00 -53.58
C4C CLA OH . -14.18 -14.62 -53.82
CMC CLA OH . -12.79 -17.82 -55.11
CAC CLA OH . -14.08 -16.72 -52.32
CBC CLA OH . -12.85 -17.06 -51.52
ND CLA OH . -14.83 -11.78 -54.31
C1D CLA OH . -15.07 -12.44 -53.08
C2D CLA OH . -15.67 -11.49 -52.15
C3D CLA OH . -15.83 -10.30 -52.84
C4D CLA OH . -15.34 -10.54 -54.20
CMD CLA OH . -16.02 -11.79 -50.76
CAD CLA OH . -16.30 -8.95 -52.77
OBD CLA OH . -16.74 -8.31 -51.83
CBD CLA OH . -16.16 -8.36 -54.20
CGD CLA OH . -17.45 -7.81 -54.69
O1D CLA OH . -17.78 -6.63 -54.76
O2D CLA OH . -18.33 -8.74 -55.11
CED CLA OH . -19.71 -8.35 -55.09
MG CLA PH . -29.86 -16.42 -50.93
CHA CLA PH . -31.25 -14.93 -53.70
CHB CLA PH . -32.72 -15.89 -49.21
CHC CLA PH . -28.39 -17.81 -48.19
CHD CLA PH . -26.92 -17.03 -52.79
NA CLA PH . -31.69 -15.55 -51.42
C1A CLA PH . -32.09 -14.97 -52.62
C2A CLA PH . -33.53 -14.45 -52.52
C3A CLA PH . -33.96 -14.90 -51.11
C4A CLA PH . -32.70 -15.49 -50.52
CMA CLA PH . -34.46 -13.81 -50.21
CAA CLA PH . -34.54 -15.01 -53.50
CBA CLA PH . -35.76 -14.13 -53.62
CGA CLA PH . -36.09 -13.83 -55.04
O1A CLA PH . -37.02 -13.15 -55.48
O2A CLA PH . -35.25 -14.39 -55.94
NB CLA PH . -30.40 -16.69 -49.04
C1B CLA PH . -31.64 -16.49 -48.55
C2B CLA PH . -31.74 -17.00 -47.17
C3B CLA PH . -30.53 -17.55 -46.88
C4B CLA PH . -29.66 -17.37 -48.06
CMB CLA PH . -32.97 -16.93 -46.41
CAB CLA PH . -30.08 -18.24 -45.71
CBB CLA PH . -30.16 -17.78 -44.46
NC CLA PH . -27.99 -17.27 -50.57
C1C CLA PH . -27.60 -17.78 -49.38
C2C CLA PH . -26.25 -18.29 -49.48
C3C CLA PH . -25.83 -18.08 -50.77
C4C CLA PH . -26.94 -17.45 -51.45
CMC CLA PH . -25.50 -18.91 -48.39
CAC CLA PH . -24.54 -18.45 -51.35
CBC CLA PH . -24.59 -19.79 -52.04
ND CLA PH . -29.22 -16.21 -52.83
C1D CLA PH . -27.98 -16.44 -53.44
C2D CLA PH . -28.03 -15.98 -54.84
C3D CLA PH . -29.26 -15.39 -54.97
C4D CLA PH . -29.96 -15.54 -53.70
CMD CLA PH . -26.95 -16.12 -55.80
CAD CLA PH . -30.17 -14.75 -55.88
OBD CLA PH . -30.05 -14.57 -57.08
CBD CLA PH . -31.39 -14.32 -55.06
CGD CLA PH . -31.50 -12.86 -54.85
O1D CLA PH . -32.47 -12.11 -55.03
O2D CLA PH . -30.37 -12.29 -54.37
CED CLA PH . -30.47 -10.97 -53.85
C1 CLA PH . -34.68 -13.51 -56.92
C2 CLA PH . -35.43 -13.67 -58.17
C3 CLA PH . -35.70 -12.61 -58.95
C4 CLA PH . -35.26 -11.23 -58.61
C5 CLA PH . -36.45 -12.79 -60.20
C6 CLA PH . -37.76 -12.03 -60.17
C7 CLA PH . -38.53 -12.22 -61.47
C8 CLA PH . -38.34 -11.06 -62.44
C9 CLA PH . -39.67 -10.72 -63.09
C10 CLA PH . -37.30 -11.38 -63.49
C11 CLA PH . -36.95 -10.17 -64.32
C12 CLA PH . -35.49 -9.79 -64.17
C13 CLA PH . -35.00 -8.92 -65.31
C14 CLA PH . -35.82 -7.65 -65.43
C15 CLA PH . -35.01 -9.69 -66.64
C16 CLA PH . -33.71 -9.49 -67.39
C17 CLA PH . -33.45 -10.59 -68.39
C18 CLA PH . -33.96 -10.24 -69.78
C19 CLA PH . -33.85 -11.44 -70.72
C20 CLA PH . -33.20 -9.07 -70.35
MG CLA QH . -30.11 -19.63 -39.46
CHA CLA QH . -33.34 -18.71 -40.25
CHB CLA QH . -29.95 -21.51 -42.26
CHC CLA QH . -27.20 -21.04 -38.33
CHD CLA QH . -30.42 -17.94 -36.39
NA CLA QH . -31.41 -19.94 -41.05
C1A CLA QH . -32.73 -19.50 -41.21
C2A CLA QH . -33.27 -20.08 -42.54
C3A CLA QH . -32.00 -20.53 -43.27
C4A CLA QH . -31.04 -20.70 -42.12
CMA CLA QH . -32.21 -21.81 -44.02
CAA CLA QH . -34.15 -19.27 -43.47
CBA CLA QH . -35.55 -19.81 -43.40
CGA CLA QH . -36.51 -19.00 -44.20
O1A CLA QH . -37.51 -18.39 -43.82
O2A CLA QH . -36.18 -18.96 -45.52
NB CLA QH . -28.80 -20.94 -40.20
C1B CLA QH . -28.98 -21.72 -41.29
C2B CLA QH . -27.99 -22.81 -41.34
C3B CLA QH . -27.21 -22.68 -40.24
C4B CLA QH . -27.70 -21.49 -39.50
CMB CLA QH . -27.94 -23.80 -42.41
CAB CLA QH . -26.10 -23.45 -39.77
CBB CLA QH . -24.94 -23.53 -40.40
NC CLA QH . -28.95 -19.38 -37.75
C1C CLA QH . -27.76 -20.02 -37.53
C2C CLA QH . -27.23 -19.65 -36.25
C3C CLA QH . -28.15 -18.82 -35.65
C4C CLA QH . -29.24 -18.65 -36.61
CMC CLA QH . -25.97 -20.14 -35.71
CAC CLA QH . -28.05 -18.20 -34.34
CBC CLA QH . -27.35 -16.87 -34.41
ND CLA QH . -31.43 -18.40 -38.59
C1D CLA QH . -31.46 -17.83 -37.29
C2D CLA QH . -32.73 -17.14 -37.10
C3D CLA QH . -33.47 -17.42 -38.22
C4D CLA QH . -32.64 -18.25 -39.10
CMD CLA QH . -33.09 -16.37 -35.93
CAD CLA QH . -34.72 -17.20 -38.88
OBD CLA QH . -35.65 -16.46 -38.60
CBD CLA QH . -34.71 -18.11 -40.12
CGD CLA QH . -35.77 -19.15 -39.96
O1D CLA QH . -36.98 -19.03 -40.13
O2D CLA QH . -35.28 -20.35 -39.56
CED CLA QH . -36.20 -21.42 -39.40
MG CLA RH . -14.86 -17.00 -29.83
CHA CLA RH . -12.94 -18.54 -27.42
CHB CLA RH . -17.43 -19.08 -29.10
CHC CLA RH . -16.85 -15.18 -31.96
CHD CLA RH . -12.21 -14.75 -30.45
NA CLA RH . -15.10 -18.58 -28.52
C1A CLA RH . -14.19 -19.05 -27.56
C2A CLA RH . -14.81 -20.19 -26.78
C3A CLA RH . -16.07 -20.55 -27.59
C4A CLA RH . -16.25 -19.31 -28.45
CMA CLA RH . -15.85 -21.79 -28.40
CAA CLA RH . -15.38 -19.57 -25.53
CBA CLA RH . -14.58 -19.76 -24.26
CGA CLA RH . -15.21 -18.96 -23.17
O1A CLA RH . -15.31 -19.23 -21.97
O2A CLA RH . -15.75 -17.79 -23.63
NB CLA RH . -16.77 -17.12 -30.44
C1B CLA RH . -17.69 -18.00 -29.96
C2B CLA RH . -19.03 -17.67 -30.51
C3B CLA RH . -18.86 -16.58 -31.33
C4B CLA RH . -17.43 -16.22 -31.29
CMB CLA RH . -20.22 -18.45 -30.20
CAB CLA RH . -19.84 -15.86 -32.10
CBB CLA RH . -19.91 -15.86 -33.42
NC CLA RH . -14.55 -15.34 -31.04
C1C CLA RH . -15.50 -14.77 -31.85
C2C CLA RH . -14.95 -13.62 -32.54
C3C CLA RH . -13.65 -13.47 -32.08
C4C CLA RH . -13.40 -14.54 -31.13
CMC CLA RH . -15.70 -12.79 -33.48
CAC CLA RH . -12.67 -12.44 -32.45
CBC CLA RH . -12.02 -12.67 -33.78
ND CLA RH . -12.96 -16.75 -29.24
C1D CLA RH . -11.99 -15.77 -29.55
C2D CLA RH . -10.76 -16.06 -28.79
C3D CLA RH . -11.05 -17.14 -27.99
C4D CLA RH . -12.45 -17.51 -28.27
CMD CLA RH . -9.53 -15.30 -28.93
CAD CLA RH . -10.56 -18.07 -26.99
OBD CLA RH . -9.43 -18.21 -26.56
CBD CLA RH . -11.78 -18.92 -26.53
CGD CLA RH . -11.46 -20.39 -26.62
O1D CLA RH . -11.07 -21.12 -25.71
O2D CLA RH . -11.65 -20.92 -27.84
CED CLA RH . -12.09 -22.29 -27.89
C A86 SH . -25.19 -22.08 -45.17
O A86 SH . -19.54 -19.10 -33.27
C1 A86 SH . -26.45 -21.24 -44.80
C10 A86 SH . -21.45 -19.32 -36.24
C11 A86 SH . -21.28 -19.22 -34.81
C12 A86 SH . -22.42 -18.84 -33.90
C13 A86 SH . -19.92 -19.52 -34.30
C14 A86 SH . -18.98 -20.49 -35.27
C15 A86 SH . -18.51 -21.81 -34.58
C16 A86 SH . -19.56 -22.81 -34.10
C17 A86 SH . -19.91 -22.66 -32.61
C18 A86 SH . -18.72 -22.80 -31.78
C19 A86 SH . -17.71 -21.64 -32.10
C2 A86 SH . -26.51 -20.51 -43.61
C20 A86 SH . -17.34 -21.67 -33.67
C21 A86 SH . -16.52 -20.34 -33.85
C22 A86 SH . -19.01 -24.25 -34.34
C23 A86 SH . -20.83 -22.76 -34.92
C24 A86 SH . -27.64 -21.22 -45.71
C25 A86 SH . -27.80 -22.25 -46.67
C26 A86 SH . -29.13 -22.20 -47.62
C27 A86 SH . -29.05 -21.88 -48.98
C28 A86 SH . -27.74 -21.59 -49.60
C29 A86 SH . -30.40 -21.86 -49.83
C3 A86 SH . -25.38 -20.53 -42.68
C30 A86 SH . -30.36 -21.84 -51.29
C31 A86 SH . -30.32 -21.80 -52.71
C32 A86 SH . -29.62 -22.93 -53.51
C33 A86 SH . -29.48 -22.72 -55.02
C34 A86 SH . -29.21 -21.27 -55.45
C35 A86 SH . -30.20 -20.25 -54.85
C36 A86 SH . -30.49 -20.42 -53.35
C37 A86 SH . -29.52 -19.52 -52.58
C38 A86 SH . -27.00 -21.14 -56.22
C39 A86 SH . -26.98 -20.18 -57.43
C4 A86 SH . -25.42 -19.75 -41.51
C40 A86 SH . -28.24 -23.23 -52.89
C41 A86 SH . -30.48 -24.21 -53.32
C5 A86 SH . -24.14 -19.83 -40.49
C6 A86 SH . -24.08 -19.05 -39.33
C7 A86 SH . -25.25 -18.05 -38.95
C8 A86 SH . -22.79 -19.24 -38.41
C9 A86 SH . -22.80 -19.07 -36.96
O1 A86 SH . -17.18 -22.30 -35.00
O2 A86 SH . -19.08 -22.73 -30.43
O3 A86 SH . -31.79 -19.97 -53.10
O4 A86 SH . -27.90 -20.89 -55.13
O5 A86 SH . -26.28 -22.07 -56.19
C A86 TH . -15.98 -10.19 -39.65
O A86 TH . -12.00 -20.93 -47.01
C1 A86 TH . -16.41 -9.44 -40.95
C10 A86 TH . -13.35 -17.98 -45.54
C11 A86 TH . -13.14 -18.93 -46.61
C12 A86 TH . -13.49 -18.60 -48.03
C13 A86 TH . -12.56 -20.24 -46.24
C14 A86 TH . -12.74 -20.70 -44.64
C15 A86 TH . -11.86 -21.89 -44.13
C16 A86 TH . -10.35 -21.76 -44.08
C17 A86 TH . -9.57 -22.54 -45.14
C18 A86 TH . -9.93 -23.95 -45.09
C19 A86 TH . -11.42 -24.09 -45.52
C2 A86 TH . -16.24 -10.04 -42.21
C20 A86 TH . -12.33 -23.28 -44.46
C21 A86 TH . -13.77 -23.35 -45.08
C22 A86 TH . -9.97 -22.30 -42.67
C23 A86 TH . -9.86 -20.33 -44.11
C24 A86 TH . -17.06 -8.09 -40.82
C25 A86 TH . -17.02 -7.41 -39.57
C26 A86 TH . -17.75 -5.94 -39.42
C27 A86 TH . -17.11 -4.77 -39.87
C28 A86 TH . -15.77 -4.83 -40.49
C29 A86 TH . -17.82 -3.34 -39.74
C3 A86 TH . -15.64 -11.37 -42.27
C30 A86 TH . -18.43 -2.86 -38.51
C31 A86 TH . -19.01 -2.34 -37.32
C32 A86 TH . -18.16 -1.56 -36.30
C33 A86 TH . -18.56 -1.71 -34.82
C34 A86 TH . -20.06 -1.89 -34.58
C35 A86 TH . -20.70 -2.95 -35.51
C36 A86 TH . -20.50 -2.52 -36.97
C37 A86 TH . -21.09 -3.61 -37.89
C38 A86 TH . -20.31 -1.20 -32.32
C39 A86 TH . -19.49 -1.21 -31.01
C4 A86 TH . -15.38 -11.97 -43.50
C40 A86 TH . -18.21 -0.07 -36.68
C41 A86 TH . -16.70 -2.06 -36.45
C5 A86 TH . -14.73 -13.49 -43.49
C6 A86 TH . -14.79 -14.28 -44.64
C7 A86 TH . -15.49 -13.74 -45.96
C8 A86 TH . -14.16 -15.75 -44.59
C9 A86 TH . -13.96 -16.58 -45.78
O1 A86 TH . -12.57 -22.71 -43.13
O2 A86 TH . -9.10 -24.70 -45.96
O3 A86 TH . -21.20 -1.32 -37.20
O4 A86 TH . -20.22 -2.31 -33.24
O5 A86 TH . -21.02 -0.30 -32.58
C A86 UH . -13.42 -8.55 -30.86
O A86 UH . -25.91 -12.24 -34.87
C1 A86 UH . -13.46 -9.87 -30.02
C10 A86 UH . -23.08 -11.27 -32.96
C11 A86 UH . -23.79 -12.13 -33.89
C12 A86 UH . -23.32 -13.53 -34.11
C13 A86 UH . -24.96 -11.58 -34.64
C14 A86 UH . -24.83 -10.00 -35.17
C15 A86 UH . -26.09 -9.07 -35.13
C16 A86 UH . -26.70 -8.65 -33.79
C17 A86 UH . -28.10 -9.16 -33.46
C18 A86 UH . -29.04 -8.90 -34.53
C19 A86 UH . -28.58 -9.75 -35.76
C2 A86 UH . -14.66 -10.59 -29.84
C20 A86 UH . -27.12 -9.21 -36.21
C21 A86 UH . -26.72 -10.23 -37.34
C22 A86 UH . -26.79 -7.11 -33.88
C23 A86 UH . -25.79 -8.92 -32.61
C24 A86 UH . -12.21 -10.45 -29.42
C25 A86 UH . -11.01 -9.75 -29.12
C26 A86 UH . -9.86 -10.74 -28.48
C27 A86 UH . -9.79 -11.00 -27.10
C28 A86 UH . -10.73 -10.38 -26.14
C29 A86 UH . -8.64 -12.02 -26.58
C3 A86 UH . -15.93 -10.16 -30.41
C30 A86 UH . -7.30 -11.55 -26.25
C31 A86 UH . -5.97 -11.13 -25.92
C32 A86 UH . -5.70 -9.83 -25.13
C33 A86 UH . -4.24 -9.49 -24.78
C34 A86 UH . -3.12 -10.09 -25.65
C35 A86 UH . -3.61 -10.96 -26.84
C36 A86 UH . -4.73 -11.91 -26.39
C37 A86 UH . -5.12 -12.79 -27.59
C38 A86 UH . -2.55 -8.35 -27.34
C39 A86 UH . -1.53 -8.36 -28.51
C4 A86 UH . -17.12 -10.79 -30.00
C40 A86 UH . -6.33 -8.63 -25.90
C41 A86 UH . -6.48 -9.97 -23.79
C5 A86 UH . -18.54 -10.32 -30.71
C6 A86 UH . -19.54 -11.28 -30.91
C7 A86 UH . -19.31 -12.78 -30.44
C8 A86 UH . -20.90 -10.83 -31.65
C9 A86 UH . -21.83 -11.81 -32.23
O1 A86 UH . -26.10 -8.15 -36.29
O2 A86 UH . -30.34 -9.29 -34.17
O3 A86 UH . -4.26 -12.73 -25.36
O4 A86 UH . -2.25 -9.05 -26.10
O5 A86 UH . -3.55 -7.74 -27.46
C A86 VH . -9.30 -4.84 -42.36
O A86 VH . -3.92 -15.48 -36.86
C1 A86 VH . -9.71 -5.55 -43.68
C10 A86 VH . -5.67 -13.29 -38.84
C11 A86 VH . -5.68 -14.43 -37.95
C12 A86 VH . -6.76 -15.47 -38.03
C13 A86 VH . -4.60 -14.52 -36.94
C14 A86 VH . -4.35 -13.20 -35.93
C15 A86 VH . -2.93 -13.12 -35.24
C16 A86 VH . -1.70 -12.97 -36.12
C17 A86 VH . -0.93 -14.27 -36.40
C18 A86 VH . -0.54 -14.92 -35.15
C19 A86 VH . -1.82 -15.33 -34.34
C2 A86 VH . -9.37 -6.89 -43.92
C20 A86 VH . -2.72 -14.01 -34.06
C21 A86 VH . -4.04 -14.60 -33.45
C22 A86 VH . -0.73 -11.97 -35.39
C23 A86 VH . -2.01 -12.30 -37.46
C24 A86 VH . -10.47 -4.82 -44.76
C25 A86 VH . -9.74 -3.98 -45.63
C26 A86 VH . -10.55 -3.19 -46.82
C27 A86 VH . -11.11 -1.92 -46.60
C28 A86 VH . -10.99 -1.25 -45.29
C29 A86 VH . -11.89 -1.21 -47.83
C3 A86 VH . -8.61 -7.64 -42.93
C30 A86 VH . -12.19 0.21 -47.75
C31 A86 VH . -12.49 1.60 -47.70
C32 A86 VH . -11.70 2.60 -48.57
C33 A86 VH . -11.54 4.02 -47.99
C34 A86 VH . -12.74 4.53 -47.18
C35 A86 VH . -13.23 3.49 -46.15
C36 A86 VH . -13.61 2.17 -46.83
C37 A86 VH . -13.93 1.14 -45.74
C38 A86 VH . -13.01 6.89 -46.91
C39 A86 VH . -13.28 8.03 -45.87
C4 A86 VH . -8.47 -9.03 -43.07
C40 A86 VH . -12.40 2.71 -49.95
C41 A86 VH . -10.28 2.01 -48.78
C5 A86 VH . -7.58 -9.81 -41.91
C6 A86 VH . -7.69 -11.17 -41.65
C7 A86 VH . -8.69 -12.11 -42.45
C8 A86 VH . -6.73 -11.72 -40.48
C9 A86 VH . -6.73 -13.07 -39.94
O1 A86 VH . -2.94 -12.56 -33.88
O2 A86 VH . 0.22 -16.07 -35.45
O3 A86 VH . -14.76 2.37 -47.62
O4 A86 VH . -12.34 5.69 -46.47
O5 A86 VH . -13.34 7.03 -48.02
C A86 WH . -28.69 -30.24 -29.54
O A86 WH . -41.00 -26.28 -26.35
C1 A86 WH . -28.29 -30.66 -28.09
C10 A86 WH . -37.65 -27.57 -26.34
C11 A86 WH . -39.05 -27.49 -25.93
C12 A86 WH . -39.61 -28.37 -24.84
C13 A86 WH . -39.87 -26.49 -26.64
C14 A86 WH . -39.11 -25.67 -27.89
C15 A86 WH . -39.96 -24.67 -28.74
C16 A86 WH . -40.41 -23.36 -28.11
C17 A86 WH . -41.90 -23.23 -27.80
C18 A86 WH . -42.69 -23.55 -28.98
C19 A86 WH . -42.49 -25.08 -29.26
C2 A86 WH . -29.11 -30.36 -27.00
C20 A86 WH . -40.95 -25.25 -29.69
C21 A86 WH . -40.85 -26.81 -29.91
C22 A86 WH . -40.06 -22.24 -29.12
C23 A86 WH . -39.63 -23.02 -26.85
C24 A86 WH . -27.00 -31.40 -27.81
C25 A86 WH . -26.32 -30.98 -26.65
C26 A86 WH . -24.92 -31.68 -26.15
C27 A86 WH . -23.67 -31.55 -26.79
C28 A86 WH . -23.48 -30.77 -28.03
C29 A86 WH . -22.44 -32.30 -26.09
C3 A86 WH . -30.37 -29.66 -27.23
C30 A86 WH . -21.30 -32.71 -26.88
C31 A86 WH . -20.15 -33.13 -27.62
C32 A86 WH . -18.83 -32.37 -27.44
C33 A86 WH . -17.78 -32.68 -28.53
C34 A86 WH . -17.63 -34.17 -28.82
C35 A86 WH . -18.98 -34.81 -29.20
C36 A86 WH . -20.05 -34.57 -28.12
C37 A86 WH . -21.43 -34.94 -28.71
C38 A86 WH . -15.58 -35.05 -29.70
C39 A86 WH . -14.65 -34.68 -28.51
C4 A86 WH . -31.47 -29.91 -26.40
C40 A86 WH . -18.22 -32.70 -26.06
C41 A86 WH . -19.13 -30.85 -27.48
C5 A86 WH . -32.88 -29.10 -26.70
C6 A86 WH . -34.10 -29.51 -26.14
C7 A86 WH . -34.20 -30.77 -25.18
C8 A86 WH . -35.37 -28.61 -26.51
C9 A86 WH . -36.61 -28.54 -25.74
O1 A86 WH . -39.65 -24.74 -30.19
O2 A86 WH . -44.05 -23.30 -28.81
O3 A86 WH . -19.79 -35.42 -27.04
O4 A86 WH . -16.78 -34.29 -29.93
O5 A86 WH . -15.30 -35.95 -30.39
MG CLA XH . -22.60 -18.88 -70.04
CHA CLA XH . -25.77 -19.72 -68.94
CHB CLA XH . -23.22 -15.62 -69.37
CHC CLA XH . -19.49 -18.09 -71.24
CHD CLA XH . -22.10 -22.24 -71.02
NA CLA XH . -24.24 -17.87 -69.24
C1A CLA XH . -25.47 -18.39 -68.83
C2A CLA XH . -26.38 -17.27 -68.32
C3A CLA XH . -25.49 -16.02 -68.37
C4A CLA XH . -24.22 -16.52 -69.05
CMA CLA XH . -26.16 -14.91 -69.11
CAA CLA XH . -26.80 -17.39 -66.87
CBA CLA XH . -25.59 -17.60 -66.00
CGA CLA XH . -26.05 -18.08 -64.67
O1A CLA XH . -26.90 -17.61 -63.92
O2A CLA XH . -25.41 -19.23 -64.30
NB CLA XH . -21.54 -17.18 -70.22
C1B CLA XH . -22.00 -15.95 -69.98
C2B CLA XH . -21.02 -14.93 -70.43
C3B CLA XH . -19.96 -15.62 -70.97
C4B CLA XH . -20.27 -17.06 -70.83
CMB CLA XH . -21.23 -13.49 -70.30
CAB CLA XH . -18.75 -15.07 -71.52
CBB CLA XH . -18.17 -15.33 -72.70
NC CLA XH . -21.06 -19.98 -70.90
C1C CLA XH . -19.86 -19.46 -71.26
C2C CLA XH . -18.99 -20.50 -71.75
C3C CLA XH . -19.75 -21.66 -71.79
C4C CLA XH . -21.06 -21.33 -71.25
CMC CLA XH . -17.61 -20.30 -72.17
CAC CLA XH . -19.29 -22.98 -72.20
CBC CLA XH . -18.72 -23.76 -71.05
ND CLA XH . -23.61 -20.61 -69.98
C1D CLA XH . -23.28 -21.91 -70.40
C2D CLA XH . -24.39 -22.81 -70.09
C3D CLA XH . -25.37 -22.03 -69.53
C4D CLA XH . -24.85 -20.66 -69.51
CMD CLA XH . -24.39 -24.24 -70.33
CAD CLA XH . -26.69 -22.00 -68.97
OBD CLA XH . -27.49 -22.91 -68.81
CBD CLA XH . -26.99 -20.54 -68.57
CGD CLA XH . -28.24 -20.07 -69.23
O1D CLA XH . -28.63 -20.33 -70.36
O2D CLA XH . -29.02 -19.28 -68.44
CED CLA XH . -29.99 -18.47 -69.09
C1 CLA XH . -25.16 -19.40 -62.89
C2 CLA XH . -24.09 -20.43 -62.81
C3 CLA XH . -23.99 -21.29 -61.79
C4 CLA XH . -24.92 -21.29 -60.65
C5 CLA XH . -22.91 -22.29 -61.76
C6 CLA XH . -23.53 -23.68 -61.67
C7 CLA XH . -22.62 -24.71 -62.28
C8 CLA XH . -23.41 -25.90 -62.81
C9 CLA XH . -24.33 -26.46 -61.75
C10 CLA XH . -22.46 -26.98 -63.30
C11 CLA XH . -21.54 -27.45 -62.21
C12 CLA XH . -20.21 -27.88 -62.77
C13 CLA XH . -19.44 -28.76 -61.80
C14 CLA XH . -19.30 -28.08 -60.44
C15 CLA XH . -18.06 -29.08 -62.36
C16 CLA XH . -17.77 -30.57 -62.37
C17 CLA XH . -17.24 -31.08 -61.05
C18 CLA XH . -16.67 -32.48 -61.16
C19 CLA XH . -15.54 -32.54 -62.17
C20 CLA XH . -16.16 -32.92 -59.81
C A86 YH . -25.54 -32.50 -60.24
O A86 YH . -16.19 -39.39 -64.51
C1 A86 YH . -24.90 -31.22 -60.85
C10 A86 YH . -16.76 -36.31 -63.49
C11 A86 YH . -17.03 -37.70 -63.18
C12 A86 YH . -18.31 -38.06 -62.50
C13 A86 YH . -16.04 -38.75 -63.53
C14 A86 YH . -14.73 -39.08 -62.54
C15 A86 YH . -15.27 -40.00 -61.39
C16 A86 YH . -15.03 -39.54 -59.95
C17 A86 YH . -14.74 -40.55 -58.83
C18 A86 YH . -14.89 -41.97 -59.15
C19 A86 YH . -14.25 -42.25 -60.54
C2 A86 YH . -23.63 -31.24 -61.44
C20 A86 YH . -15.19 -41.47 -61.58
C21 A86 YH . -14.60 -41.91 -62.98
C22 A86 YH . -13.86 -38.50 -59.89
C23 A86 YH . -16.26 -38.78 -59.50
C24 A86 YH . -25.65 -29.90 -60.81
C25 A86 YH . -26.77 -29.71 -59.96
C26 A86 YH . -27.51 -28.26 -59.98
C27 A86 YH . -28.90 -28.18 -59.74
C28 A86 YH . -29.67 -29.43 -59.47
C29 A86 YH . -29.65 -26.77 -59.75
C3 A86 YH . -22.82 -32.48 -61.54
C30 A86 YH . -30.94 -26.62 -59.07
C31 A86 YH . -32.20 -26.46 -58.42
C32 A86 YH . -33.47 -27.12 -59.00
C33 A86 YH . -34.83 -26.74 -58.41
C34 A86 YH . -34.76 -26.39 -56.92
C35 A86 YH . -33.67 -25.33 -56.58
C36 A86 YH . -32.42 -25.25 -57.49
C37 A86 YH . -32.48 -23.94 -58.33
C38 A86 YH . -36.25 -25.48 -55.24
C39 A86 YH . -36.26 -26.57 -54.13
C4 A86 YH . -21.60 -32.37 -62.22
C40 A86 YH . -33.52 -26.78 -60.50
C41 A86 YH . -33.31 -28.66 -58.86
C5 A86 YH . -20.55 -33.64 -62.42
C6 A86 YH . -19.93 -33.70 -63.68
C7 A86 YH . -20.27 -32.57 -64.75
C8 A86 YH . -18.86 -34.85 -64.06
C9 A86 YH . -17.80 -35.23 -63.13
O1 A86 YH . -16.45 -40.75 -61.87
O2 A86 YH . -14.27 -42.75 -58.16
O3 A86 YH . -31.30 -25.15 -56.67
O4 A86 YH . -36.02 -25.85 -56.62
O5 A86 YH . -36.43 -24.34 -54.97
C1 LMG ZH . -18.75 -27.26 -18.32
O1 LMG ZH . -19.87 -27.07 -19.21
C2 LMG ZH . -18.98 -28.49 -17.43
O2 LMG ZH . -19.93 -28.10 -16.51
C3 LMG ZH . -17.69 -28.66 -16.63
O3 LMG ZH . -17.90 -29.81 -15.88
C4 LMG ZH . -16.47 -28.88 -17.57
O4 LMG ZH . -16.68 -30.01 -18.31
C5 LMG ZH . -16.43 -27.68 -18.54
O5 LMG ZH . -15.99 -27.42 -20.80
C6 LMG ZH . -15.42 -27.96 -19.64
O6 LMG ZH . -17.64 -27.50 -19.17
C7 LMG ZH . -19.50 -26.56 -20.48
C8 LMG ZH . -20.43 -25.53 -21.05
C9 LMG ZH . -21.17 -24.70 -19.99
O7 LMG ZH . -19.63 -24.62 -21.77
C10 LMG ZH . -19.83 -24.51 -23.10
O9 LMG ZH . -20.77 -25.10 -23.61
C11 LMG ZH . -19.17 -23.32 -23.66
C12 LMG ZH . -19.80 -22.99 -24.98
C13 LMG ZH . -20.05 -21.50 -25.15
C14 LMG ZH . -21.32 -21.37 -25.95
C15 LMG ZH . -22.39 -20.74 -25.09
C16 LMG ZH . -23.75 -21.31 -25.43
C17 LMG ZH . -24.74 -20.19 -25.57
C18 LMG ZH . -26.10 -20.74 -25.21
C19 LMG ZH . -27.15 -19.96 -25.96
O8 LMG ZH . -21.50 -23.44 -20.58
C28 LMG ZH . -22.68 -22.86 -20.22
O10 LMG ZH . -23.34 -23.35 -19.31
C29 LMG ZH . -23.13 -21.76 -21.10
C30 LMG ZH . -24.42 -21.17 -20.58
C31 LMG ZH . -25.04 -20.37 -21.69
C32 LMG ZH . -24.16 -19.17 -21.97
C33 LMG ZH . -25.06 -18.05 -22.41
C34 LMG ZH . -24.28 -17.13 -23.28
C35 LMG ZH . -24.56 -15.72 -22.81
C36 LMG ZH . -23.73 -14.83 -23.67
C37 LMG ZH . -23.88 -13.43 -23.15
C1B LMU AI . -53.28 -12.57 -17.70
C2B LMU AI . -52.99 -11.27 -18.47
C3B LMU AI . -53.83 -10.18 -17.95
C4B LMU AI . -55.28 -10.46 -18.17
C5B LMU AI . -55.72 -11.80 -17.56
C6B LMU AI . -56.50 -12.57 -18.57
O1B LMU AI . -52.31 -12.70 -16.74
O2B LMU AI . -51.60 -10.93 -18.33
O3B LMU AI . -53.46 -8.93 -18.61
O4' LMU AI . -56.05 -9.41 -17.56
O5B LMU AI . -54.62 -12.64 -17.02
O6B LMU AI . -57.86 -12.25 -18.44
C1' LMU AI . -49.34 -14.94 -15.60
C2' LMU AI . -49.24 -13.92 -16.73
C3' LMU AI . -50.46 -13.97 -17.60
C4' LMU AI . -51.77 -14.02 -16.81
C5' LMU AI . -51.74 -14.54 -15.37
C6' LMU AI . -52.16 -15.97 -15.37
O1' LMU AI . -48.16 -15.15 -14.93
O2' LMU AI . -49.16 -12.60 -16.15
O3' LMU AI . -50.36 -15.03 -18.63
O5' LMU AI . -50.42 -14.48 -14.69
O6' LMU AI . -51.95 -16.46 -14.08
C1 LMU AI . -48.06 -16.50 -14.50
C2 LMU AI . -46.71 -17.12 -14.92
C3 LMU AI . -46.81 -18.67 -14.81
C4 LMU AI . -45.51 -19.23 -14.15
C5 LMU AI . -44.97 -20.41 -15.00
C6 LMU AI . -43.85 -21.19 -14.23
C7 LMU AI . -44.11 -22.69 -14.39
C8 LMU AI . -42.98 -23.31 -15.22
C9 LMU AI . -41.68 -23.22 -14.45
MG CLA BI . -32.55 -11.79 -33.60
CHA CLA BI . -33.62 -12.75 -36.75
CHB CLA BI . -35.58 -10.43 -32.97
CHC CLA BI . -31.41 -10.80 -30.54
CHD CLA BI . -29.31 -12.95 -34.41
NA CLA BI . -34.32 -11.65 -34.71
C1A CLA BI . -34.58 -12.12 -36.00
C2A CLA BI . -36.02 -11.79 -36.40
C3A CLA BI . -36.61 -11.16 -35.13
C4A CLA BI . -35.43 -11.06 -34.18
CMA CLA BI . -37.26 -9.84 -35.43
CAA CLA BI . -36.90 -12.99 -36.71
CBA CLA BI . -36.83 -13.97 -35.58
CGA CLA BI . -37.38 -15.27 -36.06
O1A CLA BI . -38.45 -15.50 -36.62
O2A CLA BI . -36.52 -16.30 -35.83
NB CLA BI . -33.36 -10.84 -32.03
C1B CLA BI . -34.58 -10.28 -32.01
C2B CLA BI . -34.74 -9.47 -30.78
C3B CLA BI . -33.57 -9.55 -30.08
C4B CLA BI . -32.68 -10.45 -30.87
CMB CLA BI . -35.96 -8.74 -30.45
CAB CLA BI . -33.24 -8.97 -28.80
CBB CLA BI . -32.19 -8.22 -28.47
NC CLA BI . -30.72 -11.92 -32.64
C1C CLA BI . -30.50 -11.50 -31.37
C2C CLA BI . -29.14 -11.80 -30.98
C3C CLA BI . -28.51 -12.31 -32.09
C4C CLA BI . -29.51 -12.38 -33.15
CMC CLA BI . -28.58 -11.53 -29.65
CAC CLA BI . -27.12 -12.77 -32.17
CBC CLA BI . -27.02 -14.23 -31.80
ND CLA BI . -31.63 -12.68 -35.16
C1D CLA BI . -30.31 -13.11 -35.34
C2D CLA BI . -30.19 -13.72 -36.67
C3D CLA BI . -31.42 -13.61 -37.25
C4D CLA BI . -32.29 -12.93 -36.28
CMD CLA BI . -28.99 -14.33 -37.19
CAD CLA BI . -32.21 -13.88 -38.43
OBD CLA BI . -31.89 -14.41 -39.48
CBD CLA BI . -33.64 -13.33 -38.14
CGD CLA BI . -34.03 -12.36 -39.21
O1D CLA BI . -33.33 -11.53 -39.75
O2D CLA BI . -35.33 -12.46 -39.59
CED CLA BI . -35.91 -11.35 -40.26
C1 CLA BI . -37.10 -17.58 -35.53
C2 CLA BI . -36.02 -18.37 -34.91
C3 CLA BI . -35.93 -19.69 -35.01
C4 CLA BI . -36.90 -20.50 -35.78
C5 CLA BI . -34.82 -20.43 -34.37
C6 CLA BI . -34.05 -21.20 -35.42
C7 CLA BI . -32.62 -21.41 -34.99
C8 CLA BI . -31.70 -21.53 -36.19
C9 CLA BI . -32.19 -22.59 -37.15
C10 CLA BI . -30.29 -21.88 -35.74
C11 CLA BI . -30.24 -23.15 -34.96
C12 CLA BI . -29.15 -23.10 -33.91
C13 CLA BI . -28.79 -24.49 -33.41
C14 CLA BI . -30.02 -25.23 -32.93
C15 CLA BI . -27.77 -24.41 -32.29
C16 CLA BI . -26.55 -25.27 -32.56
C17 CLA BI . -26.75 -26.70 -32.13
C18 CLA BI . -25.43 -27.48 -32.09
C19 CLA BI . -24.42 -26.85 -31.16
C20 CLA BI . -25.70 -28.90 -31.66
C A86 CI . -28.80 -27.03 -40.16
O A86 CI . -18.06 -28.59 -34.23
C1 A86 CI . -29.21 -25.92 -39.18
C10 A86 CI . -21.14 -27.64 -33.59
C11 A86 CI . -20.37 -28.63 -34.30
C12 A86 CI . -20.90 -29.22 -35.57
C13 A86 CI . -19.04 -29.07 -33.77
C14 A86 CI . -18.92 -30.22 -32.58
C15 A86 CI . -19.06 -31.61 -33.30
C16 A86 CI . -20.14 -32.57 -32.78
C17 A86 CI . -19.92 -34.09 -32.77
C18 A86 CI . -18.71 -34.59 -33.43
C19 A86 CI . -17.49 -33.68 -33.06
C2 A86 CI . -28.44 -25.60 -38.04
C20 A86 CI . -17.81 -32.28 -33.76
C21 A86 CI . -16.50 -31.46 -33.48
C22 A86 CI . -20.55 -32.18 -31.33
C23 A86 CI . -21.37 -32.35 -33.63
C24 A86 CI . -30.48 -25.11 -39.40
C25 A86 CI . -31.48 -25.56 -40.31
C26 A86 CI . -32.82 -24.64 -40.50
C27 A86 CI . -33.48 -24.61 -41.75
C28 A86 CI . -32.95 -25.42 -42.88
C29 A86 CI . -34.79 -23.72 -41.95
C3 A86 CI . -27.19 -26.32 -37.73
C30 A86 CI . -35.72 -24.03 -43.04
C31 A86 CI . -36.63 -24.31 -44.10
C32 A86 CI . -36.23 -24.04 -45.57
C33 A86 CI . -37.31 -24.14 -46.64
C34 A86 CI . -38.39 -25.16 -46.32
C35 A86 CI . -39.01 -25.00 -44.92
C36 A86 CI . -38.14 -24.36 -43.81
C37 A86 CI . -38.66 -22.94 -43.48
C38 A86 CI . -40.52 -25.85 -47.25
C39 A86 CI . -40.33 -27.36 -47.55
C4 A86 CI . -26.47 -25.86 -36.62
C40 A86 CI . -35.65 -22.62 -45.63
C41 A86 CI . -35.09 -25.03 -45.94
C5 A86 CI . -25.04 -26.53 -36.11
C6 A86 CI . -24.07 -25.61 -35.66
C7 A86 CI . -24.43 -24.07 -35.67
C8 A86 CI . -22.63 -26.08 -35.10
C9 A86 CI . -22.52 -27.19 -34.15
O1 A86 CI . -18.62 -31.50 -34.70
O2 A86 CI . -18.47 -35.93 -33.03
O3 A86 CI . -38.29 -25.13 -42.65
O4 A86 CI . -39.39 -24.95 -47.30
O5 A86 CI . -41.60 -25.42 -46.99
MG CLA DI . -59.44 -25.32 -25.57
CHA CLA DI . -62.08 -23.82 -27.15
CHB CLA DI . -58.45 -22.33 -24.26
CHC CLA DI . -56.88 -26.94 -24.02
CHD CLA DI . -60.70 -28.47 -26.66
NA CLA DI . -60.15 -23.38 -25.74
C1A CLA DI . -61.28 -22.95 -26.43
C2A CLA DI . -61.47 -21.45 -26.27
C3A CLA DI . -60.24 -21.03 -25.45
C4A CLA DI . -59.55 -22.33 -25.11
CMA CLA DI . -59.33 -20.19 -26.29
CAA CLA DI . -62.75 -21.08 -25.54
CBA CLA DI . -62.58 -20.14 -24.38
CGA CLA DI . -63.16 -20.81 -23.18
O1A CLA DI . -64.31 -21.18 -22.99
O2A CLA DI . -62.23 -21.02 -22.20
NB CLA DI . -57.94 -24.74 -24.38
C1B CLA DI . -57.71 -23.48 -23.94
C2B CLA DI . -56.48 -23.47 -23.11
C3B CLA DI . -56.03 -24.77 -23.04
C4B CLA DI . -56.96 -25.59 -23.85
CMB CLA DI . -55.96 -22.25 -22.50
CAB CLA DI . -54.92 -25.35 -22.37
CBB CLA DI . -53.66 -24.99 -22.54
NC CLA DI . -58.88 -27.32 -25.42
C1C CLA DI . -57.77 -27.75 -24.76
C2C CLA DI . -57.67 -29.20 -24.89
C3C CLA DI . -58.78 -29.63 -25.59
C4C CLA DI . -59.54 -28.45 -25.90
CMC CLA DI . -56.62 -30.05 -24.34
CAC CLA DI . -59.11 -31.00 -25.97
CBC CLA DI . -60.05 -31.65 -24.99
ND CLA DI . -60.94 -26.03 -26.70
C1D CLA DI . -61.35 -27.35 -27.06
C2D CLA DI . -62.54 -27.27 -27.91
C3D CLA DI . -62.82 -25.94 -28.04
C4D CLA DI . -61.83 -25.21 -27.21
CMD CLA DI . -63.19 -28.42 -28.52
CAD CLA DI . -63.70 -24.97 -28.61
OBD CLA DI . -64.63 -25.12 -29.39
CBD CLA DI . -63.28 -23.60 -28.02
CGD CLA DI . -62.88 -22.66 -29.11
O1D CLA DI . -61.90 -22.75 -29.85
O2D CLA DI . -63.72 -21.62 -29.26
CED CLA DI . -64.06 -21.27 -30.59
C1 CLA DI . -61.62 -22.31 -22.25
C2 CLA DI . -60.61 -22.39 -21.17
C3 CLA DI . -59.94 -23.53 -20.96
C4 CLA DI . -60.19 -24.74 -21.79
C5 CLA DI . -58.93 -23.65 -19.88
C6 CLA DI . -59.38 -24.71 -18.90
C7 CLA DI . -58.22 -25.21 -18.08
C8 CLA DI . -58.64 -25.56 -16.66
C9 CLA DI . -59.15 -24.34 -15.94
C10 CLA DI . -57.48 -26.15 -15.88
C11 CLA DI . -57.83 -27.53 -15.38
C12 CLA DI . -57.71 -28.56 -16.47
C13 CLA DI . -58.10 -29.95 -16.00
C14 CLA DI . -57.34 -30.35 -14.75
C15 CLA DI . -57.87 -30.96 -17.10
C16 CLA DI . -58.43 -32.33 -16.73
C17 CLA DI . -57.86 -33.41 -17.62
C18 CLA DI . -56.37 -33.57 -17.41
C19 CLA DI . -55.77 -34.47 -18.48
C20 CLA DI . -56.08 -34.12 -16.04
MG CLA EI . -49.96 -24.51 -18.49
CHA CLA EI . -50.78 -21.15 -18.38
CHB CLA EI . -53.22 -25.32 -18.28
CHC CLA EI . -49.09 -27.81 -18.31
CHD CLA EI . -46.55 -23.64 -18.50
NA CLA EI . -51.70 -23.38 -18.41
C1A CLA EI . -51.86 -21.99 -18.37
C2A CLA EI . -53.36 -21.63 -18.29
C3A CLA EI . -54.06 -22.99 -18.49
C4A CLA EI . -52.92 -23.98 -18.39
CMA CLA EI . -55.10 -23.29 -17.44
CAA CLA EI . -53.90 -20.70 -19.36
CBA CLA EI . -55.11 -19.92 -18.89
CGA CLA EI . -54.69 -18.57 -18.41
O1A CLA EI . -55.23 -17.85 -17.57
O2A CLA EI . -53.56 -18.11 -19.03
NB CLA EI . -50.97 -26.24 -18.44
C1B CLA EI . -52.28 -26.35 -18.19
C2B CLA EI . -52.63 -27.73 -17.80
C3B CLA EI . -51.45 -28.44 -17.80
C4B CLA EI . -50.40 -27.50 -18.21
CMB CLA EI . -54.00 -28.14 -17.46
CAB CLA EI . -51.15 -29.81 -17.49
CBB CLA EI . -51.80 -30.89 -17.91
NC CLA EI . -48.16 -25.52 -18.50
C1C CLA EI . -48.04 -26.88 -18.46
C2C CLA EI . -46.64 -27.26 -18.51
C3C CLA EI . -45.92 -26.08 -18.49
C4C CLA EI . -46.87 -24.99 -18.49
CMC CLA EI . -46.14 -28.63 -18.49
CAC CLA EI . -44.46 -25.96 -18.51
CBC CLA EI . -43.99 -25.79 -19.93
ND CLA EI . -48.86 -22.82 -18.50
C1D CLA EI . -47.47 -22.61 -18.52
C2D CLA EI . -47.20 -21.18 -18.51
C3D CLA EI . -48.43 -20.56 -18.45
C4D CLA EI . -49.43 -21.63 -18.43
CMD CLA EI . -45.86 -20.61 -18.55
CAD CLA EI . -49.12 -19.30 -18.40
OBD CLA EI . -48.69 -18.16 -18.40
CBD CLA EI . -50.63 -19.64 -18.32
CGD CLA EI . -51.26 -19.12 -17.07
O1D CLA EI . -51.68 -19.77 -16.12
O2D CLA EI . -51.33 -17.76 -17.03
CED CLA EI . -52.23 -17.17 -16.10
MG CLA FI . -35.15 -35.56 -27.23
CHA CLA FI . -32.25 -37.23 -26.42
CHB CLA FI . -35.43 -34.42 -24.07
CHC CLA FI . -37.96 -33.83 -28.15
CHD CLA FI . -34.75 -36.64 -30.58
NA CLA FI . -34.01 -35.81 -25.52
C1A CLA FI . -32.82 -36.54 -25.38
C2A CLA FI . -32.31 -36.43 -23.95
C3A CLA FI . -33.43 -35.66 -23.22
C4A CLA FI . -34.35 -35.24 -24.34
CMA CLA FI . -34.17 -36.55 -22.25
CAA CLA FI . -31.06 -35.59 -23.67
CBA CLA FI . -30.23 -34.97 -24.78
CGA CLA FI . -30.96 -33.93 -25.55
O1A CLA FI . -31.38 -32.84 -25.18
O2A CLA FI . -31.18 -34.34 -26.83
NB CLA FI . -36.47 -34.40 -26.28
C1B CLA FI . -36.37 -33.99 -25.00
C2B CLA FI . -37.45 -33.01 -24.70
C3B CLA FI . -38.16 -32.84 -25.85
C4B CLA FI . -37.55 -33.72 -26.87
CMB CLA FI . -37.59 -32.40 -23.39
CAB CLA FI . -39.28 -32.02 -26.16
CBB CLA FI . -40.44 -32.03 -25.51
NC CLA FI . -36.19 -35.33 -29.03
C1C CLA FI . -37.34 -34.60 -29.16
C2C CLA FI . -37.80 -34.67 -30.53
C3C CLA FI . -36.87 -35.42 -31.23
C4C CLA FI . -35.86 -35.83 -30.28
CMC CLA FI . -39.00 -34.02 -31.04
CAC CLA FI . -36.90 -35.77 -32.65
CBC CLA FI . -36.16 -34.75 -33.48
ND CLA FI . -33.86 -36.67 -28.30
C1D CLA FI . -33.81 -37.02 -29.66
C2D CLA FI . -32.64 -37.87 -29.90
C3D CLA FI . -32.02 -38.02 -28.67
C4D CLA FI . -32.80 -37.23 -27.73
CMD CLA FI . -32.28 -38.42 -31.20
CAD CLA FI . -30.92 -38.60 -27.95
OBD CLA FI . -30.04 -39.35 -28.35
CBD CLA FI . -31.03 -38.10 -26.49
CGD CLA FI . -31.21 -39.24 -25.55
O1D CLA FI . -30.77 -39.37 -24.42
O2D CLA FI . -31.97 -40.24 -26.07
CED CLA FI . -32.81 -40.94 -25.16
C1 CLA FI . -31.17 -33.35 -27.87
C2 CLA FI . -32.60 -33.01 -28.11
C3 CLA FI . -33.10 -32.78 -29.33
C4 CLA FI . -32.28 -32.84 -30.57
C5 CLA FI . -34.53 -32.45 -29.49
C6 CLA FI . -34.75 -31.07 -30.05
C7 CLA FI . -36.20 -30.69 -29.94
C8 CLA FI . -36.52 -29.52 -30.84
C9 CLA FI . -35.70 -28.30 -30.47
C10 CLA FI . -37.99 -29.17 -30.76
C11 CLA FI . -38.39 -28.32 -31.94
C12 CLA FI . -38.11 -29.00 -33.26
C13 CLA FI . -39.15 -28.62 -34.31
C14 CLA FI . -40.05 -29.81 -34.59
C15 CLA FI . -38.50 -28.12 -35.58
C16 CLA FI . -37.60 -26.92 -35.38
C17 CLA FI . -36.87 -26.58 -36.65
C18 CLA FI . -35.92 -25.40 -36.51
C19 CLA FI . -35.51 -24.88 -37.88
C20 CLA FI . -34.69 -25.80 -35.73
MG CLA GI . -23.91 -28.66 -23.97
CHA CLA GI . -23.70 -26.22 -26.41
CHB CLA GI . -27.28 -28.64 -24.22
CHC CLA GI . -24.05 -31.05 -21.53
CHD CLA GI . -20.38 -28.76 -23.79
NA CLA GI . -25.25 -27.57 -25.12
C1A CLA GI . -24.99 -26.59 -26.08
C2A CLA GI . -26.32 -26.06 -26.63
C3A CLA GI . -27.42 -26.93 -25.98
C4A CLA GI . -26.60 -27.76 -25.01
CMA CLA GI . -28.55 -26.20 -25.31
CAA CLA GI . -26.52 -26.13 -28.12
CBA CLA GI . -26.56 -24.71 -28.62
CGA CLA GI . -27.43 -23.90 -27.73
O1A CLA GI . -27.10 -23.06 -26.89
O2A CLA GI . -28.76 -24.18 -27.90
NB CLA GI . -25.38 -29.54 -22.95
C1B CLA GI . -26.65 -29.53 -23.35
C2B CLA GI . -27.40 -30.67 -22.80
C3B CLA GI . -26.50 -31.38 -22.02
C4B CLA GI . -25.20 -30.67 -22.12
CMB CLA GI . -28.81 -30.86 -23.12
CAB CLA GI . -26.64 -32.59 -21.25
CBB CLA GI . -27.47 -33.62 -21.49
NC CLA GI . -22.48 -29.67 -22.84
C1C CLA GI . -22.76 -30.57 -21.87
C2C CLA GI . -21.55 -31.05 -21.24
C3C CLA GI . -20.49 -30.47 -21.94
C4C CLA GI . -21.08 -29.61 -22.94
CMC CLA GI . -21.55 -32.01 -20.14
CAC CLA GI . -19.03 -30.67 -21.74
CBC CLA GI . -18.43 -30.10 -20.49
ND CLA GI . -22.36 -27.82 -24.92
C1D CLA GI . -20.96 -27.90 -24.69
C2D CLA GI . -20.30 -26.98 -25.60
C3D CLA GI . -21.27 -26.34 -26.32
C4D CLA GI . -22.56 -26.87 -25.83
CMD CLA GI . -18.85 -26.83 -25.65
CAD CLA GI . -21.56 -25.37 -27.35
OBD CLA GI . -20.79 -24.76 -28.07
CBD CLA GI . -23.11 -25.22 -27.39
CGD CLA GI . -23.46 -23.79 -27.14
O1D CLA GI . -23.07 -22.83 -27.80
O2D CLA GI . -24.32 -23.57 -26.10
CED CLA GI . -23.79 -22.97 -24.91
MG CLA HI . -40.36 -33.20 -13.61
CHA CLA HI . -41.56 -35.29 -11.15
CHB CLA HI . -43.22 -33.58 -15.37
CHC CLA HI . -39.19 -30.93 -15.92
CHD CLA HI . -37.39 -32.78 -11.74
NA CLA HI . -42.09 -34.31 -13.31
C1A CLA HI . -42.42 -35.10 -12.20
C2A CLA HI . -43.82 -35.72 -12.40
C3A CLA HI . -44.24 -35.25 -13.81
C4A CLA HI . -43.10 -34.30 -14.21
CMA CLA HI . -44.42 -36.38 -14.78
CAA CLA HI . -44.83 -35.22 -11.39
CBA CLA HI . -45.62 -34.01 -11.81
CGA CLA HI . -45.98 -33.19 -10.61
O1A CLA HI . -46.16 -33.57 -9.45
O2A CLA HI . -46.13 -31.86 -10.90
NB CLA HI . -41.07 -32.40 -15.31
C1B CLA HI . -42.27 -32.68 -15.86
C2B CLA HI . -42.47 -31.88 -17.09
C3B CLA HI . -41.33 -31.13 -17.26
C4B CLA HI . -40.43 -31.46 -16.12
CMB CLA HI . -43.68 -31.99 -17.90
CAB CLA HI . -40.95 -30.20 -18.28
CBB CLA HI . -41.66 -29.15 -18.69
NC CLA HI . -38.59 -32.10 -13.81
C1C CLA HI . -38.33 -31.24 -14.83
C2C CLA HI . -37.02 -30.63 -14.65
C3C CLA HI . -36.51 -31.15 -13.47
C4C CLA HI . -37.50 -32.07 -12.95
CMC CLA HI . -36.42 -29.65 -15.54
CAC CLA HI . -35.21 -30.84 -12.85
CBC CLA HI . -34.13 -31.76 -13.36
ND CLA HI . -39.55 -33.92 -11.92
C1D CLA HI . -38.35 -33.63 -11.24
C2D CLA HI . -38.30 -34.39 -9.98
C3D CLA HI . -39.50 -35.06 -9.90
C4D CLA HI . -40.26 -34.71 -11.12
CMD CLA HI . -37.18 -34.36 -9.04
CAD CLA HI . -40.32 -35.97 -9.13
OBD CLA HI . -40.05 -36.57 -8.10
CBD CLA HI . -41.68 -36.07 -9.86
CGD CLA HI . -42.04 -37.51 -10.13
O1D CLA HI . -43.15 -38.01 -10.16
O2D CLA HI . -40.96 -38.30 -10.36
CED CLA HI . -40.71 -38.71 -11.70
MG CLA II . -42.08 -20.06 -21.75
CHA CLA II . -45.37 -18.95 -21.87
CHB CLA II . -41.02 -16.93 -21.08
CHC CLA II . -38.83 -21.24 -21.68
CHD CLA II . -43.20 -23.31 -22.49
NA CLA II . -43.07 -18.24 -21.52
C1A CLA II . -44.44 -17.95 -21.63
C2A CLA II . -44.69 -16.45 -21.43
C3A CLA II . -43.29 -15.88 -21.15
C4A CLA II . -42.38 -17.08 -21.26
CMA CLA II . -42.89 -14.75 -22.06
CAA CLA II . -45.59 -16.07 -20.27
CBA CLA II . -46.89 -15.42 -20.69
CGA CLA II . -46.68 -14.52 -21.86
O1A CLA II . -46.74 -14.78 -23.06
O2A CLA II . -46.40 -13.23 -21.50
NB CLA II . -40.27 -19.23 -21.55
C1B CLA II . -40.07 -17.96 -21.15
C2B CLA II . -38.64 -17.79 -20.75
C3B CLA II . -38.03 -18.99 -20.92
C4B CLA II . -39.05 -19.93 -21.41
CMB CLA II . -38.11 -16.53 -20.26
CAB CLA II . -36.68 -19.44 -20.68
CBB CLA II . -36.03 -19.38 -19.51
NC CLA II . -41.19 -21.91 -22.04
C1C CLA II . -39.86 -22.17 -21.99
C2C CLA II . -39.57 -23.56 -22.28
C3C CLA II . -40.82 -24.16 -22.49
C4C CLA II . -41.82 -23.12 -22.34
CMC CLA II . -38.22 -24.11 -22.33
CAC CLA II . -41.10 -25.55 -22.84
CBC CLA II . -40.90 -26.56 -21.74
ND CLA II . -43.84 -21.01 -21.98
C1D CLA II . -44.16 -22.34 -22.31
C2D CLA II . -45.62 -22.47 -22.44
C3D CLA II . -46.13 -21.22 -22.23
C4D CLA II . -44.99 -20.32 -21.99
CMD CLA II . -46.31 -23.72 -22.72
CAD CLA II . -47.33 -20.42 -22.18
OBD CLA II . -48.50 -20.76 -22.27
CBD CLA II . -46.88 -18.96 -21.98
CGD CLA II . -47.45 -18.06 -23.03
O1D CLA II . -48.40 -17.29 -22.93
O2D CLA II . -46.82 -18.15 -24.23
CED CLA II . -47.61 -17.77 -25.37
MG CLA JI . -47.61 -24.43 -37.24
CHA CLA JI . -47.58 -21.16 -38.30
CHB CLA JI . -50.01 -25.14 -39.53
CHC CLA JI . -47.67 -27.64 -36.08
CHD CLA JI . -45.05 -23.67 -34.92
NA CLA JI . -48.61 -23.30 -38.68
C1A CLA JI . -48.47 -21.94 -38.98
C2A CLA JI . -49.42 -21.54 -40.11
C3A CLA JI . -50.06 -22.87 -40.53
C4A CLA JI . -49.53 -23.85 -39.51
CMA CLA JI . -51.54 -22.90 -40.52
CAA CLA JI . -48.78 -20.93 -41.34
CBA CLA JI . -49.78 -20.17 -42.19
CGA CLA JI . -49.29 -18.80 -42.54
O1A CLA JI . -49.86 -17.94 -43.19
O2A CLA JI . -48.06 -18.51 -42.04
NB CLA JI . -48.72 -26.04 -37.64
C1B CLA JI . -49.57 -26.16 -38.68
C2B CLA JI . -50.03 -27.55 -38.80
C3B CLA JI . -49.37 -28.26 -37.84
C4B CLA JI . -48.51 -27.32 -37.10
CMB CLA JI . -50.95 -27.96 -39.85
CAB CLA JI . -49.39 -29.67 -37.56
CBB CLA JI . -50.49 -30.40 -37.34
NC CLA JI . -46.54 -25.45 -35.78
C1C CLA JI . -46.73 -26.77 -35.47
C2C CLA JI . -45.83 -27.16 -34.40
C3C CLA JI . -45.08 -26.05 -34.08
C4C CLA JI . -45.54 -24.98 -34.95
CMC CLA JI . -45.75 -28.49 -33.82
CAC CLA JI . -44.03 -25.96 -33.07
CBC CLA JI . -42.67 -26.17 -33.67
ND CLA JI . -46.45 -22.87 -36.77
C1D CLA JI . -45.48 -22.67 -35.76
C2D CLA JI . -45.04 -21.27 -35.78
C3D CLA JI . -45.81 -20.65 -36.74
C4D CLA JI . -46.69 -21.68 -37.30
CMD CLA JI . -44.00 -20.72 -34.94
CAD CLA JI . -46.07 -19.43 -37.44
OBD CLA JI . -45.45 -18.38 -37.40
CBD CLA JI . -47.29 -19.69 -38.35
CGD CLA JI . -48.53 -19.00 -37.89
O1D CLA JI . -49.30 -18.30 -38.56
O2D CLA JI . -48.82 -19.21 -36.59
CED CLA JI . -50.13 -18.85 -36.16
C1 CLA JI . -47.94 -17.29 -41.30
C2 CLA JI . -47.36 -16.27 -42.18
C3 CLA JI . -47.78 -15.00 -42.12
C4 CLA JI . -48.83 -14.54 -41.20
C5 CLA JI . -47.17 -13.99 -43.03
C6 CLA JI . -48.21 -13.42 -43.97
C7 CLA JI . -47.58 -12.37 -44.88
C8 CLA JI . -47.81 -10.95 -44.40
C9 CLA JI . -48.13 -10.05 -45.57
C10 CLA JI . -46.59 -10.41 -43.66
C11 CLA JI . -46.87 -9.09 -42.98
C12 CLA JI . -46.74 -9.20 -41.47
C13 CLA JI . -46.54 -7.83 -40.83
C14 CLA JI . -47.69 -6.90 -41.14
C15 CLA JI . -45.21 -7.21 -41.25
C16 CLA JI . -44.47 -6.66 -40.04
C17 CLA JI . -42.98 -6.52 -40.30
C18 CLA JI . -42.61 -5.13 -40.79
C19 CLA JI . -41.16 -5.08 -41.22
C20 CLA JI . -42.87 -4.09 -39.72
MG CLA KI . -62.04 -35.38 -36.30
CHA CLA KI . -59.87 -33.25 -37.96
CHB CLA KI . -64.46 -34.71 -38.57
CHC CLA KI . -64.15 -37.43 -34.57
CHD CLA KI . -59.60 -35.83 -33.78
NA CLA KI . -62.11 -34.19 -38.01
C1A CLA KI . -61.10 -33.38 -38.54
C2A CLA KI . -61.61 -32.68 -39.81
C3A CLA KI . -63.02 -33.26 -40.01
C4A CLA KI . -63.23 -34.11 -38.77
CMA CLA KI . -64.04 -32.18 -40.16
CAA CLA KI . -60.86 -33.00 -41.08
CBA CLA KI . -60.77 -34.48 -41.25
CGA CLA KI . -59.72 -34.77 -42.28
O1A CLA KI . -59.61 -34.31 -43.41
O2A CLA KI . -58.80 -35.67 -41.83
NB CLA KI . -63.94 -36.00 -36.54
C1B CLA KI . -64.78 -35.53 -37.48
C2B CLA KI . -66.15 -36.04 -37.22
C3B CLA KI . -66.09 -36.81 -36.09
C4B CLA KI . -64.66 -36.80 -35.65
CMB CLA KI . -67.29 -35.72 -38.06
CAB CLA KI . -67.15 -37.54 -35.44
CBB CLA KI . -67.53 -37.52 -34.17
NC CLA KI . -61.87 -36.48 -34.54
C1C CLA KI . -62.84 -37.28 -34.05
C2C CLA KI . -62.38 -37.96 -32.86
C3C CLA KI . -61.13 -37.44 -32.58
C4C CLA KI . -60.81 -36.50 -33.63
CMC CLA KI . -63.15 -38.95 -32.11
CAC CLA KI . -60.26 -37.82 -31.47
CBC CLA KI . -59.37 -38.97 -31.84
ND CLA KI . -60.17 -34.77 -35.92
C1D CLA KI . -59.28 -35.04 -34.86
C2D CLA KI . -58.01 -34.33 -35.11
C3D CLA KI . -58.18 -33.64 -36.28
C4D CLA KI . -59.55 -33.92 -36.74
CMD CLA KI . -56.84 -34.43 -34.25
CAD CLA KI . -57.58 -32.74 -37.23
OBD CLA KI . -56.47 -32.25 -37.23
CBD CLA KI . -58.64 -32.47 -38.32
CGD CLA KI . -58.87 -31.00 -38.46
O1D CLA KI . -58.92 -30.17 -37.56
O2D CLA KI . -59.03 -30.58 -39.74
CED CLA KI . -59.66 -29.32 -39.94
C1 CLA KI . -58.24 -36.57 -42.79
C2 CLA KI . -57.64 -37.67 -42.00
C3 CLA KI . -56.58 -38.36 -42.40
C4 CLA KI . -55.88 -38.08 -43.66
C5 CLA KI . -56.02 -39.45 -41.57
C6 CLA KI . -54.58 -39.15 -41.24
C7 CLA KI . -54.18 -39.80 -39.93
C8 CLA KI . -53.07 -39.03 -39.24
C9 CLA KI . -51.91 -38.79 -40.18
C10 CLA KI . -52.59 -39.77 -38.02
C11 CLA KI . -52.10 -41.15 -38.35
C12 CLA KI . -52.36 -42.10 -37.21
C13 CLA KI . -51.50 -43.36 -37.31
C14 CLA KI . -51.66 -44.01 -38.68
C15 CLA KI . -51.86 -44.34 -36.22
C16 CLA KI . -50.65 -44.79 -35.42
C17 CLA KI . -49.92 -45.94 -36.07
C18 CLA KI . -48.91 -46.59 -35.13
C19 CLA KI . -49.57 -47.10 -33.87
C20 CLA KI . -48.20 -47.72 -35.84
MG CLA LI . -52.02 -35.51 -37.43
CHA CLA LI . -53.35 -33.91 -40.19
CHB CLA LI . -48.95 -34.34 -38.24
CHC CLA LI . -50.62 -37.61 -35.11
CHD CLA LI . -55.16 -36.96 -36.80
NA CLA LI . -51.32 -34.23 -38.92
C1A CLA LI . -52.01 -33.67 -40.00
C2A CLA LI . -50.99 -32.87 -40.85
C3A CLA LI . -49.79 -32.70 -39.90
C4A CLA LI . -50.01 -33.86 -38.95
CMA CLA LI . -48.48 -32.80 -40.63
CAA CLA LI . -51.35 -31.53 -41.46
CBA CLA LI . -51.48 -31.71 -42.96
CGA CLA LI . -51.94 -30.47 -43.64
O1A CLA LI . -52.97 -30.29 -44.31
O2A CLA LI . -51.09 -29.42 -43.46
NB CLA LI . -50.16 -35.83 -36.75
C1B CLA LI . -49.03 -35.37 -37.31
C2B CLA LI . -47.84 -36.09 -36.79
C3B CLA LI . -48.32 -37.01 -35.90
C4B CLA LI . -49.79 -36.85 -35.86
CMB CLA LI . -46.48 -35.81 -37.21
CAB CLA LI . -47.64 -37.98 -35.11
CBB CLA LI . -46.80 -37.67 -34.12
NC CLA LI . -52.79 -36.89 -36.08
C1C CLA LI . -52.04 -37.59 -35.19
C2C CLA LI . -52.88 -38.48 -34.42
C3C CLA LI . -54.15 -38.36 -34.94
C4C CLA LI . -54.10 -37.36 -35.98
CMC CLA LI . -52.39 -39.36 -33.38
CAC CLA LI . -55.34 -39.08 -34.48
CBC CLA LI . -56.03 -38.34 -33.37
ND CLA LI . -53.89 -35.32 -38.12
C1D CLA LI . -55.06 -36.04 -37.81
C2D CLA LI . -56.13 -35.62 -38.74
C3D CLA LI . -55.54 -34.78 -39.63
C4D CLA LI . -54.12 -34.67 -39.25
CMD CLA LI . -57.50 -36.09 -38.68
CAD CLA LI . -55.74 -33.95 -40.78
OBD CLA LI . -56.77 -33.63 -41.36
CBD CLA LI . -54.35 -33.48 -41.24
CGD CLA LI . -54.05 -34.08 -42.56
O1D CLA LI . -54.47 -33.70 -43.66
O2D CLA LI . -53.23 -35.15 -42.49
CED CLA LI . -52.86 -35.79 -43.73
MG CLA MI . -54.27 -43.75 -21.34
CHA CLA MI . -53.86 -46.84 -19.86
CHB CLA MI . -54.05 -45.20 -24.40
CHC CLA MI . -55.06 -40.74 -22.76
CHD CLA MI . -54.63 -42.32 -18.14
NA CLA MI . -53.95 -45.70 -21.99
C1A CLA MI . -53.84 -46.86 -21.23
C2A CLA MI . -53.67 -48.07 -22.12
C3A CLA MI . -53.38 -47.46 -23.49
C4A CLA MI . -53.85 -46.02 -23.31
CMA CLA MI . -51.92 -47.54 -23.82
CAA CLA MI . -55.05 -48.65 -22.30
CBA CLA MI . -55.37 -49.87 -21.49
CGA CLA MI . -56.82 -50.21 -21.68
O1A CLA MI . -57.35 -51.32 -21.74
O2A CLA MI . -57.61 -49.10 -21.82
NB CLA MI . -54.48 -43.09 -23.23
C1B CLA MI . -54.43 -43.86 -24.33
C2B CLA MI . -54.82 -43.05 -25.52
C3B CLA MI . -55.10 -41.79 -25.07
C4B CLA MI . -54.88 -41.78 -23.59
CMB CLA MI . -54.85 -43.59 -26.87
CAB CLA MI . -55.51 -40.61 -25.79
CBB CLA MI . -54.76 -39.53 -26.00
NC CLA MI . -54.67 -41.86 -20.59
C1C CLA MI . -54.95 -40.76 -21.34
C2C CLA MI . -55.21 -39.61 -20.50
C3C CLA MI . -55.13 -40.07 -19.19
C4C CLA MI . -54.80 -41.49 -19.25
CMC CLA MI . -55.52 -38.28 -21.01
CAC CLA MI . -55.34 -39.30 -17.95
CBC CLA MI . -54.16 -38.45 -17.57
ND CLA MI . -54.12 -44.34 -19.42
C1D CLA MI . -54.33 -43.65 -18.20
C2D CLA MI . -54.13 -44.59 -17.09
C3D CLA MI . -53.91 -45.83 -17.66
C4D CLA MI . -53.97 -45.63 -19.12
CMD CLA MI . -54.19 -44.21 -15.69
CAD CLA MI . -53.63 -47.23 -17.43
OBD CLA MI . -53.39 -47.81 -16.39
CBD CLA MI . -53.69 -47.93 -18.82
CGD CLA MI . -52.47 -48.75 -19.06
O1D CLA MI . -52.31 -49.95 -18.85
O2D CLA MI . -51.42 -48.04 -19.56
CED CLA MI . -50.55 -48.73 -20.45
C A86 NI . -45.24 -32.92 -34.33
O A86 NI . -52.37 -41.50 -26.72
C1 A86 NI . -46.52 -32.57 -35.16
C10 A86 NI . -51.15 -38.99 -28.92
C11 A86 NI . -52.00 -40.10 -28.56
C12 A86 NI . -53.20 -40.47 -29.38
C13 A86 NI . -51.61 -40.86 -27.35
C14 A86 NI . -49.99 -40.76 -26.93
C15 A86 NI . -49.25 -42.14 -26.88
C16 A86 NI . -49.18 -42.97 -28.15
C17 A86 NI . -50.27 -44.04 -28.27
C18 A86 NI . -50.23 -44.94 -27.13
C19 A86 NI . -50.55 -44.14 -25.81
C2 A86 NI . -47.77 -33.10 -34.82
C20 A86 NI . -49.49 -42.94 -25.64
C21 A86 NI . -50.08 -42.13 -24.43
C22 A86 NI . -47.79 -43.68 -28.19
C23 A86 NI . -49.18 -42.13 -29.41
C24 A86 NI . -46.41 -31.67 -36.36
C25 A86 NI . -45.16 -31.48 -36.98
C26 A86 NI . -45.11 -30.51 -38.29
C27 A86 NI . -44.51 -29.24 -38.26
C28 A86 NI . -43.91 -28.74 -37.01
C29 A86 NI . -44.52 -28.36 -39.60
C3 A86 NI . -47.90 -34.00 -33.69
C30 A86 NI . -43.67 -27.19 -39.71
C31 A86 NI . -42.85 -26.03 -39.83
C32 A86 NI . -41.31 -26.13 -39.67
C33 A86 NI . -40.55 -24.80 -39.63
C34 A86 NI . -41.25 -23.65 -38.90
C35 A86 NI . -42.69 -23.43 -39.39
C36 A86 NI . -43.54 -24.69 -39.55
C37 A86 NI . -44.32 -24.92 -38.26
C38 A86 NI . -40.13 -23.24 -36.89
C39 A86 NI . -40.12 -21.71 -36.66
C4 A86 NI . -49.16 -34.48 -33.32
C40 A86 NI . -40.97 -26.97 -38.42
C41 A86 NI . -40.78 -26.91 -40.89
C5 A86 NI . -49.24 -35.52 -32.05
C6 A86 NI . -50.47 -36.01 -31.60
C7 A86 NI . -51.84 -35.60 -32.28
C8 A86 NI . -50.42 -37.03 -30.36
C9 A86 NI . -51.39 -38.09 -30.14
O1 A86 NI . -48.18 -42.26 -25.87
O2 A86 NI . -51.21 -45.94 -27.28
O3 A86 NI . -44.47 -24.47 -40.58
O4 A86 NI . -41.26 -23.86 -37.51
O5 A86 NI . -39.21 -23.89 -36.55
C A86 OI . -53.96 -31.65 -20.95
O A86 OI . -40.39 -32.43 -21.88
C1 A86 OI . -53.90 -30.13 -21.23
C10 A86 OI . -43.89 -31.75 -21.93
C11 A86 OI . -42.50 -31.46 -22.18
C12 A86 OI . -42.03 -30.09 -22.55
C13 A86 OI . -41.55 -32.59 -22.07
C14 A86 OI . -42.20 -34.12 -22.23
C15 A86 OI . -41.31 -35.33 -21.79
C16 A86 OI . -40.91 -35.49 -20.33
C17 A86 OI . -39.44 -35.19 -20.00
C18 A86 OI . -38.57 -36.00 -20.83
C19 A86 OI . -38.74 -35.54 -22.31
C2 A86 OI . -52.67 -29.47 -21.41
C20 A86 OI . -40.27 -35.82 -22.74
C21 A86 OI . -40.36 -35.16 -24.17
C22 A86 OI . -41.20 -36.98 -20.01
C23 A86 OI . -41.77 -34.70 -19.37
C24 A86 OI . -55.20 -29.36 -21.33
C25 A86 OI . -56.41 -29.97 -20.93
C26 A86 OI . -57.82 -29.15 -21.06
C27 A86 OI . -58.20 -28.20 -20.10
C28 A86 OI . -57.33 -27.91 -18.94
C29 A86 OI . -59.57 -27.38 -20.22
C3 A86 OI . -51.45 -30.27 -21.34
C30 A86 OI . -60.85 -28.02 -20.48
C31 A86 OI . -62.13 -28.62 -20.72
C32 A86 OI . -63.00 -29.08 -19.54
C33 A86 OI . -63.88 -30.32 -19.80
C34 A86 OI . -64.43 -30.43 -21.23
C35 A86 OI . -63.33 -30.20 -22.30
C36 A86 OI . -62.73 -28.80 -22.13
C37 A86 OI . -61.59 -28.61 -23.16
C38 A86 OI . -66.33 -31.81 -20.98
C39 A86 OI . -66.81 -32.98 -20.06
C4 A86 OI . -50.19 -29.66 -21.45
C40 A86 OI . -63.90 -27.91 -19.09
C41 A86 OI . -62.04 -29.45 -18.38
C5 A86 OI . -48.86 -30.63 -21.38
C6 A86 OI . -47.63 -30.15 -21.85
C7 A86 OI . -47.51 -28.69 -22.45
C8 A86 OI . -46.36 -31.13 -21.78
C9 A86 OI . -44.99 -30.67 -22.02
O1 A86 OI . -41.55 -36.53 -22.62
O2 A86 OI . -37.23 -35.83 -20.42
O3 A86 OI . -63.71 -27.84 -22.38
O4 A86 OI . -64.95 -31.72 -21.39
O5 A86 OI . -67.09 -30.99 -21.34
C A86 PI . -59.38 -38.11 -17.04
O A86 PI . -58.71 -35.43 -30.37
C1 A86 PI . -58.91 -39.53 -17.45
C10 A86 PI . -59.55 -36.77 -27.19
C11 A86 PI . -58.62 -36.42 -28.26
C12 A86 PI . -57.30 -37.13 -28.35
C13 A86 PI . -58.99 -35.36 -29.24
C14 A86 PI . -59.79 -34.03 -28.62
C15 A86 PI . -60.95 -33.36 -29.45
C16 A86 PI . -62.25 -34.13 -29.71
C17 A86 PI . -62.56 -34.52 -31.16
C18 A86 PI . -62.44 -33.37 -32.05
C19 A86 PI . -60.94 -32.93 -32.06
C2 A86 PI . -58.91 -39.96 -18.80
C20 A86 PI . -60.58 -32.45 -30.58
C21 A86 PI . -59.03 -32.17 -30.69
C22 A86 PI . -63.36 -33.15 -29.26
C23 A86 PI . -62.42 -35.35 -28.84
C24 A86 PI . -58.41 -40.53 -16.43
C25 A86 PI . -58.66 -40.52 -15.04
C26 A86 PI . -57.91 -41.75 -14.25
C27 A86 PI . -58.49 -43.03 -14.12
C28 A86 PI . -59.84 -43.31 -14.67
C29 A86 PI . -57.66 -44.18 -13.36
C3 A86 PI . -59.34 -39.09 -19.89
C30 A86 PI . -57.72 -44.34 -11.91
C31 A86 PI . -57.75 -44.54 -10.50
C32 A86 PI . -59.08 -44.45 -9.70
C33 A86 PI . -59.02 -44.73 -8.18
C34 A86 PI . -57.67 -44.50 -7.44
C35 A86 PI . -56.52 -44.00 -8.34
C36 A86 PI . -56.48 -44.76 -9.67
C37 A86 PI . -55.26 -44.25 -10.48
C38 A86 PI . -57.78 -42.22 -6.49
C39 A86 PI . -56.72 -41.41 -5.68
C4 A86 PI . -59.52 -39.64 -21.17
C40 A86 PI . -59.72 -43.06 -9.95
C41 A86 PI . -60.02 -45.51 -10.31
C5 A86 PI . -59.96 -38.61 -22.40
C6 A86 PI . -59.49 -38.87 -23.69
C7 A86 PI . -58.58 -40.15 -23.96
C8 A86 PI . -59.87 -37.85 -24.87
C9 A86 PI . -59.13 -37.84 -26.15
O1 A86 PI . -60.96 -31.90 -29.26
O2 A86 PI . -62.83 -33.73 -33.36
O3 A86 PI . -56.31 -46.13 -9.42
O4 A86 PI . -57.87 -43.65 -6.32
O5 A86 PI . -58.50 -41.64 -7.21
C A86 QI . -53.97 -27.23 -13.14
O A86 QI . -47.47 -38.48 -11.34
C1 A86 QI . -52.82 -26.52 -13.93
C10 A86 QI . -48.54 -35.41 -12.39
C11 A86 QI . -48.23 -36.78 -12.71
C12 A86 QI . -47.80 -37.18 -14.10
C13 A86 QI . -48.37 -37.79 -11.63
C14 A86 QI . -49.84 -37.88 -10.82
C15 A86 QI . -49.80 -38.55 -9.40
C16 A86 QI . -48.97 -37.92 -8.29
C17 A86 QI . -47.59 -38.54 -8.08
C18 A86 QI . -47.70 -39.97 -7.81
C19 A86 QI . -48.32 -40.70 -9.05
C2 A86 QI . -51.57 -27.14 -14.11
C20 A86 QI . -49.76 -40.05 -9.40
C21 A86 QI . -50.15 -40.73 -10.77
C22 A86 QI . -49.79 -38.05 -6.98
C23 A86 QI . -48.79 -36.42 -8.50
C24 A86 QI . -52.99 -25.13 -14.49
C25 A86 QI . -52.85 -24.02 -13.61
C26 A86 QI . -53.01 -22.51 -14.20
C27 A86 QI . -54.27 -21.88 -14.25
C28 A86 QI . -55.49 -22.57 -13.76
C29 A86 QI . -54.35 -20.40 -14.85
C3 A86 QI . -51.34 -28.47 -13.57
C30 A86 QI . -55.55 -19.59 -14.62
C31 A86 QI . -56.70 -18.79 -14.40
C32 A86 QI . -56.66 -17.61 -13.41
C33 A86 QI . -57.98 -17.28 -12.69
C34 A86 QI . -59.25 -17.48 -13.52
C35 A86 QI . -59.26 -18.85 -14.24
C36 A86 QI . -58.02 -19.02 -15.14
C37 A86 QI . -58.02 -20.46 -15.69
C38 A86 QI . -61.24 -16.31 -12.91
C39 A86 QI . -62.76 -16.44 -12.66
C4 A86 QI . -50.19 -29.18 -13.94
C40 A86 QI . -56.17 -16.35 -14.16
C41 A86 QI . -55.60 -17.97 -12.33
C5 A86 QI . -49.98 -30.67 -13.27
C6 A86 QI . -49.17 -31.67 -13.83
C7 A86 QI . -48.35 -31.44 -15.17
C8 A86 QI . -49.11 -33.04 -13.00
C9 A86 QI . -48.43 -34.26 -13.42
O1 A86 QI . -51.01 -39.33 -9.06
O2 A86 QI . -46.41 -40.50 -7.54
O3 A86 QI . -58.11 -18.12 -16.22
O4 A86 QI . -60.36 -17.43 -12.67
O5 A86 QI . -60.79 -15.29 -13.28
C A86 RI . -49.35 -49.78 -38.99
O A86 RI . -58.09 -48.50 -48.96
C1 A86 RI . -49.75 -51.25 -38.63
C10 A86 RI . -56.07 -49.68 -46.25
C11 A86 RI . -56.81 -49.80 -47.49
C12 A86 RI . -56.96 -51.10 -48.21
C13 A86 RI . -57.42 -48.54 -47.99
C14 A86 RI . -57.05 -47.15 -47.11
C15 A86 RI . -57.59 -45.77 -47.64
C16 A86 RI . -59.08 -45.49 -47.59
C17 A86 RI . -59.83 -45.48 -48.91
C18 A86 RI . -59.15 -44.59 -49.85
C19 A86 RI . -57.79 -45.26 -50.20
C2 A86 RI . -50.87 -51.86 -39.22
C20 A86 RI . -56.91 -45.22 -48.86
C21 A86 RI . -55.59 -45.94 -49.29
C22 A86 RI . -59.21 -44.06 -46.97
C23 A86 RI . -59.81 -46.40 -46.62
C24 A86 RI . -48.96 -52.07 -37.66
C25 A86 RI . -49.72 -52.86 -36.76
C26 A86 RI . -49.06 -53.85 -35.64
C27 A86 RI . -48.39 -53.42 -34.49
C28 A86 RI . -48.17 -51.99 -34.14
C29 A86 RI . -47.82 -54.57 -33.52
C3 A86 RI . -51.68 -51.11 -40.17
C30 A86 RI . -46.70 -54.31 -32.64
C31 A86 RI . -45.59 -54.10 -31.77
C32 A86 RI . -45.83 -53.98 -30.25
C33 A86 RI . -44.65 -53.42 -29.47
C34 A86 RI . -43.31 -54.07 -29.85
C35 A86 RI . -43.05 -53.94 -31.36
C36 A86 RI . -44.19 -54.54 -32.20
C37 A86 RI . -44.01 -54.09 -33.66
C38 A86 RI . -41.48 -54.12 -28.30
C39 A86 RI . -42.16 -54.99 -27.20
C4 A86 RI . -52.30 -51.78 -41.22
C40 A86 RI . -46.21 -55.37 -29.68
C41 A86 RI . -47.05 -53.04 -30.04
C5 A86 RI . -53.19 -50.89 -42.31
C6 A86 RI . -53.61 -51.42 -43.53
C7 A86 RI . -53.25 -52.90 -43.97
C8 A86 RI . -54.47 -50.43 -44.47
C9 A86 RI . -55.36 -50.86 -45.53
O1 A86 RI . -56.60 -44.69 -47.50
O2 A86 RI . -59.87 -44.40 -51.03
O3 A86 RI . -44.09 -55.93 -32.15
O4 A86 RI . -42.30 -53.34 -29.19
O5 A86 RI . -40.32 -54.10 -28.39
C A86 SI . -45.77 -39.36 -38.90
O A86 SI . -44.33 -46.40 -28.84
C1 A86 SI . -47.32 -39.46 -38.78
C10 A86 SI . -46.48 -45.98 -31.29
C11 A86 SI . -45.07 -46.08 -31.00
C12 A86 SI . -44.08 -45.34 -31.85
C13 A86 SI . -44.60 -46.91 -29.87
C14 A86 SI . -44.40 -48.57 -30.04
C15 A86 SI . -43.01 -48.77 -30.74
C16 A86 SI . -42.98 -49.60 -32.03
C17 A86 SI . -41.79 -50.52 -32.35
C18 A86 SI . -40.62 -50.44 -31.49
C19 A86 SI . -41.07 -50.37 -30.00
C2 A86 SI . -47.94 -40.29 -37.82
C20 A86 SI . -41.80 -48.96 -29.87
C21 A86 SI . -42.12 -48.86 -28.33
C22 A86 SI . -44.25 -50.51 -32.12
C23 A86 SI . -43.08 -48.64 -33.19
C24 A86 SI . -48.22 -38.66 -39.69
C25 A86 SI . -47.71 -38.05 -40.87
C26 A86 SI . -48.75 -37.19 -41.81
C27 A86 SI . -48.27 -36.09 -42.55
C28 A86 SI . -46.83 -35.71 -42.47
C29 A86 SI . -49.27 -35.24 -43.47
C3 A86 SI . -47.15 -41.11 -36.89
C30 A86 SI . -48.73 -34.42 -44.56
C31 A86 SI . -48.23 -33.61 -45.63
C32 A86 SI . -47.43 -32.33 -45.32
C33 A86 SI . -47.11 -31.38 -46.48
C34 A86 SI . -46.93 -32.09 -47.81
C35 A86 SI . -48.08 -33.05 -48.17
C36 A86 SI . -48.89 -33.69 -47.02
C37 A86 SI . -50.31 -33.07 -46.96
C38 A86 SI . -46.63 -31.47 -50.13
C39 A86 SI . -45.28 -32.14 -50.53
C4 A86 SI . -47.88 -41.83 -35.93
C40 A86 SI . -48.23 -31.52 -44.28
C41 A86 SI . -46.09 -32.74 -44.67
C5 A86 SI . -47.19 -42.82 -34.78
C6 A86 SI . -47.79 -42.77 -33.52
C7 A86 SI . -49.04 -41.81 -33.30
C8 A86 SI . -47.26 -43.67 -32.29
C9 A86 SI . -46.96 -45.10 -32.47
O1 A86 SI . -42.11 -47.63 -30.44
O2 A86 SI . -39.79 -51.55 -31.70
O3 A86 SI . -49.05 -35.05 -47.32
O4 A86 SI . -46.87 -31.06 -48.77
O5 A86 SI . -47.48 -31.30 -50.95
MG CLA TI . -65.01 -46.30 -66.05
CHA CLA TI . -66.07 -43.82 -68.14
CHB CLA TI . -67.69 -45.79 -63.98
CHC CLA TI . -63.85 -48.81 -64.05
CHD CLA TI . -62.43 -47.04 -68.38
NA CLA TI . -66.60 -44.98 -66.07
C1A CLA TI . -66.88 -44.02 -67.05
C2A CLA TI . -68.16 -43.27 -66.70
C3A CLA TI . -68.56 -43.86 -65.33
C4A CLA TI . -67.56 -44.97 -65.09
CMA CLA TI . -68.40 -42.81 -64.27
CAA CLA TI . -69.28 -43.48 -67.71
CBA CLA TI . -70.60 -43.91 -67.14
CGA CLA TI . -70.98 -45.19 -67.80
O1A CLA TI . -71.17 -45.42 -68.99
O2A CLA TI . -71.09 -46.23 -66.91
NB CLA TI . -65.65 -47.13 -64.34
C1B CLA TI . -66.76 -46.80 -63.65
C2B CLA TI . -66.86 -47.64 -62.43
C3B CLA TI . -65.78 -48.48 -62.45
C4B CLA TI . -64.99 -48.17 -63.66
CMB CLA TI . -67.95 -47.51 -61.48
CAB CLA TI . -65.36 -49.51 -61.54
CBB CLA TI . -65.13 -49.34 -60.25
NC CLA TI . -63.41 -47.63 -66.18
C1C CLA TI . -63.11 -48.57 -65.24
C2C CLA TI . -61.91 -49.29 -65.64
C3C CLA TI . -61.55 -48.82 -66.88
C4C CLA TI . -62.50 -47.79 -67.22
CMC CLA TI . -61.25 -50.35 -64.90
CAC CLA TI . -60.41 -49.26 -67.69
CBC CLA TI . -60.78 -50.29 -68.71
ND CLA TI . -64.30 -45.59 -67.79
C1D CLA TI . -63.25 -45.99 -68.65
C2D CLA TI . -63.19 -45.10 -69.81
C3D CLA TI . -64.21 -44.20 -69.63
C4D CLA TI . -64.91 -44.59 -68.39
CMD CLA TI . -62.19 -45.17 -70.87
CAD CLA TI . -64.90 -43.08 -70.18
OBD CLA TI . -64.63 -42.40 -71.16
CBD CLA TI . -66.13 -42.83 -69.27
CGD CLA TI . -66.07 -41.47 -68.67
O1D CLA TI . -65.27 -41.04 -67.84
O2D CLA TI . -67.04 -40.65 -69.12
CED CLA TI . -66.65 -39.32 -69.43
C1 CLA TI . -69.89 -47.00 -66.78
C2 CLA TI . -70.11 -48.06 -65.77
C3 CLA TI . -69.17 -48.97 -65.51
C4 CLA TI . -67.87 -48.95 -66.22
C5 CLA TI . -69.37 -50.04 -64.52
C6 CLA TI . -69.29 -51.39 -65.21
C7 CLA TI . -69.02 -52.48 -64.21
C8 CLA TI . -69.71 -53.78 -64.62
C9 CLA TI . -71.21 -53.62 -64.62
C10 CLA TI . -69.34 -54.90 -63.65
C11 CLA TI . -68.71 -56.04 -64.40
C12 CLA TI . -67.26 -55.76 -64.74
C13 CLA TI . -66.62 -56.89 -65.53
C14 CLA TI . -66.80 -58.23 -64.84
C15 CLA TI . -65.15 -56.60 -65.75
C16 CLA TI . -64.52 -57.60 -66.70
C17 CLA TI . -63.00 -57.56 -66.62
C18 CLA TI . -62.52 -58.02 -65.25
C19 CLA TI . -61.04 -57.75 -65.09
C20 CLA TI . -62.81 -59.49 -65.05
MG CLA UI . -66.63 -52.84 -56.28
CHA CLA UI . -69.49 -50.90 -55.90
CHB CLA UI . -67.19 -53.04 -59.59
CHC CLA UI . -63.97 -54.98 -56.56
CHD CLA UI . -66.17 -52.77 -52.78
NA CLA UI . -68.09 -52.03 -57.53
C1A CLA UI . -69.21 -51.25 -57.20
C2A CLA UI . -70.00 -50.91 -58.47
C3A CLA UI . -69.10 -51.44 -59.60
C4A CLA UI . -68.04 -52.24 -58.87
CMA CLA UI . -69.82 -52.32 -60.59
CAA CLA UI . -70.26 -49.45 -58.75
CBA CLA UI . -71.51 -49.23 -59.58
CGA CLA UI . -72.66 -48.90 -58.69
O1A CLA UI . -73.85 -49.11 -58.89
O2A CLA UI . -72.27 -48.29 -57.53
NB CLA UI . -65.68 -53.73 -57.80
C1B CLA UI . -66.18 -53.82 -59.06
C2B CLA UI . -65.47 -54.88 -59.81
C3B CLA UI . -64.56 -55.43 -58.95
C4B CLA UI . -64.68 -54.70 -57.67
CMB CLA UI . -65.81 -55.20 -61.20
CAB CLA UI . -63.62 -56.50 -59.10
CBB CLA UI . -62.77 -56.69 -60.11
NC CLA UI . -65.27 -53.64 -54.93
C1C CLA UI . -64.24 -54.46 -55.27
C2C CLA UI . -63.48 -54.82 -54.10
C3C CLA UI . -64.13 -54.26 -53.02
C4C CLA UI . -65.26 -53.51 -53.54
CMC CLA UI . -62.30 -55.67 -54.09
CAC CLA UI . -63.75 -54.35 -51.62
CBC CLA UI . -62.90 -53.18 -51.24
ND CLA UI . -67.53 -52.01 -54.68
C1D CLA UI . -67.22 -52.07 -53.30
C2D CLA UI . -68.22 -51.28 -52.56
C3D CLA UI . -69.12 -50.83 -53.49
C4D CLA UI . -68.65 -51.31 -54.80
CMD CLA UI . -68.19 -51.10 -51.12
CAD CLA UI . -70.32 -50.06 -53.73
OBD CLA UI . -71.03 -49.46 -52.94
CBD CLA UI . -70.59 -50.12 -55.25
CGD CLA UI . -71.90 -50.76 -55.54
O1D CLA UI . -72.10 -51.84 -56.08
O2D CLA UI . -72.97 -50.01 -55.15
CED CLA UI . -74.25 -50.32 -55.72
MG CLA VI . -48.49 -53.93 -46.89
CHA CLA VI . -46.78 -55.93 -44.67
CHB CLA VI . -51.27 -55.84 -46.49
CHC CLA VI . -50.17 -51.84 -49.01
CHD CLA VI . -45.64 -51.89 -47.18
NA CLA VI . -48.92 -55.62 -45.76
C1A CLA VI . -48.08 -56.32 -44.89
C2A CLA VI . -48.83 -57.48 -44.24
C3A CLA VI . -50.18 -57.49 -44.98
C4A CLA VI . -50.15 -56.21 -45.79
CMA CLA VI . -50.32 -58.68 -45.88
CAA CLA VI . -49.21 -57.39 -42.76
CBA CLA VI . -48.77 -56.25 -41.86
CGA CLA VI . -49.33 -54.93 -42.27
O1A CLA VI . -50.50 -54.56 -42.26
O2A CLA VI . -48.37 -54.09 -42.73
NB CLA VI . -50.35 -53.88 -47.65
C1B CLA VI . -51.36 -54.71 -47.31
C2B CLA VI . -52.62 -54.25 -47.96
C3B CLA VI . -52.30 -53.13 -48.67
C4B CLA VI . -50.87 -52.88 -48.48
CMB CLA VI . -53.89 -54.96 -47.77
CAB CLA VI . -53.11 -52.25 -49.47
CBB CLA VI . -53.86 -52.64 -50.51
NC CLA VI . -47.97 -52.22 -47.95
C1C CLA VI . -48.82 -51.54 -48.77
C2C CLA VI . -48.13 -50.41 -49.36
C3C CLA VI . -46.86 -50.39 -48.80
C4C CLA VI . -46.77 -51.53 -47.91
CMC CLA VI . -48.71 -49.48 -50.31
CAC CLA VI . -45.79 -49.43 -49.07
CBC CLA VI . -45.83 -48.27 -48.10
ND CLA VI . -46.63 -53.87 -46.15
C1D CLA VI . -45.56 -52.97 -46.34
C2D CLA VI . -44.42 -53.42 -45.55
C3D CLA VI . -44.81 -54.57 -44.92
C4D CLA VI . -46.21 -54.79 -45.31
CMD CLA VI . -43.13 -52.73 -45.51
CAD CLA VI . -44.44 -55.64 -44.02
OBD CLA VI . -43.36 -55.86 -43.48
CBD CLA VI . -45.69 -56.53 -43.83
CGD CLA VI . -45.43 -57.91 -44.30
O1D CLA VI . -45.85 -58.96 -43.84
O2D CLA VI . -44.63 -57.96 -45.40
CED CLA VI . -44.90 -59.00 -46.34
C1 CLA VI . -48.51 -52.68 -42.47
C2 CLA VI . -49.08 -52.11 -43.71
C3 CLA VI . -48.72 -50.92 -44.21
C4 CLA VI . -47.69 -50.06 -43.57
C5 CLA VI . -49.33 -50.43 -45.45
C6 CLA VI . -50.11 -49.16 -45.23
C7 CLA VI . -50.93 -48.85 -46.46
C8 CLA VI . -51.39 -47.40 -46.44
C9 CLA VI . -52.26 -47.12 -45.23
C10 CLA VI . -52.18 -47.07 -47.69
C11 CLA VI . -52.27 -45.58 -47.88
C12 CLA VI . -50.91 -44.92 -47.96
C13 CLA VI . -50.93 -43.73 -48.90
C14 CLA VI . -50.16 -44.06 -50.16
C15 CLA VI . -50.35 -42.50 -48.24
C16 CLA VI . -51.08 -42.10 -46.97
C17 CLA VI . -50.36 -40.97 -46.28
C18 CLA VI . -51.02 -40.53 -44.97
C19 CLA VI . -50.50 -39.18 -44.54
C20 CLA VI . -50.77 -41.55 -43.88
MG CLA WI . -51.92 -54.14 -33.74
CHA CLA WI . -52.27 -50.80 -32.93
CHB CLA WI . -52.87 -53.49 -36.91
CHC CLA WI . -51.58 -57.47 -34.48
CHD CLA WI . -50.81 -54.80 -30.45
NA CLA WI . -52.50 -52.41 -34.73
C1A CLA WI . -52.60 -51.10 -34.24
C2A CLA WI . -53.12 -50.18 -35.35
C3A CLA WI . -53.20 -51.06 -36.61
C4A CLA WI . -52.86 -52.43 -36.06
CMA CLA WI . -54.50 -51.04 -37.37
CAA CLA WI . -52.27 -48.99 -35.69
CBA CLA WI . -53.05 -47.77 -35.30
CGA CLA WI . -54.46 -47.93 -35.76
O1A CLA WI . -55.47 -48.17 -35.10
O2A CLA WI . -54.58 -47.77 -37.11
NB CLA WI . -52.31 -55.28 -35.33
C1B CLA WI . -52.52 -54.78 -36.56
C2B CLA WI . -52.21 -55.79 -37.59
C3B CLA WI . -51.85 -56.93 -36.93
C4B CLA WI . -51.89 -56.61 -35.47
CMB CLA WI . -52.35 -55.44 -39.00
CAB CLA WI . -51.41 -58.23 -37.40
CBB CLA WI . -50.78 -58.50 -38.54
NC CLA WI . -51.34 -55.81 -32.65
C1C CLA WI . -51.32 -57.09 -33.14
C2C CLA WI . -50.93 -58.02 -32.10
C3C CLA WI . -50.62 -57.27 -30.97
C4C CLA WI . -50.89 -55.88 -31.33
CMC CLA WI . -50.86 -59.47 -32.33
CAC CLA WI . -50.12 -57.73 -29.66
CBC CLA WI . -51.07 -58.51 -28.80
ND CLA WI . -51.51 -53.09 -32.08
C1D CLA WI . -51.12 -53.51 -30.78
C2D CLA WI . -51.06 -52.33 -29.92
C3D CLA WI . -51.45 -51.26 -30.69
C4D CLA WI . -51.76 -51.79 -32.03
CMD CLA WI . -50.69 -52.39 -28.53
CAD CLA WI . -51.68 -49.84 -30.72
OBD CLA WI . -51.47 -49.00 -29.86
CBD CLA WI . -52.26 -49.52 -32.12
CGD CLA WI . -53.59 -48.85 -31.95
O1D CLA WI . -53.82 -47.82 -31.31
O2D CLA WI . -54.64 -49.47 -32.59
CED CLA WI . -55.60 -50.16 -31.78
MG CLA XI . -59.81 -62.99 -49.80
CHA CLA XI . -60.06 -66.02 -51.43
CHB CLA XI . -59.45 -61.40 -52.76
CHC CLA XI . -59.81 -59.98 -48.14
CHD CLA XI . -60.24 -64.66 -46.72
NA CLA XI . -59.72 -63.64 -51.77
C1A CLA XI . -59.87 -64.94 -52.26
C2A CLA XI . -59.74 -64.95 -53.79
C3A CLA XI . -59.41 -63.48 -54.14
C4A CLA XI . -59.53 -62.77 -52.80
CMA CLA XI . -58.07 -63.32 -54.78
CAA CLA XI . -61.03 -65.36 -54.49
CBA CLA XI . -61.95 -64.22 -54.85
CGA CLA XI . -63.37 -64.69 -54.81
O1A CLA XI . -63.81 -65.82 -55.00
O2A CLA XI . -64.25 -63.69 -54.53
NB CLA XI . -59.67 -61.06 -50.34
C1B CLA XI . -59.53 -60.61 -51.62
C2B CLA XI . -59.48 -59.14 -51.63
C3B CLA XI . -59.58 -58.72 -50.32
C4B CLA XI . -59.69 -59.95 -49.49
CMB CLA XI . -59.32 -58.38 -52.87
CAB CLA XI . -59.56 -57.41 -49.74
CBB CLA XI . -60.34 -56.39 -50.09
NC CLA XI . -59.95 -62.43 -47.79
C1C CLA XI . -59.92 -61.15 -47.34
C2C CLA XI . -60.06 -61.12 -45.90
C3C CLA XI . -60.19 -62.45 -45.49
C4C CLA XI . -60.12 -63.26 -46.69
CMC CLA XI . -60.09 -59.92 -45.08
CAC CLA XI . -60.35 -62.94 -44.12
CBC CLA XI . -59.02 -63.20 -43.45
ND CLA XI . -59.99 -64.88 -49.14
C1D CLA XI . -60.20 -65.42 -47.85
C2D CLA XI . -60.35 -66.88 -47.97
C3D CLA XI . -60.28 -67.16 -49.31
C4D CLA XI . -60.08 -65.89 -50.00
CMD CLA XI . -60.55 -67.78 -46.83
CAD CLA XI . -60.31 -68.20 -50.31
OBD CLA XI . -60.35 -69.42 -50.17
CBD CLA XI . -60.25 -67.50 -51.69
CGD CLA XI . -59.13 -68.05 -52.53
O1D CLA XI . -59.10 -68.16 -53.75
O2D CLA XI . -58.06 -68.45 -51.81
CED CLA XI . -56.89 -67.62 -51.84
MG CLA YI . -65.54 -48.69 -47.67
CHA CLA YI . -67.36 -47.52 -50.39
CHB CLA YI . -67.91 -47.59 -45.56
CHC CLA YI . -63.63 -49.83 -45.02
CHD CLA YI . -63.04 -49.79 -49.88
NA CLA YI . -67.36 -47.71 -47.95
C1A CLA YI . -67.96 -47.28 -49.16
C2A CLA YI . -69.27 -46.55 -48.87
C3A CLA YI . -69.41 -46.65 -47.33
C4A CLA YI . -68.14 -47.35 -46.89
CMA CLA YI . -69.60 -45.32 -46.65
CAA CLA YI . -70.51 -47.16 -49.48
CBA CLA YI . -71.18 -46.28 -50.50
CGA CLA YI . -71.12 -44.84 -50.11
O1A CLA YI . -70.24 -44.02 -50.37
O2A CLA YI . -72.20 -44.44 -49.38
NB CLA YI . -65.68 -48.61 -45.67
C1B CLA YI . -66.81 -48.24 -45.01
C2B CLA YI . -66.70 -48.66 -43.59
C3B CLA YI . -65.50 -49.28 -43.44
C4B CLA YI . -64.84 -49.28 -44.76
CMB CLA YI . -67.76 -48.41 -42.62
CAB CLA YI . -64.88 -49.90 -42.31
CBB CLA YI . -65.37 -50.91 -41.58
NC CLA YI . -63.69 -49.62 -47.49
C1C CLA YI . -63.09 -49.97 -46.31
C2C CLA YI . -61.80 -50.56 -46.55
C3C CLA YI . -61.63 -50.58 -47.93
C4C CLA YI . -62.82 -49.98 -48.51
CMC CLA YI . -60.90 -51.02 -45.47
CAC CLA YI . -60.47 -51.05 -48.70
CBC CLA YI . -60.28 -52.54 -48.76
ND CLA YI . -65.26 -48.81 -49.66
C1D CLA YI . -64.17 -49.25 -50.43
C2D CLA YI . -64.47 -49.04 -51.86
C3D CLA YI . -65.70 -48.42 -51.90
C4D CLA YI . -66.13 -48.25 -50.50
CMD CLA YI . -63.60 -49.43 -52.95
CAD CLA YI . -66.71 -47.86 -52.75
OBD CLA YI . -66.79 -47.82 -53.97
CBD CLA YI . -67.78 -47.24 -51.81
CGD CLA YI . -68.03 -45.81 -52.13
O1D CLA YI . -68.98 -45.33 -52.75
O2D CLA YI . -67.07 -44.96 -51.68
CED CLA YI . -66.96 -43.72 -52.37
MG CLA ZI . -55.12 -37.87 -55.66
CHA CLA ZI . -56.96 -35.15 -54.62
CHB CLA ZI . -54.04 -36.09 -58.34
CHC CLA ZI . -53.40 -40.62 -56.71
CHD CLA ZI . -56.19 -39.65 -52.80
NA CLA ZI . -55.46 -35.92 -56.34
C1A CLA ZI . -56.26 -34.93 -55.78
C2A CLA ZI . -56.22 -33.64 -56.62
C3A CLA ZI . -55.18 -33.99 -57.70
C4A CLA ZI . -54.86 -35.44 -57.46
CMA CLA ZI . -55.65 -33.82 -59.12
CAA CLA ZI . -55.75 -32.38 -55.93
CBA CLA ZI . -56.16 -31.13 -56.67
CGA CLA ZI . -56.83 -30.14 -55.79
O1A CLA ZI . -57.28 -29.05 -56.08
O2A CLA ZI . -56.93 -30.54 -54.49
NB CLA ZI . -54.03 -38.31 -57.27
C1B CLA ZI . -53.63 -37.42 -58.20
C2B CLA ZI . -52.66 -38.05 -59.11
C3B CLA ZI . -52.46 -39.33 -58.66
C4B CLA ZI . -53.33 -39.50 -57.47
CMB CLA ZI . -52.05 -37.31 -60.21
CAB CLA ZI . -51.58 -40.35 -59.13
CBB CLA ZI . -51.51 -40.79 -60.38
NC CLA ZI . -54.84 -39.78 -54.89
C1C CLA ZI . -54.10 -40.74 -55.48
C2C CLA ZI . -54.12 -41.95 -54.68
C3C CLA ZI . -54.91 -41.67 -53.56
C4C CLA ZI . -55.36 -40.30 -53.70
CMC CLA ZI . -53.44 -43.19 -55.00
CAC CLA ZI . -55.22 -42.58 -52.47
CBC CLA ZI . -54.27 -42.40 -51.30
ND CLA ZI . -56.18 -37.50 -54.00
C1D CLA ZI . -56.61 -38.34 -52.94
C2D CLA ZI . -57.49 -37.58 -52.05
C3D CLA ZI . -57.66 -36.37 -52.65
C4D CLA ZI . -56.84 -36.36 -53.88
CMD CLA ZI . -58.06 -38.10 -50.82
CAD CLA ZI . -58.26 -35.06 -52.54
OBD CLA ZI . -58.85 -34.58 -51.60
CBD CLA ZI . -57.93 -34.31 -53.84
CGD CLA ZI . -59.11 -34.13 -54.74
O1D CLA ZI . -59.50 -33.10 -55.27
O2D CLA ZI . -59.80 -35.26 -54.97
CED CLA ZI . -60.74 -35.24 -56.05
C1 CLA ZI . -58.23 -30.46 -53.90
C2 CLA ZI . -58.31 -29.24 -53.08
C3 CLA ZI . -59.42 -28.52 -53.04
C4 CLA ZI . -60.64 -28.86 -53.80
C5 CLA ZI . -59.47 -27.28 -52.22
C6 CLA ZI . -59.69 -26.06 -53.07
C7 CLA ZI . -59.75 -24.81 -52.21
C8 CLA ZI . -61.17 -24.36 -51.90
C9 CLA ZI . -61.27 -22.85 -52.00
C10 CLA ZI . -61.60 -24.82 -50.51
C11 CLA ZI . -63.07 -24.58 -50.27
C12 CLA ZI . -63.83 -25.88 -50.06
C13 CLA ZI . -65.15 -25.65 -49.35
C14 CLA ZI . -66.04 -24.71 -50.13
C15 CLA ZI . -64.95 -25.13 -47.92
C16 CLA ZI . -65.82 -25.90 -46.95
C17 CLA ZI . -65.29 -25.81 -45.52
C18 CLA ZI . -65.93 -24.66 -44.74
C19 CLA ZI . -65.25 -24.48 -43.40
C20 CLA ZI . -67.41 -24.91 -44.54
MG CLA AJ . -48.13 -43.42 -63.56
CHA CLA AJ . -48.17 -40.10 -64.49
CHB CLA AJ . -47.53 -42.50 -60.35
CHC CLA AJ . -47.43 -46.68 -62.77
CHD CLA AJ . -48.41 -44.35 -66.93
NA CLA AJ . -48.01 -41.59 -62.59
C1A CLA AJ . -48.02 -40.29 -63.14
C2A CLA AJ . -47.80 -39.28 -62.00
C3A CLA AJ . -48.09 -40.10 -60.74
C4A CLA AJ . -47.83 -41.51 -61.25
CMA CLA AJ . -47.17 -39.75 -59.60
CAA CLA AJ . -48.56 -37.96 -61.93
CBA CLA AJ . -47.60 -36.84 -62.24
CGA CLA AJ . -48.30 -35.53 -62.32
O1A CLA AJ . -48.38 -34.75 -63.27
O2A CLA AJ . -48.91 -35.19 -61.15
NB CLA AJ . -47.67 -44.40 -61.87
C1B CLA AJ . -47.32 -43.83 -60.70
C2B CLA AJ . -46.70 -44.82 -59.79
C3B CLA AJ . -46.68 -46.01 -60.47
C4B CLA AJ . -47.30 -45.76 -61.79
CMB CLA AJ . -46.24 -44.50 -58.44
CAB CLA AJ . -46.20 -47.29 -60.09
CBB CLA AJ . -46.73 -48.03 -59.12
NC CLA AJ . -48.11 -45.20 -64.63
C1C CLA AJ . -47.86 -46.42 -64.09
C2C CLA AJ . -47.90 -47.44 -65.11
C3C CLA AJ . -48.12 -46.79 -66.31
C4C CLA AJ . -48.24 -45.37 -66.00
CMC CLA AJ . -47.69 -48.85 -64.86
CAC CLA AJ . -48.22 -47.42 -67.62
CBC CLA AJ . -49.63 -47.81 -67.92
ND CLA AJ . -48.47 -42.51 -65.31
C1D CLA AJ . -48.49 -43.02 -66.63
C2D CLA AJ . -48.62 -41.90 -67.56
C3D CLA AJ . -48.54 -40.76 -66.79
C4D CLA AJ . -48.38 -41.19 -65.40
CMD CLA AJ . -48.75 -42.02 -69.00
CAD CLA AJ . -48.56 -39.32 -66.81
OBD CLA AJ . -48.80 -38.55 -67.72
CBD CLA AJ . -48.20 -38.87 -65.39
CGD CLA AJ . -46.89 -38.18 -65.41
O1D CLA AJ . -46.68 -37.02 -65.77
O2D CLA AJ . -45.86 -38.95 -65.00
CED CLA AJ . -44.56 -38.35 -64.97
MG CLA BJ . -51.95 -60.89 -67.07
CHA CLA BJ . -50.35 -63.90 -67.61
CHB CLA BJ . -49.02 -59.25 -67.62
CHC CLA BJ . -53.65 -57.92 -66.91
CHD CLA BJ . -54.98 -62.63 -66.65
NA CLA BJ . -50.01 -61.50 -67.49
C1A CLA BJ . -49.54 -62.80 -67.71
C2A CLA BJ . -48.06 -62.78 -68.04
C3A CLA BJ . -47.63 -61.35 -67.68
C4A CLA BJ . -48.98 -60.63 -67.62
CMA CLA BJ . -46.92 -61.32 -66.37
CAA CLA BJ . -47.98 -62.79 -69.55
CBA CLA BJ . -47.62 -64.10 -70.19
CGA CLA BJ . -47.73 -63.94 -71.68
O1A CLA BJ . -47.04 -64.46 -72.56
O2A CLA BJ . -48.74 -63.10 -72.06
NB CLA BJ . -51.42 -58.95 -67.20
C1B CLA BJ . -50.20 -58.49 -67.52
C2B CLA BJ . -50.24 -57.01 -67.70
C3B CLA BJ . -51.55 -56.63 -67.51
C4B CLA BJ . -52.32 -57.86 -67.17
CMB CLA BJ . -49.06 -56.22 -68.04
CAB CLA BJ . -52.13 -55.33 -67.56
CBB CLA BJ . -52.59 -54.64 -66.50
NC CLA BJ . -53.93 -60.37 -66.75
C1C CLA BJ . -54.41 -59.10 -66.70
C2C CLA BJ . -55.84 -59.10 -66.48
C3C CLA BJ . -56.23 -60.44 -66.45
C4C CLA BJ . -55.03 -61.22 -66.62
CMC CLA BJ . -56.65 -57.89 -66.37
CAC CLA BJ . -57.58 -60.97 -66.28
CBC CLA BJ . -58.06 -60.95 -64.85
ND CLA BJ . -52.56 -62.80 -66.98
C1D CLA BJ . -53.85 -63.37 -66.82
C2D CLA BJ . -53.72 -64.84 -66.87
C3D CLA BJ . -52.39 -65.10 -67.12
C4D CLA BJ . -51.72 -63.79 -67.23
CMD CLA BJ . -54.83 -65.75 -66.67
CAD CLA BJ . -51.38 -66.11 -67.32
OBD CLA BJ . -51.47 -67.33 -67.19
CBD CLA BJ . -50.08 -65.38 -67.73
CGD CLA BJ . -48.92 -65.81 -66.88
O1D CLA BJ . -48.09 -66.68 -67.12
O2D CLA BJ . -48.83 -65.14 -65.71
CED CLA BJ . -47.52 -64.93 -65.19
C A86 CJ . -49.83 -45.29 -55.83
O A86 CJ . -50.10 -55.44 -64.73
C1 A86 CJ . -50.02 -44.26 -56.97
C10 A86 CJ . -50.32 -52.39 -62.94
C11 A86 CJ . -49.97 -53.21 -64.08
C12 A86 CJ . -49.60 -52.59 -65.40
C13 A86 CJ . -49.98 -54.67 -63.86
C14 A86 CJ . -49.78 -55.16 -62.27
C15 A86 CJ . -48.54 -56.08 -62.03
C16 A86 CJ . -47.15 -55.54 -62.35
C17 A86 CJ . -46.64 -55.91 -63.74
C18 A86 CJ . -46.62 -57.37 -63.91
C19 A86 CJ . -48.08 -57.94 -63.83
C2 A86 CJ . -50.22 -44.66 -58.31
C20 A86 CJ . -48.73 -57.51 -62.41
C21 A86 CJ . -50.24 -57.96 -62.59
C22 A86 CJ . -46.16 -56.10 -61.29
C23 A86 CJ . -47.06 -54.04 -62.17
C24 A86 CJ . -49.96 -42.78 -56.69
C25 A86 CJ . -49.35 -42.34 -55.50
C26 A86 CJ . -49.29 -40.72 -55.24
C27 A86 CJ . -50.07 -40.11 -54.26
C28 A86 CJ . -50.99 -40.91 -53.41
C29 A86 CJ . -49.95 -38.52 -54.08
C3 A86 CJ . -50.24 -46.09 -58.63
C30 A86 CJ . -50.50 -37.86 -52.90
C31 A86 CJ . -51.03 -37.22 -51.75
C32 A86 CJ . -50.57 -37.59 -50.33
C33 A86 CJ . -51.34 -36.97 -49.17
C34 A86 CJ . -52.86 -36.80 -49.38
C35 A86 CJ . -53.19 -36.08 -50.71
C36 A86 CJ . -52.42 -36.57 -51.94
C37 A86 CJ . -53.25 -37.66 -52.63
C38 A86 CJ . -53.97 -38.35 -48.02
C39 A86 CJ . -55.25 -37.65 -47.48
C4 A86 CJ . -50.50 -46.50 -59.95
C40 A86 CJ . -50.55 -39.13 -50.19
C41 A86 CJ . -49.10 -37.12 -50.20
C5 A86 CJ . -50.49 -48.11 -60.27
C6 A86 CJ . -50.77 -48.61 -61.54
C7 A86 CJ . -51.12 -47.63 -62.74
C8 A86 CJ . -50.72 -50.20 -61.72
C9 A86 CJ . -50.35 -50.85 -62.98
O1 A86 CJ . -48.69 -57.11 -60.99
O2 A86 CJ . -46.08 -57.69 -65.17
O3 A86 CJ . -52.29 -35.50 -52.82
O4 A86 CJ . -53.51 -38.04 -49.34
O5 A86 CJ . -53.38 -39.11 -47.36
C A86 DJ . -61.34 -54.26 -62.45
O A86 DJ . -55.90 -55.71 -50.06
C1 A86 DJ . -62.30 -53.17 -61.92
C10 A86 DJ . -57.49 -54.84 -53.12
C11 A86 DJ . -57.12 -54.64 -51.73
C12 A86 DJ . -57.79 -53.62 -50.87
C13 A86 DJ . -56.03 -55.51 -51.21
C14 A86 DJ . -55.01 -56.17 -52.35
C15 A86 DJ . -54.07 -57.35 -51.88
C16 A86 DJ . -54.67 -58.66 -51.43
C17 A86 DJ . -54.62 -58.94 -49.92
C18 A86 DJ . -53.26 -58.85 -49.44
C19 A86 DJ . -52.79 -57.36 -49.57
C2 A86 DJ . -62.30 -52.81 -60.56
C20 A86 DJ . -52.82 -56.97 -51.13
C21 A86 DJ . -52.51 -55.44 -51.13
C22 A86 DJ . -53.83 -59.73 -52.17
C23 A86 DJ . -56.09 -58.87 -51.89
C24 A86 DJ . -63.22 -52.47 -62.88
C25 A86 DJ . -63.40 -53.01 -64.20
C26 A86 DJ . -64.37 -52.24 -65.26
C27 A86 DJ . -65.78 -52.42 -65.21
C28 A86 DJ . -66.39 -53.30 -64.19
C29 A86 DJ . -66.75 -51.68 -66.24
C3 A86 DJ . -61.35 -53.49 -59.67
C30 A86 DJ . -66.52 -51.66 -67.68
C31 A86 DJ . -66.35 -51.64 -69.09
C32 A86 DJ . -66.96 -52.76 -69.97
C33 A86 DJ . -66.17 -53.14 -71.23
C34 A86 DJ . -65.43 -51.98 -71.90
C35 A86 DJ . -64.63 -51.13 -70.88
C36 A86 DJ . -65.58 -50.53 -69.84
C37 A86 DJ . -64.77 -49.74 -68.80
C38 A86 DJ . -65.14 -52.73 -74.13
C39 A86 DJ . -64.96 -54.07 -74.88
C4 A86 DJ . -61.35 -53.20 -58.30
C40 A86 DJ . -68.40 -52.34 -70.39
C41 A86 DJ . -67.06 -54.03 -69.09
C5 A86 DJ . -60.23 -53.99 -57.36
C6 A86 DJ . -59.93 -53.50 -56.09
C7 A86 DJ . -60.64 -52.19 -55.53
C8 A86 DJ . -58.83 -54.28 -55.21
C9 A86 DJ . -58.60 -54.00 -53.80
O1 A86 DJ . -52.77 -57.32 -52.57
O2 A86 DJ . -53.19 -59.26 -48.09
O3 A86 DJ . -66.48 -49.66 -70.46
O4 A86 DJ . -64.54 -52.52 -72.84
O5 A86 DJ . -65.79 -51.87 -74.60
C A86 EJ . -60.50 -60.42 -69.37
O A86 EJ . -54.55 -48.19 -68.98
C1 A86 EJ . -59.05 -60.97 -69.44
C10 A86 EJ . -55.66 -51.41 -69.93
C11 A86 EJ . -55.01 -50.48 -69.04
C12 A86 EJ . -54.01 -50.98 -68.04
C13 A86 EJ . -55.35 -49.03 -69.12
C14 A86 EJ . -56.96 -48.67 -69.38
C15 A86 EJ . -57.35 -47.46 -70.31
C16 A86 EJ . -57.03 -47.52 -71.81
C17 A86 EJ . -56.00 -46.53 -72.34
C18 A86 EJ . -56.30 -45.17 -71.94
C19 A86 EJ . -56.14 -45.10 -70.39
C2 A86 EJ . -57.95 -60.13 -69.69
C20 A86 EJ . -57.26 -46.07 -69.75
C21 A86 EJ . -56.91 -46.03 -68.22
C22 A86 EJ . -58.38 -47.19 -72.50
C23 A86 EJ . -56.68 -48.90 -72.30
C24 A86 EJ . -58.73 -62.43 -69.20
C25 A86 EJ . -59.63 -63.52 -69.32
C26 A86 EJ . -58.94 -64.96 -68.95
C27 A86 EJ . -58.24 -65.72 -69.91
C28 A86 EJ . -58.13 -65.26 -71.32
C29 A86 EJ . -57.56 -67.10 -69.46
C3 A86 EJ . -58.10 -58.68 -69.89
C30 A86 EJ . -58.29 -68.36 -69.44
C31 A86 EJ . -58.98 -69.61 -69.42
C32 A86 EJ . -59.92 -70.04 -70.57
C33 A86 EJ . -60.59 -71.43 -70.48
C34 A86 EJ . -60.76 -72.07 -69.07
C35 A86 EJ . -60.24 -71.21 -67.89
C36 A86 EJ . -58.89 -70.58 -68.22
C37 A86 EJ . -58.41 -69.79 -66.98
C38 A86 EJ . -63.05 -71.52 -68.33
C39 A86 EJ . -63.79 -71.86 -67.00
C4 A86 EJ . -57.01 -57.93 -70.36
C40 A86 EJ . -61.03 -68.96 -70.73
C41 A86 EJ . -59.07 -70.02 -71.87
C5 A86 EJ . -57.20 -56.29 -70.53
C6 A86 EJ . -56.09 -55.47 -70.28
C7 A86 EJ . -54.70 -56.11 -69.89
C8 A86 EJ . -56.30 -53.87 -70.40
C9 A86 EJ . -55.33 -52.93 -69.82
O1 A86 EJ . -58.55 -46.77 -69.82
O2 A86 EJ . -55.39 -44.25 -72.53
O3 A86 EJ . -57.95 -71.58 -68.50
O4 A86 EJ . -62.10 -72.47 -68.88
O5 A86 EJ . -63.29 -70.51 -68.87
C A86 FJ . -69.19 -58.04 -60.32
O A86 FJ . -59.74 -66.79 -57.82
C1 A86 FJ . -68.91 -57.16 -59.07
C10 A86 FJ . -61.77 -64.05 -57.88
C11 A86 FJ . -60.46 -64.61 -58.08
C12 A86 FJ . -59.22 -63.77 -57.92
C13 A86 FJ . -60.38 -66.05 -58.46
C14 A86 FJ . -61.25 -66.56 -59.79
C15 A86 FJ . -61.56 -68.10 -59.87
C16 A86 FJ . -62.42 -68.74 -58.78
C17 A86 FJ . -61.64 -69.46 -57.67
C18 A86 FJ . -60.75 -70.47 -58.23
C19 A86 FJ . -59.69 -69.80 -59.16
C2 A86 FJ . -67.93 -57.52 -58.13
C20 A86 FJ . -60.43 -68.97 -60.33
C21 A86 FJ . -59.25 -68.20 -61.03
C22 A86 FJ . -63.35 -69.79 -59.48
C23 A86 FJ . -63.36 -67.74 -58.14
C24 A86 FJ . -69.67 -55.88 -58.83
C25 A86 FJ . -70.96 -55.97 -58.25
C26 A86 FJ . -71.80 -54.61 -57.94
C27 A86 FJ . -72.65 -54.05 -58.92
C28 A86 FJ . -72.81 -54.68 -60.26
C29 A86 FJ . -73.44 -52.70 -58.55
C3 A86 FJ . -67.18 -58.76 -58.31
C30 A86 FJ . -74.56 -52.27 -59.38
C31 A86 FJ . -75.65 -51.84 -60.18
C32 A86 FJ . -77.10 -51.97 -59.67
C33 A86 FJ . -78.19 -52.19 -60.73
C34 A86 FJ . -77.95 -51.46 -62.07
C35 A86 FJ . -76.51 -51.66 -62.59
C36 A86 FJ . -75.47 -51.20 -61.57
C37 A86 FJ . -74.07 -51.59 -62.08
C38 A86 FJ . -79.83 -51.04 -63.48
C39 A86 FJ . -80.35 -51.12 -64.94
C4 A86 FJ . -66.07 -59.01 -57.49
C40 A86 FJ . -77.45 -50.70 -58.85
C41 A86 FJ . -77.12 -53.19 -58.71
C5 A86 FJ . -65.27 -60.44 -57.74
C6 A86 FJ . -63.95 -60.66 -57.36
C7 A86 FJ . -63.08 -59.55 -56.63
C8 A86 FJ . -63.38 -62.13 -57.68
C9 A86 FJ . -62.00 -62.56 -57.49
O1 A86 FJ . -61.57 -68.66 -61.23
O2 A86 FJ . -60.11 -71.15 -57.17
O3 A86 FJ . -75.54 -49.80 -61.44
O4 A86 FJ . -78.84 -51.99 -63.02
O5 A86 FJ . -80.23 -50.20 -62.76
C A86 GJ . -42.53 -45.23 -58.87
O A86 GJ . -42.64 -57.58 -59.00
C1 A86 GJ . -43.01 -45.17 -60.34
C10 A86 GJ . -42.23 -55.07 -61.09
C11 A86 GJ . -41.86 -55.56 -59.77
C12 A86 GJ . -41.61 -54.57 -58.67
C13 A86 GJ . -41.74 -57.01 -59.51
C14 A86 GJ . -40.34 -57.84 -59.88
C15 A86 GJ . -39.34 -57.57 -58.70
C16 A86 GJ . -37.97 -57.01 -59.07
C17 A86 GJ . -36.70 -57.43 -58.29
C18 A86 GJ . -36.90 -58.23 -57.08
C19 A86 GJ . -37.96 -59.34 -57.36
C2 A86 GJ . -43.15 -46.34 -61.11
C20 A86 GJ . -39.33 -58.54 -57.56
C21 A86 GJ . -40.40 -59.69 -57.69
C22 A86 GJ . -37.65 -57.29 -60.57
C23 A86 GJ . -38.04 -55.51 -58.94
C24 A86 GJ . -43.38 -43.85 -60.99
C25 A86 GJ . -42.98 -42.62 -60.42
C26 A86 GJ . -43.41 -41.23 -61.18
C27 A86 GJ . -43.65 -40.06 -60.43
C28 A86 GJ . -43.51 -40.10 -58.95
C29 A86 GJ . -44.07 -38.70 -61.17
C3 A86 GJ . -42.84 -47.67 -60.57
C30 A86 GJ . -43.87 -37.42 -60.48
C31 A86 GJ . -43.70 -36.16 -59.83
C32 A86 GJ . -44.59 -35.78 -58.63
C33 A86 GJ . -44.52 -34.35 -58.10
C34 A86 GJ . -43.15 -33.70 -58.29
C35 A86 GJ . -42.60 -33.80 -59.73
C36 A86 GJ . -43.04 -34.99 -60.59
C37 A86 GJ . -44.00 -34.50 -61.71
C38 A86 GJ . -42.17 -31.50 -58.00
C39 A86 GJ . -41.02 -31.74 -56.99
C4 A86 GJ . -43.07 -48.76 -61.42
C40 A86 GJ . -46.05 -36.05 -59.03
C41 A86 GJ . -44.24 -36.72 -57.45
C5 A86 GJ . -42.78 -50.35 -61.00
C6 A86 GJ . -43.74 -51.27 -61.44
C7 A86 GJ . -45.00 -50.73 -62.27
C8 A86 GJ . -43.61 -52.84 -61.13
C9 A86 GJ . -42.35 -53.56 -61.35
O1 A86 GJ . -40.09 -57.27 -57.47
O2 A86 GJ . -35.68 -58.81 -56.70
O3 A86 GJ . -41.91 -35.52 -61.22
O4 A86 GJ . -43.35 -32.34 -57.97
O5 A86 GJ . -42.10 -30.63 -58.80
C A86 HJ . -15.29 -30.98 -56.43
O A86 HJ . -17.14 -18.51 -52.11
C1 A86 HJ . -13.75 -31.00 -56.17
C10 A86 HJ . -15.79 -21.71 -53.01
C11 A86 HJ . -15.90 -20.50 -52.23
C12 A86 HJ . -14.99 -20.21 -51.07
C13 A86 HJ . -16.98 -19.56 -52.63
C14 A86 HJ . -17.98 -20.09 -53.86
C15 A86 HJ . -19.19 -19.19 -54.28
C16 A86 HJ . -18.93 -17.87 -54.99
C17 A86 HJ . -19.17 -16.59 -54.19
C18 A86 HJ . -20.52 -16.64 -53.62
C19 A86 HJ . -20.51 -17.75 -52.54
C2 A86 HJ . -13.06 -29.83 -55.81
C20 A86 HJ . -20.35 -19.14 -53.33
C21 A86 HJ . -20.33 -20.20 -52.16
C22 A86 HJ . -19.90 -17.85 -56.21
C23 A86 HJ . -17.54 -17.81 -55.59
C24 A86 HJ . -12.95 -32.27 -56.29
C25 A86 HJ . -11.69 -32.12 -56.90
C26 A86 HJ . -10.63 -33.36 -57.10
C27 A86 HJ . -10.81 -34.43 -57.99
C28 A86 HJ . -11.99 -34.56 -58.87
C29 A86 HJ . -9.64 -35.53 -58.02
C3 A86 HJ . -13.81 -28.58 -55.68
C30 A86 HJ . -9.92 -36.89 -58.45
C31 A86 HJ . -10.15 -38.23 -58.86
C32 A86 HJ . -9.62 -38.70 -60.23
C33 A86 HJ . -10.21 -40.03 -60.71
C34 A86 HJ . -10.25 -41.10 -59.62
C35 A86 HJ . -10.99 -40.62 -58.36
C36 A86 HJ . -10.40 -39.31 -57.82
C37 A86 HJ . -11.38 -38.73 -56.78
C38 A86 HJ . -10.24 -43.44 -60.20
C39 A86 HJ . -8.86 -43.48 -60.91
C4 A86 HJ . -13.40 -27.63 -54.73
C40 A86 HJ . -8.08 -38.84 -60.17
C41 A86 HJ . -9.96 -37.61 -61.28
C5 A86 HJ . -14.26 -26.23 -54.60
C6 A86 HJ . -14.12 -25.37 -53.51
C7 A86 HJ . -13.10 -25.68 -52.32
C8 A86 HJ . -15.03 -24.05 -53.52
C9 A86 HJ . -14.75 -22.82 -52.78
O1 A86 HJ . -20.42 -19.97 -54.55
O2 A86 HJ . -20.87 -15.42 -53.01
O3 A86 HJ . -9.19 -39.61 -57.17
O4 A86 HJ . -10.96 -42.19 -60.14
O5 A86 HJ . -10.67 -44.41 -59.71
MG CLA IJ . -52.11 -42.97 -72.81
CHA CLA IJ . -52.06 -40.68 -70.20
CHB CLA IJ . -52.09 -40.42 -75.04
CHC CLA IJ . -52.26 -45.25 -75.33
CHD CLA IJ . -52.44 -45.58 -70.45
NA CLA IJ . -52.04 -40.89 -72.62
C1A CLA IJ . -52.01 -40.12 -71.45
C2A CLA IJ . -51.98 -38.63 -71.80
C3A CLA IJ . -51.89 -38.61 -73.32
C4A CLA IJ . -52.03 -40.07 -73.71
CMA CLA IJ . -52.94 -37.74 -73.92
CAA CLA IJ . -50.77 -37.88 -71.31
CBA CLA IJ . -49.51 -38.60 -71.74
CGA CLA IJ . -48.37 -38.06 -70.95
O1A CLA IJ . -48.03 -36.89 -70.78
O2A CLA IJ . -47.67 -39.06 -70.35
NB CLA IJ . -52.12 -42.87 -74.81
C1B CLA IJ . -52.21 -41.72 -75.53
C2B CLA IJ . -52.42 -42.05 -76.97
C3B CLA IJ . -52.48 -43.41 -77.06
C4B CLA IJ . -52.27 -43.95 -75.69
CMB CLA IJ . -52.54 -41.04 -78.00
CAB CLA IJ . -52.64 -44.21 -78.24
CBB CLA IJ . -53.52 -45.19 -78.49
NC CLA IJ . -52.25 -45.03 -72.86
C1C CLA IJ . -52.24 -45.76 -74.00
C2C CLA IJ . -52.27 -47.17 -73.71
C3C CLA IJ . -52.42 -47.27 -72.34
C4C CLA IJ . -52.41 -45.92 -71.80
CMC CLA IJ . -52.22 -48.24 -74.69
CAC CLA IJ . -52.49 -48.50 -71.55
CBC CLA IJ . -51.13 -48.97 -71.14
ND CLA IJ . -52.19 -43.16 -70.81
C1D CLA IJ . -52.31 -44.29 -69.97
C2D CLA IJ . -52.28 -43.86 -68.58
C3D CLA IJ . -52.19 -42.49 -68.60
C4D CLA IJ . -52.16 -42.10 -70.02
CMD CLA IJ . -52.32 -44.75 -67.44
CAD CLA IJ . -52.12 -41.29 -67.82
OBD CLA IJ . -52.13 -41.16 -66.60
CBD CLA IJ . -52.03 -40.11 -68.80
CGD CLA IJ . -53.13 -39.13 -68.54
O1D CLA IJ . -54.29 -39.39 -68.22
O2D CLA IJ . -52.76 -37.83 -68.66
CED CLA IJ . -53.79 -36.86 -68.84
C1 CLA IJ . -46.26 -38.86 -70.20
C2 CLA IJ . -45.69 -40.20 -69.95
C3 CLA IJ . -44.59 -40.41 -69.22
C4 CLA IJ . -43.85 -39.31 -68.58
C5 CLA IJ . -44.08 -41.78 -69.00
C6 CLA IJ . -44.03 -42.07 -67.52
C7 CLA IJ . -44.16 -43.54 -67.25
C8 CLA IJ . -44.78 -43.81 -65.89
C9 CLA IJ . -44.04 -43.07 -64.81
C10 CLA IJ . -44.78 -45.29 -65.59
C11 CLA IJ . -43.38 -45.87 -65.62
C12 CLA IJ . -43.41 -47.31 -66.09
C13 CLA IJ . -42.13 -48.04 -65.72
C14 CLA IJ . -40.91 -47.29 -66.21
C15 CLA IJ . -42.15 -49.45 -66.30
C16 CLA IJ . -41.88 -50.51 -65.25
C17 CLA IJ . -40.40 -50.73 -64.99
C18 CLA IJ . -40.13 -51.99 -64.19
C19 CLA IJ . -40.69 -53.22 -64.88
C20 CLA IJ . -38.65 -52.15 -63.98
MG CLA JJ . -28.33 -24.70 -82.55
CHA CLA JJ . -29.37 -21.45 -82.90
CHB CLA JJ . -30.81 -25.76 -84.66
CHC CLA JJ . -27.21 -27.88 -82.15
CHD CLA JJ . -25.59 -23.52 -80.64
NA CLA JJ . -29.86 -23.73 -83.57
C1A CLA JJ . -30.12 -22.35 -83.61
C2A CLA JJ . -31.32 -22.06 -84.50
C3A CLA JJ . -31.79 -23.46 -84.93
C4A CLA JJ . -30.75 -24.40 -84.36
CMA CLA JJ . -33.13 -23.75 -84.32
CAA CLA JJ . -30.96 -21.21 -85.72
CBA CLA JJ . -31.41 -21.77 -87.05
CGA CLA JJ . -30.21 -21.90 -87.90
O1A CLA JJ . -29.43 -21.03 -88.29
O2A CLA JJ . -29.97 -23.20 -88.27
NB CLA JJ . -28.91 -26.48 -83.27
C1B CLA JJ . -29.92 -26.71 -84.13
C2B CLA JJ . -30.03 -28.17 -84.38
C3B CLA JJ . -29.01 -28.76 -83.66
C4B CLA JJ . -28.29 -27.70 -82.95
CMB CLA JJ . -31.04 -28.74 -85.25
CAB CLA JJ . -28.62 -30.13 -83.55
CBB CLA JJ . -29.41 -31.12 -83.14
NC CLA JJ . -26.72 -25.53 -81.53
C1C CLA JJ . -26.46 -26.87 -81.48
C2C CLA JJ . -25.28 -27.10 -80.67
C3C CLA JJ . -24.80 -25.86 -80.29
C4C CLA JJ . -25.70 -24.88 -80.84
CMC CLA JJ . -24.69 -28.38 -80.35
CAC CLA JJ . -23.63 -25.59 -79.45
CBC CLA JJ . -22.40 -25.28 -80.27
ND CLA JJ . -27.64 -22.96 -81.83
C1D CLA JJ . -26.49 -22.61 -81.06
C2D CLA JJ . -26.48 -21.17 -80.82
C3D CLA JJ . -27.60 -20.68 -81.44
C4D CLA JJ . -28.25 -21.83 -82.10
CMD CLA JJ . -25.49 -20.47 -80.01
CAD CLA JJ . -28.36 -19.51 -81.74
OBD CLA JJ . -28.21 -18.36 -81.35
CBD CLA JJ . -29.49 -19.96 -82.71
CGD CLA JJ . -30.82 -19.69 -82.12
O1D CLA JJ . -31.34 -20.22 -81.14
O2D CLA JJ . -31.52 -18.74 -82.78
CED CLA JJ . -32.19 -17.78 -81.99
C1 CLA JJ . -29.07 -23.89 -87.42
C2 CLA JJ . -28.92 -25.28 -87.89
C3 CLA JJ . -28.07 -26.12 -87.30
C4 CLA JJ . -27.24 -25.69 -86.15
C5 CLA JJ . -27.90 -27.52 -87.77
C6 CLA JJ . -26.47 -27.72 -88.23
C7 CLA JJ . -26.12 -29.18 -88.25
C8 CLA JJ . -25.16 -29.51 -89.39
C9 CLA JJ . -25.80 -29.22 -90.73
C10 CLA JJ . -24.75 -30.97 -89.33
C11 CLA JJ . -23.25 -31.08 -89.22
C12 CLA JJ . -22.78 -30.82 -87.81
C13 CLA JJ . -21.27 -30.89 -87.68
C14 CLA JJ . -20.72 -32.19 -88.24
C15 CLA JJ . -20.85 -30.73 -86.23
C16 CLA JJ . -19.35 -30.60 -86.09
C17 CLA JJ . -18.91 -30.83 -84.67
C18 CLA JJ . -19.18 -32.26 -84.23
C19 CLA JJ . -18.97 -32.43 -82.74
C20 CLA JJ . -18.30 -33.22 -84.99
MG CLA KJ . -29.53 -36.08 -85.41
CHA CLA KJ . -32.17 -34.95 -87.36
CHB CLA KJ . -27.69 -33.41 -86.33
CHC CLA KJ . -26.86 -37.39 -83.70
CHD CLA KJ . -31.41 -38.95 -84.61
NA CLA KJ . -29.93 -34.42 -86.61
C1A CLA KJ . -31.07 -34.11 -87.35
C2A CLA KJ . -30.86 -32.78 -88.10
C3A CLA KJ . -29.52 -32.27 -87.55
C4A CLA KJ . -28.98 -33.45 -86.77
CMA CLA KJ . -28.55 -31.87 -88.62
CAA CLA KJ . -31.89 -31.70 -87.86
CBA CLA KJ . -32.01 -30.75 -89.03
CGA CLA KJ . -33.15 -31.14 -89.90
O1A CLA KJ . -33.29 -30.95 -91.10
O2A CLA KJ . -34.14 -31.80 -89.22
NB CLA KJ . -27.67 -35.46 -84.99
C1B CLA KJ . -27.06 -34.43 -85.60
C2B CLA KJ . -25.59 -34.50 -85.38
C3B CLA KJ . -25.36 -35.62 -84.64
C4B CLA KJ . -26.68 -36.24 -84.38
CMB CLA KJ . -24.67 -33.50 -85.95
CAB CLA KJ . -24.16 -36.22 -84.15
CBB CLA KJ . -23.16 -35.60 -83.53
NC CLA KJ . -29.23 -37.80 -84.29
C1C CLA KJ . -28.08 -38.11 -83.65
C2C CLA KJ . -28.21 -39.37 -82.94
C3C CLA KJ . -29.48 -39.86 -83.26
C4C CLA KJ . -30.11 -38.86 -84.10
CMC CLA KJ . -27.18 -40.00 -82.14
CAC CLA KJ . -30.06 -41.10 -82.79
CBC CLA KJ . -30.87 -40.85 -81.55
ND CLA KJ . -31.36 -36.81 -85.80
C1D CLA KJ . -32.00 -38.00 -85.40
C2D CLA KJ . -33.34 -38.04 -85.98
C3D CLA KJ . -33.47 -36.91 -86.76
C4D CLA KJ . -32.19 -36.17 -86.62
CMD CLA KJ . -34.29 -39.12 -85.76
CAD CLA KJ . -34.31 -36.15 -87.63
OBD CLA KJ . -35.45 -36.37 -88.01
CBD CLA KJ . -33.50 -34.89 -88.05
CGD CLA KJ . -33.29 -34.85 -89.54
O1D CLA KJ . -32.24 -35.00 -90.15
O2D CLA KJ . -34.44 -34.61 -90.23
CED CLA KJ . -34.32 -34.17 -91.58
MG CLA LJ . -27.90 -46.62 -67.96
CHA CLA LJ . -27.09 -49.77 -66.84
CHB CLA LJ . -27.64 -47.67 -71.17
CHC CLA LJ . -28.83 -43.49 -69.01
CHD CLA LJ . -28.30 -45.58 -64.62
NA CLA LJ . -27.43 -48.44 -68.84
C1A CLA LJ . -27.11 -49.65 -68.20
C2A CLA LJ . -26.86 -50.74 -69.24
C3A CLA LJ . -26.90 -49.98 -70.58
C4A CLA LJ . -27.38 -48.61 -70.19
CMA CLA LJ . -25.53 -49.90 -71.20
CAA CLA LJ . -27.90 -51.85 -69.42
CBA CLA LJ . -29.11 -51.99 -68.52
CGA CLA LJ . -30.06 -50.85 -68.63
O1A CLA LJ . -30.74 -50.51 -69.60
O2A CLA LJ . -30.10 -50.13 -67.48
NB CLA LJ . -28.13 -45.74 -69.75
C1B CLA LJ . -28.05 -46.36 -70.94
C2B CLA LJ . -28.44 -45.41 -72.02
C3B CLA LJ . -28.78 -44.24 -71.41
C4B CLA LJ . -28.59 -44.43 -69.96
CMB CLA LJ . -28.46 -45.81 -73.43
CAB CLA LJ . -29.25 -42.99 -71.94
CBB CLA LJ . -28.63 -42.28 -72.87
NC CLA LJ . -28.40 -44.86 -66.98
C1C CLA LJ . -28.73 -43.69 -67.61
C2C CLA LJ . -29.01 -42.67 -66.63
C3C CLA LJ . -28.91 -43.26 -65.39
C4C CLA LJ . -28.53 -44.65 -65.61
CMC CLA LJ . -29.37 -41.29 -66.94
CAC CLA LJ . -29.12 -42.64 -64.08
CBC CLA LJ . -30.55 -42.77 -63.63
ND CLA LJ . -27.74 -47.43 -66.12
C1D CLA LJ . -27.95 -46.89 -64.84
C2D CLA LJ . -27.67 -47.94 -63.84
C3D CLA LJ . -27.29 -49.05 -64.55
C4D CLA LJ . -27.38 -48.68 -65.97
CMD CLA LJ . -27.78 -47.74 -62.41
CAD CLA LJ . -26.88 -50.43 -64.49
OBD CLA LJ . -26.66 -51.12 -63.51
CBD CLA LJ . -26.75 -50.93 -65.94
CGD CLA LJ . -25.34 -51.36 -66.23
O1D CLA LJ . -24.96 -52.28 -66.95
O2D CLA LJ . -24.42 -50.60 -65.61
CED CLA LJ . -23.20 -50.37 -66.31
C1 CLA LJ . -31.37 -49.56 -67.03
C2 CLA LJ . -31.28 -48.16 -67.48
C3 CLA LJ . -31.76 -47.13 -66.77
C4 CLA LJ . -32.43 -47.29 -65.46
C5 CLA LJ . -31.64 -45.75 -67.31
C6 CLA LJ . -32.98 -45.11 -67.56
C7 CLA LJ . -32.79 -43.84 -68.35
C8 CLA LJ . -34.04 -42.98 -68.27
C9 CLA LJ . -35.24 -43.71 -68.85
C10 CLA LJ . -33.84 -41.68 -69.01
C11 CLA LJ . -34.88 -40.67 -68.60
C12 CLA LJ . -34.87 -40.40 -67.11
C13 CLA LJ . -35.23 -38.96 -66.81
C14 CLA LJ . -34.01 -38.21 -66.33
C15 CLA LJ . -36.34 -38.88 -65.77
C16 CLA LJ . -37.60 -39.60 -66.20
C17 CLA LJ . -38.60 -39.61 -65.05
C18 CLA LJ . -39.89 -40.35 -65.39
C19 CLA LJ . -40.98 -40.01 -64.39
C20 CLA LJ . -39.67 -41.84 -65.40
MG CLA MJ . -36.38 -57.06 -69.93
CHA CLA MJ . -39.47 -55.78 -69.02
CHB CLA MJ . -35.39 -53.97 -70.90
CHC CLA MJ . -33.36 -58.37 -70.85
CHD CLA MJ . -37.38 -60.24 -68.81
NA CLA MJ . -37.32 -55.19 -69.98
C1A CLA MJ . -38.60 -54.85 -69.56
C2A CLA MJ . -38.84 -53.35 -69.84
C3A CLA MJ . -37.49 -52.82 -70.34
C4A CLA MJ . -36.66 -54.08 -70.44
CMA CLA MJ . -37.51 -52.01 -71.61
CAA CLA MJ . -39.25 -52.51 -68.66
CBA CLA MJ . -40.66 -52.05 -68.93
CGA CLA MJ . -40.76 -51.58 -70.34
O1A CLA MJ . -41.30 -52.14 -71.31
O2A CLA MJ . -40.14 -50.38 -70.54
NB CLA MJ . -34.76 -56.35 -70.86
C1B CLA MJ . -34.50 -55.03 -70.99
C2B CLA MJ . -33.06 -54.80 -71.16
C3B CLA MJ . -32.45 -56.02 -71.14
C4B CLA MJ . -33.54 -57.02 -70.94
CMB CLA MJ . -32.56 -53.43 -71.30
CAB CLA MJ . -31.07 -56.43 -71.24
CBB CLA MJ . -29.99 -55.73 -70.86
NC CLA MJ . -35.55 -58.96 -69.87
C1C CLA MJ . -34.32 -59.28 -70.34
C2C CLA MJ . -34.07 -60.70 -70.21
C3C CLA MJ . -35.17 -61.23 -69.54
C4C CLA MJ . -36.10 -60.12 -69.35
CMC CLA MJ . -32.83 -61.33 -70.66
CAC CLA MJ . -35.41 -62.62 -69.11
CBC CLA MJ . -35.63 -63.65 -70.19
ND CLA MJ . -37.97 -57.87 -69.02
C1D CLA MJ . -38.27 -59.20 -68.68
C2D CLA MJ . -39.62 -59.25 -68.14
C3D CLA MJ . -40.12 -57.97 -68.20
C4D CLA MJ . -39.06 -57.14 -68.80
CMD CLA MJ . -40.25 -60.47 -67.66
CAD CLA MJ . -41.25 -57.12 -67.92
OBD CLA MJ . -42.29 -57.39 -67.35
CBD CLA MJ . -40.89 -55.73 -68.49
CGD CLA MJ . -41.93 -55.32 -69.50
O1D CLA MJ . -43.14 -55.24 -69.28
O2D CLA MJ . -41.48 -55.02 -70.74
CED CLA MJ . -41.73 -55.94 -71.79
MG CLA NJ . -23.30 -47.94 -81.94
CHA CLA NJ . -20.18 -48.28 -83.38
CHB CLA NJ . -22.67 -44.67 -81.34
CHC CLA NJ . -26.49 -47.60 -80.73
CHD CLA NJ . -23.94 -51.35 -82.63
NA CLA NJ . -21.66 -46.71 -82.28
C1A CLA NJ . -20.45 -47.03 -82.92
C2A CLA NJ . -19.53 -45.79 -82.95
C3A CLA NJ . -20.32 -44.72 -82.17
C4A CLA NJ . -21.65 -45.40 -81.90
CMA CLA NJ . -19.62 -44.27 -80.92
CAA CLA NJ . -19.26 -45.30 -84.36
CBA CLA NJ . -20.23 -44.24 -84.86
CGA CLA NJ . -20.38 -44.37 -86.34
O1A CLA NJ . -19.56 -44.80 -87.16
O2A CLA NJ . -21.59 -43.92 -86.79
NB CLA NJ . -24.38 -46.42 -81.19
C1B CLA NJ . -23.95 -45.15 -81.03
C2B CLA NJ . -25.03 -44.32 -80.47
C3B CLA NJ . -26.11 -45.13 -80.30
C4B CLA NJ . -25.71 -46.50 -80.74
CMB CLA NJ . -24.83 -42.90 -80.19
CAB CLA NJ . -27.42 -44.88 -79.77
CBB CLA NJ . -28.26 -43.92 -80.17
NC CLA NJ . -24.90 -49.25 -81.68
C1C CLA NJ . -26.11 -48.89 -81.16
C2C CLA NJ . -27.00 -50.05 -81.15
C3C CLA NJ . -26.28 -51.11 -81.68
C4C CLA NJ . -24.96 -50.60 -82.02
CMC CLA NJ . -28.38 -50.03 -80.67
CAC CLA NJ . -26.75 -52.49 -81.87
CBC CLA NJ . -26.48 -53.33 -80.65
ND CLA NJ . -22.31 -49.52 -82.70
C1D CLA NJ . -22.72 -50.85 -82.96
C2D CLA NJ . -21.60 -51.57 -83.62
C3D CLA NJ . -20.60 -50.64 -83.78
C4D CLA NJ . -21.09 -49.37 -83.22
CMD CLA NJ . -21.65 -52.97 -84.00
CAD CLA NJ . -19.26 -50.40 -84.27
OBD CLA NJ . -18.44 -51.18 -84.73
CBD CLA NJ . -18.99 -48.88 -84.10
CGD CLA NJ . -17.72 -48.65 -83.33
O1D CLA NJ . -16.94 -47.71 -83.46
O2D CLA NJ . -17.47 -49.60 -82.40
CED CLA NJ . -17.67 -49.24 -81.03
MG CLA OJ . -37.17 -40.91 -82.10
CHA CLA OJ . -37.12 -37.81 -83.67
CHB CLA OJ . -40.00 -41.72 -83.74
CHC CLA OJ . -37.17 -43.96 -80.46
CHD CLA OJ . -34.23 -40.04 -80.38
NA CLA OJ . -38.36 -39.89 -83.49
C1A CLA OJ . -38.19 -38.60 -84.01
C2A CLA OJ . -39.35 -38.26 -84.96
C3A CLA OJ . -40.20 -39.56 -84.97
C4A CLA OJ . -39.49 -40.46 -83.99
CMA CLA OJ . -41.64 -39.34 -84.62
CAA CLA OJ . -38.96 -37.95 -86.40
CBA CLA OJ . -39.27 -36.53 -86.81
CGA CLA OJ . -40.54 -36.05 -86.22
O1A CLA OJ . -40.72 -35.49 -85.14
O2A CLA OJ . -41.63 -36.29 -87.01
NB CLA OJ . -38.41 -42.48 -82.02
C1B CLA OJ . -39.44 -42.67 -82.87
C2B CLA OJ . -39.90 -44.08 -82.78
C3B CLA OJ . -39.11 -44.71 -81.87
C4B CLA OJ . -38.13 -43.71 -81.38
CMB CLA OJ . -40.99 -44.60 -83.59
CAB CLA OJ . -39.08 -46.06 -81.38
CBB CLA OJ . -38.90 -47.15 -82.12
NC CLA OJ . -35.93 -41.82 -80.69
C1C CLA OJ . -36.14 -43.05 -80.14
C2C CLA OJ . -35.12 -43.34 -79.15
C3C CLA OJ . -34.27 -42.25 -79.14
C4C CLA OJ . -34.79 -41.29 -80.09
CMC CLA OJ . -35.09 -44.59 -78.39
CAC CLA OJ . -33.08 -42.02 -78.29
CBC CLA OJ . -31.87 -42.85 -78.65
ND CLA OJ . -35.85 -39.38 -82.09
C1D CLA OJ . -34.70 -39.14 -81.30
C2D CLA OJ . -34.16 -37.82 -81.64
C3D CLA OJ . -35.01 -37.29 -82.57
C4D CLA OJ . -36.09 -38.28 -82.79
CMD CLA OJ . -32.95 -37.25 -81.07
CAD CLA OJ . -35.30 -36.15 -83.41
OBD CLA OJ . -34.65 -35.13 -83.59
CBD CLA OJ . -36.65 -36.43 -84.10
CGD CLA OJ . -37.63 -35.33 -83.86
O1D CLA OJ . -37.96 -34.44 -84.64
O2D CLA OJ . -38.19 -35.34 -82.64
CED CLA OJ . -38.69 -34.09 -82.16
MG CLA PJ . -37.20 -29.57 -69.41
CHA CLA PJ . -40.45 -28.67 -70.07
CHB CLA PJ . -36.64 -26.53 -68.05
CHC CLA PJ . -33.96 -30.50 -68.86
CHD CLA PJ . -37.86 -32.77 -70.75
NA CLA PJ . -38.39 -27.89 -69.12
C1A CLA PJ . -39.73 -27.68 -69.47
C2A CLA PJ . -40.19 -26.27 -69.06
C3A CLA PJ . -38.96 -25.71 -68.32
C4A CLA PJ . -37.91 -26.78 -68.50
CMA CLA PJ . -38.45 -24.41 -68.84
CAA CLA PJ . -41.37 -26.20 -68.12
CBA CLA PJ . -42.01 -24.83 -68.14
CGA CLA PJ . -43.49 -24.91 -68.33
O1A CLA PJ . -44.30 -23.99 -68.40
O2A CLA PJ . -43.96 -26.18 -68.44
NB CLA PJ . -35.58 -28.64 -68.70
C1B CLA PJ . -35.58 -27.43 -68.11
C2B CLA PJ . -34.26 -27.17 -67.51
C3B CLA PJ . -33.50 -28.28 -67.74
C4B CLA PJ . -34.33 -29.24 -68.48
CMB CLA PJ . -33.99 -25.93 -66.79
CAB CLA PJ . -32.16 -28.58 -67.31
CBB CLA PJ . -31.10 -27.82 -67.53
NC CLA PJ . -36.11 -31.32 -69.74
C1C CLA PJ . -34.80 -31.48 -69.44
C2C CLA PJ . -34.35 -32.81 -69.81
C3C CLA PJ . -35.46 -33.46 -70.33
C4C CLA PJ . -36.56 -32.53 -70.29
CMC CLA PJ . -33.01 -33.33 -69.64
CAC CLA PJ . -35.51 -34.83 -70.83
CBC CLA PJ . -35.98 -35.79 -69.77
ND CLA PJ . -38.78 -30.60 -70.12
C1D CLA PJ . -38.89 -31.88 -70.70
C2D CLA PJ . -40.26 -32.07 -71.17
C3D CLA PJ . -40.90 -30.87 -70.97
C4D CLA PJ . -39.93 -29.98 -70.32
CMD CLA PJ . -40.77 -33.30 -71.76
CAD CLA PJ . -42.14 -30.15 -71.05
OBD CLA PJ . -43.24 -30.56 -71.36
CBD CLA PJ . -41.85 -28.71 -70.61
CGD CLA PJ . -41.88 -27.73 -71.74
O1D CLA PJ . -42.48 -26.66 -71.80
O2D CLA PJ . -41.13 -28.10 -72.81
CED CLA PJ . -40.85 -27.08 -73.78
C1 CLA PJ . -44.80 -26.49 -69.51
C2 CLA PJ . -46.20 -26.45 -69.06
C3 CLA PJ . -47.16 -25.94 -69.85
C4 CLA PJ . -46.88 -25.37 -71.19
C5 CLA PJ . -48.56 -25.91 -69.37
C6 CLA PJ . -49.07 -24.49 -69.25
C7 CLA PJ . -50.50 -24.49 -68.78
C8 CLA PJ . -51.51 -24.31 -69.91
C9 CLA PJ . -52.61 -23.37 -69.49
C10 CLA PJ . -52.10 -25.65 -70.34
C11 CLA PJ . -52.92 -25.52 -71.60
C12 CLA PJ . -52.32 -26.34 -72.73
C13 CLA PJ . -53.35 -26.64 -73.82
C14 CLA PJ . -53.90 -25.36 -74.39
C15 CLA PJ . -54.48 -27.53 -73.31
C16 CLA PJ . -54.77 -28.65 -74.28
C17 CLA PJ . -55.46 -29.82 -73.62
C18 CLA PJ . -56.98 -29.74 -73.74
C19 CLA PJ . -57.64 -30.81 -72.90
C20 CLA PJ . -57.41 -29.86 -75.18
MG CLA QJ . -26.16 -27.13 -65.60
CHA CLA QJ . -28.14 -24.49 -64.56
CHB CLA QJ . -28.48 -29.31 -64.41
CHC CLA QJ . -23.94 -29.70 -66.00
CHD CLA QJ . -23.65 -24.86 -66.52
NA CLA QJ . -28.05 -26.90 -64.75
C1A CLA QJ . -28.71 -25.72 -64.37
C2A CLA QJ . -30.05 -26.11 -63.71
C3A CLA QJ . -30.25 -27.57 -64.13
C4A CLA QJ . -28.82 -27.97 -64.43
CMA CLA QJ . -30.85 -28.40 -63.03
CAA CLA QJ . -31.33 -25.34 -63.95
CBA CLA QJ . -31.67 -24.56 -62.70
CGA CLA QJ . -32.85 -23.67 -62.90
O1A CLA QJ . -32.92 -22.45 -62.79
O2A CLA QJ . -33.98 -24.36 -63.23
NB CLA QJ . -26.24 -29.12 -65.34
C1B CLA QJ . -27.22 -29.80 -64.70
C2B CLA QJ . -26.79 -31.18 -64.38
C3B CLA QJ . -25.50 -31.28 -64.85
C4B CLA QJ . -25.14 -30.00 -65.46
CMB CLA QJ . -27.63 -32.14 -63.69
CAB CLA QJ . -24.59 -32.38 -64.79
CBB CLA QJ . -24.77 -33.53 -65.45
NC CLA QJ . -24.22 -27.26 -66.30
C1C CLA QJ . -23.53 -28.41 -66.43
C2C CLA QJ . -22.20 -28.16 -66.94
C3C CLA QJ . -22.08 -26.78 -67.02
C4C CLA QJ . -23.35 -26.22 -66.62
CMC CLA QJ . -21.20 -29.18 -67.20
CAC CLA QJ . -20.90 -26.05 -67.47
CBC CLA QJ . -20.91 -25.85 -68.96
ND CLA QJ . -25.97 -25.15 -65.77
C1D CLA QJ . -24.85 -24.35 -66.09
C2D CLA QJ . -25.20 -22.93 -65.91
C3D CLA QJ . -26.46 -22.93 -65.36
C4D CLA QJ . -26.88 -24.33 -65.24
CMD CLA QJ . -24.34 -21.83 -66.22
CAD CLA QJ . -27.53 -22.11 -64.90
OBD CLA QJ . -27.68 -20.91 -64.94
CBD CLA QJ . -28.57 -23.07 -64.26
CGD CLA QJ . -28.63 -22.81 -62.80
O1D CLA QJ . -29.22 -21.89 -62.23
O2D CLA QJ . -27.93 -23.71 -62.06
CED CLA QJ . -27.95 -23.56 -60.65
MG CLA RJ . -12.40 -33.70 -75.55
CHA CLA RJ . -9.29 -35.16 -75.17
CHB CLA RJ . -12.30 -32.69 -72.32
CHC CLA RJ . -15.28 -31.94 -76.08
CHD CLA RJ . -12.37 -34.65 -78.95
NA CLA RJ . -11.04 -33.95 -74.00
C1A CLA RJ . -9.78 -34.56 -74.04
C2A CLA RJ . -9.11 -34.46 -72.70
C3A CLA RJ . -10.23 -34.00 -71.77
C4A CLA RJ . -11.27 -33.48 -72.75
CMA CLA RJ . -10.76 -35.14 -70.95
CAA CLA RJ . -8.22 -33.24 -72.77
CBA CLA RJ . -6.75 -33.50 -72.95
CGA CLA RJ . -6.05 -32.19 -73.15
O1A CLA RJ . -4.93 -31.84 -72.78
O2A CLA RJ . -6.81 -31.28 -73.84
NB CLA RJ . -13.59 -32.56 -74.41
C1B CLA RJ . -13.34 -32.20 -73.14
C2B CLA RJ . -14.35 -31.20 -72.68
C3B CLA RJ . -15.19 -30.99 -73.74
C4B CLA RJ . -14.73 -31.86 -74.85
CMB CLA RJ . -14.35 -30.62 -71.34
CAB CLA RJ . -16.34 -30.14 -73.85
CBB CLA RJ . -17.61 -30.56 -73.92
NC CLA RJ . -13.65 -33.43 -77.19
C1C CLA RJ . -14.78 -32.68 -77.18
C2C CLA RJ . -15.40 -32.69 -78.50
C3C CLA RJ . -14.55 -33.43 -79.32
C4C CLA RJ . -13.44 -33.87 -78.50
CMC CLA RJ . -16.65 -32.01 -78.83
CAC CLA RJ . -14.70 -33.70 -80.76
CBC CLA RJ . -15.69 -34.80 -81.06
ND CLA RJ . -11.23 -34.78 -76.78
C1D CLA RJ . -11.32 -35.07 -78.16
C2D CLA RJ . -10.17 -35.88 -78.56
C3D CLA RJ . -9.36 -35.98 -77.44
C4D CLA RJ . -10.06 -35.23 -76.37
CMD CLA RJ . -9.98 -36.42 -79.89
CAD CLA RJ . -8.15 -36.52 -76.88
OBD CLA RJ . -7.35 -37.29 -77.36
CBD CLA RJ . -8.01 -35.93 -75.44
CGD CLA RJ . -7.79 -37.01 -74.44
O1D CLA RJ . -6.71 -37.41 -73.97
O2D CLA RJ . -8.92 -37.60 -73.99
CED CLA RJ . -8.94 -38.05 -72.64
C A86 SJ . -29.64 -34.21 -66.81
O A86 SJ . -17.03 -32.65 -71.37
C1 A86 SJ . -29.82 -32.66 -66.75
C10 A86 SJ . -20.41 -32.37 -70.38
C11 A86 SJ . -19.03 -31.94 -70.43
C12 A86 SJ . -18.61 -30.56 -70.02
C13 A86 SJ . -18.06 -32.95 -70.91
C14 A86 SJ . -18.53 -34.55 -70.73
C15 A86 SJ . -17.55 -35.40 -69.84
C16 A86 SJ . -17.32 -34.99 -68.40
C17 A86 SJ . -16.09 -34.13 -68.18
C18 A86 SJ . -14.88 -34.82 -68.67
C19 A86 SJ . -14.99 -35.04 -70.22
C2 A86 SJ . -28.83 -31.78 -67.21
C20 A86 SJ . -16.33 -35.88 -70.55
C21 A86 SJ . -16.39 -35.82 -72.12
C22 A86 SJ . -17.18 -36.29 -67.54
C23 A86 SJ . -18.52 -34.29 -67.79
C24 A86 SJ . -31.08 -32.08 -66.18
C25 A86 SJ . -31.90 -32.86 -65.33
C26 A86 SJ . -33.23 -32.15 -64.71
C27 A86 SJ . -34.52 -32.53 -65.14
C28 A86 SJ . -34.69 -33.56 -66.16
C29 A86 SJ . -35.77 -31.78 -64.47
C3 A86 SJ . -27.58 -32.33 -67.75
C30 A86 SJ . -37.12 -32.32 -64.63
C31 A86 SJ . -38.44 -32.82 -64.81
C32 A86 SJ . -38.81 -34.25 -64.34
C33 A86 SJ . -40.19 -34.76 -64.75
C34 A86 SJ . -40.69 -34.32 -66.12
C35 A86 SJ . -40.59 -32.80 -66.33
C36 A86 SJ . -39.26 -32.16 -65.91
C37 A86 SJ . -38.34 -32.10 -67.12
C38 A86 SJ . -40.67 -36.18 -67.54
C39 A86 SJ . -41.93 -36.09 -68.45
C4 A86 SJ . -26.61 -31.45 -68.25
C40 A86 SJ . -37.73 -35.24 -64.83
C41 A86 SJ . -38.75 -34.26 -62.80
C5 A86 SJ . -25.21 -32.11 -68.83
C6 A86 SJ . -24.21 -31.32 -69.38
C7 A86 SJ . -24.37 -29.75 -69.52
C8 A86 SJ . -22.88 -32.08 -69.88
C9 A86 SJ . -21.56 -31.46 -69.88
O1 A86 SJ . -17.43 -36.83 -70.23
O2 A86 SJ . -13.75 -34.02 -68.40
O3 A86 SJ . -39.53 -30.84 -65.51
O4 A86 SJ . -40.00 -34.98 -67.15
O5 A86 SJ . -40.28 -37.23 -67.18
C A86 TJ . -22.94 -32.59 -81.27
O A86 TJ . -27.08 -44.15 -75.37
C1 A86 TJ . -24.39 -32.30 -81.75
C10 A86 TJ . -26.53 -40.97 -76.89
C11 A86 TJ . -27.34 -42.04 -76.33
C12 A86 TJ . -28.83 -42.09 -76.53
C13 A86 TJ . -26.63 -43.08 -75.55
C14 A86 TJ . -25.14 -42.64 -74.93
C15 A86 TJ . -24.21 -43.79 -74.39
C16 A86 TJ . -23.68 -44.84 -75.35
C17 A86 TJ . -24.30 -46.23 -75.25
C18 A86 TJ . -24.18 -46.73 -73.88
C19 A86 TJ . -25.08 -45.82 -72.97
C2 A86 TJ . -25.42 -33.21 -81.47
C20 A86 TJ . -24.49 -44.33 -73.02
C21 A86 TJ . -25.55 -43.49 -72.22
C22 A86 TJ . -22.17 -44.93 -75.00
C23 A86 TJ . -23.73 -44.41 -76.81
C24 A86 TJ . -24.66 -31.02 -82.48
C25 A86 TJ . -23.57 -30.23 -82.95
C26 A86 TJ . -23.87 -28.82 -83.73
C27 A86 TJ . -24.23 -28.81 -85.10
C28 A86 TJ . -24.34 -30.05 -85.85
C29 A86 TJ . -24.53 -27.44 -85.86
C3 A86 TJ . -25.11 -34.43 -80.74
C30 A86 TJ . -23.64 -26.27 -85.79
C31 A86 TJ . -22.80 -25.13 -85.78
C32 A86 TJ . -21.65 -24.97 -86.80
C33 A86 TJ . -20.39 -24.25 -86.32
C34 A86 TJ . -20.65 -23.13 -85.31
C35 A86 TJ . -21.59 -23.56 -84.17
C36 A86 TJ . -22.95 -23.98 -84.76
C37 A86 TJ . -23.87 -24.47 -83.63
C38 A86 TJ . -18.72 -21.77 -85.52
C39 A86 TJ . -17.22 -21.93 -85.87
C4 A86 TJ . -26.09 -35.39 -80.49
C40 A86 TJ . -22.22 -24.23 -88.05
C41 A86 TJ . -21.24 -26.40 -87.23
C5 A86 TJ . -25.67 -36.72 -79.61
C6 A86 TJ . -26.66 -37.51 -79.03
C7 A86 TJ . -28.20 -37.15 -79.20
C8 A86 TJ . -26.21 -38.80 -78.17
C9 A86 TJ . -27.15 -39.81 -77.72
O1 A86 TJ . -23.41 -43.36 -73.23
O2 A86 TJ . -24.63 -48.06 -73.82
O3 A86 TJ . -23.56 -22.87 -85.37
O4 A86 TJ . -19.41 -22.76 -84.75
O5 A86 TJ . -19.31 -20.82 -85.89
C A86 UJ . -14.10 -30.54 -83.26
O A86 UJ . -21.56 -24.59 -73.55
C1 A86 UJ . -13.16 -30.95 -82.09
C10 A86 UJ . -18.94 -25.51 -75.77
C11 A86 UJ . -19.94 -25.77 -74.75
C12 A86 UJ . -19.80 -27.00 -73.88
C13 A86 UJ . -21.10 -24.86 -74.59
C14 A86 UJ . -21.75 -24.26 -76.02
C15 A86 UJ . -22.27 -22.77 -76.07
C16 A86 UJ . -21.27 -21.62 -75.95
C17 A86 UJ . -21.36 -20.73 -74.70
C18 A86 UJ . -22.72 -20.26 -74.48
C19 A86 UJ . -23.61 -21.51 -74.16
C2 A86 UJ . -13.28 -30.38 -80.80
C20 A86 UJ . -23.61 -22.45 -75.46
C21 A86 UJ . -24.39 -23.72 -74.96
C22 A86 UJ . -21.57 -20.72 -77.17
C23 A86 UJ . -19.84 -22.04 -76.13
C24 A86 UJ . -12.08 -32.01 -82.26
C25 A86 UJ . -11.50 -32.42 -83.49
C26 A86 UJ . -10.39 -33.62 -83.27
C27 A86 UJ . -9.04 -33.34 -82.97
C28 A86 UJ . -8.55 -31.95 -82.86
C29 A86 UJ . -8.03 -34.58 -82.74
C3 A86 UJ . -14.30 -29.39 -80.48
C30 A86 UJ . -7.33 -35.22 -83.85
C31 A86 UJ . -6.64 -35.88 -84.91
C32 A86 UJ . -5.97 -35.07 -86.06
C33 A86 UJ . -5.20 -35.86 -87.14
C34 A86 UJ . -5.57 -37.34 -87.37
C35 A86 UJ . -6.72 -37.88 -86.48
C36 A86 UJ . -6.56 -37.40 -85.03
C37 A86 UJ . -7.69 -38.02 -84.18
C38 A86 UJ . -7.17 -37.39 -89.25
C39 A86 UJ . -7.92 -38.58 -89.92
C4 A86 UJ . -14.24 -28.70 -79.26
C40 A86 UJ . -7.07 -34.20 -86.75
C41 A86 UJ . -4.97 -34.10 -85.40
C5 A86 UJ . -15.44 -27.62 -78.91
C6 A86 UJ . -15.84 -27.47 -77.57
C7 A86 UJ . -15.12 -28.32 -76.44
C8 A86 UJ . -17.04 -26.45 -77.24
C9 A86 UJ . -17.76 -26.50 -75.96
O1 A86 UJ . -23.47 -22.66 -76.92
O2 A86 UJ . -22.77 -19.36 -73.40
O3 A86 UJ . -5.33 -37.85 -84.52
O4 A86 UJ . -5.83 -37.57 -88.74
O5 A86 UJ . -7.70 -36.35 -89.20
C A86 VJ . -23.86 -35.50 -89.71
O A86 VJ . -15.55 -43.57 -83.52
C1 A86 VJ . -25.14 -36.06 -89.02
C10 A86 VJ . -18.27 -41.73 -84.51
C11 A86 VJ . -17.29 -42.05 -83.49
C12 A86 VJ . -17.60 -41.84 -82.04
C13 A86 VJ . -15.97 -42.56 -83.94
C14 A86 VJ . -15.11 -41.66 -85.06
C15 A86 VJ . -14.01 -42.44 -85.87
C16 A86 VJ . -14.43 -43.59 -86.78
C17 A86 VJ . -14.26 -44.99 -86.18
C18 A86 VJ . -12.89 -45.21 -85.74
C19 A86 VJ . -12.51 -44.19 -84.61
C2 A86 VJ . -25.08 -37.15 -88.14
C20 A86 VJ . -12.73 -42.68 -85.15
C21 A86 VJ . -12.51 -41.80 -83.85
C22 A86 VJ . -13.55 -43.50 -88.07
C23 A86 VJ . -15.87 -43.44 -87.26
C24 A86 VJ . -26.50 -35.46 -89.28
C25 A86 VJ . -27.18 -35.83 -90.47
C26 A86 VJ . -28.66 -35.22 -90.77
C27 A86 VJ . -28.80 -34.00 -91.47
C28 A86 VJ . -27.63 -33.26 -91.97
C29 A86 VJ . -30.29 -33.45 -91.72
C3 A86 VJ . -23.80 -37.79 -87.85
C30 A86 VJ . -30.52 -32.41 -92.70
C31 A86 VJ . -30.75 -31.38 -93.68
C32 A86 VJ . -31.42 -31.72 -95.03
C33 A86 VJ . -31.00 -30.84 -96.23
C34 A86 VJ . -30.72 -29.37 -95.89
C35 A86 VJ . -29.80 -29.22 -94.67
C36 A86 VJ . -30.39 -29.91 -93.43
C37 A86 VJ . -29.35 -29.86 -92.30
C38 A86 VJ . -30.86 -27.75 -97.65
C39 A86 VJ . -30.13 -26.56 -98.32
C4 A86 VJ . -23.70 -38.73 -86.81
C40 A86 VJ . -32.95 -31.61 -94.85
C41 A86 VJ . -31.06 -33.19 -95.35
C5 A86 VJ . -22.22 -39.42 -86.58
C6 A86 VJ . -21.83 -40.01 -85.37
C7 A86 VJ . -22.80 -40.07 -84.11
C8 A86 VJ . -20.35 -40.63 -85.36
C9 A86 VJ . -19.68 -41.20 -84.19
O1 A86 VJ . -12.82 -41.64 -86.20
O2 A86 VJ . -12.76 -46.52 -85.26
O3 A86 VJ . -31.54 -29.21 -93.02
O4 A86 VJ . -30.08 -28.78 -97.01
O5 A86 VJ . -32.03 -27.83 -97.67
C A86 WJ . -35.66 -50.56 -66.11
O A86 WJ . -33.87 -40.71 -74.90
C1 A86 WJ . -34.90 -51.63 -66.95
C10 A86 WJ . -33.84 -43.82 -73.12
C11 A86 WJ . -33.31 -42.79 -73.98
C12 A86 WJ . -31.97 -42.91 -74.63
C13 A86 WJ . -34.16 -41.59 -74.18
C14 A86 WJ . -35.58 -41.57 -73.29
C15 A86 WJ . -36.50 -40.29 -73.38
C16 A86 WJ . -37.25 -40.01 -74.67
C17 A86 WJ . -36.75 -38.83 -75.51
C18 A86 WJ . -36.65 -37.64 -74.67
C19 A86 WJ . -35.50 -37.89 -73.66
C2 A86 WJ . -34.48 -51.38 -68.26
C20 A86 WJ . -36.01 -39.07 -72.68
C21 A86 WJ . -34.77 -39.26 -71.73
C22 A86 WJ . -38.71 -39.68 -74.25
C23 A86 WJ . -37.35 -41.23 -75.57
C24 A86 WJ . -34.57 -52.99 -66.37
C25 A86 WJ . -34.73 -54.08 -67.25
C26 A86 WJ . -34.41 -55.62 -66.85
C27 A86 WJ . -35.17 -56.40 -65.95
C28 A86 WJ . -36.36 -55.90 -65.25
C29 A86 WJ . -34.67 -57.90 -65.72
C3 A86 WJ . -34.77 -50.07 -68.85
C30 A86 WJ . -34.99 -58.60 -64.48
C31 A86 WJ . -35.27 -59.32 -63.29
C32 A86 WJ . -36.30 -60.46 -63.32
C33 A86 WJ . -36.78 -60.92 -61.94
C34 A86 WJ . -35.63 -61.12 -60.94
C35 A86 WJ . -34.77 -59.85 -60.81
C36 A86 WJ . -34.23 -59.37 -62.16
C37 A86 WJ . -33.66 -57.94 -61.99
C38 A86 WJ . -35.86 -62.62 -59.09
C39 A86 WJ . -36.06 -63.93 -59.90
C4 A86 WJ . -33.87 -49.53 -69.77
C40 A86 WJ . -35.70 -61.68 -64.07
C41 A86 WJ . -37.53 -59.97 -64.12
C5 A86 WJ . -34.22 -48.05 -70.43
C6 A86 WJ . -33.26 -47.30 -71.11
C7 A86 WJ . -31.77 -47.82 -71.31
C8 A86 WJ . -33.76 -45.88 -71.69
C9 A86 WJ . -33.13 -45.15 -72.78
O1 A86 WJ . -37.06 -39.90 -72.08
O2 A86 WJ . -36.35 -36.49 -75.41
O3 A86 WJ . -33.18 -60.21 -62.54
O4 A86 WJ . -36.21 -61.36 -59.69
O5 A86 WJ . -35.43 -62.67 -58.00
MG CLA XJ . 53.70 14.89 -120.53
CHA CLA XJ . 51.63 17.65 -120.78
CHB CLA XJ . 53.52 14.43 -123.92
CHC CLA XJ . 55.83 12.24 -120.20
CHD CLA XJ . 53.93 15.49 -117.06
NA CLA XJ . 52.70 15.87 -122.07
C1A CLA XJ . 51.91 17.03 -121.97
C2A CLA XJ . 51.35 17.41 -123.35
C3A CLA XJ . 51.84 16.27 -124.26
C4A CLA XJ . 52.76 15.46 -123.37
CMA CLA XJ . 50.65 15.43 -124.67
CAA CLA XJ . 51.83 18.76 -123.86
CBA CLA XJ . 52.98 18.70 -124.84
CGA CLA XJ . 54.08 19.53 -124.27
O1A CLA XJ . 54.05 20.67 -123.83
O2A CLA XJ . 55.27 18.87 -124.26
NB CLA XJ . 54.53 13.60 -121.81
C1B CLA XJ . 54.36 13.60 -123.17
C2B CLA XJ . 55.15 12.48 -123.75
C3B CLA XJ . 55.80 11.86 -122.72
C4B CLA XJ . 55.41 12.55 -121.46
CMB CLA XJ . 55.14 12.18 -125.18
CAB CLA XJ . 56.67 10.73 -122.74
CBB CLA XJ . 56.24 9.49 -123.05
NC CLA XJ . 54.68 14.01 -118.91
C1C CLA XJ . 55.48 12.91 -118.99
C2C CLA XJ . 55.95 12.56 -117.64
C3C CLA XJ . 55.44 13.51 -116.78
C4C CLA XJ . 54.65 14.42 -117.59
CMC CLA XJ . 56.80 11.45 -117.24
CAC CLA XJ . 55.62 13.57 -115.32
CBC CLA XJ . 56.70 14.53 -114.89
ND CLA XJ . 52.92 16.16 -119.17
C1D CLA XJ . 53.13 16.31 -117.79
C2D CLA XJ . 52.35 17.44 -117.28
C3D CLA XJ . 51.72 17.97 -118.39
C4D CLA XJ . 52.15 17.16 -119.54
CMD CLA XJ . 52.27 17.85 -115.88
CAD CLA XJ . 50.83 18.99 -118.87
OBD CLA XJ . 50.21 19.84 -118.24
CBD CLA XJ . 50.79 18.85 -120.41
CGD CLA XJ . 49.38 18.67 -120.86
O1D CLA XJ . 48.80 17.60 -121.12
O2D CLA XJ . 48.69 19.83 -120.99
CED CLA XJ . 47.77 19.92 -122.08
C1 CLA XJ . 55.35 17.78 -123.34
C2 CLA XJ . 56.18 16.75 -124.02
C3 CLA XJ . 56.93 15.88 -123.33
C4 CLA XJ . 56.99 15.91 -121.85
C5 CLA XJ . 57.78 14.87 -124.01
C6 CLA XJ . 59.23 15.01 -123.61
C7 CLA XJ . 60.06 13.86 -124.12
C8 CLA XJ . 61.53 14.24 -124.16
C9 CLA XJ . 61.76 15.36 -125.15
C10 CLA XJ . 62.41 13.04 -124.51
C11 CLA XJ . 63.56 12.93 -123.55
C12 CLA XJ . 63.09 12.57 -122.15
C13 CLA XJ . 64.23 12.28 -121.18
C14 CLA XJ . 65.31 11.40 -121.79
C15 CLA XJ . 63.70 11.62 -119.92
C16 CLA XJ . 64.55 11.94 -118.71
C17 CLA XJ . 63.99 11.32 -117.45
C18 CLA XJ . 63.93 9.81 -117.55
C19 CLA XJ . 63.08 9.22 -116.44
C20 CLA XJ . 65.32 9.20 -117.49
MG CLA YJ . 58.96 5.81 -126.01
CHA CLA YJ . 57.81 7.26 -128.97
CHB CLA YJ . 59.90 8.82 -124.86
CHC CLA YJ . 60.32 4.29 -123.23
CHD CLA YJ . 58.15 2.63 -127.31
NA CLA YJ . 58.81 7.73 -126.79
C1A CLA YJ . 58.30 8.15 -128.03
C2A CLA YJ . 58.46 9.68 -128.15
C3A CLA YJ . 58.90 10.11 -126.73
C4A CLA YJ . 59.24 8.79 -126.06
CMA CLA YJ . 60.13 10.99 -126.72
CAA CLA YJ . 57.22 10.48 -128.52
CBA CLA YJ . 57.62 11.61 -129.46
CGA CLA YJ . 57.30 11.19 -130.87
O1A CLA YJ . 57.94 11.41 -131.90
O2A CLA YJ . 56.13 10.50 -130.97
NB CLA YJ . 59.83 6.44 -124.32
C1B CLA YJ . 60.28 7.71 -124.12
C2B CLA YJ . 61.23 7.75 -122.97
C3B CLA YJ . 61.35 6.47 -122.51
C4B CLA YJ . 60.46 5.63 -123.35
CMB CLA YJ . 61.87 8.99 -122.53
CAB CLA YJ . 62.14 5.91 -121.44
CBB CLA YJ . 62.18 6.33 -120.17
NC CLA YJ . 59.10 3.83 -125.36
C1C CLA YJ . 59.66 3.45 -124.16
C2C CLA YJ . 59.58 2.01 -124.01
C3C CLA YJ . 59.02 1.53 -125.19
C4C CLA YJ . 58.73 2.69 -126.04
CMC CLA YJ . 60.08 1.28 -122.86
CAC CLA YJ . 58.74 0.13 -125.53
CBC CLA YJ . 57.29 -0.20 -125.25
ND CLA YJ . 58.12 5.06 -127.68
C1D CLA YJ . 57.90 3.72 -128.10
C2D CLA YJ . 57.30 3.74 -129.44
C3D CLA YJ . 57.20 5.06 -129.81
C4D CLA YJ . 57.77 5.84 -128.69
CMD CLA YJ . 56.90 2.54 -130.17
CAD CLA YJ . 56.75 5.98 -130.81
OBD CLA YJ . 56.07 5.75 -131.81
CBD CLA YJ . 57.23 7.39 -130.36
CGD CLA YJ . 58.24 7.97 -131.32
O1D CLA YJ . 59.19 8.70 -131.04
O2D CLA YJ . 58.05 7.65 -132.62
CED CLA YJ . 57.20 8.47 -133.41
MG CLA ZJ . 53.91 -11.16 -115.45
CHA CLA ZJ . 54.93 -14.35 -114.67
CHB CLA ZJ . 56.38 -10.90 -117.74
CHC CLA ZJ . 52.69 -8.07 -116.34
CHD CLA ZJ . 51.35 -11.46 -113.04
NA CLA ZJ . 55.41 -12.44 -116.08
C1A CLA ZJ . 55.65 -13.75 -115.67
C2A CLA ZJ . 56.83 -14.32 -116.43
C3A CLA ZJ . 57.37 -13.14 -117.26
C4A CLA ZJ . 56.31 -12.08 -117.04
CMA CLA ZJ . 58.72 -12.67 -116.78
CAA CLA ZJ . 56.41 -15.41 -117.43
CBA CLA ZJ . 54.96 -15.43 -117.89
CGA CLA ZJ . 54.61 -14.30 -118.81
O1A CLA ZJ . 55.02 -14.08 -119.96
O2A CLA ZJ . 53.73 -13.41 -118.27
NB CLA ZJ . 54.43 -9.76 -116.79
C1B CLA ZJ . 55.49 -9.83 -117.61
C2B CLA ZJ . 55.63 -8.56 -118.38
C3B CLA ZJ . 54.58 -7.76 -118.00
C4B CLA ZJ . 53.80 -8.52 -116.98
CMB CLA ZJ . 56.70 -8.35 -119.36
CAB CLA ZJ . 54.20 -6.44 -118.43
CBB CLA ZJ . 54.98 -5.36 -118.39
NC CLA ZJ . 52.31 -9.99 -114.80
C1C CLA ZJ . 51.98 -8.77 -115.33
C2C CLA ZJ . 50.80 -8.25 -114.66
C3C CLA ZJ . 50.43 -9.20 -113.71
C4C CLA ZJ . 51.38 -10.30 -113.81
CMC CLA ZJ . 50.18 -6.98 -114.96
CAC CLA ZJ . 49.29 -9.14 -112.79
CBC CLA ZJ . 48.03 -9.72 -113.39
ND CLA ZJ . 53.25 -12.54 -114.12
C1D CLA ZJ . 52.21 -12.53 -113.17
C2D CLA ZJ . 52.26 -13.77 -112.39
C3D CLA ZJ . 53.28 -14.54 -112.93
C4D CLA ZJ . 53.85 -13.71 -114.01
CMD CLA ZJ . 51.37 -14.09 -111.28
CAD CLA ZJ . 54.03 -15.76 -112.87
OBD CLA ZJ . 53.92 -16.71 -112.11
CBD CLA ZJ . 55.12 -15.70 -113.99
CGD CLA ZJ . 56.51 -15.81 -113.45
O1D CLA ZJ . 57.51 -16.25 -114.03
O2D CLA ZJ . 56.64 -15.36 -112.17
CED CLA ZJ . 57.29 -14.11 -112.00
C1 CLA ZJ . 52.38 -13.88 -118.08
C2 CLA ZJ . 51.67 -12.76 -117.41
C3 CLA ZJ . 50.34 -12.64 -117.35
C4 CLA ZJ . 49.41 -13.63 -117.94
C5 CLA ZJ . 49.73 -11.48 -116.64
C6 CLA ZJ . 48.66 -10.80 -117.47
C7 CLA ZJ . 49.18 -9.51 -118.08
C8 CLA ZJ . 48.05 -8.82 -118.84
C9 CLA ZJ . 47.88 -9.45 -120.21
C10 CLA ZJ . 48.30 -7.32 -118.99
C11 CLA ZJ . 47.02 -6.60 -119.31
C12 CLA ZJ . 45.97 -6.80 -118.24
C13 CLA ZJ . 45.00 -5.62 -118.17
C14 CLA ZJ . 45.42 -4.65 -117.09
C15 CLA ZJ . 43.57 -6.10 -117.93
C16 CLA ZJ . 42.97 -6.61 -119.23
C17 CLA ZJ . 41.64 -7.28 -119.00
C18 CLA ZJ . 41.35 -8.27 -120.13
C19 CLA ZJ . 39.97 -8.05 -120.70
C20 CLA ZJ . 41.52 -9.69 -119.64
MG CLA AK . 53.36 -20.31 -125.30
CHA CLA AK . 50.32 -19.96 -126.87
CHB CLA AK . 53.42 -16.97 -124.65
CHC CLA AK . 56.51 -20.66 -123.99
CHD CLA AK . 53.37 -23.71 -126.19
NA CLA AK . 52.03 -18.74 -125.64
C1A CLA AK . 50.81 -18.79 -126.35
C2A CLA AK . 50.17 -17.40 -126.39
C3A CLA AK . 51.15 -16.51 -125.59
C4A CLA AK . 52.29 -17.46 -125.26
CMA CLA AK . 51.60 -15.29 -126.35
CAA CLA AK . 48.81 -17.34 -125.70
CBA CLA AK . 47.71 -17.03 -126.67
CGA CLA AK . 48.27 -16.39 -127.91
O1A CLA AK . 48.51 -16.89 -129.01
O2A CLA AK . 48.56 -15.07 -127.73
NB CLA AK . 54.77 -19.03 -124.64
C1B CLA AK . 54.50 -17.77 -124.27
C2B CLA AK . 55.51 -17.28 -123.30
C3B CLA AK . 56.40 -18.31 -123.10
C4B CLA AK . 55.92 -19.45 -123.93
CMB CLA AK . 55.41 -15.93 -122.73
CAB CLA AK . 57.55 -18.47 -122.25
CBB CLA AK . 57.79 -17.90 -121.06
NC CLA AK . 54.67 -21.92 -125.07
C1C CLA AK . 55.90 -21.84 -124.51
C2C CLA AK . 56.55 -23.14 -124.55
C3C CLA AK . 55.67 -24.01 -125.18
C4C CLA AK . 54.49 -23.22 -125.52
CMC CLA AK . 57.88 -23.41 -124.02
CAC CLA AK . 55.86 -25.44 -125.47
CBC CLA AK . 56.52 -25.65 -126.82
ND CLA AK . 52.02 -21.66 -125.97
C1D CLA AK . 52.22 -23.00 -126.41
C2D CLA AK . 51.01 -23.45 -127.11
C3D CLA AK . 50.22 -22.33 -127.25
C4D CLA AK . 50.95 -21.22 -126.62
CMD CLA AK . 50.74 -24.81 -127.55
CAD CLA AK . 48.95 -21.82 -127.70
OBD CLA AK . 47.91 -22.40 -127.97
CBD CLA AK . 49.14 -20.28 -127.76
CGD CLA AK . 49.47 -19.90 -129.18
O1D CLA AK . 48.70 -19.58 -130.08
O2D CLA AK . 50.81 -19.95 -129.46
CED CLA AK . 51.24 -20.98 -130.35
MG CLA BK . 66.14 -5.64 -122.26
CHA CLA BK . 69.34 -5.07 -121.05
CHB CLA BK . 64.96 -3.04 -120.41
CHC CLA BK . 63.00 -6.22 -123.55
CHD CLA BK . 67.39 -8.38 -124.12
NA CLA BK . 67.03 -4.28 -120.96
C1A CLA BK . 68.38 -4.20 -120.58
C2A CLA BK . 68.59 -3.03 -119.61
C3A CLA BK . 67.18 -2.45 -119.40
C4A CLA BK . 66.32 -3.30 -120.33
CMA CLA BK . 66.73 -2.52 -117.97
CAA CLA BK . 69.48 -1.92 -120.19
CBA CLA BK . 68.80 -1.04 -121.22
CGA CLA BK . 68.79 -1.68 -122.59
O1A CLA BK . 69.72 -1.92 -123.34
O2A CLA BK . 67.53 -2.05 -122.97
NB CLA BK . 64.32 -4.82 -122.00
C1B CLA BK . 64.05 -3.75 -121.22
C2B CLA BK . 62.61 -3.38 -121.34
C3B CLA BK . 62.05 -4.27 -122.22
C4B CLA BK . 63.14 -5.20 -122.66
CMB CLA BK . 62.02 -2.26 -120.62
CAB CLA BK . 60.70 -4.39 -122.70
CBB CLA BK . 60.02 -3.42 -123.35
NC CLA BK . 65.35 -7.03 -123.60
C1C CLA BK . 64.04 -7.08 -123.99
C2C CLA BK . 63.86 -8.17 -124.95
C3C CLA BK . 65.08 -8.80 -125.09
C4C CLA BK . 66.02 -8.08 -124.24
CMC CLA BK . 62.59 -8.50 -125.61
CAC CLA BK . 65.40 -9.95 -125.94
CBC CLA BK . 65.31 -11.25 -125.18
ND CLA BK . 67.92 -6.52 -122.62
C1D CLA BK . 68.29 -7.66 -123.37
C2D CLA BK . 69.73 -7.90 -123.22
C3D CLA BK . 70.19 -6.93 -122.35
C4D CLA BK . 69.02 -6.11 -121.99
CMD CLA BK . 70.47 -8.96 -123.90
CAD CLA BK . 71.35 -6.37 -121.67
OBD CLA BK . 72.53 -6.68 -121.74
CBD CLA BK . 70.81 -5.22 -120.76
CGD CLA BK . 71.01 -5.52 -119.30
O1D CLA BK . 71.76 -4.94 -118.51
O2D CLA BK . 70.22 -6.53 -118.85
CED CLA BK . 69.84 -6.52 -117.47
MG CLA CK . 53.31 -1.06 -130.56
CHA CLA CK . 53.29 2.39 -130.89
CHB CLA CK . 52.91 -1.40 -133.93
CHC CLA CK . 53.51 -4.45 -130.19
CHD CLA CK . 54.10 -0.67 -127.14
NA CLA CK . 53.07 0.30 -132.13
C1A CLA CK . 53.09 1.70 -132.06
C2A CLA CK . 52.88 2.30 -133.45
C3A CLA CK . 52.55 1.07 -134.31
C4A CLA CK . 52.86 -0.11 -133.41
CMA CLA CK . 51.10 1.03 -134.72
CAA CLA CK . 54.11 2.97 -134.06
CBA CLA CK . 53.75 4.33 -134.61
CGA CLA CK . 52.31 4.41 -135.01
O1A CLA CK . 51.36 4.88 -134.39
O2A CLA CK . 52.07 3.88 -136.25
NB CLA CK . 53.11 -2.62 -131.80
C1B CLA CK . 53.16 -2.54 -133.16
C2B CLA CK . 53.51 -3.87 -133.74
C3B CLA CK . 53.69 -4.73 -132.68
C4B CLA CK . 53.41 -3.95 -131.45
CMB CLA CK . 53.62 -4.11 -135.17
CAB CLA CK . 54.06 -6.13 -132.65
CBB CLA CK . 55.28 -6.62 -132.84
NC CLA CK . 53.62 -2.31 -128.94
C1C CLA CK . 53.58 -3.66 -129.01
C2C CLA CK . 53.76 -4.23 -127.69
C3C CLA CK . 54.06 -3.18 -126.83
C4C CLA CK . 53.95 -1.96 -127.63
CMC CLA CK . 53.73 -5.65 -127.38
CAC CLA CK . 54.30 -3.25 -125.39
CBC CLA CK . 55.73 -3.56 -125.00
ND CLA CK . 53.59 0.46 -129.25
C1D CLA CK . 53.94 0.48 -127.87
C2D CLA CK . 54.06 1.88 -127.43
C3D CLA CK . 53.76 2.66 -128.53
C4D CLA CK . 53.52 1.71 -129.65
CMD CLA CK . 54.38 2.29 -126.06
CAD CLA CK . 53.64 3.99 -129.06
OBD CLA CK . 53.73 5.07 -128.48
CBD CLA CK . 53.37 3.87 -130.58
CGD CLA CK . 52.12 4.60 -130.99
O1D CLA CK . 52.04 5.62 -131.67
O2D CLA CK . 50.96 4.07 -130.54
CED CLA CK . 50.01 5.00 -130.02
MG CLA DK . 41.31 3.76 -118.93
CHA CLA DK . 39.05 4.49 -121.45
CHB CLA DK . 39.64 5.83 -116.81
CHC CLA DK . 43.63 3.05 -116.53
CHD CLA DK . 42.95 1.55 -121.14
NA CLA DK . 39.63 4.98 -119.13
C1A CLA DK . 38.81 5.15 -120.26
C2A CLA DK . 37.70 6.18 -119.94
C3A CLA DK . 37.89 6.48 -118.44
C4A CLA DK . 39.16 5.74 -118.09
CMA CLA DK . 38.02 7.95 -118.15
CAA CLA DK . 36.25 5.85 -120.21
CBA CLA DK . 35.61 7.01 -120.92
CGA CLA DK . 34.12 6.83 -120.94
O1A CLA DK . 33.30 7.20 -120.11
O2A CLA DK . 33.70 6.17 -122.04
NB CLA DK . 41.61 4.37 -117.05
C1B CLA DK . 40.79 5.18 -116.35
C2B CLA DK . 41.28 5.30 -114.96
C3B CLA DK . 42.41 4.52 -114.86
C4B CLA DK . 42.63 3.91 -116.20
CMB CLA DK . 40.57 6.12 -113.98
CAB CLA DK . 43.24 4.25 -113.74
CBB CLA DK . 43.82 5.15 -112.96
NC CLA DK . 42.97 2.52 -118.86
C1C CLA DK . 43.79 2.39 -117.77
C2C CLA DK . 44.87 1.45 -118.08
C3C CLA DK . 44.66 1.03 -119.38
C4C CLA DK . 43.47 1.71 -119.86
CMC CLA DK . 45.93 1.03 -117.18
CAC CLA DK . 45.46 0.06 -120.15
CBC CLA DK . 44.93 -1.34 -119.98
ND CLA DK . 41.08 3.07 -120.81
C1D CLA DK . 41.85 2.19 -121.60
C2D CLA DK . 41.24 2.07 -122.93
C3D CLA DK . 40.17 2.92 -122.92
C4D CLA DK . 40.12 3.54 -121.58
CMD CLA DK . 41.71 1.21 -124.01
CAD CLA DK . 39.05 3.41 -123.67
OBD CLA DK . 38.69 3.05 -124.77
CBD CLA DK . 38.36 4.49 -122.78
CGD CLA DK . 38.44 5.86 -123.35
O1D CLA DK . 37.51 6.61 -123.65
O2D CLA DK . 39.72 6.29 -123.54
CED CLA DK . 40.01 7.61 -123.10
C1 CLA DK . 33.69 6.95 -123.24
C2 CLA DK . 33.68 6.00 -124.36
C3 CLA DK . 33.88 6.40 -125.63
C4 CLA DK . 34.13 7.82 -125.99
C5 CLA DK . 33.86 5.42 -126.74
C6 CLA DK . 32.84 5.79 -127.80
C7 CLA DK . 31.43 5.52 -127.32
C8 CLA DK . 30.44 5.47 -128.49
C9 CLA DK . 29.04 5.83 -128.03
C10 CLA DK . 30.45 4.08 -129.13
C11 CLA DK . 30.00 4.13 -130.57
C12 CLA DK . 31.06 3.61 -131.52
C13 CLA DK . 30.50 3.37 -132.91
C14 CLA DK . 30.02 4.68 -133.52
C15 CLA DK . 29.40 2.30 -132.85
C16 CLA DK . 28.48 2.29 -134.06
C17 CLA DK . 29.02 1.46 -135.20
C18 CLA DK . 28.02 1.39 -136.35
C19 CLA DK . 28.43 0.37 -137.38
C20 CLA DK . 27.86 2.76 -136.99
MG CLA EK . 46.01 5.50 -107.93
CHA CLA EK . 42.95 7.12 -108.15
CHB CLA EK . 44.64 2.72 -109.29
CHC CLA EK . 48.84 3.74 -107.10
CHD CLA EK . 47.34 8.33 -106.31
NA CLA EK . 44.12 5.06 -108.70
C1A CLA EK . 42.96 5.85 -108.69
C2A CLA EK . 41.81 5.02 -109.32
C3A CLA EK . 42.54 3.87 -110.03
C4A CLA EK . 43.86 3.86 -109.28
CMA CLA EK . 41.78 2.58 -109.91
CAA CLA EK . 40.82 5.65 -110.27
CBA CLA EK . 39.48 5.60 -109.60
CGA CLA EK . 38.47 6.44 -110.31
O1A CLA EK . 38.19 7.64 -110.13
O2A CLA EK . 37.81 5.78 -111.30
NB CLA EK . 46.66 3.64 -108.27
C1B CLA EK . 45.87 2.62 -108.65
C2B CLA EK . 46.50 1.31 -108.33
C3B CLA EK . 47.68 1.60 -107.71
C4B CLA EK . 47.81 3.08 -107.67
CMB CLA EK . 45.87 0.03 -108.63
CAB CLA EK . 48.68 0.73 -107.18
CBB CLA EK . 49.41 -0.13 -107.90
NC CLA EK . 47.82 6.00 -107.02
C1C CLA EK . 48.85 5.14 -106.82
C2C CLA EK . 49.94 5.81 -106.16
C3C CLA EK . 49.50 7.10 -105.89
C4C CLA EK . 48.16 7.21 -106.43
CMC CLA EK . 51.22 5.20 -105.81
CAC CLA EK . 50.25 8.16 -105.22
CBC CLA EK . 50.85 9.11 -106.23
ND CLA EK . 45.41 7.36 -107.47
C1D CLA EK . 46.05 8.41 -106.77
C2D CLA EK . 45.13 9.53 -106.61
C3D CLA EK . 43.93 9.10 -107.12
C4D CLA EK . 44.13 7.73 -107.62
CMD CLA EK . 45.49 10.78 -105.98
CAD CLA EK . 42.56 9.47 -107.39
OBD CLA EK . 41.97 10.52 -107.22
CBD CLA EK . 41.88 8.19 -107.97
CGD CLA EK . 40.79 7.73 -107.07
O1D CLA EK . 39.65 8.20 -106.96
O2D CLA EK . 41.15 6.67 -106.30
CED CLA EK . 40.33 6.33 -105.17
MG CLA FK . 64.11 5.72 -106.38
CHA CLA FK . 66.54 4.66 -104.17
CHB CLA FK . 61.75 5.34 -103.96
CHC CLA FK . 61.82 7.20 -108.46
CHD CLA FK . 66.61 6.22 -108.81
NA CLA FK . 64.16 5.04 -104.42
C1A CLA FK . 65.26 4.66 -103.66
C2A CLA FK . 64.84 4.27 -102.25
C3A CLA FK . 63.31 4.17 -102.37
C4A CLA FK . 63.03 4.92 -103.67
CMA CLA FK . 62.88 2.74 -102.46
CAA CLA FK . 65.16 5.46 -101.38
CBA CLA FK . 65.27 5.15 -99.90
CGA CLA FK . 65.73 6.40 -99.20
O1A CLA FK . 66.27 6.50 -98.10
O2A CLA FK . 65.47 7.55 -99.89
NB CLA FK . 62.16 6.17 -106.25
C1B CLA FK . 61.39 6.00 -105.15
C2B CLA FK . 60.05 6.60 -105.38
C3B CLA FK . 60.07 7.12 -106.64
C4B CLA FK . 61.40 6.84 -107.22
CMB CLA FK . 58.99 6.57 -104.37
CAB CLA FK . 59.03 7.79 -107.37
CBB CLA FK . 58.31 7.21 -108.34
NC CLA FK . 64.20 6.47 -108.32
C1C CLA FK . 63.13 7.00 -108.98
C2C CLA FK . 63.53 7.46 -110.30
C3C CLA FK . 64.90 7.23 -110.40
C4C CLA FK . 65.31 6.60 -109.15
CMC CLA FK . 62.61 8.08 -111.24
CAC CLA FK . 65.80 7.56 -111.51
CBC CLA FK . 65.67 6.70 -112.74
ND CLA FK . 66.08 5.35 -106.58
C1D CLA FK . 66.99 5.64 -107.62
C2D CLA FK . 68.35 5.26 -107.19
C3D CLA FK . 68.23 4.88 -105.87
C4D CLA FK . 66.81 4.98 -105.53
CMD CLA FK . 69.53 5.36 -108.03
CAD CLA FK . 68.92 4.38 -104.69
OBD CLA FK . 70.09 4.04 -104.56
CBD CLA FK . 67.87 4.31 -103.54
CGD CLA FK . 67.83 2.94 -102.93
O1D CLA FK . 68.37 2.56 -101.90
O2D CLA FK . 67.08 2.06 -103.66
CED CLA FK . 66.30 1.10 -102.94
C A86 GK . 47.23 -0.60 -113.00
O A86 GK . 58.15 4.42 -106.87
C1 A86 GK . 46.44 0.72 -112.72
C10 A86 GK . 55.07 3.79 -108.50
C11 A86 GK . 55.91 4.38 -107.47
C12 A86 GK . 55.41 5.46 -106.57
C13 A86 GK . 57.27 3.82 -107.35
C14 A86 GK . 57.48 2.27 -107.94
C15 A86 GK . 57.98 1.23 -106.87
C16 A86 GK . 57.12 0.98 -105.63
C17 A86 GK . 57.53 1.80 -104.41
C18 A86 GK . 58.93 1.57 -104.07
C19 A86 GK . 59.86 2.05 -105.24
C2 A86 GK . 47.06 1.82 -112.11
C20 A86 GK . 59.45 1.28 -106.60
C21 A86 GK . 60.31 2.03 -107.68
C22 A86 GK . 57.24 -0.53 -105.27
C23 A86 GK . 55.65 1.17 -105.90
C24 A86 GK . 44.98 0.83 -113.08
C25 A86 GK . 44.23 -0.36 -113.26
C26 A86 GK . 42.64 -0.19 -113.61
C27 A86 GK . 42.14 -0.48 -114.89
C28 A86 GK . 43.04 -0.96 -115.96
C29 A86 GK . 40.57 -0.27 -115.13
C3 A86 GK . 48.47 1.75 -111.73
C30 A86 GK . 39.94 -0.85 -116.32
C31 A86 GK . 39.30 -1.38 -117.48
C32 A86 GK . 39.35 -2.90 -117.78
C33 A86 GK . 38.81 -3.35 -119.14
C34 A86 GK . 39.10 -2.40 -120.31
C35 A86 GK . 38.68 -0.95 -120.00
C36 A86 GK . 39.10 -0.41 -118.64
C37 A86 GK . 40.45 0.30 -118.80
C38 A86 GK . 40.69 -3.41 -121.70
C39 A86 GK . 40.30 -3.07 -123.16
C4 A86 GK . 49.10 2.87 -111.19
C40 A86 GK . 40.79 -3.43 -117.58
C41 A86 GK . 38.48 -3.59 -116.69
C5 A86 GK . 50.69 2.71 -110.75
C6 A86 GK . 51.40 3.80 -110.23
C7 A86 GK . 50.73 5.23 -110.06
C8 A86 GK . 52.93 3.52 -109.82
C9 A86 GK . 53.62 4.23 -108.75
O1 A86 GK . 58.87 0.17 -107.38
O2 A86 GK . 59.26 2.28 -102.90
O3 A86 GK . 38.16 0.55 -118.25
O4 A86 GK . 40.44 -2.44 -120.66
O5 A86 GK . 41.17 -4.45 -121.43
C A86 HK . 59.81 8.17 -117.64
O A86 HK . 58.03 -5.23 -119.36
C1 A86 HK . 58.95 8.46 -118.90
C10 A86 HK . 58.04 -1.66 -119.24
C11 A86 HK . 57.57 -2.96 -119.68
C12 A86 HK . 56.66 -3.10 -120.86
C13 A86 HK . 58.03 -4.14 -118.91
C14 A86 HK . 58.53 -3.84 -117.34
C15 A86 HK . 59.32 -4.99 -116.61
C16 A86 HK . 60.68 -5.41 -117.13
C17 A86 HK . 60.73 -6.77 -117.83
C18 A86 HK . 60.21 -7.81 -116.96
C19 A86 HK . 58.69 -7.54 -116.74
C2 A86 HK . 58.43 7.40 -119.67
C20 A86 HK . 58.54 -6.11 -116.02
C21 A86 HK . 56.98 -5.87 -116.02
C22 A86 HK . 61.57 -5.47 -115.86
C23 A86 HK . 61.34 -4.40 -118.04
C24 A86 HK . 58.68 9.88 -119.28
C25 A86 HK . 59.41 10.93 -118.65
C26 A86 HK . 59.09 12.49 -119.04
C27 A86 HK . 59.64 13.06 -120.20
C28 A86 HK . 60.52 12.28 -121.10
C29 A86 HK . 59.33 14.58 -120.60
C3 A86 HK . 58.70 6.02 -119.25
C30 A86 HK . 59.45 15.69 -119.65
C31 A86 HK . 59.57 16.81 -118.77
C32 A86 HK . 60.93 17.55 -118.64
C33 A86 HK . 61.24 18.14 -117.25
C34 A86 HK . 60.01 18.64 -116.47
C35 A86 HK . 58.86 17.63 -116.48
C36 A86 HK . 58.42 17.35 -117.93
C37 A86 HK . 57.29 16.29 -117.92
C38 A86 HK . 60.96 20.19 -114.95
C39 A86 HK . 62.29 20.39 -114.16
C4 A86 HK . 58.23 4.95 -120.00
C40 A86 HK . 60.97 18.69 -119.69
C41 A86 HK . 62.05 16.53 -118.97
C5 A86 HK . 58.56 3.42 -119.44
C6 A86 HK . 57.84 2.34 -119.92
C7 A86 HK . 56.71 2.54 -121.03
C8 A86 HK . 58.16 0.88 -119.34
C9 A86 HK . 57.64 -0.35 -119.94
O1 A86 HK . 59.04 -5.02 -115.16
O2 A86 HK . 60.40 -9.07 -117.54
O3 A86 HK . 57.91 18.53 -118.49
O4 A86 HK . 60.43 18.87 -115.14
O5 A86 HK . 60.38 21.12 -115.37
C A86 IK . 66.38 11.99 -112.30
O A86 IK . 53.04 11.96 -109.55
C1 A86 IK . 66.50 11.22 -110.95
C10 A86 IK . 56.55 12.47 -109.44
C11 A86 IK . 55.36 11.64 -109.52
C12 A86 IK . 55.42 10.20 -109.12
C13 A86 IK . 54.08 12.25 -110.01
C14 A86 IK . 54.21 13.33 -111.28
C15 A86 IK . 53.29 14.61 -111.31
C16 A86 IK . 53.46 15.70 -110.25
C17 A86 IK . 52.32 15.92 -109.27
C18 A86 IK . 51.04 16.07 -109.96
C19 A86 IK . 50.73 14.70 -110.66
C2 A86 IK . 65.44 11.13 -110.04
C20 A86 IK . 51.87 14.45 -111.76
C21 A86 IK . 51.53 13.01 -112.28
C22 A86 IK . 53.61 17.00 -111.08
C23 A86 IK . 54.75 15.60 -109.47
C24 A86 IK . 67.78 10.50 -110.58
C25 A86 IK . 69.09 10.75 -111.09
C26 A86 IK . 70.21 9.74 -110.45
C27 A86 IK . 70.88 10.02 -109.24
C28 A86 IK . 70.60 11.27 -108.48
C29 A86 IK . 71.94 8.95 -108.68
C3 A86 IK . 64.13 11.74 -110.29
C30 A86 IK . 73.34 8.97 -109.09
C31 A86 IK . 74.72 8.96 -109.47
C32 A86 IK . 75.53 10.26 -109.59
C33 A86 IK . 77.04 10.15 -109.95
C34 A86 IK . 77.50 8.89 -110.72
C35 A86 IK . 76.38 7.87 -111.06
C36 A86 IK . 75.45 7.67 -109.86
C37 A86 IK . 74.40 6.59 -110.24
C38 A86 IK . 77.50 9.50 -113.13
C39 A86 IK . 77.85 8.65 -114.38
C4 A86 IK . 63.18 11.80 -109.27
C40 A86 IK . 74.82 11.22 -110.60
C41 A86 IK . 75.46 10.96 -108.20
C5 A86 IK . 61.70 12.45 -109.62
C6 A86 IK . 60.58 11.94 -108.95
C7 A86 IK . 60.75 10.77 -107.89
C8 A86 IK . 59.12 12.53 -109.32
C9 A86 IK . 57.88 11.83 -108.99
O1 A86 IK . 52.91 14.94 -112.70
O2 A86 IK . 50.01 16.36 -109.05
O3 A86 IK . 76.19 7.19 -108.76
O4 A86 IK . 78.22 9.27 -111.88
O5 A86 IK . 76.68 10.33 -113.21
C A86 JK . 65.26 9.16 -124.69
O A86 JK . 70.68 0.30 -116.66
C1 A86 JK . 64.18 8.20 -125.26
C10 A86 JK . 68.62 2.02 -118.78
C11 A86 JK . 68.83 1.42 -117.48
C12 A86 JK . 67.67 0.91 -116.68
C13 A86 JK . 70.23 1.33 -116.98
C14 A86 JK . 71.13 2.74 -116.93
C15 A86 JK . 72.70 2.55 -116.90
C16 A86 JK . 73.40 1.89 -118.07
C17 A86 JK . 73.71 0.40 -117.88
C18 A86 JK . 74.52 0.18 -116.69
C19 A86 JK . 73.72 0.63 -115.41
C2 A86 JK . 64.14 6.84 -124.88
C20 A86 JK . 73.27 2.18 -115.56
C21 A86 JK . 72.31 2.40 -114.33
C22 A86 JK . 74.74 2.65 -118.29
C23 A86 JK . 72.62 2.05 -119.36
C24 A86 JK . 63.14 8.68 -126.23
C25 A86 JK . 63.50 8.79 -127.60
C26 A86 JK . 62.40 9.28 -128.68
C27 A86 JK . 62.22 10.66 -128.97
C28 A86 JK . 63.05 11.68 -128.30
C29 A86 JK . 61.11 11.06 -130.04
C3 A86 JK . 65.13 6.32 -123.94
C30 A86 JK . 61.11 12.41 -130.61
C31 A86 JK . 61.11 13.71 -131.18
C32 A86 JK . 61.57 13.93 -132.65
C33 A86 JK . 62.22 15.30 -132.95
C34 A86 JK . 61.64 16.49 -132.18
C35 A86 JK . 61.50 16.19 -130.67
C36 A86 JK . 60.63 14.95 -130.42
C37 A86 JK . 60.69 14.62 -128.91
C38 A86 JK . 61.93 18.68 -133.07
C39 A86 JK . 62.36 20.14 -132.73
C4 A86 JK . 64.95 5.04 -123.40
C40 A86 JK . 60.34 13.74 -133.57
C41 A86 JK . 62.61 12.82 -132.96
C5 A86 JK . 66.13 4.50 -122.38
C6 A86 JK . 65.92 3.49 -121.43
C7 A86 JK . 64.53 2.75 -121.27
C8 A86 JK . 67.21 3.11 -120.54
C9 A86 JK . 67.23 2.18 -119.42
O1 A86 JK . 73.42 3.56 -116.08
O2 A86 JK . 74.84 -1.19 -116.59
O3 A86 JK . 59.31 15.24 -130.77
O4 A86 JK . 62.50 17.58 -132.33
O5 A86 JK . 61.14 18.48 -133.91
C A86 KK . 49.10 -16.14 -120.69
O A86 KK . 51.61 -3.26 -122.96
C1 A86 KK . 50.55 -16.62 -120.97
C10 A86 KK . 51.82 -6.80 -122.50
C11 A86 KK . 52.29 -5.43 -122.46
C12 A86 KK . 53.67 -5.08 -121.98
C13 A86 KK . 51.33 -4.40 -122.90
C14 A86 KK . 49.80 -4.96 -123.28
C15 A86 KK . 48.70 -3.90 -123.69
C16 A86 KK . 48.83 -3.16 -125.01
C17 A86 KK . 49.20 -1.68 -124.94
C18 A86 KK . 48.30 -1.00 -124.03
C19 A86 KK . 48.61 -1.53 -122.60
C2 A86 KK . 51.52 -15.75 -121.50
C20 A86 KK . 48.14 -3.06 -122.58
C21 A86 KK . 48.53 -3.51 -121.11
C22 A86 KK . 47.42 -3.26 -125.68
C23 A86 KK . 49.77 -3.86 -125.97
C24 A86 KK . 50.98 -18.03 -120.68
C25 A86 KK . 51.83 -18.62 -121.66
C26 A86 KK . 52.44 -20.13 -121.52
C27 A86 KK . 51.70 -21.32 -121.63
C28 A86 KK . 50.23 -21.33 -121.89
C29 A86 KK . 52.50 -22.69 -121.49
C3 A86 KK . 51.15 -14.36 -121.78
C30 A86 KK . 51.82 -23.90 -121.05
C31 A86 KK . 51.21 -25.10 -120.62
C32 A86 KK . 50.96 -26.23 -121.64
C33 A86 KK . 49.99 -27.31 -121.16
C34 A86 KK . 50.29 -27.79 -119.73
C35 A86 KK . 50.31 -26.62 -118.74
C36 A86 KK . 51.30 -25.52 -119.15
C37 A86 KK . 51.03 -24.27 -118.31
C38 A86 KK . 49.63 -29.99 -119.01
C39 A86 KK . 50.49 -30.81 -120.01
C4 A86 KK . 52.11 -13.35 -121.65
C40 A86 KK . 52.30 -26.89 -122.03
C41 A86 KK . 50.37 -25.58 -122.92
C5 A86 KK . 51.66 -11.80 -121.98
C6 A86 KK . 52.44 -10.71 -121.59
C7 A86 KK . 53.81 -10.88 -120.81
C8 A86 KK . 51.86 -9.26 -121.97
C9 A86 KK . 52.65 -8.04 -122.09
O1 A86 KK . 47.38 -4.21 -123.11
O2 A86 KK . 48.47 0.39 -124.04
O3 A86 KK . 52.60 -25.97 -118.87
O4 A86 KK . 49.24 -28.65 -119.35
O5 A86 KK . 49.31 -30.46 -118.00
C A86 LK . 45.57 -1.52 -105.31
O A86 LK . 57.38 -4.51 -103.29
C1 A86 LK . 45.85 -0.03 -104.96
C10 A86 LK . 55.16 -2.32 -102.26
C11 A86 LK . 55.35 -3.72 -102.57
C12 A86 LK . 54.19 -4.51 -103.11
C13 A86 LK . 56.67 -4.37 -102.37
C14 A86 LK . 57.12 -4.94 -100.86
C15 A86 LK . 56.43 -6.34 -100.70
C16 A86 LK . 55.57 -6.55 -99.44
C17 A86 LK . 55.52 -7.91 -98.74
C18 A86 LK . 56.17 -9.04 -99.39
C19 A86 LK . 57.56 -8.58 -99.95
C2 A86 LK . 47.10 0.37 -104.47
C20 A86 LK . 57.19 -7.54 -101.12
C21 A86 LK . 58.60 -7.22 -101.75
C22 A86 LK . 55.95 -5.51 -98.34
C23 A86 LK . 54.15 -6.23 -99.82
C24 A86 LK . 44.78 1.02 -105.14
C25 A86 LK . 43.42 0.67 -105.31
C26 A86 LK . 42.31 1.87 -105.49
C27 A86 LK . 41.17 1.65 -106.29
C28 A86 LK . 40.96 0.34 -106.94
C29 A86 LK . 40.09 2.82 -106.47
C3 A86 LK . 48.21 -0.57 -104.27
C30 A86 LK . 38.73 2.48 -106.89
C31 A86 LK . 37.39 2.18 -107.29
C32 A86 LK . 37.11 1.68 -108.72
C33 A86 LK . 35.65 1.58 -109.19
C34 A86 LK . 34.68 1.25 -108.05
C35 A86 LK . 34.83 2.16 -106.81
C36 A86 LK . 36.20 2.81 -106.53
C37 A86 LK . 36.14 4.33 -106.82
C38 A86 LK . 32.28 1.10 -107.75
C39 A86 LK . 32.06 -0.37 -107.28
C4 A86 LK . 49.43 -0.02 -103.84
C40 A86 LK . 37.82 2.64 -109.69
C41 A86 LK . 37.75 0.28 -108.89
C5 A86 LK . 50.80 -0.91 -103.56
C6 A86 LK . 52.00 -0.33 -103.98
C7 A86 LK . 51.94 1.11 -104.67
C8 A86 LK . 53.43 -1.05 -103.77
C9 A86 LK . 53.79 -1.65 -102.48
O1 A86 LK . 56.19 -6.95 -102.01
O2 A86 LK . 56.34 -10.09 -98.48
O3 A86 LK . 36.47 2.66 -105.17
O4 A86 LK . 33.40 1.43 -108.61
O5 A86 LK . 31.54 1.96 -107.41
C A86 MK . 38.18 -15.34 -119.88
O A86 MK . 43.10 -26.26 -122.95
C1 A86 MK . 38.66 -14.72 -121.21
C10 A86 MK . 43.60 -23.06 -123.51
C11 A86 MK . 43.29 -24.02 -122.46
C12 A86 MK . 42.44 -23.59 -121.31
C13 A86 MK . 43.80 -25.41 -122.54
C14 A86 MK . 45.36 -25.78 -122.03
C15 A86 MK . 45.28 -25.93 -120.47
C16 A86 MK . 46.25 -25.08 -119.64
C17 A86 MK . 46.86 -25.61 -118.34
C18 A86 MK . 46.35 -26.88 -117.84
C19 A86 MK . 46.20 -27.90 -119.02
C2 A86 MK . 39.48 -15.44 -122.11
C20 A86 MK . 45.01 -27.28 -119.90
C21 A86 MK . 44.79 -28.40 -121.01
C22 A86 MK . 47.45 -24.61 -120.52
C23 A86 MK . 45.52 -23.81 -119.26
C24 A86 MK . 38.25 -13.31 -121.60
C25 A86 MK . 37.71 -12.42 -120.64
C26 A86 MK . 37.29 -10.91 -121.14
C27 A86 MK . 36.22 -10.24 -120.51
C28 A86 MK . 35.48 -10.91 -119.42
C29 A86 MK . 35.80 -8.77 -120.98
C3 A86 MK . 39.92 -16.81 -121.83
C30 A86 MK . 35.03 -7.91 -120.09
C31 A86 MK . 34.28 -7.05 -119.22
C32 A86 MK . 32.80 -7.38 -118.91
C33 A86 MK . 31.98 -6.32 -118.17
C34 A86 MK . 32.80 -5.48 -117.20
C35 A86 MK . 34.06 -4.86 -117.83
C36 A86 MK . 34.72 -5.59 -119.02
C37 A86 MK . 34.50 -4.79 -120.33
C38 A86 MK . 32.45 -3.52 -115.82
C39 A86 MK . 32.79 -4.02 -114.38
C4 A86 MK . 40.67 -17.44 -122.83
C40 A86 MK . 32.10 -7.64 -120.25
C41 A86 MK . 32.75 -8.67 -118.08
C5 A86 MK . 41.26 -18.98 -122.72
C6 A86 MK . 41.20 -19.74 -123.89
C7 A86 MK . 40.58 -19.07 -125.20
C8 A86 MK . 41.75 -21.25 -123.97
C9 A86 MK . 43.06 -21.62 -123.41
O1 A86 MK . 43.91 -26.31 -120.06
O2 A86 MK . 47.23 -27.40 -116.86
O3 A86 MK . 36.10 -5.62 -118.79
O4 A86 MK . 31.93 -4.43 -116.80
O5 A86 MK . 32.62 -2.38 -116.12
MG CLA NK . 47.92 15.41 -106.54
CHA CLA NK . 45.41 13.77 -108.24
CHB CLA NK . 45.77 17.91 -105.76
CHC CLA NK . 50.44 16.96 -104.82
CHD CLA NK . 50.17 12.86 -107.50
NA CLA NK . 45.91 15.76 -106.94
C1A CLA NK . 45.01 14.96 -107.66
C2A CLA NK . 43.63 15.60 -107.71
C3A CLA NK . 43.81 16.91 -106.93
C4A CLA NK . 45.26 16.88 -106.50
CMA CLA NK . 43.51 18.10 -107.80
CAA CLA NK . 42.53 14.82 -107.00
CBA CLA NK . 42.90 14.45 -105.59
CGA CLA NK . 42.03 13.31 -105.16
O1A CLA NK . 40.81 13.24 -105.15
O2A CLA NK . 42.75 12.23 -104.71
NB CLA NK . 48.05 17.06 -105.42
C1B CLA NK . 47.10 18.01 -105.31
C2B CLA NK . 47.65 19.21 -104.63
C3B CLA NK . 48.97 18.94 -104.37
C4B CLA NK . 49.24 17.58 -104.87
CMB CLA NK . 46.88 20.42 -104.36
CAB CLA NK . 49.97 19.76 -103.77
CBB CLA NK . 50.86 20.47 -104.48
NC CLA NK . 49.93 14.97 -106.22
C1C CLA NK . 50.76 15.73 -105.47
C2C CLA NK . 52.07 15.12 -105.40
C3C CLA NK . 52.02 13.99 -106.19
C4C CLA NK . 50.67 13.90 -106.72
CMC CLA NK . 53.20 15.65 -104.63
CAC CLA NK . 53.10 13.03 -106.41
CBC CLA NK . 53.10 11.97 -105.35
ND CLA NK . 47.90 13.75 -107.66
C1D CLA NK . 48.87 12.76 -107.93
C2D CLA NK . 48.26 11.68 -108.73
C3D CLA NK . 46.94 12.04 -108.90
C4D CLA NK . 46.76 13.32 -108.20
CMD CLA NK . 48.96 10.50 -109.19
CAD CLA NK . 45.67 11.65 -109.46
OBD CLA NK . 45.39 10.69 -110.15
CBD CLA NK . 44.65 12.73 -109.04
CGD CLA NK . 44.03 13.40 -110.22
O1D CLA NK . 44.59 14.06 -111.08
O2D CLA NK . 42.69 13.25 -110.28
CED CLA NK . 41.91 14.35 -110.71
C1 CLA NK . 42.11 11.38 -103.76
C2 CLA NK . 43.19 10.62 -103.08
C3 CLA NK . 43.00 9.39 -102.56
C4 CLA NK . 41.70 8.70 -102.61
C5 CLA NK . 44.13 8.66 -101.91
C6 CLA NK . 44.21 7.24 -102.41
C7 CLA NK . 45.63 6.72 -102.42
C8 CLA NK . 45.94 5.94 -103.69
C9 CLA NK . 44.87 4.91 -104.02
C10 CLA NK . 47.29 5.23 -103.53
C11 CLA NK . 47.25 4.20 -102.43
C12 CLA NK . 48.43 4.34 -101.51
C13 CLA NK . 48.73 3.04 -100.78
C14 CLA NK . 47.62 2.70 -99.82
C15 CLA NK . 50.07 3.11 -100.06
C16 CLA NK . 50.89 1.88 -100.33
C17 CLA NK . 50.89 0.95 -99.13
C18 CLA NK . 51.58 -0.37 -99.45
C19 CLA NK . 53.08 -0.21 -99.42
C20 CLA NK . 51.16 -1.44 -98.47
MG CLA OK . 25.24 16.14 -85.26
CHA CLA OK . 22.58 17.77 -86.64
CHB CLA OK . 27.27 18.84 -85.85
CHC CLA OK . 27.84 14.44 -83.87
CHD CLA OK . 23.07 13.49 -84.37
NA CLA OK . 24.94 17.99 -86.16
C1A CLA OK . 23.75 18.48 -86.65
C2A CLA OK . 23.98 19.89 -87.21
C3A CLA OK . 25.49 20.11 -87.06
C4A CLA OK . 25.95 18.90 -86.29
CMA CLA OK . 25.98 19.99 -88.46
CAA CLA OK . 23.29 21.15 -86.71
CBA CLA OK . 23.13 21.60 -85.26
CGA CLA OK . 23.69 20.64 -84.26
O1A CLA OK . 23.16 19.60 -83.85
O2A CLA OK . 24.91 20.98 -83.76
NB CLA OK . 27.16 16.57 -84.87
C1B CLA OK . 27.80 17.72 -85.21
C2B CLA OK . 29.24 17.58 -84.85
C3B CLA OK . 29.40 16.34 -84.30
C4B CLA OK . 28.09 15.68 -84.33
CMB CLA OK . 30.22 18.62 -85.10
CAB CLA OK . 30.58 15.69 -83.82
CBB CLA OK . 31.06 15.89 -82.60
NC CLA OK . 25.42 14.29 -84.34
C1C CLA OK . 26.59 13.78 -83.88
C2C CLA OK . 26.36 12.45 -83.34
C3C CLA OK . 25.02 12.21 -83.43
C4C CLA OK . 24.42 13.37 -84.06
CMC CLA OK . 27.36 11.55 -82.77
CAC CLA OK . 24.35 10.98 -83.04
CBC CLA OK . 23.73 11.07 -81.66
ND CLA OK . 23.33 15.61 -85.56
C1D CLA OK . 22.54 14.53 -85.10
C2D CLA OK . 21.15 14.70 -85.53
C3D CLA OK . 21.13 15.91 -86.17
C4D CLA OK . 22.49 16.47 -86.10
CMD CLA OK . 20.08 13.74 -85.32
CAD CLA OK . 20.29 16.88 -86.83
OBD CLA OK . 19.10 16.81 -87.09
CBD CLA OK . 21.20 18.10 -87.13
CGD CLA OK . 21.21 18.26 -88.60
O1D CLA OK . 21.39 17.38 -89.44
O2D CLA OK . 20.94 19.52 -89.05
CED CLA OK . 19.59 19.82 -89.42
C1 CLA OK . 25.49 19.98 -82.91
C2 CLA OK . 26.67 20.54 -82.20
C3 CLA OK . 27.61 19.75 -81.66
C4 CLA OK . 27.53 18.29 -81.77
C5 CLA OK . 28.79 20.29 -80.94
C6 CLA OK . 28.54 20.38 -79.45
C7 CLA OK . 29.21 19.26 -78.66
C8 CLA OK . 28.77 19.14 -77.20
C9 CLA OK . 28.06 20.37 -76.64
C10 CLA OK . 29.96 18.85 -76.29
C11 CLA OK . 29.60 17.78 -75.30
C12 CLA OK . 29.72 16.42 -75.94
C13 CLA OK . 30.55 15.49 -75.07
C14 CLA OK . 31.96 15.99 -74.90
C15 CLA OK . 30.55 14.09 -75.64
C16 CLA OK . 29.18 13.48 -75.54
C17 CLA OK . 29.26 11.98 -75.66
C18 CLA OK . 28.19 11.26 -74.87
C19 CLA OK . 28.52 9.78 -74.83
C20 CLA OK . 28.10 11.77 -73.44
MG CLA PK . 36.87 16.74 -82.59
CHA CLA PK . 37.07 19.90 -83.99
CHB CLA PK . 33.85 17.46 -81.31
CHC CLA PK . 36.86 13.70 -80.98
CHD CLA PK . 39.96 15.91 -84.06
NA CLA PK . 35.65 18.43 -82.68
C1A CLA PK . 35.90 19.66 -83.30
C2A CLA PK . 34.67 20.58 -83.03
C3A CLA PK . 33.59 19.62 -82.52
C4A CLA PK . 34.42 18.42 -82.12
CMA CLA PK . 32.78 20.13 -81.37
CAA CLA PK . 34.11 21.47 -84.14
CBA CLA PK . 33.84 22.87 -83.63
CGA CLA PK . 34.07 23.89 -84.69
O1A CLA PK . 34.15 25.11 -84.55
O2A CLA PK . 34.19 23.38 -85.95
NB CLA PK . 35.55 15.73 -81.48
C1B CLA PK . 34.48 16.29 -80.89
C2B CLA PK . 34.00 15.49 -79.74
C3B CLA PK . 34.86 14.42 -79.64
C4B CLA PK . 35.84 14.56 -80.75
CMB CLA PK . 32.85 15.92 -78.97
CAB CLA PK . 34.97 13.30 -78.75
CBB CLA PK . 34.10 12.85 -77.85
NC CLA PK . 38.16 15.11 -82.57
C1C CLA PK . 37.94 13.96 -81.85
C2C CLA PK . 39.03 13.03 -82.05
C3C CLA PK . 39.91 13.65 -82.91
C4C CLA PK . 39.36 14.94 -83.26
CMC CLA PK . 39.14 11.74 -81.41
CAC CLA PK . 41.17 13.11 -83.40
CBC CLA PK . 40.91 12.46 -84.73
ND CLA PK . 38.27 17.66 -83.70
C1D CLA PK . 39.46 17.18 -84.27
C2D CLA PK . 40.06 18.25 -85.07
C3D CLA PK . 39.23 19.33 -84.94
C4D CLA PK . 38.09 18.90 -84.12
CMD CLA PK . 41.34 18.11 -85.76
CAD CLA PK . 38.99 20.69 -85.33
OBD CLA PK . 39.71 21.44 -85.98
CBD CLA PK . 37.59 21.07 -84.78
CGD CLA PK . 37.62 22.29 -83.93
O1D CLA PK . 37.16 22.44 -82.79
O2D CLA PK . 38.20 23.36 -84.51
CED CLA PK . 37.49 23.98 -85.58
MG CLA QK . 44.04 -2.06 -88.76
CHA CLA QK . 46.55 -4.31 -88.07
CHB CLA QK . 45.56 0.26 -86.82
CHC CLA QK . 41.62 0.20 -89.65
CHD CLA QK . 42.53 -4.48 -90.83
NA CLA QK . 45.78 -2.06 -87.62
C1A CLA QK . 46.71 -3.09 -87.50
C2A CLA QK . 47.86 -2.64 -86.60
C3A CLA QK . 47.42 -1.26 -86.09
C4A CLA QK . 46.17 -0.97 -86.92
CMA CLA QK . 47.10 -1.30 -84.62
CAA CLA QK . 49.17 -2.39 -87.35
CBA CLA QK . 49.15 -2.31 -88.88
CGA CLA QK . 48.53 -1.06 -89.41
O1A CLA QK . 49.00 0.08 -89.44
O2A CLA QK . 47.28 -1.23 -89.93
NB CLA QK . 43.64 -0.15 -88.29
C1B CLA QK . 44.40 0.64 -87.51
C2B CLA QK . 43.82 1.99 -87.46
C3B CLA QK . 42.70 1.98 -88.25
C4B CLA QK . 42.58 0.61 -88.80
CMB CLA QK . 44.41 3.08 -86.70
CAB CLA QK . 41.78 3.01 -88.60
CBB CLA QK . 41.03 3.68 -87.72
NC CLA QK . 42.36 -2.15 -89.98
C1C CLA QK . 41.50 -1.11 -90.19
C2C CLA QK . 40.45 -1.51 -91.11
C3C CLA QK . 40.71 -2.83 -91.45
C4C CLA QK . 41.92 -3.22 -90.75
CMC CLA QK . 39.36 -0.65 -91.54
CAC CLA QK . 39.94 -3.69 -92.36
CBC CLA QK . 40.52 -3.69 -93.75
ND CLA QK . 44.38 -3.95 -89.33
C1D CLA QK . 43.68 -4.83 -90.19
C2D CLA QK . 44.38 -6.12 -90.22
C3D CLA QK . 45.47 -5.99 -89.40
C4D CLA QK . 45.43 -4.61 -88.90
CMD CLA QK . 43.93 -7.27 -90.99
CAD CLA QK . 46.64 -6.62 -88.83
OBD CLA QK . 47.02 -7.79 -88.94
CBD CLA QK . 47.38 -5.55 -88.00
CGD CLA QK . 47.48 -5.99 -86.57
O1D CLA QK . 48.30 -5.64 -85.73
O2D CLA QK . 46.50 -6.87 -86.21
CED CLA QK . 46.25 -7.03 -84.82
C1 CLA QK . 47.13 -1.42 -91.31
C2 CLA QK . 45.69 -1.14 -91.55
C3 CLA QK . 45.09 -1.23 -92.74
C4 CLA QK . 45.82 -1.64 -93.96
C5 CLA QK . 43.65 -0.91 -92.90
C6 CLA QK . 43.38 0.14 -93.96
C7 CLA QK . 43.21 1.52 -93.38
C8 CLA QK . 43.01 2.56 -94.48
C9 CLA QK . 44.12 3.59 -94.49
C10 CLA QK . 41.67 3.26 -94.36
C11 CLA QK . 41.20 3.78 -95.69
C12 CLA QK . 41.16 2.69 -96.75
C13 CLA QK . 39.78 2.48 -97.36
C14 CLA QK . 38.86 1.69 -96.46
C15 CLA QK . 39.90 1.77 -98.70
C16 CLA QK . 40.42 2.73 -99.75
C17 CLA QK . 41.12 2.01 -100.89
C18 CLA QK . 42.59 2.40 -101.03
C19 CLA QK . 42.82 3.89 -100.88
C20 CLA QK . 43.45 1.64 -100.05
MG CLA RK . 56.98 1.35 -93.36
CHA CLA RK . 56.73 2.79 -96.49
CHB CLA RK . 53.76 2.22 -92.70
CHC CLA RK . 57.36 0.14 -90.18
CHD CLA RK . 60.36 0.62 -94.01
NA CLA RK . 55.48 2.29 -94.47
C1A CLA RK . 55.57 2.84 -95.75
C2A CLA RK . 54.22 3.46 -96.15
C3A CLA RK . 53.29 3.16 -94.96
C4A CLA RK . 54.24 2.50 -93.96
CMA CLA RK . 52.69 4.39 -94.38
CAA CLA RK . 53.60 2.86 -97.39
CBA CLA RK . 53.50 3.92 -98.47
CGA CLA RK . 53.46 5.29 -97.88
O1A CLA RK . 54.37 6.12 -97.77
O2A CLA RK . 52.23 5.64 -97.41
NB CLA RK . 55.84 1.31 -91.73
C1B CLA RK . 54.52 1.60 -91.69
C2B CLA RK . 53.93 1.15 -90.42
C3B CLA RK . 54.93 0.56 -89.70
C4B CLA RK . 56.16 0.64 -90.53
CMB CLA RK . 52.49 1.34 -90.17
CAB CLA RK . 55.03 -0.10 -88.42
CBB CLA RK . 54.07 -0.26 -87.50
NC CLA RK . 58.55 0.48 -92.33
C1C CLA RK . 58.47 0.04 -91.04
C2C CLA RK . 59.75 -0.49 -90.60
C3C CLA RK . 60.61 -0.34 -91.68
C4C CLA RK . 59.85 0.27 -92.76
CMC CLA RK . 59.99 -1.04 -89.28
CAC CLA RK . 62.03 -0.73 -91.74
CBC CLA RK . 62.93 0.38 -91.23
ND CLA RK . 58.21 1.35 -94.96
C1D CLA RK . 59.60 1.13 -95.04
C2D CLA RK . 60.06 1.53 -96.38
C3D CLA RK . 59.00 2.13 -96.99
C4D CLA RK . 57.88 2.07 -96.03
CMD CLA RK . 61.39 1.34 -96.90
CAD CLA RK . 58.51 2.75 -98.20
OBD CLA RK . 59.01 2.80 -99.31
CBD CLA RK . 57.15 3.38 -97.82
CGD CLA RK . 57.35 4.86 -97.67
O1D CLA RK . 57.17 5.74 -98.52
O2D CLA RK . 57.81 5.23 -96.44
CED CLA RK . 58.92 6.12 -96.41
MG CLA SK . 43.12 16.81 -89.73
CHA CLA SK . 40.28 18.69 -89.29
CHB CLA SK . 44.79 19.59 -90.78
CHC CLA SK . 45.98 14.96 -89.93
CHD CLA SK . 41.46 14.03 -88.33
NA CLA SK . 42.56 18.78 -90.07
C1A CLA SK . 41.32 19.37 -89.82
C2A CLA SK . 41.36 20.86 -90.22
C3A CLA SK . 42.70 20.97 -90.96
C4A CLA SK . 43.43 19.69 -90.60
CMA CLA SK . 42.51 21.01 -92.45
CAA CLA SK . 41.37 21.83 -89.06
CBA CLA SK . 40.32 22.90 -89.24
CGA CLA SK . 40.05 23.14 -90.70
O1A CLA SK . 39.12 22.74 -91.39
O2A CLA SK . 41.00 23.92 -91.30
NB CLA SK . 45.04 17.21 -90.21
C1B CLA SK . 45.55 18.42 -90.53
C2B CLA SK . 47.01 18.30 -90.69
C3B CLA SK . 47.35 17.00 -90.46
C4B CLA SK . 46.08 16.28 -90.19
CMB CLA SK . 47.85 19.41 -91.12
CAB CLA SK . 48.62 16.34 -90.52
CBB CLA SK . 49.31 15.87 -89.47
NC CLA SK . 43.58 14.83 -89.33
C1C CLA SK . 44.79 14.28 -89.56
C2C CLA SK . 44.76 12.87 -89.24
C3C CLA SK . 43.52 12.61 -88.68
C4C CLA SK . 42.78 13.86 -88.74
CMC CLA SK . 45.89 11.98 -89.43
CAC CLA SK . 43.00 11.31 -88.22
CBC CLA SK . 43.47 10.86 -86.86
ND CLA SK . 41.24 16.32 -89.20
C1D CLA SK . 40.74 15.19 -88.50
C2D CLA SK . 39.35 15.45 -88.08
C3D CLA SK . 39.11 16.76 -88.42
C4D CLA SK . 40.35 17.28 -89.04
CMD CLA SK . 38.45 14.50 -87.45
CAD CLA SK . 38.14 17.82 -88.43
OBD CLA SK . 36.94 17.78 -88.22
CBD CLA SK . 38.92 19.12 -88.79
CGD CLA SK . 38.11 19.91 -89.77
O1D CLA SK . 37.63 21.03 -89.62
O2D CLA SK . 37.86 19.26 -90.93
CED CLA SK . 36.52 19.36 -91.42
MG CLA TK . 31.51 8.58 -98.82
CHA CLA TK . 31.55 10.69 -101.51
CHB CLA TK . 28.35 7.62 -99.65
CHC CLA TK . 31.56 6.38 -96.22
CHD CLA TK . 34.85 9.49 -98.14
NA CLA TK . 30.17 9.14 -100.29
C1A CLA TK . 30.38 10.03 -101.34
C2A CLA TK . 29.13 10.15 -102.21
C3A CLA TK . 28.08 9.42 -101.36
C4A CLA TK . 28.91 8.66 -100.35
CMA CLA TK . 27.29 10.46 -100.61
CAA CLA TK . 29.30 9.51 -103.58
CBA CLA TK . 28.80 8.08 -103.70
CGA CLA TK . 29.91 7.13 -103.36
O1A CLA TK . 30.99 6.98 -103.93
O2A CLA TK . 29.63 6.35 -102.28
NB CLA TK . 30.22 7.24 -98.09
C1B CLA TK . 29.03 6.94 -98.65
C2B CLA TK . 28.39 5.86 -97.89
C3B CLA TK . 29.26 5.48 -96.92
C4B CLA TK . 30.44 6.39 -97.00
CMB CLA TK . 27.05 5.43 -98.30
CAB CLA TK . 29.13 4.47 -95.93
CBB CLA TK . 28.03 4.25 -95.20
NC CLA TK . 32.94 8.05 -97.42
C1C CLA TK . 32.73 7.17 -96.41
C2C CLA TK . 33.94 7.10 -95.60
C3C CLA TK . 34.88 7.92 -96.19
C4C CLA TK . 34.24 8.54 -97.32
CMC CLA TK . 34.14 6.29 -94.43
CAC CLA TK . 36.24 8.16 -95.73
CBC CLA TK . 37.22 7.24 -96.39
ND CLA TK . 32.89 9.85 -99.53
C1D CLA TK . 34.22 10.13 -99.17
C2D CLA TK . 34.77 11.13 -100.09
C3D CLA TK . 33.79 11.38 -101.02
C4D CLA TK . 32.65 10.54 -100.62
CMD CLA TK . 36.12 11.67 -100.01
CAD CLA TK . 33.43 12.06 -102.23
OBD CLA TK . 34.11 12.74 -102.97
CBD CLA TK . 31.95 11.72 -102.50
CGD CLA TK . 31.07 12.90 -102.27
O1D CLA TK . 30.13 13.29 -102.96
O2D CLA TK . 31.37 13.58 -101.14
CED CLA TK . 30.29 14.29 -100.52
MG CLA UK . 25.30 0.39 -92.48
CHA CLA UK . 23.17 1.29 -95.04
CHB CLA UK . 27.85 0.20 -94.67
CHC CLA UK . 27.14 -1.27 -90.12
CHD CLA UK . 22.57 0.31 -90.28
NA CLA UK . 25.48 0.84 -94.50
C1A CLA UK . 24.48 1.17 -95.42
C2A CLA UK . 25.14 1.37 -96.80
C3A CLA UK . 26.63 1.52 -96.44
C4A CLA UK . 26.69 0.79 -95.11
CMA CLA UK . 27.59 0.96 -97.46
CAA CLA UK . 24.76 2.65 -97.53
CBA CLA UK . 24.60 2.46 -99.01
CGA CLA UK . 23.20 2.80 -99.45
O1A CLA UK . 22.13 2.56 -98.91
O2A CLA UK . 23.15 3.47 -100.64
NB CLA UK . 27.21 -0.24 -92.35
C1B CLA UK . 27.94 -0.48 -93.46
C2B CLA UK . 28.86 -1.62 -93.23
C3B CLA UK . 28.67 -2.03 -91.95
C4B CLA UK . 27.64 -1.15 -91.37
CMB CLA UK . 29.77 -2.13 -94.25
CAB CLA UK . 29.31 -3.11 -91.24
CBB CLA UK . 30.51 -2.83 -90.73
NC CLA UK . 24.98 -0.17 -90.49
C1C CLA UK . 25.90 -0.76 -89.69
C2C CLA UK . 25.36 -0.99 -88.37
C3C CLA UK . 24.03 -0.64 -88.44
C4C CLA UK . 23.79 -0.12 -89.78
CMC CLA UK . 26.11 -1.58 -87.28
CAC CLA UK . 23.07 -0.69 -87.35
CBC CLA UK . 23.17 0.53 -86.47
ND CLA UK . 23.37 0.92 -92.52
C1D CLA UK . 22.35 0.74 -91.55
C2D CLA UK . 21.05 1.12 -92.15
C3D CLA UK . 21.31 1.35 -93.48
C4D CLA UK . 22.77 1.16 -93.67
CMD CLA UK . 19.79 1.15 -91.45
CAD CLA UK . 20.75 1.76 -94.73
OBD CLA UK . 19.65 2.19 -95.00
CBD CLA UK . 21.86 1.54 -95.78
CGD CLA UK . 21.48 0.41 -96.68
O1D CLA UK . 20.60 0.41 -97.54
O2D CLA UK . 22.19 -0.72 -96.48
CED CLA UK . 21.51 -1.96 -96.66
MG CLA VK . 28.05 1.07 -73.31
CHA CLA VK . 28.15 -0.91 -70.47
CHB CLA VK . 26.73 -1.52 -75.03
CHC CLA VK . 27.66 3.15 -75.98
CHD CLA VK . 29.20 3.79 -71.38
NA CLA VK . 27.58 -0.89 -72.81
C1A CLA VK . 27.67 -1.53 -71.58
C2A CLA VK . 27.17 -2.95 -71.68
C3A CLA VK . 27.12 -3.18 -73.19
C4A CLA VK . 27.11 -1.77 -73.73
CMA CLA VK . 28.35 -3.91 -73.67
CAA CLA VK . 25.70 -2.92 -71.31
CBA CLA VK . 25.35 -3.22 -69.87
CGA CLA VK . 23.98 -2.69 -69.58
O1A CLA VK . 22.90 -3.28 -69.61
O2A CLA VK . 23.98 -1.37 -69.24
NB CLA VK . 27.42 0.82 -75.18
C1B CLA VK . 26.74 -0.25 -75.62
C2B CLA VK . 26.02 0.07 -76.87
C3B CLA VK . 26.29 1.38 -77.14
C4B CLA VK . 27.20 1.87 -76.08
CMB CLA VK . 25.20 -0.90 -77.60
CAB CLA VK . 25.85 2.20 -78.22
CBB CLA VK . 26.54 2.38 -79.35
NC CLA VK . 28.47 3.07 -73.65
C1C CLA VK . 28.27 3.70 -74.83
C2C CLA VK . 28.68 5.08 -74.72
C3C CLA VK . 29.03 5.30 -73.41
C4C CLA VK . 28.90 4.02 -72.73
CMC CLA VK . 28.64 6.04 -75.81
CAC CLA VK . 29.46 6.56 -72.80
CBC CLA VK . 30.94 6.80 -72.93
ND CLA VK . 28.64 1.41 -71.42
C1D CLA VK . 29.07 2.57 -70.76
C2D CLA VK . 29.39 2.23 -69.37
C3D CLA VK . 29.11 0.89 -69.22
C4D CLA VK . 28.60 0.44 -70.51
CMD CLA VK . 29.90 3.17 -68.39
CAD CLA VK . 29.11 -0.23 -68.33
OBD CLA VK . 29.57 -0.34 -67.22
CBD CLA VK . 28.41 -1.40 -69.08
CGD CLA VK . 29.31 -2.59 -69.07
O1D CLA VK . 29.19 -3.61 -68.40
O2D CLA VK . 30.36 -2.47 -69.92
CED CLA VK . 31.16 -3.63 -70.15
C A86 WK . 33.12 1.28 -92.27
O A86 WK . 27.01 -1.61 -81.21
C1 A86 WK . 31.84 1.33 -93.16
C10 A86 WK . 28.52 -0.17 -83.96
C11 A86 WK . 27.58 -0.12 -82.86
C12 A86 WK . 26.35 0.74 -82.97
C13 A86 WK . 27.84 -0.92 -81.65
C14 A86 WK . 29.34 -0.85 -80.92
C15 A86 WK . 29.72 -2.24 -80.31
C16 A86 WK . 29.34 -3.48 -81.06
C17 A86 WK . 27.99 -4.05 -80.66
C18 A86 WK . 28.03 -4.49 -79.26
C19 A86 WK . 28.35 -3.27 -78.32
C2 A86 WK . 30.59 0.87 -92.67
C20 A86 WK . 29.60 -2.38 -78.84
C21 A86 WK . 29.42 -1.03 -78.08
C22 A86 WK . 30.45 -4.55 -80.79
C23 A86 WK . 29.32 -3.20 -82.54
C24 A86 WK . 31.90 1.87 -94.56
C25 A86 WK . 32.98 2.64 -95.05
C26 A86 WK . 32.79 3.13 -96.61
C27 A86 WK . 33.28 2.34 -97.67
C28 A86 WK . 34.00 1.08 -97.38
C29 A86 WK . 33.05 2.81 -99.18
C3 A86 WK . 30.47 0.36 -91.30
C30 A86 WK . 33.97 3.70 -99.87
C31 A86 WK . 34.85 4.57 -100.59
C32 A86 WK . 35.85 3.92 -101.58
C33 A86 WK . 36.50 4.88 -102.57
C34 A86 WK . 36.78 6.21 -101.87
C35 A86 WK . 35.48 6.93 -101.47
C36 A86 WK . 34.36 5.96 -101.04
C37 A86 WK . 33.61 6.61 -99.86
C38 A86 WK . 38.92 5.99 -100.86
C39 A86 WK . 39.79 6.69 -99.79
C4 A86 WK . 30.16 1.26 -90.28
C40 A86 WK . 36.98 3.26 -100.74
C41 A86 WK . 35.10 2.82 -102.36
C5 A86 WK . 30.05 0.66 -88.73
C6 A86 WK . 29.06 1.04 -87.81
C7 A86 WK . 27.93 2.11 -88.15
C8 A86 WK . 29.14 0.32 -86.38
C9 A86 WK . 28.27 0.65 -85.24
O1 A86 WK . 30.93 -2.22 -79.45
O2 A86 WK . 26.77 -5.03 -78.91
O3 A86 WK . 33.48 5.81 -102.12
O4 A86 WK . 37.50 5.91 -100.70
O5 A86 WK . 39.42 5.51 -101.81
C A86 XK . 30.57 10.72 -79.87
O A86 XK . 42.06 4.83 -84.17
C1 A86 XK . 30.77 11.89 -80.87
C10 A86 XK . 39.07 6.65 -83.53
C11 A86 XK . 40.25 6.29 -84.29
C12 A86 XK . 40.75 7.14 -85.41
C13 A86 XK . 40.94 5.04 -83.90
C14 A86 XK . 40.01 3.91 -83.08
C15 A86 XK . 40.77 2.73 -82.36
C16 A86 XK . 41.73 3.03 -81.23
C17 A86 XK . 43.21 2.88 -81.52
C18 A86 XK . 43.49 1.56 -82.05
C19 A86 XK . 42.80 1.43 -83.45
C2 A86 XK . 31.91 11.93 -81.69
C20 A86 XK . 41.21 1.58 -83.22
C21 A86 XK . 40.64 1.61 -84.69
C22 A86 XK . 41.33 1.98 -80.14
C23 A86 XK . 41.51 4.38 -80.58
C24 A86 XK . 29.72 12.96 -80.96
C25 A86 XK . 28.71 13.03 -79.97
C26 A86 XK . 27.54 14.18 -80.08
C27 A86 XK . 27.79 15.51 -79.66
C28 A86 XK . 29.10 15.90 -79.12
C29 A86 XK . 26.67 16.64 -79.77
C3 A86 XK . 32.88 10.84 -81.59
C30 A86 XK . 25.31 16.45 -79.29
C31 A86 XK . 23.96 16.32 -78.83
C32 A86 XK . 23.60 16.68 -77.37
C33 A86 XK . 22.48 15.86 -76.71
C34 A86 XK . 21.38 15.39 -77.67
C35 A86 XK . 21.94 14.79 -78.97
C36 A86 XK . 22.80 15.82 -79.71
C37 A86 XK . 23.41 15.18 -80.97
C38 A86 XK . 19.55 15.01 -76.22
C39 A86 XK . 19.30 14.55 -74.75
C4 A86 XK . 34.06 10.86 -82.36
C40 A86 XK . 23.21 18.19 -77.33
C41 A86 XK . 24.88 16.49 -76.52
C5 A86 XK . 35.10 9.60 -82.20
C6 A86 XK . 36.07 9.37 -83.18
C7 A86 XK . 36.19 10.34 -84.43
C8 A86 XK . 37.05 8.11 -82.99
C9 A86 XK . 38.25 7.92 -83.82
O1 A86 XK . 39.99 1.48 -82.39
O2 A86 XK . 44.89 1.38 -82.20
O3 A86 XK . 21.99 16.90 -80.10
O4 A86 XK . 20.61 14.43 -77.00
O5 A86 XK . 18.86 15.84 -76.70
C A86 YK . 26.25 8.71 -71.87
O A86 YK . 21.68 5.54 -84.30
C1 A86 YK . 26.24 7.17 -71.64
C10 A86 YK . 22.03 5.95 -80.80
C11 A86 YK . 22.47 5.49 -82.11
C12 A86 YK . 23.48 4.39 -82.21
C13 A86 YK . 21.91 6.15 -83.33
C14 A86 YK . 21.70 7.81 -83.25
C15 A86 YK . 20.44 8.46 -83.93
C16 A86 YK . 19.05 8.18 -83.39
C17 A86 YK . 18.09 7.40 -84.29
C18 A86 YK . 18.02 7.98 -85.63
C19 A86 YK . 19.42 7.81 -86.28
C2 A86 YK . 25.58 6.29 -72.53
C20 A86 YK . 20.47 8.66 -85.42
C21 A86 YK . 21.84 8.30 -86.08
C22 A86 YK . 18.42 9.57 -83.17
C23 A86 YK . 19.04 7.55 -82.01
C24 A86 YK . 26.94 6.55 -70.46
C25 A86 YK . 27.31 7.19 -69.24
C26 A86 YK . 28.08 6.19 -68.22
C27 A86 YK . 27.39 5.36 -67.30
C28 A86 YK . 25.91 5.39 -67.22
C29 A86 YK . 28.25 4.39 -66.35
C3 A86 YK . 24.91 6.75 -73.74
C30 A86 YK . 28.78 4.83 -65.06
C31 A86 YK . 29.32 5.22 -63.80
C32 A86 YK . 28.49 6.09 -62.81
C33 A86 YK . 29.14 6.43 -61.45
C34 A86 YK . 30.68 6.42 -61.34
C35 A86 YK . 31.42 6.09 -62.66
C36 A86 YK . 30.76 4.91 -63.38
C37 A86 YK . 31.58 4.58 -64.65
C38 A86 YK . 31.41 8.76 -61.67
C39 A86 YK . 32.84 9.39 -61.71
C4 A86 YK . 24.09 5.86 -74.45
C40 A86 YK . 28.06 7.40 -63.52
C41 A86 YK . 27.20 5.29 -62.51
C5 A86 YK . 23.38 6.41 -75.84
C6 A86 YK . 23.20 5.50 -76.90
C7 A86 YK . 23.66 3.99 -76.74
C8 A86 YK . 22.55 6.05 -78.27
C9 A86 YK . 22.66 5.31 -79.53
O1 A86 YK . 20.79 9.78 -84.51
O2 A86 YK . 17.05 7.30 -86.40
O3 A86 YK . 30.77 3.78 -62.54
O4 A86 YK . 31.14 7.65 -60.79
O5 A86 YK . 30.57 9.23 -62.34
C A86 ZK . 49.61 -0.50 -94.90
O A86 ZK . 40.75 8.52 -90.71
C1 A86 ZK . 50.50 -0.42 -93.63
C10 A86 ZK . 43.48 6.23 -91.01
C11 A86 ZK . 42.44 6.96 -90.31
C12 A86 ZK . 42.25 6.83 -88.84
C13 A86 ZK . 41.59 7.83 -91.17
C14 A86 ZK . 41.87 7.76 -92.81
C15 A86 ZK . 40.95 8.59 -93.76
C16 A86 ZK . 41.04 10.11 -93.76
C17 A86 ZK . 39.88 10.87 -93.13
C18 A86 ZK . 38.63 10.41 -93.73
C19 A86 ZK . 38.40 8.95 -93.25
C2 A86 ZK . 50.28 0.55 -92.64
C20 A86 ZK . 39.55 8.08 -93.96
C21 A86 ZK . 39.27 6.63 -93.40
C22 A86 ZK . 41.12 10.53 -95.26
C23 A86 ZK . 42.33 10.61 -93.14
C24 A86 ZK . 51.62 -1.40 -93.40
C25 A86 ZK . 52.80 -0.85 -92.85
C26 A86 ZK . 54.12 -1.73 -92.50
C27 A86 ZK . 54.98 -2.33 -93.45
C28 A86 ZK . 54.77 -2.22 -94.90
C29 A86 ZK . 56.23 -3.14 -92.87
C3 A86 ZK . 49.20 1.51 -92.82
C30 A86 ZK . 56.85 -4.20 -93.64
C31 A86 ZK . 57.48 -5.25 -94.37
C32 A86 ZK . 58.86 -5.02 -94.99
C33 A86 ZK . 59.28 -6.08 -96.01
C34 A86 ZK . 59.02 -7.51 -95.56
C35 A86 ZK . 57.55 -7.71 -95.16
C36 A86 ZK . 57.09 -6.72 -94.09
C37 A86 ZK . 55.55 -6.76 -93.99
C38 A86 ZK . 60.30 -9.34 -96.43
C39 A86 ZK . 61.70 -8.88 -95.91
C4 A86 ZK . 48.52 2.00 -91.70
C40 A86 ZK . 59.92 -4.97 -93.87
C41 A86 ZK . 58.84 -3.64 -95.68
C5 A86 ZK . 47.29 3.08 -91.93
C6 A86 ZK . 46.38 3.40 -90.92
C7 A86 ZK . 46.46 2.74 -89.48
C8 A86 ZK . 45.25 4.47 -91.30
C9 A86 ZK . 44.50 5.28 -90.35
O1 A86 ZK . 40.59 7.85 -94.99
O2 A86 ZK . 37.53 11.18 -93.32
O3 A86 ZK . 57.63 -7.10 -92.85
O4 A86 ZK . 59.27 -8.35 -96.65
O5 A86 ZK . 60.10 -10.47 -96.64
MG CLA AL . 17.01 4.36 -88.29
CHA CLA AL . 18.46 4.67 -91.40
CHB CLA AL . 13.96 4.96 -89.62
CHC CLA AL . 15.67 3.97 -85.19
CHD CLA AL . 20.24 3.86 -86.91
NA CLA AL . 16.34 4.75 -90.22
C1A CLA AL . 17.10 4.80 -91.40
C2A CLA AL . 16.22 5.09 -92.60
C3A CLA AL . 14.82 5.20 -92.00
C4A CLA AL . 15.02 4.96 -90.50
CMA CLA AL . 14.38 6.56 -92.40
CAA CLA AL . 16.15 3.97 -93.61
CBA CLA AL . 15.89 2.63 -92.97
CGA CLA AL . 16.00 1.58 -94.04
O1A CLA AL . 15.22 1.33 -94.95
O2A CLA AL . 17.15 0.85 -93.93
NB CLA AL . 15.16 4.42 -87.55
C1B CLA AL . 14.04 4.74 -88.23
C2B CLA AL . 12.89 4.77 -87.29
C3B CLA AL . 13.38 4.50 -86.04
C4B CLA AL . 14.83 4.27 -86.19
CMB CLA AL . 11.53 5.06 -87.71
CAB CLA AL . 12.75 4.42 -84.76
CBB CLA AL . 12.08 5.40 -84.15
NC CLA AL . 17.81 3.96 -86.41
C1C CLA AL . 17.07 3.82 -85.28
C2C CLA AL . 17.92 3.49 -84.16
C3C CLA AL . 19.22 3.50 -84.64
C4C CLA AL . 19.14 3.80 -86.05
CMC CLA AL . 17.45 3.23 -82.80
CAC CLA AL . 20.44 3.21 -83.92
CBC CLA AL . 20.75 1.74 -83.90
ND CLA AL . 18.91 4.31 -88.92
C1D CLA AL . 20.13 4.07 -88.25
C2D CLA AL . 21.22 4.13 -89.22
C3D CLA AL . 20.64 4.37 -90.42
C4D CLA AL . 19.19 4.46 -90.20
CMD CLA AL . 22.62 3.93 -88.88
CAD CLA AL . 20.87 4.58 -91.82
OBD CLA AL . 21.94 4.64 -92.38
CBD CLA AL . 19.49 4.74 -92.50
CGD CLA AL . 19.37 6.06 -93.18
O1D CLA AL . 19.86 7.13 -92.83
O2D CLA AL . 18.64 6.01 -94.32
CED CLA AL . 17.97 7.21 -94.73
C1 CLA AL . 17.03 -0.52 -94.33
C2 CLA AL . 17.90 -1.30 -93.43
C3 CLA AL . 18.35 -2.52 -93.74
C4 CLA AL . 18.01 -3.21 -95.00
C5 CLA AL . 19.22 -3.26 -92.80
C6 CLA AL . 20.69 -2.93 -92.99
C7 CLA AL . 21.44 -3.49 -91.81
C8 CLA AL . 22.93 -3.20 -91.91
C9 CLA AL . 23.50 -3.90 -93.12
C10 CLA AL . 23.67 -3.61 -90.63
C11 CLA AL . 23.26 -4.97 -90.10
C12 CLA AL . 23.33 -5.02 -88.59
C13 CLA AL . 23.44 -6.46 -88.09
C14 CLA AL . 22.18 -7.23 -88.40
C15 CLA AL . 23.73 -6.52 -86.59
C16 CLA AL . 25.06 -7.21 -86.29
C17 CLA AL . 24.98 -8.72 -86.36
C18 CLA AL . 26.27 -9.38 -85.91
C19 CLA AL . 26.16 -9.90 -84.50
C20 CLA AL . 26.66 -10.51 -86.85
C A86 BL . 28.84 -6.01 -94.13
O A86 BL . 32.96 -7.84 -82.80
C1 A86 BL . 27.91 -4.87 -93.64
C10 A86 BL . 31.40 -6.82 -84.82
C11 A86 BL . 31.27 -8.17 -84.31
C12 A86 BL . 30.34 -9.15 -84.95
C13 A86 BL . 32.09 -8.54 -83.13
C14 A86 BL . 31.77 -9.93 -82.26
C15 A86 BL . 32.28 -11.14 -83.11
C16 A86 BL . 31.44 -12.38 -83.13
C17 A86 BL . 31.89 -13.43 -82.11
C18 A86 BL . 33.24 -13.87 -82.45
C19 A86 BL . 34.22 -12.69 -82.22
C2 A86 BL . 27.99 -4.38 -92.32
C20 A86 BL . 33.75 -11.40 -83.07
C21 A86 BL . 34.60 -10.25 -82.44
C22 A86 BL . 29.94 -12.04 -82.84
C23 A86 BL . 31.51 -12.97 -84.52
C24 A86 BL . 26.89 -4.25 -94.57
C25 A86 BL . 27.15 -3.97 -95.93
C26 A86 BL . 25.92 -3.29 -96.75
C27 A86 BL . 26.07 -2.75 -98.04
C28 A86 BL . 27.38 -2.77 -98.73
C29 A86 BL . 24.78 -2.09 -98.74
C3 A86 BL . 28.94 -4.93 -91.36
C30 A86 BL . 24.71 -1.85 -100.18
C31 A86 BL . 24.57 -1.59 -101.57
C32 A86 BL . 25.59 -0.70 -102.33
C33 A86 BL . 25.26 -0.43 -103.81
C34 A86 BL . 24.35 -1.51 -104.41
C35 A86 BL . 23.05 -1.75 -103.61
C36 A86 BL . 23.16 -1.36 -102.12
C37 A86 BL . 22.82 0.13 -101.96
C38 A86 BL . 24.14 -2.23 -106.67
C39 A86 BL . 25.40 -3.13 -106.64
C4 A86 BL . 28.64 -6.15 -90.76
C40 A86 BL . 25.67 0.66 -101.60
C41 A86 BL . 26.97 -1.40 -102.23
C5 A86 BL . 29.68 -6.82 -89.64
C6 A86 BL . 29.29 -6.70 -88.32
C7 A86 BL . 27.91 -5.97 -87.97
C8 A86 BL . 30.19 -7.31 -87.11
C9 A86 BL . 30.55 -6.38 -86.04
O1 A86 BL . 33.13 -10.77 -84.26
O2 A86 BL . 33.61 -14.95 -81.62
O3 A86 BL . 22.26 -2.14 -101.38
O4 A86 BL . 24.02 -1.14 -105.73
O5 A86 BL . 23.30 -2.42 -107.46
MG CLA CL . -1.71 -15.23 -104.52
CHA CLA CL . -3.19 -13.55 -107.13
CHB CLA CL . -3.08 -13.02 -102.28
CHC CLA CL . -0.23 -16.98 -101.98
CHD CLA CL . -0.54 -17.64 -106.82
NA CLA CL . -2.90 -13.54 -104.72
C1A CLA CL . -3.44 -13.01 -105.89
C2A CLA CL . -4.28 -11.78 -105.57
C3A CLA CL . -4.09 -11.60 -104.05
C4A CLA CL . -3.30 -12.80 -103.63
CMA CLA CL . -3.26 -10.38 -103.76
CAA CLA CL . -5.75 -11.95 -105.90
CBA CLA CL . -6.68 -12.02 -104.70
CGA CLA CL . -7.01 -13.46 -104.50
O1A CLA CL . -8.11 -14.00 -104.37
O2A CLA CL . -5.88 -14.22 -104.49
NB CLA CL . -1.69 -15.06 -102.53
C1B CLA CL . -2.29 -14.08 -101.81
C2B CLA CL . -1.88 -14.21 -100.38
C3B CLA CL . -1.08 -15.31 -100.29
C4B CLA CL . -0.93 -15.87 -101.66
CMB CLA CL . -2.32 -13.30 -99.34
CAB CLA CL . -0.44 -15.88 -99.16
CBB CLA CL . -0.95 -16.90 -98.47
NC CLA CL . -0.58 -16.98 -104.42
C1C CLA CL . -0.06 -17.50 -103.28
C2C CLA CL . 0.67 -18.73 -103.59
C3C CLA CL . 0.55 -18.93 -104.96
C4C CLA CL . -0.24 -17.83 -105.47
CMC CLA CL . 1.35 -19.54 -102.60
CAC CLA CL . 1.05 -20.04 -105.79
CBC CLA CL . 2.53 -20.14 -105.97
ND CLA CL . -1.73 -15.53 -106.51
C1D CLA CL . -1.23 -16.57 -107.32
C2D CLA CL . -1.56 -16.29 -108.72
C3D CLA CL . -2.28 -15.12 -108.71
C4D CLA CL . -2.40 -14.71 -107.30
CMD CLA CL . -1.18 -17.11 -109.85
CAD CLA CL . -2.97 -14.16 -109.51
OBD CLA CL . -3.10 -14.10 -110.73
CBD CLA CL . -3.60 -13.15 -108.52
CGD CLA CL . -3.05 -11.79 -108.82
O1D CLA CL . -1.87 -11.54 -109.05
O2D CLA CL . -3.96 -10.79 -108.79
CED CLA CL . -4.17 -10.09 -110.02
C1 CLA CL . -5.94 -15.50 -103.86
C2 CLA CL . -6.03 -15.30 -102.39
C3 CLA CL . -5.30 -16.03 -101.53
C4 CLA CL . -4.35 -17.06 -102.01
C5 CLA CL . -5.41 -15.83 -100.07
C6 CLA CL . -5.37 -17.14 -99.31
C7 CLA CL . -6.70 -17.45 -98.64
C8 CLA CL . -6.89 -18.95 -98.46
C9 CLA CL . -8.22 -19.25 -97.78
C10 CLA CL . -5.75 -19.57 -97.67
C11 CLA CL . -5.81 -21.08 -97.73
C12 CLA CL . -4.41 -21.63 -97.75
C13 CLA CL . -4.32 -23.15 -97.82
C14 CLA CL . -5.10 -23.81 -96.71
C15 CLA CL . -2.85 -23.55 -97.74
C16 CLA CL . -2.59 -24.96 -98.25
C17 CLA CL . -1.15 -25.08 -98.69
C18 CLA CL . -0.38 -26.21 -98.02
C19 CLA CL . 1.07 -26.15 -98.42
C20 CLA CL . -0.47 -26.12 -96.51
MG CLA DL . 0.46 -16.30 -93.07
CHA CLA DL . -1.64 -13.55 -92.90
CHB CLA DL . -1.62 -17.76 -95.27
CHC CLA DL . 2.27 -19.22 -92.83
CHD CLA DL . 2.36 -14.96 -90.45
NA CLA DL . -1.27 -15.67 -94.02
C1A CLA DL . -2.03 -14.50 -93.82
C2A CLA DL . -3.28 -14.54 -94.73
C3A CLA DL . -2.97 -15.71 -95.69
C4A CLA DL . -1.88 -16.46 -94.94
CMA CLA DL . -4.15 -16.61 -95.94
CAA CLA DL . -3.67 -13.31 -95.53
CBA CLA DL . -5.17 -13.13 -95.55
CGA CLA DL . -5.55 -11.77 -95.07
O1A CLA DL . -6.57 -11.42 -94.47
O2A CLA DL . -4.62 -10.81 -95.34
NB CLA DL . 0.39 -18.10 -93.95
C1B CLA DL . -0.64 -18.55 -94.69
C2B CLA DL . -0.57 -20.01 -94.85
C3B CLA DL . 0.54 -20.44 -94.16
C4B CLA DL . 1.16 -19.22 -93.60
CMB CLA DL . -1.56 -20.75 -95.63
CAB CLA DL . 1.12 -21.73 -93.92
CBB CLA DL . 1.25 -22.73 -94.79
NC CLA DL . 2.13 -16.89 -91.98
C1C CLA DL . 2.74 -18.10 -92.09
C2C CLA DL . 3.89 -18.18 -91.22
C3C CLA DL . 3.85 -17.02 -90.46
C4C CLA DL . 2.74 -16.22 -90.93
CMC CLA DL . 4.80 -19.31 -91.12
CAC CLA DL . 4.80 -16.64 -89.43
CBC CLA DL . 5.85 -15.81 -90.07
ND CLA DL . 0.58 -14.56 -92.08
C1D CLA DL . 1.34 -14.19 -90.95
C2D CLA DL . 0.91 -12.88 -90.48
C3D CLA DL . -0.18 -12.55 -91.24
C4D CLA DL . -0.42 -13.67 -92.16
CMD CLA DL . 1.56 -12.14 -89.40
CAD CLA DL . -1.17 -11.56 -91.54
OBD CLA DL . -1.22 -10.37 -91.24
CBD CLA DL . -2.25 -12.28 -92.39
CGD CLA DL . -3.43 -12.60 -91.54
O1D CLA DL . -4.08 -13.64 -91.54
O2D CLA DL . -3.78 -11.62 -90.68
CED CLA DL . -4.59 -10.58 -91.20
MG CLA EL . 20.76 -19.43 -90.99
CHA CLA EL . 23.08 -20.77 -88.81
CHB CLA EL . 18.33 -19.85 -88.66
CHC CLA EL . 18.55 -17.91 -93.11
CHD CLA EL . 23.33 -18.97 -93.35
NA CLA EL . 20.74 -20.20 -89.05
C1A CLA EL . 21.81 -20.69 -88.31
C2A CLA EL . 21.33 -21.11 -86.92
C3A CLA EL . 19.80 -20.94 -86.97
C4A CLA EL . 19.59 -20.26 -88.31
CMA CLA EL . 19.07 -22.24 -86.90
CAA CLA EL . 21.81 -20.24 -85.78
CBA CLA EL . 22.35 -18.85 -86.11
CGA CLA EL . 21.29 -17.90 -86.59
O1A CLA EL . 20.36 -17.42 -85.95
O2A CLA EL . 21.41 -17.59 -87.91
NB CLA EL . 18.81 -19.01 -90.93
C1B CLA EL . 17.99 -19.22 -89.88
C2B CLA EL . 16.64 -18.69 -90.18
C3B CLA EL . 16.71 -18.14 -91.42
C4B CLA EL . 18.08 -18.33 -91.92
CMB CLA EL . 15.55 -18.75 -89.22
CAB CLA EL . 15.73 -17.45 -92.21
CBB CLA EL . 14.55 -17.97 -92.58
NC CLA EL . 20.91 -18.63 -92.89
C1C CLA EL . 19.89 -18.06 -93.57
C2C CLA EL . 20.35 -17.57 -94.85
C3C CLA EL . 21.70 -17.87 -94.91
C4C CLA EL . 22.05 -18.53 -93.68
CMC CLA EL . 19.51 -16.89 -95.83
CAC CLA EL . 22.63 -17.56 -96.01
CBC CLA EL . 23.37 -16.27 -95.76
ND CLA EL . 22.75 -19.76 -91.11
C1D CLA EL . 23.67 -19.56 -92.16
C2D CLA EL . 24.98 -20.05 -91.73
C3D CLA EL . 24.82 -20.50 -90.45
C4D CLA EL . 23.41 -20.31 -90.11
CMD CLA EL . 26.17 -19.99 -92.56
CAD CLA EL . 25.46 -21.11 -89.30
OBD CLA EL . 26.63 -21.42 -89.12
CBD CLA EL . 24.36 -21.30 -88.22
CGD CLA EL . 24.19 -22.75 -87.91
O1D CLA EL . 23.77 -23.27 -86.88
O2D CLA EL . 24.56 -23.55 -88.95
CED CLA EL . 23.87 -24.79 -89.10
C1 CLA EL . 22.35 -16.59 -88.28
C2 CLA EL . 21.85 -16.12 -89.59
C3 CLA EL . 22.49 -15.28 -90.40
C4 CLA EL . 23.82 -14.71 -90.07
C5 CLA EL . 21.89 -14.88 -91.70
C6 CLA EL . 20.88 -13.77 -91.52
C7 CLA EL . 19.70 -14.01 -92.43
C8 CLA EL . 19.06 -12.69 -92.82
C9 CLA EL . 18.53 -11.94 -91.61
C10 CLA EL . 17.92 -12.91 -93.81
C11 CLA EL . 17.84 -11.78 -94.80
C12 CLA EL . 19.16 -11.53 -95.50
C13 CLA EL . 18.98 -11.16 -96.96
C14 CLA EL . 19.04 -12.40 -97.84
C15 CLA EL . 20.04 -10.16 -97.43
C16 CLA EL . 20.27 -9.02 -96.45
C17 CLA EL . 21.56 -8.30 -96.81
C18 CLA EL . 21.97 -7.25 -95.78
C19 CLA EL . 22.80 -6.18 -96.46
C20 CLA EL . 22.76 -7.87 -94.65
MG CLA FL . 23.51 -12.80 -78.41
CHA CLA FL . 23.58 -9.47 -79.29
CHB CLA FL . 21.61 -13.47 -81.14
CHC CLA FL . 23.30 -16.08 -77.41
CHD CLA FL . 25.46 -12.07 -75.59
NA CLA FL . 22.77 -11.63 -79.97
C1A CLA FL . 22.89 -10.26 -80.16
C2A CLA FL . 22.18 -9.85 -81.45
C3A CLA FL . 21.66 -11.17 -82.05
C4A CLA FL . 22.03 -12.18 -80.98
CMA CLA FL . 20.20 -11.18 -82.35
CAA CLA FL . 23.12 -9.29 -82.48
CBA CLA FL . 22.75 -7.84 -82.77
CGA CLA FL . 21.28 -7.69 -82.62
O1A CLA FL . 20.65 -7.17 -81.70
O2A CLA FL . 20.59 -8.21 -83.67
NB CLA FL . 22.56 -14.42 -79.07
C1B CLA FL . 21.90 -14.50 -80.25
C2B CLA FL . 21.50 -15.89 -80.53
C3B CLA FL . 21.98 -16.65 -79.48
C4B CLA FL . 22.66 -15.72 -78.56
CMB CLA FL . 20.79 -16.18 -81.76
CAB CLA FL . 21.94 -18.06 -79.21
CBB CLA FL . 21.76 -19.06 -80.08
NC CLA FL . 24.28 -13.87 -76.82
C1C CLA FL . 24.07 -15.21 -76.61
C2C CLA FL . 24.74 -15.63 -75.40
C3C CLA FL . 25.36 -14.50 -74.86
C4C CLA FL . 25.07 -13.40 -75.77
CMC CLA FL . 24.73 -17.00 -74.88
CAC CLA FL . 26.18 -14.42 -73.64
CBC CLA FL . 25.37 -14.28 -72.37
ND CLA FL . 24.51 -11.23 -77.69
C1D CLA FL . 25.19 -11.04 -76.46
C2D CLA FL . 25.55 -9.61 -76.33
C3D CLA FL . 24.98 -8.98 -77.40
C4D CLA FL . 24.30 -10.02 -78.19
CMD CLA FL . 26.32 -9.01 -75.26
CAD CLA FL . 24.84 -7.73 -78.08
OBD CLA FL . 25.38 -6.65 -77.88
CBD CLA FL . 23.78 -7.97 -79.19
CGD CLA FL . 22.50 -7.33 -78.76
O1D CLA FL . 21.96 -6.34 -79.25
O2D CLA FL . 21.90 -7.97 -77.72
CED CLA FL . 21.63 -7.23 -76.53
MG CLA GL . 5.92 -9.60 -88.63
CHA CLA GL . 3.18 -9.09 -90.66
CHB CLA GL . 5.10 -6.87 -86.82
CHC CLA GL . 8.59 -10.24 -86.53
CHD CLA GL . 6.82 -12.41 -90.57
NA CLA GL . 4.38 -8.21 -88.76
C1A CLA GL . 3.33 -8.15 -89.67
C2A CLA GL . 2.42 -6.95 -89.39
C3A CLA GL . 3.14 -6.23 -88.23
C4A CLA GL . 4.30 -7.16 -87.89
CMA CLA GL . 3.61 -4.85 -88.61
CAA CLA GL . 1.04 -7.30 -88.90
CBA CLA GL . -0.05 -6.84 -89.83
CGA CLA GL . 0.18 -5.45 -90.32
O1A CLA GL . 0.86 -5.08 -91.27
O2A CLA GL . -0.49 -4.50 -89.61
NB CLA GL . 6.77 -8.65 -87.07
C1B CLA GL . 6.17 -7.66 -86.38
C2B CLA GL . 6.78 -7.52 -85.05
C3B CLA GL . 7.77 -8.47 -84.96
C4B CLA GL . 7.77 -9.20 -86.24
CMB CLA GL . 6.34 -6.53 -84.06
CAB CLA GL . 8.65 -8.78 -83.89
CBB CLA GL . 8.29 -9.49 -82.83
NC CLA GL . 7.43 -11.04 -88.58
C1C CLA GL . 8.41 -11.10 -87.65
C2C CLA GL . 9.32 -12.19 -87.90
C3C CLA GL . 8.81 -12.84 -89.03
C4C CLA GL . 7.63 -12.10 -89.46
CMC CLA GL . 10.47 -12.46 -87.04
CAC CLA GL . 9.36 -14.02 -89.73
CBC CLA GL . 9.32 -15.34 -88.98
ND CLA GL . 5.17 -10.63 -90.19
C1D CLA GL . 5.66 -11.75 -90.91
C2D CLA GL . 4.73 -12.02 -92.00
C3D CLA GL . 3.75 -11.07 -91.93
C4D CLA GL . 4.08 -10.19 -90.81
CMD CLA GL . 4.88 -13.13 -92.92
CAD CLA GL . 2.52 -10.58 -92.52
OBD CLA GL . 1.84 -11.06 -93.41
CBD CLA GL . 2.16 -9.27 -91.77
CGD CLA GL . 2.03 -8.13 -92.70
O1D CLA GL . 1.00 -7.49 -92.95
O2D CLA GL . 3.18 -7.79 -93.35
CED CLA GL . 3.02 -6.98 -94.50
MG CLA HL . 12.73 -7.04 -104.23
CHA CLA HL . 12.12 -3.67 -103.99
CHB CLA HL . 12.70 -6.76 -107.64
CHC CLA HL . 13.37 -10.35 -104.46
CHD CLA HL . 12.97 -7.23 -100.71
NA CLA HL . 12.41 -5.48 -105.57
C1A CLA HL . 12.17 -4.13 -105.28
C2A CLA HL . 11.98 -3.32 -106.56
C3A CLA HL . 12.05 -4.39 -107.67
C4A CLA HL . 12.41 -5.65 -106.92
CMA CLA HL . 10.72 -4.54 -108.34
CAA CLA HL . 13.11 -2.38 -106.89
CBA CLA HL . 12.69 -0.95 -106.74
CGA CLA HL . 11.82 -0.49 -107.87
O1A CLA HL . 11.26 -1.17 -108.73
O2A CLA HL . 11.66 0.86 -107.88
NB CLA HL . 12.98 -8.31 -105.74
C1B CLA HL . 13.01 -7.99 -107.05
C2B CLA HL . 13.40 -9.17 -107.82
C3B CLA HL . 13.59 -10.19 -106.94
C4B CLA HL . 13.31 -9.66 -105.60
CMB CLA HL . 13.48 -9.16 -109.27
CAB CLA HL . 13.94 -11.54 -107.17
CBB CLA HL . 13.00 -12.46 -107.32
NC CLA HL . 13.04 -8.53 -102.82
C1C CLA HL . 13.20 -9.84 -103.15
C2C CLA HL . 13.30 -10.67 -101.95
C3C CLA HL . 13.32 -9.77 -100.88
C4C CLA HL . 13.15 -8.43 -101.44
CMC CLA HL . 13.40 -12.13 -102.00
CAC CLA HL . 13.43 -10.13 -99.47
CBC CLA HL . 14.80 -9.83 -98.91
ND CLA HL . 12.50 -5.81 -102.66
C1D CLA HL . 12.65 -6.01 -101.27
C2D CLA HL . 12.41 -4.72 -100.60
C3D CLA HL . 12.17 -3.80 -101.59
C4D CLA HL . 12.27 -4.52 -102.86
CMD CLA HL . 12.42 -4.52 -99.16
CAD CLA HL . 11.87 -2.42 -101.91
OBD CLA HL . 11.64 -1.48 -101.17
CBD CLA HL . 11.88 -2.31 -103.45
CGD CLA HL . 10.56 -1.86 -103.96
O1D CLA HL . 10.27 -0.79 -104.50
O2D CLA HL . 9.60 -2.81 -103.79
CED CLA HL . 8.32 -2.56 -104.40
C1 CLA HL . 11.01 1.48 -106.79
C2 CLA HL . 11.97 2.37 -106.11
C3 CLA HL . 11.67 3.28 -105.17
C4 CLA HL . 10.27 3.47 -104.73
C5 CLA HL . 12.76 4.09 -104.59
C6 CLA HL . 12.34 5.10 -103.53
C7 CLA HL . 12.31 6.51 -104.09
C8 CLA HL . 10.93 7.15 -103.94
C9 CLA HL . 10.37 7.52 -105.30
C10 CLA HL . 10.97 8.33 -102.97
C11 CLA HL . 11.40 9.65 -103.59
C12 CLA HL . 12.51 10.31 -102.81
C13 CLA HL . 12.17 11.73 -102.38
C14 CLA HL . 12.09 12.66 -103.58
C15 CLA HL . 13.16 12.25 -101.37
C16 CLA HL . 12.67 13.54 -100.73
C17 CLA HL . 13.82 14.50 -100.47
C18 CLA HL . 13.30 15.89 -100.13
C19 CLA HL . 13.17 16.06 -98.64
C20 CLA HL . 14.24 16.94 -100.70
MG CLA IL . 14.96 -17.08 -109.90
CHA CLA IL . 14.75 -14.71 -112.42
CHB CLA IL . 16.94 -15.03 -108.12
CHC CLA IL . 15.62 -19.65 -107.75
CHD CLA IL . 12.99 -19.27 -111.84
NA CLA IL . 15.65 -15.14 -110.22
C1A CLA IL . 15.49 -14.31 -111.33
C2A CLA IL . 16.33 -13.04 -111.02
C3A CLA IL . 16.35 -13.01 -109.48
C4A CLA IL . 16.36 -14.52 -109.26
CMA CLA IL . 17.58 -12.35 -108.93
CAA CLA IL . 16.32 -11.69 -111.77
CBA CLA IL . 15.08 -10.88 -112.04
CGA CLA IL . 15.54 -9.54 -112.56
O1A CLA IL . 16.64 -9.26 -113.02
O2A CLA IL . 14.62 -8.52 -112.49
NB CLA IL . 16.02 -17.28 -108.19
C1B CLA IL . 16.93 -16.37 -107.78
C2B CLA IL . 17.90 -17.00 -106.84
C3B CLA IL . 17.53 -18.31 -106.71
C4B CLA IL . 16.31 -18.50 -107.56
CMB CLA IL . 18.97 -16.25 -106.19
CAB CLA IL . 18.20 -19.29 -105.89
CBB CLA IL . 17.72 -20.31 -105.19
NC CLA IL . 14.29 -19.04 -109.75
C1C CLA IL . 14.63 -19.88 -108.74
C2C CLA IL . 13.98 -21.16 -108.90
C3C CLA IL . 13.30 -21.10 -110.12
C4C CLA IL . 13.49 -19.76 -110.63
CMC CLA IL . 14.15 -22.26 -107.97
CAC CLA IL . 12.49 -22.17 -110.71
CBC CLA IL . 13.35 -23.20 -111.40
ND CLA IL . 13.92 -17.00 -111.61
C1D CLA IL . 13.20 -18.00 -112.32
C2D CLA IL . 12.72 -17.44 -113.58
C3D CLA IL . 13.25 -16.17 -113.66
C4D CLA IL . 14.04 -15.96 -112.43
CMD CLA IL . 11.89 -18.19 -114.51
CAD CLA IL . 13.32 -14.94 -114.41
OBD CLA IL . 12.67 -14.59 -115.38
CBD CLA IL . 14.38 -14.06 -113.73
CGD CLA IL . 15.59 -13.86 -114.61
O1D CLA IL . 15.66 -13.21 -115.65
O2D CLA IL . 16.71 -14.47 -114.15
CED CLA IL . 17.20 -15.60 -114.87
MG CLA JL . 7.85 -32.56 -102.27
CHA CLA JL . 8.56 -35.94 -102.03
CHB CLA JL . 10.57 -32.14 -104.23
CHC CLA JL . 6.85 -29.37 -102.86
CHD CLA JL . 5.04 -33.05 -100.21
NA CLA JL . 9.33 -33.84 -102.97
C1A CLA JL . 9.44 -35.22 -102.78
C2A CLA JL . 10.68 -35.74 -103.50
C3A CLA JL . 11.48 -34.46 -103.78
C4A CLA JL . 10.39 -33.40 -103.70
CMA CLA JL . 12.58 -34.22 -102.79
CAA CLA JL . 10.26 -36.19 -104.88
CBA CLA JL . 9.80 -37.61 -105.01
CGA CLA JL . 8.84 -37.72 -106.15
O1A CLA JL . 9.08 -37.92 -107.35
O2A CLA JL . 7.53 -37.53 -105.78
NB CLA JL . 8.66 -30.99 -103.23
C1B CLA JL . 9.63 -31.12 -104.17
C2B CLA JL . 9.58 -29.98 -105.13
C3B CLA JL . 8.53 -29.20 -104.74
C4B CLA JL . 7.94 -29.83 -103.53
CMB CLA JL . 10.50 -29.85 -106.25
CAB CLA JL . 8.01 -28.00 -105.34
CBB CLA JL . 8.05 -26.79 -104.80
NC CLA JL . 6.27 -31.40 -101.58
C1C CLA JL . 6.08 -30.09 -101.94
C2C CLA JL . 4.89 -29.58 -101.28
C3C CLA JL . 4.34 -30.64 -100.56
C4C CLA JL . 5.22 -31.77 -100.76
CMC CLA JL . 4.39 -28.22 -101.43
CAC CLA JL . 3.13 -30.61 -99.75
CBC CLA JL . 3.38 -30.11 -98.36
ND CLA JL . 6.94 -34.10 -101.34
C1D CLA JL . 5.82 -34.15 -100.48
C2D CLA JL . 5.66 -35.52 -99.98
C3D CLA JL . 6.65 -36.26 -100.58
C4D CLA JL . 7.44 -35.32 -101.39
CMD CLA JL . 4.62 -35.98 -99.08
CAD CLA JL . 7.26 -37.56 -100.70
OBD CLA JL . 6.92 -38.62 -100.21
CBD CLA JL . 8.52 -37.38 -101.59
CGD CLA JL . 9.74 -37.80 -100.83
O1D CLA JL . 10.15 -38.95 -100.63
O2D CLA JL . 10.46 -36.77 -100.31
CED CLA JL . 11.87 -36.92 -100.32
C A86 KL . 16.62 -16.04 -102.09
O A86 KL . 12.20 -27.47 -104.27
C1 A86 KL . 16.05 -15.38 -103.38
C10 A86 KL . 11.92 -24.24 -104.37
C11 A86 KL . 12.91 -25.27 -104.08
C12 A86 KL . 14.36 -24.97 -104.33
C13 A86 KL . 12.49 -26.59 -103.55
C14 A86 KL . 12.46 -26.85 -101.90
C15 A86 KL . 13.57 -27.92 -101.60
C16 A86 KL . 14.98 -27.46 -101.78
C17 A86 KL . 15.37 -27.41 -103.25
C18 A86 KL . 15.45 -28.77 -103.79
C19 A86 KL . 14.10 -29.54 -103.59
C2 A86 KL . 15.07 -16.04 -104.15
C20 A86 KL . 13.33 -29.25 -102.20
C21 A86 KL . 11.82 -29.54 -102.58
C22 A86 KL . 15.93 -28.41 -100.99
C23 A86 KL . 15.12 -26.06 -101.21
C24 A86 KL . 16.55 -14.03 -103.85
C25 A86 KL . 17.45 -13.25 -103.10
C26 A86 KL . 17.90 -11.80 -103.74
C27 A86 KL . 17.27 -10.60 -103.39
C28 A86 KL . 16.16 -10.56 -102.41
C29 A86 KL . 17.78 -9.25 -104.11
C3 A86 KL . 14.57 -17.35 -103.76
C30 A86 KL . 17.91 -7.99 -103.37
C31 A86 KL . 18.04 -6.76 -102.66
C32 A86 KL . 19.19 -6.58 -101.64
C33 A86 KL . 19.51 -5.14 -101.24
C34 A86 KL . 18.22 -4.37 -100.96
C35 A86 KL . 17.41 -4.28 -102.26
C36 A86 KL . 16.95 -5.66 -102.72
C37 A86 KL . 15.76 -6.09 -101.85
C38 A86 KL . 17.31 -4.40 -98.75
C39 A86 KL . 16.86 -2.91 -98.73
C4 A86 KL . 14.81 -18.44 -104.62
C40 A86 KL . 18.83 -7.38 -100.37
C41 A86 KL . 20.46 -7.21 -102.27
C5 A86 KL . 14.25 -19.95 -104.19
C6 A86 KL . 12.91 -20.27 -104.42
C7 A86 KL . 11.93 -19.20 -105.09
C8 A86 KL . 12.39 -21.73 -103.99
C9 A86 KL . 12.43 -22.88 -104.91
O1 A86 KL . 13.23 -29.06 -100.73
O2 A86 KL . 15.75 -28.69 -105.16
O3 A86 KL . 16.52 -5.54 -104.05
O4 A86 KL . 17.46 -5.08 -100.01
O5 A86 KL . 17.53 -4.97 -97.75
C A86 LL . 2.30 -22.09 -99.01
O A86 LL . 12.49 -20.20 -90.18
C1 A86 LL . 1.84 -20.62 -98.81
C10 A86 LL . 9.83 -20.13 -92.54
C11 A86 LL . 10.80 -19.55 -91.66
C12 A86 LL . 10.74 -18.11 -91.27
C13 A86 LL . 11.88 -20.44 -91.17
C14 A86 LL . 12.18 -21.80 -92.08
C15 A86 LL . 13.07 -22.94 -91.42
C16 A86 LL . 12.56 -23.68 -90.20
C17 A86 LL . 13.23 -23.33 -88.87
C18 A86 LL . 14.67 -23.52 -88.98
C19 A86 LL . 15.23 -22.46 -89.99
C2 A86 LL . 2.51 -19.77 -97.91
C20 A86 LL . 14.54 -22.74 -91.43
C21 A86 LL . 15.04 -21.53 -92.31
C22 A86 LL . 12.81 -25.17 -90.53
C23 A86 LL . 11.06 -23.56 -89.99
C24 A86 LL . 0.68 -20.10 -99.63
C25 A86 LL . -0.13 -21.03 -100.35
C26 A86 LL . -1.37 -20.47 -101.27
C27 A86 LL . -2.61 -20.13 -100.67
C28 A86 LL . -2.81 -20.27 -99.22
C29 A86 LL . -3.83 -19.58 -101.55
C3 A86 LL . 3.64 -20.31 -97.17
C30 A86 LL . -4.28 -20.22 -102.77
C31 A86 LL . -4.76 -20.83 -103.97
C32 A86 LL . -5.85 -21.92 -103.91
C33 A86 LL . -5.77 -23.02 -104.99
C34 A86 LL . -5.26 -22.54 -106.35
C35 A86 LL . -3.99 -21.68 -106.23
C36 A86 LL . -4.27 -20.44 -105.37
C37 A86 LL . -2.98 -19.62 -105.22
C38 A86 LL . -6.12 -24.17 -107.84
C39 A86 LL . -6.48 -25.68 -107.83
C4 A86 LL . 4.31 -19.52 -96.23
C40 A86 LL . -7.23 -21.25 -103.98
C41 A86 LL . -5.71 -22.62 -102.52
C5 A86 LL . 5.61 -20.19 -95.44
C6 A86 LL . 6.52 -19.37 -94.78
C7 A86 LL . 6.32 -17.80 -94.77
C8 A86 LL . 7.77 -20.05 -94.06
C9 A86 LL . 8.66 -19.33 -93.14
O1 A86 LL . 13.90 -23.63 -92.42
O2 A86 LL . 15.28 -23.35 -87.73
O3 A86 LL . -5.22 -19.64 -106.03
O4 A86 LL . -4.97 -23.69 -107.11
O5 A86 LL . -6.79 -23.41 -108.44
C A86 ML . -0.93 -30.39 -101.69
O A86 ML . 6.17 -21.80 -109.52
C1 A86 ML . 0.25 -31.37 -101.96
C10 A86 ML . 4.31 -24.57 -108.29
C11 A86 ML . 5.42 -23.63 -108.27
C12 A86 ML . 6.69 -23.99 -107.55
C13 A86 ML . 5.28 -22.31 -108.95
C14 A86 ML . 3.79 -21.56 -108.80
C15 A86 ML . 3.20 -20.78 -110.03
C16 A86 ML . 2.79 -21.53 -111.30
C17 A86 ML . 3.59 -21.25 -112.57
C18 A86 ML . 3.70 -19.83 -112.83
C19 A86 ML . 4.55 -19.20 -111.68
C2 A86 ML . 1.22 -31.12 -102.94
C20 A86 ML . 3.72 -19.41 -110.31
C21 A86 ML . 4.72 -18.86 -109.23
C22 A86 ML . 1.34 -21.06 -111.57
C23 A86 ML . 2.69 -23.03 -111.11
C24 A86 ML . 0.43 -32.63 -101.13
C25 A86 ML . -0.57 -33.30 -100.37
C26 A86 ML . 0.02 -34.62 -99.59
C27 A86 ML . 0.10 -35.88 -100.21
C28 A86 ML . -0.38 -36.10 -101.59
C29 A86 ML . 0.72 -37.11 -99.37
C3 A86 ML . 1.19 -29.93 -103.78
C30 A86 ML . -0.09 -37.94 -98.48
C31 A86 ML . -0.86 -38.75 -97.59
C32 A86 ML . -2.27 -39.26 -97.99
C33 A86 ML . -3.00 -40.19 -96.99
C34 A86 ML . -2.60 -40.12 -95.50
C35 A86 ML . -1.51 -39.09 -95.16
C36 A86 ML . -0.37 -39.12 -96.19
C37 A86 ML . 0.72 -38.13 -95.76
C38 A86 ML . -4.22 -38.58 -94.42
C39 A86 ML . -4.32 -38.08 -92.95
C4 A86 ML . 2.04 -29.84 -104.89
C40 A86 ML . -3.18 -38.03 -98.30
C41 A86 ML . -2.11 -40.05 -99.31
C5 A86 ML . 2.02 -28.44 -105.79
C6 A86 ML . 3.22 -28.02 -106.38
C7 A86 ML . 4.55 -28.87 -106.20
C8 A86 ML . 3.21 -26.64 -107.21
C9 A86 ML . 4.45 -25.92 -107.54
O1 A86 ML . 2.45 -19.59 -109.58
O2 A86 ML . 4.34 -19.59 -114.06
O3 A86 ML . 0.19 -40.41 -96.21
O4 A86 ML . -3.77 -39.93 -94.70
O5 A86 ML . -4.54 -37.86 -95.29
C A86 NL . -4.19 -21.82 -92.81
O A86 NL . 4.08 -31.47 -89.52
C1 A86 NL . -3.25 -20.66 -92.35
C10 A86 NL . 2.64 -28.46 -90.28
C11 A86 NL . 3.63 -29.46 -90.59
C12 A86 NL . 4.91 -29.10 -91.29
C13 A86 NL . 3.34 -30.87 -90.19
C14 A86 NL . 1.89 -31.54 -90.71
C15 A86 NL . 1.38 -32.78 -89.89
C16 A86 NL . 1.03 -32.61 -88.42
C17 A86 NL . 2.12 -33.03 -87.44
C18 A86 NL . 2.50 -34.42 -87.65
C19 A86 NL . 3.12 -34.58 -89.08
C2 A86 NL . -2.01 -20.92 -91.73
C20 A86 NL . 2.05 -34.09 -90.19
C21 A86 NL . 2.88 -34.10 -91.53
C22 A86 NL . -0.25 -33.46 -88.14
C23 A86 NL . 0.62 -31.17 -88.09
C24 A86 NL . -3.63 -19.21 -92.55
C25 A86 NL . -4.53 -18.64 -91.61
C26 A86 NL . -4.94 -17.06 -91.78
C27 A86 NL . -6.05 -16.70 -92.56
C28 A86 NL . -6.88 -17.71 -93.26
C29 A86 NL . -6.40 -15.13 -92.69
C3 A86 NL . -1.59 -22.29 -91.51
C30 A86 NL . -7.70 -14.71 -93.20
C31 A86 NL . -8.97 -14.30 -93.69
C32 A86 NL . -10.03 -13.72 -92.73
C33 A86 NL . -11.51 -13.97 -93.11
C34 A86 NL . -11.80 -13.96 -94.63
C35 A86 NL . -10.79 -14.82 -95.41
C36 A86 NL . -9.35 -14.36 -95.18
C37 A86 NL . -8.40 -15.37 -95.86
C38 A86 NL . -14.04 -13.54 -95.36
C39 A86 NL . -15.18 -14.01 -96.30
C4 A86 NL . -0.28 -22.56 -91.10
C40 A86 NL . -9.80 -12.19 -92.62
C41 A86 NL . -9.79 -14.37 -91.34
C5 A86 NL . 0.11 -24.15 -90.84
C6 A86 NL . 1.43 -24.63 -90.85
C7 A86 NL . 2.67 -23.68 -91.12
C8 A86 NL . 1.58 -26.20 -90.56
C9 A86 NL . 2.82 -26.96 -90.64
O1 A86 NL . 0.68 -33.81 -90.69
O2 A86 NL . 3.46 -34.79 -86.68
O3 A86 NL . -9.16 -13.09 -95.76
O4 A86 NL . -13.09 -14.49 -94.82
O5 A86 NL . -13.95 -12.40 -95.07
C A86 OL . 23.74 -12.65 -86.28
O A86 OL . 12.34 -13.29 -91.60
C1 A86 OL . 23.35 -13.81 -85.32
C10 A86 OL . 15.93 -13.40 -91.43
C11 A86 OL . 14.55 -13.47 -90.99
C12 A86 OL . 14.20 -14.08 -89.66
C13 A86 OL . 13.45 -12.93 -91.82
C14 A86 OL . 13.72 -11.84 -93.05
C15 A86 OL . 13.22 -10.37 -92.83
C16 A86 OL . 12.03 -10.03 -91.96
C17 A86 OL . 10.70 -10.26 -92.68
C18 A86 OL . 10.50 -9.26 -93.73
C19 A86 OL . 11.72 -9.28 -94.74
C2 A86 OL . 22.10 -14.44 -85.42
C20 A86 OL . 13.17 -9.53 -94.07
C21 A86 OL . 13.97 -10.10 -95.30
C22 A86 OL . 12.16 -8.53 -91.53
C23 A86 OL . 12.00 -10.79 -90.65
C24 A86 OL . 24.29 -14.25 -84.22
C25 A86 OL . 23.68 -14.45 -82.96
C26 A86 OL . 24.47 -14.94 -81.62
C27 A86 OL . 25.80 -14.54 -81.35
C28 A86 OL . 26.51 -13.65 -82.29
C29 A86 OL . 26.49 -15.06 -80.00
C3 A86 OL . 21.12 -14.04 -86.45
C30 A86 OL . 27.93 -14.92 -79.76
C31 A86 OL . 29.33 -14.81 -79.47
C32 A86 OL . 29.78 -14.29 -78.09
C33 A86 OL . 31.26 -13.85 -78.06
C34 A86 OL . 32.22 -14.90 -78.63
C35 A86 OL . 31.76 -15.42 -80.00
C36 A86 OL . 30.29 -15.88 -79.98
C37 A86 OL . 29.87 -16.27 -81.42
C38 A86 OL . 34.48 -14.63 -77.85
C39 A86 OL . 35.08 -16.05 -77.84
C4 A86 OL . 20.60 -14.95 -87.38
C40 A86 OL . 29.58 -15.41 -77.05
C41 A86 OL . 28.90 -13.07 -77.72
C5 A86 OL . 19.49 -14.38 -88.47
C6 A86 OL . 18.14 -14.45 -88.10
C7 A86 OL . 17.78 -15.08 -86.69
C8 A86 OL . 16.98 -13.91 -89.07
C9 A86 OL . 17.08 -13.96 -90.54
O1 A86 OL . 14.24 -9.33 -93.08
O2 A86 OL . 9.31 -9.55 -94.42
O3 A86 OL . 30.20 -17.00 -79.15
O4 A86 OL . 33.46 -14.28 -78.81
O5 A86 OL . 34.84 -13.81 -77.07
C A86 PL . 23.67 -29.11 -111.97
O A86 PL . 22.67 -24.79 -124.53
C1 A86 PL . 23.75 -30.63 -112.35
C10 A86 PL . 23.03 -26.76 -121.56
C11 A86 PL . 23.25 -26.41 -122.94
C12 A86 PL . 24.09 -27.26 -123.85
C13 A86 PL . 22.62 -25.15 -123.41
C14 A86 PL . 21.81 -24.27 -122.23
C15 A86 PL . 21.19 -22.89 -122.64
C16 A86 PL . 19.97 -22.86 -123.56
C17 A86 PL . 20.20 -22.37 -124.98
C18 A86 PL . 20.88 -21.07 -124.96
C19 A86 PL . 22.31 -21.33 -124.42
C2 A86 PL . 23.53 -31.07 -113.66
C20 A86 PL . 22.15 -21.76 -122.88
C21 A86 PL . 23.63 -22.02 -122.44
C22 A86 PL . 18.96 -21.89 -122.89
C23 A86 PL . 19.26 -24.19 -123.62
C24 A86 PL . 24.09 -31.68 -111.31
C25 A86 PL . 23.35 -32.88 -111.42
C26 A86 PL . 23.57 -34.16 -110.43
C27 A86 PL . 23.21 -34.19 -109.06
C28 A86 PL . 22.59 -33.05 -108.36
C29 A86 PL . 23.50 -35.56 -108.29
C3 A86 PL . 23.22 -30.08 -114.70
C30 A86 PL . 23.70 -35.56 -106.85
C31 A86 PL . 23.90 -35.61 -105.45
C32 A86 PL . 22.81 -36.20 -104.54
C33 A86 PL . 22.97 -35.89 -103.05
C34 A86 PL . 24.40 -36.10 -102.55
C35 A86 PL . 25.41 -35.29 -103.38
C36 A86 PL . 25.32 -35.61 -104.87
C37 A86 PL . 26.13 -34.55 -105.65
C38 A86 PL . 24.83 -36.59 -100.23
C39 A86 PL . 24.07 -37.93 -100.15
C4 A86 PL . 23.64 -30.30 -116.01
C40 A86 PL . 22.76 -37.74 -104.73
C41 A86 PL . 21.44 -35.64 -105.01
C5 A86 PL . 23.28 -29.17 -117.16
C6 A86 PL . 23.91 -29.14 -118.40
C7 A86 PL . 25.01 -30.22 -118.82
C8 A86 PL . 23.44 -27.99 -119.40
C9 A86 PL . 23.59 -28.01 -120.86
O1 A86 PL . 21.39 -21.85 -121.61
O2 A86 PL . 20.98 -20.48 -126.22
O3 A86 PL . 25.92 -36.86 -105.11
O4 A86 PL . 24.45 -35.61 -101.23
O5 A86 PL . 25.72 -36.37 -99.50
MG CLA QL . 7.16 -19.33 -115.91
CHA CLA QL . 8.74 -16.42 -114.93
CHB CLA QL . 6.50 -17.97 -118.93
CHC CLA QL . 5.70 -22.28 -116.86
CHD CLA QL . 7.63 -20.63 -112.66
NA CLA QL . 7.59 -17.49 -116.77
C1A CLA QL . 8.28 -16.40 -116.22
C2A CLA QL . 8.37 -15.25 -117.23
C3A CLA QL . 7.63 -15.79 -118.46
C4A CLA QL . 7.21 -17.19 -118.04
CMA CLA QL . 6.42 -14.94 -118.80
CAA CLA QL . 9.79 -14.96 -117.68
CBA CLA QL . 10.57 -16.23 -117.98
CGA CLA QL . 12.02 -15.93 -118.15
O1A CLA QL . 12.57 -15.12 -118.89
O2A CLA QL . 12.79 -16.71 -117.33
NB CLA QL . 6.40 -20.05 -117.62
C1B CLA QL . 6.05 -19.27 -118.66
C2B CLA QL . 5.06 -19.96 -119.51
C3B CLA QL . 4.82 -21.18 -118.95
C4B CLA QL . 5.67 -21.24 -117.73
CMB CLA QL . 4.48 -19.37 -120.71
CAB CLA QL . 3.93 -22.23 -119.33
CBB CLA QL . 2.71 -22.38 -118.82
NC CLA QL . 6.78 -21.13 -114.94
C1C CLA QL . 6.22 -22.21 -115.55
C2C CLA QL . 6.18 -23.33 -114.63
C3C CLA QL . 6.64 -22.86 -113.42
C4C CLA QL . 7.01 -21.47 -113.61
CMC CLA QL . 5.70 -24.67 -114.97
CAC CLA QL . 6.80 -23.66 -112.22
CBC CLA QL . 8.22 -24.12 -112.02
ND CLA QL . 7.88 -18.69 -114.14
C1D CLA QL . 8.05 -19.35 -112.90
C2D CLA QL . 8.75 -18.45 -111.98
C3D CLA QL . 9.03 -17.31 -112.70
C4D CLA QL . 8.48 -17.52 -114.04
CMD CLA QL . 9.08 -18.79 -110.61
CAD CLA QL . 9.63 -16.00 -112.68
OBD CLA QL . 10.16 -15.41 -111.75
CBD CLA QL . 9.49 -15.41 -114.10
CGD CLA QL . 8.79 -14.10 -114.10
O1D CLA QL . 7.80 -13.78 -113.43
O2D CLA QL . 9.34 -13.19 -114.94
CED CLA QL . 8.52 -12.13 -115.40
C1 CLA QL . 14.13 -17.02 -117.76
C2 CLA QL . 14.55 -18.12 -116.88
C3 CLA QL . 15.75 -18.72 -116.92
C4 CLA QL . 16.81 -18.32 -117.86
C5 CLA QL . 16.06 -19.82 -115.98
C6 CLA QL . 16.83 -19.33 -114.77
C7 CLA QL . 16.88 -20.42 -113.72
C8 CLA QL . 16.81 -19.83 -112.32
C9 CLA QL . 18.02 -18.96 -112.05
C10 CLA QL . 16.73 -20.95 -111.29
C11 CLA QL . 17.88 -21.92 -111.40
C12 CLA QL . 17.44 -23.31 -110.98
C13 CLA QL . 18.61 -24.27 -110.89
C14 CLA QL . 19.40 -24.30 -112.18
C15 CLA QL . 18.13 -25.68 -110.54
C16 CLA QL . 18.78 -26.21 -109.28
C17 CLA QL . 20.14 -26.82 -109.53
C18 CLA QL . 20.63 -27.60 -108.34
C19 CLA QL . 20.02 -28.98 -108.31
C20 CLA QL . 22.14 -27.71 -108.34
C A86 RL . 21.73 -19.28 -106.92
O A86 RL . 19.89 -29.83 -100.76
C1 A86 RL . 20.65 -19.66 -107.97
C10 A86 RL . 19.66 -28.66 -103.83
C11 A86 RL . 20.50 -28.68 -102.65
C12 A86 RL . 21.35 -27.48 -102.35
C13 A86 RL . 20.53 -29.85 -101.74
C14 A86 RL . 21.49 -31.18 -102.08
C15 A86 RL . 22.93 -30.82 -101.62
C16 A86 RL . 24.06 -30.95 -102.64
C17 A86 RL . 25.46 -31.41 -102.23
C18 A86 RL . 25.73 -31.55 -100.80
C19 A86 RL . 24.52 -32.25 -100.11
C2 A86 RL . 20.02 -20.92 -107.94
C20 A86 RL . 23.32 -31.18 -100.22
C21 A86 RL . 22.16 -31.86 -99.40
C22 A86 RL . 23.63 -31.89 -103.81
C23 A86 RL . 24.25 -29.59 -103.27
C24 A86 RL . 20.22 -18.67 -109.03
C25 A86 RL . 20.99 -17.53 -109.33
C26 A86 RL . 20.46 -16.50 -110.50
C27 A86 RL . 20.75 -15.13 -110.40
C28 A86 RL . 21.52 -14.61 -109.26
C29 A86 RL . 20.23 -14.12 -111.54
C3 A86 RL . 20.37 -21.95 -106.94
C30 A86 RL . 20.88 -12.82 -111.70
C31 A86 RL . 21.50 -11.55 -111.88
C32 A86 RL . 21.32 -10.44 -110.81
C33 A86 RL . 21.81 -9.03 -111.15
C34 A86 RL . 23.02 -9.00 -112.07
C35 A86 RL . 22.84 -9.87 -113.34
C36 A86 RL . 21.89 -11.07 -113.29
C37 A86 RL . 20.62 -10.78 -114.12
C38 A86 RL . 24.31 -7.35 -113.27
C39 A86 RL . 25.75 -7.54 -112.73
C4 A86 RL . 19.62 -23.14 -107.00
C40 A86 RL . 19.81 -10.35 -110.52
C41 A86 RL . 22.03 -10.89 -109.52
C5 A86 RL . 19.84 -24.42 -105.96
C6 A86 RL . 18.68 -25.05 -105.53
C7 A86 RL . 17.27 -24.51 -106.05
C8 A86 RL . 18.71 -26.32 -104.53
C9 A86 RL . 19.64 -27.44 -104.75
O1 A86 RL . 22.87 -29.82 -100.53
O2 A86 RL . 26.90 -32.30 -100.60
O3 A86 RL . 22.54 -12.15 -113.90
O4 A86 RL . 23.17 -7.66 -112.43
O5 A86 RL . 24.12 -6.95 -114.37
MG CLA SL . 26.58 -16.00 -140.53
CHA CLA SL . 25.78 -13.05 -142.10
CHB CLA SL . 23.32 -16.99 -140.71
CHC CLA SL . 27.46 -18.93 -139.00
CHD CLA SL . 29.96 -14.96 -140.45
NA CLA SL . 24.86 -15.13 -141.29
C1A CLA SL . 24.73 -13.90 -141.92
C2A CLA SL . 23.28 -13.65 -142.35
C3A CLA SL . 22.54 -14.85 -141.74
C4A CLA SL . 23.64 -15.75 -141.22
CMA CLA SL . 21.77 -14.33 -140.58
CAA CLA SL . 23.09 -13.62 -143.86
CBA CLA SL . 22.61 -14.91 -144.47
CGA CLA SL . 23.27 -15.06 -145.81
O1A CLA SL . 23.46 -14.19 -146.66
O2A CLA SL . 23.69 -16.34 -146.06
NB CLA SL . 25.58 -17.62 -139.94
C1B CLA SL . 24.26 -17.87 -140.16
C2B CLA SL . 23.91 -19.22 -139.62
C3B CLA SL . 25.09 -19.76 -139.14
C4B CLA SL . 26.16 -18.76 -139.33
CMB CLA SL . 22.57 -19.77 -139.68
CAB CLA SL . 25.33 -21.03 -138.55
CBB CLA SL . 24.82 -21.43 -137.39
NC CLA SL . 28.39 -16.80 -139.86
C1C CLA SL . 28.52 -18.01 -139.26
C2C CLA SL . 29.91 -18.23 -138.90
C3C CLA SL . 30.62 -17.11 -139.32
C4C CLA SL . 29.66 -16.22 -139.92
CMC CLA SL . 30.46 -19.41 -138.23
CAC CLA SL . 32.06 -16.87 -139.16
CBC CLA SL . 32.87 -17.38 -140.33
ND CLA SL . 27.68 -14.44 -141.15
C1D CLA SL . 29.05 -14.09 -141.00
C2D CLA SL . 29.28 -12.75 -141.52
C3D CLA SL . 28.06 -12.29 -141.95
C4D CLA SL . 27.10 -13.39 -141.70
CMD CLA SL . 30.57 -12.06 -141.53
CAD CLA SL . 27.34 -11.22 -142.58
OBD CLA SL . 27.76 -10.15 -143.02
CBD CLA SL . 25.85 -11.63 -142.60
CGD CLA SL . 25.04 -10.81 -141.65
O1D CLA SL . 25.11 -10.85 -140.42
O2D CLA SL . 24.17 -9.95 -142.24
CED CLA SL . 23.66 -8.89 -141.44
C1 CLA SL . 24.80 -16.80 -145.27
C2 CLA SL . 24.39 -18.09 -144.67
C3 CLA SL . 25.13 -18.73 -143.75
C4 CLA SL . 26.41 -18.15 -143.26
C5 CLA SL . 24.71 -20.03 -143.16
C6 CLA SL . 25.59 -21.17 -143.61
C7 CLA SL . 25.23 -22.46 -142.90
C8 CLA SL . 25.31 -23.67 -143.81
C9 CLA SL . 24.01 -23.85 -144.58
C10 CLA SL . 25.60 -24.94 -143.02
C11 CLA SL . 26.77 -25.69 -143.61
C12 CLA SL . 28.06 -25.35 -142.89
C13 CLA SL . 29.05 -26.51 -142.80
C14 CLA SL . 28.38 -27.85 -142.54
C15 CLA SL . 30.08 -26.24 -141.72
C16 CLA SL . 31.45 -26.10 -142.34
C17 CLA SL . 32.47 -25.60 -141.35
C18 CLA SL . 32.82 -26.63 -140.29
C19 CLA SL . 33.86 -26.07 -139.33
C20 CLA SL . 33.36 -27.88 -140.93
MG CLA TL . 22.04 -26.39 -136.47
CHA CLA TL . 19.10 -25.07 -137.75
CHB CLA TL . 23.75 -25.26 -139.16
CHC CLA TL . 24.91 -27.79 -135.19
CHD CLA TL . 20.22 -27.74 -133.78
NA CLA TL . 21.48 -25.31 -138.17
C1A CLA TL . 20.21 -24.84 -138.53
C2A CLA TL . 20.30 -24.11 -139.89
C3A CLA TL . 21.79 -24.19 -140.26
C4A CLA TL . 22.40 -24.97 -139.12
CMA CLA TL . 22.01 -24.95 -141.55
CAA CLA TL . 19.90 -22.64 -139.83
CBA CLA TL . 19.95 -21.95 -141.18
CGA CLA TL . 19.04 -22.60 -142.18
O1A CLA TL . 19.25 -23.60 -142.87
O2A CLA TL . 17.83 -21.96 -142.29
NB CLA TL . 23.98 -26.37 -136.99
C1B CLA TL . 24.45 -26.01 -138.20
C2B CLA TL . 25.82 -26.55 -138.41
C3B CLA TL . 26.14 -27.27 -137.28
C4B CLA TL . 24.98 -27.17 -136.39
CMB CLA TL . 26.55 -26.32 -139.64
CAB CLA TL . 27.28 -28.05 -136.90
CBB CLA TL . 28.57 -27.85 -137.17
NC CLA TL . 22.48 -27.51 -134.78
C1C CLA TL . 23.73 -27.96 -134.45
C2C CLA TL . 23.69 -28.69 -133.20
C3C CLA TL . 22.35 -28.73 -132.82
C4C CLA TL . 21.60 -27.98 -133.82
CMC CLA TL . 24.86 -29.27 -132.56
CAC CLA TL . 21.80 -29.37 -131.62
CBC CLA TL . 21.88 -28.43 -130.45
ND CLA TL . 20.11 -26.50 -135.89
C1D CLA TL . 19.51 -27.05 -134.74
C2D CLA TL . 18.08 -26.76 -134.76
C3D CLA TL . 17.85 -26.00 -135.89
C4D CLA TL . 19.16 -25.85 -136.56
CMD CLA TL . 17.15 -27.21 -133.73
CAD CLA TL . 16.88 -25.30 -136.68
OBD CLA TL . 15.67 -25.18 -136.52
CBD CLA TL . 17.65 -24.67 -137.88
CGD CLA TL . 17.10 -25.13 -139.20
O1D CLA TL . 17.65 -25.82 -140.05
O2D CLA TL . 15.82 -24.71 -139.43
CED CLA TL . 15.64 -23.52 -140.20
MG CLA UL . 30.40 -29.16 -117.55
CHA CLA UL . 31.11 -31.63 -115.24
CHB CLA UL . 28.67 -31.40 -119.42
CHC CLA UL . 29.49 -26.63 -119.64
CHD CLA UL . 32.23 -26.89 -115.57
NA CLA UL . 30.00 -31.20 -117.36
C1A CLA UL . 30.36 -32.04 -116.31
C2A CLA UL . 29.83 -33.44 -116.56
C3A CLA UL . 29.32 -33.38 -118.02
C4A CLA UL . 29.30 -31.88 -118.30
CMA CLA UL . 30.23 -34.09 -118.96
CAA CLA UL . 28.64 -33.82 -115.67
CBA CLA UL . 27.93 -32.74 -114.88
CGA CLA UL . 27.17 -31.77 -115.73
O1A CLA UL . 26.16 -31.95 -116.42
O2A CLA UL . 27.73 -30.52 -115.70
NB CLA UL . 29.40 -29.06 -119.28
C1B CLA UL . 28.61 -30.05 -119.77
C2B CLA UL . 27.67 -29.51 -120.77
C3B CLA UL . 27.90 -28.16 -120.84
C4B CLA UL . 28.99 -27.86 -119.89
CMB CLA UL . 26.68 -30.34 -121.47
CAB CLA UL . 27.24 -27.15 -121.63
CBB CLA UL . 27.79 -26.53 -122.66
NC CLA UL . 30.81 -27.13 -117.60
C1C CLA UL . 30.35 -26.28 -118.56
C2C CLA UL . 30.83 -24.94 -118.29
C3C CLA UL . 31.59 -25.01 -117.13
C4C CLA UL . 31.58 -26.39 -116.71
CMC CLA UL . 30.51 -23.77 -119.10
CAC CLA UL . 32.29 -23.92 -116.45
CBC CLA UL . 31.51 -23.37 -115.28
ND CLA UL . 31.37 -29.16 -115.78
C1D CLA UL . 32.15 -28.19 -115.12
C2D CLA UL . 32.79 -28.77 -113.94
C3D CLA UL . 32.36 -30.09 -113.90
C4D CLA UL . 31.53 -30.28 -115.09
CMD CLA UL . 33.64 -28.04 -113.02
CAD CLA UL . 32.44 -31.36 -113.21
OBD CLA UL . 32.94 -31.64 -112.14
CBD CLA UL . 31.68 -32.39 -114.09
CGD CLA UL . 32.58 -33.46 -114.61
O1D CLA UL . 32.27 -34.61 -114.92
O2D CLA UL . 33.88 -33.07 -114.75
CED CLA UL . 34.36 -32.89 -116.08
C1 CLA UL . 27.02 -29.41 -115.12
C2 CLA UL . 27.70 -28.20 -115.65
C3 CLA UL . 27.50 -26.96 -115.19
C4 CLA UL . 26.58 -26.68 -114.06
C5 CLA UL . 28.22 -25.80 -115.78
C6 CLA UL . 27.31 -24.67 -116.20
C7 CLA UL . 26.47 -25.02 -117.41
C8 CLA UL . 25.34 -24.01 -117.57
C9 CLA UL . 23.99 -24.70 -117.56
C10 CLA UL . 25.50 -23.19 -118.84
C11 CLA UL . 24.93 -21.79 -118.69
C12 CLA UL . 25.51 -21.08 -117.48
C13 CLA UL . 25.74 -19.59 -117.75
C14 CLA UL . 27.19 -19.33 -118.10
C15 CLA UL . 25.35 -18.75 -116.54
C16 CLA UL . 23.94 -19.05 -116.07
C17 CLA UL . 23.45 -18.00 -115.09
C18 CLA UL . 22.28 -18.52 -114.27
C19 CLA UL . 21.22 -17.44 -114.11
C20 CLA UL . 22.76 -18.98 -112.91
MG CLA VL . 20.09 -35.47 -111.12
CHA CLA VL . 17.92 -32.92 -110.23
CHB CLA VL . 20.99 -33.76 -113.89
CHC CLA VL . 22.13 -38.09 -112.03
CHD CLA VL . 19.02 -37.31 -108.32
NA CLA VL . 19.56 -33.61 -111.89
C1A CLA VL . 18.63 -32.70 -111.39
C2A CLA VL . 18.54 -31.48 -112.31
C3A CLA VL . 19.60 -31.75 -113.41
C4A CLA VL . 20.09 -33.15 -113.05
CMA CLA VL . 19.09 -31.64 -114.83
CAA CLA VL . 18.89 -30.17 -111.66
CBA CLA VL . 17.69 -29.25 -111.65
CGA CLA VL . 16.79 -29.59 -112.80
O1A CLA VL . 15.75 -30.24 -112.81
O2A CLA VL . 17.25 -29.07 -113.98
NB CLA VL . 21.20 -35.92 -112.72
C1B CLA VL . 21.56 -35.01 -113.65
C2B CLA VL . 22.74 -35.46 -114.40
C3B CLA VL . 23.09 -36.69 -113.89
C4B CLA VL . 22.13 -36.98 -112.79
CMB CLA VL . 23.31 -34.60 -115.45
CAB CLA VL . 24.16 -37.59 -114.20
CBB CLA VL . 25.41 -37.26 -114.59
NC CLA VL . 20.52 -37.35 -110.30
C1C CLA VL . 21.36 -38.26 -110.85
C2C CLA VL . 21.38 -39.48 -110.04
C3C CLA VL . 20.52 -39.24 -108.97
C4C CLA VL . 19.96 -37.91 -109.15
CMC CLA VL . 22.17 -40.67 -110.32
CAC CLA VL . 20.16 -40.16 -107.87
CBC CLA VL . 18.91 -40.95 -108.18
ND CLA VL . 18.98 -35.14 -109.47
C1D CLA VL . 18.55 -36.03 -108.46
C2D CLA VL . 17.55 -35.34 -107.61
C3D CLA VL . 17.33 -34.12 -108.21
C4D CLA VL . 18.17 -34.08 -109.41
CMD CLA VL . 16.98 -35.91 -106.40
CAD CLA VL . 16.62 -32.87 -108.13
OBD CLA VL . 15.96 -32.39 -107.22
CBD CLA VL . 16.82 -32.19 -109.51
CGD CLA VL . 15.54 -32.22 -110.30
O1D CLA VL . 14.59 -31.45 -110.26
O2D CLA VL . 15.48 -33.27 -111.17
CED CLA VL . 14.61 -34.35 -110.80
MG CLA WL . 27.04 -37.67 -130.04
CHA CLA WL . 29.29 -39.66 -131.76
CHB CLA WL . 28.47 -34.90 -131.37
CHC CLA WL . 24.75 -35.77 -128.35
CHD CLA WL . 25.51 -40.61 -128.78
NA CLA WL . 28.64 -37.36 -131.35
C1A CLA WL . 29.46 -38.31 -131.96
C2A CLA WL . 30.50 -37.63 -132.87
C3A CLA WL . 30.22 -36.12 -132.67
C4A CLA WL . 29.02 -36.10 -131.73
CMA CLA WL . 31.41 -35.37 -132.13
CAA CLA WL . 30.30 -37.92 -134.35
CBA CLA WL . 28.86 -37.77 -134.81
CGA CLA WL . 28.18 -39.11 -134.90
O1A CLA WL . 28.47 -40.08 -135.60
O2A CLA WL . 27.11 -39.21 -134.06
NB CLA WL . 26.72 -35.71 -129.84
C1B CLA WL . 27.36 -34.73 -130.52
C2B CLA WL . 26.71 -33.43 -130.26
C3B CLA WL . 25.66 -33.66 -129.41
C4B CLA WL . 25.64 -35.12 -129.13
CMB CLA WL . 27.17 -32.18 -130.86
CAB CLA WL . 24.69 -32.76 -128.86
CBB CLA WL . 23.78 -32.09 -129.58
NC CLA WL . 25.45 -38.12 -128.77
C1C CLA WL . 24.66 -37.18 -128.17
C2C CLA WL . 23.66 -37.83 -127.34
C3C CLA WL . 23.85 -39.20 -127.49
C4C CLA WL . 24.98 -39.37 -128.40
CMC CLA WL . 22.66 -37.13 -126.54
CAC CLA WL . 23.09 -40.28 -126.86
CBC CLA WL . 23.73 -40.76 -125.56
ND CLA WL . 27.27 -39.67 -130.20
C1D CLA WL . 26.58 -40.77 -129.63
C2D CLA WL . 27.20 -42.03 -130.08
C3D CLA WL . 28.27 -41.66 -130.87
C4D CLA WL . 28.26 -40.18 -130.92
CMD CLA WL . 26.73 -43.35 -129.71
CAD CLA WL . 29.37 -42.12 -131.69
OBD CLA WL . 29.75 -43.26 -131.92
CBD CLA WL . 30.06 -40.86 -132.27
CGD CLA WL . 31.49 -40.73 -131.86
O1D CLA WL . 32.46 -40.49 -132.60
O2D CLA WL . 31.73 -40.89 -130.53
CED CLA WL . 32.94 -40.36 -130.02
MG CLA XL . 16.15 -26.41 -128.83
CHA CLA XL . 16.00 -24.48 -131.68
CHB CLA XL . 12.77 -26.59 -128.75
CHC CLA XL . 16.37 -28.39 -126.04
CHD CLA XL . 19.68 -26.14 -128.86
NA CLA XL . 14.64 -25.63 -130.04
C1A CLA XL . 14.78 -24.85 -131.20
C2A CLA XL . 13.40 -24.46 -131.74
C3A CLA XL . 12.42 -25.06 -130.71
C4A CLA XL . 13.32 -25.82 -129.75
CMA CLA XL . 11.64 -23.98 -130.00
CAA CLA XL . 13.07 -25.01 -133.11
CBA CLA XL . 12.86 -23.87 -134.09
CGA CLA XL . 12.16 -22.72 -133.46
O1A CLA XL . 12.64 -21.72 -132.91
O2A CLA XL . 10.79 -22.82 -133.54
NB CLA XL . 14.82 -27.29 -127.60
C1B CLA XL . 13.48 -27.34 -127.81
C2B CLA XL . 12.87 -28.32 -126.88
C3B CLA XL . 13.89 -28.84 -126.11
C4B CLA XL . 15.14 -28.18 -126.55
CMB CLA XL . 11.44 -28.60 -126.84
CAB CLA XL . 13.85 -29.80 -125.05
CBB CLA XL . 14.36 -31.03 -125.07
NC CLA XL . 17.74 -27.12 -127.68
C1C CLA XL . 17.59 -27.88 -126.56
C2C CLA XL . 18.87 -28.17 -125.94
C3C CLA XL . 19.83 -27.57 -126.76
C4C CLA XL . 19.10 -26.89 -127.84
CMC CLA XL . 19.01 -28.96 -124.71
CAC CLA XL . 21.29 -27.53 -126.56
CBC CLA XL . 22.00 -28.84 -126.80
ND CLA XL . 17.57 -25.58 -129.99
C1D CLA XL . 18.97 -25.53 -129.88
C2D CLA XL . 19.51 -24.74 -131.00
C3D CLA XL . 18.43 -24.35 -131.74
C4D CLA XL . 17.23 -24.87 -131.05
CMD CLA XL . 20.93 -24.49 -131.25
CAD CLA XL . 17.99 -23.60 -132.90
OBD CLA XL . 18.65 -23.03 -133.76
CBD CLA XL . 16.43 -23.65 -132.88
CGD CLA XL . 15.82 -22.28 -132.90
O1D CLA XL . 15.34 -21.70 -133.87
O2D CLA XL . 15.85 -21.65 -131.69
CED CLA XL . 15.99 -20.23 -131.75
MG CLA YL . 24.38 -12.15 -124.19
CHA CLA YL . 21.35 -10.52 -124.09
CHB CLA YL . 25.94 -9.24 -124.84
CHC CLA YL . 27.35 -13.86 -124.36
CHD CLA YL . 22.71 -15.19 -123.58
NA CLA YL . 23.72 -10.19 -124.41
C1A CLA YL . 22.41 -9.70 -124.35
C2A CLA YL . 22.40 -8.17 -124.62
C3A CLA YL . 23.89 -7.81 -124.63
C4A CLA YL . 24.59 -9.17 -124.66
CMA CLA YL . 24.24 -6.91 -125.79
CAA CLA YL . 21.70 -7.26 -123.65
CBA CLA YL . 20.80 -6.32 -124.42
CGA CLA YL . 20.65 -5.07 -123.63
O1A CLA YL . 21.49 -4.22 -123.34
O2A CLA YL . 19.38 -4.89 -123.19
NB CLA YL . 26.27 -11.65 -124.61
C1B CLA YL . 26.71 -10.41 -124.82
C2B CLA YL . 28.17 -10.40 -124.96
C3B CLA YL . 28.61 -11.71 -124.83
C4B CLA YL . 27.39 -12.52 -124.56
CMB CLA YL . 28.88 -9.16 -125.16
CAB CLA YL . 29.93 -12.27 -124.84
CBB CLA YL . 30.86 -12.07 -125.76
NC CLA YL . 24.92 -14.15 -123.97
C1C CLA YL . 26.19 -14.62 -124.07
C2C CLA YL . 26.19 -16.06 -123.85
C3C CLA YL . 24.88 -16.43 -123.66
C4C CLA YL . 24.09 -15.23 -123.74
CMC CLA YL . 27.38 -16.90 -123.85
CAC CLA YL . 24.37 -17.77 -123.39
CBC CLA YL . 24.28 -18.03 -121.91
ND CLA YL . 22.53 -12.76 -123.76
C1D CLA YL . 21.97 -14.05 -123.61
C2D CLA YL . 20.52 -13.94 -123.40
C3D CLA YL . 20.25 -12.59 -123.50
C4D CLA YL . 21.52 -11.91 -123.79
CMD CLA YL . 19.62 -15.04 -123.11
CAD CLA YL . 19.26 -11.58 -123.37
OBD CLA YL . 18.19 -11.66 -122.79
CBD CLA YL . 19.87 -10.29 -123.96
CGD CLA YL . 19.31 -9.92 -125.28
O1D CLA YL . 18.95 -8.80 -125.66
O2D CLA YL . 19.19 -10.98 -126.12
CED CLA YL . 18.72 -10.71 -127.45
C1 CLA YL . 18.40 -4.62 -124.22
C2 CLA YL . 17.15 -4.34 -123.48
C3 CLA YL . 16.35 -5.31 -123.05
C4 CLA YL . 16.62 -6.74 -123.30
C5 CLA YL . 15.11 -5.00 -122.31
C6 CLA YL . 13.92 -5.17 -123.21
C7 CLA YL . 13.47 -3.83 -123.73
C8 CLA YL . 11.96 -3.60 -123.57
C9 CLA YL . 11.63 -2.14 -123.80
C10 CLA YL . 11.46 -4.02 -122.19
C11 CLA YL . 10.32 -5.01 -122.30
C12 CLA YL . 9.74 -5.31 -120.92
C13 CLA YL . 8.22 -5.38 -120.93
C14 CLA YL . 7.62 -4.13 -121.56
C15 CLA YL . 7.68 -5.63 -119.51
C16 CLA YL . 6.20 -5.34 -119.38
C17 CLA YL . 5.83 -4.92 -117.97
C18 CLA YL . 4.89 -3.72 -117.94
C19 CLA YL . 5.46 -2.53 -118.70
C20 CLA YL . 3.53 -4.07 -118.51
MG CLA ZL . 38.51 -8.55 -135.37
CHA CLA ZL . 36.03 -7.57 -133.13
CHB CLA ZL . 38.86 -5.36 -136.41
CHC CLA ZL . 40.98 -9.60 -137.51
CHD CLA ZL . 37.86 -11.93 -134.54
NA CLA ZL . 37.60 -6.75 -134.80
C1A CLA ZL . 36.59 -6.54 -133.85
C2A CLA ZL . 36.22 -5.04 -133.78
C3A CLA ZL . 37.15 -4.40 -134.82
C4A CLA ZL . 37.93 -5.57 -135.39
CMA CLA ZL . 36.39 -3.67 -135.90
CAA CLA ZL . 36.48 -4.39 -132.43
CBA CLA ZL . 37.87 -4.68 -131.92
CGA CLA ZL . 37.97 -4.43 -130.44
O1A CLA ZL . 37.56 -3.47 -129.79
O2A CLA ZL . 38.60 -5.45 -129.78
NB CLA ZL . 39.74 -7.64 -136.65
C1B CLA ZL . 39.64 -6.35 -137.03
C2B CLA ZL . 40.50 -6.11 -138.23
C3B CLA ZL . 41.09 -7.30 -138.53
C4B CLA ZL . 40.64 -8.28 -137.52
CMB CLA ZL . 40.64 -4.84 -138.91
CAB CLA ZL . 41.99 -7.65 -139.59
CBB CLA ZL . 41.64 -7.78 -140.87
NC CLA ZL . 39.31 -10.41 -135.86
C1C CLA ZL . 40.34 -10.59 -136.73
C2C CLA ZL . 40.70 -12.00 -136.81
C3C CLA ZL . 39.77 -12.68 -136.04
C4C CLA ZL . 38.89 -11.67 -135.45
CMC CLA ZL . 41.81 -12.54 -137.60
CAC CLA ZL . 39.72 -14.13 -135.80
CBC CLA ZL . 40.58 -14.53 -134.64
ND CLA ZL . 37.31 -9.57 -134.10
C1D CLA ZL . 37.12 -10.96 -133.90
C2D CLA ZL . 36.09 -11.15 -132.87
C3D CLA ZL . 35.70 -9.88 -132.47
C4D CLA ZL . 36.45 -8.93 -133.32
CMD CLA ZL . 35.69 -12.45 -132.37
CAD CLA ZL . 34.86 -9.11 -131.59
OBD CLA ZL . 34.20 -9.48 -130.63
CBD CLA ZL . 34.94 -7.65 -132.06
CGD CLA ZL . 33.59 -7.22 -132.55
O1D CLA ZL . 32.86 -7.78 -133.38
O2D CLA ZL . 33.15 -6.07 -131.96
CED CLA ZL . 32.24 -5.24 -132.68
C1 CLA ZL . 39.02 -5.25 -128.41
C2 CLA ZL . 39.72 -6.50 -128.04
C3 CLA ZL . 40.32 -6.75 -126.87
C4 CLA ZL . 40.37 -5.76 -125.76
C5 CLA ZL . 40.98 -8.06 -126.62
C6 CLA ZL . 40.06 -9.03 -125.89
C7 CLA ZL . 40.67 -10.41 -125.96
C8 CLA ZL . 39.67 -11.47 -125.50
C9 CLA ZL . 39.28 -11.22 -124.06
C10 CLA ZL . 40.26 -12.86 -125.67
C11 CLA ZL . 41.54 -13.10 -124.91
C12 CLA ZL . 42.14 -14.40 -125.39
C13 CLA ZL . 43.34 -14.81 -124.56
C14 CLA ZL . 44.43 -13.76 -124.66
C15 CLA ZL . 43.88 -16.17 -125.02
C16 CLA ZL . 43.84 -17.20 -123.91
C17 CLA ZL . 44.98 -17.04 -122.93
C18 CLA ZL . 46.08 -18.11 -122.98
C19 CLA ZL . 45.91 -19.18 -124.03
C20 CLA ZL . 46.25 -18.74 -121.62
MG CLA AM . 35.82 -12.00 -126.18
CHA CLA AM . 34.99 -8.62 -126.33
CHB CLA AM . 33.86 -12.37 -123.45
CHC CLA AM . 37.05 -15.19 -125.80
CHD CLA AM . 38.00 -11.54 -128.92
NA CLA AM . 34.56 -10.70 -125.14
C1A CLA AM . 34.36 -9.32 -125.32
C2A CLA AM . 33.36 -8.82 -124.24
C3A CLA AM . 32.76 -10.13 -123.69
C4A CLA AM . 33.81 -11.15 -124.09
CMA CLA AM . 32.57 -10.08 -122.20
CAA CLA AM . 32.25 -7.85 -124.59
CBA CLA AM . 32.42 -6.59 -123.78
CGA CLA AM . 31.37 -5.54 -124.05
O1A CLA AM . 31.23 -4.84 -125.06
O2A CLA AM . 30.49 -5.37 -123.02
NB CLA AM . 35.39 -13.54 -124.96
C1B CLA AM . 34.78 -13.38 -123.76
C2B CLA AM . 35.21 -14.44 -122.80
C3B CLA AM . 36.11 -15.22 -123.47
C4B CLA AM . 36.23 -14.68 -124.85
CMB CLA AM . 34.72 -14.53 -121.43
CAB CLA AM . 36.85 -16.38 -123.03
CBB CLA AM . 36.49 -17.64 -123.22
NC CLA AM . 37.18 -13.17 -127.24
C1C CLA AM . 37.49 -14.46 -126.93
C2C CLA AM . 38.45 -14.99 -127.89
C3C CLA AM . 38.79 -13.93 -128.73
C4C CLA AM . 37.98 -12.79 -128.31
CMC CLA AM . 39.00 -16.34 -127.87
CAC CLA AM . 39.73 -13.96 -129.85
CBC CLA AM . 39.02 -14.13 -131.18
ND CLA AM . 36.37 -10.50 -127.41
C1D CLA AM . 37.27 -10.46 -128.49
C2D CLA AM . 37.27 -9.11 -129.07
C3D CLA AM . 36.41 -8.36 -128.29
C4D CLA AM . 35.88 -9.27 -127.26
CMD CLA AM . 38.07 -8.74 -130.22
CAD CLA AM . 35.80 -7.08 -128.12
OBD CLA AM . 35.87 -6.07 -128.80
CBD CLA AM . 34.92 -7.19 -126.84
CGD CLA AM . 35.28 -6.14 -125.82
O1D CLA AM . 35.23 -4.92 -125.97
O2D CLA AM . 35.67 -6.62 -124.61
CED CLA AM . 37.05 -6.56 -124.28
MG CLA BM . 42.29 -26.96 -135.53
CHA CLA BM . 45.02 -29.07 -135.48
CHB CLA BM . 43.99 -24.73 -133.60
CHC CLA BM . 39.75 -24.71 -135.98
CHD CLA BM . 40.63 -29.24 -137.64
NA CLA BM . 44.16 -26.97 -134.63
C1A CLA BM . 45.17 -27.93 -134.75
C2A CLA BM . 46.40 -27.50 -133.96
C3A CLA BM . 45.89 -26.32 -133.12
C4A CLA BM . 44.59 -25.95 -133.83
CMA CLA BM . 45.62 -26.74 -131.71
CAA CLA BM . 47.38 -26.96 -134.97
CBA CLA BM . 48.82 -26.91 -134.51
CGA CLA BM . 49.68 -26.48 -135.67
O1A CLA BM . 50.88 -26.65 -135.85
O2A CLA BM . 48.98 -25.80 -136.64
NB CLA BM . 41.93 -25.09 -134.91
C1B CLA BM . 42.79 -24.33 -134.18
C2B CLA BM . 42.24 -22.95 -134.05
C3B CLA BM . 41.04 -22.94 -134.72
C4B CLA BM . 40.82 -24.30 -135.26
CMB CLA BM . 42.93 -21.89 -133.31
CAB CLA BM . 40.09 -21.88 -134.89
CBB CLA BM . 38.95 -21.80 -134.20
NC CLA BM . 40.48 -27.01 -136.54
C1C CLA BM . 39.58 -26.00 -136.57
C2C CLA BM . 38.45 -26.34 -137.38
C3C CLA BM . 38.69 -27.61 -137.90
C4C CLA BM . 39.98 -28.03 -137.35
CMC CLA BM . 37.31 -25.44 -137.62
CAC CLA BM . 37.86 -28.40 -138.83
CBC CLA BM . 36.62 -28.99 -138.25
ND CLA BM . 42.60 -28.81 -136.25
C1D CLA BM . 41.85 -29.61 -137.14
C2D CLA BM . 42.61 -30.85 -137.42
C3D CLA BM . 43.84 -30.69 -136.81
C4D CLA BM . 43.80 -29.40 -136.12
CMD CLA BM . 42.11 -31.95 -138.25
CAD CLA BM . 45.12 -31.29 -136.53
OBD CLA BM . 45.54 -32.40 -136.81
CBD CLA BM . 45.96 -30.23 -135.75
CGD CLA BM . 46.48 -30.80 -134.46
O1D CLA BM . 47.61 -31.24 -134.22
O2D CLA BM . 45.55 -30.80 -133.46
CED CLA BM . 45.99 -30.53 -132.13
C A86 CM . 31.24 -17.76 -122.83
O A86 CM . 40.24 -22.86 -131.52
C1 A86 CM . 31.36 -16.37 -123.49
C10 A86 CM . 37.83 -20.99 -129.72
C11 A86 CM . 39.07 -21.15 -130.45
C12 A86 CM . 39.85 -19.98 -130.96
C13 A86 CM . 39.52 -22.56 -130.65
C14 A86 CM . 38.93 -23.67 -129.54
C15 A86 CM . 40.05 -24.41 -128.73
C16 A86 CM . 41.01 -23.60 -127.87
C17 A86 CM . 42.32 -23.25 -128.56
C18 A86 CM . 43.02 -24.46 -129.01
C19 A86 CM . 42.15 -25.20 -130.08
C2 A86 CM . 32.15 -16.17 -124.64
C20 A86 CM . 40.70 -25.54 -129.47
C21 A86 CM . 39.91 -26.07 -130.72
C22 A86 CM . 41.32 -24.43 -126.59
C23 A86 CM . 40.36 -22.33 -127.33
C24 A86 CM . 30.64 -15.18 -122.92
C25 A86 CM . 30.22 -15.22 -121.57
C26 A86 CM . 29.47 -13.90 -120.98
C27 A86 CM . 28.09 -13.90 -120.69
C28 A86 CM . 27.28 -15.10 -120.93
C29 A86 CM . 27.45 -12.55 -120.12
C3 A86 CM . 32.88 -17.29 -125.22
C30 A86 CM . 26.11 -12.57 -119.53
C31 A86 CM . 24.81 -12.57 -118.96
C32 A86 CM . 24.48 -13.47 -117.75
C33 A86 CM . 23.00 -13.53 -117.33
C34 A86 CM . 21.99 -13.50 -118.48
C35 A86 CM . 22.22 -12.34 -119.46
C36 A86 CM . 23.68 -12.11 -119.89
C37 A86 CM . 23.92 -12.88 -121.19
C38 A86 CM . 21.02 -15.63 -118.67
C39 A86 CM . 19.52 -15.42 -119.02
C4 A86 CM . 33.62 -17.10 -126.39
C40 A86 CM . 25.02 -14.90 -118.00
C41 A86 CM . 25.25 -12.91 -116.54
C5 A86 CM . 34.46 -18.40 -126.99
C6 A86 CM . 35.19 -18.31 -128.18
C7 A86 CM . 35.24 -16.97 -129.02
C8 A86 CM . 35.98 -19.63 -128.64
C9 A86 CM . 37.21 -19.61 -129.40
O1 A86 CM . 39.74 -25.81 -128.37
O2 A86 CM . 44.26 -24.11 -129.57
O3 A86 CM . 23.86 -10.74 -120.15
O4 A86 CM . 21.99 -14.71 -119.20
O5 A86 CM . 21.36 -16.52 -117.99
C A86 DM . 30.44 -24.39 -137.40
O A86 DM . 27.75 -30.40 -125.48
C1 A86 DM . 29.01 -23.79 -137.43
C10 A86 DM . 28.03 -28.49 -128.47
C11 A86 DM . 27.42 -28.87 -127.21
C12 A86 DM . 26.03 -28.44 -126.84
C13 A86 DM . 28.23 -29.72 -126.31
C14 A86 DM . 29.89 -29.67 -126.55
C15 A86 DM . 30.76 -30.78 -125.85
C16 A86 DM . 30.59 -32.23 -126.26
C17 A86 DM . 29.86 -33.14 -125.26
C18 A86 DM . 30.53 -33.09 -123.96
C19 A86 DM . 30.34 -31.65 -123.39
C2 A86 DM . 28.09 -24.07 -136.41
C20 A86 DM . 31.06 -30.61 -124.39
C21 A86 DM . 30.67 -29.20 -123.81
C22 A86 DM . 32.05 -32.74 -126.45
C23 A86 DM . 29.92 -32.41 -127.61
C24 A86 DM . 28.64 -22.88 -138.56
C25 A86 DM . 29.48 -22.80 -139.70
C26 A86 DM . 29.09 -21.78 -140.94
C27 A86 DM . 28.14 -22.16 -141.90
C28 A86 DM . 27.47 -23.47 -141.83
C29 A86 DM . 27.73 -21.18 -143.11
C3 A86 DM . 28.51 -24.93 -135.30
C30 A86 DM . 28.72 -20.50 -143.94
C31 A86 DM . 29.65 -19.83 -144.79
C32 A86 DM . 30.17 -20.52 -146.07
C33 A86 DM . 31.62 -20.19 -146.49
C34 A86 DM . 32.06 -18.76 -146.16
C35 A86 DM . 31.71 -18.35 -144.72
C36 A86 DM . 30.19 -18.42 -144.51
C37 A86 DM . 29.86 -18.06 -143.06
C38 A86 DM . 33.85 -18.41 -147.68
C39 A86 DM . 34.96 -19.24 -148.38
C4 A86 DM . 27.62 -25.29 -134.29
C40 A86 DM . 29.22 -20.16 -147.24
C41 A86 DM . 30.09 -22.05 -145.83
C5 A86 DM . 28.18 -26.25 -133.07
C6 A86 DM . 27.48 -26.32 -131.87
C7 A86 DM . 26.13 -25.52 -131.67
C8 A86 DM . 28.06 -27.25 -130.70
C9 A86 DM . 27.29 -27.60 -129.50
O1 A86 DM . 32.07 -30.27 -125.42
O2 A86 DM . 29.96 -34.03 -123.09
O3 A86 DM . 29.56 -17.49 -145.35
O4 A86 DM . 33.46 -18.71 -146.32
O5 A86 DM . 33.32 -17.52 -148.24
C A86 EM . 25.13 -29.77 -142.22
O A86 EM . 33.91 -37.32 -136.05
C1 A86 EM . 24.25 -29.50 -140.96
C10 A86 EM . 31.40 -35.14 -136.84
C11 A86 EM . 32.68 -35.37 -136.22
C12 A86 EM . 33.13 -34.53 -135.06
C13 A86 EM . 33.52 -36.47 -136.75
C14 A86 EM . 33.87 -36.45 -138.40
C15 A86 EM . 34.31 -37.83 -139.01
C16 A86 EM . 33.33 -39.00 -139.00
C17 A86 EM . 33.53 -40.01 -137.88
C18 A86 EM . 34.89 -40.55 -137.89
C19 A86 EM . 35.92 -39.40 -137.64
C2 A86 EM . 24.54 -30.11 -139.72
C20 A86 EM . 35.73 -38.25 -138.75
C21 A86 EM . 36.67 -37.09 -138.25
C22 A86 EM . 33.49 -39.74 -140.38
C23 A86 EM . 31.88 -38.53 -138.98
C24 A86 EM . 23.05 -28.59 -141.00
C25 A86 EM . 21.84 -29.10 -141.53
C26 A86 EM . 20.52 -28.14 -141.57
C27 A86 EM . 20.25 -27.33 -142.69
C28 A86 EM . 21.16 -27.32 -143.87
C29 A86 EM . 18.95 -26.40 -142.66
C3 A86 EM . 25.68 -31.02 -139.61
C30 A86 EM . 18.45 -25.81 -143.90
C31 A86 EM . 17.96 -25.24 -145.10
C32 A86 EM . 16.69 -25.78 -145.77
C33 A86 EM . 16.61 -25.65 -147.31
C34 A86 EM . 17.27 -24.39 -147.89
C35 A86 EM . 18.67 -24.13 -147.30
C36 A86 EM . 18.63 -24.02 -145.78
C37 A86 EM . 20.08 -23.94 -145.26
C38 A86 EM . 16.58 -23.64 -150.05
C39 A86 EM . 17.07 -23.15 -151.44
C4 A86 EM . 26.10 -31.45 -138.34
C40 A86 EM . 15.46 -25.06 -145.16
C41 A86 EM . 16.60 -27.28 -145.42
C5 A86 EM . 27.38 -32.50 -138.31
C6 A86 EM . 28.19 -32.67 -137.19
C7 A86 EM . 27.95 -31.89 -135.83
C8 A86 EM . 29.37 -33.75 -137.37
C9 A86 EM . 30.42 -34.03 -136.39
O1 A86 EM . 35.32 -37.73 -140.09
O2 A86 EM . 35.01 -41.52 -136.88
O3 A86 EM . 17.95 -22.86 -145.41
O4 A86 EM . 17.39 -24.55 -149.29
O5 A86 EM . 15.54 -23.28 -149.64
MG CLA FM . 8.40 11.46 -69.23
CHA CLA FM . 7.52 14.72 -69.79
CHB CLA FM . 7.69 10.73 -72.45
CHC CLA FM . 9.50 8.30 -68.69
CHD CLA FM . 8.87 12.22 -65.82
NA CLA FM . 7.72 12.59 -70.85
C1A CLA FM . 7.42 13.94 -70.88
C2A CLA FM . 6.95 14.37 -72.26
C3A CLA FM . 6.81 13.03 -72.99
C4A CLA FM . 7.49 12.03 -72.05
CMA CLA FM . 5.35 12.76 -73.08
CAA CLA FM . 7.94 15.29 -72.98
CBA CLA FM . 8.79 14.61 -74.02
CGA CLA FM . 9.94 14.02 -73.30
O1A CLA FM . 10.17 14.09 -72.10
O2A CLA FM . 10.79 13.30 -74.07
NB CLA FM . 8.44 9.79 -70.32
C1B CLA FM . 8.28 9.75 -71.66
C2B CLA FM . 8.77 8.47 -72.19
C3B CLA FM . 9.28 7.77 -71.14
C4B CLA FM . 9.09 8.61 -69.94
CMB CLA FM . 8.72 8.13 -73.61
CAB CLA FM . 9.93 6.50 -71.10
CBB CLA FM . 11.06 6.22 -71.72
NC CLA FM . 9.10 10.46 -67.56
C1C CLA FM . 9.53 9.17 -67.57
C2C CLA FM . 9.99 8.80 -66.25
C3C CLA FM . 9.78 9.89 -65.42
C4C CLA FM . 9.20 10.93 -66.25
CMC CLA FM . 10.56 7.52 -65.89
CAC CLA FM . 10.12 10.00 -64.02
CBC CLA FM . 11.51 10.57 -63.86
ND CLA FM . 8.44 13.09 -68.06
C1D CLA FM . 8.47 13.23 -66.65
C2D CLA FM . 8.21 14.63 -66.30
C3D CLA FM . 7.98 15.27 -67.50
C4D CLA FM . 8.02 14.24 -68.53
CMD CLA FM . 8.30 15.17 -64.96
CAD CLA FM . 7.74 16.50 -68.21
OBD CLA FM . 8.05 17.63 -67.94
CBD CLA FM . 7.12 16.15 -69.57
CGD CLA FM . 5.65 16.26 -69.51
O1D CLA FM . 4.80 15.48 -69.96
O2D CLA FM . 5.22 17.39 -68.89
CED CLA FM . 4.56 18.34 -69.71
C1 CLA FM . 10.80 11.91 -73.77
C2 CLA FM . 11.95 11.29 -74.46
C3 CLA FM . 12.53 10.18 -73.98
C4 CLA FM . 12.08 9.54 -72.74
C5 CLA FM . 13.68 9.55 -74.66
C6 CLA FM . 14.96 9.86 -73.92
C7 CLA FM . 15.60 8.60 -73.38
C8 CLA FM . 16.89 8.94 -72.68
C9 CLA FM . 17.93 9.33 -73.69
C10 CLA FM . 17.39 7.77 -71.86
C11 CLA FM . 17.47 8.14 -70.40
C12 CLA FM . 17.87 6.94 -69.57
C13 CLA FM . 17.91 7.26 -68.09
C14 CLA FM . 18.82 8.43 -67.82
C15 CLA FM . 18.38 6.01 -67.34
C16 CLA FM . 18.67 6.28 -65.87
C17 CLA FM . 17.44 6.19 -65.02
C18 CLA FM . 17.65 5.30 -63.82
C19 CLA FM . 16.43 5.30 -62.94
C20 CLA FM . 17.97 3.88 -64.25
MG CLA GM . 12.40 1.24 -74.43
CHA CLA GM . 11.15 2.47 -77.39
CHB CLA GM . 13.79 4.25 -73.76
CHC CLA GM . 13.68 -0.05 -71.54
CHD CLA GM . 11.02 -1.91 -75.21
NA CLA GM . 12.42 3.07 -75.41
C1A CLA GM . 11.83 3.39 -76.64
C2A CLA GM . 12.09 4.86 -76.98
C3A CLA GM . 13.00 5.34 -75.84
C4A CLA GM . 13.06 4.14 -74.91
CMA CLA GM . 14.40 5.62 -76.30
CAA CLA GM . 10.83 5.68 -76.93
CBA CLA GM . 11.12 7.16 -77.06
CGA CLA GM . 11.79 7.48 -78.36
O1A CLA GM . 12.98 7.38 -78.69
O2A CLA GM . 10.92 7.95 -79.29
NB CLA GM . 13.47 1.97 -72.91
C1B CLA GM . 13.98 3.21 -72.84
C2B CLA GM . 14.83 3.35 -71.64
C3B CLA GM . 14.81 2.13 -71.00
C4B CLA GM . 13.95 1.25 -71.82
CMB CLA GM . 15.51 4.61 -71.36
CAB CLA GM . 15.44 1.60 -69.82
CBB CLA GM . 16.39 2.13 -69.05
NC CLA GM . 12.33 -0.63 -73.54
C1C CLA GM . 12.92 -0.92 -72.35
C2C CLA GM . 12.69 -2.31 -72.01
C3C CLA GM . 11.94 -2.85 -73.04
C4C CLA GM . 11.71 -1.79 -74.01
CMC CLA GM . 13.20 -2.95 -70.80
CAC CLA GM . 11.46 -4.23 -73.15
CBC CLA GM . 10.20 -4.41 -72.35
ND CLA GM . 11.31 0.41 -75.90
C1D CLA GM . 10.85 -0.90 -76.12
C2D CLA GM . 10.16 -0.95 -77.41
C3D CLA GM . 10.25 0.31 -77.94
C4D CLA GM . 10.99 1.12 -76.97
CMD CLA GM . 9.53 -2.14 -77.97
CAD CLA GM . 9.91 1.17 -79.05
OBD CLA GM . 9.26 0.92 -80.05
CBD CLA GM . 10.53 2.55 -78.75
CGD CLA GM . 11.66 2.81 -79.68
O1D CLA GM . 12.83 2.47 -79.55
O2D CLA GM . 11.31 3.49 -80.80
CED CLA GM . 10.91 4.85 -80.63
MG CLA HM . 5.58 -13.90 -63.51
CHA CLA HM . 6.79 -17.08 -62.84
CHB CLA HM . 7.21 -13.89 -66.49
CHC CLA HM . 4.17 -10.87 -64.21
CHD CLA HM . 3.85 -13.98 -60.44
NA CLA HM . 6.80 -15.28 -64.49
C1A CLA HM . 7.19 -16.55 -64.03
C2A CLA HM . 8.03 -17.23 -65.11
C3A CLA HM . 8.25 -16.15 -66.19
C4A CLA HM . 7.35 -15.02 -65.70
CMA CLA HM . 9.68 -15.73 -66.28
CAA CLA HM . 7.23 -18.38 -65.70
CBA CLA HM . 6.05 -18.09 -66.62
CGA CLA HM . 4.86 -17.29 -66.14
O1A CLA HM . 4.25 -16.49 -66.82
O2A CLA HM . 4.46 -17.50 -64.83
NB CLA HM . 5.73 -12.58 -65.02
C1B CLA HM . 6.40 -12.79 -66.17
C2B CLA HM . 6.16 -11.67 -67.11
C3B CLA HM . 5.30 -10.81 -66.48
C4B CLA HM . 5.00 -11.39 -65.15
CMB CLA HM . 6.73 -11.61 -68.44
CAB CLA HM . 4.71 -9.60 -66.97
CBB CLA HM . 4.87 -8.38 -66.47
NC CLA HM . 4.31 -12.63 -62.48
C1C CLA HM . 3.88 -11.43 -62.95
C2C CLA HM . 2.97 -10.83 -61.99
C3C CLA HM . 2.87 -11.71 -60.92
C4C CLA HM . 3.70 -12.84 -61.24
CMC CLA HM . 2.32 -9.53 -62.16
CAC CLA HM . 2.07 -11.55 -59.71
CBC CLA HM . 0.71 -12.19 -59.87
ND CLA HM . 5.33 -15.18 -61.97
C1D CLA HM . 4.59 -15.07 -60.77
C2D CLA HM . 4.77 -16.32 -59.99
C3D CLA HM . 5.60 -17.12 -60.74
C4D CLA HM . 5.92 -16.36 -61.97
CMD CLA HM . 4.16 -16.59 -58.70
CAD CLA HM . 6.28 -18.38 -60.80
OBD CLA HM . 6.31 -19.29 -60.01
CBD CLA HM . 7.04 -18.40 -62.16
CGD CLA HM . 8.50 -18.62 -61.99
O1D CLA HM . 9.24 -19.33 -62.68
O2D CLA HM . 9.04 -17.93 -60.95
CED CLA HM . 10.45 -17.74 -60.96
C1 CLA HM . 3.11 -17.27 -64.36
C2 CLA HM . 2.78 -15.82 -64.18
C3 CLA HM . 1.60 -15.36 -63.69
C4 CLA HM . 0.52 -16.26 -63.25
C5 CLA HM . 1.34 -13.90 -63.56
C6 CLA HM . -0.01 -13.43 -64.10
C7 CLA HM . 0.04 -11.98 -64.54
C8 CLA HM . -1.30 -11.38 -64.93
C9 CLA HM . -2.11 -12.33 -65.79
C10 CLA HM . -1.14 -10.05 -65.66
C11 CLA HM . -2.44 -9.30 -65.84
C12 CLA HM . -3.10 -8.97 -64.51
C13 CLA HM . -4.20 -7.90 -64.61
C14 CLA HM . -3.95 -6.79 -63.62
C15 CLA HM . -5.59 -8.49 -64.39
C16 CLA HM . -6.46 -8.33 -65.62
C17 CLA HM . -7.91 -8.64 -65.33
C18 CLA HM . -8.70 -8.83 -66.62
C19 CLA HM . -10.19 -8.88 -66.36
C20 CLA HM . -8.26 -10.10 -67.32
MG CLA IM . 1.09 -22.98 -71.63
CHA CLA IM . -1.90 -22.28 -73.22
CHB CLA IM . 1.28 -19.79 -70.56
CHC CLA IM . 4.11 -23.69 -70.18
CHD CLA IM . 0.80 -26.35 -72.61
NA CLA IM . -0.12 -21.31 -71.89
C1A CLA IM . -1.33 -21.20 -72.58
C2A CLA IM . -1.85 -19.75 -72.49
C3A CLA IM . -0.84 -19.04 -71.56
C4A CLA IM . 0.20 -20.12 -71.33
CMA CLA IM . -0.17 -17.83 -72.15
CAA CLA IM . -3.21 -19.57 -71.85
CBA CLA IM . -4.14 -18.92 -72.86
CGA CLA IM . -3.37 -17.87 -73.60
O1A CLA IM . -2.89 -17.89 -74.73
O2A CLA IM . -3.18 -16.75 -72.84
NB CLA IM . 2.35 -21.99 -70.44
C1B CLA IM . 2.33 -20.65 -70.27
C2B CLA IM . 3.62 -20.15 -69.76
C3B CLA IM . 4.45 -21.25 -69.66
C4B CLA IM . 3.65 -22.42 -70.10
CMB CLA IM . 3.85 -18.75 -69.53
CAB CLA IM . 5.83 -21.33 -69.29
CBB CLA IM . 6.30 -21.92 -68.18
NC CLA IM . 2.24 -24.71 -71.44
C1C CLA IM . 3.45 -24.76 -70.83
C2C CLA IM . 4.00 -26.10 -70.89
C3C CLA IM . 3.06 -26.88 -71.56
C4C CLA IM . 1.95 -25.98 -71.90
CMC CLA IM . 5.30 -26.46 -70.34
CAC CLA IM . 3.15 -28.33 -71.87
CBC CLA IM . 4.05 -28.68 -73.03
ND CLA IM . -0.11 -24.08 -72.82
C1D CLA IM . -0.16 -25.47 -73.05
C2D CLA IM . -1.37 -25.78 -73.81
C3D CLA IM . -2.05 -24.59 -73.95
C4D CLA IM . -1.25 -23.56 -73.25
CMD CLA IM . -1.72 -27.10 -74.32
CAD CLA IM . -3.24 -23.96 -74.47
OBD CLA IM . -4.12 -24.39 -75.18
CBD CLA IM . -3.22 -22.51 -73.93
CGD CLA IM . -3.40 -21.56 -75.07
O1D CLA IM . -4.46 -21.19 -75.58
O2D CLA IM . -2.23 -21.12 -75.59
CED CLA IM . -1.78 -21.69 -76.82
MG CLA JM . 5.02 -3.14 -78.92
CHA CLA JM . 5.75 0.23 -79.03
CHB CLA JM . 3.58 -2.93 -81.97
CHC CLA JM . 4.62 -6.53 -78.91
CHD CLA JM . 6.50 -3.32 -75.74
NA CLA JM . 4.68 -1.57 -80.24
C1A CLA JM . 5.09 -0.24 -80.13
C2A CLA JM . 4.63 0.56 -81.33
C3A CLA JM . 3.74 -0.44 -82.10
C4A CLA JM . 4.02 -1.76 -81.41
CMA CLA JM . 2.29 -0.07 -81.98
CAA CLA JM . 5.78 0.99 -82.22
CBA CLA JM . 5.54 2.41 -82.70
CGA CLA JM . 4.37 2.46 -83.64
O1A CLA JM . 3.46 3.27 -83.70
O2A CLA JM . 4.37 1.41 -84.50
NB CLA JM . 4.23 -4.48 -80.19
C1B CLA JM . 3.75 -4.20 -81.41
C2B CLA JM . 3.40 -5.45 -82.12
C3B CLA JM . 3.69 -6.47 -81.27
C4B CLA JM . 4.22 -5.87 -80.03
CMB CLA JM . 2.84 -5.47 -83.46
CAB CLA JM . 3.53 -7.89 -81.46
CBB CLA JM . 4.51 -8.77 -81.56
NC CLA JM . 5.44 -4.63 -77.54
C1C CLA JM . 5.17 -5.96 -77.75
C2C CLA JM . 5.60 -6.72 -76.60
C3C CLA JM . 6.14 -5.82 -75.70
C4C CLA JM . 6.04 -4.51 -76.30
CMC CLA JM . 5.46 -8.17 -76.50
CAC CLA JM . 6.71 -6.13 -74.40
CBC CLA JM . 8.15 -6.56 -74.54
ND CLA JM . 5.84 -1.87 -77.60
C1D CLA JM . 6.43 -2.08 -76.33
C2D CLA JM . 6.91 -0.80 -75.83
C3D CLA JM . 6.70 0.13 -76.82
C4D CLA JM . 6.03 -0.60 -77.91
CMD CLA JM . 7.54 -0.60 -74.52
CAD CLA JM . 6.80 1.50 -77.22
OBD CLA JM . 7.19 2.46 -76.60
CBD CLA JM . 6.26 1.60 -78.67
CGD CLA JM . 5.12 2.55 -78.67
O1D CLA JM . 5.09 3.71 -79.09
O2D CLA JM . 4.00 1.99 -78.14
CED CLA JM . 2.72 2.28 -78.70
MG CLA KM . -4.92 2.19 -66.13
CHA CLA KM . -7.36 2.78 -68.49
CHB CLA KM . -6.30 4.52 -64.13
CHC CLA KM . -2.60 1.42 -63.74
CHD CLA KM . -3.54 -0.28 -68.22
NA CLA KM . -6.56 3.45 -66.32
C1A CLA KM . -7.47 3.55 -67.37
C2A CLA KM . -8.53 4.61 -67.09
C3A CLA KM . -8.01 5.27 -65.80
C4A CLA KM . -6.89 4.35 -65.36
CMA CLA KM . -7.49 6.65 -66.07
CAA CLA KM . -9.87 3.99 -66.78
CBA CLA KM . -10.95 4.48 -67.74
CGA CLA KM . -11.22 5.96 -67.60
O1A CLA KM . -11.68 6.58 -66.64
O2A CLA KM . -10.91 6.67 -68.73
NB CLA KM . -4.44 2.95 -64.34
C1B CLA KM . -5.25 3.74 -63.63
C2B CLA KM . -4.86 3.72 -62.20
C3B CLA KM . -3.82 2.85 -62.10
C4B CLA KM . -3.54 2.35 -63.46
CMB CLA KM . -5.56 4.48 -61.17
CAB CLA KM . -3.08 2.42 -60.95
CBB CLA KM . -2.26 3.21 -60.27
NC CLA KM . -3.34 0.84 -66.02
C1C CLA KM . -2.52 0.71 -64.95
C2C CLA KM . -1.53 -0.31 -65.20
C3C CLA KM . -1.81 -0.82 -66.46
C4C CLA KM . -2.95 -0.09 -66.97
CMC CLA KM . -0.50 -0.70 -64.26
CAC CLA KM . -1.10 -1.90 -67.13
CBC CLA KM . -1.75 -3.20 -66.71
ND CLA KM . -5.35 1.32 -67.89
C1D CLA KM . -4.66 0.38 -68.67
C2D CLA KM . -5.35 0.23 -69.96
C3D CLA KM . -6.41 1.09 -69.92
C4D CLA KM . -6.35 1.78 -68.63
CMD CLA KM . -4.94 -0.71 -70.99
CAD CLA KM . -7.58 1.59 -70.62
OBD CLA KM . -8.10 1.20 -71.65
CBD CLA KM . -8.13 2.77 -69.78
CGD CLA KM . -7.91 4.05 -70.51
O1D CLA KM . -8.69 4.63 -71.27
O2D CLA KM . -6.70 4.61 -70.27
CED CLA KM . -6.59 6.02 -70.43
MG CLA LM . 2.73 12.52 -53.83
CHA CLA LM . -0.30 11.57 -55.14
CHB CLA LM . 1.29 15.25 -52.46
CHC CLA LM . 5.73 13.33 -52.40
CHD CLA LM . 4.23 9.71 -55.33
NA CLA LM . 0.79 13.28 -53.84
C1A CLA LM . -0.35 12.74 -54.42
C2A CLA LM . -1.56 13.65 -54.20
C3A CLA LM . -0.96 14.86 -53.46
C4A CLA LM . 0.48 14.45 -53.22
CMA CLA LM . -1.05 16.10 -54.29
CAA CLA LM . -2.67 13.05 -53.35
CBA CLA LM . -2.22 12.71 -51.95
CGA CLA LM . -3.17 11.72 -51.37
O1A CLA LM . -4.40 11.73 -51.36
O2A CLA LM . -2.52 10.66 -50.80
NB CLA LM . 3.39 14.02 -52.68
C1B CLA LM . 2.63 15.00 -52.16
C2B CLA LM . 3.42 15.80 -51.21
C3B CLA LM . 4.68 15.26 -51.19
C4B CLA LM . 4.67 14.12 -52.13
CMB CLA LM . 2.87 16.94 -50.49
CAB CLA LM . 5.85 15.63 -50.48
CBB CLA LM . 6.46 16.80 -50.64
NC CLA LM . 4.63 11.69 -53.90
C1C CLA LM . 5.71 12.19 -53.25
C2C CLA LM . 6.88 11.39 -53.52
C3C CLA LM . 6.47 10.35 -54.33
C4C CLA LM . 5.05 10.54 -54.56
CMC CLA LM . 8.23 11.67 -53.00
CAC CLA LM . 7.32 9.29 -54.88
CBC CLA LM . 7.56 8.16 -53.92
ND CLA LM . 2.17 10.99 -55.00
C1D CLA LM . 2.88 9.90 -55.53
C2D CLA LM . 1.94 9.07 -56.31
C3D CLA LM . 0.71 9.66 -56.19
C4D CLA LM . 0.91 10.86 -55.36
CMD CLA LM . 2.30 7.85 -57.02
CAD CLA LM . -0.69 9.61 -56.56
OBD CLA LM . -1.28 8.80 -57.25
CBD CLA LM . -1.37 10.82 -55.88
CGD CLA LM . -2.02 11.69 -56.90
O1D CLA LM . -1.48 12.30 -57.81
O2D CLA LM . -3.36 11.79 -56.76
CED CLA LM . -3.96 13.01 -57.18
C1 CLA LM . -3.19 9.95 -49.74
C2 CLA LM . -2.36 8.73 -49.52
C3 CLA LM . -2.57 7.86 -48.51
C4 CLA LM . -3.66 8.03 -47.52
C5 CLA LM . -1.69 6.67 -48.39
C6 CLA LM . -2.17 5.54 -49.27
C7 CLA LM . -1.12 4.44 -49.36
C8 CLA LM . -1.31 3.57 -50.59
C9 CLA LM . -2.34 2.48 -50.33
C10 CLA LM . 0.04 3.07 -51.10
C11 CLA LM . 0.33 1.60 -50.88
C12 CLA LM . 1.75 1.38 -50.42
C13 CLA LM . 1.74 0.31 -49.35
C14 CLA LM . 1.25 0.89 -48.03
C15 CLA LM . 3.10 -0.35 -49.18
C16 CLA LM . 2.97 -1.85 -48.93
C17 CLA LM . 3.14 -2.23 -47.47
C18 CLA LM . 3.71 -3.63 -47.32
C19 CLA LM . 5.05 -3.59 -46.62
C20 CLA LM . 2.75 -4.52 -46.57
MG CLA MM . -0.02 3.63 -54.59
CHA CLA MM . -2.68 5.80 -54.46
CHB CLA MM . -2.02 1.19 -55.77
CHC CLA MM . 2.70 1.58 -54.79
CHD CLA MM . 2.04 6.18 -53.27
NA CLA MM . -2.04 3.54 -55.03
C1A CLA MM . -2.99 4.55 -54.95
C2A CLA MM . -4.35 4.04 -55.39
C3A CLA MM . -4.11 2.56 -55.69
C4A CLA MM . -2.61 2.39 -55.51
CMA CLA MM . -4.85 1.67 -54.72
CAA CLA MM . -4.75 4.69 -56.70
CBA CLA MM . -6.09 4.18 -57.17
CGA CLA MM . -7.17 4.73 -56.30
O1A CLA MM . -7.42 4.47 -55.13
O2A CLA MM . -7.94 5.65 -56.94
NB CLA MM . 0.30 1.78 -55.29
C1B CLA MM . -0.66 0.90 -55.60
C2B CLA MM . -0.11 -0.47 -55.68
C3B CLA MM . 1.23 -0.36 -55.40
C4B CLA MM . 1.49 1.07 -55.14
CMB CLA MM . -0.96 -1.62 -55.98
CAB CLA MM . 2.30 -1.31 -55.28
CBB CLA MM . 2.48 -2.44 -55.96
NC CLA MM . 1.99 3.86 -54.14
C1C CLA MM . 2.93 2.89 -54.32
C2C CLA MM . 4.24 3.39 -53.94
C3C CLA MM . 4.04 4.68 -53.48
C4C CLA MM . 2.63 4.96 -53.60
CMC CLA MM . 5.47 2.63 -54.03
CAC CLA MM . 5.06 5.61 -52.99
CBC CLA MM . 5.21 5.61 -51.49
ND CLA MM . -0.23 5.50 -53.89
C1D CLA MM . 0.69 6.44 -53.38
C2D CLA MM . -0.01 7.68 -53.07
C3D CLA MM . -1.30 7.50 -53.47
C4D CLA MM . -1.39 6.13 -53.99
CMD CLA MM . 0.63 8.85 -52.48
CAD CLA MM . -2.60 8.09 -53.58
OBD CLA MM . -2.99 9.18 -53.23
CBD CLA MM . -3.52 7.03 -54.24
CGD CLA MM . -4.65 6.73 -53.33
O1D CLA MM . -5.82 7.09 -53.43
O2D CLA MM . -4.28 5.98 -52.27
CED CLA MM . -5.29 5.47 -51.40
MG CLA NM . 19.07 0.19 -54.87
CHA CLA NM . 21.46 -1.48 -53.09
CHB CLA NM . 17.12 0.35 -52.05
CHC CLA NM . 16.98 2.34 -56.49
CHD CLA NM . 21.23 0.21 -57.65
NA CLA NM . 19.24 -0.54 -52.94
C1A CLA NM . 20.34 -1.16 -52.37
C2A CLA NM . 20.08 -1.46 -50.90
C3A CLA NM . 18.57 -1.23 -50.76
C4A CLA NM . 18.27 -0.38 -51.99
CMA CLA NM . 17.82 -2.53 -50.80
CAA CLA NM . 20.78 -0.35 -50.17
CBA CLA NM . 21.45 -0.73 -48.85
CGA CLA NM . 21.59 0.47 -47.97
O1A CLA NM . 22.36 0.66 -47.03
O2A CLA NM . 20.71 1.47 -48.26
NB CLA NM . 17.40 1.17 -54.36
C1B CLA NM . 16.76 1.11 -53.17
C2B CLA NM . 15.54 1.95 -53.20
C3B CLA NM . 15.49 2.52 -54.46
C4B CLA NM . 16.66 2.02 -55.22
CMB CLA NM . 14.66 2.06 -52.05
CAB CLA NM . 14.53 3.42 -55.03
CBB CLA NM . 13.70 3.14 -56.03
NC CLA NM . 19.04 1.00 -56.77
C1C CLA NM . 18.08 1.85 -57.22
C2C CLA NM . 18.39 2.30 -58.56
C3C CLA NM . 19.62 1.73 -58.90
C4C CLA NM . 20.03 0.93 -57.75
CMC CLA NM . 17.51 3.21 -59.30
CAC CLA NM . 20.44 1.91 -60.12
CBC CLA NM . 19.88 1.42 -61.44
ND CLA NM . 20.78 -0.70 -55.42
C1D CLA NM . 21.59 -0.54 -56.57
C2D CLA NM . 22.84 -1.30 -56.38
C3D CLA NM . 22.81 -1.73 -55.07
C4D CLA NM . 21.55 -1.26 -54.49
CMD CLA NM . 23.85 -1.50 -57.40
CAD CLA NM . 23.48 -2.50 -54.05
OBD CLA NM . 24.43 -3.26 -54.15
CBD CLA NM . 22.75 -2.17 -52.71
CGD CLA NM . 22.49 -3.39 -51.89
O1D CLA NM . 23.12 -3.79 -50.90
O2D CLA NM . 21.39 -4.10 -52.29
CED CLA NM . 20.71 -4.91 -51.34
C A86 OM . 0.43 -3.67 -60.25
O A86 OM . 11.48 1.55 -54.93
C1 A86 OM . -0.28 -2.30 -60.41
C10 A86 OM . 8.52 0.62 -56.72
C11 A86 OM . 9.39 1.43 -55.91
C12 A86 OM . 8.92 2.73 -55.33
C13 A86 OM . 10.77 0.97 -55.65
C14 A86 OM . 11.29 -0.42 -56.42
C15 A86 OM . 11.55 -1.57 -55.39
C16 A86 OM . 10.56 -1.79 -54.26
C17 A86 OM . 10.98 -1.20 -52.93
C18 A86 OM . 12.18 -1.87 -52.47
C19 A86 OM . 13.35 -1.51 -53.43
C2 A86 OM . 0.42 -1.11 -60.17
C20 A86 OM . 12.96 -1.82 -54.96
C21 A86 OM . 14.01 -0.98 -55.76
C22 A86 OM . 10.34 -3.32 -54.10
C23 A86 OM . 9.21 -1.20 -54.63
C24 A86 OM . -1.73 -2.22 -60.81
C25 A86 OM . -2.59 -1.52 -59.93
C26 A86 OM . -4.19 -1.34 -60.21
C27 A86 OM . -4.79 -1.73 -61.43
C28 A86 OM . -4.00 -2.33 -62.53
C29 A86 OM . -6.36 -1.50 -61.60
C3 A86 OM . 1.83 -1.20 -59.77
C30 A86 OM . -7.05 -1.96 -62.79
C31 A86 OM . -7.77 -2.39 -63.95
C32 A86 OM . -9.09 -3.20 -63.86
C33 A86 OM . -10.29 -2.38 -64.35
C34 A86 OM . -10.05 -1.77 -65.74
C35 A86 OM . -8.76 -0.93 -65.78
C36 A86 OM . -7.55 -1.75 -65.32
C37 A86 OM . -7.25 -2.85 -66.35
C38 A86 OM . -11.19 -3.45 -67.00
C39 A86 OM . -12.38 -3.41 -66.00
C4 A86 OM . 2.27 -0.56 -58.62
C40 A86 OM . -8.97 -4.47 -64.74
C41 A86 OM . -9.35 -3.60 -62.39
C5 A86 OM . 3.87 -0.72 -58.22
C6 A86 OM . 4.72 0.39 -58.15
C7 A86 OM . 4.19 1.87 -58.44
C8 A86 OM . 6.25 0.12 -57.76
C9 A86 OM . 7.06 1.06 -57.00
O1 A86 OM . 12.33 -2.67 -55.99
O2 A86 OM . 12.49 -1.42 -51.18
O3 A86 OM . -6.45 -0.89 -65.20
O4 A86 OM . -9.94 -2.84 -66.66
O5 A86 OM . -11.33 -3.96 -68.05
C A86 PM . 12.17 -1.60 -67.59
O A86 PM . 14.60 10.02 -66.35
C1 A86 PM . 10.79 -1.46 -68.30
C10 A86 PM . 14.31 7.43 -67.66
C11 A86 PM . 13.85 8.75 -68.05
C12 A86 PM . 12.63 8.86 -68.92
C13 A86 PM . 14.54 9.96 -67.51
C14 A86 PM . 15.28 11.20 -68.38
C15 A86 PM . 14.57 11.88 -69.59
C16 A86 PM . 15.37 13.00 -70.21
C17 A86 PM . 14.68 13.78 -71.34
C18 A86 PM . 13.38 14.37 -70.96
C19 A86 PM . 12.65 13.70 -69.72
C2 A86 PM . 10.25 -0.17 -68.49
C20 A86 PM . 13.11 12.16 -69.61
C21 A86 PM . 12.39 11.64 -68.33
C22 A86 PM . 16.73 12.45 -70.72
C23 A86 PM . 15.67 13.98 -69.10
C24 A86 PM . 10.06 -2.68 -68.81
C25 A86 PM . 10.30 -3.98 -68.30
C26 A86 PM . 9.45 -5.20 -68.98
C27 A86 PM . 9.34 -6.52 -68.48
C28 A86 PM . 8.52 -7.50 -69.23
C29 A86 PM . 10.06 -7.02 -67.14
C3 A86 PM . 10.99 1.00 -68.00
C30 A86 PM . 10.19 -8.48 -66.99
C31 A86 PM . 10.33 -9.91 -66.89
C32 A86 PM . 9.44 -10.79 -65.99
C33 A86 PM . 10.13 -11.13 -64.66
C34 A86 PM . 11.42 -11.91 -64.95
C35 A86 PM . 12.37 -11.01 -65.75
C36 A86 PM . 11.72 -10.57 -67.07
C37 A86 PM . 12.71 -9.60 -67.75
C38 A86 PM . 11.16 -13.05 -62.82
C39 A86 PM . 11.68 -13.41 -61.40
C4 A86 PM . 12.34 1.16 -68.33
C40 A86 PM . 9.21 -12.12 -66.74
C41 A86 PM . 8.08 -10.09 -65.74
C5 A86 PM . 13.21 2.48 -67.82
C6 A86 PM . 12.58 3.72 -67.75
C7 A86 PM . 11.04 3.84 -68.15
C8 A86 PM . 13.37 5.04 -67.28
C9 A86 PM . 13.56 6.18 -68.18
O1 A86 PM . 13.64 10.97 -70.28
O2 A86 PM . 13.54 15.74 -70.74
O3 A86 PM . 11.61 -11.70 -67.89
O4 A86 PM . 12.03 -12.38 -63.75
O5 A86 PM . 10.06 -13.33 -63.09
C A86 QM . -1.21 -18.24 -67.06
O A86 QM . 0.18 -6.13 -71.06
C1 A86 QM . 0.34 -18.32 -66.99
C10 A86 QM . 0.92 -8.31 -69.17
C11 A86 QM . 1.52 -7.94 -70.43
C12 A86 QM . 2.44 -8.91 -71.10
C13 A86 QM . 1.25 -6.62 -71.05
C14 A86 QM . 2.54 -5.82 -71.75
C15 A86 QM . 2.05 -4.58 -72.57
C16 A86 QM . 1.74 -3.31 -71.81
C17 A86 QM . 0.28 -3.21 -71.40
C18 A86 QM . -0.54 -3.10 -72.60
C19 A86 QM . -0.42 -4.42 -73.43
C2 A86 QM . 1.15 -17.30 -67.52
C20 A86 QM . 1.12 -4.84 -73.68
C21 A86 QM . 1.01 -6.36 -74.10
C22 A86 QM . 2.13 -2.13 -72.74
C23 A86 QM . 2.60 -3.23 -70.55
C24 A86 QM . 1.02 -19.51 -66.35
C25 A86 QM . 0.31 -20.69 -66.01
C26 A86 QM . 1.16 -21.92 -65.32
C27 A86 QM . 1.81 -22.85 -66.15
C28 A86 QM . 1.72 -22.72 -67.63
C29 A86 QM . 2.66 -24.05 -65.50
C3 A86 QM . 0.59 -16.11 -68.17
C30 A86 QM . 2.06 -25.38 -65.32
C31 A86 QM . 1.53 -26.68 -65.11
C32 A86 QM . 1.72 -27.77 -66.18
C33 A86 QM . 0.74 -28.96 -66.04
C34 A86 QM . 0.76 -29.55 -64.62
C35 A86 QM . 0.48 -28.44 -63.58
C36 A86 QM . 1.51 -27.30 -63.71
C37 A86 QM . 1.18 -26.20 -62.70
C38 A86 QM . 0.06 -31.61 -63.58
C39 A86 QM . -1.11 -32.50 -63.04
C4 A86 QM . 1.20 -14.86 -67.94
C40 A86 QM . 3.18 -28.30 -66.07
C41 A86 QM . 1.52 -27.14 -67.58
C5 A86 QM . 0.61 -13.49 -68.67
C6 A86 QM . 1.40 -12.34 -68.60
C7 A86 QM . 2.79 -12.42 -67.83
C8 A86 QM . 0.94 -10.95 -69.28
C9 A86 QM . 1.29 -9.71 -68.60
O1 A86 QM . 2.54 -4.54 -73.95
O2 A86 QM . -1.89 -2.91 -72.23
O3 A86 QM . 2.78 -27.80 -63.44
O4 A86 QM . -0.23 -30.55 -64.52
O5 A86 QM . 1.15 -31.82 -63.20
C A86 RM . 39.74 16.77 -78.51
O A86 RM . 48.99 12.24 -82.88
C1 A86 RM . 39.15 17.78 -79.54
C10 A86 RM . 47.51 13.79 -81.24
C11 A86 RM . 48.56 12.91 -80.72
C12 A86 RM . 48.69 12.48 -79.29
C13 A86 RM . 49.43 12.45 -81.81
C14 A86 RM . 51.05 12.24 -81.54
C15 A86 RM . 51.21 10.70 -81.50
C16 A86 RM . 52.15 10.18 -80.42
C17 A86 RM . 52.86 8.86 -80.69
C18 A86 RM . 53.70 8.97 -81.89
C19 A86 RM . 52.99 9.72 -83.10
C2 A86 RM . 39.94 18.17 -80.64
C20 A86 RM . 51.44 10.07 -82.83
C21 A86 RM . 51.04 10.94 -84.07
C22 A86 RM . 51.29 10.00 -79.12
C23 A86 RM . 53.25 11.18 -80.08
C24 A86 RM . 37.75 18.32 -79.34
C25 A86 RM . 37.43 19.70 -79.43
C26 A86 RM . 35.87 20.16 -79.20
C27 A86 RM . 35.47 20.93 -78.08
C28 A86 RM . 36.48 21.38 -77.10
C29 A86 RM . 33.93 21.34 -77.90
C3 A86 RM . 41.29 17.62 -80.82
C30 A86 RM . 33.56 22.74 -77.75
C31 A86 RM . 33.18 24.11 -77.61
C32 A86 RM . 34.15 25.22 -78.07
C33 A86 RM . 34.00 25.55 -79.55
C34 A86 RM . 32.55 25.93 -79.90
C35 A86 RM . 31.58 24.81 -79.49
C36 A86 RM . 31.73 24.47 -77.99
C37 A86 RM . 31.22 25.64 -77.14
C38 A86 RM . 30.89 27.59 -79.55
C39 A86 RM . 29.80 27.74 -78.45
C4 A86 RM . 41.41 16.27 -81.22
C40 A86 RM . 35.61 24.72 -77.86
C41 A86 RM . 33.94 26.49 -77.21
C5 A86 RM . 42.87 15.49 -81.48
C6 A86 RM . 44.11 16.08 -81.20
C7 A86 RM . 44.18 17.56 -80.64
C8 A86 RM . 45.44 15.21 -81.52
C9 A86 RM . 46.33 14.53 -80.56
O1 A86 RM . 50.15 9.87 -82.12
O2 A86 RM . 54.90 9.65 -81.59
O3 A86 RM . 30.92 23.33 -77.77
O4 A86 RM . 32.20 27.09 -79.19
O5 A86 RM . 30.66 27.88 -80.66
MG CLA SM . 61.34 38.72 -80.83
CHA CLA SM . 60.80 42.05 -81.52
CHB CLA SM . 58.90 37.86 -83.02
CHC CLA SM . 61.87 35.42 -80.05
CHD CLA SM . 63.79 39.65 -78.46
NA CLA SM . 60.11 39.80 -82.10
C1A CLA SM . 60.03 41.20 -82.26
C2A CLA SM . 58.98 41.57 -83.31
C3A CLA SM . 58.37 40.21 -83.71
C4A CLA SM . 59.19 39.21 -82.92
CMA CLA SM . 56.92 40.10 -83.35
CAA CLA SM . 59.59 42.26 -84.52
CBA CLA SM . 59.08 41.77 -85.85
CGA CLA SM . 60.18 41.02 -86.54
O1A CLA SM . 61.07 41.45 -87.30
O2A CLA SM . 60.18 39.70 -86.24
NB CLA SM . 60.50 36.97 -81.38
C1B CLA SM . 59.56 36.84 -82.33
C2B CLA SM . 59.28 35.40 -82.57
C3B CLA SM . 60.11 34.69 -81.73
C4B CLA SM . 60.91 35.69 -80.98
CMB CLA SM . 58.29 34.96 -83.56
CAB CLA SM . 60.32 33.28 -81.56
CBB CLA SM . 59.37 32.35 -81.44
NC CLA SM . 62.62 37.73 -79.52
C1C CLA SM . 62.68 36.37 -79.38
C2C CLA SM . 63.68 36.03 -78.38
C3C CLA SM . 64.23 37.22 -77.92
C4C CLA SM . 63.55 38.28 -78.64
CMC CLA SM . 64.02 34.67 -77.95
CAC CLA SM . 65.27 37.38 -76.92
CBC CLA SM . 66.65 37.35 -77.54
ND CLA SM . 62.25 40.40 -80.22
C1D CLA SM . 63.19 40.65 -79.18
C2D CLA SM . 63.36 42.11 -79.02
C3D CLA SM . 62.47 42.69 -79.89
C4D CLA SM . 61.79 41.59 -80.59
CMD CLA SM . 64.28 42.74 -78.08
CAD CLA SM . 61.94 43.93 -80.40
OBD CLA SM . 62.26 45.08 -80.14
CBD CLA SM . 60.80 43.56 -81.38
CGD CLA SM . 59.48 43.95 -80.82
O1D CLA SM . 59.14 43.95 -79.63
O2D CLA SM . 58.57 44.33 -81.76
CED CLA SM . 57.19 44.28 -81.41
C1 CLA SM . 61.40 39.18 -85.67
C2 CLA SM . 61.50 37.75 -86.07
C3 CLA SM . 62.09 36.84 -85.30
C4 CLA SM . 62.67 37.18 -83.99
C5 CLA SM . 62.19 35.41 -85.71
C6 CLA SM . 63.61 35.05 -86.07
C7 CLA SM . 63.87 33.56 -85.96
C8 CLA SM . 64.99 33.11 -86.89
C9 CLA SM . 64.55 33.24 -88.34
C10 CLA SM . 65.39 31.67 -86.61
C11 CLA SM . 66.88 31.53 -86.35
C12 CLA SM . 67.19 31.51 -84.87
C13 CLA SM . 68.41 30.65 -84.56
C14 CLA SM . 68.20 29.21 -84.95
C15 CLA SM . 68.77 30.74 -83.08
C16 CLA SM . 70.23 31.08 -82.87
C17 CLA SM . 70.59 31.17 -81.40
C18 CLA SM . 70.63 29.81 -80.73
C19 CLA SM . 70.33 29.92 -79.25
C20 CLA SM . 71.97 29.16 -80.94
MG CLA TM . 59.32 27.26 -83.73
CHA CLA TM . 56.93 28.80 -85.70
CHB CLA TM . 61.60 29.58 -84.68
CHC CLA TM . 61.62 25.75 -81.69
CHD CLA TM . 56.95 24.83 -82.82
NA CLA TM . 59.25 28.92 -84.99
C1A CLA TM . 58.15 29.42 -85.70
C2A CLA TM . 58.55 30.67 -86.49
C3A CLA TM . 60.05 30.85 -86.17
C4A CLA TM . 60.34 29.72 -85.20
CMA CLA TM . 60.88 30.71 -87.43
CAA CLA TM . 57.85 31.93 -86.05
CBA CLA TM . 57.86 32.97 -87.16
CGA CLA TM . 57.20 32.42 -88.40
O1A CLA TM . 57.68 31.71 -89.28
O2A CLA TM . 55.89 32.78 -88.49
NB CLA TM . 61.19 27.70 -83.14
C1B CLA TM . 61.99 28.56 -83.80
C2B CLA TM . 63.42 28.23 -83.54
C3B CLA TM . 63.43 27.16 -82.69
C4B CLA TM . 62.02 26.80 -82.44
CMB CLA TM . 64.52 28.96 -84.14
CAB CLA TM . 64.53 26.41 -82.16
CBB CLA TM . 64.94 26.46 -80.89
NC CLA TM . 59.28 25.60 -82.49
C1C CLA TM . 60.34 25.18 -81.73
C2C CLA TM . 59.95 24.03 -80.93
C3C CLA TM . 58.64 23.75 -81.28
C4C CLA TM . 58.21 24.74 -82.25
CMC CLA TM . 60.83 23.33 -80.01
CAC CLA TM . 57.81 22.68 -80.72
CBC CLA TM . 57.11 23.25 -79.53
ND CLA TM . 57.45 26.75 -84.26
C1D CLA TM . 56.58 25.75 -83.76
C2D CLA TM . 55.27 25.90 -84.41
C3D CLA TM . 55.35 27.05 -85.17
C4D CLA TM . 56.72 27.57 -85.01
CMD CLA TM . 54.15 24.99 -84.22
CAD CLA TM . 54.66 27.93 -86.09
OBD CLA TM . 53.56 27.81 -86.61
CBD CLA TM . 55.60 29.12 -86.35
CGD CLA TM . 55.77 29.38 -87.81
O1D CLA TM . 56.71 29.04 -88.54
O2D CLA TM . 54.74 30.07 -88.35
CED CLA TM . 54.55 29.96 -89.77
MG CLA UM . 56.44 17.74 -65.28
CHA CLA UM . 56.75 14.53 -64.08
CHB CLA UM . 56.94 16.62 -68.43
CHC CLA UM . 55.97 20.92 -66.43
CHD CLA UM . 55.84 18.86 -61.98
NA CLA UM . 56.79 15.87 -66.09
C1A CLA UM . 56.88 14.64 -65.42
C2A CLA UM . 57.13 13.51 -66.43
C3A CLA UM . 57.26 14.24 -67.79
C4A CLA UM . 56.96 15.69 -67.43
CMA CLA UM . 58.62 14.10 -68.40
CAA CLA UM . 55.99 12.51 -66.60
CBA CLA UM . 54.60 12.94 -66.15
CGA CLA UM . 54.01 14.02 -67.01
O1A CLA UM . 53.58 13.93 -68.15
O2A CLA UM . 53.97 15.24 -66.40
NB CLA UM . 56.54 18.62 -67.08
C1B CLA UM . 56.69 17.98 -68.25
C2B CLA UM . 56.53 18.94 -69.38
C3B CLA UM . 56.27 20.16 -68.81
C4B CLA UM . 56.24 19.97 -67.34
CMB CLA UM . 56.63 18.54 -70.78
CAB CLA UM . 56.00 21.43 -69.42
CBB CLA UM . 56.89 22.13 -70.10
NC CLA UM . 56.01 19.55 -64.36
C1C CLA UM . 55.89 20.74 -65.02
C2C CLA UM . 55.59 21.80 -64.09
C3C CLA UM . 55.54 21.22 -62.83
C4C CLA UM . 55.81 19.80 -63.02
CMC CLA UM . 55.39 23.20 -64.45
CAC CLA UM . 55.26 21.88 -61.56
CBC CLA UM . 53.80 21.76 -61.19
ND CLA UM . 56.26 16.94 -63.44
C1D CLA UM . 56.05 17.52 -62.16
C2D CLA UM . 56.09 16.46 -61.15
C3D CLA UM . 56.35 15.29 -61.83
C4D CLA UM . 56.46 15.66 -63.24
CMD CLA UM . 55.87 16.67 -59.72
CAD CLA UM . 56.53 13.86 -61.72
OBD CLA UM . 56.43 13.14 -60.74
CBD CLA UM . 56.87 13.34 -63.15
CGD CLA UM . 58.27 12.82 -63.25
O1D CLA UM . 58.67 11.65 -63.21
O2D CLA UM . 59.20 13.81 -63.41
CED CLA UM . 60.06 14.11 -62.31
C1 CLA UM . 53.04 15.44 -65.31
C2 CLA UM . 53.18 16.87 -64.96
C3 CLA UM . 52.19 17.65 -64.49
C4 CLA UM . 50.83 17.13 -64.25
C5 CLA UM . 52.45 19.07 -64.16
C6 CLA UM . 51.34 20.00 -64.64
C7 CLA UM . 51.84 20.91 -65.73
C8 CLA UM . 50.70 21.82 -66.19
C9 CLA UM . 49.64 21.03 -66.91
C10 CLA UM . 51.20 22.96 -67.07
C11 CLA UM . 50.21 24.10 -67.10
C12 CLA UM . 49.80 24.56 -65.71
C13 CLA UM . 49.06 25.88 -65.75
C14 CLA UM . 50.04 27.03 -65.87
C15 CLA UM . 48.19 26.06 -64.51
C16 CLA UM . 46.73 25.88 -64.83
C17 CLA UM . 45.83 25.98 -63.61
C18 CLA UM . 44.44 25.46 -63.91
C19 CLA UM . 43.39 26.11 -63.04
C20 CLA UM . 44.38 23.95 -63.77
MG CLA VM . 46.98 7.78 -68.55
CHA CLA VM . 44.07 9.61 -68.23
CHB CLA VM . 48.70 10.62 -69.14
CHC CLA VM . 49.83 5.92 -68.91
CHD CLA VM . 45.16 4.84 -67.91
NA CLA VM . 46.45 9.79 -68.66
C1A CLA VM . 45.19 10.36 -68.50
C2A CLA VM . 45.27 11.88 -68.70
C3A CLA VM . 46.76 12.15 -69.00
C4A CLA VM . 47.36 10.76 -68.94
CMA CLA VM . 47.00 12.81 -70.34
CAA CLA VM . 44.89 12.69 -67.48
CBA CLA VM . 43.68 13.52 -67.82
CGA CLA VM . 43.70 13.85 -69.28
O1A CLA VM . 43.05 13.36 -70.21
O2A CLA VM . 44.58 14.86 -69.55
NB CLA VM . 48.84 8.17 -69.17
C1B CLA VM . 49.37 9.41 -69.04
C2B CLA VM . 50.79 9.36 -68.68
C3B CLA VM . 51.13 8.03 -68.62
C4B CLA VM . 49.90 7.28 -68.93
CMB CLA VM . 51.55 10.57 -68.45
CAB CLA VM . 52.36 7.36 -68.32
CBB CLA VM . 53.11 7.56 -67.22
NC CLA VM . 47.41 5.75 -68.44
C1C CLA VM . 48.64 5.21 -68.66
C2C CLA VM . 48.58 3.76 -68.59
C3C CLA VM . 47.27 3.45 -68.24
C4C CLA VM . 46.54 4.70 -68.16
CMC CLA VM . 49.73 2.89 -68.80
CAC CLA VM . 46.72 2.10 -68.06
CBC CLA VM . 46.35 1.45 -69.38
ND CLA VM . 45.12 7.30 -67.93
C1D CLA VM . 44.49 6.04 -67.80
C2D CLA VM . 43.05 6.26 -67.56
C3D CLA VM . 42.85 7.61 -67.70
C4D CLA VM . 44.16 8.21 -67.98
CMD CLA VM . 42.08 5.22 -67.27
CAD CLA VM . 41.88 8.69 -67.64
OBD CLA VM . 40.70 8.67 -67.29
CBD CLA VM . 42.61 9.95 -68.12
CGD CLA VM . 42.07 10.40 -69.45
O1D CLA VM . 41.06 11.07 -69.66
O2D CLA VM . 42.82 9.99 -70.51
CED CLA VM . 42.15 9.38 -71.61
MG CLA WM . 50.52 23.68 -81.38
CHA CLA WM . 51.11 26.79 -82.77
CHB CLA WM . 47.70 23.38 -83.21
CHC CLA WM . 49.98 20.62 -79.97
CHD CLA WM . 53.57 23.92 -79.62
NA CLA WM . 49.55 24.93 -82.73
C1A CLA WM . 49.95 26.19 -83.19
C2A CLA WM . 48.89 26.74 -84.18
C3A CLA WM . 47.88 25.60 -84.32
C4A CLA WM . 48.38 24.56 -83.33
CMA CLA WM . 46.46 26.01 -84.01
CAA CLA WM . 49.37 27.07 -85.57
CBA CLA WM . 49.14 28.54 -85.89
CGA CLA WM . 47.69 28.90 -85.78
O1A CLA WM . 47.04 29.18 -84.78
O2A CLA WM . 47.06 28.90 -86.99
NB CLA WM . 49.15 22.24 -81.61
C1B CLA WM . 48.03 22.32 -82.36
C2B CLA WM . 47.20 21.10 -82.18
C3B CLA WM . 47.85 20.32 -81.26
C4B CLA WM . 49.08 21.05 -80.88
CMB CLA WM . 45.93 20.90 -82.87
CAB CLA WM . 47.47 19.06 -80.68
CBB CLA WM . 48.11 17.91 -80.87
NC CLA WM . 51.56 22.52 -80.00
C1C CLA WM . 51.13 21.33 -79.54
C2C CLA WM . 52.04 20.79 -78.56
C3C CLA WM . 53.11 21.68 -78.48
C4C CLA WM . 52.79 22.77 -79.40
CMC CLA WM . 51.78 19.53 -77.87
CAC CLA WM . 54.30 21.60 -77.62
CBC CLA WM . 55.29 20.50 -77.95
ND CLA WM . 51.94 25.07 -81.05
C1D CLA WM . 53.18 24.99 -80.38
C2D CLA WM . 53.94 26.23 -80.64
C3D CLA WM . 53.16 26.96 -81.50
C4D CLA WM . 51.96 26.18 -81.78
CMD CLA WM . 55.24 26.54 -80.07
CAD CLA WM . 53.09 28.18 -82.25
OBD CLA WM . 53.82 29.16 -82.25
CBD CLA WM . 51.84 28.05 -83.16
CGD CLA WM . 50.99 29.27 -83.02
O1D CLA WM . 51.12 30.34 -83.62
O2D CLA WM . 49.97 29.14 -82.14
CED CLA WM . 49.17 30.28 -81.87
MG CLA XM . 50.04 35.71 -69.11
CHA CLA XM . 47.10 37.16 -70.23
CHB CLA XM . 51.09 38.69 -67.94
CHC CLA XM . 52.99 34.23 -68.16
CHD CLA XM . 48.89 32.59 -70.30
NA CLA XM . 49.19 37.60 -69.09
C1A CLA XM . 47.96 38.03 -69.60
C2A CLA XM . 47.78 39.54 -69.37
C3A CLA XM . 49.03 39.94 -68.57
C4A CLA XM . 49.85 38.66 -68.52
CMA CLA XM . 49.77 41.03 -69.28
CAA CLA XM . 46.57 40.02 -68.58
CBA CLA XM . 46.03 41.29 -69.21
CGA CLA XM . 44.60 41.48 -68.86
O1A CLA XM . 44.12 41.96 -67.84
O2A CLA XM . 43.74 41.03 -69.83
NB CLA XM . 51.74 36.35 -68.27
C1B CLA XM . 51.95 37.59 -67.80
C2B CLA XM . 53.25 37.66 -67.11
C3B CLA XM . 53.80 36.41 -67.17
C4B CLA XM . 52.83 35.55 -67.91
CMB CLA XM . 53.76 38.88 -66.49
CAB CLA XM . 55.04 35.89 -66.64
CBB CLA XM . 56.25 36.34 -66.96
NC CLA XM . 50.79 33.77 -69.20
C1C CLA XM . 52.02 33.39 -68.76
C2C CLA XM . 52.22 31.97 -68.99
C3C CLA XM . 51.06 31.49 -69.58
C4C CLA XM . 50.15 32.63 -69.72
CMC CLA XM . 53.43 31.23 -68.65
CAC CLA XM . 50.78 30.12 -69.99
CBC CLA XM . 50.19 29.32 -68.84
ND CLA XM . 48.37 34.96 -69.96
C1D CLA XM . 48.05 33.67 -70.43
C2D CLA XM . 46.71 33.71 -71.05
C3D CLA XM . 46.31 35.01 -71.00
C4D CLA XM . 47.39 35.76 -70.33
CMD CLA XM . 46.01 32.55 -71.60
CAD CLA XM . 45.24 35.95 -71.30
OBD CLA XM . 44.14 35.74 -71.78
CBD CLA XM . 45.75 37.34 -70.88
CGD CLA XM . 45.92 38.21 -72.08
O1D CLA XM . 45.10 38.98 -72.57
O2D CLA XM . 47.15 38.11 -72.65
CED CLA XM . 47.63 39.25 -73.34
MG CLA YM . 60.16 37.11 -62.40
CHA CLA YM . 58.71 40.15 -61.67
CHB CLA YM . 57.32 35.51 -61.47
CHC CLA YM . 61.81 34.11 -62.71
CHD CLA YM . 63.15 38.79 -63.27
NA CLA YM . 58.29 37.76 -61.75
C1A CLA YM . 57.87 39.07 -61.49
C2A CLA YM . 56.41 39.07 -61.01
C3A CLA YM . 55.98 37.60 -61.11
C4A CLA YM . 57.28 36.88 -61.47
CMA CLA YM . 55.41 37.11 -59.81
CAA CLA YM . 55.44 39.91 -61.82
CBA CLA YM . 54.49 40.65 -60.90
CGA CLA YM . 55.18 41.77 -60.21
O1A CLA YM . 55.55 42.85 -60.68
O2A CLA YM . 55.43 41.52 -58.88
NB CLA YM . 59.66 35.19 -62.13
C1B CLA YM . 58.45 34.73 -61.76
C2B CLA YM . 58.46 33.24 -61.68
C3B CLA YM . 59.74 32.83 -62.03
C4B CLA YM . 60.50 34.07 -62.33
CMB CLA YM . 57.26 32.50 -61.30
CAB CLA YM . 60.39 31.55 -62.15
CBB CLA YM . 59.86 30.33 -62.17
NC CLA YM . 62.09 36.56 -62.97
C1C CLA YM . 62.54 35.28 -63.03
C2C CLA YM . 63.94 35.26 -63.40
C3C CLA YM . 64.33 36.58 -63.58
C4C CLA YM . 63.17 37.39 -63.30
CMC CLA YM . 64.73 34.04 -63.52
CAC CLA YM . 65.67 37.07 -63.96
CBC CLA YM . 65.77 37.40 -65.42
ND CLA YM . 60.78 39.01 -62.66
C1D CLA YM . 62.05 39.55 -62.96
C2D CLA YM . 61.98 41.02 -62.86
C3D CLA YM . 60.73 41.29 -62.35
C4D CLA YM . 60.03 40.01 -62.22
CMD CLA YM . 63.08 41.93 -63.18
CAD CLA YM . 59.81 42.34 -61.97
OBD CLA YM . 59.91 43.56 -62.08
CBD CLA YM . 58.58 41.61 -61.36
CGD CLA YM . 58.54 41.79 -59.87
O1D CLA YM . 58.10 42.74 -59.23
O2D CLA YM . 59.08 40.73 -59.18
CED CLA YM . 60.39 40.86 -58.63
MG CLA ZM . 53.20 27.29 -93.65
CHA CLA ZM . 51.90 28.72 -96.50
CHB CLA ZM . 50.24 27.72 -92.07
CHC CLA ZM . 54.53 25.80 -90.85
CHD CLA ZM . 56.23 26.72 -95.37
NA CLA ZM . 51.37 28.11 -94.22
C1A CLA ZM . 51.01 28.65 -95.46
C2A CLA ZM . 49.54 29.11 -95.42
C3A CLA ZM . 49.10 28.85 -93.97
C4A CLA ZM . 50.31 28.18 -93.36
CMA CLA ZM . 48.72 30.11 -93.24
CAA CLA ZM . 48.64 28.31 -96.37
CBA CLA ZM . 47.86 27.18 -95.72
CGA CLA ZM . 48.66 25.92 -95.58
O1A CLA ZM . 48.41 24.94 -94.88
O2A CLA ZM . 49.80 25.88 -96.34
NB CLA ZM . 52.49 26.76 -91.85
C1B CLA ZM . 51.29 27.12 -91.38
C2B CLA ZM . 51.21 26.83 -89.93
C3B CLA ZM . 52.40 26.28 -89.57
C4B CLA ZM . 53.25 26.25 -90.78
CMB CLA ZM . 50.00 27.13 -89.17
CAB CLA ZM . 52.86 25.87 -88.27
CBB CLA ZM . 53.43 26.68 -87.38
NC CLA ZM . 55.05 26.45 -93.20
C1C CLA ZM . 55.37 25.90 -91.99
C2C CLA ZM . 56.74 25.40 -92.03
C3C CLA ZM . 57.22 25.65 -93.31
C4C CLA ZM . 56.15 26.30 -94.04
CMC CLA ZM . 57.43 24.77 -90.89
CAC CLA ZM . 58.55 25.32 -93.85
CBC CLA ZM . 59.51 26.48 -93.77
ND CLA ZM . 54.00 27.75 -95.43
C1D CLA ZM . 55.24 27.40 -96.04
C2D CLA ZM . 55.25 27.90 -97.42
C3D CLA ZM . 54.02 28.46 -97.63
C4D CLA ZM . 53.26 28.29 -96.38
CMD CLA ZM . 56.39 27.81 -98.33
CAD CLA ZM . 53.17 29.16 -98.57
OBD CLA ZM . 53.44 29.63 -99.66
CBD CLA ZM . 51.77 29.22 -97.92
CGD CLA ZM . 51.23 30.63 -97.94
O1D CLA ZM . 51.08 31.39 -96.98
O2D CLA ZM . 50.89 31.06 -99.18
CED CLA ZM . 49.82 31.99 -99.27
C1 CLA ZM . 50.82 24.94 -95.93
C2 CLA ZM . 51.96 25.04 -96.89
C3 CLA ZM . 52.01 24.37 -98.05
C4 CLA ZM . 50.93 23.45 -98.48
C5 CLA ZM . 53.18 24.52 -98.97
C6 CLA ZM . 52.79 24.86 -100.40
C7 CLA ZM . 52.32 26.29 -100.51
C8 CLA ZM . 50.97 26.39 -101.23
C9 CLA ZM . 51.13 25.97 -102.69
C10 CLA ZM . 50.42 27.81 -101.15
C11 CLA ZM . 49.20 27.89 -100.26
C12 CLA ZM . 47.94 27.51 -101.00
C13 CLA ZM . 46.86 26.95 -100.06
C14 CLA ZM . 46.22 28.05 -99.24
C15 CLA ZM . 47.40 25.85 -99.15
C16 CLA ZM . 47.60 24.54 -99.89
C17 CLA ZM . 46.33 24.07 -100.57
C18 CLA ZM . 46.56 23.46 -101.95
C19 CLA ZM . 45.23 23.34 -102.68
C20 CLA ZM . 47.53 24.26 -102.79
C A86 AN . 57.16 30.34 -64.11
O A86 AN . 69.64 30.60 -67.65
C1 A86 AN . 56.89 31.51 -65.10
C10 A86 AN . 66.12 29.96 -67.43
C11 A86 AN . 67.31 30.76 -67.63
C12 A86 AN . 67.24 32.26 -67.77
C13 A86 AN . 68.61 30.04 -67.71
C14 A86 AN . 68.54 28.38 -67.91
C15 A86 AN . 69.15 27.64 -66.67
C16 A86 AN . 69.02 28.32 -65.33
C17 A86 AN . 70.13 29.34 -65.10
C18 A86 AN . 71.41 28.65 -65.02
C19 A86 AN . 71.73 27.87 -66.35
C2 A86 AN . 57.96 32.08 -65.84
C20 A86 AN . 70.47 27.01 -66.90
C21 A86 AN . 70.84 26.79 -68.42
C22 A86 AN . 69.08 27.22 -64.23
C23 A86 AN . 67.67 29.00 -65.23
C24 A86 AN . 55.51 32.07 -65.28
C25 A86 AN . 54.35 31.25 -65.39
C26 A86 AN . 52.94 32.06 -65.59
C27 A86 AN . 52.21 32.53 -64.47
C28 A86 AN . 52.74 32.29 -63.11
C29 A86 AN . 50.85 33.35 -64.69
C3 A86 AN . 59.33 31.58 -65.72
C30 A86 AN . 49.54 32.74 -64.49
C31 A86 AN . 48.23 32.16 -64.31
C32 A86 AN . 48.04 30.70 -63.89
C33 A86 AN . 46.72 30.46 -63.13
C34 A86 AN . 45.52 31.00 -63.91
C35 A86 AN . 45.71 32.50 -64.24
C36 A86 AN . 47.01 32.75 -65.02
C37 A86 AN . 46.91 32.11 -66.42
C38 A86 AN . 44.05 29.80 -65.38
C39 A86 AN . 42.92 30.78 -65.83
C4 A86 AN . 60.39 32.49 -65.73
C40 A86 AN . 48.04 29.82 -65.18
C41 A86 AN . 49.24 30.30 -62.99
C5 A86 AN . 61.96 31.94 -65.60
C6 A86 AN . 62.88 32.30 -66.60
C7 A86 AN . 62.43 33.19 -67.84
C8 A86 AN . 64.39 31.78 -66.52
C9 A86 AN . 64.72 30.62 -67.35
O1 A86 AN . 69.26 26.17 -66.76
O2 A86 AN . 72.44 29.59 -64.78
O3 A86 AN . 47.18 34.13 -65.15
O4 A86 AN . 45.38 30.30 -65.13
O5 A86 AN . 43.81 28.67 -65.25
C A86 BN . 65.55 30.04 -78.71
O A86 BN . 59.42 19.66 -73.27
C1 A86 BN . 64.37 30.42 -79.65
C10 A86 BN . 60.46 22.73 -74.68
C11 A86 BN . 59.49 21.77 -74.25
C12 A86 BN . 58.05 21.85 -74.69
C13 A86 BN . 59.96 20.69 -73.35
C14 A86 BN . 61.35 20.98 -72.46
C15 A86 BN . 62.07 19.68 -72.00
C16 A86 BN . 62.31 18.54 -72.98
C17 A86 BN . 61.50 17.28 -72.70
C18 A86 BN . 61.84 16.82 -71.36
C19 A86 BN . 61.22 17.83 -70.35
C2 A86 BN . 63.28 29.54 -79.80
C20 A86 BN . 61.93 19.25 -70.59
C21 A86 BN . 61.07 20.24 -69.73
C22 A86 BN . 63.82 18.17 -72.92
C23 A86 BN . 62.00 18.98 -74.39
C24 A86 BN . 64.39 31.73 -80.39
C25 A86 BN . 65.44 32.67 -80.21
C26 A86 BN . 65.35 34.07 -81.04
C27 A86 BN . 64.95 34.03 -82.40
C28 A86 BN . 64.65 32.74 -83.04
C29 A86 BN . 64.82 35.39 -83.24
C3 A86 BN . 63.28 28.30 -79.05
C30 A86 BN . 65.93 36.33 -83.33
C31 A86 BN . 67.00 37.27 -83.44
C32 A86 BN . 68.05 37.18 -84.55
C33 A86 BN . 69.45 37.43 -83.98
C34 A86 BN . 69.52 38.82 -83.34
C35 A86 BN . 68.40 39.07 -82.29
C36 A86 BN . 67.00 38.64 -82.75
C37 A86 BN . 66.06 38.59 -81.54
C38 A86 BN . 71.47 40.15 -82.90
C39 A86 BN . 73.01 40.16 -82.88
C4 A86 BN . 62.33 28.18 -78.01
C40 A86 BN . 67.74 38.25 -85.63
C41 A86 BN . 68.01 35.77 -85.18
C5 A86 BN . 62.28 26.81 -77.08
C6 A86 BN . 61.16 25.98 -77.02
C7 A86 BN . 59.84 26.27 -77.87
C8 A86 BN . 61.27 24.70 -76.06
C9 A86 BN . 60.12 23.91 -75.63
O1 A86 BN . 63.10 20.04 -71.00
O2 A86 BN . 61.32 15.53 -71.15
O3 A86 BN . 66.50 39.61 -83.64
O4 A86 BN . 70.76 38.91 -82.69
O5 A86 BN . 70.88 41.15 -83.08
C A86 CN . 67.01 25.06 -86.80
O A86 CN . 70.35 16.77 -77.97
C1 A86 CN . 65.61 25.42 -86.20
C10 A86 CN . 70.02 20.03 -79.51
C11 A86 CN . 69.64 18.71 -79.02
C12 A86 CN . 68.20 18.27 -79.06
C13 A86 CN . 70.68 17.77 -78.48
C14 A86 CN . 72.30 18.17 -78.61
C15 A86 CN . 72.81 17.86 -80.05
C16 A86 CN . 72.61 18.94 -81.10
C17 A86 CN . 71.26 18.83 -81.79
C18 A86 CN . 71.20 17.60 -82.57
C19 A86 CN . 71.32 16.36 -81.60
C2 A86 CN . 65.22 24.88 -84.95
C20 A86 CN . 72.56 16.49 -80.57
C21 A86 CN . 72.19 15.45 -79.45
C22 A86 CN . 73.76 18.81 -82.17
C23 A86 CN . 72.73 20.31 -80.45
C24 A86 CN . 64.68 26.32 -86.97
C25 A86 CN . 63.28 26.10 -86.82
C26 A86 CN . 62.13 27.01 -87.57
C27 A86 CN . 62.39 28.04 -88.51
C28 A86 CN . 63.79 28.40 -88.88
C29 A86 CN . 61.13 28.81 -89.13
C3 A86 CN . 66.16 23.99 -84.25
C30 A86 CN . 61.18 29.77 -90.24
C31 A86 CN . 61.12 30.73 -91.31
C32 A86 CN . 61.12 30.32 -92.81
C33 A86 CN . 59.75 30.50 -93.52
C34 A86 CN . 58.55 30.57 -92.55
C35 A86 CN . 58.75 31.62 -91.41
C36 A86 CN . 60.22 31.97 -91.12
C37 A86 CN . 60.66 33.09 -92.09
C38 A86 CN . 57.05 32.17 -93.63
C39 A86 CN . 55.62 32.54 -94.10
C4 A86 CN . 65.91 23.47 -82.97
C40 A86 CN . 61.54 28.83 -92.91
C41 A86 CN . 62.17 31.18 -93.57
C5 A86 CN . 67.06 22.47 -82.30
C6 A86 CN . 66.69 21.35 -81.54
C7 A86 CN . 65.16 21.00 -81.31
C8 A86 CN . 67.85 20.41 -80.92
C9 A86 CN . 68.92 20.97 -80.07
O1 A86 CN . 73.93 16.90 -80.17
O2 A86 CN . 69.98 17.54 -83.27
O3 A86 CN . 60.33 32.41 -89.80
O4 A86 CN . 57.36 30.80 -93.27
O5 A86 CN . 57.87 33.01 -93.55
C A86 DN . 48.22 15.17 -64.85
O A86 DN . 52.43 24.00 -73.76
C1 A86 DN . 49.05 13.97 -65.39
C10 A86 DN . 51.91 21.40 -71.40
C11 A86 DN . 52.53 22.04 -72.55
C12 A86 DN . 53.83 21.54 -73.11
C13 A86 DN . 51.83 23.19 -73.15
C14 A86 DN . 50.18 23.31 -72.96
C15 A86 DN . 49.67 24.78 -72.78
C16 A86 DN . 49.19 25.54 -73.99
C17 A86 DN . 50.19 26.53 -74.55
C18 A86 DN . 50.49 27.53 -73.55
C19 A86 DN . 51.24 26.84 -72.37
C2 A86 DN . 49.79 14.07 -66.59
C20 A86 DN . 50.36 25.63 -71.77
C21 A86 DN . 51.38 24.85 -70.88
C22 A86 DN . 47.90 26.32 -73.57
C23 A86 DN . 48.80 24.59 -75.11
C24 A86 DN . 49.10 12.65 -64.65
C25 A86 DN . 49.35 11.50 -65.44
C26 A86 DN . 49.45 10.00 -64.81
C27 A86 DN . 48.47 9.45 -63.95
C28 A86 DN . 47.26 10.21 -63.56
C29 A86 DN . 48.71 7.95 -63.43
C3 A86 DN . 49.78 15.33 -67.35
C30 A86 DN . 48.05 7.41 -62.25
C31 A86 DN . 47.43 6.80 -61.11
C32 A86 DN . 46.57 5.54 -61.33
C33 A86 DN . 45.65 5.24 -60.14
C34 A86 DN . 46.46 5.11 -58.83
C35 A86 DN . 47.34 6.35 -58.59
C36 A86 DN . 48.23 6.69 -59.79
C37 A86 DN . 48.93 8.04 -59.54
C38 A86 DN . 45.31 3.65 -57.34
C39 A86 DN . 44.13 2.83 -57.92
C4 A86 DN . 50.96 15.99 -67.67
C40 A86 DN . 47.50 4.33 -61.56
C41 A86 DN . 45.70 5.77 -62.59
C5 A86 DN . 50.84 17.40 -68.54
C6 A86 DN . 51.81 17.81 -69.47
C7 A86 DN . 53.10 16.95 -69.77
C8 A86 DN . 51.51 19.20 -70.24
C9 A86 DN . 52.51 20.17 -70.68
O1 A86 DN . 49.07 24.99 -71.45
O2 A86 DN . 51.30 28.52 -74.13
O3 A86 DN . 49.20 5.69 -59.94
O4 A86 DN . 45.55 5.01 -57.77
O5 A86 DN . 46.02 3.17 -56.53
MG CLA EN . -20.59 -34.22 -110.94
CHA CLA EN . -23.39 -32.29 -111.52
CHB CLA EN . -18.70 -31.41 -110.73
CHC CLA EN . -17.84 -36.18 -110.33
CHD CLA EN . -22.58 -37.12 -111.24
NA CLA EN . -21.00 -32.19 -111.09
C1A CLA EN . -22.23 -31.57 -111.34
C2A CLA EN . -22.09 -30.05 -111.38
C3A CLA EN . -20.56 -29.84 -111.27
C4A CLA EN . -20.03 -31.24 -111.00
CMA CLA EN . -19.99 -29.27 -112.54
CAA CLA EN . -22.81 -29.37 -110.21
CBA CLA EN . -22.04 -29.38 -108.91
CGA CLA EN . -22.98 -29.38 -107.75
O1A CLA EN . -24.08 -28.82 -107.67
O2A CLA EN . -22.53 -30.06 -106.64
NB CLA EN . -18.62 -33.87 -110.73
C1B CLA EN . -18.10 -32.65 -110.47
C2B CLA EN . -16.75 -32.77 -109.84
C3B CLA EN . -16.50 -34.12 -109.73
C4B CLA EN . -17.69 -34.83 -110.28
CMB CLA EN . -15.94 -31.62 -109.46
CAB CLA EN . -15.36 -34.81 -109.19
CBB CLA EN . -14.13 -34.75 -109.69
NC CLA EN . -20.28 -36.27 -110.81
C1C CLA EN . -19.07 -36.85 -110.58
C2C CLA EN . -19.20 -38.30 -110.59
C3C CLA EN . -20.54 -38.58 -110.81
C4C CLA EN . -21.22 -37.29 -110.96
CMC CLA EN . -18.10 -39.23 -110.38
CAC CLA EN . -21.16 -39.89 -110.91
CBC CLA EN . -21.61 -40.38 -109.55
ND CLA EN . -22.54 -34.67 -111.14
C1D CLA EN . -23.22 -35.90 -111.33
C2D CLA EN . -24.64 -35.64 -111.62
C3D CLA EN . -24.77 -34.27 -111.69
C4D CLA EN . -23.42 -33.71 -111.43
CMD CLA EN . -25.65 -36.67 -111.80
CAD CLA EN . -25.67 -33.15 -111.88
OBD CLA EN . -26.89 -33.14 -111.98
CBD CLA EN . -24.78 -31.88 -111.93
CGD CLA EN . -24.70 -31.35 -113.34
O1D CLA EN . -23.94 -31.75 -114.22
O2D CLA EN . -25.55 -30.33 -113.60
CED CLA EN . -25.01 -29.17 -114.25
C1 CLA EN . -21.93 -31.36 -106.83
C2 CLA EN . -20.66 -31.31 -106.07
C3 CLA EN . -19.62 -32.14 -106.27
C4 CLA EN . -19.66 -33.21 -107.30
C5 CLA EN . -18.38 -32.02 -105.46
C6 CLA EN . -18.42 -32.88 -104.20
C7 CLA EN . -17.05 -32.92 -103.55
C8 CLA EN . -17.14 -33.18 -102.05
C9 CLA EN . -17.99 -32.13 -101.37
C10 CLA EN . -15.75 -33.21 -101.43
C11 CLA EN . -15.58 -34.39 -100.48
C12 CLA EN . -15.49 -35.69 -101.24
C13 CLA EN . -15.69 -36.89 -100.33
C14 CLA EN . -14.37 -37.61 -100.06
C15 CLA EN . -16.70 -37.87 -100.92
C16 CLA EN . -17.13 -38.90 -99.89
C17 CLA EN . -17.58 -40.18 -100.54
C18 CLA EN . -16.43 -40.93 -101.20
C19 CLA EN . -16.90 -41.66 -102.44
C20 CLA EN . -15.78 -41.90 -100.23
MG CLA FN . -9.64 -34.73 -107.08
CHA CLA FN . -9.48 -31.31 -107.54
CHB CLA FN . -12.86 -34.45 -106.09
CHC CLA FN . -9.63 -38.08 -106.31
CHD CLA FN . -6.24 -34.95 -107.89
NA CLA FN . -10.96 -33.13 -106.95
C1A CLA FN . -10.72 -31.76 -107.17
C2A CLA FN . -12.01 -30.95 -106.93
C3A CLA FN . -13.09 -32.03 -106.73
C4A CLA FN . -12.27 -33.31 -106.58
CMA CLA FN . -13.99 -31.78 -105.57
CAA CLA FN . -12.46 -30.08 -108.09
CBA CLA FN . -13.08 -28.78 -107.61
CGA CLA FN . -12.08 -27.92 -106.92
O1A CLA FN . -11.60 -28.05 -105.78
O2A CLA FN . -11.66 -26.86 -107.67
NB CLA FN . -11.00 -36.02 -106.37
C1B CLA FN . -12.22 -35.69 -105.91
C2B CLA FN . -12.81 -36.82 -105.16
C3B CLA FN . -11.91 -37.85 -105.23
C4B CLA FN . -10.75 -37.36 -106.01
CMB CLA FN . -14.13 -36.75 -104.54
CAB CLA FN . -11.96 -39.19 -104.70
CBB CLA FN . -12.11 -39.51 -103.41
NC CLA FN . -8.23 -36.25 -107.21
C1C CLA FN . -8.46 -37.56 -106.90
C2C CLA FN . -7.27 -38.34 -107.15
C3C CLA FN . -6.28 -37.46 -107.52
C4C CLA FN . -6.89 -36.14 -107.56
CMC CLA FN . -7.17 -39.79 -106.96
CAC CLA FN . -4.91 -37.78 -107.89
CBC CLA FN . -4.82 -37.89 -109.38
ND CLA FN . -8.21 -33.51 -107.81
C1D CLA FN . -6.82 -33.72 -107.99
C2D CLA FN . -6.17 -32.44 -108.32
C3D CLA FN . -7.15 -31.49 -108.19
C4D CLA FN . -8.39 -32.20 -107.81
CMD CLA FN . -4.76 -32.31 -108.67
CAD CLA FN . -7.49 -30.10 -108.33
OBD CLA FN . -6.84 -29.18 -108.83
CBD CLA FN . -8.89 -29.93 -107.71
CGD CLA FN . -8.75 -29.34 -106.34
O1D CLA FN . -9.30 -29.71 -105.31
O2D CLA FN . -7.88 -28.30 -106.27
CED CLA FN . -6.83 -28.40 -105.31
MG CLA GN . -0.58 -49.52 -118.49
CHA CLA GN . 2.05 -51.74 -118.26
CHB CLA GN . 0.63 -47.81 -115.81
CHC CLA GN . -3.11 -47.26 -118.87
CHD CLA GN . -1.80 -51.31 -121.29
NA CLA GN . 1.06 -49.78 -117.23
C1A CLA GN . 2.06 -50.76 -117.31
C2A CLA GN . 3.08 -50.56 -116.17
C3A CLA GN . 2.48 -49.42 -115.33
C4A CLA GN . 1.30 -48.95 -116.18
CMA CLA GN . 2.01 -49.90 -113.99
CAA CLA GN . 4.49 -50.15 -116.61
CBA CLA GN . 4.64 -49.49 -117.98
CGA CLA GN . 3.97 -48.16 -118.02
O1A CLA GN . 4.21 -47.16 -117.35
O2A CLA GN . 2.93 -48.13 -118.91
NB CLA GN . -1.16 -47.87 -117.50
C1B CLA GN . -0.48 -47.28 -116.49
C2B CLA GN . -1.09 -45.97 -116.17
C3B CLA GN . -2.15 -45.81 -117.02
C4B CLA GN . -2.21 -47.01 -117.88
CMB CLA GN . -0.57 -45.08 -115.13
CAB CLA GN . -3.10 -44.74 -117.14
CBB CLA GN . -4.27 -44.74 -116.50
NC CLA GN . -2.20 -49.36 -119.80
C1C CLA GN . -3.13 -48.36 -119.75
C2C CLA GN . -4.12 -48.56 -120.78
C3C CLA GN . -3.74 -49.68 -121.50
C4C CLA GN . -2.52 -50.18 -120.87
CMC CLA GN . -5.28 -47.70 -121.01
CAC CLA GN . -4.43 -50.27 -122.65
CBC CLA GN . -3.82 -49.86 -123.96
ND CLA GN . -0.08 -51.16 -119.54
C1D CLA GN . -0.65 -51.78 -120.68
C2D CLA GN . 0.18 -52.93 -121.07
C3D CLA GN . 1.23 -52.97 -120.17
C4D CLA GN . 1.02 -51.83 -119.25
CMD CLA GN . -0.11 -53.81 -122.21
CAD CLA GN . 2.44 -53.65 -119.76
OBD CLA GN . 2.99 -54.63 -120.24
CBD CLA GN . 3.00 -52.88 -118.54
CGD CLA GN . 3.11 -53.76 -117.31
O1D CLA GN . 4.04 -53.81 -116.51
O2D CLA GN . 2.02 -54.55 -117.11
CED CLA GN . 1.79 -55.03 -115.78
C1 CLA GN . 2.41 -46.86 -119.23
C2 CLA GN . 1.14 -47.06 -119.97
C3 CLA GN . 1.06 -47.20 -121.30
C4 CLA GN . 2.26 -47.16 -122.18
C5 CLA GN . -0.26 -47.39 -121.95
C6 CLA GN . -0.81 -46.10 -122.53
C7 CLA GN . -1.61 -45.34 -121.49
C8 CLA GN . -1.65 -43.84 -121.74
C9 CLA GN . -0.80 -43.12 -120.71
C10 CLA GN . -3.08 -43.33 -121.69
C11 CLA GN . -3.48 -42.65 -122.98
C12 CLA GN . -3.42 -43.60 -124.16
C13 CLA GN . -4.50 -43.29 -125.19
C14 CLA GN . -5.51 -44.42 -125.28
C15 CLA GN . -3.89 -43.03 -126.57
C16 CLA GN . -3.16 -41.71 -126.61
C17 CLA GN . -2.95 -41.23 -128.02
C18 CLA GN . -1.69 -40.39 -128.16
C19 CLA GN . -1.64 -39.69 -129.50
C20 CLA GN . -0.46 -41.24 -127.96
MG CLA HN . 12.41 -45.08 -120.62
CHA CLA HN . 12.36 -43.11 -123.46
CHB CLA HN . 9.15 -44.39 -120.10
CHC CLA HN . 12.44 -47.26 -118.00
CHD CLA HN . 15.77 -45.95 -121.33
NA CLA HN . 11.03 -43.86 -121.58
C1A CLA HN . 11.19 -43.13 -122.77
C2A CLA HN . 9.91 -42.39 -123.10
C3A CLA HN . 9.04 -42.56 -121.83
C4A CLA HN . 9.76 -43.68 -121.11
CMA CLA HN . 8.98 -41.30 -121.01
CAA CLA HN . 9.19 -42.99 -124.29
CBA CLA HN . 8.92 -41.92 -125.31
CGA CLA HN . 8.66 -40.63 -124.58
O1A CLA HN . 9.38 -39.63 -124.51
O2A CLA HN . 7.46 -40.61 -123.94
NB CLA HN . 11.09 -45.58 -119.20
C1B CLA HN . 9.76 -45.42 -119.40
C2B CLA HN . 9.00 -46.55 -118.79
C3B CLA HN . 9.93 -47.37 -118.20
C4B CLA HN . 11.26 -46.74 -118.42
CMB CLA HN . 7.55 -46.62 -118.87
CAB CLA HN . 9.80 -48.59 -117.45
CBB CLA HN . 8.94 -48.86 -116.47
NC CLA HN . 13.87 -46.27 -119.75
C1C CLA HN . 13.69 -47.00 -118.62
C2C CLA HN . 14.93 -47.64 -118.22
C3C CLA HN . 15.84 -47.39 -119.23
C4C CLA HN . 15.18 -46.52 -120.19
CMC CLA HN . 15.09 -48.46 -117.02
CAC CLA HN . 17.24 -47.84 -119.31
CBC CLA HN . 18.21 -46.85 -118.68
ND CLA HN . 13.81 -44.63 -121.99
C1D CLA HN . 15.14 -45.07 -122.18
C2D CLA HN . 15.69 -44.42 -123.39
C3D CLA HN . 14.68 -43.65 -123.91
C4D CLA HN . 13.51 -43.82 -123.01
CMD CLA HN . 17.06 -44.61 -123.87
CAD CLA HN . 14.29 -42.71 -124.95
OBD CLA HN . 14.95 -42.20 -125.84
CBD CLA HN . 12.77 -42.41 -124.74
CGD CLA HN . 12.48 -40.95 -124.71
O1D CLA HN . 12.01 -40.26 -125.61
O2D CLA HN . 12.76 -40.37 -123.50
CED CLA HN . 13.76 -39.36 -123.48
MG CLA IN . -2.04 -32.72 -112.92
CHA CLA IN . -4.77 -30.72 -112.19
CHB CLA IN . -0.13 -29.96 -113.38
CHC CLA IN . 0.59 -34.73 -113.67
CHD CLA IN . -4.07 -35.59 -112.41
NA CLA IN . -2.42 -30.68 -112.80
C1A CLA IN . -3.61 -30.03 -112.47
C2A CLA IN . -3.43 -28.50 -112.49
C3A CLA IN . -1.95 -28.32 -112.88
C4A CLA IN . -1.44 -29.75 -113.03
CMA CLA IN . -1.79 -27.56 -114.17
CAA CLA IN . -3.60 -27.84 -111.15
CBA CLA IN . -4.58 -26.68 -111.21
CGA CLA IN . -4.17 -25.68 -112.27
O1A CLA IN . -4.46 -25.67 -113.46
O2A CLA IN . -3.40 -24.68 -111.77
NB CLA IN . -0.12 -32.40 -113.41
C1B CLA IN . 0.46 -31.20 -113.59
C2B CLA IN . 1.83 -31.35 -114.11
C3B CLA IN . 2.09 -32.70 -114.23
C4B CLA IN . 0.84 -33.39 -113.75
CMB CLA IN . 2.66 -30.17 -114.39
CAB CLA IN . 3.30 -33.39 -114.66
CBB CLA IN . 3.87 -34.18 -113.72
NC CLA IN . -1.79 -34.78 -112.98
C1C CLA IN . -0.61 -35.38 -113.30
C2C CLA IN . -0.75 -36.82 -113.25
C3C CLA IN . -2.08 -37.10 -112.91
C4C CLA IN . -2.72 -35.79 -112.75
CMC CLA IN . 0.36 -37.72 -113.56
CAC CLA IN . -2.73 -38.41 -112.76
CBC CLA IN . -2.29 -39.28 -111.61
ND CLA IN . -3.95 -33.13 -112.41
C1D CLA IN . -4.66 -34.35 -112.26
C2D CLA IN . -6.06 -34.04 -111.92
C3D CLA IN . -6.16 -32.67 -111.90
C4D CLA IN . -4.82 -32.15 -112.21
CMD CLA IN . -7.10 -35.05 -111.67
CAD CLA IN . -7.02 -31.54 -111.66
OBD CLA IN . -8.20 -31.50 -111.34
CBD CLA IN . -6.17 -30.26 -111.89
CGD CLA IN . -6.67 -29.48 -113.05
O1D CLA IN . -7.20 -28.37 -113.05
O2D CLA IN . -6.48 -30.12 -114.24
CED CLA IN . -7.28 -29.74 -115.35
MG CLA JN . -13.34 -37.09 -125.77
CHA CLA JN . -12.97 -34.11 -127.50
CHB CLA JN . -16.50 -37.40 -126.94
CHC CLA JN . -13.62 -40.04 -124.05
CHD CLA JN . -10.05 -36.71 -124.51
NA CLA JN . -14.52 -35.92 -127.02
C1A CLA JN . -14.18 -34.71 -127.66
C2A CLA JN . -15.39 -34.19 -128.46
C3A CLA JN . -16.50 -35.21 -128.18
C4A CLA JN . -15.81 -36.26 -127.33
CMA CLA JN . -17.65 -34.58 -127.44
CAA CLA JN . -15.21 -34.03 -129.96
CBA CLA JN . -15.76 -32.66 -130.33
CGA CLA JN . -16.34 -32.60 -131.71
O1A CLA JN . -17.36 -33.15 -132.14
O2A CLA JN . -15.63 -31.80 -132.56
NB CLA JN . -14.79 -38.43 -125.50
C1B CLA JN . -15.99 -38.43 -126.15
C2B CLA JN . -16.71 -39.71 -125.89
C3B CLA JN . -15.90 -40.45 -125.07
C4B CLA JN . -14.67 -39.66 -124.81
CMB CLA JN . -18.02 -40.00 -126.44
CAB CLA JN . -16.10 -41.76 -124.52
CBB CLA JN . -16.90 -42.03 -123.49
NC CLA JN . -12.07 -38.16 -124.51
C1C CLA JN . -12.40 -39.34 -123.91
C2C CLA JN . -11.30 -39.81 -123.08
C3C CLA JN . -10.27 -38.88 -123.22
C4C CLA JN . -10.76 -37.85 -124.13
CMC CLA JN . -11.32 -41.04 -122.29
CAC CLA JN . -8.96 -38.91 -122.58
CBC CLA JN . -7.90 -39.52 -123.48
ND CLA JN . -11.80 -35.79 -125.96
C1D CLA JN . -10.52 -35.75 -125.37
C2D CLA JN . -9.83 -34.53 -125.82
C3D CLA JN . -10.72 -33.86 -126.63
C4D CLA JN . -11.94 -34.68 -126.68
CMD CLA JN . -8.46 -34.14 -125.43
CAD CLA JN . -10.94 -32.69 -127.44
OBD CLA JN . -10.19 -31.75 -127.66
CBD CLA JN . -12.39 -32.80 -128.00
CGD CLA JN . -13.21 -31.63 -127.53
O1D CLA JN . -13.57 -30.65 -128.18
O2D CLA JN . -13.57 -31.73 -126.22
CED CLA JN . -14.32 -30.66 -125.66
C1 CLA JN . -15.47 -30.48 -132.19
C2 CLA JN . -14.00 -30.28 -132.14
C3 CLA JN . -13.39 -29.24 -131.54
C4 CLA JN . -14.13 -28.17 -130.85
C5 CLA JN . -11.90 -29.14 -131.55
C6 CLA JN . -11.40 -27.88 -132.23
C7 CLA JN . -11.68 -27.95 -133.72
C8 CLA JN . -11.98 -26.56 -134.29
C9 CLA JN . -12.34 -26.64 -135.75
C10 CLA JN . -10.79 -25.63 -134.09
C11 CLA JN . -11.18 -24.18 -134.31
C12 CLA JN . -10.15 -23.24 -133.74
C13 CLA JN . -10.08 -21.95 -134.54
C14 CLA JN . -11.37 -21.17 -134.44
C15 CLA JN . -9.75 -22.23 -136.01
C16 CLA JN . -9.43 -20.96 -136.76
C17 CLA JN . -8.04 -20.44 -136.46
C18 CLA JN . -7.67 -19.24 -137.33
C19 CLA JN . -6.21 -19.26 -137.70
C20 CLA JN . -8.02 -17.94 -136.63
MG CLA KN . -28.64 -43.56 -118.15
CHA CLA KN . -26.81 -42.57 -120.93
CHB CLA KN . -31.45 -42.28 -119.54
CHC CLA KN . -30.40 -44.60 -115.39
CHD CLA KN . -25.69 -44.89 -116.75
NA CLA KN . -29.04 -42.60 -119.96
C1A CLA KN . -28.15 -42.29 -121.00
C2A CLA KN . -28.89 -41.60 -122.14
C3A CLA KN . -30.33 -41.45 -121.63
C4A CLA KN . -30.30 -42.17 -120.29
CMA CLA KN . -30.71 -40.01 -121.48
CAA CLA KN . -28.92 -42.44 -123.41
CBA CLA KN . -29.15 -43.92 -123.16
CGA CLA KN . -28.48 -44.72 -124.22
O1A CLA KN . -28.24 -44.39 -125.39
O2A CLA KN . -28.06 -45.96 -123.81
NB CLA KN . -30.55 -43.40 -117.55
C1B CLA KN . -31.57 -42.90 -118.29
C2B CLA KN . -32.85 -43.11 -117.57
C3B CLA KN . -32.56 -43.76 -116.40
C4B CLA KN . -31.09 -43.97 -116.37
CMB CLA KN . -34.14 -42.69 -118.13
CAB CLA KN . -33.44 -44.23 -115.36
CBB CLA KN . -33.50 -43.74 -114.11
NC CLA KN . -28.12 -44.56 -116.40
C1C CLA KN . -29.00 -44.89 -115.41
C2C CLA KN . -28.31 -45.58 -114.33
C3C CLA KN . -26.97 -45.67 -114.71
C4C CLA KN . -26.87 -45.02 -116.01
CMC CLA KN . -28.93 -46.08 -113.10
CAC CLA KN . -25.88 -46.29 -113.95
CBC CLA KN . -25.51 -47.67 -114.43
ND CLA KN . -26.72 -43.79 -118.69
C1D CLA KN . -25.60 -44.32 -117.99
C2D CLA KN . -24.38 -44.13 -118.82
C3D CLA KN . -24.79 -43.44 -119.94
C4D CLA KN . -26.24 -43.26 -119.81
CMD CLA KN . -23.06 -44.59 -118.43
CAD CLA KN . -24.38 -42.89 -121.21
OBD CLA KN . -23.27 -42.88 -121.74
CBD CLA KN . -25.64 -42.26 -121.85
CGD CLA KN . -25.47 -40.77 -122.01
O1D CLA KN . -25.60 -39.90 -121.15
O2D CLA KN . -25.14 -40.39 -123.28
CED CLA KN . -25.79 -39.23 -123.82
C1 CLA KN . -27.89 -47.06 -124.79
C2 CLA KN . -27.06 -48.14 -124.21
C3 CLA KN . -26.38 -49.05 -124.92
C4 CLA KN . -26.40 -49.08 -126.41
C5 CLA KN . -25.56 -50.11 -124.25
C6 CLA KN . -24.10 -49.99 -124.63
C7 CLA KN . -23.22 -50.81 -123.72
C8 CLA KN . -21.76 -50.35 -123.75
C9 CLA KN . -21.07 -50.79 -125.02
C10 CLA KN . -21.01 -50.87 -122.53
C11 CLA KN . -21.06 -52.38 -122.43
C12 CLA KN . -20.92 -52.83 -120.99
C13 CLA KN . -20.66 -54.34 -120.91
C14 CLA KN . -21.90 -55.12 -121.31
C15 CLA KN . -20.20 -54.73 -119.52
C16 CLA KN . -18.74 -55.13 -119.51
C17 CLA KN . -18.55 -56.58 -119.90
C18 CLA KN . -17.36 -57.20 -119.16
C19 CLA KN . -17.77 -57.68 -117.79
C20 CLA KN . -16.77 -58.34 -119.97
MG CLA LN . -19.66 -47.32 -122.49
CHA CLA LN . -21.47 -45.58 -124.89
CHB CLA LN . -16.90 -47.18 -124.44
CHC CLA LN . -17.97 -49.16 -120.13
CHD CLA LN . -22.61 -47.62 -120.56
NA CLA LN . -19.26 -46.45 -124.35
C1A CLA LN . -20.14 -45.76 -125.20
C2A CLA LN . -19.40 -45.31 -126.47
C3A CLA LN . -17.95 -45.78 -126.24
C4A CLA LN . -18.02 -46.52 -124.92
CMA CLA LN . -17.44 -46.66 -127.34
CAA CLA LN . -19.37 -43.81 -126.68
CBA CLA LN . -19.18 -43.46 -128.15
CGA CLA LN . -20.37 -42.73 -128.67
O1A CLA LN . -21.56 -42.98 -128.50
O2A CLA LN . -20.04 -41.65 -129.44
NB CLA LN . -17.78 -47.97 -122.30
C1B CLA LN . -16.83 -47.91 -123.26
C2B CLA LN . -15.66 -48.75 -122.88
C3B CLA LN . -15.96 -49.31 -121.65
C4B CLA LN . -17.30 -48.82 -121.27
CMB CLA LN . -14.48 -48.89 -123.71
CAB CLA LN . -15.20 -50.20 -120.81
CBB CLA LN . -14.04 -49.89 -120.24
NC CLA LN . -20.18 -48.16 -120.66
C1C CLA LN . -19.33 -48.84 -119.84
C2C CLA LN . -20.01 -49.26 -118.62
C3C CLA LN . -21.34 -48.88 -118.77
C4C CLA LN . -21.44 -48.18 -120.05
CMC CLA LN . -19.39 -49.99 -117.52
CAC CLA LN . -22.43 -49.08 -117.81
CBC CLA LN . -22.60 -47.94 -116.85
ND CLA LN . -21.59 -46.70 -122.59
C1D CLA LN . -22.70 -46.94 -121.76
C2D CLA LN . -23.90 -46.33 -122.35
C3D CLA LN . -23.48 -45.76 -123.55
C4D CLA LN . -22.03 -46.05 -123.67
CMD CLA LN . -25.22 -46.36 -121.73
CAD CLA LN . -23.87 -45.01 -124.71
OBD CLA LN . -24.94 -44.47 -124.99
CBD CLA LN . -22.62 -44.96 -125.64
CGD CLA LN . -22.86 -45.73 -126.89
O1D CLA LN . -23.30 -45.32 -127.97
O2D CLA LN . -22.55 -47.05 -126.78
CED CLA LN . -21.97 -47.70 -127.92
MG CLA MN . -17.64 -51.87 -102.73
CHA CLA MN . -17.30 -54.80 -100.92
CHB CLA MN . -18.91 -53.65 -105.34
CHC CLA MN . -18.21 -48.93 -104.38
CHD CLA MN . -16.22 -50.09 -100.03
NA CLA MN . -18.02 -53.89 -103.06
C1A CLA MN . -17.81 -54.95 -102.17
C2A CLA MN . -18.26 -56.25 -102.80
C3A CLA MN . -18.44 -55.89 -104.29
C4A CLA MN . -18.50 -54.36 -104.24
CMA CLA MN . -17.30 -56.38 -105.14
CAA CLA MN . -19.66 -56.44 -102.25
CBA CLA MN . -19.94 -57.72 -101.50
CGA CLA MN . -21.44 -57.85 -101.38
O1A CLA MN . -22.14 -58.85 -101.45
O2A CLA MN . -22.06 -56.64 -101.17
NB CLA MN . -18.31 -51.39 -104.57
C1B CLA MN . -18.96 -52.25 -105.40
C2B CLA MN . -19.73 -51.50 -106.43
C3B CLA MN . -19.53 -50.16 -106.17
C4B CLA MN . -18.63 -50.08 -104.98
CMB CLA MN . -20.52 -52.14 -107.46
CAB CLA MN . -20.06 -49.00 -106.83
CBB CLA MN . -19.37 -48.11 -107.53
NC CLA MN . -17.26 -49.88 -102.29
C1C CLA MN . -17.56 -48.83 -103.12
C2C CLA MN . -17.15 -47.59 -102.51
C3C CLA MN . -16.60 -47.90 -101.27
C4C CLA MN . -16.66 -49.35 -101.14
CMC CLA MN . -17.33 -46.27 -103.13
CAC CLA MN . -16.04 -46.98 -100.28
CBC CLA MN . -14.58 -46.71 -100.47
ND CLA MN . -17.00 -52.26 -100.86
C1D CLA MN . -16.35 -51.45 -99.89
C2D CLA MN . -15.94 -52.30 -98.74
C3D CLA MN . -16.35 -53.58 -99.05
C4D CLA MN . -16.95 -53.50 -100.41
CMD CLA MN . -15.28 -51.83 -97.53
CAD CLA MN . -16.43 -54.96 -98.63
OBD CLA MN . -16.19 -55.44 -97.52
CBD CLA MN . -16.88 -55.79 -99.86
CGD CLA MN . -15.73 -56.63 -100.32
O1D CLA MN . -15.36 -57.72 -99.88
O2D CLA MN . -15.01 -56.07 -101.34
CED CLA MN . -13.99 -56.86 -101.97
C A86 NN . -11.49 -45.22 -121.73
O A86 NN . -17.76 -51.58 -111.94
C1 A86 NN . -12.77 -44.84 -122.54
C10 A86 NN . -16.63 -49.44 -114.57
C11 A86 NN . -17.59 -50.14 -113.75
C12 A86 NN . -19.06 -50.08 -114.03
C13 A86 NN . -17.06 -50.94 -112.61
C14 A86 NN . -15.42 -50.87 -112.33
C15 A86 NN . -14.80 -52.29 -112.15
C16 A86 NN . -15.09 -53.39 -113.16
C17 A86 NN . -15.90 -54.56 -112.61
C18 A86 NN . -15.18 -55.11 -111.47
C19 A86 NN . -15.34 -54.10 -110.30
C2 A86 NN . -14.04 -45.23 -122.09
C20 A86 NN . -14.55 -52.78 -110.76
C21 A86 NN . -14.91 -51.73 -109.66
C22 A86 NN . -13.73 -53.96 -113.64
C23 A86 NN . -15.83 -52.84 -114.36
C24 A86 NN . -12.66 -44.04 -123.81
C25 A86 NN . -13.35 -44.52 -124.94
C26 A86 NN . -13.32 -43.72 -126.38
C27 A86 NN . -12.35 -42.74 -126.67
C28 A86 NN . -11.29 -42.38 -125.69
C29 A86 NN . -12.42 -42.01 -128.10
C3 A86 NN . -14.10 -46.01 -120.84
C30 A86 NN . -11.43 -40.98 -128.44
C31 A86 NN . -10.47 -39.98 -128.78
C32 A86 NN . -9.05 -40.36 -129.24
C33 A86 NN . -8.36 -39.33 -130.12
C34 A86 NN . -8.48 -37.93 -129.51
C35 A86 NN . -9.95 -37.53 -129.40
C36 A86 NN . -10.71 -38.49 -128.47
C37 A86 NN . -10.31 -38.19 -127.02
C38 A86 NN . -6.67 -37.23 -128.19
C39 A86 NN . -6.55 -35.88 -128.95
C4 A86 NN . -15.00 -45.68 -119.82
C40 A86 NN . -8.17 -40.63 -128.00
C41 A86 NN . -9.16 -41.68 -130.06
C5 A86 NN . -14.97 -46.63 -118.46
C6 A86 NN . -16.14 -47.08 -117.83
C7 A86 NN . -17.58 -46.73 -118.40
C8 A86 NN . -15.95 -47.99 -116.53
C9 A86 NN . -17.04 -48.60 -115.78
O1 A86 NN . -13.47 -52.14 -111.54
O2 A86 NN . -15.73 -56.36 -111.10
O3 A86 NN . -12.07 -38.24 -128.64
O4 A86 NN . -7.91 -37.95 -128.23
O5 A86 NN . -5.75 -37.65 -127.60
C A86 ON . -14.72 -41.05 -107.03
O A86 ON . -3.03 -44.85 -111.94
C1 A86 ON . -14.48 -39.54 -107.29
C10 A86 ON . -6.17 -43.41 -111.14
C11 A86 ON . -4.90 -43.47 -111.83
C12 A86 ON . -4.33 -42.27 -112.51
C13 A86 ON . -4.19 -44.78 -111.81
C14 A86 ON . -5.11 -46.14 -111.56
C15 A86 ON . -4.28 -47.36 -111.03
C16 A86 ON . -3.31 -47.17 -109.88
C17 A86 ON . -1.85 -47.32 -110.25
C18 A86 ON . -1.65 -48.66 -110.80
C19 A86 ON . -2.35 -48.69 -112.20
C2 A86 ON . -13.22 -39.07 -107.68
C20 A86 ON . -3.92 -48.44 -111.96
C21 A86 ON . -4.49 -48.23 -113.41
C22 A86 ON . -3.63 -48.24 -108.79
C23 A86 ON . -3.49 -45.81 -109.24
C24 A86 ON . -15.64 -38.57 -107.15
C25 A86 ON . -16.94 -39.02 -106.82
C26 A86 ON . -18.12 -37.88 -106.72
C27 A86 ON . -17.83 -36.67 -106.05
C28 A86 ON . -16.50 -36.46 -105.43
C29 A86 ON . -18.93 -35.52 -105.94
C3 A86 ON . -12.14 -40.05 -107.84
C30 A86 ON . -20.27 -35.81 -105.41
C31 A86 ON . -21.57 -36.05 -104.88
C32 A86 ON . -21.88 -35.89 -103.38
C33 A86 ON . -22.75 -37.05 -102.90
C34 A86 ON . -24.06 -37.10 -103.68
C35 A86 ON . -23.86 -37.11 -105.22
C36 A86 ON . -22.84 -36.07 -105.72
C37 A86 ON . -22.45 -36.41 -107.18
C38 A86 ON . -26.13 -38.13 -103.05
C39 A86 ON . -26.81 -39.07 -102.03
C4 A86 ON . -11.68 -40.27 -109.15
C40 A86 ON . -22.65 -34.56 -103.15
C41 A86 ON . -20.56 -35.88 -102.57
C5 A86 ON . -10.49 -41.38 -109.44
C6 A86 ON . -9.24 -41.04 -110.00
C7 A86 ON . -8.89 -39.54 -110.38
C8 A86 ON . -8.21 -42.23 -110.21
C9 A86 ON . -7.02 -42.12 -111.07
O1 A86 ON . -5.11 -48.58 -111.12
O2 A86 ON . -0.28 -48.93 -110.94
O3 A86 ON . -23.43 -34.82 -105.72
O4 A86 ON . -24.72 -38.28 -103.31
O5 A86 ON . -26.76 -37.30 -103.61
C A86 PN . -20.76 -46.00 -100.49
O A86 PN . -23.56 -44.15 -113.59
C1 A86 PN . -21.18 -47.49 -100.63
C10 A86 PN . -22.90 -44.91 -110.17
C11 A86 PN . -22.99 -45.18 -111.58
C12 A86 PN . -22.66 -46.54 -112.15
C13 A86 PN . -23.42 -44.05 -112.44
C14 A86 PN . -23.71 -42.62 -111.65
C15 A86 PN . -24.77 -41.72 -112.37
C16 A86 PN . -26.25 -41.92 -112.08
C17 A86 PN . -27.23 -41.88 -113.26
C18 A86 PN . -26.84 -40.90 -114.26
C19 A86 PN . -25.49 -41.40 -114.88
C2 A86 PN . -21.95 -47.92 -101.72
C20 A86 PN . -24.46 -41.11 -113.69
C21 A86 PN . -23.06 -41.57 -114.23
C22 A86 PN . -26.66 -40.78 -111.10
C23 A86 PN . -26.48 -43.24 -111.38
C24 A86 PN . -20.75 -48.52 -99.61
C25 A86 PN . -19.81 -48.24 -98.58
C26 A86 PN . -19.47 -49.51 -97.61
C27 A86 PN . -20.56 -50.22 -97.06
C28 A86 PN . -21.94 -49.79 -97.35
C29 A86 PN . -20.30 -51.50 -96.14
C3 A86 PN . -22.36 -46.96 -102.74
C30 A86 PN . -19.55 -51.39 -94.89
C31 A86 PN . -18.85 -51.34 -93.65
C32 A86 PN . -19.62 -51.27 -92.31
C33 A86 PN . -18.91 -51.84 -91.07
C34 A86 PN . -17.37 -51.80 -91.02
C35 A86 PN . -16.71 -51.30 -92.33
C36 A86 PN . -17.44 -51.91 -93.53
C37 A86 PN . -16.67 -51.60 -94.82
C38 A86 PN . -17.05 -49.55 -90.10
C39 A86 PN . -16.45 -48.62 -89.04
C4 A86 PN . -22.15 -47.34 -104.06
C40 A86 PN . -20.00 -49.79 -92.05
C41 A86 PN . -20.94 -52.07 -92.49
C5 A86 PN . -22.56 -46.32 -105.31
C6 A86 PN . -22.62 -46.84 -106.60
C7 A86 PN . -22.31 -48.37 -106.88
C8 A86 PN . -23.00 -45.83 -107.79
C9 A86 PN . -22.46 -45.97 -109.15
O1 A86 PN . -24.17 -40.38 -112.44
O2 A86 PN . -27.82 -40.79 -115.28
O3 A86 PN . -17.51 -53.30 -93.36
O4 A86 PN . -16.96 -50.99 -89.94
O5 A86 PN . -17.59 -49.10 -91.04
C A86 QN . -10.85 -35.96 -100.33
O A86 QN . -6.82 -48.13 -99.25
C1 A86 QN . -10.12 -35.57 -101.64
C10 A86 QN . -7.75 -45.09 -100.41
C11 A86 QN . -7.86 -46.52 -100.57
C12 A86 QN . -8.15 -47.10 -101.94
C13 A86 QN . -7.71 -47.38 -99.37
C14 A86 QN . -8.84 -47.23 -98.17
C15 A86 QN . -8.32 -47.59 -96.75
C16 A86 QN . -6.98 -47.07 -96.27
C17 A86 QN . -5.89 -48.14 -96.11
C18 A86 QN . -6.37 -49.11 -95.13
C19 A86 QN . -7.51 -49.93 -95.82
C2 A86 QN . -9.25 -36.48 -102.28
C20 A86 QN . -8.71 -48.91 -96.16
C21 A86 QN . -9.66 -49.73 -97.08
C22 A86 QN . -7.19 -46.40 -94.89
C23 A86 QN . -6.44 -46.01 -97.22
C24 A86 QN . -10.33 -34.23 -102.29
C25 A86 QN . -9.73 -33.04 -101.78
C26 A86 QN . -10.07 -31.69 -102.63
C27 A86 QN . -11.42 -31.32 -102.77
C28 A86 QN . -12.47 -32.14 -102.13
C29 A86 QN . -11.80 -30.02 -103.64
C3 A86 QN . -9.02 -37.80 -101.68
C30 A86 QN . -12.30 -28.80 -102.99
C31 A86 QN . -12.81 -27.60 -102.41
C32 A86 QN . -11.86 -26.49 -101.92
C33 A86 QN . -12.46 -25.74 -100.72
C34 A86 QN . -13.85 -25.16 -101.07
C35 A86 QN . -14.81 -26.24 -101.64
C36 A86 QN . -14.18 -27.05 -102.78
C37 A86 QN . -15.10 -28.24 -103.11
C38 A86 QN . -15.69 -23.96 -100.14
C39 A86 QN . -17.00 -24.81 -100.21
C4 A86 QN . -8.76 -38.91 -102.48
C40 A86 QN . -11.60 -25.48 -103.08
C41 A86 QN . -10.52 -27.13 -101.50
C5 A86 QN . -8.52 -40.33 -101.66
C6 A86 QN . -7.89 -41.45 -102.22
C7 A86 QN . -7.33 -41.46 -103.71
C8 A86 QN . -7.77 -42.71 -101.23
C9 A86 QN . -7.92 -44.11 -101.59
O1 A86 QN . -9.47 -47.69 -95.83
O2 A86 QN . -5.32 -49.99 -94.74
O3 A86 QN . -14.06 -26.24 -103.92
O4 A86 QN . -14.42 -24.62 -99.91
O5 A86 QN . -15.72 -22.80 -100.28
C A86 RN . 5.41 -45.89 -123.66
O A86 RN . -3.83 -38.96 -117.21
C1 A86 RN . 6.16 -46.40 -122.39
C10 A86 RN . -1.40 -41.24 -118.44
C11 A86 RN . -2.18 -40.56 -117.42
C12 A86 RN . -2.26 -41.09 -116.02
C13 A86 RN . -2.88 -39.31 -117.80
C14 A86 RN . -2.28 -38.42 -119.08
C15 A86 RN . -3.40 -37.77 -119.95
C16 A86 RN . -3.80 -36.33 -119.67
C17 A86 RN . -5.09 -36.20 -118.88
C18 A86 RN . -6.18 -36.76 -119.65
C19 A86 RN . -5.96 -38.30 -119.75
C2 A86 RN . 5.82 -45.93 -121.10
C20 A86 RN . -4.52 -38.62 -120.42
C21 A86 RN . -4.30 -40.15 -120.13
C22 A86 RN . -3.97 -35.61 -121.05
C23 A86 RN . -2.71 -35.62 -118.90
C24 A86 RN . 7.28 -47.40 -122.49
C25 A86 RN . 8.25 -47.37 -121.47
C26 A86 RN . 9.53 -48.39 -121.41
C27 A86 RN . 10.40 -48.61 -122.50
C28 A86 RN . 10.21 -47.92 -123.80
C29 A86 RN . 11.60 -49.64 -122.27
C3 A86 RN . 4.74 -44.94 -120.95
C30 A86 RN . 12.31 -50.28 -123.38
C31 A86 RN . 13.06 -50.96 -124.40
C32 A86 RN . 14.58 -50.70 -124.49
C33 A86 RN . 15.17 -51.12 -125.83
C34 A86 RN . 14.87 -52.59 -126.14
C35 A86 RN . 13.36 -52.88 -126.06
C36 A86 RN . 12.74 -52.42 -124.73
C37 A86 RN . 11.20 -52.57 -124.81
C38 A86 RN . 16.59 -53.49 -127.53
C39 A86 RN . 17.88 -52.63 -127.70
C4 A86 RN . 3.64 -45.20 -120.11
C40 A86 RN . 15.27 -51.50 -123.36
C41 A86 RN . 14.84 -49.18 -124.27
C5 A86 RN . 2.49 -44.02 -120.00
C6 A86 RN . 1.76 -43.78 -118.82
C7 A86 RN . 1.98 -44.64 -117.51
C8 A86 RN . 0.68 -42.59 -118.88
C9 A86 RN . -0.60 -42.54 -118.19
O1 A86 RN . -3.40 -38.29 -121.33
O2 A86 RN . -7.39 -36.49 -118.99
O3 A86 RN . 13.22 -53.23 -123.70
O4 A86 RN . 15.30 -52.86 -127.46
O5 A86 RN . 16.67 -54.66 -127.47
#